data_9EVS
#
_entry.id   9EVS
#
_cell.length_a   1.00
_cell.length_b   1.00
_cell.length_c   1.00
_cell.angle_alpha   90.00
_cell.angle_beta   90.00
_cell.angle_gamma   90.00
#
_symmetry.space_group_name_H-M   'P 1'
#
loop_
_entity.id
_entity.type
_entity.pdbx_description
1 polymer 'Small ribosomal subunit protein uS3m'
2 polymer uS4m
3 polymer uS5m
4 polymer bS6m
5 polymer 'uS7m,Small ribosomal subunit protein uS7m'
6 polymer uS8m
7 polymer uS9m
8 polymer uS10m
9 polymer uS11m
10 polymer uS12m
11 polymer uS13m
12 polymer uS14m
13 polymer uS15m
14 polymer bS16m
15 polymer uS17m
16 polymer bS18m
17 polymer uS19m
18 polymer bS21m
19 polymer bTHXm
20 polymer mS23
21 polymer mS26
22 polymer mS29
23 polymer mS31/mS46
24 polymer mS33
25 polymer mS34
26 polymer '26S rRNA'
27 polymer '5S rRNA'
28 polymer 'uL2m C-ter'
29 polymer 'Large ribosomal subunit protein uL2mz, N-terminal part'
30 polymer uL3m
31 polymer uL4m
32 polymer uL5m
33 polymer uL6m
34 polymer bL9m
35 polymer uL10m
36 polymer uL11m
37 polymer uL13m
38 polymer uL14m
39 polymer uL15m
40 polymer uL16m
41 polymer bL17m
42 polymer uL18m
43 polymer bL19m
44 polymer bL20m
45 polymer bL21m
46 polymer uL22m
47 polymer uL23m
48 polymer uL24m
49 polymer bL25-2m
50 polymer bL25m
51 polymer bL27m
52 polymer bL28m
53 polymer uL29m
54 polymer uL30m
55 polymer bL31m
56 polymer bL32m
57 polymer bL33m
58 polymer bL34m
59 polymer bL35m
60 polymer bL36m
61 polymer mL40
62 polymer mL41
63 polymer mL43
64 polymer mL46
65 polymer mL53
66 polymer mL54
67 polymer mL59/mL64
68 polymer mL60
69 polymer mL80
70 polymer mL87
71 polymer 'mL101 (rPPR4)'
72 polymer 'mL102 (rPPR5)'
73 polymer 'mL104 (rPPR9)'
74 polymer 'Nascent peptide'
75 polymer tRNA
76 polymer '18S rRNA'
77 polymer mRNA
78 polymer mS35
79 polymer mS37
80 polymer mS38
81 polymer mS41
82 polymer mS45
83 polymer mS47
84 polymer 'mS83 (rPPR10)'
85 polymer 'mS77 (NFD5)'
86 polymer 'mS76 (rPPR1)'
87 polymer mS86
88 polymer uS2m
89 non-polymer 'MAGNESIUM ION'
90 non-polymer "ADENOSINE-5'-TRIPHOSPHATE"
91 non-polymer CHLORAMPHENICOL
92 non-polymer 'POTASSIUM ION'
93 non-polymer 'ZINC ION'
#
loop_
_entity_poly.entity_id
_entity_poly.type
_entity_poly.pdbx_seq_one_letter_code
_entity_poly.pdbx_strand_id
1 'polypeptide(L)'
;MARKGNPISVRLGKNRSSDSSWFSDYYYGKFVYQDVNLRSYFGSIRPPTRLTFGFRLGRCILLHFPKRTFIHFFLPRRPR
RLKRREKTRPGKEKGRWWTTFGKAGPIGCLRDDTEEERNEVRGRGARKRVESIRLDDRKKQNEIRGWPKKKQRYGYHDRS
PSIKKNLSKLLRISGAFKHPKYAGVVNDIAFLIENDDSFKKTKLFKFFFPKKSRSDGPTSYLRTLPAVRPSLNFLVMQYF
FNTKNQMNFDPVVVLNHFVAPGAAEPSTMGRANAQGRSLQKRIRSRIAFFVESLTSEKKCLAEAKNRLTHFIRLANDLRF
AGTTKTTISLFPFFGATFFFLRDGVGVYNNLDAREQLLNQLRVKCWNLLGKDKVMELIEKFKNLGGIEELIKVIDMMIEI
ILRKRGIPYRYNSYFYEVKKMRSFLSNRTNTKTLIESVKIKSVYQSASLIAQDISFQLKNKRRSFHSIFAKIVKEIPKRV
EGIRICFSGRLKDAAEKAQTKCYKHRKTSCNVFNQKIDYAPVEVSTRYGILGVKVWISYSQKKGGRAISETYEI
;
B
2 'polypeptide(L)'
;MWLLKKLIQRDIDMSPLRFQTCRLLLGNVWNRELTIIQRRILRRLRNRKRSIKKRKIYSKKYLTSYIQLQTTRKLSLFYG
DLPITEMHRGTKRTSYIPFLLNLETRFDVILLRLHFLETIPQARQLISHRRVCVNKGMVSITHLKLSHGDIISFQENNAI
IRGEEIRRSFYKEILVEKIIGKLLHQPLRMWRRSKTEWFHLLKTKRGCRLLLKSRFLQQLRSSMQEEDLERTKKFGSEKV
CLGSSFAEHKRMKRNLLKSLFLSKRRKEKNLNLPTRTISPIVYNSSLSLYSNSTYCFASPHKLTMKRRIKRIELPTHYLE
VNYRTPKAVVFYGPNIGHIPHDIRLKDLNLLLWSRNGRGQNI
;
C
3 'polypeptide(L)'
;MSFRTRASSWTRLLLRRNPRSSFSRQISSLDASGSAFPGRITPWISSQTHRFSSATTISPAEADRVVRDLLAEVEKEKQR
EREERQRQGLDCKDIDDEDEDEEDYLGIEPFIEKLKKQNLKDDGELNRREESSDSDSELDEVDWDEERKKEDMFNKKFQR
HKELLQTLTKSETLDEAYKWMTKLDKFEEKHFKLAPEYRVIGELMNRLKVAEGKDKFILQQKINRAMRLVEWKEAFDPNN
PANYGVIERDNVQGGEEKEERLVADGSKDDNDDNEEEFDDMKERDDILLEKLNAIDKKLESKLSELDHTFGKKGKRLEEE
IRDLAEERNALTEKKRQPLYRKGYDVHVIDVKKVAKVTKGGRVERYTALMVCGNYEGVIGYAKAKAETGQSAMQKAYEKC
FQNLHYIERHEEHTIAHAIQTSYKKTKLYLWPAPTTTGMKAGRVVKTMLLLAGFKNIKSKVIGSRNSYNTVKAVLKALNA
VETPKDVQEKFGRTVVEKYLL
;
D
4 'polypeptide(L)'
;MPLYDCMLLFKPIIRKEGLIDLVARIGKHVYSKNGVLTEVKSFGKVELGYGIKKLDGRHYQGQLMQITMMATPNINKELH
YLNKDDKLLRWLLVKHRDIKIGSSEMEDRQDDSNRVTNRSLYDESSTDEDDDILGLSR
;
E
5 'polypeptide(L)'
;(UNK)(UNK)(UNK)(UNK)(UNK)(UNK)(UNK)(UNK)(UNK)(UNK)GGLDGEQKLLIKKLVNFRMKEGKRTRVRAI
VYQTFHRPARTERDVIKLMVDAVENIKPICEVAKVGVAGTIYDVPGIVARDRQQTLAIRWILEAAFKRRISYRISLEKCS
FAEILDAYQKRGSARRKRENLHGLASTNRSFAHFRWW
;
F
6 'polypeptide(L)'
;MGRRILNDALRTIVNAERRGKASVELKPISTVMSSFLRIMKEKGYIKNFQVHDPHRVGRITVDLQGRVNDCKALTYRQDV
KAKEIEEYTERTLPTRQWGYVVVTTPDGILDHEEAIKRNVGGQVLGFFY
;
G
7 'polypeptide(L)'
;MLSRLFLRSSNLRLATLVSSKSNSQIFSSFIRPLSTNSSGGGGGNDSGNGGNRNDAPWSFSGVNDGKSDPFSSFESGSPG
GDGKWPKEEPKRWNMKEEGDEKAVFGDVSNGFGDVKSSGWDVSSKPWDLKEDEEDGKVVFDTSGEMPVSFDNSLVNEEEE
RAKKELFEKEEKELTEVIKGPDRAFGDLIAKSGITDEMLDSLIALKDFQGVQGLPPLTEIENLRREKSSKKSSRAEIELQ
MQEEIAKARVRQVDEAGRAYGTGRRKCSIARVWIVPGKGKFLVNDKEFDVYFPMLDHRAALLRPLAETKTLGSWDINCTV
TGGGTTGQVGAIQLGISRALQNWEPDMRTALRAAGFLTRDSRVVERKKPGKAKARKSFQWVKR
;
H
8 'polypeptide(L)'
;MIGVLRRSSLPSRHALSAALTSFDSGLSLNITSAATGASVKLNLVGNGSTLSSASFVISARDFHIRSEPSMVSPAKISFR
GYATGSESSIGDSAKIKISPENVKPLSKKKKGGGESTSKIKGTRICIAIRSFDNPEKEAWCLPPHSRYAAMPDTRTLYTV
LRSPHVDKKSREQFEMRFKKRFLVIKAQSHELSNKLFWLKRYRILGAQYELQFHCKTRLDMSPVLGSK
;
I
9 'polypeptide(L)'
;MNGVSRHLRASSLPSLIRSYGGIKSVCRFSCQSDGSSGGRFGEQGRVPGDSENKSGLPDPNASPSKSFSEMRSGLLNKIG
DGGYSAPNAPPTFRNPLRSRLPNTLPSQSGQMNQEGLPNTGGTGFSAPSYQSFTQSNLLKDNFRTGGISKDLDFVRGVIE
DDEGRRATGLFSHFHRPNLETNADIIHIKLLRNNTFVTVTDSKGNVKCKATSGSLPDLKGGRKMTSYTADATAENIGRRV
KAMGLKSVVVKVNGFTHFKKKRNAIVAFRSGYSNSRNDQNPIVYIEDTTRKAHNGCRLPRKRRV
;
J
10 'polypeptide(L)'
;MPTFNQLIRHGREEKRRTDRTRALDKCPQKTGVCLRVSTRTPKKPNSALRKIAKVRLSNRHDIFAYIPGEGHNLQEHSTV
LIRGGRVKDLPGVKFHCIRGVKDLMGIPGRRRGRSKYGAEKPKSI
;
K
11 'polypeptide(L)'
;MLGLRRSAATLFDHSQSLLRNLSFHGLRVQGIRVGNAEVPNHKPLKTGLQEVYGIGRRKSHQVLCGLGITNKLARDLTGK
ELIDLREEVGMHQHGDELRRRVGSEIQRLVEVDCYRGSRHRHGMPCRGQRTKTNARTKKGKRVAIAGKKKAPRK
;
L
12 'polypeptide(L)'
;MANLRGVLTNVSSYCQRSFSQSALLWRSAVKPPNNLAQIQSRQISTSLAKHSGTEQGVKRNSADHRRRLLAARFELRRKL
YKAFCKDPELPSEMREKNRYKLSKLPRNSAFTRIRNRCVFTGRSRSVTELFRMSRICFRGLANKGELVGIKKSSW
;
M
13 'polypeptide(L)'
;MAFHLARRKQRLHSNPYLIHLFSTSSSSASPQDGNESGEQQPSQSPSDFKISSYFSGIKSSLKQQPQHQAQDGRRQLAGF
DPKAPSFSGSGGDFQDVRRNLNEFRRRAAAPPARDLQDLYKQNVLSKSGDLGAGKVEGSPFENLKKNLRQMRPQETRWSN
LSSLQSIMKAKDSGNVRSNVFGGGEGLPISVFGEEIEERKKMGDDSEEMKSEFIKSYNTKELGEILRQYRPEGKREEGWF
SLQELNQRLVKLREVEEAAAQGARKGIAFDDLRSEIQQARKSQAFQNLDFFSVLNGTPKYLLEPPKDELVQTYFHPDNMS
SAEKMKIELAKVREEFKMSESDCGSARVQVAQLTTKIKHLSSVLHKKDKHSKKGLIAMVHRRKKLLKYMRRTDWDSYCLS
LSKLGLRDNPDYKF
;
N
14 'polypeptide(L)'
;MVVRLRLSRLGCKNRPFFRVMATDSRSPRDGKHIEVLGYFNPLPGQDGGKRMGLKFDRIKYWLSVGAQASDPVQRLLFRS
GLLPPPPMVAMGRKGGERDTRPVDPMTGRFVDAEKKTPVIIDNQPKEEDNAQDKSP
;
O
15 'polypeptide(L)'
;MKPVIGTVVSNKMQKSVVVAVDRLFHNKLYNRYVKRTSKFMAHDETNACNIGDRVKLDPSRPLSKHKNWIVAEIIKKARI
YSPQAAAAAALSFSAAKSPSESSVPPVSSS
;
P
16 'polypeptide(L)'
;MKLAHSAIRSLSDVASFQTCRPFVSRSLSTNANQDDWMFGGKDEKANSFFQHLGKAEKDKRDYTGFSRSQGNGSRFDPSS
DGVDGKLKEAALIYNVDDDEGVKDGYSFRPDVNSWGVNQFPRDMNFRRQMQRPRQNNKAEITTEEVLKKADFRNVRFLAQ
FITEAGILVKRKQTGISAKAQRKIAREIKTARAFGLMPFTTMGTKAFTFGKTMENRDQDFEYEVIDDDDEYDDNTPE
;
Q
17 'polypeptide(L)'
;MAFCTKLGGHWKQGVNVPVSSMLGSLRYMSTKLYIGGLSPGTDEHSLKDAFSSFNGVTEARVMTNKVTGRSRGYGFVNFI
SEDSANSAISAMNGQELNGFNISVNVAKDWPSLPLSLDESIEEAEKKENKMMSRSVWKDPFVDAFLMKKKNAALNRKIWS
RRSTILPEYVDSAVRIYNGKTHVRCKITEGKVGHKFGEFAFTRKVKKHAKAK
;
R
18 'polypeptide(L)'
;MNTIAKRVTGLLTRPSHSQLQQERGIRVKVFSGDLDKALTILQRKMQSSGMERLIKAQQTHHIKNSEKKVLARKNLERKI
KSIDFARKLQSILIKKVRGL
;
S
19 'polypeptide(L)'
;MAAAMQWCSSMTRRIMMMQRTSPALACSARYSSLCPAAASMEVCGRGDSKTKKGKRFKGSYGNSRGKKQKMIERIKDKLE
LPRSTPWPLPFKLI
;
T
20 'polypeptide(L)'
;MSWMKGDLLSKTRRLVGGLATREPVWLKAMEASPPPVFPRSNGNLKKIVLPEDPYVRRFARKHPEAKLVEPNKVSAFIPD
PARVYGCRVLELTKNGISEDDAMSVANMEYLAERKEKKKAYKRLKELAVLQDKAPPPKPYLSTKKEMQTQEKKPPTDPPS
VRRLVNQLKQQKDVLLQDKPGGSANQDHWIDE
;
U
21 'polypeptide(L)'
;MSLCNQLSRLVKQSPLTKQSLRSFSAEAATHHRHHQETHSFLEPESYIGSWEAPKDPKDAERMLAQLRRDYAKKVSLYRK
DYVHEIEMLRVEKQRKDEARLVAERAANEERRRLKAEAAKVRAEERKIFQDEFRKTLMKERAEKLEFWRMTGLKREEKKK
ARKKLLHEQSSLWIEPKELEKKITEALVDSTTL
;
V
22 'polypeptide(L)'
;MFRSVVRITSRNFNLNRRSLIPNDAVSHFPSPPSASAATLIPSLDHAHRRRFSSSKSTKSSITKTKKSEGKKSKSKGGES
GAAAGAEDGEFGGSAGDDLEAGRAKRLADDEKTPSLDVGPNGRPLFTPRDVTLSKLSQKDIGSYFNFDEAALKAVLPEGL
ASGIEDEFKESWRPALLVRKSFLDLRDNFRRIADPPMWPSEGKGGVKPKKQIILDGPVKSGKSIALAMLVHWARDEGWLV
LYAPKGRDWTHGGYFYKNQHTGFWDTPLQAESILKDFVKFNEPRLRELRCNVYDPIVLGEGAGVGYLKGQETMPIPEDST
LYDLVQMGINSTHAAVSVVVRLRKELSLVKDVPVLIAIDQYNNWFTFSEFEEPVTPRSCRPIHARELTTVNAFRSMMHDD
MMVGAFSHSTAVGKLRKDLPDVPADARQNFPRYSLDEAEAVCYYYLRQRLVRREVFSEENWKKIYYLANGNGAEMRWLVP
FMR
;
W
23 'polypeptide(L)'
;MRGAIGRRLSNPSNGFSLASIVKHTPFLVQPTSHFSSSSSDGGAVRGRGRGRGGSGSPAAGAGQFGFNREPEKANEPVGQ
ARGSSESQSPGGYGHGRGRPIQSDPISPPFSSFVKPDSHSVGRGRGSLRSDPVSPFSPEPPRHPAPPQPQQPRFEPAKDG
VQGSPPFAKLEATKDATSPPPPPPPGAPNNISNALGSGAGRGKPFVQNEDNRHIQRSPQPLQRQKRVQPPKDTTPRPQLS
PEEAGRRARSQLSRGEAEGGSGGGVRGRGGGRGRGRGARGRGRGRGGEGWRDDKKEEEAEQEALSVFVGDNADGEKFAKK
MGDEIMAKLAEGYEDICERALPSTAHDALVDAYDTNLMIECEPEYLMPDFGSNPDIDEKPPMPLRECLEKVKPFIVALEG
IKDQEEWEEAIGEAMAEAPRMKEIVDHYSGPDRVTAKKQNEELDRIATTVPQSAPDSVKRFADRVALSLKSNPGWGFDKK
YQFMDKLVLEVSQNYK
;
X
24 'polypeptide(L)'
;MASGSLKNLVTSAVTVGVTEARARIFGHMLNPTGQRSPHKILRKKLFGDKVAEWYPYDIKNEDPNVLAREEKERLSKLEM
LKRRNKGPPQKGHGRRAAKRNK
;
Y
25 'polypeptide(L)'
;MAATLMNRAISRTETVGAFRLSLNLLRNFSAPAAAAAASPSTENPSSDSIKPKRRKKKNLIEVAQFLPNWGIGYHMAKAH
WNGVSYEITKINLYKDGRHGKAWGIVHKDGLRAAEAPKKISGVHKRCWKYIPNLSKTTPATTGSAPAAEVQAA
;
Z
26 'polyribonucleotide'
;GAAUGCAUUGGAUGGAUGCCCGGGCAUUGAGAAGGAAGGACGCUUUCAGAGGCGAAAGGCCAUGGGGAGAUACCGUCUGU
GAUCCAUGGAUCUCCGAUCGGGAAACCGUAUCCAAGCUCCGUGGCUAGUCUGCGCUCUUUGGACUUUGAAAACUUAGCGA
ACUGAAACAUCUAAGUAGCUAAAGGAAGGGAAAUCAACCGAGACCCCGUUAGUAGCGGCGAGCGAGAGCGGAUUUGGGAU
UUGAAGAAAAAAAAAAAAAAUUUUUUUUAAAAAAUUUUUUUUUUUAAAAAAAAAAAAAAAAAAAAAAAAAAAAAAAAAAU
UUUUUUUUUUUUUUUACUGUAAUUGUGAAAAGGUUGGAAGAUCUGGCCAAAGAAGGUGAUAGCCCUGUAGAUUCGUUCCU
AUUUUUCGAUCCUUCCCAGUAAAACGCGGCGUGUUCGAAUUCUGAUCGCUUUUACGCGAGAAAGGGGGACCACCCUCUAA
GCCUAAGUAUUCCUCAAUGACCGAUAGCGUACAAGUACCGUGAGGGAAAGGUGAAAAGAACCCUAUGACGGGAGUGCAAU
AGAGAACCUGAGAUCCGAUGCGAACAAUCAGUCGAAGGAGUAGUCAAGCGCACUCACUCUAACGGCGUACCUUUUGCAUG
AUGGGUCAGCGAGGAAAUGGGAAGAGCGGCUUAAGCCAUUAGGUGUAGGCGCUUUCCAAAGGUGGAAUCUUCUAGUUCUU
CCUAUUUGACCCGAAACCGAUCGAUCUAGCCAUGAGCAGGUUGAAGAGAGCUCUACAGGCCUUGGAGGACCGAACCCACG
UAUG(PSU)GGCAAAAUACGGGGAUGACUUGUGGCUAGGGGUGAAAGGCCAACCAAGAUCGGAUAUAGCUGGUUUUCCGC
GAAAUCUAUUUCAGUAGAGCGUAUGAUGUCGAUGGCCCGAGGUAGAGCACUCAAUGGGCUAGGGUGCUUACCAACCCCAG
GGAAACUCCGAAUACAGGCCGUUCUCGUUUGUACAGACAGACUUUUGGGG(PSU)GCUAAGAUCCAAAGUCGAGAGGGAA
ACAGCCCAGAUCGUACGCUAAGGUCCCUAAGCAAUCACUUAGUGGAAAAGGAAGUGAUCGAGCGAUGACAACCAGGAGGU
GGGCUUGGAAGCAGCCAUCCUUUGAAGAAAGCGUAAUAGCUCACUGGUCUAGCUCCAUGGCACCGAAAAUGUAUCAGGGC
UCAAGUGAUUCACCGAAGCGACGAGACCUUGCAAGCUGCUUUUCCAAGUGUCAGUAGCGGAACGUUCUGUCAAUCGGAGA
AGGUUUUUGGUGACAAGACCUGGAGAUAUCAGAAGUGAGAAUGCUGACAUGAGUAACGAAAAAUCCUGUGAAAAACAAGA
UCGCCUGCCAGUGGAAGGCUUUCUGCGUUCAGUCAAUCUACGCAGAGUGAAUCGGUCCCUAAGGAAACCCCGAAAGGGCU
GCCGUCCGAUGGGUACACGAAAGUGACGAAGUUGCUUUGACUACAAAACCAUGCCUCUCUCUUGGAGCGAAUUGGAUGAU
CGGGCCGAGGGCAGCGUAGCGCCUCUUCCCCUCACUCUCCUUUCCCUAAUAUGACUUGAGUCAUCAAAGCCUUUCUGACU
CAAAAAUUUUUUAAAAAAAAAAGUCGCGUAUUUUAAUAUCGCGACUCUAAUUUUUAGUCAAGAAGGUUGAAACUUCCAGG
AAAAAACUUCGAAUUGGGAGGGCGAUCCUCCCGGUGAACUGACCGUACCCCAAACCGACACAGGUGAACAAGUAGAGUAU
ACUAGGGCGCUUGAGAGAACCAUGUCGAAGGAACUCGGCAAAAUGACCCCGUAACUUCGGGAGAAGGGGUGCUCUCCUAU
CUUUUGAUUAGGAAAGCGGCACAUACCAGGGGGUAGCGACUGUUUAUUAAAAACACAGGACUCUGCUAAGUGGUAACACG
AUGUAUAGAGUCUGACACCUGCCCGGUGCUGGAAAGUCAAAAGGAGAAGUGUUAUAAGCUUUGAAUGGAAGCCCCGGUAA
ACGGCGGCAGUAACUCUAACUGUCCUAAGGUAGCGAAA(5MU)UCCUUGUCGCAUAAGUAGCGACCUGCACGAAUGGUGU
AACGACUGCCCCGCUGUCUCCGACAUGGACCCAGUGAAAUUGAAUUCUCCGUGAAGAUGCGGAGUACCAACGGCUAGACG
GUAAGACCCCGUGCACCUUCACUAUAGCUUCGCAGUGACAACCUUGAUCGAAUGUGUAGGAUAGGUGGGAGGUCCUCACA
UAGAAAGACCAAUCCUGAAAGACCACUCUUUCGUCUAAGGGUGCCUAACCGCCGCGGCGGGACACUGCGAGGUGGGUAGU
UUAUCUG(OMG)GGCGGAUGCCUCCUAAAGAGUAACGGAGGUGUGCGAAGGUAGGCUCAAGCAAAUCUGCUCGUGAGCGU
AAUGGUAUAAGCCUGCCUGACUGUGAGACCGACUGGUCGAACAGAGACGAAAGUCGGCCAUAGUGAUCCGGGAGUCCCGU
GUGGAAGGGCUCUCGCUCAACGGAUCAAAGGUACGCCGGGGA(H2U)AACAGGC(PSU)GAUGACUCCCAAGAGCUCUUA
UCGACGGAGUCGUUUGGCA(OMC)CUCG(2MA)UGUCGACUCAUCACAUCCUGGGGUUGAAGAAGGUCCCAAGGGUUCGG
U(OMU)GUUCGCCGAUUCAAGUGGUACGUGAGU(PSU)GGGUUUAGAACGUCGUGAGACAGU(PSU)CGGUUCCUAUCUA
CCGUUGGUGUUAAAGCGAGAACUGCGAGGAGCCAACCCUAGUACGAGAGGACUGGGUUGGGCCAACCUAUGGUGUACCGG
UUGUUAUGACAAUAGCAGCGCCGGGAAGCUAAGUUGGUAUGGAAGAACUGCUGCUUAGCGGGAAAUCCUUCUCUAUACAA
GUUCUCGGAACAGGUUUUAGAACAGAACUUCGAUAGGCGAGAGGUGGAAGCACCGCGAGGUGUGGAGCCAUCUCGUACUA
AACGAA
;
1
27 'polyribonucleotide'
;AAACCGGGCACUACGGUGAGACGUGAAAACACCCGAUCCCAUUCCGACCUCGAUAUGUGGAAUCGUCUUGCGCCAUAUGU
ACUGAGAUUGUUCGGGAGACAUGGUCCAAGCCCGGUGA
;
3
28 'polypeptide(L)'
;MSALVALCRARTAASSSSSSLLNSLVRPAFRCLSTGFGDVQNKTLVAEMEEKMLHMDINSMIGSSMPLGMMRIGTIIHNI
EMNPGQGAKLVRAAGTNAKILKEPASGKCLIKLPSGDTRWINARCRATIGTVSNPSHGVKKLYKAGQSRWLGIRPKVRGV
AMNPCDHPHGGGEGKSKSSGSRGRTSVSPWGKPCKGGYKSASVKKKKKRLAAREAKMKKK
;
1B
29 'polypeptide(L)'
;MRPGRARALRQFTLSTGKSAGRNSSGRITVFHRGGGSKRLLRRIDLKRSTSSMGIVESIEYDPNRSSQIALVRWIKGGCQ
KKMNTIKKLAPPRKILEPTTNTISGLFSFSFLPGKVDKRKVACFSPGLMAAYVVVGLPTGMPPLSSYKSAFASKSAGSTK
TLVKDVFFSAFSSPKAKRETASLAFASSFDFPRIPVAGVSTAFFAPRMRQKVRGKSTFSLYEVQKWRTHSILWAHRINGK
AGLSWQSFRRQDTLGLVGAAGHKKSKPKTDQGNLPAKPIGERAKQLKALRGLRAKDGACKVDRAPVTYIIASHQLEAGKM
VMNCDWS
;
1C
30 'polypeptide(L)'
;MAAVPRGLISRFTQLLSIRSTTPSPSQCSFYLLRRFSSDAELLTATGSDITEAPTRIIDAKPGEMSPGSKRTGIIAVKCG
MTALWDKWGARVPVSILWVDDNIVSQVKTIEKEGIFALQIGCGHKKPKHLTMPELGHFRAQGVPLKRKLREFPVTEDALL
PVGTELGVRHFVPGQYVDVTGITRGKGFQGVMKRWKFKGGPASHGCSKAHRKGGSTGQRDDPGKVFKGRKMPGHMGAAQR
TVKNVWVYKIDPARNLIWVRGQVPGAEGNFVFINDACYKKPDISKLPFPTYLAPEDEDPSELEPLVADLGEVDPFMLAE
;
1D
31 'polypeptide(L)'
;MAASLSKRVLRTFGSFTALGRSNATNASGNGLSSRYSDLKCGMGLLSNRKLSTSILTPDDSFPHDLLSQKTVITPDRTIG
QYQDLVIPVTNFQNEDKGFMVLAGDVFDVPVRKDIIHHVVRWQLAKRQQGTHSTKTISEVSGTGRKPWNQKGTGRARHGT
LRGPQFRGGCVMHGPRPRSHAIKMNKQVRRLGLKIALTARAAEGKLLVFDDLALPTHKTKNIVNYYNQMETTKKVLVVEG
GPIDEKLKLATQNLHYVNILPSIGLNVYSILLHDTLVMSRDAVNKIVERMHTPINRK
;
1E
32 'polypeptide(L)'
;MFPLNFHYEDVLRQDLLLKLNYANVMEVPGLCEIRVVPKAPYNFIIKNGKLAMEIPCGQKFIQTQRGSTGKSFRSNPFLG
SNKDKGYVSDLARQSTLRGHGMSNFLVRILTVMSLLDFPVEIRKNSIQFSMETEFCEFSPELEDHFEIFEHIRGFNVTII
TSANTQDETLLLWSGFLQKDEGETQ
;
1F
33 'polypeptide(L)'
;MEAKFFRFLKIVGVGYKARAEEAGRFLYLKLGYSHEVELAVPPAVRVFCFKNNVVCCTGIDKDRVHQFAATVRSCKPPEV
YKGKGIMYVDEVVKKKVGKKSK
;
1G
34 'polypeptide(L)'
;MAHVAQSRNVIRHVVSRGTAFHKTENAIHHPLLFACQGVRYRKLEVILTTGIEKLGKGGETVKVAPGYFRNHLMPKLLAV
PNIDKYAHLIREQRKMRNYEEVKEEVKHKSSEVQTKEFEKAAKRLANANLVLRKLIDKEKFKNRSSKEDKPDVQTPVTKE
EIVSEVARQLCVKIDPDNVVLTEPLATFGEYEVPLKFPKTIPLPPGTVQWILKVKVRGH
;
1H
35 'polypeptide(L)'
;MSSLRRALLVAGKTKINLQNCHFITGINYNGLTVKQLQELRGILRENSNTKLLVAKNTLVFKALEGTKWESLKPCMKGMN
AWIFVQTEDIPAALKTFVSFQKEKKLFDNNLGGAVFEKKLYGPQDYKVIETMPSRADVYGVMFGALHWPGLDLVNTLQAP
SASENESAAA
;
1I
36 'polypeptide(L)'
;MAAVAKDIVTRRAVAGTIKLTVLAGKASPGPPVSPALGPYRLNMMAFCKDFNARTQKYKPDTPMAVKITAYMDHSFEFSV
KSPTVSWYIKKAAGVDKGSTRPGHLTVTTLSVRHVYEIAKVKQTDPFCQYMPLESICKSIIGTANSMGIKIVQDLE
;
1J
37 'polypeptide(L)'
;MATQAAAASFNGNLKKAVAGIKRINLDGLRWRVFDAKGQVLGRLASQISTVLQAKDKPTYCPNRDDGDICIVLNAKDIGI
TGRKLTDKFYRWHTGYVGHLKERSLKDQMAKDPTEVIRKAVWRMLPTNNLRDDRDRKLRIFEGNEHPFGDKPLEPFVMPP
RTVREMRPRARRAMIRAQKKAELAENGGTEVKKGKKRTPSQVTA
;
1K
38 'polypeptide(L)'
;MAAALASRISRGGRSLLGGLKNDFAGSMTSSTGMMNGSILLPQQQQRRTFIQMGTVLKVVDNSGAKKVMCIQALKGKKGA
RLGDTIVASVKEAMPNGKVKKGAVVYGVVVRAAMQRGRVDGSEVRFDDNAVVLVDNKDKKTKTDRQPIGTRVFGPVPHEL
RKKKHLKILALAQHIA
;
1L
39 'polypeptide(L)'
;MIRRRISSIISTSLFNSSIHHSAKPRFIVSSPLLQCRRSPILTQVSSFPGGVSSFQGIRAYSLLSLNDLRDNVPRKLKTR
KGRGIGSGKGKTAGRGHKGQKARGTMKFGFEGGQTPLRRRLPKRGFKNKFKLHFQPVGLGKIAKLINAGQIDSHELITMK
TLKDVGAIGKQIEDGVRLMGRGADEIKWPLHFEVSRVTVRAKEVVEAAGGSVRRVYYNKLGLRALLKPEWFEKKGRLLPK
AARPPPKQLDRVDSIGRLPAPKKPIPFYAAEESKVESPVES
;
1M
40 'polypeptide(L)'
;MYLTIKSIMLLWKYLLVTESQVSKCGFHIVKKKGDVLYPKRTKYSKYRKGRCSRGCKPDGTKLGFGRYGIKSCKAGRLSY
RAIEAARRAIIGHFHRAMSGQFRRNGKIWVRVFADLPITGKPTEVRMGRGKGNPTGWIARVSTGQILFEMDGVSLANARQ
AATLAAHKLCLSTKFVQWS
;
1N
41 'polypeptide(L)'
;MTKLRKLGRHTGHRMSMLRTLVSQLVKHERIETTITKAKEVRRLADNMVQLGKEGSLDAARRAAGFVRGDDVIHKIFTEF
AYRYKDRTGGYTRMLRTRIRVGDAAPMAYIEFIDRENELRQSNPPTPQPPQRVPLDPWARSRLMRQYAPPKEEKNSDSDL
;
1O
42 'polypeptide(L)'
;MVIPPAVRPPRLFDYLKPYVLKMHFTNKFVHAQVIHSPTATVACAASSQEKALRETMGVTRDVAAASKIGKILGERLLMK
DIPAVAIHMKKEQRYHGKVKAVIDSVREAGVKLL
;
1P
43 'polypeptide(L)'
;MQSIRSSTRLLHRNRFSNANTLPRFTSSSSPTLPANESRSVRGFDSSRSTGAFDSPAKYLISSLTKAVSFSSALPKHNLT
YSSRCFSTVGDSVQSAPQGFPVSAPDAPPRIKFKRLDKTAKHIMQIVDKEAVEEVRTRREIPEIRPGYIVQLKVEVPENK
RRVSIVKGIVIARRNAGLNSTFRIRRLVAGVGVESMFPLYSPNLREIKVLDKKRVRRAKLYYLRDKMNALKKH
;
1Q
44 'polypeptide(L)'
;MNKKEIFKLAKGFRGRAKNCIRIARERVEKALQYSYRDRRNKKREMRGLWIERINAGSRQHGVNYGNFIHGLMKENIQLN
RKVLSELSMHEPYSFKALVDVSRNSFPGNKNVVQAPRKVDVTSINA
;
1R
45 'polypeptide(L)'
;MASLRCFRELSRRATTVFSINQTRSISSFHGIEFSGTSISHGTVIPNRSLTRNLPWYSHWYRSQDRCFSSNTKDTDEDEE
SSEGEDDDEEEGEDFEDSADMEVEREYSPAEKVEEAEEIGYKVMGPLKPSERLFKPYEPVFAIVQIGSHQFKVSNGDSIF
TEKLKFCDINDKLELTKVLLLGSASQTIIGRPILPDATVHAVVEEHALDEKVLIFKKKRRKNYRRTRGHRQELTKLRITD
IQGIEKPEPKIVHKPSKEAVTEQTKAELVA
;
1S
46 'polypeptide(L)'
;MAGWQRNLQLIRHVARRVTNSNVSTANYSWSLESPFSKGCLLRPTYSSAPLHHYLKQVGISTSRKLEAGEEPVSSPLSSP
ALLGPGKEEEEQKIIPKRKKVQAVLKAIKQSPKKVNLVAALVRGMRVEDALMQLQVTVKRASHTVYRVIHAARANASHNH
GLDPDRLIIAEAFVGKGLFKKRISIHGKGKCGLMIRPECRLTVIVRETTPEEEAEIARLKVHNFKKLTKRERRLNPHKLI
ETTPIWNRRGTKANHRSSELVPSR
;
1T
47 'polypeptide(L)'
;MGSRLGRRVVHFANLPIKLLMPTKLTNIHEFALRTIPSATKIEIKRVLESLYGFEVEKVNTLNMDGKKKKRGGLLIAKAD
YKKAYVTLKNPLSISGDLFPVKFIEEDRKSKVKGSSFVEEEDDKKSHWLDQKERREVGGYGNGKGRRGGGGERSASPAKG
VASAAAVAKFPWSSMRFGGK
;
1U
48 'polypeptide(L)'
;MGWKAAEKLIRHWKILRGDNVMIIRGKDKGETGTVKRVIRSQNRVIVEGKNLIKKHIKGGPDHEGGIFTVEAPLHASNVQ
VVDPVTGRPCKVGVKYLEDGTKVRVARGTGTSGSIIPRPEILKIRTTPRPTTAGPKDTPMEFVWEQTYDAKTGKGMPDL
;
1V
49 'polypeptide(L)'
;MAKWWRGLRSVTAEVADLPASSFGRSIRCIHQYQTIQAIPREATGRGVSARDRTIGRIPAVVFPQSLLDTDASKRGVSRK
QLLTADKKQIKSIIDSVGLPFFCSTTFQLQIRAGQGSSTLVESGRVLPLKVHRDEETGKILNLVFVWADDGEKLKVDVPV
VFKGLDHCPGLQKGGNLRTIRSTLKLLGPAEHIPSKIEVDVSNLDIEDKVLLQDVVFHPSLKLLSKNETMPVCKIVATSP
VKEPEAVQA
;
1W
50 'polypeptide(L)'
;MLLRRATALPKTLQNLRLFSPAATSALALDHTLEIQLEYLPGFPRPDAKHAETILAVPRSDSGKNISAKERKAGRVPSII
FEQEDGQHGGNKRLVSVQTNQIRKLVTHLGYSFFLSRLFDVEVRSEIGSDEVIEKVRALPRSIHLHSGTDAPLNVTFIRA
PPGTLLKVDIPLVFIGDDVSPGLKKGASLNTIKRTVKFLCPAEIVPPYIEVDLSLLDVGQKLVAGDLKVHPALKLIRPKD
EPIVKIAGGRVSDQQKDQQKKDQPKKEQSKK
;
1X
51 'polypeptide(L)'
;MNFFNSAASLCRRVSLRELITEVPAYGGSGIYDGSSSGLSLVFKRWATKKTAGSTKNGRDSKPKNLGVKKFGGENVIPGN
IIVRQRGTRFHPGDYVGIGKDHTLFALKEGRVRFEKNKITGRKWIHVDPKGGHVLHPIYTRAAATKSTQMETASSS
;
1Y
52 'polypeptide(L)'
;MAFRGKEMMKKLVKKVGAENITPELKEKLKACVPDTKVVMGRAKRGLYAGRHIQYGNRVSEDGGNKSRRCWKPNVQEKRL
FSYIFDSHIKVKVTTHALRCIDKAGGIDEYLLKTPYQKMDTEMGLYWKTKVEARYAELGQMEVAFFNPEDEAKLEQGFKD
LNIAKKDARREARRTFRKKGGGNKGDEEASIEGGGGSESHQEDDNGWLEAKA
;
1Z
53 'polypeptide(L)'
;MFLTRFIGRRFLAVAASTRSESTTAAAASTVKIAKNPLEEFFEFDRSQDEDKPVVYGRGWKASELRLKSWDDLQKLWYVL
LKEKNMLMTQRQMLQAQNMMFPNPERIPKVRRSMCRIKHVLTERAIEEPDPRRSAEMKRMVNGM
;
1a
54 'polypeptide(L)'
;MSGFRAFKAQVPIQWSQSLYITLVRGLPGTRKLHRRTLEAMGLRRCHRTVLHSNTSSIRGMIQQVKRMVVVETEEMFKAR
KEAEANHKALRPPLVVSHSIPATGSSNMS
;
1b
55 'polypeptide(L)'
;MNERVFEAFVLGPNRTYWSSEAKRQARAYTFLLCITIDEGRTTPSLSKLIHLLTVAGWTMKKGVHPQMQWISYVTQSGRL
MHVMMTRIHHVGKVYHFGAKRQLAQSIGQIAKFKRRFNELEEEPSHENNIDNQKK
;
1c
56 'polypeptide(L)'
;MALRLTSLKRAAVESCRIFQTRSLSHVAAMPTPLNSAIDRTISMPPLISPEFDQNQNQPGSIDEKSFGFGLPDFGFGGSI
ELMAVPKKKVSKHKRGIRNGPKALKPVPVIIRCRSCGRVKLPHFFCCSGERGNPTEQGN
;
1d
57 'polypeptide(L)' MGDKRKKTFMFIRLVSAAGTGFFYVKRKSSKGLLEKLEFRKYDPRVNRHVLFTEQKMKIVSVS 1e
58 'polypeptide(L)'
;MAAKTLIRSGALLMNRFLSKPTTNLVKNNLRSFQQIAPQGPELPPYFPPSLSNLQRSLYSPPNDTVTLKELTERGFLHPS
GLPSLEFFLPEVDPSSEPLLLFPKRTFQPSTIRRKRNHGFFARKATKGGRRVIARRIAKGRHRVTA
;
1f
59 'polypeptide(L)'
;MQRFCTKLRSISLHSNRNISFTSVPHRLIHHSRSPQSTLGFARTSKWNFVSPSNPTSTGSISVPHHLVQVRNITSKDKMA
KWKKKWRPRTPITSKVKKVKIKFYSSYKDRFRPLNDGTILRWKEGKRHNAHLKSKKSKRRLRQPGLVPPAYAKVMKKLNF
CN
;
1g
60 'polypeptide(L)'
;MKVRSSVKKMCEFCKTVKRRGRVYVICSSNPKHKQRQGFSSFAYEGITPSPLFAEPIASQELVRLPGQGVSAGLASLLHK
RPMPTAYFGWRSGLASILFKQGN
;
1h
61 'polypeptide(L)'
;MIRITRPKPIIESLTYNLIQRCSAGGTPKGKAKLKTGQPLKRNKLSTKNPAASGEGEEAVKGKGRISDEKQKLYEQCLNA
PCPVRSLTPKEAEREAQREKLGLISKDKQRDMEIQKKGGAAAMGINTDEPMRIGTAGLDYVSLGIFSADELVKYKVTAED
GERLAKENSKVLMREHRERRAAETVLLNMKKAAIEALPEKLKMAALEPDLTPFPANRGMATLTPPIEGYLEKVMDAAKKS
SSKEKLR
;
1i
62 'polypeptide(L)'
;MTLGLLSAIGRSFRRKRASSLDILSPKRAPRDFYKGKNCKPTGFHTKKGGYVVQPDKLPNYVIPDLTGFKLKPYVSQCPI
EVNKTTEASK
;
1j
63 'polypeptide(L)'
;MALRGVWQLQKLVVSYCNWGGSSRGIRAFMESELPALIEKNPQLEVVTELSRGQHPYLKGIYRNRNERVVCVKNMDPDQV
LLNATRLRNSLGRKVVKLRTRHVTKHPSVQGTWTTAVKF
;
1k
64 'polypeptide(L)'
;MPRSSLRLLAKPLLESRRGFCTSSDKIVASVLFERLRVVIPKPDPAVYAFQEFKFNWQQQFRRRYPDEFLDIAKNRAKGE
YQMDYVPAPRITEADKNNDRKSLYRALDKKLYLLIFGKPFGATSDKPVWHFPEKVYDSEPTLRKCAESALKSVVGDLTHT
YFVGNAPMAHMAIQPTEEMPDLPSYKRFFFKCSVVAASKYDISNCEDFVWVTKDELLEFFPEQAEFFNKMIIS
;
1l
65 'polypeptide(L)'
;MLKFLSKVKIEFNTLDPRLASCVEFLAQCNARKAKESNPNCQVLVKRRTDDQPPQISVTFVNGVEEAFDAAATSAQSIRK
MILDKGQYLETEQMFREAGEQWPVIIPEEEIHQEAPGVKPRKAEDKKQ
;
1m
66 'polypeptide(L)'
;MNCRIGLITGGSKDVVRRTFAAAASKAKKGGKGGGSDAPKGSSLSKEIKSTTVVGANTLKDRSDPKILPDSDYPDWLWRL
LQIRPALSELRRKNVETLPYDDLKRFVKLDTRAKIKENNSIKAKN
;
1o
67 'polypeptide(L)'
;MAGKAAEAVAKTVTAVQHPWRAKLDKYRTELTKGVWGYWEMGAWKPLGISARRRAMLRKEVLTAGEDWPYDPERKAMRTK
RKGHKCDRISAEKRENTAKLMLKMPQMLLDYKKRRWEKKMKEEEKAKEDK
;
1p
68 'polypeptide(L)' MGAFWGTRVMEIVKKHDSGGLIWKRIKLTSTRKANAKTRLRRVWQNEAVLKACGTSDAAVSPGVSSNTETCTSAVKNKE 1q
69 'polypeptide(L)'
;MWFTGGGGGVGGLRKLCRASATVLEKEMSCNSLLVRYMSRERAVNVRKINPKVSIQEAHIISSSLYDVFKKHGPLSVPNT
WLRAQEAGVSGLNSKTHMKLMLKWMRGRKMLKLICNQVGSSKKFFHTVLPDDDPQQETPPVAAAAAAAAAATTTDKNKKA
FSKRRSK
;
1r
70 'polypeptide(L)'
;MGFGAIRSILRPLSRTLVSRVAASCSSAPLIPAAKPELCSFLGGSRLPWIPMANHFHSLSLTDTRLPKRRPMAHPKKKRF
KLKPPGPYAYVQYTPGEPIASNNPNKGSVKRRNAKKRIGQRRAFILSEKKKRQGLVQEAKRKKRIKEVERKMAKVARERA
WEERLAELQRLEEEKKKSMSS
;
1s
71 'polypeptide(L)'
;MALRHLSRPRDIVKRSTKKYLDEPLYHRLFKDGGSEVSVRQQLNQFLKGTKHVFKWEVGDTIKKLRSRGLYYPALKLSEV
MEHRGMNKTVSDQAIHLDLVAKARGIAAGESYFVDLPETSKTELTYASLLNCYCKELMTEKAEGLLNKMKELNITVSSMS
YNSLMTLYTKTGQAERVPGMIQEMKAEDVMPDSYTYNVWMRALAATEDVSGVERVIEEMNRDGRVAPDWTTYSNMASIYV
DAGLSEKAEKALQELEMKNTDRDFKAYQFLITLYGRLGKLNEVYRIWRSLRLAMPKTSNVAYLNMIQVLVNLKDLPGAET
LFKEWQANCSTYDIRVVNVMIGAYTREGLVEKANELKEKSPRRGGKLNAKTWELFMDYYVKRGETAQALECITKAVSIGK
GDGGKWLPSEDTVRALMSQFEEKKDVNGAESLLEILKKGTDDVGAETFESLIRTYAAAGKSHPAMRQRLKMEKVKVDKAT
EKLLDELCQDE
;
1t
72 'polypeptide(L)'
;MAFISRSKRYQSKARVYLSLPRSSNSSLFSLPRLFSTIEETQTPANANPETQSPDAKSETKKNLTSTETRPLRERFQRGK
RQNHEKLEDTICRMMDNRAWTTRLQNSIRDLVPEWDHSLVYNVLHGAKKLEHALQFFRWTERSGLIRHDRDTHMKMIKML
GEVSKLNHARCILLDMPEKGVPWDEDMFVVLIESYGKAGIVQESVKIFQKMKDLGVERTIKSYNSLFKVILRRGRYMMAK
RYFNKMVSEGVEPTRHTYNLMLWGFFLSLRLETALRFFEDMKTRGISPDDATFNTMINGFCRFKKMDEAEKLFVEMKGNK
IGPSVVSYTTMIKGYLAVDRVDDGLRIFEEMRSSGIEPNATTYSTLLPGLCDAGKMVEAKNILKNMMAKHIAPKDNSIFL
KLLVSQSKAGDMAAATEVLKAMATLNVPAEAGHYGVLIENQCKASAYNRAIKLLDTLIEKEIILRHQDTLEMEPSAYNPI
IEYLCNNGQTAKAEVLFRQLMKRGVQDQDALNNLIRGHAKEGNPDSSYEILKIMSRRGVPRESNAYELLIKSYMSKGEPG
DAKTALDSMVEDGHVPDSSLFRSVIESLFEDGRVQTASRVMMIMIDKNVGIEDNMDLIAKILEALLMRGHVEEALGRIDL
LNQNGHTADLDSLLSVLSEKGKTIAALKLLDFGLERDLSLEFSSYDKVLDALLGAGKTLNAYSVLCKIMEKGSSTDWKSS
DELIKSLNQEGNTKQADVLSRMIKKGQGIKKQNNVSL
;
1u
73 'polypeptide(L)'
;MPPSLPSLQLRRLLLRSFISSSSVNTLQSQPRIISSKPLFSPLPPSRSSIFSTFPSRFFSSETNAESESLDSNEIALSFS
KELTGNPDAESQTISQRFNLSFSHITPNPDLILQTLNLSPEAGRAALGFNEWLDSNSNFSHTDETVSFFVDYFGRRKDFK
GMLEIISKYKGIAGGKTLESAIDRLVRAGRPKQVTDFFEKMENDYGLKRDKESLTLVVKKLCEKGHASIAEKMVKNTANE
IFPDENICDLLISGWCIAEKLDEATRLAGEMSRGGFEIGTKAYNMMLDCVCKLCRKKDPFKLQPEVEKVLLEMEFRGVPR
NTETFNVLINNLCKIRRTEEAMTLFGRMGEWGCQPDAETYLVLIRSLYQAARIGEGDEMIDKMKSAGYGELLNKKEYYGF
LKILCGIERLEHAMSVFKSMKANGCKPGIKTYDLLMGKMCANNQLTRANGLYKEAAKKGIAVSPKEYRVDPRFMKKKTKE
VDSNVKKRETLPEKTARKKKRLKQINMSFVKKPHNKMRRRM
;
1v
74 'polypeptide(L)' GVAA 1x
75 'polyribonucleotide'
;GCGGGG(4SU)GGAGCAGCCUGGUAGCUCGUCGGG(5MC)UCAUAACCCGAAGGUCGUCGG(5MU)(PSU)CAAAUCCGG
CCCCCGCAACCA
;
5
76 'polyribonucleotide'
;CAUAGUCAAAAGAAGAGUUUGAUUCUGGCUCAGAAGGAACGCUAGCUAUAUGCUUAACACAUGCAAGUCGAACGUUGUUC
UAAAAAAAAAAAAAAUUUUUUUUUUUUUAAAAAAAAAAAAAAUUUUUUUUAAGAGUUGAGAACAAAGUGGCGAACGGGUG
AGUAAGGCGUGGGAAUCUGCCGAACAGUUCGGGCUAAAUCCCGAAGAAAGCUAGAAAGCGCUGUUUGAUGAGCCUGCGUA
GUAUUAGGUAGUUGGUUAGGUAAAGGCUGACCAAGCCGAUGAUGCUUAGCUGGUCUUUUCGGACGAUCAGCCACACCGGG
ACUGAGACACGGCCCGGACUCCCACGGGGGGCAGCAGUGGGGAAUCUUGGACAAUGGGCGCAAGCCUGAUCCAGCAAUAU
UGCGUGAGUGAAGAAGGGCAAUUCCGCUCGUAAAGCUCUUUCGUCGAGUGCGCGAUCAUGACAUGACUCGAGGAAGAAGC
CCCGGCUAACUCCGUGCCAGCAGCC(G7M)CGGUAAAACGGGGGGGGCAAGUGUUCUUCGGAAUGACUAGGCGUAAAGGG
CACGUAGGCGGUUCAUCGGGUUGAAAGUGAAAGUCGUCAAAAAGUGGCGGAAUGCUUUCGAAACCACUGAACUUGAGUGA
GACAGAGGAGAGUGGAAUUUCGUGUGGAGGGGUGAAAUCUACGGAUCUACGAAGGAACGCCAAAAGCGAAGGCAGCUCUC
UGGGUCUCUACCGACGCUGGUGUGCGAAAGCAUGGGGAGCGAACGGGAUUAGAUACCCUGGUAGUCCAUGCCGUAAACGA
UGAGUGUUCGCCCUUGGUCUAUUCUGAUCUGGGGCUCAGCUAACGCGUUAAACACUCCGCCUGGGGAGUACGGUCGCAAG
ACCAAAACUCAAAGGAAUUGACGGGGGCCUGCACAAGCGGUGGAGCAUGUGGUUUAAUUCGAUGCAACGCGCAGAACCUU
ACCAGCCCUUGACAUAUGAACGAGAAACCCUAUCCUUAACGGGAUGGUACUGACUUUCAUACAGGUGCUGCAUGGCUGUC
GUCAGCUCGUGUCGUGAGAUGUUUGGUUAAGUCCUAUAACGAGCGAAACCCUCGCCUUGUGUUGCUCAGACAUGCGCCUA
AGGAGAACUCCGAAACAAACAAAAAGGUGCGUGACGCACUCACGAGGGACUGCCAGUGAUAUACUGGAGGAAGGUGGGGA
UGACGUCAAGUCCGCAUGGCCCUUAUGGGCUGGGCCACACACGUGCUACAAUGGCAAUUACAAUGGGAAGCAAGGCUGUA
AGGCGGAGCGAAUCCGGAAAGAUUGCCUCAGUUCGGAUUGUUCUCUGCAACUCGGGAACAUGAAGUUGGAAUCGCUAGUA
AUCGCGGAUCAGCAUGCCGCGGUGAAUAUGUACCCGGGCCCUGUACACACCG(4OC)CCGUCACACCCUGGGAAUUGGUU
UCGCCCGAAGCAUCGGACCAAUGAUCACCCAGCACUUCUGUGUAACACUAGUCACACAAAGACUUUUGGUGGUCUUAUUG
ACGCAUACCACGGUGGGGUCUUCGACUGGGGUGAAGUCG(UR3)AACAAGGUAGCCGUAGG(2MG)G(MA6)(MA6)CCU
GUGGCUGGAUUAUCC
;
2
77 'polyribonucleotide' AAAAUA 6
78 'polypeptide(L)'
;MRGALFRNASLCARRLLLSPRINTHQPSSSSNARFVAPIATPFPPRLFSSESDSSGENPPPPPESSSPIESSNKKDLAVE
DVGNKELKARIEKYFNEGNEDALPGIIEALLQRRLADKHADTDDEVMDSLQNQPFKDDVKDEDFESDFEEAHSTDDELED
LYNSPEYVKKKMQNNEFFNMDEKKWDVIVREGIRHGILKDTKECEEILEDMLHWDKLLPDDLKKKVEAKFNELGDMCERG
EIEAEAAYELFKEFEDEMVIQYGDQMEAAGPPKFDETDPSYSNTNLDDPPGKGPILRWQSRIVFAPGGDAWHPKNRKVKL
SVTVKELGLSKHQARRLRELVGKRYDSGKDELTITSERFEHREENRKDCLRTLYGLIEEAAKANKIAEDIRTAYVKQRLQ
ANPAFMQKLQAKIMRSKESNPINA
;
a
79 'polypeptide(L)' MGRKAGNLYINPKKLGNLAKPCMKEMVSFLNCMALNNIKDDKCEKQKQLLSVCMQGQSDHKNKSWGNINYHLQRLTRGRK b
80 'polypeptide(L)'
;MANLMQRFIRNQSCLRAIPKLTPNLIPHQKPCIIINNNVESPFPLTNPVIAFSGSGIKPDEALRFYPSFPIGYGLNPSVV
HGSGLTDTVVEEKEKEVVIHADSVKKKRKKKMNKHKYRKLRKKQGRKS
;
c
81 'polypeptide(L)'
;MAWMQMIQSARFLRKTQPFSTPSLARFYSKPAPYAVKVGIPEFLSGIGGGVETHVARLETELGDLSKLLVTRTLKLKKFG
IPCKHRKLILKYSQKYRLGLWKPRADAIKA
;
d
82 'polypeptide(L)'
;MFKLSRMIPRLQSVSLNPSTTASGSLIENAPRIFQSLGNRAFSGKSSSDGSGSNENGWDIATGGSFGGGTTGGSDDLDWD
HKSMWSTGLSKEHFDGVSVGRQNPSSENAVSDSGDVMSKLGPREVAMVNEMNEYDDMIKEIEKDNRHSRVFVDGIKQKMM
EMSVLLKQVKEPGARGSYLKDSEKTEMYRLHKENPEVYTVERLAKDYRIMRQRVHAILFLKEDEEEEERKLGRPLDDSVE
RLLDEYPEFFVSHDREFHVASLSYKPDFKVMPEGWDGTIKDMDEVHYEISKKEDDILYEEFLRRFEFNKLKWKGEVKCHK
YSRRRSSDGWKITVEKLGPQGKRGNGGGWKFVSLPDGSSRPLNEVEKMYVKREAPRRRRKILP
;
e
83 'polypeptide(L)'
;MQTVRALRRVTKPSQWVRSVSQGKRSFSALPNFSASDADVQDQVSVEGKAKSRAAILDRPSSLNALSAPMVGRLKRLYES
WEENPAISFVLMKGSGKTFCSGADVLPLYHSINEGNTEECKHFFGSLYNFVYLQGTYLKPNIAIMDGVTMGCGGGISIPG
MFRVATDKTVLAHPEVQIGFHPDAGASYYLSRLPGYLGEYLALTGQKLDGVEMIACGLATHFCLHSRLGMVEERIGKLLT
DDPTVIEASLAQYSDLVYPDNTSVLHKIEMIDRYFGLDTVEEIIEAMENEVADSGNEWCKKTLKQVKEASPLSLKITLQS
IREGRFQTLDQCLTREYRISLCGVSKTVSGDFCEGIRARLVDKDFAPKWDPPRLEDVSKDMVDCYFSPATDADDSESELK
LPTAQREPYF
;
f
84 'polypeptide(L)'
;MQYLSNSRRIARALKPLALLEADVRFASHVVDSTQWQNHRSPSVSVSPGMNTQSHMTGLMMLRSSFSSEAKLVEDPTEAV
KELHGKILDSVNVKRSMPPNALLWSLIENCRKEDDISFLFDALQNLRRFRLSNLRIHDNFNCNLCQQVAKTCVRVGAINH
GKRALWKHNVHGLTPSVASAHHMMSYALEHKNSNLMEEVMKLLKANDLPLQPGTADLVFRICHETDSWDLLAKYSKKFCK
AGVKLRKTTFDVWMEFAAKRGDTESLWKVDKLRSETYTQHTLSAAFSCAKGFLLEHKPEEAAAVIQIICQAYPDEKKSAL
EAEKEKLVNEWPVDVLKHQNEEDKKAVAASLKSDIPAMVNALVNSGLRVSVDLDELNKNEALLS
;
h
85 'polypeptide(L)'
;MKSFLLSRQAIHRISLLSSKTPTFCRNFSAITSTISHSDRHLRSYDEQTPFQNVEIPRPISSFNRYFHFTRESRLSESSA
AIDDSNDQEEDDEDGTTNEFLSRFVWIMRGKVSEAYPDCDKKMIDGMLLLIVEKVVEEIERGGFNKVGSAPPSPSSEFSD
DLWATIWEVSNTVLKDMEKERKKEKMKQYVQSPEVMEMCRFAGEIGIRGDLLRELRFKWAREKMDDAEFYESLEQQRDLD
NSIRESETVDGEVEEEGFVPSDEVESRSISLPKRKGKLKYKIYGLELSDPKWVEMADKIHEAEEEADWREPKPVTGKCKL
VMEKLESLQEGDDPSGLLAEWAELLEPNRVDWIALINQLREGNTHAYLKVAEGVLDEKSFNASISDYSKLIHIHAKENHI
EDVERILKKMSQNGIFPDILTATALVHMYSKSGNFERATEAFENLKSYGLRPDEKIYEAMILGYVNAGKPKLGERLMKEM
QAKELKASEEVYMALLRAYAQMGDANGAAGISSSMQYASDGPLSFEAYSLFVEAYGKAGQVDKAKSNFDEMRKLGHKPDD
KCIANLVRAYKGENSLDKALRLLLQLEKDGIEIGVITYTVLVDWMANLGLIEEAEQLLVKISQLGEAPPFELQVSLCCMY
SGVRNEKKTLQALGVLEAKRDQMGPNEFDKVISALKRGGFEKDARRMYKYMEARKFLPSQRLQMDMVAPPRAFGSGSGRV
RRFNS
;
i
86 'polypeptide(L)'
;MALLSRIRSSASLLRHLNPSPQIRSLSSASSILSPDSKTPLTSKQKSKTALTLLKTERDPDRILEICRAASLTPDCHIDR
LAFSAAVQNLTENKHFSAVTNLLDGLLENRPDLKTERFAAHAIVLYAQANMLDHSLRVFSDLEKLEIQRTVKSLNALLFA
CLVAKDYKEAKRVYIEIPKMYKIEPDLETYDRMIKVFCESGSASSSYSIVAEMERKGVKPTSSTFGLMIAGFYREDKKED
VGKVLAMMKERGVSIGVSTHNIRIQSLCKRKRSGEAKALLDGMLSSGMKPNAVTYGHLIHGFCNEGEFDEAKKLFKAMVN
RGCKPDSECYFTLVYYLCKGGDFEAALSLCKESMEKNWVPSFSIMKSLVNGLAKDSKVEEAKELIAQVKEKFTRNVELWN
EVEAALPQ
;
j
87 'polypeptide(L)'
;MHYMGLFSKAGNIFRQPRAMQASNAMLQGNLSLTPSKIFVGGLSPSTDVELLKEAFGSFGKIVDAVVVLDRESGLSRGFG
FVTYDSIEVANNAMQAMQNKELDGRIIGVHPADSGGGGGGGGFARRGGYGGGRGGYARGGFGRGGFGGGGYGFVR
;
k
88 'polypeptide(L)'
;MTLHGAVIQKLLNTGSHLGRRAAEHHFKQYAYGTRNGMTIIDSDKTLICLRSAASFVANLASARGNIFFVNTNPLFDEIV
ELTSRRIQGDAYNHNRSTNLWKMGGFLTNSYSPKKFRSRHKKLCFGPTTMPDCVVVFDAERKSSVVLEAAKLQIPVVAIV
DPNVPLEFFEKITYPVPARDSVKFVYLFCNVITKCFVAEQMKMGIKDGDLAA
;
A
#
# COMPACT_ATOMS: atom_id res chain seq x y z
N ALA A 2 -60.18 1.01 -44.49
CA ALA A 2 -58.82 1.50 -44.67
C ALA A 2 -57.91 0.38 -45.15
N ARG A 3 -58.41 -0.85 -45.07
CA ARG A 3 -57.72 -2.00 -45.65
C ARG A 3 -58.28 -2.24 -47.05
N LYS A 4 -57.85 -3.32 -47.67
CA LYS A 4 -58.43 -3.72 -48.95
C LYS A 4 -59.79 -4.37 -48.72
N GLY A 5 -60.81 -3.91 -49.45
CA GLY A 5 -62.16 -4.38 -49.27
C GLY A 5 -62.58 -5.35 -50.37
N ASN A 6 -63.82 -5.77 -50.26
CA ASN A 6 -64.41 -6.66 -51.26
C ASN A 6 -64.59 -5.90 -52.57
N PRO A 7 -64.21 -6.47 -53.71
CA PRO A 7 -64.38 -5.77 -54.99
C PRO A 7 -65.83 -5.55 -55.37
N ILE A 8 -66.74 -6.41 -54.92
CA ILE A 8 -68.12 -6.35 -55.39
C ILE A 8 -68.84 -5.14 -54.82
N SER A 9 -68.49 -4.75 -53.60
CA SER A 9 -69.22 -3.70 -52.90
C SER A 9 -69.03 -2.33 -53.55
N VAL A 10 -67.90 -2.11 -54.23
CA VAL A 10 -67.65 -0.81 -54.81
C VAL A 10 -68.42 -0.66 -56.13
N ARG A 11 -68.51 -1.73 -56.89
CA ARG A 11 -69.19 -1.72 -58.19
C ARG A 11 -70.46 -2.55 -58.17
N LEU A 12 -71.16 -2.54 -57.04
CA LEU A 12 -72.42 -3.28 -56.95
C LEU A 12 -73.53 -2.60 -57.73
N GLY A 13 -73.64 -1.28 -57.65
CA GLY A 13 -74.74 -0.59 -58.29
C GLY A 13 -74.63 -0.51 -59.79
N LYS A 14 -73.55 0.09 -60.27
CA LYS A 14 -73.23 0.13 -61.69
C LYS A 14 -72.17 -0.90 -62.00
N ASN A 15 -72.18 -1.39 -63.25
CA ASN A 15 -71.30 -2.40 -63.83
C ASN A 15 -71.65 -3.81 -63.32
N ARG A 16 -72.60 -3.91 -62.39
CA ARG A 16 -73.02 -5.22 -61.88
C ARG A 16 -74.45 -5.12 -61.37
N SER A 17 -75.07 -6.27 -61.16
CA SER A 17 -76.43 -6.35 -60.66
C SER A 17 -76.54 -7.45 -59.61
N SER A 18 -77.51 -7.32 -58.72
CA SER A 18 -77.67 -8.29 -57.65
C SER A 18 -78.31 -9.57 -58.16
N ASP A 19 -78.16 -10.64 -57.38
CA ASP A 19 -78.69 -11.94 -57.73
C ASP A 19 -80.19 -12.09 -57.46
N SER A 20 -80.83 -11.08 -56.87
CA SER A 20 -82.23 -11.14 -56.51
C SER A 20 -82.92 -9.89 -56.99
N SER A 21 -84.24 -9.98 -57.16
CA SER A 21 -85.02 -8.81 -57.58
C SER A 21 -86.41 -8.89 -56.97
N TRP A 22 -86.68 -7.97 -56.04
CA TRP A 22 -87.99 -7.79 -55.43
C TRP A 22 -88.04 -6.42 -54.76
N PHE A 23 -89.17 -6.15 -54.10
CA PHE A 23 -89.29 -5.02 -53.21
C PHE A 23 -90.39 -5.32 -52.19
N SER A 24 -90.18 -4.87 -50.96
CA SER A 24 -91.21 -4.87 -49.94
C SER A 24 -90.84 -3.86 -48.87
N ASP A 25 -91.83 -3.46 -48.09
CA ASP A 25 -91.58 -2.68 -46.89
C ASP A 25 -92.16 -3.33 -45.64
N TYR A 26 -93.37 -3.87 -45.72
CA TYR A 26 -93.91 -4.58 -44.57
C TYR A 26 -93.29 -5.96 -44.42
N TYR A 27 -92.80 -6.53 -45.51
CA TYR A 27 -92.29 -7.89 -45.54
C TYR A 27 -90.81 -7.92 -45.93
N TYR A 28 -90.04 -6.95 -45.44
CA TYR A 28 -88.62 -6.91 -45.79
C TYR A 28 -87.84 -7.98 -45.05
N GLY A 29 -88.12 -8.17 -43.76
CA GLY A 29 -87.34 -9.08 -42.94
C GLY A 29 -87.51 -10.53 -43.30
N LYS A 30 -88.65 -10.89 -43.92
CA LYS A 30 -88.82 -12.25 -44.38
C LYS A 30 -87.97 -12.53 -45.61
N PHE A 31 -87.95 -11.61 -46.58
CA PHE A 31 -87.22 -11.82 -47.81
C PHE A 31 -85.71 -11.71 -47.63
N VAL A 32 -85.24 -10.80 -46.77
CA VAL A 32 -83.80 -10.67 -46.55
C VAL A 32 -83.25 -11.90 -45.83
N TYR A 33 -84.09 -12.61 -45.06
CA TYR A 33 -83.68 -13.89 -44.50
C TYR A 33 -83.83 -15.02 -45.49
N GLN A 34 -84.86 -14.99 -46.33
CA GLN A 34 -85.07 -16.06 -47.29
C GLN A 34 -83.97 -16.14 -48.33
N ASP A 35 -83.44 -14.98 -48.76
CA ASP A 35 -82.34 -14.98 -49.71
C ASP A 35 -81.11 -15.67 -49.14
N VAL A 36 -80.70 -15.28 -47.94
CA VAL A 36 -79.53 -15.85 -47.29
C VAL A 36 -79.73 -17.34 -47.02
N ASN A 37 -80.92 -17.71 -46.55
CA ASN A 37 -81.18 -19.09 -46.17
C ASN A 37 -81.24 -20.01 -47.39
N LEU A 38 -81.89 -19.59 -48.47
CA LEU A 38 -81.95 -20.41 -49.67
C LEU A 38 -80.57 -20.54 -50.32
N ARG A 39 -79.79 -19.46 -50.37
CA ARG A 39 -78.48 -19.57 -50.98
C ARG A 39 -77.53 -20.38 -50.13
N SER A 40 -77.72 -20.38 -48.81
CA SER A 40 -76.93 -21.26 -47.97
C SER A 40 -77.36 -22.71 -48.12
N TYR A 41 -78.64 -22.95 -48.40
CA TYR A 41 -79.10 -24.31 -48.57
C TYR A 41 -78.65 -24.91 -49.90
N PHE A 42 -78.75 -24.15 -50.99
CA PHE A 42 -78.51 -24.71 -52.32
C PHE A 42 -77.05 -25.08 -52.56
N GLY A 43 -76.12 -24.47 -51.84
CA GLY A 43 -74.72 -24.76 -52.06
C GLY A 43 -74.21 -26.00 -51.36
N SER A 44 -75.04 -26.64 -50.55
CA SER A 44 -74.66 -27.84 -49.82
C SER A 44 -75.36 -29.09 -50.35
N ILE A 45 -75.81 -29.06 -51.59
CA ILE A 45 -76.60 -30.13 -52.19
C ILE A 45 -75.73 -30.87 -53.19
N ARG A 46 -75.67 -32.20 -53.04
CA ARG A 46 -74.90 -33.14 -53.86
C ARG A 46 -73.44 -32.74 -54.02
N PRO A 47 -72.63 -32.79 -52.95
CA PRO A 47 -71.22 -32.45 -53.09
C PRO A 47 -70.51 -33.50 -53.92
N PRO A 48 -69.41 -33.14 -54.59
CA PRO A 48 -68.69 -34.12 -55.41
C PRO A 48 -68.00 -35.16 -54.55
N THR A 49 -68.22 -36.42 -54.90
CA THR A 49 -67.46 -37.53 -54.35
C THR A 49 -66.25 -37.78 -55.26
N ARG A 50 -65.59 -38.92 -55.06
CA ARG A 50 -64.49 -39.28 -55.95
C ARG A 50 -64.98 -39.66 -57.34
N LEU A 51 -66.17 -40.24 -57.44
CA LEU A 51 -66.68 -40.76 -58.70
C LEU A 51 -67.78 -39.90 -59.30
N THR A 52 -68.02 -38.70 -58.77
CA THR A 52 -69.06 -37.80 -59.25
C THR A 52 -68.51 -36.40 -59.41
N PHE A 53 -68.94 -35.71 -60.47
CA PHE A 53 -68.52 -34.32 -60.67
C PHE A 53 -69.20 -33.40 -59.69
N GLY A 54 -70.42 -33.70 -59.28
CA GLY A 54 -71.11 -32.96 -58.25
C GLY A 54 -71.96 -31.82 -58.78
N PHE A 55 -72.71 -31.23 -57.88
CA PHE A 55 -73.55 -30.07 -58.14
C PHE A 55 -72.74 -28.84 -57.77
N ARG A 56 -72.42 -28.02 -58.77
CA ARG A 56 -71.58 -26.83 -58.59
C ARG A 56 -72.39 -25.61 -58.99
N LEU A 57 -73.03 -24.96 -58.01
CA LEU A 57 -73.87 -23.81 -58.27
C LEU A 57 -73.00 -22.56 -58.41
N GLY A 58 -73.07 -21.92 -59.56
CA GLY A 58 -72.32 -20.70 -59.77
C GLY A 58 -73.06 -19.46 -59.33
N ARG A 59 -74.22 -19.20 -59.93
CA ARG A 59 -75.06 -18.07 -59.58
C ARG A 59 -76.49 -18.54 -59.48
N CYS A 60 -77.17 -18.18 -58.40
CA CYS A 60 -78.59 -18.44 -58.23
C CYS A 60 -79.32 -17.13 -58.38
N ILE A 61 -80.24 -17.06 -59.34
CA ILE A 61 -80.99 -15.83 -59.60
C ILE A 61 -82.41 -16.03 -59.09
N LEU A 62 -82.87 -15.12 -58.24
CA LEU A 62 -84.20 -15.23 -57.64
C LEU A 62 -84.99 -13.98 -57.96
N LEU A 63 -86.16 -14.17 -58.60
CA LEU A 63 -87.07 -13.09 -58.92
C LEU A 63 -88.37 -13.31 -58.18
N HIS A 64 -88.86 -12.26 -57.51
CA HIS A 64 -90.10 -12.37 -56.74
C HIS A 64 -91.19 -11.54 -57.39
N PHE A 65 -92.36 -12.14 -57.53
CA PHE A 65 -93.59 -11.55 -58.05
C PHE A 65 -94.70 -11.91 -57.09
N PRO A 66 -95.85 -11.20 -57.13
CA PRO A 66 -96.98 -11.59 -56.29
C PRO A 66 -97.43 -13.03 -56.47
N LYS A 67 -97.21 -13.84 -55.44
CA LYS A 67 -97.55 -15.26 -55.35
C LYS A 67 -96.82 -16.13 -56.36
N ARG A 68 -95.77 -15.62 -57.02
CA ARG A 68 -95.00 -16.41 -57.99
C ARG A 68 -93.52 -16.07 -57.85
N THR A 69 -92.70 -17.09 -57.60
CA THR A 69 -91.27 -16.91 -57.41
C THR A 69 -90.49 -17.78 -58.40
N PHE A 70 -89.44 -17.20 -58.97
CA PHE A 70 -88.70 -17.81 -60.07
C PHE A 70 -87.24 -17.94 -59.69
N ILE A 71 -86.66 -19.13 -59.89
CA ILE A 71 -85.29 -19.42 -59.51
C ILE A 71 -84.57 -19.94 -60.74
N HIS A 72 -83.37 -19.43 -60.99
CA HIS A 72 -82.53 -19.82 -62.11
C HIS A 72 -81.20 -20.32 -61.58
N PHE A 73 -80.86 -21.56 -61.89
CA PHE A 73 -79.59 -22.18 -61.53
C PHE A 73 -78.64 -22.18 -62.72
N PHE A 74 -77.35 -22.06 -62.43
CA PHE A 74 -76.30 -22.11 -63.44
C PHE A 74 -75.28 -23.15 -63.04
N LEU A 75 -75.02 -24.11 -63.93
CA LEU A 75 -74.14 -25.23 -63.62
C LEU A 75 -73.18 -25.45 -64.78
N PRO A 76 -71.93 -25.81 -64.50
CA PRO A 76 -71.00 -26.14 -65.58
C PRO A 76 -71.20 -27.56 -66.08
N ARG A 77 -70.78 -27.77 -67.34
CA ARG A 77 -70.89 -29.09 -67.93
C ARG A 77 -69.81 -30.02 -67.39
N ARG A 78 -70.09 -31.31 -67.44
CA ARG A 78 -69.18 -32.31 -66.89
C ARG A 78 -68.00 -32.52 -67.83
N PRO A 79 -66.76 -32.37 -67.36
CA PRO A 79 -65.60 -32.72 -68.19
C PRO A 79 -65.28 -34.20 -68.08
N ARG A 80 -65.44 -34.92 -69.19
CA ARG A 80 -65.21 -36.36 -69.21
C ARG A 80 -64.86 -36.78 -70.63
N ARG A 81 -63.86 -37.65 -70.76
CA ARG A 81 -63.53 -38.26 -72.04
C ARG A 81 -64.37 -39.52 -72.21
N LEU A 82 -65.12 -39.59 -73.30
CA LEU A 82 -65.98 -40.73 -73.58
C LEU A 82 -65.19 -41.81 -74.30
N LYS A 83 -65.91 -42.80 -74.84
CA LYS A 83 -65.29 -43.91 -75.55
C LYS A 83 -64.78 -43.50 -76.92
N ARG A 96 -82.48 -51.62 -65.22
CA ARG A 96 -83.70 -51.37 -65.99
C ARG A 96 -84.90 -51.33 -65.06
N TRP A 97 -86.01 -50.78 -65.55
CA TRP A 97 -87.18 -50.61 -64.71
C TRP A 97 -88.00 -51.88 -64.57
N TRP A 98 -88.00 -52.73 -65.60
CA TRP A 98 -88.97 -53.81 -65.72
C TRP A 98 -88.84 -54.82 -64.58
N THR A 99 -87.62 -55.13 -64.18
CA THR A 99 -87.39 -55.93 -62.97
C THR A 99 -86.65 -55.04 -61.95
N THR A 100 -87.37 -54.65 -60.91
CA THR A 100 -86.78 -53.96 -59.77
C THR A 100 -87.41 -54.49 -58.50
N PHE A 101 -86.67 -54.39 -57.41
CA PHE A 101 -87.22 -54.74 -56.10
C PHE A 101 -86.45 -53.98 -55.03
N GLY A 102 -87.06 -53.90 -53.85
CA GLY A 102 -86.52 -53.13 -52.76
C GLY A 102 -86.96 -51.68 -52.74
N LYS A 103 -87.47 -51.17 -53.85
CA LYS A 103 -88.00 -49.81 -53.94
C LYS A 103 -89.50 -49.79 -53.64
N ALA A 104 -89.86 -50.37 -52.50
CA ALA A 104 -91.27 -50.43 -52.22
C ALA A 104 -91.60 -50.64 -50.77
N GLY A 105 -92.87 -50.83 -50.47
CA GLY A 105 -93.29 -50.93 -49.09
C GLY A 105 -93.00 -52.18 -48.31
N PRO A 106 -92.32 -52.03 -47.17
CA PRO A 106 -92.11 -53.17 -46.29
C PRO A 106 -93.41 -53.55 -45.61
N ILE A 107 -94.40 -52.68 -45.64
CA ILE A 107 -95.68 -53.02 -45.07
C ILE A 107 -96.78 -52.47 -45.95
N GLY A 108 -97.80 -53.25 -46.22
CA GLY A 108 -98.92 -52.77 -47.00
C GLY A 108 -99.80 -51.99 -46.06
N CYS A 109 -99.32 -51.79 -44.83
CA CYS A 109 -100.08 -51.05 -43.81
C CYS A 109 -101.13 -51.91 -43.14
N LEU A 110 -101.89 -51.33 -42.22
CA LEU A 110 -102.97 -52.05 -41.56
C LEU A 110 -102.49 -53.16 -40.64
N ARG A 111 -103.32 -53.55 -39.69
CA ARG A 111 -102.97 -54.63 -38.78
C ARG A 111 -103.84 -55.79 -39.16
N ASN A 142 -119.89 -22.84 -32.11
CA ASN A 142 -118.88 -22.22 -32.95
C ASN A 142 -119.50 -21.60 -34.19
N GLU A 143 -120.80 -21.41 -34.15
CA GLU A 143 -121.53 -20.90 -35.32
C GLU A 143 -121.17 -19.44 -35.60
N ILE A 144 -121.21 -18.61 -34.56
CA ILE A 144 -120.78 -17.22 -34.68
C ILE A 144 -119.35 -17.14 -34.16
N ARG A 145 -119.06 -17.92 -33.12
CA ARG A 145 -117.73 -17.93 -32.52
C ARG A 145 -116.80 -18.85 -33.32
N GLY A 146 -116.39 -18.35 -34.48
CA GLY A 146 -115.40 -19.01 -35.30
C GLY A 146 -114.00 -18.45 -35.07
N TRP A 147 -113.05 -18.99 -35.82
CA TRP A 147 -111.67 -18.55 -35.73
C TRP A 147 -111.22 -17.98 -37.07
N PRO A 148 -110.35 -16.97 -37.08
CA PRO A 148 -109.95 -16.34 -38.34
C PRO A 148 -108.72 -16.99 -38.97
N LYS A 149 -108.26 -16.41 -40.08
CA LYS A 149 -107.07 -16.90 -40.77
C LYS A 149 -105.81 -16.44 -40.03
N LYS A 150 -104.96 -17.39 -39.67
CA LYS A 150 -103.71 -17.08 -38.98
C LYS A 150 -102.69 -16.54 -39.97
N LYS A 151 -101.98 -15.49 -39.57
CA LYS A 151 -101.02 -14.81 -40.41
C LYS A 151 -99.60 -15.04 -39.91
N GLN A 152 -98.64 -14.76 -40.79
CA GLN A 152 -97.23 -14.76 -40.43
C GLN A 152 -96.54 -13.64 -41.19
N ARG A 153 -95.43 -13.17 -40.65
CA ARG A 153 -94.79 -11.99 -41.22
C ARG A 153 -93.30 -12.17 -41.49
N TYR A 154 -92.62 -12.99 -40.68
CA TYR A 154 -91.17 -12.96 -40.65
C TYR A 154 -90.46 -14.21 -41.14
N GLY A 155 -91.13 -15.35 -41.18
CA GLY A 155 -90.43 -16.58 -41.52
C GLY A 155 -91.12 -17.48 -42.53
N TYR A 156 -91.08 -18.79 -42.29
CA TYR A 156 -91.69 -19.79 -43.14
C TYR A 156 -92.99 -20.30 -42.52
N HIS A 157 -93.96 -20.60 -43.39
CA HIS A 157 -95.25 -21.13 -42.95
C HIS A 157 -95.09 -22.53 -42.37
N ASP A 158 -96.16 -23.00 -41.73
CA ASP A 158 -96.14 -24.35 -41.18
C ASP A 158 -96.41 -25.37 -42.29
N ARG A 159 -96.15 -26.64 -41.98
CA ARG A 159 -96.32 -27.70 -42.96
C ARG A 159 -97.81 -27.94 -43.21
N SER A 160 -98.19 -28.00 -44.49
CA SER A 160 -99.58 -27.98 -44.87
C SER A 160 -99.92 -29.11 -45.83
N PRO A 161 -101.07 -29.76 -45.66
CA PRO A 161 -101.52 -30.73 -46.66
C PRO A 161 -101.88 -30.05 -47.98
N SER A 162 -101.74 -30.80 -49.06
CA SER A 162 -101.86 -30.25 -50.40
C SER A 162 -103.27 -30.43 -50.95
N ILE A 163 -103.50 -29.84 -52.12
CA ILE A 163 -104.80 -29.84 -52.78
C ILE A 163 -104.73 -30.41 -54.20
N LYS A 164 -103.53 -30.75 -54.67
CA LYS A 164 -103.33 -31.19 -56.05
C LYS A 164 -104.07 -32.48 -56.38
N LYS A 165 -104.33 -33.34 -55.39
CA LYS A 165 -105.17 -34.50 -55.62
C LYS A 165 -106.58 -34.08 -56.06
N ASN A 166 -107.16 -33.12 -55.36
CA ASN A 166 -108.49 -32.63 -55.72
C ASN A 166 -108.49 -31.87 -57.04
N LEU A 167 -107.43 -31.11 -57.31
CA LEU A 167 -107.35 -30.43 -58.61
C LEU A 167 -107.24 -31.41 -59.77
N SER A 168 -106.42 -32.46 -59.59
CA SER A 168 -106.30 -33.50 -60.61
C SER A 168 -107.60 -34.26 -60.81
N LYS A 169 -108.27 -34.58 -59.70
CA LYS A 169 -109.56 -35.28 -59.77
C LYS A 169 -110.62 -34.44 -60.45
N LEU A 170 -110.64 -33.13 -60.19
CA LEU A 170 -111.54 -32.23 -60.90
C LEU A 170 -111.22 -32.17 -62.39
N LEU A 171 -109.94 -32.09 -62.76
CA LEU A 171 -109.59 -31.91 -64.16
C LEU A 171 -109.75 -33.19 -64.99
N ARG A 172 -109.57 -34.37 -64.42
CA ARG A 172 -109.66 -35.58 -65.23
C ARG A 172 -111.12 -35.97 -65.54
N ILE A 173 -112.03 -35.78 -64.59
CA ILE A 173 -113.43 -36.12 -64.85
C ILE A 173 -114.30 -34.91 -65.13
N SER A 174 -113.71 -33.72 -65.21
CA SER A 174 -114.44 -32.53 -65.62
C SER A 174 -113.66 -31.80 -66.71
N GLY A 175 -114.37 -31.43 -67.76
CA GLY A 175 -113.72 -30.77 -68.89
C GLY A 175 -112.74 -31.67 -69.62
N ALA A 176 -113.13 -32.92 -69.87
CA ALA A 176 -112.24 -33.91 -70.48
C ALA A 176 -112.03 -33.69 -71.97
N PHE A 177 -112.75 -32.73 -72.58
CA PHE A 177 -112.71 -32.37 -74.01
C PHE A 177 -112.77 -33.58 -74.95
N LYS A 178 -113.42 -34.66 -74.52
CA LYS A 178 -113.70 -35.81 -75.37
C LYS A 178 -115.10 -35.75 -75.94
N HIS A 179 -115.82 -34.65 -75.73
CA HIS A 179 -117.19 -34.51 -76.21
C HIS A 179 -117.20 -34.30 -77.72
N PRO A 180 -118.17 -34.86 -78.45
CA PRO A 180 -118.31 -34.55 -79.88
C PRO A 180 -118.57 -33.08 -80.18
N LYS A 181 -119.13 -32.32 -79.22
CA LYS A 181 -119.23 -30.88 -79.40
C LYS A 181 -117.86 -30.21 -79.39
N TYR A 182 -116.85 -30.84 -78.80
CA TYR A 182 -115.48 -30.35 -78.83
C TYR A 182 -114.62 -31.09 -79.87
N ALA A 183 -115.14 -32.16 -80.46
CA ALA A 183 -114.37 -32.92 -81.42
C ALA A 183 -114.24 -32.20 -82.76
N GLY A 184 -115.25 -31.41 -83.13
CA GLY A 184 -115.23 -30.76 -84.43
C GLY A 184 -114.25 -29.59 -84.52
N VAL A 185 -114.02 -28.90 -83.40
CA VAL A 185 -113.21 -27.69 -83.46
C VAL A 185 -111.72 -28.02 -83.65
N VAL A 186 -111.24 -29.08 -83.01
CA VAL A 186 -109.84 -29.48 -83.18
C VAL A 186 -109.58 -29.99 -84.60
N ASN A 187 -110.60 -30.52 -85.27
CA ASN A 187 -110.44 -30.96 -86.66
C ASN A 187 -110.14 -29.77 -87.57
N ASP A 188 -110.94 -28.71 -87.47
CA ASP A 188 -110.68 -27.56 -88.32
C ASP A 188 -109.47 -26.76 -87.87
N ILE A 189 -109.12 -26.78 -86.58
CA ILE A 189 -107.86 -26.13 -86.21
C ILE A 189 -106.66 -26.92 -86.74
N ALA A 190 -106.79 -28.26 -86.86
CA ALA A 190 -105.76 -29.05 -87.52
C ALA A 190 -105.70 -28.77 -89.02
N PHE A 191 -106.85 -28.54 -89.64
CA PHE A 191 -106.87 -28.12 -91.04
C PHE A 191 -106.21 -26.76 -91.21
N LEU A 192 -106.48 -25.81 -90.31
CA LEU A 192 -105.94 -24.46 -90.41
C LEU A 192 -104.43 -24.43 -90.21
N ILE A 193 -103.91 -25.23 -89.27
CA ILE A 193 -102.49 -25.13 -88.94
C ILE A 193 -101.63 -25.71 -90.06
N GLU A 194 -102.10 -26.77 -90.72
CA GLU A 194 -101.28 -27.46 -91.70
C GLU A 194 -101.35 -26.86 -93.09
N ASN A 195 -102.27 -25.94 -93.34
CA ASN A 195 -102.44 -25.42 -94.69
C ASN A 195 -102.43 -23.91 -94.79
N ASP A 196 -102.85 -23.20 -93.74
CA ASP A 196 -102.96 -21.75 -93.80
C ASP A 196 -101.76 -21.11 -93.12
N ASP A 197 -101.06 -20.23 -93.83
CA ASP A 197 -99.97 -19.46 -93.24
C ASP A 197 -100.47 -18.22 -92.52
N SER A 198 -101.66 -17.74 -92.85
CA SER A 198 -102.23 -16.61 -92.13
C SER A 198 -102.69 -17.00 -90.73
N PHE A 199 -102.88 -18.29 -90.47
CA PHE A 199 -103.10 -18.73 -89.10
C PHE A 199 -101.82 -18.68 -88.29
N LYS A 200 -100.69 -19.04 -88.90
CA LYS A 200 -99.41 -18.93 -88.21
C LYS A 200 -99.03 -17.48 -87.98
N LYS A 201 -99.15 -16.65 -89.02
CA LYS A 201 -98.96 -15.20 -88.88
C LYS A 201 -100.24 -14.59 -88.31
N THR A 202 -100.41 -14.79 -87.00
CA THR A 202 -101.59 -14.39 -86.26
C THR A 202 -101.25 -14.54 -84.79
N LYS A 203 -101.65 -13.55 -83.97
CA LYS A 203 -101.30 -13.53 -82.55
C LYS A 203 -101.89 -14.71 -81.77
N LEU A 204 -102.96 -15.33 -82.28
CA LEU A 204 -103.61 -16.43 -81.56
C LEU A 204 -102.72 -17.65 -81.51
N PHE A 205 -102.06 -17.97 -82.63
CA PHE A 205 -101.11 -19.08 -82.65
C PHE A 205 -99.93 -18.81 -81.72
N LYS A 206 -99.41 -17.58 -81.75
CA LYS A 206 -98.23 -17.20 -80.98
C LYS A 206 -98.47 -17.28 -79.48
N PHE A 207 -99.72 -17.22 -79.04
CA PHE A 207 -100.06 -17.39 -77.62
C PHE A 207 -100.45 -18.82 -77.29
N PHE A 208 -101.33 -19.44 -78.08
CA PHE A 208 -101.83 -20.75 -77.69
C PHE A 208 -100.80 -21.85 -77.90
N PHE A 209 -99.89 -21.70 -78.85
CA PHE A 209 -98.89 -22.73 -79.12
C PHE A 209 -97.55 -22.04 -79.35
N PRO A 210 -96.81 -21.84 -78.26
CA PRO A 210 -95.44 -21.35 -78.32
C PRO A 210 -94.50 -22.55 -78.32
N LYS A 211 -93.83 -22.77 -79.44
CA LYS A 211 -92.99 -23.95 -79.60
C LYS A 211 -91.65 -23.79 -78.89
N VAL A 228 -117.38 -31.00 -66.79
CA VAL A 228 -118.24 -29.83 -66.66
C VAL A 228 -117.85 -28.80 -67.71
N ARG A 229 -118.86 -28.21 -68.33
CA ARG A 229 -118.65 -27.07 -69.20
C ARG A 229 -118.09 -25.90 -68.38
N PRO A 230 -117.17 -25.11 -68.95
CA PRO A 230 -116.40 -24.17 -68.14
C PRO A 230 -117.19 -22.99 -67.59
N SER A 231 -118.37 -22.70 -68.14
CA SER A 231 -119.07 -21.50 -67.70
C SER A 231 -119.72 -21.71 -66.34
N LEU A 232 -120.49 -22.78 -66.17
CA LEU A 232 -121.09 -23.09 -64.88
C LEU A 232 -120.04 -23.30 -63.79
N ASN A 233 -118.85 -23.78 -64.14
CA ASN A 233 -117.76 -23.92 -63.19
C ASN A 233 -117.33 -22.57 -62.64
N PHE A 234 -117.17 -21.56 -63.50
CA PHE A 234 -116.84 -20.23 -63.03
C PHE A 234 -117.99 -19.59 -62.27
N LEU A 235 -119.24 -19.88 -62.66
CA LEU A 235 -120.38 -19.36 -61.91
C LEU A 235 -120.42 -19.91 -60.49
N VAL A 236 -120.16 -21.21 -60.32
CA VAL A 236 -120.13 -21.79 -58.98
C VAL A 236 -118.94 -21.27 -58.19
N MET A 237 -117.80 -21.07 -58.86
CA MET A 237 -116.63 -20.46 -58.24
C MET A 237 -116.94 -19.08 -57.67
N GLN A 238 -117.53 -18.21 -58.51
CA GLN A 238 -117.89 -16.87 -58.08
C GLN A 238 -118.93 -16.86 -56.98
N TYR A 239 -119.93 -17.76 -57.04
CA TYR A 239 -120.94 -17.82 -55.99
C TYR A 239 -120.31 -18.20 -54.65
N PHE A 240 -119.49 -19.26 -54.63
CA PHE A 240 -118.87 -19.66 -53.37
C PHE A 240 -117.91 -18.61 -52.84
N PHE A 241 -117.14 -17.97 -53.73
CA PHE A 241 -116.17 -16.99 -53.29
C PHE A 241 -116.83 -15.72 -52.79
N ASN A 242 -118.02 -15.40 -53.28
CA ASN A 242 -118.72 -14.24 -52.73
C ASN A 242 -119.42 -14.58 -51.43
N THR A 243 -120.03 -15.77 -51.32
CA THR A 243 -120.77 -16.07 -50.11
C THR A 243 -119.86 -16.44 -48.95
N LYS A 244 -118.63 -16.87 -49.22
CA LYS A 244 -117.73 -17.19 -48.11
C LYS A 244 -117.18 -15.94 -47.45
N ASN A 245 -117.01 -14.87 -48.22
CA ASN A 245 -116.55 -13.59 -47.70
C ASN A 245 -117.68 -12.61 -47.47
N GLN A 246 -118.93 -13.04 -47.70
CA GLN A 246 -120.14 -12.33 -47.28
C GLN A 246 -120.27 -10.97 -47.96
N MET A 247 -120.07 -10.98 -49.28
CA MET A 247 -120.39 -9.83 -50.13
C MET A 247 -121.58 -10.23 -50.99
N ASN A 248 -122.51 -9.29 -51.17
CA ASN A 248 -123.74 -9.54 -51.92
C ASN A 248 -123.43 -9.92 -53.36
N PHE A 249 -123.92 -11.08 -53.78
CA PHE A 249 -123.59 -11.67 -55.08
C PHE A 249 -124.76 -11.49 -56.02
N ASP A 250 -124.62 -10.57 -56.97
CA ASP A 250 -125.57 -10.45 -58.06
C ASP A 250 -125.02 -11.18 -59.27
N PRO A 251 -125.63 -12.27 -59.73
CA PRO A 251 -125.06 -13.04 -60.83
C PRO A 251 -125.15 -12.35 -62.18
N VAL A 252 -125.97 -11.31 -62.30
CA VAL A 252 -126.13 -10.63 -63.58
C VAL A 252 -124.88 -9.83 -63.92
N VAL A 253 -124.28 -9.16 -62.94
CA VAL A 253 -123.07 -8.40 -63.21
C VAL A 253 -121.86 -9.30 -63.41
N VAL A 254 -121.94 -10.56 -63.02
CA VAL A 254 -120.89 -11.53 -63.31
C VAL A 254 -120.82 -11.84 -64.79
N LEU A 255 -121.93 -11.64 -65.50
CA LEU A 255 -122.01 -11.99 -66.91
C LEU A 255 -121.16 -11.09 -67.80
N ASN A 256 -120.62 -9.99 -67.28
CA ASN A 256 -119.69 -9.17 -68.06
C ASN A 256 -118.35 -9.85 -68.28
N HIS A 257 -118.04 -10.88 -67.51
CA HIS A 257 -116.86 -11.70 -67.80
C HIS A 257 -117.03 -12.42 -69.13
N PHE A 258 -118.23 -12.93 -69.41
CA PHE A 258 -118.52 -13.62 -70.66
C PHE A 258 -118.92 -12.64 -71.76
N VAL A 259 -118.15 -11.56 -71.95
CA VAL A 259 -118.52 -10.45 -72.83
C VAL A 259 -117.26 -9.94 -73.51
N ALA A 260 -117.32 -9.80 -74.84
CA ALA A 260 -116.27 -9.14 -75.61
C ALA A 260 -116.86 -8.03 -76.45
N PRO A 261 -116.73 -6.76 -76.05
CA PRO A 261 -117.34 -5.67 -76.83
C PRO A 261 -116.72 -5.49 -78.22
N GLY A 262 -115.54 -6.04 -78.47
CA GLY A 262 -114.92 -5.93 -79.78
C GLY A 262 -114.71 -7.28 -80.45
N ARG A 277 -133.41 -6.94 -87.04
CA ARG A 277 -133.45 -8.35 -87.40
C ARG A 277 -134.20 -9.16 -86.35
N SER A 278 -133.85 -8.93 -85.09
CA SER A 278 -134.38 -9.69 -83.97
C SER A 278 -135.05 -8.77 -82.94
N LEU A 279 -135.60 -7.65 -83.38
CA LEU A 279 -136.24 -6.72 -82.47
C LEU A 279 -137.55 -7.29 -81.93
N GLN A 280 -138.22 -8.14 -82.72
CA GLN A 280 -139.39 -8.86 -82.21
C GLN A 280 -139.02 -9.73 -81.02
N LYS A 281 -137.92 -10.46 -81.13
CA LYS A 281 -137.38 -11.22 -80.01
C LYS A 281 -136.93 -10.30 -78.88
N ARG A 282 -136.44 -9.10 -79.20
CA ARG A 282 -136.03 -8.16 -78.16
C ARG A 282 -137.22 -7.73 -77.30
N ILE A 283 -138.30 -7.27 -77.93
CA ILE A 283 -139.48 -6.85 -77.18
C ILE A 283 -140.14 -8.03 -76.48
N ARG A 284 -140.13 -9.21 -77.10
CA ARG A 284 -140.66 -10.39 -76.44
C ARG A 284 -139.85 -10.75 -75.20
N SER A 285 -138.53 -10.59 -75.27
CA SER A 285 -137.70 -10.84 -74.09
C SER A 285 -137.93 -9.81 -72.99
N ARG A 286 -138.11 -8.54 -73.37
CA ARG A 286 -138.40 -7.51 -72.37
C ARG A 286 -139.70 -7.80 -71.64
N ILE A 287 -140.76 -8.15 -72.38
CA ILE A 287 -142.02 -8.42 -71.70
C ILE A 287 -141.96 -9.74 -70.95
N ALA A 288 -141.16 -10.71 -71.40
CA ALA A 288 -141.04 -11.97 -70.68
C ALA A 288 -140.23 -11.81 -69.40
N PHE A 289 -139.35 -10.82 -69.34
CA PHE A 289 -138.72 -10.48 -68.07
C PHE A 289 -139.65 -9.67 -67.17
N PHE A 290 -140.52 -8.84 -67.75
CA PHE A 290 -141.49 -8.11 -66.96
C PHE A 290 -142.51 -9.05 -66.29
N VAL A 291 -142.93 -10.10 -67.00
CA VAL A 291 -143.90 -11.04 -66.43
C VAL A 291 -143.30 -11.90 -65.33
N GLU A 292 -141.98 -12.03 -65.26
CA GLU A 292 -141.41 -12.73 -64.12
C GLU A 292 -141.03 -11.76 -63.02
N SER A 293 -140.85 -10.47 -63.34
CA SER A 293 -140.61 -9.48 -62.29
C SER A 293 -141.87 -9.20 -61.48
N LEU A 294 -142.99 -8.95 -62.15
CA LEU A 294 -144.16 -8.46 -61.41
C LEU A 294 -144.88 -9.54 -60.61
N THR A 295 -144.63 -10.81 -60.90
CA THR A 295 -145.31 -11.94 -60.29
C THR A 295 -144.56 -12.39 -59.04
N SER A 296 -144.82 -13.64 -58.63
CA SER A 296 -144.20 -14.37 -57.51
C SER A 296 -144.77 -13.96 -56.16
N GLU A 297 -145.98 -13.40 -56.14
CA GLU A 297 -146.71 -13.20 -54.89
C GLU A 297 -147.41 -14.51 -54.57
N LYS A 298 -146.76 -15.32 -53.74
CA LYS A 298 -147.16 -16.71 -53.49
C LYS A 298 -148.27 -16.81 -52.47
N LYS A 299 -148.45 -18.03 -51.92
CA LYS A 299 -149.53 -18.40 -51.00
C LYS A 299 -150.88 -18.24 -51.67
N CYS A 300 -151.00 -18.77 -52.89
CA CYS A 300 -152.24 -18.77 -53.64
C CYS A 300 -152.18 -19.89 -54.66
N LEU A 301 -153.05 -20.90 -54.50
CA LEU A 301 -153.01 -22.06 -55.40
C LEU A 301 -153.73 -21.80 -56.72
N ALA A 302 -154.74 -20.93 -56.71
CA ALA A 302 -155.45 -20.59 -57.93
C ALA A 302 -154.52 -19.88 -58.91
N GLU A 303 -153.60 -19.06 -58.38
CA GLU A 303 -152.55 -18.45 -59.18
C GLU A 303 -151.27 -19.27 -59.22
N ALA A 304 -151.17 -20.35 -58.43
CA ALA A 304 -150.12 -21.33 -58.68
C ALA A 304 -150.43 -22.16 -59.91
N LYS A 305 -151.71 -22.37 -60.21
CA LYS A 305 -152.10 -22.88 -61.52
C LYS A 305 -151.65 -21.92 -62.63
N ASN A 306 -151.78 -20.62 -62.37
CA ASN A 306 -151.24 -19.63 -63.29
C ASN A 306 -149.72 -19.73 -63.40
N ARG A 307 -149.04 -19.97 -62.28
CA ARG A 307 -147.59 -20.21 -62.31
C ARG A 307 -147.24 -21.42 -63.16
N LEU A 308 -148.08 -22.46 -63.10
CA LEU A 308 -147.90 -23.64 -63.94
C LEU A 308 -148.04 -23.32 -65.42
N THR A 309 -148.97 -22.43 -65.78
CA THR A 309 -149.07 -22.00 -67.18
C THR A 309 -148.27 -20.73 -67.46
N HIS A 310 -147.40 -20.32 -66.53
CA HIS A 310 -146.53 -19.16 -66.70
C HIS A 310 -145.20 -19.50 -67.36
N PHE A 311 -145.15 -20.52 -68.19
CA PHE A 311 -143.87 -20.92 -68.77
C PHE A 311 -143.61 -20.20 -70.10
N ILE A 312 -143.78 -18.87 -70.05
CA ILE A 312 -143.25 -17.99 -71.10
C ILE A 312 -141.90 -17.40 -70.72
N ARG A 313 -141.54 -17.46 -69.43
CA ARG A 313 -140.14 -17.39 -69.04
C ARG A 313 -139.33 -18.47 -69.75
N LEU A 314 -139.89 -19.67 -69.88
CA LEU A 314 -139.22 -20.74 -70.60
C LEU A 314 -139.15 -20.46 -72.09
N ALA A 315 -140.17 -19.78 -72.63
CA ALA A 315 -140.09 -19.32 -74.01
C ALA A 315 -138.95 -18.35 -74.20
N ASN A 316 -138.77 -17.44 -73.25
CA ASN A 316 -137.61 -16.54 -73.29
C ASN A 316 -136.30 -17.28 -73.13
N ASP A 317 -136.30 -18.38 -72.35
CA ASP A 317 -135.09 -19.19 -72.20
C ASP A 317 -134.71 -19.84 -73.53
N LEU A 318 -135.65 -20.53 -74.15
CA LEU A 318 -135.36 -21.38 -75.30
C LEU A 318 -135.60 -20.67 -76.63
N ARG A 319 -135.89 -19.38 -76.59
CA ARG A 319 -136.01 -18.59 -77.81
C ARG A 319 -134.69 -18.50 -78.55
N PHE A 320 -133.59 -18.35 -77.82
CA PHE A 320 -132.27 -18.20 -78.43
C PHE A 320 -131.54 -19.53 -78.30
N ALA A 321 -131.79 -20.41 -79.27
CA ALA A 321 -131.10 -21.68 -79.37
C ALA A 321 -130.67 -21.89 -80.81
N GLY A 322 -129.54 -22.58 -80.98
CA GLY A 322 -129.03 -22.86 -82.31
C GLY A 322 -127.90 -23.87 -82.22
N THR A 323 -127.56 -24.43 -83.38
CA THR A 323 -126.50 -25.43 -83.47
C THR A 323 -125.15 -24.74 -83.63
N THR A 324 -124.22 -25.08 -82.74
CA THR A 324 -122.93 -24.42 -82.67
C THR A 324 -121.84 -25.33 -83.18
N LYS A 325 -120.97 -24.78 -84.02
CA LYS A 325 -119.83 -25.51 -84.57
C LYS A 325 -118.52 -25.19 -83.85
N THR A 326 -118.50 -24.14 -83.04
CA THR A 326 -117.26 -23.61 -82.48
C THR A 326 -117.30 -23.71 -80.96
N THR A 327 -116.14 -24.03 -80.37
CA THR A 327 -115.99 -24.02 -78.92
C THR A 327 -115.77 -22.60 -78.44
N ILE A 328 -115.54 -22.45 -77.15
CA ILE A 328 -115.35 -21.13 -76.58
C ILE A 328 -113.89 -20.98 -76.16
N SER A 329 -113.22 -19.97 -76.72
CA SER A 329 -111.99 -19.41 -76.17
C SER A 329 -112.19 -17.99 -75.67
N LEU A 330 -113.43 -17.62 -75.37
CA LEU A 330 -113.80 -16.35 -74.76
C LEU A 330 -113.67 -16.47 -73.25
N PHE A 331 -114.20 -15.50 -72.50
CA PHE A 331 -114.26 -15.34 -71.04
C PHE A 331 -112.89 -15.54 -70.40
N PRO A 332 -112.12 -14.48 -70.30
CA PRO A 332 -110.74 -14.61 -69.80
C PRO A 332 -110.67 -15.06 -68.35
N PHE A 333 -110.88 -16.32 -68.10
CA PHE A 333 -110.47 -16.95 -66.85
C PHE A 333 -109.61 -18.18 -67.09
N PHE A 334 -109.90 -18.93 -68.16
CA PHE A 334 -109.03 -20.01 -68.57
C PHE A 334 -107.97 -19.55 -69.57
N GLY A 335 -108.16 -18.39 -70.19
CA GLY A 335 -107.07 -17.73 -70.90
C GLY A 335 -105.91 -17.41 -69.99
N ALA A 336 -106.18 -16.98 -68.75
CA ALA A 336 -105.12 -16.78 -67.77
C ALA A 336 -104.48 -18.09 -67.34
N THR A 337 -105.24 -19.18 -67.29
CA THR A 337 -104.64 -20.48 -66.96
C THR A 337 -103.69 -20.92 -68.05
N PHE A 338 -104.06 -20.73 -69.32
CA PHE A 338 -103.14 -21.03 -70.40
C PHE A 338 -101.96 -20.05 -70.44
N PHE A 339 -102.18 -18.81 -70.00
CA PHE A 339 -101.10 -17.83 -69.89
C PHE A 339 -100.09 -18.26 -68.83
N PHE A 340 -100.55 -18.84 -67.74
CA PHE A 340 -99.63 -19.40 -66.76
C PHE A 340 -98.97 -20.69 -67.25
N LEU A 341 -99.69 -21.48 -68.04
CA LEU A 341 -99.11 -22.69 -68.62
C LEU A 341 -97.98 -22.37 -69.59
N ARG A 342 -98.07 -21.21 -70.26
CA ARG A 342 -97.06 -20.82 -71.24
C ARG A 342 -95.68 -20.66 -70.62
N ASP A 343 -95.59 -20.00 -69.48
CA ASP A 343 -94.30 -19.55 -68.94
C ASP A 343 -93.70 -20.51 -67.91
N GLY A 344 -94.30 -21.68 -67.71
CA GLY A 344 -93.77 -22.60 -66.74
C GLY A 344 -93.74 -24.04 -67.20
N VAL A 345 -93.52 -24.26 -68.50
CA VAL A 345 -93.59 -25.61 -69.04
C VAL A 345 -92.31 -26.38 -68.73
N GLY A 346 -91.17 -25.72 -68.72
CA GLY A 346 -89.90 -26.40 -68.63
C GLY A 346 -89.39 -26.80 -69.99
N VAL A 347 -88.47 -27.76 -69.99
CA VAL A 347 -87.84 -28.24 -71.21
C VAL A 347 -88.00 -29.74 -71.40
N TYR A 348 -88.58 -30.45 -70.44
CA TYR A 348 -88.62 -31.90 -70.45
C TYR A 348 -90.05 -32.41 -70.48
N ASN A 349 -90.30 -33.40 -71.31
CA ASN A 349 -91.57 -34.11 -71.38
C ASN A 349 -91.29 -35.58 -71.65
N ASN A 350 -92.14 -36.45 -71.11
CA ASN A 350 -91.94 -37.90 -71.20
C ASN A 350 -93.14 -38.58 -71.83
N LEU A 351 -93.65 -37.99 -72.91
CA LEU A 351 -94.77 -38.58 -73.62
C LEU A 351 -94.37 -39.85 -74.35
N ASP A 352 -93.12 -39.93 -74.81
CA ASP A 352 -92.64 -41.15 -75.47
C ASP A 352 -92.60 -42.32 -74.50
N ALA A 353 -92.05 -42.11 -73.30
CA ALA A 353 -92.06 -43.15 -72.28
C ALA A 353 -93.45 -43.42 -71.76
N ARG A 354 -94.35 -42.44 -71.83
CA ARG A 354 -95.75 -42.70 -71.48
C ARG A 354 -96.39 -43.64 -72.49
N GLU A 355 -96.30 -43.31 -73.78
CA GLU A 355 -96.95 -44.12 -74.80
C GLU A 355 -96.28 -45.46 -75.00
N GLN A 356 -95.02 -45.61 -74.59
CA GLN A 356 -94.40 -46.92 -74.62
C GLN A 356 -94.99 -47.85 -73.56
N LEU A 357 -95.36 -47.31 -72.40
CA LEU A 357 -95.98 -48.14 -71.37
C LEU A 357 -97.48 -48.32 -71.57
N LEU A 358 -98.12 -47.39 -72.30
CA LEU A 358 -99.57 -47.43 -72.50
C LEU A 358 -100.02 -48.74 -73.14
N ASN A 359 -99.33 -49.19 -74.18
CA ASN A 359 -99.73 -50.38 -74.91
C ASN A 359 -99.08 -51.66 -74.40
N GLN A 360 -98.17 -51.56 -73.42
CA GLN A 360 -97.53 -52.74 -72.87
C GLN A 360 -98.06 -53.13 -71.51
N LEU A 361 -98.44 -52.17 -70.67
CA LEU A 361 -99.15 -52.51 -69.44
C LEU A 361 -100.53 -53.08 -69.74
N ARG A 362 -101.13 -52.69 -70.87
CA ARG A 362 -102.41 -53.24 -71.29
C ARG A 362 -102.30 -54.75 -71.57
N VAL A 363 -101.31 -55.16 -72.36
CA VAL A 363 -101.13 -56.59 -72.61
C VAL A 363 -100.55 -57.32 -71.42
N LYS A 364 -99.92 -56.61 -70.46
CA LYS A 364 -99.56 -57.27 -69.21
C LYS A 364 -100.79 -57.59 -68.36
N CYS A 365 -101.69 -56.62 -68.20
CA CYS A 365 -102.85 -56.85 -67.35
C CYS A 365 -103.87 -57.73 -68.04
N TRP A 366 -103.82 -57.81 -69.38
CA TRP A 366 -104.74 -58.69 -70.08
C TRP A 366 -104.34 -60.15 -69.97
N ASN A 367 -103.05 -60.46 -69.90
CA ASN A 367 -102.67 -61.86 -69.77
C ASN A 367 -102.29 -62.25 -68.35
N LEU A 368 -102.31 -61.32 -67.39
CA LEU A 368 -101.98 -61.71 -66.02
C LEU A 368 -103.06 -62.59 -65.41
N LEU A 369 -104.32 -62.18 -65.50
CA LEU A 369 -105.43 -62.94 -64.94
C LEU A 369 -105.82 -64.02 -65.94
N GLY A 370 -106.45 -65.10 -65.47
CA GLY A 370 -106.70 -66.25 -66.31
C GLY A 370 -105.58 -67.28 -66.30
N LYS A 371 -105.28 -67.82 -65.11
CA LYS A 371 -104.19 -68.76 -64.89
C LYS A 371 -104.73 -69.99 -64.18
N ASP A 372 -105.74 -70.64 -64.78
CA ASP A 372 -106.52 -71.73 -64.18
C ASP A 372 -107.30 -71.21 -62.97
N LYS A 373 -107.65 -69.93 -63.02
CA LYS A 373 -108.45 -69.23 -62.03
C LYS A 373 -109.55 -68.44 -62.73
N VAL A 374 -110.11 -69.02 -63.78
CA VAL A 374 -111.22 -68.39 -64.49
C VAL A 374 -112.55 -68.65 -63.80
N MET A 375 -112.57 -69.48 -62.75
CA MET A 375 -113.80 -69.78 -62.05
C MET A 375 -114.38 -68.56 -61.35
N GLU A 376 -113.53 -67.75 -60.72
CA GLU A 376 -114.03 -66.55 -60.06
C GLU A 376 -114.48 -65.50 -61.06
N LEU A 377 -113.81 -65.39 -62.22
CA LEU A 377 -114.25 -64.48 -63.26
C LEU A 377 -115.60 -64.90 -63.84
N ILE A 378 -115.78 -66.20 -64.10
CA ILE A 378 -117.08 -66.64 -64.62
C ILE A 378 -118.17 -66.64 -63.54
N GLU A 379 -117.80 -66.77 -62.27
CA GLU A 379 -118.76 -66.52 -61.18
C GLU A 379 -119.21 -65.07 -61.16
N LYS A 380 -118.26 -64.14 -61.34
CA LYS A 380 -118.60 -62.72 -61.43
C LYS A 380 -119.47 -62.43 -62.66
N PHE A 381 -119.21 -63.13 -63.77
CA PHE A 381 -120.04 -62.98 -64.96
C PHE A 381 -121.45 -63.53 -64.74
N LYS A 382 -121.57 -64.68 -64.07
CA LYS A 382 -122.86 -65.30 -63.87
C LYS A 382 -123.67 -64.68 -62.74
N ASN A 383 -123.05 -63.83 -61.91
CA ASN A 383 -123.80 -63.22 -60.81
C ASN A 383 -124.85 -62.24 -61.31
N LEU A 384 -124.42 -61.17 -61.96
CA LEU A 384 -125.31 -60.11 -62.47
C LEU A 384 -124.52 -59.32 -63.50
N GLY A 385 -125.09 -58.21 -63.97
CA GLY A 385 -124.43 -57.31 -64.88
C GLY A 385 -123.49 -56.32 -64.24
N GLY A 386 -123.18 -56.50 -62.95
CA GLY A 386 -122.23 -55.64 -62.27
C GLY A 386 -120.79 -56.06 -62.49
N ILE A 387 -120.33 -55.98 -63.74
CA ILE A 387 -118.95 -56.30 -64.07
C ILE A 387 -118.02 -55.14 -63.73
N GLU A 388 -118.57 -53.93 -63.60
CA GLU A 388 -117.76 -52.71 -63.46
C GLU A 388 -116.98 -52.62 -62.15
N GLU A 389 -117.20 -53.55 -61.21
CA GLU A 389 -116.30 -53.66 -60.06
C GLU A 389 -114.96 -54.29 -60.44
N LEU A 390 -114.90 -55.00 -61.57
CA LEU A 390 -113.60 -55.43 -62.08
C LEU A 390 -112.73 -54.26 -62.53
N ILE A 391 -113.34 -53.11 -62.86
CA ILE A 391 -112.56 -51.90 -63.08
C ILE A 391 -111.90 -51.45 -61.78
N LYS A 392 -112.60 -51.54 -60.65
CA LYS A 392 -111.95 -51.26 -59.36
C LYS A 392 -110.88 -52.29 -59.03
N VAL A 393 -111.10 -53.55 -59.42
CA VAL A 393 -110.09 -54.59 -59.24
C VAL A 393 -108.82 -54.28 -60.03
N ILE A 394 -108.97 -53.88 -61.30
CA ILE A 394 -107.79 -53.54 -62.09
C ILE A 394 -107.20 -52.20 -61.65
N ASP A 395 -107.98 -51.32 -61.01
CA ASP A 395 -107.42 -50.14 -60.35
C ASP A 395 -106.48 -50.55 -59.23
N MET A 396 -106.93 -51.47 -58.37
CA MET A 396 -106.08 -51.96 -57.29
C MET A 396 -104.82 -52.64 -57.84
N MET A 397 -104.98 -53.43 -58.90
CA MET A 397 -103.84 -54.14 -59.46
C MET A 397 -102.83 -53.21 -60.13
N ILE A 398 -103.31 -52.18 -60.84
CA ILE A 398 -102.39 -51.24 -61.47
C ILE A 398 -101.69 -50.37 -60.43
N GLU A 399 -102.36 -50.02 -59.33
CA GLU A 399 -101.69 -49.35 -58.22
C GLU A 399 -100.62 -50.25 -57.61
N ILE A 400 -100.92 -51.54 -57.44
CA ILE A 400 -99.97 -52.50 -56.88
C ILE A 400 -98.73 -52.62 -57.78
N ILE A 401 -98.94 -52.76 -59.09
CA ILE A 401 -97.81 -52.97 -59.98
C ILE A 401 -96.99 -51.69 -60.14
N LEU A 402 -97.60 -50.50 -60.06
CA LEU A 402 -96.77 -49.30 -60.10
C LEU A 402 -96.04 -49.07 -58.78
N ARG A 403 -96.64 -49.43 -57.65
CA ARG A 403 -95.98 -49.22 -56.38
C ARG A 403 -94.83 -50.19 -56.15
N LYS A 404 -94.93 -51.43 -56.65
CA LYS A 404 -93.87 -52.41 -56.42
C LYS A 404 -92.54 -51.96 -57.02
N ARG A 405 -92.54 -51.50 -58.27
CA ARG A 405 -91.29 -51.15 -58.92
C ARG A 405 -90.70 -49.87 -58.34
N GLY A 406 -91.52 -48.85 -58.11
CA GLY A 406 -91.04 -47.63 -57.51
C GLY A 406 -90.39 -46.71 -58.52
N ILE A 407 -90.76 -45.43 -58.50
CA ILE A 407 -90.29 -44.34 -59.38
C ILE A 407 -90.82 -44.55 -60.81
N PRO A 408 -91.21 -43.49 -61.52
CA PRO A 408 -91.67 -43.63 -62.91
C PRO A 408 -90.61 -44.21 -63.83
N TYR A 409 -91.07 -44.59 -65.02
CA TYR A 409 -90.34 -45.47 -65.93
C TYR A 409 -89.07 -44.84 -66.48
N ARG A 410 -89.18 -43.73 -67.21
CA ARG A 410 -88.03 -43.07 -67.78
C ARG A 410 -88.00 -41.60 -67.40
N TYR A 411 -88.55 -41.30 -66.22
CA TYR A 411 -88.53 -39.94 -65.71
C TYR A 411 -87.15 -39.62 -65.17
N ASN A 412 -86.61 -38.47 -65.58
CA ASN A 412 -85.24 -38.11 -65.27
C ASN A 412 -85.09 -37.86 -63.78
N SER A 413 -84.02 -38.38 -63.19
CA SER A 413 -83.80 -38.22 -61.76
C SER A 413 -83.50 -36.76 -61.41
N TYR A 414 -82.86 -36.03 -62.33
CA TYR A 414 -82.61 -34.62 -62.09
C TYR A 414 -83.90 -33.82 -61.99
N PHE A 415 -84.83 -34.04 -62.93
CA PHE A 415 -86.12 -33.39 -62.84
C PHE A 415 -86.98 -33.94 -61.72
N TYR A 416 -86.76 -35.19 -61.30
CA TYR A 416 -87.42 -35.70 -60.11
C TYR A 416 -86.98 -34.94 -58.87
N GLU A 417 -85.67 -34.72 -58.70
CA GLU A 417 -85.18 -33.99 -57.54
C GLU A 417 -85.58 -32.51 -57.62
N VAL A 418 -85.58 -31.93 -58.82
CA VAL A 418 -86.01 -30.54 -58.98
C VAL A 418 -87.50 -30.38 -58.63
N LYS A 419 -88.34 -31.31 -59.09
CA LYS A 419 -89.76 -31.25 -58.76
C LYS A 419 -90.00 -31.48 -57.27
N LYS A 420 -89.27 -32.42 -56.68
CA LYS A 420 -89.33 -32.62 -55.24
C LYS A 420 -88.86 -31.38 -54.48
N MET A 421 -87.93 -30.62 -55.06
CA MET A 421 -87.47 -29.37 -54.45
C MET A 421 -88.51 -28.26 -54.53
N ARG A 422 -89.12 -28.11 -55.72
CA ARG A 422 -90.16 -27.10 -55.92
C ARG A 422 -91.36 -27.37 -55.03
N SER A 423 -91.66 -28.65 -54.77
CA SER A 423 -92.81 -28.98 -53.94
C SER A 423 -92.65 -28.46 -52.51
N PHE A 424 -91.52 -28.73 -51.87
CA PHE A 424 -91.41 -28.26 -50.49
C PHE A 424 -91.18 -26.76 -50.41
N LEU A 425 -90.52 -26.16 -51.41
CA LEU A 425 -90.42 -24.71 -51.42
C LEU A 425 -91.80 -24.06 -51.52
N SER A 426 -92.64 -24.55 -52.43
CA SER A 426 -93.97 -24.00 -52.63
C SER A 426 -94.83 -24.21 -51.40
N ASN A 427 -94.72 -25.36 -50.75
CA ASN A 427 -95.53 -25.60 -49.56
C ASN A 427 -95.08 -24.75 -48.40
N ARG A 428 -93.77 -24.58 -48.22
CA ARG A 428 -93.29 -23.84 -47.05
C ARG A 428 -93.49 -22.35 -47.20
N THR A 429 -93.53 -21.83 -48.42
CA THR A 429 -93.66 -20.39 -48.59
C THR A 429 -95.02 -19.95 -49.11
N ASN A 430 -95.90 -20.89 -49.48
CA ASN A 430 -97.19 -20.60 -50.11
C ASN A 430 -97.04 -19.71 -51.35
N THR A 431 -96.27 -20.21 -52.32
CA THR A 431 -96.21 -19.63 -53.64
C THR A 431 -96.22 -20.78 -54.64
N LYS A 432 -96.01 -20.46 -55.91
CA LYS A 432 -95.77 -21.48 -56.93
C LYS A 432 -94.39 -21.17 -57.49
N THR A 433 -93.37 -21.79 -56.91
CA THR A 433 -92.00 -21.53 -57.33
C THR A 433 -91.65 -22.35 -58.56
N LEU A 434 -90.69 -21.83 -59.33
CA LEU A 434 -90.24 -22.51 -60.54
C LEU A 434 -88.73 -22.54 -60.56
N ILE A 435 -88.17 -23.61 -61.12
CA ILE A 435 -86.71 -23.79 -61.19
C ILE A 435 -86.33 -24.00 -62.64
N GLU A 436 -85.45 -23.13 -63.16
CA GLU A 436 -84.95 -23.20 -64.52
C GLU A 436 -83.43 -23.33 -64.49
N SER A 437 -82.91 -24.32 -65.19
CA SER A 437 -81.49 -24.64 -65.16
C SER A 437 -80.81 -24.21 -66.44
N VAL A 438 -79.55 -23.81 -66.32
CA VAL A 438 -78.72 -23.46 -67.47
C VAL A 438 -77.39 -24.20 -67.32
N LYS A 439 -76.91 -24.77 -68.42
CA LYS A 439 -75.61 -25.45 -68.47
C LYS A 439 -74.62 -24.57 -69.22
N ILE A 440 -73.46 -24.32 -68.59
CA ILE A 440 -72.42 -23.46 -69.16
C ILE A 440 -71.18 -24.31 -69.45
N LYS A 441 -70.17 -23.69 -70.06
CA LYS A 441 -69.13 -24.44 -70.75
C LYS A 441 -67.98 -24.86 -69.83
N SER A 442 -67.57 -23.99 -68.90
CA SER A 442 -66.38 -24.25 -68.11
C SER A 442 -66.60 -23.85 -66.67
N VAL A 443 -65.70 -24.32 -65.80
CA VAL A 443 -65.73 -23.96 -64.39
C VAL A 443 -65.03 -22.62 -64.14
N TYR A 444 -64.35 -22.07 -65.14
CA TYR A 444 -63.60 -20.83 -64.98
C TYR A 444 -64.43 -19.60 -65.30
N GLN A 445 -65.75 -19.67 -65.10
CA GLN A 445 -66.61 -18.54 -65.40
C GLN A 445 -67.11 -17.79 -64.17
N SER A 446 -66.75 -18.23 -62.97
CA SER A 446 -67.00 -17.42 -61.78
C SER A 446 -66.00 -17.78 -60.70
N ALA A 447 -65.66 -16.77 -59.89
CA ALA A 447 -64.71 -16.93 -58.80
C ALA A 447 -65.22 -17.93 -57.77
N SER A 448 -66.54 -17.97 -57.56
CA SER A 448 -67.11 -18.96 -56.65
C SER A 448 -66.86 -20.37 -57.14
N LEU A 449 -67.03 -20.61 -58.44
CA LEU A 449 -66.78 -21.93 -59.00
C LEU A 449 -65.30 -22.31 -58.91
N ILE A 450 -64.42 -21.35 -59.19
CA ILE A 450 -62.97 -21.62 -59.13
C ILE A 450 -62.55 -21.94 -57.70
N ALA A 451 -63.04 -21.17 -56.72
CA ALA A 451 -62.68 -21.42 -55.33
C ALA A 451 -63.26 -22.72 -54.81
N GLN A 452 -64.47 -23.08 -55.22
CA GLN A 452 -65.02 -24.38 -54.85
C GLN A 452 -64.21 -25.52 -55.45
N ASP A 453 -63.77 -25.37 -56.71
CA ASP A 453 -62.91 -26.37 -57.34
C ASP A 453 -61.59 -26.53 -56.60
N ILE A 454 -60.96 -25.42 -56.21
CA ILE A 454 -59.68 -25.49 -55.50
C ILE A 454 -59.86 -26.15 -54.13
N SER A 455 -60.94 -25.80 -53.42
CA SER A 455 -61.20 -26.44 -52.13
C SER A 455 -61.45 -27.93 -52.25
N PHE A 456 -62.18 -28.36 -53.28
CA PHE A 456 -62.41 -29.78 -53.45
C PHE A 456 -61.15 -30.51 -53.87
N GLN A 457 -60.29 -29.85 -54.64
CA GLN A 457 -59.00 -30.46 -54.98
C GLN A 457 -58.08 -30.57 -53.77
N LEU A 458 -58.15 -29.63 -52.84
CA LEU A 458 -57.31 -29.70 -51.64
C LEU A 458 -57.90 -30.57 -50.54
N LYS A 459 -59.19 -30.93 -50.64
CA LYS A 459 -59.81 -31.78 -49.63
C LYS A 459 -59.15 -33.16 -49.58
N ASN A 460 -58.82 -33.73 -50.73
CA ASN A 460 -57.94 -34.88 -50.81
C ASN A 460 -56.60 -34.48 -51.40
N LYS A 461 -55.52 -34.69 -50.66
CA LYS A 461 -54.25 -34.10 -51.05
C LYS A 461 -53.65 -34.89 -52.20
N ARG A 462 -53.58 -34.27 -53.36
CA ARG A 462 -52.95 -34.87 -54.52
C ARG A 462 -51.90 -33.97 -55.15
N ARG A 463 -52.12 -32.66 -55.17
CA ARG A 463 -51.26 -31.73 -55.88
C ARG A 463 -50.72 -30.67 -54.94
N SER A 464 -49.66 -30.00 -55.40
CA SER A 464 -49.11 -28.84 -54.70
C SER A 464 -49.76 -27.57 -55.23
N PHE A 465 -49.63 -26.49 -54.44
CA PHE A 465 -50.27 -25.23 -54.78
C PHE A 465 -49.71 -24.65 -56.07
N HIS A 466 -48.40 -24.76 -56.28
CA HIS A 466 -47.79 -24.28 -57.52
C HIS A 466 -48.31 -25.07 -58.72
N SER A 467 -48.50 -26.39 -58.56
CA SER A 467 -49.04 -27.20 -59.63
C SER A 467 -50.49 -26.84 -59.94
N ILE A 468 -51.29 -26.54 -58.91
CA ILE A 468 -52.68 -26.16 -59.12
C ILE A 468 -52.77 -24.83 -59.86
N PHE A 469 -51.96 -23.85 -59.43
CA PHE A 469 -51.96 -22.56 -60.12
C PHE A 469 -51.44 -22.68 -61.55
N ALA A 470 -50.43 -23.51 -61.77
CA ALA A 470 -49.92 -23.73 -63.12
C ALA A 470 -50.97 -24.37 -64.02
N LYS A 471 -51.69 -25.36 -63.50
CA LYS A 471 -52.74 -26.01 -64.30
C LYS A 471 -53.85 -25.04 -64.65
N ILE A 472 -54.26 -24.21 -63.69
CA ILE A 472 -55.30 -23.22 -63.93
C ILE A 472 -54.86 -22.21 -64.97
N VAL A 473 -53.60 -21.77 -64.91
CA VAL A 473 -53.09 -20.82 -65.89
C VAL A 473 -53.01 -21.47 -67.28
N LYS A 474 -52.62 -22.75 -67.34
CA LYS A 474 -52.51 -23.41 -68.64
C LYS A 474 -53.86 -23.61 -69.30
N GLU A 475 -54.87 -24.07 -68.56
CA GLU A 475 -56.16 -24.34 -69.18
C GLU A 475 -57.20 -23.25 -68.91
N ILE A 476 -56.77 -22.05 -68.57
CA ILE A 476 -57.72 -20.93 -68.47
C ILE A 476 -58.25 -20.60 -69.87
N PRO A 477 -59.53 -20.30 -70.02
CA PRO A 477 -60.03 -19.88 -71.34
C PRO A 477 -59.70 -18.43 -71.64
N LYS A 478 -59.66 -18.12 -72.92
CA LYS A 478 -59.43 -16.76 -73.35
C LYS A 478 -60.65 -15.90 -73.03
N ARG A 479 -60.45 -14.58 -73.04
CA ARG A 479 -61.44 -13.67 -72.54
C ARG A 479 -61.34 -13.40 -71.06
N VAL A 480 -60.44 -14.08 -70.36
CA VAL A 480 -60.10 -13.79 -68.97
C VAL A 480 -58.81 -12.97 -68.98
N GLU A 481 -58.88 -11.74 -68.47
CA GLU A 481 -57.76 -10.81 -68.59
C GLU A 481 -56.86 -10.80 -67.37
N GLY A 482 -56.94 -11.81 -66.51
CA GLY A 482 -56.02 -11.92 -65.40
C GLY A 482 -56.65 -12.65 -64.24
N ILE A 483 -55.79 -13.16 -63.36
CA ILE A 483 -56.23 -13.98 -62.24
C ILE A 483 -55.24 -13.83 -61.09
N ARG A 484 -55.68 -14.17 -59.88
CA ARG A 484 -54.86 -14.08 -58.67
C ARG A 484 -55.47 -14.98 -57.60
N ILE A 485 -54.63 -15.79 -56.95
CA ILE A 485 -55.09 -16.75 -55.95
C ILE A 485 -54.19 -16.67 -54.74
N CYS A 486 -54.77 -16.64 -53.54
CA CYS A 486 -54.02 -16.58 -52.30
C CYS A 486 -54.40 -17.76 -51.41
N PHE A 487 -53.39 -18.45 -50.87
CA PHE A 487 -53.56 -19.53 -49.92
C PHE A 487 -53.03 -19.10 -48.56
N SER A 488 -53.76 -19.43 -47.49
CA SER A 488 -53.36 -19.06 -46.14
C SER A 488 -53.63 -20.21 -45.20
N GLY A 489 -52.73 -20.40 -44.23
CA GLY A 489 -52.84 -21.47 -43.26
C GLY A 489 -51.51 -22.16 -43.11
N ARG A 490 -51.57 -23.43 -42.69
CA ARG A 490 -50.36 -24.24 -42.55
C ARG A 490 -50.06 -24.90 -43.89
N LEU A 491 -49.31 -24.19 -44.73
CA LEU A 491 -49.00 -24.70 -46.06
C LEU A 491 -47.96 -25.82 -45.99
N LYS A 492 -46.88 -25.59 -45.26
CA LYS A 492 -45.82 -26.57 -45.10
C LYS A 492 -46.10 -27.43 -43.88
N ASP A 493 -46.05 -28.74 -44.06
CA ASP A 493 -46.46 -29.67 -43.01
C ASP A 493 -45.49 -29.69 -41.84
N ALA A 494 -44.19 -29.55 -42.12
CA ALA A 494 -43.21 -29.61 -41.03
C ALA A 494 -43.25 -28.38 -40.16
N ALA A 495 -43.40 -27.20 -40.76
CA ALA A 495 -43.44 -25.96 -40.02
C ALA A 495 -44.82 -25.74 -39.44
N GLU A 496 -44.87 -25.04 -38.31
CA GLU A 496 -46.12 -24.75 -37.63
C GLU A 496 -46.59 -23.32 -37.84
N LYS A 497 -45.68 -22.38 -38.07
CA LYS A 497 -46.04 -20.98 -38.27
C LYS A 497 -46.71 -20.82 -39.62
N ALA A 498 -47.97 -20.39 -39.60
CA ALA A 498 -48.76 -20.28 -40.81
C ALA A 498 -48.31 -19.09 -41.64
N GLN A 499 -48.28 -19.27 -42.97
CA GLN A 499 -47.90 -18.19 -43.86
C GLN A 499 -48.90 -18.01 -44.99
N THR A 500 -48.55 -17.20 -45.98
CA THR A 500 -49.44 -16.86 -47.07
C THR A 500 -48.69 -16.99 -48.38
N LYS A 501 -49.30 -17.61 -49.38
CA LYS A 501 -48.71 -17.68 -50.71
C LYS A 501 -49.67 -17.11 -51.73
N CYS A 502 -49.17 -16.16 -52.51
CA CYS A 502 -49.98 -15.42 -53.47
C CYS A 502 -49.41 -15.62 -54.86
N TYR A 503 -50.29 -15.95 -55.81
CA TYR A 503 -49.91 -16.13 -57.20
C TYR A 503 -50.76 -15.23 -58.07
N LYS A 504 -50.13 -14.63 -59.07
CA LYS A 504 -50.76 -13.62 -59.91
C LYS A 504 -50.49 -13.91 -61.38
N HIS A 505 -51.34 -13.38 -62.24
CA HIS A 505 -51.16 -13.56 -63.69
C HIS A 505 -51.88 -12.44 -64.42
N ARG A 506 -51.14 -11.72 -65.25
CA ARG A 506 -51.58 -10.64 -66.16
C ARG A 506 -52.16 -9.50 -65.34
N LYS A 507 -53.28 -8.90 -65.75
CA LYS A 507 -53.82 -7.70 -65.13
C LYS A 507 -54.89 -8.05 -64.12
N THR A 508 -54.75 -7.55 -62.89
CA THR A 508 -55.77 -7.69 -61.84
C THR A 508 -55.87 -6.35 -61.09
N SER A 509 -56.03 -5.25 -61.84
CA SER A 509 -56.09 -3.95 -61.19
C SER A 509 -57.48 -3.75 -60.61
N CYS A 510 -57.60 -3.87 -59.29
CA CYS A 510 -58.88 -3.71 -58.62
C CYS A 510 -59.31 -2.26 -58.47
N ASN A 511 -58.42 -1.30 -58.70
CA ASN A 511 -58.73 0.09 -58.42
C ASN A 511 -59.36 0.82 -59.60
N VAL A 512 -59.64 0.12 -60.70
CA VAL A 512 -60.38 0.68 -61.82
C VAL A 512 -61.83 0.22 -61.70
N PHE A 513 -62.75 1.18 -61.67
CA PHE A 513 -64.12 0.84 -61.33
C PHE A 513 -64.94 0.37 -62.52
N ASN A 514 -64.45 0.52 -63.74
CA ASN A 514 -65.15 0.01 -64.91
C ASN A 514 -64.62 -1.35 -65.35
N GLN A 515 -63.70 -1.94 -64.60
CA GLN A 515 -63.31 -3.31 -64.84
C GLN A 515 -64.35 -4.27 -64.30
N LYS A 516 -64.19 -5.55 -64.63
CA LYS A 516 -65.09 -6.61 -64.23
C LYS A 516 -64.30 -7.58 -63.36
N ILE A 517 -64.26 -7.31 -62.06
CA ILE A 517 -63.49 -8.08 -61.10
C ILE A 517 -64.46 -8.90 -60.26
N ASP A 518 -64.19 -10.19 -60.11
CA ASP A 518 -64.96 -11.06 -59.25
C ASP A 518 -64.06 -11.68 -58.20
N TYR A 519 -64.61 -11.86 -57.01
CA TYR A 519 -63.84 -12.34 -55.87
C TYR A 519 -64.63 -13.39 -55.12
N ALA A 520 -63.93 -14.38 -54.58
CA ALA A 520 -64.58 -15.38 -53.74
C ALA A 520 -63.64 -16.06 -52.76
N PRO A 521 -64.06 -16.23 -51.51
CA PRO A 521 -63.29 -17.06 -50.57
C PRO A 521 -63.80 -18.47 -50.44
N VAL A 522 -63.02 -19.33 -49.79
CA VAL A 522 -63.49 -20.66 -49.37
C VAL A 522 -62.56 -21.15 -48.26
N GLU A 523 -63.10 -22.01 -47.40
CA GLU A 523 -62.36 -22.59 -46.30
C GLU A 523 -62.28 -24.10 -46.46
N VAL A 524 -61.14 -24.67 -46.11
CA VAL A 524 -60.89 -26.11 -46.18
C VAL A 524 -60.60 -26.63 -44.78
N SER A 525 -61.29 -27.68 -44.38
CA SER A 525 -60.95 -28.40 -43.18
C SER A 525 -59.69 -29.21 -43.45
N THR A 526 -58.78 -29.26 -42.47
CA THR A 526 -57.54 -30.03 -42.62
C THR A 526 -57.28 -30.84 -41.36
N ARG A 527 -56.16 -31.54 -41.37
CA ARG A 527 -55.71 -32.25 -40.17
C ARG A 527 -55.27 -31.26 -39.09
N TYR A 528 -54.74 -30.12 -39.51
CA TYR A 528 -54.11 -29.16 -38.59
C TYR A 528 -54.92 -27.89 -38.41
N GLY A 529 -56.16 -27.86 -38.89
CA GLY A 529 -56.99 -26.69 -38.68
C GLY A 529 -57.79 -26.27 -39.90
N ILE A 530 -57.77 -24.98 -40.23
CA ILE A 530 -58.52 -24.44 -41.36
C ILE A 530 -57.54 -23.78 -42.33
N LEU A 531 -57.64 -24.15 -43.60
CA LEU A 531 -56.92 -23.51 -44.68
C LEU A 531 -57.88 -22.57 -45.40
N GLY A 532 -57.35 -21.54 -46.02
CA GLY A 532 -58.18 -20.53 -46.68
C GLY A 532 -57.70 -20.23 -48.07
N VAL A 533 -58.64 -20.09 -49.00
CA VAL A 533 -58.35 -19.83 -50.40
C VAL A 533 -59.15 -18.62 -50.85
N LYS A 534 -58.47 -17.65 -51.46
CA LYS A 534 -59.08 -16.44 -52.01
C LYS A 534 -58.81 -16.35 -53.50
N VAL A 535 -59.82 -15.96 -54.28
CA VAL A 535 -59.71 -15.91 -55.74
C VAL A 535 -60.18 -14.55 -56.24
N TRP A 536 -59.33 -13.87 -57.01
CA TRP A 536 -59.68 -12.68 -57.79
C TRP A 536 -59.53 -13.02 -59.27
N ILE A 537 -60.53 -12.65 -60.07
CA ILE A 537 -60.51 -12.95 -61.50
C ILE A 537 -61.05 -11.75 -62.26
N SER A 538 -60.38 -11.35 -63.33
CA SER A 538 -60.79 -10.20 -64.13
C SER A 538 -61.29 -10.65 -65.49
N TYR A 539 -62.31 -9.96 -65.99
CA TYR A 539 -62.92 -10.30 -67.27
C TYR A 539 -62.75 -9.15 -68.26
N SER A 540 -62.80 -9.50 -69.53
CA SER A 540 -62.60 -8.52 -70.59
C SER A 540 -63.87 -7.76 -70.92
N LEU B 17 -38.14 -62.49 -46.44
CA LEU B 17 -36.81 -62.85 -46.91
C LEU B 17 -36.49 -62.24 -48.27
N ARG B 18 -36.84 -62.95 -49.33
CA ARG B 18 -36.35 -62.61 -50.67
C ARG B 18 -37.30 -61.70 -51.45
N PHE B 19 -38.62 -61.86 -51.32
CA PHE B 19 -39.51 -60.99 -52.09
C PHE B 19 -39.55 -59.58 -51.56
N GLN B 20 -39.21 -59.37 -50.29
CA GLN B 20 -39.10 -58.02 -49.75
C GLN B 20 -38.03 -57.21 -50.48
N THR B 21 -37.04 -57.87 -51.08
CA THR B 21 -36.02 -57.19 -51.88
C THR B 21 -36.58 -56.67 -53.20
N CYS B 22 -37.69 -57.21 -53.68
CA CYS B 22 -38.33 -56.63 -54.86
C CYS B 22 -38.90 -55.25 -54.54
N ARG B 23 -39.35 -55.02 -53.31
CA ARG B 23 -39.74 -53.69 -52.90
C ARG B 23 -38.55 -52.76 -52.78
N LEU B 24 -37.38 -53.31 -52.42
CA LEU B 24 -36.20 -52.48 -52.32
C LEU B 24 -35.68 -52.06 -53.68
N LEU B 25 -35.61 -53.00 -54.62
CA LEU B 25 -35.01 -52.73 -55.92
C LEU B 25 -36.02 -52.38 -57.01
N LEU B 26 -37.32 -52.38 -56.69
CA LEU B 26 -38.40 -51.97 -57.60
C LEU B 26 -38.42 -52.78 -58.89
N GLY B 27 -38.06 -54.06 -58.80
CA GLY B 27 -37.99 -54.91 -59.96
C GLY B 27 -38.29 -56.36 -59.63
N ASN B 28 -38.11 -57.26 -60.59
CA ASN B 28 -38.37 -58.68 -60.39
C ASN B 28 -37.06 -59.43 -60.14
N VAL B 29 -36.47 -59.15 -58.98
CA VAL B 29 -35.24 -59.82 -58.59
C VAL B 29 -35.50 -61.17 -57.95
N TRP B 30 -36.76 -61.52 -57.73
CA TRP B 30 -37.13 -62.79 -57.12
C TRP B 30 -37.49 -63.77 -58.23
N ASN B 31 -36.77 -64.88 -58.30
CA ASN B 31 -36.87 -65.81 -59.40
C ASN B 31 -37.76 -67.00 -59.05
N ARG B 32 -38.84 -66.73 -58.32
CA ARG B 32 -39.83 -67.73 -57.96
C ARG B 32 -41.20 -67.27 -58.44
N GLU B 33 -42.17 -68.17 -58.33
CA GLU B 33 -43.50 -67.93 -58.91
C GLU B 33 -44.28 -66.93 -58.07
N LEU B 34 -44.96 -66.03 -58.76
CA LEU B 34 -45.62 -64.89 -58.14
C LEU B 34 -47.10 -65.18 -57.96
N THR B 35 -47.64 -64.79 -56.80
CA THR B 35 -49.07 -64.87 -56.60
C THR B 35 -49.74 -63.62 -57.16
N ILE B 36 -51.07 -63.57 -57.05
CA ILE B 36 -51.82 -62.44 -57.60
C ILE B 36 -51.57 -61.18 -56.78
N ILE B 37 -51.49 -61.34 -55.45
CA ILE B 37 -51.18 -60.20 -54.57
C ILE B 37 -49.80 -59.67 -54.87
N GLN B 38 -48.83 -60.56 -55.09
CA GLN B 38 -47.48 -60.13 -55.43
C GLN B 38 -47.42 -59.45 -56.79
N ARG B 39 -48.22 -59.92 -57.76
CA ARG B 39 -48.27 -59.24 -59.05
C ARG B 39 -48.88 -57.86 -58.94
N ARG B 40 -49.92 -57.71 -58.12
CA ARG B 40 -50.54 -56.40 -57.91
C ARG B 40 -49.58 -55.45 -57.21
N ILE B 41 -48.80 -55.95 -56.25
CA ILE B 41 -47.79 -55.11 -55.58
C ILE B 41 -46.71 -54.71 -56.57
N LEU B 42 -46.30 -55.64 -57.42
CA LEU B 42 -45.27 -55.37 -58.42
C LEU B 42 -45.71 -54.35 -59.45
N ARG B 43 -47.00 -54.27 -59.75
CA ARG B 43 -47.50 -53.22 -60.63
C ARG B 43 -47.26 -51.83 -60.03
N ARG B 44 -47.58 -51.66 -58.75
CA ARG B 44 -47.35 -50.38 -58.09
C ARG B 44 -45.86 -50.07 -57.97
N LEU B 45 -45.05 -51.08 -57.72
CA LEU B 45 -43.60 -50.84 -57.62
C LEU B 45 -43.01 -50.44 -58.96
N ARG B 46 -43.49 -51.04 -60.05
CA ARG B 46 -43.00 -50.63 -61.36
C ARG B 46 -43.49 -49.24 -61.73
N ASN B 47 -44.68 -48.86 -61.30
CA ASN B 47 -45.13 -47.48 -61.46
C ASN B 47 -44.22 -46.51 -60.70
N ARG B 48 -43.83 -46.88 -59.48
CA ARG B 48 -42.93 -46.03 -58.71
C ARG B 48 -41.55 -45.91 -59.38
N LYS B 49 -41.05 -47.01 -59.95
CA LYS B 49 -39.78 -46.93 -60.68
C LYS B 49 -39.90 -46.03 -61.91
N ARG B 50 -41.02 -46.13 -62.62
CA ARG B 50 -41.25 -45.27 -63.79
C ARG B 50 -41.32 -43.81 -63.38
N SER B 51 -41.91 -43.52 -62.22
CA SER B 51 -41.94 -42.14 -61.75
C SER B 51 -40.58 -41.64 -61.30
N ILE B 52 -39.76 -42.53 -60.71
CA ILE B 52 -38.43 -42.14 -60.27
C ILE B 52 -37.53 -41.83 -61.46
N LYS B 53 -37.65 -42.62 -62.53
CA LYS B 53 -36.80 -42.41 -63.70
C LYS B 53 -37.11 -41.11 -64.44
N LYS B 54 -38.24 -40.46 -64.16
CA LYS B 54 -38.53 -39.17 -64.78
C LYS B 54 -37.87 -38.02 -64.04
N ARG B 55 -37.80 -38.10 -62.71
CA ARG B 55 -37.35 -37.00 -61.87
C ARG B 55 -35.85 -37.01 -61.61
N LYS B 56 -35.05 -37.62 -62.50
CA LYS B 56 -33.61 -37.63 -62.32
C LYS B 56 -32.98 -36.27 -62.61
N ILE B 57 -33.68 -35.40 -63.33
CA ILE B 57 -33.15 -34.08 -63.68
C ILE B 57 -33.13 -33.14 -62.48
N TYR B 58 -33.86 -33.47 -61.41
CA TYR B 58 -33.97 -32.61 -60.23
C TYR B 58 -33.25 -33.18 -59.02
N SER B 59 -32.44 -34.23 -59.20
CA SER B 59 -31.84 -34.94 -58.09
C SER B 59 -30.33 -34.78 -58.11
N LYS B 60 -29.76 -34.45 -56.95
CA LYS B 60 -28.32 -34.29 -56.82
C LYS B 60 -27.63 -35.60 -56.46
N LYS B 61 -28.29 -36.47 -55.70
CA LYS B 61 -27.69 -37.69 -55.19
C LYS B 61 -27.94 -38.89 -56.10
N TYR B 62 -28.12 -38.66 -57.40
CA TYR B 62 -28.50 -39.73 -58.30
C TYR B 62 -27.32 -40.64 -58.62
N LEU B 63 -26.29 -40.11 -59.27
CA LEU B 63 -25.23 -40.95 -59.81
C LEU B 63 -24.30 -41.48 -58.72
N THR B 64 -23.89 -40.61 -57.80
CA THR B 64 -22.84 -40.98 -56.87
C THR B 64 -23.32 -41.90 -55.75
N SER B 65 -24.61 -41.87 -55.43
CA SER B 65 -25.12 -42.72 -54.37
C SER B 65 -26.19 -43.70 -54.84
N TYR B 66 -27.24 -43.21 -55.50
CA TYR B 66 -28.44 -44.01 -55.72
C TYR B 66 -28.19 -45.15 -56.71
N ILE B 67 -27.80 -44.81 -57.94
CA ILE B 67 -27.63 -45.82 -58.98
C ILE B 67 -26.46 -46.75 -58.65
N GLN B 68 -25.41 -46.20 -58.06
CA GLN B 68 -24.28 -47.02 -57.63
C GLN B 68 -24.71 -48.05 -56.59
N LEU B 69 -25.49 -47.63 -55.60
CA LEU B 69 -25.97 -48.57 -54.60
C LEU B 69 -26.95 -49.59 -55.16
N GLN B 70 -27.82 -49.18 -56.09
CA GLN B 70 -28.75 -50.13 -56.69
C GLN B 70 -28.02 -51.18 -57.52
N THR B 71 -26.99 -50.78 -58.27
CA THR B 71 -26.24 -51.74 -59.06
C THR B 71 -25.42 -52.68 -58.17
N THR B 72 -24.88 -52.15 -57.06
CA THR B 72 -24.19 -53.00 -56.10
C THR B 72 -25.11 -54.04 -55.49
N ARG B 73 -26.32 -53.63 -55.10
CA ARG B 73 -27.29 -54.57 -54.56
C ARG B 73 -27.73 -55.60 -55.60
N LYS B 74 -27.89 -55.18 -56.86
CA LYS B 74 -28.25 -56.11 -57.91
C LYS B 74 -27.16 -57.15 -58.15
N LEU B 75 -25.89 -56.73 -58.14
CA LEU B 75 -24.80 -57.69 -58.30
C LEU B 75 -24.72 -58.65 -57.11
N SER B 76 -24.96 -58.14 -55.91
CA SER B 76 -24.97 -58.99 -54.73
C SER B 76 -26.07 -60.04 -54.80
N LEU B 77 -27.27 -59.66 -55.26
CA LEU B 77 -28.33 -60.63 -55.42
C LEU B 77 -28.11 -61.55 -56.62
N PHE B 78 -27.39 -61.09 -57.63
CA PHE B 78 -27.15 -61.92 -58.81
C PHE B 78 -26.15 -63.03 -58.51
N TYR B 79 -25.12 -62.74 -57.74
CA TYR B 79 -24.09 -63.73 -57.46
C TYR B 79 -24.42 -64.58 -56.23
N GLY B 80 -25.64 -64.52 -55.75
CA GLY B 80 -26.05 -65.36 -54.66
C GLY B 80 -25.59 -64.88 -53.31
N ASP B 81 -25.94 -63.64 -52.97
CA ASP B 81 -25.82 -63.09 -51.61
C ASP B 81 -24.38 -63.10 -51.11
N LEU B 82 -23.53 -62.31 -51.77
CA LEU B 82 -22.12 -62.22 -51.43
C LEU B 82 -21.72 -60.77 -51.20
N PRO B 83 -20.78 -60.51 -50.29
CA PRO B 83 -20.33 -59.13 -50.08
C PRO B 83 -19.45 -58.62 -51.21
N ILE B 84 -20.10 -58.14 -52.28
CA ILE B 84 -19.39 -57.67 -53.47
C ILE B 84 -18.52 -56.47 -53.14
N THR B 85 -19.05 -55.52 -52.37
CA THR B 85 -18.30 -54.31 -52.03
C THR B 85 -17.09 -54.65 -51.16
N GLU B 86 -17.24 -55.58 -50.23
CA GLU B 86 -16.14 -55.92 -49.35
C GLU B 86 -15.06 -56.69 -50.09
N MET B 87 -15.46 -57.67 -50.92
CA MET B 87 -14.47 -58.40 -51.70
C MET B 87 -13.84 -57.54 -52.79
N HIS B 88 -14.47 -56.42 -53.15
CA HIS B 88 -13.83 -55.55 -54.12
C HIS B 88 -12.90 -54.53 -53.46
N ARG B 89 -13.29 -54.00 -52.29
CA ARG B 89 -12.40 -53.10 -51.57
C ARG B 89 -11.20 -53.83 -50.99
N GLY B 90 -11.30 -55.16 -50.82
CA GLY B 90 -10.13 -55.94 -50.49
C GLY B 90 -9.02 -55.80 -51.51
N THR B 91 -9.36 -55.87 -52.79
CA THR B 91 -8.41 -55.47 -53.82
C THR B 91 -8.36 -53.95 -53.89
N LYS B 92 -7.33 -53.44 -54.55
CA LYS B 92 -7.07 -52.01 -54.58
C LYS B 92 -7.52 -51.34 -55.88
N ARG B 93 -8.07 -52.09 -56.82
CA ARG B 93 -8.45 -51.52 -58.10
C ARG B 93 -9.81 -50.85 -58.02
N THR B 94 -9.97 -49.77 -58.79
CA THR B 94 -11.24 -49.05 -58.81
C THR B 94 -12.29 -49.76 -59.66
N SER B 95 -11.96 -50.04 -60.91
CA SER B 95 -12.91 -50.66 -61.83
C SER B 95 -13.16 -52.11 -61.46
N TYR B 96 -14.35 -52.59 -61.79
CA TYR B 96 -14.80 -53.91 -61.40
C TYR B 96 -14.43 -55.00 -62.39
N ILE B 97 -13.77 -54.67 -63.49
CA ILE B 97 -13.52 -55.60 -64.59
C ILE B 97 -12.65 -56.79 -64.17
N PRO B 98 -11.45 -56.63 -63.56
CA PRO B 98 -10.69 -57.83 -63.21
C PRO B 98 -11.29 -58.62 -62.08
N PHE B 99 -11.96 -57.95 -61.13
CA PHE B 99 -12.65 -58.65 -60.07
C PHE B 99 -13.77 -59.52 -60.61
N LEU B 100 -14.54 -59.01 -61.57
CA LEU B 100 -15.63 -59.79 -62.13
C LEU B 100 -15.15 -60.89 -63.07
N LEU B 101 -14.09 -60.63 -63.85
CA LEU B 101 -13.51 -61.68 -64.69
C LEU B 101 -12.94 -62.80 -63.82
N ASN B 102 -12.31 -62.46 -62.70
CA ASN B 102 -11.82 -63.48 -61.79
C ASN B 102 -12.96 -64.20 -61.08
N LEU B 103 -14.06 -63.50 -60.81
CA LEU B 103 -15.20 -64.11 -60.15
C LEU B 103 -15.90 -65.10 -61.07
N GLU B 104 -15.86 -64.86 -62.39
CA GLU B 104 -16.53 -65.73 -63.35
C GLU B 104 -15.85 -67.08 -63.54
N THR B 105 -14.68 -67.31 -62.96
CA THR B 105 -14.04 -68.62 -63.04
C THR B 105 -14.16 -69.41 -61.75
N ARG B 106 -15.05 -69.02 -60.85
CA ARG B 106 -15.30 -69.81 -59.66
C ARG B 106 -16.08 -71.07 -60.01
N PHE B 107 -16.03 -72.05 -59.11
CA PHE B 107 -16.59 -73.36 -59.40
C PHE B 107 -18.11 -73.33 -59.47
N ASP B 108 -18.76 -72.76 -58.46
CA ASP B 108 -20.21 -72.72 -58.44
C ASP B 108 -20.79 -71.74 -59.44
N VAL B 109 -20.00 -70.77 -59.90
CA VAL B 109 -20.43 -69.91 -61.00
C VAL B 109 -20.45 -70.69 -62.30
N ILE B 110 -19.42 -71.50 -62.55
CA ILE B 110 -19.35 -72.30 -63.76
C ILE B 110 -20.48 -73.33 -63.79
N LEU B 111 -20.77 -73.94 -62.63
CA LEU B 111 -21.87 -74.89 -62.56
C LEU B 111 -23.22 -74.25 -62.87
N LEU B 112 -23.37 -72.96 -62.59
CA LEU B 112 -24.58 -72.26 -62.99
C LEU B 112 -24.57 -71.92 -64.48
N ARG B 113 -23.40 -71.54 -65.02
CA ARG B 113 -23.32 -71.14 -66.41
C ARG B 113 -23.62 -72.32 -67.35
N LEU B 114 -23.17 -73.52 -66.99
CA LEU B 114 -23.40 -74.68 -67.84
C LEU B 114 -24.84 -75.16 -67.81
N HIS B 115 -25.69 -74.57 -66.95
CA HIS B 115 -27.09 -74.96 -66.73
C HIS B 115 -27.21 -76.40 -66.25
N PHE B 116 -26.22 -76.90 -65.51
CA PHE B 116 -26.36 -78.20 -64.89
C PHE B 116 -27.31 -78.15 -63.70
N LEU B 117 -27.51 -76.97 -63.13
CA LEU B 117 -28.38 -76.76 -61.98
C LEU B 117 -29.22 -75.52 -62.19
N GLU B 118 -29.86 -75.03 -61.14
CA GLU B 118 -30.72 -73.85 -61.24
C GLU B 118 -30.17 -72.63 -60.54
N THR B 119 -29.60 -72.77 -59.35
CA THR B 119 -29.21 -71.63 -58.54
C THR B 119 -27.80 -71.78 -58.00
N ILE B 120 -27.19 -70.62 -57.73
CA ILE B 120 -25.90 -70.58 -57.03
C ILE B 120 -25.96 -71.26 -55.66
N PRO B 121 -27.00 -71.07 -54.82
CA PRO B 121 -27.07 -71.90 -53.61
C PRO B 121 -27.17 -73.40 -53.85
N GLN B 122 -27.85 -73.83 -54.91
CA GLN B 122 -27.91 -75.26 -55.20
C GLN B 122 -26.54 -75.80 -55.60
N ALA B 123 -25.80 -75.03 -56.39
CA ALA B 123 -24.43 -75.40 -56.73
C ALA B 123 -23.53 -75.44 -55.50
N ARG B 124 -23.70 -74.48 -54.58
CA ARG B 124 -22.95 -74.50 -53.35
C ARG B 124 -23.29 -75.72 -52.50
N GLN B 125 -24.57 -76.10 -52.45
CA GLN B 125 -24.99 -77.30 -51.76
C GLN B 125 -24.30 -78.54 -52.32
N LEU B 126 -24.28 -78.67 -53.65
CA LEU B 126 -23.67 -79.85 -54.26
C LEU B 126 -22.16 -79.87 -54.08
N ILE B 127 -21.50 -78.72 -54.17
CA ILE B 127 -20.04 -78.69 -54.03
C ILE B 127 -19.63 -78.93 -52.58
N SER B 128 -20.33 -78.30 -51.64
CA SER B 128 -19.99 -78.46 -50.23
C SER B 128 -20.31 -79.87 -49.73
N HIS B 129 -21.39 -80.47 -50.23
CA HIS B 129 -21.79 -81.79 -49.77
C HIS B 129 -21.10 -82.91 -50.52
N ARG B 130 -19.98 -82.61 -51.18
CA ARG B 130 -19.00 -83.59 -51.61
C ARG B 130 -19.58 -84.52 -52.69
N ARG B 131 -20.02 -83.89 -53.79
CA ARG B 131 -20.76 -84.61 -54.82
C ARG B 131 -20.36 -84.23 -56.23
N VAL B 132 -19.34 -83.39 -56.42
CA VAL B 132 -18.92 -82.94 -57.75
C VAL B 132 -17.42 -83.17 -57.88
N CYS B 133 -16.97 -83.62 -59.05
CA CYS B 133 -15.56 -83.96 -59.28
C CYS B 133 -14.93 -83.02 -60.30
N VAL B 134 -13.63 -82.79 -60.14
CA VAL B 134 -12.81 -82.06 -61.10
C VAL B 134 -11.62 -82.95 -61.45
N ASN B 135 -11.52 -83.34 -62.73
CA ASN B 135 -10.52 -84.31 -63.23
C ASN B 135 -10.59 -85.61 -62.44
N LYS B 136 -11.80 -86.03 -62.10
CA LYS B 136 -12.14 -87.12 -61.18
C LYS B 136 -11.61 -86.88 -59.77
N GLY B 137 -11.04 -85.73 -59.48
CA GLY B 137 -10.71 -85.39 -58.13
C GLY B 137 -11.97 -84.83 -57.52
N MET B 138 -12.53 -85.57 -56.58
CA MET B 138 -13.64 -85.06 -55.81
C MET B 138 -13.13 -83.88 -54.99
N VAL B 139 -13.72 -82.70 -55.21
CA VAL B 139 -13.31 -81.49 -54.51
C VAL B 139 -14.51 -80.96 -53.72
N SER B 140 -14.19 -80.15 -52.71
CA SER B 140 -15.23 -79.53 -51.90
C SER B 140 -15.01 -78.04 -51.73
N ILE B 141 -14.21 -77.44 -52.62
CA ILE B 141 -13.86 -76.03 -52.52
C ILE B 141 -14.85 -75.23 -53.36
N THR B 142 -15.69 -74.44 -52.69
CA THR B 142 -16.68 -73.66 -53.41
C THR B 142 -16.05 -72.51 -54.19
N HIS B 143 -15.05 -71.85 -53.62
CA HIS B 143 -14.39 -70.72 -54.25
C HIS B 143 -13.23 -71.12 -55.15
N LEU B 144 -13.23 -72.34 -55.67
CA LEU B 144 -12.12 -72.83 -56.46
C LEU B 144 -12.11 -72.21 -57.84
N LYS B 145 -10.96 -71.71 -58.26
CA LYS B 145 -10.82 -71.07 -59.56
C LYS B 145 -10.37 -72.09 -60.59
N LEU B 146 -11.10 -72.18 -61.69
CA LEU B 146 -10.82 -73.12 -62.75
C LEU B 146 -10.18 -72.39 -63.93
N SER B 147 -9.03 -72.87 -64.36
CA SER B 147 -8.39 -72.35 -65.56
C SER B 147 -8.84 -73.17 -66.76
N HIS B 148 -8.18 -72.99 -67.90
CA HIS B 148 -8.53 -73.77 -69.08
C HIS B 148 -7.80 -75.10 -69.04
N GLY B 149 -8.53 -76.17 -69.34
CA GLY B 149 -8.05 -77.53 -69.22
C GLY B 149 -8.76 -78.34 -68.17
N ASP B 150 -9.49 -77.70 -67.26
CA ASP B 150 -10.21 -78.44 -66.24
C ASP B 150 -11.40 -79.15 -66.84
N ILE B 151 -11.72 -80.31 -66.26
CA ILE B 151 -12.83 -81.16 -66.68
C ILE B 151 -13.79 -81.30 -65.50
N ILE B 152 -15.04 -80.93 -65.72
CA ILE B 152 -16.09 -80.98 -64.71
C ILE B 152 -16.98 -82.17 -65.02
N SER B 153 -17.28 -82.95 -63.99
CA SER B 153 -18.15 -84.10 -64.11
C SER B 153 -18.88 -84.29 -62.78
N PHE B 154 -19.59 -85.40 -62.64
CA PHE B 154 -20.35 -85.72 -61.45
C PHE B 154 -19.96 -87.10 -60.94
N GLN B 155 -20.72 -87.58 -59.97
CA GLN B 155 -20.56 -88.94 -59.49
C GLN B 155 -21.48 -89.90 -60.24
N GLU B 156 -21.02 -91.14 -60.37
CA GLU B 156 -21.76 -92.14 -61.14
C GLU B 156 -23.04 -92.56 -60.43
N ASN B 157 -23.08 -92.45 -59.10
CA ASN B 157 -24.28 -92.75 -58.34
C ASN B 157 -25.34 -91.66 -58.45
N ASN B 158 -24.97 -90.47 -58.92
CA ASN B 158 -25.87 -89.33 -59.01
C ASN B 158 -26.14 -88.95 -60.46
N ALA B 159 -25.43 -89.58 -61.42
CA ALA B 159 -25.52 -89.18 -62.82
C ALA B 159 -26.94 -89.28 -63.38
N ILE B 160 -27.70 -90.31 -63.01
CA ILE B 160 -29.05 -90.45 -63.54
C ILE B 160 -29.99 -89.37 -62.99
N ILE B 161 -29.84 -88.98 -61.73
CA ILE B 161 -30.69 -87.95 -61.16
C ILE B 161 -30.35 -86.59 -61.78
N ARG B 162 -29.06 -86.32 -62.00
CA ARG B 162 -28.69 -85.06 -62.63
C ARG B 162 -29.13 -84.99 -64.09
N GLY B 163 -29.06 -86.11 -64.82
CA GLY B 163 -29.55 -86.13 -66.19
C GLY B 163 -31.05 -85.92 -66.28
N GLU B 164 -31.79 -86.55 -65.37
CA GLU B 164 -33.24 -86.32 -65.30
C GLU B 164 -33.54 -84.85 -65.00
N GLU B 165 -32.79 -84.26 -64.08
CA GLU B 165 -33.01 -82.86 -63.72
C GLU B 165 -32.73 -81.92 -64.89
N ILE B 166 -31.66 -82.20 -65.64
CA ILE B 166 -31.31 -81.36 -66.79
C ILE B 166 -32.39 -81.44 -67.86
N ARG B 167 -32.86 -82.67 -68.16
CA ARG B 167 -33.92 -82.84 -69.16
C ARG B 167 -35.19 -82.11 -68.75
N ARG B 168 -35.59 -82.25 -67.48
CA ARG B 168 -36.80 -81.57 -66.99
C ARG B 168 -36.65 -80.07 -67.06
N SER B 169 -35.49 -79.55 -66.66
CA SER B 169 -35.27 -78.10 -66.63
C SER B 169 -35.30 -77.50 -68.03
N PHE B 170 -34.67 -78.14 -69.01
CA PHE B 170 -34.70 -77.56 -70.35
C PHE B 170 -36.05 -77.70 -71.03
N TYR B 171 -36.71 -78.85 -70.88
CA TYR B 171 -38.02 -78.99 -71.49
C TYR B 171 -39.12 -78.29 -70.72
N LYS B 172 -38.82 -77.72 -69.56
CA LYS B 172 -39.76 -76.79 -68.95
C LYS B 172 -39.35 -75.33 -69.15
N GLU B 173 -38.09 -75.04 -69.50
CA GLU B 173 -37.82 -73.65 -69.90
C GLU B 173 -38.26 -73.40 -71.34
N ILE B 174 -38.43 -74.46 -72.13
CA ILE B 174 -39.12 -74.30 -73.42
C ILE B 174 -40.63 -74.10 -73.20
N LEU B 175 -41.15 -74.39 -72.01
CA LEU B 175 -42.60 -74.33 -71.83
C LEU B 175 -43.06 -73.22 -70.91
N VAL B 176 -42.60 -73.18 -69.65
CA VAL B 176 -43.14 -72.19 -68.73
C VAL B 176 -42.60 -70.79 -68.99
N GLU B 177 -41.58 -70.64 -69.84
CA GLU B 177 -41.06 -69.33 -70.18
C GLU B 177 -41.14 -69.02 -71.66
N LYS B 178 -41.00 -70.00 -72.54
CA LYS B 178 -40.85 -69.76 -73.96
C LYS B 178 -42.15 -69.72 -74.72
N ILE B 179 -43.03 -70.71 -74.51
CA ILE B 179 -44.30 -70.72 -75.22
C ILE B 179 -45.31 -69.75 -74.60
N ILE B 180 -45.06 -69.27 -73.38
CA ILE B 180 -46.02 -68.38 -72.74
C ILE B 180 -45.98 -66.97 -73.29
N GLY B 181 -44.89 -66.59 -73.96
CA GLY B 181 -44.76 -65.21 -74.39
C GLY B 181 -44.93 -65.07 -75.88
N LYS B 182 -44.73 -66.17 -76.60
CA LYS B 182 -44.66 -66.13 -78.05
C LYS B 182 -46.01 -66.56 -78.60
N LEU B 183 -46.79 -65.58 -79.06
CA LEU B 183 -48.10 -65.72 -79.69
C LEU B 183 -49.15 -66.36 -78.77
N LEU B 184 -48.85 -66.52 -77.49
CA LEU B 184 -49.73 -67.11 -76.50
C LEU B 184 -49.81 -66.21 -75.29
N HIS B 185 -50.08 -64.92 -75.54
CA HIS B 185 -50.18 -63.92 -74.48
C HIS B 185 -51.56 -64.00 -73.82
N GLN B 186 -51.82 -65.15 -73.22
CA GLN B 186 -53.07 -65.42 -72.55
C GLN B 186 -53.06 -64.83 -71.15
N PRO B 187 -54.23 -64.64 -70.54
CA PRO B 187 -54.26 -64.31 -69.12
C PRO B 187 -53.72 -65.44 -68.27
N LEU B 188 -53.40 -65.10 -67.02
CA LEU B 188 -52.71 -66.03 -66.12
C LEU B 188 -53.57 -67.23 -65.79
N ARG B 189 -54.88 -67.03 -65.60
CA ARG B 189 -55.73 -68.12 -65.17
C ARG B 189 -56.00 -69.09 -66.32
N MET B 190 -56.20 -68.56 -67.54
CA MET B 190 -56.33 -69.42 -68.71
C MET B 190 -55.07 -70.24 -68.94
N TRP B 191 -53.91 -69.63 -68.76
CA TRP B 191 -52.67 -70.36 -68.95
C TRP B 191 -52.45 -71.40 -67.85
N ARG B 192 -52.87 -71.11 -66.63
CA ARG B 192 -52.80 -72.13 -65.58
C ARG B 192 -53.75 -73.28 -65.85
N ARG B 193 -54.86 -73.02 -66.55
CA ARG B 193 -55.72 -74.11 -66.97
C ARG B 193 -55.07 -74.96 -68.06
N SER B 194 -54.49 -74.32 -69.07
CA SER B 194 -53.97 -75.04 -70.23
C SER B 194 -52.59 -75.64 -69.99
N LYS B 195 -51.95 -75.25 -68.90
CA LYS B 195 -50.61 -75.74 -68.64
C LYS B 195 -50.58 -77.21 -68.26
N THR B 196 -51.67 -77.75 -67.70
CA THR B 196 -51.70 -79.18 -67.39
C THR B 196 -51.77 -80.02 -68.65
N GLU B 197 -52.59 -79.60 -69.62
CA GLU B 197 -52.60 -80.26 -70.92
C GLU B 197 -51.28 -80.11 -71.65
N TRP B 198 -50.58 -78.99 -71.44
CA TRP B 198 -49.25 -78.88 -72.04
C TRP B 198 -48.21 -79.72 -71.29
N PHE B 199 -48.38 -79.92 -69.99
CA PHE B 199 -47.48 -80.80 -69.23
C PHE B 199 -47.61 -82.25 -69.65
N HIS B 200 -48.86 -82.71 -69.84
CA HIS B 200 -49.12 -84.14 -70.06
C HIS B 200 -48.54 -84.63 -71.38
N LEU B 201 -48.20 -83.74 -72.31
CA LEU B 201 -47.49 -84.15 -73.52
C LEU B 201 -46.08 -84.59 -73.20
N LEU B 202 -45.42 -83.91 -72.26
CA LEU B 202 -44.00 -84.12 -71.95
C LEU B 202 -43.73 -85.34 -71.08
N LYS B 203 -44.75 -86.15 -70.79
CA LYS B 203 -44.55 -87.31 -69.93
C LYS B 203 -43.78 -88.42 -70.62
N THR B 204 -43.75 -88.43 -71.95
CA THR B 204 -43.16 -89.53 -72.71
C THR B 204 -42.08 -89.03 -73.65
N LYS B 205 -41.14 -89.93 -73.94
CA LYS B 205 -40.12 -89.66 -74.96
C LYS B 205 -40.75 -89.47 -76.33
N ARG B 206 -41.83 -90.19 -76.62
CA ARG B 206 -42.55 -89.98 -77.87
C ARG B 206 -43.24 -88.62 -77.89
N GLY B 207 -43.82 -88.22 -76.77
CA GLY B 207 -44.49 -86.93 -76.70
C GLY B 207 -43.55 -85.76 -76.70
N CYS B 208 -42.29 -85.98 -76.35
CA CYS B 208 -41.28 -84.95 -76.56
C CYS B 208 -40.90 -84.84 -78.04
N ARG B 209 -40.54 -85.97 -78.66
CA ARG B 209 -40.08 -85.95 -80.06
C ARG B 209 -41.18 -85.48 -81.01
N LEU B 210 -42.43 -85.83 -80.72
CA LEU B 210 -43.55 -85.29 -81.50
C LEU B 210 -43.73 -83.79 -81.26
N LEU B 211 -43.45 -83.30 -80.06
CA LEU B 211 -43.51 -81.86 -79.80
C LEU B 211 -42.43 -81.13 -80.60
N LEU B 212 -41.24 -81.72 -80.69
CA LEU B 212 -40.17 -81.13 -81.49
C LEU B 212 -40.48 -81.19 -82.98
N LYS B 213 -41.09 -82.27 -83.45
CA LYS B 213 -41.47 -82.41 -84.86
C LYS B 213 -42.90 -81.90 -85.01
N SER B 214 -43.03 -80.59 -85.19
CA SER B 214 -44.35 -79.98 -85.27
C SER B 214 -44.27 -78.72 -86.11
N ARG B 215 -45.41 -78.34 -86.68
CA ARG B 215 -45.49 -77.09 -87.41
C ARG B 215 -45.75 -75.90 -86.49
N PHE B 216 -46.21 -76.16 -85.28
CA PHE B 216 -46.40 -75.12 -84.27
C PHE B 216 -45.07 -74.43 -83.96
N LEU B 217 -44.07 -75.22 -83.58
CA LEU B 217 -42.75 -74.69 -83.30
C LEU B 217 -42.03 -74.23 -84.55
N GLN B 218 -42.39 -74.75 -85.72
CA GLN B 218 -41.79 -74.22 -86.95
C GLN B 218 -42.29 -72.83 -87.28
N GLN B 219 -43.59 -72.58 -87.07
CA GLN B 219 -44.12 -71.23 -87.22
C GLN B 219 -43.52 -70.28 -86.21
N LEU B 220 -43.35 -70.74 -84.96
CA LEU B 220 -42.74 -69.88 -83.95
C LEU B 220 -41.26 -69.66 -84.21
N ARG B 221 -40.59 -70.61 -84.88
CA ARG B 221 -39.22 -70.39 -85.32
C ARG B 221 -39.14 -69.31 -86.39
N SER B 222 -40.04 -69.38 -87.38
CA SER B 222 -40.03 -68.40 -88.46
C SER B 222 -40.41 -67.00 -87.99
N SER B 223 -41.36 -66.89 -87.05
CA SER B 223 -41.74 -65.58 -86.54
C SER B 223 -40.60 -64.92 -85.77
N MET B 224 -39.86 -65.71 -84.97
CA MET B 224 -38.70 -65.18 -84.28
C MET B 224 -37.59 -64.80 -85.26
N GLN B 225 -37.44 -65.58 -86.34
CA GLN B 225 -36.46 -65.23 -87.36
C GLN B 225 -36.78 -63.88 -87.99
N GLU B 226 -38.04 -63.64 -88.33
CA GLU B 226 -38.43 -62.34 -88.89
C GLU B 226 -38.33 -61.21 -87.87
N GLU B 227 -38.65 -61.48 -86.60
CA GLU B 227 -38.50 -60.47 -85.55
C GLU B 227 -37.03 -60.08 -85.36
N ASP B 228 -36.14 -61.06 -85.38
CA ASP B 228 -34.72 -60.78 -85.27
C ASP B 228 -34.14 -60.12 -86.51
N LEU B 229 -34.74 -60.38 -87.69
CA LEU B 229 -34.41 -59.59 -88.87
C LEU B 229 -34.80 -58.13 -88.66
N GLU B 230 -35.99 -57.90 -88.10
CA GLU B 230 -36.49 -56.53 -87.95
C GLU B 230 -35.71 -55.76 -86.90
N ARG B 231 -35.26 -56.43 -85.84
CA ARG B 231 -34.50 -55.74 -84.80
C ARG B 231 -33.13 -55.27 -85.27
N THR B 232 -32.59 -55.86 -86.34
CA THR B 232 -31.28 -55.46 -86.83
C THR B 232 -31.30 -54.08 -87.47
N LYS B 233 -32.46 -53.59 -87.91
CA LYS B 233 -32.56 -52.33 -88.63
C LYS B 233 -32.33 -51.11 -87.74
N LYS B 234 -32.26 -51.31 -86.41
CA LYS B 234 -31.91 -50.21 -85.52
C LYS B 234 -30.49 -49.72 -85.76
N PHE B 235 -29.60 -50.60 -86.19
CA PHE B 235 -28.21 -50.27 -86.43
C PHE B 235 -27.95 -49.87 -87.88
N GLY B 236 -28.98 -49.41 -88.60
CA GLY B 236 -28.83 -49.06 -89.99
C GLY B 236 -28.54 -50.25 -90.89
N SER B 237 -29.19 -51.38 -90.61
CA SER B 237 -28.95 -52.61 -91.35
C SER B 237 -29.39 -52.49 -92.80
N GLU B 238 -30.57 -51.91 -93.04
CA GLU B 238 -31.11 -51.84 -94.38
C GLU B 238 -30.33 -50.90 -95.29
N LYS B 239 -29.55 -49.97 -94.72
CA LYS B 239 -28.71 -49.12 -95.54
C LYS B 239 -27.40 -49.79 -95.92
N VAL B 240 -26.98 -50.81 -95.17
CA VAL B 240 -25.82 -51.60 -95.58
C VAL B 240 -26.12 -52.38 -96.85
N CYS B 241 -27.38 -52.82 -97.02
CA CYS B 241 -27.77 -53.45 -98.28
C CYS B 241 -27.69 -52.48 -99.44
N LEU B 242 -28.11 -51.23 -99.24
CA LEU B 242 -27.99 -50.23 -100.31
C LEU B 242 -26.54 -49.97 -100.65
N GLY B 243 -25.68 -49.87 -99.63
CA GLY B 243 -24.27 -49.68 -99.87
C GLY B 243 -23.61 -50.87 -100.53
N SER B 244 -24.11 -52.08 -100.27
CA SER B 244 -23.61 -53.27 -100.94
C SER B 244 -24.05 -53.31 -102.40
N SER B 245 -25.33 -53.06 -102.65
CA SER B 245 -25.94 -53.27 -103.96
C SER B 245 -26.30 -51.93 -104.61
N PHE B 246 -25.45 -50.93 -104.43
CA PHE B 246 -25.72 -49.61 -104.99
C PHE B 246 -25.66 -49.59 -106.50
N ALA B 247 -24.90 -50.50 -107.12
CA ALA B 247 -24.77 -50.49 -108.57
C ALA B 247 -26.06 -50.90 -109.25
N GLU B 248 -26.67 -52.00 -108.78
CA GLU B 248 -27.87 -52.50 -109.43
C GLU B 248 -29.08 -51.61 -109.14
N HIS B 249 -29.12 -50.95 -107.99
CA HIS B 249 -30.23 -50.07 -107.70
C HIS B 249 -30.16 -48.81 -108.55
N LYS B 250 -28.96 -48.44 -108.99
CA LYS B 250 -28.85 -47.40 -110.00
C LYS B 250 -29.20 -47.92 -111.39
N ARG B 251 -28.82 -49.17 -111.71
CA ARG B 251 -29.14 -49.70 -113.03
C ARG B 251 -30.63 -49.95 -113.22
N MET B 252 -31.38 -50.16 -112.14
CA MET B 252 -32.83 -50.34 -112.27
C MET B 252 -33.51 -49.06 -112.74
N LYS B 253 -33.21 -47.94 -112.08
CA LYS B 253 -33.72 -46.65 -112.52
C LYS B 253 -33.14 -46.24 -113.87
N ARG B 254 -31.90 -46.66 -114.15
CA ARG B 254 -31.30 -46.40 -115.45
C ARG B 254 -32.09 -47.09 -116.56
N ASN B 255 -32.44 -48.36 -116.36
CA ASN B 255 -33.24 -49.09 -117.33
C ASN B 255 -34.63 -48.50 -117.48
N LEU B 256 -35.25 -48.10 -116.37
CA LEU B 256 -36.59 -47.49 -116.45
C LEU B 256 -36.56 -46.18 -117.22
N LEU B 257 -35.53 -45.35 -117.00
CA LEU B 257 -35.48 -44.06 -117.70
C LEU B 257 -35.11 -44.23 -119.17
N LYS B 258 -34.19 -45.15 -119.47
CA LYS B 258 -33.86 -45.41 -120.86
C LYS B 258 -35.06 -45.96 -121.62
N SER B 259 -35.83 -46.84 -120.99
CA SER B 259 -37.08 -47.31 -121.59
C SER B 259 -38.09 -46.18 -121.74
N LEU B 260 -38.22 -45.33 -120.71
CA LEU B 260 -39.18 -44.24 -120.73
C LEU B 260 -38.82 -43.17 -121.75
N PHE B 261 -37.58 -43.12 -122.20
CA PHE B 261 -37.25 -42.27 -123.33
C PHE B 261 -37.38 -42.97 -124.67
N LEU B 262 -36.84 -44.18 -124.80
CA LEU B 262 -36.79 -44.87 -126.10
C LEU B 262 -38.19 -45.31 -126.55
N SER B 263 -38.94 -45.96 -125.67
CA SER B 263 -40.26 -46.47 -126.04
C SER B 263 -41.35 -45.42 -125.92
N LYS B 264 -41.01 -44.17 -125.57
CA LYS B 264 -41.95 -43.08 -125.63
C LYS B 264 -41.69 -42.11 -126.77
N ARG B 265 -40.44 -41.99 -127.24
CA ARG B 265 -40.22 -41.20 -128.44
C ARG B 265 -40.72 -41.90 -129.70
N ARG B 266 -40.98 -43.19 -129.63
CA ARG B 266 -41.46 -43.95 -130.79
C ARG B 266 -42.85 -44.52 -130.54
N PRO B 280 -47.10 -50.18 -122.02
CA PRO B 280 -47.11 -49.67 -120.64
C PRO B 280 -47.18 -50.79 -119.60
N ILE B 281 -47.31 -52.04 -120.05
CA ILE B 281 -47.22 -53.16 -119.13
C ILE B 281 -45.81 -53.28 -118.59
N VAL B 282 -44.80 -53.10 -119.44
CA VAL B 282 -43.42 -53.04 -118.97
C VAL B 282 -43.19 -51.84 -118.07
N TYR B 283 -43.90 -50.73 -118.32
CA TYR B 283 -43.84 -49.57 -117.45
C TYR B 283 -44.36 -49.90 -116.07
N ASN B 284 -45.51 -50.55 -115.99
CA ASN B 284 -46.08 -50.94 -114.70
C ASN B 284 -45.26 -52.00 -113.99
N SER B 285 -44.67 -52.96 -114.72
CA SER B 285 -43.81 -53.94 -114.09
C SER B 285 -42.56 -53.31 -113.51
N SER B 286 -41.90 -52.42 -114.27
CA SER B 286 -40.70 -51.77 -113.77
C SER B 286 -41.02 -50.79 -112.64
N LEU B 287 -42.19 -50.13 -112.68
CA LEU B 287 -42.60 -49.27 -111.57
C LEU B 287 -42.87 -50.09 -110.32
N SER B 288 -43.50 -51.26 -110.45
CA SER B 288 -43.73 -52.12 -109.30
C SER B 288 -42.41 -52.64 -108.72
N LEU B 289 -41.46 -53.00 -109.60
CA LEU B 289 -40.16 -53.47 -109.13
C LEU B 289 -39.41 -52.36 -108.40
N TYR B 290 -39.40 -51.15 -108.98
CA TYR B 290 -38.75 -50.02 -108.33
C TYR B 290 -39.40 -49.70 -106.99
N SER B 291 -40.74 -49.72 -106.93
CA SER B 291 -41.44 -49.44 -105.69
C SER B 291 -41.16 -50.48 -104.62
N ASN B 292 -41.14 -51.76 -104.98
CA ASN B 292 -40.81 -52.81 -104.01
C ASN B 292 -39.38 -52.66 -103.49
N SER B 293 -38.42 -52.41 -104.38
CA SER B 293 -37.04 -52.27 -103.94
C SER B 293 -36.84 -51.04 -103.07
N THR B 294 -37.35 -49.87 -103.48
CA THR B 294 -37.16 -48.67 -102.69
C THR B 294 -38.03 -48.64 -101.45
N TYR B 295 -39.01 -49.54 -101.33
CA TYR B 295 -39.72 -49.68 -100.07
C TYR B 295 -38.91 -50.53 -99.11
N CYS B 296 -38.41 -51.68 -99.58
CA CYS B 296 -37.67 -52.57 -98.71
C CYS B 296 -36.31 -52.00 -98.31
N PHE B 297 -35.74 -51.11 -99.12
CA PHE B 297 -34.44 -50.51 -98.83
C PHE B 297 -34.51 -49.23 -98.02
N ALA B 298 -35.70 -48.66 -97.81
CA ALA B 298 -35.78 -47.38 -97.15
C ALA B 298 -36.92 -47.30 -96.15
N SER B 299 -37.58 -48.40 -95.83
CA SER B 299 -38.51 -48.38 -94.71
C SER B 299 -37.72 -48.22 -93.40
N PRO B 300 -38.17 -47.38 -92.49
CA PRO B 300 -37.46 -47.22 -91.21
C PRO B 300 -37.72 -48.40 -90.28
N HIS B 301 -36.99 -48.40 -89.18
CA HIS B 301 -37.13 -49.45 -88.18
C HIS B 301 -38.46 -49.29 -87.44
N LYS B 302 -39.24 -50.37 -87.40
CA LYS B 302 -40.52 -50.36 -86.72
C LYS B 302 -40.38 -50.97 -85.34
N LEU B 303 -40.94 -50.27 -84.35
CA LEU B 303 -40.88 -50.70 -82.96
C LEU B 303 -42.28 -51.00 -82.48
N THR B 304 -42.45 -52.14 -81.80
CA THR B 304 -43.74 -52.59 -81.31
C THR B 304 -43.83 -52.44 -79.80
N MET B 305 -45.06 -52.44 -79.30
CA MET B 305 -45.27 -52.48 -77.85
C MET B 305 -44.86 -53.82 -77.27
N LYS B 306 -45.03 -54.90 -78.03
CA LYS B 306 -44.72 -56.24 -77.56
C LYS B 306 -43.22 -56.39 -77.35
N ARG B 307 -42.84 -56.76 -76.14
CA ARG B 307 -41.42 -56.81 -75.78
C ARG B 307 -40.77 -58.06 -76.34
N ARG B 308 -39.46 -57.99 -76.54
CA ARG B 308 -38.69 -59.17 -76.90
C ARG B 308 -38.51 -60.06 -75.68
N ILE B 309 -38.44 -61.36 -75.91
CA ILE B 309 -38.45 -62.31 -74.80
C ILE B 309 -37.02 -62.63 -74.39
N LYS B 310 -36.80 -62.72 -73.08
CA LYS B 310 -35.48 -63.01 -72.56
C LYS B 310 -35.16 -64.48 -72.81
N ARG B 311 -34.22 -64.73 -73.72
CA ARG B 311 -33.81 -66.09 -74.02
C ARG B 311 -32.73 -66.55 -73.04
N ILE B 312 -32.47 -67.85 -73.08
CA ILE B 312 -31.50 -68.50 -72.20
C ILE B 312 -30.18 -68.62 -72.94
N GLU B 313 -29.10 -68.19 -72.30
CA GLU B 313 -27.81 -68.05 -72.96
C GLU B 313 -26.95 -69.29 -72.77
N LEU B 314 -26.29 -69.70 -73.85
CA LEU B 314 -25.31 -70.78 -73.83
C LEU B 314 -23.91 -70.21 -73.81
N PRO B 315 -23.07 -70.55 -72.83
CA PRO B 315 -21.74 -69.95 -72.71
C PRO B 315 -20.68 -70.66 -73.55
N THR B 316 -20.83 -70.60 -74.87
CA THR B 316 -19.97 -71.38 -75.75
C THR B 316 -18.64 -70.71 -76.05
N HIS B 317 -18.33 -69.58 -75.43
CA HIS B 317 -17.06 -68.93 -75.74
C HIS B 317 -15.90 -69.49 -74.92
N TYR B 318 -16.17 -70.13 -73.77
CA TYR B 318 -15.08 -70.68 -72.99
C TYR B 318 -15.39 -72.03 -72.33
N LEU B 319 -16.57 -72.59 -72.55
CA LEU B 319 -16.93 -73.89 -71.98
C LEU B 319 -17.45 -74.80 -73.07
N GLU B 320 -17.19 -76.11 -72.94
CA GLU B 320 -17.66 -77.09 -73.92
C GLU B 320 -18.37 -78.22 -73.18
N VAL B 321 -19.61 -78.51 -73.56
CA VAL B 321 -20.50 -79.37 -72.80
C VAL B 321 -20.94 -80.55 -73.66
N ASN B 322 -20.93 -81.75 -73.06
CA ASN B 322 -21.63 -82.91 -73.60
C ASN B 322 -22.75 -83.23 -72.60
N TYR B 323 -23.99 -82.97 -73.00
CA TYR B 323 -25.13 -82.99 -72.08
C TYR B 323 -25.63 -84.38 -71.77
N ARG B 324 -25.10 -85.43 -72.42
CA ARG B 324 -25.61 -86.77 -72.18
C ARG B 324 -25.21 -87.30 -70.81
N THR B 325 -23.94 -87.14 -70.44
CA THR B 325 -23.43 -87.77 -69.23
C THR B 325 -23.88 -87.08 -67.93
N PRO B 326 -23.74 -85.74 -67.73
CA PRO B 326 -23.13 -84.65 -68.53
C PRO B 326 -21.69 -84.35 -68.13
N LYS B 327 -20.92 -83.75 -69.03
CA LYS B 327 -19.53 -83.41 -68.75
C LYS B 327 -19.21 -82.07 -69.39
N ALA B 328 -18.25 -81.35 -68.80
CA ALA B 328 -17.82 -80.09 -69.37
C ALA B 328 -16.31 -79.98 -69.31
N VAL B 329 -15.75 -79.21 -70.24
CA VAL B 329 -14.32 -78.91 -70.28
C VAL B 329 -14.16 -77.42 -70.52
N VAL B 330 -13.33 -76.77 -69.71
CA VAL B 330 -13.03 -75.35 -69.89
C VAL B 330 -11.94 -75.22 -70.95
N PHE B 331 -12.05 -74.22 -71.83
CA PHE B 331 -10.99 -74.05 -72.83
C PHE B 331 -10.60 -72.61 -73.12
N TYR B 332 -11.12 -71.62 -72.39
CA TYR B 332 -10.78 -70.21 -72.63
C TYR B 332 -11.18 -69.43 -71.39
N GLY B 333 -10.93 -68.12 -71.43
CA GLY B 333 -11.33 -67.23 -70.36
C GLY B 333 -12.66 -66.59 -70.66
N PRO B 334 -13.26 -65.94 -69.68
CA PRO B 334 -14.58 -65.34 -69.84
C PRO B 334 -14.50 -64.03 -70.63
N ASN B 335 -15.67 -63.44 -70.84
CA ASN B 335 -15.78 -62.12 -71.44
C ASN B 335 -16.68 -61.27 -70.55
N ILE B 336 -16.30 -59.99 -70.39
CA ILE B 336 -17.02 -59.08 -69.52
C ILE B 336 -18.42 -58.76 -70.08
N GLY B 337 -18.62 -58.85 -71.39
CA GLY B 337 -19.87 -58.45 -71.99
C GLY B 337 -20.85 -59.58 -72.16
N HIS B 338 -20.43 -60.80 -71.85
CA HIS B 338 -21.27 -61.98 -72.02
C HIS B 338 -21.73 -62.57 -70.71
N ILE B 339 -21.66 -61.79 -69.63
CA ILE B 339 -22.23 -62.21 -68.35
C ILE B 339 -23.74 -62.00 -68.43
N PRO B 340 -24.53 -63.03 -68.18
CA PRO B 340 -25.99 -62.88 -68.31
C PRO B 340 -26.62 -62.15 -67.13
N HIS B 341 -26.44 -60.83 -67.10
CA HIS B 341 -27.06 -59.99 -66.10
C HIS B 341 -28.16 -59.13 -66.74
N ASP B 342 -29.12 -58.74 -65.93
CA ASP B 342 -30.24 -57.91 -66.37
C ASP B 342 -30.10 -56.47 -65.90
N ILE B 343 -28.89 -55.91 -65.97
CA ILE B 343 -28.62 -54.53 -65.62
C ILE B 343 -28.36 -53.75 -66.90
N ARG B 344 -28.83 -52.51 -66.95
CA ARG B 344 -28.55 -51.63 -68.07
C ARG B 344 -27.06 -51.31 -68.18
N LEU B 345 -26.61 -51.11 -69.41
CA LEU B 345 -25.22 -50.76 -69.66
C LEU B 345 -24.88 -49.39 -69.08
N LYS B 346 -25.83 -48.46 -69.11
CA LYS B 346 -25.59 -47.13 -68.56
C LYS B 346 -25.36 -47.18 -67.06
N ASP B 347 -26.08 -48.05 -66.36
CA ASP B 347 -25.88 -48.21 -64.92
C ASP B 347 -24.62 -49.01 -64.61
N LEU B 348 -24.33 -50.03 -65.42
CA LEU B 348 -23.18 -50.87 -65.12
C LEU B 348 -21.86 -50.19 -65.48
N ASN B 349 -21.87 -49.24 -66.41
CA ASN B 349 -20.65 -48.53 -66.74
C ASN B 349 -20.22 -47.55 -65.67
N LEU B 350 -21.04 -47.33 -64.64
CA LEU B 350 -20.59 -46.63 -63.45
C LEU B 350 -19.70 -47.49 -62.58
N LEU B 351 -19.62 -48.80 -62.83
CA LEU B 351 -18.71 -49.69 -62.14
C LEU B 351 -17.64 -50.27 -63.03
N LEU B 352 -17.98 -50.70 -64.24
CA LEU B 352 -17.00 -51.33 -65.09
C LEU B 352 -16.02 -50.32 -65.67
N TRP B 353 -16.52 -49.14 -66.04
CA TRP B 353 -15.75 -48.09 -66.73
C TRP B 353 -15.07 -48.64 -67.98
N SER B 354 -15.84 -49.37 -68.78
CA SER B 354 -15.30 -50.09 -69.92
C SER B 354 -15.57 -49.35 -71.21
N ARG B 355 -14.61 -49.41 -72.12
CA ARG B 355 -14.77 -48.87 -73.48
C ARG B 355 -15.49 -49.92 -74.30
N ASN B 356 -16.82 -49.88 -74.25
CA ASN B 356 -17.64 -50.91 -74.89
C ASN B 356 -17.75 -50.68 -76.39
N GLY B 357 -17.71 -51.76 -77.15
CA GLY B 357 -17.92 -51.67 -78.58
C GLY B 357 -16.86 -52.40 -79.41
N ARG B 358 -15.68 -52.61 -78.84
CA ARG B 358 -14.57 -53.21 -79.57
C ARG B 358 -14.55 -54.72 -79.50
N GLY B 359 -15.30 -55.32 -78.58
CA GLY B 359 -15.28 -56.76 -78.41
C GLY B 359 -14.16 -57.30 -77.55
N GLN B 360 -13.32 -56.44 -76.99
CA GLN B 360 -12.23 -56.87 -76.13
C GLN B 360 -12.64 -56.76 -74.66
N ASN B 361 -11.80 -57.32 -73.79
CA ASN B 361 -12.04 -57.31 -72.35
C ASN B 361 -11.58 -56.01 -71.69
N ILE B 362 -12.01 -54.88 -72.23
CA ILE B 362 -11.55 -53.59 -71.74
C ILE B 362 -12.71 -52.79 -71.19
N THR C 57 -51.10 -63.36 -83.91
CA THR C 57 -51.37 -64.03 -82.64
C THR C 57 -52.21 -65.27 -82.85
N ILE C 58 -52.36 -66.05 -81.78
CA ILE C 58 -53.02 -67.36 -81.81
C ILE C 58 -54.18 -67.32 -80.83
N SER C 59 -55.36 -67.73 -81.30
CA SER C 59 -56.53 -67.78 -80.44
C SER C 59 -56.35 -68.84 -79.35
N PRO C 60 -56.97 -68.65 -78.18
CA PRO C 60 -56.95 -69.71 -77.16
C PRO C 60 -57.55 -71.01 -77.65
N ALA C 61 -58.58 -70.95 -78.50
CA ALA C 61 -59.13 -72.15 -79.09
C ALA C 61 -58.13 -72.85 -80.00
N GLU C 62 -57.36 -72.08 -80.77
CA GLU C 62 -56.32 -72.67 -81.60
C GLU C 62 -55.20 -73.29 -80.78
N ALA C 63 -54.82 -72.62 -79.68
CA ALA C 63 -53.81 -73.17 -78.78
C ALA C 63 -54.31 -74.42 -78.06
N ASP C 64 -55.61 -74.52 -77.79
CA ASP C 64 -56.15 -75.77 -77.26
C ASP C 64 -56.18 -76.85 -78.33
N ARG C 65 -56.52 -76.46 -79.56
CA ARG C 65 -56.60 -77.40 -80.67
C ARG C 65 -55.27 -78.07 -80.90
N VAL C 66 -54.19 -77.31 -80.89
CA VAL C 66 -52.90 -77.90 -81.21
C VAL C 66 -52.47 -78.90 -80.12
N VAL C 67 -52.65 -78.60 -78.83
CA VAL C 67 -52.20 -79.54 -77.81
C VAL C 67 -53.10 -80.79 -77.75
N ARG C 68 -54.42 -80.63 -77.97
CA ARG C 68 -55.28 -81.81 -78.06
C ARG C 68 -54.93 -82.68 -79.27
N ASP C 69 -54.63 -82.05 -80.41
CA ASP C 69 -54.21 -82.78 -81.59
C ASP C 69 -52.90 -83.52 -81.36
N LEU C 70 -51.97 -82.91 -80.63
CA LEU C 70 -50.70 -83.57 -80.38
C LEU C 70 -50.82 -84.76 -79.43
N LEU C 71 -51.70 -84.66 -78.42
CA LEU C 71 -51.96 -85.84 -77.59
C LEU C 71 -52.64 -86.95 -78.38
N ALA C 72 -53.62 -86.59 -79.21
CA ALA C 72 -54.26 -87.59 -80.06
C ALA C 72 -53.27 -88.19 -81.06
N GLU C 73 -52.30 -87.40 -81.51
CA GLU C 73 -51.32 -87.89 -82.47
C GLU C 73 -50.37 -88.88 -81.81
N VAL C 74 -49.91 -88.61 -80.59
CA VAL C 74 -49.05 -89.58 -79.93
C VAL C 74 -49.82 -90.84 -79.58
N GLU C 75 -51.11 -90.73 -79.24
CA GLU C 75 -51.90 -91.94 -79.00
C GLU C 75 -52.10 -92.76 -80.26
N LYS C 76 -52.38 -92.10 -81.40
CA LYS C 76 -52.58 -92.84 -82.63
C LYS C 76 -51.27 -93.43 -83.15
N GLU C 77 -50.14 -92.78 -82.90
CA GLU C 77 -48.85 -93.35 -83.28
C GLU C 77 -48.50 -94.55 -82.43
N LYS C 78 -48.85 -94.50 -81.13
CA LYS C 78 -48.70 -95.68 -80.28
C LYS C 78 -49.59 -96.82 -80.78
N GLN C 79 -50.83 -96.52 -81.15
CA GLN C 79 -51.75 -97.56 -81.62
C GLN C 79 -51.27 -98.19 -82.92
N ARG C 80 -50.84 -97.37 -83.88
CA ARG C 80 -50.38 -97.90 -85.15
C ARG C 80 -49.06 -98.66 -85.02
N GLU C 81 -48.16 -98.23 -84.14
CA GLU C 81 -46.92 -98.97 -83.93
C GLU C 81 -47.15 -100.28 -83.18
N ARG C 82 -48.08 -100.28 -82.21
CA ARG C 82 -48.44 -101.52 -81.54
C ARG C 82 -49.04 -102.51 -82.51
N GLU C 83 -49.92 -102.06 -83.40
CA GLU C 83 -50.50 -102.96 -84.39
C GLU C 83 -49.46 -103.44 -85.40
N GLU C 84 -48.54 -102.58 -85.82
CA GLU C 84 -47.50 -102.99 -86.77
C GLU C 84 -46.57 -104.03 -86.15
N ARG C 85 -46.23 -103.87 -84.87
CA ARG C 85 -45.41 -104.88 -84.22
C ARG C 85 -46.18 -106.16 -83.93
N GLN C 86 -47.47 -106.05 -83.59
CA GLN C 86 -48.30 -107.22 -83.32
C GLN C 86 -48.51 -108.06 -84.58
N ARG C 87 -48.57 -107.42 -85.75
CA ARG C 87 -48.73 -108.15 -86.99
C ARG C 87 -47.50 -108.95 -87.40
N GLN C 88 -46.34 -108.70 -86.78
CA GLN C 88 -45.11 -109.42 -87.10
C GLN C 88 -44.64 -110.27 -85.92
N GLY C 89 -45.55 -110.70 -85.08
CA GLY C 89 -45.18 -111.33 -83.81
C GLY C 89 -45.03 -110.29 -82.73
N LEU C 90 -43.86 -110.26 -82.08
CA LEU C 90 -43.30 -109.10 -81.38
C LEU C 90 -44.26 -108.53 -80.33
N ASP C 91 -44.44 -109.33 -79.28
CA ASP C 91 -45.31 -108.96 -78.16
C ASP C 91 -44.90 -107.62 -77.56
N CYS C 92 -45.90 -106.81 -77.23
CA CYS C 92 -45.77 -105.37 -77.02
C CYS C 92 -45.76 -104.99 -75.55
N LYS C 93 -45.05 -105.73 -74.70
CA LYS C 93 -44.83 -105.29 -73.33
C LYS C 93 -43.93 -104.07 -73.23
N ASP C 94 -43.26 -103.68 -74.31
CA ASP C 94 -42.52 -102.43 -74.33
C ASP C 94 -43.34 -101.27 -74.89
N ILE C 95 -44.52 -101.55 -75.43
CA ILE C 95 -45.46 -100.49 -75.82
C ILE C 95 -46.51 -100.28 -74.75
N ASP C 96 -47.10 -101.37 -74.25
CA ASP C 96 -47.96 -101.30 -73.08
C ASP C 96 -47.12 -101.24 -71.82
N ASP C 97 -47.68 -100.61 -70.78
CA ASP C 97 -47.14 -100.32 -69.44
C ASP C 97 -45.71 -99.78 -69.44
N GLU C 98 -45.28 -99.18 -70.56
CA GLU C 98 -44.01 -98.47 -70.64
C GLU C 98 -44.14 -97.14 -71.36
N ASP C 99 -45.21 -96.94 -72.15
CA ASP C 99 -45.40 -95.71 -72.90
C ASP C 99 -46.68 -94.98 -72.50
N GLU C 100 -47.41 -95.47 -71.50
CA GLU C 100 -48.71 -94.92 -71.15
C GLU C 100 -48.77 -94.43 -69.72
N ASP C 101 -48.31 -95.22 -68.76
CA ASP C 101 -48.51 -94.93 -67.34
C ASP C 101 -47.22 -94.62 -66.61
N GLU C 102 -46.23 -95.52 -66.67
CA GLU C 102 -45.08 -95.47 -65.78
C GLU C 102 -43.80 -95.09 -66.52
N GLU C 103 -43.90 -94.17 -67.48
CA GLU C 103 -42.70 -93.71 -68.18
C GLU C 103 -41.93 -92.71 -67.33
N ASP C 104 -42.56 -91.57 -67.01
CA ASP C 104 -42.02 -90.53 -66.12
C ASP C 104 -40.64 -90.05 -66.57
N TYR C 105 -40.60 -89.55 -67.80
CA TYR C 105 -39.34 -89.21 -68.45
C TYR C 105 -38.73 -87.90 -67.95
N LEU C 106 -39.53 -87.04 -67.32
CA LEU C 106 -39.04 -85.77 -66.81
C LEU C 106 -39.08 -85.65 -65.30
N GLY C 107 -40.02 -86.33 -64.65
CA GLY C 107 -40.32 -86.01 -63.27
C GLY C 107 -41.35 -84.91 -63.17
N ILE C 108 -42.42 -84.99 -63.96
CA ILE C 108 -43.45 -83.96 -64.02
C ILE C 108 -44.65 -84.29 -63.13
N GLU C 109 -44.78 -85.55 -62.70
CA GLU C 109 -45.94 -85.98 -61.91
C GLU C 109 -46.14 -85.23 -60.58
N PRO C 110 -45.11 -84.91 -59.77
CA PRO C 110 -45.37 -84.04 -58.61
C PRO C 110 -45.93 -82.68 -58.99
N PHE C 111 -45.45 -82.09 -60.09
CA PHE C 111 -45.99 -80.82 -60.55
C PHE C 111 -47.43 -80.99 -61.04
N ILE C 112 -47.75 -82.14 -61.63
CA ILE C 112 -49.11 -82.43 -62.06
C ILE C 112 -50.04 -82.47 -60.86
N GLU C 113 -49.67 -83.23 -59.82
CA GLU C 113 -50.51 -83.35 -58.64
C GLU C 113 -50.64 -82.02 -57.91
N LYS C 114 -49.58 -81.20 -57.92
CA LYS C 114 -49.66 -79.88 -57.30
C LYS C 114 -50.59 -78.96 -58.07
N LEU C 115 -50.39 -78.85 -59.39
CA LEU C 115 -51.13 -77.87 -60.19
C LEU C 115 -52.60 -78.24 -60.33
N LYS C 116 -52.89 -79.54 -60.40
CA LYS C 116 -54.28 -79.98 -60.54
C LYS C 116 -55.10 -79.61 -59.32
N LYS C 117 -54.51 -79.72 -58.12
CA LYS C 117 -55.21 -79.29 -56.91
C LYS C 117 -55.22 -77.78 -56.79
N GLN C 118 -54.15 -77.11 -57.22
CA GLN C 118 -54.08 -75.66 -57.10
C GLN C 118 -55.01 -74.93 -58.06
N ASN C 119 -55.39 -75.56 -59.17
CA ASN C 119 -56.15 -74.87 -60.20
C ASN C 119 -57.59 -74.59 -59.80
N LEU C 120 -58.07 -75.13 -58.68
CA LEU C 120 -59.46 -74.97 -58.28
C LEU C 120 -59.62 -74.32 -56.91
N LYS C 121 -58.52 -73.89 -56.28
CA LYS C 121 -58.55 -73.51 -54.87
C LYS C 121 -59.39 -72.26 -54.64
N ASP C 122 -59.28 -71.28 -55.52
CA ASP C 122 -59.99 -70.03 -55.38
C ASP C 122 -60.68 -69.68 -56.70
N ASP C 123 -61.39 -68.55 -56.68
CA ASP C 123 -62.19 -68.12 -57.83
C ASP C 123 -61.94 -66.64 -58.07
N GLY C 124 -62.53 -66.13 -59.16
CA GLY C 124 -62.42 -64.73 -59.51
C GLY C 124 -62.81 -64.44 -60.94
N GLU C 125 -62.02 -63.63 -61.63
CA GLU C 125 -62.21 -63.34 -63.04
C GLU C 125 -61.25 -64.19 -63.85
N LEU C 126 -61.78 -65.16 -64.60
CA LEU C 126 -60.94 -66.08 -65.35
C LEU C 126 -60.31 -65.43 -66.57
N ASN C 127 -60.76 -64.24 -66.95
CA ASN C 127 -60.28 -63.55 -68.13
C ASN C 127 -59.46 -62.32 -67.79
N ARG C 128 -59.20 -62.08 -66.50
CA ARG C 128 -58.58 -60.85 -66.05
C ARG C 128 -57.11 -60.80 -66.45
N ARG C 129 -56.71 -59.66 -67.02
CA ARG C 129 -55.31 -59.43 -67.34
C ARG C 129 -54.53 -59.18 -66.05
N GLU C 130 -53.42 -59.87 -65.89
CA GLU C 130 -52.57 -59.72 -64.72
C GLU C 130 -51.16 -59.33 -65.16
N GLU C 131 -50.36 -58.92 -64.20
CA GLU C 131 -49.02 -58.44 -64.45
C GLU C 131 -48.10 -59.59 -64.91
N SER C 132 -47.19 -59.26 -65.81
CA SER C 132 -46.27 -60.24 -66.38
C SER C 132 -45.20 -60.65 -65.36
N SER C 133 -44.85 -61.94 -65.38
CA SER C 133 -43.89 -62.46 -64.43
C SER C 133 -42.47 -62.10 -64.82
N ASP C 134 -42.03 -62.53 -66.00
CA ASP C 134 -40.70 -62.17 -66.52
C ASP C 134 -40.74 -60.81 -67.20
N SER C 135 -41.18 -59.83 -66.44
CA SER C 135 -41.34 -58.47 -66.93
C SER C 135 -40.04 -57.70 -66.71
N ASP C 136 -40.11 -56.37 -66.70
CA ASP C 136 -38.97 -55.45 -66.59
C ASP C 136 -38.04 -55.59 -67.79
N SER C 137 -38.57 -55.23 -68.95
CA SER C 137 -37.70 -54.99 -70.10
C SER C 137 -36.79 -53.79 -69.85
N GLU C 138 -37.30 -52.74 -69.20
CA GLU C 138 -36.61 -51.57 -68.66
C GLU C 138 -36.04 -50.64 -69.72
N LEU C 139 -36.11 -50.99 -71.00
CA LEU C 139 -35.76 -50.07 -72.08
C LEU C 139 -36.99 -49.65 -72.87
N ASP C 140 -38.11 -50.33 -72.70
CA ASP C 140 -39.31 -50.13 -73.49
C ASP C 140 -40.13 -48.93 -73.03
N GLU C 141 -39.52 -47.98 -72.33
CA GLU C 141 -40.22 -46.81 -71.83
C GLU C 141 -39.96 -45.63 -72.76
N VAL C 142 -40.48 -45.77 -73.99
CA VAL C 142 -40.18 -44.85 -75.08
C VAL C 142 -41.43 -44.04 -75.39
N ASP C 143 -41.23 -42.74 -75.65
CA ASP C 143 -42.33 -41.88 -76.06
C ASP C 143 -42.82 -42.34 -77.43
N TRP C 144 -44.02 -42.90 -77.46
CA TRP C 144 -44.53 -43.53 -78.66
C TRP C 144 -45.03 -42.54 -79.70
N ASP C 145 -45.11 -41.25 -79.37
CA ASP C 145 -45.65 -40.28 -80.32
C ASP C 145 -44.73 -40.06 -81.50
N GLU C 146 -43.41 -39.99 -81.26
CA GLU C 146 -42.48 -39.88 -82.36
C GLU C 146 -42.49 -41.14 -83.22
N GLU C 147 -42.65 -42.31 -82.60
CA GLU C 147 -42.74 -43.56 -83.33
C GLU C 147 -43.98 -43.59 -84.21
N ARG C 148 -45.11 -43.14 -83.70
CA ARG C 148 -46.32 -43.11 -84.51
C ARG C 148 -46.43 -41.89 -85.40
N LYS C 149 -45.47 -40.97 -85.34
CA LYS C 149 -45.39 -39.88 -86.30
C LYS C 149 -44.46 -40.17 -87.47
N LYS C 150 -43.30 -40.78 -87.21
CA LYS C 150 -42.35 -41.07 -88.27
C LYS C 150 -42.88 -42.10 -89.27
N GLU C 151 -43.76 -43.01 -88.84
CA GLU C 151 -44.31 -44.00 -89.75
C GLU C 151 -45.19 -43.35 -90.82
N ASP C 152 -46.04 -42.40 -90.44
CA ASP C 152 -46.85 -41.74 -91.45
C ASP C 152 -46.09 -40.65 -92.20
N MET C 153 -45.03 -40.11 -91.61
CA MET C 153 -44.15 -39.26 -92.41
C MET C 153 -43.51 -40.04 -93.55
N PHE C 154 -42.99 -41.23 -93.25
CA PHE C 154 -42.44 -42.09 -94.30
C PHE C 154 -43.52 -42.56 -95.28
N ASN C 155 -44.72 -42.85 -94.78
CA ASN C 155 -45.82 -43.26 -95.64
C ASN C 155 -46.20 -42.15 -96.62
N LYS C 156 -46.27 -40.91 -96.13
CA LYS C 156 -46.56 -39.77 -97.00
C LYS C 156 -45.46 -39.56 -98.05
N LYS C 157 -44.19 -39.69 -97.64
CA LYS C 157 -43.10 -39.53 -98.59
C LYS C 157 -43.13 -40.63 -99.66
N PHE C 158 -43.42 -41.86 -99.27
CA PHE C 158 -43.50 -42.96 -100.22
C PHE C 158 -44.67 -42.79 -101.18
N GLN C 159 -45.81 -42.30 -100.67
CA GLN C 159 -46.96 -42.03 -101.53
C GLN C 159 -46.65 -40.93 -102.53
N ARG C 160 -45.94 -39.88 -102.09
CA ARG C 160 -45.52 -38.82 -103.01
C ARG C 160 -44.57 -39.35 -104.08
N HIS C 161 -43.65 -40.23 -103.70
CA HIS C 161 -42.78 -40.88 -104.67
C HIS C 161 -43.57 -41.68 -105.69
N LYS C 162 -44.60 -42.39 -105.24
CA LYS C 162 -45.46 -43.14 -106.14
C LYS C 162 -46.22 -42.24 -107.11
N GLU C 163 -46.73 -41.11 -106.63
CA GLU C 163 -47.42 -40.17 -107.52
C GLU C 163 -46.47 -39.55 -108.54
N LEU C 164 -45.23 -39.28 -108.15
CA LEU C 164 -44.25 -38.81 -109.13
C LEU C 164 -43.95 -39.87 -110.18
N LEU C 165 -43.87 -41.14 -109.76
CA LEU C 165 -43.69 -42.23 -110.73
C LEU C 165 -44.89 -42.32 -111.68
N GLN C 166 -46.11 -42.19 -111.16
CA GLN C 166 -47.29 -42.30 -112.00
C GLN C 166 -47.53 -41.06 -112.85
N THR C 167 -46.92 -39.94 -112.52
CA THR C 167 -46.92 -38.81 -113.45
C THR C 167 -45.87 -38.98 -114.54
N LEU C 168 -44.70 -39.51 -114.18
CA LEU C 168 -43.65 -39.76 -115.16
C LEU C 168 -44.07 -40.80 -116.19
N THR C 169 -44.86 -41.80 -115.79
CA THR C 169 -45.34 -42.75 -116.79
C THR C 169 -46.45 -42.18 -117.67
N LYS C 170 -47.14 -41.13 -117.22
CA LYS C 170 -48.26 -40.56 -117.95
C LYS C 170 -47.89 -39.30 -118.72
N SER C 171 -46.64 -38.87 -118.66
CA SER C 171 -46.25 -37.71 -119.45
C SER C 171 -46.24 -38.07 -120.94
N GLU C 172 -46.26 -37.02 -121.78
CA GLU C 172 -46.38 -37.18 -123.22
C GLU C 172 -45.30 -36.48 -124.02
N THR C 173 -44.72 -35.39 -123.51
CA THR C 173 -43.64 -34.68 -124.16
C THR C 173 -42.33 -35.09 -123.50
N LEU C 174 -41.27 -35.21 -124.31
CA LEU C 174 -40.00 -35.61 -123.72
C LEU C 174 -39.35 -34.46 -122.97
N ASP C 175 -39.64 -33.22 -123.37
CA ASP C 175 -39.24 -32.08 -122.56
C ASP C 175 -39.95 -32.09 -121.21
N GLU C 176 -41.24 -32.40 -121.20
CA GLU C 176 -41.97 -32.53 -119.95
C GLU C 176 -41.46 -33.70 -119.13
N ALA C 177 -41.07 -34.80 -119.79
CA ALA C 177 -40.49 -35.93 -119.10
C ALA C 177 -39.15 -35.57 -118.45
N TYR C 178 -38.35 -34.76 -119.13
CA TYR C 178 -37.13 -34.22 -118.55
C TYR C 178 -37.43 -33.37 -117.32
N LYS C 179 -38.45 -32.52 -117.40
CA LYS C 179 -38.86 -31.74 -116.23
C LYS C 179 -39.31 -32.64 -115.07
N TRP C 180 -40.10 -33.66 -115.38
CA TRP C 180 -40.61 -34.54 -114.33
C TRP C 180 -39.51 -35.38 -113.70
N MET C 181 -38.56 -35.86 -114.51
CA MET C 181 -37.47 -36.62 -113.93
C MET C 181 -36.54 -35.74 -113.12
N THR C 182 -36.39 -34.47 -113.51
CA THR C 182 -35.65 -33.54 -112.66
C THR C 182 -36.37 -33.33 -111.33
N LYS C 183 -37.71 -33.24 -111.37
CA LYS C 183 -38.49 -33.13 -110.14
C LYS C 183 -38.32 -34.37 -109.26
N LEU C 184 -38.34 -35.55 -109.88
CA LEU C 184 -38.14 -36.79 -109.14
C LEU C 184 -36.75 -36.88 -108.55
N ASP C 185 -35.72 -36.44 -109.30
CA ASP C 185 -34.36 -36.47 -108.79
C ASP C 185 -34.18 -35.50 -107.63
N LYS C 186 -34.80 -34.31 -107.72
CA LYS C 186 -34.75 -33.38 -106.61
C LYS C 186 -35.52 -33.90 -105.40
N PHE C 187 -36.55 -34.71 -105.62
CA PHE C 187 -37.24 -35.35 -104.51
C PHE C 187 -36.36 -36.41 -103.85
N GLU C 188 -35.74 -37.26 -104.66
CA GLU C 188 -34.91 -38.35 -104.15
C GLU C 188 -33.59 -37.88 -103.59
N GLU C 189 -33.20 -36.64 -103.85
CA GLU C 189 -32.04 -36.08 -103.16
C GLU C 189 -32.38 -35.59 -101.75
N LYS C 190 -33.65 -35.35 -101.46
CA LYS C 190 -34.04 -34.80 -100.16
C LYS C 190 -34.70 -35.81 -99.25
N HIS C 191 -35.40 -36.81 -99.79
CA HIS C 191 -36.13 -37.75 -98.96
C HIS C 191 -35.62 -39.17 -99.01
N PHE C 192 -34.84 -39.54 -100.02
CA PHE C 192 -34.37 -40.91 -100.20
C PHE C 192 -32.89 -40.93 -100.51
N LYS C 193 -32.13 -40.05 -99.88
CA LYS C 193 -30.70 -39.90 -100.16
C LYS C 193 -29.90 -40.74 -99.19
N LEU C 194 -29.09 -41.65 -99.71
CA LEU C 194 -28.20 -42.45 -98.89
C LEU C 194 -26.92 -41.66 -98.62
N ALA C 195 -26.51 -41.62 -97.36
CA ALA C 195 -25.34 -40.84 -96.97
C ALA C 195 -24.07 -41.46 -97.56
N PRO C 196 -23.09 -40.64 -97.91
CA PRO C 196 -21.87 -41.19 -98.54
C PRO C 196 -21.04 -42.08 -97.64
N GLU C 197 -21.25 -42.04 -96.33
CA GLU C 197 -20.52 -42.93 -95.43
C GLU C 197 -20.91 -44.38 -95.65
N TYR C 198 -22.11 -44.64 -96.16
CA TYR C 198 -22.58 -46.02 -96.27
C TYR C 198 -21.96 -46.77 -97.45
N ARG C 199 -21.60 -46.08 -98.53
CA ARG C 199 -21.03 -46.78 -99.67
C ARG C 199 -19.59 -47.24 -99.41
N VAL C 200 -18.86 -46.56 -98.52
CA VAL C 200 -17.55 -47.03 -98.10
C VAL C 200 -17.66 -48.36 -97.37
N ILE C 201 -18.59 -48.44 -96.42
CA ILE C 201 -18.81 -49.69 -95.70
C ILE C 201 -19.41 -50.74 -96.62
N GLY C 202 -20.13 -50.31 -97.66
CA GLY C 202 -20.61 -51.27 -98.64
C GLY C 202 -19.48 -51.94 -99.41
N GLU C 203 -18.51 -51.16 -99.86
CA GLU C 203 -17.36 -51.74 -100.54
C GLU C 203 -16.53 -52.61 -99.59
N LEU C 204 -16.34 -52.15 -98.35
CA LEU C 204 -15.61 -52.95 -97.37
C LEU C 204 -16.31 -54.26 -97.05
N MET C 205 -17.64 -54.25 -96.92
CA MET C 205 -18.37 -55.48 -96.68
C MET C 205 -18.35 -56.40 -97.89
N ASN C 206 -18.23 -55.83 -99.10
CA ASN C 206 -18.01 -56.66 -100.28
C ASN C 206 -16.66 -57.36 -100.22
N ARG C 207 -15.62 -56.67 -99.75
CA ARG C 207 -14.32 -57.34 -99.62
C ARG C 207 -14.30 -58.34 -98.46
N LEU C 208 -15.09 -58.11 -97.42
CA LEU C 208 -15.01 -58.93 -96.21
C LEU C 208 -15.47 -60.36 -96.43
N LYS C 209 -16.51 -60.56 -97.25
CA LYS C 209 -17.06 -61.91 -97.42
C LYS C 209 -16.11 -62.83 -98.15
N VAL C 210 -15.17 -62.29 -98.93
CA VAL C 210 -14.21 -63.10 -99.67
C VAL C 210 -12.80 -63.02 -99.10
N ALA C 211 -12.53 -62.11 -98.17
CA ALA C 211 -11.21 -62.09 -97.54
C ALA C 211 -11.11 -63.18 -96.47
N GLU C 212 -9.89 -63.67 -96.27
CA GLU C 212 -9.61 -64.71 -95.28
C GLU C 212 -8.24 -64.47 -94.65
N GLY C 213 -8.05 -65.06 -93.48
CA GLY C 213 -6.77 -64.98 -92.79
C GLY C 213 -6.52 -63.67 -92.08
N LYS C 214 -5.40 -63.02 -92.41
CA LYS C 214 -5.12 -61.70 -91.88
C LYS C 214 -6.09 -60.66 -92.41
N ASP C 215 -6.50 -60.81 -93.67
CA ASP C 215 -7.35 -59.82 -94.30
C ASP C 215 -8.74 -59.76 -93.69
N LYS C 216 -9.28 -60.90 -93.24
CA LYS C 216 -10.53 -60.89 -92.49
C LYS C 216 -10.40 -60.11 -91.20
N PHE C 217 -9.27 -60.26 -90.48
CA PHE C 217 -9.02 -59.51 -89.26
C PHE C 217 -9.00 -58.01 -89.52
N ILE C 218 -8.26 -57.59 -90.55
CA ILE C 218 -8.12 -56.17 -90.83
C ILE C 218 -9.45 -55.56 -91.25
N LEU C 219 -10.20 -56.26 -92.10
CA LEU C 219 -11.49 -55.76 -92.53
C LEU C 219 -12.50 -55.71 -91.40
N GLN C 220 -12.49 -56.70 -90.51
CA GLN C 220 -13.40 -56.68 -89.37
C GLN C 220 -13.13 -55.49 -88.45
N GLN C 221 -11.86 -55.19 -88.18
CA GLN C 221 -11.53 -54.05 -87.33
C GLN C 221 -11.94 -52.73 -87.99
N LYS C 222 -11.66 -52.57 -89.28
CA LYS C 222 -11.99 -51.32 -89.96
C LYS C 222 -13.50 -51.10 -90.05
N ILE C 223 -14.25 -52.16 -90.33
CA ILE C 223 -15.70 -52.03 -90.42
C ILE C 223 -16.30 -51.81 -89.03
N ASN C 224 -15.66 -52.32 -87.97
CA ASN C 224 -16.14 -52.00 -86.63
C ASN C 224 -16.00 -50.52 -86.31
N ARG C 225 -14.85 -49.91 -86.66
CA ARG C 225 -14.70 -48.47 -86.45
C ARG C 225 -15.70 -47.66 -87.28
N ALA C 226 -15.91 -48.08 -88.54
CA ALA C 226 -16.88 -47.39 -89.38
C ALA C 226 -18.30 -47.50 -88.84
N MET C 227 -18.67 -48.67 -88.30
CA MET C 227 -19.98 -48.83 -87.68
C MET C 227 -20.16 -47.88 -86.50
N ARG C 228 -19.13 -47.76 -85.65
CA ARG C 228 -19.23 -46.84 -84.52
C ARG C 228 -19.44 -45.41 -84.98
N LEU C 229 -18.65 -44.96 -85.97
CA LEU C 229 -18.76 -43.59 -86.41
C LEU C 229 -20.10 -43.28 -87.08
N VAL C 230 -20.61 -44.20 -87.90
CA VAL C 230 -21.88 -43.95 -88.56
C VAL C 230 -23.03 -43.96 -87.55
N GLU C 231 -23.01 -44.88 -86.57
CA GLU C 231 -24.03 -44.90 -85.55
C GLU C 231 -24.05 -43.60 -84.73
N TRP C 232 -22.85 -43.11 -84.37
CA TRP C 232 -22.77 -41.85 -83.63
C TRP C 232 -23.30 -40.68 -84.44
N LYS C 233 -22.93 -40.59 -85.72
CA LYS C 233 -23.38 -39.47 -86.54
C LYS C 233 -24.89 -39.50 -86.73
N GLU C 234 -25.45 -40.69 -86.97
CA GLU C 234 -26.90 -40.81 -87.13
C GLU C 234 -27.64 -40.46 -85.85
N ALA C 235 -27.12 -40.87 -84.70
CA ALA C 235 -27.81 -40.59 -83.46
C ALA C 235 -27.67 -39.16 -82.98
N PHE C 236 -26.66 -38.41 -83.45
CA PHE C 236 -26.47 -37.07 -82.93
C PHE C 236 -26.29 -36.05 -84.05
N ASP C 237 -26.94 -36.25 -85.19
CA ASP C 237 -26.93 -35.22 -86.23
C ASP C 237 -27.74 -33.99 -85.79
N PRO C 238 -27.15 -32.79 -85.79
CA PRO C 238 -27.93 -31.60 -85.41
C PRO C 238 -28.79 -31.05 -86.52
N ASN C 239 -28.56 -31.44 -87.77
CA ASN C 239 -29.39 -30.97 -88.87
C ASN C 239 -30.74 -31.66 -88.90
N ASN C 240 -30.82 -32.89 -88.40
CA ASN C 240 -32.06 -33.65 -88.42
C ASN C 240 -33.01 -33.11 -87.36
N PRO C 241 -34.22 -32.66 -87.72
CA PRO C 241 -35.15 -32.15 -86.70
C PRO C 241 -35.74 -33.22 -85.81
N ALA C 242 -35.52 -34.50 -86.10
CA ALA C 242 -36.01 -35.57 -85.23
C ALA C 242 -35.17 -35.71 -83.98
N ASN C 243 -34.05 -35.00 -83.88
CA ASN C 243 -33.19 -34.98 -82.70
C ASN C 243 -33.42 -33.76 -81.83
N TYR C 244 -34.67 -33.32 -81.69
CA TYR C 244 -34.98 -32.14 -80.91
C TYR C 244 -36.27 -32.37 -80.14
N GLY C 245 -36.46 -31.57 -79.09
CA GLY C 245 -37.64 -31.70 -78.26
C GLY C 245 -38.39 -30.40 -78.03
N VAL C 246 -39.40 -30.43 -77.17
CA VAL C 246 -40.27 -29.27 -76.94
C VAL C 246 -40.13 -28.69 -75.55
N ILE C 247 -39.36 -29.34 -74.67
CA ILE C 247 -39.14 -29.05 -73.24
C ILE C 247 -40.44 -28.63 -72.54
N GLU C 248 -41.34 -29.59 -72.34
CA GLU C 248 -42.54 -29.49 -71.50
C GLU C 248 -43.56 -28.47 -72.02
N ARG C 249 -43.28 -27.81 -73.15
CA ARG C 249 -43.97 -26.58 -73.58
C ARG C 249 -43.90 -25.53 -72.47
N ASP C 250 -42.67 -25.24 -72.06
CA ASP C 250 -42.30 -24.23 -71.06
C ASP C 250 -42.97 -24.38 -69.70
N ASP C 279 -41.48 -32.71 -91.11
CA ASP C 279 -40.87 -31.49 -91.66
C ASP C 279 -41.73 -30.27 -91.36
N ASP C 280 -42.65 -30.40 -90.40
CA ASP C 280 -43.61 -29.35 -90.12
C ASP C 280 -43.03 -28.18 -89.34
N MET C 281 -41.88 -28.35 -88.70
CA MET C 281 -41.25 -27.25 -87.97
C MET C 281 -40.87 -26.11 -88.91
N LYS C 282 -40.33 -26.46 -90.08
CA LYS C 282 -39.86 -25.46 -91.03
C LYS C 282 -41.00 -24.60 -91.56
N GLU C 283 -42.12 -25.23 -91.92
CA GLU C 283 -43.27 -24.45 -92.39
C GLU C 283 -43.95 -23.72 -91.25
N ARG C 284 -43.93 -24.26 -90.03
CA ARG C 284 -44.45 -23.54 -88.88
C ARG C 284 -43.68 -22.25 -88.63
N ASP C 285 -42.37 -22.29 -88.80
CA ASP C 285 -41.57 -21.07 -88.71
C ASP C 285 -41.79 -20.16 -89.91
N ASP C 286 -42.00 -20.74 -91.10
CA ASP C 286 -42.15 -19.95 -92.32
C ASP C 286 -43.42 -19.11 -92.32
N ILE C 287 -44.53 -19.67 -91.82
CA ILE C 287 -45.78 -18.91 -91.82
C ILE C 287 -45.70 -17.73 -90.85
N LEU C 288 -45.03 -17.93 -89.70
CA LEU C 288 -44.76 -16.82 -88.79
C LEU C 288 -43.88 -15.77 -89.44
N LEU C 289 -42.89 -16.20 -90.22
CA LEU C 289 -42.02 -15.25 -90.93
C LEU C 289 -42.81 -14.41 -91.93
N GLU C 290 -43.71 -15.04 -92.69
CA GLU C 290 -44.53 -14.30 -93.65
C GLU C 290 -45.49 -13.32 -92.97
N LYS C 291 -46.11 -13.74 -91.86
CA LYS C 291 -46.98 -12.84 -91.11
C LYS C 291 -46.20 -11.65 -90.57
N LEU C 292 -44.97 -11.90 -90.08
CA LEU C 292 -44.15 -10.82 -89.56
C LEU C 292 -43.76 -9.84 -90.66
N ASN C 293 -43.43 -10.34 -91.85
CA ASN C 293 -43.10 -9.46 -92.97
C ASN C 293 -44.28 -8.61 -93.39
N ALA C 294 -45.48 -9.20 -93.44
CA ALA C 294 -46.68 -8.43 -93.78
C ALA C 294 -46.97 -7.35 -92.74
N ILE C 295 -46.81 -7.68 -91.45
CA ILE C 295 -47.04 -6.71 -90.40
C ILE C 295 -46.02 -5.57 -90.48
N ASP C 296 -44.76 -5.91 -90.79
CA ASP C 296 -43.74 -4.87 -90.97
C ASP C 296 -44.08 -3.93 -92.12
N LYS C 297 -44.57 -4.47 -93.24
CA LYS C 297 -44.93 -3.59 -94.36
C LYS C 297 -46.10 -2.68 -94.00
N LYS C 298 -47.12 -3.22 -93.33
CA LYS C 298 -48.26 -2.39 -92.93
C LYS C 298 -47.86 -1.30 -91.93
N LEU C 299 -47.00 -1.67 -90.96
CA LEU C 299 -46.52 -0.71 -89.98
C LEU C 299 -45.71 0.39 -90.64
N GLU C 300 -44.87 0.05 -91.63
CA GLU C 300 -44.13 1.05 -92.37
C GLU C 300 -45.06 2.00 -93.11
N SER C 301 -46.12 1.45 -93.73
CA SER C 301 -47.06 2.28 -94.48
C SER C 301 -47.78 3.28 -93.58
N LYS C 302 -48.15 2.86 -92.36
CA LYS C 302 -48.84 3.79 -91.46
C LYS C 302 -47.87 4.82 -90.85
N LEU C 303 -46.66 4.37 -90.49
CA LEU C 303 -45.67 5.28 -89.95
C LEU C 303 -45.23 6.31 -90.97
N SER C 304 -45.33 5.99 -92.25
CA SER C 304 -45.02 6.97 -93.29
C SER C 304 -46.01 8.12 -93.30
N GLU C 305 -47.26 7.87 -92.92
CA GLU C 305 -48.32 8.86 -93.02
C GLU C 305 -48.56 9.62 -91.72
N LEU C 306 -48.08 9.09 -90.59
CA LEU C 306 -48.23 9.82 -89.32
C LEU C 306 -47.60 11.20 -89.31
N ASP C 307 -46.52 11.42 -90.07
CA ASP C 307 -45.83 12.71 -90.03
C ASP C 307 -46.68 13.81 -90.66
N HIS C 308 -47.35 13.52 -91.77
CA HIS C 308 -48.19 14.49 -92.44
C HIS C 308 -49.61 14.51 -91.92
N THR C 309 -50.04 13.48 -91.19
CA THR C 309 -51.40 13.44 -90.65
C THR C 309 -51.45 14.15 -89.30
N PHE C 310 -52.39 15.07 -89.14
CA PHE C 310 -52.62 15.77 -87.89
C PHE C 310 -54.06 15.57 -87.44
N GLY C 311 -54.26 15.52 -86.12
CA GLY C 311 -55.60 15.56 -85.56
C GLY C 311 -56.20 14.23 -85.17
N LYS C 312 -57.52 14.12 -85.29
CA LYS C 312 -58.22 12.88 -84.94
C LYS C 312 -57.85 11.74 -85.88
N LYS C 313 -57.55 12.07 -87.14
CA LYS C 313 -57.02 11.07 -88.07
C LYS C 313 -55.66 10.55 -87.60
N GLY C 314 -54.82 11.45 -87.09
CA GLY C 314 -53.57 11.02 -86.49
C GLY C 314 -53.79 10.15 -85.26
N LYS C 315 -54.80 10.48 -84.45
CA LYS C 315 -55.10 9.68 -83.27
C LYS C 315 -55.58 8.27 -83.62
N ARG C 316 -56.44 8.15 -84.62
CA ARG C 316 -56.91 6.82 -85.01
C ARG C 316 -55.79 6.02 -85.69
N LEU C 317 -54.88 6.70 -86.40
CA LEU C 317 -53.70 6.00 -86.91
C LEU C 317 -52.79 5.54 -85.78
N GLU C 318 -52.68 6.33 -84.71
CA GLU C 318 -51.91 5.93 -83.54
C GLU C 318 -52.51 4.69 -82.88
N GLU C 319 -53.84 4.64 -82.76
CA GLU C 319 -54.49 3.46 -82.19
C GLU C 319 -54.32 2.23 -83.07
N GLU C 320 -54.43 2.38 -84.40
CA GLU C 320 -54.21 1.25 -85.28
C GLU C 320 -52.77 0.75 -85.22
N ILE C 321 -51.82 1.68 -85.14
CA ILE C 321 -50.41 1.31 -85.00
C ILE C 321 -50.15 0.57 -83.69
N ARG C 322 -50.80 1.01 -82.61
CA ARG C 322 -50.65 0.32 -81.33
C ARG C 322 -51.20 -1.09 -81.39
N ASP C 323 -52.36 -1.27 -82.03
CA ASP C 323 -52.93 -2.61 -82.17
C ASP C 323 -52.03 -3.52 -83.01
N LEU C 324 -51.46 -2.98 -84.09
CA LEU C 324 -50.52 -3.77 -84.88
C LEU C 324 -49.26 -4.14 -84.09
N ALA C 325 -48.77 -3.21 -83.27
CA ALA C 325 -47.61 -3.50 -82.44
C ALA C 325 -47.90 -4.58 -81.42
N GLU C 326 -49.10 -4.57 -80.82
CA GLU C 326 -49.49 -5.64 -79.92
C GLU C 326 -49.54 -6.99 -80.63
N GLU C 327 -50.09 -7.01 -81.84
CA GLU C 327 -50.15 -8.25 -82.63
C GLU C 327 -48.76 -8.76 -82.97
N ARG C 328 -47.85 -7.86 -83.36
CA ARG C 328 -46.51 -8.29 -83.76
C ARG C 328 -45.69 -8.74 -82.55
N ASN C 329 -45.90 -8.11 -81.39
CA ASN C 329 -45.27 -8.60 -80.17
C ASN C 329 -45.77 -9.99 -79.83
N ALA C 330 -47.07 -10.23 -79.98
CA ALA C 330 -47.62 -11.56 -79.73
C ALA C 330 -47.08 -12.59 -80.70
N LEU C 331 -46.81 -12.20 -81.95
CA LEU C 331 -46.25 -13.15 -82.90
C LEU C 331 -44.77 -13.41 -82.64
N THR C 332 -43.99 -12.39 -82.28
CA THR C 332 -42.58 -12.59 -82.03
C THR C 332 -42.30 -13.26 -80.70
N GLU C 333 -43.25 -13.25 -79.78
CA GLU C 333 -43.07 -14.04 -78.57
C GLU C 333 -43.14 -15.52 -78.87
N LYS C 334 -43.92 -15.91 -79.88
CA LYS C 334 -44.14 -17.32 -80.17
C LYS C 334 -42.92 -17.99 -80.78
N LYS C 335 -42.00 -17.24 -81.37
CA LYS C 335 -40.81 -17.85 -81.95
C LYS C 335 -39.81 -18.30 -80.88
N ARG C 336 -40.00 -17.88 -79.64
CA ARG C 336 -39.16 -18.31 -78.52
C ARG C 336 -39.69 -19.65 -78.01
N GLN C 337 -39.40 -20.70 -78.76
CA GLN C 337 -39.67 -22.05 -78.27
C GLN C 337 -38.35 -22.70 -77.92
N PRO C 338 -38.04 -22.88 -76.64
CA PRO C 338 -36.80 -23.57 -76.27
C PRO C 338 -36.86 -25.03 -76.68
N LEU C 339 -35.71 -25.60 -77.00
CA LEU C 339 -35.61 -26.98 -77.44
C LEU C 339 -34.48 -27.65 -76.69
N TYR C 340 -34.71 -28.89 -76.26
CA TYR C 340 -33.64 -29.74 -75.77
C TYR C 340 -33.29 -30.75 -76.85
N ARG C 341 -32.21 -31.49 -76.62
CA ARG C 341 -31.72 -32.46 -77.58
C ARG C 341 -31.86 -33.87 -77.01
N LYS C 342 -32.30 -34.79 -77.85
CA LYS C 342 -32.54 -36.16 -77.42
C LYS C 342 -31.24 -36.92 -77.27
N GLY C 343 -31.18 -37.75 -76.24
CA GLY C 343 -29.99 -38.50 -75.92
C GLY C 343 -29.05 -37.83 -74.95
N TYR C 344 -29.28 -36.56 -74.62
CA TYR C 344 -28.42 -35.84 -73.71
C TYR C 344 -28.89 -36.07 -72.27
N ASP C 345 -27.94 -36.05 -71.35
CA ASP C 345 -28.20 -36.22 -69.93
C ASP C 345 -27.90 -34.92 -69.22
N VAL C 346 -28.79 -34.52 -68.30
CA VAL C 346 -28.69 -33.28 -67.57
C VAL C 346 -28.70 -33.59 -66.08
N HIS C 347 -27.73 -33.06 -65.35
CA HIS C 347 -27.59 -33.31 -63.92
C HIS C 347 -27.43 -32.00 -63.16
N VAL C 348 -27.83 -32.02 -61.89
CA VAL C 348 -27.78 -30.86 -61.02
C VAL C 348 -26.51 -30.93 -60.18
N ILE C 349 -25.71 -29.86 -60.20
CA ILE C 349 -24.50 -29.80 -59.42
C ILE C 349 -24.71 -29.08 -58.09
N ASP C 350 -25.47 -27.98 -58.10
CA ASP C 350 -25.58 -27.13 -56.92
C ASP C 350 -26.93 -26.45 -56.89
N VAL C 351 -27.55 -26.42 -55.71
CA VAL C 351 -28.71 -25.59 -55.43
C VAL C 351 -28.45 -24.86 -54.13
N LYS C 352 -28.46 -23.53 -54.17
CA LYS C 352 -28.15 -22.72 -53.01
C LYS C 352 -29.31 -21.77 -52.71
N LYS C 353 -29.42 -21.37 -51.46
CA LYS C 353 -30.42 -20.41 -51.01
C LYS C 353 -29.70 -19.12 -50.65
N VAL C 354 -29.88 -18.09 -51.46
CA VAL C 354 -29.24 -16.80 -51.25
C VAL C 354 -30.28 -15.79 -50.80
N ALA C 355 -29.84 -14.80 -50.04
CA ALA C 355 -30.74 -13.87 -49.38
C ALA C 355 -30.25 -12.44 -49.52
N LYS C 356 -31.20 -11.52 -49.67
CA LYS C 356 -30.95 -10.09 -49.79
C LYS C 356 -31.75 -9.38 -48.72
N VAL C 357 -31.15 -8.40 -48.07
CA VAL C 357 -31.79 -7.69 -46.96
C VAL C 357 -32.45 -6.42 -47.46
N THR C 358 -33.72 -6.25 -47.15
CA THR C 358 -34.46 -5.02 -47.38
C THR C 358 -34.99 -4.51 -46.06
N LYS C 359 -35.66 -3.34 -46.11
CA LYS C 359 -36.20 -2.76 -44.88
C LYS C 359 -37.39 -3.52 -44.33
N GLY C 360 -37.99 -4.41 -45.13
CA GLY C 360 -39.11 -5.19 -44.65
C GLY C 360 -38.75 -6.59 -44.20
N GLY C 361 -37.52 -7.01 -44.42
CA GLY C 361 -37.11 -8.32 -43.98
C GLY C 361 -35.99 -8.84 -44.87
N ARG C 362 -35.98 -10.16 -45.05
CA ARG C 362 -35.02 -10.83 -45.91
C ARG C 362 -35.71 -11.29 -47.18
N VAL C 363 -35.12 -10.97 -48.32
CA VAL C 363 -35.63 -11.40 -49.62
C VAL C 363 -34.80 -12.60 -50.04
N GLU C 364 -35.42 -13.77 -50.09
CA GLU C 364 -34.71 -15.01 -50.34
C GLU C 364 -35.03 -15.55 -51.72
N ARG C 365 -33.98 -15.92 -52.46
CA ARG C 365 -34.09 -16.45 -53.80
C ARG C 365 -33.29 -17.74 -53.88
N TYR C 366 -33.30 -18.37 -55.05
CA TYR C 366 -32.63 -19.65 -55.25
C TYR C 366 -31.83 -19.60 -56.54
N THR C 367 -30.64 -20.21 -56.51
CA THR C 367 -29.81 -20.36 -57.69
C THR C 367 -29.51 -21.83 -57.90
N ALA C 368 -29.53 -22.25 -59.16
CA ALA C 368 -29.22 -23.63 -59.51
C ALA C 368 -28.18 -23.66 -60.63
N LEU C 369 -27.24 -24.59 -60.50
CA LEU C 369 -26.18 -24.82 -61.48
C LEU C 369 -26.32 -26.23 -62.03
N MET C 370 -26.36 -26.35 -63.36
CA MET C 370 -26.64 -27.63 -63.99
C MET C 370 -25.65 -27.88 -65.11
N VAL C 371 -25.40 -29.16 -65.38
CA VAL C 371 -24.49 -29.59 -66.44
C VAL C 371 -25.22 -30.57 -67.34
N CYS C 372 -24.75 -30.69 -68.58
CA CYS C 372 -25.33 -31.62 -69.53
C CYS C 372 -24.25 -32.16 -70.45
N GLY C 373 -24.52 -33.34 -70.99
CA GLY C 373 -23.57 -33.97 -71.88
C GLY C 373 -24.18 -35.17 -72.55
N ASN C 374 -23.56 -35.58 -73.66
CA ASN C 374 -24.11 -36.64 -74.50
C ASN C 374 -23.26 -37.89 -74.53
N TYR C 375 -22.29 -38.02 -73.63
CA TYR C 375 -21.34 -39.13 -73.52
C TYR C 375 -20.45 -39.28 -74.76
N GLU C 376 -20.43 -38.32 -75.67
CA GLU C 376 -19.65 -38.45 -76.89
C GLU C 376 -18.79 -37.22 -77.14
N GLY C 377 -18.48 -36.47 -76.10
CA GLY C 377 -17.55 -35.36 -76.20
C GLY C 377 -18.14 -33.98 -76.07
N VAL C 378 -19.45 -33.82 -76.10
CA VAL C 378 -20.09 -32.52 -76.02
C VAL C 378 -20.56 -32.30 -74.60
N ILE C 379 -20.17 -31.17 -74.00
CA ILE C 379 -20.49 -30.89 -72.60
C ILE C 379 -20.84 -29.43 -72.45
N GLY C 380 -21.82 -29.14 -71.58
CA GLY C 380 -22.23 -27.77 -71.35
C GLY C 380 -22.69 -27.56 -69.93
N TYR C 381 -22.83 -26.29 -69.55
CA TYR C 381 -23.24 -25.95 -68.19
C TYR C 381 -24.01 -24.63 -68.23
N ALA C 382 -24.80 -24.41 -67.18
CA ALA C 382 -25.56 -23.18 -67.06
C ALA C 382 -25.88 -22.90 -65.61
N LYS C 383 -26.13 -21.63 -65.32
CA LYS C 383 -26.46 -21.15 -63.99
C LYS C 383 -27.66 -20.23 -64.09
N ALA C 384 -28.60 -20.36 -63.15
CA ALA C 384 -29.80 -19.55 -63.22
C ALA C 384 -30.32 -19.25 -61.83
N LYS C 385 -31.13 -18.20 -61.73
CA LYS C 385 -31.66 -17.73 -60.46
C LYS C 385 -33.15 -17.49 -60.59
N ALA C 386 -33.93 -18.07 -59.67
CA ALA C 386 -35.37 -17.88 -59.63
C ALA C 386 -35.79 -17.73 -58.17
N GLU C 387 -37.09 -17.74 -57.93
CA GLU C 387 -37.59 -17.61 -56.57
C GLU C 387 -37.78 -18.96 -55.89
N THR C 388 -38.07 -20.01 -56.65
CA THR C 388 -38.30 -21.32 -56.09
C THR C 388 -37.25 -22.32 -56.58
N GLY C 389 -37.09 -23.39 -55.82
CA GLY C 389 -36.09 -24.40 -56.13
C GLY C 389 -36.42 -25.20 -57.37
N GLN C 390 -37.70 -25.30 -57.73
CA GLN C 390 -38.06 -25.97 -58.98
C GLN C 390 -37.88 -25.05 -60.17
N SER C 391 -38.26 -23.78 -60.03
CA SER C 391 -38.14 -22.86 -61.16
C SER C 391 -36.69 -22.51 -61.48
N ALA C 392 -35.80 -22.51 -60.48
CA ALA C 392 -34.39 -22.30 -60.77
C ALA C 392 -33.82 -23.42 -61.63
N MET C 393 -34.15 -24.67 -61.29
CA MET C 393 -33.74 -25.82 -62.08
C MET C 393 -34.37 -25.79 -63.47
N GLN C 394 -35.62 -25.34 -63.57
CA GLN C 394 -36.25 -25.24 -64.89
C GLN C 394 -35.57 -24.20 -65.77
N LYS C 395 -35.20 -23.05 -65.22
CA LYS C 395 -34.54 -22.03 -66.02
C LYS C 395 -33.14 -22.47 -66.46
N ALA C 396 -32.38 -23.08 -65.54
CA ALA C 396 -31.08 -23.59 -65.92
C ALA C 396 -31.19 -24.75 -66.91
N TYR C 397 -32.24 -25.55 -66.81
CA TYR C 397 -32.49 -26.61 -67.78
C TYR C 397 -32.78 -26.05 -69.16
N GLU C 398 -33.52 -24.93 -69.24
CA GLU C 398 -33.74 -24.28 -70.52
C GLU C 398 -32.43 -23.76 -71.11
N LYS C 399 -31.59 -23.13 -70.29
CA LYS C 399 -30.38 -22.50 -70.82
C LYS C 399 -29.19 -23.43 -70.87
N CYS C 400 -29.34 -24.70 -70.50
CA CYS C 400 -28.20 -25.60 -70.46
C CYS C 400 -27.67 -25.95 -71.85
N PHE C 401 -28.46 -25.77 -72.90
CA PHE C 401 -28.07 -26.22 -74.22
C PHE C 401 -27.55 -25.10 -75.11
N GLN C 402 -27.20 -23.96 -74.53
CA GLN C 402 -26.77 -22.81 -75.32
C GLN C 402 -25.29 -22.54 -75.23
N ASN C 403 -24.56 -23.20 -74.34
CA ASN C 403 -23.11 -23.02 -74.20
C ASN C 403 -22.49 -24.41 -74.19
N LEU C 404 -22.26 -24.96 -75.38
CA LEU C 404 -21.81 -26.34 -75.52
C LEU C 404 -20.41 -26.36 -76.13
N HIS C 405 -19.51 -27.09 -75.48
CA HIS C 405 -18.15 -27.27 -75.94
C HIS C 405 -17.94 -28.70 -76.42
N TYR C 406 -16.97 -28.86 -77.30
CA TYR C 406 -16.51 -30.17 -77.76
C TYR C 406 -15.14 -30.46 -77.18
N ILE C 407 -14.98 -31.66 -76.63
CA ILE C 407 -13.75 -32.10 -75.98
C ILE C 407 -13.19 -33.30 -76.74
N GLU C 408 -11.89 -33.27 -77.01
CA GLU C 408 -11.24 -34.37 -77.72
C GLU C 408 -10.74 -35.41 -76.74
N ARG C 409 -11.04 -36.67 -77.01
CA ARG C 409 -10.62 -37.80 -76.20
C ARG C 409 -9.63 -38.65 -76.97
N HIS C 410 -8.82 -39.41 -76.25
CA HIS C 410 -7.83 -40.29 -76.84
C HIS C 410 -8.35 -41.72 -76.76
N GLU C 411 -8.68 -42.29 -77.92
CA GLU C 411 -9.24 -43.64 -78.04
C GLU C 411 -10.52 -43.79 -77.22
N GLU C 412 -11.31 -42.72 -77.13
CA GLU C 412 -12.64 -42.69 -76.54
C GLU C 412 -12.67 -43.12 -75.08
N HIS C 413 -11.55 -43.09 -74.36
CA HIS C 413 -11.61 -43.45 -72.94
C HIS C 413 -10.76 -42.58 -72.02
N THR C 414 -9.81 -41.79 -72.49
CA THR C 414 -8.92 -41.06 -71.60
C THR C 414 -8.36 -39.85 -72.32
N ILE C 415 -7.71 -38.98 -71.56
CA ILE C 415 -7.13 -37.75 -72.11
C ILE C 415 -5.79 -38.07 -72.76
N ALA C 416 -5.26 -37.12 -73.53
CA ALA C 416 -4.03 -37.36 -74.26
C ALA C 416 -2.81 -37.32 -73.34
N HIS C 417 -2.82 -36.45 -72.34
CA HIS C 417 -1.69 -36.34 -71.42
C HIS C 417 -2.19 -35.73 -70.13
N ALA C 418 -1.32 -35.73 -69.11
CA ALA C 418 -1.64 -35.10 -67.85
C ALA C 418 -1.73 -33.59 -68.03
N ILE C 419 -2.65 -32.97 -67.29
CA ILE C 419 -2.89 -31.54 -67.42
C ILE C 419 -3.15 -30.97 -66.03
N GLN C 420 -2.53 -29.84 -65.73
CA GLN C 420 -2.79 -29.11 -64.50
C GLN C 420 -3.18 -27.69 -64.85
N THR C 421 -4.27 -27.20 -64.25
CA THR C 421 -4.63 -25.81 -64.43
C THR C 421 -5.40 -25.31 -63.21
N SER C 422 -5.45 -24.00 -63.07
CA SER C 422 -6.09 -23.36 -61.93
C SER C 422 -7.09 -22.33 -62.40
N TYR C 423 -8.22 -22.24 -61.71
CA TYR C 423 -9.16 -21.15 -61.88
C TYR C 423 -9.38 -20.53 -60.50
N LYS C 424 -8.98 -19.27 -60.35
CA LYS C 424 -8.87 -18.56 -59.07
C LYS C 424 -8.03 -19.35 -58.09
N LYS C 425 -8.66 -19.90 -57.04
CA LYS C 425 -7.94 -20.67 -56.04
C LYS C 425 -8.13 -22.17 -56.19
N THR C 426 -8.88 -22.61 -57.19
CA THR C 426 -9.15 -24.03 -57.38
C THR C 426 -8.14 -24.59 -58.37
N LYS C 427 -7.17 -25.35 -57.88
CA LYS C 427 -6.17 -25.98 -58.73
C LYS C 427 -6.59 -27.41 -59.01
N LEU C 428 -6.55 -27.82 -60.28
CA LEU C 428 -7.06 -29.10 -60.70
C LEU C 428 -5.96 -29.85 -61.46
N TYR C 429 -5.76 -31.11 -61.08
CA TYR C 429 -4.83 -32.02 -61.74
C TYR C 429 -5.60 -33.18 -62.34
N LEU C 430 -5.29 -33.52 -63.60
CA LEU C 430 -5.84 -34.69 -64.27
C LEU C 430 -4.71 -35.51 -64.84
N TRP C 431 -4.81 -36.84 -64.70
CA TRP C 431 -3.82 -37.79 -65.21
C TRP C 431 -4.51 -38.89 -66.00
N PRO C 432 -3.94 -39.30 -67.13
CA PRO C 432 -4.50 -40.43 -67.88
C PRO C 432 -4.08 -41.77 -67.29
N ALA C 433 -4.80 -42.81 -67.68
CA ALA C 433 -4.65 -44.13 -67.11
C ALA C 433 -4.80 -45.20 -68.18
N PRO C 434 -4.26 -46.40 -67.96
CA PRO C 434 -4.51 -47.51 -68.87
C PRO C 434 -5.95 -47.97 -68.83
N THR C 435 -6.28 -48.90 -69.74
CA THR C 435 -7.66 -49.14 -70.14
C THR C 435 -8.50 -49.87 -69.11
N THR C 436 -7.90 -50.42 -68.06
CA THR C 436 -8.72 -51.14 -67.09
C THR C 436 -8.52 -50.56 -65.70
N THR C 437 -8.57 -49.24 -65.59
CA THR C 437 -8.31 -48.56 -64.32
C THR C 437 -9.58 -48.04 -63.66
N GLY C 438 -10.40 -47.29 -64.39
CA GLY C 438 -11.56 -46.66 -63.80
C GLY C 438 -11.31 -45.20 -63.51
N MET C 439 -12.36 -44.50 -63.11
CA MET C 439 -12.31 -43.06 -62.92
C MET C 439 -12.26 -42.74 -61.43
N LYS C 440 -11.24 -41.98 -61.04
CA LYS C 440 -10.99 -41.65 -59.63
C LYS C 440 -11.11 -40.14 -59.45
N ALA C 441 -12.29 -39.72 -59.00
CA ALA C 441 -12.62 -38.29 -58.96
C ALA C 441 -13.70 -38.05 -57.92
N GLY C 442 -13.82 -36.80 -57.51
CA GLY C 442 -14.87 -36.38 -56.61
C GLY C 442 -16.20 -36.25 -57.34
N ARG C 443 -17.18 -35.68 -56.63
CA ARG C 443 -18.54 -35.66 -57.16
C ARG C 443 -18.67 -34.77 -58.40
N VAL C 444 -18.20 -33.53 -58.31
CA VAL C 444 -18.37 -32.56 -59.40
C VAL C 444 -17.54 -32.97 -60.61
N VAL C 445 -16.25 -33.27 -60.39
CA VAL C 445 -15.35 -33.62 -61.48
C VAL C 445 -15.76 -34.95 -62.09
N LYS C 446 -16.19 -35.91 -61.27
CA LYS C 446 -16.62 -37.20 -61.79
C LYS C 446 -17.87 -37.07 -62.65
N THR C 447 -18.84 -36.26 -62.21
CA THR C 447 -20.05 -36.07 -63.01
C THR C 447 -19.74 -35.38 -64.33
N MET C 448 -18.87 -34.36 -64.31
CA MET C 448 -18.52 -33.66 -65.54
C MET C 448 -17.79 -34.57 -66.52
N LEU C 449 -16.83 -35.36 -66.03
CA LEU C 449 -16.08 -36.23 -66.93
C LEU C 449 -16.93 -37.40 -67.44
N LEU C 450 -17.82 -37.93 -66.60
CA LEU C 450 -18.72 -38.97 -67.02
C LEU C 450 -19.66 -38.50 -68.13
N LEU C 451 -20.20 -37.29 -68.00
CA LEU C 451 -21.05 -36.77 -69.06
C LEU C 451 -20.27 -36.40 -70.30
N ALA C 452 -19.02 -35.95 -70.16
CA ALA C 452 -18.22 -35.69 -71.34
C ALA C 452 -17.85 -36.95 -72.10
N GLY C 453 -17.69 -38.08 -71.41
CA GLY C 453 -17.41 -39.32 -72.09
C GLY C 453 -16.04 -39.89 -71.84
N PHE C 454 -15.46 -39.63 -70.68
CA PHE C 454 -14.19 -40.21 -70.32
C PHE C 454 -14.41 -41.43 -69.44
N LYS C 455 -13.42 -42.32 -69.45
CA LYS C 455 -13.63 -43.61 -68.81
C LYS C 455 -12.51 -44.00 -67.86
N ASN C 456 -11.28 -43.56 -68.13
CA ASN C 456 -10.12 -43.93 -67.31
C ASN C 456 -9.25 -42.72 -67.02
N ILE C 457 -9.57 -41.99 -65.96
CA ILE C 457 -8.89 -40.76 -65.57
C ILE C 457 -8.76 -40.71 -64.06
N LYS C 458 -7.59 -40.27 -63.58
CA LYS C 458 -7.41 -39.97 -62.16
C LYS C 458 -7.32 -38.47 -61.98
N SER C 459 -7.85 -37.95 -60.88
CA SER C 459 -7.91 -36.50 -60.72
C SER C 459 -7.70 -36.12 -59.27
N LYS C 460 -7.39 -34.84 -59.06
CA LYS C 460 -7.26 -34.31 -57.71
C LYS C 460 -7.52 -32.81 -57.72
N VAL C 461 -8.28 -32.34 -56.74
CA VAL C 461 -8.61 -30.92 -56.58
C VAL C 461 -7.89 -30.42 -55.33
N ILE C 462 -7.07 -29.39 -55.51
CA ILE C 462 -6.22 -28.85 -54.47
C ILE C 462 -6.53 -27.37 -54.30
N GLY C 463 -6.76 -26.95 -53.06
CA GLY C 463 -7.10 -25.58 -52.79
C GLY C 463 -8.54 -25.43 -52.39
N SER C 464 -9.19 -24.35 -52.83
CA SER C 464 -10.60 -24.17 -52.56
C SER C 464 -11.42 -25.16 -53.37
N ARG C 465 -12.51 -25.64 -52.80
CA ARG C 465 -13.37 -26.62 -53.45
C ARG C 465 -14.75 -26.04 -53.70
N ASN C 466 -14.79 -24.80 -54.16
CA ASN C 466 -16.04 -24.22 -54.59
C ASN C 466 -16.53 -24.94 -55.84
N SER C 467 -17.83 -25.25 -55.87
CA SER C 467 -18.35 -26.11 -56.94
C SER C 467 -18.39 -25.39 -58.28
N TYR C 468 -18.77 -24.12 -58.27
CA TYR C 468 -18.85 -23.37 -59.52
C TYR C 468 -17.47 -23.13 -60.12
N ASN C 469 -16.49 -22.81 -59.28
CA ASN C 469 -15.11 -22.70 -59.74
C ASN C 469 -14.54 -24.06 -60.15
N THR C 470 -15.00 -25.15 -59.52
CA THR C 470 -14.58 -26.48 -59.96
C THR C 470 -15.08 -26.80 -61.35
N VAL C 471 -16.33 -26.44 -61.63
CA VAL C 471 -16.89 -26.62 -62.97
C VAL C 471 -16.09 -25.84 -64.00
N LYS C 472 -15.80 -24.57 -63.68
CA LYS C 472 -15.03 -23.74 -64.61
C LYS C 472 -13.60 -24.25 -64.80
N ALA C 473 -12.96 -24.74 -63.73
CA ALA C 473 -11.60 -25.25 -63.85
C ALA C 473 -11.55 -26.53 -64.65
N VAL C 474 -12.56 -27.39 -64.52
CA VAL C 474 -12.61 -28.60 -65.34
C VAL C 474 -12.76 -28.24 -66.81
N LEU C 475 -13.62 -27.26 -67.12
CA LEU C 475 -13.75 -26.87 -68.53
C LEU C 475 -12.49 -26.18 -69.06
N LYS C 476 -11.71 -25.55 -68.18
CA LYS C 476 -10.44 -25.00 -68.62
C LYS C 476 -9.41 -26.09 -68.90
N ALA C 477 -9.32 -27.09 -68.02
CA ALA C 477 -8.37 -28.19 -68.19
C ALA C 477 -8.70 -29.02 -69.43
N LEU C 478 -9.98 -29.36 -69.62
CA LEU C 478 -10.36 -30.20 -70.74
C LEU C 478 -10.16 -29.53 -72.09
N ASN C 479 -10.06 -28.21 -72.13
CA ASN C 479 -9.81 -27.48 -73.36
C ASN C 479 -8.36 -27.06 -73.51
N ALA C 480 -7.55 -27.15 -72.46
CA ALA C 480 -6.13 -26.84 -72.58
C ALA C 480 -5.28 -28.03 -73.01
N VAL C 481 -5.89 -29.19 -73.27
CA VAL C 481 -5.14 -30.39 -73.61
C VAL C 481 -4.75 -30.35 -75.09
N GLU C 482 -3.47 -30.57 -75.37
CA GLU C 482 -2.96 -30.60 -76.74
C GLU C 482 -3.02 -32.03 -77.25
N THR C 483 -3.78 -32.24 -78.33
CA THR C 483 -3.88 -33.54 -78.96
C THR C 483 -2.65 -33.79 -79.83
N PRO C 484 -2.36 -35.07 -80.14
CA PRO C 484 -1.31 -35.36 -81.12
C PRO C 484 -1.56 -34.74 -82.48
N LYS C 485 -2.82 -34.63 -82.92
CA LYS C 485 -3.13 -33.90 -84.14
C LYS C 485 -2.78 -32.42 -84.03
N ASP C 486 -3.00 -31.83 -82.85
CA ASP C 486 -2.65 -30.44 -82.64
C ASP C 486 -1.14 -30.23 -82.66
N VAL C 487 -0.38 -31.15 -82.07
CA VAL C 487 1.07 -31.09 -82.15
C VAL C 487 1.54 -31.23 -83.59
N GLN C 488 0.90 -32.13 -84.34
CA GLN C 488 1.20 -32.35 -85.75
C GLN C 488 0.99 -31.07 -86.55
N GLU C 489 -0.13 -30.39 -86.34
CA GLU C 489 -0.40 -29.16 -87.06
C GLU C 489 0.50 -28.02 -86.61
N LYS C 490 0.85 -27.97 -85.33
CA LYS C 490 1.65 -26.86 -84.81
C LYS C 490 3.09 -26.96 -85.28
N PHE C 491 3.65 -28.16 -85.38
CA PHE C 491 5.06 -28.31 -85.68
C PHE C 491 5.37 -28.83 -87.08
N GLY C 492 4.39 -29.33 -87.81
CA GLY C 492 4.65 -29.80 -89.16
C GLY C 492 5.44 -31.09 -89.24
N ARG C 493 5.45 -31.87 -88.17
CA ARG C 493 6.12 -33.15 -88.16
C ARG C 493 5.08 -34.26 -88.08
N THR C 494 5.54 -35.49 -87.94
CA THR C 494 4.67 -36.64 -87.81
C THR C 494 4.69 -37.11 -86.36
N VAL C 495 3.51 -37.30 -85.78
CA VAL C 495 3.37 -37.76 -84.41
C VAL C 495 2.86 -39.19 -84.45
N VAL C 496 3.66 -40.12 -83.94
CA VAL C 496 3.40 -41.54 -84.06
C VAL C 496 3.24 -42.13 -82.66
N GLU C 497 2.23 -42.99 -82.49
CA GLU C 497 2.13 -43.78 -81.28
C GLU C 497 3.35 -44.69 -81.16
N LYS C 498 3.81 -44.91 -79.93
CA LYS C 498 5.06 -45.62 -79.74
C LYS C 498 4.91 -47.12 -79.97
N TYR C 499 3.73 -47.69 -79.75
CA TYR C 499 3.58 -49.11 -80.02
C TYR C 499 3.38 -49.41 -81.50
N LEU C 500 3.11 -48.40 -82.31
CA LEU C 500 3.10 -48.55 -83.76
C LEU C 500 4.48 -48.38 -84.37
N LEU C 501 5.51 -48.23 -83.54
CA LEU C 501 6.86 -48.08 -84.02
C LEU C 501 7.58 -49.42 -84.00
N PRO D 2 42.34 31.11 -52.32
CA PRO D 2 41.57 31.28 -53.56
C PRO D 2 41.31 32.74 -53.86
N LEU D 3 40.35 33.01 -54.74
CA LEU D 3 40.09 34.36 -55.23
C LEU D 3 38.86 34.93 -54.52
N TYR D 4 39.05 36.03 -53.81
CA TYR D 4 38.01 36.57 -52.96
C TYR D 4 37.70 38.01 -53.34
N ASP D 5 36.45 38.40 -53.12
CA ASP D 5 36.01 39.79 -53.19
C ASP D 5 35.56 40.19 -51.81
N CYS D 6 36.13 41.27 -51.29
CA CYS D 6 35.78 41.81 -49.99
C CYS D 6 34.97 43.08 -50.21
N MET D 7 33.72 43.06 -49.79
CA MET D 7 32.81 44.18 -49.94
C MET D 7 32.59 44.82 -48.58
N LEU D 8 32.76 46.15 -48.51
CA LEU D 8 32.65 46.87 -47.27
C LEU D 8 31.70 48.03 -47.44
N LEU D 9 30.86 48.27 -46.43
CA LEU D 9 29.89 49.37 -46.44
C LEU D 9 30.25 50.31 -45.31
N PHE D 10 30.89 51.41 -45.65
CA PHE D 10 31.28 52.44 -44.69
C PHE D 10 30.10 53.35 -44.38
N LYS D 11 30.14 53.90 -43.17
CA LYS D 11 29.13 54.85 -42.71
C LYS D 11 29.21 56.13 -43.56
N PRO D 12 28.09 56.86 -43.72
CA PRO D 12 28.09 57.98 -44.66
C PRO D 12 28.95 59.17 -44.23
N ILE D 13 29.32 59.29 -42.95
CA ILE D 13 30.11 60.43 -42.49
C ILE D 13 31.60 60.13 -42.45
N ILE D 14 32.02 58.88 -42.70
CA ILE D 14 33.43 58.55 -42.71
C ILE D 14 34.09 59.22 -43.90
N ARG D 15 35.26 59.81 -43.68
CA ARG D 15 35.90 60.66 -44.67
C ARG D 15 37.04 59.89 -45.34
N LYS D 16 37.58 60.48 -46.43
CA LYS D 16 38.50 59.81 -47.34
C LYS D 16 39.73 59.26 -46.62
N GLU D 17 40.23 59.99 -45.62
CA GLU D 17 41.39 59.51 -44.87
C GLU D 17 41.05 58.27 -44.04
N GLY D 18 39.84 58.21 -43.47
CA GLY D 18 39.44 57.01 -42.75
C GLY D 18 39.25 55.81 -43.66
N LEU D 19 38.65 56.04 -44.83
CA LEU D 19 38.53 54.97 -45.83
C LEU D 19 39.90 54.44 -46.24
N ILE D 20 40.85 55.34 -46.51
CA ILE D 20 42.18 54.92 -46.93
C ILE D 20 42.90 54.19 -45.80
N ASP D 21 42.72 54.66 -44.56
CA ASP D 21 43.37 53.99 -43.42
C ASP D 21 42.88 52.57 -43.25
N LEU D 22 41.57 52.35 -43.31
CA LEU D 22 41.06 50.99 -43.11
C LEU D 22 41.41 50.07 -44.28
N VAL D 23 41.32 50.58 -45.51
CA VAL D 23 41.63 49.74 -46.66
C VAL D 23 43.12 49.41 -46.70
N ALA D 24 43.97 50.37 -46.31
CA ALA D 24 45.40 50.10 -46.22
C ALA D 24 45.71 49.10 -45.11
N ARG D 25 44.96 49.14 -44.00
CA ARG D 25 45.17 48.16 -42.94
C ARG D 25 44.86 46.74 -43.42
N ILE D 26 43.74 46.59 -44.14
CA ILE D 26 43.39 45.26 -44.65
C ILE D 26 44.40 44.81 -45.71
N GLY D 27 44.87 45.74 -46.54
CA GLY D 27 45.89 45.40 -47.53
C GLY D 27 47.19 44.95 -46.89
N LYS D 28 47.59 45.62 -45.81
CA LYS D 28 48.80 45.21 -45.10
C LYS D 28 48.62 43.86 -44.42
N HIS D 29 47.41 43.56 -43.94
CA HIS D 29 47.09 42.22 -43.47
C HIS D 29 47.34 41.18 -44.55
N VAL D 30 46.83 41.44 -45.76
CA VAL D 30 46.98 40.49 -46.85
C VAL D 30 48.45 40.31 -47.23
N TYR D 31 49.20 41.42 -47.28
CA TYR D 31 50.61 41.34 -47.61
C TYR D 31 51.40 40.57 -46.57
N SER D 32 51.08 40.75 -45.29
CA SER D 32 51.74 39.98 -44.24
C SER D 32 51.42 38.50 -44.34
N LYS D 33 50.17 38.15 -44.66
CA LYS D 33 49.78 36.76 -44.83
C LYS D 33 49.91 36.28 -46.27
N ASN D 34 50.81 36.93 -47.04
CA ASN D 34 51.33 36.40 -48.30
C ASN D 34 50.24 36.28 -49.37
N GLY D 35 49.64 37.43 -49.67
CA GLY D 35 48.58 37.50 -50.65
C GLY D 35 48.86 38.58 -51.67
N VAL D 36 48.01 38.60 -52.69
CA VAL D 36 48.10 39.55 -53.80
C VAL D 36 46.81 40.34 -53.87
N LEU D 37 46.94 41.66 -54.01
CA LEU D 37 45.79 42.53 -54.22
C LEU D 37 45.70 42.89 -55.69
N THR D 38 44.59 42.53 -56.33
CA THR D 38 44.50 42.67 -57.78
C THR D 38 43.63 43.83 -58.24
N GLU D 39 42.63 44.26 -57.47
CA GLU D 39 41.77 45.32 -57.92
C GLU D 39 41.09 45.98 -56.74
N VAL D 40 41.20 47.30 -56.62
CA VAL D 40 40.45 48.07 -55.63
C VAL D 40 39.52 49.00 -56.39
N LYS D 41 38.26 49.09 -55.94
CA LYS D 41 37.31 49.96 -56.62
C LYS D 41 36.24 50.40 -55.64
N SER D 42 35.54 51.46 -56.01
CA SER D 42 34.54 52.09 -55.15
C SER D 42 33.27 52.34 -55.93
N PHE D 43 32.13 52.17 -55.27
CA PHE D 43 30.84 52.42 -55.90
C PHE D 43 30.21 53.70 -55.42
N GLY D 44 30.94 54.52 -54.66
CA GLY D 44 30.39 55.80 -54.24
C GLY D 44 29.35 55.64 -53.15
N LYS D 45 28.34 56.49 -53.17
CA LYS D 45 27.24 56.45 -52.21
C LYS D 45 26.12 55.60 -52.78
N VAL D 46 25.64 54.65 -51.98
CA VAL D 46 24.53 53.78 -52.36
C VAL D 46 23.34 54.12 -51.48
N GLU D 47 22.19 53.57 -51.85
CA GLU D 47 20.96 53.72 -51.07
C GLU D 47 20.54 52.36 -50.54
N LEU D 48 20.23 52.30 -49.25
CA LEU D 48 19.88 51.05 -48.60
C LEU D 48 18.37 50.84 -48.64
N GLY D 49 17.98 49.58 -48.61
CA GLY D 49 16.56 49.25 -48.61
C GLY D 49 15.86 49.47 -47.30
N TYR D 50 16.61 49.68 -46.23
CA TYR D 50 16.05 49.96 -44.91
C TYR D 50 17.10 50.72 -44.12
N GLY D 51 16.72 51.17 -42.94
CA GLY D 51 17.66 51.89 -42.11
C GLY D 51 18.55 50.97 -41.30
N ILE D 52 19.85 50.97 -41.60
CA ILE D 52 20.77 50.17 -40.81
C ILE D 52 20.99 50.85 -39.46
N LYS D 53 20.82 50.10 -38.38
CA LYS D 53 20.81 50.68 -37.05
C LYS D 53 22.07 50.31 -36.30
N LYS D 54 22.76 51.33 -35.78
CA LYS D 54 23.96 51.14 -34.98
C LYS D 54 23.83 51.87 -33.66
N LEU D 55 24.93 51.98 -32.92
CA LEU D 55 24.91 52.66 -31.62
C LEU D 55 24.66 54.16 -31.77
N ASP D 56 25.14 54.76 -32.85
CA ASP D 56 24.97 56.19 -33.05
C ASP D 56 23.54 56.54 -33.44
N GLY D 57 22.95 55.75 -34.33
CA GLY D 57 21.61 56.04 -34.80
C GLY D 57 21.17 55.12 -35.92
N ARG D 58 20.51 55.67 -36.92
CA ARG D 58 20.08 54.93 -38.10
C ARG D 58 20.64 55.60 -39.34
N HIS D 59 21.14 54.80 -40.26
CA HIS D 59 21.78 55.31 -41.46
C HIS D 59 21.06 54.75 -42.69
N TYR D 60 20.91 55.61 -43.70
CA TYR D 60 20.16 55.28 -44.89
C TYR D 60 20.98 55.36 -46.18
N GLN D 61 22.23 55.82 -46.11
CA GLN D 61 23.14 55.78 -47.23
C GLN D 61 24.50 55.29 -46.73
N GLY D 62 25.25 54.68 -47.63
CA GLY D 62 26.56 54.15 -47.26
C GLY D 62 27.51 54.17 -48.42
N GLN D 63 28.79 54.01 -48.11
CA GLN D 63 29.85 54.04 -49.11
C GLN D 63 30.37 52.64 -49.36
N LEU D 64 30.36 52.20 -50.62
CA LEU D 64 30.66 50.83 -50.95
C LEU D 64 32.07 50.72 -51.52
N MET D 65 32.87 49.82 -50.95
CA MET D 65 34.21 49.55 -51.43
C MET D 65 34.37 48.06 -51.73
N GLN D 66 35.20 47.74 -52.72
CA GLN D 66 35.44 46.36 -53.11
C GLN D 66 36.94 46.15 -53.32
N ILE D 67 37.47 45.12 -52.69
CA ILE D 67 38.87 44.72 -52.85
C ILE D 67 38.91 43.28 -53.33
N THR D 68 39.64 43.02 -54.40
CA THR D 68 39.80 41.67 -54.92
C THR D 68 41.17 41.15 -54.52
N MET D 69 41.21 39.96 -53.93
CA MET D 69 42.45 39.44 -53.38
C MET D 69 42.61 37.98 -53.75
N MET D 70 43.86 37.51 -53.65
CA MET D 70 44.19 36.09 -53.72
C MET D 70 44.94 35.77 -52.43
N ALA D 71 44.23 35.18 -51.46
CA ALA D 71 44.82 34.99 -50.14
C ALA D 71 44.62 33.57 -49.63
N THR D 72 45.04 33.34 -48.39
CA THR D 72 44.96 32.03 -47.78
C THR D 72 43.52 31.63 -47.54
N PRO D 73 43.23 30.32 -47.48
CA PRO D 73 41.88 29.89 -47.07
C PRO D 73 41.47 30.35 -45.69
N ASN D 74 42.41 30.59 -44.80
CA ASN D 74 42.10 31.04 -43.45
C ASN D 74 41.88 32.54 -43.35
N ILE D 75 41.66 33.24 -44.45
CA ILE D 75 41.61 34.71 -44.40
C ILE D 75 40.36 35.20 -43.66
N ASN D 76 39.23 34.50 -43.80
CA ASN D 76 38.00 34.95 -43.19
C ASN D 76 38.00 34.76 -41.68
N LYS D 77 38.84 33.87 -41.16
CA LYS D 77 38.90 33.64 -39.73
C LYS D 77 39.55 34.79 -39.01
N GLU D 78 40.58 35.40 -39.60
CA GLU D 78 41.21 36.55 -38.98
C GLU D 78 40.82 37.88 -39.62
N LEU D 79 39.84 37.88 -40.51
CA LEU D 79 39.15 39.13 -40.82
C LEU D 79 38.00 39.41 -39.86
N HIS D 80 37.95 38.75 -38.71
CA HIS D 80 36.82 38.93 -37.79
C HIS D 80 36.95 40.16 -36.92
N TYR D 81 38.03 40.93 -37.02
CA TYR D 81 38.07 42.18 -36.28
C TYR D 81 37.22 43.26 -36.91
N LEU D 82 36.71 43.03 -38.12
CA LEU D 82 35.82 44.00 -38.76
C LEU D 82 34.43 43.99 -38.16
N ASN D 83 34.06 42.94 -37.42
CA ASN D 83 32.76 42.93 -36.76
C ASN D 83 32.67 43.97 -35.66
N LYS D 84 33.81 44.36 -35.09
CA LYS D 84 33.86 45.34 -34.01
C LYS D 84 34.41 46.67 -34.50
N ASP D 85 34.13 47.02 -35.74
CA ASP D 85 34.65 48.23 -36.36
C ASP D 85 33.61 49.33 -36.32
N ASP D 86 34.06 50.56 -36.08
CA ASP D 86 33.15 51.68 -35.90
C ASP D 86 32.99 52.54 -37.15
N LYS D 87 33.80 52.34 -38.17
CA LYS D 87 33.56 53.00 -39.46
C LYS D 87 32.72 52.15 -40.39
N LEU D 88 32.42 50.91 -40.03
CA LEU D 88 31.80 49.96 -40.94
C LEU D 88 30.34 49.76 -40.56
N LEU D 89 29.49 49.62 -41.58
CA LEU D 89 28.11 49.18 -41.39
C LEU D 89 28.02 47.67 -41.55
N ARG D 90 28.35 47.17 -42.73
CA ARG D 90 28.37 45.75 -43.02
C ARG D 90 29.65 45.41 -43.75
N TRP D 91 30.10 44.17 -43.62
CA TRP D 91 31.22 43.67 -44.39
C TRP D 91 30.91 42.25 -44.81
N LEU D 92 31.43 41.85 -45.97
CA LEU D 92 31.15 40.52 -46.49
C LEU D 92 32.28 40.09 -47.41
N LEU D 93 32.83 38.92 -47.16
CA LEU D 93 33.83 38.32 -48.03
C LEU D 93 33.18 37.19 -48.81
N VAL D 94 33.24 37.26 -50.13
CA VAL D 94 32.63 36.25 -50.98
C VAL D 94 33.69 35.70 -51.91
N LYS D 95 33.42 34.51 -52.45
CA LYS D 95 34.30 33.96 -53.46
C LYS D 95 34.08 34.68 -54.78
N HIS D 96 35.05 34.54 -55.68
CA HIS D 96 35.00 35.26 -56.94
C HIS D 96 34.06 34.58 -57.93
N ARG D 97 33.22 35.38 -58.57
CA ARG D 97 32.32 34.92 -59.61
C ARG D 97 32.57 35.71 -60.89
N ASP D 98 32.50 35.02 -62.02
CA ASP D 98 32.71 35.65 -63.33
C ASP D 98 31.43 36.35 -63.82
N ILE D 99 30.98 37.33 -63.05
CA ILE D 99 29.81 38.12 -63.38
C ILE D 99 30.24 39.58 -63.47
N LYS D 100 29.92 40.23 -64.59
CA LYS D 100 30.17 41.65 -64.73
C LYS D 100 29.33 42.45 -63.74
N ILE D 101 29.95 43.47 -63.14
CA ILE D 101 29.32 44.27 -62.10
C ILE D 101 29.13 45.68 -62.61
N GLY D 102 27.89 46.17 -62.56
CA GLY D 102 27.57 47.51 -63.02
C GLY D 102 26.34 47.56 -63.91
N UNK E 1 -66.30 42.41 -48.60
CA UNK E 1 -67.49 43.17 -48.99
C UNK E 1 -68.66 42.86 -48.06
N UNK E 2 -68.57 41.72 -47.37
CA UNK E 2 -69.61 41.36 -46.42
C UNK E 2 -69.60 42.28 -45.20
N UNK E 3 -68.44 42.78 -44.82
CA UNK E 3 -68.33 43.71 -43.71
C UNK E 3 -68.60 45.12 -44.21
N UNK E 4 -69.37 45.87 -43.43
CA UNK E 4 -69.74 47.27 -43.72
C UNK E 4 -70.43 47.41 -45.08
N UNK E 5 -71.57 46.72 -45.20
CA UNK E 5 -72.37 46.85 -46.41
C UNK E 5 -72.97 48.23 -46.55
N UNK E 6 -73.26 48.91 -45.44
CA UNK E 6 -73.72 50.29 -45.51
C UNK E 6 -72.63 51.22 -46.04
N UNK E 7 -71.41 51.09 -45.52
CA UNK E 7 -70.30 51.90 -45.99
C UNK E 7 -69.77 51.46 -47.34
N UNK E 8 -70.22 50.31 -47.85
CA UNK E 8 -69.93 49.92 -49.23
C UNK E 8 -70.98 50.41 -50.21
N UNK E 9 -72.26 50.46 -49.79
CA UNK E 9 -73.28 51.04 -50.64
C UNK E 9 -73.12 52.54 -50.73
N UNK E 10 -72.90 53.21 -49.60
CA UNK E 10 -72.52 54.62 -49.60
C UNK E 10 -71.03 54.71 -49.90
N GLY E 11 -70.70 54.42 -51.16
CA GLY E 11 -69.34 54.12 -51.55
C GLY E 11 -68.48 55.35 -51.72
N GLY E 12 -67.36 55.14 -52.42
CA GLY E 12 -66.38 56.18 -52.57
C GLY E 12 -65.19 55.95 -51.66
N LEU E 13 -64.80 54.69 -51.53
CA LEU E 13 -63.67 54.29 -50.72
C LEU E 13 -62.71 53.48 -51.57
N ASP E 14 -61.46 53.41 -51.13
CA ASP E 14 -60.46 52.62 -51.84
C ASP E 14 -60.27 51.27 -51.12
N GLY E 15 -59.36 50.47 -51.67
CA GLY E 15 -59.06 49.18 -51.06
C GLY E 15 -58.44 49.29 -49.68
N GLU E 16 -57.59 50.30 -49.47
CA GLU E 16 -56.94 50.48 -48.18
C GLU E 16 -57.94 50.86 -47.10
N GLN E 17 -58.87 51.76 -47.40
CA GLN E 17 -59.90 52.14 -46.42
C GLN E 17 -60.90 51.01 -46.18
N LYS E 18 -61.26 50.27 -47.24
CA LYS E 18 -62.11 49.10 -47.05
C LYS E 18 -61.44 48.06 -46.17
N LEU E 19 -60.15 47.83 -46.39
CA LEU E 19 -59.38 46.91 -45.56
C LEU E 19 -59.31 47.39 -44.12
N LEU E 20 -59.14 48.69 -43.91
CA LEU E 20 -59.11 49.26 -42.57
C LEU E 20 -60.43 49.04 -41.83
N ILE E 21 -61.55 49.27 -42.51
CA ILE E 21 -62.86 49.07 -41.88
C ILE E 21 -63.10 47.59 -41.57
N LYS E 22 -62.77 46.71 -42.52
CA LYS E 22 -62.98 45.28 -42.33
C LYS E 22 -62.17 44.76 -41.16
N LYS E 23 -60.91 45.20 -41.06
CA LYS E 23 -60.07 44.82 -39.94
C LYS E 23 -60.59 45.35 -38.61
N LEU E 24 -61.00 46.63 -38.56
CA LEU E 24 -61.49 47.22 -37.32
C LEU E 24 -62.77 46.56 -36.82
N VAL E 25 -63.60 46.06 -37.73
CA VAL E 25 -64.77 45.30 -37.31
C VAL E 25 -64.41 43.89 -36.88
N ASN E 26 -63.62 43.17 -37.69
CA ASN E 26 -63.49 41.74 -37.51
C ASN E 26 -62.44 41.33 -36.48
N PHE E 27 -61.59 42.23 -36.01
CA PHE E 27 -60.53 41.81 -35.10
C PHE E 27 -61.04 41.41 -33.73
N ARG E 28 -62.16 41.98 -33.29
CA ARG E 28 -62.67 41.75 -31.95
C ARG E 28 -63.94 40.88 -31.97
N MET E 29 -64.31 40.38 -33.14
CA MET E 29 -65.47 39.50 -33.25
C MET E 29 -65.16 38.15 -32.63
N LYS E 30 -66.04 37.68 -31.76
CA LYS E 30 -65.92 36.36 -31.14
C LYS E 30 -67.17 35.56 -31.44
N GLU E 31 -66.99 34.27 -31.73
CA GLU E 31 -68.06 33.30 -31.97
C GLU E 31 -68.94 33.67 -33.16
N GLY E 32 -68.39 34.41 -34.11
CA GLY E 32 -69.14 34.80 -35.29
C GLY E 32 -70.30 35.73 -35.03
N LYS E 33 -70.19 36.62 -34.06
CA LYS E 33 -71.24 37.56 -33.71
C LYS E 33 -70.78 38.96 -34.10
N ARG E 34 -71.24 39.42 -35.26
CA ARG E 34 -70.74 40.66 -35.84
C ARG E 34 -71.61 41.86 -35.52
N THR E 35 -72.88 41.66 -35.13
CA THR E 35 -73.82 42.77 -35.06
C THR E 35 -73.49 43.75 -33.95
N ARG E 36 -73.11 43.27 -32.77
CA ARG E 36 -72.82 44.17 -31.65
C ARG E 36 -71.58 45.00 -31.92
N VAL E 37 -70.51 44.37 -32.40
CA VAL E 37 -69.28 45.11 -32.66
C VAL E 37 -69.45 46.04 -33.85
N ARG E 38 -70.27 45.67 -34.84
CA ARG E 38 -70.50 46.57 -35.96
C ARG E 38 -71.35 47.76 -35.54
N ALA E 39 -72.32 47.57 -34.64
CA ALA E 39 -73.05 48.70 -34.09
C ALA E 39 -72.15 49.62 -33.28
N ILE E 40 -71.25 49.04 -32.48
CA ILE E 40 -70.32 49.85 -31.71
C ILE E 40 -69.40 50.66 -32.63
N VAL E 41 -68.88 50.02 -33.67
CA VAL E 41 -67.97 50.70 -34.60
C VAL E 41 -68.71 51.79 -35.37
N TYR E 42 -69.95 51.53 -35.78
CA TYR E 42 -70.74 52.53 -36.49
C TYR E 42 -71.02 53.73 -35.61
N GLN E 43 -71.36 53.51 -34.34
CA GLN E 43 -71.64 54.66 -33.49
C GLN E 43 -70.37 55.41 -33.07
N THR E 44 -69.23 54.72 -32.99
CA THR E 44 -67.96 55.42 -32.77
C THR E 44 -67.60 56.28 -33.97
N PHE E 45 -67.88 55.80 -35.18
CA PHE E 45 -67.72 56.63 -36.36
C PHE E 45 -68.70 57.80 -36.37
N HIS E 46 -69.92 57.56 -35.88
CA HIS E 46 -70.95 58.58 -35.93
C HIS E 46 -70.75 59.68 -34.91
N ARG E 47 -69.98 59.42 -33.85
CA ARG E 47 -69.75 60.46 -32.84
C ARG E 47 -69.08 61.72 -33.39
N PRO E 48 -68.05 61.67 -34.24
CA PRO E 48 -67.65 62.90 -34.95
C PRO E 48 -68.20 63.06 -36.36
N ALA E 49 -69.05 62.15 -36.83
CA ALA E 49 -69.61 62.32 -38.17
C ALA E 49 -70.69 63.38 -38.20
N ARG E 50 -71.34 63.64 -37.08
CA ARG E 50 -72.34 64.70 -36.95
C ARG E 50 -71.72 66.06 -36.73
N THR E 51 -70.39 66.16 -36.76
CA THR E 51 -69.69 67.41 -36.46
C THR E 51 -68.66 67.67 -37.56
N GLU E 52 -69.12 67.62 -38.81
CA GLU E 52 -68.30 67.76 -40.01
C GLU E 52 -67.25 66.65 -40.02
N ARG E 53 -66.04 66.98 -40.46
CA ARG E 53 -64.85 66.17 -40.62
C ARG E 53 -65.03 65.00 -41.58
N ASP E 54 -63.92 64.38 -41.95
CA ASP E 54 -63.94 63.13 -42.67
C ASP E 54 -63.40 62.07 -41.71
N VAL E 55 -64.33 61.30 -41.14
CA VAL E 55 -63.96 60.40 -40.06
C VAL E 55 -63.10 59.24 -40.56
N ILE E 56 -63.29 58.80 -41.80
CA ILE E 56 -62.44 57.74 -42.34
C ILE E 56 -61.02 58.22 -42.62
N LYS E 57 -60.85 59.46 -43.07
CA LYS E 57 -59.52 60.04 -43.17
C LYS E 57 -58.89 60.26 -41.80
N LEU E 58 -59.71 60.57 -40.78
CA LEU E 58 -59.22 60.61 -39.41
C LEU E 58 -58.70 59.25 -38.96
N MET E 59 -59.41 58.18 -39.32
CA MET E 59 -58.94 56.85 -38.98
C MET E 59 -57.66 56.49 -39.71
N VAL E 60 -57.53 56.88 -40.97
CA VAL E 60 -56.31 56.63 -41.73
C VAL E 60 -55.12 57.34 -41.07
N ASP E 61 -55.31 58.60 -40.68
CA ASP E 61 -54.25 59.34 -39.99
C ASP E 61 -53.91 58.70 -38.64
N ALA E 62 -54.93 58.29 -37.88
CA ALA E 62 -54.70 57.70 -36.56
C ALA E 62 -53.94 56.39 -36.66
N VAL E 63 -54.26 55.56 -37.64
CA VAL E 63 -53.56 54.29 -37.80
C VAL E 63 -52.14 54.52 -38.31
N GLU E 64 -51.96 55.48 -39.22
CA GLU E 64 -50.63 55.82 -39.71
C GLU E 64 -49.73 56.32 -38.58
N ASN E 65 -50.31 56.95 -37.56
CA ASN E 65 -49.50 57.42 -36.44
C ASN E 65 -49.00 56.30 -35.54
N ILE E 66 -49.61 55.11 -35.58
CA ILE E 66 -49.22 54.00 -34.70
C ILE E 66 -48.64 52.82 -35.48
N LYS E 67 -48.56 52.92 -36.81
CA LYS E 67 -47.85 51.87 -37.56
C LYS E 67 -46.38 51.77 -37.14
N PRO E 68 -45.91 50.60 -36.71
CA PRO E 68 -44.49 50.44 -36.38
C PRO E 68 -43.69 49.91 -37.55
N ILE E 69 -42.48 50.44 -37.71
CA ILE E 69 -41.68 50.07 -38.87
C ILE E 69 -40.78 48.87 -38.61
N CYS E 70 -40.32 48.67 -37.37
CA CYS E 70 -39.44 47.56 -37.05
C CYS E 70 -39.94 46.81 -35.82
N GLU E 71 -39.76 45.49 -35.84
CA GLU E 71 -40.18 44.60 -34.76
C GLU E 71 -39.02 43.70 -34.39
N VAL E 72 -39.24 42.84 -33.40
CA VAL E 72 -38.20 41.92 -32.93
C VAL E 72 -38.70 40.48 -33.05
N ALA E 73 -37.77 39.55 -32.92
CA ALA E 73 -38.06 38.12 -32.95
C ALA E 73 -37.01 37.39 -32.13
N LYS E 74 -37.41 36.29 -31.50
CA LYS E 74 -36.51 35.53 -30.63
C LYS E 74 -35.84 34.43 -31.46
N VAL E 75 -34.50 34.45 -31.50
CA VAL E 75 -33.71 33.52 -32.30
C VAL E 75 -32.73 32.81 -31.37
N GLY E 76 -32.70 31.47 -31.46
CA GLY E 76 -31.82 30.69 -30.64
C GLY E 76 -30.53 30.33 -31.35
N VAL E 77 -29.42 30.86 -30.85
CA VAL E 77 -28.09 30.59 -31.39
C VAL E 77 -27.26 29.97 -30.29
N ALA E 78 -26.89 28.70 -30.46
CA ALA E 78 -26.01 27.94 -29.56
C ALA E 78 -26.54 27.91 -28.13
N GLY E 79 -27.85 27.85 -27.96
CA GLY E 79 -28.45 27.66 -26.67
C GLY E 79 -28.89 28.93 -25.96
N THR E 80 -28.37 30.09 -26.34
CA THR E 80 -28.77 31.35 -25.75
C THR E 80 -29.71 32.09 -26.68
N ILE E 81 -30.67 32.79 -26.10
CA ILE E 81 -31.75 33.42 -26.86
C ILE E 81 -31.37 34.86 -27.14
N TYR E 82 -31.32 35.21 -28.43
CA TYR E 82 -31.08 36.57 -28.85
C TYR E 82 -32.38 37.17 -29.37
N ASP E 83 -32.41 38.50 -29.43
CA ASP E 83 -33.59 39.27 -29.78
C ASP E 83 -33.27 40.04 -31.05
N VAL E 84 -33.51 39.42 -32.20
CA VAL E 84 -33.10 39.95 -33.50
C VAL E 84 -34.15 40.90 -34.05
N PRO E 85 -33.77 42.10 -34.49
CA PRO E 85 -34.73 43.00 -35.12
C PRO E 85 -35.02 42.62 -36.57
N GLY E 86 -36.10 43.20 -37.09
CA GLY E 86 -36.51 42.98 -38.47
C GLY E 86 -37.52 44.01 -38.90
N ILE E 87 -37.73 44.08 -40.22
CA ILE E 87 -38.59 45.08 -40.84
C ILE E 87 -40.01 44.54 -40.94
N VAL E 88 -41.00 45.40 -40.68
CA VAL E 88 -42.41 45.01 -40.71
C VAL E 88 -42.99 45.37 -42.07
N ALA E 89 -43.80 44.48 -42.63
CA ALA E 89 -44.41 44.70 -43.92
C ALA E 89 -45.67 45.55 -43.79
N ARG E 90 -46.25 45.89 -44.96
CA ARG E 90 -47.31 46.89 -45.00
C ARG E 90 -48.62 46.36 -44.43
N ASP E 91 -48.91 45.07 -44.58
CA ASP E 91 -50.12 44.54 -43.96
C ASP E 91 -49.94 44.40 -42.46
N ARG E 92 -48.78 43.92 -42.02
CA ARG E 92 -48.55 43.67 -40.60
C ARG E 92 -48.48 44.95 -39.79
N GLN E 93 -48.02 46.06 -40.39
CA GLN E 93 -48.09 47.35 -39.72
C GLN E 93 -49.53 47.72 -39.38
N GLN E 94 -50.42 47.59 -40.35
CA GLN E 94 -51.83 47.91 -40.18
C GLN E 94 -52.46 47.03 -39.12
N THR E 95 -52.19 45.73 -39.18
CA THR E 95 -52.80 44.80 -38.23
C THR E 95 -52.28 45.03 -36.82
N LEU E 96 -50.98 45.29 -36.66
CA LEU E 96 -50.43 45.56 -35.34
C LEU E 96 -50.97 46.87 -34.76
N ALA E 97 -51.10 47.91 -35.57
CA ALA E 97 -51.66 49.17 -35.07
C ALA E 97 -53.11 49.02 -34.65
N ILE E 98 -53.92 48.33 -35.44
CA ILE E 98 -55.33 48.19 -35.10
C ILE E 98 -55.50 47.29 -33.88
N ARG E 99 -54.69 46.25 -33.76
CA ARG E 99 -54.75 45.38 -32.59
C ARG E 99 -54.35 46.14 -31.33
N TRP E 100 -53.34 47.01 -31.42
CA TRP E 100 -52.97 47.82 -30.26
C TRP E 100 -54.05 48.82 -29.89
N ILE E 101 -54.72 49.40 -30.89
CA ILE E 101 -55.83 50.32 -30.63
C ILE E 101 -56.94 49.62 -29.87
N LEU E 102 -57.36 48.45 -30.35
CA LEU E 102 -58.45 47.72 -29.71
C LEU E 102 -58.07 47.21 -28.32
N GLU E 103 -56.82 46.77 -28.13
CA GLU E 103 -56.36 46.35 -26.82
C GLU E 103 -56.38 47.50 -25.81
N ALA E 104 -55.84 48.67 -26.21
CA ALA E 104 -55.85 49.82 -25.31
C ALA E 104 -57.26 50.29 -25.00
N ALA E 105 -58.15 50.27 -25.99
CA ALA E 105 -59.54 50.66 -25.77
C ALA E 105 -60.23 49.72 -24.77
N PHE E 106 -59.99 48.41 -24.87
CA PHE E 106 -60.66 47.50 -23.95
C PHE E 106 -60.06 47.54 -22.55
N LYS E 107 -58.76 47.80 -22.43
CA LYS E 107 -58.19 48.01 -21.10
C LYS E 107 -58.71 49.29 -20.46
N ARG E 108 -58.91 50.34 -21.25
CA ARG E 108 -59.55 51.54 -20.73
C ARG E 108 -61.01 51.28 -20.34
N ARG E 109 -61.69 50.41 -21.10
CA ARG E 109 -63.05 50.00 -20.77
C ARG E 109 -63.09 49.35 -19.39
N ILE E 110 -62.17 48.43 -19.13
CA ILE E 110 -62.12 47.76 -17.83
C ILE E 110 -61.74 48.75 -16.73
N SER E 111 -60.85 49.69 -17.04
CA SER E 111 -60.37 50.62 -16.00
C SER E 111 -61.45 51.61 -15.58
N TYR E 112 -62.14 52.23 -16.54
CA TYR E 112 -63.06 53.31 -16.20
C TYR E 112 -64.51 52.88 -16.10
N ARG E 113 -64.88 51.75 -16.72
CA ARG E 113 -66.25 51.22 -16.71
C ARG E 113 -67.25 52.24 -17.27
N ILE E 114 -67.03 52.60 -18.53
CA ILE E 114 -67.91 53.50 -19.25
C ILE E 114 -68.25 52.84 -20.58
N SER E 115 -68.94 53.56 -21.46
CA SER E 115 -69.36 52.96 -22.72
C SER E 115 -68.17 52.69 -23.64
N LEU E 116 -68.25 51.56 -24.35
CA LEU E 116 -67.16 51.11 -25.20
C LEU E 116 -66.95 52.04 -26.39
N GLU E 117 -68.01 52.65 -26.91
CA GLU E 117 -67.86 53.66 -27.94
C GLU E 117 -67.11 54.87 -27.43
N LYS E 118 -67.41 55.29 -26.19
CA LYS E 118 -66.66 56.36 -25.58
C LYS E 118 -65.19 56.02 -25.42
N CYS E 119 -64.88 54.77 -25.02
CA CYS E 119 -63.49 54.36 -24.88
C CYS E 119 -62.76 54.30 -26.22
N SER E 120 -63.41 53.75 -27.25
CA SER E 120 -62.78 53.65 -28.57
C SER E 120 -62.54 55.03 -29.18
N PHE E 121 -63.53 55.92 -29.10
CA PHE E 121 -63.33 57.26 -29.64
C PHE E 121 -62.31 58.05 -28.82
N ALA E 122 -62.26 57.83 -27.50
CA ALA E 122 -61.26 58.47 -26.66
C ALA E 122 -59.85 58.06 -27.08
N GLU E 123 -59.64 56.76 -27.28
CA GLU E 123 -58.30 56.31 -27.67
C GLU E 123 -57.94 56.72 -29.09
N ILE E 124 -58.89 56.72 -30.02
CA ILE E 124 -58.57 57.14 -31.39
C ILE E 124 -58.27 58.64 -31.44
N LEU E 125 -59.05 59.45 -30.72
CA LEU E 125 -58.80 60.88 -30.68
C LEU E 125 -57.47 61.20 -30.02
N ASP E 126 -57.12 60.47 -28.96
CA ASP E 126 -55.83 60.71 -28.32
C ASP E 126 -54.67 60.21 -29.16
N ALA E 127 -54.87 59.16 -29.94
CA ALA E 127 -53.85 58.68 -30.86
C ALA E 127 -53.66 59.60 -32.04
N TYR E 128 -54.68 60.39 -32.39
CA TYR E 128 -54.55 61.42 -33.40
C TYR E 128 -53.56 62.52 -32.98
N GLN E 129 -53.32 62.69 -31.69
CA GLN E 129 -52.51 63.79 -31.17
C GLN E 129 -51.11 63.34 -30.77
N LYS E 130 -50.65 62.18 -31.26
CA LYS E 130 -49.31 61.65 -31.03
C LYS E 130 -49.01 61.43 -29.55
N ARG E 131 -49.92 60.74 -28.87
CA ARG E 131 -49.71 60.28 -27.51
C ARG E 131 -50.63 59.10 -27.24
N GLY E 132 -50.49 58.50 -26.07
CA GLY E 132 -51.38 57.43 -25.65
C GLY E 132 -50.66 56.10 -25.49
N SER E 133 -51.44 55.12 -25.03
CA SER E 133 -50.91 53.79 -24.74
C SER E 133 -50.43 53.08 -25.99
N ALA E 134 -51.14 53.25 -27.10
CA ALA E 134 -50.73 52.59 -28.34
C ALA E 134 -49.45 53.21 -28.89
N ARG E 135 -49.32 54.53 -28.78
CA ARG E 135 -48.07 55.18 -29.19
C ARG E 135 -46.91 54.78 -28.28
N ARG E 136 -47.17 54.64 -26.98
CA ARG E 136 -46.12 54.16 -26.07
C ARG E 136 -45.75 52.72 -26.37
N LYS E 137 -46.71 51.91 -26.80
CA LYS E 137 -46.39 50.56 -27.26
C LYS E 137 -45.51 50.59 -28.49
N ARG E 138 -45.79 51.49 -29.43
CA ARG E 138 -44.94 51.65 -30.62
C ARG E 138 -43.53 52.06 -30.23
N GLU E 139 -43.39 53.02 -29.33
CA GLU E 139 -42.06 53.46 -28.94
C GLU E 139 -41.34 52.43 -28.10
N ASN E 140 -42.08 51.62 -27.32
CA ASN E 140 -41.45 50.51 -26.61
C ASN E 140 -40.93 49.46 -27.58
N LEU E 141 -41.71 49.14 -28.61
CA LEU E 141 -41.26 48.19 -29.62
C LEU E 141 -40.03 48.70 -30.35
N HIS E 142 -40.01 49.98 -30.69
CA HIS E 142 -38.82 50.56 -31.30
C HIS E 142 -37.65 50.62 -30.33
N GLY E 143 -37.91 50.73 -29.03
CA GLY E 143 -36.82 50.67 -28.06
C GLY E 143 -36.18 49.29 -28.00
N LEU E 144 -37.00 48.24 -27.99
CA LEU E 144 -36.47 46.88 -28.05
C LEU E 144 -35.80 46.59 -29.38
N ALA E 145 -36.25 47.22 -30.47
CA ALA E 145 -35.59 47.04 -31.75
C ALA E 145 -34.23 47.74 -31.78
N SER E 146 -34.13 48.94 -31.20
CA SER E 146 -32.91 49.72 -31.28
C SER E 146 -31.92 49.41 -30.17
N THR E 147 -32.34 48.70 -29.12
CA THR E 147 -31.37 48.24 -28.14
C THR E 147 -30.53 47.10 -28.70
N ASN E 148 -31.14 46.20 -29.45
CA ASN E 148 -30.51 44.99 -29.95
C ASN E 148 -30.19 45.09 -31.43
N ARG E 149 -29.78 46.26 -31.91
CA ARG E 149 -29.48 46.41 -33.34
C ARG E 149 -28.14 45.77 -33.72
N SER E 150 -27.27 45.50 -32.75
CA SER E 150 -26.01 44.84 -33.06
C SER E 150 -26.20 43.38 -33.43
N PHE E 151 -27.30 42.76 -33.01
CA PHE E 151 -27.54 41.34 -33.18
C PHE E 151 -28.29 41.01 -34.47
N ALA E 152 -28.54 41.99 -35.34
CA ALA E 152 -28.82 41.69 -36.73
C ALA E 152 -27.57 41.08 -37.35
N HIS E 153 -27.74 40.35 -38.45
CA HIS E 153 -26.93 39.32 -39.16
C HIS E 153 -27.12 37.95 -38.49
N PHE E 154 -27.91 37.87 -37.42
CA PHE E 154 -28.45 36.62 -36.92
C PHE E 154 -29.78 36.27 -37.56
N ARG E 155 -30.23 37.06 -38.52
CA ARG E 155 -31.55 36.90 -39.10
C ARG E 155 -31.60 35.73 -40.07
N TRP E 156 -32.66 34.92 -39.96
CA TRP E 156 -32.82 33.73 -40.78
C TRP E 156 -33.86 33.89 -41.89
N TRP E 157 -34.83 34.77 -41.73
CA TRP E 157 -35.92 34.89 -42.70
C TRP E 157 -35.46 35.59 -43.97
N GLY F 2 27.60 -19.94 -66.01
CA GLY F 2 26.91 -20.30 -67.23
C GLY F 2 25.42 -20.46 -67.02
N ARG F 3 25.03 -20.94 -65.83
CA ARG F 3 23.62 -21.16 -65.54
C ARG F 3 22.83 -19.87 -65.45
N ARG F 4 23.41 -18.82 -64.87
CA ARG F 4 22.72 -17.53 -64.78
C ARG F 4 22.47 -16.92 -66.14
N ILE F 5 23.50 -16.88 -67.00
CA ILE F 5 23.30 -16.31 -68.33
C ILE F 5 22.46 -17.21 -69.22
N LEU F 6 22.51 -18.53 -69.01
CA LEU F 6 21.68 -19.45 -69.79
C LEU F 6 20.20 -19.26 -69.46
N ASN F 7 19.86 -19.23 -68.18
CA ASN F 7 18.48 -18.95 -67.79
C ASN F 7 18.07 -17.54 -68.19
N ASP F 8 19.00 -16.59 -68.17
CA ASP F 8 18.72 -15.23 -68.59
C ASP F 8 18.29 -15.17 -70.05
N ALA F 9 19.05 -15.81 -70.93
CA ALA F 9 18.69 -15.83 -72.34
C ALA F 9 17.42 -16.61 -72.62
N LEU F 10 17.20 -17.72 -71.91
CA LEU F 10 15.98 -18.49 -72.14
C LEU F 10 14.73 -17.73 -71.71
N ARG F 11 14.80 -17.04 -70.57
CA ARG F 11 13.67 -16.24 -70.13
C ARG F 11 13.47 -15.03 -71.02
N THR F 12 14.54 -14.45 -71.58
CA THR F 12 14.38 -13.43 -72.61
C THR F 12 13.64 -13.95 -73.82
N ILE F 13 13.96 -15.17 -74.25
CA ILE F 13 13.32 -15.77 -75.41
C ILE F 13 11.83 -15.98 -75.16
N VAL F 14 11.47 -16.51 -73.98
CA VAL F 14 10.05 -16.77 -73.69
C VAL F 14 9.28 -15.46 -73.54
N ASN F 15 9.88 -14.48 -72.86
CA ASN F 15 9.22 -13.19 -72.67
C ASN F 15 8.97 -12.49 -74.00
N ALA F 16 9.88 -12.63 -74.95
CA ALA F 16 9.67 -12.04 -76.26
C ALA F 16 8.78 -12.89 -77.16
N GLU F 17 8.69 -14.19 -76.91
CA GLU F 17 7.70 -15.00 -77.61
C GLU F 17 6.29 -14.58 -77.26
N ARG F 18 6.03 -14.27 -75.99
CA ARG F 18 4.67 -13.91 -75.59
C ARG F 18 4.24 -12.55 -76.12
N ARG F 19 5.17 -11.67 -76.49
CA ARG F 19 4.81 -10.40 -77.11
C ARG F 19 4.65 -10.49 -78.63
N GLY F 20 4.84 -11.67 -79.20
CA GLY F 20 4.67 -11.86 -80.62
C GLY F 20 5.71 -11.17 -81.48
N LYS F 21 6.97 -11.21 -81.06
CA LYS F 21 8.04 -10.57 -81.80
C LYS F 21 8.63 -11.52 -82.84
N ALA F 22 9.59 -11.01 -83.60
CA ALA F 22 10.22 -11.75 -84.69
C ALA F 22 11.64 -12.18 -84.40
N SER F 23 12.44 -11.32 -83.78
CA SER F 23 13.83 -11.64 -83.49
C SER F 23 14.17 -11.27 -82.06
N VAL F 24 15.14 -11.98 -81.49
CA VAL F 24 15.71 -11.62 -80.20
C VAL F 24 17.23 -11.58 -80.35
N GLU F 25 17.85 -10.79 -79.47
CA GLU F 25 19.30 -10.66 -79.39
C GLU F 25 19.73 -11.05 -77.99
N LEU F 26 20.73 -11.91 -77.89
CA LEU F 26 21.24 -12.40 -76.63
C LEU F 26 22.70 -12.03 -76.49
N LYS F 27 23.06 -11.48 -75.33
CA LYS F 27 24.41 -11.06 -74.98
C LYS F 27 24.49 -10.91 -73.48
N PRO F 28 25.44 -11.57 -72.78
CA PRO F 28 26.52 -12.45 -73.24
C PRO F 28 26.09 -13.84 -73.66
N ILE F 29 26.95 -14.53 -74.42
CA ILE F 29 26.64 -15.84 -74.99
C ILE F 29 27.65 -16.87 -74.52
N SER F 30 27.42 -18.13 -74.90
CA SER F 30 28.36 -19.21 -74.58
C SER F 30 28.15 -20.35 -75.56
N THR F 31 29.16 -21.22 -75.63
CA THR F 31 29.12 -22.37 -76.52
C THR F 31 28.03 -23.35 -76.09
N VAL F 32 27.82 -23.51 -74.78
CA VAL F 32 26.72 -24.31 -74.25
C VAL F 32 25.39 -23.76 -74.70
N MET F 33 25.25 -22.43 -74.72
CA MET F 33 24.03 -21.79 -75.18
C MET F 33 23.83 -21.98 -76.68
N SER F 34 24.90 -21.94 -77.46
CA SER F 34 24.79 -22.21 -78.90
C SER F 34 24.36 -23.64 -79.17
N SER F 35 24.90 -24.61 -78.42
CA SER F 35 24.50 -26.00 -78.61
C SER F 35 23.05 -26.24 -78.17
N PHE F 36 22.62 -25.58 -77.08
CA PHE F 36 21.23 -25.65 -76.65
C PHE F 36 20.29 -25.11 -77.72
N LEU F 37 20.67 -23.99 -78.33
CA LEU F 37 19.86 -23.42 -79.41
C LEU F 37 19.85 -24.31 -80.64
N ARG F 38 20.96 -25.01 -80.90
CA ARG F 38 20.98 -25.96 -82.01
C ARG F 38 20.00 -27.10 -81.77
N ILE F 39 19.91 -27.58 -80.53
CA ILE F 39 18.92 -28.61 -80.19
C ILE F 39 17.51 -28.10 -80.39
N MET F 40 17.24 -26.85 -79.97
CA MET F 40 15.91 -26.26 -80.18
C MET F 40 15.58 -26.13 -81.67
N LYS F 41 16.56 -25.73 -82.48
CA LYS F 41 16.32 -25.64 -83.92
C LYS F 41 16.05 -27.01 -84.54
N GLU F 42 16.76 -28.04 -84.09
CA GLU F 42 16.51 -29.37 -84.63
C GLU F 42 15.13 -29.88 -84.25
N LYS F 43 14.68 -29.60 -83.04
CA LYS F 43 13.34 -30.02 -82.62
C LYS F 43 12.24 -29.08 -83.12
N GLY F 44 12.60 -27.95 -83.72
CA GLY F 44 11.60 -27.14 -84.40
C GLY F 44 10.90 -26.14 -83.52
N TYR F 45 11.57 -25.58 -82.53
CA TYR F 45 10.98 -24.57 -81.67
C TYR F 45 11.45 -23.17 -82.03
N ILE F 46 12.56 -23.03 -82.72
CA ILE F 46 13.00 -21.77 -83.31
C ILE F 46 13.36 -22.04 -84.76
N LYS F 47 13.28 -21.00 -85.59
CA LYS F 47 13.51 -21.21 -87.01
C LYS F 47 15.00 -21.16 -87.35
N ASN F 48 15.69 -20.10 -86.95
CA ASN F 48 17.11 -19.95 -87.24
C ASN F 48 17.79 -19.19 -86.11
N PHE F 49 19.10 -19.37 -86.02
CA PHE F 49 19.91 -18.59 -85.09
C PHE F 49 21.29 -18.37 -85.70
N GLN F 50 21.84 -17.19 -85.45
CA GLN F 50 23.14 -16.79 -85.97
C GLN F 50 24.01 -16.26 -84.83
N VAL F 51 25.29 -16.62 -84.86
CA VAL F 51 26.27 -16.25 -83.84
C VAL F 51 27.23 -15.24 -84.46
N HIS F 52 27.46 -14.13 -83.76
CA HIS F 52 28.30 -13.05 -84.26
C HIS F 52 29.43 -12.78 -83.27
N ASP F 53 30.65 -12.77 -83.79
CA ASP F 53 31.92 -12.49 -83.11
C ASP F 53 32.09 -13.41 -81.90
N PRO F 54 32.27 -14.72 -82.10
CA PRO F 54 32.20 -15.65 -80.98
C PRO F 54 33.45 -15.73 -80.13
N HIS F 55 34.54 -15.08 -80.53
CA HIS F 55 35.77 -15.18 -79.77
C HIS F 55 36.21 -13.89 -79.11
N ARG F 56 35.53 -12.77 -79.36
CA ARG F 56 35.84 -11.53 -78.66
C ARG F 56 34.69 -11.03 -77.81
N VAL F 57 33.55 -10.70 -78.42
CA VAL F 57 32.34 -10.27 -77.72
C VAL F 57 31.19 -10.87 -78.52
N GLY F 58 30.53 -11.86 -77.95
CA GLY F 58 29.52 -12.61 -78.70
C GLY F 58 28.17 -11.92 -78.65
N ARG F 59 27.41 -12.10 -79.73
CA ARG F 59 25.99 -11.78 -79.71
C ARG F 59 25.27 -12.78 -80.58
N ILE F 60 24.08 -13.19 -80.18
CA ILE F 60 23.33 -14.20 -80.92
C ILE F 60 21.99 -13.62 -81.31
N THR F 61 21.64 -13.72 -82.60
CA THR F 61 20.32 -13.33 -83.08
C THR F 61 19.50 -14.58 -83.37
N VAL F 62 18.31 -14.65 -82.80
CA VAL F 62 17.42 -15.79 -82.96
C VAL F 62 16.14 -15.31 -83.62
N ASP F 63 15.63 -16.09 -84.57
CA ASP F 63 14.37 -15.78 -85.24
C ASP F 63 13.29 -16.73 -84.72
N LEU F 64 12.15 -16.15 -84.32
CA LEU F 64 11.09 -16.87 -83.63
C LEU F 64 9.90 -17.08 -84.56
N GLN F 65 9.07 -18.06 -84.21
CA GLN F 65 7.87 -18.33 -84.99
C GLN F 65 6.62 -18.54 -84.13
N GLY F 66 6.74 -18.54 -82.80
CA GLY F 66 5.57 -18.74 -81.98
C GLY F 66 5.23 -20.20 -81.74
N ARG F 67 6.18 -20.95 -81.22
CA ARG F 67 5.96 -22.36 -80.95
C ARG F 67 6.41 -22.86 -79.60
N VAL F 68 7.21 -22.09 -78.85
CA VAL F 68 7.76 -22.57 -77.59
C VAL F 68 6.95 -21.98 -76.44
N ASN F 69 6.65 -22.83 -75.45
CA ASN F 69 5.80 -22.49 -74.33
C ASN F 69 6.58 -22.03 -73.10
N ASP F 70 7.68 -22.71 -72.79
CA ASP F 70 8.51 -22.37 -71.64
C ASP F 70 9.88 -23.02 -71.80
N CYS F 71 10.93 -22.29 -71.46
CA CYS F 71 12.28 -22.84 -71.42
C CYS F 71 12.87 -22.59 -70.03
N LYS F 72 13.39 -23.64 -69.42
CA LYS F 72 14.04 -23.55 -68.13
C LYS F 72 15.47 -24.05 -68.26
N ALA F 73 16.35 -23.43 -67.49
CA ALA F 73 17.69 -23.95 -67.26
C ALA F 73 17.86 -24.15 -65.77
N LEU F 74 18.37 -25.31 -65.37
CA LEU F 74 18.51 -25.61 -63.96
C LEU F 74 19.60 -24.74 -63.34
N THR F 75 19.32 -24.22 -62.15
CA THR F 75 20.26 -23.38 -61.43
C THR F 75 21.02 -24.14 -60.36
N TYR F 76 21.02 -25.47 -60.43
CA TYR F 76 21.73 -26.29 -59.47
C TYR F 76 22.32 -27.49 -60.19
N ARG F 77 23.13 -28.26 -59.48
CA ARG F 77 23.76 -29.44 -60.04
C ARG F 77 22.80 -30.62 -60.00
N GLN F 78 22.62 -31.29 -61.14
CA GLN F 78 21.74 -32.47 -61.20
C GLN F 78 22.43 -33.54 -62.05
N ASP F 79 22.84 -34.62 -61.39
CA ASP F 79 23.42 -35.78 -62.06
C ASP F 79 22.32 -36.67 -62.60
N VAL F 80 22.63 -37.41 -63.66
CA VAL F 80 21.71 -38.42 -64.18
C VAL F 80 22.52 -39.49 -64.89
N LYS F 81 22.11 -40.74 -64.72
CA LYS F 81 22.73 -41.86 -65.40
C LYS F 81 21.92 -42.18 -66.65
N ALA F 82 22.42 -43.14 -67.43
CA ALA F 82 21.75 -43.46 -68.69
C ALA F 82 20.44 -44.19 -68.47
N LYS F 83 20.27 -44.86 -67.34
CA LYS F 83 19.06 -45.62 -67.05
C LYS F 83 18.07 -44.85 -66.19
N GLU F 84 18.36 -43.60 -65.84
CA GLU F 84 17.43 -42.78 -65.07
C GLU F 84 16.79 -41.69 -65.91
N ILE F 85 17.09 -41.66 -67.22
CA ILE F 85 16.69 -40.54 -68.06
C ILE F 85 15.18 -40.52 -68.25
N GLU F 86 14.58 -41.68 -68.53
CA GLU F 86 13.15 -41.72 -68.81
C GLU F 86 12.32 -41.48 -67.55
N GLU F 87 12.75 -42.04 -66.41
CA GLU F 87 12.03 -41.81 -65.16
C GLU F 87 12.17 -40.37 -64.71
N TYR F 88 13.32 -39.74 -64.98
CA TYR F 88 13.48 -38.33 -64.67
C TYR F 88 12.64 -37.46 -65.59
N THR F 89 12.51 -37.85 -66.86
CA THR F 89 11.73 -37.09 -67.82
C THR F 89 10.23 -37.15 -67.49
N GLU F 90 9.76 -38.29 -66.97
CA GLU F 90 8.35 -38.39 -66.60
C GLU F 90 7.98 -37.53 -65.40
N ARG F 91 8.95 -36.97 -64.69
CA ARG F 91 8.69 -36.11 -63.55
C ARG F 91 9.17 -34.68 -63.74
N THR F 92 9.97 -34.41 -64.76
CA THR F 92 10.43 -33.05 -65.01
C THR F 92 9.52 -32.24 -65.92
N LEU F 93 9.05 -32.81 -67.01
CA LEU F 93 8.19 -32.07 -67.92
C LEU F 93 6.80 -31.91 -67.32
N PRO F 94 6.18 -30.73 -67.43
CA PRO F 94 4.84 -30.54 -66.86
C PRO F 94 3.75 -31.39 -67.48
N THR F 95 3.85 -31.71 -68.77
CA THR F 95 2.81 -32.53 -69.40
C THR F 95 3.18 -34.00 -69.46
N ARG F 96 4.44 -34.35 -69.20
CA ARG F 96 5.00 -35.70 -69.25
C ARG F 96 4.98 -36.34 -70.64
N GLN F 97 4.54 -35.62 -71.66
CA GLN F 97 4.60 -36.11 -73.03
C GLN F 97 5.43 -35.22 -73.95
N TRP F 98 5.12 -33.94 -74.01
CA TRP F 98 5.75 -33.04 -74.97
C TRP F 98 6.85 -32.23 -74.30
N GLY F 99 8.01 -32.19 -74.94
CA GLY F 99 9.15 -31.48 -74.39
C GLY F 99 10.38 -32.35 -74.34
N TYR F 100 11.55 -31.74 -74.28
CA TYR F 100 12.81 -32.47 -74.31
C TYR F 100 13.74 -31.97 -73.21
N VAL F 101 14.38 -32.91 -72.53
CA VAL F 101 15.36 -32.60 -71.51
C VAL F 101 16.74 -32.65 -72.16
N VAL F 102 17.50 -31.58 -72.02
CA VAL F 102 18.81 -31.44 -72.64
C VAL F 102 19.88 -31.63 -71.59
N VAL F 103 20.67 -32.69 -71.74
CA VAL F 103 21.74 -33.01 -70.82
C VAL F 103 23.07 -32.84 -71.54
N THR F 104 24.13 -32.69 -70.75
CA THR F 104 25.48 -32.65 -71.29
C THR F 104 26.19 -33.96 -70.93
N THR F 105 26.94 -34.49 -71.88
CA THR F 105 27.51 -35.82 -71.83
C THR F 105 28.97 -35.77 -72.29
N PRO F 106 29.74 -36.84 -72.06
CA PRO F 106 31.03 -36.94 -72.76
C PRO F 106 30.91 -36.92 -74.27
N ASP F 107 29.84 -37.47 -74.84
CA ASP F 107 29.63 -37.47 -76.27
C ASP F 107 29.16 -36.13 -76.81
N GLY F 108 28.86 -35.16 -75.95
CA GLY F 108 28.46 -33.83 -76.36
C GLY F 108 27.21 -33.40 -75.62
N ILE F 109 26.64 -32.30 -76.07
CA ILE F 109 25.38 -31.81 -75.53
C ILE F 109 24.26 -32.41 -76.37
N LEU F 110 23.51 -33.33 -75.79
CA LEU F 110 22.44 -34.07 -76.44
C LEU F 110 21.12 -33.74 -75.78
N ASP F 111 20.04 -34.26 -76.34
CA ASP F 111 18.75 -34.24 -75.66
C ASP F 111 18.58 -35.57 -74.94
N HIS F 112 17.39 -35.80 -74.39
CA HIS F 112 17.19 -37.02 -73.59
C HIS F 112 16.88 -38.24 -74.43
N GLU F 113 16.32 -38.07 -75.64
CA GLU F 113 16.03 -39.23 -76.47
C GLU F 113 17.27 -39.79 -77.14
N GLU F 114 18.22 -38.94 -77.52
CA GLU F 114 19.43 -39.43 -78.16
C GLU F 114 20.38 -40.08 -77.16
N ALA F 115 20.45 -39.54 -75.94
CA ALA F 115 21.33 -40.08 -74.93
C ALA F 115 20.92 -41.46 -74.44
N ILE F 116 19.63 -41.80 -74.55
CA ILE F 116 19.21 -43.16 -74.25
C ILE F 116 19.77 -44.12 -75.30
N LYS F 117 19.74 -43.72 -76.56
CA LYS F 117 20.27 -44.55 -77.64
C LYS F 117 21.79 -44.68 -77.55
N ARG F 118 22.47 -43.62 -77.16
CA ARG F 118 23.92 -43.69 -77.02
C ARG F 118 24.37 -44.27 -75.69
N ASN F 119 23.46 -44.42 -74.72
CA ASN F 119 23.73 -44.97 -73.39
C ASN F 119 24.84 -44.19 -72.67
N VAL F 120 24.58 -42.91 -72.44
CA VAL F 120 25.52 -42.05 -71.76
C VAL F 120 24.75 -41.00 -70.96
N GLY F 121 25.17 -40.79 -69.71
CA GLY F 121 24.54 -39.82 -68.84
C GLY F 121 25.43 -38.63 -68.58
N GLY F 122 25.00 -37.80 -67.62
CA GLY F 122 25.73 -36.60 -67.31
C GLY F 122 24.95 -35.59 -66.50
N GLN F 123 25.20 -34.31 -66.73
CA GLN F 123 24.56 -33.23 -65.99
C GLN F 123 23.37 -32.70 -66.77
N VAL F 124 22.23 -32.56 -66.10
CA VAL F 124 21.05 -31.98 -66.72
C VAL F 124 21.23 -30.47 -66.83
N LEU F 125 21.06 -29.94 -68.04
CA LEU F 125 21.18 -28.51 -68.24
C LEU F 125 19.83 -27.81 -68.11
N GLY F 126 18.80 -28.34 -68.74
CA GLY F 126 17.49 -27.74 -68.68
C GLY F 126 16.53 -28.47 -69.59
N PHE F 127 15.38 -27.86 -69.81
CA PHE F 127 14.39 -28.46 -70.70
C PHE F 127 13.58 -27.35 -71.36
N PHE F 128 12.98 -27.70 -72.49
CA PHE F 128 12.04 -26.81 -73.16
C PHE F 128 10.83 -27.62 -73.58
N TYR F 129 9.65 -27.01 -73.49
CA TYR F 129 8.43 -27.67 -73.89
C TYR F 129 7.46 -26.67 -74.48
N ASN G 156 -18.38 38.42 -136.72
CA ASN G 156 -17.54 37.28 -137.09
C ASN G 156 -16.06 37.64 -137.01
N GLU G 157 -15.71 38.78 -137.60
CA GLU G 157 -14.33 39.25 -137.55
C GLU G 157 -13.91 39.66 -136.14
N GLU G 158 -14.84 40.22 -135.36
CA GLU G 158 -14.54 40.46 -133.95
C GLU G 158 -14.32 39.15 -133.19
N GLU G 159 -14.98 38.07 -133.63
CA GLU G 159 -14.69 36.75 -133.06
C GLU G 159 -13.34 36.23 -133.53
N GLU G 160 -12.90 36.58 -134.74
CA GLU G 160 -11.53 36.25 -135.15
C GLU G 160 -10.52 36.97 -134.30
N ARG G 161 -10.78 38.25 -133.99
CA ARG G 161 -9.91 39.00 -133.08
C ARG G 161 -9.94 38.41 -131.68
N ALA G 162 -11.10 37.91 -131.24
CA ALA G 162 -11.20 37.20 -129.97
C ALA G 162 -10.39 35.91 -129.99
N LYS G 163 -10.41 35.19 -131.11
CA LYS G 163 -9.57 34.00 -131.26
C LYS G 163 -8.10 34.33 -131.20
N LYS G 164 -7.69 35.43 -131.82
CA LYS G 164 -6.30 35.88 -131.76
C LYS G 164 -5.90 36.25 -130.33
N GLU G 165 -6.80 36.95 -129.61
CA GLU G 165 -6.51 37.33 -128.23
C GLU G 165 -6.45 36.12 -127.31
N LEU G 166 -7.32 35.12 -127.55
CA LEU G 166 -7.27 33.91 -126.72
C LEU G 166 -6.05 33.04 -127.07
N PHE G 167 -5.62 33.07 -128.34
CA PHE G 167 -4.37 32.39 -128.69
C PHE G 167 -3.18 33.04 -128.02
N GLU G 168 -3.17 34.38 -127.93
CA GLU G 168 -2.14 35.06 -127.15
C GLU G 168 -2.32 34.87 -125.65
N LYS G 169 -3.53 34.54 -125.20
CA LYS G 169 -3.81 34.39 -123.77
C LYS G 169 -3.36 33.02 -123.28
N GLU G 170 -3.60 31.98 -124.07
CA GLU G 170 -3.35 30.62 -123.60
C GLU G 170 -1.86 30.34 -123.42
N GLU G 171 -1.04 30.66 -124.42
CA GLU G 171 0.39 30.41 -124.32
C GLU G 171 1.03 31.20 -123.19
N LYS G 172 0.56 32.42 -122.95
CA LYS G 172 1.02 33.27 -121.86
C LYS G 172 0.43 32.84 -120.51
N GLU G 173 -0.72 32.18 -120.50
CA GLU G 173 -1.20 31.56 -119.27
C GLU G 173 -0.45 30.28 -118.94
N LEU G 174 0.23 29.70 -119.93
CA LEU G 174 0.99 28.48 -119.73
C LEU G 174 2.46 28.75 -119.45
N THR G 175 2.85 29.99 -119.17
CA THR G 175 4.18 30.26 -118.64
C THR G 175 4.19 30.54 -117.14
N GLU G 176 3.01 30.48 -116.49
CA GLU G 176 2.93 30.24 -115.04
C GLU G 176 2.96 28.75 -114.73
N VAL G 177 3.24 27.96 -115.76
CA VAL G 177 3.31 26.51 -115.82
C VAL G 177 4.74 26.39 -116.39
N ILE G 178 5.12 25.23 -116.94
CA ILE G 178 6.41 24.84 -117.52
C ILE G 178 7.47 24.85 -116.42
N LYS G 179 8.75 24.83 -116.83
CA LYS G 179 9.85 24.16 -116.11
C LYS G 179 9.35 22.86 -115.49
N GLY G 180 8.93 21.95 -116.38
CA GLY G 180 8.13 20.83 -115.98
C GLY G 180 6.66 21.17 -115.89
N PRO G 181 6.00 21.38 -117.05
CA PRO G 181 4.57 21.72 -117.02
C PRO G 181 3.68 20.67 -116.37
N ASP G 182 3.99 19.39 -116.57
CA ASP G 182 3.12 18.34 -116.04
C ASP G 182 3.53 17.95 -114.62
N ARG G 183 4.83 17.77 -114.40
CA ARG G 183 5.44 17.19 -113.18
C ARG G 183 4.76 15.85 -112.93
N ALA G 184 4.46 15.51 -111.68
CA ALA G 184 3.70 14.32 -111.30
C ALA G 184 4.34 13.05 -111.86
N PHE G 185 5.64 12.91 -111.61
CA PHE G 185 6.43 11.81 -112.15
C PHE G 185 6.00 10.53 -111.41
N GLY G 186 4.91 9.94 -111.89
CA GLY G 186 4.33 8.81 -111.22
C GLY G 186 2.82 8.86 -111.16
N ASP G 187 2.21 9.85 -111.81
CA ASP G 187 0.76 9.94 -111.89
C ASP G 187 0.29 9.10 -113.06
N LEU G 188 0.00 7.83 -112.78
CA LEU G 188 -0.36 6.89 -113.83
C LEU G 188 -1.72 7.19 -114.45
N ILE G 189 -2.68 7.67 -113.64
CA ILE G 189 -3.99 8.02 -114.19
C ILE G 189 -3.89 9.22 -115.12
N ALA G 190 -3.12 10.22 -114.70
CA ALA G 190 -2.98 11.42 -115.52
C ALA G 190 -2.21 11.13 -116.81
N LYS G 191 -1.12 10.36 -116.71
CA LYS G 191 -0.32 10.11 -117.90
C LYS G 191 -0.98 9.12 -118.85
N SER G 192 -1.60 8.07 -118.31
CA SER G 192 -2.34 7.11 -119.12
C SER G 192 -3.80 7.54 -119.18
N GLY G 193 -4.68 6.63 -119.60
CA GLY G 193 -6.10 6.97 -119.70
C GLY G 193 -7.03 5.90 -119.17
N ILE G 194 -6.62 5.20 -118.11
CA ILE G 194 -7.38 4.07 -117.60
C ILE G 194 -8.55 4.59 -116.77
N THR G 195 -9.73 4.00 -116.99
CA THR G 195 -10.95 4.52 -116.39
C THR G 195 -11.21 3.86 -115.04
N ASP G 196 -12.10 4.47 -114.27
CA ASP G 196 -12.46 3.97 -112.94
C ASP G 196 -13.15 2.62 -112.99
N GLU G 197 -13.92 2.34 -114.04
CA GLU G 197 -14.47 1.00 -114.22
C GLU G 197 -13.38 -0.03 -114.41
N MET G 198 -12.36 0.29 -115.20
CA MET G 198 -11.26 -0.65 -115.37
C MET G 198 -10.47 -0.81 -114.08
N LEU G 199 -10.25 0.27 -113.32
CA LEU G 199 -9.55 0.14 -112.05
C LEU G 199 -10.32 -0.74 -111.06
N ASP G 200 -11.63 -0.53 -110.98
CA ASP G 200 -12.47 -1.39 -110.14
C ASP G 200 -12.56 -2.80 -110.68
N SER G 201 -12.32 -2.99 -111.98
CA SER G 201 -12.26 -4.33 -112.53
C SER G 201 -10.96 -5.02 -112.15
N LEU G 202 -9.86 -4.27 -112.09
CA LEU G 202 -8.59 -4.86 -111.69
C LEU G 202 -8.58 -5.23 -110.21
N ILE G 203 -9.16 -4.36 -109.37
CA ILE G 203 -9.46 -4.80 -108.00
C ILE G 203 -10.55 -5.87 -108.05
N ALA G 204 -10.48 -6.82 -107.12
CA ALA G 204 -11.38 -7.95 -106.89
C ALA G 204 -11.27 -9.05 -107.94
N LEU G 205 -10.49 -8.86 -109.01
CA LEU G 205 -10.12 -9.92 -109.97
C LEU G 205 -11.35 -10.53 -110.62
N LYS G 206 -12.25 -9.68 -111.09
CA LYS G 206 -13.44 -10.17 -111.77
C LYS G 206 -13.82 -9.20 -112.88
N ASP G 207 -14.42 -9.75 -113.92
CA ASP G 207 -14.88 -8.93 -115.03
C ASP G 207 -16.17 -8.20 -114.65
N PHE G 208 -16.27 -6.94 -115.10
CA PHE G 208 -17.43 -6.11 -114.81
C PHE G 208 -17.93 -5.52 -116.12
N GLN G 209 -18.74 -6.29 -116.84
CA GLN G 209 -19.42 -5.81 -118.04
C GLN G 209 -20.90 -6.10 -117.89
N GLY G 210 -21.72 -5.12 -118.26
CA GLY G 210 -23.13 -5.20 -117.90
C GLY G 210 -23.39 -5.08 -116.42
N VAL G 211 -22.44 -4.55 -115.66
CA VAL G 211 -22.52 -4.49 -114.21
C VAL G 211 -22.68 -3.03 -113.82
N GLN G 212 -23.85 -2.69 -113.30
CA GLN G 212 -24.12 -1.35 -112.81
C GLN G 212 -24.00 -1.36 -111.28
N GLY G 213 -23.06 -0.59 -110.77
CA GLY G 213 -22.78 -0.59 -109.34
C GLY G 213 -23.41 0.57 -108.62
N LEU G 214 -22.63 1.61 -108.37
CA LEU G 214 -23.07 2.80 -107.66
C LEU G 214 -23.04 4.01 -108.59
N PRO G 215 -23.83 5.03 -108.29
CA PRO G 215 -23.75 6.30 -109.03
C PRO G 215 -22.43 7.00 -108.79
N PRO G 216 -22.03 7.92 -109.67
CA PRO G 216 -20.78 8.66 -109.47
C PRO G 216 -20.79 9.54 -108.22
N LEU G 217 -19.59 9.76 -107.69
CA LEU G 217 -19.44 10.50 -106.44
C LEU G 217 -19.83 11.95 -106.59
N THR G 218 -19.70 12.52 -107.78
CA THR G 218 -20.19 13.88 -107.99
C THR G 218 -21.71 13.93 -107.96
N GLU G 219 -22.37 12.89 -108.48
CA GLU G 219 -23.82 12.77 -108.32
C GLU G 219 -24.21 12.64 -106.86
N ILE G 220 -23.42 11.89 -106.09
CA ILE G 220 -23.70 11.73 -104.67
C ILE G 220 -23.51 13.04 -103.92
N GLU G 221 -22.47 13.82 -104.27
CA GLU G 221 -22.26 15.13 -103.68
C GLU G 221 -23.39 16.09 -104.02
N ASN G 222 -23.85 16.07 -105.28
CA ASN G 222 -24.98 16.88 -105.69
C ASN G 222 -26.25 16.49 -104.94
N LEU G 223 -26.47 15.18 -104.77
CA LEU G 223 -27.65 14.70 -104.06
C LEU G 223 -27.62 15.08 -102.59
N ARG G 224 -26.45 15.00 -101.96
CA ARG G 224 -26.31 15.44 -100.57
C ARG G 224 -26.60 16.93 -100.43
N ARG G 225 -26.05 17.75 -101.34
CA ARG G 225 -26.29 19.18 -101.29
C ARG G 225 -27.76 19.51 -101.51
N GLU G 226 -28.39 18.85 -102.47
CA GLU G 226 -29.79 19.11 -102.77
C GLU G 226 -30.70 18.71 -101.62
N LYS G 227 -30.50 17.50 -101.06
CA LYS G 227 -31.37 17.05 -99.98
C LYS G 227 -31.09 17.78 -98.67
N SER G 228 -29.89 18.32 -98.48
CA SER G 228 -29.65 19.16 -97.32
C SER G 228 -30.15 20.58 -97.51
N SER G 229 -30.32 21.03 -98.75
CA SER G 229 -30.80 22.39 -98.99
C SER G 229 -32.32 22.48 -99.11
N LYS G 230 -32.99 21.42 -99.59
CA LYS G 230 -34.42 21.52 -99.84
C LYS G 230 -35.27 21.49 -98.58
N LYS G 231 -34.67 21.19 -97.42
CA LYS G 231 -35.44 21.16 -96.18
C LYS G 231 -35.75 22.57 -95.72
N SER G 232 -37.04 22.84 -95.50
CA SER G 232 -37.47 24.17 -95.09
C SER G 232 -38.43 24.10 -93.90
N ALA G 248 -73.54 38.78 -77.80
CA ALA G 248 -74.50 37.98 -78.55
C ALA G 248 -75.63 37.53 -77.63
N ARG G 249 -75.87 38.30 -76.57
CA ARG G 249 -76.92 38.02 -75.60
C ARG G 249 -78.14 38.87 -75.93
N VAL G 250 -79.31 38.24 -75.95
CA VAL G 250 -80.55 38.87 -76.39
C VAL G 250 -81.39 39.19 -75.16
N ARG G 251 -82.30 40.17 -75.31
CA ARG G 251 -83.22 40.58 -74.27
C ARG G 251 -84.39 39.61 -74.17
N GLN G 252 -84.63 39.08 -72.98
CA GLN G 252 -85.73 38.17 -72.71
C GLN G 252 -86.67 38.83 -71.70
N VAL G 253 -87.90 39.08 -72.12
CA VAL G 253 -88.90 39.78 -71.29
C VAL G 253 -90.24 39.07 -71.48
N ASP G 254 -90.99 38.93 -70.39
CA ASP G 254 -92.33 38.35 -70.39
C ASP G 254 -93.29 39.15 -71.28
N GLU G 255 -94.42 38.51 -71.61
CA GLU G 255 -95.47 39.16 -72.39
C GLU G 255 -96.11 40.32 -71.64
N ALA G 256 -96.03 40.35 -70.32
CA ALA G 256 -96.52 41.46 -69.53
C ALA G 256 -95.46 42.53 -69.29
N GLY G 257 -94.28 42.38 -69.87
CA GLY G 257 -93.23 43.36 -69.67
C GLY G 257 -92.42 43.17 -68.42
N ARG G 258 -92.04 41.93 -68.10
CA ARG G 258 -91.38 41.61 -66.84
C ARG G 258 -90.06 40.90 -67.12
N ALA G 259 -89.09 41.11 -66.23
CA ALA G 259 -87.80 40.44 -66.31
C ALA G 259 -87.60 39.57 -65.08
N TYR G 260 -87.23 38.31 -65.29
CA TYR G 260 -87.23 37.30 -64.24
C TYR G 260 -85.83 36.79 -63.96
N GLY G 261 -85.56 36.49 -62.69
CA GLY G 261 -84.31 35.87 -62.29
C GLY G 261 -84.47 34.90 -61.15
N THR G 262 -83.62 33.88 -61.08
CA THR G 262 -83.59 32.95 -59.96
C THR G 262 -82.21 33.01 -59.32
N GLY G 263 -82.17 33.21 -58.01
CA GLY G 263 -80.93 33.23 -57.27
C GLY G 263 -80.88 32.13 -56.21
N ARG G 264 -79.66 31.67 -55.97
CA ARG G 264 -79.43 30.65 -54.96
C ARG G 264 -78.23 31.04 -54.12
N ARG G 265 -78.25 30.62 -52.85
CA ARG G 265 -77.15 30.85 -51.92
C ARG G 265 -77.35 29.92 -50.74
N LYS G 266 -76.31 29.17 -50.38
CA LYS G 266 -76.32 28.18 -49.30
C LYS G 266 -77.46 27.18 -49.47
N CYS G 267 -78.54 27.34 -48.73
CA CYS G 267 -79.72 26.49 -48.88
C CYS G 267 -80.98 27.29 -49.15
N SER G 268 -80.85 28.51 -49.65
CA SER G 268 -81.98 29.40 -49.88
C SER G 268 -82.20 29.60 -51.37
N ILE G 269 -83.47 29.81 -51.75
CA ILE G 269 -83.87 29.96 -53.13
C ILE G 269 -84.75 31.20 -53.23
N ALA G 270 -84.43 32.09 -54.18
CA ALA G 270 -85.20 33.31 -54.40
C ALA G 270 -85.62 33.42 -55.86
N ARG G 271 -86.88 33.79 -56.08
CA ARG G 271 -87.45 34.05 -57.41
C ARG G 271 -87.80 35.52 -57.48
N VAL G 272 -87.19 36.24 -58.42
CA VAL G 272 -87.31 37.70 -58.51
C VAL G 272 -87.96 38.06 -59.83
N TRP G 273 -88.97 38.92 -59.78
CA TRP G 273 -89.55 39.55 -60.97
C TRP G 273 -89.39 41.06 -60.83
N ILE G 274 -88.92 41.71 -61.90
CA ILE G 274 -88.80 43.16 -61.91
C ILE G 274 -89.58 43.72 -63.09
N VAL G 275 -90.15 44.91 -62.87
CA VAL G 275 -90.98 45.63 -63.84
C VAL G 275 -90.50 47.08 -63.77
N PRO G 276 -90.51 47.85 -64.86
CA PRO G 276 -90.17 49.28 -64.74
C PRO G 276 -91.23 50.03 -63.93
N GLY G 277 -90.77 50.75 -62.90
CA GLY G 277 -91.69 51.37 -61.97
C GLY G 277 -91.11 52.57 -61.23
N LYS G 278 -91.43 52.70 -59.94
CA LYS G 278 -91.08 53.89 -59.19
C LYS G 278 -90.25 53.66 -57.94
N GLY G 279 -90.05 52.41 -57.51
CA GLY G 279 -89.22 52.18 -56.33
C GLY G 279 -89.77 51.20 -55.32
N LYS G 280 -90.83 50.47 -55.68
CA LYS G 280 -91.41 49.49 -54.77
C LYS G 280 -90.58 48.20 -54.75
N PHE G 281 -90.53 47.59 -53.57
CA PHE G 281 -89.73 46.38 -53.36
C PHE G 281 -90.45 45.52 -52.34
N LEU G 282 -90.90 44.34 -52.77
CA LEU G 282 -91.67 43.44 -51.91
C LEU G 282 -90.96 42.10 -51.80
N VAL G 283 -90.85 41.61 -50.56
CA VAL G 283 -90.28 40.29 -50.26
C VAL G 283 -91.36 39.50 -49.55
N ASN G 284 -91.93 38.52 -50.25
CA ASN G 284 -92.93 37.59 -49.71
C ASN G 284 -94.16 38.33 -49.18
N ASP G 285 -94.71 39.21 -50.03
CA ASP G 285 -95.90 40.02 -49.78
C ASP G 285 -95.74 41.05 -48.66
N LYS G 286 -94.55 41.16 -48.09
CA LYS G 286 -94.27 42.13 -47.04
C LYS G 286 -93.28 43.17 -47.55
N GLU G 287 -93.26 44.30 -46.87
CA GLU G 287 -92.29 45.33 -47.20
C GLU G 287 -90.90 44.87 -46.80
N PHE G 288 -89.89 45.32 -47.56
CA PHE G 288 -88.54 44.85 -47.27
C PHE G 288 -87.94 45.54 -46.05
N ASP G 289 -88.40 46.74 -45.71
CA ASP G 289 -88.08 47.32 -44.41
C ASP G 289 -88.62 46.45 -43.27
N VAL G 290 -89.76 45.80 -43.47
CA VAL G 290 -90.29 44.88 -42.48
C VAL G 290 -89.50 43.59 -42.47
N TYR G 291 -89.17 43.05 -43.64
CA TYR G 291 -88.58 41.72 -43.72
C TYR G 291 -87.11 41.72 -43.31
N PHE G 292 -86.37 42.80 -43.58
CA PHE G 292 -84.96 42.89 -43.24
C PHE G 292 -84.76 44.17 -42.43
N PRO G 293 -85.09 44.13 -41.13
CA PRO G 293 -84.96 45.34 -40.30
C PRO G 293 -83.52 45.80 -40.10
N MET G 294 -82.53 44.92 -40.29
CA MET G 294 -81.14 45.35 -40.28
C MET G 294 -80.87 46.23 -41.49
N LEU G 295 -80.07 47.27 -41.29
CA LEU G 295 -79.69 48.13 -42.41
C LEU G 295 -78.74 47.44 -43.37
N ASP G 296 -77.93 46.49 -42.89
CA ASP G 296 -76.92 45.86 -43.73
C ASP G 296 -77.51 44.90 -44.75
N HIS G 297 -78.58 44.20 -44.41
CA HIS G 297 -79.27 43.36 -45.39
C HIS G 297 -79.86 44.20 -46.51
N ARG G 298 -80.50 45.32 -46.17
CA ARG G 298 -81.04 46.22 -47.18
C ARG G 298 -79.94 46.84 -48.04
N ALA G 299 -78.80 47.18 -47.43
CA ALA G 299 -77.68 47.70 -48.20
C ALA G 299 -77.16 46.67 -49.20
N ALA G 300 -77.03 45.42 -48.77
CA ALA G 300 -76.60 44.36 -49.69
C ALA G 300 -77.62 44.11 -50.78
N LEU G 301 -78.91 44.29 -50.48
CA LEU G 301 -79.93 44.10 -51.50
C LEU G 301 -79.97 45.25 -52.50
N LEU G 302 -79.65 46.46 -52.08
CA LEU G 302 -79.69 47.60 -52.99
C LEU G 302 -78.38 47.87 -53.69
N ARG G 303 -77.31 47.18 -53.32
CA ARG G 303 -76.04 47.33 -54.03
C ARG G 303 -76.07 47.02 -55.54
N PRO G 304 -76.70 45.94 -56.04
CA PRO G 304 -76.69 45.74 -57.50
C PRO G 304 -77.41 46.80 -58.29
N LEU G 305 -78.47 47.40 -57.73
CA LEU G 305 -79.13 48.51 -58.39
C LEU G 305 -78.23 49.74 -58.44
N ALA G 306 -77.56 50.04 -57.33
CA ALA G 306 -76.71 51.22 -57.27
C ALA G 306 -75.46 51.07 -58.11
N GLU G 307 -75.00 49.85 -58.37
CA GLU G 307 -73.83 49.69 -59.21
C GLU G 307 -74.13 50.01 -60.66
N THR G 308 -75.27 49.55 -61.19
CA THR G 308 -75.65 49.80 -62.57
C THR G 308 -76.55 51.02 -62.70
N LYS G 309 -76.69 51.81 -61.63
CA LYS G 309 -77.21 53.19 -61.68
C LYS G 309 -78.66 53.22 -62.14
N THR G 310 -79.48 52.34 -61.59
CA THR G 310 -80.89 52.27 -61.97
C THR G 310 -81.79 52.34 -60.74
N LEU G 311 -81.32 52.98 -59.67
CA LEU G 311 -82.15 53.20 -58.50
C LEU G 311 -83.31 54.12 -58.83
N GLY G 312 -84.47 53.82 -58.25
CA GLY G 312 -85.65 54.62 -58.51
C GLY G 312 -86.25 54.43 -59.88
N SER G 313 -86.17 53.23 -60.44
CA SER G 313 -86.78 52.95 -61.74
C SER G 313 -87.51 51.61 -61.77
N TRP G 314 -87.64 50.92 -60.65
CA TRP G 314 -88.05 49.53 -60.68
C TRP G 314 -89.12 49.23 -59.64
N ASP G 315 -89.92 48.22 -59.96
CA ASP G 315 -90.92 47.64 -59.06
C ASP G 315 -90.58 46.15 -59.01
N ILE G 316 -90.14 45.70 -57.84
CA ILE G 316 -89.57 44.38 -57.68
C ILE G 316 -90.44 43.57 -56.74
N ASN G 317 -90.80 42.36 -57.15
CA ASN G 317 -91.53 41.42 -56.31
C ASN G 317 -90.76 40.11 -56.29
N CYS G 318 -90.41 39.64 -55.10
CA CYS G 318 -89.65 38.41 -54.99
C CYS G 318 -90.30 37.47 -53.98
N THR G 319 -90.03 36.18 -54.13
CA THR G 319 -90.53 35.20 -53.19
C THR G 319 -89.33 34.41 -52.73
N VAL G 320 -89.00 34.44 -51.44
CA VAL G 320 -87.79 33.78 -50.98
C VAL G 320 -88.08 32.70 -49.99
N THR G 321 -87.21 31.71 -49.92
CA THR G 321 -87.43 30.60 -49.02
C THR G 321 -86.17 29.83 -48.73
N GLY G 322 -86.12 29.16 -47.59
CA GLY G 322 -84.98 28.33 -47.27
C GLY G 322 -83.80 29.08 -46.76
N GLY G 323 -82.92 28.41 -46.05
CA GLY G 323 -81.72 29.06 -45.55
C GLY G 323 -81.94 29.89 -44.30
N GLY G 324 -81.03 30.83 -44.09
CA GLY G 324 -81.09 31.72 -42.95
C GLY G 324 -81.47 33.13 -43.35
N THR G 325 -80.64 34.11 -43.02
CA THR G 325 -80.90 35.49 -43.40
C THR G 325 -79.91 36.02 -44.42
N THR G 326 -78.61 35.85 -44.16
CA THR G 326 -77.62 36.29 -45.14
C THR G 326 -77.65 35.40 -46.38
N GLY G 327 -78.02 34.13 -46.23
CA GLY G 327 -78.27 33.28 -47.39
C GLY G 327 -79.42 33.76 -48.24
N GLN G 328 -80.52 34.16 -47.61
CA GLN G 328 -81.66 34.73 -48.33
C GLN G 328 -81.29 36.05 -49.00
N VAL G 329 -80.50 36.89 -48.32
CA VAL G 329 -80.07 38.16 -48.90
C VAL G 329 -79.20 37.93 -50.14
N GLY G 330 -78.25 37.01 -50.05
CA GLY G 330 -77.44 36.66 -51.21
C GLY G 330 -78.23 36.08 -52.37
N ALA G 331 -79.23 35.24 -52.08
CA ALA G 331 -80.07 34.70 -53.15
C ALA G 331 -80.86 35.80 -53.84
N ILE G 332 -81.44 36.73 -53.07
CA ILE G 332 -82.22 37.82 -53.67
C ILE G 332 -81.32 38.73 -54.48
N GLN G 333 -80.09 38.97 -54.01
CA GLN G 333 -79.15 39.80 -54.73
C GLN G 333 -78.75 39.18 -56.08
N LEU G 334 -78.46 37.88 -56.08
CA LEU G 334 -78.13 37.22 -57.34
C LEU G 334 -79.33 37.19 -58.29
N GLY G 335 -80.54 37.00 -57.76
CA GLY G 335 -81.72 37.05 -58.59
C GLY G 335 -81.95 38.41 -59.23
N ILE G 336 -81.73 39.48 -58.46
CA ILE G 336 -81.86 40.84 -59.01
C ILE G 336 -80.85 41.08 -60.10
N SER G 337 -79.60 40.65 -59.89
CA SER G 337 -78.56 40.83 -60.91
C SER G 337 -78.88 40.08 -62.20
N ARG G 338 -79.36 38.84 -62.09
CA ARG G 338 -79.71 38.07 -63.28
C ARG G 338 -80.92 38.65 -64.00
N ALA G 339 -81.91 39.13 -63.25
CA ALA G 339 -83.07 39.76 -63.90
C ALA G 339 -82.70 41.06 -64.59
N LEU G 340 -81.79 41.83 -64.01
CA LEU G 340 -81.33 43.05 -64.66
C LEU G 340 -80.60 42.74 -65.95
N GLN G 341 -79.77 41.69 -65.95
CA GLN G 341 -79.10 41.30 -67.18
C GLN G 341 -80.11 40.82 -68.22
N ASN G 342 -81.16 40.11 -67.80
CA ASN G 342 -82.20 39.71 -68.74
C ASN G 342 -82.98 40.89 -69.29
N TRP G 343 -83.17 41.93 -68.49
CA TRP G 343 -83.85 43.13 -68.97
C TRP G 343 -83.02 43.84 -70.02
N GLU G 344 -81.73 44.06 -69.75
CA GLU G 344 -80.92 44.64 -70.80
C GLU G 344 -79.49 44.13 -70.70
N PRO G 345 -78.99 43.43 -71.73
CA PRO G 345 -77.71 42.72 -71.59
C PRO G 345 -76.47 43.59 -71.63
N ASP G 346 -76.57 44.91 -71.80
CA ASP G 346 -75.36 45.71 -71.88
C ASP G 346 -74.81 46.13 -70.53
N MET G 347 -75.49 45.81 -69.43
CA MET G 347 -75.01 46.11 -68.09
C MET G 347 -74.25 44.93 -67.47
N ARG G 348 -74.01 43.88 -68.25
CA ARG G 348 -73.19 42.75 -67.83
C ARG G 348 -71.79 43.19 -67.46
N THR G 349 -71.21 44.10 -68.25
CA THR G 349 -69.88 44.62 -67.95
C THR G 349 -69.86 45.45 -66.68
N ALA G 350 -70.99 46.06 -66.33
CA ALA G 350 -71.07 46.79 -65.07
C ALA G 350 -71.16 45.83 -63.90
N LEU G 351 -71.95 44.78 -64.04
CA LEU G 351 -72.19 43.90 -62.92
C LEU G 351 -71.04 42.92 -62.68
N ARG G 352 -70.35 42.49 -63.74
CA ARG G 352 -69.28 41.50 -63.62
C ARG G 352 -68.07 42.02 -62.83
N ALA G 353 -67.84 43.33 -62.83
CA ALA G 353 -66.70 43.88 -62.09
C ALA G 353 -66.93 43.77 -60.59
N ALA G 354 -68.15 44.05 -60.13
CA ALA G 354 -68.52 43.83 -58.74
C ALA G 354 -68.78 42.37 -58.43
N GLY G 355 -68.91 41.52 -59.45
CA GLY G 355 -69.01 40.10 -59.21
C GLY G 355 -70.39 39.65 -58.78
N PHE G 356 -71.43 40.33 -59.25
CA PHE G 356 -72.79 40.01 -58.83
C PHE G 356 -73.39 38.88 -59.65
N LEU G 357 -72.62 38.24 -60.52
CA LEU G 357 -73.16 37.17 -61.35
C LEU G 357 -72.52 35.84 -61.07
N THR G 358 -71.66 35.79 -60.06
CA THR G 358 -70.99 34.57 -59.69
C THR G 358 -71.76 33.91 -58.57
N ARG G 359 -72.23 32.69 -58.82
CA ARG G 359 -72.91 31.95 -57.77
C ARG G 359 -71.89 31.43 -56.77
N ASP G 360 -72.12 31.72 -55.50
CA ASP G 360 -71.20 31.27 -54.45
C ASP G 360 -71.45 29.80 -54.17
N SER G 361 -70.44 28.97 -54.41
CA SER G 361 -70.57 27.52 -54.32
C SER G 361 -70.29 26.97 -52.94
N ARG G 362 -69.88 27.81 -52.00
CA ARG G 362 -69.48 27.35 -50.67
C ARG G 362 -70.70 26.97 -49.86
N VAL G 363 -70.76 25.72 -49.41
CA VAL G 363 -71.88 25.19 -48.65
C VAL G 363 -71.33 24.48 -47.41
N VAL G 364 -72.22 23.92 -46.61
CA VAL G 364 -71.84 23.26 -45.36
C VAL G 364 -71.21 21.91 -45.70
N GLU G 365 -69.97 21.73 -45.26
CA GLU G 365 -69.25 20.49 -45.47
C GLU G 365 -69.76 19.43 -44.50
N ARG G 366 -69.78 18.18 -44.95
CA ARG G 366 -70.34 17.11 -44.14
C ARG G 366 -69.41 16.75 -42.98
N LYS G 367 -69.97 16.00 -42.03
CA LYS G 367 -69.22 15.57 -40.86
C LYS G 367 -68.62 14.19 -41.13
N LYS G 368 -67.33 14.04 -40.85
CA LYS G 368 -66.64 12.79 -41.13
C LYS G 368 -66.62 11.90 -39.90
N PRO G 369 -66.78 10.58 -40.07
CA PRO G 369 -66.73 9.69 -38.91
C PRO G 369 -65.34 9.62 -38.32
N GLY G 370 -65.27 9.41 -37.01
CA GLY G 370 -64.02 9.48 -36.31
C GLY G 370 -63.52 10.88 -36.06
N LYS G 371 -64.33 11.90 -36.32
CA LYS G 371 -63.96 13.29 -36.11
C LYS G 371 -65.13 14.01 -35.48
N ALA G 372 -64.82 15.11 -34.78
CA ALA G 372 -65.86 15.86 -34.09
C ALA G 372 -66.70 16.71 -35.04
N LYS G 373 -66.12 17.14 -36.15
CA LYS G 373 -66.76 18.06 -37.09
C LYS G 373 -66.24 17.73 -38.48
N ALA G 374 -66.37 18.69 -39.40
CA ALA G 374 -65.88 18.49 -40.76
C ALA G 374 -64.36 18.31 -40.80
N ARG G 375 -63.64 19.14 -40.04
CA ARG G 375 -62.19 19.04 -39.97
C ARG G 375 -61.65 18.90 -38.56
N LYS G 376 -62.40 19.33 -37.55
CA LYS G 376 -61.94 19.20 -36.17
C LYS G 376 -61.94 17.74 -35.76
N SER G 377 -60.81 17.28 -35.22
CA SER G 377 -60.68 15.94 -34.70
C SER G 377 -60.75 15.95 -33.18
N PHE G 378 -60.90 14.77 -32.61
CA PHE G 378 -60.90 14.64 -31.16
C PHE G 378 -59.51 14.90 -30.60
N GLN G 379 -59.46 15.23 -29.31
CA GLN G 379 -58.20 15.53 -28.67
C GLN G 379 -57.33 14.29 -28.60
N TRP G 380 -56.09 14.43 -29.00
CA TRP G 380 -55.17 13.32 -29.11
C TRP G 380 -54.42 13.12 -27.81
N VAL G 381 -54.27 11.86 -27.40
CA VAL G 381 -53.51 11.49 -26.22
C VAL G 381 -52.29 10.70 -26.68
N LYS G 382 -51.11 11.15 -26.29
CA LYS G 382 -49.86 10.55 -26.74
C LYS G 382 -49.27 9.60 -25.71
N ARG G 383 -49.33 9.95 -24.43
CA ARG G 383 -48.71 9.17 -23.39
C ARG G 383 -49.73 8.65 -22.38
N SER H 116 -105.12 18.67 -73.37
CA SER H 116 -104.82 19.52 -72.23
C SER H 116 -103.84 18.82 -71.30
N THR H 117 -103.32 19.58 -70.33
CA THR H 117 -102.38 19.05 -69.34
C THR H 117 -102.93 19.15 -67.93
N SER H 118 -104.23 19.43 -67.77
CA SER H 118 -104.81 19.56 -66.45
C SER H 118 -104.97 18.19 -65.80
N LYS H 119 -105.24 18.21 -64.50
CA LYS H 119 -105.26 16.98 -63.73
C LYS H 119 -106.47 16.14 -64.05
N ILE H 120 -106.26 14.83 -64.12
CA ILE H 120 -107.33 13.87 -64.39
C ILE H 120 -108.11 13.66 -63.11
N LYS H 121 -109.34 14.17 -63.07
CA LYS H 121 -110.20 14.08 -61.89
C LYS H 121 -111.49 13.42 -62.32
N GLY H 122 -111.78 12.25 -61.76
CA GLY H 122 -112.98 11.52 -62.10
C GLY H 122 -112.83 10.03 -61.86
N THR H 123 -113.40 9.21 -62.74
CA THR H 123 -113.23 7.77 -62.65
C THR H 123 -111.89 7.40 -63.27
N ARG H 124 -111.01 6.79 -62.46
CA ARG H 124 -109.66 6.51 -62.91
C ARG H 124 -108.98 5.49 -61.99
N ILE H 125 -107.82 5.04 -62.44
CA ILE H 125 -106.93 4.15 -61.70
C ILE H 125 -105.61 4.88 -61.50
N CYS H 126 -105.02 4.75 -60.32
CA CYS H 126 -103.70 5.28 -60.05
C CYS H 126 -102.80 4.17 -59.54
N ILE H 127 -101.63 4.01 -60.16
CA ILE H 127 -100.70 2.97 -59.76
C ILE H 127 -99.50 3.63 -59.11
N ALA H 128 -99.18 3.21 -57.89
CA ALA H 128 -98.00 3.67 -57.19
C ALA H 128 -97.00 2.52 -57.12
N ILE H 129 -95.83 2.72 -57.70
CA ILE H 129 -94.84 1.65 -57.84
C ILE H 129 -93.62 2.02 -57.00
N ARG H 130 -93.27 1.15 -56.06
CA ARG H 130 -92.12 1.35 -55.19
C ARG H 130 -91.06 0.31 -55.49
N SER H 131 -89.80 0.74 -55.50
CA SER H 131 -88.72 -0.13 -55.94
C SER H 131 -87.40 0.27 -55.29
N PHE H 132 -86.42 -0.64 -55.41
CA PHE H 132 -85.05 -0.35 -55.03
C PHE H 132 -84.25 0.19 -56.20
N ASP H 133 -84.59 -0.22 -57.42
CA ASP H 133 -83.95 0.24 -58.64
C ASP H 133 -84.88 1.18 -59.38
N ASN H 134 -84.35 1.82 -60.41
CA ASN H 134 -85.16 2.69 -61.23
C ASN H 134 -86.09 1.85 -62.10
N PRO H 135 -87.40 2.12 -62.07
CA PRO H 135 -88.31 1.42 -62.99
C PRO H 135 -88.08 1.74 -64.45
N GLU H 136 -87.43 2.87 -64.76
CA GLU H 136 -87.14 3.25 -66.12
C GLU H 136 -86.06 2.39 -66.77
N LYS H 137 -85.36 1.58 -65.99
CA LYS H 137 -84.38 0.65 -66.55
C LYS H 137 -85.06 -0.42 -67.40
N GLU H 138 -86.19 -0.94 -66.94
CA GLU H 138 -86.99 -1.91 -67.67
C GLU H 138 -88.37 -1.31 -67.86
N ALA H 139 -88.53 -0.51 -68.92
CA ALA H 139 -89.76 0.21 -69.16
C ALA H 139 -90.85 -0.64 -69.81
N TRP H 140 -90.51 -1.82 -70.31
CA TRP H 140 -91.47 -2.62 -71.07
C TRP H 140 -92.51 -3.29 -70.20
N CYS H 141 -92.23 -3.52 -68.92
CA CYS H 141 -93.15 -4.20 -68.04
C CYS H 141 -94.17 -3.27 -67.40
N LEU H 142 -94.07 -1.96 -67.64
CA LEU H 142 -95.02 -1.03 -67.08
C LEU H 142 -96.35 -1.11 -67.84
N PRO H 143 -97.46 -0.90 -67.15
CA PRO H 143 -98.76 -0.85 -67.83
C PRO H 143 -98.88 0.43 -68.65
N PRO H 144 -99.73 0.43 -69.67
CA PRO H 144 -99.98 1.69 -70.39
C PRO H 144 -100.71 2.68 -69.49
N HIS H 145 -100.45 3.96 -69.73
CA HIS H 145 -100.92 4.97 -68.79
C HIS H 145 -101.05 6.30 -69.52
N SER H 146 -101.80 7.21 -68.91
CA SER H 146 -101.99 8.53 -69.47
C SER H 146 -100.98 9.54 -68.96
N ARG H 147 -100.57 9.43 -67.70
CA ARG H 147 -99.66 10.40 -67.09
C ARG H 147 -98.56 9.69 -66.33
N TYR H 148 -97.45 10.39 -66.15
CA TYR H 148 -96.27 9.85 -65.48
C TYR H 148 -95.66 10.92 -64.59
N ALA H 149 -95.22 10.52 -63.40
CA ALA H 149 -94.56 11.43 -62.46
C ALA H 149 -93.72 10.61 -61.50
N ALA H 150 -92.84 11.30 -60.79
CA ALA H 150 -91.90 10.65 -59.88
C ALA H 150 -91.91 11.36 -58.54
N MET H 151 -91.65 10.60 -57.48
CA MET H 151 -91.55 11.07 -56.11
C MET H 151 -90.09 11.21 -55.69
N PRO H 152 -89.80 11.98 -54.64
CA PRO H 152 -88.43 12.03 -54.12
C PRO H 152 -87.93 10.68 -53.62
N ASP H 153 -86.64 10.44 -53.82
CA ASP H 153 -86.01 9.25 -53.28
C ASP H 153 -85.76 9.42 -51.78
N THR H 154 -85.80 8.31 -51.06
CA THR H 154 -85.64 8.34 -49.61
C THR H 154 -84.48 7.43 -49.22
N ARG H 155 -83.55 7.95 -48.42
CA ARG H 155 -82.41 7.14 -48.02
C ARG H 155 -82.36 6.96 -46.52
N THR H 156 -81.82 5.81 -46.10
CA THR H 156 -81.67 5.44 -44.70
C THR H 156 -80.21 5.06 -44.47
N LEU H 157 -79.58 5.67 -43.48
CA LEU H 157 -78.14 5.56 -43.31
C LEU H 157 -77.79 4.64 -42.16
N TYR H 158 -76.85 3.73 -42.38
CA TYR H 158 -76.31 2.84 -41.37
C TYR H 158 -74.81 3.06 -41.27
N THR H 159 -74.31 3.14 -40.04
CA THR H 159 -72.88 3.31 -39.79
C THR H 159 -72.42 2.21 -38.86
N VAL H 160 -71.56 1.32 -39.35
CA VAL H 160 -71.17 0.14 -38.60
C VAL H 160 -69.67 0.19 -38.32
N LEU H 161 -69.28 -0.45 -37.22
CA LEU H 161 -67.87 -0.64 -36.93
C LEU H 161 -67.29 -1.67 -37.89
N ARG H 162 -66.03 -1.45 -38.29
CA ARG H 162 -65.38 -2.37 -39.20
C ARG H 162 -64.85 -3.60 -38.49
N SER H 163 -64.40 -3.44 -37.31
CA SER H 163 -63.68 -4.53 -36.65
C SER H 163 -64.59 -5.28 -35.69
N PRO H 164 -64.32 -6.56 -35.42
CA PRO H 164 -65.07 -7.27 -34.38
C PRO H 164 -64.61 -6.94 -32.96
N HIS H 165 -63.75 -5.94 -32.80
CA HIS H 165 -63.18 -5.57 -31.51
C HIS H 165 -62.87 -4.07 -31.58
N VAL H 166 -61.99 -3.57 -30.71
CA VAL H 166 -61.92 -2.14 -30.44
C VAL H 166 -61.18 -1.36 -31.52
N ASP H 167 -61.93 -0.86 -32.50
CA ASP H 167 -61.39 0.01 -33.52
C ASP H 167 -62.38 1.13 -33.80
N LYS H 168 -62.76 1.83 -32.73
CA LYS H 168 -63.93 2.73 -32.71
C LYS H 168 -63.94 3.76 -33.83
N LYS H 169 -62.78 4.27 -34.22
CA LYS H 169 -62.75 5.36 -35.19
C LYS H 169 -62.84 4.90 -36.64
N SER H 170 -62.90 3.59 -36.89
CA SER H 170 -63.02 3.05 -38.24
C SER H 170 -64.47 2.61 -38.45
N ARG H 171 -65.17 3.31 -39.34
CA ARG H 171 -66.57 3.02 -39.64
C ARG H 171 -66.74 2.78 -41.13
N GLU H 172 -67.76 2.00 -41.47
CA GLU H 172 -68.24 1.89 -42.84
C GLU H 172 -69.70 2.29 -42.87
N GLN H 173 -70.06 3.05 -43.90
CA GLN H 173 -71.39 3.63 -44.01
C GLN H 173 -72.12 3.03 -45.20
N PHE H 174 -73.26 2.39 -44.93
CA PHE H 174 -74.14 1.86 -45.95
C PHE H 174 -75.44 2.65 -45.97
N GLU H 175 -76.22 2.49 -47.04
CA GLU H 175 -77.51 3.15 -47.14
C GLU H 175 -78.51 2.23 -47.80
N MET H 176 -79.78 2.54 -47.59
CA MET H 176 -80.89 1.89 -48.26
C MET H 176 -81.71 2.97 -48.93
N ARG H 177 -81.93 2.85 -50.24
CA ARG H 177 -82.62 3.89 -51.00
C ARG H 177 -83.93 3.35 -51.55
N PHE H 178 -84.99 4.13 -51.38
CA PHE H 178 -86.33 3.81 -51.84
C PHE H 178 -86.70 4.76 -52.97
N LYS H 179 -87.30 4.21 -54.03
CA LYS H 179 -87.73 4.98 -55.18
C LYS H 179 -89.21 4.73 -55.43
N LYS H 180 -89.91 5.75 -55.92
CA LYS H 180 -91.34 5.66 -56.14
C LYS H 180 -91.71 6.32 -57.46
N ARG H 181 -92.72 5.76 -58.13
CA ARG H 181 -93.25 6.30 -59.37
C ARG H 181 -94.76 6.27 -59.33
N PHE H 182 -95.38 7.21 -60.04
CA PHE H 182 -96.83 7.41 -60.01
C PHE H 182 -97.38 7.38 -61.43
N LEU H 183 -98.36 6.52 -61.66
CA LEU H 183 -98.97 6.30 -62.98
C LEU H 183 -100.46 6.60 -62.90
N VAL H 184 -101.00 7.21 -63.95
CA VAL H 184 -102.42 7.57 -64.02
C VAL H 184 -103.02 6.87 -65.22
N ILE H 185 -104.17 6.21 -65.03
CA ILE H 185 -104.89 5.53 -66.09
C ILE H 185 -106.33 6.05 -66.09
N LYS H 186 -106.76 6.58 -67.22
CA LYS H 186 -108.15 7.00 -67.37
C LYS H 186 -109.01 5.81 -67.75
N ALA H 187 -110.13 5.64 -67.05
CA ALA H 187 -111.00 4.50 -67.32
C ALA H 187 -112.43 4.82 -66.93
N GLN H 188 -113.37 4.48 -67.80
CA GLN H 188 -114.78 4.70 -67.54
C GLN H 188 -115.33 3.57 -66.67
N SER H 189 -116.63 3.67 -66.36
CA SER H 189 -117.21 2.83 -65.32
C SER H 189 -117.39 1.38 -65.75
N HIS H 190 -117.61 1.13 -67.05
CA HIS H 190 -117.91 -0.22 -67.48
C HIS H 190 -116.68 -1.12 -67.50
N GLU H 191 -115.50 -0.57 -67.78
CA GLU H 191 -114.32 -1.39 -68.01
C GLU H 191 -113.40 -1.51 -66.81
N LEU H 192 -113.80 -0.97 -65.65
CA LEU H 192 -112.96 -1.10 -64.46
C LEU H 192 -112.83 -2.55 -64.02
N SER H 193 -113.93 -3.30 -64.02
CA SER H 193 -113.88 -4.71 -63.69
C SER H 193 -113.20 -5.53 -64.77
N ASN H 194 -113.11 -5.03 -65.99
CA ASN H 194 -112.33 -5.70 -67.01
C ASN H 194 -110.83 -5.47 -66.81
N LYS H 195 -110.46 -4.23 -66.49
CA LYS H 195 -109.06 -3.91 -66.28
C LYS H 195 -108.52 -4.50 -64.99
N LEU H 196 -109.36 -4.69 -63.98
CA LEU H 196 -108.89 -5.21 -62.70
C LEU H 196 -108.40 -6.64 -62.82
N PHE H 197 -109.02 -7.43 -63.70
CA PHE H 197 -108.60 -8.82 -63.87
C PHE H 197 -107.16 -8.89 -64.39
N TRP H 198 -106.81 -8.05 -65.36
CA TRP H 198 -105.43 -8.08 -65.83
C TRP H 198 -104.50 -7.40 -64.86
N LEU H 199 -104.91 -6.29 -64.24
CA LEU H 199 -104.08 -5.60 -63.24
C LEU H 199 -103.78 -6.46 -62.02
N LYS H 200 -104.58 -7.48 -61.74
CA LYS H 200 -104.26 -8.43 -60.68
C LYS H 200 -103.11 -9.35 -61.02
N ARG H 201 -102.77 -9.51 -62.30
CA ARG H 201 -101.83 -10.54 -62.71
C ARG H 201 -100.55 -9.99 -63.33
N TYR H 202 -100.18 -8.75 -63.03
CA TYR H 202 -98.99 -8.22 -63.66
C TYR H 202 -97.72 -8.68 -62.97
N ARG H 203 -96.61 -8.55 -63.68
CA ARG H 203 -95.29 -8.90 -63.20
C ARG H 203 -94.38 -7.72 -63.50
N ILE H 204 -94.13 -6.88 -62.52
CA ILE H 204 -93.21 -5.77 -62.66
C ILE H 204 -91.91 -6.15 -61.98
N LEU H 205 -90.79 -5.76 -62.59
CA LEU H 205 -89.48 -6.28 -62.20
C LEU H 205 -88.96 -5.55 -60.97
N GLY H 206 -88.85 -6.27 -59.86
CA GLY H 206 -88.29 -5.72 -58.63
C GLY H 206 -89.07 -4.58 -58.04
N ALA H 207 -90.39 -4.70 -58.01
CA ALA H 207 -91.24 -3.59 -57.61
C ALA H 207 -92.42 -4.12 -56.82
N GLN H 208 -93.10 -3.21 -56.13
CA GLN H 208 -94.38 -3.50 -55.50
C GLN H 208 -95.32 -2.37 -55.87
N TYR H 209 -96.50 -2.71 -56.37
CA TYR H 209 -97.40 -1.70 -56.91
C TYR H 209 -98.69 -1.62 -56.09
N GLU H 210 -99.35 -0.48 -56.25
CA GLU H 210 -100.43 -0.01 -55.40
C GLU H 210 -101.55 0.44 -56.32
N LEU H 211 -102.71 -0.21 -56.22
CA LEU H 211 -103.84 0.07 -57.10
C LEU H 211 -104.84 0.95 -56.38
N GLN H 212 -105.00 2.18 -56.86
CA GLN H 212 -105.91 3.17 -56.32
C GLN H 212 -107.09 3.32 -57.27
N PHE H 213 -108.30 3.26 -56.72
CA PHE H 213 -109.51 3.23 -57.52
C PHE H 213 -110.33 4.47 -57.20
N HIS H 214 -110.66 5.24 -58.22
CA HIS H 214 -111.55 6.38 -58.09
C HIS H 214 -112.78 6.14 -58.93
N CYS H 215 -113.93 6.01 -58.26
CA CYS H 215 -115.20 5.76 -58.92
C CYS H 215 -116.29 6.52 -58.17
N LYS H 216 -117.42 6.73 -58.84
CA LYS H 216 -118.53 7.50 -58.30
C LYS H 216 -119.81 6.70 -58.40
N THR H 217 -120.56 6.63 -57.30
CA THR H 217 -121.92 6.13 -57.29
C THR H 217 -122.85 7.24 -56.85
N ARG H 218 -124.14 6.92 -56.69
CA ARG H 218 -125.13 7.90 -56.30
C ARG H 218 -125.76 7.54 -54.96
N LEU H 219 -126.39 8.54 -54.35
CA LEU H 219 -126.98 8.39 -53.02
C LEU H 219 -128.47 8.09 -53.13
N ASP H 220 -128.93 7.14 -52.33
CA ASP H 220 -130.35 6.91 -52.15
C ASP H 220 -130.86 7.79 -51.02
N MET H 221 -131.91 8.57 -51.31
CA MET H 221 -132.44 9.52 -50.34
C MET H 221 -133.72 9.06 -49.66
N SER H 222 -134.29 7.94 -50.10
CA SER H 222 -135.61 7.51 -49.62
C SER H 222 -135.73 7.26 -48.12
N PRO H 223 -134.80 6.58 -47.41
CA PRO H 223 -135.04 6.34 -45.98
C PRO H 223 -134.67 7.50 -45.07
N VAL H 224 -134.35 8.68 -45.60
CA VAL H 224 -133.92 9.80 -44.78
C VAL H 224 -134.67 11.06 -45.23
N LEU H 225 -135.41 10.95 -46.33
CA LEU H 225 -136.15 12.10 -46.85
C LEU H 225 -137.30 12.52 -45.92
N GLY H 226 -137.75 11.65 -45.04
CA GLY H 226 -138.77 12.03 -44.09
C GLY H 226 -138.33 13.13 -43.14
N SER H 227 -137.06 13.15 -42.78
CA SER H 227 -136.52 14.22 -41.95
C SER H 227 -136.12 15.45 -42.77
N LYS H 228 -136.11 15.33 -44.10
CA LYS H 228 -135.80 16.42 -45.02
C LYS H 228 -134.43 17.06 -44.79
N ASN I 178 0.94 75.22 -52.52
CA ASN I 178 -0.06 75.10 -51.47
C ASN I 178 -0.20 73.66 -51.01
N LEU I 179 0.91 73.08 -50.57
CA LEU I 179 0.94 71.72 -50.05
C LEU I 179 1.45 71.76 -48.62
N GLU I 180 0.70 71.16 -47.71
CA GLU I 180 1.12 71.05 -46.33
C GLU I 180 1.60 69.64 -46.02
N THR I 181 2.30 69.50 -44.91
CA THR I 181 3.08 68.31 -44.62
C THR I 181 2.47 67.40 -43.55
N ASN I 182 2.21 67.94 -42.36
CA ASN I 182 1.87 67.12 -41.20
C ASN I 182 0.36 66.93 -41.14
N ALA I 183 -0.13 65.84 -41.71
CA ALA I 183 -1.53 65.46 -41.60
C ALA I 183 -1.70 64.53 -40.40
N ASP I 184 -2.88 64.57 -39.81
CA ASP I 184 -3.15 63.70 -38.67
C ASP I 184 -3.27 62.25 -39.16
N ILE I 185 -3.16 61.30 -38.23
CA ILE I 185 -3.16 59.88 -38.55
C ILE I 185 -4.30 59.22 -37.80
N ILE I 186 -5.03 58.36 -38.50
CA ILE I 186 -6.06 57.52 -37.90
C ILE I 186 -5.55 56.09 -37.97
N HIS I 187 -5.22 55.48 -36.85
CA HIS I 187 -4.81 54.08 -36.90
C HIS I 187 -6.02 53.21 -36.61
N ILE I 188 -6.26 52.19 -37.42
CA ILE I 188 -7.38 51.28 -37.17
C ILE I 188 -6.98 49.83 -37.07
N LYS I 189 -6.62 49.37 -35.89
CA LYS I 189 -6.20 47.99 -35.69
C LYS I 189 -7.40 47.16 -35.50
N LEU I 190 -7.61 46.18 -36.34
CA LEU I 190 -8.76 45.32 -36.26
C LEU I 190 -8.35 43.94 -35.85
N LEU I 191 -8.35 43.69 -34.55
CA LEU I 191 -7.99 42.40 -34.05
C LEU I 191 -9.19 41.50 -34.15
N ARG I 192 -9.19 40.40 -33.41
CA ARG I 192 -10.31 39.48 -33.46
C ARG I 192 -11.40 39.79 -32.46
N ASN I 193 -11.05 40.25 -31.27
CA ASN I 193 -12.07 40.49 -30.25
C ASN I 193 -12.30 41.94 -29.90
N ASN I 194 -11.51 42.85 -30.46
CA ASN I 194 -11.73 44.25 -30.22
C ASN I 194 -11.06 45.08 -31.28
N THR I 195 -11.69 46.15 -31.70
CA THR I 195 -11.08 47.04 -32.66
C THR I 195 -10.69 48.31 -31.98
N PHE I 196 -9.47 48.78 -32.23
CA PHE I 196 -8.99 50.01 -31.61
C PHE I 196 -8.85 51.05 -32.70
N VAL I 197 -9.41 52.23 -32.48
CA VAL I 197 -9.20 53.36 -33.37
C VAL I 197 -8.57 54.49 -32.56
N THR I 198 -7.46 55.01 -33.04
CA THR I 198 -6.69 56.00 -32.32
C THR I 198 -6.37 57.16 -33.25
N VAL I 199 -6.55 58.39 -32.77
CA VAL I 199 -6.32 59.58 -33.57
C VAL I 199 -5.06 60.25 -33.05
N THR I 200 -4.00 60.24 -33.85
CA THR I 200 -2.71 60.80 -33.46
C THR I 200 -2.31 61.89 -34.44
N ASP I 201 -1.24 62.61 -34.09
CA ASP I 201 -0.63 63.57 -35.00
C ASP I 201 0.47 62.86 -35.78
N SER I 202 1.29 63.64 -36.49
CA SER I 202 2.30 63.03 -37.35
C SER I 202 3.51 62.52 -36.60
N LYS I 203 3.60 62.78 -35.30
CA LYS I 203 4.71 62.27 -34.49
C LYS I 203 4.29 61.18 -33.52
N GLY I 204 3.02 60.80 -33.49
CA GLY I 204 2.57 59.68 -32.72
C GLY I 204 1.87 59.99 -31.41
N ASN I 205 1.62 61.26 -31.10
CA ASN I 205 0.99 61.61 -29.84
C ASN I 205 -0.52 61.42 -29.93
N VAL I 206 -1.07 60.65 -29.00
CA VAL I 206 -2.49 60.32 -29.02
C VAL I 206 -3.31 61.53 -28.60
N LYS I 207 -4.34 61.83 -29.38
CA LYS I 207 -5.28 62.90 -29.06
C LYS I 207 -6.62 62.37 -28.56
N CYS I 208 -7.12 61.27 -29.13
CA CYS I 208 -8.29 60.56 -28.61
C CYS I 208 -8.26 59.13 -29.12
N LYS I 209 -9.06 58.28 -28.50
CA LYS I 209 -9.07 56.87 -28.84
C LYS I 209 -10.42 56.26 -28.48
N ALA I 210 -10.72 55.12 -29.11
CA ALA I 210 -11.96 54.40 -28.86
C ALA I 210 -11.75 52.91 -29.12
N THR I 211 -12.43 52.10 -28.32
CA THR I 211 -12.44 50.64 -28.44
C THR I 211 -13.88 50.16 -28.62
N SER I 212 -14.04 48.85 -28.82
CA SER I 212 -15.37 48.27 -28.93
C SER I 212 -16.10 48.27 -27.60
N GLY I 213 -15.40 47.92 -26.52
CA GLY I 213 -16.06 47.80 -25.22
C GLY I 213 -16.38 49.13 -24.58
N SER I 214 -15.80 50.22 -25.07
CA SER I 214 -15.98 51.52 -24.47
C SER I 214 -17.08 52.35 -25.11
N LEU I 215 -17.85 51.77 -26.03
CA LEU I 215 -18.93 52.51 -26.65
C LEU I 215 -20.11 52.61 -25.69
N PRO I 216 -20.89 53.71 -25.74
CA PRO I 216 -21.94 53.92 -24.74
C PRO I 216 -23.14 52.99 -24.86
N ASP I 217 -23.38 52.37 -26.01
CA ASP I 217 -24.60 51.61 -26.25
C ASP I 217 -24.38 50.11 -26.23
N LEU I 218 -23.26 49.62 -26.74
CA LEU I 218 -23.01 48.18 -26.73
C LEU I 218 -22.84 47.69 -25.30
N LYS I 219 -23.64 46.70 -24.91
CA LYS I 219 -23.69 46.21 -23.54
C LYS I 219 -23.31 44.74 -23.53
N GLY I 220 -22.01 44.46 -23.49
CA GLY I 220 -21.50 43.12 -23.28
C GLY I 220 -21.82 42.15 -24.40
N GLY I 221 -21.59 40.88 -24.09
CA GLY I 221 -22.03 39.76 -24.91
C GLY I 221 -21.05 39.31 -25.98
N ARG I 222 -20.95 40.09 -27.06
CA ARG I 222 -20.15 39.72 -28.21
C ARG I 222 -19.43 40.95 -28.73
N LYS I 223 -18.24 40.76 -29.28
CA LYS I 223 -17.47 41.90 -29.78
C LYS I 223 -16.82 41.71 -31.14
N MET I 224 -16.77 40.51 -31.71
CA MET I 224 -15.97 40.34 -32.92
C MET I 224 -16.73 40.62 -34.20
N THR I 225 -18.04 40.87 -34.12
CA THR I 225 -18.84 41.07 -35.31
C THR I 225 -18.46 42.39 -35.98
N SER I 226 -18.82 42.51 -37.26
CA SER I 226 -18.49 43.71 -38.03
C SER I 226 -19.21 44.94 -37.51
N TYR I 227 -20.29 44.74 -36.74
CA TYR I 227 -21.02 45.89 -36.22
C TYR I 227 -20.23 46.65 -35.18
N THR I 228 -19.48 45.97 -34.33
CA THR I 228 -18.63 46.67 -33.37
C THR I 228 -17.54 47.46 -34.07
N ALA I 229 -16.96 46.90 -35.13
CA ALA I 229 -15.91 47.58 -35.88
C ALA I 229 -16.43 48.84 -36.56
N ASP I 230 -17.52 48.73 -37.32
CA ASP I 230 -17.97 49.93 -38.01
C ASP I 230 -18.68 50.91 -37.09
N ALA I 231 -19.19 50.47 -35.94
CA ALA I 231 -19.68 51.41 -34.94
C ALA I 231 -18.55 52.20 -34.29
N THR I 232 -17.42 51.55 -34.01
CA THR I 232 -16.26 52.29 -33.50
C THR I 232 -15.74 53.28 -34.54
N ALA I 233 -15.71 52.86 -35.81
CA ALA I 233 -15.31 53.79 -36.86
C ALA I 233 -16.26 54.99 -36.98
N GLU I 234 -17.57 54.73 -36.87
CA GLU I 234 -18.56 55.81 -36.87
C GLU I 234 -18.32 56.78 -35.71
N ASN I 235 -18.08 56.23 -34.51
CA ASN I 235 -17.86 57.06 -33.33
C ASN I 235 -16.62 57.95 -33.47
N ILE I 236 -15.53 57.38 -33.95
CA ILE I 236 -14.30 58.16 -34.10
C ILE I 236 -14.46 59.20 -35.21
N GLY I 237 -15.23 58.87 -36.25
CA GLY I 237 -15.49 59.86 -37.30
C GLY I 237 -16.23 61.08 -36.79
N ARG I 238 -17.26 60.86 -35.98
CA ARG I 238 -17.99 61.99 -35.39
C ARG I 238 -17.09 62.80 -34.43
N ARG I 239 -16.30 62.10 -33.62
CA ARG I 239 -15.41 62.80 -32.69
C ARG I 239 -14.33 63.59 -33.43
N VAL I 240 -13.86 63.09 -34.57
CA VAL I 240 -12.86 63.82 -35.33
C VAL I 240 -13.45 65.00 -36.06
N LYS I 241 -14.70 64.90 -36.49
CA LYS I 241 -15.38 66.07 -37.06
C LYS I 241 -15.58 67.15 -36.01
N ALA I 242 -15.90 66.74 -34.77
CA ALA I 242 -16.19 67.72 -33.72
C ALA I 242 -14.97 68.53 -33.29
N MET I 243 -13.75 68.05 -33.53
CA MET I 243 -12.56 68.81 -33.17
C MET I 243 -11.98 69.61 -34.33
N GLY I 244 -12.69 69.68 -35.45
CA GLY I 244 -12.28 70.54 -36.55
C GLY I 244 -11.01 70.15 -37.26
N LEU I 245 -10.83 68.87 -37.57
CA LEU I 245 -9.71 68.41 -38.37
C LEU I 245 -10.14 68.33 -39.82
N LYS I 246 -9.18 68.50 -40.73
CA LYS I 246 -9.47 68.51 -42.15
C LYS I 246 -8.55 67.65 -43.00
N SER I 247 -7.50 67.07 -42.42
CA SER I 247 -6.51 66.34 -43.20
C SER I 247 -6.02 65.14 -42.40
N VAL I 248 -6.54 63.96 -42.71
CA VAL I 248 -6.20 62.74 -42.00
C VAL I 248 -5.60 61.75 -42.99
N VAL I 249 -4.86 60.78 -42.43
CA VAL I 249 -4.22 59.71 -43.17
C VAL I 249 -4.57 58.42 -42.44
N VAL I 250 -5.19 57.48 -43.15
CA VAL I 250 -5.73 56.28 -42.52
C VAL I 250 -4.73 55.15 -42.68
N LYS I 251 -4.34 54.54 -41.57
CA LYS I 251 -3.51 53.33 -41.57
C LYS I 251 -4.30 52.20 -40.95
N VAL I 252 -4.39 51.07 -41.65
CA VAL I 252 -5.22 49.94 -41.26
C VAL I 252 -4.32 48.74 -40.99
N ASN I 253 -4.60 48.03 -39.90
CA ASN I 253 -3.80 46.89 -39.48
C ASN I 253 -4.72 45.79 -38.99
N GLY I 254 -4.41 44.56 -39.37
CA GLY I 254 -5.18 43.41 -38.92
C GLY I 254 -5.07 42.25 -39.86
N PHE I 255 -5.25 41.06 -39.28
CA PHE I 255 -5.15 39.79 -40.03
C PHE I 255 -6.53 39.34 -40.49
N THR I 256 -7.22 40.17 -41.26
CA THR I 256 -8.56 39.84 -41.73
C THR I 256 -8.66 40.02 -43.23
N HIS I 257 -9.85 39.75 -43.76
CA HIS I 257 -10.15 39.99 -45.16
C HIS I 257 -10.18 41.48 -45.45
N PHE I 258 -10.06 41.83 -46.73
CA PHE I 258 -10.05 43.25 -47.08
C PHE I 258 -11.43 43.88 -47.04
N LYS I 259 -12.49 43.07 -47.09
CA LYS I 259 -13.84 43.62 -47.03
C LYS I 259 -14.10 44.36 -45.73
N LYS I 260 -13.58 43.83 -44.63
CA LYS I 260 -13.81 44.47 -43.33
C LYS I 260 -13.02 45.78 -43.19
N LYS I 261 -11.80 45.83 -43.72
CA LYS I 261 -11.05 47.10 -43.72
C LYS I 261 -11.71 48.16 -44.59
N ARG I 262 -12.19 47.76 -45.77
CA ARG I 262 -12.91 48.69 -46.64
C ARG I 262 -14.18 49.22 -45.97
N ASN I 263 -14.93 48.33 -45.32
CA ASN I 263 -16.14 48.77 -44.63
C ASN I 263 -15.83 49.68 -43.46
N ALA I 264 -14.73 49.42 -42.73
CA ALA I 264 -14.34 50.30 -41.63
C ALA I 264 -13.95 51.69 -42.13
N ILE I 265 -13.24 51.75 -43.26
CA ILE I 265 -12.83 53.05 -43.80
C ILE I 265 -14.04 53.86 -44.26
N VAL I 266 -14.98 53.22 -44.98
CA VAL I 266 -16.15 53.98 -45.40
C VAL I 266 -17.06 54.30 -44.22
N ALA I 267 -17.04 53.51 -43.15
CA ALA I 267 -17.77 53.89 -41.94
C ALA I 267 -17.13 55.09 -41.26
N PHE I 268 -15.80 55.21 -41.29
CA PHE I 268 -15.17 56.41 -40.74
C PHE I 268 -15.54 57.65 -41.56
N ARG I 269 -15.59 57.51 -42.89
CA ARG I 269 -16.05 58.61 -43.73
C ARG I 269 -17.50 58.96 -43.40
N SER I 270 -18.33 57.95 -43.12
CA SER I 270 -19.70 58.16 -42.67
C SER I 270 -19.74 58.93 -41.35
N GLY I 271 -18.81 58.63 -40.44
CA GLY I 271 -18.77 59.35 -39.18
C GLY I 271 -18.40 60.80 -39.36
N TYR I 272 -17.46 61.09 -40.26
CA TYR I 272 -17.08 62.49 -40.51
C TYR I 272 -18.20 63.24 -41.22
N SER I 273 -18.78 62.63 -42.26
CA SER I 273 -19.74 63.29 -43.13
C SER I 273 -21.08 62.56 -43.00
N ASN I 274 -22.12 63.29 -42.61
CA ASN I 274 -23.39 62.66 -42.24
C ASN I 274 -24.05 61.94 -43.42
N SER I 275 -24.03 62.54 -44.60
CA SER I 275 -24.81 62.04 -45.72
C SER I 275 -23.93 61.63 -46.89
N ARG I 276 -22.63 61.42 -46.63
CA ARG I 276 -21.59 61.20 -47.65
C ARG I 276 -21.58 62.32 -48.69
N ASN I 277 -21.89 63.54 -48.24
CA ASN I 277 -21.92 64.72 -49.09
C ASN I 277 -20.74 65.65 -48.84
N ASP I 278 -20.30 65.75 -47.59
CA ASP I 278 -19.19 66.63 -47.26
C ASP I 278 -17.89 66.06 -47.81
N GLN I 279 -16.91 66.93 -48.00
CA GLN I 279 -15.68 66.59 -48.71
C GLN I 279 -14.84 65.62 -47.89
N ASN I 280 -14.01 64.86 -48.58
CA ASN I 280 -13.26 63.80 -47.94
C ASN I 280 -12.06 64.36 -47.21
N PRO I 281 -11.95 64.17 -45.89
CA PRO I 281 -10.72 64.54 -45.19
C PRO I 281 -9.60 63.53 -45.39
N ILE I 282 -9.92 62.32 -45.84
CA ILE I 282 -8.91 61.30 -46.06
C ILE I 282 -8.07 61.67 -47.27
N VAL I 283 -6.76 61.76 -47.08
CA VAL I 283 -5.84 62.09 -48.16
C VAL I 283 -4.93 60.92 -48.51
N TYR I 284 -4.88 59.87 -47.68
CA TYR I 284 -4.01 58.74 -47.91
C TYR I 284 -4.58 57.54 -47.16
N ILE I 285 -4.52 56.37 -47.79
CA ILE I 285 -4.87 55.11 -47.14
C ILE I 285 -3.67 54.18 -47.24
N GLU I 286 -3.45 53.40 -46.19
CA GLU I 286 -2.31 52.49 -46.14
C GLU I 286 -2.68 51.26 -45.33
N ASP I 287 -2.08 50.13 -45.68
CA ASP I 287 -2.20 48.90 -44.92
C ASP I 287 -0.83 48.57 -44.35
N THR I 288 -0.75 48.41 -43.03
CA THR I 288 0.51 48.28 -42.32
C THR I 288 0.59 46.94 -41.60
N THR I 289 0.18 45.86 -42.26
CA THR I 289 0.06 44.57 -41.60
C THR I 289 1.25 43.68 -41.93
N ARG I 290 1.93 43.19 -40.90
CA ARG I 290 3.18 42.48 -41.03
C ARG I 290 3.07 41.08 -40.45
N LYS I 291 3.73 40.12 -41.08
CA LYS I 291 3.72 38.74 -40.64
C LYS I 291 5.05 38.38 -40.00
N ALA I 292 4.99 37.53 -38.98
CA ALA I 292 6.21 37.00 -38.39
C ALA I 292 6.88 36.05 -39.37
N HIS I 293 8.21 36.08 -39.38
CA HIS I 293 8.98 35.23 -40.29
C HIS I 293 9.38 33.94 -39.57
N ASN I 294 8.34 33.20 -39.15
CA ASN I 294 8.43 32.04 -38.26
C ASN I 294 9.10 32.40 -36.94
N GLY I 295 8.40 33.23 -36.18
CA GLY I 295 8.93 33.64 -34.90
C GLY I 295 8.56 32.69 -33.79
N CYS I 296 7.80 33.15 -32.82
CA CYS I 296 7.45 32.33 -31.67
C CYS I 296 6.46 31.24 -32.05
N ARG I 297 6.32 30.25 -31.18
CA ARG I 297 5.42 29.14 -31.40
C ARG I 297 4.03 29.50 -30.92
N LEU I 298 3.05 29.34 -31.80
CA LEU I 298 1.67 29.70 -31.49
C LEU I 298 1.07 28.68 -30.52
N PRO I 299 0.03 29.05 -29.78
CA PRO I 299 -0.54 28.13 -28.79
C PRO I 299 -1.29 26.98 -29.45
N ARG I 300 -1.68 26.04 -28.60
CA ARG I 300 -2.26 24.78 -29.03
C ARG I 300 -3.67 24.97 -29.58
N LYS I 301 -4.14 23.96 -30.30
CA LYS I 301 -5.50 23.97 -30.81
C LYS I 301 -6.50 23.81 -29.68
N ARG I 302 -7.75 24.20 -29.97
CA ARG I 302 -8.83 24.07 -29.02
C ARG I 302 -9.70 22.89 -29.42
N ARG I 303 -9.76 21.87 -28.57
CA ARG I 303 -10.62 20.71 -28.83
C ARG I 303 -11.98 21.02 -28.22
N VAL I 304 -12.75 21.81 -28.96
CA VAL I 304 -14.11 22.14 -28.56
C VAL I 304 -15.09 21.26 -29.32
N PRO J 2 10.77 -20.87 -48.12
CA PRO J 2 12.19 -20.70 -47.85
C PRO J 2 13.06 -21.23 -48.96
N THR J 3 14.25 -20.67 -49.11
CA THR J 3 15.21 -21.19 -50.04
C THR J 3 15.72 -22.56 -49.58
N PHE J 4 16.31 -23.30 -50.51
CA PHE J 4 16.78 -24.63 -50.20
C PHE J 4 17.95 -24.59 -49.22
N ASN J 5 18.77 -23.55 -49.29
CA ASN J 5 19.82 -23.36 -48.27
C ASN J 5 19.21 -23.12 -46.89
N GLN J 6 18.14 -22.33 -46.81
CA GLN J 6 17.47 -22.11 -45.53
C GLN J 6 16.87 -23.40 -44.99
N LEU J 7 16.29 -24.23 -45.87
CA LEU J 7 15.72 -25.50 -45.42
C LEU J 7 16.79 -26.49 -45.02
N ILE J 8 17.98 -26.41 -45.62
CA ILE J 8 19.09 -27.26 -45.20
C ILE J 8 19.61 -26.83 -43.84
N ARG J 9 19.80 -25.52 -43.63
CA ARG J 9 20.36 -25.05 -42.38
C ARG J 9 19.39 -25.21 -41.21
N HIS J 10 18.12 -24.84 -41.41
CA HIS J 10 17.07 -25.07 -40.44
C HIS J 10 15.95 -25.86 -41.09
N GLY J 11 15.60 -27.00 -40.50
CA GLY J 11 14.56 -27.83 -41.07
C GLY J 11 13.17 -27.28 -40.80
N ARG J 12 12.18 -28.12 -41.06
CA ARG J 12 10.79 -27.78 -40.83
C ARG J 12 10.30 -28.51 -39.58
N GLU J 13 9.61 -27.78 -38.71
CA GLU J 13 9.10 -28.33 -37.48
C GLU J 13 7.68 -28.85 -37.70
N GLU J 14 7.02 -29.26 -36.64
CA GLU J 14 5.64 -29.74 -36.72
C GLU J 14 4.72 -28.78 -35.98
N LYS J 15 3.42 -29.02 -36.12
CA LYS J 15 2.43 -28.16 -35.51
C LYS J 15 2.28 -28.45 -34.03
N ARG J 16 1.94 -27.42 -33.26
CA ARG J 16 1.72 -27.60 -31.83
C ARG J 16 0.27 -28.01 -31.58
N ARG J 17 0.09 -29.12 -30.88
CA ARG J 17 -1.25 -29.61 -30.56
C ARG J 17 -1.18 -30.26 -29.18
N THR J 18 -2.08 -29.87 -28.29
CA THR J 18 -2.07 -30.36 -26.93
C THR J 18 -2.90 -31.64 -26.80
N ASP J 19 -2.52 -32.46 -25.82
CA ASP J 19 -3.21 -33.72 -25.58
C ASP J 19 -4.51 -33.49 -24.83
N ARG J 20 -5.55 -34.20 -25.26
CA ARG J 20 -6.88 -34.02 -24.68
C ARG J 20 -7.00 -34.75 -23.35
N THR J 21 -6.67 -36.03 -23.32
CA THR J 21 -6.84 -36.89 -22.14
C THR J 21 -5.45 -37.28 -21.62
N ARG J 22 -4.86 -36.40 -20.83
CA ARG J 22 -3.54 -36.67 -20.26
C ARG J 22 -3.62 -37.63 -19.08
N ALA J 23 -4.74 -37.63 -18.35
CA ALA J 23 -4.89 -38.43 -17.15
C ALA J 23 -5.05 -39.92 -17.43
N LEU J 24 -5.33 -40.31 -18.66
CA LEU J 24 -5.37 -41.73 -18.99
C LEU J 24 -3.97 -42.31 -19.15
N ASP J 25 -3.00 -41.47 -19.54
CA ASP J 25 -1.60 -41.85 -19.77
C ASP J 25 -1.50 -42.98 -20.79
N LYS J 26 -2.09 -42.73 -21.97
CA LYS J 26 -2.00 -43.60 -23.15
C LYS J 26 -2.54 -45.00 -22.86
N CYS J 27 -3.61 -45.08 -22.08
CA CYS J 27 -4.26 -46.34 -21.75
C CYS J 27 -5.75 -46.23 -22.05
N PRO J 28 -6.39 -47.33 -22.44
CA PRO J 28 -7.80 -47.23 -22.85
C PRO J 28 -8.75 -46.95 -21.70
N GLN J 29 -8.58 -47.62 -20.56
CA GLN J 29 -9.44 -47.38 -19.42
C GLN J 29 -8.59 -47.31 -18.16
N LYS J 30 -9.12 -46.66 -17.14
CA LYS J 30 -8.48 -46.59 -15.84
C LYS J 30 -9.47 -46.97 -14.77
N THR J 31 -8.96 -47.41 -13.62
CA THR J 31 -9.81 -47.77 -12.50
C THR J 31 -9.67 -46.71 -11.41
N GLY J 32 -10.81 -46.18 -10.95
CA GLY J 32 -10.77 -45.10 -9.98
C GLY J 32 -11.76 -45.30 -8.87
N VAL J 33 -11.57 -44.53 -7.80
CA VAL J 33 -12.47 -44.55 -6.65
C VAL J 33 -13.12 -43.18 -6.54
N CYS J 34 -14.45 -43.18 -6.48
CA CYS J 34 -15.19 -41.93 -6.45
C CYS J 34 -15.03 -41.22 -5.12
N LEU J 35 -14.80 -39.92 -5.17
CA LEU J 35 -14.71 -39.11 -3.97
C LEU J 35 -15.99 -38.37 -3.66
N ARG J 36 -16.69 -37.88 -4.68
CA ARG J 36 -17.95 -37.18 -4.53
C ARG J 36 -18.85 -37.51 -5.70
N VAL J 37 -20.15 -37.54 -5.46
CA VAL J 37 -21.16 -37.75 -6.51
C VAL J 37 -22.15 -36.62 -6.43
N SER J 38 -22.23 -35.81 -7.49
CA SER J 38 -23.05 -34.60 -7.44
C SER J 38 -23.66 -34.32 -8.80
N THR J 39 -24.37 -33.20 -8.89
CA THR J 39 -25.00 -32.75 -10.11
C THR J 39 -24.45 -31.39 -10.51
N ARG J 40 -24.53 -31.11 -11.81
CA ARG J 40 -24.06 -29.85 -12.34
C ARG J 40 -25.02 -29.34 -13.40
N THR J 41 -25.13 -28.04 -13.50
CA THR J 41 -25.93 -27.41 -14.54
C THR J 41 -25.11 -27.28 -15.82
N PRO J 42 -25.73 -27.43 -16.98
CA PRO J 42 -24.98 -27.33 -18.24
C PRO J 42 -24.69 -25.88 -18.60
N LYS J 43 -23.95 -25.73 -19.68
CA LYS J 43 -23.76 -24.41 -20.27
C LYS J 43 -24.99 -24.06 -21.11
N LYS J 44 -25.45 -22.82 -20.97
CA LYS J 44 -26.64 -22.34 -21.67
C LYS J 44 -26.42 -22.37 -23.18
N PRO J 45 -27.46 -22.61 -23.98
CA PRO J 45 -28.90 -22.59 -23.68
C PRO J 45 -29.49 -23.88 -23.14
N ASN J 46 -28.69 -24.93 -22.95
CA ASN J 46 -29.22 -26.17 -22.44
C ASN J 46 -29.35 -26.13 -20.93
N SER J 47 -30.48 -26.60 -20.43
CA SER J 47 -30.74 -26.57 -18.98
C SER J 47 -31.14 -27.97 -18.53
N ALA J 48 -30.40 -28.51 -17.57
CA ALA J 48 -30.63 -29.85 -17.04
C ALA J 48 -29.90 -29.96 -15.70
N LEU J 49 -29.77 -31.18 -15.20
CA LEU J 49 -28.97 -31.48 -14.00
C LEU J 49 -28.22 -32.77 -14.28
N ARG J 50 -26.98 -32.64 -14.73
CA ARG J 50 -26.18 -33.80 -15.15
C ARG J 50 -25.48 -34.42 -13.96
N LYS J 51 -25.38 -35.74 -13.97
CA LYS J 51 -24.78 -36.50 -12.87
C LYS J 51 -23.30 -36.68 -13.13
N ILE J 52 -22.47 -36.13 -12.25
CA ILE J 52 -21.02 -36.23 -12.37
C ILE J 52 -20.47 -36.81 -11.07
N ALA J 53 -19.25 -37.31 -11.15
CA ALA J 53 -18.58 -37.88 -9.98
C ALA J 53 -17.10 -37.53 -10.05
N LYS J 54 -16.58 -36.98 -8.97
CA LYS J 54 -15.16 -36.71 -8.87
C LYS J 54 -14.42 -37.99 -8.53
N VAL J 55 -13.52 -38.42 -9.42
CA VAL J 55 -12.87 -39.72 -9.31
C VAL J 55 -11.38 -39.51 -9.17
N ARG J 56 -10.80 -40.16 -8.17
CA ARG J 56 -9.34 -40.26 -8.05
C ARG J 56 -8.88 -41.55 -8.70
N LEU J 57 -8.04 -41.43 -9.72
CA LEU J 57 -7.63 -42.59 -10.51
C LEU J 57 -6.52 -43.35 -9.80
N SER J 58 -6.10 -44.46 -10.41
CA SER J 58 -5.09 -45.33 -9.83
C SER J 58 -3.68 -44.77 -9.93
N ASN J 59 -3.48 -43.69 -10.68
CA ASN J 59 -2.20 -42.99 -10.73
C ASN J 59 -2.26 -41.66 -9.99
N ARG J 60 -3.24 -41.50 -9.09
CA ARG J 60 -3.42 -40.32 -8.24
C ARG J 60 -3.62 -39.05 -9.07
N HIS J 61 -4.68 -39.08 -9.88
CA HIS J 61 -5.16 -37.92 -10.62
C HIS J 61 -6.60 -37.65 -10.21
N ASP J 62 -6.98 -36.38 -10.12
CA ASP J 62 -8.34 -35.99 -9.75
C ASP J 62 -9.07 -35.54 -11.00
N ILE J 63 -10.09 -36.31 -11.41
CA ILE J 63 -10.82 -36.04 -12.64
C ILE J 63 -12.30 -35.94 -12.32
N PHE J 64 -13.06 -35.48 -13.31
CA PHE J 64 -14.52 -35.41 -13.24
C PHE J 64 -15.10 -36.35 -14.30
N ALA J 65 -15.97 -37.25 -13.89
CA ALA J 65 -16.55 -38.23 -14.79
C ALA J 65 -18.05 -38.01 -14.91
N TYR J 66 -18.57 -38.27 -16.11
CA TYR J 66 -20.00 -38.18 -16.37
C TYR J 66 -20.63 -39.56 -16.20
N ILE J 67 -21.87 -39.59 -15.72
CA ILE J 67 -22.56 -40.86 -15.51
C ILE J 67 -23.66 -41.01 -16.55
N PRO J 68 -23.57 -41.98 -17.45
CA PRO J 68 -24.55 -42.11 -18.53
C PRO J 68 -25.80 -42.86 -18.08
N GLY J 69 -26.77 -42.88 -18.98
CA GLY J 69 -27.99 -43.64 -18.77
C GLY J 69 -28.96 -42.98 -17.81
N GLU J 70 -30.07 -43.67 -17.57
CA GLU J 70 -31.10 -43.21 -16.65
C GLU J 70 -30.93 -43.96 -15.33
N GLY J 71 -30.78 -43.20 -14.24
CA GLY J 71 -30.62 -43.77 -12.92
C GLY J 71 -29.22 -44.32 -12.66
N HIS J 72 -28.74 -44.19 -11.42
CA HIS J 72 -27.43 -44.69 -11.04
C HIS J 72 -27.46 -45.08 -9.57
N ASN J 73 -26.47 -45.88 -9.16
CA ASN J 73 -26.38 -46.33 -7.78
C ASN J 73 -25.00 -46.12 -7.21
N LEU J 74 -24.28 -45.10 -7.67
CA LEU J 74 -22.92 -44.89 -7.21
C LEU J 74 -22.89 -44.24 -5.84
N GLN J 75 -21.97 -44.71 -5.01
CA GLN J 75 -21.71 -44.15 -3.68
C GLN J 75 -20.30 -43.57 -3.65
N GLU J 76 -19.90 -43.05 -2.51
CA GLU J 76 -18.53 -42.60 -2.35
C GLU J 76 -17.63 -43.79 -2.06
N HIS J 77 -16.33 -43.59 -2.34
CA HIS J 77 -15.30 -44.64 -2.24
C HIS J 77 -15.68 -45.87 -3.06
N SER J 78 -16.16 -45.64 -4.28
CA SER J 78 -16.72 -46.68 -5.12
C SER J 78 -15.85 -46.86 -6.37
N THR J 79 -15.54 -48.10 -6.69
CA THR J 79 -14.64 -48.42 -7.79
C THR J 79 -15.39 -48.39 -9.11
N VAL J 80 -14.97 -47.51 -10.01
CA VAL J 80 -15.57 -47.37 -11.34
C VAL J 80 -14.47 -47.47 -12.38
N LEU J 81 -14.88 -47.83 -13.60
CA LEU J 81 -13.98 -47.84 -14.75
C LEU J 81 -14.24 -46.59 -15.58
N ILE J 82 -13.17 -45.89 -15.92
CA ILE J 82 -13.23 -44.57 -16.54
C ILE J 82 -12.62 -44.67 -17.92
N ARG J 83 -13.33 -44.18 -18.93
CA ARG J 83 -12.85 -44.14 -20.29
C ARG J 83 -12.92 -42.72 -20.83
N GLY J 84 -12.20 -42.48 -21.91
CA GLY J 84 -12.15 -41.16 -22.50
C GLY J 84 -13.43 -40.80 -23.21
N GLY J 85 -13.53 -39.52 -23.54
CA GLY J 85 -14.73 -38.99 -24.16
C GLY J 85 -15.37 -37.91 -23.31
N ARG J 86 -15.33 -36.68 -23.80
CA ARG J 86 -15.80 -35.53 -23.03
C ARG J 86 -17.30 -35.35 -23.18
N VAL J 87 -17.84 -34.37 -22.46
CA VAL J 87 -19.23 -33.95 -22.56
C VAL J 87 -19.25 -32.48 -22.91
N LYS J 88 -19.98 -32.12 -23.98
CA LYS J 88 -19.89 -30.77 -24.50
C LYS J 88 -20.61 -29.74 -23.64
N ASP J 89 -21.68 -30.15 -22.95
CA ASP J 89 -22.44 -29.19 -22.15
C ASP J 89 -21.66 -28.76 -20.92
N LEU J 90 -20.90 -29.67 -20.33
CA LEU J 90 -20.21 -29.40 -19.08
C LEU J 90 -18.76 -29.10 -19.36
N PRO J 91 -18.30 -27.86 -19.18
CA PRO J 91 -16.88 -27.58 -19.34
C PRO J 91 -16.09 -28.15 -18.19
N GLY J 92 -14.93 -28.74 -18.50
CA GLY J 92 -14.08 -29.33 -17.50
C GLY J 92 -14.34 -30.79 -17.21
N VAL J 93 -15.37 -31.38 -17.80
CA VAL J 93 -15.66 -32.80 -17.65
C VAL J 93 -15.23 -33.50 -18.94
N LYS J 94 -14.26 -34.41 -18.83
CA LYS J 94 -13.59 -34.98 -19.99
C LYS J 94 -13.66 -36.49 -20.07
N PHE J 95 -14.46 -37.16 -19.23
CA PHE J 95 -14.42 -38.61 -19.19
C PHE J 95 -15.83 -39.18 -19.02
N HIS J 96 -15.93 -40.50 -19.15
CA HIS J 96 -17.18 -41.22 -18.94
C HIS J 96 -16.92 -42.40 -18.02
N CYS J 97 -17.97 -42.83 -17.34
CA CYS J 97 -17.98 -44.07 -16.57
C CYS J 97 -18.52 -45.19 -17.45
N ILE J 98 -17.95 -46.38 -17.32
CA ILE J 98 -18.43 -47.53 -18.07
C ILE J 98 -19.52 -48.23 -17.25
N ARG J 99 -20.70 -48.36 -17.83
CA ARG J 99 -21.79 -49.10 -17.21
C ARG J 99 -21.55 -50.59 -17.30
N GLY J 100 -21.99 -51.32 -16.28
CA GLY J 100 -22.02 -52.77 -16.33
C GLY J 100 -20.79 -53.47 -15.81
N VAL J 101 -19.75 -52.74 -15.39
CA VAL J 101 -18.58 -53.36 -14.80
C VAL J 101 -18.27 -52.67 -13.48
N LYS J 102 -17.48 -53.38 -12.66
CA LYS J 102 -17.22 -53.04 -11.25
C LYS J 102 -18.58 -52.93 -10.56
N ASP J 103 -18.86 -51.87 -9.82
CA ASP J 103 -20.11 -51.82 -9.07
C ASP J 103 -21.23 -51.11 -9.82
N LEU J 104 -20.91 -50.35 -10.86
CA LEU J 104 -21.92 -49.66 -11.64
C LEU J 104 -22.69 -50.66 -12.46
N MET J 105 -23.94 -50.93 -12.07
CA MET J 105 -24.70 -52.00 -12.66
C MET J 105 -25.26 -51.58 -14.02
N GLY J 106 -25.73 -52.57 -14.78
CA GLY J 106 -26.42 -52.31 -16.02
C GLY J 106 -27.83 -51.80 -15.78
N ILE J 107 -28.46 -51.36 -16.85
CA ILE J 107 -29.81 -50.81 -16.79
C ILE J 107 -30.79 -51.88 -17.26
N PRO J 108 -31.62 -52.42 -16.39
CA PRO J 108 -32.66 -53.35 -16.84
C PRO J 108 -33.76 -52.60 -17.59
N GLY J 109 -34.28 -53.24 -18.64
CA GLY J 109 -35.34 -52.68 -19.43
C GLY J 109 -34.89 -51.92 -20.66
N ARG J 110 -33.58 -51.72 -20.83
CA ARG J 110 -33.06 -51.07 -22.03
C ARG J 110 -33.02 -52.08 -23.18
N ARG J 111 -33.58 -51.69 -24.33
CA ARG J 111 -33.72 -52.62 -25.45
C ARG J 111 -32.98 -52.20 -26.71
N ARG J 112 -32.79 -50.91 -26.94
CA ARG J 112 -32.15 -50.42 -28.15
C ARG J 112 -30.81 -49.80 -27.80
N GLY J 113 -29.75 -50.32 -28.41
CA GLY J 113 -28.39 -49.88 -28.08
C GLY J 113 -28.00 -50.16 -26.65
N ARG J 114 -28.30 -51.36 -26.15
CA ARG J 114 -28.14 -51.65 -24.73
C ARG J 114 -26.74 -52.11 -24.38
N SER J 115 -25.93 -52.53 -25.35
CA SER J 115 -24.57 -52.94 -25.04
C SER J 115 -23.69 -51.75 -24.69
N LYS J 116 -24.08 -50.54 -25.10
CA LYS J 116 -23.42 -49.34 -24.63
C LYS J 116 -23.77 -49.00 -23.18
N TYR J 117 -24.80 -49.63 -22.62
CA TYR J 117 -25.22 -49.37 -21.26
C TYR J 117 -25.12 -50.59 -20.37
N GLY J 118 -24.60 -51.70 -20.89
CA GLY J 118 -24.30 -52.85 -20.06
C GLY J 118 -25.46 -53.77 -19.77
N ALA J 119 -26.62 -53.52 -20.35
CA ALA J 119 -27.76 -54.41 -20.20
C ALA J 119 -27.51 -55.72 -20.92
N GLU J 120 -27.90 -56.82 -20.30
CA GLU J 120 -27.82 -58.12 -20.93
C GLU J 120 -28.96 -58.31 -21.90
N LYS J 121 -28.83 -59.31 -22.76
CA LYS J 121 -29.86 -59.58 -23.75
C LYS J 121 -31.08 -60.21 -23.07
N PRO J 122 -32.27 -59.66 -23.28
CA PRO J 122 -33.46 -60.23 -22.65
C PRO J 122 -33.80 -61.58 -23.23
N LYS J 123 -34.48 -62.41 -22.43
CA LYS J 123 -34.83 -63.75 -22.85
C LYS J 123 -36.04 -63.72 -23.76
N SER J 124 -35.95 -64.45 -24.87
CA SER J 124 -37.06 -64.56 -25.82
C SER J 124 -37.97 -65.72 -25.39
N ILE J 125 -39.25 -65.41 -25.20
CA ILE J 125 -40.19 -66.37 -24.64
C ILE J 125 -41.32 -66.67 -25.63
N ILE K 32 -85.01 45.59 7.67
CA ILE K 32 -86.09 45.29 8.59
C ILE K 32 -86.10 43.80 8.91
N ARG K 33 -86.71 43.46 10.04
CA ARG K 33 -86.69 42.11 10.58
C ARG K 33 -87.97 41.39 10.17
N VAL K 34 -87.92 40.72 9.03
CA VAL K 34 -89.05 39.98 8.48
C VAL K 34 -88.70 38.51 8.50
N GLY K 35 -89.59 37.69 9.02
CA GLY K 35 -89.31 36.28 9.17
C GLY K 35 -88.32 36.10 10.31
N ASN K 36 -87.08 35.73 9.97
CA ASN K 36 -86.03 35.66 10.98
C ASN K 36 -84.71 36.21 10.46
N ALA K 37 -84.74 36.97 9.38
CA ALA K 37 -83.53 37.46 8.74
C ALA K 37 -83.64 38.95 8.49
N GLU K 38 -82.51 39.57 8.18
CA GLU K 38 -82.47 41.00 7.92
C GLU K 38 -82.70 41.25 6.43
N VAL K 39 -83.68 42.10 6.13
CA VAL K 39 -83.93 42.56 4.77
C VAL K 39 -83.21 43.90 4.59
N PRO K 40 -82.29 44.01 3.63
CA PRO K 40 -81.53 45.26 3.49
C PRO K 40 -82.40 46.40 3.01
N ASN K 41 -82.19 47.58 3.60
CA ASN K 41 -83.05 48.73 3.34
C ASN K 41 -82.75 49.39 2.00
N HIS K 42 -81.52 49.32 1.53
CA HIS K 42 -81.13 49.96 0.29
C HIS K 42 -81.42 49.12 -0.94
N LYS K 43 -81.75 47.86 -0.77
CA LYS K 43 -81.95 46.97 -1.91
C LYS K 43 -83.41 46.94 -2.31
N PRO K 44 -83.69 46.62 -3.58
CA PRO K 44 -85.09 46.40 -3.98
C PRO K 44 -85.70 45.21 -3.25
N LEU K 45 -87.03 45.25 -3.10
CA LEU K 45 -87.69 44.29 -2.23
C LEU K 45 -87.70 42.89 -2.79
N LYS K 46 -87.77 42.74 -4.13
CA LYS K 46 -87.85 41.42 -4.72
C LYS K 46 -86.57 40.63 -4.51
N THR K 47 -85.42 41.29 -4.56
CA THR K 47 -84.16 40.62 -4.27
C THR K 47 -83.85 40.63 -2.79
N GLY K 48 -84.42 41.56 -2.03
CA GLY K 48 -84.16 41.61 -0.60
C GLY K 48 -84.93 40.57 0.18
N LEU K 49 -86.10 40.18 -0.30
CA LEU K 49 -86.93 39.22 0.42
C LEU K 49 -86.41 37.79 0.32
N GLN K 50 -85.51 37.52 -0.62
CA GLN K 50 -84.96 36.17 -0.75
C GLN K 50 -84.02 35.80 0.39
N GLU K 51 -83.67 36.75 1.26
CA GLU K 51 -82.83 36.48 2.42
C GLU K 51 -83.51 35.55 3.42
N VAL K 52 -84.84 35.50 3.43
CA VAL K 52 -85.56 34.65 4.37
C VAL K 52 -85.39 33.19 3.96
N TYR K 53 -85.08 32.35 4.94
CA TYR K 53 -85.00 30.92 4.69
C TYR K 53 -86.37 30.38 4.35
N GLY K 54 -86.48 29.69 3.22
CA GLY K 54 -87.75 29.21 2.74
C GLY K 54 -88.41 30.08 1.69
N ILE K 55 -87.82 31.23 1.34
CA ILE K 55 -88.33 32.10 0.30
C ILE K 55 -87.26 32.23 -0.78
N GLY K 56 -87.65 31.94 -2.02
CA GLY K 56 -86.70 31.95 -3.12
C GLY K 56 -87.05 32.95 -4.22
N ARG K 57 -86.82 32.57 -5.47
CA ARG K 57 -87.08 33.48 -6.57
C ARG K 57 -88.55 33.58 -6.92
N ARG K 58 -89.30 32.50 -6.76
CA ARG K 58 -90.70 32.47 -7.19
C ARG K 58 -91.67 32.82 -6.08
N LYS K 59 -91.39 32.39 -4.85
CA LYS K 59 -92.22 32.77 -3.73
C LYS K 59 -92.12 34.26 -3.41
N SER K 60 -90.97 34.89 -3.69
CA SER K 60 -90.86 36.34 -3.55
C SER K 60 -91.79 37.07 -4.52
N HIS K 61 -91.83 36.61 -5.77
CA HIS K 61 -92.75 37.18 -6.74
C HIS K 61 -94.19 36.97 -6.33
N GLN K 62 -94.51 35.78 -5.81
CA GLN K 62 -95.87 35.51 -5.34
C GLN K 62 -96.25 36.41 -4.16
N VAL K 63 -95.32 36.64 -3.24
CA VAL K 63 -95.60 37.47 -2.06
C VAL K 63 -95.80 38.92 -2.45
N LEU K 64 -94.95 39.44 -3.34
CA LEU K 64 -95.11 40.83 -3.78
C LEU K 64 -96.37 41.01 -4.61
N CYS K 65 -96.74 40.02 -5.43
CA CYS K 65 -97.99 40.11 -6.16
C CYS K 65 -99.20 39.99 -5.24
N GLY K 66 -99.05 39.26 -4.12
CA GLY K 66 -100.10 39.25 -3.12
C GLY K 66 -100.27 40.59 -2.44
N LEU K 67 -99.17 41.26 -2.12
CA LEU K 67 -99.22 42.59 -1.55
C LEU K 67 -99.62 43.66 -2.56
N GLY K 68 -99.61 43.34 -3.85
CA GLY K 68 -100.02 44.32 -4.82
C GLY K 68 -98.96 45.34 -5.14
N ILE K 69 -97.69 44.97 -4.98
CA ILE K 69 -96.55 45.86 -5.16
C ILE K 69 -95.66 45.27 -6.25
N THR K 70 -95.27 46.10 -7.21
CA THR K 70 -94.36 45.61 -8.24
C THR K 70 -92.95 45.49 -7.67
N ASN K 71 -92.35 46.62 -7.31
CA ASN K 71 -91.03 46.66 -6.70
C ASN K 71 -90.78 48.05 -6.14
N LYS K 72 -90.17 48.09 -4.96
CA LYS K 72 -89.80 49.34 -4.31
C LYS K 72 -88.70 49.03 -3.30
N LEU K 73 -87.97 50.07 -2.91
CA LEU K 73 -86.92 49.90 -1.92
C LEU K 73 -87.52 49.51 -0.57
N ALA K 74 -86.73 48.79 0.23
CA ALA K 74 -87.24 48.29 1.50
C ALA K 74 -87.37 49.38 2.55
N ARG K 75 -86.70 50.52 2.36
CA ARG K 75 -86.83 51.63 3.29
C ARG K 75 -88.01 52.54 2.98
N ASP K 76 -88.68 52.34 1.85
CA ASP K 76 -89.84 53.13 1.46
C ASP K 76 -91.15 52.46 1.86
N LEU K 77 -91.07 51.40 2.66
CA LEU K 77 -92.25 50.62 3.00
C LEU K 77 -93.02 51.29 4.14
N THR K 78 -94.34 51.34 4.01
CA THR K 78 -95.21 51.87 5.06
C THR K 78 -95.54 50.74 6.04
N GLY K 79 -95.93 51.12 7.27
CA GLY K 79 -96.23 50.14 8.31
C GLY K 79 -97.41 49.23 7.99
N LYS K 80 -98.40 49.74 7.26
CA LYS K 80 -99.46 48.87 6.78
C LYS K 80 -98.92 47.79 5.85
N GLU K 81 -98.03 48.17 4.93
CA GLU K 81 -97.42 47.18 4.07
C GLU K 81 -96.46 46.28 4.83
N LEU K 82 -95.91 46.75 5.94
CA LEU K 82 -95.04 45.89 6.76
C LEU K 82 -95.84 44.81 7.47
N ILE K 83 -96.98 45.15 8.06
CA ILE K 83 -97.78 44.12 8.71
C ILE K 83 -98.42 43.19 7.68
N ASP K 84 -98.77 43.71 6.49
CA ASP K 84 -99.25 42.84 5.43
C ASP K 84 -98.17 41.90 4.93
N LEU K 85 -96.94 42.39 4.83
CA LEU K 85 -95.82 41.55 4.42
C LEU K 85 -95.53 40.47 5.45
N ARG K 86 -95.61 40.82 6.73
CA ARG K 86 -95.40 39.81 7.77
C ARG K 86 -96.50 38.76 7.77
N GLU K 87 -97.76 39.16 7.61
CA GLU K 87 -98.83 38.16 7.56
C GLU K 87 -98.81 37.35 6.27
N GLU K 88 -98.30 37.91 5.18
CA GLU K 88 -98.22 37.16 3.93
C GLU K 88 -97.06 36.17 3.96
N VAL K 89 -95.91 36.56 4.52
CA VAL K 89 -94.79 35.65 4.66
C VAL K 89 -95.12 34.56 5.66
N GLY K 90 -95.92 34.86 6.66
CA GLY K 90 -96.34 33.86 7.62
C GLY K 90 -97.28 32.79 7.07
N MET K 91 -97.64 32.86 5.80
CA MET K 91 -98.42 31.79 5.18
C MET K 91 -97.56 30.65 4.65
N HIS K 92 -96.24 30.80 4.67
CA HIS K 92 -95.32 29.74 4.24
C HIS K 92 -94.43 29.33 5.39
N GLN K 93 -94.02 28.07 5.39
CA GLN K 93 -93.02 27.61 6.35
C GLN K 93 -91.69 28.28 6.06
N HIS K 94 -91.10 28.90 7.08
CA HIS K 94 -89.95 29.75 6.85
C HIS K 94 -89.19 29.94 8.15
N GLY K 95 -87.92 30.29 8.02
CA GLY K 95 -87.13 30.67 9.17
C GLY K 95 -86.56 29.50 9.95
N ASP K 96 -86.32 29.79 11.23
CA ASP K 96 -85.65 28.84 12.11
C ASP K 96 -86.47 27.60 12.37
N GLU K 97 -87.80 27.68 12.30
CA GLU K 97 -88.60 26.47 12.40
C GLU K 97 -88.42 25.57 11.18
N LEU K 98 -88.25 26.15 10.00
CA LEU K 98 -87.96 25.33 8.82
C LEU K 98 -86.58 24.70 8.92
N ARG K 99 -85.60 25.45 9.43
CA ARG K 99 -84.27 24.88 9.67
C ARG K 99 -84.33 23.72 10.65
N ARG K 100 -85.08 23.90 11.74
CA ARG K 100 -85.22 22.84 12.74
C ARG K 100 -85.94 21.63 12.18
N ARG K 101 -86.95 21.84 11.32
CA ARG K 101 -87.65 20.73 10.70
C ARG K 101 -86.73 19.93 9.78
N VAL K 102 -85.93 20.62 8.96
CA VAL K 102 -85.01 19.93 8.06
C VAL K 102 -83.96 19.15 8.84
N GLY K 103 -83.38 19.76 9.88
CA GLY K 103 -82.43 19.06 10.72
C GLY K 103 -83.04 17.86 11.44
N SER K 104 -84.28 17.98 11.89
CA SER K 104 -84.94 16.89 12.59
C SER K 104 -85.24 15.72 11.67
N GLU K 105 -85.63 15.98 10.43
CA GLU K 105 -85.91 14.85 9.55
C GLU K 105 -84.64 14.20 9.02
N ILE K 106 -83.58 14.98 8.81
CA ILE K 106 -82.27 14.37 8.52
C ILE K 106 -81.82 13.53 9.71
N GLN K 107 -82.13 13.96 10.92
CA GLN K 107 -81.78 13.15 12.10
C GLN K 107 -82.63 11.90 12.21
N ARG K 108 -83.91 11.95 11.85
CA ARG K 108 -84.75 10.76 11.99
C ARG K 108 -84.39 9.72 10.95
N LEU K 109 -83.91 10.14 9.78
CA LEU K 109 -83.39 9.16 8.82
C LEU K 109 -82.19 8.41 9.37
N VAL K 110 -81.29 9.13 10.05
CA VAL K 110 -80.13 8.51 10.70
C VAL K 110 -80.60 7.56 11.80
N GLU K 111 -81.59 7.97 12.59
CA GLU K 111 -82.02 7.16 13.72
C GLU K 111 -82.77 5.91 13.29
N VAL K 112 -83.55 5.99 12.21
CA VAL K 112 -84.14 4.77 11.66
C VAL K 112 -83.06 3.90 11.04
N ASP K 113 -82.01 4.53 10.50
CA ASP K 113 -80.83 3.87 9.94
C ASP K 113 -81.20 2.99 8.75
N CYS K 114 -81.73 3.64 7.72
CA CYS K 114 -81.87 3.04 6.42
C CYS K 114 -80.58 3.28 5.63
N TYR K 115 -80.60 2.97 4.34
CA TYR K 115 -79.43 3.22 3.50
C TYR K 115 -79.12 4.71 3.40
N ARG K 116 -80.17 5.52 3.22
CA ARG K 116 -79.99 6.97 3.16
C ARG K 116 -79.44 7.52 4.47
N GLY K 117 -79.90 6.99 5.59
CA GLY K 117 -79.36 7.42 6.87
C GLY K 117 -77.89 7.04 7.03
N SER K 118 -77.52 5.85 6.54
CA SER K 118 -76.12 5.44 6.58
C SER K 118 -75.24 6.34 5.73
N ARG K 119 -75.72 6.71 4.54
CA ARG K 119 -74.98 7.63 3.68
C ARG K 119 -74.87 9.01 4.32
N HIS K 120 -75.94 9.48 4.97
CA HIS K 120 -75.89 10.77 5.66
C HIS K 120 -74.91 10.76 6.80
N ARG K 121 -74.83 9.65 7.53
CA ARG K 121 -73.88 9.56 8.64
C ARG K 121 -72.45 9.44 8.16
N HIS K 122 -72.21 8.72 7.08
CA HIS K 122 -70.85 8.60 6.56
C HIS K 122 -70.43 9.77 5.69
N GLY K 123 -71.34 10.71 5.40
CA GLY K 123 -70.99 11.84 4.56
C GLY K 123 -70.73 11.46 3.11
N MET K 124 -71.54 10.53 2.57
CA MET K 124 -71.43 10.03 1.23
C MET K 124 -72.63 10.51 0.43
N PRO K 125 -72.53 10.59 -0.90
CA PRO K 125 -73.71 10.96 -1.70
C PRO K 125 -74.80 9.90 -1.59
N CYS K 126 -76.04 10.36 -1.44
CA CYS K 126 -77.16 9.47 -1.15
C CYS K 126 -78.20 9.44 -2.26
N ARG K 127 -77.88 9.93 -3.45
CA ARG K 127 -78.82 9.90 -4.57
C ARG K 127 -78.24 9.15 -5.77
N GLY K 128 -77.48 8.09 -5.50
CA GLY K 128 -77.00 7.21 -6.54
C GLY K 128 -75.79 7.68 -7.30
N GLN K 129 -75.17 8.79 -6.91
CA GLN K 129 -74.02 9.30 -7.63
C GLN K 129 -72.79 8.45 -7.38
N ARG K 130 -71.86 8.50 -8.33
CA ARG K 130 -70.64 7.72 -8.23
C ARG K 130 -69.72 8.29 -7.16
N THR K 131 -68.97 7.40 -6.53
CA THR K 131 -68.01 7.77 -5.50
C THR K 131 -66.58 7.42 -5.87
N LYS K 132 -66.36 6.91 -7.08
CA LYS K 132 -65.01 6.56 -7.50
C LYS K 132 -64.17 7.79 -7.72
N THR K 133 -64.74 8.84 -8.31
CA THR K 133 -63.96 9.99 -8.71
C THR K 133 -64.53 11.33 -8.28
N ASN K 134 -65.86 11.45 -8.21
CA ASN K 134 -66.49 12.76 -8.23
C ASN K 134 -67.46 12.94 -7.09
N ALA K 135 -67.03 12.69 -5.88
CA ALA K 135 -67.94 12.99 -4.80
C ALA K 135 -67.34 14.05 -3.90
N ARG K 136 -66.82 15.10 -4.52
CA ARG K 136 -65.98 16.01 -3.77
C ARG K 136 -66.76 17.03 -2.97
N THR K 137 -68.01 17.29 -3.32
CA THR K 137 -68.78 18.22 -2.49
C THR K 137 -69.14 17.60 -1.15
N LYS K 138 -69.57 16.35 -1.15
CA LYS K 138 -69.86 15.67 0.10
C LYS K 138 -68.58 15.25 0.83
N LYS K 139 -67.47 15.06 0.12
CA LYS K 139 -66.30 14.53 0.80
C LYS K 139 -65.36 15.68 1.23
N GLY K 140 -64.92 16.53 0.29
CA GLY K 140 -64.00 17.60 0.63
C GLY K 140 -63.01 17.83 -0.48
N LYS K 141 -62.10 18.77 -0.27
CA LYS K 141 -61.04 19.06 -1.22
C LYS K 141 -60.09 17.88 -1.31
N ARG K 142 -59.36 17.79 -2.44
CA ARG K 142 -58.31 16.80 -2.68
C ARG K 142 -57.05 17.03 -1.86
N VAL K 143 -57.12 17.88 -0.82
CA VAL K 143 -56.01 18.06 0.11
C VAL K 143 -55.62 16.75 0.77
N ALA K 144 -56.58 15.86 0.99
CA ALA K 144 -56.24 14.45 1.17
C ALA K 144 -55.64 13.98 -0.13
N ILE K 145 -54.33 13.74 -0.15
CA ILE K 145 -53.57 13.69 -1.39
C ILE K 145 -52.69 12.45 -1.38
N ALA K 146 -52.20 12.10 -2.57
CA ALA K 146 -51.20 11.06 -2.83
C ALA K 146 -51.72 9.65 -2.60
N GLY K 147 -52.05 9.30 -1.36
CA GLY K 147 -52.41 7.94 -1.07
C GLY K 147 -51.23 7.01 -0.89
N LYS K 148 -50.01 7.52 -0.99
CA LYS K 148 -48.74 6.93 -0.54
C LYS K 148 -48.27 5.73 -1.36
N LYS K 149 -49.02 5.28 -2.36
CA LYS K 149 -48.58 4.17 -3.20
C LYS K 149 -49.32 4.29 -4.53
N LYS K 150 -48.83 3.56 -5.53
CA LYS K 150 -49.40 3.57 -6.88
C LYS K 150 -50.78 2.95 -6.88
N GLU L 55 -85.45 -26.72 -31.67
CA GLU L 55 -86.59 -25.99 -32.18
C GLU L 55 -86.20 -24.97 -33.24
N GLN L 56 -85.08 -24.29 -33.01
CA GLN L 56 -84.60 -23.28 -33.96
C GLN L 56 -83.12 -23.48 -34.28
N GLY L 57 -82.37 -24.13 -33.38
CA GLY L 57 -81.03 -24.58 -33.71
C GLY L 57 -79.88 -23.90 -33.00
N VAL L 58 -79.92 -22.58 -32.87
CA VAL L 58 -78.86 -21.84 -32.19
C VAL L 58 -79.01 -22.05 -30.68
N LYS L 59 -77.94 -22.49 -30.03
CA LYS L 59 -78.01 -22.82 -28.61
C LYS L 59 -78.19 -21.57 -27.76
N ARG L 60 -77.59 -20.45 -28.15
CA ARG L 60 -77.62 -19.28 -27.29
C ARG L 60 -78.92 -18.50 -27.40
N ASN L 61 -79.72 -18.73 -28.42
CA ASN L 61 -81.02 -18.09 -28.56
C ASN L 61 -82.15 -18.91 -27.96
N SER L 62 -81.83 -20.05 -27.35
CA SER L 62 -82.86 -20.98 -26.90
C SER L 62 -83.67 -20.42 -25.74
N ALA L 63 -83.00 -19.80 -24.77
CA ALA L 63 -83.70 -19.24 -23.61
C ALA L 63 -84.59 -18.06 -24.02
N ASP L 64 -84.11 -17.22 -24.92
CA ASP L 64 -84.93 -16.10 -25.34
C ASP L 64 -86.09 -16.55 -26.22
N HIS L 65 -85.91 -17.60 -27.01
CA HIS L 65 -87.03 -18.15 -27.77
C HIS L 65 -88.09 -18.75 -26.84
N ARG L 66 -87.65 -19.46 -25.79
CA ARG L 66 -88.55 -19.98 -24.79
C ARG L 66 -89.31 -18.86 -24.08
N ARG L 67 -88.60 -17.78 -23.74
CA ARG L 67 -89.25 -16.61 -23.14
C ARG L 67 -90.27 -15.98 -24.07
N ARG L 68 -89.96 -15.90 -25.37
CA ARG L 68 -90.91 -15.32 -26.31
C ARG L 68 -92.18 -16.16 -26.41
N LEU L 69 -92.04 -17.48 -26.47
CA LEU L 69 -93.22 -18.35 -26.51
C LEU L 69 -94.02 -18.25 -25.22
N LEU L 70 -93.34 -18.23 -24.06
CA LEU L 70 -94.02 -18.14 -22.78
C LEU L 70 -94.74 -16.81 -22.60
N ALA L 71 -94.20 -15.72 -23.15
CA ALA L 71 -94.87 -14.43 -23.07
C ALA L 71 -96.06 -14.35 -24.03
N ALA L 72 -95.92 -14.92 -25.23
CA ALA L 72 -97.03 -14.93 -26.17
C ALA L 72 -98.18 -15.80 -25.66
N ARG L 73 -97.87 -16.79 -24.83
CA ARG L 73 -98.93 -17.55 -24.17
C ARG L 73 -99.74 -16.68 -23.20
N PHE L 74 -99.05 -15.95 -22.32
CA PHE L 74 -99.68 -15.24 -21.21
C PHE L 74 -100.02 -13.79 -21.54
N GLU L 75 -99.92 -13.39 -22.82
CA GLU L 75 -100.28 -12.03 -23.20
C GLU L 75 -101.72 -11.66 -22.83
N LEU L 76 -102.65 -12.61 -22.93
CA LEU L 76 -104.06 -12.28 -22.74
C LEU L 76 -104.39 -11.99 -21.27
N ARG L 77 -103.84 -12.77 -20.35
CA ARG L 77 -104.15 -12.58 -18.93
C ARG L 77 -103.52 -11.30 -18.38
N ARG L 78 -102.32 -10.97 -18.86
CA ARG L 78 -101.62 -9.77 -18.42
C ARG L 78 -102.40 -8.51 -18.77
N LYS L 79 -102.88 -8.44 -20.00
CA LYS L 79 -103.71 -7.32 -20.44
C LYS L 79 -105.02 -7.26 -19.66
N LEU L 80 -105.57 -8.42 -19.29
CA LEU L 80 -106.83 -8.47 -18.56
C LEU L 80 -106.70 -7.95 -17.13
N TYR L 81 -105.67 -8.40 -16.39
CA TYR L 81 -105.51 -7.91 -15.03
C TYR L 81 -105.04 -6.46 -15.01
N LYS L 82 -104.18 -6.07 -15.97
CA LYS L 82 -103.83 -4.66 -16.12
C LYS L 82 -105.05 -3.81 -16.49
N ALA L 83 -106.06 -4.41 -17.13
CA ALA L 83 -107.28 -3.68 -17.41
C ALA L 83 -108.16 -3.54 -16.18
N PHE L 84 -108.21 -4.57 -15.33
CA PHE L 84 -108.99 -4.45 -14.10
C PHE L 84 -108.39 -3.43 -13.14
N CYS L 85 -107.06 -3.37 -13.06
CA CYS L 85 -106.44 -2.51 -12.05
C CYS L 85 -106.49 -1.02 -12.37
N LYS L 86 -106.99 -0.63 -13.54
CA LYS L 86 -106.89 0.76 -13.96
C LYS L 86 -108.22 1.53 -13.88
N ASP L 87 -109.27 0.93 -13.35
CA ASP L 87 -110.53 1.67 -13.17
C ASP L 87 -110.79 1.91 -11.69
N PRO L 88 -110.69 3.15 -11.21
CA PRO L 88 -110.80 3.41 -9.76
C PRO L 88 -112.20 3.29 -9.21
N GLU L 89 -113.24 3.26 -10.05
CA GLU L 89 -114.61 3.14 -9.56
C GLU L 89 -114.98 1.71 -9.20
N LEU L 90 -114.16 0.77 -9.54
CA LEU L 90 -114.30 -0.66 -9.30
C LEU L 90 -114.02 -0.96 -7.82
N PRO L 91 -114.62 -2.03 -7.27
CA PRO L 91 -114.43 -2.34 -5.85
C PRO L 91 -112.99 -2.68 -5.46
N SER L 92 -112.66 -2.31 -4.21
CA SER L 92 -111.28 -2.42 -3.74
C SER L 92 -110.84 -3.86 -3.61
N GLU L 93 -111.73 -4.75 -3.16
CA GLU L 93 -111.36 -6.16 -3.08
C GLU L 93 -111.09 -6.75 -4.45
N MET L 94 -111.89 -6.38 -5.45
CA MET L 94 -111.65 -6.88 -6.80
C MET L 94 -110.34 -6.36 -7.35
N ARG L 95 -110.02 -5.09 -7.09
CA ARG L 95 -108.71 -4.55 -7.46
C ARG L 95 -107.58 -5.30 -6.79
N GLU L 96 -107.72 -5.59 -5.49
CA GLU L 96 -106.70 -6.32 -4.75
C GLU L 96 -106.51 -7.73 -5.30
N LYS L 97 -107.61 -8.43 -5.59
CA LYS L 97 -107.53 -9.78 -6.13
C LYS L 97 -106.89 -9.80 -7.50
N ASN L 98 -107.23 -8.83 -8.35
CA ASN L 98 -106.62 -8.78 -9.68
C ASN L 98 -105.15 -8.39 -9.62
N ARG L 99 -104.77 -7.51 -8.69
CA ARG L 99 -103.36 -7.20 -8.48
C ARG L 99 -102.58 -8.43 -8.00
N TYR L 100 -103.19 -9.23 -7.12
CA TYR L 100 -102.56 -10.48 -6.68
C TYR L 100 -102.39 -11.45 -7.83
N LYS L 101 -103.42 -11.60 -8.67
CA LYS L 101 -103.32 -12.54 -9.78
C LYS L 101 -102.34 -12.07 -10.85
N LEU L 102 -102.21 -10.76 -11.04
CA LEU L 102 -101.21 -10.24 -11.96
C LEU L 102 -99.81 -10.44 -11.41
N SER L 103 -99.63 -10.26 -10.09
CA SER L 103 -98.32 -10.49 -9.50
C SER L 103 -97.95 -11.96 -9.47
N LYS L 104 -98.92 -12.87 -9.47
CA LYS L 104 -98.62 -14.29 -9.44
C LYS L 104 -98.20 -14.87 -10.79
N LEU L 105 -98.25 -14.07 -11.86
CA LEU L 105 -97.91 -14.56 -13.19
C LEU L 105 -96.43 -14.89 -13.27
N PRO L 106 -96.03 -15.80 -14.18
CA PRO L 106 -94.60 -16.06 -14.36
C PRO L 106 -93.85 -14.83 -14.86
N ARG L 107 -92.75 -14.51 -14.17
CA ARG L 107 -92.00 -13.31 -14.50
C ARG L 107 -91.26 -13.44 -15.82
N ASN L 108 -90.92 -14.66 -16.25
CA ASN L 108 -90.32 -14.86 -17.56
C ASN L 108 -91.31 -14.65 -18.69
N SER L 109 -92.59 -14.55 -18.40
CA SER L 109 -93.61 -14.23 -19.38
C SER L 109 -93.80 -12.74 -19.58
N ALA L 110 -92.98 -11.92 -18.92
CA ALA L 110 -93.09 -10.48 -19.06
C ALA L 110 -92.30 -10.02 -20.27
N PHE L 111 -92.86 -9.05 -21.00
CA PHE L 111 -92.25 -8.61 -22.24
C PHE L 111 -90.98 -7.81 -22.04
N THR L 112 -90.67 -7.42 -20.81
CA THR L 112 -89.45 -6.66 -20.54
C THR L 112 -88.23 -7.54 -20.37
N ARG L 113 -88.40 -8.86 -20.29
CA ARG L 113 -87.28 -9.78 -20.22
C ARG L 113 -86.80 -10.25 -21.59
N ILE L 114 -87.50 -9.88 -22.65
CA ILE L 114 -87.20 -10.36 -23.98
C ILE L 114 -86.13 -9.47 -24.59
N ARG L 115 -85.01 -10.07 -25.01
CA ARG L 115 -83.87 -9.35 -25.55
C ARG L 115 -83.69 -9.72 -27.01
N ASN L 116 -83.50 -8.72 -27.86
CA ASN L 116 -83.25 -8.98 -29.28
C ASN L 116 -81.86 -9.58 -29.46
N ARG L 117 -81.80 -10.76 -30.05
CA ARG L 117 -80.53 -11.42 -30.35
C ARG L 117 -80.44 -11.69 -31.85
N CYS L 118 -79.21 -11.83 -32.33
CA CYS L 118 -78.97 -12.08 -33.75
C CYS L 118 -79.34 -13.52 -34.09
N VAL L 119 -80.01 -13.69 -35.24
CA VAL L 119 -80.56 -15.00 -35.57
C VAL L 119 -79.52 -15.96 -36.13
N PHE L 120 -78.46 -15.48 -36.76
CA PHE L 120 -77.45 -16.37 -37.31
C PHE L 120 -76.42 -16.77 -36.28
N THR L 121 -76.18 -15.94 -35.28
CA THR L 121 -75.09 -16.14 -34.35
C THR L 121 -75.56 -16.23 -32.91
N GLY L 122 -76.37 -15.30 -32.46
CA GLY L 122 -76.77 -15.22 -31.08
C GLY L 122 -76.16 -14.10 -30.28
N ARG L 123 -75.65 -13.06 -30.93
CA ARG L 123 -75.04 -11.95 -30.23
C ARG L 123 -76.10 -11.11 -29.53
N SER L 124 -75.81 -10.68 -28.31
CA SER L 124 -76.79 -9.96 -27.50
C SER L 124 -76.66 -8.45 -27.62
N ARG L 125 -75.68 -7.94 -28.36
CA ARG L 125 -75.46 -6.50 -28.47
C ARG L 125 -75.39 -6.08 -29.92
N SER L 126 -75.81 -4.84 -30.17
CA SER L 126 -75.77 -4.19 -31.49
C SER L 126 -76.50 -5.00 -32.54
N VAL L 127 -77.80 -5.16 -32.33
CA VAL L 127 -78.65 -5.95 -33.22
C VAL L 127 -79.66 -5.02 -33.88
N THR L 128 -79.56 -4.89 -35.19
CA THR L 128 -80.54 -4.11 -35.94
C THR L 128 -81.83 -4.90 -36.05
N GLU L 129 -82.95 -4.29 -35.64
CA GLU L 129 -84.22 -5.00 -35.62
C GLU L 129 -84.76 -5.27 -37.01
N LEU L 130 -84.38 -4.47 -38.00
CA LEU L 130 -84.89 -4.70 -39.34
C LEU L 130 -84.25 -5.91 -39.98
N PHE L 131 -82.95 -6.11 -39.78
CA PHE L 131 -82.24 -7.22 -40.38
C PHE L 131 -82.15 -8.42 -39.47
N ARG L 132 -82.31 -8.24 -38.16
CA ARG L 132 -82.17 -9.28 -37.13
C ARG L 132 -80.78 -9.90 -37.13
N MET L 133 -79.76 -9.15 -37.58
CA MET L 133 -78.39 -9.60 -37.54
C MET L 133 -77.55 -8.56 -36.81
N SER L 134 -76.45 -9.02 -36.22
CA SER L 134 -75.55 -8.13 -35.52
C SER L 134 -74.71 -7.35 -36.53
N ARG L 135 -73.83 -6.48 -36.02
CA ARG L 135 -73.06 -5.60 -36.88
C ARG L 135 -72.06 -6.37 -37.73
N ILE L 136 -71.45 -7.42 -37.19
CA ILE L 136 -70.45 -8.17 -37.92
C ILE L 136 -71.07 -8.96 -39.06
N CYS L 137 -72.17 -9.67 -38.78
CA CYS L 137 -72.88 -10.39 -39.83
C CYS L 137 -73.45 -9.44 -40.88
N PHE L 138 -73.97 -8.30 -40.43
CA PHE L 138 -74.52 -7.30 -41.35
C PHE L 138 -73.44 -6.77 -42.29
N ARG L 139 -72.27 -6.41 -41.75
CA ARG L 139 -71.20 -5.90 -42.61
C ARG L 139 -70.67 -6.97 -43.54
N GLY L 140 -70.50 -8.21 -43.06
CA GLY L 140 -70.01 -9.27 -43.90
C GLY L 140 -70.95 -9.60 -45.04
N LEU L 141 -72.25 -9.61 -44.79
CA LEU L 141 -73.21 -9.89 -45.86
C LEU L 141 -73.40 -8.69 -46.78
N ALA L 142 -73.25 -7.47 -46.27
CA ALA L 142 -73.41 -6.30 -47.12
C ALA L 142 -72.20 -6.06 -48.01
N ASN L 143 -71.02 -6.53 -47.67
CA ASN L 143 -69.89 -6.24 -48.52
C ASN L 143 -69.97 -7.03 -49.79
N LYS L 144 -70.35 -8.28 -49.67
CA LYS L 144 -70.45 -9.14 -50.84
C LYS L 144 -71.44 -8.63 -51.82
N GLY L 145 -72.65 -8.34 -51.38
CA GLY L 145 -73.70 -7.90 -52.27
C GLY L 145 -74.89 -8.79 -52.09
N GLU L 146 -75.11 -9.23 -50.86
CA GLU L 146 -76.20 -10.14 -50.60
C GLU L 146 -77.46 -9.41 -50.19
N LEU L 147 -77.48 -8.79 -49.02
CA LEU L 147 -78.67 -8.12 -48.53
C LEU L 147 -79.16 -7.12 -49.56
N VAL L 148 -80.38 -7.27 -50.03
CA VAL L 148 -80.89 -6.38 -51.08
C VAL L 148 -81.14 -4.97 -50.63
N GLY L 149 -80.97 -4.03 -51.54
CA GLY L 149 -81.16 -2.63 -51.23
C GLY L 149 -79.96 -1.93 -50.70
N ILE L 150 -79.30 -2.52 -49.71
CA ILE L 150 -78.16 -1.89 -49.08
C ILE L 150 -76.95 -1.85 -49.96
N LYS L 151 -76.52 -0.67 -50.32
CA LYS L 151 -75.30 -0.54 -51.08
C LYS L 151 -74.38 0.38 -50.30
N LYS L 152 -73.15 0.54 -50.74
CA LYS L 152 -72.26 1.44 -50.07
C LYS L 152 -72.81 2.82 -50.19
N SER L 153 -72.23 3.75 -49.44
CA SER L 153 -72.77 5.09 -49.44
C SER L 153 -71.70 6.12 -49.42
N SER L 154 -71.83 7.11 -50.26
CA SER L 154 -70.86 8.17 -50.29
C SER L 154 -71.60 9.44 -50.57
N TRP L 155 -71.01 10.55 -50.19
CA TRP L 155 -71.65 11.84 -50.38
C TRP L 155 -70.79 12.83 -49.67
N GLY M 296 40.06 48.52 -79.03
CA GLY M 296 39.60 47.33 -78.34
C GLY M 296 40.65 46.68 -77.47
N THR M 297 41.81 47.30 -77.31
CA THR M 297 42.87 46.74 -76.49
C THR M 297 42.64 47.09 -75.02
N PRO M 298 42.68 46.10 -74.13
CA PRO M 298 42.53 46.37 -72.70
C PRO M 298 43.77 47.07 -72.14
N LYS M 299 43.58 47.66 -70.95
CA LYS M 299 44.60 48.52 -70.35
C LYS M 299 45.82 47.75 -69.86
N TYR M 300 45.70 46.45 -69.59
CA TYR M 300 46.84 45.72 -69.06
C TYR M 300 47.85 45.34 -70.12
N LEU M 301 47.56 45.57 -71.40
CA LEU M 301 48.46 45.24 -72.48
C LEU M 301 49.48 46.34 -72.77
N LEU M 302 49.46 47.41 -72.00
CA LEU M 302 50.40 48.51 -72.15
C LEU M 302 51.54 48.45 -71.15
N GLU M 303 51.21 48.35 -69.87
CA GLU M 303 52.21 48.35 -68.83
C GLU M 303 52.96 47.02 -68.80
N PRO M 304 54.21 47.01 -68.34
CA PRO M 304 54.96 45.75 -68.29
C PRO M 304 54.43 44.84 -67.20
N PRO M 305 54.40 43.53 -67.45
CA PRO M 305 53.95 42.60 -66.42
C PRO M 305 54.94 42.50 -65.27
N LYS M 306 54.45 41.94 -64.16
CA LYS M 306 55.20 41.85 -62.91
C LYS M 306 55.49 40.37 -62.63
N ASP M 307 56.77 40.04 -62.47
CA ASP M 307 57.17 38.65 -62.35
C ASP M 307 57.13 38.14 -60.91
N GLU M 308 57.50 38.98 -59.94
CA GLU M 308 57.50 38.54 -58.55
C GLU M 308 56.09 38.36 -58.01
N LEU M 309 55.13 39.15 -58.49
CA LEU M 309 53.74 38.99 -58.04
C LEU M 309 53.11 37.74 -58.61
N VAL M 310 53.36 37.42 -59.88
CA VAL M 310 52.84 36.18 -60.43
C VAL M 310 53.62 34.98 -59.88
N GLN M 311 54.84 35.19 -59.38
CA GLN M 311 55.51 34.10 -58.68
C GLN M 311 54.88 33.83 -57.32
N THR M 312 54.52 34.89 -56.58
CA THR M 312 53.90 34.67 -55.27
C THR M 312 52.40 34.39 -55.37
N TYR M 313 51.81 34.55 -56.55
CA TYR M 313 50.41 34.21 -56.75
C TYR M 313 50.16 32.72 -56.62
N PHE M 314 51.12 31.89 -57.03
CA PHE M 314 50.93 30.44 -57.09
C PHE M 314 51.61 29.71 -55.93
N HIS M 315 51.87 30.40 -54.84
CA HIS M 315 52.43 29.78 -53.65
C HIS M 315 51.38 28.87 -53.01
N PRO M 316 51.71 27.59 -52.73
CA PRO M 316 50.70 26.65 -52.19
C PRO M 316 50.06 26.99 -50.85
N ASP M 317 50.44 28.09 -50.23
CA ASP M 317 49.63 28.60 -49.13
C ASP M 317 48.40 29.36 -49.62
N ASN M 318 48.32 29.65 -50.91
CA ASN M 318 47.19 30.38 -51.46
C ASN M 318 46.17 29.47 -52.13
N MET M 319 46.43 28.17 -52.19
CA MET M 319 45.49 27.22 -52.79
C MET M 319 44.76 26.45 -51.71
N SER M 320 43.62 25.88 -52.10
CA SER M 320 42.76 25.21 -51.13
C SER M 320 43.26 23.78 -50.87
N SER M 321 42.70 23.18 -49.82
CA SER M 321 43.09 21.84 -49.41
C SER M 321 42.72 20.79 -50.44
N ALA M 322 41.62 20.99 -51.17
CA ALA M 322 41.28 20.07 -52.24
C ALA M 322 42.28 20.10 -53.39
N GLU M 323 42.78 21.29 -53.73
CA GLU M 323 43.80 21.37 -54.77
C GLU M 323 45.11 20.76 -54.30
N LYS M 324 45.48 20.97 -53.04
CA LYS M 324 46.66 20.29 -52.50
C LYS M 324 46.51 18.78 -52.53
N MET M 325 45.32 18.28 -52.19
CA MET M 325 45.08 16.83 -52.22
C MET M 325 45.12 16.29 -53.64
N LYS M 326 44.62 17.05 -54.61
CA LYS M 326 44.69 16.63 -56.01
C LYS M 326 46.14 16.51 -56.46
N ILE M 327 46.98 17.48 -56.10
CA ILE M 327 48.38 17.44 -56.48
C ILE M 327 49.09 16.26 -55.80
N GLU M 328 48.83 16.02 -54.52
CA GLU M 328 49.49 14.91 -53.84
C GLU M 328 49.04 13.54 -54.36
N LEU M 329 47.76 13.40 -54.70
CA LEU M 329 47.30 12.14 -55.27
C LEU M 329 47.88 11.91 -56.67
N ALA M 330 47.99 12.99 -57.47
CA ALA M 330 48.66 12.87 -58.76
C ALA M 330 50.13 12.56 -58.61
N LYS M 331 50.76 12.96 -57.50
CA LYS M 331 52.14 12.56 -57.26
C LYS M 331 52.24 11.08 -56.92
N VAL M 332 51.38 10.59 -56.01
CA VAL M 332 51.50 9.20 -55.58
C VAL M 332 50.99 8.21 -56.60
N ARG M 333 50.23 8.65 -57.61
CA ARG M 333 49.85 7.75 -58.69
C ARG M 333 51.06 7.33 -59.51
N GLU M 334 51.98 8.27 -59.75
CA GLU M 334 53.07 8.05 -60.68
C GLU M 334 54.12 7.09 -60.13
N GLU M 335 54.26 7.02 -58.80
CA GLU M 335 55.20 6.09 -58.22
C GLU M 335 54.71 4.65 -58.35
N PHE M 336 53.41 4.46 -58.31
CA PHE M 336 52.83 3.12 -58.23
C PHE M 336 52.25 2.63 -59.55
N LYS M 337 52.28 3.45 -60.62
CA LYS M 337 51.77 2.99 -61.89
C LYS M 337 52.60 1.84 -62.46
N MET M 338 51.91 0.92 -63.15
CA MET M 338 52.55 -0.19 -63.84
C MET M 338 52.98 0.19 -65.24
N SER M 339 52.04 0.65 -66.06
CA SER M 339 52.34 1.21 -67.36
C SER M 339 52.43 2.73 -67.25
N GLU M 340 52.62 3.37 -68.40
CA GLU M 340 52.74 4.82 -68.44
C GLU M 340 51.40 5.54 -68.34
N SER M 341 50.35 4.96 -68.91
CA SER M 341 49.02 5.54 -68.85
C SER M 341 48.18 4.94 -67.73
N ASP M 342 48.79 4.13 -66.87
CA ASP M 342 48.05 3.36 -65.88
C ASP M 342 47.58 4.26 -64.75
N CYS M 343 46.26 4.26 -64.54
CA CYS M 343 45.66 5.09 -63.50
C CYS M 343 44.61 4.37 -62.67
N GLY M 344 44.23 3.16 -63.04
CA GLY M 344 43.16 2.49 -62.33
C GLY M 344 43.48 1.07 -61.93
N SER M 345 44.76 0.71 -61.90
CA SER M 345 45.11 -0.62 -61.44
C SER M 345 45.06 -0.66 -59.91
N ALA M 346 45.14 -1.89 -59.39
CA ALA M 346 44.83 -2.16 -58.00
C ALA M 346 45.80 -1.47 -57.05
N ARG M 347 47.10 -1.54 -57.32
CA ARG M 347 48.06 -0.93 -56.42
C ARG M 347 48.03 0.59 -56.46
N VAL M 348 47.69 1.17 -57.61
CA VAL M 348 47.50 2.61 -57.69
C VAL M 348 46.30 3.03 -56.83
N GLN M 349 45.20 2.27 -56.92
CA GLN M 349 44.04 2.58 -56.10
C GLN M 349 44.34 2.41 -54.62
N VAL M 350 45.15 1.41 -54.26
CA VAL M 350 45.50 1.20 -52.86
C VAL M 350 46.34 2.35 -52.32
N ALA M 351 47.31 2.85 -53.12
CA ALA M 351 48.10 4.00 -52.70
C ALA M 351 47.25 5.25 -52.52
N GLN M 352 46.33 5.52 -53.46
CA GLN M 352 45.46 6.68 -53.33
C GLN M 352 44.53 6.54 -52.13
N LEU M 353 43.99 5.35 -51.90
CA LEU M 353 43.11 5.14 -50.76
C LEU M 353 43.83 5.29 -49.44
N THR M 354 45.09 4.85 -49.38
CA THR M 354 45.86 5.03 -48.16
C THR M 354 46.15 6.50 -47.88
N THR M 355 46.46 7.27 -48.93
CA THR M 355 46.65 8.71 -48.74
C THR M 355 45.37 9.39 -48.26
N LYS M 356 44.23 9.03 -48.85
CA LYS M 356 42.95 9.60 -48.44
C LYS M 356 42.59 9.23 -47.01
N ILE M 357 42.85 7.98 -46.61
CA ILE M 357 42.55 7.54 -45.25
C ILE M 357 43.42 8.29 -44.24
N LYS M 358 44.72 8.44 -44.53
CA LYS M 358 45.61 9.16 -43.63
C LYS M 358 45.23 10.64 -43.52
N HIS M 359 44.75 11.24 -44.60
CA HIS M 359 44.28 12.62 -44.50
C HIS M 359 43.01 12.73 -43.67
N LEU M 360 42.01 11.90 -43.98
CA LEU M 360 40.70 12.03 -43.37
C LEU M 360 40.71 11.67 -41.90
N SER M 361 41.49 10.66 -41.51
CA SER M 361 41.51 10.19 -40.13
C SER M 361 42.01 11.25 -39.16
N SER M 362 42.78 12.22 -39.63
CA SER M 362 43.18 13.35 -38.81
C SER M 362 42.28 14.56 -39.00
N VAL M 363 41.82 14.83 -40.22
CA VAL M 363 41.12 16.09 -40.46
C VAL M 363 39.68 16.02 -39.94
N LEU M 364 39.02 14.88 -40.07
CA LEU M 364 37.59 14.79 -39.80
C LEU M 364 37.25 15.02 -38.33
N HIS M 365 36.18 15.79 -38.11
CA HIS M 365 35.71 16.09 -36.77
C HIS M 365 35.03 14.87 -36.15
N LYS M 366 35.02 14.84 -34.82
CA LYS M 366 34.42 13.71 -34.12
C LYS M 366 32.90 13.74 -34.23
N LYS M 367 32.30 14.92 -34.18
CA LYS M 367 30.86 15.06 -34.26
C LYS M 367 30.30 14.84 -35.65
N ASP M 368 31.14 14.80 -36.67
CA ASP M 368 30.69 14.62 -38.04
C ASP M 368 30.68 13.13 -38.33
N LYS M 369 29.49 12.53 -38.30
CA LYS M 369 29.35 11.09 -38.48
C LYS M 369 28.92 10.71 -39.89
N HIS M 370 28.60 11.68 -40.75
CA HIS M 370 28.18 11.34 -42.10
C HIS M 370 29.36 11.07 -43.02
N SER M 371 30.55 11.56 -42.68
CA SER M 371 31.72 11.33 -43.52
C SER M 371 32.60 10.21 -42.99
N LYS M 372 32.51 9.89 -41.71
CA LYS M 372 33.24 8.74 -41.20
C LYS M 372 32.69 7.42 -41.75
N LYS M 373 31.42 7.40 -42.17
CA LYS M 373 30.91 6.24 -42.90
C LYS M 373 31.62 6.07 -44.23
N GLY M 374 31.87 7.18 -44.93
CA GLY M 374 32.67 7.12 -46.15
C GLY M 374 34.09 6.70 -45.88
N LEU M 375 34.65 7.11 -44.74
CA LEU M 375 35.99 6.66 -44.36
C LEU M 375 36.04 5.15 -44.15
N ILE M 376 35.02 4.60 -43.48
CA ILE M 376 34.94 3.16 -43.28
C ILE M 376 34.78 2.44 -44.61
N ALA M 377 34.02 3.04 -45.54
CA ALA M 377 33.90 2.50 -46.88
C ALA M 377 35.24 2.46 -47.61
N MET M 378 36.05 3.52 -47.45
CA MET M 378 37.39 3.53 -48.03
C MET M 378 38.25 2.40 -47.45
N VAL M 379 38.17 2.20 -46.13
CA VAL M 379 38.95 1.15 -45.47
C VAL M 379 38.58 -0.23 -46.01
N HIS M 380 37.29 -0.49 -46.15
CA HIS M 380 36.86 -1.80 -46.64
C HIS M 380 37.14 -2.01 -48.12
N ARG M 381 37.06 -0.96 -48.94
CA ARG M 381 37.45 -1.11 -50.34
C ARG M 381 38.94 -1.41 -50.47
N ARG M 382 39.76 -0.76 -49.64
CA ARG M 382 41.19 -1.06 -49.64
C ARG M 382 41.47 -2.50 -49.23
N LYS M 383 40.71 -3.00 -48.25
CA LYS M 383 40.81 -4.41 -47.87
C LYS M 383 40.46 -5.33 -49.03
N LYS M 384 39.40 -5.01 -49.79
CA LYS M 384 39.01 -5.83 -50.92
C LYS M 384 40.08 -5.85 -52.00
N LEU M 385 40.67 -4.68 -52.30
CA LEU M 385 41.71 -4.62 -53.32
C LEU M 385 42.97 -5.38 -52.90
N LEU M 386 43.35 -5.29 -51.62
CA LEU M 386 44.48 -6.07 -51.12
C LEU M 386 44.20 -7.56 -51.15
N LYS M 387 42.97 -7.97 -50.84
CA LYS M 387 42.58 -9.37 -50.94
C LYS M 387 42.67 -9.88 -52.37
N TYR M 388 42.31 -9.03 -53.34
CA TYR M 388 42.48 -9.41 -54.75
C TYR M 388 43.95 -9.56 -55.11
N MET M 389 44.79 -8.61 -54.69
CA MET M 389 46.20 -8.66 -55.08
C MET M 389 46.95 -9.82 -54.43
N ARG M 390 46.55 -10.24 -53.22
CA ARG M 390 47.30 -11.29 -52.54
C ARG M 390 47.21 -12.63 -53.26
N ARG M 391 46.13 -12.89 -53.98
CA ARG M 391 46.04 -14.10 -54.77
C ARG M 391 46.33 -13.88 -56.25
N THR M 392 46.29 -12.63 -56.73
CA THR M 392 46.61 -12.36 -58.12
C THR M 392 48.09 -12.11 -58.36
N ASP M 393 48.69 -11.13 -57.69
CA ASP M 393 50.08 -10.75 -57.94
C ASP M 393 50.80 -10.62 -56.60
N TRP M 394 51.63 -11.61 -56.28
CA TRP M 394 52.38 -11.56 -55.03
C TRP M 394 53.47 -10.51 -55.06
N ASP M 395 54.05 -10.22 -56.22
CA ASP M 395 55.02 -9.15 -56.33
C ASP M 395 54.40 -7.80 -56.01
N SER M 396 53.25 -7.50 -56.61
CA SER M 396 52.56 -6.25 -56.32
C SER M 396 52.04 -6.19 -54.90
N TYR M 397 51.60 -7.31 -54.34
CA TYR M 397 51.17 -7.34 -52.95
C TYR M 397 52.31 -7.01 -51.99
N CYS M 398 53.46 -7.66 -52.19
CA CYS M 398 54.62 -7.39 -51.36
C CYS M 398 55.13 -5.97 -51.54
N LEU M 399 55.13 -5.46 -52.78
CA LEU M 399 55.55 -4.09 -53.04
C LEU M 399 54.65 -3.09 -52.32
N SER M 400 53.33 -3.29 -52.41
CA SER M 400 52.40 -2.38 -51.75
C SER M 400 52.55 -2.41 -50.24
N LEU M 401 52.63 -3.61 -49.65
CA LEU M 401 52.78 -3.70 -48.19
C LEU M 401 54.07 -3.07 -47.71
N SER M 402 55.18 -3.36 -48.38
CA SER M 402 56.48 -2.85 -47.95
C SER M 402 56.54 -1.34 -48.10
N LYS M 403 56.06 -0.80 -49.22
CA LYS M 403 56.23 0.63 -49.43
C LYS M 403 55.25 1.45 -48.59
N LEU M 404 54.01 0.98 -48.44
CA LEU M 404 53.02 1.77 -47.72
C LEU M 404 52.95 1.43 -46.24
N GLY M 405 53.70 0.44 -45.77
CA GLY M 405 53.77 0.17 -44.35
C GLY M 405 52.51 -0.38 -43.72
N LEU M 406 51.85 -1.33 -44.39
CA LEU M 406 50.68 -1.99 -43.85
C LEU M 406 51.03 -3.42 -43.48
N ARG M 407 50.12 -4.09 -42.78
CA ARG M 407 50.34 -5.43 -42.26
C ARG M 407 49.58 -6.47 -43.07
N ASP M 408 49.94 -7.74 -42.87
CA ASP M 408 49.39 -8.85 -43.63
C ASP M 408 48.32 -9.57 -42.82
N ASN M 409 47.18 -9.80 -43.45
CA ASN M 409 46.08 -10.55 -42.85
C ASN M 409 45.49 -11.55 -43.84
N PRO M 410 45.59 -12.85 -43.56
CA PRO M 410 44.81 -13.82 -44.34
C PRO M 410 43.40 -14.05 -43.80
N ASP M 411 43.00 -13.31 -42.77
CA ASP M 411 41.67 -13.41 -42.19
C ASP M 411 40.74 -12.37 -42.79
N VAL N 2 33.66 -76.51 -36.28
CA VAL N 2 33.97 -77.11 -37.57
C VAL N 2 32.90 -76.75 -38.60
N VAL N 3 33.34 -76.48 -39.84
CA VAL N 3 32.39 -76.23 -40.91
C VAL N 3 31.61 -77.50 -41.20
N ARG N 4 30.30 -77.39 -41.22
CA ARG N 4 29.43 -78.54 -41.41
C ARG N 4 28.37 -78.24 -42.46
N LEU N 5 27.97 -79.28 -43.19
CA LEU N 5 26.83 -79.22 -44.09
C LEU N 5 25.65 -79.83 -43.35
N ARG N 6 24.62 -79.04 -43.08
CA ARG N 6 23.50 -79.54 -42.30
C ARG N 6 22.19 -79.01 -42.87
N LEU N 7 21.10 -79.39 -42.22
CA LEU N 7 19.76 -79.04 -42.65
C LEU N 7 19.14 -78.07 -41.67
N SER N 8 18.46 -77.05 -42.19
CA SER N 8 17.73 -76.11 -41.37
C SER N 8 16.25 -76.18 -41.71
N ARG N 9 15.41 -76.07 -40.69
CA ARG N 9 13.99 -76.31 -40.83
C ARG N 9 13.28 -75.07 -41.37
N LEU N 10 12.40 -75.29 -42.35
CA LEU N 10 11.56 -74.25 -42.93
C LEU N 10 10.13 -74.75 -42.91
N GLY N 11 9.24 -74.07 -43.64
CA GLY N 11 7.88 -74.53 -43.73
C GLY N 11 7.05 -74.09 -42.54
N CYS N 12 6.08 -74.90 -42.13
CA CYS N 12 5.23 -74.53 -41.02
C CYS N 12 4.98 -75.77 -40.17
N LYS N 13 4.12 -75.60 -39.15
CA LYS N 13 3.79 -76.69 -38.26
C LYS N 13 3.09 -77.81 -39.02
N ASN N 14 3.57 -79.03 -38.83
CA ASN N 14 3.18 -80.26 -39.52
C ASN N 14 3.48 -80.24 -41.02
N ARG N 15 4.23 -79.25 -41.51
CA ARG N 15 4.63 -79.19 -42.92
C ARG N 15 6.11 -78.85 -42.98
N PRO N 16 6.97 -79.85 -42.97
CA PRO N 16 8.41 -79.59 -42.96
C PRO N 16 8.96 -79.31 -44.34
N PHE N 17 10.16 -78.71 -44.33
CA PHE N 17 10.96 -78.43 -45.52
C PHE N 17 12.37 -78.21 -45.00
N PHE N 18 13.39 -78.57 -45.78
CA PHE N 18 14.73 -78.47 -45.24
C PHE N 18 15.64 -77.74 -46.21
N ARG N 19 16.57 -76.97 -45.67
CA ARG N 19 17.56 -76.27 -46.48
C ARG N 19 18.94 -76.78 -46.13
N VAL N 20 19.66 -77.25 -47.14
CA VAL N 20 21.04 -77.69 -46.97
C VAL N 20 21.91 -76.45 -46.95
N MET N 21 22.52 -76.17 -45.81
CA MET N 21 23.32 -74.98 -45.58
C MET N 21 24.67 -75.37 -44.99
N ALA N 22 25.69 -74.60 -45.34
CA ALA N 22 27.03 -74.74 -44.77
C ALA N 22 27.14 -73.74 -43.63
N THR N 23 27.25 -74.25 -42.40
CA THR N 23 27.29 -73.40 -41.23
C THR N 23 28.47 -73.74 -40.34
N ASP N 24 28.88 -72.75 -39.54
CA ASP N 24 29.78 -73.02 -38.44
C ASP N 24 29.06 -73.82 -37.37
N SER N 25 29.81 -74.69 -36.69
CA SER N 25 29.19 -75.69 -35.81
C SER N 25 28.56 -75.08 -34.57
N ARG N 26 29.00 -73.90 -34.15
CA ARG N 26 28.45 -73.28 -32.95
C ARG N 26 27.29 -72.34 -33.23
N SER N 27 26.89 -72.22 -34.50
CA SER N 27 25.78 -71.35 -34.86
C SER N 27 24.46 -72.01 -34.48
N PRO N 28 23.40 -71.23 -34.31
CA PRO N 28 22.09 -71.83 -34.06
C PRO N 28 21.57 -72.57 -35.29
N ARG N 29 20.50 -73.33 -35.07
CA ARG N 29 19.91 -74.14 -36.14
C ARG N 29 19.38 -73.27 -37.26
N ASP N 30 18.70 -72.18 -36.91
CA ASP N 30 18.09 -71.28 -37.88
C ASP N 30 18.82 -69.95 -37.97
N GLY N 31 20.08 -69.90 -37.54
CA GLY N 31 20.79 -68.64 -37.42
C GLY N 31 21.80 -68.34 -38.50
N LYS N 32 23.01 -67.96 -38.10
CA LYS N 32 24.03 -67.52 -39.04
C LYS N 32 24.55 -68.70 -39.86
N HIS N 33 24.84 -68.43 -41.13
CA HIS N 33 25.35 -69.44 -42.05
C HIS N 33 26.42 -68.82 -42.93
N ILE N 34 27.28 -69.68 -43.47
CA ILE N 34 28.28 -69.24 -44.42
C ILE N 34 27.70 -69.13 -45.82
N GLU N 35 26.87 -70.09 -46.20
CA GLU N 35 26.31 -70.15 -47.54
C GLU N 35 25.06 -71.00 -47.49
N VAL N 36 24.22 -70.84 -48.49
CA VAL N 36 23.09 -71.75 -48.69
C VAL N 36 23.41 -72.61 -49.90
N LEU N 37 23.18 -73.92 -49.76
CA LEU N 37 23.62 -74.86 -50.77
C LEU N 37 22.49 -75.57 -51.48
N GLY N 38 21.32 -75.67 -50.88
CA GLY N 38 20.22 -76.24 -51.64
C GLY N 38 19.02 -76.49 -50.74
N TYR N 39 18.07 -77.25 -51.29
CA TYR N 39 16.81 -77.51 -50.62
C TYR N 39 16.51 -79.00 -50.68
N PHE N 40 15.57 -79.41 -49.84
CA PHE N 40 15.13 -80.79 -49.78
C PHE N 40 13.71 -80.83 -49.27
N ASN N 41 12.86 -81.57 -49.98
CA ASN N 41 11.46 -81.72 -49.60
C ASN N 41 11.27 -83.09 -48.98
N PRO N 42 11.01 -83.19 -47.67
CA PRO N 42 10.84 -84.51 -47.07
C PRO N 42 9.52 -85.17 -47.39
N LEU N 43 8.53 -84.43 -47.84
CA LEU N 43 7.22 -85.01 -48.11
C LEU N 43 7.14 -85.56 -49.53
N PRO N 44 6.40 -86.63 -49.77
CA PRO N 44 6.31 -87.20 -51.12
C PRO N 44 5.39 -86.40 -52.03
N GLY N 45 5.87 -86.12 -53.23
CA GLY N 45 5.16 -85.31 -54.20
C GLY N 45 4.13 -86.09 -55.00
N GLN N 46 3.55 -85.41 -55.98
CA GLN N 46 2.50 -86.01 -56.80
C GLN N 46 3.04 -87.06 -57.76
N ASP N 47 4.34 -87.04 -58.05
CA ASP N 47 4.94 -88.03 -58.93
C ASP N 47 5.36 -89.29 -58.19
N GLY N 48 5.05 -89.38 -56.89
CA GLY N 48 5.44 -90.53 -56.10
C GLY N 48 6.86 -90.50 -55.58
N GLY N 49 7.56 -89.39 -55.76
CA GLY N 49 8.94 -89.28 -55.30
C GLY N 49 9.16 -87.95 -54.61
N LYS N 50 10.37 -87.77 -54.10
CA LYS N 50 10.76 -86.56 -53.39
C LYS N 50 11.66 -85.70 -54.27
N ARG N 51 11.93 -84.49 -53.81
CA ARG N 51 12.62 -83.48 -54.61
C ARG N 51 13.84 -82.96 -53.90
N MET N 52 14.88 -82.66 -54.66
CA MET N 52 16.15 -82.21 -54.11
C MET N 52 16.89 -81.38 -55.15
N GLY N 53 17.50 -80.30 -54.69
CA GLY N 53 18.41 -79.54 -55.52
C GLY N 53 19.65 -79.14 -54.77
N LEU N 54 20.82 -79.23 -55.39
CA LEU N 54 22.09 -78.96 -54.72
C LEU N 54 22.98 -78.14 -55.63
N LYS N 55 23.89 -77.38 -55.01
CA LYS N 55 24.88 -76.59 -55.73
C LYS N 55 26.16 -77.41 -55.80
N PHE N 56 26.42 -78.01 -56.96
CA PHE N 56 27.46 -79.04 -57.05
C PHE N 56 28.85 -78.47 -56.87
N ASP N 57 29.15 -77.34 -57.50
CA ASP N 57 30.47 -76.74 -57.36
C ASP N 57 30.76 -76.30 -55.93
N ARG N 58 29.76 -75.74 -55.25
CA ARG N 58 29.96 -75.27 -53.88
C ARG N 58 30.11 -76.42 -52.90
N ILE N 59 29.32 -77.48 -53.07
CA ILE N 59 29.48 -78.65 -52.20
C ILE N 59 30.83 -79.33 -52.46
N LYS N 60 31.28 -79.33 -53.72
CA LYS N 60 32.63 -79.82 -54.02
C LYS N 60 33.69 -79.00 -53.31
N TYR N 61 33.56 -77.67 -53.31
CA TYR N 61 34.53 -76.82 -52.65
C TYR N 61 34.57 -77.06 -51.14
N TRP N 62 33.41 -77.14 -50.50
CA TRP N 62 33.40 -77.33 -49.06
C TRP N 62 33.86 -78.72 -48.66
N LEU N 63 33.55 -79.74 -49.45
CA LEU N 63 34.11 -81.06 -49.17
C LEU N 63 35.61 -81.11 -49.40
N SER N 64 36.12 -80.35 -50.39
CA SER N 64 37.55 -80.33 -50.61
C SER N 64 38.30 -79.63 -49.49
N VAL N 65 37.70 -78.61 -48.87
CA VAL N 65 38.34 -77.95 -47.74
C VAL N 65 37.96 -78.60 -46.42
N GLY N 66 37.15 -79.65 -46.44
CA GLY N 66 37.04 -80.51 -45.30
C GLY N 66 35.83 -80.34 -44.43
N ALA N 67 34.68 -80.02 -44.99
CA ALA N 67 33.47 -79.91 -44.19
C ALA N 67 32.94 -81.28 -43.84
N GLN N 68 32.34 -81.40 -42.66
CA GLN N 68 31.80 -82.66 -42.16
C GLN N 68 30.28 -82.62 -42.28
N ALA N 69 29.74 -83.41 -43.20
CA ALA N 69 28.29 -83.52 -43.31
C ALA N 69 27.72 -84.32 -42.15
N SER N 70 26.51 -83.95 -41.72
CA SER N 70 25.85 -84.66 -40.65
C SER N 70 25.18 -85.92 -41.18
N ASP N 71 24.49 -86.65 -40.29
CA ASP N 71 24.04 -88.00 -40.61
C ASP N 71 22.90 -88.11 -41.64
N PRO N 72 21.96 -87.14 -41.83
CA PRO N 72 21.08 -87.27 -43.00
C PRO N 72 21.70 -86.70 -44.26
N VAL N 73 22.59 -85.72 -44.11
CA VAL N 73 23.24 -85.11 -45.25
C VAL N 73 24.19 -86.10 -45.92
N GLN N 74 24.77 -87.02 -45.15
CA GLN N 74 25.54 -88.12 -45.74
C GLN N 74 24.68 -88.96 -46.67
N ARG N 75 23.47 -89.30 -46.22
CA ARG N 75 22.55 -90.09 -47.04
C ARG N 75 22.16 -89.36 -48.31
N LEU N 76 21.85 -88.07 -48.19
CA LEU N 76 21.40 -87.33 -49.37
C LEU N 76 22.55 -87.04 -50.34
N LEU N 77 23.76 -86.80 -49.83
CA LEU N 77 24.90 -86.64 -50.71
C LEU N 77 25.31 -87.95 -51.35
N PHE N 78 25.10 -89.09 -50.69
CA PHE N 78 25.35 -90.35 -51.36
C PHE N 78 24.35 -90.59 -52.47
N ARG N 79 23.07 -90.37 -52.21
CA ARG N 79 22.07 -90.56 -53.26
C ARG N 79 22.24 -89.56 -54.39
N SER N 80 22.80 -88.39 -54.10
CA SER N 80 23.21 -87.47 -55.15
C SER N 80 24.51 -87.88 -55.80
N GLY N 81 25.26 -88.81 -55.21
CA GLY N 81 26.48 -89.29 -55.82
C GLY N 81 27.69 -88.41 -55.62
N LEU N 82 27.76 -87.69 -54.50
CA LEU N 82 28.93 -86.90 -54.18
C LEU N 82 29.78 -87.52 -53.06
N LEU N 83 29.26 -88.51 -52.36
CA LEU N 83 29.95 -89.16 -51.27
C LEU N 83 29.86 -90.66 -51.42
N PRO N 84 30.76 -91.41 -50.79
CA PRO N 84 30.60 -92.86 -50.66
C PRO N 84 29.42 -93.21 -49.78
N PRO N 85 28.91 -94.45 -49.86
CA PRO N 85 27.74 -94.82 -49.08
C PRO N 85 28.04 -94.83 -47.60
N PRO N 86 27.06 -94.53 -46.75
CA PRO N 86 27.24 -94.67 -45.30
C PRO N 86 27.44 -96.12 -44.92
N PRO N 87 28.14 -96.40 -43.83
CA PRO N 87 28.42 -97.80 -43.46
C PRO N 87 27.18 -98.62 -43.14
N MET N 88 26.14 -98.01 -42.60
CA MET N 88 24.98 -98.78 -42.16
C MET N 88 23.96 -99.03 -43.25
N VAL N 89 24.19 -98.56 -44.49
CA VAL N 89 23.27 -98.86 -45.57
C VAL N 89 23.55 -100.20 -46.20
N ALA N 90 24.63 -100.87 -45.83
CA ALA N 90 24.94 -102.16 -46.44
C ALA N 90 24.17 -103.33 -45.80
N MET N 91 23.10 -103.07 -45.05
CA MET N 91 22.49 -104.08 -44.20
C MET N 91 21.21 -104.71 -44.74
N GLY N 92 20.57 -104.13 -45.75
CA GLY N 92 19.33 -104.69 -46.25
C GLY N 92 18.14 -104.35 -45.38
N ARG N 93 16.99 -104.16 -46.01
CA ARG N 93 15.81 -103.65 -45.33
C ARG N 93 15.23 -104.70 -44.39
N LYS N 94 14.33 -104.25 -43.52
CA LYS N 94 13.63 -105.15 -42.61
C LYS N 94 12.36 -105.62 -43.30
N GLY N 95 12.38 -106.84 -43.81
CA GLY N 95 11.27 -107.36 -44.58
C GLY N 95 10.08 -107.74 -43.73
N GLY N 96 9.07 -108.26 -44.40
CA GLY N 96 7.83 -108.62 -43.75
C GLY N 96 6.64 -108.42 -44.66
N GLU N 97 5.44 -108.71 -44.17
CA GLU N 97 4.26 -108.57 -44.99
C GLU N 97 3.88 -107.11 -45.14
N ARG N 98 3.20 -106.79 -46.24
CA ARG N 98 2.76 -105.44 -46.50
C ARG N 98 1.31 -105.44 -46.97
N ASP N 99 0.63 -104.34 -46.68
CA ASP N 99 -0.77 -104.14 -47.07
C ASP N 99 -0.78 -103.70 -48.53
N THR N 100 -0.73 -104.68 -49.43
CA THR N 100 -0.57 -104.42 -50.85
C THR N 100 -1.91 -104.32 -51.60
N ARG N 101 -3.00 -104.06 -50.87
CA ARG N 101 -4.29 -103.88 -51.52
C ARG N 101 -4.26 -102.60 -52.34
N PRO N 102 -4.53 -102.67 -53.65
CA PRO N 102 -4.43 -101.47 -54.48
C PRO N 102 -5.53 -100.46 -54.15
N VAL N 103 -5.17 -99.19 -54.20
CA VAL N 103 -6.07 -98.10 -53.86
C VAL N 103 -6.20 -97.20 -55.07
N ASP N 104 -7.43 -96.80 -55.37
CA ASP N 104 -7.66 -95.87 -56.48
C ASP N 104 -7.04 -94.52 -56.14
N PRO N 105 -6.20 -93.97 -57.01
CA PRO N 105 -5.41 -92.80 -56.62
C PRO N 105 -6.25 -91.54 -56.44
N MET N 106 -7.36 -91.39 -57.15
CA MET N 106 -8.10 -90.14 -57.04
C MET N 106 -9.03 -90.09 -55.84
N THR N 107 -9.55 -91.23 -55.39
CA THR N 107 -10.57 -91.22 -54.35
C THR N 107 -10.09 -91.77 -53.01
N GLY N 108 -8.97 -92.49 -52.97
CA GLY N 108 -8.48 -93.03 -51.73
C GLY N 108 -9.22 -94.25 -51.24
N ARG N 109 -10.19 -94.76 -51.98
CA ARG N 109 -10.85 -96.01 -51.67
C ARG N 109 -10.19 -97.15 -52.44
N PHE N 110 -10.35 -98.36 -51.93
CA PHE N 110 -9.80 -99.54 -52.58
C PHE N 110 -10.45 -99.77 -53.93
N VAL N 111 -9.68 -100.25 -54.89
CA VAL N 111 -10.19 -100.50 -56.23
C VAL N 111 -10.93 -101.83 -56.28
N LYS O 2 41.78 -44.13 -51.97
CA LYS O 2 41.84 -43.07 -52.96
C LYS O 2 43.01 -42.12 -52.69
N PRO O 3 42.85 -40.87 -53.12
CA PRO O 3 43.83 -39.82 -52.90
C PRO O 3 43.24 -38.79 -51.95
N VAL O 4 43.88 -38.60 -50.79
CA VAL O 4 43.43 -37.64 -49.79
C VAL O 4 44.34 -36.44 -49.84
N ILE O 5 43.77 -35.28 -50.15
CA ILE O 5 44.51 -34.02 -50.25
C ILE O 5 43.87 -33.01 -49.30
N GLY O 6 44.70 -32.36 -48.48
CA GLY O 6 44.17 -31.43 -47.52
C GLY O 6 45.06 -30.21 -47.38
N THR O 7 44.61 -29.27 -46.56
CA THR O 7 45.33 -28.04 -46.27
C THR O 7 45.75 -28.05 -44.81
N VAL O 8 47.03 -27.75 -44.56
CA VAL O 8 47.51 -27.77 -43.18
C VAL O 8 46.99 -26.57 -42.42
N VAL O 9 46.40 -26.81 -41.25
CA VAL O 9 45.86 -25.76 -40.40
C VAL O 9 46.63 -25.58 -39.10
N SER O 10 47.51 -26.52 -38.74
CA SER O 10 48.23 -26.42 -37.48
C SER O 10 49.55 -27.19 -37.60
N ASN O 11 50.63 -26.57 -37.12
CA ASN O 11 51.94 -27.19 -37.18
C ASN O 11 52.74 -27.00 -35.90
N LYS O 12 52.08 -26.70 -34.78
CA LYS O 12 52.78 -26.33 -33.55
C LYS O 12 53.11 -27.53 -32.67
N MET O 13 52.99 -28.74 -33.19
CA MET O 13 53.48 -29.92 -32.49
C MET O 13 54.81 -30.38 -33.08
N GLN O 14 55.56 -31.12 -32.27
CA GLN O 14 56.82 -31.69 -32.73
C GLN O 14 56.53 -32.96 -33.52
N LYS O 15 57.02 -33.00 -34.76
CA LYS O 15 56.85 -34.13 -35.68
C LYS O 15 55.38 -34.45 -35.95
N SER O 16 54.54 -33.41 -36.02
CA SER O 16 53.11 -33.62 -36.27
C SER O 16 52.49 -32.39 -36.89
N VAL O 17 51.48 -32.62 -37.74
CA VAL O 17 50.67 -31.55 -38.32
C VAL O 17 49.21 -31.95 -38.22
N VAL O 18 48.33 -30.95 -38.30
CA VAL O 18 46.88 -31.14 -38.36
C VAL O 18 46.41 -30.64 -39.71
N VAL O 19 45.74 -31.50 -40.46
CA VAL O 19 45.39 -31.25 -41.86
C VAL O 19 43.87 -31.31 -41.99
N ALA O 20 43.29 -30.31 -42.65
CA ALA O 20 41.85 -30.23 -42.85
C ALA O 20 41.50 -30.71 -44.25
N VAL O 21 40.61 -31.71 -44.33
CA VAL O 21 40.19 -32.30 -45.60
C VAL O 21 38.76 -31.87 -45.85
N ASP O 22 38.35 -31.91 -47.13
CA ASP O 22 37.06 -31.38 -47.56
C ASP O 22 36.30 -32.42 -48.35
N ARG O 23 34.98 -32.41 -48.21
CA ARG O 23 34.12 -33.37 -48.87
C ARG O 23 32.74 -32.77 -49.06
N LEU O 24 31.94 -33.39 -49.94
CA LEU O 24 30.61 -32.90 -50.30
C LEU O 24 29.59 -33.96 -49.94
N PHE O 25 28.66 -33.62 -49.06
CA PHE O 25 27.64 -34.56 -48.62
C PHE O 25 26.34 -34.30 -49.36
N HIS O 26 25.79 -35.36 -49.97
CA HIS O 26 24.61 -35.24 -50.80
C HIS O 26 23.37 -35.31 -49.93
N ASN O 27 22.79 -34.16 -49.64
CA ASN O 27 21.53 -34.07 -48.91
C ASN O 27 20.42 -34.55 -49.82
N LYS O 28 19.92 -35.77 -49.56
CA LYS O 28 19.04 -36.43 -50.53
C LYS O 28 17.65 -35.82 -50.56
N LEU O 29 17.13 -35.35 -49.43
CA LEU O 29 15.76 -34.87 -49.37
C LEU O 29 15.61 -33.56 -50.15
N TYR O 30 16.60 -32.68 -50.06
CA TYR O 30 16.51 -31.37 -50.70
C TYR O 30 17.41 -31.21 -51.91
N ASN O 31 18.14 -32.26 -52.30
CA ASN O 31 18.87 -32.34 -53.56
C ASN O 31 19.90 -31.21 -53.71
N ARG O 32 20.69 -30.99 -52.66
CA ARG O 32 21.82 -30.08 -52.72
C ARG O 32 23.01 -30.76 -52.08
N TYR O 33 24.19 -30.21 -52.31
CA TYR O 33 25.43 -30.79 -51.83
C TYR O 33 26.00 -29.91 -50.72
N VAL O 34 26.25 -30.52 -49.56
CA VAL O 34 26.68 -29.79 -48.37
C VAL O 34 28.16 -30.08 -48.15
N LYS O 35 28.95 -29.02 -48.03
CA LYS O 35 30.37 -29.15 -47.74
C LYS O 35 30.58 -29.50 -46.28
N ARG O 36 31.36 -30.54 -46.03
CA ARG O 36 31.69 -30.95 -44.68
C ARG O 36 33.21 -31.08 -44.57
N THR O 37 33.72 -30.89 -43.36
CA THR O 37 35.15 -30.86 -43.10
C THR O 37 35.51 -31.87 -42.02
N SER O 38 36.64 -32.55 -42.21
CA SER O 38 37.22 -33.43 -41.20
C SER O 38 38.66 -33.02 -41.01
N LYS O 39 39.08 -32.89 -39.76
CA LYS O 39 40.47 -32.52 -39.45
C LYS O 39 41.25 -33.77 -39.11
N PHE O 40 42.40 -33.93 -39.73
CA PHE O 40 43.22 -35.13 -39.60
C PHE O 40 44.59 -34.76 -39.06
N MET O 41 45.09 -35.57 -38.13
CA MET O 41 46.41 -35.40 -37.57
C MET O 41 47.38 -36.33 -38.28
N ALA O 42 48.53 -35.81 -38.68
CA ALA O 42 49.44 -36.53 -39.55
C ALA O 42 50.86 -36.46 -39.03
N HIS O 43 51.68 -37.38 -39.52
CA HIS O 43 53.07 -37.49 -39.14
C HIS O 43 53.96 -36.78 -40.14
N ASP O 44 54.92 -36.01 -39.65
CA ASP O 44 55.85 -35.27 -40.50
C ASP O 44 57.17 -35.14 -39.76
N GLU O 45 58.15 -35.98 -40.10
CA GLU O 45 59.32 -36.16 -39.26
C GLU O 45 60.23 -34.95 -39.28
N THR O 46 60.37 -34.28 -40.43
CA THR O 46 61.33 -33.20 -40.54
C THR O 46 60.80 -31.84 -40.10
N ASN O 47 59.49 -31.72 -39.86
CA ASN O 47 58.82 -30.48 -39.46
C ASN O 47 59.04 -29.37 -40.49
N ALA O 48 58.47 -29.60 -41.68
CA ALA O 48 58.64 -28.68 -42.79
C ALA O 48 57.36 -27.97 -43.23
N CYS O 49 56.19 -28.48 -42.85
CA CYS O 49 54.93 -27.93 -43.34
C CYS O 49 54.55 -26.68 -42.56
N ASN O 50 54.35 -25.57 -43.26
CA ASN O 50 53.86 -24.34 -42.67
C ASN O 50 52.35 -24.41 -42.52
N ILE O 51 51.72 -23.28 -42.21
CA ILE O 51 50.26 -23.17 -42.19
C ILE O 51 49.83 -22.60 -43.53
N GLY O 52 49.03 -23.36 -44.26
CA GLY O 52 48.47 -22.90 -45.53
C GLY O 52 48.89 -23.70 -46.74
N ASP O 53 49.66 -24.77 -46.60
CA ASP O 53 50.07 -25.56 -47.76
C ASP O 53 49.15 -26.76 -47.99
N ARG O 54 49.08 -27.20 -49.24
CA ARG O 54 48.27 -28.34 -49.62
C ARG O 54 49.14 -29.58 -49.67
N VAL O 55 48.85 -30.54 -48.80
CA VAL O 55 49.63 -31.75 -48.70
C VAL O 55 48.74 -32.94 -49.04
N LYS O 56 49.37 -34.09 -49.22
CA LYS O 56 48.69 -35.34 -49.52
C LYS O 56 48.96 -36.34 -48.41
N LEU O 57 47.95 -37.10 -48.04
CA LEU O 57 48.04 -38.01 -46.90
C LEU O 57 48.05 -39.46 -47.36
N ASP O 58 48.75 -40.29 -46.59
CA ASP O 58 48.85 -41.71 -46.84
C ASP O 58 48.45 -42.45 -45.57
N PRO O 59 47.60 -43.47 -45.66
CA PRO O 59 47.22 -44.22 -44.46
C PRO O 59 48.38 -45.03 -43.89
N SER O 60 48.29 -45.30 -42.60
CA SER O 60 49.33 -46.03 -41.89
C SER O 60 48.71 -46.64 -40.64
N ARG O 61 49.54 -47.38 -39.89
CA ARG O 61 49.14 -47.90 -38.60
C ARG O 61 49.05 -46.75 -37.60
N PRO O 62 48.35 -46.96 -36.48
CA PRO O 62 48.30 -45.91 -35.43
C PRO O 62 49.67 -45.58 -34.88
N LEU O 63 50.04 -44.31 -34.99
CA LEU O 63 51.29 -43.82 -34.44
C LEU O 63 51.13 -43.15 -33.09
N SER O 64 49.92 -42.73 -32.74
CA SER O 64 49.62 -42.17 -31.43
C SER O 64 48.16 -42.43 -31.13
N LYS O 65 47.60 -41.67 -30.20
CA LYS O 65 46.17 -41.76 -29.91
C LYS O 65 45.33 -41.24 -31.06
N HIS O 66 45.83 -40.26 -31.81
CA HIS O 66 45.08 -39.69 -32.91
C HIS O 66 45.82 -39.67 -34.24
N LYS O 67 47.13 -39.86 -34.26
CA LYS O 67 47.92 -39.73 -35.47
C LYS O 67 47.85 -41.04 -36.25
N ASN O 68 47.23 -41.02 -37.43
CA ASN O 68 47.05 -42.20 -38.24
C ASN O 68 47.45 -41.98 -39.70
N TRP O 69 48.01 -40.83 -40.03
CA TRP O 69 48.32 -40.50 -41.42
C TRP O 69 49.78 -40.05 -41.52
N ILE O 70 50.35 -40.25 -42.70
CA ILE O 70 51.70 -39.83 -43.00
C ILE O 70 51.66 -38.87 -44.17
N VAL O 71 52.26 -37.70 -44.00
CA VAL O 71 52.36 -36.74 -45.09
C VAL O 71 53.27 -37.32 -46.16
N ALA O 72 52.79 -37.32 -47.41
CA ALA O 72 53.53 -37.92 -48.51
C ALA O 72 54.19 -36.89 -49.42
N GLU O 73 53.47 -35.84 -49.81
CA GLU O 73 54.05 -34.83 -50.67
C GLU O 73 53.33 -33.51 -50.46
N ILE O 74 54.11 -32.42 -50.41
CA ILE O 74 53.56 -31.08 -50.31
C ILE O 74 53.33 -30.58 -51.74
N ILE O 75 52.06 -30.42 -52.11
CA ILE O 75 51.73 -30.05 -53.48
C ILE O 75 52.03 -28.57 -53.72
N LYS O 76 51.34 -27.70 -53.00
CA LYS O 76 51.48 -26.26 -53.19
C LYS O 76 51.93 -25.64 -51.89
N LYS O 77 52.99 -24.85 -51.95
CA LYS O 77 53.60 -24.27 -50.76
C LYS O 77 52.94 -22.92 -50.46
N ALA O 78 52.70 -22.67 -49.18
CA ALA O 78 52.08 -21.41 -48.78
C ALA O 78 53.03 -20.24 -48.97
N ARG O 79 52.46 -19.05 -49.09
CA ARG O 79 53.24 -17.83 -49.26
C ARG O 79 53.39 -17.15 -47.91
N ILE O 80 54.61 -16.69 -47.61
CA ILE O 80 54.94 -16.07 -46.35
C ILE O 80 55.51 -14.69 -46.63
N TYR O 81 54.95 -13.67 -45.98
CA TYR O 81 55.41 -12.30 -46.13
C TYR O 81 56.42 -12.01 -45.02
N SER O 82 57.62 -11.57 -45.41
CA SER O 82 58.65 -11.18 -44.46
C SER O 82 58.95 -9.71 -44.66
N PRO O 83 58.85 -8.88 -43.62
CA PRO O 83 59.00 -7.42 -43.83
C PRO O 83 60.41 -6.99 -44.19
N GLN O 84 61.43 -7.62 -43.61
CA GLN O 84 62.80 -7.19 -43.88
C GLN O 84 63.23 -7.55 -45.30
N ALA O 85 62.94 -8.78 -45.73
CA ALA O 85 63.20 -9.15 -47.12
C ALA O 85 62.30 -8.39 -48.08
N ALA O 86 61.10 -8.01 -47.61
CA ALA O 86 60.22 -7.17 -48.41
C ALA O 86 60.83 -5.81 -48.66
N ALA O 87 61.44 -5.21 -47.64
CA ALA O 87 62.14 -3.94 -47.83
C ALA O 87 63.40 -4.12 -48.65
N ALA O 88 64.06 -5.27 -48.53
CA ALA O 88 65.25 -5.55 -49.34
C ALA O 88 64.91 -5.63 -50.82
N ALA O 89 63.79 -6.27 -51.16
CA ALA O 89 63.32 -6.29 -52.55
C ALA O 89 62.63 -4.98 -52.93
N ALA O 90 62.20 -4.18 -51.95
CA ALA O 90 61.69 -2.85 -52.23
C ALA O 90 62.79 -1.92 -52.69
N LEU O 91 63.98 -2.05 -52.09
CA LEU O 91 65.10 -1.20 -52.47
C LEU O 91 65.58 -1.50 -53.89
N SER O 92 65.43 -2.74 -54.35
CA SER O 92 65.80 -3.09 -55.72
C SER O 92 64.63 -2.85 -56.68
N LYS P 138 4.27 40.88 -71.53
CA LYS P 138 5.04 40.86 -70.29
C LYS P 138 6.50 41.22 -70.54
N ALA P 139 7.26 41.40 -69.47
CA ALA P 139 8.69 41.65 -69.57
C ALA P 139 9.43 40.36 -69.90
N GLU P 140 10.28 40.39 -70.91
CA GLU P 140 10.97 39.19 -71.37
C GLU P 140 12.27 39.00 -70.60
N ILE P 141 12.37 37.90 -69.88
CA ILE P 141 13.59 37.50 -69.17
C ILE P 141 13.88 36.05 -69.53
N THR P 142 15.16 35.74 -69.70
CA THR P 142 15.57 34.43 -70.15
C THR P 142 16.52 33.85 -69.09
N THR P 143 16.54 32.52 -69.01
CA THR P 143 17.39 31.83 -68.04
C THR P 143 18.87 32.18 -68.23
N GLU P 144 19.32 32.28 -69.48
CA GLU P 144 20.71 32.66 -69.73
C GLU P 144 21.00 34.08 -69.26
N GLU P 145 20.05 34.99 -69.49
CA GLU P 145 20.20 36.36 -69.03
C GLU P 145 20.27 36.42 -67.51
N VAL P 146 19.41 35.65 -66.84
CA VAL P 146 19.42 35.60 -65.38
C VAL P 146 20.73 35.02 -64.86
N LEU P 147 21.20 33.93 -65.47
CA LEU P 147 22.43 33.28 -65.05
C LEU P 147 23.67 34.12 -65.32
N LYS P 148 23.59 35.09 -66.23
CA LYS P 148 24.71 36.02 -66.42
C LYS P 148 24.62 37.27 -65.56
N LYS P 149 23.42 37.72 -65.19
CA LYS P 149 23.29 38.98 -64.46
C LYS P 149 23.06 38.86 -62.97
N ALA P 150 22.70 37.67 -62.47
CA ALA P 150 22.19 37.53 -61.11
C ALA P 150 23.32 37.62 -60.11
N ASP P 151 23.38 38.71 -59.36
CA ASP P 151 24.35 38.89 -58.29
C ASP P 151 23.80 39.93 -57.33
N PHE P 152 24.24 39.86 -56.08
CA PHE P 152 23.68 40.71 -55.04
C PHE P 152 24.16 42.15 -55.12
N ARG P 153 25.11 42.44 -56.00
CA ARG P 153 25.52 43.82 -56.25
C ARG P 153 24.76 44.46 -57.41
N ASN P 154 24.03 43.67 -58.19
CA ASN P 154 23.21 44.20 -59.28
C ASN P 154 21.77 44.33 -58.80
N VAL P 155 21.60 45.21 -57.82
CA VAL P 155 20.30 45.44 -57.20
C VAL P 155 19.27 45.96 -58.18
N ARG P 156 19.70 46.76 -59.17
CA ARG P 156 18.77 47.26 -60.19
C ARG P 156 18.17 46.12 -61.00
N PHE P 157 18.98 45.10 -61.32
CA PHE P 157 18.44 43.96 -62.05
C PHE P 157 17.60 43.08 -61.13
N LEU P 158 18.03 42.92 -59.87
CA LEU P 158 17.28 42.08 -58.94
C LEU P 158 15.96 42.68 -58.49
N ALA P 159 15.75 43.98 -58.69
CA ALA P 159 14.48 44.58 -58.30
C ALA P 159 13.32 44.22 -59.21
N GLN P 160 13.58 43.53 -60.32
CA GLN P 160 12.50 43.02 -61.16
C GLN P 160 11.68 41.96 -60.44
N PHE P 161 12.29 41.23 -59.50
CA PHE P 161 11.73 40.01 -58.94
C PHE P 161 11.21 40.19 -57.52
N ILE P 162 10.75 41.39 -57.16
CA ILE P 162 10.04 41.60 -55.91
C ILE P 162 8.74 42.34 -56.20
N THR P 163 7.71 42.04 -55.41
CA THR P 163 6.43 42.70 -55.56
C THR P 163 6.40 43.97 -54.72
N GLU P 164 5.24 44.63 -54.67
CA GLU P 164 5.10 45.84 -53.87
C GLU P 164 5.06 45.51 -52.38
N ALA P 165 4.72 44.28 -52.02
CA ALA P 165 4.81 43.84 -50.64
C ALA P 165 6.24 43.47 -50.24
N GLY P 166 7.17 43.49 -51.18
CA GLY P 166 8.55 43.14 -50.89
C GLY P 166 8.84 41.66 -50.91
N ILE P 167 7.95 40.84 -51.43
CA ILE P 167 8.12 39.40 -51.42
C ILE P 167 8.54 38.93 -52.80
N LEU P 168 9.01 37.70 -52.90
CA LEU P 168 9.67 37.18 -54.08
C LEU P 168 8.64 36.66 -55.07
N VAL P 169 8.84 36.98 -56.35
CA VAL P 169 8.01 36.48 -57.45
C VAL P 169 8.21 34.98 -57.61
N LYS P 170 7.12 34.28 -57.95
CA LYS P 170 7.18 32.84 -58.21
C LYS P 170 7.86 32.55 -59.55
N ARG P 171 8.11 31.27 -59.81
CA ARG P 171 8.77 30.86 -61.04
C ARG P 171 7.82 30.86 -62.22
N LYS P 172 6.56 30.50 -61.99
CA LYS P 172 5.60 30.27 -63.06
C LYS P 172 5.20 31.53 -63.80
N GLN P 173 5.44 32.71 -63.23
CA GLN P 173 5.10 33.96 -63.89
C GLN P 173 6.32 34.66 -64.47
N THR P 174 7.46 33.97 -64.54
CA THR P 174 8.57 34.42 -65.37
C THR P 174 9.05 33.36 -66.35
N GLY P 175 8.81 32.08 -66.09
CA GLY P 175 9.17 31.04 -67.02
C GLY P 175 10.61 30.58 -66.99
N ILE P 176 11.43 31.11 -66.08
CA ILE P 176 12.82 30.73 -65.98
C ILE P 176 12.94 29.35 -65.34
N SER P 177 14.11 28.74 -65.40
CA SER P 177 14.29 27.39 -64.90
C SER P 177 14.44 27.40 -63.37
N ALA P 178 14.48 26.19 -62.79
CA ALA P 178 14.57 26.06 -61.35
C ALA P 178 15.93 26.51 -60.83
N LYS P 179 16.99 26.27 -61.58
CA LYS P 179 18.31 26.77 -61.23
C LYS P 179 18.34 28.29 -61.23
N ALA P 180 17.72 28.91 -62.22
CA ALA P 180 17.65 30.37 -62.26
C ALA P 180 16.86 30.92 -61.10
N GLN P 181 15.75 30.28 -60.74
CA GLN P 181 14.97 30.72 -59.59
C GLN P 181 15.75 30.57 -58.29
N ARG P 182 16.48 29.45 -58.12
CA ARG P 182 17.30 29.27 -56.93
C ARG P 182 18.38 30.34 -56.83
N LYS P 183 19.04 30.65 -57.94
CA LYS P 183 20.07 31.68 -57.93
C LYS P 183 19.50 33.05 -57.62
N ILE P 184 18.33 33.38 -58.17
CA ILE P 184 17.69 34.67 -57.91
C ILE P 184 17.32 34.81 -56.44
N ALA P 185 16.71 33.76 -55.88
CA ALA P 185 16.28 33.82 -54.48
C ALA P 185 17.47 33.93 -53.54
N ARG P 186 18.53 33.17 -53.81
CA ARG P 186 19.72 33.25 -52.96
C ARG P 186 20.38 34.63 -53.02
N GLU P 187 20.48 35.21 -54.22
CA GLU P 187 21.09 36.53 -54.33
C GLU P 187 20.25 37.63 -53.69
N ILE P 188 18.92 37.54 -53.79
CA ILE P 188 18.08 38.54 -53.14
C ILE P 188 18.18 38.40 -51.62
N LYS P 189 18.29 37.17 -51.10
CA LYS P 189 18.47 36.99 -49.66
C LYS P 189 19.80 37.56 -49.18
N THR P 190 20.87 37.34 -49.95
CA THR P 190 22.18 37.90 -49.59
C THR P 190 22.16 39.43 -49.63
N ALA P 191 21.49 40.01 -50.63
CA ALA P 191 21.36 41.47 -50.68
C ALA P 191 20.53 42.02 -49.54
N ARG P 192 19.47 41.32 -49.14
CA ARG P 192 18.68 41.74 -47.98
C ARG P 192 19.51 41.74 -46.71
N ALA P 193 20.33 40.70 -46.52
CA ALA P 193 21.22 40.67 -45.35
C ALA P 193 22.27 41.77 -45.41
N PHE P 194 22.79 42.06 -46.61
CA PHE P 194 23.77 43.14 -46.75
C PHE P 194 23.15 44.51 -46.57
N GLY P 195 21.84 44.64 -46.74
CA GLY P 195 21.16 45.90 -46.51
C GLY P 195 20.75 46.67 -47.75
N LEU P 196 20.99 46.14 -48.95
CA LEU P 196 20.67 46.86 -50.16
C LEU P 196 19.23 46.73 -50.60
N MET P 197 18.47 45.79 -50.05
CA MET P 197 17.10 45.53 -50.48
C MET P 197 16.22 45.35 -49.25
N PRO P 198 14.93 45.65 -49.34
CA PRO P 198 14.07 45.54 -48.15
C PRO P 198 13.67 44.10 -47.85
N PHE P 199 13.57 43.80 -46.55
CA PHE P 199 12.99 42.54 -46.14
C PHE P 199 11.50 42.52 -46.40
N THR P 200 10.81 43.61 -46.04
CA THR P 200 9.38 43.75 -46.32
C THR P 200 9.07 45.24 -46.45
N THR P 201 8.03 45.55 -47.22
CA THR P 201 7.66 46.94 -47.48
C THR P 201 6.27 47.27 -46.98
N MET P 202 5.77 46.55 -45.99
CA MET P 202 4.48 46.86 -45.37
C MET P 202 4.72 47.84 -44.23
N GLY P 203 4.04 48.97 -44.27
CA GLY P 203 4.29 50.06 -43.35
C GLY P 203 5.29 51.08 -43.85
N THR P 204 5.93 50.83 -44.97
CA THR P 204 6.89 51.74 -45.59
C THR P 204 6.47 52.00 -47.03
N LYS P 205 7.23 52.87 -47.70
CA LYS P 205 7.01 53.18 -49.09
C LYS P 205 7.47 52.04 -49.98
N ALA P 206 7.09 52.11 -51.25
CA ALA P 206 7.51 51.08 -52.21
C ALA P 206 8.97 51.26 -52.58
N PHE P 207 9.67 50.15 -52.78
CA PHE P 207 11.10 50.18 -53.05
C PHE P 207 11.33 50.30 -54.54
N THR P 208 11.93 51.41 -54.96
CA THR P 208 12.55 51.51 -56.27
C THR P 208 14.01 51.92 -56.09
N PHE P 209 14.83 51.53 -57.06
CA PHE P 209 16.27 51.66 -56.94
C PHE P 209 16.70 53.12 -57.02
N GLY P 210 17.61 53.50 -56.15
CA GLY P 210 18.31 54.77 -56.26
C GLY P 210 17.84 55.86 -55.32
N LYS P 211 16.68 55.72 -54.70
CA LYS P 211 16.18 56.76 -53.82
C LYS P 211 16.01 56.23 -52.40
N THR P 212 15.91 57.17 -51.47
CA THR P 212 15.97 56.85 -50.04
C THR P 212 14.69 56.18 -49.57
N MET P 213 14.83 55.39 -48.50
CA MET P 213 13.71 54.75 -47.82
C MET P 213 13.33 55.49 -46.54
N GLU P 214 13.74 56.74 -46.41
CA GLU P 214 13.38 57.56 -45.27
C GLU P 214 11.88 57.82 -45.23
N ASN P 215 11.37 58.06 -44.04
CA ASN P 215 9.99 58.51 -43.86
C ASN P 215 10.06 60.00 -43.53
N ARG P 216 10.16 60.81 -44.58
CA ARG P 216 10.29 62.26 -44.45
C ARG P 216 8.91 62.90 -44.40
N ASP P 217 8.89 64.23 -44.33
CA ASP P 217 7.63 64.97 -44.32
C ASP P 217 7.00 65.06 -45.70
N GLN P 218 7.75 64.73 -46.75
CA GLN P 218 7.26 64.80 -48.12
C GLN P 218 6.64 63.50 -48.58
N ASP P 219 6.55 62.50 -47.70
CA ASP P 219 5.86 61.26 -48.04
C ASP P 219 4.35 61.46 -48.09
N PHE P 220 3.82 62.36 -47.26
CA PHE P 220 2.38 62.57 -47.19
C PHE P 220 2.02 64.02 -47.50
N GLU P 221 2.60 64.58 -48.56
CA GLU P 221 2.17 65.90 -49.04
C GLU P 221 0.76 65.79 -49.62
N TYR P 222 -0.04 66.83 -49.39
CA TYR P 222 -1.43 66.82 -49.82
C TYR P 222 -1.80 68.20 -50.36
N GLU P 223 -3.08 68.34 -50.70
CA GLU P 223 -3.61 69.56 -51.28
C GLU P 223 -4.68 70.15 -50.37
N VAL P 224 -4.69 71.47 -50.26
CA VAL P 224 -5.68 72.17 -49.46
C VAL P 224 -6.55 73.12 -50.29
N ILE P 225 -6.13 73.48 -51.51
CA ILE P 225 -6.91 74.39 -52.34
C ILE P 225 -8.22 73.80 -52.84
N ASP P 226 -8.42 72.49 -52.71
CA ASP P 226 -9.71 71.89 -53.05
C ASP P 226 -10.78 72.22 -52.02
N ASP P 227 -10.38 72.58 -50.80
CA ASP P 227 -11.33 72.95 -49.77
C ASP P 227 -11.33 74.46 -49.55
N VAL Q 19 -158.50 49.32 -5.62
CA VAL Q 19 -158.39 48.64 -6.91
C VAL Q 19 -157.95 49.66 -7.96
N SER Q 20 -158.00 50.95 -7.59
CA SER Q 20 -157.59 52.03 -8.46
C SER Q 20 -156.47 52.87 -7.84
N SER Q 21 -155.67 52.27 -6.95
CA SER Q 21 -154.56 52.98 -6.32
C SER Q 21 -153.21 52.38 -6.61
N MET Q 22 -153.15 51.12 -7.07
CA MET Q 22 -151.90 50.45 -7.36
C MET Q 22 -151.56 50.44 -8.85
N LEU Q 23 -152.32 51.17 -9.67
CA LEU Q 23 -152.04 51.24 -11.10
C LEU Q 23 -150.88 52.18 -11.45
N GLY Q 24 -150.38 52.93 -10.48
CA GLY Q 24 -149.33 53.90 -10.72
C GLY Q 24 -147.95 53.53 -10.25
N SER Q 25 -147.76 52.34 -9.66
CA SER Q 25 -146.45 51.95 -9.13
C SER Q 25 -145.92 50.65 -9.69
N LEU Q 26 -146.59 50.04 -10.66
CA LEU Q 26 -146.08 48.85 -11.31
C LEU Q 26 -145.23 49.17 -12.53
N ARG Q 27 -145.02 50.46 -12.82
CA ARG Q 27 -144.15 50.90 -13.90
C ARG Q 27 -142.75 51.14 -13.33
N TYR Q 28 -141.91 51.85 -14.11
CA TYR Q 28 -140.51 52.20 -13.81
C TYR Q 28 -139.69 51.01 -13.32
N MET Q 29 -139.59 49.99 -14.18
CA MET Q 29 -138.63 48.92 -13.94
C MET Q 29 -137.23 49.34 -14.35
N SER Q 30 -137.11 50.12 -15.42
CA SER Q 30 -135.82 50.51 -15.98
C SER Q 30 -135.68 52.02 -16.03
N THR Q 31 -134.42 52.47 -16.07
CA THR Q 31 -134.10 53.89 -16.15
C THR Q 31 -134.16 54.44 -17.57
N LYS Q 32 -134.31 53.59 -18.58
CA LYS Q 32 -134.61 54.02 -19.94
C LYS Q 32 -136.12 53.96 -20.15
N LEU Q 33 -136.68 55.04 -20.67
CA LEU Q 33 -138.12 55.21 -20.77
C LEU Q 33 -138.54 55.27 -22.23
N TYR Q 34 -139.53 54.45 -22.58
CA TYR Q 34 -140.13 54.43 -23.90
C TYR Q 34 -140.93 55.71 -24.14
N ILE Q 35 -140.62 56.43 -25.21
CA ILE Q 35 -141.42 57.56 -25.66
C ILE Q 35 -141.91 57.22 -27.06
N GLY Q 36 -143.23 57.33 -27.27
CA GLY Q 36 -143.82 56.92 -28.52
C GLY Q 36 -144.79 57.95 -29.04
N GLY Q 37 -145.21 57.74 -30.29
CA GLY Q 37 -146.10 58.67 -30.97
C GLY Q 37 -145.50 60.03 -31.27
N LEU Q 38 -144.22 60.08 -31.60
CA LEU Q 38 -143.54 61.34 -31.80
C LEU Q 38 -143.62 61.77 -33.27
N SER Q 39 -143.44 63.07 -33.50
CA SER Q 39 -143.47 63.62 -34.84
C SER Q 39 -142.25 63.16 -35.66
N PRO Q 40 -142.40 63.03 -36.98
CA PRO Q 40 -141.23 62.77 -37.82
C PRO Q 40 -140.20 63.88 -37.80
N GLY Q 41 -140.62 65.13 -37.64
CA GLY Q 41 -139.71 66.25 -37.68
C GLY Q 41 -139.02 66.60 -36.38
N THR Q 42 -139.21 65.81 -35.33
CA THR Q 42 -138.59 66.09 -34.04
C THR Q 42 -137.19 65.49 -33.99
N ASP Q 43 -136.20 66.32 -33.72
CA ASP Q 43 -134.83 65.87 -33.56
C ASP Q 43 -134.52 65.67 -32.08
N GLU Q 44 -133.29 65.23 -31.80
CA GLU Q 44 -132.91 64.92 -30.43
C GLU Q 44 -132.79 66.17 -29.56
N HIS Q 45 -132.41 67.30 -30.16
CA HIS Q 45 -132.37 68.56 -29.40
C HIS Q 45 -133.77 69.05 -29.09
N SER Q 46 -134.71 68.87 -30.02
CA SER Q 46 -136.12 69.14 -29.74
C SER Q 46 -136.68 68.20 -28.69
N LEU Q 47 -136.25 66.94 -28.67
CA LEU Q 47 -136.61 66.04 -27.59
C LEU Q 47 -136.00 66.46 -26.26
N LYS Q 48 -134.78 67.00 -26.28
CA LYS Q 48 -134.14 67.48 -25.06
C LYS Q 48 -134.88 68.68 -24.49
N ASP Q 49 -135.32 69.61 -25.35
CA ASP Q 49 -136.10 70.72 -24.81
C ASP Q 49 -137.56 70.33 -24.56
N ALA Q 50 -138.03 69.22 -25.12
CA ALA Q 50 -139.32 68.67 -24.71
C ALA Q 50 -139.24 68.06 -23.32
N PHE Q 51 -138.11 67.42 -23.01
CA PHE Q 51 -137.87 66.80 -21.71
C PHE Q 51 -136.86 67.60 -20.89
N SER Q 52 -136.86 68.92 -21.04
CA SER Q 52 -136.07 69.77 -20.16
C SER Q 52 -136.84 70.18 -18.91
N SER Q 53 -138.02 69.62 -18.71
CA SER Q 53 -138.91 69.99 -17.61
C SER Q 53 -138.57 69.28 -16.31
N PHE Q 54 -137.52 68.45 -16.27
CA PHE Q 54 -137.26 67.62 -15.11
C PHE Q 54 -135.76 67.58 -14.80
N ASN Q 55 -135.48 67.24 -13.53
CA ASN Q 55 -134.12 66.95 -13.12
C ASN Q 55 -133.66 65.63 -13.72
N GLY Q 56 -132.35 65.50 -13.92
CA GLY Q 56 -131.76 64.22 -14.25
C GLY Q 56 -132.04 63.68 -15.63
N VAL Q 57 -132.60 64.49 -16.53
CA VAL Q 57 -132.80 64.08 -17.92
C VAL Q 57 -131.44 64.18 -18.59
N THR Q 58 -130.72 63.07 -18.68
CA THR Q 58 -129.36 63.09 -19.20
C THR Q 58 -129.27 62.72 -20.68
N GLU Q 59 -129.74 61.53 -21.04
CA GLU Q 59 -129.75 61.08 -22.43
C GLU Q 59 -131.18 61.14 -22.95
N ALA Q 60 -131.34 61.64 -24.17
CA ALA Q 60 -132.67 61.78 -24.78
C ALA Q 60 -132.51 61.57 -26.28
N ARG Q 61 -132.80 60.37 -26.77
CA ARG Q 61 -132.46 60.03 -28.14
C ARG Q 61 -133.66 59.41 -28.86
N VAL Q 62 -133.68 59.62 -30.17
CA VAL Q 62 -134.73 59.11 -31.04
C VAL Q 62 -134.07 58.23 -32.08
N MET Q 63 -134.54 56.99 -32.20
CA MET Q 63 -134.06 56.11 -33.24
C MET Q 63 -134.65 56.52 -34.59
N THR Q 64 -133.84 56.39 -35.64
CA THR Q 64 -134.22 56.82 -36.97
C THR Q 64 -133.86 55.74 -37.98
N ASN Q 65 -134.42 55.88 -39.18
CA ASN Q 65 -134.07 54.99 -40.28
C ASN Q 65 -132.68 55.33 -40.76
N LYS Q 66 -131.71 54.45 -40.50
CA LYS Q 66 -130.31 54.77 -40.69
C LYS Q 66 -129.86 54.76 -42.15
N VAL Q 67 -130.63 54.14 -43.05
CA VAL Q 67 -130.19 54.04 -44.44
C VAL Q 67 -130.84 55.13 -45.28
N THR Q 68 -132.09 55.48 -44.97
CA THR Q 68 -132.82 56.47 -45.75
C THR Q 68 -132.83 57.85 -45.10
N GLY Q 69 -132.77 57.91 -43.77
CA GLY Q 69 -132.74 59.17 -43.05
C GLY Q 69 -134.05 59.58 -42.41
N ARG Q 70 -135.14 58.86 -42.66
CA ARG Q 70 -136.41 59.20 -42.06
C ARG Q 70 -136.43 58.87 -40.57
N SER Q 71 -137.28 59.56 -39.83
CA SER Q 71 -137.47 59.27 -38.42
C SER Q 71 -138.49 58.15 -38.25
N ARG Q 72 -138.22 57.24 -37.31
CA ARG Q 72 -139.15 56.16 -37.03
C ARG Q 72 -140.39 56.64 -36.28
N GLY Q 73 -140.29 57.74 -35.55
CA GLY Q 73 -141.41 58.29 -34.82
C GLY Q 73 -141.47 57.99 -33.34
N TYR Q 74 -140.41 57.42 -32.77
CA TYR Q 74 -140.39 57.12 -31.34
C TYR Q 74 -138.94 56.98 -30.89
N GLY Q 75 -138.73 56.99 -29.57
CA GLY Q 75 -137.40 56.90 -29.03
C GLY Q 75 -137.33 56.53 -27.56
N PHE Q 76 -136.16 56.74 -26.93
CA PHE Q 76 -135.95 56.41 -25.53
C PHE Q 76 -135.26 57.56 -24.83
N VAL Q 77 -135.60 57.72 -23.54
CA VAL Q 77 -134.99 58.77 -22.71
C VAL Q 77 -134.47 58.14 -21.42
N ASN Q 78 -133.19 58.36 -21.12
CA ASN Q 78 -132.55 57.80 -19.94
C ASN Q 78 -132.61 58.80 -18.79
N PHE Q 79 -132.86 58.28 -17.58
CA PHE Q 79 -133.04 59.11 -16.40
C PHE Q 79 -132.04 58.72 -15.33
N ILE Q 80 -132.15 59.41 -14.20
CA ILE Q 80 -131.26 59.14 -13.07
C ILE Q 80 -132.00 58.44 -11.94
N SER Q 81 -133.32 58.60 -11.85
CA SER Q 81 -134.09 58.02 -10.75
C SER Q 81 -135.49 57.69 -11.21
N GLU Q 82 -136.04 56.62 -10.62
CA GLU Q 82 -137.38 56.16 -10.95
C GLU Q 82 -138.47 57.04 -10.37
N ASP Q 83 -138.19 57.78 -9.29
CA ASP Q 83 -139.15 58.78 -8.81
C ASP Q 83 -139.30 59.92 -9.81
N SER Q 84 -138.17 60.38 -10.36
CA SER Q 84 -138.23 61.36 -11.44
C SER Q 84 -138.88 60.77 -12.68
N ALA Q 85 -138.67 59.48 -12.93
CA ALA Q 85 -139.34 58.82 -14.05
C ALA Q 85 -140.85 58.82 -13.87
N ASN Q 86 -141.32 58.55 -12.65
CA ASN Q 86 -142.75 58.59 -12.35
C ASN Q 86 -143.31 60.00 -12.50
N SER Q 87 -142.56 61.02 -12.09
CA SER Q 87 -142.97 62.39 -12.32
C SER Q 87 -143.07 62.71 -13.81
N ALA Q 88 -142.10 62.22 -14.61
CA ALA Q 88 -142.18 62.42 -16.04
C ALA Q 88 -143.32 61.64 -16.67
N ILE Q 89 -143.68 60.48 -16.11
CA ILE Q 89 -144.88 59.81 -16.61
C ILE Q 89 -146.12 60.63 -16.31
N SER Q 90 -146.18 61.18 -15.10
CA SER Q 90 -147.35 61.92 -14.62
C SER Q 90 -147.49 63.31 -15.24
N ALA Q 91 -146.44 63.85 -15.86
CA ALA Q 91 -146.53 65.21 -16.38
C ALA Q 91 -147.22 65.29 -17.74
N MET Q 92 -146.65 64.67 -18.78
CA MET Q 92 -147.13 64.84 -20.16
C MET Q 92 -147.87 63.61 -20.67
N ASN Q 93 -148.68 62.99 -19.82
CA ASN Q 93 -149.48 61.86 -20.26
C ASN Q 93 -150.54 62.36 -21.25
N GLY Q 94 -150.25 62.20 -22.54
CA GLY Q 94 -151.13 62.67 -23.59
C GLY Q 94 -150.90 64.08 -24.06
N GLN Q 95 -149.81 64.73 -23.64
CA GLN Q 95 -149.52 66.07 -24.13
C GLN Q 95 -148.98 66.00 -25.56
N GLU Q 96 -149.41 66.97 -26.37
CA GLU Q 96 -149.03 67.05 -27.77
C GLU Q 96 -147.68 67.76 -27.91
N LEU Q 97 -146.71 67.07 -28.49
CA LEU Q 97 -145.43 67.65 -28.85
C LEU Q 97 -145.32 67.63 -30.37
N ASN Q 98 -145.07 68.80 -30.96
CA ASN Q 98 -145.02 68.99 -32.41
C ASN Q 98 -146.29 68.52 -33.10
N GLY Q 99 -147.43 68.79 -32.48
CA GLY Q 99 -148.73 68.51 -33.07
C GLY Q 99 -149.24 67.09 -32.87
N PHE Q 100 -148.45 66.21 -32.25
CA PHE Q 100 -148.86 64.84 -32.02
C PHE Q 100 -148.70 64.48 -30.55
N ASN Q 101 -149.68 63.76 -30.01
CA ASN Q 101 -149.64 63.33 -28.63
C ASN Q 101 -148.54 62.28 -28.43
N ILE Q 102 -147.82 62.40 -27.31
CA ILE Q 102 -146.77 61.46 -26.97
C ILE Q 102 -147.18 60.69 -25.72
N SER Q 103 -146.50 59.57 -25.50
CA SER Q 103 -146.76 58.72 -24.35
C SER Q 103 -145.44 58.44 -23.63
N VAL Q 104 -145.52 58.31 -22.31
CA VAL Q 104 -144.37 57.99 -21.48
C VAL Q 104 -144.68 56.70 -20.74
N ASN Q 105 -144.07 55.60 -21.19
CA ASN Q 105 -144.14 54.32 -20.50
C ASN Q 105 -142.73 53.75 -20.51
N VAL Q 106 -142.59 52.52 -20.04
CA VAL Q 106 -141.26 51.92 -19.90
C VAL Q 106 -140.94 50.95 -21.03
N MET Q 132 -111.92 12.06 -4.55
CA MET Q 132 -111.08 11.13 -3.79
C MET Q 132 -110.01 11.89 -3.00
N SER Q 133 -109.77 11.45 -1.77
CA SER Q 133 -108.74 12.03 -0.92
C SER Q 133 -107.41 11.32 -1.03
N ARG Q 134 -107.27 10.38 -1.96
CA ARG Q 134 -105.99 9.73 -2.18
C ARG Q 134 -104.98 10.71 -2.74
N SER Q 135 -103.78 10.69 -2.17
CA SER Q 135 -102.71 11.54 -2.67
C SER Q 135 -101.87 10.86 -3.73
N VAL Q 136 -101.80 9.53 -3.69
CA VAL Q 136 -101.13 8.73 -4.70
C VAL Q 136 -102.17 7.80 -5.29
N TRP Q 137 -102.33 7.83 -6.61
CA TRP Q 137 -103.37 7.05 -7.26
C TRP Q 137 -103.07 5.56 -7.30
N LYS Q 138 -101.85 5.15 -6.97
CA LYS Q 138 -101.39 3.78 -7.18
C LYS Q 138 -101.17 3.08 -5.83
N ASP Q 139 -101.51 1.80 -5.79
CA ASP Q 139 -101.28 1.01 -4.59
C ASP Q 139 -99.78 0.77 -4.38
N PRO Q 140 -99.33 0.67 -3.13
CA PRO Q 140 -97.95 0.26 -2.90
C PRO Q 140 -97.75 -1.19 -3.28
N PHE Q 141 -96.50 -1.56 -3.55
CA PHE Q 141 -96.20 -2.91 -4.00
C PHE Q 141 -95.86 -3.80 -2.81
N VAL Q 142 -96.55 -4.92 -2.72
CA VAL Q 142 -96.26 -5.98 -1.75
C VAL Q 142 -96.40 -7.31 -2.48
N ASP Q 143 -95.49 -8.23 -2.20
CA ASP Q 143 -95.42 -9.44 -3.00
C ASP Q 143 -96.55 -10.41 -2.65
N ALA Q 144 -96.75 -11.38 -3.55
CA ALA Q 144 -97.93 -12.23 -3.51
C ALA Q 144 -97.94 -13.16 -2.30
N PHE Q 145 -96.79 -13.72 -1.94
CA PHE Q 145 -96.76 -14.58 -0.76
C PHE Q 145 -96.88 -13.81 0.55
N LEU Q 146 -96.83 -12.49 0.52
CA LEU Q 146 -97.30 -11.69 1.64
C LEU Q 146 -98.78 -11.38 1.53
N MET Q 147 -99.32 -11.21 0.32
CA MET Q 147 -100.70 -10.78 0.16
C MET Q 147 -101.73 -11.83 0.61
N LYS Q 148 -101.34 -13.09 0.77
CA LYS Q 148 -102.28 -14.13 1.15
C LYS Q 148 -102.11 -14.65 2.56
N LYS Q 149 -101.01 -14.32 3.24
CA LYS Q 149 -100.76 -14.83 4.57
C LYS Q 149 -100.61 -13.69 5.58
N LYS Q 150 -100.21 -12.51 5.08
CA LYS Q 150 -100.06 -11.27 5.83
C LYS Q 150 -99.02 -11.40 6.95
N ASN Q 151 -99.49 -11.37 8.20
CA ASN Q 151 -98.60 -11.30 9.36
C ASN Q 151 -97.84 -12.59 9.63
N ALA Q 152 -98.47 -13.75 9.46
CA ALA Q 152 -97.83 -15.02 9.81
C ALA Q 152 -96.77 -15.45 8.82
N ALA Q 153 -96.71 -14.84 7.63
CA ALA Q 153 -95.56 -14.97 6.76
C ALA Q 153 -94.50 -13.90 7.07
N LEU Q 154 -94.48 -13.40 8.30
CA LEU Q 154 -93.62 -12.28 8.69
C LEU Q 154 -92.67 -12.64 9.82
N ASN Q 155 -92.53 -13.92 10.15
CA ASN Q 155 -91.55 -14.36 11.14
C ASN Q 155 -90.58 -15.36 10.51
N ARG Q 156 -90.34 -15.21 9.21
CA ARG Q 156 -89.59 -16.18 8.43
C ARG Q 156 -88.51 -15.44 7.65
N LYS Q 157 -87.67 -16.21 6.96
CA LYS Q 157 -86.73 -15.61 6.03
C LYS Q 157 -87.47 -15.07 4.81
N ILE Q 158 -87.11 -13.87 4.37
CA ILE Q 158 -87.68 -13.30 3.16
C ILE Q 158 -86.56 -13.03 2.16
N TRP Q 159 -86.90 -13.18 0.89
CA TRP Q 159 -86.02 -12.81 -0.22
C TRP Q 159 -86.54 -11.59 -0.95
N SER Q 160 -87.68 -11.04 -0.54
CA SER Q 160 -88.39 -10.02 -1.30
C SER Q 160 -87.99 -8.67 -0.76
N ARG Q 161 -86.86 -8.15 -1.25
CA ARG Q 161 -86.41 -6.82 -0.83
C ARG Q 161 -87.27 -5.71 -1.39
N ARG Q 162 -88.08 -5.99 -2.41
CA ARG Q 162 -88.85 -4.97 -3.11
C ARG Q 162 -90.26 -4.81 -2.58
N SER Q 163 -90.55 -5.33 -1.40
CA SER Q 163 -91.88 -5.19 -0.81
C SER Q 163 -91.92 -4.01 0.16
N THR Q 164 -92.98 -3.22 0.06
CA THR Q 164 -93.17 -2.08 0.95
C THR Q 164 -93.56 -2.56 2.34
N ILE Q 165 -93.09 -1.84 3.36
CA ILE Q 165 -93.42 -2.17 4.74
C ILE Q 165 -94.76 -1.52 5.06
N LEU Q 166 -95.77 -2.36 5.32
CA LEU Q 166 -97.15 -1.99 5.56
C LEU Q 166 -97.37 -1.66 7.04
N PRO Q 167 -98.38 -0.84 7.36
CA PRO Q 167 -98.62 -0.50 8.77
C PRO Q 167 -99.18 -1.65 9.59
N GLU Q 168 -99.60 -2.75 8.98
CA GLU Q 168 -100.02 -3.93 9.70
C GLU Q 168 -98.86 -4.87 10.01
N TYR Q 169 -97.65 -4.51 9.62
CA TYR Q 169 -96.47 -5.35 9.79
C TYR Q 169 -95.65 -4.99 11.02
N VAL Q 170 -96.10 -4.00 11.80
CA VAL Q 170 -95.32 -3.50 12.92
C VAL Q 170 -95.30 -4.53 14.04
N ASP Q 171 -94.21 -4.51 14.83
CA ASP Q 171 -93.94 -5.47 15.91
C ASP Q 171 -93.84 -6.90 15.37
N SER Q 172 -92.81 -7.11 14.55
CA SER Q 172 -92.49 -8.42 14.01
C SER Q 172 -91.02 -8.45 13.64
N ALA Q 173 -90.46 -9.65 13.57
CA ALA Q 173 -89.05 -9.85 13.27
C ALA Q 173 -88.92 -10.61 11.96
N VAL Q 174 -88.09 -10.08 11.06
CA VAL Q 174 -87.88 -10.70 9.76
C VAL Q 174 -86.38 -10.88 9.54
N ARG Q 175 -86.05 -11.79 8.62
CA ARG Q 175 -84.68 -11.97 8.17
C ARG Q 175 -84.67 -11.67 6.68
N ILE Q 176 -84.00 -10.59 6.31
CA ILE Q 176 -84.01 -10.06 4.95
C ILE Q 176 -82.74 -10.51 4.24
N TYR Q 177 -82.89 -11.05 3.04
CA TYR Q 177 -81.74 -11.48 2.27
C TYR Q 177 -81.00 -10.28 1.70
N ASN Q 178 -79.68 -10.27 1.84
CA ASN Q 178 -78.85 -9.19 1.31
C ASN Q 178 -77.90 -9.67 0.23
N GLY Q 179 -78.11 -10.86 -0.33
CA GLY Q 179 -77.22 -11.35 -1.36
C GLY Q 179 -76.38 -12.51 -0.88
N LYS Q 180 -75.91 -12.46 0.35
CA LYS Q 180 -75.17 -13.56 0.96
C LYS Q 180 -75.84 -14.13 2.19
N THR Q 181 -76.17 -13.28 3.16
CA THR Q 181 -76.73 -13.69 4.44
C THR Q 181 -78.16 -13.19 4.59
N HIS Q 182 -78.69 -13.37 5.79
CA HIS Q 182 -80.00 -12.82 6.17
C HIS Q 182 -79.77 -11.87 7.34
N VAL Q 183 -80.00 -10.59 7.10
CA VAL Q 183 -79.92 -9.59 8.17
C VAL Q 183 -81.18 -9.68 9.01
N ARG Q 184 -81.02 -9.69 10.33
CA ARG Q 184 -82.17 -9.72 11.23
C ARG Q 184 -82.64 -8.29 11.47
N CYS Q 185 -83.93 -8.05 11.24
CA CYS Q 185 -84.49 -6.72 11.45
C CYS Q 185 -85.86 -6.80 12.10
N LYS Q 186 -86.07 -5.97 13.11
CA LYS Q 186 -87.34 -5.87 13.83
C LYS Q 186 -88.08 -4.64 13.32
N ILE Q 187 -89.28 -4.85 12.80
CA ILE Q 187 -90.06 -3.78 12.18
C ILE Q 187 -90.67 -2.91 13.28
N THR Q 188 -90.41 -1.61 13.23
CA THR Q 188 -90.86 -0.64 14.22
C THR Q 188 -91.75 0.36 13.47
N GLU Q 189 -92.22 1.38 14.17
CA GLU Q 189 -92.94 2.50 13.58
C GLU Q 189 -92.09 3.24 12.55
N GLY Q 190 -90.77 3.30 12.74
CA GLY Q 190 -89.93 4.10 11.89
C GLY Q 190 -89.67 3.53 10.52
N LYS Q 191 -90.05 2.28 10.27
CA LYS Q 191 -89.78 1.63 9.00
C LYS Q 191 -91.01 1.53 8.11
N VAL Q 192 -92.15 2.04 8.55
CA VAL Q 192 -93.39 1.93 7.78
C VAL Q 192 -93.34 2.89 6.61
N GLY Q 193 -93.61 2.39 5.41
CA GLY Q 193 -93.60 3.17 4.20
C GLY Q 193 -92.36 3.00 3.35
N HIS Q 194 -91.25 2.56 3.93
CA HIS Q 194 -90.03 2.29 3.19
C HIS Q 194 -90.14 0.92 2.52
N LYS Q 195 -89.03 0.41 2.02
CA LYS Q 195 -88.98 -0.95 1.51
C LYS Q 195 -88.23 -1.85 2.50
N PHE Q 196 -88.41 -3.15 2.32
CA PHE Q 196 -87.74 -4.12 3.18
C PHE Q 196 -86.23 -4.07 2.99
N GLY Q 197 -85.78 -3.89 1.76
CA GLY Q 197 -84.38 -3.89 1.44
C GLY Q 197 -83.63 -2.63 1.80
N GLU Q 198 -84.31 -1.60 2.29
CA GLU Q 198 -83.62 -0.38 2.68
C GLU Q 198 -82.78 -0.55 3.94
N PHE Q 199 -83.03 -1.60 4.71
CA PHE Q 199 -82.38 -1.78 6.00
C PHE Q 199 -81.41 -2.94 6.03
N ALA Q 200 -81.25 -3.65 4.91
CA ALA Q 200 -80.31 -4.76 4.81
C ALA Q 200 -79.28 -4.38 3.75
N PHE Q 201 -78.10 -3.96 4.19
CA PHE Q 201 -77.08 -3.45 3.28
C PHE Q 201 -76.39 -4.59 2.56
N THR Q 202 -76.00 -4.34 1.31
CA THR Q 202 -75.40 -5.36 0.46
C THR Q 202 -73.89 -5.24 0.37
N ARG Q 203 -73.34 -4.04 0.30
CA ARG Q 203 -71.91 -3.84 0.17
C ARG Q 203 -71.31 -3.53 1.54
N LYS Q 204 -70.16 -4.12 1.83
CA LYS Q 204 -69.49 -3.86 3.10
C LYS Q 204 -68.80 -2.50 3.04
N VAL Q 205 -68.91 -1.74 4.14
CA VAL Q 205 -68.21 -0.47 4.23
C VAL Q 205 -66.72 -0.74 4.36
N LYS Q 206 -65.92 -0.12 3.52
CA LYS Q 206 -64.52 -0.48 3.39
C LYS Q 206 -63.61 0.52 4.05
N LYS Q 207 -62.54 0.00 4.64
CA LYS Q 207 -61.48 0.82 5.22
C LYS Q 207 -60.20 0.51 4.47
N HIS Q 208 -59.68 1.52 3.77
CA HIS Q 208 -58.48 1.34 2.98
C HIS Q 208 -57.26 1.23 3.89
N ALA Q 209 -56.22 0.59 3.37
CA ALA Q 209 -54.99 0.38 4.13
C ALA Q 209 -54.26 1.69 4.38
N ILE R 26 1.28 48.95 -48.22
CA ILE R 26 0.88 49.50 -49.51
C ILE R 26 0.06 50.76 -49.30
N ARG R 27 0.58 51.89 -49.76
CA ARG R 27 -0.07 53.17 -49.63
C ARG R 27 -0.61 53.63 -50.97
N VAL R 28 -1.83 54.16 -50.95
CA VAL R 28 -2.50 54.65 -52.16
C VAL R 28 -2.97 56.09 -51.89
N LYS R 29 -2.58 57.00 -52.78
CA LYS R 29 -3.05 58.37 -52.69
C LYS R 29 -4.41 58.51 -53.34
N VAL R 30 -5.28 59.30 -52.73
CA VAL R 30 -6.62 59.54 -53.27
C VAL R 30 -6.62 60.89 -53.98
N PHE R 31 -7.17 60.91 -55.19
CA PHE R 31 -7.19 62.10 -56.02
C PHE R 31 -8.63 62.58 -56.18
N SER R 32 -8.84 63.88 -56.00
CA SER R 32 -10.12 64.56 -56.19
C SER R 32 -11.20 64.05 -55.23
N GLY R 33 -10.79 63.51 -54.08
CA GLY R 33 -11.73 63.05 -53.08
C GLY R 33 -12.56 61.84 -53.45
N ASP R 34 -12.09 61.04 -54.40
CA ASP R 34 -12.80 59.84 -54.83
C ASP R 34 -12.29 58.66 -54.02
N LEU R 35 -12.95 58.40 -52.88
CA LEU R 35 -12.49 57.36 -51.97
C LEU R 35 -12.70 55.96 -52.54
N ASP R 36 -13.77 55.75 -53.31
CA ASP R 36 -14.04 54.43 -53.84
C ASP R 36 -13.00 53.97 -54.86
N LYS R 37 -12.51 54.88 -55.71
CA LYS R 37 -11.44 54.54 -56.62
C LYS R 37 -10.15 54.20 -55.89
N ALA R 38 -9.81 54.96 -54.84
CA ALA R 38 -8.62 54.66 -54.05
C ALA R 38 -8.74 53.30 -53.35
N LEU R 39 -9.93 52.99 -52.81
CA LEU R 39 -10.09 51.71 -52.14
C LEU R 39 -10.05 50.55 -53.11
N THR R 40 -10.61 50.72 -54.31
CA THR R 40 -10.51 49.67 -55.32
C THR R 40 -9.07 49.45 -55.77
N ILE R 41 -8.32 50.54 -55.93
CA ILE R 41 -6.92 50.43 -56.32
C ILE R 41 -6.10 49.75 -55.22
N LEU R 42 -6.38 50.10 -53.95
CA LEU R 42 -5.68 49.46 -52.84
C LEU R 42 -6.01 47.97 -52.75
N GLN R 43 -7.28 47.61 -52.95
CA GLN R 43 -7.67 46.20 -52.93
C GLN R 43 -7.00 45.43 -54.05
N ARG R 44 -6.95 45.99 -55.25
CA ARG R 44 -6.33 45.29 -56.37
C ARG R 44 -4.82 45.17 -56.17
N LYS R 45 -4.19 46.18 -55.57
CA LYS R 45 -2.75 46.10 -55.34
C LYS R 45 -2.41 45.11 -54.23
N MET R 46 -3.23 45.05 -53.19
CA MET R 46 -3.07 44.02 -52.17
C MET R 46 -3.34 42.63 -52.74
N GLN R 47 -4.15 42.54 -53.79
CA GLN R 47 -4.36 41.27 -54.47
C GLN R 47 -3.14 40.88 -55.29
N SER R 48 -2.68 41.77 -56.17
CA SER R 48 -1.65 41.43 -57.14
C SER R 48 -0.25 41.42 -56.53
N SER R 49 -0.06 41.99 -55.36
CA SER R 49 1.24 41.85 -54.70
C SER R 49 1.39 40.53 -53.97
N GLY R 50 0.32 39.74 -53.86
CA GLY R 50 0.36 38.48 -53.17
C GLY R 50 0.20 38.56 -51.67
N MET R 51 0.05 39.77 -51.11
CA MET R 51 -0.01 39.92 -49.67
C MET R 51 -1.35 39.47 -49.11
N GLU R 52 -2.39 39.44 -49.95
CA GLU R 52 -3.69 38.96 -49.49
C GLU R 52 -3.68 37.45 -49.23
N ARG R 53 -2.96 36.70 -50.05
CA ARG R 53 -2.81 35.27 -49.82
C ARG R 53 -2.11 34.99 -48.50
N LEU R 54 -1.04 35.72 -48.22
CA LEU R 54 -0.32 35.53 -46.97
C LEU R 54 -1.08 36.07 -45.78
N ILE R 55 -1.91 37.09 -45.96
CA ILE R 55 -2.68 37.60 -44.83
C ILE R 55 -3.87 36.68 -44.53
N LYS R 56 -4.34 35.91 -45.50
CA LYS R 56 -5.33 34.89 -45.21
C LYS R 56 -4.72 33.59 -44.71
N ALA R 57 -3.46 33.32 -45.04
CA ALA R 57 -2.81 32.09 -44.61
C ALA R 57 -2.31 32.13 -43.18
N GLN R 58 -2.56 33.21 -42.45
CA GLN R 58 -2.11 33.30 -41.07
C GLN R 58 -2.93 32.38 -40.18
N GLN R 59 -2.23 31.60 -39.37
CA GLN R 59 -2.84 30.59 -38.53
C GLN R 59 -3.06 31.10 -37.12
N THR R 60 -4.11 30.60 -36.48
CA THR R 60 -4.43 30.99 -35.11
C THR R 60 -3.80 30.05 -34.08
N HIS R 61 -3.61 28.78 -34.44
CA HIS R 61 -3.07 27.77 -33.55
C HIS R 61 -1.78 27.22 -34.16
N HIS R 62 -1.24 26.20 -33.52
CA HIS R 62 -0.03 25.54 -34.00
C HIS R 62 -0.39 24.22 -34.65
N ILE R 63 0.16 23.98 -35.84
CA ILE R 63 -0.02 22.72 -36.55
C ILE R 63 1.34 22.05 -36.68
N LYS R 64 1.38 20.75 -36.44
CA LYS R 64 2.62 20.00 -36.55
C LYS R 64 2.91 19.69 -38.01
N ASN R 65 4.13 19.20 -38.26
CA ASN R 65 4.52 18.83 -39.61
C ASN R 65 3.73 17.64 -40.12
N SER R 66 3.36 16.73 -39.22
CA SER R 66 2.55 15.59 -39.59
C SER R 66 1.14 15.98 -40.01
N GLU R 67 0.68 17.18 -39.65
CA GLU R 67 -0.58 17.69 -40.14
C GLU R 67 -0.40 18.62 -41.33
N LYS R 68 0.74 19.30 -41.43
CA LYS R 68 1.06 20.06 -42.63
C LYS R 68 1.14 19.17 -43.86
N LYS R 69 1.68 17.95 -43.71
CA LYS R 69 1.71 17.01 -44.82
C LYS R 69 0.31 16.62 -45.28
N VAL R 70 -0.60 16.36 -44.33
CA VAL R 70 -1.96 15.97 -44.67
C VAL R 70 -2.70 17.10 -45.38
N LEU R 71 -2.55 18.32 -44.86
CA LEU R 71 -3.19 19.47 -45.50
C LEU R 71 -2.64 19.75 -46.89
N ALA R 72 -1.32 19.61 -47.08
CA ALA R 72 -0.75 19.79 -48.41
C ALA R 72 -1.24 18.72 -49.38
N ARG R 73 -1.39 17.48 -48.93
CA ARG R 73 -1.92 16.43 -49.78
C ARG R 73 -3.36 16.72 -50.20
N LYS R 74 -4.19 17.19 -49.26
CA LYS R 74 -5.59 17.52 -49.60
C LYS R 74 -5.67 18.69 -50.56
N ASN R 75 -4.81 19.71 -50.36
CA ASN R 75 -4.67 20.82 -51.29
C ASN R 75 -4.32 20.36 -52.69
N LEU R 76 -3.37 19.43 -52.79
CA LEU R 76 -2.96 18.92 -54.09
C LEU R 76 -4.10 18.19 -54.79
N GLU R 77 -4.86 17.37 -54.06
CA GLU R 77 -5.98 16.65 -54.66
C GLU R 77 -7.05 17.62 -55.17
N ARG R 78 -7.37 18.65 -54.37
CA ARG R 78 -8.32 19.67 -54.81
C ARG R 78 -7.83 20.40 -56.05
N LYS R 79 -6.54 20.73 -56.09
CA LYS R 79 -5.98 21.40 -57.24
C LYS R 79 -6.09 20.54 -58.49
N ILE R 80 -5.81 19.24 -58.38
CA ILE R 80 -5.88 18.34 -59.53
C ILE R 80 -7.31 18.26 -60.06
N LYS R 81 -8.30 18.18 -59.15
CA LYS R 81 -9.70 18.18 -59.59
C LYS R 81 -10.08 19.47 -60.33
N SER R 82 -9.65 20.62 -59.80
CA SER R 82 -9.93 21.89 -60.48
C SER R 82 -9.22 21.99 -61.84
N ILE R 83 -8.01 21.42 -61.96
CA ILE R 83 -7.31 21.42 -63.24
C ILE R 83 -8.07 20.61 -64.27
N ASP R 84 -8.57 19.43 -63.89
CA ASP R 84 -9.37 18.64 -64.83
C ASP R 84 -10.64 19.37 -65.24
N PHE R 85 -11.31 20.02 -64.29
CA PHE R 85 -12.54 20.74 -64.61
C PHE R 85 -12.28 21.88 -65.59
N ALA R 86 -11.27 22.69 -65.33
CA ALA R 86 -10.95 23.81 -66.22
C ALA R 86 -10.45 23.35 -67.58
N ARG R 87 -9.70 22.25 -67.63
CA ARG R 87 -9.26 21.69 -68.91
C ARG R 87 -10.45 21.27 -69.77
N LYS R 88 -11.39 20.51 -69.19
CA LYS R 88 -12.54 20.07 -69.97
C LYS R 88 -13.45 21.21 -70.37
N LEU R 89 -13.68 22.17 -69.47
CA LEU R 89 -14.51 23.33 -69.78
C LEU R 89 -13.92 24.16 -70.91
N GLN R 90 -12.61 24.43 -70.85
CA GLN R 90 -11.96 25.21 -71.89
C GLN R 90 -11.93 24.48 -73.22
N SER R 91 -11.75 23.15 -73.21
CA SER R 91 -11.79 22.39 -74.45
C SER R 91 -13.16 22.46 -75.11
N ILE R 92 -14.25 22.28 -74.33
CA ILE R 92 -15.57 22.35 -74.94
C ILE R 92 -15.99 23.78 -75.30
N LEU R 93 -15.40 24.80 -74.66
CA LEU R 93 -15.61 26.17 -75.11
C LEU R 93 -14.91 26.44 -76.43
N ILE R 94 -13.63 26.04 -76.53
CA ILE R 94 -12.82 26.38 -77.69
C ILE R 94 -13.14 25.52 -78.90
N LYS R 95 -13.82 24.39 -78.71
CA LYS R 95 -14.34 23.68 -79.88
C LYS R 95 -15.44 24.48 -80.55
N LYS R 96 -16.39 25.00 -79.78
CA LYS R 96 -17.53 25.69 -80.37
C LYS R 96 -17.17 27.08 -80.86
N VAL R 97 -16.35 27.82 -80.10
CA VAL R 97 -16.26 29.26 -80.33
C VAL R 97 -15.53 29.60 -81.64
N ARG R 98 -14.56 28.80 -82.06
CA ARG R 98 -13.74 29.13 -83.24
C ARG R 98 -14.26 28.41 -84.49
N GLY R 99 -15.50 28.71 -84.85
CA GLY R 99 -16.06 28.26 -86.11
C GLY R 99 -16.25 26.77 -86.27
N LEU R 100 -16.66 26.08 -85.20
CA LEU R 100 -16.98 24.66 -85.28
C LEU R 100 -18.19 24.33 -84.40
N GLY S 45 -76.79 29.86 -18.10
CA GLY S 45 -76.97 28.75 -17.19
C GLY S 45 -77.69 27.59 -17.82
N ARG S 46 -76.99 26.88 -18.71
CA ARG S 46 -77.58 25.73 -19.40
C ARG S 46 -77.65 24.50 -18.52
N GLY S 47 -77.04 24.52 -17.35
CA GLY S 47 -77.15 23.42 -16.42
C GLY S 47 -78.15 23.65 -15.30
N ASP S 48 -78.70 24.85 -15.22
CA ASP S 48 -79.70 25.17 -14.20
C ASP S 48 -81.06 24.67 -14.67
N SER S 49 -81.55 23.61 -14.05
CA SER S 49 -82.77 22.96 -14.53
C SER S 49 -84.03 23.74 -14.23
N LYS S 50 -83.94 24.84 -13.48
CA LYS S 50 -85.09 25.70 -13.22
C LYS S 50 -85.23 26.81 -14.24
N THR S 51 -84.30 26.95 -15.19
CA THR S 51 -84.36 28.00 -16.19
C THR S 51 -84.74 27.41 -17.54
N LYS S 52 -85.07 28.31 -18.48
CA LYS S 52 -85.52 27.87 -19.80
C LYS S 52 -84.40 27.20 -20.58
N LYS S 53 -83.18 27.75 -20.48
CA LYS S 53 -82.03 27.14 -21.15
C LYS S 53 -81.74 25.74 -20.61
N GLY S 54 -81.77 25.59 -19.28
CA GLY S 54 -81.56 24.29 -18.68
C GLY S 54 -82.65 23.29 -18.98
N LYS S 55 -83.90 23.73 -19.06
CA LYS S 55 -84.97 22.84 -19.47
C LYS S 55 -84.85 22.42 -20.92
N ARG S 56 -84.40 23.32 -21.80
CA ARG S 56 -84.18 22.92 -23.19
C ARG S 56 -83.02 21.96 -23.31
N PHE S 57 -81.97 22.14 -22.51
CA PHE S 57 -80.87 21.19 -22.51
C PHE S 57 -81.31 19.82 -22.00
N LYS S 58 -82.14 19.78 -20.96
CA LYS S 58 -82.67 18.52 -20.48
C LYS S 58 -83.76 17.94 -21.38
N GLY S 59 -84.28 18.73 -22.31
CA GLY S 59 -85.33 18.25 -23.20
C GLY S 59 -86.66 18.02 -22.53
N SER S 60 -87.05 18.88 -21.59
CA SER S 60 -88.31 18.73 -20.89
C SER S 60 -89.06 20.04 -20.84
N TYR S 61 -90.15 20.09 -20.08
CA TYR S 61 -91.00 21.26 -20.00
C TYR S 61 -91.41 21.50 -18.56
N GLY S 62 -91.81 22.73 -18.27
CA GLY S 62 -92.21 23.07 -16.92
C GLY S 62 -92.84 24.44 -16.84
N ASN S 63 -92.76 25.06 -15.67
CA ASN S 63 -93.24 26.43 -15.53
C ASN S 63 -92.36 27.38 -16.31
N SER S 64 -91.07 27.08 -16.41
CA SER S 64 -90.10 27.98 -17.01
C SER S 64 -90.19 27.98 -18.53
N ARG S 65 -90.39 26.81 -19.15
CA ARG S 65 -90.44 26.69 -20.59
C ARG S 65 -91.86 26.72 -21.15
N GLY S 66 -92.68 25.76 -20.78
CA GLY S 66 -94.06 25.74 -21.24
C GLY S 66 -94.26 25.22 -22.65
N LYS S 67 -95.33 24.46 -22.87
CA LYS S 67 -95.60 23.86 -24.16
C LYS S 67 -96.24 24.87 -25.09
N LYS S 68 -96.78 24.38 -26.22
CA LYS S 68 -97.48 25.24 -27.18
C LYS S 68 -98.80 25.75 -26.59
N GLN S 69 -99.37 25.01 -25.65
CA GLN S 69 -100.62 25.40 -25.03
C GLN S 69 -100.51 26.72 -24.29
N LYS S 70 -99.35 26.99 -23.68
CA LYS S 70 -99.17 28.24 -22.95
C LYS S 70 -99.16 29.43 -23.90
N MET S 71 -98.48 29.31 -25.04
CA MET S 71 -98.50 30.37 -26.05
C MET S 71 -99.90 30.58 -26.58
N ILE S 72 -100.65 29.50 -26.80
CA ILE S 72 -102.00 29.61 -27.34
C ILE S 72 -102.93 30.28 -26.33
N GLU S 73 -102.85 29.88 -25.06
CA GLU S 73 -103.68 30.49 -24.02
C GLU S 73 -103.34 31.96 -23.83
N ARG S 74 -102.05 32.29 -23.82
CA ARG S 74 -101.65 33.68 -23.65
C ARG S 74 -102.08 34.54 -24.83
N ILE S 75 -101.98 34.03 -26.06
CA ILE S 75 -102.40 34.84 -27.20
C ILE S 75 -103.91 34.91 -27.31
N LYS S 76 -104.64 33.95 -26.74
CA LYS S 76 -106.09 34.10 -26.68
C LYS S 76 -106.50 35.14 -25.64
N ASP S 77 -105.82 35.15 -24.51
CA ASP S 77 -106.12 36.14 -23.48
C ASP S 77 -105.66 37.54 -23.85
N LYS S 78 -104.66 37.66 -24.73
CA LYS S 78 -104.17 38.97 -25.12
C LYS S 78 -105.17 39.71 -26.00
N LEU S 79 -105.75 39.02 -26.97
CA LEU S 79 -106.58 39.66 -27.96
C LEU S 79 -108.06 39.70 -27.56
N GLU S 80 -108.37 39.38 -26.31
CA GLU S 80 -109.73 39.42 -25.75
C GLU S 80 -110.65 38.44 -26.48
N LEU S 81 -110.35 37.16 -26.32
CA LEU S 81 -111.12 36.09 -26.94
C LEU S 81 -111.58 35.10 -25.89
N PRO S 82 -112.71 34.42 -26.12
CA PRO S 82 -113.06 33.27 -25.29
C PRO S 82 -112.05 32.15 -25.47
N ARG S 83 -111.93 31.32 -24.43
CA ARG S 83 -110.93 30.26 -24.45
C ARG S 83 -111.33 29.08 -25.31
N SER S 84 -112.55 29.04 -25.84
CA SER S 84 -113.00 27.97 -26.69
C SER S 84 -112.86 28.30 -28.18
N THR S 85 -112.21 29.40 -28.52
CA THR S 85 -111.99 29.74 -29.90
C THR S 85 -111.02 28.75 -30.53
N PRO S 86 -111.34 28.19 -31.70
CA PRO S 86 -110.43 27.21 -32.31
C PRO S 86 -109.19 27.87 -32.89
N TRP S 87 -108.07 27.20 -32.72
CA TRP S 87 -106.76 27.58 -33.24
C TRP S 87 -106.56 26.95 -34.60
N PRO S 88 -106.09 27.68 -35.61
CA PRO S 88 -105.67 29.08 -35.62
C PRO S 88 -106.84 30.06 -35.66
N LEU S 89 -106.54 31.31 -35.34
CA LEU S 89 -107.57 32.32 -35.14
C LEU S 89 -108.24 32.69 -36.45
N PRO S 90 -109.56 32.83 -36.49
CA PRO S 90 -110.24 33.25 -37.72
C PRO S 90 -110.29 34.75 -37.91
N PHE S 91 -109.17 35.44 -37.67
CA PHE S 91 -109.09 36.90 -37.83
C PHE S 91 -107.83 37.23 -38.62
N LYS S 92 -107.66 38.52 -38.88
CA LYS S 92 -106.46 39.04 -39.53
C LYS S 92 -105.66 39.81 -38.49
N LEU S 93 -104.43 39.40 -38.28
CA LEU S 93 -103.57 39.96 -37.24
C LEU S 93 -102.63 40.96 -37.90
N ILE S 94 -102.86 42.25 -37.66
CA ILE S 94 -102.03 43.28 -38.24
C ILE S 94 -101.42 44.13 -37.13
N SER T 2 -17.39 -18.76 -75.32
CA SER T 2 -17.27 -19.95 -74.50
C SER T 2 -15.82 -20.14 -74.08
N TRP T 3 -15.45 -21.36 -73.69
CA TRP T 3 -14.11 -21.67 -73.22
C TRP T 3 -13.26 -22.36 -74.29
N MET T 4 -13.75 -22.43 -75.53
CA MET T 4 -12.94 -23.00 -76.60
C MET T 4 -11.84 -22.02 -77.00
N LYS T 5 -10.79 -22.56 -77.61
CA LYS T 5 -9.67 -21.76 -78.09
C LYS T 5 -9.66 -21.71 -79.61
N GLY T 6 -9.01 -20.69 -80.14
CA GLY T 6 -8.94 -20.47 -81.56
C GLY T 6 -9.79 -19.28 -82.00
N ASP T 7 -9.57 -18.87 -83.25
CA ASP T 7 -10.32 -17.76 -83.82
C ASP T 7 -11.69 -18.27 -84.29
N LEU T 8 -12.41 -17.43 -85.03
CA LEU T 8 -13.80 -17.74 -85.36
C LEU T 8 -13.90 -18.95 -86.27
N LEU T 9 -13.09 -19.01 -87.33
CA LEU T 9 -13.18 -20.10 -88.28
C LEU T 9 -12.74 -21.43 -87.66
N SER T 10 -11.62 -21.44 -86.95
CA SER T 10 -11.15 -22.69 -86.36
C SER T 10 -12.04 -23.16 -85.22
N LYS T 11 -12.52 -22.24 -84.38
CA LYS T 11 -13.43 -22.61 -83.31
C LYS T 11 -14.74 -23.16 -83.86
N THR T 12 -15.29 -22.50 -84.89
CA THR T 12 -16.54 -22.95 -85.48
C THR T 12 -16.36 -24.30 -86.18
N ARG T 13 -15.22 -24.50 -86.86
CA ARG T 13 -14.94 -25.77 -87.51
C ARG T 13 -14.83 -26.90 -86.51
N ARG T 14 -14.12 -26.66 -85.40
CA ARG T 14 -14.02 -27.68 -84.36
C ARG T 14 -15.36 -27.96 -83.72
N LEU T 15 -16.23 -26.94 -83.60
CA LEU T 15 -17.54 -27.17 -83.03
C LEU T 15 -18.44 -27.97 -83.95
N VAL T 16 -18.43 -27.66 -85.25
CA VAL T 16 -19.32 -28.36 -86.18
C VAL T 16 -18.80 -29.73 -86.56
N GLY T 17 -17.51 -30.01 -86.39
CA GLY T 17 -17.03 -31.36 -86.61
C GLY T 17 -17.55 -32.37 -85.61
N GLY T 18 -17.68 -31.97 -84.36
CA GLY T 18 -18.12 -32.84 -83.29
C GLY T 18 -19.60 -32.90 -83.07
N LEU T 19 -20.41 -32.37 -83.99
CA LEU T 19 -21.87 -32.38 -83.93
C LEU T 19 -22.40 -31.69 -82.68
N ALA T 20 -21.75 -30.59 -82.30
CA ALA T 20 -22.23 -29.79 -81.20
C ALA T 20 -23.27 -28.76 -81.65
N THR T 21 -22.97 -28.06 -82.73
CA THR T 21 -23.85 -27.04 -83.28
C THR T 21 -24.17 -27.38 -84.73
N ARG T 22 -25.29 -26.83 -85.21
CA ARG T 22 -25.59 -26.94 -86.63
C ARG T 22 -24.66 -26.04 -87.43
N GLU T 23 -24.54 -26.35 -88.71
CA GLU T 23 -23.62 -25.61 -89.57
C GLU T 23 -24.18 -24.24 -89.88
N PRO T 24 -23.46 -23.16 -89.55
CA PRO T 24 -23.92 -21.83 -89.98
C PRO T 24 -23.70 -21.65 -91.47
N VAL T 25 -24.42 -20.67 -92.02
CA VAL T 25 -24.37 -20.44 -93.46
C VAL T 25 -23.03 -19.84 -93.87
N TRP T 26 -22.48 -18.94 -93.05
CA TRP T 26 -21.26 -18.23 -93.41
C TRP T 26 -20.01 -19.09 -93.36
N LEU T 27 -20.11 -20.33 -92.86
CA LEU T 27 -18.93 -21.19 -92.71
C LEU T 27 -18.30 -21.51 -94.06
N LYS T 28 -19.12 -21.82 -95.06
CA LYS T 28 -18.60 -22.14 -96.38
C LYS T 28 -17.98 -20.94 -97.07
N ALA T 29 -18.57 -19.75 -96.92
CA ALA T 29 -17.96 -18.55 -97.49
C ALA T 29 -16.65 -18.22 -96.81
N MET T 30 -16.57 -18.41 -95.48
CA MET T 30 -15.31 -18.19 -94.79
C MET T 30 -14.24 -19.20 -95.18
N GLU T 31 -14.64 -20.45 -95.43
CA GLU T 31 -13.67 -21.44 -95.90
C GLU T 31 -13.19 -21.14 -97.31
N ALA T 32 -14.07 -20.63 -98.17
CA ALA T 32 -13.65 -20.29 -99.52
C ALA T 32 -12.82 -19.01 -99.56
N SER T 33 -13.04 -18.09 -98.63
CA SER T 33 -12.29 -16.83 -98.57
C SER T 33 -11.80 -16.61 -97.15
N PRO T 34 -10.65 -17.19 -96.79
CA PRO T 34 -10.14 -17.04 -95.42
C PRO T 34 -9.62 -15.64 -95.17
N PRO T 35 -9.55 -15.20 -93.91
CA PRO T 35 -9.04 -13.87 -93.59
C PRO T 35 -7.55 -13.77 -93.86
N PRO T 36 -7.03 -12.55 -94.06
CA PRO T 36 -5.61 -12.41 -94.42
C PRO T 36 -4.68 -12.65 -93.23
N VAL T 37 -3.43 -12.97 -93.57
CA VAL T 37 -2.36 -13.14 -92.59
C VAL T 37 -1.11 -12.41 -93.09
N PHE T 38 -0.32 -11.90 -92.16
CA PHE T 38 0.89 -11.14 -92.47
C PHE T 38 1.95 -11.51 -91.45
N PRO T 39 3.24 -11.48 -91.83
CA PRO T 39 4.28 -12.04 -90.95
C PRO T 39 4.58 -11.14 -89.76
N ARG T 40 5.41 -11.67 -88.87
CA ARG T 40 5.76 -10.98 -87.64
C ARG T 40 6.68 -9.80 -87.91
N SER T 41 6.55 -8.77 -87.07
CA SER T 41 7.06 -7.45 -87.40
C SER T 41 8.01 -6.86 -86.39
N ASN T 42 8.28 -7.53 -85.27
CA ASN T 42 9.18 -7.12 -84.21
C ASN T 42 8.76 -5.81 -83.52
N GLY T 43 7.55 -5.32 -83.79
CA GLY T 43 7.02 -4.16 -83.11
C GLY T 43 7.70 -2.85 -83.40
N ASN T 44 8.56 -2.79 -84.40
CA ASN T 44 9.37 -1.61 -84.65
C ASN T 44 8.94 -0.91 -85.93
N LEU T 45 8.67 0.38 -85.83
CA LEU T 45 8.34 1.22 -86.96
C LEU T 45 9.54 2.09 -87.27
N LYS T 46 10.00 2.05 -88.52
CA LYS T 46 11.14 2.82 -88.96
C LYS T 46 10.68 4.17 -89.51
N LYS T 47 11.26 5.24 -88.99
CA LYS T 47 10.90 6.59 -89.42
C LYS T 47 11.41 6.84 -90.83
N ILE T 48 10.50 7.03 -91.78
CA ILE T 48 10.89 7.21 -93.16
C ILE T 48 11.54 8.58 -93.35
N VAL T 49 12.70 8.59 -94.01
CA VAL T 49 13.47 9.80 -94.22
C VAL T 49 13.93 9.80 -95.67
N LEU T 50 14.16 11.00 -96.20
CA LEU T 50 14.67 11.22 -97.54
C LEU T 50 16.05 11.84 -97.48
N PRO T 51 16.90 11.60 -98.49
CA PRO T 51 18.20 12.28 -98.54
C PRO T 51 18.09 13.78 -98.73
N GLU T 52 16.96 14.28 -99.26
CA GLU T 52 16.77 15.70 -99.53
C GLU T 52 16.33 16.48 -98.31
N ASP T 53 16.09 15.82 -97.18
CA ASP T 53 15.60 16.40 -95.94
C ASP T 53 16.41 17.59 -95.41
N PRO T 54 17.76 17.55 -95.32
CA PRO T 54 18.49 18.75 -94.86
C PRO T 54 18.35 19.95 -95.77
N TYR T 55 18.32 19.75 -97.08
CA TYR T 55 18.09 20.85 -98.00
C TYR T 55 16.66 21.35 -97.98
N VAL T 56 15.69 20.48 -97.73
CA VAL T 56 14.31 20.92 -97.53
C VAL T 56 14.21 21.79 -96.29
N ARG T 57 14.89 21.37 -95.24
CA ARG T 57 14.90 22.15 -94.01
C ARG T 57 15.05 23.63 -94.22
N ARG T 58 16.26 24.06 -94.50
CA ARG T 58 16.52 25.48 -94.65
C ARG T 58 15.65 26.07 -95.72
N PHE T 59 15.10 25.27 -96.60
CA PHE T 59 14.34 25.87 -97.70
C PHE T 59 13.18 26.71 -97.19
N ALA T 60 12.86 26.61 -95.91
CA ALA T 60 11.81 27.45 -95.35
C ALA T 60 12.45 28.70 -94.83
N ARG T 61 13.75 28.66 -94.63
CA ARG T 61 14.48 29.82 -94.21
C ARG T 61 14.99 30.36 -95.51
N LYS T 62 15.50 29.47 -96.36
CA LYS T 62 15.92 29.88 -97.68
C LYS T 62 14.67 30.26 -98.41
N HIS T 63 14.76 31.23 -99.31
CA HIS T 63 13.58 31.70 -99.99
C HIS T 63 12.58 31.70 -98.89
N PRO T 64 12.96 32.23 -97.73
CA PRO T 64 12.11 32.17 -96.54
C PRO T 64 10.95 31.23 -96.68
N GLU T 65 9.78 31.71 -96.28
CA GLU T 65 8.64 30.89 -96.49
C GLU T 65 8.55 30.84 -98.00
N ALA T 66 8.17 29.69 -98.54
CA ALA T 66 8.00 29.62 -99.98
C ALA T 66 6.65 29.06 -100.38
N LYS T 67 6.59 28.45 -101.55
CA LYS T 67 5.33 27.96 -102.09
C LYS T 67 4.52 27.06 -101.22
N LEU T 68 3.21 27.05 -101.43
CA LEU T 68 2.34 26.15 -100.70
C LEU T 68 1.32 25.65 -101.70
N VAL T 69 1.43 24.38 -102.08
CA VAL T 69 0.51 23.82 -103.07
C VAL T 69 -0.48 22.78 -102.49
N GLU T 70 -0.96 23.00 -101.27
CA GLU T 70 -1.93 22.08 -100.65
C GLU T 70 -3.15 22.82 -100.19
N PRO T 71 -2.96 23.97 -99.51
CA PRO T 71 -4.15 24.75 -99.19
C PRO T 71 -4.69 24.95 -100.54
N ASN T 72 -3.78 25.16 -101.47
CA ASN T 72 -4.17 25.26 -102.82
C ASN T 72 -4.31 23.81 -103.20
N LYS T 73 -5.30 23.13 -102.62
CA LYS T 73 -5.48 21.71 -102.88
C LYS T 73 -5.12 21.30 -104.30
N VAL T 74 -3.94 20.71 -104.46
CA VAL T 74 -3.53 20.24 -105.77
C VAL T 74 -3.70 18.75 -105.78
N SER T 75 -2.59 18.02 -105.86
CA SER T 75 -2.65 16.58 -105.86
C SER T 75 -1.40 16.07 -105.21
N ALA T 76 -1.48 14.87 -104.67
CA ALA T 76 -0.35 14.34 -103.98
C ALA T 76 0.62 13.75 -104.96
N PHE T 77 1.02 14.53 -105.95
CA PHE T 77 2.03 14.06 -106.88
C PHE T 77 2.76 15.26 -107.44
N ILE T 78 2.08 16.39 -107.52
CA ILE T 78 2.74 17.60 -107.98
C ILE T 78 3.65 18.04 -106.86
N PRO T 79 4.94 18.16 -107.14
CA PRO T 79 5.86 18.46 -106.05
C PRO T 79 5.57 19.77 -105.40
N ASP T 80 6.23 20.03 -104.28
CA ASP T 80 6.04 21.29 -103.58
C ASP T 80 7.37 22.01 -103.48
N PRO T 81 7.50 23.15 -104.13
CA PRO T 81 8.75 23.91 -104.10
C PRO T 81 9.93 23.24 -103.39
N ALA T 82 9.88 23.11 -102.08
CA ALA T 82 10.95 22.49 -101.33
C ALA T 82 11.35 21.16 -101.94
N ARG T 83 10.38 20.37 -102.40
CA ARG T 83 10.67 19.08 -103.00
C ARG T 83 11.45 19.23 -104.30
N VAL T 84 11.06 20.17 -105.17
CA VAL T 84 11.78 20.35 -106.42
C VAL T 84 13.16 20.95 -106.18
N TYR T 85 13.29 21.85 -105.19
CA TYR T 85 14.60 22.40 -104.84
C TYR T 85 15.53 21.31 -104.32
N GLY T 86 15.02 20.44 -103.45
CA GLY T 86 15.82 19.33 -102.95
C GLY T 86 16.20 18.33 -104.03
N CYS T 87 15.28 18.07 -104.97
CA CYS T 87 15.60 17.17 -106.08
C CYS T 87 16.71 17.75 -106.95
N ARG T 88 16.63 19.05 -107.24
CA ARG T 88 17.67 19.71 -108.03
C ARG T 88 19.02 19.66 -107.33
N VAL T 89 19.05 19.97 -106.03
CA VAL T 89 20.34 19.94 -105.36
C VAL T 89 20.84 18.52 -105.10
N LEU T 90 19.96 17.51 -105.07
CA LEU T 90 20.45 16.14 -104.96
C LEU T 90 21.10 15.69 -106.26
N GLU T 91 20.50 16.07 -107.38
CA GLU T 91 21.06 15.69 -108.66
C GLU T 91 22.10 16.69 -109.03
N LEU T 92 22.04 17.87 -108.44
CA LEU T 92 23.08 18.83 -108.72
C LEU T 92 24.33 18.35 -108.03
N THR T 93 24.28 18.31 -106.72
CA THR T 93 25.45 17.89 -105.97
C THR T 93 25.77 16.52 -106.46
N LYS T 94 24.79 15.88 -107.09
CA LYS T 94 24.98 14.55 -107.58
C LYS T 94 26.26 14.52 -108.38
N ASN T 95 26.52 15.61 -109.09
CA ASN T 95 27.71 15.68 -109.93
C ASN T 95 28.83 16.43 -109.25
N GLY T 96 29.28 15.97 -108.10
CA GLY T 96 30.42 16.59 -107.43
C GLY T 96 30.21 17.99 -106.93
N ILE T 97 29.83 18.93 -107.81
CA ILE T 97 29.67 20.34 -107.44
C ILE T 97 29.56 20.66 -105.94
N SER T 98 30.47 21.49 -105.44
CA SER T 98 30.46 21.93 -104.06
C SER T 98 29.04 22.20 -103.58
N GLU T 99 28.84 21.98 -102.27
CA GLU T 99 27.51 22.03 -101.67
C GLU T 99 26.96 23.45 -101.66
N ASP T 100 27.73 24.40 -101.13
CA ASP T 100 27.31 25.79 -101.11
C ASP T 100 27.17 26.41 -102.48
N ASP T 101 28.02 26.02 -103.43
CA ASP T 101 27.88 26.51 -104.79
C ASP T 101 26.62 25.95 -105.44
N ALA T 102 26.28 24.68 -105.15
CA ALA T 102 25.02 24.13 -105.62
C ALA T 102 23.83 24.86 -105.01
N MET T 103 23.91 25.20 -103.73
CA MET T 103 22.86 25.99 -103.10
C MET T 103 22.71 27.37 -103.74
N SER T 104 23.83 28.01 -104.07
CA SER T 104 23.78 29.31 -104.73
C SER T 104 23.16 29.21 -106.12
N VAL T 105 23.56 28.20 -106.91
CA VAL T 105 23.05 28.13 -108.28
C VAL T 105 21.61 27.63 -108.32
N ALA T 106 21.14 26.93 -107.27
CA ALA T 106 19.71 26.65 -107.18
C ALA T 106 18.93 27.86 -106.70
N ASN T 107 19.49 28.65 -105.78
CA ASN T 107 18.85 29.86 -105.29
C ASN T 107 18.66 30.87 -106.43
N MET T 108 19.69 31.03 -107.27
CA MET T 108 19.62 31.97 -108.37
C MET T 108 18.54 31.56 -109.39
N GLU T 109 18.46 30.28 -109.70
CA GLU T 109 17.43 29.84 -110.64
C GLU T 109 16.03 29.89 -110.05
N TYR T 110 15.87 29.66 -108.74
CA TYR T 110 14.57 29.88 -108.11
C TYR T 110 14.15 31.33 -108.18
N LEU T 111 15.09 32.26 -107.96
CA LEU T 111 14.73 33.68 -108.01
C LEU T 111 14.47 34.14 -109.45
N ALA T 112 15.18 33.56 -110.42
CA ALA T 112 14.88 33.83 -111.81
C ALA T 112 13.50 33.31 -112.18
N GLU T 113 13.11 32.16 -111.62
CA GLU T 113 11.76 31.65 -111.82
C GLU T 113 10.72 32.57 -111.17
N ARG T 114 11.03 33.13 -110.00
CA ARG T 114 10.11 34.08 -109.38
C ARG T 114 9.94 35.34 -110.21
N LYS T 115 11.03 35.85 -110.80
CA LYS T 115 10.94 36.98 -111.72
C LYS T 115 10.13 36.63 -112.97
N GLU T 116 10.32 35.40 -113.49
CA GLU T 116 9.55 34.94 -114.65
C GLU T 116 8.07 34.84 -114.34
N LYS T 117 7.72 34.33 -113.15
CA LYS T 117 6.32 34.28 -112.73
C LYS T 117 5.75 35.68 -112.58
N LYS T 118 6.53 36.61 -112.00
CA LYS T 118 6.06 37.98 -111.81
C LYS T 118 5.80 38.68 -113.14
N LYS T 119 6.68 38.50 -114.12
CA LYS T 119 6.45 39.10 -115.42
C LYS T 119 5.32 38.41 -116.17
N ALA T 120 5.08 37.12 -115.92
CA ALA T 120 3.88 36.47 -116.44
C ALA T 120 2.61 37.09 -115.86
N TYR T 121 2.59 37.37 -114.56
CA TYR T 121 1.44 38.05 -113.96
C TYR T 121 1.29 39.48 -114.49
N LYS T 122 2.41 40.15 -114.77
CA LYS T 122 2.34 41.50 -115.32
C LYS T 122 1.76 41.50 -116.73
N ARG T 123 2.14 40.53 -117.56
CA ARG T 123 1.52 40.40 -118.88
C ARG T 123 0.07 39.92 -118.79
N LEU T 124 -0.27 39.18 -117.73
CA LEU T 124 -1.68 38.88 -117.44
C LEU T 124 -2.47 40.15 -117.22
N LYS T 125 -1.94 41.07 -116.41
CA LYS T 125 -2.59 42.36 -116.23
C LYS T 125 -2.55 43.21 -117.49
N GLU T 126 -1.55 43.00 -118.36
CA GLU T 126 -1.47 43.74 -119.62
C GLU T 126 -2.54 43.33 -120.61
N LEU T 127 -2.79 42.02 -120.73
CA LEU T 127 -3.89 41.57 -121.59
C LEU T 127 -5.21 41.45 -120.85
N ALA T 128 -5.25 41.85 -119.58
CA ALA T 128 -6.52 42.01 -118.88
C ALA T 128 -7.05 43.43 -119.06
N THR U 30 26.62 -75.36 -68.74
CA THR U 30 25.86 -74.12 -68.97
C THR U 30 24.76 -74.36 -70.01
N HIS U 31 24.74 -75.55 -70.59
CA HIS U 31 23.76 -75.90 -71.60
C HIS U 31 23.17 -77.27 -71.27
N HIS U 32 22.14 -77.63 -72.04
CA HIS U 32 21.50 -78.92 -71.85
C HIS U 32 22.38 -80.06 -72.35
N ARG U 33 23.05 -79.84 -73.50
CA ARG U 33 23.84 -80.89 -74.13
C ARG U 33 25.04 -81.29 -73.30
N HIS U 34 25.68 -80.31 -72.64
CA HIS U 34 26.85 -80.61 -71.80
C HIS U 34 26.48 -81.50 -70.62
N HIS U 35 25.36 -81.24 -69.97
CA HIS U 35 24.92 -82.08 -68.86
C HIS U 35 24.32 -83.39 -69.33
N GLN U 36 23.86 -83.46 -70.58
CA GLN U 36 23.51 -84.75 -71.15
C GLN U 36 24.73 -85.64 -71.40
N GLU U 37 25.81 -85.05 -71.91
CA GLU U 37 26.94 -85.83 -72.38
C GLU U 37 28.07 -86.00 -71.36
N THR U 38 28.11 -85.22 -70.30
CA THR U 38 29.19 -85.31 -69.31
C THR U 38 28.66 -85.62 -67.93
N HIS U 39 27.59 -86.40 -67.86
CA HIS U 39 27.05 -86.87 -66.58
C HIS U 39 27.31 -88.37 -66.47
N SER U 40 27.99 -88.76 -65.40
CA SER U 40 28.15 -90.18 -65.10
C SER U 40 26.84 -90.70 -64.51
N PHE U 41 26.17 -91.58 -65.24
CA PHE U 41 24.83 -91.98 -64.84
C PHE U 41 24.79 -93.09 -63.81
N LEU U 42 25.92 -93.76 -63.55
CA LEU U 42 26.10 -94.78 -62.51
C LEU U 42 25.29 -96.06 -62.73
N GLU U 43 25.78 -97.15 -62.19
CA GLU U 43 25.17 -98.47 -62.24
C GLU U 43 24.55 -98.80 -60.89
N PRO U 44 23.71 -99.84 -60.81
CA PRO U 44 23.23 -100.28 -59.49
C PRO U 44 24.38 -100.74 -58.61
N GLU U 45 24.46 -100.14 -57.43
CA GLU U 45 25.54 -100.40 -56.50
C GLU U 45 25.37 -101.77 -55.85
N SER U 46 26.47 -102.52 -55.77
CA SER U 46 26.43 -103.82 -55.10
C SER U 46 26.65 -103.72 -53.60
N TYR U 47 26.98 -102.54 -53.09
CA TYR U 47 27.26 -102.39 -51.68
C TYR U 47 25.99 -102.45 -50.84
N ILE U 48 24.83 -102.13 -51.43
CA ILE U 48 23.58 -102.12 -50.68
C ILE U 48 23.19 -103.54 -50.30
N GLY U 49 22.86 -103.74 -49.02
CA GLY U 49 22.40 -105.01 -48.52
C GLY U 49 23.39 -106.17 -48.64
N SER U 50 24.68 -105.88 -48.64
CA SER U 50 25.70 -106.91 -48.82
C SER U 50 26.18 -107.50 -47.50
N TRP U 51 25.49 -107.23 -46.41
CA TRP U 51 25.88 -107.74 -45.10
C TRP U 51 25.43 -109.18 -44.95
N GLU U 52 26.27 -109.97 -44.28
CA GLU U 52 25.93 -111.33 -43.87
C GLU U 52 25.90 -111.39 -42.35
N ALA U 53 25.16 -112.33 -41.81
CA ALA U 53 25.05 -112.45 -40.37
C ALA U 53 26.18 -113.33 -39.83
N PRO U 54 27.06 -112.79 -39.00
CA PRO U 54 28.10 -113.63 -38.38
C PRO U 54 27.52 -114.43 -37.22
N LYS U 55 28.34 -115.37 -36.74
CA LYS U 55 27.92 -116.25 -35.65
C LYS U 55 28.26 -115.69 -34.29
N ASP U 56 29.22 -114.77 -34.20
CA ASP U 56 29.69 -114.26 -32.92
C ASP U 56 29.47 -112.75 -32.85
N PRO U 57 28.81 -112.25 -31.80
CA PRO U 57 28.61 -110.79 -31.69
C PRO U 57 29.89 -109.99 -31.61
N LYS U 58 30.94 -110.52 -30.98
CA LYS U 58 32.20 -109.81 -30.91
C LYS U 58 32.90 -109.75 -32.26
N ASP U 59 32.56 -110.67 -33.17
CA ASP U 59 33.09 -110.60 -34.51
C ASP U 59 32.36 -109.58 -35.37
N ALA U 60 31.04 -109.47 -35.20
CA ALA U 60 30.24 -108.61 -36.06
C ALA U 60 30.61 -107.14 -35.89
N GLU U 61 30.86 -106.71 -34.65
CA GLU U 61 31.26 -105.33 -34.40
C GLU U 61 32.63 -105.02 -34.96
N ARG U 62 33.48 -106.02 -35.15
CA ARG U 62 34.77 -105.79 -35.80
C ARG U 62 34.60 -105.52 -37.28
N MET U 63 33.70 -106.26 -37.93
CA MET U 63 33.38 -105.99 -39.33
C MET U 63 32.60 -104.69 -39.48
N LEU U 64 31.78 -104.34 -38.48
CA LEU U 64 31.09 -103.06 -38.47
C LEU U 64 32.08 -101.91 -38.44
N ALA U 65 33.11 -102.02 -37.59
CA ALA U 65 34.12 -100.98 -37.52
C ALA U 65 35.02 -100.98 -38.76
N GLN U 66 35.20 -102.14 -39.38
CA GLN U 66 35.96 -102.18 -40.63
C GLN U 66 35.18 -101.51 -41.76
N LEU U 67 33.86 -101.66 -41.77
CA LEU U 67 33.04 -100.90 -42.71
C LEU U 67 33.12 -99.41 -42.44
N ARG U 68 33.10 -99.03 -41.15
CA ARG U 68 33.26 -97.62 -40.79
C ARG U 68 34.65 -97.10 -41.14
N ARG U 69 35.67 -97.96 -41.06
CA ARG U 69 37.01 -97.55 -41.47
C ARG U 69 37.11 -97.45 -42.98
N ASP U 70 36.39 -98.31 -43.70
CA ASP U 70 36.44 -98.27 -45.15
C ASP U 70 35.74 -97.03 -45.70
N TYR U 71 34.73 -96.52 -44.98
CA TYR U 71 34.02 -95.33 -45.42
C TYR U 71 34.91 -94.10 -45.40
N ALA U 72 35.78 -93.98 -44.41
CA ALA U 72 36.60 -92.78 -44.27
C ALA U 72 37.71 -92.73 -45.32
N LYS U 73 38.16 -93.88 -45.82
CA LYS U 73 39.19 -93.87 -46.85
C LYS U 73 38.64 -93.38 -48.18
N LYS U 74 37.43 -93.81 -48.53
CA LYS U 74 36.78 -93.33 -49.75
C LYS U 74 36.47 -91.84 -49.67
N VAL U 75 36.18 -91.33 -48.47
CA VAL U 75 35.91 -89.91 -48.29
C VAL U 75 37.15 -89.09 -48.60
N SER U 76 38.30 -89.49 -48.07
CA SER U 76 39.54 -88.75 -48.32
C SER U 76 40.02 -88.93 -49.75
N LEU U 77 39.73 -90.08 -50.37
CA LEU U 77 40.00 -90.23 -51.79
C LEU U 77 39.14 -89.28 -52.62
N TYR U 78 37.87 -89.13 -52.24
CA TYR U 78 37.00 -88.15 -52.90
C TYR U 78 37.46 -86.73 -52.64
N ARG U 79 37.97 -86.46 -51.43
CA ARG U 79 38.48 -85.13 -51.12
C ARG U 79 39.67 -84.78 -52.00
N LYS U 80 40.57 -85.74 -52.22
CA LYS U 80 41.71 -85.49 -53.10
C LYS U 80 41.28 -85.31 -54.55
N ASP U 81 40.18 -85.94 -54.95
CA ASP U 81 39.71 -85.81 -56.33
C ASP U 81 39.06 -84.46 -56.57
N TYR U 82 38.38 -83.91 -55.56
CA TYR U 82 37.77 -82.60 -55.73
C TYR U 82 38.80 -81.49 -55.71
N VAL U 83 39.90 -81.67 -54.98
CA VAL U 83 40.96 -80.65 -54.92
C VAL U 83 41.60 -80.46 -56.28
N HIS U 84 41.78 -81.56 -57.04
CA HIS U 84 42.40 -81.48 -58.35
C HIS U 84 41.57 -80.68 -59.34
N GLU U 85 40.25 -80.88 -59.33
CA GLU U 85 39.39 -80.24 -60.33
C GLU U 85 39.28 -78.74 -60.09
N ILE U 86 39.18 -78.32 -58.84
CA ILE U 86 39.02 -76.90 -58.55
C ILE U 86 40.29 -76.13 -58.88
N GLU U 87 41.46 -76.70 -58.59
CA GLU U 87 42.72 -76.08 -58.98
C GLU U 87 42.87 -76.03 -60.50
N MET U 88 42.44 -77.08 -61.19
CA MET U 88 42.49 -77.06 -62.66
C MET U 88 41.54 -76.02 -63.24
N LEU U 89 40.42 -75.76 -62.58
CA LEU U 89 39.55 -74.65 -63.01
C LEU U 89 40.21 -73.31 -62.78
N ARG U 90 40.84 -73.14 -61.61
CA ARG U 90 41.41 -71.85 -61.23
C ARG U 90 42.56 -71.45 -62.13
N VAL U 91 43.41 -72.40 -62.52
CA VAL U 91 44.55 -72.04 -63.36
C VAL U 91 44.09 -71.63 -64.75
N GLU U 92 43.04 -72.26 -65.27
CA GLU U 92 42.48 -71.87 -66.56
C GLU U 92 41.84 -70.48 -66.50
N LYS U 93 41.14 -70.19 -65.39
CA LYS U 93 40.57 -68.86 -65.21
C LYS U 93 41.68 -67.80 -65.14
N GLN U 94 42.78 -68.11 -64.45
CA GLN U 94 43.89 -67.18 -64.36
C GLN U 94 44.56 -66.92 -65.70
N ARG U 95 44.74 -67.95 -66.52
CA ARG U 95 45.35 -67.73 -67.83
C ARG U 95 44.40 -66.99 -68.77
N LYS U 96 43.07 -67.18 -68.60
CA LYS U 96 42.11 -66.42 -69.38
C LYS U 96 42.17 -64.93 -69.04
N ASP U 97 42.25 -64.61 -67.75
CA ASP U 97 42.40 -63.22 -67.34
C ASP U 97 43.72 -62.63 -67.83
N GLU U 98 44.79 -63.44 -67.81
CA GLU U 98 46.09 -63.00 -68.30
C GLU U 98 46.06 -62.69 -69.80
N ALA U 99 45.29 -63.45 -70.58
CA ALA U 99 45.14 -63.14 -72.00
C ALA U 99 44.36 -61.86 -72.21
N ARG U 100 43.23 -61.71 -71.49
CA ARG U 100 42.38 -60.54 -71.65
C ARG U 100 43.11 -59.25 -71.29
N LEU U 101 43.97 -59.32 -70.26
CA LEU U 101 44.70 -58.14 -69.82
C LEU U 101 45.66 -57.63 -70.89
N VAL U 102 46.45 -58.51 -71.50
CA VAL U 102 47.41 -58.03 -72.51
C VAL U 102 46.70 -57.60 -73.79
N ALA U 103 45.56 -58.23 -74.14
CA ALA U 103 44.79 -57.70 -75.27
C ALA U 103 44.30 -56.27 -75.01
N GLU U 104 43.79 -56.01 -73.80
CA GLU U 104 43.36 -54.67 -73.46
C GLU U 104 44.52 -53.69 -73.40
N ARG U 105 45.69 -54.13 -72.92
CA ARG U 105 46.86 -53.24 -72.89
C ARG U 105 47.31 -52.87 -74.29
N ALA U 106 47.30 -53.81 -75.23
CA ALA U 106 47.66 -53.49 -76.60
C ALA U 106 46.67 -52.50 -77.23
N ALA U 107 45.37 -52.73 -77.02
CA ALA U 107 44.36 -51.82 -77.57
C ALA U 107 44.47 -50.43 -76.98
N ASN U 108 44.74 -50.33 -75.68
CA ASN U 108 44.87 -49.02 -75.05
C ASN U 108 46.14 -48.29 -75.49
N GLU U 109 47.23 -49.03 -75.72
CA GLU U 109 48.42 -48.38 -76.27
C GLU U 109 48.18 -47.83 -77.66
N GLU U 110 47.45 -48.57 -78.50
CA GLU U 110 47.11 -48.05 -79.82
C GLU U 110 46.21 -46.81 -79.75
N ARG U 111 45.22 -46.82 -78.86
CA ARG U 111 44.34 -45.65 -78.71
C ARG U 111 45.12 -44.43 -78.22
N ARG U 112 46.03 -44.64 -77.27
CA ARG U 112 46.90 -43.55 -76.80
C ARG U 112 47.76 -43.01 -77.93
N ARG U 113 48.32 -43.89 -78.74
CA ARG U 113 49.16 -43.47 -79.86
C ARG U 113 48.40 -42.66 -80.89
N LEU U 114 47.14 -43.01 -81.16
CA LEU U 114 46.30 -42.20 -82.06
C LEU U 114 45.98 -40.84 -81.47
N LYS U 115 45.55 -40.81 -80.20
CA LYS U 115 45.13 -39.55 -79.58
C LYS U 115 46.28 -38.58 -79.38
N ALA U 116 47.49 -39.10 -79.12
CA ALA U 116 48.63 -38.21 -78.89
C ALA U 116 48.98 -37.41 -80.13
N GLU U 117 49.01 -38.04 -81.30
CA GLU U 117 49.31 -37.30 -82.51
C GLU U 117 48.15 -36.41 -82.95
N ALA U 118 46.90 -36.81 -82.65
CA ALA U 118 45.79 -35.88 -82.89
C ALA U 118 45.93 -34.60 -82.06
N ALA U 119 46.29 -34.75 -80.78
CA ALA U 119 46.55 -33.58 -79.95
C ALA U 119 47.74 -32.78 -80.47
N LYS U 120 48.77 -33.46 -80.99
CA LYS U 120 49.95 -32.77 -81.51
C LYS U 120 49.61 -31.90 -82.71
N VAL U 121 48.83 -32.42 -83.66
CA VAL U 121 48.48 -31.60 -84.82
C VAL U 121 47.51 -30.48 -84.46
N ARG U 122 46.61 -30.70 -83.48
CA ARG U 122 45.78 -29.60 -83.01
C ARG U 122 46.60 -28.51 -82.34
N ALA U 123 47.60 -28.89 -81.54
CA ALA U 123 48.46 -27.91 -80.91
C ALA U 123 49.32 -27.16 -81.91
N GLU U 124 49.72 -27.80 -83.01
CA GLU U 124 50.47 -27.09 -84.03
C GLU U 124 49.60 -26.19 -84.89
N GLU U 125 48.32 -26.54 -85.11
CA GLU U 125 47.46 -25.65 -85.88
C GLU U 125 46.96 -24.48 -85.06
N ARG U 126 46.97 -24.58 -83.73
CA ARG U 126 46.46 -23.52 -82.86
C ARG U 126 47.34 -22.26 -82.87
N LYS U 127 48.65 -22.44 -83.05
CA LYS U 127 49.60 -21.36 -82.81
C LYS U 127 49.48 -20.23 -83.83
N ILE U 128 49.05 -20.52 -85.06
CA ILE U 128 48.98 -19.47 -86.07
C ILE U 128 47.85 -18.49 -85.77
N PHE U 129 46.69 -18.99 -85.34
CA PHE U 129 45.61 -18.10 -84.93
C PHE U 129 45.97 -17.38 -83.63
N GLN U 130 46.67 -18.06 -82.72
CA GLN U 130 47.08 -17.37 -81.50
C GLN U 130 48.05 -16.22 -81.80
N ASP U 131 49.00 -16.43 -82.71
CA ASP U 131 49.94 -15.37 -83.05
C ASP U 131 49.24 -14.22 -83.78
N GLU U 132 48.33 -14.54 -84.71
CA GLU U 132 47.63 -13.47 -85.41
C GLU U 132 46.71 -12.69 -84.47
N PHE U 133 46.16 -13.35 -83.45
CA PHE U 133 45.38 -12.63 -82.45
C PHE U 133 46.27 -11.76 -81.56
N ARG U 134 47.51 -12.20 -81.31
CA ARG U 134 48.40 -11.45 -80.44
C ARG U 134 48.83 -10.12 -81.07
N LYS U 135 48.99 -10.09 -82.39
CA LYS U 135 49.51 -8.88 -83.04
C LYS U 135 48.50 -7.74 -83.01
N THR U 136 47.21 -8.03 -83.18
CA THR U 136 46.21 -6.98 -83.21
C THR U 136 45.99 -6.36 -81.84
N LEU U 137 46.12 -7.16 -80.78
CA LEU U 137 46.04 -6.61 -79.42
C LEU U 137 47.16 -5.62 -79.14
N MET U 138 48.37 -5.91 -79.64
CA MET U 138 49.45 -4.93 -79.56
C MET U 138 49.15 -3.73 -80.44
N LYS U 139 48.48 -3.93 -81.57
CA LYS U 139 48.16 -2.83 -82.46
C LYS U 139 47.08 -1.93 -81.87
N GLU U 140 46.01 -2.52 -81.34
CA GLU U 140 44.92 -1.74 -80.81
C GLU U 140 45.26 -1.07 -79.48
N ARG U 141 46.25 -1.60 -78.75
CA ARG U 141 46.69 -0.94 -77.52
C ARG U 141 47.56 0.27 -77.81
N ALA U 142 48.35 0.22 -78.88
CA ALA U 142 49.19 1.35 -79.24
C ALA U 142 48.36 2.52 -79.75
N GLU U 143 47.29 2.23 -80.48
CA GLU U 143 46.44 3.31 -81.00
C GLU U 143 45.69 4.02 -79.88
N LYS U 144 45.27 3.28 -78.85
CA LYS U 144 44.68 3.93 -77.68
C LYS U 144 45.71 4.69 -76.88
N LEU U 145 46.96 4.21 -76.87
CA LEU U 145 48.02 4.87 -76.12
C LEU U 145 48.34 6.24 -76.70
N GLU U 146 48.29 6.37 -78.03
CA GLU U 146 48.52 7.67 -78.64
C GLU U 146 47.35 8.61 -78.45
N PHE U 147 46.13 8.07 -78.34
CA PHE U 147 44.97 8.91 -78.08
C PHE U 147 45.03 9.51 -76.68
N TRP U 148 45.58 8.78 -75.71
CA TRP U 148 45.78 9.36 -74.38
C TRP U 148 46.81 10.46 -74.42
N ARG U 149 47.88 10.28 -75.20
CA ARG U 149 48.89 11.31 -75.34
C ARG U 149 48.32 12.56 -76.01
N MET U 150 47.43 12.40 -76.99
CA MET U 150 46.86 13.58 -77.64
C MET U 150 45.97 14.36 -76.69
N THR U 151 45.26 13.66 -75.79
CA THR U 151 44.40 14.34 -74.82
C THR U 151 45.24 15.02 -73.74
N GLY U 152 46.35 14.40 -73.35
CA GLY U 152 47.19 14.97 -72.31
C GLY U 152 47.91 16.23 -72.72
N LEU U 153 48.19 16.38 -74.01
CA LEU U 153 48.83 17.60 -74.48
C LEU U 153 47.85 18.76 -74.53
N LYS U 154 46.62 18.53 -75.02
CA LYS U 154 45.65 19.60 -75.14
C LYS U 154 45.20 20.13 -73.78
N ARG U 155 45.18 19.27 -72.76
CA ARG U 155 44.89 19.75 -71.41
C ARG U 155 46.07 20.53 -70.85
N GLU U 156 47.29 20.08 -71.11
CA GLU U 156 48.47 20.87 -70.76
C GLU U 156 48.52 22.15 -71.57
N GLU U 157 48.05 22.11 -72.82
CA GLU U 157 47.96 23.31 -73.64
C GLU U 157 47.01 24.33 -73.03
N LYS U 158 45.87 23.87 -72.50
CA LYS U 158 44.89 24.79 -71.94
C LYS U 158 45.38 25.42 -70.63
N LYS U 159 46.13 24.66 -69.83
CA LYS U 159 46.60 25.17 -68.55
C LYS U 159 47.64 26.27 -68.74
N LYS U 160 48.50 26.12 -69.75
CA LYS U 160 49.59 27.06 -69.94
C LYS U 160 49.08 28.42 -70.42
N ALA U 161 48.08 28.42 -71.30
CA ALA U 161 47.55 29.69 -71.80
C ALA U 161 46.78 30.45 -70.73
N ARG U 162 46.27 29.75 -69.71
CA ARG U 162 45.70 30.42 -68.55
C ARG U 162 46.76 31.18 -67.78
N LYS U 163 47.93 30.56 -67.61
CA LYS U 163 49.03 31.18 -66.89
C LYS U 163 49.59 32.37 -67.65
N LYS U 164 49.63 32.29 -68.98
CA LYS U 164 50.10 33.41 -69.79
C LYS U 164 49.14 34.59 -69.72
N LEU U 165 47.84 34.33 -69.78
CA LEU U 165 46.86 35.39 -69.64
C LEU U 165 46.89 36.00 -68.25
N LEU U 166 47.12 35.18 -67.22
CA LEU U 166 47.34 35.73 -65.89
C LEU U 166 48.62 36.54 -65.81
N HIS U 167 49.61 36.20 -66.65
CA HIS U 167 50.88 36.92 -66.61
C HIS U 167 50.78 38.29 -67.26
N GLU U 168 50.06 38.38 -68.39
CA GLU U 168 49.92 39.68 -69.04
C GLU U 168 48.89 40.54 -68.34
N GLN U 169 48.03 39.93 -67.51
CA GLN U 169 47.12 40.69 -66.66
C GLN U 169 47.77 41.14 -65.36
N SER U 170 49.01 40.72 -65.10
CA SER U 170 49.68 41.07 -63.86
C SER U 170 50.11 42.52 -63.80
N SER U 171 50.04 43.25 -64.92
CA SER U 171 50.54 44.61 -64.97
C SER U 171 49.66 45.60 -64.23
N LEU U 172 48.45 45.20 -63.82
CA LEU U 172 47.56 46.08 -63.10
C LEU U 172 47.37 45.69 -61.64
N TRP U 173 48.21 44.81 -61.12
CA TRP U 173 48.13 44.45 -59.71
C TRP U 173 48.80 45.55 -58.87
N ILE U 174 48.76 45.37 -57.56
CA ILE U 174 49.09 46.45 -56.62
C ILE U 174 50.35 46.07 -55.85
N GLU U 175 51.36 46.93 -55.90
CA GLU U 175 52.52 46.80 -55.05
C GLU U 175 52.25 47.42 -53.68
N PRO U 176 52.92 46.95 -52.64
CA PRO U 176 52.82 47.62 -51.33
C PRO U 176 53.29 49.06 -51.36
N LYS U 177 54.20 49.42 -52.26
CA LYS U 177 54.63 50.79 -52.44
C LYS U 177 53.70 51.58 -53.35
N GLU U 178 52.65 50.95 -53.88
CA GLU U 178 51.66 51.59 -54.71
C GLU U 178 50.25 51.29 -54.20
N LEU U 179 50.17 50.93 -52.91
CA LEU U 179 48.87 50.67 -52.29
C LEU U 179 48.02 51.93 -52.18
N GLU U 180 48.51 52.94 -51.46
CA GLU U 180 47.73 54.14 -51.18
C GLU U 180 47.42 54.96 -52.42
N LYS U 181 48.35 55.01 -53.37
CA LYS U 181 48.11 55.73 -54.63
C LYS U 181 46.95 55.13 -55.39
N LYS U 182 46.90 53.81 -55.48
CA LYS U 182 45.80 53.15 -56.19
C LYS U 182 44.50 53.22 -55.41
N ILE U 183 44.55 53.23 -54.07
CA ILE U 183 43.32 53.42 -53.29
C ILE U 183 42.74 54.80 -53.56
N THR U 184 43.58 55.84 -53.52
CA THR U 184 43.12 57.19 -53.79
C THR U 184 42.63 57.36 -55.22
N GLU U 185 43.30 56.72 -56.18
CA GLU U 185 42.86 56.82 -57.56
C GLU U 185 41.55 56.09 -57.80
N ALA U 186 41.31 54.97 -57.11
CA ALA U 186 40.01 54.31 -57.18
C ALA U 186 38.92 55.18 -56.58
N LEU U 187 39.23 55.86 -55.46
CA LEU U 187 38.29 56.81 -54.86
C LEU U 187 38.01 57.98 -55.78
N VAL U 188 39.00 58.38 -56.59
CA VAL U 188 38.80 59.43 -57.57
C VAL U 188 37.88 58.93 -58.69
N ASP U 189 38.07 57.68 -59.12
CA ASP U 189 37.26 57.15 -60.21
C ASP U 189 35.79 57.02 -59.81
N SER U 190 35.51 56.21 -58.78
CA SER U 190 34.18 56.12 -58.17
C SER U 190 33.09 55.74 -59.18
N THR U 191 33.18 54.51 -59.66
CA THR U 191 32.31 54.02 -60.72
C THR U 191 30.84 53.98 -60.27
N THR U 192 29.96 53.80 -61.26
CA THR U 192 28.54 53.78 -60.97
C THR U 192 28.14 52.44 -60.35
N LEU U 193 26.88 52.36 -59.93
CA LEU U 193 26.37 51.22 -59.18
C LEU U 193 26.22 49.98 -60.05
N ASP V 97 -63.73 67.96 -25.44
CA ASP V 97 -65.06 68.15 -26.04
C ASP V 97 -65.13 69.46 -26.80
N ASP V 98 -64.04 69.81 -27.48
CA ASP V 98 -63.99 70.96 -28.37
C ASP V 98 -64.37 70.58 -29.79
N LEU V 99 -64.98 69.41 -29.98
CA LEU V 99 -65.39 68.98 -31.31
C LEU V 99 -66.51 69.86 -31.85
N GLU V 100 -67.53 70.10 -31.04
CA GLU V 100 -68.73 70.80 -31.44
C GLU V 100 -68.55 72.32 -31.50
N ALA V 101 -67.40 72.83 -31.08
CA ALA V 101 -67.14 74.26 -31.09
C ALA V 101 -67.15 74.82 -32.50
N GLY V 102 -66.54 74.13 -33.46
CA GLY V 102 -66.53 74.59 -34.83
C GLY V 102 -67.90 74.60 -35.47
N ARG V 103 -68.70 73.55 -35.22
CA ARG V 103 -70.06 73.50 -35.76
C ARG V 103 -70.93 74.59 -35.15
N ALA V 104 -70.83 74.81 -33.83
CA ALA V 104 -71.60 75.87 -33.20
C ALA V 104 -71.16 77.24 -33.67
N LYS V 105 -69.85 77.44 -33.89
CA LYS V 105 -69.33 78.70 -34.39
C LYS V 105 -69.85 79.00 -35.78
N ARG V 106 -69.77 78.02 -36.70
CA ARG V 106 -70.25 78.27 -38.06
C ARG V 106 -71.75 78.41 -38.10
N LEU V 107 -72.48 77.72 -37.22
CA LEU V 107 -73.93 77.90 -37.16
C LEU V 107 -74.29 79.29 -36.67
N ALA V 108 -73.55 79.80 -35.68
CA ALA V 108 -73.80 81.16 -35.20
C ALA V 108 -73.41 82.20 -36.23
N ASP V 109 -72.42 81.91 -37.07
CA ASP V 109 -72.09 82.81 -38.16
C ASP V 109 -73.08 82.75 -39.31
N ASP V 110 -73.72 81.60 -39.52
CA ASP V 110 -74.63 81.44 -40.66
C ASP V 110 -75.95 82.18 -40.48
N GLU V 111 -76.33 82.53 -39.26
CA GLU V 111 -77.57 83.26 -39.07
C GLU V 111 -77.43 84.75 -39.31
N LYS V 112 -76.23 85.24 -39.57
CA LYS V 112 -76.04 86.67 -39.80
C LYS V 112 -76.52 87.10 -41.19
N THR V 113 -76.57 86.18 -42.14
CA THR V 113 -76.92 86.51 -43.52
C THR V 113 -78.05 85.62 -44.01
N PRO V 114 -79.14 86.17 -44.53
CA PRO V 114 -80.34 85.37 -44.85
C PRO V 114 -80.39 84.83 -46.28
N SER V 115 -79.31 84.92 -47.05
CA SER V 115 -79.35 84.37 -48.41
C SER V 115 -79.07 82.88 -48.47
N LEU V 116 -78.79 82.24 -47.33
CA LEU V 116 -78.55 80.80 -47.28
C LEU V 116 -79.80 79.99 -47.01
N ASP V 117 -80.93 80.63 -46.72
CA ASP V 117 -82.16 79.92 -46.38
C ASP V 117 -82.93 79.57 -47.66
N VAL V 118 -82.33 78.69 -48.45
CA VAL V 118 -82.92 78.21 -49.70
C VAL V 118 -82.96 76.70 -49.67
N GLY V 119 -84.05 76.13 -50.17
CA GLY V 119 -84.24 74.70 -50.16
C GLY V 119 -84.17 74.09 -51.54
N PRO V 120 -85.07 73.15 -51.82
CA PRO V 120 -85.05 72.45 -53.11
C PRO V 120 -85.60 73.33 -54.22
N ASN V 121 -84.83 73.41 -55.33
CA ASN V 121 -85.04 74.36 -56.42
C ASN V 121 -85.02 75.81 -55.94
N GLY V 122 -84.23 76.09 -54.91
CA GLY V 122 -84.01 77.46 -54.47
C GLY V 122 -85.17 78.12 -53.77
N ARG V 123 -86.22 77.38 -53.47
CA ARG V 123 -87.36 77.95 -52.74
C ARG V 123 -86.93 78.29 -51.32
N PRO V 124 -87.48 79.37 -50.74
CA PRO V 124 -87.13 79.69 -49.34
C PRO V 124 -87.52 78.58 -48.38
N LEU V 125 -86.61 78.31 -47.44
CA LEU V 125 -86.66 77.08 -46.67
C LEU V 125 -87.68 77.13 -45.53
N PHE V 126 -87.86 78.29 -44.91
CA PHE V 126 -88.70 78.42 -43.73
C PHE V 126 -89.96 79.21 -44.04
N THR V 127 -90.92 79.10 -43.13
CA THR V 127 -92.13 79.88 -43.21
C THR V 127 -91.83 81.34 -42.90
N PRO V 128 -92.63 82.27 -43.43
CA PRO V 128 -92.58 83.64 -42.93
C PRO V 128 -92.98 83.68 -41.46
N ARG V 129 -92.35 84.59 -40.71
CA ARG V 129 -92.53 84.66 -39.27
C ARG V 129 -93.95 85.06 -38.88
N ASP V 130 -94.67 85.73 -39.78
CA ASP V 130 -96.02 86.19 -39.50
C ASP V 130 -97.06 85.07 -39.52
N VAL V 131 -96.67 83.83 -39.78
CA VAL V 131 -97.61 82.72 -39.93
C VAL V 131 -97.58 81.87 -38.66
N THR V 132 -98.76 81.57 -38.13
CA THR V 132 -98.91 80.63 -37.03
C THR V 132 -99.51 79.33 -37.55
N LEU V 133 -99.77 78.40 -36.62
CA LEU V 133 -100.18 77.05 -37.01
C LEU V 133 -101.62 77.00 -37.48
N SER V 134 -102.47 77.94 -37.06
CA SER V 134 -103.87 77.91 -37.46
C SER V 134 -104.08 78.39 -38.88
N LYS V 135 -103.10 79.06 -39.47
CA LYS V 135 -103.24 79.67 -40.79
C LYS V 135 -102.32 79.04 -41.82
N LEU V 136 -101.98 77.76 -41.66
CA LEU V 136 -101.13 77.08 -42.61
C LEU V 136 -101.90 76.79 -43.89
N SER V 137 -101.21 76.92 -45.02
CA SER V 137 -101.81 76.86 -46.34
C SER V 137 -101.28 75.67 -47.12
N GLN V 138 -101.86 75.46 -48.31
CA GLN V 138 -101.34 74.46 -49.23
C GLN V 138 -99.92 74.81 -49.66
N LYS V 139 -99.65 76.11 -49.83
CA LYS V 139 -98.37 76.58 -50.34
C LYS V 139 -97.25 76.46 -49.30
N ASP V 140 -97.58 76.12 -48.07
CA ASP V 140 -96.59 75.92 -47.02
C ASP V 140 -96.07 74.49 -46.95
N ILE V 141 -96.61 73.58 -47.76
CA ILE V 141 -96.16 72.20 -47.76
C ILE V 141 -94.74 72.14 -48.31
N GLY V 142 -93.84 71.51 -47.57
CA GLY V 142 -92.45 71.47 -47.95
C GLY V 142 -91.59 72.55 -47.34
N SER V 143 -92.06 73.21 -46.30
CA SER V 143 -91.29 74.20 -45.58
C SER V 143 -91.12 73.78 -44.13
N TYR V 144 -90.44 74.63 -43.35
CA TYR V 144 -90.10 74.32 -41.98
C TYR V 144 -90.63 75.40 -41.06
N PHE V 145 -91.47 75.00 -40.12
CA PHE V 145 -92.02 75.91 -39.12
C PHE V 145 -91.01 76.07 -38.00
N ASN V 146 -90.56 77.30 -37.80
CA ASN V 146 -89.71 77.62 -36.67
C ASN V 146 -90.53 77.72 -35.41
N PHE V 147 -89.94 77.30 -34.30
CA PHE V 147 -90.58 77.38 -32.99
C PHE V 147 -89.68 78.19 -32.07
N ASP V 148 -90.12 78.30 -30.82
CA ASP V 148 -89.26 78.65 -29.71
C ASP V 148 -89.28 77.47 -28.75
N GLU V 149 -88.15 77.16 -28.13
CA GLU V 149 -88.10 76.00 -27.26
C GLU V 149 -88.85 76.25 -25.96
N ALA V 150 -88.67 77.42 -25.36
CA ALA V 150 -89.40 77.75 -24.14
C ALA V 150 -90.89 77.93 -24.41
N ALA V 151 -91.26 78.53 -25.54
CA ALA V 151 -92.67 78.65 -25.90
C ALA V 151 -93.31 77.29 -26.20
N LEU V 152 -92.56 76.39 -26.85
CA LEU V 152 -93.05 75.05 -27.09
C LEU V 152 -93.25 74.28 -25.79
N LYS V 153 -92.33 74.43 -24.84
CA LYS V 153 -92.51 73.82 -23.53
C LYS V 153 -93.69 74.43 -22.78
N ALA V 154 -93.94 75.72 -22.99
CA ALA V 154 -95.11 76.36 -22.38
C ALA V 154 -96.42 75.81 -22.95
N VAL V 155 -96.48 75.63 -24.26
CA VAL V 155 -97.71 75.11 -24.88
C VAL V 155 -97.90 73.64 -24.54
N LEU V 156 -96.80 72.87 -24.49
CA LEU V 156 -96.85 71.44 -24.15
C LEU V 156 -96.03 71.23 -22.89
N PRO V 157 -96.64 71.41 -21.71
CA PRO V 157 -95.92 71.19 -20.45
C PRO V 157 -96.00 69.77 -19.92
N GLU V 158 -96.73 68.88 -20.59
CA GLU V 158 -96.84 67.50 -20.14
C GLU V 158 -95.58 66.71 -20.46
N GLY V 159 -94.74 67.21 -21.36
CA GLY V 159 -93.55 66.50 -21.76
C GLY V 159 -93.46 66.41 -23.28
N LEU V 160 -92.31 66.78 -23.82
CA LEU V 160 -92.10 66.68 -25.25
C LEU V 160 -91.96 65.22 -25.67
N ALA V 161 -92.42 64.93 -26.89
CA ALA V 161 -92.36 63.57 -27.40
C ALA V 161 -90.92 63.19 -27.73
N SER V 162 -90.67 61.88 -27.69
CA SER V 162 -89.33 61.35 -27.92
C SER V 162 -88.85 61.63 -29.34
N GLY V 163 -89.76 61.57 -30.31
CA GLY V 163 -89.37 61.89 -31.68
C GLY V 163 -88.99 63.34 -31.85
N ILE V 164 -89.73 64.25 -31.20
CA ILE V 164 -89.40 65.66 -31.27
C ILE V 164 -88.06 65.94 -30.61
N GLU V 165 -87.82 65.36 -29.44
CA GLU V 165 -86.54 65.56 -28.76
C GLU V 165 -85.38 64.96 -29.54
N ASP V 166 -85.59 63.79 -30.17
CA ASP V 166 -84.55 63.19 -30.99
C ASP V 166 -84.24 64.01 -32.23
N GLU V 167 -85.27 64.60 -32.86
CA GLU V 167 -85.00 65.48 -34.00
C GLU V 167 -84.30 66.76 -33.56
N PHE V 168 -84.66 67.29 -32.38
CA PHE V 168 -84.09 68.54 -31.92
C PHE V 168 -82.61 68.39 -31.55
N LYS V 169 -82.24 67.31 -30.86
CA LYS V 169 -80.85 67.13 -30.45
C LYS V 169 -79.91 66.92 -31.62
N GLU V 170 -80.41 66.50 -32.77
CA GLU V 170 -79.56 66.26 -33.93
C GLU V 170 -79.63 67.36 -34.98
N SER V 171 -80.72 68.12 -35.03
CA SER V 171 -80.80 69.24 -35.94
C SER V 171 -80.34 70.55 -35.31
N TRP V 172 -80.22 70.60 -33.98
CA TRP V 172 -79.70 71.76 -33.24
C TRP V 172 -80.53 73.02 -33.48
N ARG V 173 -81.81 72.85 -33.77
CA ARG V 173 -82.68 73.97 -34.11
C ARG V 173 -84.13 73.60 -33.86
N PRO V 174 -84.88 74.40 -33.11
CA PRO V 174 -86.30 74.11 -32.91
C PRO V 174 -87.12 74.39 -34.16
N ALA V 175 -87.13 73.45 -35.09
CA ALA V 175 -87.92 73.55 -36.31
C ALA V 175 -88.55 72.22 -36.61
N LEU V 176 -89.71 72.25 -37.26
CA LEU V 176 -90.40 71.03 -37.66
C LEU V 176 -90.88 71.13 -39.09
N LEU V 177 -90.95 70.00 -39.77
CA LEU V 177 -91.36 69.96 -41.17
C LEU V 177 -92.88 70.07 -41.25
N VAL V 178 -93.37 70.88 -42.19
CA VAL V 178 -94.81 70.99 -42.42
C VAL V 178 -95.18 70.05 -43.56
N ARG V 179 -96.11 69.14 -43.29
CA ARG V 179 -96.49 68.11 -44.25
C ARG V 179 -97.97 68.19 -44.57
N LYS V 180 -98.36 67.50 -45.65
CA LYS V 180 -99.75 67.44 -46.06
C LYS V 180 -100.59 66.60 -45.10
N SER V 181 -99.98 65.57 -44.51
CA SER V 181 -100.70 64.67 -43.61
C SER V 181 -101.17 65.37 -42.35
N PHE V 182 -100.41 66.35 -41.84
CA PHE V 182 -100.88 67.11 -40.70
C PHE V 182 -101.96 68.11 -41.10
N LEU V 183 -101.83 68.71 -42.28
CA LEU V 183 -102.81 69.69 -42.74
C LEU V 183 -104.18 69.07 -42.96
N ASP V 184 -104.22 67.87 -43.52
CA ASP V 184 -105.51 67.23 -43.77
C ASP V 184 -106.17 66.78 -42.47
N LEU V 185 -105.38 66.34 -41.50
CA LEU V 185 -105.93 66.02 -40.17
C LEU V 185 -106.47 67.27 -39.47
N ARG V 186 -105.74 68.38 -39.61
CA ARG V 186 -106.20 69.65 -39.02
C ARG V 186 -107.48 70.12 -39.68
N ASP V 187 -107.59 69.98 -41.01
CA ASP V 187 -108.83 70.31 -41.70
C ASP V 187 -109.99 69.40 -41.29
N ASN V 188 -109.71 68.11 -41.08
CA ASN V 188 -110.69 67.17 -40.53
C ASN V 188 -111.24 67.67 -39.20
N PHE V 189 -110.38 68.01 -38.26
CA PHE V 189 -110.90 68.34 -36.94
C PHE V 189 -111.47 69.76 -36.89
N ARG V 190 -111.02 70.66 -37.76
CA ARG V 190 -111.68 71.96 -37.87
C ARG V 190 -113.08 71.83 -38.45
N ARG V 191 -113.27 70.95 -39.44
CA ARG V 191 -114.61 70.67 -39.94
C ARG V 191 -115.49 70.02 -38.88
N ILE V 192 -114.91 69.15 -38.05
CA ILE V 192 -115.69 68.55 -36.96
C ILE V 192 -116.10 69.61 -35.95
N ALA V 193 -115.18 70.54 -35.63
CA ALA V 193 -115.47 71.57 -34.64
C ALA V 193 -116.55 72.52 -35.13
N ASP V 194 -116.33 73.16 -36.28
CA ASP V 194 -117.31 74.15 -36.72
C ASP V 194 -117.55 74.00 -38.22
N PRO V 195 -118.75 73.59 -38.63
CA PRO V 195 -119.02 73.38 -40.05
C PRO V 195 -119.05 74.70 -40.81
N PRO V 196 -118.54 74.71 -42.05
CA PRO V 196 -118.51 75.95 -42.81
C PRO V 196 -119.87 76.32 -43.38
N MET V 197 -120.03 77.61 -43.68
CA MET V 197 -121.25 78.15 -44.28
C MET V 197 -121.45 77.85 -45.77
N GLY V 205 -118.27 66.23 -50.07
CA GLY V 205 -118.35 64.79 -50.10
C GLY V 205 -117.49 64.08 -49.08
N VAL V 206 -116.55 64.80 -48.45
CA VAL V 206 -115.66 64.22 -47.45
C VAL V 206 -116.33 64.39 -46.10
N LYS V 207 -116.81 63.28 -45.53
CA LYS V 207 -117.35 63.31 -44.18
C LYS V 207 -116.20 63.28 -43.20
N PRO V 208 -116.04 64.29 -42.35
CA PRO V 208 -115.01 64.23 -41.31
C PRO V 208 -115.35 63.20 -40.24
N LYS V 209 -114.31 62.69 -39.59
CA LYS V 209 -114.43 61.65 -38.58
C LYS V 209 -114.04 62.20 -37.21
N LYS V 210 -114.87 61.90 -36.20
CA LYS V 210 -114.61 62.40 -34.86
C LYS V 210 -113.48 61.65 -34.17
N GLN V 211 -113.46 60.32 -34.26
CA GLN V 211 -112.49 59.49 -33.57
C GLN V 211 -111.54 58.88 -34.59
N ILE V 212 -110.25 59.16 -34.44
CA ILE V 212 -109.25 58.81 -35.44
C ILE V 212 -108.12 58.04 -34.77
N ILE V 213 -107.81 56.86 -35.32
CA ILE V 213 -106.67 56.06 -34.88
C ILE V 213 -105.59 56.20 -35.93
N LEU V 214 -104.39 56.57 -35.50
CA LEU V 214 -103.25 56.74 -36.40
C LEU V 214 -102.38 55.49 -36.33
N ASP V 215 -102.49 54.64 -37.35
CA ASP V 215 -101.60 53.51 -37.53
C ASP V 215 -100.69 53.82 -38.71
N GLY V 216 -99.62 53.04 -38.86
CA GLY V 216 -98.73 53.23 -39.98
C GLY V 216 -97.40 52.55 -39.78
N PRO V 217 -96.47 52.79 -40.70
CA PRO V 217 -95.13 52.23 -40.54
C PRO V 217 -94.40 52.84 -39.35
N VAL V 218 -93.45 52.05 -38.82
CA VAL V 218 -92.68 52.48 -37.67
C VAL V 218 -91.81 53.68 -38.04
N LYS V 219 -91.73 54.65 -37.13
CA LYS V 219 -90.91 55.85 -37.25
C LYS V 219 -91.27 56.68 -38.48
N SER V 220 -92.55 57.00 -38.60
CA SER V 220 -93.04 57.85 -39.68
C SER V 220 -93.39 59.25 -39.20
N GLY V 221 -93.57 59.46 -37.90
CA GLY V 221 -93.84 60.78 -37.38
C GLY V 221 -95.23 60.95 -36.81
N LYS V 222 -95.85 59.86 -36.35
CA LYS V 222 -97.17 59.93 -35.74
C LYS V 222 -97.15 60.74 -34.45
N SER V 223 -96.12 60.58 -33.63
CA SER V 223 -96.00 61.36 -32.40
C SER V 223 -95.82 62.84 -32.68
N ILE V 224 -95.03 63.19 -33.70
CA ILE V 224 -94.84 64.60 -34.04
C ILE V 224 -96.11 65.20 -34.62
N ALA V 225 -96.84 64.43 -35.45
CA ALA V 225 -98.09 64.93 -36.01
C ALA V 225 -99.14 65.14 -34.93
N LEU V 226 -99.25 64.21 -33.98
CA LEU V 226 -100.19 64.37 -32.88
C LEU V 226 -99.79 65.53 -31.98
N ALA V 227 -98.49 65.74 -31.76
CA ALA V 227 -98.04 66.87 -30.97
C ALA V 227 -98.32 68.20 -31.65
N MET V 228 -98.12 68.28 -32.97
CA MET V 228 -98.48 69.50 -33.69
C MET V 228 -99.98 69.76 -33.71
N LEU V 229 -100.79 68.69 -33.78
CA LEU V 229 -102.23 68.86 -33.69
C LEU V 229 -102.64 69.38 -32.31
N VAL V 230 -102.00 68.87 -31.25
CA VAL V 230 -102.31 69.34 -29.90
C VAL V 230 -101.87 70.79 -29.73
N HIS V 231 -100.73 71.16 -30.33
CA HIS V 231 -100.28 72.55 -30.29
C HIS V 231 -101.27 73.47 -31.01
N TRP V 232 -101.77 73.05 -32.18
CA TRP V 232 -102.76 73.85 -32.90
C TRP V 232 -104.06 73.99 -32.10
N ALA V 233 -104.53 72.89 -31.50
CA ALA V 233 -105.77 72.95 -30.74
C ALA V 233 -105.63 73.84 -29.50
N ARG V 234 -104.48 73.76 -28.83
CA ARG V 234 -104.27 74.63 -27.68
C ARG V 234 -104.04 76.08 -28.09
N ASP V 235 -103.58 76.32 -29.32
CA ASP V 235 -103.57 77.68 -29.84
C ASP V 235 -104.97 78.18 -30.16
N GLU V 236 -105.86 77.27 -30.57
CA GLU V 236 -107.29 77.57 -30.64
C GLU V 236 -107.94 77.68 -29.26
N GLY V 237 -107.23 77.28 -28.21
CA GLY V 237 -107.75 77.43 -26.86
C GLY V 237 -108.85 76.46 -26.51
N TRP V 238 -108.70 75.20 -26.92
CA TRP V 238 -109.68 74.17 -26.58
C TRP V 238 -109.31 73.53 -25.26
N LEU V 239 -110.10 72.54 -24.86
CA LEU V 239 -109.81 71.73 -23.68
C LEU V 239 -109.15 70.45 -24.18
N VAL V 240 -107.82 70.42 -24.12
CA VAL V 240 -107.03 69.34 -24.71
C VAL V 240 -106.42 68.51 -23.58
N LEU V 241 -106.75 67.22 -23.56
CA LEU V 241 -106.12 66.28 -22.66
C LEU V 241 -105.11 65.45 -23.46
N TYR V 242 -103.83 65.67 -23.17
CA TYR V 242 -102.74 65.06 -23.93
C TYR V 242 -102.04 64.03 -23.07
N ALA V 243 -101.94 62.80 -23.58
CA ALA V 243 -101.20 61.73 -22.91
C ALA V 243 -100.03 61.34 -23.79
N PRO V 244 -98.83 61.88 -23.54
CA PRO V 244 -97.71 61.61 -24.44
C PRO V 244 -97.12 60.23 -24.26
N LYS V 245 -97.36 59.57 -23.13
CA LYS V 245 -96.81 58.25 -22.84
C LYS V 245 -97.94 57.40 -22.26
N GLY V 246 -98.63 56.67 -23.13
CA GLY V 246 -99.67 55.78 -22.65
C GLY V 246 -99.14 54.53 -21.96
N ARG V 247 -97.85 54.23 -22.10
CA ARG V 247 -97.25 53.10 -21.41
C ARG V 247 -97.21 53.30 -19.90
N ASP V 248 -97.09 54.55 -19.45
CA ASP V 248 -97.06 54.87 -18.04
C ASP V 248 -98.37 54.57 -17.33
N TRP V 249 -99.49 54.61 -18.04
CA TRP V 249 -100.79 54.32 -17.42
C TRP V 249 -100.92 52.87 -16.99
N THR V 250 -100.22 51.95 -17.65
CA THR V 250 -100.30 50.55 -17.31
C THR V 250 -99.04 50.02 -16.64
N HIS V 251 -97.93 50.75 -16.67
CA HIS V 251 -96.69 50.24 -16.10
C HIS V 251 -96.27 51.04 -14.87
N GLY V 252 -96.04 50.35 -13.77
CA GLY V 252 -95.47 50.94 -12.57
C GLY V 252 -96.51 51.28 -11.53
N GLY V 253 -96.09 51.21 -10.26
CA GLY V 253 -96.93 51.61 -9.15
C GLY V 253 -97.67 50.46 -8.51
N TYR V 254 -98.62 50.82 -7.65
CA TYR V 254 -99.41 49.87 -6.89
C TYR V 254 -100.67 49.53 -7.66
N PHE V 255 -101.26 48.39 -7.31
CA PHE V 255 -102.50 47.94 -7.92
C PHE V 255 -103.34 47.22 -6.88
N TYR V 256 -104.58 47.68 -6.72
CA TYR V 256 -105.51 47.16 -5.73
C TYR V 256 -106.84 46.91 -6.41
N LYS V 257 -107.49 45.82 -6.03
CA LYS V 257 -108.77 45.46 -6.63
C LYS V 257 -109.88 46.30 -6.03
N ASN V 258 -110.71 46.89 -6.89
CA ASN V 258 -111.88 47.63 -6.41
C ASN V 258 -112.90 46.65 -5.85
N GLN V 259 -113.45 46.97 -4.68
CA GLN V 259 -114.34 46.06 -3.98
C GLN V 259 -115.77 46.10 -4.49
N HIS V 260 -116.08 47.00 -5.42
CA HIS V 260 -117.43 47.12 -5.97
C HIS V 260 -117.51 46.76 -7.44
N THR V 261 -116.63 47.31 -8.26
CA THR V 261 -116.69 47.07 -9.71
C THR V 261 -115.93 45.83 -10.15
N GLY V 262 -114.91 45.41 -9.41
CA GLY V 262 -114.07 44.31 -9.83
C GLY V 262 -112.86 44.70 -10.66
N PHE V 263 -112.69 45.99 -10.95
CA PHE V 263 -111.55 46.47 -11.70
C PHE V 263 -110.43 46.84 -10.74
N TRP V 264 -109.32 47.36 -11.27
CA TRP V 264 -108.10 47.54 -10.50
C TRP V 264 -107.74 49.02 -10.44
N ASP V 265 -107.28 49.47 -9.27
CA ASP V 265 -107.04 50.89 -9.01
C ASP V 265 -105.55 51.18 -8.97
N THR V 266 -105.15 52.26 -9.62
CA THR V 266 -103.75 52.66 -9.73
C THR V 266 -103.61 54.11 -9.31
N PRO V 267 -103.42 54.38 -8.02
CA PRO V 267 -103.51 55.77 -7.52
C PRO V 267 -102.38 56.68 -7.96
N LEU V 268 -101.16 56.16 -8.14
CA LEU V 268 -100.05 57.02 -8.54
C LEU V 268 -100.24 57.57 -9.94
N GLN V 269 -100.60 56.70 -10.87
CA GLN V 269 -100.91 57.18 -12.21
C GLN V 269 -102.17 58.01 -12.23
N ALA V 270 -103.14 57.68 -11.37
CA ALA V 270 -104.36 58.46 -11.29
C ALA V 270 -104.11 59.89 -10.83
N GLU V 271 -103.11 60.10 -9.98
CA GLU V 271 -102.79 61.48 -9.59
C GLU V 271 -101.84 62.17 -10.58
N SER V 272 -100.98 61.41 -11.27
CA SER V 272 -100.14 62.04 -12.29
C SER V 272 -100.93 62.49 -13.51
N ILE V 273 -102.02 61.79 -13.85
CA ILE V 273 -102.90 62.25 -14.92
C ILE V 273 -103.48 63.62 -14.58
N LEU V 274 -103.95 63.79 -13.34
CA LEU V 274 -104.54 65.05 -12.91
C LEU V 274 -103.50 66.16 -12.86
N LYS V 275 -102.29 65.84 -12.40
CA LYS V 275 -101.24 66.85 -12.37
C LYS V 275 -100.88 67.33 -13.77
N ASP V 276 -100.75 66.42 -14.73
CA ASP V 276 -100.45 66.85 -16.10
C ASP V 276 -101.63 67.54 -16.76
N PHE V 277 -102.86 67.26 -16.32
CA PHE V 277 -104.01 67.99 -16.84
C PHE V 277 -104.03 69.43 -16.35
N VAL V 278 -103.84 69.63 -15.05
CA VAL V 278 -104.01 70.95 -14.46
C VAL V 278 -102.74 71.80 -14.55
N LYS V 279 -101.62 71.22 -14.98
CA LYS V 279 -100.43 72.03 -15.24
C LYS V 279 -100.68 73.05 -16.36
N PHE V 280 -101.57 72.74 -17.30
CA PHE V 280 -101.95 73.68 -18.34
C PHE V 280 -103.41 74.11 -18.28
N ASN V 281 -104.34 73.20 -17.97
CA ASN V 281 -105.76 73.50 -18.05
C ASN V 281 -106.34 74.08 -16.77
N GLU V 282 -105.51 74.72 -15.94
CA GLU V 282 -106.02 75.35 -14.72
C GLU V 282 -106.96 76.54 -14.96
N PRO V 283 -106.64 77.54 -15.82
CA PRO V 283 -107.55 78.70 -15.88
C PRO V 283 -108.87 78.42 -16.56
N ARG V 284 -108.96 77.39 -17.39
CA ARG V 284 -110.25 77.04 -17.97
C ARG V 284 -111.08 76.22 -16.98
N LEU V 285 -110.42 75.35 -16.22
CA LEU V 285 -111.11 74.57 -15.21
C LEU V 285 -111.54 75.41 -14.02
N ARG V 286 -110.93 76.58 -13.84
CA ARG V 286 -111.49 77.57 -12.92
C ARG V 286 -112.80 78.14 -13.43
N GLU V 287 -112.94 78.32 -14.74
CA GLU V 287 -114.18 78.82 -15.33
C GLU V 287 -115.30 77.79 -15.31
N LEU V 288 -115.00 76.55 -15.67
CA LEU V 288 -116.05 75.56 -15.90
C LEU V 288 -116.67 75.08 -14.58
N ARG V 289 -117.82 74.40 -14.70
CA ARG V 289 -118.57 73.89 -13.57
C ARG V 289 -118.99 72.45 -13.82
N CYS V 290 -119.18 71.69 -12.74
CA CYS V 290 -119.56 70.29 -12.85
C CYS V 290 -121.05 70.14 -13.09
N ASN V 291 -121.42 69.06 -13.75
CA ASN V 291 -122.81 68.79 -14.10
C ASN V 291 -123.40 67.59 -13.39
N VAL V 292 -122.65 66.92 -12.53
CA VAL V 292 -123.18 65.87 -11.67
C VAL V 292 -122.60 66.06 -10.28
N TYR V 293 -123.45 65.93 -9.26
CA TYR V 293 -123.08 66.28 -7.89
C TYR V 293 -123.15 65.09 -6.96
N ASP V 294 -123.03 63.87 -7.49
CA ASP V 294 -123.05 62.68 -6.66
C ASP V 294 -121.77 62.60 -5.82
N PRO V 295 -121.83 61.93 -4.66
CA PRO V 295 -120.62 61.81 -3.84
C PRO V 295 -119.57 60.93 -4.49
N ILE V 296 -118.31 61.30 -4.28
CA ILE V 296 -117.17 60.53 -4.78
C ILE V 296 -116.92 59.39 -3.79
N VAL V 297 -117.08 58.16 -4.25
CA VAL V 297 -116.90 57.00 -3.39
C VAL V 297 -115.41 56.74 -3.22
N LEU V 298 -114.95 56.62 -1.98
CA LEU V 298 -113.53 56.56 -1.72
C LEU V 298 -112.97 55.17 -1.95
N GLY V 299 -111.68 55.12 -2.28
CA GLY V 299 -111.01 53.87 -2.57
C GLY V 299 -109.74 53.70 -1.76
N GLU V 300 -109.06 52.59 -1.97
CA GLU V 300 -107.87 52.27 -1.21
C GLU V 300 -106.72 53.15 -1.62
N GLY V 301 -105.98 53.64 -0.63
CA GLY V 301 -104.89 54.56 -0.90
C GLY V 301 -103.61 53.86 -1.29
N ALA V 302 -102.68 54.67 -1.80
CA ALA V 302 -101.42 54.17 -2.34
C ALA V 302 -100.52 53.77 -1.18
N GLY V 303 -100.73 52.56 -0.69
CA GLY V 303 -99.92 52.01 0.38
C GLY V 303 -100.41 52.33 1.77
N VAL V 304 -101.44 53.17 1.90
CA VAL V 304 -101.97 53.56 3.20
C VAL V 304 -103.33 52.95 3.47
N GLY V 305 -103.84 52.10 2.59
CA GLY V 305 -105.06 51.37 2.80
C GLY V 305 -106.32 52.22 2.68
N TYR V 306 -107.40 51.71 3.28
CA TYR V 306 -108.69 52.41 3.23
C TYR V 306 -108.76 53.47 4.32
N LEU V 307 -109.30 54.64 3.96
CA LEU V 307 -109.48 55.72 4.91
C LEU V 307 -110.53 55.33 5.94
N LYS V 308 -110.23 55.57 7.21
CA LYS V 308 -111.13 55.21 8.29
C LYS V 308 -112.05 56.38 8.59
N GLY V 309 -113.35 56.10 8.67
CA GLY V 309 -114.36 57.10 8.92
C GLY V 309 -114.97 57.74 7.67
N GLN V 310 -114.14 58.03 6.68
CA GLN V 310 -114.61 58.68 5.47
C GLN V 310 -114.86 57.63 4.39
N GLU V 311 -116.12 57.50 3.97
CA GLU V 311 -116.50 56.58 2.91
C GLU V 311 -116.79 57.28 1.59
N THR V 312 -117.39 58.47 1.63
CA THR V 312 -117.67 59.25 0.44
C THR V 312 -117.31 60.70 0.70
N MET V 313 -116.75 61.35 -0.32
CA MET V 313 -116.51 62.78 -0.28
C MET V 313 -117.68 63.50 -0.93
N PRO V 314 -118.39 64.37 -0.21
CA PRO V 314 -119.52 65.07 -0.82
C PRO V 314 -119.07 66.26 -1.66
N ILE V 315 -119.79 66.48 -2.74
CA ILE V 315 -119.48 67.53 -3.72
C ILE V 315 -120.23 68.79 -3.32
N PRO V 316 -119.55 69.92 -3.15
CA PRO V 316 -120.25 71.17 -2.84
C PRO V 316 -121.07 71.67 -4.02
N GLU V 317 -122.05 72.51 -3.70
CA GLU V 317 -122.96 73.04 -4.72
C GLU V 317 -122.23 73.95 -5.71
N ASP V 318 -121.26 74.73 -5.24
CA ASP V 318 -120.52 75.67 -6.08
C ASP V 318 -119.15 75.14 -6.47
N SER V 319 -119.02 73.82 -6.61
CA SER V 319 -117.72 73.21 -6.92
C SER V 319 -117.44 73.29 -8.40
N THR V 320 -116.20 73.64 -8.74
CA THR V 320 -115.76 73.67 -10.12
C THR V 320 -115.05 72.38 -10.48
N LEU V 321 -114.77 72.21 -11.78
CA LEU V 321 -113.91 71.13 -12.22
C LEU V 321 -112.52 71.24 -11.62
N TYR V 322 -112.04 72.48 -11.42
CA TYR V 322 -110.79 72.69 -10.72
C TYR V 322 -110.87 72.23 -9.27
N ASP V 323 -111.99 72.50 -8.59
CA ASP V 323 -112.15 72.01 -7.22
C ASP V 323 -112.15 70.49 -7.17
N LEU V 324 -112.83 69.85 -8.13
CA LEU V 324 -112.85 68.39 -8.18
C LEU V 324 -111.45 67.81 -8.41
N VAL V 325 -110.71 68.36 -9.37
CA VAL V 325 -109.41 67.79 -9.69
C VAL V 325 -108.42 68.07 -8.57
N GLN V 326 -108.49 69.25 -7.95
CA GLN V 326 -107.63 69.53 -6.81
C GLN V 326 -107.95 68.61 -5.63
N MET V 327 -109.22 68.26 -5.44
CA MET V 327 -109.56 67.23 -4.45
C MET V 327 -108.92 65.89 -4.78
N GLY V 328 -108.96 65.51 -6.06
CA GLY V 328 -108.36 64.24 -6.47
C GLY V 328 -106.86 64.22 -6.31
N ILE V 329 -106.20 65.36 -6.55
CA ILE V 329 -104.76 65.45 -6.34
C ILE V 329 -104.41 65.41 -4.86
N ASN V 330 -105.15 66.15 -4.05
CA ASN V 330 -104.79 66.28 -2.63
C ASN V 330 -105.09 65.01 -1.85
N SER V 331 -106.13 64.26 -2.21
CA SER V 331 -106.48 63.04 -1.49
C SER V 331 -106.08 61.84 -2.33
N THR V 332 -105.25 60.96 -1.76
CA THR V 332 -104.83 59.76 -2.45
C THR V 332 -105.84 58.63 -2.35
N HIS V 333 -106.92 58.83 -1.61
CA HIS V 333 -108.01 57.86 -1.54
C HIS V 333 -109.11 58.17 -2.53
N ALA V 334 -108.94 59.19 -3.38
CA ALA V 334 -110.00 59.66 -4.25
C ALA V 334 -109.56 59.82 -5.70
N ALA V 335 -108.29 59.53 -6.01
CA ALA V 335 -107.73 59.89 -7.31
C ALA V 335 -108.36 59.10 -8.45
N VAL V 336 -108.61 57.82 -8.22
CA VAL V 336 -109.17 56.97 -9.28
C VAL V 336 -110.58 57.42 -9.63
N SER V 337 -111.42 57.60 -8.60
CA SER V 337 -112.80 58.02 -8.83
C SER V 337 -112.87 59.43 -9.37
N VAL V 338 -111.91 60.29 -9.02
CA VAL V 338 -111.88 61.63 -9.60
C VAL V 338 -111.51 61.57 -11.07
N VAL V 339 -110.60 60.66 -11.45
CA VAL V 339 -110.26 60.49 -12.87
C VAL V 339 -111.47 59.99 -13.66
N VAL V 340 -112.21 59.01 -13.11
CA VAL V 340 -113.41 58.51 -13.76
C VAL V 340 -114.46 59.61 -13.89
N ARG V 341 -114.66 60.37 -12.81
CA ARG V 341 -115.62 61.46 -12.85
C ARG V 341 -115.21 62.51 -13.88
N LEU V 342 -113.92 62.87 -13.91
CA LEU V 342 -113.42 63.84 -14.87
C LEU V 342 -113.66 63.39 -16.31
N ARG V 343 -113.48 62.10 -16.58
CA ARG V 343 -113.87 61.57 -17.89
C ARG V 343 -115.36 61.74 -18.13
N LYS V 344 -116.18 61.59 -17.09
CA LYS V 344 -117.62 61.77 -17.25
C LYS V 344 -118.02 63.22 -17.54
N GLU V 345 -117.40 64.20 -16.87
CA GLU V 345 -117.73 65.60 -17.18
C GLU V 345 -117.01 66.14 -18.39
N LEU V 346 -116.05 65.41 -18.95
CA LEU V 346 -115.45 65.88 -20.19
C LEU V 346 -116.38 65.73 -21.39
N SER V 347 -117.48 64.99 -21.26
CA SER V 347 -118.40 64.76 -22.36
C SER V 347 -119.64 65.65 -22.31
N LEU V 348 -119.85 66.38 -21.22
CA LEU V 348 -121.01 67.25 -21.06
C LEU V 348 -120.68 68.73 -21.19
N VAL V 349 -119.41 69.08 -21.41
CA VAL V 349 -119.03 70.49 -21.52
C VAL V 349 -119.48 71.03 -22.87
N LYS V 350 -120.16 72.18 -22.85
CA LYS V 350 -120.67 72.80 -24.06
C LYS V 350 -119.97 74.10 -24.42
N ASP V 351 -119.17 74.67 -23.52
CA ASP V 351 -118.58 75.99 -23.77
C ASP V 351 -117.48 75.92 -24.82
N VAL V 352 -116.44 75.13 -24.57
CA VAL V 352 -115.30 75.02 -25.48
C VAL V 352 -115.20 73.60 -26.01
N PRO V 353 -114.69 73.40 -27.23
CA PRO V 353 -114.49 72.03 -27.72
C PRO V 353 -113.42 71.30 -26.93
N VAL V 354 -113.59 69.98 -26.82
CA VAL V 354 -112.76 69.13 -25.99
C VAL V 354 -112.15 68.03 -26.86
N LEU V 355 -110.84 67.86 -26.77
CA LEU V 355 -110.12 66.85 -27.52
C LEU V 355 -109.31 65.98 -26.56
N ILE V 356 -109.36 64.66 -26.78
CA ILE V 356 -108.58 63.70 -26.00
C ILE V 356 -107.60 63.02 -26.93
N ALA V 357 -106.31 63.26 -26.72
CA ALA V 357 -105.25 62.73 -27.58
C ALA V 357 -104.37 61.80 -26.77
N ILE V 358 -104.20 60.58 -27.26
CA ILE V 358 -103.44 59.52 -26.59
C ILE V 358 -102.34 59.07 -27.52
N ASP V 359 -101.12 59.00 -27.01
CA ASP V 359 -100.01 58.36 -27.70
C ASP V 359 -99.79 56.97 -27.12
N GLN V 360 -99.21 56.10 -27.94
CA GLN V 360 -99.04 54.67 -27.63
C GLN V 360 -100.38 54.02 -27.26
N TYR V 361 -101.37 54.27 -28.10
CA TYR V 361 -102.73 53.79 -27.86
C TYR V 361 -102.83 52.28 -27.94
N ASN V 362 -101.88 51.62 -28.60
CA ASN V 362 -101.94 50.16 -28.73
C ASN V 362 -101.55 49.44 -27.44
N ASN V 363 -100.91 50.14 -26.49
CA ASN V 363 -100.54 49.50 -25.23
C ASN V 363 -101.74 49.18 -24.35
N TRP V 364 -102.90 49.76 -24.64
CA TRP V 364 -104.09 49.54 -23.83
C TRP V 364 -104.87 48.32 -24.27
N PHE V 365 -104.38 47.61 -25.29
CA PHE V 365 -105.08 46.44 -25.82
C PHE V 365 -104.35 45.15 -25.52
N THR V 366 -103.31 45.19 -24.69
CA THR V 366 -102.52 44.02 -24.34
C THR V 366 -102.42 43.86 -22.83
N PHE V 367 -101.51 43.01 -22.37
CA PHE V 367 -101.33 42.83 -20.94
C PHE V 367 -100.63 44.03 -20.34
N SER V 368 -100.79 44.17 -19.03
CA SER V 368 -100.09 45.19 -18.25
C SER V 368 -98.95 44.55 -17.48
N GLU V 369 -98.27 45.36 -16.68
CA GLU V 369 -97.15 44.86 -15.88
C GLU V 369 -97.64 44.02 -14.71
N PHE V 370 -98.81 44.32 -14.18
CA PHE V 370 -99.26 43.73 -12.92
C PHE V 370 -99.80 42.32 -13.12
N GLU V 371 -99.63 41.50 -12.08
CA GLU V 371 -100.13 40.14 -12.07
C GLU V 371 -100.90 39.88 -10.78
N GLU V 372 -101.90 39.00 -10.87
CA GLU V 372 -102.76 38.65 -9.75
C GLU V 372 -102.55 37.19 -9.39
N PRO V 373 -102.37 36.86 -8.11
CA PRO V 373 -102.35 35.45 -7.71
C PRO V 373 -103.76 34.86 -7.75
N VAL V 374 -103.92 33.82 -8.56
CA VAL V 374 -105.20 33.11 -8.65
C VAL V 374 -105.14 31.72 -8.06
N THR V 375 -103.98 31.29 -7.58
CA THR V 375 -103.74 29.95 -7.06
C THR V 375 -102.53 30.05 -6.14
N PRO V 376 -102.48 29.31 -5.03
CA PRO V 376 -101.33 29.43 -4.12
C PRO V 376 -99.98 29.03 -4.72
N ARG V 377 -99.94 28.45 -5.91
CA ARG V 377 -98.69 28.17 -6.60
C ARG V 377 -98.63 28.78 -7.99
N SER V 378 -99.50 29.75 -8.29
CA SER V 378 -99.57 30.30 -9.64
C SER V 378 -99.92 31.79 -9.57
N CYS V 379 -99.77 32.45 -10.71
CA CYS V 379 -100.18 33.84 -10.87
C CYS V 379 -100.76 34.02 -12.26
N ARG V 380 -101.64 35.02 -12.39
CA ARG V 380 -102.33 35.28 -13.65
C ARG V 380 -102.10 36.73 -14.06
N PRO V 381 -101.68 36.99 -15.29
CA PRO V 381 -101.52 38.38 -15.74
C PRO V 381 -102.84 39.10 -15.88
N ILE V 382 -102.78 40.42 -15.81
CA ILE V 382 -103.94 41.29 -15.86
C ILE V 382 -103.92 42.03 -17.18
N HIS V 383 -105.05 42.02 -17.89
CA HIS V 383 -105.18 42.78 -19.12
C HIS V 383 -105.21 44.27 -18.83
N ALA V 384 -104.94 45.07 -19.85
CA ALA V 384 -105.02 46.52 -19.70
C ALA V 384 -106.46 47.00 -19.58
N ARG V 385 -107.43 46.24 -20.10
CA ARG V 385 -108.82 46.66 -20.01
C ARG V 385 -109.36 46.61 -18.58
N GLU V 386 -108.73 45.85 -17.69
CA GLU V 386 -109.20 45.69 -16.32
C GLU V 386 -108.73 46.81 -15.41
N LEU V 387 -107.90 47.73 -15.89
CA LEU V 387 -107.56 48.91 -15.11
C LEU V 387 -108.70 49.92 -15.16
N THR V 388 -108.87 50.66 -14.06
CA THR V 388 -109.99 51.60 -13.98
C THR V 388 -109.75 52.82 -14.85
N THR V 389 -108.54 53.37 -14.81
CA THR V 389 -108.25 54.56 -15.60
C THR V 389 -108.14 54.26 -17.09
N VAL V 390 -107.77 53.03 -17.45
CA VAL V 390 -107.83 52.61 -18.85
C VAL V 390 -109.27 52.36 -19.27
N ASN V 391 -110.06 51.74 -18.39
CA ASN V 391 -111.46 51.44 -18.69
C ASN V 391 -112.28 52.71 -18.86
N ALA V 392 -111.90 53.78 -18.17
CA ALA V 392 -112.60 55.04 -18.32
C ALA V 392 -112.35 55.69 -19.67
N PHE V 393 -111.17 55.49 -20.27
CA PHE V 393 -110.76 56.27 -21.42
C PHE V 393 -110.60 55.48 -22.72
N ARG V 394 -110.72 54.15 -22.69
CA ARG V 394 -110.31 53.38 -23.86
C ARG V 394 -111.36 53.33 -24.96
N SER V 395 -112.64 53.31 -24.60
CA SER V 395 -113.68 53.10 -25.61
C SER V 395 -113.84 54.34 -26.49
N MET V 396 -113.93 54.10 -27.80
CA MET V 396 -114.22 55.15 -28.77
C MET V 396 -115.67 55.16 -29.21
N MET V 397 -116.57 54.61 -28.38
CA MET V 397 -118.00 54.61 -28.67
C MET V 397 -118.64 55.76 -27.91
N HIS V 398 -118.46 56.98 -28.43
CA HIS V 398 -119.02 58.18 -27.84
C HIS V 398 -119.12 59.26 -28.91
N ASP V 399 -119.32 60.51 -28.48
CA ASP V 399 -119.48 61.64 -29.37
C ASP V 399 -118.34 62.65 -29.29
N ASP V 400 -117.30 62.37 -28.51
CA ASP V 400 -116.22 63.33 -28.30
C ASP V 400 -115.08 63.10 -29.29
N MET V 401 -114.23 64.11 -29.42
CA MET V 401 -113.12 64.09 -30.37
C MET V 401 -111.94 63.35 -29.74
N MET V 402 -111.62 62.17 -30.26
CA MET V 402 -110.55 61.34 -29.75
C MET V 402 -109.54 61.05 -30.85
N VAL V 403 -108.25 61.13 -30.51
CA VAL V 403 -107.17 60.70 -31.38
C VAL V 403 -106.34 59.68 -30.63
N GLY V 404 -106.11 58.51 -31.24
CA GLY V 404 -105.24 57.51 -30.65
C GLY V 404 -104.15 57.08 -31.60
N ALA V 405 -102.89 57.38 -31.28
CA ALA V 405 -101.79 57.10 -32.19
C ALA V 405 -101.04 55.87 -31.70
N PHE V 406 -100.97 54.84 -32.54
CA PHE V 406 -100.25 53.63 -32.17
C PHE V 406 -98.75 53.89 -32.16
N SER V 407 -98.03 52.97 -31.53
CA SER V 407 -96.58 53.02 -31.53
C SER V 407 -96.03 51.62 -31.79
N HIS V 408 -95.11 51.52 -32.73
CA HIS V 408 -94.43 50.26 -33.02
C HIS V 408 -93.06 50.17 -32.37
N SER V 409 -92.53 51.28 -31.84
CA SER V 409 -91.28 51.23 -31.09
C SER V 409 -91.43 50.40 -29.83
N THR V 410 -92.54 50.57 -29.11
CA THR V 410 -92.85 49.70 -28.00
C THR V 410 -93.28 48.33 -28.52
N ALA V 411 -92.84 47.28 -27.83
CA ALA V 411 -93.00 45.92 -28.35
C ALA V 411 -94.35 45.35 -27.93
N VAL V 412 -95.40 45.89 -28.53
CA VAL V 412 -96.74 45.45 -28.17
C VAL V 412 -97.13 44.19 -28.95
N GLY V 413 -96.71 44.08 -30.21
CA GLY V 413 -96.98 42.89 -30.99
C GLY V 413 -98.12 43.01 -31.98
N LYS V 414 -98.78 41.89 -32.26
CA LYS V 414 -99.86 41.83 -33.23
C LYS V 414 -101.19 42.06 -32.53
N LEU V 415 -102.03 42.89 -33.14
CA LEU V 415 -103.39 43.09 -32.66
C LEU V 415 -104.37 42.76 -33.76
N ARG V 416 -105.65 42.67 -33.41
CA ARG V 416 -106.66 42.35 -34.40
C ARG V 416 -106.92 43.54 -35.30
N LYS V 417 -107.40 43.24 -36.52
CA LYS V 417 -107.78 44.30 -37.43
C LYS V 417 -109.11 44.92 -37.02
N ASP V 418 -109.95 44.16 -36.33
CA ASP V 418 -111.20 44.66 -35.77
C ASP V 418 -111.05 44.74 -34.26
N LEU V 419 -110.49 45.85 -33.79
CA LEU V 419 -110.27 46.03 -32.37
C LEU V 419 -111.60 46.21 -31.64
N PRO V 420 -111.68 45.81 -30.37
CA PRO V 420 -112.91 45.98 -29.62
C PRO V 420 -113.17 47.44 -29.26
N ASP V 421 -114.46 47.76 -29.13
CA ASP V 421 -114.96 49.04 -28.58
C ASP V 421 -114.50 50.25 -29.38
N VAL V 422 -114.20 50.08 -30.66
CA VAL V 422 -113.86 51.19 -31.54
C VAL V 422 -114.65 51.02 -32.82
N PRO V 423 -114.92 52.10 -33.58
CA PRO V 423 -115.56 51.93 -34.88
C PRO V 423 -114.64 51.21 -35.85
N ALA V 424 -115.27 50.54 -36.82
CA ALA V 424 -114.51 49.72 -37.76
C ALA V 424 -113.72 50.57 -38.75
N ASP V 425 -114.17 51.77 -39.05
CA ASP V 425 -113.52 52.63 -40.04
C ASP V 425 -112.58 53.64 -39.42
N ALA V 426 -112.28 53.51 -38.13
CA ALA V 426 -111.54 54.54 -37.41
C ALA V 426 -110.05 54.56 -37.73
N ARG V 427 -109.53 53.52 -38.38
CA ARG V 427 -108.09 53.39 -38.59
C ARG V 427 -107.65 54.17 -39.82
N GLN V 428 -106.55 54.91 -39.68
CA GLN V 428 -105.98 55.67 -40.78
C GLN V 428 -104.50 55.31 -40.93
N ASN V 429 -104.03 55.41 -42.18
CA ASN V 429 -102.65 55.12 -42.53
C ASN V 429 -101.87 56.42 -42.54
N PHE V 430 -100.75 56.45 -41.82
CA PHE V 430 -99.87 57.60 -41.82
C PHE V 430 -98.68 57.29 -42.70
N PRO V 431 -98.59 57.84 -43.90
CA PRO V 431 -97.57 57.40 -44.85
C PRO V 431 -96.19 57.91 -44.50
N ARG V 432 -95.18 57.27 -45.10
CA ARG V 432 -93.80 57.65 -44.90
C ARG V 432 -93.46 58.83 -45.80
N TYR V 433 -92.17 59.19 -45.84
CA TYR V 433 -91.73 60.30 -46.67
C TYR V 433 -91.90 59.97 -48.15
N SER V 434 -92.22 60.98 -48.93
CA SER V 434 -92.17 60.88 -50.38
C SER V 434 -90.88 61.55 -50.85
N LEU V 435 -90.73 61.67 -52.18
CA LEU V 435 -89.51 62.19 -52.77
C LEU V 435 -89.29 63.66 -52.42
N ASP V 436 -90.33 64.49 -52.51
CA ASP V 436 -90.18 65.91 -52.22
C ASP V 436 -89.96 66.16 -50.73
N GLU V 437 -90.62 65.38 -49.87
CA GLU V 437 -90.37 65.50 -48.43
C GLU V 437 -88.94 65.11 -48.09
N ALA V 438 -88.42 64.05 -48.73
CA ALA V 438 -87.03 63.66 -48.52
C ALA V 438 -86.07 64.72 -49.05
N GLU V 439 -86.39 65.33 -50.19
CA GLU V 439 -85.58 66.40 -50.73
C GLU V 439 -85.53 67.59 -49.77
N ALA V 440 -86.68 67.97 -49.22
CA ALA V 440 -86.74 69.08 -48.28
C ALA V 440 -85.99 68.79 -47.00
N VAL V 441 -86.10 67.57 -46.46
CA VAL V 441 -85.39 67.27 -45.22
C VAL V 441 -83.89 67.14 -45.48
N CYS V 442 -83.49 66.68 -46.67
CA CYS V 442 -82.07 66.63 -46.99
C CYS V 442 -81.48 68.02 -47.12
N TYR V 443 -82.18 68.94 -47.77
CA TYR V 443 -81.70 70.31 -47.85
C TYR V 443 -81.73 71.00 -46.48
N TYR V 444 -82.67 70.62 -45.62
CA TYR V 444 -82.70 71.14 -44.26
C TYR V 444 -81.49 70.68 -43.47
N TYR V 445 -81.10 69.42 -43.62
CA TYR V 445 -79.90 68.93 -42.94
C TYR V 445 -78.63 69.53 -43.54
N LEU V 446 -78.67 69.84 -44.85
CA LEU V 446 -77.59 70.60 -45.46
C LEU V 446 -77.46 71.99 -44.87
N ARG V 447 -78.60 72.66 -44.65
CA ARG V 447 -78.60 73.98 -44.02
C ARG V 447 -78.12 73.90 -42.57
N GLN V 448 -78.54 72.87 -41.84
CA GLN V 448 -78.14 72.69 -40.45
C GLN V 448 -76.75 72.08 -40.32
N ARG V 449 -76.09 71.79 -41.45
CA ARG V 449 -74.69 71.36 -41.51
C ARG V 449 -74.49 70.01 -40.81
N LEU V 450 -75.47 69.12 -40.98
CA LEU V 450 -75.30 67.71 -40.63
C LEU V 450 -74.55 66.95 -41.71
N VAL V 451 -74.29 67.58 -42.86
CA VAL V 451 -73.56 66.99 -43.96
C VAL V 451 -72.64 68.06 -44.54
N ARG V 452 -71.60 67.64 -45.24
CA ARG V 452 -70.64 68.57 -45.82
C ARG V 452 -71.11 69.09 -47.16
N ARG V 453 -70.70 70.33 -47.46
CA ARG V 453 -71.10 70.99 -48.69
C ARG V 453 -70.49 70.35 -49.93
N GLU V 454 -69.31 69.74 -49.80
CA GLU V 454 -68.58 69.24 -50.95
C GLU V 454 -68.96 67.83 -51.35
N VAL V 455 -69.85 67.15 -50.61
CA VAL V 455 -70.22 65.78 -50.91
C VAL V 455 -71.70 65.63 -51.23
N PHE V 456 -72.46 66.72 -51.17
CA PHE V 456 -73.90 66.66 -51.38
C PHE V 456 -74.22 66.58 -52.87
N SER V 457 -75.12 65.68 -53.24
CA SER V 457 -75.58 65.58 -54.61
C SER V 457 -76.94 64.90 -54.63
N GLU V 458 -77.61 65.04 -55.78
CA GLU V 458 -78.91 64.43 -56.01
C GLU V 458 -78.83 62.92 -55.86
N GLU V 459 -77.81 62.31 -56.45
CA GLU V 459 -77.59 60.88 -56.36
C GLU V 459 -77.27 60.42 -54.95
N ASN V 460 -76.50 61.20 -54.19
CA ASN V 460 -76.17 60.83 -52.81
C ASN V 460 -77.41 60.81 -51.92
N TRP V 461 -78.20 61.89 -51.93
CA TRP V 461 -79.37 61.87 -51.08
C TRP V 461 -80.44 60.92 -51.58
N LYS V 462 -80.52 60.69 -52.90
CA LYS V 462 -81.43 59.67 -53.39
C LYS V 462 -81.03 58.27 -52.95
N LYS V 463 -79.73 57.97 -52.90
CA LYS V 463 -79.27 56.69 -52.40
C LYS V 463 -79.61 56.50 -50.93
N ILE V 464 -79.40 57.55 -50.12
CA ILE V 464 -79.71 57.43 -48.69
C ILE V 464 -81.20 57.27 -48.47
N TYR V 465 -82.02 58.03 -49.21
CA TYR V 465 -83.46 57.91 -49.10
C TYR V 465 -83.95 56.52 -49.52
N TYR V 466 -83.38 55.98 -50.61
CA TYR V 466 -83.81 54.67 -51.08
C TYR V 466 -83.36 53.56 -50.16
N LEU V 467 -82.23 53.73 -49.47
CA LEU V 467 -81.84 52.74 -48.47
C LEU V 467 -82.75 52.80 -47.27
N ALA V 468 -83.00 53.99 -46.74
CA ALA V 468 -83.79 54.09 -45.51
C ALA V 468 -85.28 53.96 -45.73
N ASN V 469 -85.74 53.93 -47.00
CA ASN V 469 -87.14 53.72 -47.35
C ASN V 469 -88.06 54.77 -46.73
N GLY V 470 -87.56 55.99 -46.62
CA GLY V 470 -88.34 57.07 -46.06
C GLY V 470 -88.44 57.07 -44.56
N ASN V 471 -87.65 56.26 -43.86
CA ASN V 471 -87.66 56.29 -42.41
C ASN V 471 -86.96 57.53 -41.91
N GLY V 472 -87.63 58.25 -41.01
CA GLY V 472 -87.07 59.51 -40.53
C GLY V 472 -85.81 59.32 -39.70
N ALA V 473 -85.86 58.41 -38.73
CA ALA V 473 -84.72 58.20 -37.86
C ALA V 473 -83.54 57.57 -38.60
N GLU V 474 -83.82 56.64 -39.50
CA GLU V 474 -82.75 56.02 -40.28
C GLU V 474 -82.14 57.02 -41.25
N MET V 475 -82.95 57.88 -41.86
CA MET V 475 -82.42 58.94 -42.70
C MET V 475 -81.55 59.90 -41.90
N ARG V 476 -82.02 60.30 -40.72
CA ARG V 476 -81.28 61.22 -39.87
C ARG V 476 -79.96 60.63 -39.41
N TRP V 477 -79.95 59.34 -39.07
CA TRP V 477 -78.72 58.70 -38.63
C TRP V 477 -77.81 58.37 -39.80
N LEU V 478 -78.35 58.27 -41.01
CA LEU V 478 -77.53 57.93 -42.16
C LEU V 478 -76.85 59.14 -42.80
N VAL V 479 -77.50 60.30 -42.82
CA VAL V 479 -76.98 61.43 -43.60
C VAL V 479 -75.61 61.99 -43.21
N PRO V 480 -75.05 61.85 -41.99
CA PRO V 480 -73.65 62.25 -41.82
C PRO V 480 -72.67 61.35 -42.56
N PHE V 481 -73.06 60.13 -42.93
CA PHE V 481 -72.21 59.23 -43.68
C PHE V 481 -72.36 59.39 -45.19
N MET V 482 -72.76 60.58 -45.64
CA MET V 482 -73.03 60.81 -47.06
C MET V 482 -71.75 61.22 -47.76
N ARG V 483 -71.26 60.35 -48.64
CA ARG V 483 -70.11 60.66 -49.48
C ARG V 483 -70.35 60.20 -50.90
N ASP W 293 -74.09 -52.71 -80.12
CA ASP W 293 -75.39 -52.28 -79.62
C ASP W 293 -76.30 -53.46 -79.30
N LYS W 294 -75.70 -54.66 -79.24
CA LYS W 294 -76.48 -55.87 -78.97
C LYS W 294 -76.87 -55.97 -77.50
N LYS W 295 -76.02 -55.45 -76.61
CA LYS W 295 -76.20 -55.67 -75.18
C LYS W 295 -77.46 -55.00 -74.63
N GLU W 296 -77.69 -53.73 -75.00
CA GLU W 296 -78.86 -53.03 -74.48
C GLU W 296 -80.16 -53.57 -75.06
N GLU W 297 -80.16 -54.00 -76.33
CA GLU W 297 -81.38 -54.54 -76.92
C GLU W 297 -81.69 -55.92 -76.37
N GLU W 298 -80.66 -56.73 -76.11
CA GLU W 298 -80.90 -58.03 -75.49
C GLU W 298 -81.34 -57.86 -74.04
N ALA W 299 -80.79 -56.89 -73.32
CA ALA W 299 -81.23 -56.64 -71.96
C ALA W 299 -82.66 -56.14 -71.87
N GLU W 300 -83.05 -55.22 -72.75
CA GLU W 300 -84.44 -54.77 -72.75
C GLU W 300 -85.39 -55.87 -73.21
N GLN W 301 -84.95 -56.75 -74.12
CA GLN W 301 -85.83 -57.84 -74.53
C GLN W 301 -86.00 -58.87 -73.41
N GLU W 302 -84.92 -59.20 -72.70
CA GLU W 302 -85.05 -60.17 -71.62
C GLU W 302 -85.81 -59.58 -70.44
N ALA W 303 -85.73 -58.27 -70.23
CA ALA W 303 -86.58 -57.64 -69.22
C ALA W 303 -88.03 -57.51 -69.67
N LEU W 304 -88.25 -57.25 -70.95
CA LEU W 304 -89.60 -57.04 -71.46
C LEU W 304 -90.40 -58.33 -71.53
N SER W 305 -89.78 -59.41 -72.00
CA SER W 305 -90.45 -60.70 -72.03
C SER W 305 -90.77 -61.22 -70.64
N VAL W 306 -89.84 -61.07 -69.69
CA VAL W 306 -90.13 -61.46 -68.31
C VAL W 306 -91.12 -60.48 -67.66
N PHE W 307 -91.27 -59.26 -68.17
CA PHE W 307 -92.38 -58.46 -67.70
C PHE W 307 -93.71 -58.97 -68.25
N VAL W 308 -93.75 -59.27 -69.54
CA VAL W 308 -94.98 -59.64 -70.21
C VAL W 308 -95.44 -61.06 -69.93
N GLY W 309 -94.58 -61.91 -69.36
CA GLY W 309 -95.01 -63.25 -68.98
C GLY W 309 -95.17 -64.16 -70.19
N ASP W 310 -96.29 -64.88 -70.22
CA ASP W 310 -96.61 -65.78 -71.31
C ASP W 310 -97.85 -65.28 -72.04
N ASN W 311 -97.80 -65.25 -73.36
CA ASN W 311 -98.84 -64.63 -74.18
C ASN W 311 -99.96 -65.59 -74.56
N ALA W 312 -100.20 -66.64 -73.78
CA ALA W 312 -101.34 -67.49 -74.06
C ALA W 312 -102.65 -66.86 -73.57
N ASP W 313 -102.60 -66.18 -72.42
CA ASP W 313 -103.82 -65.78 -71.72
C ASP W 313 -104.54 -64.63 -72.41
N GLY W 314 -103.80 -63.71 -73.02
CA GLY W 314 -104.44 -62.61 -73.74
C GLY W 314 -105.21 -63.09 -74.96
N GLU W 315 -104.63 -64.00 -75.73
CA GLU W 315 -105.34 -64.57 -76.87
C GLU W 315 -106.48 -65.48 -76.43
N LYS W 316 -106.30 -66.20 -75.32
CA LYS W 316 -107.39 -67.00 -74.77
C LYS W 316 -108.56 -66.11 -74.35
N PHE W 317 -108.28 -64.96 -73.76
CA PHE W 317 -109.35 -64.01 -73.45
C PHE W 317 -109.96 -63.43 -74.72
N ALA W 318 -109.14 -63.15 -75.74
CA ALA W 318 -109.64 -62.67 -77.02
C ALA W 318 -110.61 -63.66 -77.65
N LYS W 319 -110.39 -64.96 -77.41
CA LYS W 319 -111.30 -65.98 -77.90
C LYS W 319 -112.50 -66.22 -76.97
N LYS W 320 -112.36 -65.95 -75.67
CA LYS W 320 -113.35 -66.42 -74.69
C LYS W 320 -114.70 -65.73 -74.84
N MET W 321 -114.74 -64.43 -74.61
CA MET W 321 -116.02 -63.74 -74.49
C MET W 321 -116.36 -62.87 -75.70
N GLY W 322 -115.43 -62.06 -76.18
CA GLY W 322 -115.71 -61.18 -77.29
C GLY W 322 -115.03 -59.83 -77.16
N ASP W 323 -115.32 -58.91 -78.09
CA ASP W 323 -114.60 -57.63 -78.11
C ASP W 323 -115.32 -56.46 -77.42
N GLU W 324 -116.60 -56.60 -77.08
CA GLU W 324 -117.33 -55.42 -76.60
C GLU W 324 -117.07 -55.09 -75.13
N ILE W 325 -117.01 -56.08 -74.25
CA ILE W 325 -116.59 -55.78 -72.89
C ILE W 325 -115.09 -55.58 -72.80
N MET W 326 -114.33 -56.05 -73.80
CA MET W 326 -112.96 -55.58 -73.94
C MET W 326 -112.90 -54.10 -74.31
N ALA W 327 -113.82 -53.63 -75.15
CA ALA W 327 -113.90 -52.19 -75.43
C ALA W 327 -114.26 -51.41 -74.17
N LYS W 328 -115.18 -51.94 -73.37
CA LYS W 328 -115.53 -51.32 -72.10
C LYS W 328 -114.33 -51.30 -71.15
N LEU W 329 -113.60 -52.42 -71.07
CA LEU W 329 -112.43 -52.48 -70.21
C LEU W 329 -111.29 -51.61 -70.74
N ALA W 330 -111.22 -51.42 -72.06
CA ALA W 330 -110.22 -50.56 -72.65
C ALA W 330 -110.52 -49.08 -72.36
N GLU W 331 -111.80 -48.70 -72.38
CA GLU W 331 -112.15 -47.35 -71.94
C GLU W 331 -111.90 -47.17 -70.44
N GLY W 332 -112.14 -48.22 -69.65
CA GLY W 332 -111.77 -48.17 -68.25
C GLY W 332 -110.28 -48.02 -68.03
N TYR W 333 -109.47 -48.74 -68.84
CA TYR W 333 -108.02 -48.60 -68.78
C TYR W 333 -107.59 -47.20 -69.22
N GLU W 334 -108.28 -46.63 -70.19
CA GLU W 334 -108.00 -45.27 -70.64
C GLU W 334 -108.25 -44.25 -69.54
N ASP W 335 -109.33 -44.42 -68.77
CA ASP W 335 -109.56 -43.50 -67.67
C ASP W 335 -108.66 -43.79 -66.47
N ILE W 336 -108.11 -45.00 -66.36
CA ILE W 336 -107.04 -45.24 -65.38
C ILE W 336 -105.80 -44.45 -65.76
N CYS W 337 -105.41 -44.50 -67.04
CA CYS W 337 -104.11 -44.01 -67.49
C CYS W 337 -103.94 -42.51 -67.29
N GLU W 338 -105.02 -41.77 -67.06
CA GLU W 338 -104.91 -40.36 -66.69
C GLU W 338 -104.93 -40.16 -65.17
N ARG W 339 -104.87 -41.24 -64.39
CA ARG W 339 -104.58 -41.14 -62.96
C ARG W 339 -103.32 -41.88 -62.57
N ALA W 340 -103.18 -43.14 -62.98
CA ALA W 340 -102.11 -44.00 -62.49
C ALA W 340 -100.75 -43.58 -63.03
N LEU W 341 -100.62 -43.50 -64.34
CA LEU W 341 -99.34 -43.16 -64.93
C LEU W 341 -99.15 -41.63 -64.91
N PRO W 342 -98.06 -41.13 -64.33
CA PRO W 342 -97.86 -39.69 -64.28
C PRO W 342 -97.62 -39.08 -65.65
N SER W 343 -98.11 -37.86 -65.83
CA SER W 343 -97.90 -37.09 -67.04
C SER W 343 -97.38 -35.71 -66.69
N THR W 344 -96.28 -35.33 -67.33
CA THR W 344 -95.69 -34.02 -67.07
C THR W 344 -96.61 -32.90 -67.53
N ALA W 345 -97.28 -33.08 -68.66
CA ALA W 345 -98.22 -32.06 -69.12
C ALA W 345 -99.42 -31.95 -68.20
N HIS W 346 -99.89 -33.07 -67.66
CA HIS W 346 -100.98 -33.04 -66.68
C HIS W 346 -100.57 -32.31 -65.42
N ASP W 347 -99.35 -32.56 -64.93
CA ASP W 347 -98.92 -31.84 -63.73
C ASP W 347 -98.65 -30.37 -63.99
N ALA W 348 -98.17 -30.02 -65.18
CA ALA W 348 -97.95 -28.62 -65.51
C ALA W 348 -99.26 -27.86 -65.68
N LEU W 349 -100.28 -28.48 -66.28
CA LEU W 349 -101.57 -27.81 -66.36
C LEU W 349 -102.24 -27.75 -64.99
N VAL W 350 -101.99 -28.72 -64.11
CA VAL W 350 -102.47 -28.60 -62.73
C VAL W 350 -101.77 -27.43 -62.03
N ASP W 351 -100.48 -27.24 -62.27
CA ASP W 351 -99.76 -26.11 -61.68
C ASP W 351 -100.27 -24.77 -62.19
N ALA W 352 -100.55 -24.67 -63.50
CA ALA W 352 -101.11 -23.42 -64.03
C ALA W 352 -102.50 -23.15 -63.49
N TYR W 353 -103.32 -24.19 -63.34
CA TYR W 353 -104.62 -24.05 -62.68
C TYR W 353 -104.45 -23.61 -61.23
N ASP W 354 -103.46 -24.16 -60.52
CA ASP W 354 -103.19 -23.77 -59.14
C ASP W 354 -102.80 -22.31 -59.04
N THR W 355 -101.98 -21.82 -59.97
CA THR W 355 -101.61 -20.41 -59.99
C THR W 355 -102.81 -19.51 -60.27
N ASN W 356 -103.67 -19.90 -61.22
CA ASN W 356 -104.84 -19.10 -61.53
C ASN W 356 -105.80 -19.03 -60.35
N LEU W 357 -106.03 -20.16 -59.69
CA LEU W 357 -106.89 -20.17 -58.52
C LEU W 357 -106.28 -19.41 -57.35
N MET W 358 -104.96 -19.43 -57.20
CA MET W 358 -104.30 -18.71 -56.12
C MET W 358 -104.44 -17.20 -56.30
N ILE W 359 -104.28 -16.71 -57.53
CA ILE W 359 -104.47 -15.27 -57.74
C ILE W 359 -105.95 -14.91 -57.65
N GLU W 360 -106.83 -15.73 -58.22
CA GLU W 360 -108.24 -15.34 -58.36
C GLU W 360 -108.99 -15.42 -57.02
N CYS W 361 -108.77 -16.48 -56.25
CA CYS W 361 -109.58 -16.80 -55.08
C CYS W 361 -109.01 -16.20 -53.80
N GLU W 362 -108.34 -15.06 -53.90
CA GLU W 362 -107.71 -14.44 -52.73
C GLU W 362 -108.66 -13.46 -52.07
N PRO W 363 -108.91 -13.58 -50.76
CA PRO W 363 -109.83 -12.64 -50.09
C PRO W 363 -109.32 -11.23 -49.98
N GLU W 364 -108.04 -10.97 -50.19
CA GLU W 364 -107.50 -9.63 -50.05
C GLU W 364 -107.55 -8.80 -51.32
N TYR W 365 -107.94 -9.40 -52.44
CA TYR W 365 -107.98 -8.71 -53.73
C TYR W 365 -109.39 -8.36 -54.17
N LEU W 366 -110.39 -8.59 -53.32
CA LEU W 366 -111.79 -8.51 -53.75
C LEU W 366 -112.20 -7.07 -53.97
N MET W 367 -112.79 -6.78 -55.12
CA MET W 367 -113.46 -5.52 -55.34
C MET W 367 -114.79 -5.74 -56.04
N PRO W 368 -115.89 -5.29 -55.43
CA PRO W 368 -117.22 -5.54 -56.00
C PRO W 368 -117.54 -4.64 -57.17
N ASP W 369 -118.80 -4.66 -57.61
CA ASP W 369 -119.23 -3.85 -58.75
C ASP W 369 -119.04 -2.37 -58.46
N PHE W 370 -118.48 -1.67 -59.45
CA PHE W 370 -118.04 -0.29 -59.27
C PHE W 370 -119.16 0.72 -59.48
N GLY W 371 -120.36 0.27 -59.80
CA GLY W 371 -121.49 1.16 -59.93
C GLY W 371 -122.58 0.89 -58.92
N SER W 372 -122.23 0.18 -57.84
CA SER W 372 -123.20 -0.19 -56.82
C SER W 372 -122.80 0.42 -55.49
N ASN W 373 -123.74 0.34 -54.54
CA ASN W 373 -123.67 0.79 -53.17
C ASN W 373 -123.66 -0.41 -52.23
N PRO W 374 -123.14 -0.27 -51.01
CA PRO W 374 -123.17 -1.40 -50.06
C PRO W 374 -124.58 -1.80 -49.66
N ASP W 375 -124.73 -3.07 -49.30
CA ASP W 375 -125.98 -3.58 -48.76
C ASP W 375 -125.90 -3.46 -47.25
N ILE W 376 -126.40 -2.33 -46.74
CA ILE W 376 -126.34 -2.04 -45.31
C ILE W 376 -127.16 -3.05 -44.52
N ASP W 377 -128.35 -3.37 -45.00
CA ASP W 377 -129.28 -4.20 -44.26
C ASP W 377 -128.82 -5.64 -44.15
N GLU W 378 -127.85 -6.05 -44.98
CA GLU W 378 -127.26 -7.40 -44.98
C GLU W 378 -128.32 -8.46 -45.21
N LYS W 379 -128.92 -8.41 -46.40
CA LYS W 379 -129.91 -9.41 -46.78
C LYS W 379 -129.24 -10.77 -46.94
N PRO W 380 -129.91 -11.85 -46.54
CA PRO W 380 -129.31 -13.17 -46.69
C PRO W 380 -129.18 -13.55 -48.15
N PRO W 381 -128.17 -14.34 -48.52
CA PRO W 381 -127.94 -14.62 -49.93
C PRO W 381 -128.96 -15.61 -50.47
N MET W 382 -129.41 -15.37 -51.70
CA MET W 382 -130.30 -16.32 -52.35
C MET W 382 -129.53 -17.60 -52.68
N PRO W 383 -130.26 -18.72 -52.68
CA PRO W 383 -129.61 -20.01 -52.78
C PRO W 383 -129.07 -20.25 -54.20
N LEU W 384 -128.19 -21.24 -54.30
CA LEU W 384 -127.48 -21.50 -55.54
C LEU W 384 -128.39 -22.07 -56.62
N ARG W 385 -129.36 -22.89 -56.23
CA ARG W 385 -130.30 -23.47 -57.20
C ARG W 385 -131.16 -22.39 -57.85
N GLU W 386 -131.63 -21.43 -57.05
CA GLU W 386 -132.34 -20.29 -57.60
C GLU W 386 -131.41 -19.32 -58.32
N CYS W 387 -130.14 -19.26 -57.93
CA CYS W 387 -129.19 -18.38 -58.61
C CYS W 387 -128.88 -18.88 -60.01
N LEU W 388 -128.91 -20.19 -60.23
CA LEU W 388 -128.65 -20.74 -61.54
C LEU W 388 -129.83 -20.64 -62.49
N GLU W 389 -131.02 -20.23 -62.01
CA GLU W 389 -132.20 -20.20 -62.86
C GLU W 389 -132.50 -18.82 -63.44
N LYS W 390 -132.12 -17.75 -62.75
CA LYS W 390 -132.30 -16.41 -63.28
C LYS W 390 -131.19 -16.00 -64.21
N VAL W 391 -130.19 -16.85 -64.40
CA VAL W 391 -129.10 -16.63 -65.34
C VAL W 391 -129.31 -17.43 -66.62
N LYS W 392 -130.44 -18.14 -66.74
CA LYS W 392 -130.62 -19.18 -67.74
C LYS W 392 -130.48 -18.75 -69.20
N PRO W 393 -131.23 -17.75 -69.73
CA PRO W 393 -131.22 -17.57 -71.19
C PRO W 393 -129.91 -17.06 -71.75
N PHE W 394 -129.09 -16.36 -70.96
CA PHE W 394 -127.79 -15.90 -71.42
C PHE W 394 -126.86 -17.08 -71.70
N ILE W 395 -126.73 -18.00 -70.74
CA ILE W 395 -125.82 -19.12 -70.94
C ILE W 395 -126.43 -20.18 -71.84
N VAL W 396 -127.76 -20.23 -71.96
CA VAL W 396 -128.36 -21.06 -73.01
C VAL W 396 -127.99 -20.53 -74.38
N ALA W 397 -128.12 -19.22 -74.60
CA ALA W 397 -127.73 -18.64 -75.87
C ALA W 397 -126.23 -18.66 -76.11
N LEU W 398 -125.43 -18.79 -75.06
CA LEU W 398 -123.98 -18.72 -75.15
C LEU W 398 -123.32 -20.08 -75.31
N GLU W 399 -123.54 -20.99 -74.38
CA GLU W 399 -122.77 -22.21 -74.25
C GLU W 399 -123.18 -23.30 -75.24
N GLY W 400 -124.35 -23.19 -75.86
CA GLY W 400 -124.89 -24.28 -76.65
C GLY W 400 -126.30 -24.62 -76.23
N ILE W 401 -126.48 -25.82 -75.65
CA ILE W 401 -127.74 -26.30 -75.08
C ILE W 401 -128.85 -26.32 -76.13
N LYS W 402 -129.00 -27.44 -76.81
CA LYS W 402 -129.97 -27.52 -77.89
C LYS W 402 -131.39 -27.67 -77.37
N ASP W 403 -131.57 -28.25 -76.17
CA ASP W 403 -132.91 -28.45 -75.62
C ASP W 403 -132.83 -28.58 -74.10
N GLN W 404 -134.00 -28.80 -73.50
CA GLN W 404 -134.14 -28.86 -72.04
C GLN W 404 -133.40 -30.05 -71.45
N GLU W 405 -133.29 -31.15 -72.20
CA GLU W 405 -132.53 -32.30 -71.69
C GLU W 405 -131.04 -31.99 -71.59
N GLU W 406 -130.48 -31.34 -72.60
CA GLU W 406 -129.09 -30.90 -72.52
C GLU W 406 -128.90 -29.90 -71.39
N TRP W 407 -129.88 -29.01 -71.21
CA TRP W 407 -129.82 -28.07 -70.09
C TRP W 407 -129.79 -28.78 -68.75
N GLU W 408 -130.66 -29.77 -68.56
CA GLU W 408 -130.73 -30.45 -67.27
C GLU W 408 -129.50 -31.32 -67.05
N GLU W 409 -128.89 -31.85 -68.11
CA GLU W 409 -127.65 -32.59 -67.95
C GLU W 409 -126.51 -31.67 -67.53
N ALA W 410 -126.46 -30.46 -68.09
CA ALA W 410 -125.49 -29.47 -67.65
C ALA W 410 -125.71 -29.07 -66.18
N ILE W 411 -126.97 -28.87 -65.80
CA ILE W 411 -127.28 -28.56 -64.40
C ILE W 411 -126.90 -29.72 -63.49
N GLY W 412 -127.11 -30.96 -63.94
CA GLY W 412 -126.74 -32.13 -63.15
C GLY W 412 -125.23 -32.21 -62.93
N GLU W 413 -124.44 -32.01 -63.98
CA GLU W 413 -123.00 -32.10 -63.80
C GLU W 413 -122.45 -30.95 -62.95
N ALA W 414 -123.02 -29.74 -63.09
CA ALA W 414 -122.63 -28.64 -62.22
C ALA W 414 -122.99 -28.89 -60.76
N MET W 415 -124.20 -29.38 -60.49
CA MET W 415 -124.64 -29.60 -59.12
C MET W 415 -123.90 -30.75 -58.45
N ALA W 416 -123.55 -31.78 -59.21
CA ALA W 416 -122.77 -32.86 -58.62
C ALA W 416 -121.30 -32.50 -58.46
N GLU W 417 -120.76 -31.61 -59.29
CA GLU W 417 -119.38 -31.16 -59.11
C GLU W 417 -119.25 -30.08 -58.04
N ALA W 418 -120.35 -29.43 -57.67
CA ALA W 418 -120.33 -28.33 -56.69
C ALA W 418 -119.73 -28.65 -55.32
N PRO W 419 -120.00 -29.79 -54.64
CA PRO W 419 -119.54 -29.90 -53.24
C PRO W 419 -118.03 -29.90 -53.03
N ARG W 420 -117.23 -30.39 -53.97
CA ARG W 420 -115.79 -30.36 -53.78
C ARG W 420 -115.17 -29.00 -54.04
N MET W 421 -115.86 -28.13 -54.78
CA MET W 421 -115.40 -26.76 -54.93
C MET W 421 -115.49 -25.99 -53.62
N LYS W 422 -116.40 -26.40 -52.73
CA LYS W 422 -116.43 -25.84 -51.39
C LYS W 422 -115.15 -26.17 -50.63
N GLU W 423 -114.64 -27.40 -50.78
CA GLU W 423 -113.35 -27.76 -50.21
C GLU W 423 -112.20 -27.01 -50.86
N ILE W 424 -112.28 -26.77 -52.18
CA ILE W 424 -111.27 -25.97 -52.87
C ILE W 424 -111.21 -24.55 -52.31
N VAL W 425 -112.35 -23.90 -52.20
CA VAL W 425 -112.37 -22.52 -51.70
C VAL W 425 -112.11 -22.50 -50.19
N ASP W 426 -112.37 -23.61 -49.50
CA ASP W 426 -111.93 -23.71 -48.11
C ASP W 426 -110.41 -23.74 -48.00
N HIS W 427 -109.75 -24.43 -48.91
CA HIS W 427 -108.29 -24.43 -48.91
C HIS W 427 -107.72 -23.08 -49.30
N TYR W 428 -108.34 -22.41 -50.27
CA TYR W 428 -107.75 -21.18 -50.81
C TYR W 428 -108.14 -19.94 -50.00
N SER W 429 -109.45 -19.68 -49.88
CA SER W 429 -109.91 -18.41 -49.33
C SER W 429 -109.67 -18.31 -47.83
N GLY W 430 -109.98 -19.36 -47.09
CA GLY W 430 -109.93 -19.32 -45.65
C GLY W 430 -111.22 -19.84 -45.05
N PRO W 431 -111.37 -19.75 -43.73
CA PRO W 431 -112.61 -20.24 -43.10
C PRO W 431 -113.87 -19.46 -43.48
N ASP W 432 -113.93 -18.18 -43.16
CA ASP W 432 -115.12 -17.33 -43.32
C ASP W 432 -114.72 -15.89 -43.02
N ARG W 433 -115.70 -14.98 -42.98
CA ARG W 433 -115.41 -13.58 -42.67
C ARG W 433 -116.08 -13.09 -41.40
N VAL W 434 -117.40 -13.32 -41.24
CA VAL W 434 -118.24 -12.89 -40.12
C VAL W 434 -118.31 -11.36 -40.03
N THR W 435 -119.47 -10.80 -40.36
CA THR W 435 -119.61 -9.36 -40.50
C THR W 435 -119.54 -8.64 -39.15
N ALA W 436 -119.14 -7.36 -39.22
CA ALA W 436 -118.91 -6.56 -38.02
C ALA W 436 -120.19 -6.26 -37.26
N LYS W 437 -121.35 -6.25 -37.94
CA LYS W 437 -122.61 -6.09 -37.22
C LYS W 437 -122.83 -7.26 -36.26
N LYS W 438 -122.63 -8.49 -36.74
CA LYS W 438 -122.75 -9.65 -35.88
C LYS W 438 -121.66 -9.70 -34.84
N GLN W 439 -120.45 -9.23 -35.19
CA GLN W 439 -119.37 -9.17 -34.20
C GLN W 439 -119.70 -8.23 -33.05
N ASN W 440 -120.22 -7.05 -33.37
CA ASN W 440 -120.63 -6.11 -32.31
C ASN W 440 -121.84 -6.62 -31.55
N GLU W 441 -122.75 -7.33 -32.21
CA GLU W 441 -123.89 -7.91 -31.50
C GLU W 441 -123.43 -8.96 -30.49
N GLU W 442 -122.49 -9.82 -30.87
CA GLU W 442 -121.94 -10.81 -29.94
C GLU W 442 -121.18 -10.14 -28.80
N LEU W 443 -120.40 -9.10 -29.11
CA LEU W 443 -119.66 -8.40 -28.07
C LEU W 443 -120.59 -7.66 -27.12
N ASP W 444 -121.72 -7.15 -27.61
CA ASP W 444 -122.70 -6.54 -26.71
C ASP W 444 -123.42 -7.59 -25.89
N ARG W 445 -123.66 -8.77 -26.46
CA ARG W 445 -124.38 -9.82 -25.75
C ARG W 445 -123.58 -10.37 -24.58
N ILE W 446 -122.29 -10.66 -24.80
CA ILE W 446 -121.46 -11.17 -23.70
C ILE W 446 -121.27 -10.10 -22.63
N ALA W 447 -121.35 -8.82 -23.01
CA ALA W 447 -121.42 -7.75 -22.01
C ALA W 447 -122.74 -7.78 -21.24
N THR W 448 -123.81 -8.27 -21.83
CA THR W 448 -125.04 -8.36 -21.06
C THR W 448 -125.15 -9.65 -20.28
N THR W 449 -124.23 -10.59 -20.49
CA THR W 449 -124.23 -11.85 -19.74
C THR W 449 -123.63 -11.74 -18.34
N VAL W 450 -123.53 -10.53 -17.79
CA VAL W 450 -123.05 -10.37 -16.43
C VAL W 450 -124.10 -10.87 -15.42
N PRO W 451 -123.65 -11.33 -14.26
CA PRO W 451 -124.61 -11.63 -13.18
C PRO W 451 -125.26 -10.36 -12.65
N GLN W 452 -126.46 -10.53 -12.10
CA GLN W 452 -127.20 -9.38 -11.58
C GLN W 452 -126.69 -8.91 -10.22
N SER W 453 -126.11 -9.81 -9.43
CA SER W 453 -125.72 -9.50 -8.05
C SER W 453 -124.49 -8.60 -7.95
N ALA W 454 -123.81 -8.33 -9.06
CA ALA W 454 -122.65 -7.44 -9.07
C ALA W 454 -123.10 -5.99 -8.88
N PRO W 455 -122.19 -5.12 -8.43
CA PRO W 455 -122.50 -3.69 -8.42
C PRO W 455 -122.57 -3.13 -9.83
N ASP W 456 -123.21 -1.96 -9.93
CA ASP W 456 -123.40 -1.31 -11.23
C ASP W 456 -122.10 -0.80 -11.82
N SER W 457 -121.08 -0.56 -10.99
CA SER W 457 -119.78 -0.16 -11.50
C SER W 457 -119.15 -1.24 -12.35
N VAL W 458 -119.30 -2.51 -11.95
CA VAL W 458 -118.76 -3.61 -12.73
C VAL W 458 -119.50 -3.74 -14.07
N LYS W 459 -120.81 -3.51 -14.07
CA LYS W 459 -121.57 -3.57 -15.32
C LYS W 459 -121.18 -2.42 -16.26
N ARG W 460 -120.99 -1.22 -15.71
CA ARG W 460 -120.52 -0.11 -16.53
C ARG W 460 -119.12 -0.36 -17.07
N PHE W 461 -118.27 -0.98 -16.26
CA PHE W 461 -116.93 -1.36 -16.68
C PHE W 461 -116.98 -2.37 -17.82
N ALA W 462 -117.87 -3.35 -17.74
CA ALA W 462 -117.98 -4.36 -18.79
C ALA W 462 -118.51 -3.77 -20.09
N ASP W 463 -119.54 -2.91 -20.00
CA ASP W 463 -120.05 -2.27 -21.20
C ASP W 463 -119.02 -1.32 -21.83
N ARG W 464 -118.25 -0.62 -21.00
CA ARG W 464 -117.22 0.27 -21.55
C ARG W 464 -116.06 -0.52 -22.15
N VAL W 465 -115.66 -1.64 -21.54
CA VAL W 465 -114.62 -2.46 -22.16
C VAL W 465 -115.08 -3.05 -23.47
N ALA W 466 -116.34 -3.49 -23.57
CA ALA W 466 -116.87 -3.93 -24.85
C ALA W 466 -116.92 -2.81 -25.87
N LEU W 467 -117.25 -1.59 -25.44
CA LEU W 467 -117.29 -0.46 -26.36
C LEU W 467 -115.90 -0.11 -26.89
N SER W 468 -114.89 -0.15 -26.04
CA SER W 468 -113.54 0.15 -26.52
C SER W 468 -112.94 -1.01 -27.32
N LEU W 469 -113.40 -2.24 -27.10
CA LEU W 469 -113.00 -3.35 -27.96
C LEU W 469 -113.74 -3.36 -29.29
N LYS W 470 -114.87 -2.67 -29.38
CA LYS W 470 -115.67 -2.67 -30.60
C LYS W 470 -114.94 -2.06 -31.79
N SER W 471 -114.11 -1.04 -31.55
CA SER W 471 -113.48 -0.28 -32.61
C SER W 471 -111.97 -0.55 -32.68
N ASN W 472 -111.56 -1.79 -32.48
CA ASN W 472 -110.15 -2.15 -32.49
C ASN W 472 -109.86 -3.09 -33.66
N PRO W 473 -109.30 -2.60 -34.77
CA PRO W 473 -109.00 -3.49 -35.90
C PRO W 473 -107.74 -4.31 -35.72
N GLY W 474 -106.95 -4.04 -34.69
CA GLY W 474 -105.72 -4.78 -34.47
C GLY W 474 -105.86 -6.03 -33.65
N TRP W 475 -107.08 -6.38 -33.24
CA TRP W 475 -107.34 -7.57 -32.44
C TRP W 475 -108.10 -8.60 -33.25
N GLY W 476 -107.79 -9.87 -33.02
CA GLY W 476 -108.61 -10.92 -33.58
C GLY W 476 -109.92 -11.08 -32.84
N PHE W 477 -110.96 -11.45 -33.59
CA PHE W 477 -112.29 -11.59 -33.00
C PHE W 477 -112.34 -12.71 -31.98
N ASP W 478 -111.55 -13.76 -32.20
CA ASP W 478 -111.42 -14.82 -31.21
C ASP W 478 -110.83 -14.29 -29.91
N LYS W 479 -109.81 -13.44 -30.01
CA LYS W 479 -109.22 -12.81 -28.83
C LYS W 479 -110.19 -11.87 -28.16
N LYS W 480 -111.03 -11.17 -28.94
CA LYS W 480 -112.02 -10.27 -28.38
C LYS W 480 -113.04 -11.03 -27.54
N TYR W 481 -113.64 -12.08 -28.09
CA TYR W 481 -114.63 -12.79 -27.30
C TYR W 481 -113.99 -13.61 -26.18
N GLN W 482 -112.73 -14.04 -26.34
CA GLN W 482 -112.02 -14.65 -25.22
C GLN W 482 -111.82 -13.67 -24.09
N PHE W 483 -111.50 -12.41 -24.41
CA PHE W 483 -111.34 -11.38 -23.40
C PHE W 483 -112.65 -11.12 -22.66
N MET W 484 -113.75 -10.98 -23.40
CA MET W 484 -115.05 -10.76 -22.76
C MET W 484 -115.46 -11.95 -21.90
N ASP W 485 -115.24 -13.18 -22.39
CA ASP W 485 -115.57 -14.37 -21.64
C ASP W 485 -114.77 -14.47 -20.34
N LYS W 486 -113.48 -14.15 -20.39
CA LYS W 486 -112.67 -14.22 -19.18
C LYS W 486 -113.03 -13.12 -18.19
N LEU W 487 -113.42 -11.93 -18.67
CA LEU W 487 -113.89 -10.88 -17.76
C LEU W 487 -115.17 -11.31 -17.04
N VAL W 488 -116.12 -11.87 -17.79
CA VAL W 488 -117.38 -12.32 -17.20
C VAL W 488 -117.13 -13.47 -16.22
N LEU W 489 -116.24 -14.39 -16.57
CA LEU W 489 -115.91 -15.50 -15.67
C LEU W 489 -115.27 -15.01 -14.39
N GLU W 490 -114.38 -14.01 -14.49
CA GLU W 490 -113.71 -13.51 -13.29
C GLU W 490 -114.68 -12.76 -12.38
N VAL W 491 -115.65 -12.05 -12.95
CA VAL W 491 -116.65 -11.41 -12.10
C VAL W 491 -117.60 -12.44 -11.48
N SER W 492 -118.02 -13.43 -12.28
CA SER W 492 -118.91 -14.47 -11.79
C SER W 492 -118.25 -15.38 -10.76
N GLN W 493 -116.92 -15.42 -10.70
CA GLN W 493 -116.24 -16.13 -9.63
C GLN W 493 -116.55 -15.58 -8.25
N ASN W 494 -116.89 -14.30 -8.14
CA ASN W 494 -117.13 -13.68 -6.85
C ASN W 494 -118.52 -13.04 -6.75
N TYR W 495 -119.33 -13.11 -7.79
CA TYR W 495 -120.70 -12.58 -7.71
C TYR W 495 -121.72 -13.64 -8.13
N LYS W 496 -121.63 -14.81 -7.50
CA LYS W 496 -122.57 -15.92 -7.69
C LYS W 496 -124.02 -15.56 -7.38
N SER X 5 -131.07 39.00 -28.71
CA SER X 5 -131.80 39.01 -29.97
C SER X 5 -132.30 37.63 -30.33
N LEU X 6 -133.04 37.54 -31.43
CA LEU X 6 -133.45 36.24 -31.95
C LEU X 6 -132.32 35.55 -32.70
N LYS X 7 -131.42 36.31 -33.31
CA LYS X 7 -130.39 35.74 -34.18
C LYS X 7 -129.40 34.90 -33.39
N ASN X 8 -128.95 35.40 -32.24
CA ASN X 8 -128.01 34.63 -31.44
C ASN X 8 -128.66 33.40 -30.82
N LEU X 9 -129.93 33.50 -30.41
CA LEU X 9 -130.62 32.34 -29.86
C LEU X 9 -130.83 31.26 -30.91
N VAL X 10 -131.24 31.66 -32.13
CA VAL X 10 -131.44 30.67 -33.18
C VAL X 10 -130.10 30.11 -33.68
N THR X 11 -129.01 30.88 -33.62
CA THR X 11 -127.73 30.35 -34.02
C THR X 11 -127.06 29.52 -32.93
N SER X 12 -127.51 29.63 -31.68
CA SER X 12 -126.87 28.92 -30.58
C SER X 12 -127.63 27.70 -30.10
N ALA X 13 -128.96 27.68 -30.19
CA ALA X 13 -129.69 26.52 -29.69
C ALA X 13 -129.75 25.38 -30.68
N VAL X 14 -129.38 25.60 -31.95
CA VAL X 14 -129.45 24.52 -32.93
C VAL X 14 -128.25 23.60 -32.86
N THR X 15 -127.18 24.01 -32.19
CA THR X 15 -125.99 23.19 -32.11
C THR X 15 -125.84 22.44 -30.80
N VAL X 16 -126.91 22.34 -30.03
CA VAL X 16 -126.88 21.69 -28.72
C VAL X 16 -127.30 20.23 -28.84
N GLY X 17 -126.87 19.43 -27.87
CA GLY X 17 -127.13 18.01 -27.90
C GLY X 17 -126.21 17.22 -28.80
N VAL X 18 -125.20 17.86 -29.39
CA VAL X 18 -124.32 17.18 -30.32
C VAL X 18 -123.31 16.28 -29.63
N THR X 19 -123.03 16.51 -28.35
CA THR X 19 -121.90 15.88 -27.67
C THR X 19 -122.10 14.37 -27.52
N GLU X 20 -123.31 13.93 -27.16
CA GLU X 20 -123.54 12.50 -27.05
C GLU X 20 -123.89 11.87 -28.39
N ALA X 21 -124.54 12.63 -29.28
CA ALA X 21 -124.92 12.10 -30.58
C ALA X 21 -123.69 11.82 -31.44
N ARG X 22 -122.67 12.67 -31.35
CA ARG X 22 -121.43 12.43 -32.09
C ARG X 22 -120.74 11.16 -31.61
N ALA X 23 -120.70 10.95 -30.30
CA ALA X 23 -120.11 9.73 -29.78
C ALA X 23 -120.92 8.50 -30.15
N ARG X 24 -122.24 8.62 -30.22
CA ARG X 24 -123.05 7.49 -30.65
C ARG X 24 -122.85 7.17 -32.13
N ILE X 25 -122.73 8.19 -32.98
CA ILE X 25 -122.55 7.96 -34.41
C ILE X 25 -121.17 7.38 -34.68
N PHE X 26 -120.12 7.94 -34.08
CA PHE X 26 -118.77 7.54 -34.42
C PHE X 26 -118.20 6.48 -33.48
N GLY X 27 -118.94 6.03 -32.48
CA GLY X 27 -118.45 4.98 -31.62
C GLY X 27 -117.41 5.41 -30.62
N HIS X 28 -117.29 6.70 -30.35
CA HIS X 28 -116.28 7.20 -29.43
C HIS X 28 -116.59 6.81 -28.00
N MET X 29 -115.56 6.84 -27.15
CA MET X 29 -115.70 6.64 -25.73
C MET X 29 -115.71 8.00 -25.04
N LEU X 30 -116.71 8.23 -24.21
CA LEU X 30 -116.89 9.50 -23.51
C LEU X 30 -116.47 9.36 -22.06
N ASN X 31 -115.55 10.21 -21.62
CA ASN X 31 -115.14 10.30 -20.22
C ASN X 31 -115.12 11.77 -19.83
N PRO X 32 -116.18 12.27 -19.20
CA PRO X 32 -116.28 13.71 -18.97
C PRO X 32 -115.46 14.21 -17.80
N THR X 33 -115.11 13.34 -16.87
CA THR X 33 -114.42 13.76 -15.65
C THR X 33 -112.92 13.50 -15.69
N GLY X 34 -112.41 12.85 -16.72
CA GLY X 34 -110.98 12.66 -16.87
C GLY X 34 -110.32 11.74 -15.86
N GLN X 35 -110.98 10.68 -15.44
CA GLN X 35 -110.31 9.67 -14.62
C GLN X 35 -109.42 8.80 -15.50
N ARG X 36 -108.48 8.12 -14.85
CA ARG X 36 -107.64 7.17 -15.56
C ARG X 36 -108.46 5.96 -15.99
N SER X 37 -108.40 5.64 -17.28
CA SER X 37 -109.25 4.64 -17.90
C SER X 37 -108.42 3.65 -18.70
N PRO X 38 -108.87 2.40 -18.79
CA PRO X 38 -108.11 1.39 -19.57
C PRO X 38 -108.35 1.44 -21.07
N HIS X 39 -109.10 2.41 -21.57
CA HIS X 39 -109.36 2.52 -23.00
C HIS X 39 -108.08 2.78 -23.78
N LYS X 40 -107.18 3.60 -23.24
CA LYS X 40 -105.94 3.93 -23.92
C LYS X 40 -105.00 2.74 -24.04
N ILE X 41 -105.07 1.78 -23.11
CA ILE X 41 -104.22 0.60 -23.21
C ILE X 41 -104.91 -0.57 -23.87
N LEU X 42 -106.24 -0.55 -24.01
CA LEU X 42 -106.92 -1.57 -24.78
C LEU X 42 -107.09 -1.20 -26.24
N ARG X 43 -106.80 0.04 -26.62
CA ARG X 43 -106.90 0.41 -28.03
C ARG X 43 -105.67 0.06 -28.85
N LYS X 44 -104.65 -0.56 -28.26
CA LYS X 44 -103.42 -0.87 -28.98
C LYS X 44 -103.36 -2.34 -29.36
N LYS X 45 -102.55 -2.63 -30.36
CA LYS X 45 -102.50 -3.98 -30.88
C LYS X 45 -101.91 -4.98 -29.97
N LEU X 46 -102.05 -6.24 -30.32
CA LEU X 46 -101.53 -7.29 -29.49
C LEU X 46 -100.27 -7.82 -30.12
N PHE X 47 -99.13 -7.27 -29.74
CA PHE X 47 -97.85 -7.62 -30.34
C PHE X 47 -97.22 -8.87 -29.79
N GLY X 48 -98.02 -9.85 -29.43
CA GLY X 48 -97.45 -11.03 -28.84
C GLY X 48 -96.95 -11.94 -29.90
N ASP X 49 -97.79 -12.22 -30.88
CA ASP X 49 -97.40 -13.10 -31.95
C ASP X 49 -96.17 -12.58 -32.68
N LYS X 50 -96.19 -11.33 -33.09
CA LYS X 50 -95.06 -10.76 -33.75
C LYS X 50 -93.79 -11.11 -33.03
N VAL X 51 -93.79 -10.97 -31.72
CA VAL X 51 -92.63 -11.28 -30.93
C VAL X 51 -92.29 -12.74 -31.03
N ALA X 52 -93.26 -13.63 -31.12
CA ALA X 52 -92.88 -15.05 -31.16
C ALA X 52 -92.25 -15.49 -32.48
N GLU X 53 -92.27 -14.66 -33.52
CA GLU X 53 -91.72 -15.05 -34.82
C GLU X 53 -90.30 -14.55 -35.04
N TRP X 54 -89.59 -14.18 -33.98
CA TRP X 54 -88.28 -13.53 -34.14
C TRP X 54 -87.24 -14.51 -34.66
N TYR X 55 -87.27 -15.75 -34.19
CA TYR X 55 -86.32 -16.74 -34.65
C TYR X 55 -86.95 -17.61 -35.72
N PRO X 56 -86.50 -17.54 -36.96
CA PRO X 56 -87.18 -18.24 -38.05
C PRO X 56 -86.78 -19.71 -38.11
N TYR X 57 -87.28 -20.37 -39.15
CA TYR X 57 -87.04 -21.79 -39.38
C TYR X 57 -86.00 -21.96 -40.48
N ASP X 58 -85.11 -22.93 -40.31
CA ASP X 58 -84.04 -23.18 -41.24
C ASP X 58 -84.48 -24.21 -42.28
N ILE X 59 -84.44 -23.82 -43.55
CA ILE X 59 -84.94 -24.68 -44.62
C ILE X 59 -84.03 -25.88 -44.89
N LYS X 60 -82.84 -25.90 -44.33
CA LYS X 60 -81.99 -27.08 -44.44
C LYS X 60 -82.51 -28.26 -43.63
N ASN X 61 -83.45 -28.03 -42.72
CA ASN X 61 -83.90 -29.11 -41.84
C ASN X 61 -84.82 -30.09 -42.55
N GLU X 62 -85.42 -29.71 -43.66
CA GLU X 62 -86.37 -30.61 -44.30
C GLU X 62 -85.70 -31.64 -45.20
N ASP X 63 -84.62 -31.27 -45.88
CA ASP X 63 -83.87 -32.24 -46.68
C ASP X 63 -83.17 -33.22 -45.76
N PRO X 64 -83.44 -34.53 -45.85
CA PRO X 64 -82.81 -35.47 -44.91
C PRO X 64 -81.39 -35.87 -45.26
N ASN X 65 -80.90 -35.53 -46.45
CA ASN X 65 -79.53 -35.89 -46.81
C ASN X 65 -78.52 -35.13 -45.98
N VAL X 66 -78.70 -33.81 -45.88
CA VAL X 66 -77.69 -32.95 -45.25
C VAL X 66 -77.57 -33.19 -43.76
N LEU X 67 -78.67 -33.48 -43.07
CA LEU X 67 -78.58 -33.84 -41.66
C LEU X 67 -77.88 -35.18 -41.48
N ALA X 68 -78.07 -36.10 -42.42
CA ALA X 68 -77.36 -37.38 -42.38
C ALA X 68 -75.85 -37.19 -42.54
N ARG X 69 -75.44 -36.32 -43.48
CA ARG X 69 -74.00 -36.05 -43.63
C ARG X 69 -73.43 -35.32 -42.43
N GLU X 70 -74.20 -34.39 -41.83
CA GLU X 70 -73.74 -33.71 -40.62
C GLU X 70 -73.58 -34.67 -39.46
N GLU X 71 -74.53 -35.59 -39.28
CA GLU X 71 -74.41 -36.57 -38.20
C GLU X 71 -73.30 -37.56 -38.47
N LYS X 72 -73.05 -37.90 -39.73
CA LYS X 72 -71.90 -38.73 -40.07
C LYS X 72 -70.59 -38.03 -39.72
N GLU X 73 -70.50 -36.72 -39.98
CA GLU X 73 -69.29 -35.97 -39.60
C GLU X 73 -69.12 -35.88 -38.10
N ARG X 74 -70.22 -35.70 -37.36
CA ARG X 74 -70.14 -35.69 -35.90
C ARG X 74 -69.68 -37.04 -35.36
N LEU X 75 -70.23 -38.12 -35.90
CA LEU X 75 -69.83 -39.46 -35.49
C LEU X 75 -68.38 -39.73 -35.85
N SER X 76 -67.95 -39.28 -37.03
CA SER X 76 -66.57 -39.51 -37.47
C SER X 76 -65.57 -38.77 -36.60
N LYS X 77 -65.87 -37.53 -36.23
CA LYS X 77 -65.03 -36.80 -35.27
C LYS X 77 -65.00 -37.51 -33.92
N LEU X 78 -66.15 -38.00 -33.46
CA LEU X 78 -66.21 -38.70 -32.19
C LEU X 78 -65.37 -39.97 -32.22
N GLU X 79 -65.38 -40.68 -33.34
CA GLU X 79 -64.59 -41.90 -33.45
C GLU X 79 -63.11 -41.59 -33.54
N MET X 80 -62.74 -40.50 -34.21
CA MET X 80 -61.33 -40.12 -34.26
C MET X 80 -60.82 -39.65 -32.89
N LEU X 81 -61.72 -39.17 -32.03
CA LEU X 81 -61.37 -38.95 -30.63
C LEU X 81 -61.33 -40.25 -29.83
N LYS X 82 -62.24 -41.18 -30.12
CA LYS X 82 -62.34 -42.41 -29.35
C LYS X 82 -61.20 -43.37 -29.63
N ARG X 83 -60.61 -43.31 -30.81
CA ARG X 83 -59.54 -44.24 -31.16
C ARG X 83 -58.22 -43.93 -30.47
N ARG X 84 -58.12 -42.82 -29.73
CA ARG X 84 -56.92 -42.48 -28.99
C ARG X 84 -57.19 -42.28 -27.51
N ASN X 85 -58.34 -42.77 -27.03
CA ASN X 85 -58.71 -42.75 -25.60
C ASN X 85 -58.75 -41.33 -25.03
N LYS X 86 -59.36 -40.41 -25.79
CA LYS X 86 -59.60 -39.06 -25.33
C LYS X 86 -61.08 -38.70 -25.37
N GLY X 87 -61.95 -39.70 -25.45
CA GLY X 87 -63.37 -39.47 -25.43
C GLY X 87 -63.87 -39.14 -24.05
N PRO X 88 -65.17 -38.83 -23.97
CA PRO X 88 -65.76 -38.49 -22.69
C PRO X 88 -65.76 -39.69 -21.76
N PRO X 89 -65.65 -39.47 -20.45
CA PRO X 89 -65.68 -40.58 -19.50
C PRO X 89 -67.11 -41.08 -19.30
N GLN X 90 -67.24 -42.07 -18.43
CA GLN X 90 -68.54 -42.57 -18.06
C GLN X 90 -69.24 -41.57 -17.16
N LYS X 91 -70.53 -41.34 -17.42
CA LYS X 91 -71.30 -40.41 -16.60
C LYS X 91 -71.47 -40.99 -15.20
N GLY X 92 -71.12 -40.20 -14.20
CA GLY X 92 -71.03 -40.70 -12.85
C GLY X 92 -69.70 -41.33 -12.49
N HIS X 93 -68.78 -41.42 -13.44
CA HIS X 93 -67.45 -41.99 -13.21
C HIS X 93 -66.37 -41.02 -13.68
N GLY X 94 -66.51 -39.75 -13.30
CA GLY X 94 -65.55 -38.74 -13.68
C GLY X 94 -64.22 -38.91 -12.99
N ARG X 95 -63.26 -38.08 -13.42
CA ARG X 95 -61.91 -38.15 -12.88
C ARG X 95 -61.88 -37.76 -11.41
N ARG X 96 -62.63 -36.72 -11.03
CA ARG X 96 -62.69 -36.34 -9.63
C ARG X 96 -63.40 -37.39 -8.78
N ALA X 97 -64.39 -38.07 -9.36
CA ALA X 97 -65.06 -39.16 -8.65
C ALA X 97 -64.12 -40.34 -8.42
N ALA X 98 -63.33 -40.69 -9.44
CA ALA X 98 -62.37 -41.78 -9.27
C ALA X 98 -61.23 -41.39 -8.33
N LYS X 99 -60.84 -40.12 -8.31
CA LYS X 99 -59.82 -39.69 -7.36
C LYS X 99 -60.36 -39.68 -5.93
N ARG X 100 -61.64 -39.32 -5.77
CA ARG X 100 -62.28 -39.34 -4.46
C ARG X 100 -62.49 -40.78 -3.98
N ASN X 101 -62.79 -41.69 -4.89
CA ASN X 101 -62.84 -43.11 -4.57
C ASN X 101 -61.46 -43.73 -4.40
N LYS X 102 -60.41 -43.06 -4.85
CA LYS X 102 -59.04 -43.52 -4.68
C LYS X 102 -58.45 -42.94 -3.38
N LYS Y 56 41.83 -111.46 -6.08
CA LYS Y 56 42.43 -110.45 -6.94
C LYS Y 56 43.55 -111.06 -7.79
N LYS Y 57 43.62 -110.65 -9.06
CA LYS Y 57 44.61 -111.19 -9.98
C LYS Y 57 45.98 -110.58 -9.72
N LYS Y 58 46.94 -110.90 -10.57
CA LYS Y 58 48.30 -110.41 -10.46
C LYS Y 58 48.73 -109.76 -11.77
N ASN Y 59 49.40 -108.60 -11.64
CA ASN Y 59 49.97 -107.90 -12.78
C ASN Y 59 51.35 -108.46 -13.09
N LEU Y 60 52.12 -107.73 -13.90
CA LEU Y 60 53.45 -108.22 -14.28
C LEU Y 60 54.42 -108.18 -13.10
N ILE Y 61 54.22 -107.29 -12.13
CA ILE Y 61 55.15 -107.23 -11.01
C ILE Y 61 54.83 -108.30 -9.97
N GLU Y 62 53.55 -108.58 -9.74
CA GLU Y 62 53.19 -109.53 -8.70
C GLU Y 62 53.45 -110.98 -9.09
N VAL Y 63 53.85 -111.24 -10.33
CA VAL Y 63 54.38 -112.55 -10.70
C VAL Y 63 55.86 -112.50 -10.99
N ALA Y 64 56.45 -111.32 -11.16
CA ALA Y 64 57.90 -111.19 -11.18
C ALA Y 64 58.49 -111.21 -9.78
N GLN Y 65 57.68 -111.01 -8.75
CA GLN Y 65 58.17 -111.14 -7.39
C GLN Y 65 58.35 -112.59 -6.96
N PHE Y 66 57.69 -113.53 -7.63
CA PHE Y 66 57.92 -114.96 -7.41
C PHE Y 66 58.82 -115.55 -8.49
N LEU Y 67 59.79 -114.78 -8.96
CA LEU Y 67 60.53 -115.19 -10.14
C LEU Y 67 62.00 -114.81 -10.01
N PRO Y 68 62.91 -115.76 -10.23
CA PRO Y 68 64.32 -115.52 -9.94
C PRO Y 68 64.96 -114.56 -10.93
N ASN Y 69 65.99 -113.84 -10.43
CA ASN Y 69 66.70 -112.76 -11.13
C ASN Y 69 65.77 -111.65 -11.57
N TRP Y 70 64.62 -111.51 -10.88
CA TRP Y 70 63.54 -110.59 -11.23
C TRP Y 70 63.10 -110.72 -12.68
N GLY Y 71 63.07 -111.96 -13.15
CA GLY Y 71 62.44 -112.30 -14.42
C GLY Y 71 63.28 -112.09 -15.64
N ILE Y 72 64.52 -111.62 -15.52
CA ILE Y 72 65.31 -111.31 -16.71
C ILE Y 72 65.77 -112.62 -17.34
N GLY Y 73 65.33 -112.85 -18.58
CA GLY Y 73 65.57 -114.09 -19.29
C GLY Y 73 64.32 -114.92 -19.50
N TYR Y 74 63.25 -114.66 -18.77
CA TYR Y 74 62.03 -115.44 -18.87
C TYR Y 74 61.06 -114.74 -19.83
N HIS Y 75 59.84 -115.27 -19.93
CA HIS Y 75 58.86 -114.82 -20.91
C HIS Y 75 57.54 -114.52 -20.23
N MET Y 76 56.91 -113.41 -20.63
CA MET Y 76 55.63 -112.96 -20.09
C MET Y 76 54.64 -112.73 -21.21
N ALA Y 77 53.36 -112.98 -20.91
CA ALA Y 77 52.29 -112.76 -21.87
C ALA Y 77 50.98 -112.55 -21.11
N LYS Y 78 50.04 -111.88 -21.77
CA LYS Y 78 48.73 -111.68 -21.17
C LYS Y 78 47.94 -112.99 -21.22
N ALA Y 79 46.88 -113.03 -20.41
CA ALA Y 79 46.10 -114.25 -20.24
C ALA Y 79 45.35 -114.62 -21.51
N HIS Y 80 44.70 -113.66 -22.15
CA HIS Y 80 43.96 -113.93 -23.37
C HIS Y 80 44.84 -113.98 -24.61
N TRP Y 81 46.15 -113.74 -24.46
CA TRP Y 81 47.05 -113.70 -25.59
C TRP Y 81 47.31 -115.10 -26.13
N ASN Y 82 47.51 -115.18 -27.44
CA ASN Y 82 47.68 -116.45 -28.13
C ASN Y 82 48.88 -116.34 -29.08
N GLY Y 83 50.06 -116.73 -28.60
CA GLY Y 83 51.21 -116.91 -29.45
C GLY Y 83 52.26 -115.82 -29.43
N VAL Y 84 52.16 -114.84 -28.54
CA VAL Y 84 53.16 -113.79 -28.44
C VAL Y 84 53.61 -113.65 -26.99
N SER Y 85 54.86 -113.23 -26.81
CA SER Y 85 55.44 -113.12 -25.48
C SER Y 85 56.58 -112.12 -25.50
N TYR Y 86 56.92 -111.62 -24.32
CA TYR Y 86 57.99 -110.65 -24.14
C TYR Y 86 59.06 -111.23 -23.24
N GLU Y 87 60.31 -111.11 -23.66
CA GLU Y 87 61.47 -111.48 -22.86
C GLU Y 87 61.99 -110.23 -22.15
N ILE Y 88 62.09 -110.31 -20.83
CA ILE Y 88 62.33 -109.14 -20.00
C ILE Y 88 63.82 -108.80 -20.01
N THR Y 89 64.14 -107.52 -20.21
CA THR Y 89 65.51 -107.06 -20.11
C THR Y 89 65.76 -106.05 -19.00
N LYS Y 90 64.73 -105.38 -18.50
CA LYS Y 90 64.91 -104.40 -17.44
C LYS Y 90 63.61 -104.23 -16.67
N ILE Y 91 63.76 -104.02 -15.36
CA ILE Y 91 62.65 -103.73 -14.45
C ILE Y 91 63.00 -102.46 -13.68
N ASN Y 92 62.04 -101.53 -13.60
CA ASN Y 92 62.18 -100.30 -12.82
C ASN Y 92 61.07 -100.32 -11.77
N LEU Y 93 61.41 -100.71 -10.55
CA LEU Y 93 60.43 -100.87 -9.48
C LEU Y 93 60.34 -99.59 -8.65
N TYR Y 94 59.19 -99.40 -8.04
CA TYR Y 94 58.88 -98.18 -7.31
C TYR Y 94 59.18 -98.39 -5.82
N LYS Y 95 58.79 -97.43 -4.99
CA LYS Y 95 59.07 -97.52 -3.56
C LYS Y 95 58.23 -98.59 -2.89
N ASP Y 96 56.97 -98.74 -3.32
CA ASP Y 96 56.06 -99.69 -2.68
C ASP Y 96 56.42 -101.14 -2.95
N GLY Y 97 57.26 -101.41 -3.95
CA GLY Y 97 57.69 -102.76 -4.26
C GLY Y 97 56.71 -103.59 -5.04
N ARG Y 98 55.58 -103.03 -5.46
CA ARG Y 98 54.59 -103.77 -6.21
C ARG Y 98 54.31 -103.20 -7.60
N HIS Y 99 54.89 -102.07 -7.97
CA HIS Y 99 54.58 -101.42 -9.24
C HIS Y 99 55.86 -100.92 -9.90
N GLY Y 100 55.82 -100.77 -11.22
CA GLY Y 100 56.98 -100.28 -11.94
C GLY Y 100 56.81 -100.40 -13.43
N LYS Y 101 57.92 -100.27 -14.14
CA LYS Y 101 57.98 -100.37 -15.60
C LYS Y 101 58.88 -101.53 -16.00
N ALA Y 102 58.71 -101.97 -17.25
CA ALA Y 102 59.38 -103.17 -17.73
C ALA Y 102 59.72 -103.03 -19.20
N TRP Y 103 60.86 -103.60 -19.58
CA TRP Y 103 61.34 -103.55 -20.96
C TRP Y 103 61.42 -104.97 -21.52
N GLY Y 104 61.11 -105.12 -22.80
CA GLY Y 104 61.01 -106.46 -23.35
C GLY Y 104 61.40 -106.56 -24.82
N ILE Y 105 61.66 -107.80 -25.22
CA ILE Y 105 61.87 -108.19 -26.61
C ILE Y 105 60.70 -109.10 -26.99
N VAL Y 106 59.98 -108.75 -28.04
CA VAL Y 106 58.75 -109.44 -28.40
C VAL Y 106 59.09 -110.70 -29.18
N HIS Y 107 58.45 -111.81 -28.81
CA HIS Y 107 58.61 -113.08 -29.50
C HIS Y 107 57.33 -113.35 -30.28
N LYS Y 108 57.45 -113.46 -31.60
CA LYS Y 108 56.32 -113.75 -32.47
C LYS Y 108 56.30 -115.24 -32.76
N ASP Y 109 55.32 -115.94 -32.19
CA ASP Y 109 55.13 -117.39 -32.35
C ASP Y 109 56.37 -118.18 -31.95
N GLY Y 110 56.98 -117.79 -30.82
CA GLY Y 110 58.18 -118.43 -30.33
C GLY Y 110 59.46 -117.99 -31.01
N LEU Y 111 59.38 -117.07 -31.96
CA LEU Y 111 60.55 -116.61 -32.70
C LEU Y 111 60.75 -115.12 -32.44
N ARG Y 112 62.00 -114.74 -32.21
CA ARG Y 112 62.32 -113.33 -32.01
C ARG Y 112 62.18 -112.57 -33.32
N ALA Y 113 61.35 -111.53 -33.32
CA ALA Y 113 61.19 -110.66 -34.48
C ALA Y 113 61.69 -109.24 -34.21
N ALA Y 114 62.14 -108.97 -32.98
CA ALA Y 114 62.55 -107.64 -32.57
C ALA Y 114 64.07 -107.56 -32.48
N GLU Y 115 64.59 -106.35 -32.64
CA GLU Y 115 66.02 -106.09 -32.52
C GLU Y 115 66.38 -105.28 -31.28
N ALA Y 116 65.58 -104.28 -30.93
CA ALA Y 116 65.82 -103.41 -29.79
C ALA Y 116 64.75 -103.61 -28.74
N PRO Y 117 65.09 -103.48 -27.45
CA PRO Y 117 64.06 -103.58 -26.41
C PRO Y 117 63.07 -102.43 -26.48
N LYS Y 118 61.83 -102.71 -26.11
CA LYS Y 118 60.79 -101.70 -26.10
C LYS Y 118 59.95 -101.85 -24.83
N LYS Y 119 59.37 -100.75 -24.38
CA LYS Y 119 58.64 -100.74 -23.13
C LYS Y 119 57.35 -101.54 -23.25
N ILE Y 120 57.06 -102.32 -22.21
CA ILE Y 120 55.86 -103.15 -22.20
C ILE Y 120 54.68 -102.29 -21.75
N SER Y 121 53.63 -102.25 -22.56
CA SER Y 121 52.44 -101.47 -22.22
C SER Y 121 51.54 -102.26 -21.29
N GLY Y 122 50.84 -101.54 -20.43
CA GLY Y 122 49.91 -102.16 -19.50
C GLY Y 122 50.56 -103.03 -18.45
N VAL Y 123 51.68 -102.59 -17.88
CA VAL Y 123 52.39 -103.37 -16.88
C VAL Y 123 51.63 -103.46 -15.56
N HIS Y 124 50.62 -102.64 -15.37
CA HIS Y 124 49.83 -102.66 -14.15
C HIS Y 124 48.49 -103.37 -14.31
N LYS Y 125 48.16 -103.78 -15.53
CA LYS Y 125 46.90 -104.50 -15.75
C LYS Y 125 46.98 -105.90 -15.17
N ARG Y 126 45.88 -106.31 -14.53
CA ARG Y 126 45.87 -107.56 -13.76
C ARG Y 126 45.42 -108.74 -14.64
N CYS Y 127 46.17 -108.94 -15.72
CA CYS Y 127 45.91 -110.06 -16.64
C CYS Y 127 47.20 -110.67 -17.17
N TRP Y 128 48.27 -110.68 -16.38
CA TRP Y 128 49.57 -111.13 -16.85
C TRP Y 128 49.91 -112.52 -16.30
N LYS Y 129 50.73 -113.25 -17.05
CA LYS Y 129 51.22 -114.55 -16.62
C LYS Y 129 52.50 -114.84 -17.39
N TYR Y 130 53.19 -115.91 -16.98
CA TYR Y 130 54.40 -116.34 -17.67
C TYR Y 130 54.19 -117.71 -18.29
N ILE Y 131 54.71 -117.90 -19.49
CA ILE Y 131 54.63 -119.20 -20.15
C ILE Y 131 55.74 -120.09 -19.62
N PRO Y 132 55.44 -121.33 -19.20
CA PRO Y 132 56.49 -122.17 -18.60
C PRO Y 132 57.33 -122.92 -19.62
N ASN Y 133 56.86 -123.08 -20.85
CA ASN Y 133 57.45 -124.05 -21.76
C ASN Y 133 58.70 -123.51 -22.44
N LEU Y 134 58.54 -122.45 -23.24
CA LEU Y 134 59.65 -121.89 -23.99
C LEU Y 134 60.61 -121.09 -23.11
N SER Y 135 60.11 -120.53 -22.02
CA SER Y 135 60.92 -119.70 -21.13
C SER Y 135 61.97 -120.50 -20.40
N GLN BA 41 66.41 39.40 -30.50
CA GLN BA 41 66.11 38.63 -29.29
C GLN BA 41 64.92 39.23 -28.54
N ASN BA 42 64.82 40.55 -28.53
CA ASN BA 42 63.72 41.29 -27.92
C ASN BA 42 63.06 42.24 -28.90
N LYS BA 43 63.84 42.93 -29.73
CA LYS BA 43 63.29 43.73 -30.80
C LYS BA 43 62.54 42.89 -31.82
N THR BA 44 62.98 41.64 -32.03
CA THR BA 44 62.23 40.72 -32.88
C THR BA 44 60.85 40.41 -32.32
N LEU BA 45 60.76 40.22 -31.00
CA LEU BA 45 59.46 39.96 -30.38
C LEU BA 45 58.57 41.19 -30.40
N VAL BA 46 59.16 42.38 -30.22
CA VAL BA 46 58.39 43.62 -30.34
C VAL BA 46 57.87 43.77 -31.77
N ALA BA 47 58.72 43.48 -32.76
CA ALA BA 47 58.30 43.53 -34.16
C ALA BA 47 57.22 42.50 -34.48
N GLU BA 48 57.29 41.30 -33.92
CA GLU BA 48 56.24 40.31 -34.15
C GLU BA 48 54.92 40.72 -33.53
N MET BA 49 54.95 41.32 -32.33
CA MET BA 49 53.72 41.89 -31.77
C MET BA 49 53.19 43.03 -32.63
N GLU BA 50 54.08 43.85 -33.18
CA GLU BA 50 53.65 44.96 -34.03
C GLU BA 50 53.00 44.46 -35.31
N GLU BA 51 53.52 43.38 -35.88
CA GLU BA 51 52.86 42.77 -37.03
C GLU BA 51 51.54 42.13 -36.66
N LYS BA 52 51.44 41.51 -35.47
CA LYS BA 52 50.21 40.85 -35.07
C LYS BA 52 49.13 41.82 -34.59
N MET BA 53 49.52 43.07 -34.28
CA MET BA 53 48.58 44.11 -33.89
C MET BA 53 47.58 44.44 -34.98
N LEU BA 54 47.97 44.25 -36.26
CA LEU BA 54 47.01 44.37 -37.36
C LEU BA 54 45.91 43.32 -37.27
N HIS BA 55 46.25 42.10 -36.84
CA HIS BA 55 45.33 40.97 -36.83
C HIS BA 55 44.54 40.87 -35.54
N MET BA 56 45.00 41.53 -34.48
CA MET BA 56 44.33 41.45 -33.20
C MET BA 56 43.72 42.80 -32.87
N ASP BA 57 42.87 42.80 -31.85
CA ASP BA 57 42.28 44.03 -31.34
C ASP BA 57 42.49 44.05 -29.83
N ILE BA 58 41.85 44.97 -29.12
CA ILE BA 58 41.94 44.97 -27.67
C ILE BA 58 41.12 43.86 -27.05
N ASN BA 59 40.18 43.27 -27.78
CA ASN BA 59 39.34 42.22 -27.22
C ASN BA 59 39.88 40.82 -27.49
N SER BA 60 40.98 40.70 -28.24
CA SER BA 60 41.66 39.43 -28.43
C SER BA 60 43.05 39.44 -27.81
N MET BA 61 43.30 40.38 -26.90
CA MET BA 61 44.53 40.41 -26.12
C MET BA 61 44.23 39.83 -24.75
N ILE BA 62 44.20 38.51 -24.67
CA ILE BA 62 43.94 37.84 -23.40
C ILE BA 62 45.12 38.08 -22.46
N GLY BA 63 44.84 38.55 -21.25
CA GLY BA 63 45.85 38.78 -20.25
C GLY BA 63 46.42 40.18 -20.20
N SER BA 64 46.01 41.06 -21.10
CA SER BA 64 46.50 42.42 -21.12
C SER BA 64 45.63 43.33 -20.27
N SER BA 65 46.21 44.38 -19.74
CA SER BA 65 45.52 45.30 -18.85
C SER BA 65 45.47 46.69 -19.47
N MET BA 66 44.26 47.25 -19.52
CA MET BA 66 44.04 48.60 -20.01
C MET BA 66 42.89 49.20 -19.23
N PRO BA 67 42.81 50.53 -19.13
CA PRO BA 67 41.71 51.15 -18.38
C PRO BA 67 40.36 50.90 -19.05
N LEU BA 68 39.31 50.94 -18.23
CA LEU BA 68 37.97 50.57 -18.67
C LEU BA 68 37.39 51.51 -19.70
N GLY BA 69 37.89 52.74 -19.79
CA GLY BA 69 37.38 53.68 -20.77
C GLY BA 69 37.75 53.32 -22.19
N MET BA 70 38.78 52.51 -22.38
CA MET BA 70 39.23 52.13 -23.71
C MET BA 70 38.52 50.91 -24.26
N MET BA 71 37.75 50.21 -23.44
CA MET BA 71 37.16 48.96 -23.89
C MET BA 71 35.83 49.22 -24.61
N ARG BA 72 35.12 48.14 -24.91
CA ARG BA 72 33.97 48.17 -25.80
C ARG BA 72 32.80 47.43 -25.15
N ILE BA 73 31.63 47.56 -25.78
CA ILE BA 73 30.44 46.89 -25.29
C ILE BA 73 30.55 45.39 -25.52
N GLY BA 74 30.28 44.61 -24.48
CA GLY BA 74 30.33 43.17 -24.58
C GLY BA 74 31.66 42.56 -24.23
N THR BA 75 32.58 43.34 -23.66
CA THR BA 75 33.89 42.82 -23.32
C THR BA 75 33.81 42.02 -22.03
N ILE BA 76 34.45 40.85 -22.04
CA ILE BA 76 34.56 39.98 -20.87
C ILE BA 76 35.89 40.29 -20.18
N ILE BA 77 35.83 40.67 -18.91
CA ILE BA 77 36.96 41.20 -18.19
C ILE BA 77 37.08 40.54 -16.82
N HIS BA 78 38.16 40.86 -16.12
CA HIS BA 78 38.35 40.44 -14.74
C HIS BA 78 39.37 41.35 -14.07
N ASN BA 79 39.46 41.25 -12.74
CA ASN BA 79 40.39 41.98 -11.88
C ASN BA 79 40.19 43.50 -11.99
N ILE BA 80 38.98 43.93 -11.64
CA ILE BA 80 38.59 45.32 -11.79
C ILE BA 80 39.02 46.10 -10.56
N GLU BA 81 39.72 47.21 -10.77
CA GLU BA 81 40.00 48.13 -9.68
C GLU BA 81 38.73 48.93 -9.33
N MET BA 82 38.59 49.24 -8.05
CA MET BA 82 37.51 50.13 -7.62
C MET BA 82 37.93 51.59 -7.57
N ASN BA 83 39.15 51.86 -7.16
CA ASN BA 83 39.77 53.17 -7.22
C ASN BA 83 40.95 53.15 -8.18
N PRO BA 84 41.19 54.22 -8.93
CA PRO BA 84 42.28 54.21 -9.91
C PRO BA 84 43.63 54.16 -9.21
N GLY BA 85 44.44 53.18 -9.58
CA GLY BA 85 45.79 53.06 -9.07
C GLY BA 85 45.92 52.37 -7.72
N GLN BA 86 44.85 51.78 -7.20
CA GLN BA 86 44.94 51.14 -5.89
C GLN BA 86 45.28 49.66 -6.01
N GLY BA 87 44.67 48.96 -6.94
CA GLY BA 87 44.91 47.54 -7.12
C GLY BA 87 43.62 46.80 -7.44
N ALA BA 88 43.78 45.60 -8.00
CA ALA BA 88 42.64 44.81 -8.42
C ALA BA 88 41.88 44.27 -7.23
N LYS BA 89 40.56 44.39 -7.26
CA LYS BA 89 39.77 43.94 -6.12
C LYS BA 89 38.60 43.04 -6.49
N LEU BA 90 37.92 43.30 -7.61
CA LEU BA 90 36.56 42.81 -7.74
C LEU BA 90 36.48 41.36 -8.20
N VAL BA 91 37.03 41.01 -9.36
CA VAL BA 91 36.83 39.68 -9.92
C VAL BA 91 38.17 38.97 -9.94
N ARG BA 92 38.43 38.17 -8.90
CA ARG BA 92 39.75 37.55 -8.73
C ARG BA 92 39.73 36.05 -8.52
N ALA BA 93 38.58 35.45 -8.20
CA ALA BA 93 38.54 34.02 -7.94
C ALA BA 93 38.65 33.23 -9.25
N ALA BA 94 38.84 31.93 -9.12
CA ALA BA 94 39.13 31.10 -10.28
C ALA BA 94 37.90 30.94 -11.16
N GLY BA 95 38.07 31.21 -12.45
CA GLY BA 95 37.02 30.98 -13.43
C GLY BA 95 35.99 32.07 -13.54
N THR BA 96 36.08 33.13 -12.74
CA THR BA 96 35.07 34.16 -12.72
C THR BA 96 35.41 35.30 -13.67
N ASN BA 97 34.37 35.94 -14.20
CA ASN BA 97 34.56 37.08 -15.08
C ASN BA 97 33.37 38.02 -14.96
N ALA BA 98 33.59 39.27 -15.35
CA ALA BA 98 32.56 40.29 -15.39
C ALA BA 98 32.35 40.71 -16.83
N LYS BA 99 31.26 41.41 -17.09
CA LYS BA 99 30.94 41.84 -18.45
C LYS BA 99 30.64 43.33 -18.47
N ILE BA 100 31.11 44.02 -19.52
CA ILE BA 100 30.79 45.43 -19.68
C ILE BA 100 29.43 45.56 -20.38
N LEU BA 101 28.54 46.38 -19.82
CA LEU BA 101 27.22 46.60 -20.40
C LEU BA 101 27.10 47.95 -21.11
N LYS BA 102 27.63 49.02 -20.53
CA LYS BA 102 27.41 50.36 -21.06
C LYS BA 102 28.73 51.10 -21.27
N GLU BA 103 28.72 51.97 -22.28
CA GLU BA 103 29.88 52.81 -22.61
C GLU BA 103 30.09 53.87 -21.53
N PRO BA 104 31.29 54.45 -21.47
CA PRO BA 104 31.52 55.60 -20.58
C PRO BA 104 30.58 56.77 -20.79
N ALA BA 105 29.74 57.03 -19.80
CA ALA BA 105 28.86 58.18 -19.76
C ALA BA 105 29.14 58.93 -18.46
N SER BA 106 29.59 60.19 -18.58
CA SER BA 106 30.14 60.98 -17.47
C SER BA 106 31.29 60.24 -16.79
N GLY BA 107 32.10 59.56 -17.59
CA GLY BA 107 33.29 58.92 -17.10
C GLY BA 107 33.06 57.67 -16.27
N LYS BA 108 31.93 57.00 -16.43
CA LYS BA 108 31.63 55.80 -15.65
C LYS BA 108 31.01 54.75 -16.53
N CYS BA 109 31.37 53.50 -16.27
CA CYS BA 109 30.88 52.34 -17.02
C CYS BA 109 30.01 51.47 -16.12
N LEU BA 110 29.11 50.73 -16.76
CA LEU BA 110 28.24 49.78 -16.07
C LEU BA 110 28.78 48.38 -16.29
N ILE BA 111 29.02 47.66 -15.19
CA ILE BA 111 29.66 46.35 -15.24
C ILE BA 111 28.80 45.36 -14.48
N LYS BA 112 28.53 44.22 -15.10
CA LYS BA 112 27.81 43.12 -14.46
C LYS BA 112 28.82 42.18 -13.81
N LEU BA 113 28.70 42.01 -12.50
CA LEU BA 113 29.63 41.29 -11.64
C LEU BA 113 29.24 39.81 -11.56
N PRO BA 114 30.15 38.94 -11.09
CA PRO BA 114 29.82 37.51 -11.02
C PRO BA 114 28.69 37.16 -10.07
N SER BA 115 28.31 38.05 -9.14
CA SER BA 115 27.15 37.81 -8.30
C SER BA 115 25.84 38.14 -9.00
N GLY BA 116 25.89 38.74 -10.17
CA GLY BA 116 24.69 39.18 -10.86
C GLY BA 116 24.35 40.63 -10.63
N ASP BA 117 24.97 41.27 -9.65
CA ASP BA 117 24.72 42.68 -9.40
C ASP BA 117 25.47 43.54 -10.41
N THR BA 118 24.90 44.70 -10.70
CA THR BA 118 25.48 45.65 -11.64
C THR BA 118 26.01 46.85 -10.87
N ARG BA 119 27.16 47.38 -11.31
CA ARG BA 119 27.77 48.50 -10.61
C ARG BA 119 28.29 49.52 -11.61
N TRP BA 120 28.38 50.76 -11.14
CA TRP BA 120 28.92 51.87 -11.93
C TRP BA 120 30.34 52.15 -11.45
N ILE BA 121 31.31 51.83 -12.28
CA ILE BA 121 32.72 51.96 -11.92
C ILE BA 121 33.31 53.14 -12.68
N ASN BA 122 34.26 53.82 -12.06
CA ASN BA 122 35.01 54.90 -12.71
C ASN BA 122 35.76 54.36 -13.92
N ALA BA 123 35.76 55.12 -15.01
CA ALA BA 123 36.31 54.63 -16.26
C ALA BA 123 37.82 54.69 -16.32
N ARG BA 124 38.48 55.38 -15.40
CA ARG BA 124 39.93 55.39 -15.34
C ARG BA 124 40.51 54.19 -14.61
N CYS BA 125 39.67 53.33 -14.05
CA CYS BA 125 40.14 52.17 -13.31
C CYS BA 125 40.47 51.03 -14.25
N ARG BA 126 41.58 50.35 -13.99
CA ARG BA 126 42.04 49.34 -14.92
C ARG BA 126 41.30 48.03 -14.73
N ALA BA 127 41.43 47.17 -15.73
CA ALA BA 127 40.90 45.81 -15.70
C ALA BA 127 41.84 44.94 -16.52
N THR BA 128 41.50 43.66 -16.62
CA THR BA 128 42.28 42.71 -17.41
C THR BA 128 41.33 41.97 -18.34
N ILE BA 129 41.77 41.75 -19.57
CA ILE BA 129 40.93 41.09 -20.56
C ILE BA 129 40.94 39.59 -20.32
N GLY BA 130 39.76 39.00 -20.20
CA GLY BA 130 39.66 37.55 -20.17
C GLY BA 130 38.97 36.97 -18.96
N THR BA 131 39.22 35.71 -18.70
CA THR BA 131 38.65 34.98 -17.57
C THR BA 131 39.79 34.42 -16.72
N VAL BA 132 39.60 34.44 -15.40
CA VAL BA 132 40.65 34.00 -14.49
C VAL BA 132 40.88 32.50 -14.64
N SER BA 133 42.14 32.09 -14.50
CA SER BA 133 42.57 30.74 -14.82
C SER BA 133 42.00 29.72 -13.84
N ASN BA 134 42.23 28.45 -14.16
CA ASN BA 134 41.77 27.27 -13.44
C ASN BA 134 40.25 27.27 -13.27
N PRO BA 135 39.47 27.15 -14.34
CA PRO BA 135 38.02 27.26 -14.21
C PRO BA 135 37.34 25.99 -13.71
N SER BA 136 38.09 24.92 -13.49
CA SER BA 136 37.54 23.64 -13.04
C SER BA 136 37.68 23.46 -11.55
N HIS BA 137 37.97 24.54 -10.81
CA HIS BA 137 38.21 24.44 -9.38
C HIS BA 137 36.93 24.13 -8.61
N GLY BA 138 35.80 24.63 -9.08
CA GLY BA 138 34.56 24.45 -8.36
C GLY BA 138 33.86 23.13 -8.53
N VAL BA 139 34.39 22.22 -9.35
CA VAL BA 139 33.77 20.92 -9.55
C VAL BA 139 34.59 19.77 -9.02
N LYS BA 140 35.78 20.04 -8.48
CA LYS BA 140 36.53 18.98 -7.84
C LYS BA 140 36.03 18.77 -6.43
N LYS BA 141 36.11 17.53 -5.95
CA LYS BA 141 35.52 17.16 -4.68
C LYS BA 141 36.48 16.32 -3.87
N LEU BA 142 36.28 16.32 -2.56
CA LEU BA 142 37.08 15.55 -1.64
C LEU BA 142 36.43 14.20 -1.38
N TYR BA 143 37.16 13.31 -0.71
CA TYR BA 143 36.64 11.99 -0.42
C TYR BA 143 36.83 11.54 1.02
N LYS BA 144 37.48 12.34 1.87
CA LYS BA 144 37.67 11.94 3.25
C LYS BA 144 37.73 13.17 4.13
N ALA BA 145 37.69 12.94 5.44
CA ALA BA 145 37.68 14.05 6.40
C ALA BA 145 39.03 14.71 6.53
N GLY BA 146 40.11 13.97 6.27
CA GLY BA 146 41.43 14.54 6.41
C GLY BA 146 41.78 15.58 5.38
N GLN BA 147 41.13 15.53 4.21
CA GLN BA 147 41.38 16.56 3.21
C GLN BA 147 40.88 17.92 3.64
N SER BA 148 39.88 17.99 4.51
CA SER BA 148 39.48 19.27 5.06
C SER BA 148 40.47 19.74 6.12
N ARG BA 149 41.09 18.82 6.84
CA ARG BA 149 42.08 19.22 7.83
C ARG BA 149 43.39 19.66 7.20
N TRP BA 150 43.70 19.17 6.00
CA TRP BA 150 44.90 19.65 5.30
C TRP BA 150 44.78 21.10 4.91
N LEU BA 151 43.56 21.61 4.74
CA LEU BA 151 43.32 23.01 4.39
C LEU BA 151 43.11 23.90 5.60
N GLY BA 152 43.16 23.34 6.81
CA GLY BA 152 42.99 24.14 8.01
C GLY BA 152 41.57 24.35 8.44
N ILE BA 153 40.67 23.40 8.18
CA ILE BA 153 39.27 23.51 8.57
C ILE BA 153 39.02 22.52 9.70
N ARG BA 154 38.71 23.03 10.87
CA ARG BA 154 38.42 22.27 12.07
C ARG BA 154 36.97 21.83 12.11
N PRO BA 155 36.62 20.80 12.90
CA PRO BA 155 35.24 20.32 12.89
C PRO BA 155 34.23 21.31 13.44
N LYS BA 156 33.02 21.24 12.88
CA LYS BA 156 31.94 22.17 13.17
C LYS BA 156 30.78 21.43 13.82
N VAL BA 157 30.34 21.88 14.99
CA VAL BA 157 29.28 21.21 15.73
C VAL BA 157 27.97 21.94 15.49
N ARG BA 158 26.93 21.19 15.16
CA ARG BA 158 25.61 21.78 14.97
C ARG BA 158 25.05 22.29 16.28
N GLY BA 159 24.29 23.38 16.20
CA GLY BA 159 23.75 24.01 17.39
C GLY BA 159 22.67 23.22 18.09
N VAL BA 160 21.98 22.33 17.38
CA VAL BA 160 20.96 21.49 18.01
C VAL BA 160 21.56 20.40 18.87
N ALA BA 161 22.86 20.15 18.77
CA ALA BA 161 23.53 19.15 19.57
C ALA BA 161 24.17 19.72 20.82
N MET BA 162 23.68 20.85 21.30
CA MET BA 162 24.31 21.57 22.39
C MET BA 162 23.35 21.72 23.57
N ASN BA 163 23.78 22.46 24.56
CA ASN BA 163 23.10 22.80 25.78
C ASN BA 163 22.53 24.21 25.69
N PRO BA 164 21.54 24.56 26.52
CA PRO BA 164 21.02 25.93 26.48
C PRO BA 164 22.02 26.99 26.90
N CYS BA 165 23.10 26.63 27.58
CA CYS BA 165 24.11 27.61 27.91
C CYS BA 165 24.97 28.01 26.71
N ASP BA 166 24.93 27.23 25.63
CA ASP BA 166 25.82 27.45 24.49
C ASP BA 166 25.12 27.97 23.25
N HIS BA 167 23.94 27.45 22.90
CA HIS BA 167 23.28 27.84 21.67
C HIS BA 167 21.79 28.05 21.92
N PRO BA 168 21.16 28.95 21.17
CA PRO BA 168 19.70 29.06 21.24
C PRO BA 168 18.94 27.85 20.73
N HIS BA 169 19.59 26.94 20.01
CA HIS BA 169 18.97 25.71 19.58
C HIS BA 169 19.18 24.57 20.56
N GLY BA 170 20.04 24.74 21.54
CA GLY BA 170 20.38 23.63 22.40
C GLY BA 170 19.31 23.33 23.42
N GLY BA 171 19.43 22.15 24.03
CA GLY BA 171 18.50 21.69 25.03
C GLY BA 171 17.54 20.65 24.48
N GLY BA 172 16.72 20.14 25.37
CA GLY BA 172 15.67 19.21 24.98
C GLY BA 172 16.10 17.77 25.09
N GLU BA 173 15.12 16.91 25.32
CA GLU BA 173 15.36 15.48 25.46
C GLU BA 173 15.01 14.77 24.16
N GLY BA 174 15.97 14.00 23.64
CA GLY BA 174 15.84 13.45 22.32
C GLY BA 174 16.20 14.48 21.27
N LYS BA 175 16.06 14.08 20.01
CA LYS BA 175 16.33 15.00 18.91
C LYS BA 175 15.26 16.08 18.89
N SER BA 176 15.69 17.33 19.01
CA SER BA 176 14.75 18.45 19.15
C SER BA 176 15.39 19.69 18.58
N LYS BA 177 14.59 20.51 17.93
CA LYS BA 177 14.92 21.91 17.67
C LYS BA 177 14.14 22.74 18.67
N SER BA 178 14.82 23.65 19.36
CA SER BA 178 14.26 24.24 20.57
C SER BA 178 13.39 25.44 20.28
N SER BA 179 12.42 25.26 19.39
CA SER BA 179 11.33 26.21 19.18
C SER BA 179 10.17 25.42 18.60
N GLY BA 180 8.97 25.84 18.95
CA GLY BA 180 7.81 25.07 18.53
C GLY BA 180 6.90 25.82 17.60
N SER BA 181 5.59 25.70 17.83
CA SER BA 181 4.62 26.41 17.02
C SER BA 181 4.55 27.89 17.35
N ARG BA 182 5.19 28.34 18.43
CA ARG BA 182 5.25 29.73 18.83
C ARG BA 182 6.66 30.11 19.19
N GLY BA 183 7.62 29.77 18.32
CA GLY BA 183 9.00 30.09 18.56
C GLY BA 183 9.55 31.13 17.61
N ARG BA 184 10.63 30.79 16.91
CA ARG BA 184 11.26 31.69 15.96
C ARG BA 184 11.96 30.87 14.88
N THR BA 185 12.60 31.55 13.94
CA THR BA 185 13.29 30.87 12.86
C THR BA 185 14.61 30.26 13.34
N SER BA 186 15.37 29.73 12.40
CA SER BA 186 16.72 29.28 12.69
C SER BA 186 17.60 30.48 13.00
N VAL BA 187 18.46 30.34 14.00
CA VAL BA 187 19.20 31.48 14.53
C VAL BA 187 20.69 31.17 14.60
N SER BA 188 21.48 32.22 14.53
CA SER BA 188 22.93 32.16 14.70
C SER BA 188 23.25 31.91 16.16
N PRO BA 189 24.50 31.57 16.50
CA PRO BA 189 24.83 31.38 17.92
C PRO BA 189 24.68 32.63 18.77
N TRP BA 190 24.61 33.81 18.18
CA TRP BA 190 24.45 35.05 18.91
C TRP BA 190 23.04 35.62 18.78
N GLY BA 191 22.11 34.85 18.25
CA GLY BA 191 20.71 35.18 18.32
C GLY BA 191 20.08 35.72 17.04
N LYS BA 192 20.89 36.13 16.06
CA LYS BA 192 20.33 36.70 14.86
C LYS BA 192 19.82 35.61 13.92
N PRO BA 193 18.74 35.86 13.19
CA PRO BA 193 18.23 34.87 12.24
C PRO BA 193 19.16 34.67 11.05
N CYS BA 194 18.97 33.55 10.37
CA CYS BA 194 19.78 33.23 9.21
C CYS BA 194 18.97 32.64 8.06
N LYS BA 195 17.65 32.75 8.08
CA LYS BA 195 16.79 32.24 7.03
C LYS BA 195 15.73 33.29 6.70
N GLY BA 196 15.12 33.14 5.54
CA GLY BA 196 14.03 34.02 5.18
C GLY BA 196 14.41 35.41 4.74
N GLY BA 197 15.65 35.61 4.32
CA GLY BA 197 16.05 36.90 3.81
C GLY BA 197 16.41 37.92 4.86
N TYR BA 198 16.74 37.51 6.07
CA TYR BA 198 17.10 38.46 7.12
C TYR BA 198 18.43 39.12 6.80
N LYS BA 199 18.48 40.43 7.03
CA LYS BA 199 19.75 41.14 7.10
C LYS BA 199 19.57 42.31 8.04
N SER BA 200 20.66 42.76 8.64
CA SER BA 200 20.58 43.79 9.66
C SER BA 200 20.22 45.14 9.05
N ALA BA 201 19.65 46.00 9.89
CA ALA BA 201 19.15 47.29 9.44
C ALA BA 201 20.26 48.21 8.95
N SER BA 202 21.48 48.06 9.47
CA SER BA 202 22.61 48.82 8.95
C SER BA 202 22.90 48.47 7.50
N VAL BA 203 22.87 47.17 7.18
CA VAL BA 203 23.10 46.73 5.81
C VAL BA 203 21.96 47.15 4.90
N LYS BA 204 20.72 47.10 5.40
CA LYS BA 204 19.57 47.57 4.63
C LYS BA 204 19.70 49.05 4.30
N LYS BA 205 20.06 49.87 5.28
CA LYS BA 205 20.21 51.30 5.06
C LYS BA 205 21.35 51.61 4.10
N LYS BA 206 22.49 50.91 4.24
CA LYS BA 206 23.63 51.16 3.37
C LYS BA 206 23.34 50.78 1.93
N LYS BA 207 22.69 49.63 1.71
CA LYS BA 207 22.39 49.21 0.35
C LYS BA 207 21.32 50.09 -0.28
N LYS BA 208 20.34 50.55 0.51
CA LYS BA 208 19.36 51.49 -0.03
C LYS BA 208 20.00 52.82 -0.43
N ARG BA 209 20.93 53.32 0.39
CA ARG BA 209 21.63 54.55 0.04
C ARG BA 209 22.46 54.39 -1.23
N LEU BA 210 23.15 53.26 -1.37
CA LEU BA 210 23.91 53.02 -2.59
C LEU BA 210 23.01 52.91 -3.82
N ALA BA 211 21.89 52.20 -3.71
CA ALA BA 211 21.01 52.06 -4.87
C ALA BA 211 20.34 53.38 -5.25
N ALA BA 212 19.96 54.18 -4.26
CA ALA BA 212 19.36 55.48 -4.56
C ALA BA 212 20.39 56.44 -5.15
N ARG BA 213 21.66 56.31 -4.77
CA ARG BA 213 22.69 57.10 -5.42
C ARG BA 213 22.96 56.63 -6.85
N GLU BA 214 22.89 55.32 -7.09
CA GLU BA 214 23.15 54.78 -8.41
C GLU BA 214 22.00 54.98 -9.39
N ALA BA 215 20.79 55.18 -8.89
CA ALA BA 215 19.65 55.38 -9.80
C ALA BA 215 19.74 56.70 -10.54
N LYS BA 216 20.33 57.73 -9.93
CA LYS BA 216 20.44 59.05 -10.54
C LYS BA 216 21.68 59.21 -11.41
N MET BA 217 22.20 58.11 -11.95
CA MET BA 217 23.46 58.13 -12.67
C MET BA 217 23.29 57.53 -14.05
N GLY CA 4 61.19 19.85 -2.93
CA GLY CA 4 60.31 20.61 -3.80
C GLY CA 4 60.77 20.60 -5.25
N ARG CA 5 59.80 20.44 -6.17
CA ARG CA 5 60.14 20.40 -7.59
C ARG CA 5 60.47 21.80 -8.12
N ALA CA 6 59.64 22.78 -7.83
CA ALA CA 6 59.80 24.13 -8.35
C ALA CA 6 59.63 25.11 -7.19
N ARG CA 7 60.74 25.46 -6.57
CA ARG CA 7 60.74 26.53 -5.58
C ARG CA 7 60.39 27.84 -6.25
N ALA CA 8 59.54 28.63 -5.60
CA ALA CA 8 59.18 29.95 -6.12
C ALA CA 8 60.39 30.87 -6.09
N LEU CA 9 60.33 31.95 -6.86
CA LEU CA 9 61.47 32.86 -6.95
C LEU CA 9 61.68 33.55 -5.61
N ARG CA 10 62.94 33.57 -5.17
CA ARG CA 10 63.30 34.03 -3.85
C ARG CA 10 63.15 35.53 -3.66
N GLN CA 11 62.98 36.30 -4.72
CA GLN CA 11 62.74 37.72 -4.59
C GLN CA 11 61.28 38.05 -4.35
N PHE CA 12 60.39 37.07 -4.47
CA PHE CA 12 58.96 37.31 -4.34
C PHE CA 12 58.33 36.41 -3.30
N THR CA 13 59.13 35.74 -2.48
CA THR CA 13 58.63 34.88 -1.42
C THR CA 13 58.78 35.60 -0.09
N LEU CA 14 57.68 35.67 0.66
CA LEU CA 14 57.63 36.25 1.98
C LEU CA 14 57.10 35.19 2.94
N SER CA 15 57.41 35.35 4.23
CA SER CA 15 57.00 34.41 5.25
C SER CA 15 56.00 35.07 6.20
N THR CA 16 54.86 34.44 6.39
CA THR CA 16 53.88 34.86 7.38
C THR CA 16 53.36 33.64 8.12
N GLY CA 17 52.93 33.86 9.35
CA GLY CA 17 52.39 32.79 10.17
C GLY CA 17 50.91 32.58 9.93
N LYS CA 18 50.32 31.75 10.78
CA LYS CA 18 48.89 31.50 10.76
C LYS CA 18 48.25 32.13 12.00
N SER CA 19 47.03 32.63 11.83
CA SER CA 19 46.31 33.22 12.93
C SER CA 19 45.35 32.24 13.59
N ALA CA 20 44.81 31.30 12.82
CA ALA CA 20 43.79 30.35 13.25
C ALA CA 20 42.55 31.03 13.81
N GLY CA 21 42.22 32.21 13.28
CA GLY CA 21 41.04 32.91 13.72
C GLY CA 21 41.16 33.66 15.02
N ARG CA 22 42.37 33.94 15.49
CA ARG CA 22 42.58 34.62 16.75
C ARG CA 22 43.02 36.04 16.49
N ASN CA 23 42.36 37.00 17.13
CA ASN CA 23 42.67 38.41 16.91
C ASN CA 23 43.86 38.86 17.72
N SER CA 24 44.06 40.17 17.85
CA SER CA 24 45.19 40.70 18.61
C SER CA 24 45.09 40.36 20.08
N SER CA 25 43.88 40.18 20.61
CA SER CA 25 43.70 39.84 22.01
C SER CA 25 43.91 38.38 22.30
N GLY CA 26 44.09 37.55 21.27
CA GLY CA 26 44.34 36.14 21.46
C GLY CA 26 43.12 35.27 21.48
N ARG CA 27 41.92 35.85 21.48
CA ARG CA 27 40.69 35.09 21.55
C ARG CA 27 40.20 34.76 20.15
N ILE CA 28 39.44 33.67 20.04
CA ILE CA 28 38.90 33.24 18.75
C ILE CA 28 37.80 34.20 18.33
N THR CA 29 37.90 34.73 17.12
CA THR CA 29 36.83 35.49 16.52
C THR CA 29 36.25 34.85 15.27
N VAL CA 30 37.04 34.09 14.53
CA VAL CA 30 36.55 33.27 13.42
C VAL CA 30 36.68 31.82 13.84
N PHE CA 31 35.58 31.09 13.76
CA PHE CA 31 35.56 29.74 14.31
C PHE CA 31 35.91 28.70 13.24
N HIS CA 32 36.35 27.53 13.72
CA HIS CA 32 36.66 26.37 12.90
C HIS CA 32 37.79 26.65 11.90
N ARG CA 33 38.93 27.10 12.43
CA ARG CA 33 40.13 27.29 11.65
C ARG CA 33 41.34 26.85 12.45
N GLY CA 34 42.40 26.47 11.74
CA GLY CA 34 43.65 26.14 12.40
C GLY CA 34 44.16 24.75 12.11
N GLY CA 35 45.48 24.58 12.11
CA GLY CA 35 46.07 23.27 11.97
C GLY CA 35 46.11 22.77 10.54
N GLY CA 36 46.59 23.60 9.63
CA GLY CA 36 46.70 23.23 8.23
C GLY CA 36 48.09 22.76 7.87
N SER CA 37 48.48 23.02 6.64
CA SER CA 37 49.84 22.80 6.17
C SER CA 37 50.59 24.12 6.13
N LYS CA 38 51.91 24.04 6.07
CA LYS CA 38 52.73 25.24 6.03
C LYS CA 38 52.70 25.86 4.65
N ARG CA 39 52.64 27.19 4.61
CA ARG CA 39 52.58 27.94 3.37
C ARG CA 39 53.54 29.12 3.43
N LEU CA 40 53.97 29.55 2.26
CA LEU CA 40 54.72 30.79 2.09
C LEU CA 40 53.95 31.70 1.18
N LEU CA 41 54.07 33.00 1.42
CA LEU CA 41 53.28 34.00 0.71
C LEU CA 41 54.03 34.47 -0.51
N ARG CA 42 53.33 34.62 -1.63
CA ARG CA 42 53.91 35.12 -2.86
C ARG CA 42 53.49 36.57 -3.06
N ARG CA 43 54.40 37.39 -3.56
CA ARG CA 43 54.10 38.79 -3.82
C ARG CA 43 53.65 38.94 -5.27
N ILE CA 44 52.46 39.50 -5.46
CA ILE CA 44 51.81 39.58 -6.76
C ILE CA 44 51.64 41.06 -7.12
N ASP CA 45 51.87 41.38 -8.38
CA ASP CA 45 51.58 42.73 -8.90
C ASP CA 45 50.09 42.81 -9.18
N LEU CA 46 49.35 43.45 -8.28
CA LEU CA 46 47.94 43.63 -8.46
C LEU CA 46 47.58 45.02 -8.96
N LYS CA 47 48.57 45.88 -9.15
CA LYS CA 47 48.30 47.22 -9.67
C LYS CA 47 48.45 47.28 -11.18
N ARG CA 48 49.61 46.85 -11.70
CA ARG CA 48 49.92 46.82 -13.13
C ARG CA 48 49.80 48.21 -13.76
N SER CA 49 50.21 49.23 -13.03
CA SER CA 49 50.08 50.60 -13.52
C SER CA 49 51.17 51.01 -14.48
N THR CA 50 52.31 50.33 -14.47
CA THR CA 50 53.42 50.67 -15.37
C THR CA 50 53.17 50.09 -16.74
N SER CA 51 53.25 50.93 -17.78
CA SER CA 51 52.95 50.51 -19.13
C SER CA 51 54.15 49.80 -19.74
N SER CA 52 54.00 48.53 -20.08
CA SER CA 52 55.13 47.71 -20.45
C SER CA 52 54.70 46.63 -21.45
N MET CA 53 55.67 45.83 -21.85
CA MET CA 53 55.49 44.68 -22.72
C MET CA 53 56.23 43.50 -22.11
N GLY CA 54 55.64 42.30 -22.18
CA GLY CA 54 56.18 41.17 -21.46
C GLY CA 54 56.06 39.88 -22.22
N ILE CA 55 56.80 38.87 -21.75
CA ILE CA 55 56.77 37.51 -22.26
C ILE CA 55 56.45 36.59 -21.10
N VAL CA 56 55.40 35.77 -21.25
CA VAL CA 56 55.02 34.83 -20.20
C VAL CA 56 56.03 33.69 -20.15
N GLU CA 57 56.71 33.55 -19.02
CA GLU CA 57 57.74 32.53 -18.87
C GLU CA 57 57.20 31.21 -18.34
N SER CA 58 56.41 31.24 -17.27
CA SER CA 58 55.90 30.00 -16.69
C SER CA 58 54.60 30.29 -15.95
N ILE CA 59 53.79 29.26 -15.82
CA ILE CA 59 52.57 29.29 -15.02
C ILE CA 59 52.79 28.40 -13.82
N GLU CA 60 52.61 28.95 -12.62
CA GLU CA 60 52.96 28.24 -11.40
C GLU CA 60 51.75 28.09 -10.50
N TYR CA 61 51.97 27.44 -9.36
CA TYR CA 61 50.95 27.12 -8.39
C TYR CA 61 51.09 28.03 -7.17
N ASP CA 62 49.98 28.60 -6.73
CA ASP CA 62 49.96 29.45 -5.55
C ASP CA 62 49.00 28.87 -4.53
N PRO CA 63 49.47 28.41 -3.37
CA PRO CA 63 48.56 27.82 -2.40
C PRO CA 63 47.68 28.84 -1.70
N ASN CA 64 48.05 30.11 -1.70
CA ASN CA 64 47.32 31.13 -0.95
C ASN CA 64 46.04 31.57 -1.64
N ARG CA 65 45.82 31.18 -2.89
CA ARG CA 65 44.65 31.63 -3.62
C ARG CA 65 44.20 30.52 -4.57
N SER CA 66 42.96 30.64 -5.04
CA SER CA 66 42.38 29.59 -5.86
C SER CA 66 42.91 29.60 -7.29
N SER CA 67 43.24 30.76 -7.82
CA SER CA 67 43.67 30.86 -9.21
C SER CA 67 45.13 30.45 -9.34
N GLN CA 68 45.70 30.75 -10.50
CA GLN CA 68 47.10 30.48 -10.78
C GLN CA 68 47.83 31.77 -11.10
N ILE CA 69 49.14 31.77 -10.92
CA ILE CA 69 49.95 32.94 -11.17
C ILE CA 69 50.91 32.64 -12.31
N ALA CA 70 51.46 33.71 -12.88
CA ALA CA 70 52.32 33.63 -14.04
C ALA CA 70 53.53 34.52 -13.83
N LEU CA 71 54.71 33.99 -14.12
CA LEU CA 71 55.94 34.76 -14.08
C LEU CA 71 56.18 35.37 -15.46
N VAL CA 72 56.36 36.69 -15.50
CA VAL CA 72 56.48 37.43 -16.75
C VAL CA 72 57.77 38.23 -16.69
N ARG CA 73 58.57 38.16 -17.75
CA ARG CA 73 59.73 39.03 -17.90
C ARG CA 73 59.38 40.16 -18.87
N TRP CA 74 59.77 41.37 -18.53
CA TRP CA 74 59.34 42.54 -19.26
C TRP CA 74 60.46 43.08 -20.13
N ILE CA 75 60.15 43.37 -21.38
CA ILE CA 75 61.16 43.75 -22.35
C ILE CA 75 61.15 45.25 -22.67
N LYS CA 76 60.04 45.95 -22.44
CA LYS CA 76 59.97 47.39 -22.68
C LYS CA 76 59.50 48.08 -21.41
N GLY CA 77 60.31 49.01 -20.93
CA GLY CA 77 59.98 49.72 -19.70
C GLY CA 77 60.24 48.90 -18.46
N LYS CA 94 71.96 89.92 -13.02
CA LYS CA 94 73.00 90.94 -12.86
C LYS CA 94 72.67 92.19 -13.66
N ILE CA 95 71.56 92.85 -13.31
CA ILE CA 95 71.03 93.98 -14.05
C ILE CA 95 70.72 95.11 -13.07
N LEU CA 96 70.54 96.31 -13.60
CA LEU CA 96 70.12 97.46 -12.80
C LEU CA 96 68.65 97.30 -12.45
N GLU CA 97 68.39 96.91 -11.21
CA GLU CA 97 67.02 96.69 -10.76
C GLU CA 97 66.28 98.02 -10.62
N PRO CA 98 64.94 98.01 -10.76
CA PRO CA 98 64.18 99.25 -10.61
C PRO CA 98 64.11 99.73 -9.17
N THR CA 99 65.17 100.37 -8.69
CA THR CA 99 65.19 100.89 -7.34
C THR CA 99 64.29 102.12 -7.24
N THR CA 100 63.22 102.01 -6.45
CA THR CA 100 62.22 103.06 -6.32
C THR CA 100 62.36 103.72 -4.96
N ASN CA 101 62.43 105.05 -4.96
CA ASN CA 101 62.53 105.84 -3.75
C ASN CA 101 61.20 106.47 -3.34
N THR CA 102 60.14 106.25 -4.09
CA THR CA 102 58.86 106.92 -3.85
C THR CA 102 57.89 105.94 -3.22
N ILE CA 103 57.38 106.29 -2.05
CA ILE CA 103 56.36 105.51 -1.34
C ILE CA 103 55.09 106.33 -1.27
N SER CA 104 53.96 105.68 -1.50
CA SER CA 104 52.68 106.37 -1.52
C SER CA 104 51.97 106.33 -0.18
N GLY CA 105 52.55 105.67 0.81
CA GLY CA 105 51.92 105.57 2.11
C GLY CA 105 52.55 104.50 2.99
N LEU CA 106 52.54 104.71 4.29
CA LEU CA 106 53.10 103.78 5.25
C LEU CA 106 52.01 103.26 6.17
N PHE CA 107 51.90 101.95 6.28
CA PHE CA 107 51.00 101.32 7.24
C PHE CA 107 51.84 100.56 8.25
N SER CA 108 51.56 100.77 9.53
CA SER CA 108 52.30 100.15 10.62
C SER CA 108 51.36 99.28 11.45
N PHE CA 109 51.74 98.02 11.64
CA PHE CA 109 50.93 97.05 12.39
C PHE CA 109 51.24 97.22 13.87
N SER CA 110 50.58 98.17 14.51
CA SER CA 110 50.83 98.42 15.91
C SER CA 110 49.61 98.17 16.78
N PHE CA 111 48.45 97.88 16.20
CA PHE CA 111 47.27 97.52 16.96
C PHE CA 111 46.85 96.08 16.76
N LEU CA 112 47.52 95.35 15.87
CA LEU CA 112 47.25 93.92 15.75
C LEU CA 112 47.62 93.08 16.99
N PRO CA 113 48.63 93.42 17.81
CA PRO CA 113 48.74 92.73 19.10
C PRO CA 113 47.52 92.88 19.99
N GLY CA 114 46.76 93.96 19.87
CA GLY CA 114 45.63 94.20 20.73
C GLY CA 114 45.96 94.94 22.00
N LYS CA 115 47.24 95.12 22.31
CA LYS CA 115 47.65 95.87 23.48
C LYS CA 115 49.00 96.50 23.16
N VAL CA 116 49.06 97.83 23.20
CA VAL CA 116 50.23 98.56 22.75
C VAL CA 116 51.25 98.62 23.88
N ASP CA 117 52.44 98.06 23.63
CA ASP CA 117 53.45 97.96 24.68
C ASP CA 117 54.83 98.09 24.06
N LYS CA 118 55.80 98.38 24.92
CA LYS CA 118 57.18 98.61 24.50
C LYS CA 118 57.86 97.29 24.17
N ARG CA 119 59.08 97.39 23.64
CA ARG CA 119 59.83 96.27 23.12
C ARG CA 119 61.03 95.97 24.03
N LYS CA 120 61.21 94.69 24.33
CA LYS CA 120 62.30 94.23 25.20
C LYS CA 120 63.61 94.23 24.40
N VAL CA 121 64.73 94.06 25.09
CA VAL CA 121 66.07 94.10 24.51
C VAL CA 121 66.30 93.03 23.45
N THR CA 159 66.36 95.01 34.23
CA THR CA 159 65.19 94.35 33.65
C THR CA 159 64.58 93.35 34.63
N LYS CA 160 63.34 93.60 35.03
CA LYS CA 160 62.61 92.63 35.83
C LYS CA 160 62.22 91.42 35.00
N THR CA 161 62.08 90.29 35.67
CA THR CA 161 61.59 89.08 35.02
C THR CA 161 60.07 89.08 35.08
N LEU CA 162 59.43 88.85 33.95
CA LEU CA 162 57.99 88.95 33.85
C LEU CA 162 57.36 87.60 33.60
N VAL CA 163 56.03 87.57 33.67
CA VAL CA 163 55.27 86.34 33.44
C VAL CA 163 55.40 85.88 32.01
N LYS CA 164 55.37 86.82 31.06
CA LYS CA 164 55.54 86.46 29.66
C LYS CA 164 56.93 85.94 29.37
N ASP CA 165 57.96 86.50 30.02
CA ASP CA 165 59.30 85.98 29.84
C ASP CA 165 59.46 84.60 30.47
N VAL CA 166 58.81 84.36 31.61
CA VAL CA 166 58.82 83.03 32.21
C VAL CA 166 58.15 82.01 31.30
N PHE CA 167 57.01 82.37 30.72
CA PHE CA 167 56.33 81.46 29.82
C PHE CA 167 57.04 81.31 28.49
N PHE CA 168 57.86 82.28 28.09
CA PHE CA 168 58.66 82.11 26.89
C PHE CA 168 59.83 81.17 27.16
N SER CA 169 60.46 81.28 28.32
CA SER CA 169 61.58 80.40 28.65
C SER CA 169 61.13 78.98 28.96
N ALA CA 170 59.95 78.82 29.54
CA ALA CA 170 59.46 77.48 29.88
C ALA CA 170 59.04 76.69 28.65
N PHE CA 171 58.67 77.36 27.55
CA PHE CA 171 58.21 76.68 26.35
C PHE CA 171 59.11 76.96 25.16
N SER CA 172 60.27 77.56 25.37
CA SER CA 172 61.16 77.91 24.26
C SER CA 172 61.91 76.67 23.78
N SER CA 173 62.87 76.89 22.88
CA SER CA 173 63.69 75.81 22.34
C SER CA 173 64.60 75.21 23.42
N PRO CA 174 65.00 73.95 23.25
CA PRO CA 174 66.01 73.40 24.18
C PRO CA 174 67.35 74.12 24.13
N LYS CA 175 67.68 74.77 23.01
CA LYS CA 175 68.86 75.62 22.92
C LYS CA 175 68.70 76.65 21.81
N LEU CA 183 62.09 88.73 12.05
CA LEU CA 183 63.08 87.72 12.39
C LEU CA 183 62.58 86.35 11.98
N ALA CA 184 61.62 85.84 12.74
CA ALA CA 184 60.99 84.55 12.47
C ALA CA 184 59.93 84.64 11.38
N PHE CA 185 59.70 85.82 10.83
CA PHE CA 185 58.71 86.02 9.77
C PHE CA 185 59.30 85.72 8.40
N ALA CA 186 59.89 84.53 8.28
CA ALA CA 186 60.52 84.06 7.05
C ALA CA 186 60.69 82.56 7.17
N SER CA 187 61.28 81.96 6.12
CA SER CA 187 61.67 80.56 6.07
C SER CA 187 60.50 79.60 6.27
N SER CA 188 60.10 79.39 7.53
CA SER CA 188 59.12 78.36 7.83
C SER CA 188 57.71 78.81 7.44
N PHE CA 189 57.36 80.07 7.71
CA PHE CA 189 55.99 80.49 7.49
C PHE CA 189 55.88 81.74 6.62
N ASP CA 190 56.87 82.62 6.69
CA ASP CA 190 56.86 83.80 5.85
C ASP CA 190 55.84 84.83 6.30
N PHE CA 191 55.64 85.81 5.43
CA PHE CA 191 54.74 86.93 5.74
C PHE CA 191 53.28 86.48 5.64
N PRO CA 192 52.49 86.84 6.67
CA PRO CA 192 51.09 86.50 6.67
C PRO CA 192 50.37 87.33 5.63
N ARG CA 193 49.28 86.82 5.08
CA ARG CA 193 48.53 87.54 4.08
C ARG CA 193 47.69 88.62 4.69
N ILE CA 194 47.33 88.45 5.95
CA ILE CA 194 46.45 89.41 6.58
C ILE CA 194 46.98 90.81 6.49
N PRO CA 195 48.26 91.01 6.84
CA PRO CA 195 48.73 92.38 6.84
C PRO CA 195 48.20 93.09 5.65
N VAL CA 196 48.38 92.52 4.48
CA VAL CA 196 47.94 93.16 3.26
C VAL CA 196 46.57 92.66 2.86
N ALA CA 197 45.52 93.16 3.49
CA ALA CA 197 44.18 92.64 3.22
C ALA CA 197 43.25 93.68 2.63
N GLY CA 198 43.47 94.94 2.96
CA GLY CA 198 42.69 96.01 2.38
C GLY CA 198 42.85 96.11 0.88
N VAL CA 199 44.07 95.86 0.38
CA VAL CA 199 44.33 95.83 -1.05
C VAL CA 199 45.27 94.64 -1.29
N SER CA 200 44.74 93.58 -1.88
CA SER CA 200 45.64 92.48 -2.16
C SER CA 200 46.49 92.66 -3.43
N THR CA 201 45.99 93.16 -4.59
CA THR CA 201 46.97 93.22 -5.69
C THR CA 201 47.77 94.53 -5.70
N ALA CA 202 48.74 94.60 -4.79
CA ALA CA 202 49.62 95.76 -4.69
C ALA CA 202 50.97 95.30 -4.19
N PHE CA 203 52.03 95.77 -4.83
CA PHE CA 203 53.38 95.37 -4.46
C PHE CA 203 53.75 96.04 -3.14
N PHE CA 204 54.21 95.25 -2.18
CA PHE CA 204 54.47 95.76 -0.83
C PHE CA 204 55.87 95.39 -0.39
N ALA CA 205 56.44 96.23 0.48
CA ALA CA 205 57.75 95.98 1.07
C ALA CA 205 57.64 95.97 2.59
N PRO CA 206 57.68 94.81 3.22
CA PRO CA 206 57.70 94.77 4.69
C PRO CA 206 59.07 95.18 5.20
N ARG CA 207 59.08 95.85 6.35
CA ARG CA 207 60.34 96.25 6.97
C ARG CA 207 60.10 96.53 8.45
N MET CA 208 61.14 96.30 9.25
CA MET CA 208 61.04 96.57 10.67
C MET CA 208 61.03 98.07 10.91
N ARG CA 209 60.24 98.49 11.90
CA ARG CA 209 60.11 99.90 12.20
C ARG CA 209 61.31 100.37 13.02
N GLN CA 210 61.96 101.44 12.56
CA GLN CA 210 63.17 101.97 13.18
C GLN CA 210 62.85 103.20 14.01
N LYS CA 211 63.66 103.41 15.05
CA LYS CA 211 63.46 104.57 15.92
C LYS CA 211 63.79 105.87 15.20
N VAL CA 212 64.83 105.87 14.38
CA VAL CA 212 65.16 106.99 13.51
C VAL CA 212 64.54 106.71 12.15
N ARG CA 213 64.22 107.78 11.40
CA ARG CA 213 63.56 107.64 10.11
C ARG CA 213 64.42 106.86 9.13
N GLY CA 214 63.80 105.88 8.45
CA GLY CA 214 64.51 104.98 7.57
C GLY CA 214 64.67 105.49 6.15
N LYS CA 215 65.37 104.70 5.35
CA LYS CA 215 65.62 105.03 3.96
C LYS CA 215 64.51 104.50 3.06
N SER CA 216 64.35 105.14 1.91
CA SER CA 216 63.30 104.79 0.97
C SER CA 216 63.79 103.94 -0.19
N THR CA 217 65.07 103.57 -0.22
CA THR CA 217 65.62 102.82 -1.33
C THR CA 217 65.16 101.37 -1.28
N PHE CA 218 64.52 100.90 -2.35
CA PHE CA 218 63.93 99.56 -2.38
C PHE CA 218 64.33 98.86 -3.67
N SER CA 219 65.09 97.77 -3.54
CA SER CA 219 65.49 97.03 -4.72
C SER CA 219 64.37 96.10 -5.16
N LEU CA 220 64.61 95.39 -6.26
CA LEU CA 220 63.66 94.42 -6.78
C LEU CA 220 63.53 93.18 -5.91
N TYR CA 221 64.56 92.86 -5.13
CA TYR CA 221 64.51 91.71 -4.25
C TYR CA 221 63.68 91.99 -3.00
N GLU CA 222 63.54 93.24 -2.59
CA GLU CA 222 62.85 93.61 -1.36
C GLU CA 222 61.38 93.92 -1.58
N VAL CA 223 60.85 93.69 -2.78
CA VAL CA 223 59.46 94.02 -3.07
C VAL CA 223 58.69 92.77 -3.37
N GLN CA 224 57.51 92.64 -2.79
CA GLN CA 224 56.77 91.41 -2.94
C GLN CA 224 55.36 91.59 -3.39
N LYS CA 225 54.81 90.58 -4.04
CA LYS CA 225 53.42 90.63 -4.40
C LYS CA 225 52.87 89.22 -4.47
N TRP CA 226 51.83 88.94 -3.70
CA TRP CA 226 51.23 87.63 -3.82
C TRP CA 226 50.61 87.79 -5.17
N ARG CA 227 50.83 86.84 -6.06
CA ARG CA 227 50.33 86.98 -7.40
C ARG CA 227 48.85 86.88 -7.38
N THR CA 228 48.32 86.00 -8.20
CA THR CA 228 46.90 85.76 -8.13
C THR CA 228 46.70 84.28 -7.75
N HIS CA 229 47.72 83.44 -7.96
CA HIS CA 229 47.62 82.05 -7.54
C HIS CA 229 47.11 81.93 -6.11
N SER CA 230 47.72 82.67 -5.19
CA SER CA 230 47.29 82.66 -3.80
C SER CA 230 46.34 83.82 -3.54
N ILE CA 231 45.12 83.47 -3.12
CA ILE CA 231 44.05 84.45 -3.02
C ILE CA 231 44.17 85.23 -1.71
N LYS CA 240 48.66 75.52 1.19
CA LYS CA 240 49.62 75.47 2.27
C LYS CA 240 49.55 74.15 3.02
N ALA CA 241 50.41 74.00 4.03
CA ALA CA 241 50.40 72.83 4.89
C ALA CA 241 49.50 73.09 6.09
N GLY CA 242 49.54 72.19 7.07
CA GLY CA 242 48.70 72.35 8.25
C GLY CA 242 49.35 71.82 9.51
N LEU CA 243 49.38 72.65 10.54
CA LEU CA 243 49.93 72.24 11.82
C LEU CA 243 48.95 71.36 12.58
N SER CA 244 49.43 70.75 13.64
CA SER CA 244 48.62 69.88 14.47
C SER CA 244 48.72 70.37 15.91
N TRP CA 245 47.60 70.33 16.63
CA TRP CA 245 47.52 70.96 17.94
C TRP CA 245 48.41 70.27 18.97
N GLN CA 246 48.51 68.95 18.94
CA GLN CA 246 49.22 68.22 19.98
C GLN CA 246 50.58 67.69 19.54
N SER CA 247 50.88 67.68 18.25
CA SER CA 247 52.16 67.17 17.77
C SER CA 247 53.03 68.24 17.12
N PHE CA 248 52.79 69.51 17.44
CA PHE CA 248 53.64 70.58 16.93
C PHE CA 248 54.82 70.88 17.84
N ARG CA 249 54.70 70.60 19.14
CA ARG CA 249 55.79 70.87 20.07
C ARG CA 249 57.01 70.02 19.76
N ARG CA 250 56.80 68.75 19.41
CA ARG CA 250 57.90 67.87 19.03
C ARG CA 250 58.62 68.37 17.78
N GLN CA 251 57.87 68.84 16.80
CA GLN CA 251 58.49 69.33 15.57
C GLN CA 251 59.16 70.68 15.78
N ASP CA 252 58.65 71.49 16.70
CA ASP CA 252 59.37 72.70 17.13
C ASP CA 252 60.68 72.32 17.80
N THR CA 253 60.69 71.25 18.59
CA THR CA 253 61.89 70.77 19.27
C THR CA 253 62.76 70.00 18.27
N LEU CA 254 63.32 70.74 17.30
CA LEU CA 254 64.37 70.34 16.37
C LEU CA 254 63.92 69.27 15.37
N GLY CA 255 62.73 68.71 15.51
CA GLY CA 255 62.36 67.49 14.84
C GLY CA 255 62.66 66.23 15.62
N LEU CA 256 63.60 66.32 16.57
CA LEU CA 256 63.97 65.25 17.50
C LEU CA 256 64.37 63.95 16.81
N ALA CA 298 67.11 50.34 -19.43
CA ALA CA 298 67.72 49.03 -19.63
C ALA CA 298 68.86 48.80 -18.66
N CYS CA 299 68.89 47.60 -18.08
CA CYS CA 299 69.99 47.16 -17.24
C CYS CA 299 71.02 46.43 -18.10
N LYS CA 300 71.95 45.72 -17.46
CA LYS CA 300 72.95 44.97 -18.20
C LYS CA 300 72.33 43.74 -18.86
N VAL CA 301 73.14 43.01 -19.63
CA VAL CA 301 72.64 41.89 -20.41
C VAL CA 301 72.29 40.68 -19.55
N ASP CA 302 72.84 40.59 -18.34
CA ASP CA 302 72.61 39.44 -17.49
C ASP CA 302 71.43 39.62 -16.54
N ARG CA 303 70.70 40.72 -16.66
CA ARG CA 303 69.57 41.00 -15.77
C ARG CA 303 68.29 41.11 -16.57
N ALA CA 304 67.17 40.86 -15.91
CA ALA CA 304 65.86 40.88 -16.53
C ALA CA 304 64.79 41.19 -15.51
N PRO CA 305 63.99 42.25 -15.69
CA PRO CA 305 62.90 42.51 -14.75
C PRO CA 305 61.77 41.51 -14.93
N VAL CA 306 61.33 40.93 -13.80
CA VAL CA 306 60.26 39.94 -13.79
C VAL CA 306 59.25 40.30 -12.73
N THR CA 307 57.99 39.93 -12.97
CA THR CA 307 56.92 40.13 -12.00
C THR CA 307 55.99 38.93 -12.02
N TYR CA 308 55.20 38.83 -10.96
CA TYR CA 308 54.16 37.83 -10.81
C TYR CA 308 52.82 38.47 -11.05
N ILE CA 309 52.02 37.87 -11.92
CA ILE CA 309 50.67 38.38 -12.16
C ILE CA 309 49.69 37.24 -12.05
N ILE CA 310 48.41 37.59 -11.91
CA ILE CA 310 47.37 36.57 -11.90
C ILE CA 310 47.15 36.09 -13.33
N ALA CA 311 47.35 34.79 -13.57
CA ALA CA 311 47.24 34.27 -14.92
C ALA CA 311 45.78 34.18 -15.33
N SER CA 312 45.53 34.48 -16.60
CA SER CA 312 44.20 34.35 -17.16
C SER CA 312 44.03 32.99 -17.84
N HIS CA 313 42.80 32.69 -18.22
CA HIS CA 313 42.53 31.48 -18.97
C HIS CA 313 43.17 31.59 -20.36
N GLN CA 314 43.65 30.46 -20.85
CA GLN CA 314 44.32 30.34 -22.16
C GLN CA 314 45.52 31.27 -22.28
N LEU CA 315 46.35 31.32 -21.25
CA LEU CA 315 47.59 32.10 -21.24
C LEU CA 315 48.73 31.16 -20.89
N GLU CA 316 49.46 30.69 -21.89
CA GLU CA 316 50.59 29.80 -21.68
C GLU CA 316 51.90 30.55 -21.93
N ALA CA 317 53.00 29.81 -21.87
CA ALA CA 317 54.31 30.41 -22.01
C ALA CA 317 54.56 30.86 -23.45
N GLY CA 318 55.39 31.90 -23.58
CA GLY CA 318 55.76 32.45 -24.87
C GLY CA 318 54.82 33.51 -25.41
N LYS CA 319 53.76 33.86 -24.68
CA LYS CA 319 52.77 34.80 -25.20
C LYS CA 319 53.14 36.22 -24.82
N MET CA 320 52.35 37.16 -25.34
CA MET CA 320 52.56 38.59 -25.14
C MET CA 320 51.58 39.12 -24.11
N VAL CA 321 52.04 40.07 -23.30
CA VAL CA 321 51.22 40.69 -22.27
C VAL CA 321 51.44 42.20 -22.36
N MET CA 322 50.34 42.95 -22.39
CA MET CA 322 50.39 44.39 -22.54
C MET CA 322 49.85 45.08 -21.30
N ASN CA 323 50.51 46.16 -20.91
CA ASN CA 323 49.95 47.12 -19.96
C ASN CA 323 49.80 48.44 -20.69
N CYS CA 324 48.58 48.95 -20.75
CA CYS CA 324 48.27 50.14 -21.53
C CYS CA 324 47.95 51.30 -20.62
N ASP CA 325 48.35 52.50 -21.03
CA ASP CA 325 48.12 53.72 -20.28
C ASP CA 325 47.20 54.63 -21.08
N TRP CA 326 46.72 55.68 -20.42
CA TRP CA 326 45.70 56.55 -21.01
C TRP CA 326 46.27 57.35 -22.18
N SER CA 327 45.46 57.54 -23.21
CA SER CA 327 45.85 58.34 -24.37
C SER CA 327 44.74 59.30 -24.75
N THR DA 55 32.28 -66.52 98.80
CA THR DA 55 32.70 -65.85 97.59
C THR DA 55 32.04 -66.50 96.36
N ARG DA 56 31.97 -65.75 95.27
CA ARG DA 56 31.36 -66.25 94.05
C ARG DA 56 32.32 -67.20 93.34
N ILE DA 57 31.79 -68.32 92.86
CA ILE DA 57 32.55 -69.32 92.13
C ILE DA 57 32.09 -69.32 90.68
N ILE DA 58 33.05 -69.21 89.75
CA ILE DA 58 32.78 -69.27 88.32
C ILE DA 58 33.46 -70.51 87.77
N ASP DA 59 32.71 -71.29 86.99
CA ASP DA 59 33.17 -72.58 86.49
C ASP DA 59 33.39 -72.53 84.98
N ALA DA 60 34.53 -73.04 84.52
CA ALA DA 60 34.88 -72.93 83.10
C ALA DA 60 34.31 -74.12 82.33
N LYS DA 61 32.98 -74.15 82.25
CA LYS DA 61 32.32 -75.22 81.54
C LYS DA 61 31.32 -74.66 80.55
N PRO DA 62 31.10 -75.33 79.42
CA PRO DA 62 30.09 -74.87 78.47
C PRO DA 62 28.69 -75.04 79.03
N GLY DA 63 27.78 -74.22 78.51
CA GLY DA 63 26.39 -74.25 78.94
C GLY DA 63 25.43 -74.16 77.78
N GLU DA 64 24.21 -73.70 78.05
CA GLU DA 64 23.18 -73.54 77.03
C GLU DA 64 22.77 -72.08 76.99
N MET DA 65 22.75 -71.51 75.79
CA MET DA 65 22.40 -70.11 75.63
C MET DA 65 20.89 -69.93 75.76
N SER DA 66 20.50 -68.89 76.47
CA SER DA 66 19.11 -68.51 76.64
C SER DA 66 18.75 -67.41 75.65
N PRO DA 67 17.46 -67.17 75.40
CA PRO DA 67 17.09 -65.98 74.61
C PRO DA 67 17.52 -64.66 75.22
N GLY DA 68 17.57 -64.57 76.54
CA GLY DA 68 17.93 -63.33 77.20
C GLY DA 68 19.38 -63.23 77.65
N SER DA 69 20.25 -64.06 77.07
CA SER DA 69 21.66 -64.04 77.45
C SER DA 69 22.44 -63.05 76.59
N LYS DA 70 23.66 -62.75 77.03
CA LYS DA 70 24.51 -61.79 76.33
C LYS DA 70 25.96 -62.16 76.64
N ARG DA 71 26.65 -62.74 75.66
CA ARG DA 71 28.01 -63.17 75.88
C ARG DA 71 28.99 -62.07 75.51
N THR DA 72 30.28 -62.32 75.73
CA THR DA 72 31.29 -61.28 75.68
C THR DA 72 31.73 -60.99 74.25
N GLY DA 73 32.48 -59.91 74.09
CA GLY DA 73 33.02 -59.51 72.81
C GLY DA 73 34.48 -59.91 72.66
N ILE DA 74 35.07 -59.50 71.54
CA ILE DA 74 36.44 -59.88 71.19
C ILE DA 74 37.16 -58.65 70.65
N ILE DA 75 38.39 -58.40 71.14
CA ILE DA 75 39.22 -57.32 70.62
C ILE DA 75 40.08 -57.86 69.49
N ALA DA 76 40.19 -57.10 68.40
CA ALA DA 76 40.97 -57.49 67.24
C ALA DA 76 41.82 -56.33 66.77
N VAL DA 77 42.86 -56.64 66.00
CA VAL DA 77 43.67 -55.65 65.32
C VAL DA 77 43.31 -55.70 63.84
N LYS DA 78 43.03 -54.54 63.26
CA LYS DA 78 42.68 -54.48 61.85
C LYS DA 78 43.95 -54.56 61.01
N CYS DA 79 44.03 -55.56 60.13
CA CYS DA 79 45.25 -55.75 59.37
C CYS DA 79 45.22 -55.08 58.01
N GLY DA 80 44.05 -54.86 57.43
CA GLY DA 80 43.94 -54.22 56.15
C GLY DA 80 42.80 -54.81 55.36
N MET DA 81 42.84 -54.63 54.04
CA MET DA 81 41.81 -55.15 53.16
C MET DA 81 42.45 -55.92 52.02
N THR DA 82 41.73 -56.90 51.51
CA THR DA 82 42.13 -57.68 50.36
C THR DA 82 40.85 -58.25 49.74
N ALA DA 83 40.97 -59.23 48.86
CA ALA DA 83 39.79 -59.80 48.23
C ALA DA 83 40.04 -61.24 47.84
N LEU DA 84 38.96 -61.95 47.55
CA LEU DA 84 39.00 -63.35 47.14
C LEU DA 84 37.75 -63.63 46.32
N TRP DA 85 37.54 -64.90 45.98
CA TRP DA 85 36.39 -65.32 45.19
C TRP DA 85 35.61 -66.42 45.90
N ASP DA 86 34.31 -66.45 45.66
CA ASP DA 86 33.42 -67.43 46.26
C ASP DA 86 33.51 -68.76 45.52
N LYS DA 87 32.68 -69.72 45.95
CA LYS DA 87 32.52 -70.97 45.22
C LYS DA 87 31.69 -70.79 43.96
N TRP DA 88 30.85 -69.75 43.91
CA TRP DA 88 30.07 -69.44 42.72
C TRP DA 88 30.75 -68.43 41.81
N GLY DA 89 31.97 -68.02 42.13
CA GLY DA 89 32.73 -67.17 41.24
C GLY DA 89 32.48 -65.69 41.36
N ALA DA 90 31.86 -65.23 42.43
CA ALA DA 90 31.64 -63.81 42.68
C ALA DA 90 32.74 -63.27 43.57
N ARG DA 91 33.16 -62.04 43.29
CA ARG DA 91 34.24 -61.44 44.06
C ARG DA 91 33.72 -60.97 45.42
N VAL DA 92 34.51 -61.17 46.45
CA VAL DA 92 34.18 -60.69 47.79
C VAL DA 92 35.33 -59.88 48.35
N PRO DA 93 35.16 -58.58 48.58
CA PRO DA 93 36.19 -57.82 49.30
C PRO DA 93 36.12 -58.11 50.79
N VAL DA 94 37.27 -58.42 51.39
CA VAL DA 94 37.30 -58.84 52.78
C VAL DA 94 38.24 -57.96 53.58
N SER DA 95 38.00 -57.93 54.88
CA SER DA 95 38.90 -57.35 55.87
C SER DA 95 39.36 -58.44 56.80
N ILE DA 96 40.63 -58.40 57.18
CA ILE DA 96 41.24 -59.43 58.00
C ILE DA 96 41.51 -58.85 59.38
N LEU DA 97 41.00 -59.51 60.40
CA LEU DA 97 41.18 -59.08 61.77
C LEU DA 97 41.97 -60.13 62.53
N TRP DA 98 42.97 -59.69 63.27
CA TRP DA 98 43.86 -60.55 64.03
C TRP DA 98 43.48 -60.49 65.50
N VAL DA 99 43.05 -61.62 66.05
CA VAL DA 99 42.70 -61.69 67.46
C VAL DA 99 43.96 -62.12 68.20
N ASP DA 100 44.67 -61.15 68.77
CA ASP DA 100 46.01 -61.38 69.29
C ASP DA 100 45.97 -61.50 70.81
N ASP DA 101 45.80 -62.73 71.28
CA ASP DA 101 46.03 -63.10 72.68
C ASP DA 101 45.09 -62.34 73.62
N ASN DA 102 43.79 -62.52 73.41
CA ASN DA 102 42.80 -61.93 74.30
C ASN DA 102 42.71 -62.72 75.58
N ILE DA 103 42.73 -62.02 76.71
CA ILE DA 103 42.68 -62.65 78.03
C ILE DA 103 41.72 -61.85 78.91
N VAL DA 104 40.82 -62.56 79.61
CA VAL DA 104 39.95 -61.93 80.59
C VAL DA 104 40.78 -61.49 81.78
N SER DA 105 40.84 -60.17 82.03
CA SER DA 105 41.73 -59.62 83.03
C SER DA 105 41.03 -59.04 84.25
N GLN DA 106 39.70 -58.91 84.24
CA GLN DA 106 38.96 -58.49 85.42
C GLN DA 106 37.51 -58.91 85.26
N VAL DA 107 36.89 -59.27 86.38
CA VAL DA 107 35.47 -59.62 86.44
C VAL DA 107 34.77 -58.61 87.32
N LYS DA 108 33.63 -58.09 86.86
CA LYS DA 108 32.86 -57.10 87.60
C LYS DA 108 31.47 -57.65 87.89
N THR DA 109 31.09 -57.62 89.16
CA THR DA 109 29.89 -58.29 89.64
C THR DA 109 28.96 -57.32 90.36
N ILE DA 110 27.72 -57.77 90.57
CA ILE DA 110 26.70 -56.91 91.14
C ILE DA 110 26.93 -56.65 92.64
N GLU DA 111 27.60 -57.55 93.33
CA GLU DA 111 27.83 -57.37 94.76
C GLU DA 111 28.98 -56.42 95.06
N LYS DA 112 29.78 -56.06 94.07
CA LYS DA 112 30.93 -55.20 94.26
C LYS DA 112 30.92 -53.98 93.36
N GLU DA 113 30.53 -54.13 92.09
CA GLU DA 113 30.48 -53.01 91.16
C GLU DA 113 29.06 -52.67 90.72
N GLY DA 114 28.08 -53.54 90.98
CA GLY DA 114 26.71 -53.24 90.63
C GLY DA 114 26.30 -53.60 89.23
N ILE DA 115 27.22 -54.07 88.39
CA ILE DA 115 26.93 -54.50 87.03
C ILE DA 115 27.64 -55.82 86.77
N PHE DA 116 27.24 -56.49 85.69
CA PHE DA 116 27.87 -57.72 85.26
C PHE DA 116 28.66 -57.45 83.98
N ALA DA 117 29.97 -57.44 84.08
CA ALA DA 117 30.78 -57.13 82.90
C ALA DA 117 32.13 -57.80 83.01
N LEU DA 118 32.77 -57.98 81.86
CA LEU DA 118 34.09 -58.58 81.77
C LEU DA 118 35.06 -57.60 81.13
N GLN DA 119 36.26 -57.49 81.68
CA GLN DA 119 37.32 -56.71 81.05
C GLN DA 119 38.25 -57.65 80.32
N ILE DA 120 38.58 -57.33 79.08
CA ILE DA 120 39.37 -58.17 78.19
C ILE DA 120 40.55 -57.36 77.68
N GLY DA 121 41.75 -57.95 77.72
CA GLY DA 121 42.94 -57.33 77.20
C GLY DA 121 43.49 -58.06 75.99
N CYS DA 122 44.25 -57.32 75.19
CA CYS DA 122 44.81 -57.79 73.94
C CYS DA 122 46.21 -57.22 73.77
N GLY DA 123 47.06 -57.97 73.07
CA GLY DA 123 48.41 -57.49 72.77
C GLY DA 123 49.43 -57.83 73.83
N HIS DA 124 50.63 -57.28 73.66
CA HIS DA 124 51.75 -57.50 74.57
C HIS DA 124 52.45 -56.19 74.87
N LYS DA 125 52.91 -56.03 76.10
CA LYS DA 125 53.64 -54.84 76.53
C LYS DA 125 54.74 -55.22 77.50
N LYS DA 126 55.89 -54.58 77.35
CA LYS DA 126 56.98 -54.71 78.30
C LYS DA 126 56.64 -53.95 79.58
N PRO DA 127 57.31 -54.26 80.69
CA PRO DA 127 57.09 -53.46 81.91
C PRO DA 127 57.44 -51.99 81.75
N LYS DA 128 58.42 -51.66 80.93
CA LYS DA 128 58.74 -50.27 80.66
C LYS DA 128 57.73 -49.60 79.76
N HIS DA 129 56.87 -50.37 79.08
CA HIS DA 129 55.84 -49.77 78.25
C HIS DA 129 54.67 -49.25 79.07
N LEU DA 130 54.33 -49.93 80.16
CA LEU DA 130 53.23 -49.56 81.02
C LEU DA 130 53.68 -48.65 82.14
N THR DA 131 52.79 -47.78 82.58
CA THR DA 131 53.05 -46.99 83.77
C THR DA 131 52.90 -47.87 85.00
N MET DA 132 53.36 -47.34 86.13
CA MET DA 132 53.30 -48.11 87.38
C MET DA 132 51.90 -48.50 87.86
N PRO DA 133 50.86 -47.65 87.79
CA PRO DA 133 49.52 -48.13 88.18
C PRO DA 133 49.00 -49.29 87.33
N GLU DA 134 49.25 -49.30 86.01
CA GLU DA 134 48.80 -50.42 85.20
C GLU DA 134 49.62 -51.67 85.44
N LEU DA 135 50.92 -51.51 85.69
CA LEU DA 135 51.76 -52.63 86.07
C LEU DA 135 51.26 -53.28 87.35
N GLY DA 136 50.92 -52.44 88.34
CA GLY DA 136 50.34 -52.96 89.58
C GLY DA 136 49.00 -53.60 89.39
N HIS DA 137 48.16 -53.07 88.50
CA HIS DA 137 46.85 -53.65 88.24
C HIS DA 137 46.98 -55.05 87.64
N PHE DA 138 47.87 -55.23 86.67
CA PHE DA 138 48.11 -56.55 86.11
C PHE DA 138 48.74 -57.50 87.11
N ARG DA 139 49.69 -57.01 87.91
CA ARG DA 139 50.34 -57.88 88.90
C ARG DA 139 49.37 -58.33 89.98
N ALA DA 140 48.43 -57.47 90.35
CA ALA DA 140 47.43 -57.84 91.34
C ALA DA 140 46.38 -58.78 90.78
N GLN DA 141 45.97 -58.59 89.52
CA GLN DA 141 45.01 -59.52 88.93
C GLN DA 141 45.63 -60.85 88.53
N GLY DA 142 46.95 -60.94 88.44
CA GLY DA 142 47.59 -62.19 88.08
C GLY DA 142 47.42 -62.59 86.63
N VAL DA 143 47.63 -61.65 85.72
CA VAL DA 143 47.52 -61.89 84.28
C VAL DA 143 48.78 -61.36 83.62
N PRO DA 144 49.14 -61.86 82.44
CA PRO DA 144 50.24 -61.27 81.69
C PRO DA 144 49.91 -59.88 81.18
N LEU DA 145 50.96 -59.09 80.95
CA LEU DA 145 50.80 -57.70 80.54
C LEU DA 145 50.21 -57.59 79.14
N LYS DA 146 49.23 -56.71 79.00
CA LYS DA 146 48.50 -56.55 77.75
C LYS DA 146 48.67 -55.13 77.22
N ARG DA 147 48.24 -54.92 75.98
CA ARG DA 147 48.36 -53.63 75.33
C ARG DA 147 47.08 -52.80 75.41
N LYS DA 148 45.95 -53.39 75.06
CA LYS DA 148 44.68 -52.67 75.00
C LYS DA 148 43.67 -53.36 75.89
N LEU DA 149 42.88 -52.57 76.60
CA LEU DA 149 41.84 -53.07 77.49
C LEU DA 149 40.47 -52.58 77.03
N ARG DA 150 39.45 -53.39 77.28
CA ARG DA 150 38.08 -53.01 76.97
C ARG DA 150 37.17 -53.73 77.95
N GLU DA 151 35.96 -53.23 78.13
CA GLU DA 151 34.98 -53.84 79.01
C GLU DA 151 33.68 -54.07 78.28
N PHE DA 152 33.15 -55.28 78.39
CA PHE DA 152 31.95 -55.72 77.71
C PHE DA 152 30.90 -56.14 78.72
N PRO DA 153 29.68 -55.60 78.65
CA PRO DA 153 28.63 -56.05 79.57
C PRO DA 153 28.11 -57.42 79.20
N VAL DA 154 27.99 -58.29 80.20
CA VAL DA 154 27.48 -59.62 80.02
C VAL DA 154 26.35 -59.85 81.02
N THR DA 155 25.75 -61.03 80.97
CA THR DA 155 24.77 -61.42 81.97
C THR DA 155 25.44 -62.31 83.00
N GLU DA 156 24.67 -62.80 83.97
CA GLU DA 156 25.27 -63.55 85.07
C GLU DA 156 25.75 -64.93 84.63
N ASP DA 157 25.09 -65.54 83.66
CA ASP DA 157 25.45 -66.87 83.21
C ASP DA 157 26.53 -66.86 82.13
N ALA DA 158 27.07 -65.69 81.78
CA ALA DA 158 28.06 -65.58 80.73
C ALA DA 158 29.39 -65.09 81.27
N LEU DA 159 29.61 -65.18 82.58
CA LEU DA 159 30.87 -64.76 83.16
C LEU DA 159 31.95 -65.82 82.95
N LEU DA 160 33.20 -65.38 82.97
CA LEU DA 160 34.36 -66.25 82.82
C LEU DA 160 35.40 -65.85 83.86
N PRO DA 161 36.19 -66.80 84.34
CA PRO DA 161 37.18 -66.47 85.37
C PRO DA 161 38.36 -65.68 84.81
N VAL DA 162 39.10 -65.07 85.73
CA VAL DA 162 40.24 -64.24 85.33
C VAL DA 162 41.36 -65.12 84.82
N GLY DA 163 41.83 -64.83 83.61
CA GLY DA 163 42.87 -65.62 82.98
C GLY DA 163 42.42 -66.49 81.84
N THR DA 164 41.13 -66.51 81.53
CA THR DA 164 40.61 -67.28 80.41
C THR DA 164 41.12 -66.69 79.10
N GLU DA 165 41.58 -67.55 78.20
CA GLU DA 165 42.08 -67.14 76.91
C GLU DA 165 40.99 -67.35 75.86
N LEU DA 166 40.72 -66.31 75.08
CA LEU DA 166 39.61 -66.31 74.13
C LEU DA 166 40.14 -66.34 72.71
N GLY DA 167 39.53 -67.15 71.86
CA GLY DA 167 39.98 -67.36 70.51
C GLY DA 167 38.98 -66.91 69.46
N VAL DA 168 39.30 -67.22 68.21
CA VAL DA 168 38.45 -66.83 67.10
C VAL DA 168 37.24 -67.74 66.97
N ARG DA 169 37.33 -68.98 67.45
CA ARG DA 169 36.21 -69.91 67.45
C ARG DA 169 35.10 -69.52 68.42
N HIS DA 170 35.26 -68.38 69.12
CA HIS DA 170 34.14 -67.75 69.82
C HIS DA 170 33.01 -67.42 68.86
N PHE DA 171 33.33 -67.04 67.63
CA PHE DA 171 32.34 -66.78 66.60
C PHE DA 171 32.22 -68.00 65.68
N VAL DA 172 31.05 -68.16 65.09
CA VAL DA 172 30.76 -69.24 64.14
C VAL DA 172 30.81 -68.62 62.75
N PRO DA 173 31.40 -69.26 61.74
CA PRO DA 173 31.31 -68.71 60.39
C PRO DA 173 29.88 -68.79 59.89
N GLY DA 174 29.49 -67.77 59.13
CA GLY DA 174 28.14 -67.67 58.61
C GLY DA 174 27.23 -66.73 59.37
N GLN DA 175 27.66 -66.22 60.51
CA GLN DA 175 26.87 -65.32 61.32
C GLN DA 175 27.26 -63.88 61.05
N TYR DA 176 26.52 -62.95 61.64
CA TYR DA 176 26.77 -61.53 61.50
C TYR DA 176 27.27 -60.95 62.82
N VAL DA 177 28.19 -59.99 62.74
CA VAL DA 177 28.81 -59.37 63.89
C VAL DA 177 28.72 -57.86 63.75
N ASP DA 178 29.11 -57.15 64.81
CA ASP DA 178 29.17 -55.69 64.81
C ASP DA 178 30.57 -55.26 65.21
N VAL DA 179 31.16 -54.37 64.43
CA VAL DA 179 32.54 -53.93 64.63
C VAL DA 179 32.55 -52.46 65.00
N THR DA 180 33.28 -52.12 66.07
CA THR DA 180 33.36 -50.77 66.59
C THR DA 180 34.82 -50.35 66.65
N GLY DA 181 35.14 -49.18 66.11
CA GLY DA 181 36.50 -48.70 66.15
C GLY DA 181 36.53 -47.19 66.00
N ILE DA 182 37.73 -46.63 66.12
CA ILE DA 182 37.94 -45.20 65.96
C ILE DA 182 38.23 -44.93 64.50
N THR DA 183 37.40 -44.11 63.86
CA THR DA 183 37.49 -43.91 62.42
C THR DA 183 38.73 -43.09 62.06
N ARG DA 184 38.96 -42.96 60.76
CA ARG DA 184 40.12 -42.23 60.27
C ARG DA 184 39.93 -40.74 60.45
N GLY DA 185 41.03 -40.06 60.74
CA GLY DA 185 40.99 -38.63 61.00
C GLY DA 185 41.20 -37.82 59.74
N LYS DA 186 40.45 -36.74 59.62
CA LYS DA 186 40.62 -35.79 58.53
C LYS DA 186 41.12 -34.43 58.99
N GLY DA 187 41.10 -34.15 60.28
CA GLY DA 187 41.59 -32.87 60.78
C GLY DA 187 40.50 -31.81 60.78
N PHE DA 188 40.94 -30.56 60.81
CA PHE DA 188 40.04 -29.44 60.63
C PHE DA 188 39.55 -29.42 59.19
N GLN DA 189 38.23 -29.50 59.00
CA GLN DA 189 37.68 -29.55 57.65
C GLN DA 189 36.50 -28.60 57.54
N GLY DA 190 36.23 -28.17 56.32
CA GLY DA 190 35.21 -27.19 56.05
C GLY DA 190 33.84 -27.80 55.86
N VAL DA 191 32.88 -26.95 55.49
CA VAL DA 191 31.50 -27.43 55.32
C VAL DA 191 31.34 -28.29 54.09
N MET DA 192 32.10 -28.06 53.02
CA MET DA 192 31.87 -28.79 51.78
C MET DA 192 32.37 -30.22 51.87
N LYS DA 193 33.40 -30.46 52.68
CA LYS DA 193 33.84 -31.82 52.96
C LYS DA 193 33.10 -32.43 54.14
N ARG DA 194 32.84 -31.63 55.17
CA ARG DA 194 32.26 -32.15 56.40
C ARG DA 194 30.80 -32.53 56.21
N TRP DA 195 30.00 -31.66 55.58
CA TRP DA 195 28.56 -31.84 55.53
C TRP DA 195 28.01 -31.89 54.11
N LYS DA 196 28.87 -31.99 53.10
CA LYS DA 196 28.49 -32.11 51.68
C LYS DA 196 27.65 -30.93 51.22
N PHE DA 197 28.04 -29.72 51.60
CA PHE DA 197 27.37 -28.52 51.14
C PHE DA 197 27.68 -28.28 49.67
N LYS DA 198 26.92 -27.38 49.06
CA LYS DA 198 27.10 -27.10 47.64
C LYS DA 198 28.06 -25.97 47.37
N GLY DA 199 28.14 -24.98 48.26
CA GLY DA 199 29.03 -23.86 48.03
C GLY DA 199 28.50 -22.93 46.96
N GLY DA 200 29.38 -22.11 46.44
CA GLY DA 200 29.01 -21.11 45.46
C GLY DA 200 29.58 -21.39 44.10
N PRO DA 201 29.15 -20.65 43.08
CA PRO DA 201 29.62 -20.90 41.73
C PRO DA 201 31.07 -20.49 41.53
N ALA DA 202 31.70 -21.12 40.53
CA ALA DA 202 33.10 -20.89 40.25
C ALA DA 202 33.34 -19.72 39.31
N SER DA 203 32.28 -19.16 38.74
CA SER DA 203 32.39 -18.09 37.75
C SER DA 203 31.16 -17.22 37.91
N HIS DA 204 30.83 -16.46 36.86
CA HIS DA 204 29.61 -15.64 36.79
C HIS DA 204 29.61 -14.56 37.87
N GLY DA 205 30.79 -14.11 38.28
CA GLY DA 205 30.91 -12.94 39.12
C GLY DA 205 31.15 -13.19 40.58
N CYS DA 206 31.05 -14.44 41.05
CA CYS DA 206 31.17 -14.74 42.48
C CYS DA 206 32.56 -14.39 43.00
N SER DA 207 32.61 -13.75 44.16
CA SER DA 207 33.84 -13.16 44.67
C SER DA 207 34.12 -13.68 46.08
N LYS DA 208 35.15 -14.51 46.20
CA LYS DA 208 35.74 -14.92 47.48
C LYS DA 208 34.76 -15.68 48.37
N ALA DA 209 33.76 -16.33 47.77
CA ALA DA 209 32.82 -17.15 48.53
C ALA DA 209 32.54 -18.43 47.78
N HIS DA 210 33.60 -19.08 47.29
CA HIS DA 210 33.43 -20.26 46.46
C HIS DA 210 33.08 -21.50 47.28
N ARG DA 211 33.66 -21.66 48.47
CA ARG DA 211 33.45 -22.86 49.27
C ARG DA 211 32.97 -22.54 50.68
N LYS DA 212 32.30 -21.41 50.86
CA LYS DA 212 31.77 -21.02 52.15
C LYS DA 212 30.34 -21.49 52.31
N GLY DA 213 29.82 -21.35 53.52
CA GLY DA 213 28.52 -21.93 53.84
C GLY DA 213 27.31 -21.10 53.47
N GLY DA 214 27.46 -19.80 53.31
CA GLY DA 214 26.32 -18.95 53.00
C GLY DA 214 25.69 -18.42 54.27
N SER DA 215 24.36 -18.49 54.33
CA SER DA 215 23.63 -17.94 55.46
C SER DA 215 23.75 -18.84 56.68
N THR DA 216 23.68 -18.23 57.86
CA THR DA 216 23.71 -18.97 59.11
C THR DA 216 22.50 -18.66 59.98
N GLY DA 217 21.44 -18.11 59.42
CA GLY DA 217 20.25 -17.86 60.20
C GLY DA 217 19.35 -16.85 59.52
N GLN DA 218 18.21 -16.62 60.16
CA GLN DA 218 17.28 -15.58 59.76
C GLN DA 218 17.51 -14.35 60.62
N ARG DA 219 16.82 -13.28 60.28
CA ARG DA 219 17.07 -11.96 60.82
C ARG DA 219 15.99 -11.60 61.83
N ASP DA 220 16.42 -11.28 63.06
CA ASP DA 220 15.62 -10.46 63.99
C ASP DA 220 14.25 -11.02 64.31
N ASP DA 221 14.15 -12.03 65.22
CA ASP DA 221 13.26 -13.21 65.27
C ASP DA 221 13.76 -14.26 64.30
N PRO DA 222 14.81 -15.00 64.67
CA PRO DA 222 15.33 -15.17 66.03
C PRO DA 222 16.42 -14.19 66.48
N GLY DA 223 17.25 -13.65 65.60
CA GLY DA 223 18.34 -12.82 66.06
C GLY DA 223 19.45 -13.58 66.73
N LYS DA 224 19.57 -14.87 66.45
CA LYS DA 224 20.58 -15.73 67.04
C LYS DA 224 20.78 -16.91 66.10
N VAL DA 225 21.87 -17.64 66.32
CA VAL DA 225 22.17 -18.83 65.54
C VAL DA 225 21.73 -20.06 66.33
N PHE DA 226 20.95 -20.91 65.69
CA PHE DA 226 20.36 -22.05 66.38
C PHE DA 226 21.41 -23.09 66.72
N LYS DA 227 21.16 -23.83 67.80
CA LYS DA 227 22.11 -24.83 68.24
C LYS DA 227 22.07 -26.04 67.32
N GLY DA 228 23.23 -26.63 67.07
CA GLY DA 228 23.35 -27.69 66.11
C GLY DA 228 23.57 -27.22 64.68
N ARG DA 229 23.85 -25.95 64.48
CA ARG DA 229 24.10 -25.39 63.15
C ARG DA 229 25.37 -25.99 62.56
N LYS DA 230 25.32 -26.35 61.29
CA LYS DA 230 26.43 -27.05 60.65
C LYS DA 230 27.51 -26.07 60.23
N MET DA 231 28.70 -26.24 60.79
CA MET DA 231 29.79 -25.28 60.68
C MET DA 231 31.11 -26.04 60.64
N PRO DA 232 32.17 -25.43 60.10
CA PRO DA 232 33.45 -26.14 59.99
C PRO DA 232 34.06 -26.47 61.34
N GLY DA 233 34.85 -27.54 61.35
CA GLY DA 233 35.48 -27.97 62.58
C GLY DA 233 36.21 -29.28 62.35
N HIS DA 234 36.63 -29.90 63.45
CA HIS DA 234 37.39 -31.13 63.39
C HIS DA 234 36.52 -32.26 62.90
N MET DA 235 37.04 -33.06 61.97
CA MET DA 235 36.28 -34.10 61.29
C MET DA 235 36.90 -35.45 61.55
N GLY DA 236 36.07 -36.45 61.82
CA GLY DA 236 36.55 -37.80 61.94
C GLY DA 236 37.25 -38.07 63.25
N ALA DA 237 37.95 -39.21 63.27
CA ALA DA 237 38.68 -39.72 64.43
C ALA DA 237 37.78 -39.89 65.64
N ALA DA 238 36.54 -40.29 65.38
CA ALA DA 238 35.56 -40.59 66.41
C ALA DA 238 35.20 -42.06 66.34
N GLN DA 239 34.45 -42.53 67.32
CA GLN DA 239 34.10 -43.94 67.40
C GLN DA 239 32.81 -44.20 66.64
N ARG DA 240 32.83 -45.21 65.77
CA ARG DA 240 31.66 -45.56 64.97
C ARG DA 240 31.49 -47.07 64.95
N THR DA 241 30.26 -47.51 64.69
CA THR DA 241 29.90 -48.92 64.71
C THR DA 241 29.27 -49.31 63.37
N VAL DA 242 29.72 -50.42 62.80
CA VAL DA 242 29.18 -50.94 61.56
C VAL DA 242 28.35 -52.17 61.88
N LYS DA 243 27.08 -52.15 61.49
CA LYS DA 243 26.14 -53.19 61.84
C LYS DA 243 25.98 -54.20 60.71
N ASN DA 244 25.72 -55.45 61.09
CA ASN DA 244 25.43 -56.56 60.18
C ASN DA 244 26.56 -56.79 59.19
N VAL DA 245 27.75 -57.06 59.71
CA VAL DA 245 28.89 -57.34 58.88
C VAL DA 245 29.19 -58.83 58.99
N TRP DA 246 29.46 -59.46 57.85
CA TRP DA 246 29.32 -60.90 57.69
C TRP DA 246 30.63 -61.62 57.89
N VAL DA 247 30.64 -62.62 58.75
CA VAL DA 247 31.82 -63.45 58.98
C VAL DA 247 31.92 -64.46 57.84
N TYR DA 248 32.96 -64.34 57.03
CA TYR DA 248 33.15 -65.25 55.91
C TYR DA 248 34.04 -66.44 56.29
N LYS DA 249 35.21 -66.19 56.86
CA LYS DA 249 36.13 -67.29 57.11
C LYS DA 249 36.81 -67.12 58.46
N ILE DA 250 37.29 -68.22 59.00
CA ILE DA 250 37.92 -68.28 60.31
C ILE DA 250 39.17 -69.14 60.22
N ASP DA 251 40.30 -68.61 60.70
CA ASP DA 251 41.55 -69.36 60.74
C ASP DA 251 41.99 -69.46 62.19
N PRO DA 252 41.68 -70.57 62.88
CA PRO DA 252 42.00 -70.67 64.30
C PRO DA 252 43.46 -70.97 64.58
N ALA DA 253 44.21 -71.45 63.60
CA ALA DA 253 45.64 -71.70 63.83
C ALA DA 253 46.38 -70.40 64.05
N ARG DA 254 46.04 -69.38 63.28
CA ARG DA 254 46.69 -68.07 63.37
C ARG DA 254 45.84 -67.03 64.05
N ASN DA 255 44.63 -67.39 64.48
CA ASN DA 255 43.66 -66.48 65.10
C ASN DA 255 43.35 -65.30 64.17
N LEU DA 256 42.94 -65.61 62.95
CA LEU DA 256 42.57 -64.61 61.96
C LEU DA 256 41.10 -64.79 61.61
N ILE DA 257 40.41 -63.71 61.27
CA ILE DA 257 39.01 -63.80 60.86
C ILE DA 257 38.79 -62.93 59.64
N TRP DA 258 38.23 -63.53 58.59
CA TRP DA 258 37.88 -62.87 57.34
C TRP DA 258 36.44 -62.41 57.40
N VAL DA 259 36.24 -61.10 57.37
CA VAL DA 259 34.93 -60.48 57.52
C VAL DA 259 34.66 -59.67 56.27
N ARG DA 260 33.52 -59.89 55.63
CA ARG DA 260 33.26 -59.29 54.32
C ARG DA 260 33.01 -57.79 54.44
N GLY DA 261 33.78 -57.01 53.69
CA GLY DA 261 33.50 -55.58 53.58
C GLY DA 261 34.48 -54.68 54.31
N GLN DA 262 34.00 -53.54 54.78
CA GLN DA 262 34.84 -52.53 55.39
C GLN DA 262 34.63 -52.47 56.90
N VAL DA 263 35.67 -51.99 57.57
CA VAL DA 263 35.74 -51.90 59.03
C VAL DA 263 36.31 -50.53 59.37
N PRO DA 264 35.69 -49.77 60.27
CA PRO DA 264 36.19 -48.42 60.56
C PRO DA 264 37.51 -48.46 61.30
N GLY DA 265 38.44 -47.61 60.89
CA GLY DA 265 39.71 -47.46 61.56
C GLY DA 265 40.87 -47.53 60.60
N ALA DA 266 42.04 -47.23 61.15
CA ALA DA 266 43.31 -47.33 60.44
C ALA DA 266 43.90 -48.72 60.62
N GLU DA 267 44.78 -49.08 59.69
CA GLU DA 267 45.47 -50.36 59.78
C GLU DA 267 46.53 -50.29 60.87
N GLY DA 268 46.51 -51.26 61.78
CA GLY DA 268 47.34 -51.22 62.96
C GLY DA 268 46.64 -50.79 64.22
N ASN DA 269 45.33 -50.57 64.16
CA ASN DA 269 44.56 -50.13 65.31
C ASN DA 269 43.62 -51.26 65.77
N PHE DA 270 42.89 -50.98 66.84
CA PHE DA 270 42.07 -51.98 67.52
C PHE DA 270 40.59 -51.74 67.22
N VAL DA 271 39.88 -52.85 66.99
CA VAL DA 271 38.44 -52.85 66.79
C VAL DA 271 37.84 -53.84 67.77
N PHE DA 272 36.55 -53.67 68.06
CA PHE DA 272 35.86 -54.47 69.05
C PHE DA 272 34.65 -55.11 68.40
N ILE DA 273 34.54 -56.43 68.53
CA ILE DA 273 33.58 -57.22 67.79
C ILE DA 273 32.58 -57.81 68.76
N ASN DA 274 31.30 -57.54 68.54
CA ASN DA 274 30.19 -58.13 69.26
C ASN DA 274 29.28 -58.85 68.28
N ASP DA 275 28.22 -59.47 68.80
CA ASP DA 275 27.21 -60.03 67.93
C ASP DA 275 26.30 -58.92 67.40
N ALA DA 276 25.68 -59.19 66.25
CA ALA DA 276 24.78 -58.22 65.66
C ALA DA 276 23.49 -58.13 66.44
N CYS DA 277 22.94 -56.93 66.54
CA CYS DA 277 21.65 -56.71 67.17
C CYS DA 277 20.51 -56.76 66.17
N TYR DA 278 20.78 -56.39 64.92
CA TYR DA 278 19.74 -56.34 63.90
C TYR DA 278 19.40 -57.74 63.41
N LYS DA 279 20.39 -58.46 62.88
CA LYS DA 279 20.24 -59.84 62.45
C LYS DA 279 20.81 -60.72 63.56
N LYS DA 280 19.99 -61.04 64.55
CA LYS DA 280 20.46 -61.79 65.70
C LYS DA 280 20.76 -63.23 65.30
N PRO DA 281 21.86 -63.80 65.78
CA PRO DA 281 22.25 -65.17 65.39
C PRO DA 281 21.40 -66.22 66.08
N ASP DA 282 21.64 -67.46 65.69
CA ASP DA 282 20.90 -68.58 66.26
C ASP DA 282 21.41 -68.90 67.65
N ILE DA 283 20.47 -69.10 68.57
CA ILE DA 283 20.80 -69.33 69.97
C ILE DA 283 21.44 -70.70 70.16
N SER DA 284 20.90 -71.72 69.48
CA SER DA 284 21.34 -73.09 69.69
C SER DA 284 22.71 -73.39 69.08
N LYS DA 285 23.27 -72.48 68.29
CA LYS DA 285 24.53 -72.77 67.61
C LYS DA 285 25.73 -72.06 68.22
N LEU DA 286 25.54 -70.96 68.91
CA LEU DA 286 26.68 -70.24 69.47
C LEU DA 286 27.22 -70.96 70.69
N PRO DA 287 28.55 -71.03 70.83
CA PRO DA 287 29.13 -71.60 72.06
C PRO DA 287 28.92 -70.66 73.24
N PHE DA 288 28.46 -71.22 74.35
CA PHE DA 288 28.11 -70.43 75.52
C PHE DA 288 28.78 -71.00 76.76
N PRO DA 289 29.46 -70.19 77.59
CA PRO DA 289 29.65 -68.74 77.47
C PRO DA 289 30.73 -68.38 76.47
N THR DA 290 31.57 -69.33 76.11
CA THR DA 290 32.56 -69.18 75.05
C THR DA 290 32.96 -70.57 74.59
N TYR DA 291 33.80 -70.62 73.55
CA TYR DA 291 34.33 -71.89 73.09
C TYR DA 291 35.49 -72.29 73.98
N LEU DA 292 35.31 -73.37 74.73
CA LEU DA 292 36.35 -73.85 75.65
C LEU DA 292 37.24 -74.80 74.87
N ALA DA 293 38.39 -74.30 74.43
CA ALA DA 293 39.32 -75.13 73.69
C ALA DA 293 39.99 -76.14 74.63
N PRO DA 294 40.14 -77.38 74.21
CA PRO DA 294 40.87 -78.36 75.02
C PRO DA 294 42.34 -77.98 75.12
N GLU DA 295 42.93 -78.24 76.30
CA GLU DA 295 44.34 -77.94 76.52
C GLU DA 295 45.24 -78.85 75.71
N ASP DA 296 44.77 -80.03 75.34
CA ASP DA 296 45.52 -80.93 74.45
C ASP DA 296 45.12 -80.66 73.01
N GLU DA 297 45.63 -79.54 72.49
CA GLU DA 297 45.37 -79.11 71.12
C GLU DA 297 46.65 -78.58 70.52
N ASP DA 298 46.86 -78.86 69.24
CA ASP DA 298 48.03 -78.38 68.53
C ASP DA 298 47.62 -77.56 67.31
N PRO DA 299 48.35 -76.50 66.99
CA PRO DA 299 48.00 -75.68 65.82
C PRO DA 299 48.33 -76.33 64.48
N SER DA 300 48.96 -77.51 64.47
CA SER DA 300 49.34 -78.15 63.23
C SER DA 300 48.16 -78.76 62.50
N GLU DA 301 47.11 -79.15 63.21
CA GLU DA 301 46.01 -79.91 62.63
C GLU DA 301 44.76 -79.08 62.41
N LEU DA 302 44.86 -77.75 62.48
CA LEU DA 302 43.71 -76.87 62.36
C LEU DA 302 43.62 -76.32 60.95
N GLU DA 303 42.48 -76.56 60.30
CA GLU DA 303 42.21 -76.09 58.96
C GLU DA 303 41.19 -74.95 59.00
N PRO DA 304 41.38 -73.92 58.17
CA PRO DA 304 40.46 -72.77 58.23
C PRO DA 304 39.06 -73.12 57.75
N LEU DA 305 38.07 -72.62 58.50
CA LEU DA 305 36.68 -72.98 58.29
C LEU DA 305 35.96 -71.88 57.51
N VAL DA 306 35.35 -72.27 56.40
CA VAL DA 306 34.65 -71.34 55.53
C VAL DA 306 33.15 -71.42 55.80
N ALA DA 307 32.49 -70.26 55.80
CA ALA DA 307 31.06 -70.22 55.99
C ALA DA 307 30.35 -70.91 54.83
N ASP DA 308 29.37 -71.74 55.17
CA ASP DA 308 28.64 -72.51 54.18
C ASP DA 308 27.69 -71.62 53.39
N LEU DA 309 27.75 -71.72 52.06
CA LEU DA 309 26.84 -70.99 51.20
C LEU DA 309 25.64 -71.82 50.77
N GLY DA 310 25.62 -73.12 51.08
CA GLY DA 310 24.53 -73.97 50.66
C GLY DA 310 24.86 -74.78 49.42
N GLU DA 311 23.83 -75.01 48.60
CA GLU DA 311 24.00 -75.70 47.34
C GLU DA 311 23.30 -75.05 46.15
N VAL DA 312 22.20 -74.34 46.36
CA VAL DA 312 21.45 -73.75 45.25
C VAL DA 312 22.22 -72.58 44.68
N ASP DA 313 22.51 -72.63 43.38
CA ASP DA 313 23.34 -71.61 42.75
C ASP DA 313 22.55 -70.32 42.59
N PRO DA 314 23.10 -69.18 43.02
CA PRO DA 314 22.38 -67.91 42.80
C PRO DA 314 22.38 -67.48 41.34
N PHE DA 315 23.48 -67.66 40.63
CA PHE DA 315 23.62 -67.10 39.29
C PHE DA 315 22.90 -67.90 38.22
N MET DA 316 22.37 -69.08 38.55
CA MET DA 316 21.70 -69.90 37.55
C MET DA 316 20.19 -69.80 37.61
N LEU DA 317 19.60 -69.58 38.79
CA LEU DA 317 18.16 -69.44 38.91
C LEU DA 317 17.64 -68.07 38.45
N ALA DA 318 18.51 -67.24 37.86
CA ALA DA 318 18.13 -65.90 37.44
C ALA DA 318 17.46 -65.99 36.07
N ASP EA 76 28.71 66.39 127.71
CA ASP EA 76 29.07 66.46 126.30
C ASP EA 76 28.03 67.26 125.53
N ARG EA 77 27.90 66.92 124.25
CA ARG EA 77 26.92 67.53 123.37
C ARG EA 77 26.23 66.42 122.60
N THR EA 78 25.20 66.78 121.85
CA THR EA 78 24.59 65.91 120.87
C THR EA 78 24.94 66.53 119.53
N ILE EA 79 25.16 65.72 118.50
CA ILE EA 79 25.67 66.23 117.25
C ILE EA 79 24.54 66.26 116.24
N GLY EA 80 24.25 67.43 115.69
CA GLY EA 80 23.22 67.54 114.68
C GLY EA 80 22.15 68.59 114.96
N GLN EA 81 22.43 69.55 115.83
CA GLN EA 81 21.46 70.60 116.18
C GLN EA 81 21.78 71.91 115.53
N TYR EA 82 22.77 71.94 114.64
CA TYR EA 82 23.15 73.14 113.90
C TYR EA 82 23.56 74.26 114.85
N GLN EA 83 24.33 73.93 115.87
CA GLN EA 83 24.80 74.91 116.84
C GLN EA 83 26.22 75.34 116.51
N ASP EA 84 26.55 76.58 116.89
CA ASP EA 84 27.90 77.08 116.69
C ASP EA 84 28.86 76.47 117.71
N LEU EA 85 30.09 76.24 117.27
CA LEU EA 85 31.13 75.67 118.09
C LEU EA 85 32.28 76.65 118.26
N VAL EA 86 32.91 76.63 119.43
CA VAL EA 86 34.04 77.49 119.76
C VAL EA 86 35.29 76.62 119.79
N ILE EA 87 36.36 77.08 119.15
CA ILE EA 87 37.57 76.27 119.06
C ILE EA 87 38.79 77.11 119.40
N PRO EA 88 39.73 76.59 120.19
CA PRO EA 88 41.01 77.30 120.40
C PRO EA 88 41.87 77.28 119.15
N VAL EA 89 42.70 78.31 119.04
CA VAL EA 89 43.59 78.52 117.90
C VAL EA 89 45.03 78.42 118.40
N THR EA 90 45.89 77.79 117.60
CA THR EA 90 47.30 77.65 117.92
C THR EA 90 48.09 77.88 116.65
N ASN EA 91 49.37 77.50 116.67
CA ASN EA 91 50.20 77.48 115.47
C ASN EA 91 51.19 76.33 115.63
N PHE EA 92 52.25 76.33 114.80
CA PHE EA 92 53.24 75.28 114.86
C PHE EA 92 54.12 75.36 116.09
N GLN EA 93 54.11 76.48 116.83
CA GLN EA 93 54.95 76.67 117.99
C GLN EA 93 54.20 76.48 119.30
N ASN EA 94 52.99 75.89 119.25
CA ASN EA 94 52.18 75.53 120.42
C ASN EA 94 51.85 76.73 121.30
N GLU EA 95 51.51 77.84 120.67
CA GLU EA 95 51.17 79.06 121.38
C GLU EA 95 49.67 79.31 121.35
N ASP EA 96 49.18 80.07 122.32
CA ASP EA 96 47.76 80.37 122.45
C ASP EA 96 47.45 81.67 121.70
N LYS EA 97 46.62 81.58 120.66
CA LYS EA 97 46.33 82.71 119.79
C LYS EA 97 44.84 83.05 119.75
N GLY EA 98 44.05 82.60 120.70
CA GLY EA 98 42.67 82.99 120.79
C GLY EA 98 41.69 81.87 120.47
N PHE EA 99 40.47 82.27 120.12
CA PHE EA 99 39.39 81.35 119.83
C PHE EA 99 38.65 81.80 118.58
N MET EA 100 37.94 80.86 117.95
CA MET EA 100 37.11 81.17 116.80
C MET EA 100 35.79 80.42 116.91
N VAL EA 101 34.70 81.11 116.61
CA VAL EA 101 33.38 80.48 116.52
C VAL EA 101 33.21 79.91 115.12
N LEU EA 102 32.92 78.62 115.04
CA LEU EA 102 32.67 77.96 113.77
C LEU EA 102 31.18 77.99 113.45
N ALA EA 103 30.86 78.05 112.16
CA ALA EA 103 29.47 78.15 111.73
C ALA EA 103 28.71 76.88 112.02
N GLY EA 104 27.45 77.02 112.42
CA GLY EA 104 26.67 75.86 112.85
C GLY EA 104 26.16 75.00 111.71
N ASP EA 105 25.91 75.60 110.55
CA ASP EA 105 25.38 74.86 109.42
C ASP EA 105 26.48 74.21 108.60
N VAL EA 106 27.74 74.35 109.00
CA VAL EA 106 28.85 73.66 108.38
C VAL EA 106 29.46 72.61 109.31
N PHE EA 107 29.59 72.94 110.60
CA PHE EA 107 30.28 72.07 111.53
C PHE EA 107 29.37 71.38 112.54
N ASP EA 108 28.05 71.37 112.30
CA ASP EA 108 27.18 70.67 113.24
C ASP EA 108 26.00 69.98 112.57
N VAL EA 109 26.15 69.52 111.33
CA VAL EA 109 25.05 68.88 110.61
C VAL EA 109 24.91 67.45 111.13
N PRO EA 110 23.78 66.77 110.93
CA PRO EA 110 23.68 65.36 111.33
C PRO EA 110 24.61 64.46 110.54
N VAL EA 111 25.06 63.39 111.19
CA VAL EA 111 26.04 62.48 110.61
C VAL EA 111 25.29 61.29 110.00
N ARG EA 112 25.27 61.24 108.67
CA ARG EA 112 24.68 60.14 107.92
C ARG EA 112 25.78 59.44 107.14
N LYS EA 113 25.75 58.12 107.13
CA LYS EA 113 26.81 57.36 106.49
C LYS EA 113 26.54 57.07 105.02
N ASP EA 114 25.28 57.07 104.60
CA ASP EA 114 24.96 56.76 103.22
C ASP EA 114 25.38 57.87 102.26
N ILE EA 115 25.25 59.13 102.68
CA ILE EA 115 25.71 60.23 101.85
C ILE EA 115 27.23 60.19 101.70
N ILE EA 116 27.94 59.86 102.78
CA ILE EA 116 29.39 59.71 102.72
C ILE EA 116 29.77 58.59 101.78
N HIS EA 117 29.04 57.47 101.85
CA HIS EA 117 29.28 56.34 100.97
C HIS EA 117 29.09 56.71 99.51
N HIS EA 118 28.04 57.47 99.22
CA HIS EA 118 27.77 57.90 97.85
C HIS EA 118 28.82 58.87 97.32
N VAL EA 119 29.25 59.83 98.14
CA VAL EA 119 30.27 60.79 97.70
C VAL EA 119 31.61 60.09 97.46
N VAL EA 120 31.96 59.13 98.33
CA VAL EA 120 33.21 58.39 98.15
C VAL EA 120 33.16 57.54 96.89
N ARG EA 121 32.02 56.88 96.63
CA ARG EA 121 31.87 56.10 95.41
C ARG EA 121 31.97 56.98 94.17
N TRP EA 122 31.37 58.16 94.19
CA TRP EA 122 31.47 59.09 93.09
C TRP EA 122 32.91 59.53 92.85
N GLN EA 123 33.66 59.80 93.92
CA GLN EA 123 35.05 60.22 93.81
C GLN EA 123 35.91 59.14 93.17
N LEU EA 124 35.80 57.91 93.67
CA LEU EA 124 36.65 56.83 93.17
C LEU EA 124 36.27 56.43 91.74
N ALA EA 125 34.97 56.45 91.42
CA ALA EA 125 34.56 56.18 90.05
C ALA EA 125 35.05 57.26 89.08
N LYS EA 126 35.07 58.52 89.51
CA LYS EA 126 35.64 59.55 88.67
C LYS EA 126 37.14 59.38 88.51
N ARG EA 127 37.81 58.87 89.56
CA ARG EA 127 39.26 58.69 89.50
C ARG EA 127 39.68 57.55 88.57
N GLN EA 128 38.87 56.49 88.47
CA GLN EA 128 39.24 55.29 87.72
C GLN EA 128 39.54 55.60 86.26
N GLN EA 129 40.64 55.04 85.75
CA GLN EA 129 41.14 55.44 84.44
C GLN EA 129 40.46 54.67 83.31
N GLY EA 130 40.34 53.35 83.45
CA GLY EA 130 39.54 52.56 82.53
C GLY EA 130 40.14 52.28 81.18
N THR EA 131 41.46 52.12 81.10
CA THR EA 131 42.10 51.73 79.84
C THR EA 131 42.38 50.23 79.83
N HIS EA 132 41.34 49.47 79.57
CA HIS EA 132 41.40 48.03 79.41
C HIS EA 132 40.84 47.68 78.04
N SER EA 133 41.44 46.71 77.37
CA SER EA 133 41.04 46.43 76.00
C SER EA 133 41.33 44.98 75.64
N THR EA 134 40.34 44.32 75.04
CA THR EA 134 40.54 43.02 74.42
C THR EA 134 40.12 43.11 72.96
N LYS EA 135 40.44 42.06 72.21
CA LYS EA 135 40.26 42.06 70.76
C LYS EA 135 39.01 41.28 70.39
N THR EA 136 38.31 41.76 69.37
CA THR EA 136 37.18 41.07 68.79
C THR EA 136 37.64 40.24 67.61
N ILE EA 137 36.70 39.57 66.94
CA ILE EA 137 37.07 38.76 65.78
C ILE EA 137 37.42 39.64 64.58
N SER EA 138 37.03 40.90 64.58
CA SER EA 138 37.45 41.81 63.53
C SER EA 138 38.87 42.30 63.71
N GLU EA 139 39.47 42.05 64.87
CA GLU EA 139 40.82 42.51 65.15
C GLU EA 139 41.82 41.39 65.35
N VAL EA 140 41.38 40.20 65.77
CA VAL EA 140 42.30 39.08 65.97
C VAL EA 140 42.85 38.65 64.62
N SER EA 141 44.18 38.50 64.55
CA SER EA 141 44.85 38.12 63.31
C SER EA 141 44.42 36.74 62.87
N GLY EA 142 43.91 36.64 61.64
CA GLY EA 142 43.43 35.38 61.13
C GLY EA 142 42.60 35.52 59.89
N THR EA 143 42.58 34.49 59.05
CA THR EA 143 41.84 34.53 57.81
C THR EA 143 40.35 34.33 58.05
N GLY EA 144 39.55 34.74 57.09
CA GLY EA 144 38.13 34.55 57.11
C GLY EA 144 37.64 33.36 56.32
N ARG EA 145 38.54 32.53 55.81
CA ARG EA 145 38.17 31.36 55.02
C ARG EA 145 37.62 30.27 55.91
N LYS EA 146 36.66 29.52 55.38
CA LYS EA 146 36.13 28.36 56.09
C LYS EA 146 37.22 27.31 56.24
N PRO EA 147 37.39 26.72 57.43
CA PRO EA 147 38.52 25.80 57.64
C PRO EA 147 38.43 24.52 56.83
N TRP EA 148 37.23 24.00 56.59
CA TRP EA 148 37.03 22.85 55.72
C TRP EA 148 35.62 22.95 55.14
N ASN EA 149 35.15 21.87 54.53
CA ASN EA 149 33.84 21.88 53.93
C ASN EA 149 32.76 21.87 55.01
N GLN EA 150 31.55 22.27 54.61
CA GLN EA 150 30.42 22.25 55.51
C GLN EA 150 30.05 20.83 55.92
N LYS EA 151 30.06 19.91 54.96
CA LYS EA 151 29.69 18.52 55.19
C LYS EA 151 30.78 17.58 54.68
N GLY EA 152 30.75 16.36 55.20
CA GLY EA 152 31.52 15.26 54.67
C GLY EA 152 32.79 14.91 55.42
N THR EA 153 33.36 15.86 56.15
CA THR EA 153 34.64 15.61 56.80
C THR EA 153 34.51 14.76 58.07
N GLY EA 154 33.41 14.88 58.79
CA GLY EA 154 33.26 14.18 60.05
C GLY EA 154 33.65 14.98 61.27
N ARG EA 155 33.83 16.28 61.14
CA ARG EA 155 34.20 17.16 62.24
C ARG EA 155 33.11 18.20 62.43
N ALA EA 156 33.19 18.92 63.56
CA ALA EA 156 32.22 19.96 63.84
C ALA EA 156 32.38 21.11 62.86
N ARG EA 157 31.26 21.77 62.57
CA ARG EA 157 31.25 22.84 61.58
C ARG EA 157 31.75 24.14 62.20
N HIS EA 158 32.68 24.80 61.53
CA HIS EA 158 33.27 26.03 62.03
C HIS EA 158 33.35 27.04 60.90
N GLY EA 159 33.32 28.31 61.26
CA GLY EA 159 33.35 29.37 60.26
C GLY EA 159 34.73 29.97 60.12
N THR EA 160 35.44 30.07 61.23
CA THR EA 160 36.84 30.48 61.26
C THR EA 160 37.54 29.57 62.25
N LEU EA 161 38.83 29.83 62.45
CA LEU EA 161 39.58 29.21 63.54
C LEU EA 161 39.90 30.21 64.64
N ARG EA 162 39.18 31.34 64.67
CA ARG EA 162 39.32 32.38 65.66
C ARG EA 162 38.01 32.62 66.39
N GLY EA 163 37.27 31.56 66.67
CA GLY EA 163 36.02 31.67 67.37
C GLY EA 163 36.22 31.96 68.85
N PRO EA 164 35.15 32.32 69.55
CA PRO EA 164 35.28 32.62 70.99
C PRO EA 164 35.65 31.43 71.85
N GLN EA 165 35.36 30.20 71.43
CA GLN EA 165 35.77 29.03 72.19
C GLN EA 165 37.11 28.49 71.75
N PHE EA 166 37.71 29.05 70.71
CA PHE EA 166 38.97 28.55 70.20
C PHE EA 166 40.13 29.01 71.08
N ARG EA 167 41.20 28.24 71.06
CA ARG EA 167 42.45 28.67 71.68
C ARG EA 167 43.12 29.66 70.75
N GLY EA 168 43.38 30.86 71.24
CA GLY EA 168 43.87 31.93 70.40
C GLY EA 168 42.80 32.72 69.70
N GLY EA 169 41.54 32.50 70.04
CA GLY EA 169 40.44 33.19 69.40
C GLY EA 169 40.18 34.56 70.00
N CYS EA 170 38.99 35.07 69.71
CA CYS EA 170 38.57 36.36 70.22
C CYS EA 170 38.08 36.22 71.65
N VAL EA 171 37.76 37.36 72.26
CA VAL EA 171 37.15 37.41 73.58
C VAL EA 171 35.73 37.93 73.40
N MET EA 172 34.75 37.08 73.66
CA MET EA 172 33.37 37.51 73.56
C MET EA 172 32.95 38.20 74.85
N HIS EA 173 32.30 39.36 74.70
CA HIS EA 173 31.86 40.21 75.81
C HIS EA 173 33.03 40.65 76.69
N GLY EA 174 34.21 40.79 76.11
CA GLY EA 174 35.34 41.30 76.85
C GLY EA 174 35.32 42.80 76.94
N PRO EA 175 36.25 43.35 77.71
CA PRO EA 175 36.25 44.79 77.95
C PRO EA 175 36.83 45.60 76.79
N ARG EA 176 36.30 46.80 76.64
CA ARG EA 176 36.75 47.82 75.71
C ARG EA 176 36.97 49.11 76.48
N PRO EA 177 37.90 49.97 76.04
CA PRO EA 177 38.23 51.16 76.83
C PRO EA 177 37.09 52.17 76.87
N ARG EA 178 36.73 52.58 78.09
CA ARG EA 178 35.61 53.49 78.32
C ARG EA 178 35.83 54.20 79.65
N SER EA 179 34.92 55.10 79.98
CA SER EA 179 34.97 55.84 81.23
C SER EA 179 33.99 55.27 82.23
N HIS EA 180 34.37 55.27 83.50
CA HIS EA 180 33.55 54.72 84.56
C HIS EA 180 32.87 55.79 85.40
N ALA EA 181 32.92 57.05 84.98
CA ALA EA 181 32.42 58.14 85.78
C ALA EA 181 30.89 58.10 85.88
N ILE EA 182 30.36 58.48 87.03
CA ILE EA 182 28.92 58.66 87.21
C ILE EA 182 28.66 60.11 87.59
N LYS EA 183 27.40 60.46 87.74
CA LYS EA 183 27.02 61.83 88.08
C LYS EA 183 26.56 61.93 89.52
N MET EA 184 26.46 63.18 89.98
CA MET EA 184 25.98 63.49 91.32
C MET EA 184 25.52 64.93 91.31
N ASN EA 185 24.76 65.30 92.33
CA ASN EA 185 24.34 66.68 92.48
C ASN EA 185 25.34 67.48 93.30
N LYS EA 186 25.51 68.75 92.92
CA LYS EA 186 26.42 69.66 93.61
C LYS EA 186 26.04 69.82 95.07
N GLN EA 187 24.74 69.92 95.35
CA GLN EA 187 24.30 70.12 96.73
C GLN EA 187 24.49 68.86 97.57
N VAL EA 188 24.43 67.69 96.96
CA VAL EA 188 24.74 66.47 97.68
C VAL EA 188 26.24 66.38 97.98
N ARG EA 189 27.09 66.81 97.05
CA ARG EA 189 28.52 66.85 97.35
C ARG EA 189 28.82 67.84 98.47
N ARG EA 190 28.14 68.99 98.48
CA ARG EA 190 28.30 69.95 99.57
C ARG EA 190 27.85 69.37 100.90
N LEU EA 191 26.74 68.63 100.91
CA LEU EA 191 26.26 68.00 102.14
C LEU EA 191 27.25 66.96 102.66
N GLY EA 192 27.85 66.18 101.77
CA GLY EA 192 28.88 65.25 102.18
C GLY EA 192 30.12 65.90 102.76
N LEU EA 193 30.56 67.01 102.17
CA LEU EA 193 31.67 67.79 102.75
C LEU EA 193 31.33 68.32 104.13
N LYS EA 194 30.11 68.83 104.31
CA LYS EA 194 29.69 69.30 105.62
C LYS EA 194 29.68 68.18 106.65
N ILE EA 195 29.21 66.99 106.26
CA ILE EA 195 29.16 65.86 107.19
C ILE EA 195 30.57 65.45 107.61
N ALA EA 196 31.50 65.39 106.66
CA ALA EA 196 32.88 65.01 106.99
C ALA EA 196 33.53 66.02 107.94
N LEU EA 197 33.36 67.31 107.66
CA LEU EA 197 33.93 68.34 108.54
C LEU EA 197 33.27 68.32 109.92
N THR EA 198 31.97 68.05 109.98
CA THR EA 198 31.27 67.92 111.26
C THR EA 198 31.82 66.78 112.10
N ALA EA 199 32.04 65.62 111.47
CA ALA EA 199 32.57 64.48 112.21
C ALA EA 199 33.98 64.74 112.70
N ARG EA 200 34.81 65.40 111.89
CA ARG EA 200 36.16 65.70 112.35
C ARG EA 200 36.19 66.78 113.44
N ALA EA 201 35.21 67.67 113.46
CA ALA EA 201 35.13 68.64 114.55
C ALA EA 201 34.59 68.01 115.83
N ALA EA 202 33.64 67.08 115.72
CA ALA EA 202 33.04 66.45 116.88
C ALA EA 202 33.95 65.40 117.52
N GLU EA 203 34.82 64.75 116.74
CA GLU EA 203 35.75 63.79 117.32
C GLU EA 203 36.86 64.45 118.13
N GLY EA 204 37.05 65.75 118.02
CA GLY EA 204 38.18 66.40 118.64
C GLY EA 204 39.45 66.33 117.82
N LYS EA 205 39.36 65.92 116.55
CA LYS EA 205 40.52 65.74 115.69
C LYS EA 205 40.72 66.93 114.76
N LEU EA 206 39.98 68.00 114.95
CA LEU EA 206 40.15 69.23 114.18
C LEU EA 206 41.02 70.18 114.99
N LEU EA 207 42.13 70.61 114.40
CA LEU EA 207 42.97 71.64 114.97
C LEU EA 207 43.00 72.82 114.01
N VAL EA 208 42.81 74.02 114.54
CA VAL EA 208 42.81 75.23 113.73
C VAL EA 208 44.06 76.03 114.05
N PHE EA 209 44.76 76.49 113.02
CA PHE EA 209 46.01 77.22 113.14
C PHE EA 209 45.78 78.69 112.82
N ASP EA 210 46.60 79.54 113.42
CA ASP EA 210 46.58 80.95 113.03
C ASP EA 210 47.23 81.14 111.67
N ASP EA 211 48.37 80.51 111.44
CA ASP EA 211 49.01 80.52 110.13
C ASP EA 211 49.83 79.24 109.99
N LEU EA 212 50.16 78.91 108.75
CA LEU EA 212 50.97 77.75 108.44
C LEU EA 212 52.38 78.14 108.02
N ALA EA 213 52.84 79.32 108.42
CA ALA EA 213 54.17 79.80 108.07
C ALA EA 213 55.24 79.01 108.81
N LEU EA 214 56.38 78.83 108.15
CA LEU EA 214 57.48 78.06 108.68
C LEU EA 214 58.77 78.86 108.60
N PRO EA 215 59.70 78.62 109.53
CA PRO EA 215 61.00 79.32 109.44
C PRO EA 215 61.85 78.85 108.28
N THR EA 216 61.90 77.55 108.04
CA THR EA 216 62.74 76.96 107.00
C THR EA 216 61.94 75.97 106.18
N HIS EA 217 62.54 75.50 105.10
CA HIS EA 217 61.97 74.46 104.27
C HIS EA 217 62.41 73.07 104.68
N LYS EA 218 63.22 72.95 105.72
CA LYS EA 218 63.70 71.65 106.16
C LYS EA 218 62.58 70.84 106.78
N THR EA 219 62.65 69.51 106.60
CA THR EA 219 61.59 68.61 107.01
C THR EA 219 61.65 68.24 108.48
N LYS EA 220 62.74 68.57 109.18
CA LYS EA 220 62.84 68.27 110.59
C LYS EA 220 61.84 69.04 111.42
N ASN EA 221 61.42 70.23 110.96
CA ASN EA 221 60.39 70.98 111.68
C ASN EA 221 59.08 70.22 111.71
N ILE EA 222 58.65 69.71 110.56
CA ILE EA 222 57.40 68.96 110.49
C ILE EA 222 57.55 67.63 111.23
N VAL EA 223 58.72 67.00 111.15
CA VAL EA 223 58.92 65.73 111.85
C VAL EA 223 58.85 65.92 113.36
N ASN EA 224 59.49 66.97 113.88
CA ASN EA 224 59.42 67.26 115.31
C ASN EA 224 58.01 67.64 115.75
N TYR EA 225 57.29 68.42 114.94
CA TYR EA 225 55.91 68.77 115.31
C TYR EA 225 55.01 67.53 115.31
N TYR EA 226 55.17 66.65 114.33
CA TYR EA 226 54.35 65.44 114.28
C TYR EA 226 54.66 64.51 115.43
N ASN EA 227 55.95 64.41 115.81
CA ASN EA 227 56.30 63.61 116.99
C ASN EA 227 55.73 64.24 118.25
N GLN EA 228 55.66 65.57 118.31
CA GLN EA 228 55.09 66.26 119.44
C GLN EA 228 53.58 66.01 119.56
N MET EA 229 52.89 65.88 118.42
CA MET EA 229 51.44 65.70 118.41
C MET EA 229 51.03 64.41 119.11
N GLU EA 230 49.78 64.37 119.55
CA GLU EA 230 49.26 63.27 120.35
C GLU EA 230 48.20 62.51 119.57
N THR EA 231 48.24 61.18 119.71
CA THR EA 231 47.21 60.24 119.25
C THR EA 231 46.90 60.44 117.76
N THR EA 232 47.94 60.29 116.95
CA THR EA 232 47.81 60.57 115.52
C THR EA 232 48.66 59.58 114.73
N LYS EA 233 48.14 59.16 113.59
CA LYS EA 233 48.89 58.45 112.57
C LYS EA 233 49.16 59.32 111.35
N LYS EA 234 48.13 59.92 110.77
CA LYS EA 234 48.25 60.72 109.55
C LYS EA 234 47.56 62.07 109.78
N VAL EA 235 48.13 63.12 109.18
CA VAL EA 235 47.63 64.48 109.34
C VAL EA 235 47.36 65.06 107.95
N LEU EA 236 46.19 65.68 107.79
CA LEU EA 236 45.88 66.43 106.58
C LEU EA 236 45.87 67.91 106.90
N VAL EA 237 46.69 68.68 106.18
CA VAL EA 237 46.84 70.11 106.37
C VAL EA 237 46.13 70.83 105.23
N VAL EA 238 45.31 71.81 105.56
CA VAL EA 238 44.56 72.58 104.57
C VAL EA 238 44.95 74.04 104.69
N GLU EA 239 45.38 74.62 103.58
CA GLU EA 239 45.74 76.03 103.48
C GLU EA 239 44.66 76.75 102.69
N GLY EA 240 44.37 77.99 103.06
CA GLY EA 240 43.30 78.73 102.40
C GLY EA 240 43.57 79.01 100.93
N GLY EA 241 44.77 79.49 100.62
CA GLY EA 241 45.12 79.83 99.27
C GLY EA 241 46.07 78.83 98.66
N PRO EA 242 46.89 79.27 97.71
CA PRO EA 242 47.97 78.42 97.22
C PRO EA 242 49.00 78.13 98.31
N ILE EA 243 49.66 76.99 98.18
CA ILE EA 243 50.56 76.50 99.23
C ILE EA 243 51.84 77.31 99.22
N ASP EA 244 52.30 77.71 100.41
CA ASP EA 244 53.61 78.32 100.57
C ASP EA 244 54.69 77.34 100.15
N GLU EA 245 55.74 77.86 99.52
CA GLU EA 245 56.78 77.00 98.95
C GLU EA 245 57.57 76.27 100.03
N LYS EA 246 57.81 76.92 101.17
CA LYS EA 246 58.48 76.24 102.28
C LYS EA 246 57.65 75.09 102.81
N LEU EA 247 56.34 75.30 102.95
CA LEU EA 247 55.45 74.24 103.39
C LEU EA 247 55.34 73.12 102.36
N LYS EA 248 55.40 73.47 101.08
CA LYS EA 248 55.41 72.46 100.03
C LYS EA 248 56.67 71.61 100.09
N LEU EA 249 57.82 72.24 100.30
CA LEU EA 249 59.07 71.49 100.31
C LEU EA 249 59.29 70.71 101.60
N ALA EA 250 58.73 71.17 102.71
CA ALA EA 250 59.00 70.50 103.97
C ALA EA 250 58.26 69.17 104.10
N THR EA 251 57.14 69.00 103.39
CA THR EA 251 56.24 67.88 103.62
C THR EA 251 56.11 66.94 102.43
N GLN EA 252 56.97 67.05 101.43
CA GLN EA 252 56.81 66.20 100.25
C GLN EA 252 57.55 64.88 100.37
N ASN EA 253 58.27 64.64 101.45
CA ASN EA 253 58.91 63.36 101.67
C ASN EA 253 58.24 62.55 102.77
N LEU EA 254 57.28 63.11 103.48
CA LEU EA 254 56.57 62.40 104.53
C LEU EA 254 55.28 61.83 103.96
N HIS EA 255 55.10 60.53 104.12
CA HIS EA 255 53.88 59.90 103.63
C HIS EA 255 52.72 60.03 104.60
N TYR EA 256 52.96 60.52 105.81
CA TYR EA 256 51.90 60.62 106.81
C TYR EA 256 51.45 62.06 107.08
N VAL EA 257 52.03 63.04 106.42
CA VAL EA 257 51.58 64.42 106.51
C VAL EA 257 51.35 64.91 105.09
N ASN EA 258 50.11 65.27 104.77
CA ASN EA 258 49.78 65.67 103.41
C ASN EA 258 49.05 66.99 103.40
N ILE EA 259 49.30 67.80 102.37
CA ILE EA 259 48.78 69.17 102.31
C ILE EA 259 47.81 69.30 101.15
N LEU EA 260 46.92 70.27 101.26
CA LEU EA 260 45.89 70.54 100.27
C LEU EA 260 45.52 72.00 100.34
N PRO EA 261 45.09 72.61 99.23
CA PRO EA 261 44.49 73.93 99.30
C PRO EA 261 43.04 73.82 99.73
N SER EA 262 42.39 74.97 99.91
CA SER EA 262 40.98 74.96 100.26
C SER EA 262 40.11 74.51 99.10
N ILE EA 263 40.52 74.83 97.87
CA ILE EA 263 39.72 74.49 96.69
C ILE EA 263 39.78 73.00 96.40
N GLY EA 264 40.72 72.27 96.99
CA GLY EA 264 40.82 70.84 96.81
C GLY EA 264 40.35 70.01 97.97
N LEU EA 265 39.61 70.59 98.91
CA LEU EA 265 39.14 69.84 100.06
C LEU EA 265 38.02 68.90 99.65
N ASN EA 266 38.12 67.64 100.06
CA ASN EA 266 37.19 66.63 99.61
C ASN EA 266 37.04 65.52 100.65
N VAL EA 267 35.96 64.76 100.51
CA VAL EA 267 35.55 63.82 101.55
C VAL EA 267 36.53 62.67 101.68
N TYR EA 268 37.03 62.14 100.56
CA TYR EA 268 37.91 60.98 100.62
C TYR EA 268 39.25 61.31 101.26
N SER EA 269 39.85 62.47 100.94
CA SER EA 269 41.11 62.82 101.59
C SER EA 269 40.90 63.29 103.02
N ILE EA 270 39.72 63.79 103.37
CA ILE EA 270 39.44 64.03 104.79
C ILE EA 270 39.37 62.70 105.54
N LEU EA 271 38.73 61.69 104.95
CA LEU EA 271 38.58 60.41 105.63
C LEU EA 271 39.85 59.59 105.65
N LEU EA 272 40.80 59.85 104.74
CA LEU EA 272 42.04 59.08 104.75
C LEU EA 272 42.88 59.36 105.98
N HIS EA 273 42.93 60.61 106.45
CA HIS EA 273 43.72 61.00 107.60
C HIS EA 273 42.82 61.24 108.81
N ASP EA 274 43.23 60.73 109.97
CA ASP EA 274 42.37 60.83 111.14
C ASP EA 274 42.46 62.16 111.86
N THR EA 275 43.33 63.07 111.42
CA THR EA 275 43.47 64.38 112.03
C THR EA 275 43.49 65.46 110.96
N LEU EA 276 42.69 66.50 111.15
CA LEU EA 276 42.55 67.58 110.17
C LEU EA 276 43.03 68.88 110.79
N VAL EA 277 43.97 69.54 110.10
CA VAL EA 277 44.55 70.80 110.55
C VAL EA 277 44.21 71.86 109.51
N MET EA 278 43.41 72.84 109.90
CA MET EA 278 43.01 73.91 109.00
C MET EA 278 43.53 75.24 109.51
N SER EA 279 43.57 76.24 108.64
CA SER EA 279 43.89 77.59 109.07
C SER EA 279 42.63 78.45 109.03
N ARG EA 280 42.75 79.69 109.51
CA ARG EA 280 41.61 80.60 109.56
C ARG EA 280 41.10 80.90 108.15
N ASP EA 281 41.98 81.09 107.19
CA ASP EA 281 41.55 81.41 105.83
C ASP EA 281 40.88 80.21 105.17
N ALA EA 282 41.37 79.00 105.45
CA ALA EA 282 40.69 77.81 104.95
C ALA EA 282 39.30 77.67 105.54
N VAL EA 283 39.16 77.91 106.85
CA VAL EA 283 37.86 77.83 107.50
C VAL EA 283 36.91 78.88 106.94
N ASN EA 284 37.39 80.11 106.77
CA ASN EA 284 36.56 81.19 106.26
C ASN EA 284 36.14 80.95 104.83
N LYS EA 285 37.05 80.45 103.98
CA LYS EA 285 36.69 80.20 102.60
C LYS EA 285 35.73 79.02 102.45
N ILE EA 286 35.89 77.97 103.26
CA ILE EA 286 34.93 76.86 103.24
C ILE EA 286 33.56 77.33 103.68
N VAL EA 287 33.50 78.12 104.76
CA VAL EA 287 32.21 78.57 105.29
C VAL EA 287 31.53 79.53 104.32
N GLU EA 288 32.30 80.42 103.69
CA GLU EA 288 31.73 81.33 102.70
C GLU EA 288 31.25 80.57 101.47
N ARG EA 289 31.98 79.55 101.03
CA ARG EA 289 31.52 78.75 99.90
C ARG EA 289 30.22 78.04 100.23
N MET EA 290 30.08 77.54 101.46
CA MET EA 290 28.83 76.90 101.85
C MET EA 290 27.69 77.91 101.94
N HIS EA 291 27.98 79.14 102.33
CA HIS EA 291 26.93 80.15 102.46
C HIS EA 291 26.59 80.86 101.16
N THR EA 292 27.40 80.70 100.12
CA THR EA 292 27.03 81.19 98.80
C THR EA 292 26.22 80.14 98.06
N PRO EA 293 24.96 80.39 97.73
CA PRO EA 293 24.16 79.36 97.04
C PRO EA 293 24.55 79.27 95.57
N ILE EA 294 24.20 78.13 94.97
CA ILE EA 294 24.62 77.85 93.62
C ILE EA 294 23.85 78.73 92.63
N ASN EA 295 24.58 79.37 91.72
CA ASN EA 295 23.97 80.25 90.74
C ASN EA 295 23.41 79.43 89.59
N ARG EA 296 22.11 79.53 89.38
CA ARG EA 296 21.45 78.81 88.31
C ARG EA 296 20.54 79.73 87.53
N MET FA 1 -98.90 48.76 45.16
CA MET FA 1 -98.98 49.60 43.97
C MET FA 1 -98.58 48.83 42.72
N PHE FA 2 -97.51 48.06 42.83
CA PHE FA 2 -97.02 47.36 41.65
C PHE FA 2 -97.61 45.95 41.56
N PRO FA 3 -97.90 45.50 40.33
CA PRO FA 3 -98.69 44.26 40.18
C PRO FA 3 -98.03 43.01 40.70
N LEU FA 4 -96.72 42.86 40.52
CA LEU FA 4 -96.06 41.60 40.87
C LEU FA 4 -95.99 41.40 42.38
N ASN FA 5 -95.38 42.34 43.10
CA ASN FA 5 -95.27 42.18 44.54
C ASN FA 5 -96.62 42.33 45.23
N PHE FA 6 -97.52 43.13 44.66
CA PHE FA 6 -98.87 43.18 45.21
C PHE FA 6 -99.57 41.84 45.09
N HIS FA 7 -99.46 41.19 43.93
CA HIS FA 7 -100.05 39.87 43.72
C HIS FA 7 -99.45 38.84 44.66
N TYR FA 8 -98.13 38.90 44.87
CA TYR FA 8 -97.48 38.00 45.82
C TYR FA 8 -98.04 38.18 47.22
N GLU FA 9 -98.00 39.40 47.75
CA GLU FA 9 -98.43 39.66 49.13
C GLU FA 9 -99.91 39.38 49.34
N ASP FA 10 -100.73 39.64 48.33
CA ASP FA 10 -102.17 39.54 48.54
C ASP FA 10 -102.73 38.16 48.22
N VAL FA 11 -102.09 37.37 47.36
CA VAL FA 11 -102.68 36.09 46.98
C VAL FA 11 -101.80 34.94 47.42
N LEU FA 12 -100.50 35.00 47.11
CA LEU FA 12 -99.69 33.80 47.26
C LEU FA 12 -99.31 33.55 48.71
N ARG FA 13 -99.18 34.59 49.52
CA ARG FA 13 -98.75 34.40 50.90
C ARG FA 13 -99.80 33.66 51.72
N GLN FA 14 -101.08 34.02 51.56
CA GLN FA 14 -102.14 33.33 52.29
C GLN FA 14 -102.26 31.88 51.86
N ASP FA 15 -102.21 31.63 50.55
CA ASP FA 15 -102.35 30.27 50.06
C ASP FA 15 -101.14 29.42 50.38
N LEU FA 16 -99.95 30.02 50.45
CA LEU FA 16 -98.78 29.27 50.85
C LEU FA 16 -98.75 29.03 52.36
N LEU FA 17 -99.39 29.90 53.14
CA LEU FA 17 -99.64 29.58 54.53
C LEU FA 17 -100.57 28.37 54.66
N LEU FA 18 -101.63 28.36 53.85
CA LEU FA 18 -102.64 27.33 54.01
C LEU FA 18 -102.23 25.98 53.44
N LYS FA 19 -101.40 25.97 52.39
CA LYS FA 19 -101.07 24.72 51.72
C LYS FA 19 -100.05 23.89 52.48
N LEU FA 20 -99.12 24.52 53.18
CA LEU FA 20 -98.02 23.82 53.82
C LEU FA 20 -98.09 23.97 55.33
N ASN FA 21 -97.25 23.20 56.02
CA ASN FA 21 -97.14 23.26 57.47
C ASN FA 21 -96.08 24.30 57.83
N TYR FA 22 -96.51 25.38 58.46
CA TYR FA 22 -95.62 26.45 58.88
C TYR FA 22 -95.89 26.79 60.34
N ALA FA 23 -94.82 27.06 61.09
CA ALA FA 23 -94.98 27.44 62.49
C ALA FA 23 -95.19 28.94 62.65
N ASN FA 24 -94.79 29.74 61.67
CA ASN FA 24 -94.87 31.19 61.77
C ASN FA 24 -95.12 31.79 60.41
N VAL FA 25 -95.54 33.06 60.40
CA VAL FA 25 -95.74 33.78 59.14
C VAL FA 25 -94.46 34.30 58.53
N MET FA 26 -93.34 34.23 59.25
CA MET FA 26 -92.05 34.64 58.72
C MET FA 26 -91.31 33.48 58.07
N GLU FA 27 -91.85 32.27 58.13
CA GLU FA 27 -91.26 31.11 57.48
C GLU FA 27 -91.71 30.97 56.02
N VAL FA 28 -92.56 31.85 55.54
CA VAL FA 28 -93.01 31.79 54.14
C VAL FA 28 -91.86 32.20 53.22
N PRO FA 29 -91.58 31.44 52.16
CA PRO FA 29 -90.56 31.87 51.20
C PRO FA 29 -90.98 33.11 50.45
N GLY FA 30 -89.98 33.85 49.98
CA GLY FA 30 -90.23 35.07 49.26
C GLY FA 30 -89.42 35.19 47.99
N LEU FA 31 -88.80 36.34 47.80
CA LEU FA 31 -88.05 36.64 46.58
C LEU FA 31 -86.90 37.56 46.94
N CYS FA 32 -85.67 37.12 46.68
CA CYS FA 32 -84.49 37.85 47.11
C CYS FA 32 -83.86 38.67 45.99
N GLU FA 33 -83.40 38.02 44.93
CA GLU FA 33 -82.53 38.69 43.97
C GLU FA 33 -82.59 37.97 42.64
N ILE FA 34 -82.11 38.65 41.61
CA ILE FA 34 -81.97 38.07 40.28
C ILE FA 34 -80.54 38.32 39.82
N ARG FA 35 -79.86 37.26 39.41
CA ARG FA 35 -78.46 37.35 39.00
C ARG FA 35 -78.34 36.99 37.53
N VAL FA 36 -77.80 37.89 36.72
CA VAL FA 36 -77.69 37.66 35.29
C VAL FA 36 -76.23 37.66 34.88
N VAL FA 37 -75.83 36.61 34.16
CA VAL FA 37 -74.43 36.35 33.80
C VAL FA 37 -74.42 35.92 32.34
N PRO FA 38 -73.59 36.49 31.47
CA PRO FA 38 -73.65 36.12 30.06
C PRO FA 38 -73.09 34.73 29.81
N LYS FA 39 -73.50 34.14 28.68
CA LYS FA 39 -73.05 32.81 28.34
C LYS FA 39 -71.57 32.82 27.98
N ALA FA 40 -70.94 31.64 28.11
CA ALA FA 40 -69.49 31.55 28.26
C ALA FA 40 -68.68 32.05 27.05
N PRO FA 41 -68.88 31.58 25.80
CA PRO FA 41 -67.99 32.05 24.73
C PRO FA 41 -68.47 33.39 24.19
N TYR FA 42 -67.76 34.46 24.54
CA TYR FA 42 -68.10 35.79 24.05
C TYR FA 42 -66.84 36.63 23.98
N ASN FA 43 -67.01 37.89 23.58
CA ASN FA 43 -65.91 38.62 22.97
C ASN FA 43 -65.05 39.40 23.94
N PHE FA 44 -65.65 39.93 25.03
CA PHE FA 44 -65.06 40.81 26.04
C PHE FA 44 -64.72 42.20 25.52
N ILE FA 45 -64.85 42.46 24.22
CA ILE FA 45 -64.25 43.63 23.59
C ILE FA 45 -65.28 44.50 22.89
N ILE FA 46 -66.22 43.88 22.16
CA ILE FA 46 -67.19 44.64 21.37
C ILE FA 46 -68.12 45.40 22.30
N LYS FA 47 -68.65 46.52 21.79
CA LYS FA 47 -69.60 47.31 22.57
C LYS FA 47 -70.99 46.72 22.55
N ASN FA 48 -71.27 45.81 21.61
CA ASN FA 48 -72.56 45.12 21.59
C ASN FA 48 -72.75 44.27 22.83
N GLY FA 49 -71.71 43.57 23.28
CA GLY FA 49 -71.84 42.73 24.45
C GLY FA 49 -72.12 43.51 25.72
N LYS FA 50 -71.58 44.72 25.81
CA LYS FA 50 -71.87 45.58 26.96
C LYS FA 50 -73.25 46.21 26.86
N LEU FA 51 -73.64 46.69 25.68
CA LEU FA 51 -74.93 47.34 25.54
C LEU FA 51 -76.09 46.37 25.62
N ALA FA 52 -75.94 45.16 25.09
CA ALA FA 52 -76.97 44.14 25.17
C ALA FA 52 -77.16 43.58 26.57
N MET FA 53 -76.26 43.92 27.49
CA MET FA 53 -76.46 43.66 28.91
C MET FA 53 -77.00 44.85 29.65
N GLU FA 54 -76.54 46.07 29.31
CA GLU FA 54 -77.01 47.26 30.01
C GLU FA 54 -78.48 47.55 29.70
N ILE FA 55 -78.93 47.28 28.47
CA ILE FA 55 -80.30 47.60 28.08
C ILE FA 55 -81.37 46.77 28.80
N PRO FA 56 -81.33 45.43 28.84
CA PRO FA 56 -82.44 44.72 29.50
C PRO FA 56 -82.33 44.69 31.01
N CYS FA 57 -81.18 45.04 31.59
CA CYS FA 57 -81.06 45.00 33.04
C CYS FA 57 -81.39 46.34 33.68
N GLY FA 58 -81.04 47.43 33.01
CA GLY FA 58 -81.29 48.74 33.55
C GLY FA 58 -80.24 49.26 34.51
N GLN FA 59 -79.17 48.50 34.76
CA GLN FA 59 -78.12 48.96 35.63
C GLN FA 59 -76.77 48.46 35.13
N LYS FA 60 -75.72 49.16 35.53
CA LYS FA 60 -74.37 48.85 35.08
C LYS FA 60 -73.91 47.51 35.66
N PHE FA 61 -73.20 46.74 34.85
CA PHE FA 61 -72.68 45.45 35.27
C PHE FA 61 -71.37 45.64 36.01
N ILE FA 62 -70.77 44.52 36.41
CA ILE FA 62 -69.43 44.49 36.98
C ILE FA 62 -68.58 43.55 36.15
N GLN FA 63 -67.35 43.96 35.89
CA GLN FA 63 -66.41 43.24 35.05
C GLN FA 63 -65.14 43.03 35.86
N THR FA 64 -64.98 41.80 36.36
CA THR FA 64 -63.89 41.51 37.28
C THR FA 64 -62.69 40.92 36.55
N GLN FA 65 -61.56 40.88 37.25
CA GLN FA 65 -60.32 40.35 36.67
C GLN FA 65 -60.13 38.88 37.00
N ASP FA 90 -61.07 40.83 33.02
CA ASP FA 90 -62.19 41.03 32.11
C ASP FA 90 -62.94 39.73 31.86
N LEU FA 91 -62.57 38.69 32.61
CA LEU FA 91 -63.04 37.35 32.33
C LEU FA 91 -64.42 37.04 32.91
N ALA FA 92 -65.00 37.93 33.73
CA ALA FA 92 -66.30 37.69 34.32
C ALA FA 92 -67.13 38.97 34.31
N ARG FA 93 -68.38 38.84 33.87
CA ARG FA 93 -69.36 39.92 33.87
C ARG FA 93 -70.59 39.49 34.64
N GLN FA 94 -71.16 40.41 35.40
CA GLN FA 94 -72.28 40.03 36.28
C GLN FA 94 -73.16 41.24 36.53
N SER FA 95 -74.47 41.00 36.67
CA SER FA 95 -75.34 42.02 37.24
C SER FA 95 -76.26 41.38 38.26
N THR FA 96 -76.42 42.06 39.40
CA THR FA 96 -77.31 41.62 40.47
C THR FA 96 -78.43 42.65 40.62
N LEU FA 97 -79.67 42.16 40.68
CA LEU FA 97 -80.85 43.00 40.72
C LEU FA 97 -81.62 42.70 42.00
N ARG FA 98 -81.89 43.74 42.78
CA ARG FA 98 -82.61 43.64 44.03
C ARG FA 98 -83.66 44.74 44.09
N GLY FA 99 -84.80 44.43 44.70
CA GLY FA 99 -85.82 45.42 44.92
C GLY FA 99 -86.75 45.68 43.74
N HIS FA 100 -87.11 46.94 43.55
CA HIS FA 100 -88.08 47.28 42.51
C HIS FA 100 -87.53 47.09 41.11
N GLY FA 101 -86.21 47.22 40.92
CA GLY FA 101 -85.63 46.87 39.63
C GLY FA 101 -85.76 45.40 39.33
N MET FA 102 -85.58 44.56 40.35
CA MET FA 102 -85.79 43.13 40.19
C MET FA 102 -87.24 42.81 39.89
N SER FA 103 -88.17 43.53 40.53
CA SER FA 103 -89.59 43.32 40.24
C SER FA 103 -89.96 43.74 38.83
N ASN FA 104 -89.43 44.86 38.34
CA ASN FA 104 -89.70 45.28 36.96
C ASN FA 104 -89.14 44.29 35.95
N PHE FA 105 -87.90 43.82 36.18
CA PHE FA 105 -87.30 42.82 35.31
C PHE FA 105 -88.11 41.53 35.31
N LEU FA 106 -88.57 41.09 36.48
CA LEU FA 106 -89.36 39.87 36.56
C LEU FA 106 -90.73 40.01 35.90
N VAL FA 107 -91.40 41.16 36.05
CA VAL FA 107 -92.70 41.31 35.41
C VAL FA 107 -92.56 41.53 33.91
N ARG FA 108 -91.39 41.93 33.43
CA ARG FA 108 -91.17 41.91 31.99
C ARG FA 108 -90.98 40.48 31.47
N ILE FA 109 -90.11 39.71 32.13
CA ILE FA 109 -89.80 38.37 31.65
C ILE FA 109 -91.02 37.44 31.76
N LEU FA 110 -91.85 37.63 32.79
CA LEU FA 110 -93.03 36.78 32.93
C LEU FA 110 -94.12 37.13 31.92
N THR FA 111 -94.17 38.38 31.47
CA THR FA 111 -95.11 38.74 30.42
C THR FA 111 -94.67 38.22 29.06
N VAL FA 112 -93.37 38.30 28.77
CA VAL FA 112 -92.90 37.78 27.48
C VAL FA 112 -92.86 36.25 27.49
N MET FA 113 -92.85 35.63 28.67
CA MET FA 113 -92.92 34.17 28.80
C MET FA 113 -94.21 33.60 28.22
N SER FA 114 -95.28 34.38 28.18
CA SER FA 114 -96.58 33.90 27.74
C SER FA 114 -96.70 33.73 26.24
N LEU FA 115 -95.69 34.14 25.46
CA LEU FA 115 -95.75 33.98 24.02
C LEU FA 115 -95.05 32.72 23.52
N LEU FA 116 -94.44 31.93 24.40
CA LEU FA 116 -93.76 30.71 24.00
C LEU FA 116 -93.74 29.77 25.21
N ASP FA 117 -92.94 28.71 25.14
CA ASP FA 117 -92.87 27.66 26.15
C ASP FA 117 -91.41 27.44 26.58
N PHE FA 118 -90.75 28.52 26.98
CA PHE FA 118 -89.35 28.47 27.36
C PHE FA 118 -89.13 27.55 28.56
N PRO FA 119 -88.16 26.63 28.51
CA PRO FA 119 -87.93 25.74 29.63
C PRO FA 119 -87.19 26.43 30.77
N VAL FA 120 -87.55 26.05 32.01
CA VAL FA 120 -86.87 26.50 33.21
C VAL FA 120 -86.54 25.26 34.04
N GLU FA 121 -85.59 25.43 34.97
CA GLU FA 121 -85.14 24.34 35.82
C GLU FA 121 -85.21 24.78 37.27
N ILE FA 122 -85.80 23.94 38.11
CA ILE FA 122 -86.01 24.24 39.52
C ILE FA 122 -84.93 23.53 40.32
N ARG FA 123 -84.09 24.31 40.99
CA ARG FA 123 -83.08 23.80 41.90
C ARG FA 123 -83.66 23.78 43.31
N LYS FA 124 -82.78 23.62 44.32
CA LYS FA 124 -83.24 23.48 45.70
C LYS FA 124 -83.87 24.77 46.23
N ASN FA 125 -83.36 25.93 45.83
CA ASN FA 125 -83.94 27.18 46.30
C ASN FA 125 -84.01 28.25 45.22
N SER FA 126 -83.81 27.92 43.95
CA SER FA 126 -83.69 28.95 42.93
C SER FA 126 -84.16 28.41 41.59
N ILE FA 127 -84.47 29.34 40.68
CA ILE FA 127 -84.97 29.03 39.35
C ILE FA 127 -83.94 29.48 38.33
N GLN FA 128 -83.59 28.59 37.41
CA GLN FA 128 -82.64 28.88 36.35
C GLN FA 128 -83.40 29.08 35.05
N PHE FA 129 -83.03 30.12 34.30
CA PHE FA 129 -83.66 30.43 33.03
C PHE FA 129 -82.57 30.77 32.03
N SER FA 130 -82.80 30.47 30.76
CA SER FA 130 -81.82 30.69 29.70
C SER FA 130 -82.31 31.81 28.78
N MET FA 131 -81.64 32.94 28.83
CA MET FA 131 -82.02 34.16 28.14
C MET FA 131 -81.38 34.14 26.75
N GLU FA 132 -82.07 33.52 25.80
CA GLU FA 132 -81.49 33.39 24.47
C GLU FA 132 -81.87 34.60 23.61
N THR FA 133 -81.31 34.65 22.39
CA THR FA 133 -81.67 35.73 21.47
C THR FA 133 -83.09 35.56 20.95
N GLU FA 134 -83.62 34.33 21.01
CA GLU FA 134 -85.01 34.09 20.66
C GLU FA 134 -85.97 34.64 21.70
N PHE FA 135 -85.46 35.03 22.87
CA PHE FA 135 -86.29 35.73 23.84
C PHE FA 135 -86.43 37.20 23.46
N CYS FA 136 -85.32 37.86 23.15
CA CYS FA 136 -85.38 39.25 22.74
C CYS FA 136 -85.94 39.42 21.34
N GLU FA 137 -86.02 38.34 20.55
CA GLU FA 137 -86.77 38.40 19.31
C GLU FA 137 -88.26 38.59 19.59
N PHE FA 138 -88.77 37.95 20.63
CA PHE FA 138 -90.18 38.04 20.99
C PHE FA 138 -90.50 39.18 21.94
N SER FA 139 -89.47 39.81 22.53
CA SER FA 139 -89.72 40.99 23.36
C SER FA 139 -90.18 42.14 22.48
N PRO FA 140 -91.38 42.70 22.70
CA PRO FA 140 -91.91 43.71 21.76
C PRO FA 140 -91.19 45.03 21.84
N GLU FA 141 -90.58 45.35 22.97
CA GLU FA 141 -89.84 46.58 23.10
C GLU FA 141 -88.43 46.49 22.50
N LEU FA 142 -87.94 45.28 22.25
CA LEU FA 142 -86.62 45.07 21.67
C LEU FA 142 -86.71 44.57 20.24
N GLU FA 143 -87.87 44.70 19.59
CA GLU FA 143 -87.95 44.48 18.16
C GLU FA 143 -87.08 45.48 17.41
N ASP FA 144 -87.10 46.72 17.85
CA ASP FA 144 -86.16 47.70 17.33
C ASP FA 144 -84.83 47.60 18.09
N HIS FA 145 -83.79 48.18 17.49
CA HIS FA 145 -82.40 48.07 17.95
C HIS FA 145 -81.95 46.62 18.09
N PHE FA 146 -82.42 45.76 17.18
CA PHE FA 146 -82.15 44.34 17.30
C PHE FA 146 -80.71 43.98 16.92
N GLU FA 147 -80.01 44.86 16.21
CA GLU FA 147 -78.64 44.60 15.83
C GLU FA 147 -77.67 44.65 17.02
N ILE FA 148 -78.10 45.20 18.16
CA ILE FA 148 -77.33 45.09 19.38
C ILE FA 148 -77.29 43.63 19.84
N PHE FA 149 -78.45 43.00 19.89
CA PHE FA 149 -78.59 41.65 20.44
C PHE FA 149 -78.27 40.57 19.43
N GLU FA 150 -78.20 40.92 18.15
CA GLU FA 150 -77.70 39.99 17.16
C GLU FA 150 -76.21 39.71 17.40
N HIS FA 151 -75.79 38.49 17.06
CA HIS FA 151 -74.44 37.96 17.30
C HIS FA 151 -74.09 37.92 18.78
N ILE FA 152 -75.07 37.57 19.61
CA ILE FA 152 -74.86 37.32 21.03
C ILE FA 152 -75.43 35.96 21.36
N ARG FA 153 -74.65 35.14 22.09
CA ARG FA 153 -75.12 33.81 22.47
C ARG FA 153 -76.31 33.89 23.42
N GLY FA 154 -76.26 34.77 24.42
CA GLY FA 154 -77.34 34.95 25.35
C GLY FA 154 -76.82 35.06 26.77
N PHE FA 155 -77.74 34.97 27.71
CA PHE FA 155 -77.43 35.10 29.13
C PHE FA 155 -78.03 33.94 29.91
N ASN FA 156 -77.60 33.84 31.17
CA ASN FA 156 -78.15 32.91 32.14
C ASN FA 156 -78.73 33.74 33.26
N VAL FA 157 -80.02 33.54 33.54
CA VAL FA 157 -80.75 34.33 34.52
C VAL FA 157 -81.08 33.43 35.70
N THR FA 158 -80.75 33.89 36.90
CA THR FA 158 -80.97 33.15 38.12
C THR FA 158 -81.95 33.92 38.98
N ILE FA 159 -82.95 33.23 39.52
CA ILE FA 159 -83.96 33.83 40.38
C ILE FA 159 -83.82 33.16 41.74
N ILE FA 160 -83.26 33.87 42.72
CA ILE FA 160 -83.02 33.31 44.04
C ILE FA 160 -84.23 33.55 44.91
N THR FA 161 -84.73 32.48 45.54
CA THR FA 161 -85.85 32.55 46.45
C THR FA 161 -85.42 32.03 47.82
N SER FA 162 -86.09 32.51 48.84
CA SER FA 162 -85.80 32.11 50.23
C SER FA 162 -86.60 30.85 50.59
N ALA FA 163 -86.34 29.78 49.85
CA ALA FA 163 -87.11 28.55 49.94
C ALA FA 163 -86.28 27.44 50.56
N ASN FA 164 -86.86 26.74 51.53
CA ASN FA 164 -86.17 25.63 52.17
C ASN FA 164 -86.21 24.38 51.29
N THR FA 165 -87.23 24.23 50.47
CA THR FA 165 -87.46 23.00 49.72
C THR FA 165 -87.64 23.31 48.24
N GLN FA 166 -87.11 22.41 47.40
CA GLN FA 166 -87.32 22.46 45.97
C GLN FA 166 -88.80 22.47 45.61
N ASP FA 167 -89.63 21.79 46.39
CA ASP FA 167 -91.06 21.82 46.14
C ASP FA 167 -91.67 23.17 46.51
N GLU FA 168 -91.13 23.84 47.53
CA GLU FA 168 -91.54 25.22 47.80
C GLU FA 168 -91.19 26.13 46.62
N THR FA 169 -90.00 25.95 46.07
CA THR FA 169 -89.62 26.74 44.90
C THR FA 169 -90.52 26.46 43.70
N LEU FA 170 -90.86 25.18 43.48
CA LEU FA 170 -91.73 24.80 42.36
C LEU FA 170 -93.12 25.39 42.53
N LEU FA 171 -93.67 25.34 43.76
CA LEU FA 171 -94.96 25.94 44.02
C LEU FA 171 -94.94 27.45 43.82
N LEU FA 172 -93.87 28.11 44.26
CA LEU FA 172 -93.77 29.55 44.10
C LEU FA 172 -93.68 29.96 42.64
N TRP FA 173 -92.92 29.21 41.84
CA TRP FA 173 -92.83 29.54 40.42
C TRP FA 173 -94.14 29.25 39.69
N SER FA 174 -94.84 28.17 40.06
CA SER FA 174 -96.13 27.88 39.47
C SER FA 174 -97.16 28.93 39.84
N GLY FA 175 -97.05 29.51 41.03
CA GLY FA 175 -97.89 30.64 41.37
C GLY FA 175 -97.55 31.89 40.57
N PHE FA 176 -96.26 32.15 40.36
CA PHE FA 176 -95.88 33.39 39.71
C PHE FA 176 -96.10 33.35 38.20
N LEU FA 177 -96.09 32.17 37.59
CA LEU FA 177 -96.25 32.04 36.14
C LEU FA 177 -97.73 31.93 35.82
N GLN FA 178 -98.36 33.07 35.53
CA GLN FA 178 -99.78 33.13 35.25
C GLN FA 178 -100.02 33.68 33.85
N LYS FA 179 -101.05 33.17 33.19
CA LYS FA 179 -101.51 33.66 31.90
C LYS FA 179 -103.03 33.58 31.85
N ASP FA 180 -103.62 34.21 30.84
CA ASP FA 180 -105.05 34.13 30.62
C ASP FA 180 -105.40 33.17 29.50
N GLU FA 181 -104.45 32.35 29.08
CA GLU FA 181 -104.66 31.35 28.05
C GLU FA 181 -104.77 29.96 28.66
N GLY FA 182 -105.39 29.05 27.92
CA GLY FA 182 -105.57 27.68 28.37
C GLY FA 182 -107.00 27.22 28.31
N GLU GA 2 -17.66 -74.90 86.77
CA GLU GA 2 -18.79 -75.18 85.90
C GLU GA 2 -19.21 -73.94 85.13
N ALA GA 3 -19.34 -74.09 83.80
CA ALA GA 3 -19.63 -72.96 82.94
C ALA GA 3 -21.08 -72.51 83.11
N LYS GA 4 -21.30 -71.20 83.07
CA LYS GA 4 -22.63 -70.64 83.03
C LYS GA 4 -22.91 -69.77 81.81
N PHE GA 5 -21.96 -68.95 81.37
CA PHE GA 5 -22.23 -67.93 80.36
C PHE GA 5 -21.79 -68.44 78.99
N PHE GA 6 -22.69 -68.35 78.01
CA PHE GA 6 -22.49 -68.97 76.71
C PHE GA 6 -22.73 -67.94 75.61
N ARG GA 7 -22.01 -68.08 74.50
CA ARG GA 7 -22.24 -67.25 73.32
C ARG GA 7 -21.89 -68.06 72.09
N PHE GA 8 -22.61 -67.83 71.00
CA PHE GA 8 -22.44 -68.57 69.75
C PHE GA 8 -22.18 -67.63 68.59
N LEU GA 9 -21.37 -68.09 67.63
CA LEU GA 9 -20.96 -67.34 66.46
C LEU GA 9 -21.11 -68.22 65.23
N LYS GA 10 -21.57 -67.64 64.12
CA LYS GA 10 -21.73 -68.38 62.88
C LYS GA 10 -20.85 -67.76 61.80
N ILE GA 11 -20.16 -68.60 61.04
CA ILE GA 11 -19.24 -68.17 59.99
C ILE GA 11 -19.88 -68.44 58.64
N VAL GA 12 -19.97 -67.40 57.80
CA VAL GA 12 -20.55 -67.50 56.47
C VAL GA 12 -19.46 -67.18 55.46
N GLY GA 13 -19.17 -68.10 54.56
CA GLY GA 13 -18.18 -67.81 53.55
C GLY GA 13 -17.72 -69.02 52.76
N VAL GA 14 -17.35 -68.81 51.51
CA VAL GA 14 -16.84 -69.87 50.66
C VAL GA 14 -15.40 -70.16 51.05
N GLY GA 15 -15.19 -71.27 51.74
CA GLY GA 15 -13.86 -71.62 52.19
C GLY GA 15 -13.40 -70.91 53.44
N TYR GA 16 -14.32 -70.52 54.31
CA TYR GA 16 -13.98 -69.89 55.59
C TYR GA 16 -14.15 -70.93 56.69
N LYS GA 17 -13.14 -71.10 57.52
CA LYS GA 17 -13.11 -72.26 58.40
C LYS GA 17 -12.60 -71.89 59.79
N ALA GA 18 -12.96 -72.71 60.78
CA ALA GA 18 -12.52 -72.56 62.15
C ALA GA 18 -12.11 -73.91 62.71
N ARG GA 19 -11.20 -73.88 63.70
CA ARG GA 19 -10.74 -75.12 64.33
C ARG GA 19 -10.10 -74.80 65.68
N ALA GA 20 -10.53 -75.50 66.73
CA ALA GA 20 -9.86 -75.42 68.02
C ALA GA 20 -8.66 -76.35 68.03
N GLU GA 21 -7.61 -75.96 68.75
CA GLU GA 21 -6.33 -76.64 68.66
C GLU GA 21 -5.96 -77.42 69.91
N GLU GA 22 -5.88 -76.76 71.08
CA GLU GA 22 -5.35 -77.39 72.28
C GLU GA 22 -6.38 -77.28 73.40
N ALA GA 23 -7.14 -78.35 73.60
CA ALA GA 23 -8.11 -78.52 74.68
C ALA GA 23 -9.16 -77.42 74.74
N GLY GA 24 -9.43 -76.74 73.63
CA GLY GA 24 -10.31 -75.60 73.64
C GLY GA 24 -9.71 -74.32 74.15
N ARG GA 25 -8.39 -74.21 74.20
CA ARG GA 25 -7.71 -72.99 74.65
C ARG GA 25 -7.10 -72.18 73.52
N PHE GA 26 -6.89 -72.77 72.34
CA PHE GA 26 -6.36 -72.06 71.18
C PHE GA 26 -7.36 -72.15 70.05
N LEU GA 27 -7.62 -71.02 69.39
CA LEU GA 27 -8.56 -70.95 68.28
C LEU GA 27 -7.81 -70.58 67.02
N TYR GA 28 -8.11 -71.27 65.92
CA TYR GA 28 -7.49 -71.00 64.64
C TYR GA 28 -8.58 -70.75 63.60
N LEU GA 29 -8.30 -69.83 62.70
CA LEU GA 29 -9.29 -69.36 61.75
C LEU GA 29 -8.66 -69.22 60.37
N LYS GA 30 -9.47 -69.46 59.35
CA LYS GA 30 -9.07 -69.31 57.94
C LYS GA 30 -10.11 -68.43 57.27
N LEU GA 31 -9.72 -67.19 56.97
CA LEU GA 31 -10.64 -66.15 56.50
C LEU GA 31 -10.29 -65.65 55.10
N GLY GA 32 -9.73 -66.53 54.28
CA GLY GA 32 -9.44 -66.18 52.91
C GLY GA 32 -8.09 -65.54 52.67
N TYR GA 33 -7.31 -65.30 53.72
CA TYR GA 33 -5.98 -64.73 53.54
C TYR GA 33 -5.01 -65.81 53.10
N SER GA 34 -3.76 -65.40 52.86
CA SER GA 34 -2.70 -66.36 52.60
C SER GA 34 -2.27 -67.10 53.86
N HIS GA 35 -2.45 -66.49 55.02
CA HIS GA 35 -2.08 -67.06 56.30
C HIS GA 35 -3.33 -67.35 57.12
N GLU GA 36 -3.13 -67.91 58.32
CA GLU GA 36 -4.22 -68.20 59.24
C GLU GA 36 -4.19 -67.20 60.39
N VAL GA 37 -5.26 -67.22 61.19
CA VAL GA 37 -5.39 -66.31 62.32
C VAL GA 37 -5.45 -67.15 63.59
N GLU GA 38 -4.51 -66.93 64.49
CA GLU GA 38 -4.46 -67.64 65.76
C GLU GA 38 -4.82 -66.69 66.89
N LEU GA 39 -5.76 -67.10 67.73
CA LEU GA 39 -6.12 -66.35 68.92
C LEU GA 39 -6.00 -67.27 70.13
N ALA GA 40 -5.42 -66.75 71.21
CA ALA GA 40 -5.31 -67.49 72.45
C ALA GA 40 -6.50 -67.16 73.33
N VAL GA 41 -7.34 -68.14 73.61
CA VAL GA 41 -8.50 -67.92 74.49
C VAL GA 41 -7.99 -67.66 75.90
N PRO GA 42 -8.44 -66.58 76.55
CA PRO GA 42 -7.93 -66.24 77.88
C PRO GA 42 -8.44 -67.21 78.94
N PRO GA 43 -7.96 -67.09 80.17
CA PRO GA 43 -8.53 -67.88 81.27
C PRO GA 43 -10.02 -67.63 81.48
N ALA GA 44 -10.66 -68.58 82.17
CA ALA GA 44 -12.09 -68.62 82.53
C ALA GA 44 -13.01 -68.80 81.32
N VAL GA 45 -12.44 -68.96 80.12
CA VAL GA 45 -13.18 -69.13 78.87
C VAL GA 45 -12.51 -70.26 78.10
N ARG GA 46 -13.33 -71.13 77.50
CA ARG GA 46 -12.90 -72.11 76.52
C ARG GA 46 -13.73 -71.94 75.25
N VAL GA 47 -13.27 -72.57 74.17
CA VAL GA 47 -13.89 -72.42 72.86
C VAL GA 47 -14.13 -73.80 72.27
N PHE GA 48 -15.16 -73.92 71.44
CA PHE GA 48 -15.51 -75.18 70.81
C PHE GA 48 -15.99 -74.93 69.39
N CYS GA 49 -15.80 -75.91 68.52
CA CYS GA 49 -16.17 -75.77 67.12
C CYS GA 49 -17.09 -76.90 66.71
N PHE GA 50 -18.15 -76.58 65.96
CA PHE GA 50 -19.14 -77.59 65.59
C PHE GA 50 -19.24 -77.70 64.08
N LYS GA 51 -20.12 -78.58 63.62
CA LYS GA 51 -20.18 -79.00 62.23
C LYS GA 51 -21.18 -78.19 61.41
N ASN GA 52 -21.42 -76.94 61.77
CA ASN GA 52 -22.25 -76.04 60.97
C ASN GA 52 -21.54 -74.70 60.74
N ASN GA 53 -20.21 -74.69 60.83
CA ASN GA 53 -19.40 -73.48 60.93
C ASN GA 53 -19.91 -72.58 62.06
N VAL GA 54 -19.92 -73.15 63.25
CA VAL GA 54 -20.39 -72.47 64.45
C VAL GA 54 -19.30 -72.59 65.51
N VAL GA 55 -18.97 -71.46 66.10
CA VAL GA 55 -17.95 -71.35 67.15
C VAL GA 55 -18.65 -71.00 68.44
N CYS GA 56 -18.37 -71.74 69.51
CA CYS GA 56 -19.00 -71.53 70.80
C CYS GA 56 -17.96 -71.01 71.80
N CYS GA 57 -18.28 -69.86 72.41
CA CYS GA 57 -17.48 -69.31 73.50
C CYS GA 57 -18.18 -69.62 74.81
N THR GA 58 -17.54 -70.43 75.64
CA THR GA 58 -18.12 -71.02 76.83
C THR GA 58 -17.27 -70.62 78.02
N GLY GA 59 -17.89 -70.12 79.07
CA GLY GA 59 -17.03 -69.72 80.18
C GLY GA 59 -17.81 -69.35 81.41
N ILE GA 60 -17.06 -68.87 82.41
CA ILE GA 60 -17.61 -68.61 83.72
C ILE GA 60 -17.65 -67.13 84.08
N ASP GA 61 -16.89 -66.28 83.37
CA ASP GA 61 -16.91 -64.84 83.61
C ASP GA 61 -17.56 -64.16 82.42
N LYS GA 62 -18.66 -63.46 82.69
CA LYS GA 62 -19.49 -62.88 81.63
C LYS GA 62 -18.74 -61.81 80.84
N ASP GA 63 -17.95 -61.00 81.55
CA ASP GA 63 -17.16 -59.95 80.92
C ASP GA 63 -16.17 -60.54 79.91
N ARG GA 64 -15.39 -61.53 80.35
CA ARG GA 64 -14.39 -62.13 79.45
C ARG GA 64 -15.04 -62.90 78.31
N VAL GA 65 -16.17 -63.56 78.57
CA VAL GA 65 -16.85 -64.32 77.52
C VAL GA 65 -17.35 -63.38 76.43
N HIS GA 66 -18.04 -62.31 76.81
CA HIS GA 66 -18.58 -61.40 75.81
C HIS GA 66 -17.49 -60.60 75.12
N GLN GA 67 -16.44 -60.20 75.85
CA GLN GA 67 -15.33 -59.49 75.24
C GLN GA 67 -14.60 -60.39 74.23
N PHE GA 68 -14.38 -61.66 74.57
CA PHE GA 68 -13.69 -62.54 73.63
C PHE GA 68 -14.57 -62.91 72.43
N ALA GA 69 -15.87 -63.04 72.63
CA ALA GA 69 -16.76 -63.28 71.49
C ALA GA 69 -16.75 -62.09 70.53
N ALA GA 70 -16.80 -60.86 71.06
CA ALA GA 70 -16.67 -59.69 70.21
C ALA GA 70 -15.29 -59.60 69.60
N THR GA 71 -14.25 -60.09 70.29
CA THR GA 71 -12.91 -60.11 69.75
C THR GA 71 -12.81 -61.01 68.53
N VAL GA 72 -13.40 -62.21 68.61
CA VAL GA 72 -13.42 -63.12 67.47
C VAL GA 72 -14.25 -62.53 66.34
N ARG GA 73 -15.35 -61.84 66.66
CA ARG GA 73 -16.15 -61.18 65.64
C ARG GA 73 -15.40 -60.07 64.94
N SER GA 74 -14.56 -59.34 65.67
CA SER GA 74 -13.87 -58.18 65.11
C SER GA 74 -12.75 -58.54 64.14
N CYS GA 75 -12.39 -59.81 64.04
CA CYS GA 75 -11.41 -60.22 63.03
C CYS GA 75 -11.96 -60.04 61.62
N LYS GA 76 -13.26 -60.22 61.43
CA LYS GA 76 -13.91 -60.05 60.14
C LYS GA 76 -15.39 -59.73 60.35
N PRO GA 77 -15.80 -58.48 60.25
CA PRO GA 77 -17.23 -58.14 60.33
C PRO GA 77 -17.95 -58.58 59.07
N PRO GA 78 -19.28 -58.73 59.11
CA PRO GA 78 -20.00 -59.07 57.88
C PRO GA 78 -19.98 -57.93 56.88
N GLU GA 79 -19.80 -58.27 55.61
CA GLU GA 79 -19.88 -57.26 54.57
C GLU GA 79 -21.34 -57.04 54.23
N VAL GA 80 -21.64 -55.87 53.65
CA VAL GA 80 -23.02 -55.48 53.42
C VAL GA 80 -23.54 -55.97 52.08
N TYR GA 81 -22.67 -56.51 51.23
CA TYR GA 81 -23.08 -56.86 49.88
C TYR GA 81 -23.43 -58.33 49.71
N LYS GA 82 -22.81 -59.22 50.47
CA LYS GA 82 -23.21 -60.63 50.45
C LYS GA 82 -23.19 -61.28 51.82
N GLY GA 83 -22.93 -60.52 52.88
CA GLY GA 83 -23.00 -61.09 54.21
C GLY GA 83 -21.88 -62.01 54.60
N LYS GA 84 -20.79 -62.03 53.83
CA LYS GA 84 -19.68 -62.92 54.12
C LYS GA 84 -18.88 -62.40 55.30
N GLY GA 85 -18.52 -63.30 56.20
CA GLY GA 85 -17.74 -62.98 57.37
C GLY GA 85 -18.22 -63.75 58.58
N ILE GA 86 -17.83 -63.29 59.75
CA ILE GA 86 -18.23 -63.87 61.02
C ILE GA 86 -19.33 -63.00 61.60
N MET GA 87 -20.40 -63.62 62.11
CA MET GA 87 -21.48 -62.86 62.70
C MET GA 87 -22.07 -63.63 63.87
N TYR GA 88 -22.98 -62.96 64.58
CA TYR GA 88 -23.69 -63.63 65.65
C TYR GA 88 -24.81 -64.48 65.07
N VAL GA 89 -25.24 -65.47 65.85
CA VAL GA 89 -26.25 -66.42 65.37
C VAL GA 89 -27.60 -65.75 65.23
N ASP GA 90 -28.01 -64.98 66.24
CA ASP GA 90 -29.29 -64.30 66.19
C ASP GA 90 -29.22 -62.97 65.46
N GLU GA 91 -28.04 -62.51 65.06
CA GLU GA 91 -27.89 -61.22 64.43
C GLU GA 91 -28.42 -61.26 63.00
N VAL GA 92 -29.18 -60.23 62.63
CA VAL GA 92 -29.69 -60.08 61.27
C VAL GA 92 -28.78 -59.11 60.54
N VAL GA 93 -28.30 -59.52 59.37
CA VAL GA 93 -27.49 -58.68 58.49
C VAL GA 93 -28.37 -58.24 57.33
N LYS GA 94 -28.51 -56.93 57.16
CA LYS GA 94 -29.31 -56.39 56.08
C LYS GA 94 -28.42 -56.06 54.89
N LYS GA 95 -28.68 -56.69 53.75
CA LYS GA 95 -27.88 -56.53 52.56
C LYS GA 95 -28.37 -55.33 51.74
N LYS GA 96 -27.61 -55.02 50.70
CA LYS GA 96 -28.02 -54.05 49.69
C LYS GA 96 -27.47 -54.50 48.35
N VAL GA 97 -28.16 -54.10 47.28
CA VAL GA 97 -27.77 -54.52 45.95
C VAL GA 97 -26.55 -53.72 45.50
N GLY GA 98 -25.66 -54.38 44.76
CA GLY GA 98 -24.47 -53.75 44.24
C GLY GA 98 -24.61 -53.44 42.76
N LYS GA 99 -24.44 -52.16 42.43
CA LYS GA 99 -24.50 -51.73 41.04
C LYS GA 99 -23.25 -52.17 40.29
N ARG HA 42 21.49 82.13 13.87
CA ARG HA 42 22.61 82.99 14.25
C ARG HA 42 23.39 83.41 13.01
N LYS HA 43 23.86 84.66 13.00
CA LYS HA 43 24.60 85.20 11.87
C LYS HA 43 25.83 85.94 12.38
N LEU HA 44 26.82 86.08 11.50
CA LEU HA 44 28.04 86.78 11.81
C LEU HA 44 28.16 88.07 11.01
N GLU HA 45 28.90 89.02 11.58
CA GLU HA 45 29.30 90.25 10.90
C GLU HA 45 30.69 90.07 10.32
N VAL HA 46 30.87 90.43 9.06
CA VAL HA 46 32.15 90.36 8.39
C VAL HA 46 32.36 91.62 7.57
N ILE HA 47 33.60 91.88 7.19
CA ILE HA 47 33.95 93.03 6.35
C ILE HA 47 34.49 92.51 5.04
N LEU HA 48 33.86 92.90 3.94
CA LEU HA 48 34.31 92.44 2.62
C LEU HA 48 35.60 93.13 2.21
N THR HA 49 36.53 92.34 1.67
CA THR HA 49 37.76 92.89 1.13
C THR HA 49 37.72 93.07 -0.38
N THR HA 50 36.84 92.35 -1.07
CA THR HA 50 36.64 92.50 -2.50
C THR HA 50 35.14 92.55 -2.80
N GLY HA 51 34.77 92.40 -4.06
CA GLY HA 51 33.37 92.40 -4.45
C GLY HA 51 32.85 91.00 -4.65
N ILE HA 52 31.90 90.62 -3.80
CA ILE HA 52 31.19 89.35 -3.92
C ILE HA 52 29.81 89.65 -4.49
N GLU HA 53 29.34 88.76 -5.39
CA GLU HA 53 28.27 89.08 -6.32
C GLU HA 53 26.94 89.40 -5.63
N LYS HA 54 26.56 88.63 -4.63
CA LYS HA 54 25.30 88.86 -3.94
C LYS HA 54 25.49 89.55 -2.60
N LEU HA 55 26.70 89.57 -2.07
CA LEU HA 55 26.96 90.21 -0.78
C LEU HA 55 27.05 91.72 -0.89
N GLY HA 56 27.99 92.23 -1.68
CA GLY HA 56 28.12 93.66 -1.86
C GLY HA 56 29.54 94.04 -2.27
N LYS HA 57 29.78 95.34 -2.23
CA LYS HA 57 31.09 95.88 -2.57
C LYS HA 57 32.03 95.80 -1.38
N GLY HA 58 33.31 96.07 -1.63
CA GLY HA 58 34.31 95.94 -0.60
C GLY HA 58 34.20 97.06 0.42
N GLY HA 59 34.91 96.88 1.54
CA GLY HA 59 34.87 97.86 2.62
C GLY HA 59 33.56 97.91 3.37
N GLU HA 60 32.69 96.94 3.19
CA GLU HA 60 31.34 96.97 3.71
C GLU HA 60 31.15 95.81 4.67
N THR HA 61 30.44 96.07 5.78
CA THR HA 61 30.12 94.99 6.71
C THR HA 61 28.79 94.35 6.33
N VAL HA 62 28.80 93.02 6.29
CA VAL HA 62 27.64 92.23 5.88
C VAL HA 62 27.46 91.07 6.85
N LYS HA 63 26.29 90.46 6.80
CA LYS HA 63 25.92 89.37 7.70
C LYS HA 63 25.85 88.08 6.92
N VAL HA 64 26.59 87.06 7.39
CA VAL HA 64 26.69 85.78 6.71
C VAL HA 64 26.43 84.66 7.69
N ALA HA 65 26.28 83.46 7.17
CA ALA HA 65 26.20 82.28 8.01
C ALA HA 65 27.59 81.91 8.53
N PRO HA 66 27.67 81.40 9.77
CA PRO HA 66 28.99 81.02 10.32
C PRO HA 66 29.68 79.91 9.55
N GLY HA 67 28.92 78.97 9.00
CA GLY HA 67 29.55 77.95 8.16
C GLY HA 67 30.02 78.47 6.83
N TYR HA 68 29.42 79.54 6.34
CA TYR HA 68 29.92 80.21 5.14
C TYR HA 68 31.23 80.93 5.43
N PHE HA 69 31.26 81.72 6.51
CA PHE HA 69 32.45 82.51 6.81
C PHE HA 69 33.61 81.65 7.24
N ARG HA 70 33.37 80.68 8.12
CA ARG HA 70 34.45 79.91 8.72
C ARG HA 70 35.14 78.99 7.72
N ASN HA 71 34.40 78.50 6.73
CA ASN HA 71 34.95 77.52 5.80
C ASN HA 71 35.27 78.09 4.43
N HIS HA 72 34.67 79.20 4.01
CA HIS HA 72 34.95 79.71 2.68
C HIS HA 72 35.66 81.06 2.70
N LEU HA 73 35.07 82.07 3.34
CA LEU HA 73 35.61 83.42 3.22
C LEU HA 73 36.87 83.62 4.06
N MET HA 74 36.95 82.99 5.23
CA MET HA 74 38.12 83.17 6.09
C MET HA 74 39.41 82.61 5.50
N PRO HA 75 39.48 81.38 4.97
CA PRO HA 75 40.78 80.91 4.44
C PRO HA 75 41.18 81.55 3.13
N LYS HA 76 40.23 82.06 2.36
CA LYS HA 76 40.52 82.66 1.06
C LYS HA 76 40.71 84.16 1.13
N LEU HA 77 40.67 84.73 2.34
CA LEU HA 77 40.89 86.17 2.60
C LEU HA 77 39.88 87.04 1.86
N LEU HA 78 38.67 86.55 1.70
CA LEU HA 78 37.60 87.34 1.11
C LEU HA 78 36.81 88.14 2.12
N ALA HA 79 36.97 87.86 3.42
CA ALA HA 79 36.33 88.65 4.46
C ALA HA 79 37.11 88.48 5.75
N VAL HA 80 36.97 89.47 6.63
CA VAL HA 80 37.64 89.48 7.93
C VAL HA 80 36.56 89.66 8.98
N PRO HA 81 36.81 89.21 10.21
CA PRO HA 81 35.80 89.41 11.27
C PRO HA 81 35.64 90.89 11.60
N ASN HA 82 34.43 91.23 12.03
CA ASN HA 82 34.12 92.62 12.36
C ASN HA 82 34.54 92.92 13.79
N ILE HA 83 35.86 92.94 13.99
CA ILE HA 83 36.46 93.43 15.22
C ILE HA 83 37.29 94.66 14.87
N ASP HA 84 37.67 95.42 15.89
CA ASP HA 84 38.14 96.78 15.68
C ASP HA 84 39.50 96.86 14.98
N LYS HA 85 40.42 95.95 15.30
CA LYS HA 85 41.74 95.98 14.67
C LYS HA 85 41.66 95.74 13.17
N TYR HA 86 40.85 94.78 12.73
CA TYR HA 86 40.77 94.47 11.31
C TYR HA 86 39.94 95.49 10.56
N ALA HA 87 38.92 96.06 11.20
CA ALA HA 87 38.18 97.16 10.58
C ALA HA 87 39.09 98.36 10.33
N HIS HA 88 39.92 98.71 11.32
CA HIS HA 88 40.87 99.80 11.14
C HIS HA 88 41.88 99.49 10.04
N LEU HA 89 42.39 98.25 10.00
CA LEU HA 89 43.36 97.85 9.00
C LEU HA 89 42.78 97.95 7.59
N ILE HA 90 41.58 97.39 7.38
CA ILE HA 90 40.92 97.40 6.08
C ILE HA 90 40.63 98.84 5.66
N ARG HA 91 40.13 99.66 6.59
CA ARG HA 91 39.78 101.04 6.28
C ARG HA 91 41.00 101.84 5.83
N GLU HA 92 42.12 101.72 6.54
CA GLU HA 92 43.28 102.51 6.17
C GLU HA 92 43.94 102.02 4.89
N GLN HA 93 44.06 100.71 4.71
CA GLN HA 93 44.68 100.21 3.48
C GLN HA 93 43.83 100.53 2.25
N ARG HA 94 42.51 100.38 2.36
CA ARG HA 94 41.64 100.78 1.27
C ARG HA 94 41.68 102.28 1.03
N LYS HA 95 41.83 103.08 2.09
CA LYS HA 95 41.98 104.52 1.91
C LYS HA 95 43.23 104.86 1.11
N MET HA 96 44.36 104.25 1.47
CA MET HA 96 45.61 104.53 0.77
C MET HA 96 45.58 104.09 -0.70
N ARG HA 97 45.02 102.92 -0.98
CA ARG HA 97 44.99 102.46 -2.38
C ARG HA 97 43.93 103.19 -3.19
N ASN HA 98 42.73 103.38 -2.62
CA ASN HA 98 41.67 104.04 -3.34
C ASN HA 98 41.87 105.54 -3.43
N TYR HA 99 42.82 106.12 -2.68
CA TYR HA 99 43.24 107.48 -2.98
C TYR HA 99 43.89 107.57 -4.36
N GLU HA 100 44.78 106.63 -4.67
CA GLU HA 100 45.33 106.53 -6.02
C GLU HA 100 44.25 106.19 -7.05
N GLU HA 101 43.34 105.29 -6.70
CA GLU HA 101 42.27 104.91 -7.63
C GLU HA 101 41.33 106.08 -7.93
N VAL HA 102 40.97 106.87 -6.92
CA VAL HA 102 40.11 108.03 -7.13
C VAL HA 102 40.87 109.13 -7.88
N LYS HA 103 42.16 109.30 -7.57
CA LYS HA 103 42.99 110.26 -8.31
C LYS HA 103 43.08 109.89 -9.79
N GLU HA 104 43.12 108.60 -10.11
CA GLU HA 104 43.12 108.18 -11.51
C GLU HA 104 41.73 108.33 -12.15
N GLU HA 105 40.66 107.96 -11.42
CA GLU HA 105 39.33 107.90 -12.02
C GLU HA 105 38.71 109.28 -12.20
N VAL HA 106 38.93 110.20 -11.25
CA VAL HA 106 38.24 111.49 -11.27
C VAL HA 106 38.77 112.37 -12.40
N LYS HA 107 40.09 112.44 -12.56
CA LYS HA 107 40.69 113.34 -13.53
C LYS HA 107 40.87 112.66 -14.89
N ARG IA 5 -64.82 -40.79 79.22
CA ARG IA 5 -65.85 -40.76 78.18
C ARG IA 5 -66.25 -42.18 77.76
N ARG IA 6 -65.26 -43.04 77.54
CA ARG IA 6 -65.55 -44.46 77.30
C ARG IA 6 -66.06 -45.15 78.55
N ALA IA 7 -65.69 -44.67 79.74
CA ALA IA 7 -66.29 -45.15 80.97
C ALA IA 7 -67.80 -44.88 81.00
N LEU IA 8 -68.20 -43.68 80.60
CA LEU IA 8 -69.62 -43.37 80.46
C LEU IA 8 -70.28 -44.15 79.33
N LEU IA 9 -69.54 -44.40 78.23
CA LEU IA 9 -70.06 -45.21 77.12
C LEU IA 9 -70.44 -46.61 77.59
N VAL IA 10 -69.52 -47.31 78.25
CA VAL IA 10 -69.81 -48.68 78.68
C VAL IA 10 -70.70 -48.69 79.92
N ALA IA 11 -70.71 -47.63 80.74
CA ALA IA 11 -71.70 -47.52 81.80
C ALA IA 11 -73.11 -47.43 81.24
N GLY IA 12 -73.32 -46.63 80.19
CA GLY IA 12 -74.61 -46.64 79.52
C GLY IA 12 -74.90 -47.96 78.82
N LYS IA 13 -73.87 -48.57 78.23
CA LYS IA 13 -74.05 -49.83 77.51
C LYS IA 13 -74.44 -50.98 78.43
N THR IA 14 -74.04 -50.93 79.70
CA THR IA 14 -74.52 -51.91 80.66
C THR IA 14 -75.79 -51.45 81.39
N LYS IA 15 -76.04 -50.14 81.49
CA LYS IA 15 -77.26 -49.68 82.15
C LYS IA 15 -78.50 -49.95 81.29
N ILE IA 16 -78.35 -49.87 79.97
CA ILE IA 16 -79.46 -50.26 79.10
C ILE IA 16 -79.67 -51.77 79.14
N ASN IA 17 -78.59 -52.54 79.11
CA ASN IA 17 -78.68 -53.99 79.04
C ASN IA 17 -79.08 -54.64 80.36
N LEU IA 18 -78.98 -53.94 81.48
CA LEU IA 18 -79.40 -54.50 82.76
C LEU IA 18 -80.86 -54.20 83.09
N GLN IA 19 -81.58 -53.52 82.19
CA GLN IA 19 -82.97 -53.13 82.45
C GLN IA 19 -83.93 -54.31 82.40
N ASN IA 20 -83.59 -55.37 81.69
CA ASN IA 20 -84.47 -56.53 81.59
C ASN IA 20 -83.70 -57.83 81.79
N CYS IA 21 -82.51 -57.78 82.37
CA CYS IA 21 -81.61 -58.92 82.41
C CYS IA 21 -81.93 -59.86 83.56
N HIS IA 22 -81.71 -61.15 83.32
CA HIS IA 22 -81.98 -62.18 84.32
C HIS IA 22 -80.85 -63.18 84.51
N PHE IA 23 -79.94 -63.32 83.55
CA PHE IA 23 -78.69 -64.02 83.78
C PHE IA 23 -77.63 -63.44 82.86
N ILE IA 24 -76.36 -63.65 83.25
CA ILE IA 24 -75.21 -63.00 82.64
C ILE IA 24 -74.14 -64.06 82.44
N THR IA 25 -73.50 -64.08 81.27
CA THR IA 25 -72.37 -64.99 81.09
C THR IA 25 -71.21 -64.27 80.41
N GLY IA 26 -70.05 -64.95 80.39
CA GLY IA 26 -68.86 -64.43 79.74
C GLY IA 26 -68.10 -65.51 79.00
N ILE IA 27 -67.81 -65.27 77.72
CA ILE IA 27 -67.22 -66.26 76.83
C ILE IA 27 -65.77 -65.88 76.53
N ASN IA 28 -64.90 -66.89 76.55
CA ASN IA 28 -63.50 -66.70 76.16
C ASN IA 28 -63.41 -66.58 74.64
N TYR IA 29 -63.15 -65.37 74.14
CA TYR IA 29 -63.07 -65.20 72.68
C TYR IA 29 -61.64 -65.27 72.15
N ASN IA 30 -60.89 -66.28 72.59
CA ASN IA 30 -59.54 -66.51 72.06
C ASN IA 30 -59.66 -67.23 70.71
N GLY IA 31 -59.07 -66.64 69.68
CA GLY IA 31 -59.07 -67.24 68.37
C GLY IA 31 -60.26 -66.95 67.51
N LEU IA 32 -61.27 -66.24 68.02
CA LEU IA 32 -62.40 -65.82 67.22
C LEU IA 32 -62.07 -64.55 66.45
N THR IA 33 -62.44 -64.52 65.17
CA THR IA 33 -62.19 -63.35 64.34
C THR IA 33 -63.37 -62.38 64.43
N VAL IA 34 -63.24 -61.26 63.71
CA VAL IA 34 -64.29 -60.24 63.71
C VAL IA 34 -65.56 -60.76 63.06
N LYS IA 35 -65.42 -61.50 61.96
CA LYS IA 35 -66.58 -62.00 61.22
C LYS IA 35 -67.32 -63.07 62.01
N GLN IA 36 -66.59 -63.97 62.67
CA GLN IA 36 -67.24 -64.98 63.50
C GLN IA 36 -67.83 -64.38 64.78
N LEU IA 37 -67.20 -63.34 65.33
CA LEU IA 37 -67.81 -62.60 66.44
C LEU IA 37 -69.12 -61.94 66.02
N GLN IA 38 -69.13 -61.33 64.82
CA GLN IA 38 -70.34 -60.74 64.28
C GLN IA 38 -71.41 -61.80 64.01
N GLU IA 39 -70.99 -63.00 63.59
CA GLU IA 39 -71.96 -64.08 63.35
C GLU IA 39 -72.54 -64.61 64.66
N LEU IA 40 -71.72 -64.72 65.70
CA LEU IA 40 -72.24 -65.08 67.02
C LEU IA 40 -73.22 -64.03 67.53
N ARG IA 41 -72.87 -62.76 67.38
CA ARG IA 41 -73.73 -61.66 67.79
C ARG IA 41 -75.04 -61.68 67.00
N GLY IA 42 -74.97 -61.92 65.70
CA GLY IA 42 -76.16 -62.06 64.90
C GLY IA 42 -77.03 -63.23 65.28
N ILE IA 43 -76.45 -64.42 65.45
CA ILE IA 43 -77.25 -65.59 65.81
C ILE IA 43 -77.96 -65.34 67.13
N LEU IA 44 -77.25 -64.79 68.10
CA LEU IA 44 -77.80 -64.58 69.42
C LEU IA 44 -78.62 -63.29 69.52
N ARG IA 45 -78.67 -62.47 68.46
CA ARG IA 45 -79.52 -61.29 68.45
C ARG IA 45 -80.82 -61.47 67.68
N GLU IA 46 -80.81 -62.14 66.53
CA GLU IA 46 -82.07 -62.48 65.87
C GLU IA 46 -82.73 -63.72 66.48
N ASN IA 47 -82.00 -64.83 66.63
CA ASN IA 47 -82.65 -66.08 67.01
C ASN IA 47 -83.02 -66.12 68.49
N SER IA 48 -82.47 -65.23 69.30
CA SER IA 48 -82.83 -65.11 70.70
C SER IA 48 -83.15 -63.65 71.02
N ASN IA 49 -83.22 -63.35 72.32
CA ASN IA 49 -83.42 -62.00 72.81
C ASN IA 49 -82.22 -61.54 73.65
N THR IA 50 -81.01 -61.77 73.15
CA THR IA 50 -79.77 -61.55 73.88
C THR IA 50 -78.94 -60.47 73.20
N LYS IA 51 -77.89 -60.01 73.91
CA LYS IA 51 -76.96 -58.99 73.41
C LYS IA 51 -75.54 -59.32 73.85
N LEU IA 52 -74.59 -58.93 73.00
CA LEU IA 52 -73.17 -59.22 73.18
C LEU IA 52 -72.41 -57.91 73.36
N LEU IA 53 -71.44 -57.91 74.28
CA LEU IA 53 -70.60 -56.72 74.52
C LEU IA 53 -69.23 -57.17 75.03
N VAL IA 54 -68.16 -56.63 74.47
CA VAL IA 54 -66.81 -56.86 74.99
C VAL IA 54 -66.38 -55.59 75.70
N ALA IA 55 -66.08 -55.70 77.00
CA ALA IA 55 -65.92 -54.53 77.84
C ALA IA 55 -64.74 -54.72 78.79
N LYS IA 56 -64.35 -53.62 79.42
CA LYS IA 56 -63.31 -53.64 80.44
C LYS IA 56 -63.81 -54.37 81.68
N ASN IA 57 -62.99 -55.31 82.16
CA ASN IA 57 -63.39 -56.13 83.31
C ASN IA 57 -63.54 -55.30 84.57
N THR IA 58 -62.61 -54.38 84.82
CA THR IA 58 -62.72 -53.51 85.98
C THR IA 58 -63.88 -52.53 85.85
N LEU IA 59 -64.23 -52.14 84.63
CA LEU IA 59 -65.35 -51.24 84.45
C LEU IA 59 -66.69 -51.94 84.67
N VAL IA 60 -66.84 -53.18 84.21
CA VAL IA 60 -68.03 -53.96 84.57
C VAL IA 60 -68.02 -54.24 86.07
N PHE IA 61 -66.83 -54.44 86.63
CA PHE IA 61 -66.64 -54.63 88.07
C PHE IA 61 -67.22 -53.45 88.85
N LYS IA 62 -66.89 -52.24 88.45
CA LYS IA 62 -67.37 -51.04 89.12
C LYS IA 62 -68.84 -50.74 88.78
N ALA IA 63 -69.29 -51.10 87.58
CA ALA IA 63 -70.64 -50.79 87.13
C ALA IA 63 -71.67 -51.80 87.60
N LEU IA 64 -71.26 -52.92 88.18
CA LEU IA 64 -72.19 -53.87 88.79
C LEU IA 64 -72.21 -53.79 90.30
N GLU IA 65 -71.59 -52.77 90.89
CA GLU IA 65 -71.58 -52.62 92.34
C GLU IA 65 -72.90 -52.03 92.82
N GLY IA 66 -73.34 -52.46 93.99
CA GLY IA 66 -74.63 -52.05 94.50
C GLY IA 66 -75.81 -52.75 93.88
N THR IA 67 -75.59 -53.84 93.16
CA THR IA 67 -76.61 -54.55 92.42
C THR IA 67 -76.61 -56.00 92.90
N LYS IA 68 -77.71 -56.72 92.64
CA LYS IA 68 -77.82 -58.15 92.93
C LYS IA 68 -76.85 -59.00 92.10
N TRP IA 69 -76.23 -58.45 91.05
CA TRP IA 69 -75.15 -59.13 90.34
C TRP IA 69 -73.79 -58.74 90.92
N GLU IA 70 -73.67 -58.91 92.24
CA GLU IA 70 -72.44 -58.62 92.97
C GLU IA 70 -71.65 -59.88 93.31
N SER IA 71 -72.21 -61.07 93.06
CA SER IA 71 -71.52 -62.31 93.38
C SER IA 71 -70.50 -62.71 92.31
N LEU IA 72 -70.51 -62.05 91.14
CA LEU IA 72 -69.78 -62.53 89.98
C LEU IA 72 -68.26 -62.49 90.13
N LYS IA 73 -67.76 -61.73 91.10
CA LYS IA 73 -66.39 -61.22 91.19
C LYS IA 73 -65.21 -62.16 90.89
N PRO IA 74 -65.24 -63.45 91.23
CA PRO IA 74 -64.14 -64.31 90.76
C PRO IA 74 -64.06 -64.48 89.25
N CYS IA 75 -65.20 -64.46 88.55
CA CYS IA 75 -65.26 -64.90 87.16
C CYS IA 75 -65.19 -63.72 86.19
N MET IA 76 -64.12 -62.94 86.27
CA MET IA 76 -63.95 -61.78 85.38
C MET IA 76 -62.50 -61.62 84.93
N LYS IA 77 -61.77 -62.73 84.79
CA LYS IA 77 -60.36 -62.64 84.43
C LYS IA 77 -60.12 -63.15 83.01
N GLY IA 78 -59.06 -62.61 82.39
CA GLY IA 78 -58.67 -63.01 81.06
C GLY IA 78 -59.51 -62.40 79.96
N MET IA 79 -59.74 -63.16 78.90
CA MET IA 79 -60.46 -62.70 77.72
C MET IA 79 -61.96 -62.95 77.92
N ASN IA 80 -62.74 -61.87 78.08
CA ASN IA 80 -64.15 -61.96 78.46
C ASN IA 80 -65.03 -61.21 77.46
N ALA IA 81 -65.96 -61.93 76.83
CA ALA IA 81 -67.03 -61.34 76.03
C ALA IA 81 -68.32 -61.53 76.82
N TRP IA 82 -68.86 -60.45 77.35
CA TRP IA 82 -70.01 -60.52 78.24
C TRP IA 82 -71.30 -60.57 77.43
N ILE IA 83 -72.11 -61.58 77.70
CA ILE IA 83 -73.41 -61.76 77.07
C ILE IA 83 -74.47 -61.46 78.12
N PHE IA 84 -75.32 -60.48 77.81
CA PHE IA 84 -76.43 -60.09 78.67
C PHE IA 84 -77.73 -60.51 77.98
N VAL IA 85 -78.61 -61.17 78.71
CA VAL IA 85 -79.82 -61.73 78.14
C VAL IA 85 -81.01 -61.04 78.78
N GLN IA 86 -81.84 -60.41 77.96
CA GLN IA 86 -82.98 -59.66 78.43
C GLN IA 86 -84.24 -60.50 78.56
N THR IA 87 -84.16 -61.80 78.26
CA THR IA 87 -85.32 -62.68 78.25
C THR IA 87 -85.15 -63.76 79.31
N GLU IA 88 -86.09 -64.71 79.33
CA GLU IA 88 -86.14 -65.74 80.36
C GLU IA 88 -85.90 -67.15 79.85
N ASP IA 89 -86.05 -67.40 78.55
CA ASP IA 89 -85.99 -68.77 78.01
C ASP IA 89 -84.54 -69.20 77.87
N ILE IA 90 -83.99 -69.72 78.98
CA ILE IA 90 -82.63 -70.24 79.00
C ILE IA 90 -82.40 -71.50 78.15
N PRO IA 91 -83.38 -72.40 77.85
CA PRO IA 91 -83.06 -73.47 76.90
C PRO IA 91 -82.73 -72.95 75.50
N ALA IA 92 -83.54 -72.06 74.95
CA ALA IA 92 -83.21 -71.45 73.67
C ALA IA 92 -82.06 -70.46 73.79
N ALA IA 93 -81.76 -69.96 74.99
CA ALA IA 93 -80.60 -69.09 75.13
C ALA IA 93 -79.30 -69.88 75.14
N LEU IA 94 -79.30 -71.09 75.70
CA LEU IA 94 -78.07 -71.85 75.88
C LEU IA 94 -77.88 -72.95 74.84
N LYS IA 95 -78.92 -73.34 74.10
CA LYS IA 95 -78.76 -74.30 73.03
C LYS IA 95 -78.22 -73.67 71.75
N THR IA 96 -78.34 -72.35 71.61
CA THR IA 96 -77.76 -71.67 70.46
C THR IA 96 -76.24 -71.76 70.48
N PHE IA 97 -75.63 -71.67 71.65
CA PHE IA 97 -74.19 -71.85 71.72
C PHE IA 97 -73.79 -73.29 71.42
N VAL IA 98 -74.64 -74.25 71.77
CA VAL IA 98 -74.36 -75.63 71.38
C VAL IA 98 -74.39 -75.78 69.87
N SER IA 99 -75.41 -75.21 69.21
CA SER IA 99 -75.48 -75.28 67.76
C SER IA 99 -74.31 -74.56 67.10
N PHE IA 100 -73.93 -73.39 67.63
CA PHE IA 100 -72.79 -72.64 67.12
C PHE IA 100 -71.50 -73.43 67.26
N GLN IA 101 -71.29 -74.04 68.43
CA GLN IA 101 -70.07 -74.79 68.70
C GLN IA 101 -69.97 -76.05 67.84
N LYS IA 102 -71.07 -76.80 67.72
CA LYS IA 102 -71.04 -78.02 66.92
C LYS IA 102 -71.02 -77.73 65.42
N GLU IA 103 -71.53 -76.56 65.00
CA GLU IA 103 -71.52 -76.23 63.58
C GLU IA 103 -70.15 -75.72 63.14
N LYS IA 104 -69.61 -74.72 63.83
CA LYS IA 104 -68.34 -74.13 63.40
C LYS IA 104 -67.12 -74.72 64.11
N LYS IA 105 -67.30 -75.79 64.90
CA LYS IA 105 -66.21 -76.64 65.40
C LYS IA 105 -65.20 -75.84 66.25
N LEU IA 106 -65.73 -75.14 67.25
CA LEU IA 106 -64.93 -74.23 68.08
C LEU IA 106 -64.90 -74.73 69.52
N PHE IA 107 -63.90 -75.53 69.85
CA PHE IA 107 -63.80 -76.03 71.21
C PHE IA 107 -62.97 -75.12 72.12
N ASP IA 108 -62.27 -74.14 71.54
CA ASP IA 108 -61.40 -73.27 72.32
C ASP IA 108 -62.13 -72.11 72.96
N ASN IA 109 -63.42 -71.96 72.70
CA ASN IA 109 -64.23 -70.83 73.16
C ASN IA 109 -65.46 -71.39 73.86
N ASN IA 110 -65.43 -71.42 75.20
CA ASN IA 110 -66.47 -72.06 75.98
C ASN IA 110 -67.09 -71.07 76.96
N LEU IA 111 -68.11 -71.53 77.68
CA LEU IA 111 -68.85 -70.70 78.63
C LEU IA 111 -68.21 -70.82 80.00
N GLY IA 112 -67.42 -69.81 80.39
CA GLY IA 112 -66.85 -69.79 81.72
C GLY IA 112 -67.60 -68.87 82.66
N GLY IA 113 -68.44 -69.44 83.52
CA GLY IA 113 -69.14 -68.68 84.53
C GLY IA 113 -70.48 -68.12 84.11
N ALA IA 114 -71.46 -68.18 85.01
CA ALA IA 114 -72.76 -67.55 84.80
C ALA IA 114 -73.37 -67.23 86.15
N VAL IA 115 -74.27 -66.24 86.16
CA VAL IA 115 -74.93 -65.78 87.38
C VAL IA 115 -76.43 -65.95 87.21
N PHE IA 116 -77.04 -66.76 88.07
CA PHE IA 116 -78.49 -66.92 88.12
C PHE IA 116 -78.91 -67.02 89.58
N GLU IA 117 -79.68 -66.04 90.03
CA GLU IA 117 -80.29 -66.01 91.37
C GLU IA 117 -79.23 -66.11 92.47
N LYS IA 118 -78.30 -65.14 92.47
CA LYS IA 118 -77.25 -65.03 93.49
C LYS IA 118 -76.41 -66.31 93.56
N LYS IA 119 -76.12 -66.89 92.40
CA LYS IA 119 -75.33 -68.11 92.44
C LYS IA 119 -74.48 -68.19 91.19
N LEU IA 120 -73.27 -68.70 91.35
CA LEU IA 120 -72.37 -68.94 90.23
C LEU IA 120 -72.36 -70.45 90.01
N TYR IA 121 -73.14 -70.91 89.04
CA TYR IA 121 -73.09 -72.31 88.66
C TYR IA 121 -71.77 -72.60 87.96
N GLY IA 122 -71.30 -73.82 88.14
CA GLY IA 122 -70.16 -74.30 87.37
C GLY IA 122 -70.57 -74.44 85.91
N PRO IA 123 -69.60 -74.39 84.99
CA PRO IA 123 -69.92 -74.67 83.58
C PRO IA 123 -70.51 -76.04 83.35
N GLN IA 124 -70.15 -77.03 84.18
CA GLN IA 124 -70.85 -78.30 84.21
C GLN IA 124 -72.24 -78.16 84.82
N ASP IA 125 -72.41 -77.22 85.76
CA ASP IA 125 -73.68 -77.09 86.48
C ASP IA 125 -74.77 -76.41 85.65
N TYR IA 126 -74.43 -75.42 84.81
CA TYR IA 126 -75.48 -74.89 83.93
C TYR IA 126 -75.51 -75.62 82.58
N LYS IA 127 -75.50 -76.95 82.67
CA LYS IA 127 -75.72 -77.83 81.52
C LYS IA 127 -77.04 -78.56 81.60
N VAL IA 128 -77.46 -78.96 82.81
CA VAL IA 128 -78.76 -79.59 82.98
C VAL IA 128 -79.88 -78.55 83.00
N ILE IA 129 -79.60 -77.32 83.42
CA ILE IA 129 -80.66 -76.32 83.52
C ILE IA 129 -81.14 -75.85 82.14
N GLU IA 130 -80.39 -76.12 81.07
CA GLU IA 130 -80.87 -75.86 79.72
C GLU IA 130 -81.79 -76.95 79.22
N THR IA 131 -81.82 -78.12 79.89
CA THR IA 131 -82.73 -79.20 79.48
C THR IA 131 -84.15 -78.93 79.93
N MET IA 132 -84.32 -78.36 81.12
CA MET IA 132 -85.65 -78.04 81.64
C MET IA 132 -86.25 -76.87 80.86
N PRO IA 133 -87.47 -76.99 80.35
CA PRO IA 133 -88.03 -75.90 79.55
C PRO IA 133 -88.74 -74.86 80.40
N SER IA 134 -90.07 -74.82 80.32
CA SER IA 134 -90.85 -73.83 81.06
C SER IA 134 -92.13 -74.45 81.59
N THR JA 10 -59.12 -72.23 58.66
CA THR JA 10 -58.93 -73.58 59.17
C THR JA 10 -57.58 -73.70 59.87
N ARG JA 11 -56.76 -74.64 59.41
CA ARG JA 11 -55.38 -74.78 59.89
C ARG JA 11 -54.36 -74.45 58.81
N ARG JA 12 -54.80 -73.97 57.64
CA ARG JA 12 -53.86 -73.72 56.57
C ARG JA 12 -53.34 -72.28 56.62
N ALA JA 13 -52.06 -72.08 56.34
CA ALA JA 13 -51.46 -70.74 56.42
C ALA JA 13 -51.86 -69.83 55.27
N VAL JA 14 -52.95 -69.06 55.47
CA VAL JA 14 -53.48 -68.07 54.52
C VAL JA 14 -52.38 -67.21 53.92
N ALA JA 15 -52.31 -67.17 52.58
CA ALA JA 15 -51.28 -66.43 51.89
C ALA JA 15 -51.74 -65.03 51.50
N GLY JA 16 -52.85 -64.95 50.76
CA GLY JA 16 -53.38 -63.67 50.33
C GLY JA 16 -54.87 -63.79 50.10
N THR JA 17 -55.54 -62.64 50.06
CA THR JA 17 -56.96 -62.54 49.73
C THR JA 17 -57.08 -61.57 48.57
N ILE JA 18 -57.32 -62.09 47.37
CA ILE JA 18 -57.33 -61.27 46.16
C ILE JA 18 -58.75 -61.27 45.60
N LYS JA 19 -59.20 -60.11 45.14
CA LYS JA 19 -60.54 -59.92 44.63
C LYS JA 19 -60.51 -59.65 43.13
N LEU JA 20 -61.66 -59.81 42.49
CA LEU JA 20 -61.80 -59.59 41.06
C LEU JA 20 -63.27 -59.37 40.73
N THR JA 21 -63.52 -58.82 39.55
CA THR JA 21 -64.87 -58.70 39.02
C THR JA 21 -64.93 -59.38 37.65
N VAL JA 22 -65.90 -60.27 37.49
CA VAL JA 22 -66.07 -61.06 36.26
C VAL JA 22 -67.51 -60.89 35.82
N LEU JA 23 -67.78 -60.71 34.53
CA LEU JA 23 -69.17 -60.70 34.05
C LEU JA 23 -69.83 -62.07 34.23
N ALA JA 24 -71.14 -62.05 34.42
CA ALA JA 24 -71.88 -63.27 34.71
C ALA JA 24 -71.96 -64.15 33.48
N GLY JA 25 -71.62 -65.43 33.66
CA GLY JA 25 -71.68 -66.41 32.59
C GLY JA 25 -70.45 -66.50 31.73
N LYS JA 26 -69.65 -65.43 31.66
CA LYS JA 26 -68.44 -65.45 30.85
C LYS JA 26 -67.18 -65.74 31.62
N ALA JA 27 -67.09 -66.92 32.24
CA ALA JA 27 -65.91 -67.28 33.02
C ALA JA 27 -64.91 -68.06 32.16
N SER JA 28 -64.46 -67.39 31.09
CA SER JA 28 -63.45 -67.96 30.20
C SER JA 28 -62.08 -67.58 30.75
N PRO JA 29 -61.27 -68.53 31.17
CA PRO JA 29 -60.08 -68.22 32.00
C PRO JA 29 -58.88 -67.73 31.20
N GLY JA 30 -59.04 -66.58 30.54
CA GLY JA 30 -57.87 -65.96 29.92
C GLY JA 30 -57.89 -64.43 29.97
N PRO JA 31 -58.94 -63.69 29.58
CA PRO JA 31 -58.83 -62.22 29.61
C PRO JA 31 -58.81 -61.63 31.01
N PRO JA 32 -59.74 -62.00 31.97
CA PRO JA 32 -59.50 -61.52 33.34
C PRO JA 32 -58.87 -62.54 34.29
N VAL JA 33 -58.75 -63.80 33.87
CA VAL JA 33 -58.36 -64.89 34.75
C VAL JA 33 -57.00 -65.38 34.24
N SER JA 34 -56.22 -64.46 33.70
CA SER JA 34 -54.91 -64.81 33.19
C SER JA 34 -53.83 -64.54 34.21
N PRO JA 35 -53.08 -63.44 34.00
CA PRO JA 35 -52.03 -63.07 34.95
C PRO JA 35 -52.54 -62.72 36.35
N ALA JA 36 -53.82 -62.35 36.48
CA ALA JA 36 -54.38 -62.00 37.79
C ALA JA 36 -54.36 -63.18 38.75
N LEU JA 37 -54.68 -64.38 38.26
CA LEU JA 37 -54.57 -65.58 39.09
C LEU JA 37 -53.26 -66.32 38.88
N GLY JA 38 -52.55 -66.05 37.77
CA GLY JA 38 -51.24 -66.64 37.57
C GLY JA 38 -50.12 -66.00 38.35
N PRO JA 39 -50.36 -64.80 38.90
CA PRO JA 39 -49.36 -64.17 39.75
C PRO JA 39 -49.20 -64.91 41.08
N TYR JA 40 -50.22 -65.65 41.51
CA TYR JA 40 -50.20 -66.37 42.77
C TYR JA 40 -50.34 -67.88 42.60
N ARG JA 41 -49.91 -68.42 41.45
CA ARG JA 41 -49.77 -69.85 41.19
C ARG JA 41 -51.12 -70.59 41.19
N LEU JA 42 -52.23 -69.86 41.22
CA LEU JA 42 -53.55 -70.46 41.40
C LEU JA 42 -54.02 -71.18 40.13
N ASN JA 43 -54.94 -72.11 40.32
CA ASN JA 43 -55.52 -72.84 39.21
C ASN JA 43 -56.62 -72.02 38.55
N MET JA 44 -56.90 -72.37 37.29
CA MET JA 44 -57.85 -71.65 36.47
C MET JA 44 -59.03 -72.51 36.03
N MET JA 45 -58.97 -73.82 36.23
CA MET JA 45 -60.01 -74.72 35.75
C MET JA 45 -61.12 -74.93 36.79
N ALA JA 46 -60.75 -75.42 37.98
CA ALA JA 46 -61.75 -75.80 38.98
C ALA JA 46 -62.49 -74.59 39.52
N PHE JA 47 -61.79 -73.46 39.70
CA PHE JA 47 -62.44 -72.22 40.14
C PHE JA 47 -63.45 -71.74 39.10
N CYS JA 48 -63.11 -71.83 37.82
CA CYS JA 48 -64.05 -71.43 36.78
C CYS JA 48 -65.24 -72.37 36.68
N LYS JA 49 -65.02 -73.67 36.90
CA LYS JA 49 -66.13 -74.62 36.92
C LYS JA 49 -67.08 -74.32 38.08
N ASP JA 50 -66.52 -74.08 39.28
CA ASP JA 50 -67.34 -73.75 40.43
C ASP JA 50 -68.02 -72.40 40.26
N PHE JA 51 -67.39 -71.48 39.53
CA PHE JA 51 -67.99 -70.17 39.31
C PHE JA 51 -69.14 -70.27 38.31
N ASN JA 52 -68.98 -71.04 37.24
CA ASN JA 52 -70.05 -71.25 36.28
C ASN JA 52 -71.11 -72.23 36.76
N ALA JA 53 -70.87 -72.93 37.85
CA ALA JA 53 -71.88 -73.81 38.41
C ALA JA 53 -72.85 -73.10 39.35
N ARG JA 54 -72.76 -71.78 39.49
CA ARG JA 54 -73.70 -71.06 40.32
C ARG JA 54 -74.34 -69.84 39.67
N THR JA 55 -73.68 -69.21 38.68
CA THR JA 55 -74.31 -68.06 38.02
C THR JA 55 -75.09 -68.47 36.78
N GLN JA 56 -75.92 -69.50 36.92
CA GLN JA 56 -76.81 -69.93 35.86
C GLN JA 56 -78.19 -69.31 35.98
N LYS JA 57 -78.56 -68.84 37.17
CA LYS JA 57 -79.87 -68.25 37.43
C LYS JA 57 -79.87 -66.73 37.38
N TYR JA 58 -78.76 -66.13 36.97
CA TYR JA 58 -78.61 -64.67 36.98
C TYR JA 58 -78.48 -64.13 35.57
N LYS JA 59 -78.77 -62.84 35.43
CA LYS JA 59 -78.62 -62.18 34.14
C LYS JA 59 -77.15 -62.04 33.78
N PRO JA 60 -76.77 -62.40 32.56
CA PRO JA 60 -75.37 -62.32 32.16
C PRO JA 60 -74.94 -60.89 31.85
N ASP JA 61 -73.63 -60.74 31.62
CA ASP JA 61 -72.94 -59.46 31.44
C ASP JA 61 -73.17 -58.54 32.65
N THR JA 62 -73.15 -59.11 33.84
CA THR JA 62 -73.29 -58.40 35.10
C THR JA 62 -72.00 -58.51 35.91
N PRO JA 63 -71.39 -57.38 36.32
CA PRO JA 63 -70.07 -57.47 36.95
C PRO JA 63 -70.13 -58.05 38.35
N MET JA 64 -70.18 -59.37 38.45
CA MET JA 64 -70.26 -60.02 39.75
C MET JA 64 -68.91 -59.96 40.45
N ALA JA 65 -68.94 -59.71 41.75
CA ALA JA 65 -67.73 -59.57 42.55
C ALA JA 65 -67.37 -60.91 43.16
N VAL JA 66 -66.14 -61.35 42.96
CA VAL JA 66 -65.65 -62.60 43.54
C VAL JA 66 -64.37 -62.28 44.31
N LYS JA 67 -64.38 -62.56 45.60
CA LYS JA 67 -63.16 -62.53 46.40
C LYS JA 67 -62.70 -63.98 46.59
N ILE JA 68 -61.43 -64.24 46.32
CA ILE JA 68 -60.87 -65.58 46.43
C ILE JA 68 -59.68 -65.52 47.39
N THR JA 69 -59.69 -66.42 48.37
CA THR JA 69 -58.63 -66.52 49.35
C THR JA 69 -57.61 -67.55 48.86
N ALA JA 70 -56.47 -67.08 48.38
CA ALA JA 70 -55.46 -67.99 47.88
C ALA JA 70 -54.79 -68.74 49.02
N TYR JA 71 -54.21 -69.90 48.69
CA TYR JA 71 -53.56 -70.74 49.67
C TYR JA 71 -52.29 -71.33 49.06
N MET JA 72 -51.50 -71.98 49.92
CA MET JA 72 -50.28 -72.65 49.49
C MET JA 72 -50.51 -74.08 49.04
N ASP JA 73 -51.72 -74.61 49.23
CA ASP JA 73 -52.09 -75.94 48.75
C ASP JA 73 -53.10 -75.86 47.60
N HIS JA 74 -53.26 -74.69 46.99
CA HIS JA 74 -54.11 -74.46 45.81
C HIS JA 74 -55.58 -74.81 46.09
N SER JA 75 -56.06 -74.47 47.28
CA SER JA 75 -57.44 -74.72 47.66
C SER JA 75 -58.23 -73.43 47.62
N PHE JA 76 -59.42 -73.50 47.02
CA PHE JA 76 -60.27 -72.33 46.83
C PHE JA 76 -61.40 -72.37 47.86
N GLU JA 77 -61.50 -71.32 48.67
CA GLU JA 77 -62.59 -71.13 49.64
C GLU JA 77 -63.12 -69.72 49.42
N PHE JA 78 -64.08 -69.57 48.51
CA PHE JA 78 -64.57 -68.26 48.11
C PHE JA 78 -66.05 -68.11 48.40
N SER JA 79 -66.46 -66.86 48.61
CA SER JA 79 -67.87 -66.47 48.64
C SER JA 79 -68.12 -65.47 47.53
N VAL JA 80 -69.37 -65.43 47.06
CA VAL JA 80 -69.75 -64.58 45.94
C VAL JA 80 -70.44 -63.33 46.49
N LYS JA 81 -69.96 -62.17 46.06
CA LYS JA 81 -70.51 -60.88 46.47
C LYS JA 81 -71.42 -60.34 45.37
N SER JA 82 -72.36 -59.50 45.77
CA SER JA 82 -73.19 -58.77 44.82
C SER JA 82 -72.33 -57.77 44.04
N PRO JA 83 -72.76 -57.38 42.84
CA PRO JA 83 -72.04 -56.33 42.10
C PRO JA 83 -71.96 -55.02 42.86
N THR JA 84 -70.96 -54.22 42.47
CA THR JA 84 -70.49 -53.08 43.25
C THR JA 84 -71.57 -52.01 43.40
N VAL JA 85 -71.59 -51.36 44.57
CA VAL JA 85 -72.58 -50.32 44.83
C VAL JA 85 -72.34 -49.08 43.96
N SER JA 86 -71.11 -48.86 43.47
CA SER JA 86 -70.90 -47.81 42.47
C SER JA 86 -71.63 -48.13 41.17
N TRP JA 87 -71.57 -49.39 40.76
CA TRP JA 87 -72.34 -49.84 39.59
C TRP JA 87 -73.84 -49.72 39.86
N TYR JA 88 -74.29 -50.14 41.03
CA TYR JA 88 -75.71 -50.08 41.35
C TYR JA 88 -76.24 -48.65 41.45
N ILE JA 89 -75.41 -47.70 41.86
CA ILE JA 89 -75.84 -46.32 42.02
C ILE JA 89 -75.53 -45.45 40.80
N LYS JA 90 -74.78 -45.97 39.83
CA LYS JA 90 -74.59 -45.26 38.57
C LYS JA 90 -75.47 -45.79 37.44
N LYS JA 91 -75.70 -47.11 37.38
CA LYS JA 91 -76.54 -47.69 36.35
C LYS JA 91 -78.02 -47.50 36.61
N ALA JA 92 -78.43 -47.33 37.86
CA ALA JA 92 -79.80 -47.01 38.19
C ALA JA 92 -80.06 -45.51 38.21
N ALA JA 93 -79.06 -44.71 37.86
CA ALA JA 93 -79.15 -43.26 37.85
C ALA JA 93 -78.98 -42.67 36.46
N GLY JA 94 -77.93 -43.05 35.74
CA GLY JA 94 -77.67 -42.46 34.43
C GLY JA 94 -76.32 -42.80 33.86
N VAL JA 95 -75.57 -41.77 33.45
CA VAL JA 95 -74.25 -41.94 32.87
C VAL JA 95 -73.28 -42.44 33.94
N ASP JA 96 -72.38 -43.35 33.54
CA ASP JA 96 -71.46 -44.01 34.44
C ASP JA 96 -70.15 -43.24 34.64
N LYS JA 97 -70.13 -41.93 34.38
CA LYS JA 97 -68.91 -41.13 34.45
C LYS JA 97 -68.91 -40.33 35.74
N GLY JA 98 -67.91 -40.57 36.59
CA GLY JA 98 -67.77 -39.82 37.83
C GLY JA 98 -67.27 -38.42 37.59
N SER JA 99 -67.50 -37.55 38.58
CA SER JA 99 -67.18 -36.14 38.44
C SER JA 99 -65.68 -35.91 38.49
N THR JA 100 -65.24 -34.78 37.92
CA THR JA 100 -63.86 -34.37 38.07
C THR JA 100 -63.57 -33.88 39.49
N ARG JA 101 -64.54 -33.21 40.10
CA ARG JA 101 -64.44 -32.75 41.49
C ARG JA 101 -65.72 -33.16 42.21
N PRO JA 102 -65.76 -34.32 42.85
CA PRO JA 102 -66.97 -34.71 43.59
C PRO JA 102 -67.22 -33.84 44.80
N GLY JA 103 -68.46 -33.86 45.27
CA GLY JA 103 -68.91 -33.03 46.36
C GLY JA 103 -69.27 -31.61 45.99
N HIS JA 104 -68.81 -31.13 44.84
CA HIS JA 104 -69.06 -29.79 44.34
C HIS JA 104 -69.58 -29.78 42.91
N LEU JA 105 -69.14 -30.71 42.07
CA LEU JA 105 -69.60 -30.84 40.70
C LEU JA 105 -70.55 -32.03 40.61
N THR JA 106 -71.71 -31.83 39.99
CA THR JA 106 -72.83 -32.76 40.09
C THR JA 106 -73.09 -33.45 38.76
N VAL JA 107 -73.45 -34.73 38.81
CA VAL JA 107 -73.74 -35.51 37.61
C VAL JA 107 -75.21 -35.90 37.56
N THR JA 108 -75.64 -36.74 38.50
CA THR JA 108 -77.01 -37.25 38.54
C THR JA 108 -77.64 -36.90 39.88
N THR JA 109 -78.89 -37.34 40.08
CA THR JA 109 -79.64 -37.08 41.30
C THR JA 109 -80.55 -38.27 41.61
N LEU JA 110 -80.51 -38.74 42.86
CA LEU JA 110 -81.41 -39.81 43.32
C LEU JA 110 -81.97 -39.46 44.69
N SER JA 111 -83.29 -39.61 44.86
CA SER JA 111 -83.90 -39.05 46.07
C SER JA 111 -83.85 -39.93 47.30
N VAL JA 112 -84.72 -40.94 47.39
CA VAL JA 112 -84.78 -41.76 48.61
C VAL JA 112 -84.94 -43.24 48.31
N ARG JA 113 -85.38 -43.57 47.10
CA ARG JA 113 -85.97 -44.88 46.89
C ARG JA 113 -84.99 -45.89 46.31
N HIS JA 114 -84.17 -45.44 45.37
CA HIS JA 114 -83.17 -46.28 44.73
C HIS JA 114 -82.13 -46.74 45.74
N VAL JA 115 -81.69 -45.84 46.63
CA VAL JA 115 -80.73 -46.19 47.68
C VAL JA 115 -81.33 -47.21 48.65
N TYR JA 116 -82.63 -47.09 48.94
CA TYR JA 116 -83.26 -47.96 49.91
C TYR JA 116 -83.39 -49.38 49.36
N GLU JA 117 -83.87 -49.52 48.12
CA GLU JA 117 -83.94 -50.86 47.57
C GLU JA 117 -82.57 -51.43 47.21
N ILE JA 118 -81.58 -50.58 46.92
CA ILE JA 118 -80.21 -51.06 46.76
C ILE JA 118 -79.68 -51.61 48.08
N ALA JA 119 -80.04 -50.96 49.20
CA ALA JA 119 -79.71 -51.49 50.52
C ALA JA 119 -80.39 -52.83 50.78
N LYS JA 120 -81.64 -52.98 50.35
CA LYS JA 120 -82.32 -54.27 50.48
C LYS JA 120 -81.61 -55.37 49.70
N VAL JA 121 -81.12 -55.04 48.50
CA VAL JA 121 -80.36 -56.02 47.72
C VAL JA 121 -79.01 -56.30 48.36
N LYS JA 122 -78.35 -55.26 48.87
CA LYS JA 122 -77.04 -55.41 49.50
C LYS JA 122 -77.09 -56.20 50.80
N GLN JA 123 -78.27 -56.29 51.43
CA GLN JA 123 -78.44 -57.13 52.61
C GLN JA 123 -78.18 -58.60 52.31
N THR JA 124 -78.31 -59.02 51.04
CA THR JA 124 -78.07 -60.40 50.65
C THR JA 124 -76.60 -60.78 50.58
N ASP JA 125 -75.69 -59.90 50.96
CA ASP JA 125 -74.27 -60.24 51.08
C ASP JA 125 -74.12 -61.33 52.13
N PRO JA 126 -73.27 -62.34 51.90
CA PRO JA 126 -73.24 -63.52 52.80
C PRO JA 126 -72.76 -63.24 54.21
N PHE JA 127 -72.20 -62.06 54.49
CA PHE JA 127 -71.87 -61.67 55.86
C PHE JA 127 -72.50 -60.31 56.18
N CYS JA 128 -73.65 -60.02 55.58
CA CYS JA 128 -74.47 -58.86 55.91
C CYS JA 128 -75.87 -59.33 56.34
N GLN JA 129 -75.95 -60.46 57.03
CA GLN JA 129 -77.23 -60.97 57.49
C GLN JA 129 -77.85 -60.12 58.60
N TYR JA 130 -77.03 -59.37 59.33
CA TYR JA 130 -77.46 -58.74 60.56
C TYR JA 130 -77.24 -57.23 60.62
N MET JA 131 -76.69 -56.63 59.58
CA MET JA 131 -76.54 -55.17 59.56
C MET JA 131 -77.89 -54.51 59.32
N PRO JA 132 -78.23 -53.44 60.03
CA PRO JA 132 -79.54 -52.81 59.85
C PRO JA 132 -79.60 -51.97 58.58
N LEU JA 133 -80.84 -51.80 58.10
CA LEU JA 133 -81.07 -51.09 56.84
C LEU JA 133 -80.71 -49.61 56.93
N GLU JA 134 -80.83 -49.00 58.11
CA GLU JA 134 -80.31 -47.65 58.29
C GLU JA 134 -78.81 -47.60 58.08
N SER JA 135 -78.09 -48.59 58.62
CA SER JA 135 -76.64 -48.67 58.44
C SER JA 135 -76.27 -48.81 56.98
N ILE JA 136 -76.95 -49.72 56.26
CA ILE JA 136 -76.63 -49.93 54.86
C ILE JA 136 -77.00 -48.70 54.02
N CYS JA 137 -78.14 -48.07 54.31
CA CYS JA 137 -78.58 -46.90 53.56
C CYS JA 137 -77.62 -45.73 53.77
N LYS JA 138 -77.17 -45.49 55.01
CA LYS JA 138 -76.24 -44.39 55.24
C LYS JA 138 -74.85 -44.70 54.71
N SER JA 139 -74.44 -45.97 54.67
CA SER JA 139 -73.21 -46.34 53.98
C SER JA 139 -73.29 -46.02 52.50
N ILE JA 140 -74.42 -46.34 51.87
CA ILE JA 140 -74.59 -46.05 50.44
C ILE JA 140 -74.69 -44.54 50.21
N ILE JA 141 -75.25 -43.80 51.17
CA ILE JA 141 -75.26 -42.34 51.09
C ILE JA 141 -73.84 -41.79 51.12
N GLY JA 142 -73.00 -42.34 51.99
CA GLY JA 142 -71.60 -41.97 52.01
C GLY JA 142 -70.85 -42.31 50.74
N THR JA 143 -71.20 -43.44 50.11
CA THR JA 143 -70.64 -43.74 48.79
C THR JA 143 -71.13 -42.75 47.74
N ALA JA 144 -72.41 -42.36 47.84
CA ALA JA 144 -73.01 -41.43 46.88
C ALA JA 144 -72.37 -40.05 46.97
N ASN JA 145 -71.92 -39.67 48.16
CA ASN JA 145 -71.20 -38.42 48.30
C ASN JA 145 -69.84 -38.45 47.60
N SER JA 146 -69.30 -39.64 47.33
CA SER JA 146 -67.90 -39.77 46.94
C SER JA 146 -67.66 -39.74 45.43
N MET JA 147 -68.69 -39.72 44.60
CA MET JA 147 -68.47 -39.54 43.17
C MET JA 147 -69.10 -38.27 42.61
N GLY JA 148 -69.90 -37.56 43.41
CA GLY JA 148 -70.44 -36.28 43.02
C GLY JA 148 -71.90 -36.26 42.64
N ILE JA 149 -72.66 -37.30 42.95
CA ILE JA 149 -74.08 -37.30 42.62
C ILE JA 149 -74.88 -36.65 43.73
N LYS JA 150 -75.97 -35.99 43.36
CA LYS JA 150 -76.80 -35.29 44.33
C LYS JA 150 -77.90 -36.19 44.87
N ILE JA 151 -78.24 -35.97 46.13
CA ILE JA 151 -79.33 -36.65 46.80
C ILE JA 151 -80.28 -35.60 47.36
N VAL JA 152 -81.58 -35.83 47.21
CA VAL JA 152 -82.61 -34.91 47.63
C VAL JA 152 -83.68 -35.69 48.39
N GLN JA 153 -84.72 -34.98 48.82
CA GLN JA 153 -85.84 -35.65 49.49
C GLN JA 153 -86.80 -36.27 48.50
N ASP JA 154 -87.05 -35.58 47.39
CA ASP JA 154 -87.96 -36.09 46.35
C ASP JA 154 -87.64 -35.34 45.07
N LEU JA 155 -87.16 -36.06 44.05
CA LEU JA 155 -86.99 -35.47 42.74
C LEU JA 155 -88.35 -35.39 42.06
N GLU JA 156 -88.64 -34.23 41.46
CA GLU JA 156 -89.88 -34.03 40.75
C GLU JA 156 -89.63 -33.22 39.48
N SER KA 9 14.93 -50.99 109.41
CA SER KA 9 16.22 -50.95 108.72
C SER KA 9 16.10 -50.33 107.33
N PHE KA 10 17.18 -50.40 106.57
CA PHE KA 10 17.20 -49.85 105.22
C PHE KA 10 17.67 -50.92 104.25
N ASN KA 11 16.99 -50.98 103.10
CA ASN KA 11 17.27 -52.00 102.09
C ASN KA 11 17.83 -51.45 100.80
N GLY KA 12 18.00 -50.14 100.67
CA GLY KA 12 18.42 -49.51 99.44
C GLY KA 12 19.89 -49.18 99.39
N ASN KA 13 20.20 -48.08 98.69
CA ASN KA 13 21.56 -47.62 98.53
C ASN KA 13 21.93 -46.67 99.67
N LEU KA 14 22.81 -47.10 100.55
CA LEU KA 14 23.06 -46.37 101.78
C LEU KA 14 23.82 -45.07 101.52
N LYS KA 15 24.76 -45.09 100.57
CA LYS KA 15 25.50 -43.87 100.27
C LYS KA 15 24.65 -42.87 99.51
N LYS KA 16 23.91 -43.36 98.51
CA LYS KA 16 23.02 -42.50 97.72
C LYS KA 16 21.87 -41.94 98.54
N ALA KA 17 21.48 -42.63 99.61
CA ALA KA 17 20.40 -42.13 100.46
C ALA KA 17 20.85 -40.96 101.31
N VAL KA 18 22.08 -40.97 101.80
CA VAL KA 18 22.57 -39.97 102.74
C VAL KA 18 23.55 -38.99 102.07
N ALA KA 19 23.71 -39.07 100.75
CA ALA KA 19 24.57 -38.13 100.04
C ALA KA 19 24.09 -36.69 100.16
N GLY KA 20 25.02 -35.80 100.47
CA GLY KA 20 24.73 -34.39 100.59
C GLY KA 20 24.45 -33.91 102.00
N ILE KA 21 24.41 -34.82 102.98
CA ILE KA 21 24.15 -34.41 104.35
C ILE KA 21 25.34 -33.66 104.93
N LYS KA 22 26.57 -34.08 104.59
CA LYS KA 22 27.76 -33.50 105.19
C LYS KA 22 28.04 -32.07 104.77
N ARG KA 23 27.34 -31.56 103.75
CA ARG KA 23 27.41 -30.14 103.43
C ARG KA 23 26.45 -29.30 104.26
N ILE KA 24 25.62 -29.92 105.09
CA ILE KA 24 24.61 -29.22 105.89
C ILE KA 24 25.13 -29.04 107.29
N ASN KA 25 25.00 -27.83 107.83
CA ASN KA 25 25.28 -27.55 109.23
C ASN KA 25 24.11 -28.06 110.07
N LEU KA 26 24.31 -29.17 110.77
CA LEU KA 26 23.22 -29.82 111.48
C LEU KA 26 23.01 -29.31 112.89
N ASP KA 27 23.77 -28.30 113.31
CA ASP KA 27 23.68 -27.83 114.69
C ASP KA 27 22.37 -27.07 114.90
N GLY KA 28 21.64 -27.45 115.95
CA GLY KA 28 20.40 -26.79 116.28
C GLY KA 28 19.28 -26.98 115.26
N LEU KA 29 19.10 -28.19 114.76
CA LEU KA 29 18.06 -28.47 113.78
C LEU KA 29 17.21 -29.65 114.26
N ARG KA 30 16.00 -29.73 113.73
CA ARG KA 30 15.11 -30.85 113.94
C ARG KA 30 14.99 -31.69 112.69
N TRP KA 31 14.47 -32.91 112.87
CA TRP KA 31 14.27 -33.88 111.80
C TRP KA 31 12.77 -34.18 111.75
N ARG KA 32 12.03 -33.37 111.01
CA ARG KA 32 10.59 -33.56 110.92
C ARG KA 32 10.27 -34.67 109.94
N VAL KA 33 9.23 -35.44 110.25
CA VAL KA 33 8.82 -36.57 109.41
C VAL KA 33 7.40 -36.31 108.92
N PHE KA 34 7.23 -36.28 107.61
CA PHE KA 34 5.94 -36.07 106.96
C PHE KA 34 5.47 -37.40 106.40
N ASP KA 35 4.17 -37.68 106.53
CA ASP KA 35 3.58 -38.88 105.98
C ASP KA 35 2.59 -38.47 104.90
N ALA KA 36 2.92 -38.83 103.67
CA ALA KA 36 2.18 -38.40 102.48
C ALA KA 36 1.04 -39.33 102.12
N LYS KA 37 0.75 -40.33 102.94
CA LYS KA 37 -0.33 -41.26 102.63
C LYS KA 37 -1.67 -40.60 102.93
N GLY KA 38 -2.46 -40.38 101.89
CA GLY KA 38 -3.76 -39.75 102.05
C GLY KA 38 -3.73 -38.25 102.19
N GLN KA 39 -2.76 -37.57 101.57
CA GLN KA 39 -2.67 -36.11 101.63
C GLN KA 39 -2.69 -35.55 100.22
N VAL KA 40 -3.26 -34.35 100.09
CA VAL KA 40 -3.28 -33.65 98.82
C VAL KA 40 -1.91 -33.05 98.55
N LEU KA 41 -1.47 -33.14 97.31
CA LEU KA 41 -0.08 -32.85 96.95
C LEU KA 41 0.28 -31.39 97.21
N GLY KA 42 -0.52 -30.47 96.70
CA GLY KA 42 -0.25 -29.06 96.92
C GLY KA 42 -0.41 -28.63 98.35
N ARG KA 43 -1.38 -29.19 99.06
CA ARG KA 43 -1.58 -28.85 100.46
C ARG KA 43 -0.46 -29.37 101.34
N LEU KA 44 0.16 -30.49 100.99
CA LEU KA 44 1.33 -30.94 101.74
C LEU KA 44 2.54 -30.09 101.41
N ALA KA 45 2.75 -29.79 100.12
CA ALA KA 45 3.91 -29.03 99.71
C ALA KA 45 3.92 -27.61 100.25
N SER KA 46 2.72 -27.03 100.46
CA SER KA 46 2.66 -25.69 101.03
C SER KA 46 3.14 -25.65 102.47
N GLN KA 47 2.96 -26.74 103.22
CA GLN KA 47 3.48 -26.80 104.59
C GLN KA 47 4.97 -27.13 104.61
N ILE KA 48 5.40 -27.99 103.69
CA ILE KA 48 6.81 -28.34 103.58
C ILE KA 48 7.64 -27.10 103.27
N SER KA 49 7.12 -26.21 102.44
CA SER KA 49 7.82 -24.96 102.12
C SER KA 49 8.02 -24.07 103.33
N THR KA 50 7.00 -23.89 104.16
CA THR KA 50 7.12 -23.05 105.35
C THR KA 50 8.07 -23.67 106.36
N VAL KA 51 8.06 -24.99 106.50
CA VAL KA 51 9.02 -25.63 107.41
C VAL KA 51 10.44 -25.48 106.88
N LEU KA 52 10.64 -25.62 105.57
CA LEU KA 52 11.98 -25.52 105.00
C LEU KA 52 12.53 -24.10 105.04
N GLN KA 53 11.67 -23.09 105.00
CA GLN KA 53 12.14 -21.71 105.05
C GLN KA 53 12.48 -21.24 106.46
N ALA KA 54 12.24 -22.06 107.48
CA ALA KA 54 12.37 -21.69 108.90
C ALA KA 54 11.49 -20.50 109.25
N LYS KA 55 10.26 -20.51 108.74
CA LYS KA 55 9.31 -19.45 109.04
C LYS KA 55 8.49 -19.73 110.28
N ASP KA 56 8.69 -20.87 110.93
CA ASP KA 56 7.98 -21.19 112.16
C ASP KA 56 8.85 -21.05 113.40
N LYS KA 57 10.04 -20.49 113.25
CA LYS KA 57 10.90 -20.24 114.39
C LYS KA 57 10.88 -18.76 114.73
N PRO KA 58 10.74 -18.40 116.00
CA PRO KA 58 10.73 -16.98 116.39
C PRO KA 58 12.05 -16.27 116.18
N THR KA 59 13.14 -16.99 115.94
CA THR KA 59 14.43 -16.38 115.60
C THR KA 59 14.66 -16.37 114.10
N TYR KA 60 13.61 -16.13 113.33
CA TYR KA 60 13.68 -16.16 111.89
C TYR KA 60 14.47 -14.96 111.37
N CYS KA 61 15.44 -15.24 110.49
CA CYS KA 61 16.15 -14.22 109.76
C CYS KA 61 16.09 -14.61 108.29
N PRO KA 62 15.81 -13.66 107.39
CA PRO KA 62 15.60 -14.05 105.99
C PRO KA 62 16.88 -14.44 105.26
N ASN KA 63 18.03 -13.89 105.68
CA ASN KA 63 19.26 -14.08 104.94
C ASN KA 63 20.07 -15.28 105.40
N ARG KA 64 19.52 -16.10 106.29
CA ARG KA 64 20.19 -17.30 106.77
C ARG KA 64 19.42 -18.54 106.36
N ASP KA 65 20.04 -19.70 106.51
CA ASP KA 65 19.44 -20.97 106.16
C ASP KA 65 19.40 -21.85 107.41
N ASP KA 66 18.28 -21.81 108.14
CA ASP KA 66 18.16 -22.51 109.41
C ASP KA 66 16.91 -23.36 109.46
N GLY KA 67 16.42 -23.82 108.31
CA GLY KA 67 15.25 -24.67 108.31
C GLY KA 67 15.56 -26.07 108.80
N ASP KA 68 14.50 -26.78 109.17
CA ASP KA 68 14.63 -28.15 109.65
C ASP KA 68 14.76 -29.10 108.47
N ILE KA 69 14.97 -30.38 108.77
CA ILE KA 69 15.15 -31.37 107.72
C ILE KA 69 13.88 -32.18 107.58
N CYS KA 70 13.31 -32.19 106.38
CA CYS KA 70 12.02 -32.81 106.14
C CYS KA 70 12.21 -34.19 105.52
N ILE KA 71 11.66 -35.20 106.15
CA ILE KA 71 11.73 -36.58 105.68
C ILE KA 71 10.33 -37.00 105.27
N VAL KA 72 10.10 -37.10 103.97
CA VAL KA 72 8.77 -37.39 103.44
C VAL KA 72 8.70 -38.88 103.13
N LEU KA 73 7.75 -39.56 103.75
CA LEU KA 73 7.57 -40.98 103.54
C LEU KA 73 6.36 -41.24 102.66
N ASN KA 74 6.38 -42.40 102.01
CA ASN KA 74 5.27 -42.92 101.20
C ASN KA 74 4.90 -41.96 100.07
N ALA KA 75 5.91 -41.54 99.31
CA ALA KA 75 5.69 -40.54 98.27
C ALA KA 75 4.90 -41.07 97.09
N LYS KA 76 4.74 -42.38 96.99
CA LYS KA 76 3.96 -42.97 95.91
C LYS KA 76 2.48 -43.06 96.24
N ASP KA 77 2.06 -42.63 97.42
CA ASP KA 77 0.66 -42.63 97.80
C ASP KA 77 0.16 -41.21 98.07
N ILE KA 78 0.67 -40.25 97.35
CA ILE KA 78 0.19 -38.88 97.47
C ILE KA 78 -1.16 -38.77 96.75
N GLY KA 79 -2.04 -37.94 97.27
CA GLY KA 79 -3.38 -37.82 96.72
C GLY KA 79 -3.46 -36.78 95.62
N ILE KA 80 -4.20 -37.12 94.57
CA ILE KA 80 -4.40 -36.24 93.43
C ILE KA 80 -5.88 -36.22 93.11
N THR KA 81 -6.47 -35.03 93.05
CA THR KA 81 -7.90 -34.88 92.84
C THR KA 81 -8.22 -34.67 91.37
N GLY KA 82 -9.45 -34.99 91.01
CA GLY KA 82 -9.93 -34.68 89.67
C GLY KA 82 -9.31 -35.58 88.62
N ARG KA 83 -9.03 -34.98 87.45
CA ARG KA 83 -8.48 -35.69 86.31
C ARG KA 83 -7.03 -35.29 86.03
N LYS KA 84 -6.28 -34.94 87.08
CA LYS KA 84 -4.93 -34.44 86.87
C LYS KA 84 -3.93 -35.54 86.52
N LEU KA 85 -4.32 -36.81 86.60
CA LEU KA 85 -3.39 -37.87 86.24
C LEU KA 85 -3.17 -37.91 84.74
N THR KA 86 -4.20 -37.63 83.96
CA THR KA 86 -4.13 -37.71 82.51
C THR KA 86 -4.19 -36.34 81.84
N ASP KA 87 -4.36 -35.26 82.59
CA ASP KA 87 -4.51 -33.93 82.02
C ASP KA 87 -3.45 -32.94 82.48
N LYS KA 88 -2.58 -33.31 83.40
CA LYS KA 88 -1.49 -32.45 83.85
C LYS KA 88 -0.19 -32.91 83.20
N PHE KA 89 0.56 -31.96 82.65
CA PHE KA 89 1.78 -32.26 81.92
C PHE KA 89 2.93 -31.45 82.49
N TYR KA 90 4.12 -32.02 82.39
CA TYR KA 90 5.38 -31.33 82.65
C TYR KA 90 6.07 -31.12 81.32
N ARG KA 91 6.42 -29.88 81.02
CA ARG KA 91 7.02 -29.52 79.74
C ARG KA 91 8.34 -28.81 79.95
N TRP KA 92 9.30 -29.08 79.07
CA TRP KA 92 10.59 -28.41 79.16
C TRP KA 92 11.26 -28.40 77.79
N HIS KA 93 12.03 -27.34 77.54
CA HIS KA 93 12.70 -27.14 76.26
C HIS KA 93 14.19 -27.45 76.43
N THR KA 94 14.72 -28.27 75.54
CA THR KA 94 16.09 -28.78 75.67
C THR KA 94 17.13 -27.91 74.98
N GLY KA 95 16.73 -26.81 74.36
CA GLY KA 95 17.65 -25.87 73.76
C GLY KA 95 17.80 -25.98 72.26
N TYR KA 96 17.42 -27.11 71.67
CA TYR KA 96 17.43 -27.27 70.23
C TYR KA 96 16.06 -26.91 69.69
N VAL KA 97 16.02 -26.31 68.50
CA VAL KA 97 14.78 -25.75 67.99
C VAL KA 97 13.82 -26.88 67.62
N GLY KA 98 12.57 -26.76 68.08
CA GLY KA 98 11.59 -27.79 67.85
C GLY KA 98 11.63 -28.95 68.82
N HIS KA 99 12.31 -28.81 69.96
CA HIS KA 99 12.48 -29.93 70.87
C HIS KA 99 11.88 -29.63 72.23
N LEU KA 100 10.65 -29.16 72.25
CA LEU KA 100 9.89 -29.05 73.48
C LEU KA 100 9.33 -30.43 73.83
N LYS KA 101 9.62 -30.90 75.04
CA LYS KA 101 9.21 -32.23 75.47
C LYS KA 101 8.16 -32.13 76.56
N GLU KA 102 7.27 -33.12 76.60
CA GLU KA 102 6.18 -33.18 77.56
C GLU KA 102 6.11 -34.57 78.17
N ARG KA 103 5.53 -34.64 79.36
CA ARG KA 103 5.32 -35.92 80.04
C ARG KA 103 4.20 -35.76 81.04
N SER KA 104 3.22 -36.67 81.00
CA SER KA 104 2.05 -36.55 81.85
C SER KA 104 2.39 -36.92 83.29
N LEU KA 105 1.49 -36.53 84.20
CA LEU KA 105 1.66 -36.85 85.62
C LEU KA 105 1.56 -38.34 85.87
N LYS KA 106 0.74 -39.04 85.09
CA LYS KA 106 0.66 -40.50 85.21
C LYS KA 106 2.00 -41.16 84.87
N ASP KA 107 2.65 -40.73 83.79
CA ASP KA 107 3.95 -41.25 83.43
C ASP KA 107 5.01 -40.86 84.43
N GLN KA 108 4.93 -39.64 84.97
CA GLN KA 108 5.88 -39.22 85.98
C GLN KA 108 5.75 -40.04 87.26
N MET KA 109 4.52 -40.35 87.67
CA MET KA 109 4.32 -41.18 88.85
C MET KA 109 4.73 -42.62 88.60
N ALA KA 110 4.57 -43.11 87.39
CA ALA KA 110 5.06 -44.45 87.06
C ALA KA 110 6.58 -44.51 87.02
N LYS KA 111 7.23 -43.43 86.57
CA LYS KA 111 8.69 -43.44 86.45
C LYS KA 111 9.37 -43.18 87.78
N ASP KA 112 9.09 -42.03 88.40
CA ASP KA 112 9.73 -41.63 89.65
C ASP KA 112 8.78 -40.74 90.43
N PRO KA 113 8.24 -41.20 91.57
CA PRO KA 113 7.23 -40.40 92.27
C PRO KA 113 7.80 -39.28 93.12
N THR KA 114 9.06 -39.36 93.54
CA THR KA 114 9.61 -38.32 94.41
C THR KA 114 9.85 -37.02 93.66
N GLU KA 115 10.04 -37.08 92.34
CA GLU KA 115 10.22 -35.88 91.55
C GLU KA 115 8.96 -35.03 91.49
N VAL KA 116 7.78 -35.63 91.68
CA VAL KA 116 6.55 -34.85 91.72
C VAL KA 116 6.53 -33.93 92.94
N ILE KA 117 6.84 -34.48 94.11
CA ILE KA 117 6.87 -33.67 95.33
C ILE KA 117 8.02 -32.68 95.28
N ARG KA 118 9.16 -33.08 94.72
CA ARG KA 118 10.28 -32.16 94.59
C ARG KA 118 9.95 -30.97 93.70
N LYS KA 119 9.31 -31.23 92.56
CA LYS KA 119 8.90 -30.15 91.67
C LYS KA 119 7.81 -29.29 92.28
N ALA KA 120 6.91 -29.87 93.07
CA ALA KA 120 5.88 -29.07 93.72
C ALA KA 120 6.48 -28.12 94.75
N VAL KA 121 7.45 -28.57 95.53
CA VAL KA 121 8.04 -27.72 96.56
C VAL KA 121 8.98 -26.69 95.95
N TRP KA 122 9.69 -27.07 94.88
CA TRP KA 122 10.73 -26.23 94.30
C TRP KA 122 10.15 -24.95 93.71
N ARG KA 123 8.91 -24.98 93.26
CA ARG KA 123 8.32 -23.81 92.64
C ARG KA 123 7.43 -23.03 93.60
N MET KA 124 7.40 -23.42 94.87
CA MET KA 124 6.89 -22.58 95.93
C MET KA 124 7.99 -22.00 96.79
N LEU KA 125 9.19 -22.53 96.69
CA LEU KA 125 10.31 -21.88 97.36
C LEU KA 125 10.68 -20.57 96.67
N PRO KA 126 11.20 -19.59 97.41
CA PRO KA 126 11.60 -18.32 96.77
C PRO KA 126 12.82 -18.49 95.89
N THR KA 127 12.94 -17.58 94.91
CA THR KA 127 13.99 -17.69 93.90
C THR KA 127 15.18 -16.84 94.31
N ASN KA 128 16.17 -17.47 94.95
CA ASN KA 128 17.39 -16.80 95.35
C ASN KA 128 18.48 -17.87 95.50
N ASN KA 129 19.63 -17.46 96.05
CA ASN KA 129 20.77 -18.36 96.15
C ASN KA 129 20.69 -19.33 97.30
N LEU KA 130 19.69 -19.19 98.17
CA LEU KA 130 19.43 -20.14 99.24
C LEU KA 130 18.52 -21.27 98.80
N ARG KA 131 18.07 -21.25 97.55
CA ARG KA 131 17.04 -22.18 97.11
C ARG KA 131 17.57 -23.61 97.05
N ASP KA 132 18.75 -23.80 96.48
CA ASP KA 132 19.35 -25.14 96.46
C ASP KA 132 19.84 -25.57 97.82
N ASP KA 133 20.26 -24.64 98.67
CA ASP KA 133 20.63 -24.98 100.04
C ASP KA 133 19.42 -25.49 100.82
N ARG KA 134 18.26 -24.87 100.63
CA ARG KA 134 17.04 -25.36 101.25
C ARG KA 134 16.51 -26.62 100.57
N ASP KA 135 16.82 -26.81 99.29
CA ASP KA 135 16.41 -28.02 98.59
C ASP KA 135 17.24 -29.22 99.02
N ARG KA 136 18.48 -28.99 99.46
CA ARG KA 136 19.33 -30.06 99.94
C ARG KA 136 18.80 -30.71 101.21
N LYS KA 137 17.90 -30.04 101.94
CA LYS KA 137 17.36 -30.54 103.19
C LYS KA 137 16.06 -31.31 103.03
N LEU KA 138 15.53 -31.42 101.82
CA LEU KA 138 14.29 -32.14 101.57
C LEU KA 138 14.65 -33.54 101.08
N ARG KA 139 14.42 -34.55 101.92
CA ARG KA 139 14.71 -35.95 101.61
C ARG KA 139 13.39 -36.68 101.44
N ILE KA 140 13.13 -37.15 100.22
CA ILE KA 140 11.85 -37.75 99.87
C ILE KA 140 12.09 -39.23 99.57
N PHE KA 141 11.29 -40.09 100.17
CA PHE KA 141 11.40 -41.53 100.00
C PHE KA 141 10.11 -42.08 99.43
N GLU KA 142 10.24 -43.01 98.49
CA GLU KA 142 9.08 -43.64 97.89
C GLU KA 142 8.35 -44.53 98.89
N GLY KA 143 9.09 -45.29 99.68
CA GLY KA 143 8.52 -46.19 100.67
C GLY KA 143 8.46 -45.57 102.04
N ASN KA 144 8.37 -46.44 103.05
CA ASN KA 144 8.29 -46.02 104.44
C ASN KA 144 9.55 -46.33 105.23
N GLU KA 145 10.65 -46.63 104.55
CA GLU KA 145 11.92 -46.94 105.19
C GLU KA 145 12.94 -45.88 104.83
N HIS KA 146 13.60 -45.31 105.84
CA HIS KA 146 14.61 -44.30 105.63
C HIS KA 146 15.85 -44.61 106.45
N PRO KA 147 17.03 -44.17 106.00
CA PRO KA 147 18.25 -44.46 106.77
C PRO KA 147 18.37 -43.69 108.07
N PHE KA 148 17.69 -42.56 108.22
CA PHE KA 148 17.86 -41.69 109.38
C PHE KA 148 17.08 -42.19 110.59
N GLY KA 149 17.37 -43.42 111.00
CA GLY KA 149 16.69 -43.98 112.15
C GLY KA 149 17.27 -43.61 113.49
N ASP KA 150 18.54 -43.24 113.54
CA ASP KA 150 19.21 -42.91 114.79
C ASP KA 150 19.22 -41.41 115.08
N LYS KA 151 18.57 -40.63 114.30
CA LYS KA 151 18.45 -39.20 114.54
C LYS KA 151 17.20 -38.92 115.37
N PRO KA 152 17.19 -37.84 116.16
CA PRO KA 152 16.00 -37.54 116.97
C PRO KA 152 14.82 -37.07 116.14
N LEU KA 153 14.11 -38.02 115.55
CA LEU KA 153 13.00 -37.72 114.67
C LEU KA 153 11.82 -37.12 115.44
N GLU KA 154 11.11 -36.22 114.79
CA GLU KA 154 9.85 -35.70 115.31
C GLU KA 154 8.81 -35.81 114.21
N PRO KA 155 7.74 -36.58 114.39
CA PRO KA 155 6.67 -36.59 113.39
C PRO KA 155 5.95 -35.26 113.34
N PHE KA 156 5.48 -34.90 112.15
CA PHE KA 156 4.83 -33.62 111.92
C PHE KA 156 3.33 -33.81 112.03
N VAL KA 157 2.68 -32.95 112.81
CA VAL KA 157 1.22 -32.96 112.96
C VAL KA 157 0.68 -31.77 112.17
N MET KA 158 -0.06 -32.06 111.10
CA MET KA 158 -0.61 -31.01 110.26
C MET KA 158 -1.68 -30.24 111.04
N PRO KA 159 -1.84 -28.94 110.75
CA PRO KA 159 -2.87 -28.16 111.44
C PRO KA 159 -4.25 -28.63 111.03
N PRO KA 160 -5.26 -28.45 111.89
CA PRO KA 160 -6.59 -28.97 111.59
C PRO KA 160 -7.25 -28.26 110.43
N ARG KA 161 -8.06 -29.00 109.68
CA ARG KA 161 -8.80 -28.47 108.55
C ARG KA 161 -10.19 -29.09 108.54
N THR KA 162 -11.21 -28.26 108.32
CA THR KA 162 -12.55 -28.77 108.11
C THR KA 162 -12.68 -29.20 106.65
N VAL KA 163 -12.94 -30.48 106.44
CA VAL KA 163 -13.07 -31.06 105.10
C VAL KA 163 -14.53 -31.36 104.84
N ARG KA 164 -15.05 -30.86 103.73
CA ARG KA 164 -16.42 -31.16 103.34
C ARG KA 164 -16.58 -32.65 103.05
N GLU KA 165 -17.60 -33.25 103.65
CA GLU KA 165 -17.70 -34.71 103.68
C GLU KA 165 -18.06 -35.29 102.32
N MET KA 166 -19.06 -34.71 101.65
CA MET KA 166 -19.51 -35.27 100.40
C MET KA 166 -20.03 -34.15 99.51
N ARG KA 167 -19.97 -34.39 98.20
CA ARG KA 167 -20.30 -33.39 97.21
C ARG KA 167 -21.79 -33.09 97.23
N PRO KA 168 -22.21 -31.90 96.77
CA PRO KA 168 -23.63 -31.55 96.80
C PRO KA 168 -24.54 -32.47 96.01
N ARG KA 169 -24.08 -33.06 94.90
CA ARG KA 169 -24.90 -34.03 94.18
C ARG KA 169 -25.19 -35.26 95.03
N ALA KA 170 -24.16 -35.79 95.70
CA ALA KA 170 -24.36 -36.93 96.58
C ALA KA 170 -25.21 -36.57 97.79
N ARG KA 171 -25.04 -35.36 98.32
CA ARG KA 171 -25.86 -34.91 99.45
C ARG KA 171 -27.33 -34.83 99.07
N ARG KA 172 -27.62 -34.26 97.90
CA ARG KA 172 -29.00 -34.19 97.44
C ARG KA 172 -29.57 -35.56 97.14
N ALA KA 173 -28.75 -36.47 96.62
CA ALA KA 173 -29.21 -37.84 96.39
C ALA KA 173 -29.58 -38.53 97.70
N MET KA 174 -28.76 -38.35 98.74
CA MET KA 174 -29.07 -38.96 100.02
C MET KA 174 -30.29 -38.34 100.68
N ILE KA 175 -30.47 -37.03 100.53
CA ILE KA 175 -31.67 -36.40 101.10
C ILE KA 175 -32.92 -36.85 100.35
N ARG KA 176 -32.83 -37.04 99.03
CA ARG KA 176 -33.94 -37.60 98.27
C ARG KA 176 -34.25 -39.03 98.72
N ALA KA 177 -33.22 -39.86 98.92
CA ALA KA 177 -33.44 -41.22 99.40
C ALA KA 177 -34.07 -41.24 100.78
N GLN KA 178 -33.63 -40.36 101.68
CA GLN KA 178 -34.21 -40.33 103.02
C GLN KA 178 -35.63 -39.78 103.01
N LYS KA 179 -35.92 -38.79 102.17
CA LYS KA 179 -37.29 -38.29 102.07
C LYS KA 179 -38.23 -39.35 101.53
N LYS KA 180 -37.80 -40.09 100.50
CA LYS KA 180 -38.63 -41.17 99.97
C LYS KA 180 -38.83 -42.27 100.99
N ALA KA 181 -37.76 -42.62 101.73
CA ALA KA 181 -37.87 -43.64 102.76
C ALA KA 181 -38.83 -43.21 103.87
N GLU KA 182 -38.75 -41.96 104.30
CA GLU KA 182 -39.62 -41.49 105.37
C GLU KA 182 -41.07 -41.40 104.92
N LEU KA 183 -41.31 -40.94 103.68
CA LEU KA 183 -42.68 -40.91 103.16
C LEU KA 183 -43.27 -42.30 103.03
N ALA KA 184 -42.49 -43.26 102.53
CA ALA KA 184 -42.98 -44.64 102.44
C ALA KA 184 -43.24 -45.25 103.81
N GLU KA 185 -42.34 -45.04 104.78
CA GLU KA 185 -42.53 -45.61 106.11
C GLU KA 185 -43.73 -44.99 106.82
N ASN KA 186 -43.85 -43.66 106.76
CA ASN KA 186 -44.96 -42.97 107.39
C ASN KA 186 -46.29 -43.35 106.75
N GLY KA 187 -46.32 -43.46 105.42
CA GLY KA 187 -47.55 -43.88 104.74
C GLY KA 187 -47.94 -45.31 105.08
N GLY KA 188 -46.96 -46.23 105.09
CA GLY KA 188 -47.26 -47.61 105.43
C GLY KA 188 -47.74 -47.75 106.86
N THR KA 189 -47.11 -47.05 107.80
CA THR KA 189 -47.57 -47.10 109.18
C THR KA 189 -48.90 -46.41 109.38
N GLU KA 190 -49.18 -45.34 108.65
CA GLU KA 190 -50.47 -44.66 108.80
C GLU KA 190 -51.59 -45.47 108.17
N VAL KA 191 -51.27 -46.34 107.21
CA VAL KA 191 -52.26 -47.31 106.74
C VAL KA 191 -52.44 -48.42 107.78
N LYS KA 192 -51.34 -48.98 108.29
CA LYS KA 192 -51.42 -50.18 109.13
C LYS KA 192 -51.98 -49.88 110.51
N LYS KA 193 -51.67 -48.72 111.09
CA LYS KA 193 -52.20 -48.35 112.40
C LYS KA 193 -53.71 -48.17 112.35
N GLY KA 194 -54.22 -47.54 111.28
CA GLY KA 194 -55.65 -47.42 111.10
C GLY KA 194 -56.33 -48.68 110.63
N LYS KA 195 -55.57 -49.64 110.09
CA LYS KA 195 -56.12 -50.93 109.69
C LYS KA 195 -56.21 -51.92 110.84
N LYS KA 196 -55.23 -51.94 111.74
CA LYS KA 196 -55.22 -52.89 112.84
C LYS KA 196 -56.29 -52.61 113.88
N ARG KA 197 -56.73 -51.35 114.01
CA ARG KA 197 -57.72 -50.94 115.02
C ARG KA 197 -59.06 -51.65 114.73
N PHE LA 50 28.45 -40.46 32.02
CA PHE LA 50 27.03 -40.68 32.25
C PHE LA 50 26.21 -40.07 31.13
N ILE LA 51 25.27 -40.85 30.60
CA ILE LA 51 24.36 -40.36 29.57
C ILE LA 51 23.29 -39.51 30.25
N GLN LA 52 23.19 -38.25 29.85
CA GLN LA 52 22.32 -37.30 30.52
C GLN LA 52 21.70 -36.38 29.47
N MET LA 53 21.08 -35.31 29.94
CA MET LA 53 20.45 -34.34 29.05
C MET LA 53 21.47 -33.67 28.17
N GLY LA 54 21.29 -33.78 26.86
CA GLY LA 54 22.21 -33.20 25.92
C GLY LA 54 23.16 -34.18 25.26
N THR LA 55 23.17 -35.44 25.68
CA THR LA 55 23.97 -36.45 25.02
C THR LA 55 23.40 -36.74 23.63
N VAL LA 56 24.27 -36.94 22.65
CA VAL LA 56 23.87 -37.36 21.32
C VAL LA 56 24.31 -38.79 21.13
N LEU LA 57 23.37 -39.68 20.83
CA LEU LA 57 23.63 -41.10 20.75
C LEU LA 57 23.29 -41.64 19.36
N LYS LA 58 24.14 -42.54 18.88
CA LYS LA 58 23.95 -43.24 17.63
C LYS LA 58 22.90 -44.33 17.81
N VAL LA 59 22.17 -44.64 16.73
CA VAL LA 59 21.10 -45.63 16.78
C VAL LA 59 21.51 -46.82 15.94
N VAL LA 60 21.37 -48.03 16.50
CA VAL LA 60 21.92 -49.23 15.88
C VAL LA 60 20.86 -50.27 15.55
N ASP LA 61 19.66 -49.83 15.17
CA ASP LA 61 18.71 -50.75 14.56
C ASP LA 61 18.23 -50.21 13.22
N ASN LA 62 17.19 -50.81 12.65
CA ASN LA 62 16.63 -50.38 11.37
C ASN LA 62 15.28 -49.69 11.56
N SER LA 63 15.15 -48.93 12.64
CA SER LA 63 13.91 -48.21 12.94
C SER LA 63 13.70 -46.97 12.07
N GLY LA 64 14.73 -46.50 11.38
CA GLY LA 64 14.62 -45.35 10.52
C GLY LA 64 15.24 -44.08 11.05
N ALA LA 65 15.70 -44.08 12.29
CA ALA LA 65 16.42 -42.95 12.87
C ALA LA 65 17.89 -43.31 13.00
N LYS LA 66 18.75 -42.31 12.98
CA LYS LA 66 20.18 -42.54 13.11
C LYS LA 66 20.83 -41.86 14.29
N LYS LA 67 20.37 -40.69 14.71
CA LYS LA 67 20.92 -40.03 15.88
C LYS LA 67 19.79 -39.53 16.76
N VAL LA 68 20.02 -39.55 18.08
CA VAL LA 68 19.03 -39.07 19.04
C VAL LA 68 19.72 -38.16 20.04
N MET LA 69 18.92 -37.29 20.66
CA MET LA 69 19.37 -36.42 21.75
C MET LA 69 18.65 -36.85 23.01
N CYS LA 70 19.41 -37.17 24.04
CA CYS LA 70 18.81 -37.66 25.29
C CYS LA 70 18.17 -36.52 26.06
N ILE LA 71 17.03 -36.81 26.67
CA ILE LA 71 16.33 -35.88 27.53
C ILE LA 71 16.63 -36.17 28.99
N GLN LA 72 16.43 -37.40 29.42
CA GLN LA 72 16.73 -37.82 30.78
C GLN LA 72 16.81 -39.34 30.80
N ALA LA 73 17.37 -39.85 31.88
CA ALA LA 73 17.32 -41.28 32.16
C ALA LA 73 16.09 -41.58 33.00
N LEU LA 74 15.57 -42.80 32.87
CA LEU LA 74 14.33 -43.14 33.56
C LEU LA 74 14.57 -43.33 35.06
N LYS LA 75 15.64 -44.00 35.44
CA LYS LA 75 15.97 -44.19 36.84
C LYS LA 75 17.41 -43.79 37.07
N GLY LA 76 17.64 -42.94 38.06
CA GLY LA 76 19.01 -42.50 38.33
C GLY LA 76 19.10 -40.98 38.22
N LYS LA 77 19.84 -40.40 39.15
CA LYS LA 77 19.98 -38.95 39.21
C LYS LA 77 21.17 -38.45 38.41
N LYS LA 78 22.29 -39.16 38.45
CA LYS LA 78 23.48 -38.70 37.74
C LYS LA 78 23.41 -38.96 36.25
N GLY LA 79 22.72 -40.01 35.84
CA GLY LA 79 22.58 -40.32 34.44
C GLY LA 79 22.40 -41.81 34.23
N ALA LA 80 22.58 -42.22 32.98
CA ALA LA 80 22.30 -43.58 32.55
C ALA LA 80 23.61 -44.32 32.35
N ARG LA 81 23.69 -45.53 32.89
CA ARG LA 81 24.82 -46.40 32.65
C ARG LA 81 24.44 -47.39 31.56
N LEU LA 82 25.29 -48.40 31.35
CA LEU LA 82 25.06 -49.39 30.31
C LEU LA 82 23.87 -50.27 30.67
N GLY LA 83 22.95 -50.44 29.71
CA GLY LA 83 21.74 -51.21 29.93
C GLY LA 83 20.56 -50.40 30.40
N ASP LA 84 20.72 -49.10 30.63
CA ASP LA 84 19.64 -48.28 31.18
C ASP LA 84 18.72 -47.76 30.08
N THR LA 85 17.51 -47.39 30.48
CA THR LA 85 16.50 -46.91 29.56
C THR LA 85 16.45 -45.38 29.60
N ILE LA 86 16.45 -44.75 28.43
CA ILE LA 86 16.48 -43.31 28.31
C ILE LA 86 15.31 -42.84 27.45
N VAL LA 87 14.97 -41.58 27.64
CA VAL LA 87 13.99 -40.86 26.81
C VAL LA 87 14.78 -39.95 25.90
N ALA LA 88 14.42 -39.90 24.62
CA ALA LA 88 15.21 -39.14 23.66
C ALA LA 88 14.29 -38.49 22.64
N SER LA 89 14.88 -37.59 21.86
CA SER LA 89 14.20 -36.96 20.74
C SER LA 89 15.02 -37.20 19.48
N VAL LA 90 14.35 -37.48 18.39
CA VAL LA 90 15.02 -37.86 17.15
C VAL LA 90 15.56 -36.61 16.46
N LYS LA 91 16.86 -36.57 16.26
CA LYS LA 91 17.53 -35.43 15.63
C LYS LA 91 17.76 -35.62 14.13
N GLU LA 92 17.96 -36.85 13.67
CA GLU LA 92 18.12 -37.12 12.25
C GLU LA 92 17.57 -38.51 11.95
N ALA LA 93 16.94 -38.65 10.79
CA ALA LA 93 16.24 -39.89 10.47
C ALA LA 93 16.31 -40.16 8.99
N MET LA 94 16.11 -41.43 8.63
CA MET LA 94 16.03 -41.84 7.25
C MET LA 94 14.75 -41.30 6.61
N PRO LA 95 14.75 -41.04 5.29
CA PRO LA 95 13.54 -40.55 4.64
C PRO LA 95 12.37 -41.52 4.69
N ASN LA 96 12.63 -42.82 4.71
CA ASN LA 96 11.59 -43.82 4.87
C ASN LA 96 11.91 -44.65 6.11
N GLY LA 97 11.05 -44.56 7.11
CA GLY LA 97 11.27 -45.30 8.34
C GLY LA 97 10.09 -45.13 9.26
N LYS LA 98 10.06 -45.98 10.29
CA LYS LA 98 8.95 -45.98 11.23
C LYS LA 98 8.97 -44.78 12.16
N VAL LA 99 10.13 -44.15 12.36
CA VAL LA 99 10.29 -43.03 13.28
C VAL LA 99 10.72 -41.81 12.48
N LYS LA 100 10.02 -40.70 12.66
CA LYS LA 100 10.32 -39.47 11.94
C LYS LA 100 11.15 -38.53 12.81
N LYS LA 101 11.70 -37.50 12.16
CA LYS LA 101 12.53 -36.53 12.86
C LYS LA 101 11.67 -35.65 13.76
N GLY LA 102 12.07 -35.54 15.03
CA GLY LA 102 11.35 -34.76 16.01
C GLY LA 102 10.52 -35.55 16.99
N ALA LA 103 10.39 -36.86 16.80
CA ALA LA 103 9.59 -37.66 17.70
C ALA LA 103 10.30 -37.89 19.03
N VAL LA 104 9.51 -38.14 20.07
CA VAL LA 104 10.02 -38.50 21.38
C VAL LA 104 9.93 -40.01 21.51
N VAL LA 105 11.06 -40.65 21.76
CA VAL LA 105 11.19 -42.09 21.72
C VAL LA 105 11.82 -42.60 23.00
N TYR LA 106 11.68 -43.90 23.24
CA TYR LA 106 12.39 -44.59 24.31
C TYR LA 106 13.57 -45.34 23.70
N GLY LA 107 14.57 -45.61 24.53
CA GLY LA 107 15.71 -46.36 24.06
C GLY LA 107 16.41 -47.08 25.18
N VAL LA 108 17.15 -48.13 24.82
CA VAL LA 108 17.93 -48.91 25.76
C VAL LA 108 19.39 -48.81 25.38
N VAL LA 109 20.23 -48.35 26.30
CA VAL LA 109 21.63 -48.11 26.01
C VAL LA 109 22.36 -49.44 25.89
N VAL LA 110 22.81 -49.76 24.67
CA VAL LA 110 23.55 -50.99 24.44
C VAL LA 110 25.04 -50.76 24.31
N ARG LA 111 25.49 -49.55 24.01
CA ARG LA 111 26.92 -49.25 24.06
C ARG LA 111 27.11 -47.95 24.82
N ALA LA 112 28.09 -47.93 25.71
CA ALA LA 112 28.39 -46.73 26.48
C ALA LA 112 29.88 -46.63 26.69
N ALA LA 113 30.40 -45.41 26.63
CA ALA LA 113 31.84 -45.19 26.69
C ALA LA 113 32.39 -45.19 28.11
N MET LA 114 31.53 -45.28 29.13
CA MET LA 114 31.97 -45.33 30.51
C MET LA 114 32.04 -46.79 30.95
N GLN LA 115 33.15 -47.15 31.60
CA GLN LA 115 33.40 -48.54 31.94
C GLN LA 115 32.42 -49.05 32.99
N ARG LA 116 32.07 -50.32 32.88
CA ARG LA 116 31.11 -50.94 33.79
C ARG LA 116 31.74 -52.16 34.42
N GLY LA 117 31.54 -52.31 35.73
CA GLY LA 117 32.09 -53.45 36.42
C GLY LA 117 31.10 -54.59 36.56
N ARG LA 118 31.65 -55.78 36.77
CA ARG LA 118 30.89 -57.01 36.89
C ARG LA 118 31.16 -57.65 38.24
N VAL LA 119 30.46 -58.74 38.54
CA VAL LA 119 30.53 -59.31 39.89
C VAL LA 119 31.81 -60.08 40.16
N ASP LA 120 32.63 -60.34 39.15
CA ASP LA 120 33.91 -61.01 39.36
C ASP LA 120 35.08 -60.04 39.38
N GLY LA 121 34.83 -58.74 39.23
CA GLY LA 121 35.89 -57.77 39.16
C GLY LA 121 36.35 -57.39 37.77
N SER LA 122 35.61 -57.77 36.74
CA SER LA 122 35.95 -57.41 35.37
C SER LA 122 35.24 -56.12 34.96
N GLU LA 123 35.83 -55.42 34.01
CA GLU LA 123 35.26 -54.19 33.49
C GLU LA 123 35.14 -54.29 31.98
N VAL LA 124 34.15 -53.57 31.43
CA VAL LA 124 33.94 -53.53 29.99
C VAL LA 124 33.69 -52.08 29.58
N ARG LA 125 34.30 -51.67 28.47
CA ARG LA 125 34.25 -50.29 28.00
C ARG LA 125 34.25 -50.27 26.49
N PHE LA 126 33.23 -49.67 25.90
CA PHE LA 126 33.13 -49.54 24.45
C PHE LA 126 33.81 -48.25 24.01
N ASP LA 127 33.58 -47.84 22.76
CA ASP LA 127 34.17 -46.60 22.27
C ASP LA 127 33.19 -45.46 22.05
N ASP LA 128 31.91 -45.75 21.87
CA ASP LA 128 30.93 -44.70 21.64
C ASP LA 128 29.65 -45.07 22.37
N ASN LA 129 28.62 -44.24 22.20
CA ASN LA 129 27.34 -44.45 22.86
C ASN LA 129 26.30 -44.82 21.81
N ALA LA 130 25.49 -45.83 22.11
CA ALA LA 130 24.52 -46.33 21.15
C ALA LA 130 23.33 -46.96 21.87
N VAL LA 131 22.15 -46.75 21.31
CA VAL LA 131 20.89 -47.21 21.88
C VAL LA 131 20.12 -48.02 20.85
N VAL LA 132 19.17 -48.80 21.34
CA VAL LA 132 18.20 -49.52 20.53
C VAL LA 132 16.82 -49.05 20.97
N LEU LA 133 16.04 -48.52 20.03
CA LEU LA 133 14.77 -47.91 20.36
C LEU LA 133 13.71 -48.96 20.64
N VAL LA 134 12.85 -48.68 21.61
CA VAL LA 134 11.71 -49.52 21.94
C VAL LA 134 10.46 -48.65 21.94
N ASP LA 135 9.31 -49.29 22.02
CA ASP LA 135 8.06 -48.55 21.93
C ASP LA 135 7.68 -47.95 23.29
N ASN LA 136 6.99 -46.80 23.23
CA ASN LA 136 6.62 -46.08 24.43
C ASN LA 136 5.15 -45.68 24.44
N LYS LA 137 4.36 -46.13 23.47
CA LYS LA 137 2.94 -45.78 23.43
C LYS LA 137 2.15 -46.53 24.49
N ASP LA 138 2.64 -47.68 24.92
CA ASP LA 138 2.04 -48.45 26.01
C ASP LA 138 2.89 -48.22 27.26
N LYS LA 139 2.40 -47.35 28.13
CA LYS LA 139 3.16 -46.97 29.32
C LYS LA 139 2.81 -47.80 30.55
N LYS LA 140 1.95 -48.79 30.40
CA LYS LA 140 1.58 -49.67 31.50
C LYS LA 140 2.61 -50.77 31.74
N THR LA 141 3.49 -51.04 30.76
CA THR LA 141 4.52 -52.06 30.90
C THR LA 141 5.84 -51.39 31.25
N LYS LA 142 6.27 -51.55 32.51
CA LYS LA 142 7.56 -51.04 32.97
C LYS LA 142 8.63 -52.13 33.01
N THR LA 143 8.52 -53.14 32.14
CA THR LA 143 9.29 -54.37 32.08
C THR LA 143 9.89 -54.39 30.66
N ASP LA 144 10.32 -55.54 30.16
CA ASP LA 144 10.81 -55.72 28.79
C ASP LA 144 9.84 -55.18 27.75
N ARG LA 145 10.34 -54.32 26.85
CA ARG LA 145 9.55 -53.67 25.82
C ARG LA 145 9.79 -54.34 24.47
N GLN LA 146 8.86 -54.11 23.55
CA GLN LA 146 9.07 -54.49 22.17
C GLN LA 146 10.04 -53.52 21.52
N PRO LA 147 11.12 -53.99 20.91
CA PRO LA 147 11.92 -53.09 20.07
C PRO LA 147 11.14 -52.65 18.86
N ILE LA 148 11.41 -51.44 18.42
CA ILE LA 148 10.74 -50.91 17.24
C ILE LA 148 11.21 -51.66 15.99
N GLY LA 149 12.52 -51.79 15.83
CA GLY LA 149 13.08 -52.42 14.66
C GLY LA 149 13.11 -53.93 14.77
N THR LA 150 13.76 -54.54 13.79
CA THR LA 150 13.86 -55.99 13.71
C THR LA 150 15.28 -56.52 13.73
N ARG LA 151 16.28 -55.68 13.51
CA ARG LA 151 17.68 -56.11 13.49
C ARG LA 151 18.47 -55.23 14.43
N VAL LA 152 19.48 -55.82 15.08
CA VAL LA 152 20.37 -55.10 15.97
C VAL LA 152 21.78 -55.31 15.49
N PHE LA 153 22.52 -54.21 15.30
CA PHE LA 153 23.87 -54.26 14.76
C PHE LA 153 24.90 -54.04 15.86
N GLY LA 154 26.08 -54.64 15.67
CA GLY LA 154 27.18 -54.43 16.56
C GLY LA 154 27.08 -55.23 17.84
N PRO LA 155 28.08 -55.11 18.71
CA PRO LA 155 28.06 -55.84 19.97
C PRO LA 155 27.02 -55.33 20.95
N VAL LA 156 26.55 -56.24 21.80
CA VAL LA 156 25.50 -56.03 22.77
C VAL LA 156 26.08 -56.50 24.10
N PRO LA 157 25.77 -55.90 25.25
CA PRO LA 157 26.41 -56.32 26.49
C PRO LA 157 25.69 -57.48 27.17
N HIS LA 158 26.34 -58.03 28.20
CA HIS LA 158 25.79 -59.11 29.00
C HIS LA 158 24.80 -58.64 30.04
N GLU LA 159 24.69 -57.33 30.29
CA GLU LA 159 23.86 -56.83 31.38
C GLU LA 159 22.37 -56.94 31.10
N LEU LA 160 21.98 -57.20 29.85
CA LEU LA 160 20.58 -57.14 29.48
C LEU LA 160 19.77 -58.27 30.09
N ARG LA 161 20.40 -59.38 30.44
CA ARG LA 161 19.69 -60.43 31.17
C ARG LA 161 19.30 -59.97 32.56
N LYS LA 162 20.22 -59.29 33.25
CA LYS LA 162 19.92 -58.77 34.58
C LYS LA 162 18.90 -57.64 34.51
N LYS LA 163 18.98 -56.80 33.48
CA LYS LA 163 18.05 -55.70 33.33
C LYS LA 163 16.74 -56.11 32.64
N LYS LA 164 16.61 -57.40 32.29
CA LYS LA 164 15.43 -57.98 31.65
C LYS LA 164 15.14 -57.34 30.30
N HIS LA 165 16.18 -57.15 29.49
CA HIS LA 165 16.01 -56.79 28.09
C HIS LA 165 16.20 -58.01 27.20
N LEU LA 166 15.29 -58.97 27.40
CA LEU LA 166 15.46 -60.29 26.83
C LEU LA 166 15.23 -60.30 25.33
N LYS LA 167 14.33 -59.44 24.83
CA LYS LA 167 14.06 -59.42 23.40
C LYS LA 167 15.20 -58.80 22.62
N ILE LA 168 15.82 -57.76 23.17
CA ILE LA 168 17.03 -57.20 22.58
C ILE LA 168 18.16 -58.22 22.61
N LEU LA 169 18.28 -58.94 23.74
CA LEU LA 169 19.30 -59.98 23.83
C LEU LA 169 19.06 -61.11 22.83
N ALA LA 170 17.79 -61.43 22.55
CA ALA LA 170 17.48 -62.47 21.57
C ALA LA 170 17.77 -62.01 20.16
N LEU LA 171 17.39 -60.77 19.82
CA LEU LA 171 17.65 -60.24 18.49
C LEU LA 171 19.10 -59.85 18.26
N ALA LA 172 19.92 -59.87 19.31
CA ALA LA 172 21.34 -59.60 19.17
C ALA LA 172 22.04 -60.67 18.33
N GLN LA 173 23.20 -60.31 17.81
CA GLN LA 173 24.05 -61.26 17.09
C GLN LA 173 25.40 -61.46 17.76
N HIS LA 174 26.12 -60.40 18.06
CA HIS LA 174 27.37 -60.47 18.79
C HIS LA 174 27.16 -59.92 20.19
N ILE LA 175 27.55 -60.69 21.20
CA ILE LA 175 27.41 -60.28 22.59
C ILE LA 175 28.80 -60.22 23.20
N ALA LA 176 29.18 -59.03 23.67
CA ALA LA 176 30.55 -58.80 24.10
C ALA LA 176 30.59 -57.91 25.34
N ALA MA 60 32.42 53.90 117.51
CA ALA MA 60 31.45 54.38 116.54
C ALA MA 60 30.88 55.74 116.96
N TYR MA 61 31.59 56.43 117.85
CA TYR MA 61 31.18 57.76 118.28
C TYR MA 61 31.50 58.77 117.17
N SER MA 62 30.51 59.00 116.29
CA SER MA 62 30.63 59.88 115.14
C SER MA 62 31.81 59.49 114.24
N LEU MA 63 32.11 58.20 114.21
CA LEU MA 63 33.26 57.72 113.46
C LEU MA 63 32.87 57.59 112.00
N LEU MA 64 33.66 58.19 111.12
CA LEU MA 64 33.48 58.02 109.69
C LEU MA 64 34.74 57.33 109.18
N SER MA 65 34.76 56.01 109.26
CA SER MA 65 35.84 55.23 108.70
C SER MA 65 35.42 54.63 107.37
N LEU MA 66 36.40 54.26 106.57
CA LEU MA 66 36.15 53.55 105.33
C LEU MA 66 35.86 52.06 105.55
N ASN MA 67 35.69 51.63 106.80
CA ASN MA 67 35.42 50.24 107.12
C ASN MA 67 33.98 49.99 107.52
N ASP MA 68 33.16 51.03 107.66
CA ASP MA 68 31.76 50.82 108.03
C ASP MA 68 30.82 51.74 107.27
N LEU MA 69 31.09 51.97 106.00
CA LEU MA 69 30.14 52.73 105.18
C LEU MA 69 29.21 51.77 104.48
N ARG MA 70 27.91 52.03 104.57
CA ARG MA 70 26.90 51.25 103.87
C ARG MA 70 25.71 52.14 103.59
N ASP MA 71 24.87 51.70 102.66
CA ASP MA 71 23.78 52.53 102.16
C ASP MA 71 22.53 52.26 102.98
N ASN MA 72 21.39 52.82 102.55
CA ASN MA 72 20.16 52.71 103.32
C ASN MA 72 19.55 51.31 103.21
N VAL MA 73 19.64 50.71 102.03
CA VAL MA 73 19.19 49.34 101.82
C VAL MA 73 20.34 48.55 101.20
N PRO MA 74 20.37 47.23 101.36
CA PRO MA 74 21.40 46.43 100.69
C PRO MA 74 21.29 46.51 99.19
N ARG MA 75 22.44 46.42 98.53
CA ARG MA 75 22.49 46.59 97.08
C ARG MA 75 21.91 45.37 96.37
N LYS MA 76 21.00 45.63 95.44
CA LYS MA 76 20.44 44.57 94.61
C LYS MA 76 21.35 44.32 93.43
N LEU MA 77 21.80 43.07 93.28
CA LEU MA 77 22.80 42.73 92.28
C LEU MA 77 22.14 42.27 90.98
N LYS MA 78 22.98 42.07 89.98
CA LYS MA 78 22.49 41.70 88.66
C LYS MA 78 21.98 40.26 88.64
N THR MA 79 21.00 40.02 87.78
CA THR MA 79 20.47 38.68 87.55
C THR MA 79 21.28 38.06 86.42
N ARG MA 80 22.32 37.31 86.78
CA ARG MA 80 23.17 36.68 85.77
C ARG MA 80 22.48 35.43 85.29
N LYS MA 81 21.91 35.49 84.09
CA LYS MA 81 21.23 34.34 83.53
C LYS MA 81 22.22 33.37 82.92
N GLY MA 82 21.84 32.10 82.90
CA GLY MA 82 22.63 31.10 82.23
C GLY MA 82 23.58 30.32 83.10
N ARG MA 83 23.48 30.45 84.42
CA ARG MA 83 24.26 29.67 85.37
C ARG MA 83 23.45 28.42 85.73
N GLY MA 84 23.78 27.74 86.82
CA GLY MA 84 23.21 26.43 87.09
C GLY MA 84 21.71 26.30 87.32
N ILE MA 85 21.30 25.12 87.80
CA ILE MA 85 19.88 24.83 88.02
C ILE MA 85 19.32 25.66 89.17
N GLY MA 86 20.08 25.79 90.25
CA GLY MA 86 19.58 26.39 91.47
C GLY MA 86 19.38 27.88 91.42
N SER MA 87 19.92 28.57 90.42
CA SER MA 87 19.70 30.00 90.34
C SER MA 87 18.31 30.33 89.82
N GLY MA 88 17.66 29.39 89.16
CA GLY MA 88 16.32 29.59 88.62
C GLY MA 88 16.29 30.20 87.24
N LYS MA 89 17.42 30.68 86.73
CA LYS MA 89 17.50 31.34 85.44
C LYS MA 89 18.65 30.77 84.63
N GLY MA 90 18.73 29.46 84.53
CA GLY MA 90 19.76 28.86 83.71
C GLY MA 90 19.17 27.87 82.72
N LYS MA 91 19.90 27.58 81.64
CA LYS MA 91 19.42 26.71 80.56
C LYS MA 91 18.15 27.26 79.95
N THR MA 92 18.31 28.20 79.00
CA THR MA 92 17.33 29.00 78.24
C THR MA 92 16.94 30.26 78.97
N ALA MA 93 17.66 30.60 80.05
CA ALA MA 93 17.56 31.88 80.74
C ALA MA 93 16.13 32.22 81.15
N GLY MA 94 15.46 33.04 80.36
CA GLY MA 94 14.05 33.28 80.54
C GLY MA 94 13.31 33.28 79.22
N ARG MA 95 13.76 32.47 78.26
CA ARG MA 95 13.35 32.62 76.87
C ARG MA 95 12.47 31.49 76.36
N GLY MA 96 12.21 30.46 77.15
CA GLY MA 96 11.39 29.38 76.66
C GLY MA 96 12.13 28.47 75.70
N HIS MA 97 11.38 27.86 74.78
CA HIS MA 97 11.93 26.89 73.85
C HIS MA 97 11.67 27.34 72.43
N LYS MA 98 12.75 27.52 71.67
CA LYS MA 98 12.74 27.77 70.22
C LYS MA 98 11.96 29.02 69.83
N GLY MA 99 11.66 29.15 68.54
CA GLY MA 99 10.94 30.31 68.07
C GLY MA 99 11.84 31.45 67.72
N GLN MA 100 11.22 32.61 67.51
CA GLN MA 100 11.95 33.80 67.11
C GLN MA 100 12.38 34.64 68.30
N LYS MA 101 11.57 34.65 69.36
CA LYS MA 101 11.89 35.38 70.57
C LYS MA 101 12.95 34.72 71.43
N ALA MA 102 13.31 33.48 71.13
CA ALA MA 102 14.43 32.84 71.81
C ALA MA 102 15.73 33.02 71.06
N ARG MA 103 15.65 33.24 69.76
CA ARG MA 103 16.80 33.57 68.94
C ARG MA 103 17.05 35.07 68.93
N GLY MA 104 16.10 35.87 69.42
CA GLY MA 104 16.31 37.28 69.61
C GLY MA 104 16.34 38.11 68.34
N THR MA 105 15.47 37.81 67.39
CA THR MA 105 15.40 38.54 66.14
C THR MA 105 14.03 39.16 65.93
N MET MA 106 13.38 39.57 67.01
CA MET MA 106 12.02 40.08 66.98
C MET MA 106 12.02 41.57 67.27
N LYS MA 107 11.28 42.33 66.47
CA LYS MA 107 11.18 43.78 66.63
C LYS MA 107 9.94 44.12 67.43
N PHE MA 108 10.07 45.01 68.41
CA PHE MA 108 8.95 45.40 69.26
C PHE MA 108 7.93 46.20 68.46
N GLY MA 109 6.66 45.83 68.61
CA GLY MA 109 5.58 46.54 67.96
C GLY MA 109 5.07 45.90 66.68
N PHE MA 110 5.72 44.84 66.21
CA PHE MA 110 5.22 44.09 65.07
C PHE MA 110 3.95 43.35 65.45
N GLU MA 111 3.06 43.16 64.48
CA GLU MA 111 1.72 42.69 64.77
C GLU MA 111 1.34 41.37 64.12
N GLY MA 112 2.24 40.72 63.40
CA GLY MA 112 1.97 39.40 62.87
C GLY MA 112 1.60 39.31 61.41
N GLY MA 113 1.65 40.40 60.66
CA GLY MA 113 1.27 40.42 59.27
C GLY MA 113 -0.08 41.05 59.00
N GLN MA 114 -0.90 41.19 60.04
CA GLN MA 114 -2.12 41.98 59.96
C GLN MA 114 -1.76 43.45 59.71
N THR MA 115 -2.62 44.16 59.01
CA THR MA 115 -2.38 45.57 58.77
C THR MA 115 -2.54 46.33 60.08
N PRO MA 116 -1.52 47.05 60.52
CA PRO MA 116 -1.52 47.56 61.90
C PRO MA 116 -2.46 48.73 62.10
N LEU MA 117 -2.72 49.00 63.38
CA LEU MA 117 -3.57 50.12 63.77
C LEU MA 117 -2.94 51.45 63.39
N ARG MA 118 -1.62 51.52 63.32
CA ARG MA 118 -0.94 52.73 62.93
C ARG MA 118 -0.99 52.97 61.42
N ARG MA 119 -1.56 52.07 60.65
CA ARG MA 119 -1.73 52.27 59.22
C ARG MA 119 -3.18 52.12 58.77
N ARG MA 120 -4.07 51.66 59.63
CA ARG MA 120 -5.48 51.57 59.24
C ARG MA 120 -6.29 52.81 59.62
N LEU MA 121 -5.70 53.77 60.31
CA LEU MA 121 -6.43 54.95 60.75
C LEU MA 121 -6.03 56.17 59.93
N PRO MA 122 -6.94 57.10 59.68
CA PRO MA 122 -6.65 58.19 58.76
C PRO MA 122 -5.79 59.28 59.38
N LYS MA 123 -5.04 59.97 58.51
CA LYS MA 123 -4.35 61.18 58.89
C LYS MA 123 -5.33 62.33 59.03
N ARG MA 124 -4.88 63.41 59.66
CA ARG MA 124 -5.79 64.51 59.96
C ARG MA 124 -5.04 65.82 60.10
N GLY MA 125 -5.49 66.83 59.39
CA GLY MA 125 -5.09 68.19 59.66
C GLY MA 125 -3.74 68.56 59.07
N PHE MA 126 -3.28 69.74 59.46
CA PHE MA 126 -1.99 70.26 59.03
C PHE MA 126 -1.30 70.90 60.22
N LYS MA 127 -0.07 71.34 60.02
CA LYS MA 127 0.75 71.95 61.06
C LYS MA 127 0.93 73.43 60.76
N ASN MA 128 0.63 74.27 61.74
CA ASN MA 128 0.80 75.71 61.59
C ASN MA 128 2.17 76.11 62.16
N LYS MA 129 3.07 76.56 61.28
CA LYS MA 129 4.42 76.89 61.70
C LYS MA 129 4.53 78.27 62.33
N PHE MA 130 3.45 79.05 62.34
CA PHE MA 130 3.45 80.39 62.92
C PHE MA 130 2.54 80.48 64.12
N LYS MA 131 2.35 79.36 64.83
CA LYS MA 131 1.45 79.33 65.96
C LYS MA 131 2.08 80.03 67.16
N LEU MA 132 1.30 80.87 67.83
CA LEU MA 132 1.78 81.67 68.95
C LEU MA 132 1.42 81.02 70.28
N HIS MA 133 2.38 80.98 71.19
CA HIS MA 133 2.20 80.37 72.50
C HIS MA 133 2.34 81.42 73.59
N PHE MA 134 1.27 81.63 74.36
CA PHE MA 134 1.24 82.61 75.43
C PHE MA 134 1.16 81.89 76.76
N GLN MA 135 1.91 82.37 77.74
CA GLN MA 135 1.93 81.73 79.05
C GLN MA 135 0.73 82.19 79.87
N PRO MA 136 -0.04 81.28 80.44
CA PRO MA 136 -1.24 81.70 81.19
C PRO MA 136 -0.98 82.02 82.65
N VAL MA 137 -1.45 83.18 83.10
CA VAL MA 137 -1.42 83.57 84.51
C VAL MA 137 -2.85 83.84 84.95
N GLY MA 138 -3.22 83.30 86.09
CA GLY MA 138 -4.51 83.60 86.67
C GLY MA 138 -4.46 84.75 87.63
N LEU MA 139 -5.65 85.31 87.93
CA LEU MA 139 -5.72 86.42 88.87
C LEU MA 139 -5.43 85.97 90.29
N GLY MA 140 -5.65 84.69 90.60
CA GLY MA 140 -5.44 84.21 91.95
C GLY MA 140 -3.98 84.25 92.37
N LYS MA 141 -3.08 83.83 91.48
CA LYS MA 141 -1.65 83.89 91.78
C LYS MA 141 -1.19 85.33 91.96
N ILE MA 142 -1.68 86.23 91.11
CA ILE MA 142 -1.29 87.64 91.21
C ILE MA 142 -1.81 88.24 92.50
N ALA MA 143 -3.03 87.89 92.91
CA ALA MA 143 -3.56 88.37 94.19
C ALA MA 143 -2.77 87.81 95.37
N LYS MA 144 -2.38 86.53 95.29
CA LYS MA 144 -1.59 85.95 96.37
C LYS MA 144 -0.24 86.62 96.49
N LEU MA 145 0.39 86.94 95.36
CA LEU MA 145 1.66 87.65 95.42
C LEU MA 145 1.50 89.12 95.79
N ILE MA 146 0.32 89.71 95.57
CA ILE MA 146 0.05 91.04 96.08
C ILE MA 146 -0.03 91.00 97.60
N ASN MA 147 -0.79 90.05 98.14
CA ASN MA 147 -0.91 89.91 99.60
C ASN MA 147 0.40 89.48 100.24
N ALA MA 148 1.28 88.81 99.50
CA ALA MA 148 2.58 88.44 100.01
C ALA MA 148 3.57 89.60 100.03
N GLY MA 149 3.21 90.75 99.47
CA GLY MA 149 4.08 91.91 99.46
C GLY MA 149 5.23 91.81 98.48
N GLN MA 150 5.12 91.01 97.44
CA GLN MA 150 6.18 90.87 96.47
C GLN MA 150 5.91 91.66 95.20
N ILE MA 151 4.65 91.90 94.86
CA ILE MA 151 4.28 92.72 93.71
C ILE MA 151 3.69 94.03 94.22
N ASP MA 152 4.19 95.14 93.71
CA ASP MA 152 3.67 96.44 94.10
C ASP MA 152 2.33 96.67 93.42
N SER MA 153 1.29 96.89 94.21
CA SER MA 153 -0.05 97.02 93.64
C SER MA 153 -0.32 98.39 93.04
N HIS MA 154 0.49 99.39 93.36
CA HIS MA 154 0.22 100.75 92.90
C HIS MA 154 0.92 101.10 91.60
N GLU MA 155 1.93 100.33 91.21
CA GLU MA 155 2.60 100.54 89.93
C GLU MA 155 2.00 99.63 88.87
N LEU MA 156 2.44 99.85 87.63
CA LEU MA 156 1.98 99.05 86.51
C LEU MA 156 2.52 97.63 86.62
N ILE MA 157 1.65 96.65 86.35
CA ILE MA 157 2.04 95.25 86.30
C ILE MA 157 2.35 94.92 84.86
N THR MA 158 3.63 94.92 84.51
CA THR MA 158 4.07 94.55 83.17
C THR MA 158 4.36 93.06 83.13
N MET MA 159 4.91 92.59 82.01
CA MET MA 159 5.36 91.21 81.94
C MET MA 159 6.69 91.02 82.64
N LYS MA 160 7.52 92.06 82.69
CA LYS MA 160 8.79 91.97 83.41
C LYS MA 160 8.59 91.79 84.91
N THR MA 161 7.56 92.42 85.47
CA THR MA 161 7.22 92.24 86.87
C THR MA 161 6.87 90.79 87.18
N LEU MA 162 6.05 90.17 86.33
CA LEU MA 162 5.67 88.78 86.52
C LEU MA 162 6.85 87.83 86.33
N LYS MA 163 7.72 88.11 85.36
CA LYS MA 163 8.89 87.27 85.17
C LYS MA 163 9.87 87.38 86.34
N ASP MA 164 9.98 88.57 86.93
CA ASP MA 164 10.90 88.73 88.05
C ASP MA 164 10.35 88.13 89.34
N VAL MA 165 9.04 88.25 89.57
CA VAL MA 165 8.46 87.62 90.76
C VAL MA 165 8.41 86.09 90.61
N GLY MA 166 8.23 85.57 89.41
CA GLY MA 166 8.17 84.13 89.24
C GLY MA 166 6.79 83.58 88.99
N ALA MA 167 5.80 84.42 88.72
CA ALA MA 167 4.51 83.91 88.25
C ALA MA 167 4.61 83.37 86.84
N ILE MA 168 5.57 83.85 86.07
CA ILE MA 168 5.89 83.34 84.75
C ILE MA 168 7.05 82.36 84.89
N GLY MA 169 6.94 81.21 84.22
CA GLY MA 169 7.99 80.21 84.24
C GLY MA 169 9.30 80.62 83.59
N LYS MA 170 10.15 79.62 83.32
CA LYS MA 170 11.52 79.91 82.89
C LYS MA 170 11.55 80.51 81.50
N GLN MA 171 10.74 79.99 80.57
CA GLN MA 171 10.79 80.41 79.18
C GLN MA 171 9.45 81.03 78.80
N ILE MA 172 9.41 82.36 78.74
CA ILE MA 172 8.34 83.00 78.00
C ILE MA 172 8.59 82.76 76.52
N GLU MA 173 7.52 82.67 75.76
CA GLU MA 173 7.65 82.38 74.35
C GLU MA 173 7.15 83.52 73.48
N ASP MA 174 5.89 83.91 73.64
CA ASP MA 174 5.32 84.99 72.86
C ASP MA 174 4.58 86.02 73.68
N GLY MA 175 4.42 85.82 74.98
CA GLY MA 175 3.76 86.81 75.81
C GLY MA 175 2.99 86.13 76.93
N VAL MA 176 2.14 86.91 77.57
CA VAL MA 176 1.39 86.48 78.75
C VAL MA 176 -0.09 86.63 78.45
N ARG MA 177 -0.87 85.59 78.73
CA ARG MA 177 -2.32 85.64 78.69
C ARG MA 177 -2.85 85.68 80.11
N LEU MA 178 -3.71 86.63 80.40
CA LEU MA 178 -4.29 86.79 81.72
C LEU MA 178 -5.57 85.98 81.83
N MET MA 179 -5.63 85.11 82.82
CA MET MA 179 -6.73 84.16 82.99
C MET MA 179 -7.64 84.61 84.13
N GLY MA 180 -8.77 83.92 84.26
CA GLY MA 180 -9.76 84.34 85.23
C GLY MA 180 -9.86 83.46 86.46
N ARG MA 181 -8.86 82.63 86.71
CA ARG MA 181 -8.89 81.73 87.85
C ARG MA 181 -8.60 82.52 89.13
N GLY MA 182 -9.37 82.26 90.17
CA GLY MA 182 -9.22 82.98 91.41
C GLY MA 182 -9.62 84.43 91.30
N ALA MA 183 -10.68 84.72 90.56
CA ALA MA 183 -11.11 86.09 90.34
C ALA MA 183 -11.82 86.68 91.55
N ASP MA 184 -12.14 85.90 92.56
CA ASP MA 184 -12.82 86.41 93.74
C ASP MA 184 -11.85 86.97 94.77
N GLU MA 185 -10.56 87.02 94.47
CA GLU MA 185 -9.58 87.56 95.39
C GLU MA 185 -9.13 88.97 95.02
N ILE MA 186 -9.67 89.55 93.96
CA ILE MA 186 -9.24 90.86 93.49
C ILE MA 186 -10.09 91.93 94.16
N LYS MA 187 -9.43 92.80 94.93
CA LYS MA 187 -10.12 93.82 95.71
C LYS MA 187 -9.58 95.23 95.46
N TRP MA 188 -8.76 95.43 94.44
CA TRP MA 188 -8.07 96.69 94.23
C TRP MA 188 -8.09 97.07 92.76
N PRO MA 189 -7.97 98.35 92.45
CA PRO MA 189 -7.79 98.75 91.04
C PRO MA 189 -6.35 98.53 90.60
N LEU MA 190 -6.14 97.49 89.80
CA LEU MA 190 -4.83 97.11 89.31
C LEU MA 190 -4.73 97.44 87.83
N HIS MA 191 -3.55 97.86 87.40
CA HIS MA 191 -3.30 98.17 86.00
C HIS MA 191 -2.35 97.13 85.43
N PHE MA 192 -2.76 96.49 84.35
CA PHE MA 192 -2.01 95.41 83.72
C PHE MA 192 -1.55 95.83 82.33
N GLU MA 193 -0.52 95.15 81.86
CA GLU MA 193 -0.06 95.28 80.47
C GLU MA 193 0.39 93.89 80.01
N VAL MA 194 -0.52 93.15 79.39
CA VAL MA 194 -0.26 91.77 79.01
C VAL MA 194 -0.41 91.65 77.50
N SER MA 195 -0.25 90.44 76.97
CA SER MA 195 -0.41 90.22 75.55
C SER MA 195 -1.86 89.92 75.19
N ARG MA 196 -2.52 89.05 75.94
CA ARG MA 196 -3.92 88.73 75.75
C ARG MA 196 -4.61 88.73 77.10
N VAL MA 197 -5.93 88.88 77.07
CA VAL MA 197 -6.73 88.82 78.28
C VAL MA 197 -8.09 88.20 77.93
N THR MA 198 -8.61 87.38 78.83
CA THR MA 198 -9.91 86.77 78.63
C THR MA 198 -11.02 87.69 79.13
N VAL MA 199 -12.25 87.35 78.72
CA VAL MA 199 -13.41 88.20 78.96
C VAL MA 199 -13.68 88.31 80.45
N ARG MA 200 -13.63 87.20 81.16
CA ARG MA 200 -13.87 87.20 82.60
C ARG MA 200 -12.82 88.02 83.34
N ALA MA 201 -11.55 87.89 82.95
CA ALA MA 201 -10.49 88.63 83.63
C ALA MA 201 -10.62 90.12 83.40
N LYS MA 202 -10.91 90.55 82.18
CA LYS MA 202 -11.10 91.98 81.92
C LYS MA 202 -12.32 92.52 82.64
N GLU MA 203 -13.42 91.76 82.66
CA GLU MA 203 -14.63 92.19 83.37
C GLU MA 203 -14.38 92.32 84.87
N VAL MA 204 -13.66 91.36 85.44
CA VAL MA 204 -13.40 91.37 86.88
C VAL MA 204 -12.48 92.53 87.26
N VAL MA 205 -11.47 92.80 86.42
CA VAL MA 205 -10.55 93.91 86.72
C VAL MA 205 -11.26 95.25 86.62
N GLU MA 206 -12.02 95.46 85.53
CA GLU MA 206 -12.69 96.76 85.38
C GLU MA 206 -13.89 96.91 86.30
N ALA MA 207 -14.42 95.82 86.86
CA ALA MA 207 -15.43 95.94 87.89
C ALA MA 207 -14.85 96.43 89.21
N ALA MA 208 -13.57 96.17 89.47
CA ALA MA 208 -12.88 96.74 90.61
C ALA MA 208 -12.32 98.12 90.30
N GLY MA 209 -12.21 98.46 89.02
CA GLY MA 209 -11.81 99.80 88.64
C GLY MA 209 -10.47 99.90 87.96
N GLY MA 210 -9.79 98.79 87.73
CA GLY MA 210 -8.54 98.79 87.01
C GLY MA 210 -8.74 98.74 85.52
N SER MA 211 -7.62 98.59 84.80
CA SER MA 211 -7.65 98.54 83.35
C SER MA 211 -6.64 97.51 82.88
N VAL MA 212 -6.93 96.89 81.74
CA VAL MA 212 -6.03 95.95 81.09
C VAL MA 212 -5.78 96.45 79.68
N ARG MA 213 -4.52 96.57 79.31
CA ARG MA 213 -4.13 97.01 77.98
C ARG MA 213 -3.39 95.88 77.28
N ARG MA 214 -3.89 95.47 76.12
CA ARG MA 214 -3.23 94.46 75.31
C ARG MA 214 -2.15 95.11 74.48
N VAL MA 215 -0.91 94.65 74.65
CA VAL MA 215 0.25 95.37 74.14
C VAL MA 215 1.09 94.40 73.32
N TYR MA 216 1.87 94.96 72.39
CA TYR MA 216 2.56 94.17 71.38
C TYR MA 216 4.07 94.24 71.55
N TYR MA 217 4.71 93.08 71.56
CA TYR MA 217 6.15 92.94 71.39
C TYR MA 217 6.42 91.82 70.41
N ASN MA 218 7.51 91.90 69.68
CA ASN MA 218 7.95 90.77 68.87
C ASN MA 218 8.97 89.98 69.67
N LYS MA 219 9.67 89.04 69.00
CA LYS MA 219 10.60 88.18 69.70
C LYS MA 219 11.82 88.94 70.20
N LEU MA 220 12.42 89.77 69.33
CA LEU MA 220 13.56 90.57 69.75
C LEU MA 220 13.16 91.61 70.79
N GLY MA 221 11.97 92.20 70.63
CA GLY MA 221 11.47 93.13 71.62
C GLY MA 221 11.21 92.49 72.96
N LEU MA 222 10.74 91.24 72.97
CA LEU MA 222 10.57 90.51 74.22
C LEU MA 222 11.89 90.23 74.88
N ARG MA 223 12.92 89.88 74.09
CA ARG MA 223 14.25 89.70 74.66
C ARG MA 223 14.79 91.00 75.25
N ALA MA 224 14.56 92.12 74.56
CA ALA MA 224 15.05 93.41 75.05
C ALA MA 224 14.26 93.90 76.25
N LEU MA 225 13.00 93.50 76.37
CA LEU MA 225 12.22 93.88 77.54
C LEU MA 225 12.64 93.07 78.75
N LEU MA 226 12.87 91.77 78.58
CA LEU MA 226 13.15 90.93 79.72
C LEU MA 226 14.62 90.93 80.14
N LYS MA 227 15.55 90.93 79.18
CA LYS MA 227 16.98 90.84 79.47
C LYS MA 227 17.71 92.03 78.87
N PRO MA 228 17.62 93.21 79.49
CA PRO MA 228 18.35 94.36 78.95
C PRO MA 228 19.83 94.33 79.23
N GLU MA 229 20.30 93.51 80.18
CA GLU MA 229 21.73 93.36 80.40
C GLU MA 229 22.38 92.47 79.35
N TRP MA 230 21.60 91.64 78.66
CA TRP MA 230 22.14 90.76 77.63
C TRP MA 230 22.66 91.57 76.45
N PHE MA 231 22.05 92.71 76.17
CA PHE MA 231 22.53 93.54 75.08
C PHE MA 231 23.80 94.29 75.46
N GLU MA 232 23.91 94.71 76.71
CA GLU MA 232 25.09 95.46 77.12
C GLU MA 232 26.28 94.57 77.42
N LYS MA 233 26.07 93.28 77.65
CA LYS MA 233 27.23 92.39 77.64
C LYS MA 233 27.71 92.08 76.23
N LYS MA 234 26.84 92.22 75.23
CA LYS MA 234 27.18 91.94 73.85
C LYS MA 234 27.68 93.16 73.10
N GLY MA 235 27.47 94.36 73.65
CA GLY MA 235 27.90 95.56 72.98
C GLY MA 235 26.91 96.12 71.99
N ARG MA 236 25.69 95.60 71.96
CA ARG MA 236 24.65 96.13 71.09
C ARG MA 236 23.90 97.24 71.79
N LEU MA 237 23.42 98.19 70.99
CA LEU MA 237 22.48 99.16 71.51
C LEU MA 237 21.14 98.50 71.77
N LEU MA 238 20.33 99.13 72.60
CA LEU MA 238 18.99 98.65 72.83
C LEU MA 238 18.16 98.86 71.57
N PRO MA 239 17.42 97.87 71.10
CA PRO MA 239 16.65 98.02 69.87
C PRO MA 239 15.42 98.91 70.04
N LYS MA 240 14.61 98.95 68.99
CA LYS MA 240 13.41 99.77 68.94
C LYS MA 240 12.21 98.86 68.75
N ALA MA 241 11.10 99.20 69.40
CA ALA MA 241 9.92 98.36 69.34
C ALA MA 241 9.27 98.42 67.96
N ALA MA 242 8.99 97.26 67.39
CA ALA MA 242 8.48 97.15 66.03
C ALA MA 242 6.95 97.21 66.02
N ARG MA 243 6.41 97.71 64.92
CA ARG MA 243 4.97 97.79 64.77
C ARG MA 243 4.38 96.41 64.52
N PRO MA 244 3.10 96.19 64.83
CA PRO MA 244 2.50 94.89 64.58
C PRO MA 244 2.30 94.66 63.09
N PRO MA 245 2.37 93.42 62.64
CA PRO MA 245 1.98 93.11 61.26
C PRO MA 245 0.48 93.26 61.09
N PRO MA 246 0.00 93.43 59.85
CA PRO MA 246 -1.44 93.67 59.65
C PRO MA 246 -2.36 92.56 60.12
N LYS MA 247 -1.91 91.32 60.15
CA LYS MA 247 -2.74 90.27 60.73
C LYS MA 247 -2.78 90.34 62.25
N GLN MA 248 -1.80 90.99 62.88
CA GLN MA 248 -1.74 91.13 64.33
C GLN MA 248 -2.16 92.50 64.80
N LEU MA 249 -2.56 93.38 63.87
CA LEU MA 249 -2.90 94.75 64.24
C LEU MA 249 -4.15 94.82 65.10
N ASP MA 250 -5.16 94.02 64.80
CA ASP MA 250 -6.43 94.10 65.51
C ASP MA 250 -6.38 93.49 66.90
N ARG MA 251 -5.41 92.62 67.18
CA ARG MA 251 -5.34 91.89 68.44
C ARG MA 251 -4.75 92.70 69.57
N VAL MA 252 -4.20 93.89 69.30
CA VAL MA 252 -3.50 94.67 70.31
C VAL MA 252 -4.09 96.06 70.38
N ASP MA 253 -3.65 96.82 71.37
CA ASP MA 253 -4.04 98.21 71.54
C ASP MA 253 -2.94 99.18 71.13
N SER MA 254 -1.70 98.93 71.56
CA SER MA 254 -0.62 99.86 71.30
C SER MA 254 0.71 99.12 71.29
N ILE MA 255 1.74 99.78 70.72
CA ILE MA 255 3.09 99.24 70.73
C ILE MA 255 3.69 99.40 72.12
N GLY MA 256 4.39 98.38 72.59
CA GLY MA 256 5.05 98.46 73.87
C GLY MA 256 6.19 99.46 73.87
N ARG MA 257 6.45 100.03 75.03
CA ARG MA 257 7.64 100.83 75.24
C ARG MA 257 8.75 99.89 75.71
N LEU MA 258 9.94 100.04 75.15
CA LEU MA 258 10.99 99.05 75.38
C LEU MA 258 11.71 99.17 76.72
N PRO MA 259 11.96 100.35 77.28
CA PRO MA 259 12.15 100.41 78.73
C PRO MA 259 10.84 100.00 79.39
N ALA MA 260 10.95 99.31 80.52
CA ALA MA 260 9.77 98.83 81.20
C ALA MA 260 9.02 100.00 81.83
N PRO MA 261 7.81 100.31 81.39
CA PRO MA 261 7.11 101.47 81.94
C PRO MA 261 6.43 101.14 83.25
N LYS MA 262 6.37 102.13 84.14
CA LYS MA 262 5.79 101.93 85.45
C LYS MA 262 4.58 102.82 85.72
N LYS MA 263 4.22 103.72 84.80
CA LYS MA 263 2.99 104.47 84.93
C LYS MA 263 2.02 104.07 83.83
N PRO MA 264 0.80 103.69 84.17
CA PRO MA 264 -0.16 103.27 83.14
C PRO MA 264 -0.66 104.44 82.31
N ILE MA 265 -1.34 104.10 81.22
CA ILE MA 265 -1.92 105.06 80.30
C ILE MA 265 -3.42 104.83 80.26
N PRO MA 266 -4.21 105.73 80.84
CA PRO MA 266 -5.68 105.58 80.81
C PRO MA 266 -6.23 105.68 79.39
N PHE MA 267 -7.35 105.00 79.18
CA PHE MA 267 -7.85 104.78 77.82
C PHE MA 267 -8.53 106.01 77.25
N TYR MA 268 -9.63 106.43 77.86
CA TYR MA 268 -10.39 107.58 77.38
C TYR MA 268 -10.24 108.79 78.29
N ALA MA 269 -9.15 108.85 79.05
CA ALA MA 269 -8.86 110.02 79.86
C ALA MA 269 -7.75 110.85 79.22
N LYS NA 32 -42.68 -0.26 49.36
CA LYS NA 32 -43.09 -1.50 48.73
C LYS NA 32 -42.14 -1.92 47.63
N LYS NA 33 -42.33 -1.36 46.43
CA LYS NA 33 -41.51 -1.62 45.24
C LYS NA 33 -41.46 -3.11 44.89
N GLY NA 34 -42.58 -3.81 45.09
CA GLY NA 34 -42.67 -5.22 44.75
C GLY NA 34 -42.20 -6.13 45.85
N ASP NA 35 -41.03 -6.74 45.66
CA ASP NA 35 -40.39 -7.50 46.74
C ASP NA 35 -39.59 -6.58 47.64
N VAL NA 36 -38.53 -5.97 47.09
CA VAL NA 36 -37.56 -5.25 47.92
C VAL NA 36 -38.13 -3.88 48.30
N LEU NA 37 -38.16 -3.62 49.59
CA LEU NA 37 -38.92 -2.51 50.15
C LEU NA 37 -37.98 -1.37 50.55
N TYR NA 38 -38.10 -0.24 49.87
CA TYR NA 38 -37.46 0.99 50.28
C TYR NA 38 -38.22 2.14 49.64
N PRO NA 39 -38.14 3.35 50.20
CA PRO NA 39 -38.90 4.48 49.64
C PRO NA 39 -38.47 4.84 48.23
N LYS NA 40 -39.46 5.31 47.45
CA LYS NA 40 -39.20 5.74 46.08
C LYS NA 40 -38.32 6.99 46.05
N ARG NA 41 -38.56 7.91 46.98
CA ARG NA 41 -37.69 9.06 47.11
C ARG NA 41 -37.70 9.52 48.57
N THR NA 42 -36.68 10.28 48.93
CA THR NA 42 -36.50 10.79 50.28
C THR NA 42 -36.30 12.30 50.22
N LYS NA 43 -36.37 12.95 51.38
CA LYS NA 43 -36.07 14.36 51.43
C LYS NA 43 -34.58 14.63 51.23
N TYR NA 44 -33.73 13.81 51.84
CA TYR NA 44 -32.29 13.99 51.78
C TYR NA 44 -31.64 12.67 51.40
N SER NA 45 -30.52 12.76 50.69
CA SER NA 45 -29.85 11.56 50.21
C SER NA 45 -29.11 10.82 51.32
N LYS NA 46 -28.43 11.56 52.21
CA LYS NA 46 -27.57 10.97 53.22
C LYS NA 46 -28.06 11.33 54.60
N TYR NA 47 -28.11 10.36 55.49
CA TYR NA 47 -28.57 10.54 56.86
C TYR NA 47 -27.44 10.25 57.84
N ARG NA 48 -27.55 10.82 59.03
CA ARG NA 48 -26.62 10.51 60.10
C ARG NA 48 -26.78 9.06 60.53
N LYS NA 49 -25.74 8.54 61.18
CA LYS NA 49 -25.74 7.14 61.58
C LYS NA 49 -26.77 6.87 62.67
N GLY NA 50 -26.78 7.70 63.72
CA GLY NA 50 -27.71 7.51 64.81
C GLY NA 50 -27.31 6.33 65.69
N ARG NA 51 -28.16 6.05 66.67
CA ARG NA 51 -27.97 4.94 67.59
C ARG NA 51 -29.18 4.02 67.52
N CYS NA 52 -28.94 2.73 67.66
CA CYS NA 52 -30.02 1.76 67.61
C CYS NA 52 -29.94 0.68 68.66
N SER NA 53 -28.92 0.67 69.53
CA SER NA 53 -28.74 -0.42 70.48
C SER NA 53 -29.68 -0.33 71.68
N ARG NA 54 -30.44 0.75 71.82
CA ARG NA 54 -31.38 0.89 72.92
C ARG NA 54 -32.79 1.09 72.36
N GLY NA 55 -33.74 1.19 73.27
CA GLY NA 55 -35.11 1.45 72.90
C GLY NA 55 -36.03 0.26 73.14
N CYS NA 56 -37.14 0.49 73.81
CA CYS NA 56 -38.14 -0.54 74.04
C CYS NA 56 -39.51 0.05 73.79
N LYS NA 57 -40.50 -0.83 73.72
CA LYS NA 57 -41.89 -0.38 73.67
C LYS NA 57 -42.35 -0.17 75.11
N PRO NA 58 -42.55 1.06 75.55
CA PRO NA 58 -42.76 1.31 76.97
C PRO NA 58 -44.15 0.95 77.49
N ASP NA 59 -45.02 0.42 76.66
CA ASP NA 59 -46.40 0.15 77.04
C ASP NA 59 -46.82 -1.30 76.79
N GLY NA 60 -45.91 -2.15 76.35
CA GLY NA 60 -46.25 -3.48 75.91
C GLY NA 60 -46.64 -3.49 74.45
N THR NA 61 -46.74 -4.69 73.89
CA THR NA 61 -47.08 -4.83 72.48
C THR NA 61 -48.21 -5.84 72.30
N LYS NA 62 -49.10 -5.53 71.35
CA LYS NA 62 -50.20 -6.41 71.00
C LYS NA 62 -50.31 -6.47 69.48
N LEU NA 63 -50.90 -7.56 69.00
CA LEU NA 63 -51.08 -7.74 67.57
C LEU NA 63 -52.16 -6.81 67.03
N GLY NA 64 -51.91 -6.24 65.86
CA GLY NA 64 -52.81 -5.26 65.28
C GLY NA 64 -53.69 -5.77 64.16
N PHE NA 65 -53.22 -6.76 63.42
CA PHE NA 65 -54.02 -7.28 62.33
C PHE NA 65 -54.24 -8.78 62.39
N GLY NA 66 -53.23 -9.56 62.79
CA GLY NA 66 -53.26 -11.00 62.66
C GLY NA 66 -53.53 -11.72 63.96
N ARG NA 67 -53.57 -13.04 63.85
CA ARG NA 67 -53.76 -13.94 64.99
C ARG NA 67 -52.44 -14.41 65.56
N TYR NA 68 -51.43 -14.62 64.71
CA TYR NA 68 -50.10 -14.96 65.17
C TYR NA 68 -49.13 -13.89 64.69
N GLY NA 69 -47.92 -13.91 65.22
CA GLY NA 69 -46.95 -12.93 64.78
C GLY NA 69 -45.57 -13.27 65.26
N ILE NA 70 -44.60 -12.57 64.69
CA ILE NA 70 -43.20 -12.65 65.09
C ILE NA 70 -42.79 -11.27 65.57
N LYS NA 71 -42.27 -11.19 66.79
CA LYS NA 71 -41.78 -9.94 67.35
C LYS NA 71 -40.33 -10.11 67.77
N SER NA 72 -39.66 -8.98 68.00
CA SER NA 72 -38.25 -9.03 68.37
C SER NA 72 -38.08 -8.97 69.88
N CYS NA 73 -37.06 -9.64 70.38
CA CYS NA 73 -36.70 -9.59 71.79
C CYS NA 73 -35.52 -8.66 72.06
N LYS NA 74 -34.72 -8.36 71.05
CA LYS NA 74 -33.57 -7.48 71.15
C LYS NA 74 -33.77 -6.30 70.21
N ALA NA 75 -32.85 -5.35 70.25
CA ALA NA 75 -32.90 -4.16 69.43
C ALA NA 75 -31.66 -4.09 68.56
N GLY NA 76 -31.85 -3.72 67.29
CA GLY NA 76 -30.74 -3.66 66.37
C GLY NA 76 -31.19 -3.22 65.01
N ARG NA 77 -30.41 -3.59 64.00
CA ARG NA 77 -30.68 -3.22 62.62
C ARG NA 77 -31.00 -4.46 61.79
N LEU NA 78 -31.90 -4.29 60.84
CA LEU NA 78 -32.23 -5.33 59.87
C LEU NA 78 -32.19 -4.72 58.48
N SER NA 79 -31.60 -5.43 57.54
CA SER NA 79 -31.57 -4.92 56.18
C SER NA 79 -32.80 -5.39 55.41
N TYR NA 80 -33.13 -4.64 54.36
CA TYR NA 80 -34.31 -4.94 53.55
C TYR NA 80 -34.20 -6.27 52.83
N ARG NA 81 -32.97 -6.70 52.49
CA ARG NA 81 -32.79 -8.03 51.93
C ARG NA 81 -33.13 -9.11 52.92
N ALA NA 82 -32.76 -8.94 54.19
CA ALA NA 82 -33.13 -9.90 55.21
C ALA NA 82 -34.63 -9.93 55.46
N ILE NA 83 -35.29 -8.77 55.44
CA ILE NA 83 -36.73 -8.74 55.62
C ILE NA 83 -37.44 -9.42 54.44
N GLU NA 84 -36.95 -9.19 53.23
CA GLU NA 84 -37.54 -9.84 52.07
C GLU NA 84 -37.31 -11.34 52.09
N ALA NA 85 -36.13 -11.79 52.53
CA ALA NA 85 -35.86 -13.21 52.64
C ALA NA 85 -36.77 -13.87 53.67
N ALA NA 86 -37.01 -13.21 54.81
CA ALA NA 86 -37.93 -13.77 55.79
C ALA NA 86 -39.36 -13.85 55.28
N ARG NA 87 -39.82 -12.79 54.60
CA ARG NA 87 -41.18 -12.82 54.03
C ARG NA 87 -41.32 -13.90 52.97
N ARG NA 88 -40.31 -14.05 52.12
CA ARG NA 88 -40.31 -15.10 51.12
C ARG NA 88 -40.31 -16.48 51.75
N ALA NA 89 -39.58 -16.67 52.84
CA ALA NA 89 -39.59 -17.95 53.54
C ALA NA 89 -40.96 -18.29 54.10
N ILE NA 90 -41.65 -17.32 54.72
CA ILE NA 90 -42.99 -17.59 55.25
C ILE NA 90 -43.98 -17.91 54.13
N ILE NA 91 -43.98 -17.11 53.05
CA ILE NA 91 -44.95 -17.35 52.00
C ILE NA 91 -44.64 -18.64 51.26
N GLY NA 92 -43.37 -19.01 51.13
CA GLY NA 92 -43.03 -20.29 50.51
C GLY NA 92 -43.32 -21.49 51.39
N HIS NA 93 -43.34 -21.30 52.70
CA HIS NA 93 -43.74 -22.40 53.57
C HIS NA 93 -45.26 -22.61 53.51
N PHE NA 94 -46.02 -21.52 53.47
CA PHE NA 94 -47.47 -21.64 53.31
C PHE NA 94 -47.84 -22.22 51.95
N HIS NA 95 -47.08 -21.86 50.91
CA HIS NA 95 -47.29 -22.36 49.56
C HIS NA 95 -47.23 -23.88 49.49
N ARG NA 96 -46.29 -24.48 50.23
CA ARG NA 96 -46.11 -25.92 50.19
C ARG NA 96 -46.95 -26.66 51.22
N ALA NA 97 -47.27 -26.03 52.36
CA ALA NA 97 -48.12 -26.68 53.35
C ALA NA 97 -49.56 -26.72 52.88
N MET NA 98 -50.09 -25.60 52.38
CA MET NA 98 -51.49 -25.50 52.00
C MET NA 98 -51.58 -25.12 50.53
N SER NA 99 -52.29 -25.95 49.76
CA SER NA 99 -52.49 -25.72 48.34
C SER NA 99 -53.98 -25.61 48.06
N GLY NA 100 -54.32 -25.41 46.78
CA GLY NA 100 -55.70 -25.30 46.37
C GLY NA 100 -56.29 -23.92 46.62
N GLN NA 101 -57.54 -23.88 47.09
CA GLN NA 101 -58.19 -22.62 47.42
C GLN NA 101 -57.71 -22.02 48.74
N PHE NA 102 -57.09 -22.83 49.60
CA PHE NA 102 -56.52 -22.36 50.86
C PHE NA 102 -55.07 -21.93 50.71
N ARG NA 103 -54.53 -21.96 49.49
CA ARG NA 103 -53.14 -21.60 49.25
C ARG NA 103 -52.90 -20.12 49.56
N ARG NA 104 -53.86 -19.27 49.20
CA ARG NA 104 -53.80 -17.85 49.55
C ARG NA 104 -54.71 -17.51 50.71
N ASN NA 105 -55.22 -18.50 51.44
CA ASN NA 105 -55.96 -18.19 52.66
C ASN NA 105 -55.05 -17.65 53.75
N GLY NA 106 -53.77 -18.02 53.72
CA GLY NA 106 -52.82 -17.40 54.63
C GLY NA 106 -52.54 -15.97 54.21
N LYS NA 107 -52.63 -15.05 55.17
CA LYS NA 107 -52.31 -13.65 54.96
C LYS NA 107 -51.11 -13.25 55.80
N ILE NA 108 -50.26 -12.42 55.21
CA ILE NA 108 -49.02 -11.94 55.80
C ILE NA 108 -49.07 -10.42 55.88
N TRP NA 109 -48.71 -9.87 57.03
CA TRP NA 109 -48.47 -8.44 57.16
C TRP NA 109 -47.02 -8.21 57.58
N VAL NA 110 -46.33 -7.37 56.83
CA VAL NA 110 -44.98 -6.94 57.16
C VAL NA 110 -45.09 -5.57 57.81
N ARG NA 111 -44.86 -5.51 59.11
CA ARG NA 111 -45.03 -4.27 59.85
C ARG NA 111 -43.73 -3.51 60.06
N VAL NA 112 -42.61 -4.01 59.55
CA VAL NA 112 -41.34 -3.33 59.64
C VAL NA 112 -40.93 -2.89 58.24
N PHE NA 113 -40.43 -1.66 58.15
CA PHE NA 113 -40.14 -1.02 56.87
C PHE NA 113 -38.74 -0.42 56.96
N ALA NA 114 -37.97 -0.57 55.89
CA ALA NA 114 -36.57 -0.13 55.86
C ALA NA 114 -36.47 1.19 55.11
N ASP NA 115 -36.26 2.29 55.84
CA ASP NA 115 -36.26 3.61 55.22
C ASP NA 115 -35.05 4.45 55.62
N LEU NA 116 -33.96 3.85 56.05
CA LEU NA 116 -32.74 4.58 56.34
C LEU NA 116 -31.65 4.17 55.38
N PRO NA 117 -31.19 5.04 54.49
CA PRO NA 117 -30.09 4.67 53.61
C PRO NA 117 -28.77 4.60 54.37
N ILE NA 118 -27.95 3.62 54.02
CA ILE NA 118 -26.59 3.53 54.54
C ILE NA 118 -25.65 3.76 53.38
N THR NA 119 -24.47 4.30 53.69
CA THR NA 119 -23.51 4.72 52.68
C THR NA 119 -22.27 3.84 52.76
N GLY NA 120 -21.32 4.11 51.87
CA GLY NA 120 -20.08 3.36 51.90
C GLY NA 120 -19.08 3.76 50.83
N LYS NA 121 -17.81 3.91 51.23
CA LYS NA 121 -16.64 4.24 50.43
C LYS NA 121 -15.99 2.96 49.91
N PRO NA 122 -15.52 2.94 48.67
CA PRO NA 122 -14.93 1.73 48.10
C PRO NA 122 -13.53 1.46 48.67
N THR NA 123 -12.88 0.45 48.11
CA THR NA 123 -11.53 0.11 48.49
C THR NA 123 -10.56 1.11 47.86
N GLU NA 124 -9.39 1.29 48.51
CA GLU NA 124 -8.27 2.09 48.02
C GLU NA 124 -8.62 3.58 47.99
N VAL NA 125 -9.32 4.04 49.03
CA VAL NA 125 -9.68 5.44 49.14
C VAL NA 125 -9.26 5.94 50.51
N ARG NA 126 -8.83 7.21 50.55
CA ARG NA 126 -8.40 7.82 51.81
C ARG NA 126 -9.62 8.26 52.60
N MET NA 127 -9.39 9.00 53.68
CA MET NA 127 -10.43 9.15 54.69
C MET NA 127 -11.45 10.23 54.32
N GLY NA 128 -11.01 11.46 54.09
CA GLY NA 128 -12.01 12.49 53.91
C GLY NA 128 -12.00 13.25 52.62
N ARG NA 129 -13.02 13.01 51.80
CA ARG NA 129 -13.35 13.86 50.65
C ARG NA 129 -14.86 14.01 50.54
N GLY NA 130 -15.56 14.08 51.68
CA GLY NA 130 -16.99 14.14 51.71
C GLY NA 130 -17.59 12.88 52.32
N LYS NA 131 -18.76 12.50 51.81
CA LYS NA 131 -19.47 11.31 52.26
C LYS NA 131 -19.65 10.37 51.09
N GLY NA 132 -19.70 9.07 51.37
CA GLY NA 132 -19.71 8.06 50.33
C GLY NA 132 -21.07 7.91 49.67
N ASN NA 133 -21.09 7.08 48.63
CA ASN NA 133 -22.32 6.76 47.91
C ASN NA 133 -23.19 5.81 48.71
N PRO NA 134 -24.52 5.92 48.58
CA PRO NA 134 -25.41 4.99 49.28
C PRO NA 134 -25.35 3.59 48.67
N THR NA 135 -25.40 2.59 49.55
CA THR NA 135 -25.30 1.19 49.16
C THR NA 135 -26.55 0.37 49.47
N GLY NA 136 -27.36 0.77 50.45
CA GLY NA 136 -28.51 -0.04 50.80
C GLY NA 136 -29.35 0.66 51.85
N TRP NA 137 -30.36 -0.06 52.32
CA TRP NA 137 -31.35 0.47 53.24
C TRP NA 137 -31.46 -0.45 54.44
N ILE NA 138 -31.70 0.13 55.62
CA ILE NA 138 -31.85 -0.63 56.85
C ILE NA 138 -33.12 -0.19 57.55
N ALA NA 139 -33.49 -0.94 58.58
CA ALA NA 139 -34.61 -0.63 59.45
C ALA NA 139 -34.17 -0.72 60.89
N ARG NA 140 -34.59 0.25 61.71
CA ARG NA 140 -34.27 0.24 63.12
C ARG NA 140 -35.36 -0.51 63.87
N VAL NA 141 -34.97 -1.54 64.61
CA VAL NA 141 -35.89 -2.43 65.30
C VAL NA 141 -35.68 -2.26 66.79
N SER NA 142 -36.76 -2.04 67.52
CA SER NA 142 -36.72 -1.88 68.96
C SER NA 142 -37.10 -3.18 69.66
N THR NA 143 -36.98 -3.16 70.99
CA THR NA 143 -37.26 -4.34 71.81
C THR NA 143 -38.76 -4.46 72.01
N GLY NA 144 -39.37 -5.48 71.42
CA GLY NA 144 -40.79 -5.64 71.47
C GLY NA 144 -41.54 -5.18 70.24
N GLN NA 145 -40.83 -4.80 69.19
CA GLN NA 145 -41.48 -4.40 67.95
C GLN NA 145 -41.90 -5.64 67.19
N ILE NA 146 -43.13 -5.63 66.67
CA ILE NA 146 -43.63 -6.75 65.88
C ILE NA 146 -43.15 -6.61 64.45
N LEU NA 147 -42.37 -7.58 64.00
CA LEU NA 147 -41.88 -7.58 62.63
C LEU NA 147 -42.90 -8.14 61.67
N PHE NA 148 -43.49 -9.30 61.98
CA PHE NA 148 -44.40 -9.97 61.06
C PHE NA 148 -45.69 -10.34 61.76
N GLU NA 149 -46.75 -10.45 60.97
CA GLU NA 149 -48.05 -10.91 61.47
C GLU NA 149 -48.65 -11.88 60.48
N MET NA 150 -49.29 -12.93 61.00
CA MET NA 150 -49.84 -14.00 60.18
C MET NA 150 -51.27 -14.29 60.58
N ASP NA 151 -52.08 -14.62 59.57
CA ASP NA 151 -53.46 -15.01 59.82
C ASP NA 151 -53.91 -16.00 58.76
N GLY NA 152 -55.02 -16.67 59.02
CA GLY NA 152 -55.61 -17.56 58.05
C GLY NA 152 -54.91 -18.89 57.86
N VAL NA 153 -54.16 -19.35 58.86
CA VAL NA 153 -53.46 -20.63 58.79
C VAL NA 153 -53.63 -21.35 60.11
N SER NA 154 -53.01 -22.53 60.19
CA SER NA 154 -53.01 -23.33 61.40
C SER NA 154 -51.95 -22.82 62.37
N LEU NA 155 -52.13 -23.16 63.64
CA LEU NA 155 -51.19 -22.76 64.68
C LEU NA 155 -49.82 -23.39 64.46
N ALA NA 156 -49.78 -24.67 64.09
CA ALA NA 156 -48.51 -25.34 63.85
C ALA NA 156 -47.80 -24.79 62.62
N ASN NA 157 -48.54 -24.49 61.56
CA ASN NA 157 -47.95 -23.87 60.38
C ASN NA 157 -47.39 -22.49 60.70
N ALA NA 158 -48.10 -21.71 61.52
CA ALA NA 158 -47.59 -20.41 61.92
C ALA NA 158 -46.33 -20.52 62.77
N ARG NA 159 -46.30 -21.47 63.71
CA ARG NA 159 -45.11 -21.66 64.53
C ARG NA 159 -43.91 -22.09 63.71
N GLN NA 160 -44.10 -23.02 62.78
CA GLN NA 160 -42.99 -23.47 61.96
C GLN NA 160 -42.55 -22.44 60.93
N ALA NA 161 -43.47 -21.60 60.43
CA ALA NA 161 -43.07 -20.52 59.56
C ALA NA 161 -42.27 -19.47 60.32
N ALA NA 162 -42.65 -19.18 61.56
CA ALA NA 162 -41.83 -18.30 62.40
C ALA NA 162 -40.46 -18.88 62.66
N THR NA 163 -40.39 -20.19 62.90
CA THR NA 163 -39.12 -20.87 63.09
C THR NA 163 -38.23 -20.76 61.85
N LEU NA 164 -38.82 -20.95 60.66
CA LEU NA 164 -38.05 -20.80 59.43
C LEU NA 164 -37.63 -19.37 59.17
N ALA NA 165 -38.48 -18.39 59.49
CA ALA NA 165 -38.17 -17.00 59.19
C ALA NA 165 -37.11 -16.43 60.12
N ALA NA 166 -37.08 -16.90 61.37
CA ALA NA 166 -36.11 -16.36 62.32
C ALA NA 166 -34.67 -16.77 62.01
N HIS NA 167 -34.45 -17.73 61.12
CA HIS NA 167 -33.08 -18.12 60.76
C HIS NA 167 -32.47 -17.19 59.74
N LYS NA 168 -33.23 -16.24 59.19
CA LYS NA 168 -32.73 -15.28 58.22
C LYS NA 168 -32.47 -13.91 58.83
N LEU NA 169 -32.88 -13.67 60.06
CA LEU NA 169 -32.70 -12.40 60.74
C LEU NA 169 -31.59 -12.52 61.78
N CYS NA 170 -30.83 -11.43 61.92
CA CYS NA 170 -29.73 -11.40 62.87
C CYS NA 170 -30.18 -11.25 64.31
N LEU NA 171 -31.40 -10.76 64.55
CA LEU NA 171 -31.90 -10.50 65.89
C LEU NA 171 -32.60 -11.73 66.44
N SER NA 172 -32.81 -11.71 67.76
CA SER NA 172 -33.53 -12.80 68.43
C SER NA 172 -35.01 -12.49 68.42
N THR NA 173 -35.82 -13.44 67.96
CA THR NA 173 -37.24 -13.23 67.79
C THR NA 173 -38.04 -14.21 68.64
N LYS NA 174 -39.30 -13.85 68.88
CA LYS NA 174 -40.24 -14.71 69.58
C LYS NA 174 -41.56 -14.79 68.82
N PHE NA 175 -42.21 -15.93 68.94
CA PHE NA 175 -43.54 -16.16 68.40
C PHE NA 175 -44.57 -15.65 69.39
N VAL NA 176 -45.47 -14.80 68.92
CA VAL NA 176 -46.49 -14.19 69.76
C VAL NA 176 -47.86 -14.58 69.21
N GLN NA 177 -48.82 -14.75 70.12
CA GLN NA 177 -50.14 -15.25 69.79
C GLN NA 177 -51.18 -14.30 70.35
N TRP NA 178 -52.30 -14.17 69.65
CA TRP NA 178 -53.36 -13.30 70.13
C TRP NA 178 -54.07 -13.92 71.31
N SER NA 179 -54.31 -13.11 72.33
CA SER NA 179 -55.04 -13.54 73.51
C SER NA 179 -55.62 -12.33 74.23
N THR OA 2 59.42 -41.91 54.07
CA THR OA 2 60.21 -40.78 54.53
C THR OA 2 59.42 -39.51 54.34
N LYS OA 3 59.42 -38.65 55.36
CA LYS OA 3 58.83 -37.32 55.24
C LYS OA 3 59.84 -36.39 54.58
N LEU OA 4 59.47 -35.82 53.45
CA LEU OA 4 60.34 -34.91 52.71
C LEU OA 4 59.86 -33.49 52.94
N ARG OA 5 60.76 -32.63 53.43
CA ARG OA 5 60.39 -31.29 53.84
C ARG OA 5 60.47 -30.34 52.64
N LYS OA 6 59.68 -29.27 52.71
CA LYS OA 6 59.66 -28.29 51.64
C LYS OA 6 60.58 -27.10 51.90
N LEU OA 7 60.79 -26.76 53.18
CA LEU OA 7 61.73 -25.74 53.63
C LEU OA 7 61.43 -24.35 53.08
N GLY OA 8 60.19 -24.08 52.68
CA GLY OA 8 59.83 -22.75 52.23
C GLY OA 8 60.41 -22.32 50.91
N ARG OA 9 60.80 -23.27 50.06
CA ARG OA 9 61.40 -22.98 48.77
C ARG OA 9 60.72 -23.82 47.71
N HIS OA 10 60.79 -23.36 46.45
CA HIS OA 10 60.32 -24.19 45.37
C HIS OA 10 61.43 -25.17 44.97
N THR OA 11 61.17 -25.96 43.92
CA THR OA 11 61.95 -27.17 43.68
C THR OA 11 63.40 -26.87 43.29
N GLY OA 12 63.60 -25.94 42.33
CA GLY OA 12 64.94 -25.65 41.88
C GLY OA 12 65.80 -25.02 42.94
N HIS OA 13 65.23 -24.06 43.68
CA HIS OA 13 65.93 -23.41 44.77
C HIS OA 13 66.27 -24.41 45.87
N ARG OA 14 65.33 -25.31 46.18
CA ARG OA 14 65.55 -26.29 47.24
C ARG OA 14 66.65 -27.27 46.88
N MET OA 15 66.63 -27.79 45.65
CA MET OA 15 67.65 -28.74 45.25
C MET OA 15 69.02 -28.10 45.09
N SER OA 16 69.08 -26.86 44.56
CA SER OA 16 70.36 -26.17 44.49
C SER OA 16 70.92 -25.85 45.87
N MET OA 17 70.08 -25.47 46.83
CA MET OA 17 70.55 -25.24 48.19
C MET OA 17 71.06 -26.53 48.82
N LEU OA 18 70.38 -27.65 48.59
CA LEU OA 18 70.86 -28.91 49.15
C LEU OA 18 72.18 -29.35 48.55
N ARG OA 19 72.36 -29.16 47.24
CA ARG OA 19 73.64 -29.51 46.62
C ARG OA 19 74.77 -28.62 47.12
N THR OA 20 74.51 -27.32 47.29
CA THR OA 20 75.52 -26.43 47.86
C THR OA 20 75.86 -26.81 49.29
N LEU OA 21 74.86 -27.17 50.10
CA LEU OA 21 75.11 -27.54 51.49
C LEU OA 21 75.92 -28.82 51.60
N VAL OA 22 75.62 -29.82 50.76
CA VAL OA 22 76.39 -31.07 50.81
C VAL OA 22 77.83 -30.84 50.35
N SER OA 23 78.01 -30.00 49.32
CA SER OA 23 79.37 -29.67 48.87
C SER OA 23 80.16 -28.96 49.96
N GLN OA 24 79.55 -28.00 50.64
CA GLN OA 24 80.22 -27.32 51.73
C GLN OA 24 80.51 -28.23 52.91
N LEU OA 25 79.62 -29.18 53.20
CA LEU OA 25 79.88 -30.14 54.26
C LEU OA 25 81.08 -31.01 53.95
N VAL OA 26 81.17 -31.52 52.72
CA VAL OA 26 82.32 -32.33 52.33
C VAL OA 26 83.60 -31.50 52.34
N LYS OA 27 83.52 -30.23 51.93
CA LYS OA 27 84.71 -29.40 51.85
C LYS OA 27 85.26 -29.03 53.23
N HIS OA 28 84.39 -28.67 54.18
CA HIS OA 28 84.86 -28.15 55.46
C HIS OA 28 84.83 -29.17 56.59
N GLU OA 29 84.25 -30.36 56.37
CA GLU OA 29 84.16 -31.48 57.29
C GLU OA 29 83.24 -31.26 58.49
N ARG OA 30 82.75 -30.05 58.69
CA ARG OA 30 81.80 -29.75 59.76
C ARG OA 30 81.19 -28.38 59.51
N ILE OA 31 79.86 -28.31 59.51
CA ILE OA 31 79.19 -27.03 59.33
C ILE OA 31 78.08 -26.89 60.36
N GLU OA 32 77.78 -25.63 60.69
CA GLU OA 32 76.71 -25.29 61.61
C GLU OA 32 75.55 -24.69 60.83
N THR OA 33 74.38 -25.31 60.92
CA THR OA 33 73.21 -24.84 60.20
C THR OA 33 71.98 -25.13 61.05
N THR OA 34 70.81 -24.74 60.56
CA THR OA 34 69.59 -25.01 61.30
C THR OA 34 69.32 -26.51 61.35
N ILE OA 35 68.56 -26.93 62.36
CA ILE OA 35 68.33 -28.35 62.58
C ILE OA 35 67.51 -28.97 61.46
N THR OA 36 66.57 -28.20 60.90
CA THR OA 36 65.70 -28.73 59.87
C THR OA 36 66.45 -28.90 58.55
N LYS OA 37 67.43 -28.03 58.28
CA LYS OA 37 68.25 -28.26 57.10
C LYS OA 37 69.18 -29.44 57.31
N ALA OA 38 69.73 -29.62 58.50
CA ALA OA 38 70.64 -30.74 58.76
C ALA OA 38 69.92 -32.08 58.64
N LYS OA 39 68.67 -32.15 59.10
CA LYS OA 39 67.89 -33.37 59.01
C LYS OA 39 67.58 -33.78 57.58
N GLU OA 40 67.64 -32.86 56.62
CA GLU OA 40 67.52 -33.19 55.21
C GLU OA 40 68.88 -33.43 54.58
N VAL OA 41 69.92 -32.75 55.06
CA VAL OA 41 71.26 -32.89 54.49
C VAL OA 41 71.81 -34.29 54.70
N ARG OA 42 71.63 -34.85 55.91
CA ARG OA 42 72.29 -36.11 56.29
C ARG OA 42 72.00 -37.28 55.34
N ARG OA 43 70.79 -37.35 54.78
CA ARG OA 43 70.44 -38.40 53.83
C ARG OA 43 71.30 -38.32 52.57
N LEU OA 44 71.37 -37.13 51.95
CA LEU OA 44 72.15 -36.96 50.73
C LEU OA 44 73.64 -37.04 50.97
N ALA OA 45 74.09 -36.57 52.14
CA ALA OA 45 75.50 -36.69 52.49
C ALA OA 45 75.91 -38.15 52.69
N ASP OA 46 74.99 -39.01 53.13
CA ASP OA 46 75.29 -40.44 53.16
C ASP OA 46 75.22 -41.08 51.77
N ASN OA 47 74.29 -40.62 50.93
CA ASN OA 47 74.16 -41.16 49.59
C ASN OA 47 75.41 -40.91 48.74
N MET OA 48 76.00 -39.72 48.87
CA MET OA 48 77.22 -39.43 48.13
C MET OA 48 78.41 -40.28 48.59
N VAL OA 49 78.51 -40.54 49.89
CA VAL OA 49 79.57 -41.42 50.40
C VAL OA 49 79.37 -42.84 49.89
N GLN OA 50 78.12 -43.29 49.80
CA GLN OA 50 77.88 -44.62 49.22
C GLN OA 50 78.26 -44.69 47.75
N LEU OA 51 77.98 -43.63 46.99
CA LEU OA 51 78.41 -43.57 45.60
C LEU OA 51 79.93 -43.64 45.48
N GLY OA 52 80.64 -42.91 46.34
CA GLY OA 52 82.08 -42.98 46.37
C GLY OA 52 82.63 -44.32 46.79
N LYS OA 53 81.94 -45.03 47.67
CA LYS OA 53 82.38 -46.36 48.06
C LYS OA 53 82.19 -47.36 46.93
N GLU OA 54 81.14 -47.20 46.11
CA GLU OA 54 81.00 -48.03 44.92
C GLU OA 54 82.12 -47.74 43.92
N GLY OA 55 82.28 -46.46 43.56
CA GLY OA 55 83.47 -46.06 42.83
C GLY OA 55 83.56 -46.48 41.38
N SER OA 56 82.48 -46.92 40.76
CA SER OA 56 82.52 -47.29 39.35
C SER OA 56 82.39 -46.04 38.49
N LEU OA 57 82.43 -46.22 37.16
CA LEU OA 57 82.30 -45.09 36.25
C LEU OA 57 80.89 -44.51 36.31
N ASP OA 58 79.89 -45.37 36.42
CA ASP OA 58 78.52 -44.89 36.53
C ASP OA 58 78.27 -44.17 37.85
N ALA OA 59 78.87 -44.66 38.94
CA ALA OA 59 78.81 -43.94 40.20
C ALA OA 59 79.52 -42.60 40.12
N ALA OA 60 80.65 -42.54 39.41
CA ALA OA 60 81.35 -41.27 39.23
C ALA OA 60 80.50 -40.27 38.47
N ARG OA 61 79.83 -40.73 37.42
CA ARG OA 61 78.94 -39.85 36.67
C ARG OA 61 77.74 -39.40 37.50
N ARG OA 62 77.14 -40.31 38.28
CA ARG OA 62 75.99 -39.92 39.09
C ARG OA 62 76.37 -38.98 40.21
N ALA OA 63 77.57 -39.12 40.77
CA ALA OA 63 78.00 -38.19 41.81
C ALA OA 63 78.41 -36.83 41.24
N ALA OA 64 79.03 -36.81 40.06
CA ALA OA 64 79.32 -35.56 39.39
C ALA OA 64 78.08 -34.86 38.87
N GLY OA 65 76.98 -35.58 38.74
CA GLY OA 65 75.71 -34.93 38.48
C GLY OA 65 75.04 -34.32 39.69
N PHE OA 66 75.60 -34.48 40.88
CA PHE OA 66 75.03 -33.88 42.09
C PHE OA 66 75.97 -32.87 42.73
N VAL OA 67 77.18 -33.27 43.12
CA VAL OA 67 77.99 -32.39 43.95
C VAL OA 67 78.71 -31.37 43.08
N ARG OA 68 79.27 -30.34 43.71
CA ARG OA 68 79.94 -29.25 43.01
C ARG OA 68 81.39 -29.17 43.45
N GLY OA 69 82.29 -28.98 42.51
CA GLY OA 69 83.69 -28.85 42.81
C GLY OA 69 84.47 -30.09 42.38
N ASP OA 70 85.78 -29.90 42.19
CA ASP OA 70 86.66 -31.01 41.90
C ASP OA 70 87.32 -31.57 43.14
N ASP OA 71 87.62 -30.69 44.11
CA ASP OA 71 88.09 -31.13 45.41
C ASP OA 71 87.05 -32.02 46.08
N VAL OA 72 85.77 -31.70 45.93
CA VAL OA 72 84.70 -32.48 46.54
C VAL OA 72 84.64 -33.88 45.94
N ILE OA 73 84.65 -33.97 44.60
CA ILE OA 73 84.50 -35.27 43.97
C ILE OA 73 85.74 -36.13 44.21
N HIS OA 74 86.93 -35.51 44.21
CA HIS OA 74 88.14 -36.27 44.50
C HIS OA 74 88.16 -36.76 45.95
N LYS OA 75 87.74 -35.91 46.88
CA LYS OA 75 87.75 -36.27 48.28
C LYS OA 75 86.78 -37.40 48.57
N ILE OA 76 85.58 -37.33 47.98
CA ILE OA 76 84.60 -38.42 48.14
C ILE OA 76 85.14 -39.72 47.56
N PHE OA 77 85.75 -39.67 46.38
CA PHE OA 77 86.12 -40.91 45.73
C PHE OA 77 87.47 -41.47 46.15
N THR OA 78 88.26 -40.75 46.94
CA THR OA 78 89.47 -41.35 47.51
C THR OA 78 89.41 -41.43 49.03
N GLU OA 79 89.30 -40.30 49.72
CA GLU OA 79 89.53 -40.29 51.15
C GLU OA 79 88.37 -40.93 51.90
N PHE OA 80 87.15 -40.61 51.50
CA PHE OA 80 86.00 -41.19 52.19
C PHE OA 80 85.81 -42.65 51.84
N ALA OA 81 86.16 -43.06 50.61
CA ALA OA 81 86.12 -44.47 50.27
C ALA OA 81 87.13 -45.28 51.04
N TYR OA 82 88.28 -44.69 51.37
CA TYR OA 82 89.20 -45.41 52.24
C TYR OA 82 88.73 -45.39 53.70
N ARG OA 83 88.17 -44.26 54.15
CA ARG OA 83 87.85 -44.12 55.56
C ARG OA 83 86.63 -44.95 55.95
N TYR OA 84 85.55 -44.89 55.18
CA TYR OA 84 84.30 -45.54 55.51
C TYR OA 84 84.13 -46.88 54.80
N LYS OA 85 85.24 -47.58 54.55
CA LYS OA 85 85.18 -48.82 53.78
C LYS OA 85 84.49 -49.94 54.54
N ASP OA 86 84.80 -50.08 55.83
CA ASP OA 86 84.24 -51.16 56.63
C ASP OA 86 82.97 -50.77 57.38
N ARG OA 87 82.54 -49.52 57.32
CA ARG OA 87 81.35 -49.06 58.01
C ARG OA 87 80.12 -49.26 57.11
N THR OA 88 79.00 -49.62 57.73
CA THR OA 88 77.81 -49.90 56.94
C THR OA 88 77.09 -48.63 56.53
N GLY OA 89 76.59 -47.87 57.50
CA GLY OA 89 75.93 -46.62 57.23
C GLY OA 89 76.20 -45.64 58.35
N GLY OA 90 75.58 -44.47 58.24
CA GLY OA 90 75.72 -43.48 59.29
C GLY OA 90 77.10 -42.87 59.36
N TYR OA 91 77.46 -42.08 58.36
CA TYR OA 91 78.75 -41.42 58.34
C TYR OA 91 78.72 -40.01 58.87
N THR OA 92 77.55 -39.50 59.24
CA THR OA 92 77.39 -38.12 59.68
C THR OA 92 76.74 -38.09 61.06
N ARG OA 93 77.13 -37.08 61.84
CA ARG OA 93 76.63 -36.88 63.18
C ARG OA 93 76.05 -35.48 63.27
N MET OA 94 74.84 -35.38 63.83
CA MET OA 94 74.09 -34.14 63.93
C MET OA 94 73.77 -33.86 65.39
N LEU OA 95 74.20 -32.71 65.90
CA LEU OA 95 74.02 -32.38 67.30
C LEU OA 95 73.51 -30.95 67.45
N ARG OA 96 72.44 -30.76 68.21
CA ARG OA 96 71.91 -29.44 68.45
C ARG OA 96 72.81 -28.66 69.40
N THR OA 97 73.01 -27.38 69.11
CA THR OA 97 74.00 -26.60 69.85
C THR OA 97 73.43 -25.38 70.56
N ARG OA 98 72.69 -24.52 69.89
CA ARG OA 98 72.31 -23.25 70.49
C ARG OA 98 71.05 -22.72 69.81
N ILE OA 99 70.65 -21.50 70.18
CA ILE OA 99 69.51 -20.82 69.60
C ILE OA 99 70.00 -19.52 69.00
N ARG OA 100 69.70 -19.29 67.73
CA ARG OA 100 70.24 -18.16 66.99
C ARG OA 100 69.56 -16.86 67.40
N VAL OA 101 70.36 -15.85 67.71
CA VAL OA 101 69.82 -14.51 67.95
C VAL OA 101 69.27 -13.96 66.64
N GLY OA 102 68.07 -13.40 66.69
CA GLY OA 102 67.55 -12.78 65.49
C GLY OA 102 66.28 -13.41 64.94
N ASP OA 103 66.22 -14.74 64.93
CA ASP OA 103 64.96 -15.39 64.57
C ASP OA 103 64.68 -16.62 65.41
N ALA OA 104 65.44 -16.84 66.50
CA ALA OA 104 65.25 -17.94 67.44
C ALA OA 104 65.29 -19.31 66.75
N ALA OA 105 66.14 -19.43 65.76
CA ALA OA 105 66.26 -20.69 65.03
C ALA OA 105 67.12 -21.67 65.80
N PRO OA 106 66.67 -22.91 66.00
CA PRO OA 106 67.50 -23.92 66.69
C PRO OA 106 68.59 -24.43 65.76
N MET OA 107 69.84 -24.25 66.18
CA MET OA 107 71.00 -24.53 65.34
C MET OA 107 71.66 -25.84 65.76
N ALA OA 108 72.49 -26.37 64.87
CA ALA OA 108 73.06 -27.69 65.06
C ALA OA 108 74.32 -27.83 64.22
N TYR OA 109 75.33 -28.47 64.81
CA TYR OA 109 76.49 -28.95 64.07
C TYR OA 109 76.13 -30.20 63.31
N ILE OA 110 76.70 -30.36 62.12
CA ILE OA 110 76.67 -31.62 61.41
C ILE OA 110 78.06 -31.87 60.85
N GLU OA 111 78.57 -33.08 61.06
CA GLU OA 111 79.96 -33.37 60.75
C GLU OA 111 80.09 -34.81 60.26
N PHE OA 112 81.20 -35.09 59.61
CA PHE OA 112 81.56 -36.45 59.23
C PHE OA 112 82.28 -37.11 60.40
N ILE OA 113 82.02 -38.40 60.58
CA ILE OA 113 82.45 -39.10 61.76
C ILE OA 113 83.69 -39.93 61.45
N ASP OA 114 84.31 -40.48 62.49
CA ASP OA 114 85.52 -41.30 62.43
C ASP OA 114 86.69 -40.55 61.79
N ARG OA 115 87.03 -39.41 62.39
CA ARG OA 115 88.18 -38.64 61.97
C ARG OA 115 88.80 -37.99 63.19
N GLU OA 116 89.92 -37.31 62.97
CA GLU OA 116 90.53 -36.53 64.02
C GLU OA 116 89.66 -35.32 64.33
N ASN OA 117 89.55 -34.98 65.62
CA ASN OA 117 88.81 -33.83 66.11
C ASN OA 117 87.33 -33.90 65.73
N GLU OA 118 86.69 -34.98 66.16
CA GLU OA 118 85.24 -35.13 66.06
C GLU OA 118 84.62 -34.89 67.43
N LEU OA 119 83.32 -34.63 67.43
CA LEU OA 119 82.65 -34.22 68.67
C LEU OA 119 82.57 -35.35 69.68
N ARG OA 120 82.31 -36.58 69.22
CA ARG OA 120 82.23 -37.74 70.10
C ARG OA 120 83.05 -38.88 69.51
N GLN OA 121 83.51 -39.77 70.37
CA GLN OA 121 84.22 -40.95 69.91
C GLN OA 121 83.19 -41.98 69.43
N SER OA 122 83.19 -42.23 68.13
CA SER OA 122 82.19 -43.09 67.52
C SER OA 122 82.55 -44.56 67.69
N ASN OA 123 81.55 -45.42 67.52
CA ASN OA 123 81.73 -46.85 67.62
C ASN OA 123 82.59 -47.37 66.46
N PRO OA 124 83.35 -48.45 66.68
CA PRO OA 124 84.18 -48.99 65.61
C PRO OA 124 83.31 -49.57 64.51
N PRO OA 125 83.80 -49.58 63.26
CA PRO OA 125 83.00 -50.13 62.15
C PRO OA 125 82.83 -51.63 62.29
N THR OA 126 81.58 -52.08 62.23
CA THR OA 126 81.27 -53.48 62.39
C THR OA 126 80.56 -54.00 61.15
N PRO OA 127 81.03 -55.09 60.55
CA PRO OA 127 80.29 -55.70 59.45
C PRO OA 127 78.95 -56.24 59.91
N GLN OA 128 77.94 -56.09 59.06
CA GLN OA 128 76.62 -56.57 59.40
C GLN OA 128 76.58 -58.09 59.33
N PRO OA 129 75.92 -58.75 60.26
CA PRO OA 129 75.69 -60.19 60.16
C PRO OA 129 74.78 -60.49 58.98
N PRO OA 130 74.86 -61.68 58.40
CA PRO OA 130 74.07 -61.98 57.20
C PRO OA 130 72.58 -62.02 57.51
N GLN OA 131 71.79 -61.97 56.44
CA GLN OA 131 70.35 -61.89 56.55
C GLN OA 131 69.79 -63.12 57.26
N ARG OA 132 68.90 -62.91 58.22
CA ARG OA 132 68.31 -63.97 59.00
C ARG OA 132 66.84 -64.13 58.60
N VAL OA 133 66.39 -65.37 58.47
CA VAL OA 133 65.02 -65.65 58.09
C VAL OA 133 64.10 -65.34 59.27
N PRO OA 134 63.18 -64.38 59.13
CA PRO OA 134 62.38 -63.97 60.28
C PRO OA 134 61.34 -65.01 60.66
N LEU OA 135 60.91 -64.92 61.91
CA LEU OA 135 59.83 -65.77 62.40
C LEU OA 135 58.49 -65.21 61.96
N ASP OA 136 57.46 -66.03 62.10
CA ASP OA 136 56.11 -65.58 61.83
C ASP OA 136 55.66 -64.63 62.93
N PRO OA 137 54.72 -63.71 62.62
CA PRO OA 137 54.16 -62.87 63.67
C PRO OA 137 53.47 -63.65 64.78
N TRP OA 138 52.84 -64.77 64.45
CA TRP OA 138 52.20 -65.60 65.47
C TRP OA 138 53.23 -66.35 66.32
N ALA OA 139 54.28 -66.87 65.69
CA ALA OA 139 55.35 -67.52 66.46
C ALA OA 139 56.11 -66.52 67.32
N ARG OA 140 56.17 -65.26 66.92
CA ARG OA 140 56.75 -64.24 67.78
C ARG OA 140 55.80 -63.84 68.90
N SER OA 141 54.50 -63.80 68.63
CA SER OA 141 53.54 -63.46 69.68
C SER OA 141 53.47 -64.54 70.75
N ARG OA 142 53.74 -65.79 70.38
CA ARG OA 142 53.81 -66.84 71.40
C ARG OA 142 54.99 -66.64 72.34
N LEU OA 143 56.11 -66.12 71.83
CA LEU OA 143 57.29 -65.87 72.65
C LEU OA 143 57.25 -64.52 73.36
N MET OA 144 56.36 -63.62 72.95
CA MET OA 144 56.33 -62.30 73.55
C MET OA 144 55.52 -62.23 74.85
N ARG OA 145 54.92 -63.32 75.28
CA ARG OA 145 54.07 -63.29 76.47
C ARG OA 145 54.92 -63.29 77.73
N GLN OA 146 54.62 -62.40 78.67
CA GLN OA 146 55.42 -62.26 79.87
C GLN OA 146 54.58 -61.73 81.02
N TYR OA 147 55.03 -61.99 82.25
CA TYR OA 147 54.32 -61.63 83.46
C TYR OA 147 55.00 -60.46 84.15
N ALA OA 148 54.30 -59.87 85.11
CA ALA OA 148 54.81 -58.70 85.80
C ALA OA 148 55.94 -59.08 86.74
N PRO OA 149 56.99 -58.26 86.85
CA PRO OA 149 58.12 -58.60 87.70
C PRO OA 149 57.77 -58.49 89.17
N PRO OA 150 58.23 -59.42 90.00
CA PRO OA 150 57.83 -59.42 91.40
C PRO OA 150 58.53 -58.36 92.23
N LYS OA 151 57.80 -57.28 92.55
CA LYS OA 151 58.34 -56.22 93.40
C LYS OA 151 57.29 -55.68 94.37
N GLU OA 152 56.10 -56.27 94.40
CA GLU OA 152 55.00 -55.72 95.18
C GLU OA 152 53.93 -56.77 95.43
N VAL PA 2 -61.34 32.93 58.74
CA VAL PA 2 -60.37 33.16 59.79
C VAL PA 2 -61.06 33.29 61.15
N ILE PA 3 -60.33 32.97 62.21
CA ILE PA 3 -60.81 33.13 63.57
C ILE PA 3 -60.41 34.51 64.08
N PRO PA 4 -61.36 35.35 64.50
CA PRO PA 4 -61.01 36.70 64.96
C PRO PA 4 -60.38 36.65 66.35
N PRO PA 5 -59.15 37.13 66.49
CA PRO PA 5 -58.52 37.15 67.80
C PRO PA 5 -59.16 38.18 68.73
N ALA PA 6 -58.98 37.95 70.03
CA ALA PA 6 -59.59 38.80 71.04
C ALA PA 6 -58.93 40.18 71.05
N VAL PA 7 -59.73 41.19 71.32
CA VAL PA 7 -59.27 42.58 71.30
C VAL PA 7 -58.56 42.89 72.61
N ARG PA 8 -57.46 43.64 72.52
CA ARG PA 8 -56.73 44.15 73.66
C ARG PA 8 -56.92 45.66 73.79
N PRO PA 9 -56.89 46.20 75.00
CA PRO PA 9 -56.85 47.64 75.18
C PRO PA 9 -55.53 48.19 74.67
N PRO PA 10 -55.47 49.48 74.31
CA PRO PA 10 -54.23 50.05 73.76
C PRO PA 10 -53.10 50.01 74.77
N ARG PA 11 -51.88 49.86 74.25
CA ARG PA 11 -50.72 49.55 75.06
C ARG PA 11 -50.29 50.74 75.91
N LEU PA 12 -49.85 50.46 77.13
CA LEU PA 12 -49.32 51.51 77.99
C LEU PA 12 -47.94 51.92 77.50
N PHE PA 13 -47.75 53.23 77.32
CA PHE PA 13 -46.47 53.73 76.82
C PHE PA 13 -45.75 54.59 77.84
N ASP PA 14 -46.34 55.69 78.27
CA ASP PA 14 -45.70 56.53 79.28
C ASP PA 14 -46.63 56.94 80.40
N TYR PA 15 -47.90 57.22 80.11
CA TYR PA 15 -48.83 57.75 81.09
C TYR PA 15 -50.11 56.92 81.08
N LEU PA 16 -50.92 57.07 82.12
CA LEU PA 16 -52.00 56.11 82.37
C LEU PA 16 -53.20 56.34 81.45
N LYS PA 17 -53.72 57.59 81.41
CA LYS PA 17 -54.95 57.97 80.69
C LYS PA 17 -56.13 57.09 81.10
N PRO PA 18 -56.69 57.29 82.29
CA PRO PA 18 -57.63 56.31 82.84
C PRO PA 18 -59.08 56.46 82.42
N TYR PA 19 -59.47 57.52 81.73
CA TYR PA 19 -60.87 57.76 81.42
C TYR PA 19 -61.14 57.41 79.95
N VAL PA 20 -62.01 56.42 79.75
CA VAL PA 20 -62.27 55.85 78.43
C VAL PA 20 -63.72 56.08 78.06
N LEU PA 21 -63.96 56.70 76.90
CA LEU PA 21 -65.31 56.98 76.42
C LEU PA 21 -65.77 55.87 75.49
N LYS PA 22 -66.86 55.21 75.84
CA LYS PA 22 -67.45 54.13 75.07
C LYS PA 22 -68.90 54.46 74.73
N MET PA 23 -69.28 54.20 73.48
CA MET PA 23 -70.58 54.61 72.96
C MET PA 23 -71.40 53.39 72.55
N HIS PA 24 -72.71 53.52 72.60
CA HIS PA 24 -73.60 52.43 72.23
C HIS PA 24 -74.89 53.00 71.67
N PHE PA 25 -75.41 52.40 70.61
CA PHE PA 25 -76.62 52.88 69.95
C PHE PA 25 -77.55 51.72 69.66
N THR PA 26 -78.83 51.91 69.99
CA THR PA 26 -79.85 50.89 69.76
C THR PA 26 -80.89 51.43 68.77
N ASN PA 27 -81.98 50.69 68.61
CA ASN PA 27 -83.06 51.10 67.74
C ASN PA 27 -83.90 52.21 68.34
N LYS PA 28 -83.87 52.40 69.66
CA LYS PA 28 -84.72 53.36 70.32
C LYS PA 28 -83.98 54.47 71.04
N PHE PA 29 -82.82 54.19 71.62
CA PHE PA 29 -82.10 55.15 72.45
C PHE PA 29 -80.64 55.22 72.05
N VAL PA 30 -79.90 56.10 72.72
CA VAL PA 30 -78.46 56.26 72.56
C VAL PA 30 -77.83 56.35 73.95
N HIS PA 31 -76.67 55.73 74.12
CA HIS PA 31 -75.98 55.72 75.41
C HIS PA 31 -74.50 56.05 75.22
N ALA PA 32 -73.93 56.75 76.20
CA ALA PA 32 -72.50 57.06 76.20
C ALA PA 32 -72.00 56.98 77.63
N GLN PA 33 -70.84 56.34 77.82
CA GLN PA 33 -70.28 56.09 79.14
C GLN PA 33 -68.83 56.50 79.18
N VAL PA 34 -68.37 57.00 80.32
CA VAL PA 34 -66.98 57.27 80.57
C VAL PA 34 -66.56 56.41 81.75
N ILE PA 35 -65.62 55.49 81.50
CA ILE PA 35 -65.23 54.43 82.42
C ILE PA 35 -63.87 54.77 83.00
N HIS PA 36 -63.73 54.56 84.32
CA HIS PA 36 -62.44 54.68 84.99
C HIS PA 36 -61.76 53.33 84.97
N SER PA 37 -60.66 53.24 84.22
CA SER PA 37 -60.01 51.95 83.98
C SER PA 37 -59.45 51.24 85.22
N PRO PA 38 -58.75 51.89 86.17
CA PRO PA 38 -58.23 51.13 87.32
C PRO PA 38 -59.30 50.52 88.22
N THR PA 39 -60.44 51.18 88.41
CA THR PA 39 -61.47 50.69 89.32
C THR PA 39 -62.55 49.91 88.55
N ALA PA 40 -62.55 50.00 87.20
CA ALA PA 40 -63.55 49.37 86.32
C ALA PA 40 -64.96 49.82 86.67
N THR PA 41 -65.08 51.09 87.05
CA THR PA 41 -66.36 51.70 87.37
C THR PA 41 -66.75 52.73 86.33
N VAL PA 42 -68.03 53.09 86.38
CA VAL PA 42 -68.56 54.10 85.48
C VAL PA 42 -68.39 55.46 86.16
N ALA PA 43 -67.42 56.23 85.69
CA ALA PA 43 -67.27 57.58 86.21
C ALA PA 43 -68.45 58.46 85.81
N CYS PA 44 -68.82 58.46 84.53
CA CYS PA 44 -69.91 59.32 84.09
C CYS PA 44 -70.74 58.62 83.02
N ALA PA 45 -71.96 59.09 82.84
CA ALA PA 45 -72.84 58.49 81.86
C ALA PA 45 -73.86 59.49 81.38
N ALA PA 46 -74.29 59.33 80.13
CA ALA PA 46 -75.41 60.11 79.61
C ALA PA 46 -76.10 59.28 78.55
N SER PA 47 -77.41 59.14 78.68
CA SER PA 47 -78.18 58.33 77.76
C SER PA 47 -79.55 58.95 77.58
N SER PA 48 -80.17 58.65 76.44
CA SER PA 48 -81.52 59.13 76.21
C SER PA 48 -82.58 58.23 76.82
N GLN PA 49 -82.17 57.21 77.57
CA GLN PA 49 -83.09 56.38 78.34
C GLN PA 49 -83.35 56.92 79.73
N GLU PA 50 -82.66 57.99 80.13
CA GLU PA 50 -82.75 58.49 81.49
C GLU PA 50 -84.10 59.10 81.78
N LYS PA 51 -84.48 59.08 83.06
CA LYS PA 51 -85.77 59.63 83.48
C LYS PA 51 -85.83 61.14 83.30
N ALA PA 52 -84.70 61.82 83.41
CA ALA PA 52 -84.71 63.27 83.25
C ALA PA 52 -84.42 63.71 81.83
N LEU PA 53 -84.30 62.77 80.90
CA LEU PA 53 -83.94 63.08 79.53
C LEU PA 53 -84.88 62.49 78.49
N ARG PA 54 -85.55 61.38 78.77
CA ARG PA 54 -86.34 60.73 77.73
C ARG PA 54 -87.66 61.42 77.45
N GLU PA 55 -88.05 62.41 78.27
CA GLU PA 55 -89.25 63.19 77.99
C GLU PA 55 -88.97 64.60 77.53
N THR PA 56 -87.75 65.10 77.74
CA THR PA 56 -87.41 66.46 77.34
C THR PA 56 -86.98 66.56 75.88
N MET PA 57 -86.81 65.44 75.19
CA MET PA 57 -86.52 65.46 73.77
C MET PA 57 -87.54 64.56 73.06
N GLY PA 58 -87.88 64.96 71.84
CA GLY PA 58 -88.86 64.21 71.09
C GLY PA 58 -88.31 62.91 70.56
N VAL PA 59 -87.36 63.01 69.64
CA VAL PA 59 -86.74 61.84 69.03
C VAL PA 59 -85.55 61.44 69.87
N THR PA 60 -85.50 60.17 70.27
CA THR PA 60 -84.47 59.69 71.17
C THR PA 60 -83.44 58.80 70.48
N ARG PA 61 -83.47 58.71 69.16
CA ARG PA 61 -82.66 57.70 68.47
C ARG PA 61 -81.73 58.23 67.40
N ASP PA 62 -81.90 59.46 66.90
CA ASP PA 62 -81.21 59.88 65.70
C ASP PA 62 -79.94 60.67 66.01
N VAL PA 63 -79.38 61.29 64.97
CA VAL PA 63 -78.11 62.00 65.06
C VAL PA 63 -78.24 63.24 65.94
N ALA PA 64 -79.36 63.95 65.85
CA ALA PA 64 -79.60 65.08 66.73
C ALA PA 64 -79.69 64.66 68.19
N ALA PA 65 -80.35 63.54 68.47
CA ALA PA 65 -80.42 63.04 69.83
C ALA PA 65 -79.05 62.64 70.36
N ALA PA 66 -78.24 61.98 69.53
CA ALA PA 66 -76.88 61.63 69.94
C ALA PA 66 -76.02 62.86 70.18
N SER PA 67 -76.21 63.92 69.37
CA SER PA 67 -75.48 65.16 69.61
C SER PA 67 -75.89 65.85 70.90
N LYS PA 68 -77.20 65.87 71.21
CA LYS PA 68 -77.63 66.41 72.49
C LYS PA 68 -77.05 65.62 73.66
N ILE PA 69 -77.04 64.30 73.54
CA ILE PA 69 -76.47 63.44 74.59
C ILE PA 69 -74.99 63.71 74.77
N GLY PA 70 -74.26 63.92 73.66
CA GLY PA 70 -72.86 64.27 73.75
C GLY PA 70 -72.62 65.60 74.43
N LYS PA 71 -73.45 66.60 74.14
CA LYS PA 71 -73.32 67.90 74.82
C LYS PA 71 -73.58 67.78 76.31
N ILE PA 72 -74.62 67.04 76.69
CA ILE PA 72 -74.92 66.83 78.11
C ILE PA 72 -73.79 66.11 78.82
N LEU PA 73 -73.24 65.07 78.18
CA LEU PA 73 -72.12 64.33 78.76
C LEU PA 73 -70.88 65.19 78.91
N GLY PA 74 -70.61 66.06 77.93
CA GLY PA 74 -69.47 66.94 78.05
C GLY PA 74 -69.60 67.94 79.19
N GLU PA 75 -70.80 68.49 79.37
CA GLU PA 75 -70.99 69.40 80.50
C GLU PA 75 -70.95 68.68 81.84
N ARG PA 76 -71.46 67.44 81.90
CA ARG PA 76 -71.35 66.65 83.12
C ARG PA 76 -69.91 66.32 83.46
N LEU PA 77 -69.09 65.99 82.45
CA LEU PA 77 -67.67 65.74 82.69
C LEU PA 77 -66.96 67.00 83.16
N LEU PA 78 -67.28 68.16 82.57
CA LEU PA 78 -66.62 69.39 82.98
C LEU PA 78 -67.04 69.83 84.37
N MET PA 79 -68.23 69.44 84.85
CA MET PA 79 -68.56 69.76 86.23
C MET PA 79 -68.11 68.68 87.21
N LYS PA 80 -67.85 67.47 86.74
CA LYS PA 80 -67.25 66.43 87.57
C LYS PA 80 -65.74 66.46 87.53
N ASP PA 81 -65.15 67.42 86.81
CA ASP PA 81 -63.71 67.66 86.71
C ASP PA 81 -62.99 66.44 86.10
N ILE PA 82 -63.30 66.22 84.83
CA ILE PA 82 -62.48 65.36 83.98
C ILE PA 82 -62.14 66.19 82.76
N PRO PA 83 -60.91 66.70 82.63
CA PRO PA 83 -60.60 67.60 81.53
C PRO PA 83 -60.38 66.91 80.20
N ALA PA 84 -60.06 65.62 80.18
CA ALA PA 84 -59.77 64.94 78.92
C ALA PA 84 -60.22 63.49 79.01
N VAL PA 85 -60.63 62.94 77.88
CA VAL PA 85 -61.05 61.55 77.78
C VAL PA 85 -60.38 60.92 76.56
N ALA PA 86 -60.28 59.60 76.56
CA ALA PA 86 -59.74 58.85 75.44
C ALA PA 86 -60.83 57.97 74.84
N ILE PA 87 -61.02 58.05 73.54
CA ILE PA 87 -62.17 57.46 72.86
C ILE PA 87 -61.86 56.01 72.49
N HIS PA 88 -62.79 55.10 72.79
CA HIS PA 88 -62.68 53.72 72.36
C HIS PA 88 -63.78 53.43 71.35
N MET PA 89 -63.41 52.80 70.25
CA MET PA 89 -64.34 52.50 69.17
C MET PA 89 -64.47 50.99 69.02
N LYS PA 90 -65.71 50.52 68.93
CA LYS PA 90 -65.98 49.08 68.89
C LYS PA 90 -65.74 48.49 67.50
N LYS PA 91 -66.25 47.28 67.29
CA LYS PA 91 -65.89 46.49 66.11
C LYS PA 91 -66.46 47.03 64.82
N GLU PA 92 -67.54 47.82 64.85
CA GLU PA 92 -68.18 48.27 63.62
C GLU PA 92 -68.34 49.78 63.56
N GLN PA 93 -67.80 50.52 64.52
CA GLN PA 93 -68.01 51.95 64.61
C GLN PA 93 -66.89 52.65 63.86
N ARG PA 94 -67.25 53.58 62.98
CA ARG PA 94 -66.33 54.47 62.31
C ARG PA 94 -66.67 55.90 62.72
N TYR PA 95 -65.84 56.84 62.28
CA TYR PA 95 -66.08 58.25 62.59
C TYR PA 95 -67.11 58.77 61.59
N HIS PA 96 -68.37 58.42 61.84
CA HIS PA 96 -69.43 58.72 60.90
C HIS PA 96 -70.78 58.64 61.59
N GLY PA 97 -71.64 59.62 61.33
CA GLY PA 97 -73.00 59.57 61.81
C GLY PA 97 -73.15 59.86 63.29
N LYS PA 98 -73.70 58.90 64.03
CA LYS PA 98 -73.97 59.10 65.44
C LYS PA 98 -72.69 59.14 66.28
N VAL PA 99 -71.70 58.31 65.93
CA VAL PA 99 -70.40 58.35 66.59
C VAL PA 99 -69.75 59.71 66.39
N LYS PA 100 -69.78 60.20 65.16
CA LYS PA 100 -69.24 61.52 64.84
C LYS PA 100 -69.97 62.62 65.60
N ALA PA 101 -71.30 62.52 65.70
CA ALA PA 101 -72.08 63.51 66.44
C ALA PA 101 -71.70 63.54 67.90
N VAL PA 102 -71.55 62.38 68.53
CA VAL PA 102 -71.21 62.32 69.94
C VAL PA 102 -69.82 62.90 70.18
N ILE PA 103 -68.84 62.51 69.34
CA ILE PA 103 -67.47 62.97 69.53
C ILE PA 103 -67.35 64.47 69.32
N ASP PA 104 -67.97 65.00 68.27
CA ASP PA 104 -67.90 66.43 68.02
C ASP PA 104 -68.66 67.23 69.07
N SER PA 105 -69.77 66.70 69.59
CA SER PA 105 -70.48 67.38 70.66
C SER PA 105 -69.64 67.45 71.93
N VAL PA 106 -68.94 66.37 72.28
CA VAL PA 106 -68.09 66.39 73.46
C VAL PA 106 -66.94 67.37 73.28
N ARG PA 107 -66.32 67.37 72.09
CA ARG PA 107 -65.20 68.28 71.84
C ARG PA 107 -65.65 69.74 71.87
N GLU PA 108 -66.84 70.04 71.35
CA GLU PA 108 -67.34 71.41 71.42
C GLU PA 108 -67.79 71.77 72.83
N ALA PA 109 -68.19 70.79 73.62
CA ALA PA 109 -68.45 71.05 75.04
C ALA PA 109 -67.18 71.45 75.77
N GLY PA 110 -66.05 70.85 75.39
CA GLY PA 110 -64.78 71.40 75.86
C GLY PA 110 -63.82 70.40 76.48
N VAL PA 111 -64.06 69.12 76.27
CA VAL PA 111 -63.21 68.06 76.79
C VAL PA 111 -62.10 67.80 75.80
N LYS PA 112 -60.85 67.80 76.26
CA LYS PA 112 -59.74 67.41 75.41
C LYS PA 112 -59.82 65.92 75.11
N LEU PA 113 -59.35 65.55 73.93
CA LEU PA 113 -59.39 64.17 73.47
C LEU PA 113 -57.97 63.62 73.42
N LEU PA 114 -57.75 62.50 74.11
CA LEU PA 114 -56.45 61.86 74.20
C LEU PA 114 -56.44 60.57 73.43
N ALA QA 107 69.92 -70.96 73.99
CA ALA QA 107 68.91 -69.93 74.18
C ALA QA 107 69.20 -68.72 73.31
N PRO QA 108 68.16 -68.18 72.67
CA PRO QA 108 68.36 -67.03 71.77
C PRO QA 108 68.52 -65.74 72.55
N PRO QA 109 68.99 -64.68 71.90
CA PRO QA 109 68.91 -63.33 72.50
C PRO QA 109 67.50 -62.76 72.50
N ARG QA 110 67.38 -61.49 72.85
CA ARG QA 110 66.09 -60.85 73.11
C ARG QA 110 65.21 -60.79 71.88
N ILE QA 111 63.91 -60.84 72.10
CA ILE QA 111 62.92 -60.79 71.02
C ILE QA 111 62.49 -59.34 70.85
N LYS QA 112 62.64 -58.81 69.64
CA LYS QA 112 62.37 -57.41 69.37
C LYS QA 112 60.89 -57.19 69.13
N PHE QA 113 60.41 -56.02 69.52
CA PHE QA 113 59.03 -55.62 69.29
C PHE QA 113 58.96 -54.81 68.00
N LYS QA 114 57.74 -54.48 67.57
CA LYS QA 114 57.55 -53.72 66.34
C LYS QA 114 56.18 -53.05 66.41
N ARG QA 115 56.00 -52.03 65.58
CA ARG QA 115 54.72 -51.34 65.55
C ARG QA 115 53.68 -52.13 64.77
N LEU QA 116 52.44 -51.95 65.19
CA LEU QA 116 51.36 -52.83 64.79
C LEU QA 116 50.96 -52.66 63.34
N ASP QA 117 51.13 -51.47 62.74
CA ASP QA 117 50.85 -51.34 61.32
C ASP QA 117 51.88 -52.07 60.47
N LYS QA 118 53.15 -52.04 60.88
CA LYS QA 118 54.16 -52.83 60.20
C LYS QA 118 53.85 -54.31 60.29
N THR QA 119 53.49 -54.78 61.47
CA THR QA 119 53.13 -56.19 61.62
C THR QA 119 51.90 -56.55 60.82
N ALA QA 120 50.93 -55.63 60.73
CA ALA QA 120 49.72 -55.88 59.96
C ALA QA 120 50.01 -56.00 58.46
N LYS QA 121 50.85 -55.12 57.93
CA LYS QA 121 51.22 -55.23 56.52
C LYS QA 121 52.02 -56.49 56.24
N HIS QA 122 52.88 -56.90 57.17
CA HIS QA 122 53.58 -58.18 57.02
C HIS QA 122 52.62 -59.36 56.98
N ILE QA 123 51.59 -59.32 57.84
CA ILE QA 123 50.57 -60.38 57.85
C ILE QA 123 49.84 -60.44 56.51
N MET QA 124 49.49 -59.26 55.97
CA MET QA 124 48.82 -59.20 54.68
C MET QA 124 49.67 -59.74 53.55
N GLN QA 125 50.97 -59.44 53.56
CA GLN QA 125 51.85 -59.97 52.53
C GLN QA 125 51.98 -61.48 52.61
N ILE QA 126 52.05 -62.04 53.82
CA ILE QA 126 52.08 -63.49 54.00
C ILE QA 126 50.82 -64.14 53.45
N VAL QA 127 49.66 -63.55 53.75
CA VAL QA 127 48.37 -64.09 53.29
C VAL QA 127 48.29 -64.07 51.77
N ASP QA 128 48.70 -62.96 51.15
CA ASP QA 128 48.66 -62.87 49.69
C ASP QA 128 49.59 -63.87 49.03
N LYS QA 129 50.80 -64.06 49.59
CA LYS QA 129 51.73 -65.03 49.03
C LYS QA 129 51.17 -66.45 49.10
N GLU QA 130 50.54 -66.80 50.22
CA GLU QA 130 49.95 -68.13 50.34
C GLU QA 130 48.78 -68.34 49.38
N ALA QA 131 47.94 -67.32 49.19
CA ALA QA 131 46.84 -67.45 48.24
C ALA QA 131 47.32 -67.64 46.81
N VAL QA 132 48.33 -66.87 46.40
CA VAL QA 132 48.88 -66.99 45.05
C VAL QA 132 49.50 -68.36 44.84
N GLU QA 133 50.29 -68.83 45.82
CA GLU QA 133 50.91 -70.15 45.71
C GLU QA 133 49.87 -71.27 45.69
N GLU QA 134 48.76 -71.10 46.40
CA GLU QA 134 47.72 -72.11 46.39
C GLU QA 134 47.01 -72.19 45.04
N VAL QA 135 46.78 -71.05 44.39
CA VAL QA 135 46.12 -71.07 43.08
C VAL QA 135 47.05 -71.65 42.01
N ARG QA 136 48.35 -71.35 42.10
CA ARG QA 136 49.28 -71.76 41.05
C ARG QA 136 49.53 -73.27 41.00
N THR QA 137 49.18 -74.02 42.04
CA THR QA 137 49.30 -75.48 41.96
C THR QA 137 48.05 -76.12 41.36
N ARG QA 138 46.96 -75.38 41.24
CA ARG QA 138 45.74 -75.91 40.63
C ARG QA 138 45.53 -75.48 39.20
N ARG QA 139 45.98 -74.29 38.80
CA ARG QA 139 45.75 -73.83 37.45
C ARG QA 139 47.06 -73.42 36.80
N GLU QA 140 47.07 -73.46 35.47
CA GLU QA 140 48.25 -73.11 34.67
C GLU QA 140 48.02 -71.73 34.06
N ILE QA 141 48.71 -70.73 34.58
CA ILE QA 141 48.54 -69.34 34.17
C ILE QA 141 49.88 -68.83 33.65
N PRO QA 142 50.01 -68.60 32.35
CA PRO QA 142 51.30 -68.17 31.79
C PRO QA 142 51.58 -66.70 32.09
N GLU QA 143 52.83 -66.30 31.85
CA GLU QA 143 53.20 -64.91 32.02
C GLU QA 143 52.62 -64.08 30.89
N ILE QA 144 51.93 -63.01 31.25
CA ILE QA 144 51.31 -62.10 30.30
C ILE QA 144 52.04 -60.77 30.36
N ARG QA 145 52.45 -60.25 29.21
CA ARG QA 145 53.16 -59.01 29.08
C ARG QA 145 52.40 -58.08 28.12
N PRO QA 146 52.63 -56.77 28.20
CA PRO QA 146 52.08 -55.88 27.18
C PRO QA 146 52.64 -56.19 25.80
N GLY QA 147 51.80 -56.01 24.79
CA GLY QA 147 52.15 -56.31 23.43
C GLY QA 147 51.89 -57.73 23.01
N TYR QA 148 51.56 -58.62 23.95
CA TYR QA 148 51.23 -59.99 23.63
C TYR QA 148 49.86 -60.07 22.99
N ILE QA 149 49.69 -61.06 22.11
CA ILE QA 149 48.37 -61.46 21.62
C ILE QA 149 47.93 -62.64 22.46
N VAL QA 150 46.74 -62.56 23.04
CA VAL QA 150 46.24 -63.66 23.85
C VAL QA 150 44.85 -64.05 23.37
N GLN QA 151 44.50 -65.30 23.69
CA GLN QA 151 43.19 -65.87 23.42
C GLN QA 151 42.77 -66.64 24.66
N LEU QA 152 41.58 -66.34 25.18
CA LEU QA 152 41.16 -66.90 26.46
C LEU QA 152 39.68 -67.26 26.40
N LYS QA 153 39.29 -68.15 27.30
CA LYS QA 153 37.91 -68.62 27.41
C LYS QA 153 37.30 -68.08 28.69
N VAL QA 154 36.24 -67.29 28.55
CA VAL QA 154 35.67 -66.51 29.65
C VAL QA 154 34.25 -66.97 29.89
N GLU QA 155 33.93 -67.31 31.13
CA GLU QA 155 32.57 -67.66 31.53
C GLU QA 155 31.98 -66.49 32.30
N VAL QA 156 30.82 -66.01 31.84
CA VAL QA 156 30.12 -64.91 32.47
C VAL QA 156 29.05 -65.51 33.39
N PRO QA 157 29.14 -65.29 34.71
CA PRO QA 157 28.11 -65.81 35.61
C PRO QA 157 26.84 -64.99 35.62
N GLU QA 158 26.89 -63.73 35.21
CA GLU QA 158 25.67 -62.92 35.17
C GLU QA 158 24.72 -63.38 34.07
N ASN QA 159 25.27 -63.76 32.92
CA ASN QA 159 24.48 -64.17 31.76
C ASN QA 159 24.38 -65.69 31.67
N LYS QA 160 23.85 -66.30 32.74
CA LYS QA 160 23.58 -67.74 32.83
C LYS QA 160 24.82 -68.59 32.57
N ARG QA 161 25.96 -68.11 33.09
CA ARG QA 161 27.25 -68.81 32.99
C ARG QA 161 27.65 -69.08 31.54
N ARG QA 162 27.50 -68.07 30.69
CA ARG QA 162 27.75 -68.27 29.27
C ARG QA 162 29.24 -68.20 28.98
N VAL QA 163 29.73 -69.16 28.20
CA VAL QA 163 31.17 -69.30 27.93
C VAL QA 163 31.44 -68.82 26.51
N SER QA 164 32.45 -67.96 26.37
CA SER QA 164 32.81 -67.41 25.07
C SER QA 164 34.33 -67.33 24.95
N ILE QA 165 34.80 -67.04 23.74
CA ILE QA 165 36.22 -66.94 23.42
C ILE QA 165 36.54 -65.49 23.09
N VAL QA 166 37.57 -64.96 23.75
CA VAL QA 166 37.98 -63.57 23.58
C VAL QA 166 39.42 -63.57 23.09
N LYS QA 167 39.67 -62.87 22.00
CA LYS QA 167 41.01 -62.78 21.42
C LYS QA 167 41.40 -61.32 21.29
N GLY QA 168 42.57 -60.95 21.80
CA GLY QA 168 42.96 -59.56 21.76
C GLY QA 168 44.44 -59.36 22.02
N ILE QA 169 44.80 -58.09 22.23
CA ILE QA 169 46.19 -57.66 22.42
C ILE QA 169 46.30 -56.96 23.77
N VAL QA 170 47.28 -57.37 24.56
CA VAL QA 170 47.40 -56.88 25.93
C VAL QA 170 48.02 -55.49 25.90
N ILE QA 171 47.27 -54.49 26.36
CA ILE QA 171 47.74 -53.11 26.33
C ILE QA 171 48.09 -52.56 27.70
N ALA QA 172 47.75 -53.25 28.79
CA ALA QA 172 48.07 -52.77 30.13
C ALA QA 172 48.10 -53.96 31.08
N ARG QA 173 48.96 -53.85 32.09
CA ARG QA 173 49.12 -54.93 33.07
C ARG QA 173 49.41 -54.31 34.43
N ARG QA 174 48.98 -55.00 35.49
CA ARG QA 174 49.26 -54.55 36.84
C ARG QA 174 49.47 -55.77 37.73
N ASN QA 175 50.56 -55.77 38.49
CA ASN QA 175 50.92 -56.88 39.37
C ASN QA 175 50.58 -56.48 40.81
N ALA QA 176 49.54 -57.10 41.37
CA ALA QA 176 49.07 -56.77 42.69
C ALA QA 176 48.78 -58.02 43.51
N GLY QA 177 49.64 -59.02 43.39
CA GLY QA 177 49.44 -60.25 44.15
C GLY QA 177 48.35 -61.08 43.53
N LEU QA 178 47.38 -61.48 44.37
CA LEU QA 178 46.23 -62.22 43.87
C LEU QA 178 45.35 -61.38 42.97
N ASN QA 179 45.35 -60.07 43.15
CA ASN QA 179 44.49 -59.16 42.39
C ASN QA 179 45.21 -58.51 41.23
N SER QA 180 46.11 -59.23 40.57
CA SER QA 180 46.74 -58.72 39.36
C SER QA 180 45.70 -58.59 38.25
N THR QA 181 45.86 -57.57 37.40
CA THR QA 181 44.88 -57.27 36.36
C THR QA 181 45.59 -57.14 35.02
N PHE QA 182 44.83 -57.36 33.94
CA PHE QA 182 45.35 -57.02 32.63
C PHE QA 182 44.23 -56.60 31.69
N ARG QA 183 44.58 -55.79 30.70
CA ARG QA 183 43.62 -55.17 29.78
C ARG QA 183 43.78 -55.72 28.38
N ILE QA 184 42.66 -55.86 27.69
CA ILE QA 184 42.59 -56.40 26.32
C ILE QA 184 41.82 -55.40 25.48
N ARG QA 185 42.36 -55.07 24.31
CA ARG QA 185 41.62 -54.28 23.32
C ARG QA 185 41.42 -55.12 22.07
N ARG QA 186 40.17 -55.23 21.63
CA ARG QA 186 39.86 -56.00 20.44
C ARG QA 186 38.81 -55.27 19.63
N LEU QA 187 38.57 -55.77 18.42
CA LEU QA 187 37.57 -55.21 17.53
C LEU QA 187 36.52 -56.28 17.29
N VAL QA 188 35.26 -55.97 17.61
CA VAL QA 188 34.15 -56.90 17.47
C VAL QA 188 33.08 -56.22 16.63
N ALA QA 189 32.75 -56.85 15.49
CA ALA QA 189 31.71 -56.38 14.57
C ALA QA 189 31.96 -54.97 14.05
N GLY QA 190 33.22 -54.57 13.96
CA GLY QA 190 33.56 -53.22 13.54
C GLY QA 190 33.78 -52.22 14.66
N VAL QA 191 33.48 -52.58 15.90
CA VAL QA 191 33.52 -51.65 17.03
C VAL QA 191 34.54 -52.15 18.05
N GLY QA 192 35.39 -51.24 18.52
CA GLY QA 192 36.44 -51.62 19.46
C GLY QA 192 35.94 -51.73 20.88
N VAL QA 193 36.26 -52.84 21.54
CA VAL QA 193 35.86 -53.11 22.91
C VAL QA 193 37.11 -53.39 23.73
N GLU QA 194 37.21 -52.73 24.89
CA GLU QA 194 38.27 -52.96 25.84
C GLU QA 194 37.69 -53.65 27.07
N SER QA 195 38.34 -54.73 27.49
CA SER QA 195 37.90 -55.50 28.64
C SER QA 195 39.07 -55.75 29.57
N MET QA 196 38.82 -55.66 30.88
CA MET QA 196 39.86 -55.88 31.87
C MET QA 196 39.53 -57.14 32.66
N PHE QA 197 40.52 -58.00 32.84
CA PHE QA 197 40.30 -59.24 33.56
C PHE QA 197 41.26 -59.36 34.74
N PRO QA 198 40.77 -59.78 35.90
CA PRO QA 198 41.67 -60.27 36.93
C PRO QA 198 42.37 -61.52 36.46
N LEU QA 199 43.66 -61.63 36.80
CA LEU QA 199 44.47 -62.73 36.27
C LEU QA 199 44.09 -64.05 36.92
N TYR QA 200 43.96 -64.07 38.24
CA TYR QA 200 43.65 -65.28 38.98
C TYR QA 200 42.16 -65.48 39.20
N SER QA 201 41.33 -64.83 38.41
CA SER QA 201 39.89 -65.05 38.51
C SER QA 201 39.56 -66.47 38.08
N PRO QA 202 38.69 -67.17 38.82
CA PRO QA 202 38.38 -68.56 38.45
C PRO QA 202 37.50 -68.69 37.24
N ASN QA 203 36.96 -67.61 36.71
CA ASN QA 203 36.13 -67.64 35.52
C ASN QA 203 36.94 -67.54 34.23
N LEU QA 204 38.27 -67.61 34.33
CA LEU QA 204 39.15 -67.69 33.16
C LEU QA 204 39.55 -69.15 33.00
N ARG QA 205 38.81 -69.87 32.15
CA ARG QA 205 38.99 -71.31 32.04
C ARG QA 205 40.30 -71.67 31.36
N GLU QA 206 40.64 -70.98 30.28
CA GLU QA 206 41.84 -71.31 29.52
C GLU QA 206 42.46 -70.03 28.96
N ILE QA 207 43.79 -69.97 29.00
CA ILE QA 207 44.56 -68.80 28.59
C ILE QA 207 45.69 -69.26 27.67
N LYS QA 208 45.81 -68.66 26.50
CA LYS QA 208 46.86 -68.99 25.55
C LYS QA 208 47.49 -67.72 24.97
N VAL QA 209 48.77 -67.81 24.66
CA VAL QA 209 49.53 -66.71 24.07
C VAL QA 209 49.88 -67.09 22.63
N LEU QA 210 49.55 -66.20 21.70
CA LEU QA 210 49.69 -66.48 20.27
C LEU QA 210 50.85 -65.74 19.62
N ASP QA 211 51.01 -64.44 19.87
CA ASP QA 211 52.07 -63.67 19.24
C ASP QA 211 52.56 -62.59 20.18
N LYS QA 212 53.82 -62.20 20.01
CA LYS QA 212 54.48 -61.22 20.88
C LYS QA 212 54.98 -60.08 20.01
N LYS QA 213 54.19 -59.02 19.90
CA LYS QA 213 54.59 -57.84 19.13
C LYS QA 213 55.55 -56.97 19.92
N ARG QA 214 56.44 -56.31 19.21
CA ARG QA 214 57.48 -55.51 19.86
C ARG QA 214 56.97 -54.11 20.17
N VAL QA 215 57.07 -53.71 21.43
CA VAL QA 215 56.64 -52.40 21.89
C VAL QA 215 57.75 -51.79 22.75
N ARG QA 216 57.72 -50.47 22.83
CA ARG QA 216 58.68 -49.73 23.65
C ARG QA 216 58.03 -49.10 24.88
N ARG QA 217 56.78 -49.45 25.17
CA ARG QA 217 56.05 -48.89 26.29
C ARG QA 217 55.60 -50.03 27.19
N ALA QA 218 55.11 -49.69 28.38
CA ALA QA 218 54.44 -50.66 29.22
C ALA QA 218 52.94 -50.50 29.21
N LYS QA 219 52.43 -49.33 28.86
CA LYS QA 219 51.01 -49.09 28.60
C LYS QA 219 50.87 -48.63 27.16
N LEU QA 220 49.92 -49.22 26.45
CA LEU QA 220 49.81 -48.97 25.01
C LEU QA 220 48.52 -48.22 24.69
N TYR QA 221 48.23 -47.17 25.45
CA TYR QA 221 46.99 -46.44 25.30
C TYR QA 221 46.90 -45.62 24.01
N TYR QA 222 47.98 -45.52 23.23
CA TYR QA 222 47.91 -44.83 21.95
C TYR QA 222 47.17 -45.61 20.89
N LEU QA 223 46.87 -46.88 21.14
CA LEU QA 223 46.15 -47.69 20.17
C LEU QA 223 44.69 -47.27 20.03
N ARG QA 224 44.15 -46.53 20.99
CA ARG QA 224 42.78 -46.04 20.86
C ARG QA 224 42.65 -45.03 19.73
N ASP QA 225 43.64 -44.15 19.56
CA ASP QA 225 43.56 -43.12 18.53
C ASP QA 225 44.31 -43.49 17.26
N LYS QA 226 45.32 -44.35 17.35
CA LYS QA 226 45.99 -44.84 16.15
C LYS QA 226 45.01 -45.65 15.30
N MET QA 227 45.06 -45.42 13.98
CA MET QA 227 44.00 -45.88 13.09
C MET QA 227 43.95 -47.41 12.96
N ASN QA 228 45.06 -48.09 13.22
CA ASN QA 228 45.09 -49.54 13.10
C ASN QA 228 45.58 -50.17 14.40
N MET RA 1 27.23 21.04 93.95
CA MET RA 1 28.07 20.14 94.73
C MET RA 1 29.50 20.18 94.25
N ASN RA 2 30.43 20.03 95.18
CA ASN RA 2 31.85 20.12 94.85
C ASN RA 2 32.31 18.88 94.09
N LYS RA 3 33.49 18.99 93.48
CA LYS RA 3 34.09 17.82 92.85
C LYS RA 3 34.67 16.88 93.91
N LYS RA 4 35.36 17.43 94.91
CA LYS RA 4 35.95 16.62 95.96
C LYS RA 4 34.89 15.98 96.84
N GLU RA 5 33.75 16.65 97.03
CA GLU RA 5 32.69 16.07 97.83
C GLU RA 5 32.04 14.89 97.13
N ILE RA 6 32.01 14.90 95.79
CA ILE RA 6 31.53 13.74 95.05
C ILE RA 6 32.57 12.63 95.08
N PHE RA 7 33.85 12.99 94.99
CA PHE RA 7 34.90 11.99 95.06
C PHE RA 7 35.01 11.35 96.43
N LYS RA 8 34.50 12.00 97.47
CA LYS RA 8 34.42 11.35 98.78
C LYS RA 8 33.27 10.34 98.84
N LEU RA 9 32.14 10.65 98.24
CA LEU RA 9 31.00 9.75 98.25
C LEU RA 9 31.11 8.61 97.26
N ALA RA 10 31.94 8.75 96.23
CA ALA RA 10 32.20 7.67 95.28
C ALA RA 10 33.31 6.76 95.73
N LYS RA 11 33.68 6.80 97.00
CA LYS RA 11 34.72 5.94 97.55
C LYS RA 11 34.20 4.52 97.67
N GLY RA 12 34.89 3.59 97.03
CA GLY RA 12 34.46 2.21 97.04
C GLY RA 12 33.64 1.79 95.86
N PHE RA 13 33.61 2.59 94.80
CA PHE RA 13 32.82 2.29 93.62
C PHE RA 13 33.66 1.51 92.63
N ARG RA 14 33.06 0.49 92.01
CA ARG RA 14 33.79 -0.35 91.08
C ARG RA 14 33.97 0.35 89.75
N GLY RA 15 35.18 0.24 89.19
CA GLY RA 15 35.40 0.71 87.84
C GLY RA 15 35.92 2.14 87.81
N ARG RA 16 35.66 2.80 86.68
CA ARG RA 16 36.06 4.18 86.50
C ARG RA 16 35.10 5.16 87.17
N ALA RA 17 34.10 4.67 87.87
CA ALA RA 17 33.11 5.50 88.54
C ALA RA 17 33.59 6.04 89.87
N LYS RA 18 34.88 5.92 90.17
CA LYS RA 18 35.47 6.51 91.35
C LYS RA 18 36.60 7.47 91.02
N ASN RA 19 36.96 7.63 89.76
CA ASN RA 19 38.06 8.47 89.30
C ASN RA 19 37.61 9.62 88.43
N CYS RA 20 36.70 9.36 87.49
CA CYS RA 20 36.33 10.31 86.46
C CYS RA 20 35.06 11.04 86.88
N ILE RA 21 35.09 12.38 86.78
CA ILE RA 21 34.01 13.17 87.35
C ILE RA 21 32.70 12.97 86.58
N ARG RA 22 32.77 12.79 85.26
CA ARG RA 22 31.56 12.56 84.47
C ARG RA 22 30.89 11.24 84.85
N ILE RA 23 31.67 10.20 85.09
CA ILE RA 23 31.08 8.92 85.43
C ILE RA 23 30.71 8.87 86.90
N ALA RA 24 31.50 9.51 87.77
CA ALA RA 24 31.20 9.49 89.19
C ALA RA 24 30.03 10.37 89.57
N ARG RA 25 29.71 11.39 88.76
CA ARG RA 25 28.59 12.24 89.13
C ARG RA 25 27.25 11.55 88.88
N GLU RA 26 27.18 10.67 87.88
CA GLU RA 26 25.94 9.96 87.63
C GLU RA 26 25.66 8.91 88.69
N ARG RA 27 26.69 8.17 89.10
CA ARG RA 27 26.49 7.06 90.02
C ARG RA 27 26.28 7.53 91.45
N VAL RA 28 26.81 8.69 91.83
CA VAL RA 28 26.59 9.22 93.17
C VAL RA 28 25.15 9.69 93.34
N GLU RA 29 24.60 10.34 92.32
CA GLU RA 29 23.22 10.83 92.40
C GLU RA 29 22.22 9.67 92.48
N LYS RA 30 22.47 8.58 91.76
CA LYS RA 30 21.64 7.40 91.91
C LYS RA 30 21.73 6.81 93.31
N ALA RA 31 22.93 6.82 93.91
CA ALA RA 31 23.09 6.35 95.27
C ALA RA 31 22.34 7.21 96.27
N LEU RA 32 22.33 8.52 96.06
CA LEU RA 32 21.60 9.39 96.96
C LEU RA 32 20.09 9.23 96.81
N GLN RA 33 19.60 9.02 95.59
CA GLN RA 33 18.19 8.71 95.41
C GLN RA 33 17.80 7.38 96.05
N TYR RA 34 18.64 6.36 95.93
CA TYR RA 34 18.37 5.09 96.60
C TYR RA 34 18.35 5.24 98.12
N SER RA 35 19.26 6.04 98.67
CA SER RA 35 19.27 6.27 100.12
C SER RA 35 18.00 6.96 100.58
N TYR RA 36 17.55 7.97 99.82
CA TYR RA 36 16.32 8.68 100.17
C TYR RA 36 15.11 7.76 100.11
N ARG RA 37 15.05 6.87 99.12
CA ARG RA 37 13.92 5.95 99.05
C ARG RA 37 13.97 4.88 100.13
N ASP RA 38 15.17 4.39 100.45
CA ASP RA 38 15.30 3.33 101.43
C ASP RA 38 15.11 3.81 102.86
N ARG RA 39 15.24 5.12 103.11
CA ARG RA 39 14.84 5.64 104.42
C ARG RA 39 13.34 5.44 104.69
N ARG RA 40 12.52 5.32 103.65
CA ARG RA 40 11.10 5.02 103.81
C ARG RA 40 10.82 3.54 103.69
N ASN RA 41 11.57 2.83 102.86
CA ASN RA 41 11.34 1.40 102.71
C ASN RA 41 11.81 0.58 103.91
N LYS RA 42 12.78 1.10 104.69
CA LYS RA 42 13.26 0.36 105.86
C LYS RA 42 12.18 0.15 106.90
N LYS RA 43 11.29 1.12 107.04
CA LYS RA 43 10.22 1.02 108.04
C LYS RA 43 9.24 -0.09 107.70
N ARG RA 44 8.83 -0.20 106.43
CA ARG RA 44 7.95 -1.28 106.00
C ARG RA 44 8.64 -2.63 106.13
N GLU RA 45 9.93 -2.70 105.75
CA GLU RA 45 10.67 -3.96 105.85
C GLU RA 45 10.77 -4.44 107.29
N MET RA 46 11.10 -3.53 108.21
CA MET RA 46 11.21 -3.89 109.61
C MET RA 46 9.87 -4.28 110.22
N ARG RA 47 8.78 -3.59 109.86
CA ARG RA 47 7.48 -3.95 110.42
C ARG RA 47 7.03 -5.31 109.93
N GLY RA 48 7.30 -5.62 108.66
CA GLY RA 48 7.02 -6.97 108.18
C GLY RA 48 7.81 -8.04 108.90
N LEU RA 49 9.08 -7.75 109.22
CA LEU RA 49 9.89 -8.69 110.00
C LEU RA 49 9.30 -8.93 111.39
N TRP RA 50 8.84 -7.86 112.04
CA TRP RA 50 8.20 -8.00 113.35
C TRP RA 50 6.95 -8.87 113.28
N ILE RA 51 6.13 -8.68 112.25
CA ILE RA 51 4.90 -9.48 112.12
C ILE RA 51 5.25 -10.95 111.90
N GLU RA 52 6.29 -11.22 111.10
CA GLU RA 52 6.72 -12.61 110.91
C GLU RA 52 7.18 -13.26 112.20
N ARG RA 53 7.96 -12.56 113.02
CA ARG RA 53 8.41 -13.16 114.27
C ARG RA 53 7.30 -13.34 115.29
N ILE RA 54 6.38 -12.36 115.41
CA ILE RA 54 5.25 -12.50 116.32
C ILE RA 54 4.36 -13.65 115.90
N ASN RA 55 4.07 -13.77 114.60
CA ASN RA 55 3.24 -14.87 114.12
C ASN RA 55 3.90 -16.22 114.33
N ALA RA 56 5.22 -16.32 114.10
CA ALA RA 56 5.91 -17.58 114.32
C ALA RA 56 5.91 -17.96 115.79
N GLY RA 57 6.08 -16.98 116.67
CA GLY RA 57 6.01 -17.27 118.10
C GLY RA 57 4.63 -17.67 118.56
N SER RA 58 3.60 -17.02 118.01
CA SER RA 58 2.25 -17.29 118.46
C SER RA 58 1.67 -18.58 117.93
N ARG RA 59 2.02 -18.98 116.71
CA ARG RA 59 1.46 -20.22 116.16
C ARG RA 59 2.02 -21.47 116.81
N GLN RA 60 3.08 -21.35 117.61
CA GLN RA 60 3.60 -22.50 118.34
C GLN RA 60 2.60 -23.02 119.35
N HIS RA 61 1.82 -22.13 119.96
CA HIS RA 61 0.78 -22.49 120.90
C HIS RA 61 -0.60 -22.54 120.26
N GLY RA 62 -0.68 -22.36 118.95
CA GLY RA 62 -1.93 -22.55 118.24
C GLY RA 62 -2.81 -21.33 118.10
N VAL RA 63 -2.26 -20.12 118.27
CA VAL RA 63 -3.01 -18.88 118.13
C VAL RA 63 -2.42 -18.09 116.98
N ASN RA 64 -3.28 -17.66 116.05
CA ASN RA 64 -2.83 -16.85 114.93
C ASN RA 64 -2.44 -15.45 115.38
N TYR RA 65 -1.68 -14.77 114.52
CA TYR RA 65 -1.33 -13.37 114.77
C TYR RA 65 -2.58 -12.49 114.79
N GLY RA 66 -3.50 -12.73 113.85
CA GLY RA 66 -4.67 -11.88 113.74
C GLY RA 66 -5.59 -11.97 114.92
N ASN RA 67 -5.72 -13.14 115.51
CA ASN RA 67 -6.46 -13.28 116.75
C ASN RA 67 -5.68 -12.76 117.95
N PHE RA 68 -4.37 -12.99 117.97
CA PHE RA 68 -3.54 -12.64 119.12
C PHE RA 68 -3.46 -11.13 119.32
N ILE RA 69 -3.21 -10.39 118.24
CA ILE RA 69 -3.07 -8.95 118.37
C ILE RA 69 -4.41 -8.28 118.70
N HIS RA 70 -5.52 -8.82 118.22
CA HIS RA 70 -6.81 -8.24 118.59
C HIS RA 70 -7.20 -8.59 120.02
N GLY RA 71 -6.78 -9.75 120.53
CA GLY RA 71 -6.98 -10.02 121.94
C GLY RA 71 -6.22 -9.07 122.83
N LEU RA 72 -4.97 -8.76 122.48
CA LEU RA 72 -4.24 -7.76 123.24
C LEU RA 72 -4.80 -6.36 123.06
N MET RA 73 -5.43 -6.06 121.93
CA MET RA 73 -6.14 -4.78 121.80
C MET RA 73 -7.36 -4.73 122.70
N LYS RA 74 -8.11 -5.83 122.78
CA LYS RA 74 -9.32 -5.88 123.59
C LYS RA 74 -9.02 -5.77 125.07
N GLU RA 75 -7.91 -6.35 125.53
CA GLU RA 75 -7.56 -6.26 126.94
C GLU RA 75 -6.82 -4.99 127.30
N ASN RA 76 -6.78 -4.00 126.39
CA ASN RA 76 -6.10 -2.72 126.59
C ASN RA 76 -4.63 -2.89 126.95
N ILE RA 77 -3.95 -3.79 126.26
CA ILE RA 77 -2.51 -3.97 126.41
C ILE RA 77 -1.85 -3.32 125.20
N GLN RA 78 -1.06 -2.28 125.44
CA GLN RA 78 -0.57 -1.40 124.37
C GLN RA 78 0.88 -1.65 124.02
N LEU RA 79 1.36 -2.89 124.13
CA LEU RA 79 2.71 -3.20 123.68
C LEU RA 79 2.72 -3.25 122.16
N ASN RA 80 3.68 -2.58 121.54
CA ASN RA 80 3.69 -2.53 120.09
C ASN RA 80 4.38 -3.78 119.53
N ARG RA 81 4.43 -3.84 118.20
CA ARG RA 81 4.91 -5.04 117.52
C ARG RA 81 6.40 -5.26 117.69
N LYS RA 82 7.19 -4.19 117.80
CA LYS RA 82 8.63 -4.34 117.98
C LYS RA 82 8.95 -4.99 119.32
N VAL RA 83 8.33 -4.49 120.38
CA VAL RA 83 8.53 -5.05 121.71
C VAL RA 83 7.94 -6.45 121.80
N LEU RA 84 6.80 -6.69 121.15
CA LEU RA 84 6.22 -8.03 121.15
C LEU RA 84 7.13 -9.04 120.46
N SER RA 85 7.76 -8.65 119.34
CA SER RA 85 8.67 -9.55 118.65
C SER RA 85 9.93 -9.81 119.47
N GLU RA 86 10.45 -8.77 120.13
CA GLU RA 86 11.60 -8.97 121.01
C GLU RA 86 11.26 -9.89 122.18
N LEU RA 87 10.04 -9.78 122.71
CA LEU RA 87 9.59 -10.71 123.75
C LEU RA 87 9.46 -12.13 123.22
N SER RA 88 8.96 -12.30 122.00
CA SER RA 88 8.84 -13.63 121.42
C SER RA 88 10.20 -14.26 121.21
N MET RA 89 11.20 -13.47 120.81
CA MET RA 89 12.52 -14.02 120.61
C MET RA 89 13.25 -14.31 121.91
N HIS RA 90 13.18 -13.42 122.90
CA HIS RA 90 14.08 -13.50 124.04
C HIS RA 90 13.41 -13.88 125.36
N GLU RA 91 12.09 -13.79 125.48
CA GLU RA 91 11.36 -14.12 126.70
C GLU RA 91 10.19 -15.04 126.36
N PRO RA 92 10.44 -16.31 126.12
CA PRO RA 92 9.36 -17.18 125.63
C PRO RA 92 8.22 -17.42 126.62
N TYR RA 93 8.48 -17.40 127.93
CA TYR RA 93 7.42 -17.68 128.88
C TYR RA 93 6.51 -16.48 129.11
N SER RA 94 7.05 -15.27 129.10
CA SER RA 94 6.21 -14.08 129.13
C SER RA 94 5.38 -13.95 127.87
N PHE RA 95 5.95 -14.32 126.73
CA PHE RA 95 5.16 -14.34 125.50
C PHE RA 95 4.07 -15.40 125.54
N LYS RA 96 4.34 -16.56 126.14
CA LYS RA 96 3.30 -17.57 126.29
C LYS RA 96 2.19 -17.09 127.22
N ALA RA 97 2.55 -16.33 128.27
CA ALA RA 97 1.55 -15.73 129.14
C ALA RA 97 0.68 -14.74 128.38
N LEU RA 98 1.30 -13.91 127.52
CA LEU RA 98 0.53 -12.98 126.72
C LEU RA 98 -0.38 -13.69 125.73
N VAL RA 99 0.07 -14.80 125.16
CA VAL RA 99 -0.77 -15.59 124.25
C VAL RA 99 -1.96 -16.18 125.00
N ASP RA 100 -1.75 -16.67 126.22
CA ASP RA 100 -2.87 -17.20 127.00
C ASP RA 100 -3.87 -16.11 127.36
N VAL RA 101 -3.39 -14.93 127.73
CA VAL RA 101 -4.29 -13.82 128.05
C VAL RA 101 -5.10 -13.40 126.82
N SER RA 102 -4.44 -13.32 125.66
CA SER RA 102 -5.14 -12.96 124.43
C SER RA 102 -6.13 -14.04 124.00
N ARG RA 103 -5.82 -15.31 124.25
CA ARG RA 103 -6.76 -16.36 123.93
C ARG RA 103 -7.98 -16.32 124.82
N ASN RA 104 -7.80 -15.98 126.10
CA ASN RA 104 -8.96 -15.78 126.97
C ASN RA 104 -9.76 -14.56 126.58
N SER RA 105 -9.13 -13.53 126.02
CA SER RA 105 -9.85 -12.33 125.61
C SER RA 105 -10.64 -12.54 124.33
N PHE RA 106 -9.95 -12.85 123.22
CA PHE RA 106 -10.57 -12.97 121.90
C PHE RA 106 -10.19 -14.30 121.27
N PRO RA 107 -11.01 -15.33 121.43
CA PRO RA 107 -10.72 -16.61 120.77
C PRO RA 107 -11.01 -16.61 119.29
N GLY RA 108 -11.90 -15.75 118.82
CA GLY RA 108 -12.24 -15.72 117.41
C GLY RA 108 -13.14 -16.89 117.03
N ASN RA 109 -13.35 -17.03 115.74
CA ASN RA 109 -14.08 -18.18 115.22
C ASN RA 109 -13.11 -19.35 115.10
N LYS RA 110 -13.55 -20.42 114.42
CA LYS RA 110 -12.85 -21.71 114.35
C LYS RA 110 -12.65 -22.30 115.73
N PRO SA 109 7.46 26.22 135.79
CA PRO SA 109 7.95 25.12 136.62
C PRO SA 109 6.96 23.96 136.66
N ALA SA 110 5.76 24.23 137.18
CA ALA SA 110 4.70 23.23 137.18
C ALA SA 110 4.26 22.87 135.77
N GLU SA 111 4.37 23.81 134.83
CA GLU SA 111 4.09 23.50 133.43
C GLU SA 111 5.09 22.48 132.89
N LYS SA 112 6.38 22.70 133.13
CA LYS SA 112 7.39 21.74 132.68
C LYS SA 112 7.24 20.41 133.37
N VAL SA 113 6.87 20.42 134.66
CA VAL SA 113 6.65 19.18 135.39
C VAL SA 113 5.49 18.38 134.78
N GLU SA 114 4.37 19.05 134.51
CA GLU SA 114 3.21 18.32 134.01
C GLU SA 114 3.43 17.85 132.57
N GLU SA 115 4.12 18.64 131.74
CA GLU SA 115 4.37 18.21 130.37
C GLU SA 115 5.41 17.10 130.30
N ALA SA 116 6.43 17.13 131.16
CA ALA SA 116 7.34 16.00 131.23
C ALA SA 116 6.67 14.76 131.79
N GLU SA 117 5.65 14.92 132.63
CA GLU SA 117 4.89 13.75 133.05
C GLU SA 117 4.03 13.20 131.93
N GLU SA 118 3.52 14.07 131.06
CA GLU SA 118 2.78 13.58 129.89
C GLU SA 118 3.70 12.83 128.94
N ILE SA 119 4.94 13.31 128.78
CA ILE SA 119 5.91 12.59 127.95
C ILE SA 119 6.29 11.27 128.60
N GLY SA 120 6.56 11.28 129.90
CA GLY SA 120 6.88 10.03 130.57
C GLY SA 120 8.16 9.97 131.37
N TYR SA 121 8.62 11.09 131.92
CA TYR SA 121 9.73 11.08 132.86
C TYR SA 121 9.46 12.07 133.98
N LYS SA 122 10.20 11.92 135.07
CA LYS SA 122 10.15 12.84 136.20
C LYS SA 122 11.56 13.13 136.67
N VAL SA 123 11.91 14.41 136.75
CA VAL SA 123 13.24 14.81 137.20
C VAL SA 123 13.29 14.72 138.72
N MET SA 124 14.33 14.06 139.25
CA MET SA 124 14.45 13.85 140.68
C MET SA 124 15.65 14.54 141.29
N GLY SA 125 16.46 15.24 140.50
CA GLY SA 125 17.57 15.99 141.03
C GLY SA 125 18.91 15.56 140.47
N PRO SA 126 19.94 16.36 140.68
CA PRO SA 126 21.27 16.01 140.18
C PRO SA 126 21.90 14.88 140.97
N LEU SA 127 22.98 14.35 140.42
CA LEU SA 127 23.65 13.17 140.96
C LEU SA 127 24.88 13.63 141.74
N LYS SA 128 24.95 13.24 143.00
CA LYS SA 128 26.07 13.56 143.87
C LYS SA 128 27.19 12.53 143.69
N PRO SA 129 28.45 12.96 143.84
CA PRO SA 129 29.57 12.00 143.69
C PRO SA 129 29.62 10.95 144.80
N SER SA 130 28.94 11.18 145.93
CA SER SA 130 28.91 10.16 146.97
C SER SA 130 28.04 8.97 146.57
N GLU SA 131 27.01 9.21 145.76
CA GLU SA 131 26.07 8.17 145.39
C GLU SA 131 26.74 7.12 144.52
N ARG SA 132 26.35 5.86 144.76
CA ARG SA 132 26.84 4.72 143.99
C ARG SA 132 25.61 4.04 143.41
N LEU SA 133 25.19 4.49 142.24
CA LEU SA 133 23.94 4.04 141.65
C LEU SA 133 24.11 2.88 140.68
N PHE SA 134 25.33 2.56 140.28
CA PHE SA 134 25.55 1.60 139.20
C PHE SA 134 25.91 0.25 139.78
N LYS SA 135 24.90 -0.44 140.29
CA LYS SA 135 25.04 -1.80 140.79
C LYS SA 135 25.15 -2.77 139.61
N PRO SA 136 25.65 -4.00 139.83
CA PRO SA 136 25.75 -4.97 138.73
C PRO SA 136 24.42 -5.47 138.21
N TYR SA 137 24.48 -6.42 137.27
CA TYR SA 137 23.30 -6.89 136.55
C TYR SA 137 22.44 -7.79 137.42
N GLU SA 138 21.13 -7.56 137.39
CA GLU SA 138 20.13 -8.38 138.05
C GLU SA 138 19.08 -8.83 137.05
N PRO SA 139 18.66 -10.09 137.09
CA PRO SA 139 17.76 -10.63 136.04
C PRO SA 139 16.30 -10.27 136.20
N VAL SA 140 15.99 -8.99 135.95
CA VAL SA 140 14.62 -8.51 135.76
C VAL SA 140 14.63 -7.54 134.60
N PHE SA 141 13.48 -7.39 133.94
CA PHE SA 141 13.35 -6.44 132.84
C PHE SA 141 12.05 -5.67 132.95
N ALA SA 142 12.05 -4.47 132.37
CA ALA SA 142 10.88 -3.61 132.35
C ALA SA 142 10.76 -2.95 130.98
N ILE SA 143 9.54 -2.66 130.59
CA ILE SA 143 9.23 -2.09 129.28
C ILE SA 143 8.68 -0.69 129.52
N VAL SA 144 9.42 0.31 129.07
CA VAL SA 144 9.08 1.70 129.34
C VAL SA 144 8.81 2.41 128.03
N GLN SA 145 7.81 3.29 128.04
CA GLN SA 145 7.42 4.07 126.88
C GLN SA 145 7.78 5.53 127.14
N ILE SA 146 8.58 6.11 126.24
CA ILE SA 146 8.99 7.51 126.35
C ILE SA 146 8.58 8.18 125.05
N GLY SA 147 7.46 8.87 125.06
CA GLY SA 147 6.91 9.39 123.82
C GLY SA 147 6.19 8.28 123.08
N SER SA 148 6.53 8.09 121.81
CA SER SA 148 5.92 7.03 121.03
C SER SA 148 6.70 5.73 121.07
N HIS SA 149 7.98 5.78 121.43
CA HIS SA 149 8.84 4.61 121.37
C HIS SA 149 8.78 3.84 122.67
N GLN SA 150 8.84 2.52 122.56
CA GLN SA 150 8.84 1.63 123.72
C GLN SA 150 10.12 0.80 123.72
N PHE SA 151 10.77 0.72 124.87
CA PHE SA 151 12.02 0.00 125.02
C PHE SA 151 11.85 -1.09 126.06
N LYS SA 152 12.54 -2.22 125.83
CA LYS SA 152 12.58 -3.34 126.77
C LYS SA 152 13.97 -3.37 127.37
N VAL SA 153 14.10 -2.92 128.62
CA VAL SA 153 15.39 -2.65 129.21
C VAL SA 153 15.58 -3.47 130.48
N SER SA 154 16.84 -3.62 130.86
CA SER SA 154 17.27 -4.14 132.16
C SER SA 154 18.20 -3.10 132.78
N ASN SA 155 18.66 -3.36 134.00
CA ASN SA 155 19.57 -2.43 134.62
C ASN SA 155 20.96 -2.57 134.00
N GLY SA 156 21.62 -1.43 133.82
CA GLY SA 156 22.88 -1.37 133.11
C GLY SA 156 22.78 -1.12 131.62
N ASP SA 157 21.57 -1.12 131.06
CA ASP SA 157 21.39 -0.88 129.64
C ASP SA 157 21.50 0.61 129.33
N SER SA 158 21.41 0.94 128.05
CA SER SA 158 21.33 2.33 127.62
C SER SA 158 20.35 2.42 126.46
N ILE SA 159 19.71 3.57 126.34
CA ILE SA 159 18.75 3.83 125.28
C ILE SA 159 19.04 5.21 124.69
N PHE SA 160 18.63 5.38 123.44
CA PHE SA 160 18.70 6.67 122.75
C PHE SA 160 17.28 7.08 122.43
N THR SA 161 16.77 8.09 123.12
CA THR SA 161 15.41 8.56 122.90
C THR SA 161 15.44 9.88 122.15
N GLU SA 162 14.26 10.43 121.92
CA GLU SA 162 14.18 11.74 121.30
C GLU SA 162 14.58 12.82 122.30
N LYS SA 163 14.72 14.05 121.81
CA LYS SA 163 15.24 15.14 122.63
C LYS SA 163 14.27 15.49 123.75
N LEU SA 164 14.68 15.25 124.99
CA LEU SA 164 13.87 15.58 126.15
C LEU SA 164 14.21 16.99 126.57
N LYS SA 165 13.21 17.87 126.58
CA LYS SA 165 13.46 19.30 126.67
C LYS SA 165 13.61 19.83 128.09
N PHE SA 166 13.37 19.01 129.11
CA PHE SA 166 13.37 19.49 130.49
C PHE SA 166 14.28 18.66 131.37
N CYS SA 167 15.48 18.33 130.88
CA CYS SA 167 16.42 17.60 131.71
C CYS SA 167 17.83 17.97 131.27
N ASP SA 168 18.78 17.84 132.20
CA ASP SA 168 20.17 18.19 131.98
C ASP SA 168 21.05 16.98 132.28
N ILE SA 169 22.36 17.17 132.12
CA ILE SA 169 23.31 16.08 132.32
C ILE SA 169 23.37 15.69 133.79
N ASN SA 170 23.49 14.38 134.03
CA ASN SA 170 23.60 13.78 135.37
C ASN SA 170 22.36 14.05 136.21
N ASP SA 171 21.20 14.14 135.57
CA ASP SA 171 19.94 14.23 136.26
C ASP SA 171 19.39 12.83 136.47
N LYS SA 172 18.91 12.56 137.69
CA LYS SA 172 18.21 11.32 137.95
C LYS SA 172 16.78 11.43 137.46
N LEU SA 173 16.32 10.42 136.75
CA LEU SA 173 14.99 10.38 136.17
C LEU SA 173 14.25 9.17 136.70
N GLU SA 174 12.93 9.30 136.73
CA GLU SA 174 12.04 8.20 137.06
C GLU SA 174 11.05 8.06 135.92
N LEU SA 175 11.03 6.88 135.29
CA LEU SA 175 10.20 6.66 134.12
C LEU SA 175 8.83 6.16 134.57
N THR SA 176 7.81 6.99 134.39
CA THR SA 176 6.51 6.78 135.01
C THR SA 176 5.55 5.94 134.17
N LYS SA 177 5.93 5.53 132.98
CA LYS SA 177 5.09 4.69 132.12
C LYS SA 177 5.79 3.36 131.96
N VAL SA 178 5.40 2.37 132.76
CA VAL SA 178 5.93 1.02 132.69
C VAL SA 178 4.81 0.12 132.23
N LEU SA 179 5.02 -0.58 131.11
CA LEU SA 179 3.96 -1.36 130.49
C LEU SA 179 4.01 -2.83 130.83
N LEU SA 180 5.16 -3.38 131.19
CA LEU SA 180 5.27 -4.79 131.52
C LEU SA 180 6.45 -4.97 132.46
N LEU SA 181 6.29 -5.89 133.41
CA LEU SA 181 7.36 -6.29 134.31
C LEU SA 181 7.54 -7.79 134.20
N GLY SA 182 8.79 -8.23 134.19
CA GLY SA 182 9.07 -9.64 134.02
C GLY SA 182 10.35 -10.04 134.73
N SER SA 183 10.36 -11.28 135.19
CA SER SA 183 11.55 -11.89 135.76
C SER SA 183 11.58 -13.33 135.29
N ALA SA 184 12.43 -14.14 135.91
CA ALA SA 184 12.50 -15.55 135.55
C ALA SA 184 11.34 -16.37 136.06
N SER SA 185 10.52 -15.82 136.97
CA SER SA 185 9.46 -16.56 137.63
C SER SA 185 8.07 -16.08 137.30
N GLN SA 186 7.82 -14.78 137.25
CA GLN SA 186 6.47 -14.29 137.06
C GLN SA 186 6.49 -13.02 136.22
N THR SA 187 5.32 -12.71 135.66
CA THR SA 187 5.14 -11.58 134.76
C THR SA 187 3.97 -10.74 135.25
N ILE SA 188 4.16 -9.43 135.27
CA ILE SA 188 3.10 -8.49 135.64
C ILE SA 188 2.76 -7.66 134.43
N ILE SA 189 1.51 -7.78 133.96
CA ILE SA 189 1.06 -7.15 132.72
C ILE SA 189 0.23 -5.92 133.08
N GLY SA 190 0.70 -4.75 132.66
CA GLY SA 190 -0.01 -3.52 132.90
C GLY SA 190 -1.00 -3.22 131.80
N ARG SA 191 -2.22 -2.89 132.19
CA ARG SA 191 -3.32 -2.64 131.25
C ARG SA 191 -3.90 -1.26 131.52
N PRO SA 192 -3.29 -0.20 130.99
CA PRO SA 192 -2.11 -0.19 130.12
C PRO SA 192 -0.78 0.00 130.85
N ILE SA 193 -0.72 0.65 132.01
CA ILE SA 193 0.54 0.87 132.71
C ILE SA 193 0.44 0.29 134.12
N LEU SA 194 1.59 0.23 134.78
CA LEU SA 194 1.68 -0.19 136.17
C LEU SA 194 1.92 1.05 137.02
N PRO SA 195 0.99 1.42 137.91
CA PRO SA 195 1.25 2.58 138.77
C PRO SA 195 2.26 2.32 139.87
N ASP SA 196 2.51 1.06 140.23
CA ASP SA 196 3.42 0.70 141.30
C ASP SA 196 4.86 0.53 140.80
N ALA SA 197 5.02 0.10 139.56
CA ALA SA 197 6.35 -0.14 139.02
C ALA SA 197 7.08 1.17 138.76
N THR SA 198 8.40 1.13 138.94
CA THR SA 198 9.25 2.30 138.83
C THR SA 198 10.59 1.90 138.22
N VAL SA 199 11.06 2.67 137.25
CA VAL SA 199 12.36 2.46 136.62
C VAL SA 199 13.19 3.73 136.78
N HIS SA 200 14.40 3.58 137.28
CA HIS SA 200 15.28 4.71 137.52
C HIS SA 200 16.31 4.83 136.40
N ALA SA 201 16.56 6.07 135.98
CA ALA SA 201 17.48 6.32 134.90
C ALA SA 201 18.35 7.53 135.23
N VAL SA 202 19.41 7.72 134.46
CA VAL SA 202 20.28 8.90 134.58
C VAL SA 202 20.48 9.45 133.17
N VAL SA 203 20.33 10.77 133.02
CA VAL SA 203 20.61 11.41 131.74
C VAL SA 203 22.12 11.43 131.52
N GLU SA 204 22.55 11.18 130.28
CA GLU SA 204 23.97 11.12 129.97
C GLU SA 204 24.42 12.16 128.97
N GLU SA 205 23.71 12.34 127.85
CA GLU SA 205 24.24 13.16 126.78
C GLU SA 205 23.11 13.60 125.84
N HIS SA 206 23.15 14.87 125.43
CA HIS SA 206 22.35 15.38 124.32
C HIS SA 206 23.30 15.60 123.15
N ALA SA 207 23.04 14.93 122.04
CA ALA SA 207 23.98 15.02 120.92
C ALA SA 207 23.25 14.98 119.59
N LEU SA 208 23.82 15.69 118.61
CA LEU SA 208 23.37 15.56 117.24
C LEU SA 208 23.88 14.25 116.65
N ASP SA 209 23.15 13.75 115.64
CA ASP SA 209 23.59 12.55 114.96
C ASP SA 209 24.36 12.91 113.69
N GLU SA 210 24.74 11.89 112.91
CA GLU SA 210 25.41 12.13 111.65
C GLU SA 210 24.44 12.71 110.63
N LYS SA 211 24.95 13.61 109.80
CA LYS SA 211 24.14 14.28 108.80
C LYS SA 211 23.70 13.32 107.72
N VAL SA 212 22.40 13.33 107.40
CA VAL SA 212 21.88 12.59 106.26
C VAL SA 212 21.63 13.59 105.14
N LEU SA 213 21.69 13.12 103.91
CA LEU SA 213 21.57 13.98 102.74
C LEU SA 213 20.24 13.72 102.05
N ILE SA 214 19.44 14.76 101.93
CA ILE SA 214 18.14 14.68 101.28
C ILE SA 214 18.34 15.15 99.85
N PHE SA 215 18.27 14.23 98.90
CA PHE SA 215 18.51 14.52 97.50
C PHE SA 215 17.26 14.20 96.71
N LYS SA 216 16.76 15.17 95.96
CA LYS SA 216 15.62 14.99 95.08
C LYS SA 216 16.02 15.40 93.68
N LYS SA 217 15.61 14.61 92.69
CA LYS SA 217 16.01 14.87 91.31
C LYS SA 217 14.97 14.28 90.37
N LYS SA 218 14.54 15.05 89.39
CA LYS SA 218 13.61 14.60 88.37
C LYS SA 218 14.31 14.65 87.02
N ARG SA 219 14.38 13.51 86.35
CA ARG SA 219 15.22 13.39 85.16
C ARG SA 219 14.57 14.06 83.97
N ARG SA 220 15.40 14.68 83.13
CA ARG SA 220 15.05 15.40 81.91
C ARG SA 220 14.11 16.57 82.16
N LYS SA 221 13.94 17.00 83.41
CA LYS SA 221 13.03 18.08 83.72
C LYS SA 221 13.75 19.27 84.34
N ASN SA 222 15.08 19.22 84.45
CA ASN SA 222 15.92 20.32 84.91
C ASN SA 222 15.56 20.74 86.34
N TYR SA 223 15.69 19.79 87.26
CA TYR SA 223 15.34 20.04 88.66
C TYR SA 223 16.17 19.12 89.54
N ARG SA 224 16.88 19.68 90.51
CA ARG SA 224 17.47 18.89 91.58
C ARG SA 224 17.70 19.78 92.80
N ARG SA 225 17.61 19.18 93.98
CA ARG SA 225 17.83 19.86 95.25
C ARG SA 225 18.65 18.95 96.17
N THR SA 226 19.49 19.56 96.99
CA THR SA 226 20.19 18.84 98.04
C THR SA 226 20.13 19.63 99.34
N ARG SA 227 20.06 18.91 100.45
CA ARG SA 227 19.91 19.51 101.77
C ARG SA 227 20.24 18.46 102.81
N GLY SA 228 20.96 18.86 103.86
CA GLY SA 228 21.29 17.98 104.96
C GLY SA 228 20.33 18.12 106.13
N HIS SA 229 20.47 17.20 107.08
CA HIS SA 229 19.63 17.21 108.28
C HIS SA 229 20.37 16.50 109.41
N ARG SA 230 20.36 17.10 110.59
CA ARG SA 230 20.94 16.49 111.78
C ARG SA 230 19.89 16.47 112.89
N GLN SA 231 19.61 15.28 113.41
CA GLN SA 231 18.59 15.09 114.42
C GLN SA 231 19.27 14.92 115.78
N GLU SA 232 18.72 15.58 116.79
CA GLU SA 232 19.26 15.51 118.13
C GLU SA 232 18.64 14.36 118.92
N LEU SA 233 19.43 13.77 119.81
CA LEU SA 233 19.02 12.62 120.59
C LEU SA 233 19.52 12.76 122.02
N THR SA 234 18.82 12.09 122.92
CA THR SA 234 19.14 12.07 124.35
C THR SA 234 19.43 10.64 124.78
N LYS SA 235 20.55 10.45 125.44
CA LYS SA 235 20.98 9.13 125.90
C LYS SA 235 20.66 8.97 127.37
N LEU SA 236 20.09 7.82 127.74
CA LEU SA 236 19.75 7.53 129.12
C LEU SA 236 20.48 6.27 129.56
N ARG SA 237 20.80 6.20 130.85
CA ARG SA 237 21.42 5.02 131.45
C ARG SA 237 20.48 4.45 132.48
N ILE SA 238 20.07 3.19 132.29
CA ILE SA 238 19.13 2.55 133.20
C ILE SA 238 19.89 2.01 134.40
N THR SA 239 19.40 2.33 135.60
CA THR SA 239 20.10 1.96 136.83
C THR SA 239 19.35 0.95 137.69
N ASP SA 240 18.02 1.01 137.72
CA ASP SA 240 17.26 0.25 138.70
C ASP SA 240 15.88 -0.07 138.17
N ILE SA 241 15.36 -1.23 138.56
CA ILE SA 241 14.02 -1.67 138.21
C ILE SA 241 13.32 -2.12 139.48
N GLN SA 242 12.22 -1.46 139.83
CA GLN SA 242 11.48 -1.78 141.03
C GLN SA 242 10.05 -2.17 140.68
N GLY SA 243 9.44 -2.98 141.53
CA GLY SA 243 8.07 -3.41 141.38
C GLY SA 243 7.87 -4.90 141.33
N ILE SA 244 8.87 -5.66 140.90
CA ILE SA 244 8.77 -7.11 140.83
C ILE SA 244 9.82 -7.70 141.77
N GLU SA 245 9.50 -8.87 142.33
CA GLU SA 245 10.32 -9.47 143.38
C GLU SA 245 11.66 -9.92 142.82
N LYS SA 246 12.72 -9.18 143.18
CA LYS SA 246 14.05 -9.49 142.71
C LYS SA 246 14.59 -10.75 143.39
N PRO SA 247 15.53 -11.44 142.76
CA PRO SA 247 16.28 -12.46 143.48
C PRO SA 247 17.15 -11.85 144.57
N GLU SA 248 17.45 -12.66 145.58
CA GLU SA 248 18.32 -12.23 146.66
C GLU SA 248 19.75 -12.07 146.15
N PRO SA 249 20.58 -11.29 146.86
CA PRO SA 249 22.02 -11.30 146.53
C PRO SA 249 22.58 -12.68 146.86
N LYS SA 250 22.91 -13.43 145.82
CA LYS SA 250 23.14 -14.87 145.93
C LYS SA 250 24.63 -15.15 145.85
N ILE SA 251 25.27 -15.23 147.01
CA ILE SA 251 26.65 -15.73 147.10
C ILE SA 251 26.52 -17.23 147.31
N VAL SA 252 26.44 -17.97 146.20
CA VAL SA 252 26.22 -19.41 146.24
C VAL SA 252 27.59 -20.08 146.17
N HIS SA 253 28.15 -20.35 147.35
CA HIS SA 253 29.41 -21.07 147.44
C HIS SA 253 29.24 -22.53 147.06
N LYS TA 97 71.86 -3.98 108.45
CA LYS TA 97 71.19 -2.73 108.83
C LYS TA 97 70.14 -2.35 107.80
N ARG TA 98 70.58 -2.11 106.57
CA ARG TA 98 69.69 -1.72 105.49
C ARG TA 98 68.90 -2.94 105.01
N LYS TA 99 67.58 -2.80 104.96
CA LYS TA 99 66.74 -3.95 104.66
C LYS TA 99 66.63 -4.21 103.15
N LYS TA 100 66.49 -3.15 102.35
CA LYS TA 100 66.17 -3.29 100.94
C LYS TA 100 67.18 -2.52 100.09
N VAL TA 101 67.68 -3.15 99.04
CA VAL TA 101 68.64 -2.51 98.13
C VAL TA 101 68.07 -2.57 96.72
N GLN TA 102 68.08 -1.44 96.02
CA GLN TA 102 67.43 -1.34 94.72
C GLN TA 102 68.44 -1.02 93.63
N ALA TA 103 68.04 -1.33 92.40
CA ALA TA 103 68.81 -0.98 91.21
C ALA TA 103 67.84 -0.59 90.12
N VAL TA 104 68.09 0.54 89.49
CA VAL TA 104 67.20 1.12 88.49
C VAL TA 104 67.97 1.26 87.19
N LEU TA 105 67.35 0.85 86.08
CA LEU TA 105 67.90 1.09 84.76
C LEU TA 105 66.89 1.90 83.96
N LYS TA 106 67.32 3.03 83.42
CA LYS TA 106 66.45 3.91 82.67
C LYS TA 106 66.71 3.77 81.17
N ALA TA 107 65.76 4.29 80.39
CA ALA TA 107 65.88 4.48 78.94
C ALA TA 107 66.15 3.18 78.19
N ILE TA 108 65.46 2.10 78.57
CA ILE TA 108 65.48 0.89 77.76
C ILE TA 108 64.60 1.10 76.55
N LYS TA 109 65.12 0.78 75.37
CA LYS TA 109 64.39 1.04 74.13
C LYS TA 109 63.46 -0.11 73.75
N GLN TA 110 62.63 -0.58 74.69
CA GLN TA 110 61.67 -1.65 74.44
C GLN TA 110 60.33 -1.28 75.04
N SER TA 111 59.37 -2.12 74.82
CA SER TA 111 58.02 -1.87 75.29
C SER TA 111 57.90 -2.22 76.77
N PRO TA 112 57.17 -1.42 77.54
CA PRO TA 112 56.92 -1.77 78.94
C PRO TA 112 56.16 -3.08 79.11
N LYS TA 113 55.22 -3.40 78.21
CA LYS TA 113 54.54 -4.69 78.28
C LYS TA 113 55.50 -5.84 78.05
N LYS TA 114 56.37 -5.72 77.04
CA LYS TA 114 57.30 -6.79 76.74
C LYS TA 114 58.34 -6.97 77.83
N VAL TA 115 58.77 -5.88 78.47
CA VAL TA 115 59.72 -6.00 79.57
C VAL TA 115 59.05 -6.61 80.80
N ASN TA 116 57.82 -6.16 81.11
CA ASN TA 116 57.11 -6.70 82.27
C ASN TA 116 56.73 -8.16 82.09
N LEU TA 117 56.58 -8.63 80.84
CA LEU TA 117 56.27 -10.04 80.61
C LEU TA 117 57.37 -10.97 81.11
N VAL TA 118 58.62 -10.50 81.16
CA VAL TA 118 59.74 -11.30 81.65
C VAL TA 118 59.99 -10.93 83.10
N ALA TA 119 59.74 -9.67 83.46
CA ALA TA 119 59.98 -9.25 84.85
C ALA TA 119 59.02 -9.91 85.82
N ALA TA 120 57.80 -10.24 85.37
CA ALA TA 120 56.85 -10.90 86.25
C ALA TA 120 57.18 -12.37 86.47
N LEU TA 121 58.06 -12.94 85.64
CA LEU TA 121 58.45 -14.34 85.80
C LEU TA 121 59.34 -14.53 87.02
N VAL TA 122 60.19 -13.54 87.31
CA VAL TA 122 61.26 -13.70 88.30
C VAL TA 122 60.91 -13.07 89.64
N ARG TA 123 59.67 -12.66 89.84
CA ARG TA 123 59.31 -12.01 91.10
C ARG TA 123 59.24 -13.05 92.21
N GLY TA 124 59.91 -12.75 93.33
CA GLY TA 124 59.91 -13.67 94.45
C GLY TA 124 60.85 -14.83 94.32
N MET TA 125 61.69 -14.85 93.29
CA MET TA 125 62.68 -15.90 93.12
C MET TA 125 63.97 -15.55 93.86
N ARG TA 126 64.76 -16.56 94.15
CA ARG TA 126 66.11 -16.29 94.61
C ARG TA 126 66.94 -15.79 93.44
N VAL TA 127 68.01 -15.06 93.77
CA VAL TA 127 68.76 -14.33 92.75
C VAL TA 127 69.50 -15.30 91.82
N GLU TA 128 70.17 -16.30 92.38
CA GLU TA 128 70.92 -17.24 91.57
C GLU TA 128 70.03 -18.24 90.84
N ASP TA 129 68.74 -18.32 91.17
CA ASP TA 129 67.82 -19.13 90.39
C ASP TA 129 67.20 -18.31 89.26
N ALA TA 130 66.88 -17.05 89.54
CA ALA TA 130 66.39 -16.16 88.49
C ALA TA 130 67.45 -15.93 87.43
N LEU TA 131 68.71 -15.80 87.82
CA LEU TA 131 69.79 -15.63 86.86
C LEU TA 131 69.94 -16.85 85.96
N MET TA 132 69.66 -18.03 86.49
CA MET TA 132 69.74 -19.23 85.64
C MET TA 132 68.55 -19.33 84.72
N GLN TA 133 67.35 -18.95 85.20
CA GLN TA 133 66.17 -19.03 84.34
C GLN TA 133 66.22 -18.01 83.21
N LEU TA 134 66.82 -16.85 83.45
CA LEU TA 134 66.93 -15.85 82.39
C LEU TA 134 67.94 -16.21 81.32
N GLN TA 135 68.76 -17.23 81.53
CA GLN TA 135 69.71 -17.69 80.53
C GLN TA 135 69.18 -18.83 79.68
N VAL TA 136 68.00 -19.37 80.02
CA VAL TA 136 67.32 -20.32 79.17
C VAL TA 136 65.98 -19.81 78.69
N THR TA 137 65.55 -18.64 79.13
CA THR TA 137 64.40 -17.96 78.54
C THR TA 137 64.85 -17.22 77.28
N VAL TA 138 64.20 -17.49 76.16
CA VAL TA 138 64.58 -16.93 74.87
C VAL TA 138 63.68 -15.73 74.62
N LYS TA 139 64.11 -14.56 75.09
CA LYS TA 139 63.41 -13.31 74.88
C LYS TA 139 64.45 -12.20 74.78
N ARG TA 140 64.05 -11.06 74.21
CA ARG TA 140 64.97 -9.94 74.09
C ARG TA 140 65.19 -9.27 75.44
N ALA TA 141 64.17 -9.24 76.29
CA ALA TA 141 64.26 -8.57 77.58
C ALA TA 141 65.01 -9.36 78.64
N SER TA 142 65.35 -10.62 78.35
CA SER TA 142 66.04 -11.45 79.31
C SER TA 142 67.42 -10.90 79.65
N HIS TA 143 68.14 -10.39 78.66
CA HIS TA 143 69.44 -9.78 78.92
C HIS TA 143 69.31 -8.53 79.78
N THR TA 144 68.29 -7.72 79.56
CA THR TA 144 68.11 -6.51 80.34
C THR TA 144 67.77 -6.82 81.79
N VAL TA 145 66.87 -7.77 82.02
CA VAL TA 145 66.55 -8.14 83.39
C VAL TA 145 67.73 -8.84 84.07
N TYR TA 146 68.54 -9.57 83.30
CA TYR TA 146 69.79 -10.11 83.81
C TYR TA 146 70.73 -9.01 84.29
N ARG TA 147 70.90 -7.96 83.48
CA ARG TA 147 71.78 -6.86 83.87
C ARG TA 147 71.29 -6.16 85.12
N VAL TA 148 69.99 -5.92 85.24
CA VAL TA 148 69.50 -5.19 86.40
C VAL TA 148 69.59 -6.03 87.67
N ILE TA 149 69.31 -7.34 87.57
CA ILE TA 149 69.45 -8.20 88.76
C ILE TA 149 70.90 -8.31 89.18
N HIS TA 150 71.81 -8.41 88.19
CA HIS TA 150 73.24 -8.45 88.49
C HIS TA 150 73.70 -7.19 89.20
N ALA TA 151 73.25 -6.03 88.73
CA ALA TA 151 73.62 -4.78 89.36
C ALA TA 151 73.02 -4.65 90.74
N ALA TA 152 71.82 -5.18 90.97
CA ALA TA 152 71.23 -5.13 92.30
C ALA TA 152 72.02 -5.96 93.30
N ARG TA 153 72.42 -7.17 92.89
CA ARG TA 153 73.25 -8.00 93.76
C ARG TA 153 74.60 -7.33 94.04
N ALA TA 154 75.19 -6.71 93.03
CA ALA TA 154 76.45 -6.01 93.23
C ALA TA 154 76.33 -4.83 94.18
N ASN TA 155 75.25 -4.05 94.05
CA ASN TA 155 75.03 -2.93 94.96
C ASN TA 155 74.84 -3.40 96.39
N ALA TA 156 74.06 -4.47 96.58
CA ALA TA 156 73.83 -5.00 97.91
C ALA TA 156 75.11 -5.56 98.52
N SER TA 157 75.96 -6.17 97.70
CA SER TA 157 77.21 -6.70 98.22
C SER TA 157 78.20 -5.59 98.57
N HIS TA 158 78.37 -4.62 97.68
CA HIS TA 158 79.48 -3.69 97.81
C HIS TA 158 79.14 -2.48 98.66
N ASN TA 159 77.98 -1.86 98.43
CA ASN TA 159 77.74 -0.57 99.07
C ASN TA 159 77.14 -0.69 100.46
N HIS TA 160 76.29 -1.69 100.70
CA HIS TA 160 75.51 -1.73 101.93
C HIS TA 160 75.78 -2.98 102.77
N GLY TA 161 76.79 -3.77 102.41
CA GLY TA 161 77.22 -4.89 103.24
C GLY TA 161 76.22 -6.00 103.44
N LEU TA 162 75.56 -6.45 102.37
CA LEU TA 162 74.62 -7.56 102.44
C LEU TA 162 75.27 -8.81 101.87
N ASP TA 163 74.72 -9.96 102.24
CA ASP TA 163 75.29 -11.23 101.83
C ASP TA 163 74.72 -11.65 100.48
N PRO TA 164 75.55 -11.83 99.45
CA PRO TA 164 75.00 -12.14 98.11
C PRO TA 164 74.42 -13.54 97.98
N ASP TA 165 74.83 -14.50 98.81
CA ASP TA 165 74.29 -15.83 98.71
C ASP TA 165 72.87 -15.94 99.26
N ARG TA 166 72.42 -14.93 100.01
CA ARG TA 166 71.11 -14.99 100.63
C ARG TA 166 70.27 -13.79 100.22
N LEU TA 167 70.18 -13.53 98.93
CA LEU TA 167 69.35 -12.45 98.42
C LEU TA 167 68.13 -13.03 97.73
N ILE TA 168 66.99 -12.39 97.94
CA ILE TA 168 65.74 -12.76 97.28
C ILE TA 168 65.19 -11.48 96.66
N ILE TA 169 64.45 -11.67 95.56
CA ILE TA 169 63.94 -10.57 94.75
C ILE TA 169 62.59 -10.17 95.32
N ALA TA 170 62.56 -9.10 96.09
CA ALA TA 170 61.31 -8.64 96.68
C ALA TA 170 60.40 -8.05 95.63
N GLU TA 171 60.92 -7.13 94.80
CA GLU TA 171 60.07 -6.45 93.82
C GLU TA 171 60.81 -6.30 92.50
N ALA TA 172 60.05 -6.26 91.41
CA ALA TA 172 60.63 -6.02 90.09
C ALA TA 172 59.52 -5.45 89.22
N PHE TA 173 59.58 -4.14 88.95
CA PHE TA 173 58.49 -3.48 88.25
C PHE TA 173 59.01 -2.51 87.19
N VAL TA 174 58.09 -2.13 86.31
CA VAL TA 174 58.39 -1.42 85.07
C VAL TA 174 57.64 -0.10 85.07
N GLY TA 175 58.34 0.99 84.73
CA GLY TA 175 57.73 2.29 84.54
C GLY TA 175 57.95 2.80 83.12
N LYS TA 176 57.15 3.78 82.75
CA LYS TA 176 57.23 4.33 81.41
C LYS TA 176 58.42 5.28 81.28
N GLY TA 177 58.68 5.71 80.05
CA GLY TA 177 59.69 6.72 79.82
C GLY TA 177 59.29 7.70 78.74
N LEU TA 178 60.27 8.26 78.04
CA LEU TA 178 60.00 9.26 77.01
C LEU TA 178 59.59 8.55 75.73
N PHE TA 179 58.32 8.65 75.38
CA PHE TA 179 57.80 8.06 74.16
C PHE TA 179 58.03 8.99 72.99
N LYS TA 180 58.41 8.44 71.84
CA LYS TA 180 58.70 9.24 70.65
C LYS TA 180 57.58 9.11 69.65
N LYS TA 181 57.06 10.24 69.18
CA LYS TA 181 55.87 10.27 68.33
C LYS TA 181 56.27 10.44 66.88
N ARG TA 182 55.96 9.44 66.06
CA ARG TA 182 56.13 9.48 64.61
C ARG TA 182 54.76 9.35 63.96
N ILE TA 183 54.73 9.50 62.64
CA ILE TA 183 53.50 9.42 61.87
C ILE TA 183 53.54 8.18 61.00
N SER TA 184 52.47 7.40 61.03
CA SER TA 184 52.32 6.24 60.16
C SER TA 184 51.43 6.66 59.00
N ILE TA 185 51.79 6.24 57.80
CA ILE TA 185 51.11 6.67 56.58
C ILE TA 185 50.33 5.48 56.02
N HIS TA 186 49.01 5.59 55.94
CA HIS TA 186 48.17 4.56 55.38
C HIS TA 186 47.93 4.85 53.91
N GLY TA 187 47.13 4.01 53.28
CA GLY TA 187 46.71 4.28 51.92
C GLY TA 187 45.58 5.27 51.89
N LYS TA 188 45.24 5.70 50.68
CA LYS TA 188 44.13 6.63 50.41
C LYS TA 188 44.31 7.97 51.13
N GLY TA 189 45.55 8.40 51.33
CA GLY TA 189 45.81 9.72 51.85
C GLY TA 189 45.56 9.91 53.33
N LYS TA 190 45.54 8.85 54.11
CA LYS TA 190 45.26 8.94 55.53
C LYS TA 190 46.50 8.63 56.36
N CYS TA 191 46.43 8.98 57.64
CA CYS TA 191 47.58 8.79 58.51
C CYS TA 191 47.10 8.42 59.91
N GLY TA 192 47.99 7.76 60.66
CA GLY TA 192 47.77 7.46 62.05
C GLY TA 192 48.90 8.02 62.89
N LEU TA 193 49.15 7.43 64.06
CA LEU TA 193 50.20 7.91 64.95
C LEU TA 193 50.95 6.70 65.50
N MET TA 194 52.27 6.67 65.29
CA MET TA 194 53.10 5.57 65.72
C MET TA 194 53.97 6.02 66.88
N ILE TA 195 54.24 5.12 67.81
CA ILE TA 195 54.96 5.42 69.04
C ILE TA 195 56.17 4.51 69.14
N ARG TA 196 57.34 5.09 69.35
CA ARG TA 196 58.51 4.32 69.74
C ARG TA 196 58.65 4.41 71.25
N PRO TA 197 58.54 3.29 71.97
CA PRO TA 197 58.44 3.35 73.43
C PRO TA 197 59.79 3.29 74.12
N GLU TA 198 59.76 3.65 75.39
CA GLU TA 198 60.92 3.55 76.27
C GLU TA 198 60.42 3.25 77.67
N CYS TA 199 61.23 2.51 78.43
CA CYS TA 199 60.80 2.11 79.76
C CYS TA 199 61.95 2.27 80.74
N ARG TA 200 61.64 1.98 82.00
CA ARG TA 200 62.64 1.87 83.06
C ARG TA 200 62.28 0.65 83.89
N LEU TA 201 63.31 0.00 84.43
CA LEU TA 201 63.15 -1.21 85.21
C LEU TA 201 63.72 -0.99 86.60
N THR TA 202 63.00 -1.44 87.62
CA THR TA 202 63.47 -1.33 89.00
C THR TA 202 63.41 -2.69 89.64
N VAL TA 203 64.53 -3.10 90.26
CA VAL TA 203 64.63 -4.39 90.94
C VAL TA 203 65.06 -4.13 92.38
N ILE TA 204 64.28 -4.64 93.32
CA ILE TA 204 64.52 -4.46 94.75
C ILE TA 204 64.75 -5.83 95.37
N VAL TA 205 65.86 -5.97 96.10
CA VAL TA 205 66.26 -7.23 96.71
C VAL TA 205 66.41 -7.05 98.22
N ARG TA 206 66.32 -8.16 98.93
CA ARG TA 206 66.45 -8.18 100.39
C ARG TA 206 67.07 -9.50 100.82
N GLU TA 207 67.43 -9.58 102.09
CA GLU TA 207 68.00 -10.82 102.62
C GLU TA 207 66.91 -11.79 103.02
N THR TA 208 67.13 -13.07 102.73
CA THR TA 208 66.15 -14.09 103.09
C THR TA 208 66.14 -14.30 104.59
N THR TA 209 64.94 -14.35 105.16
CA THR TA 209 64.81 -14.57 106.59
C THR TA 209 65.15 -16.02 106.93
N PRO TA 210 65.57 -16.30 108.18
CA PRO TA 210 65.79 -17.70 108.58
C PRO TA 210 64.54 -18.55 108.52
N GLU TA 211 63.37 -17.98 108.78
CA GLU TA 211 62.13 -18.73 108.63
C GLU TA 211 61.89 -19.12 107.17
N GLU TA 212 62.20 -18.21 106.23
CA GLU TA 212 62.09 -18.55 104.82
C GLU TA 212 63.12 -19.59 104.40
N GLU TA 213 64.30 -19.57 105.03
CA GLU TA 213 65.28 -20.62 104.77
C GLU TA 213 64.79 -21.98 105.23
N ALA TA 214 64.13 -22.02 106.39
CA ALA TA 214 63.48 -23.26 106.83
C ALA TA 214 62.37 -23.68 105.88
N GLU TA 215 61.63 -22.71 105.32
CA GLU TA 215 60.61 -23.03 104.31
C GLU TA 215 61.23 -23.66 103.07
N ILE TA 216 62.35 -23.12 102.61
CA ILE TA 216 63.03 -23.65 101.42
C ILE TA 216 63.53 -25.06 101.69
N ALA TA 217 64.11 -25.29 102.87
CA ALA TA 217 64.57 -26.64 103.23
C ALA TA 217 63.41 -27.62 103.33
N ARG TA 218 62.25 -27.17 103.81
CA ARG TA 218 61.08 -28.03 103.82
C ARG TA 218 60.56 -28.29 102.41
N LEU TA 219 60.66 -27.31 101.52
CA LEU TA 219 60.18 -27.51 100.16
C LEU TA 219 61.07 -28.42 99.35
N LYS TA 220 62.37 -28.49 99.67
CA LYS TA 220 63.28 -29.28 98.85
C LYS TA 220 63.21 -30.78 99.13
N VAL TA 221 62.50 -31.22 100.17
CA VAL TA 221 62.32 -32.65 100.37
C VAL TA 221 61.27 -33.14 99.37
N HIS TA 222 61.30 -34.43 99.07
CA HIS TA 222 60.40 -34.99 98.07
C HIS TA 222 58.98 -35.12 98.62
N ASN TA 223 58.02 -34.61 97.85
CA ASN TA 223 56.61 -34.77 98.15
C ASN TA 223 55.85 -34.66 96.84
N PHE TA 224 54.64 -35.20 96.82
CA PHE TA 224 53.78 -35.16 95.65
C PHE TA 224 52.85 -33.96 95.66
N LYS TA 225 53.03 -33.05 96.61
CA LYS TA 225 52.05 -32.00 96.85
C LYS TA 225 52.04 -30.97 95.73
N LYS TA 226 50.84 -30.44 95.47
CA LYS TA 226 50.71 -29.29 94.60
C LYS TA 226 51.27 -28.05 95.30
N LEU TA 227 52.11 -27.30 94.60
CA LEU TA 227 52.74 -26.12 95.17
C LEU TA 227 51.98 -24.87 94.73
N THR TA 228 51.85 -23.91 95.65
CA THR TA 228 51.29 -22.62 95.31
C THR TA 228 52.32 -21.80 94.53
N LYS TA 229 51.93 -20.61 94.10
CA LYS TA 229 52.85 -19.81 93.29
C LYS TA 229 54.05 -19.33 94.09
N ARG TA 230 53.86 -18.99 95.37
CA ARG TA 230 54.98 -18.57 96.19
C ARG TA 230 55.99 -19.70 96.40
N GLU TA 231 55.52 -20.90 96.72
CA GLU TA 231 56.41 -22.03 96.91
C GLU TA 231 57.04 -22.49 95.60
N ARG TA 232 56.31 -22.40 94.49
CA ARG TA 232 56.88 -22.76 93.20
C ARG TA 232 57.94 -21.75 92.76
N ARG TA 233 57.74 -20.45 93.05
CA ARG TA 233 58.79 -19.49 92.77
C ARG TA 233 59.98 -19.65 93.70
N LEU TA 234 59.77 -20.17 94.92
CA LEU TA 234 60.90 -20.44 95.80
C LEU TA 234 61.68 -21.67 95.36
N ASN TA 235 61.02 -22.67 94.77
CA ASN TA 235 61.68 -23.88 94.30
C ASN TA 235 61.35 -24.06 92.83
N PRO TA 236 62.06 -23.39 91.92
CA PRO TA 236 61.60 -23.32 90.53
C PRO TA 236 62.04 -24.47 89.63
N HIS TA 237 63.17 -25.09 89.91
CA HIS TA 237 63.71 -26.07 88.96
C HIS TA 237 64.68 -27.00 89.68
N LYS TA 238 65.09 -28.04 88.95
CA LYS TA 238 66.13 -28.97 89.41
C LYS TA 238 67.42 -28.66 88.68
N LEU TA 239 68.45 -28.26 89.42
CA LEU TA 239 69.74 -27.97 88.83
C LEU TA 239 70.57 -29.24 88.76
N ILE TA 240 71.07 -29.55 87.58
CA ILE TA 240 71.83 -30.76 87.32
C ILE TA 240 73.19 -30.35 86.76
N GLU TA 241 74.26 -30.80 87.40
CA GLU TA 241 75.60 -30.48 86.97
C GLU TA 241 76.21 -31.71 86.31
N THR TA 242 76.72 -31.53 85.09
CA THR TA 242 77.31 -32.61 84.33
C THR TA 242 78.72 -32.25 83.90
N THR TA 243 79.55 -33.26 83.76
CA THR TA 243 80.90 -33.11 83.25
C THR TA 243 81.01 -33.75 81.88
N PRO TA 244 81.74 -33.15 80.95
CA PRO TA 244 81.95 -33.80 79.65
C PRO TA 244 82.91 -34.98 79.81
N ILE TA 245 82.56 -36.09 79.18
CA ILE TA 245 83.37 -37.31 79.26
C ILE TA 245 83.64 -37.78 77.84
N TRP TA 246 84.92 -37.79 77.46
CA TRP TA 246 85.31 -38.31 76.16
C TRP TA 246 85.40 -39.83 76.22
N ASN TA 247 84.94 -40.47 75.15
CA ASN TA 247 85.01 -41.93 74.96
C ASN TA 247 84.30 -42.68 76.08
N ARG TA 248 83.16 -42.17 76.50
CA ARG TA 248 82.27 -42.96 77.33
C ARG TA 248 81.80 -44.13 76.48
N ARG TA 249 82.22 -45.35 76.84
CA ARG TA 249 82.26 -46.45 75.89
C ARG TA 249 80.85 -46.94 75.55
N GLY TA 250 80.21 -46.18 74.68
CA GLY TA 250 78.85 -46.50 74.31
C GLY TA 250 78.32 -45.50 73.32
N THR TA 251 77.00 -45.50 73.18
CA THR TA 251 76.32 -44.67 72.20
C THR TA 251 74.88 -44.43 72.62
N GLY UA 2 104.43 57.20 35.66
CA GLY UA 2 103.26 58.05 35.59
C GLY UA 2 102.07 57.35 34.97
N SER UA 3 101.03 58.13 34.65
CA SER UA 3 99.81 57.55 34.11
C SER UA 3 99.91 57.18 32.63
N ARG UA 4 100.94 57.65 31.93
CA ARG UA 4 101.10 57.27 30.53
C ARG UA 4 101.60 55.84 30.37
N LEU UA 5 102.03 55.20 31.45
CA LEU UA 5 102.60 53.86 31.35
C LEU UA 5 101.53 52.81 31.06
N GLY UA 6 100.34 52.97 31.62
CA GLY UA 6 99.27 52.01 31.39
C GLY UA 6 97.97 52.49 31.96
N ARG UA 7 96.89 51.86 31.49
CA ARG UA 7 95.57 52.14 32.03
C ARG UA 7 95.33 51.48 33.38
N ARG UA 8 95.90 50.29 33.60
CA ARG UA 8 95.72 49.54 34.83
C ARG UA 8 97.10 49.26 35.42
N VAL UA 9 97.53 50.10 36.36
CA VAL UA 9 98.81 49.93 37.04
C VAL UA 9 98.53 49.82 38.52
N VAL UA 10 99.02 48.75 39.15
CA VAL UA 10 98.75 48.44 40.55
C VAL UA 10 100.06 48.53 41.31
N HIS UA 11 100.10 49.42 42.32
CA HIS UA 11 101.28 49.57 43.16
C HIS UA 11 101.18 48.85 44.49
N PHE UA 12 99.96 48.60 44.98
CA PHE UA 12 99.74 47.93 46.25
C PHE UA 12 98.77 46.78 45.98
N ALA UA 13 99.30 45.63 45.61
CA ALA UA 13 98.47 44.45 45.44
C ALA UA 13 98.02 43.93 46.80
N ASN UA 14 96.84 43.32 46.82
CA ASN UA 14 96.34 42.70 48.06
C ASN UA 14 95.66 41.37 47.79
N LEU UA 15 96.12 40.61 46.82
CA LEU UA 15 95.47 39.35 46.49
C LEU UA 15 95.91 38.28 47.48
N PRO UA 16 94.99 37.68 48.25
CA PRO UA 16 95.38 36.68 49.24
C PRO UA 16 95.50 35.29 48.61
N ILE UA 17 96.63 34.64 48.84
CA ILE UA 17 96.94 33.34 48.26
C ILE UA 17 97.25 32.39 49.41
N LYS UA 18 96.50 31.28 49.49
CA LYS UA 18 96.69 30.30 50.54
C LYS UA 18 97.09 28.98 49.89
N LEU UA 19 98.32 28.54 50.14
CA LEU UA 19 98.85 27.36 49.46
C LEU UA 19 98.31 26.08 50.10
N LEU UA 20 97.97 25.11 49.26
CA LEU UA 20 97.56 23.80 49.75
C LEU UA 20 98.76 22.87 49.76
N MET UA 21 98.88 22.08 50.82
CA MET UA 21 100.04 21.22 51.01
C MET UA 21 100.04 20.08 50.01
N PRO UA 22 101.06 19.95 49.18
CA PRO UA 22 101.07 18.87 48.18
C PRO UA 22 101.35 17.51 48.81
N THR UA 23 101.08 16.48 48.02
CA THR UA 23 101.17 15.10 48.51
C THR UA 23 102.63 14.67 48.69
N LYS UA 24 103.48 14.99 47.72
CA LYS UA 24 104.87 14.59 47.74
C LYS UA 24 105.77 15.80 48.02
N LEU UA 25 106.94 15.52 48.56
CA LEU UA 25 107.88 16.57 48.95
C LEU UA 25 108.92 16.89 47.88
N THR UA 26 109.20 15.95 46.98
CA THR UA 26 110.18 16.13 45.92
C THR UA 26 109.50 16.02 44.57
N ASN UA 27 110.11 16.69 43.58
CA ASN UA 27 109.68 16.66 42.18
C ASN UA 27 108.25 17.19 42.03
N ILE UA 28 108.04 18.40 42.53
CA ILE UA 28 106.73 19.03 42.46
C ILE UA 28 106.60 19.73 41.11
N HIS UA 29 105.62 19.32 40.32
CA HIS UA 29 105.40 19.91 39.00
C HIS UA 29 104.22 20.87 38.98
N GLU UA 30 103.31 20.77 39.95
CA GLU UA 30 102.22 21.73 40.05
C GLU UA 30 101.80 21.83 41.51
N PHE UA 31 101.11 22.92 41.83
CA PHE UA 31 100.61 23.11 43.19
C PHE UA 31 99.27 23.84 43.14
N ALA UA 32 98.50 23.69 44.21
CA ALA UA 32 97.18 24.28 44.28
C ALA UA 32 97.11 25.35 45.36
N LEU UA 33 96.18 26.28 45.18
CA LEU UA 33 96.02 27.38 46.12
C LEU UA 33 94.56 27.82 46.18
N ARG UA 34 94.22 28.56 47.23
CA ARG UA 34 92.90 29.12 47.43
C ARG UA 34 92.98 30.63 47.47
N THR UA 35 91.98 31.29 46.88
CA THR UA 35 91.95 32.75 46.81
C THR UA 35 90.49 33.20 46.71
N ILE UA 36 90.28 34.51 46.54
CA ILE UA 36 88.95 35.11 46.50
C ILE UA 36 88.30 34.81 45.15
N PRO UA 37 86.97 34.75 45.06
CA PRO UA 37 86.34 34.36 43.79
C PRO UA 37 86.49 35.37 42.66
N SER UA 38 86.88 36.62 42.94
CA SER UA 38 86.99 37.63 41.90
C SER UA 38 88.39 37.73 41.32
N ALA UA 39 89.17 36.67 41.37
CA ALA UA 39 90.50 36.65 40.80
C ALA UA 39 90.47 35.97 39.44
N THR UA 40 91.39 36.38 38.57
CA THR UA 40 91.45 35.93 37.19
C THR UA 40 92.77 35.19 36.99
N LYS UA 41 92.82 34.35 35.96
CA LYS UA 41 94.03 33.59 35.65
C LYS UA 41 95.21 34.53 35.38
N ILE UA 42 94.98 35.61 34.65
CA ILE UA 42 96.06 36.54 34.36
C ILE UA 42 96.52 37.27 35.62
N GLU UA 43 95.59 37.62 36.52
CA GLU UA 43 95.96 38.26 37.77
C GLU UA 43 96.79 37.34 38.66
N ILE UA 44 96.37 36.08 38.78
CA ILE UA 44 97.10 35.13 39.62
C ILE UA 44 98.49 34.85 39.03
N LYS UA 45 98.57 34.68 37.72
CA LYS UA 45 99.86 34.42 37.09
C LYS UA 45 100.82 35.59 37.24
N ARG UA 46 100.32 36.82 37.06
CA ARG UA 46 101.22 37.97 37.17
C ARG UA 46 101.61 38.25 38.61
N VAL UA 47 100.70 38.07 39.59
CA VAL UA 47 101.09 38.24 40.98
C VAL UA 47 102.12 37.21 41.39
N LEU UA 48 101.92 35.95 40.98
CA LEU UA 48 102.87 34.90 41.35
C LEU UA 48 104.21 35.08 40.66
N GLU UA 49 104.23 35.61 39.44
CA GLU UA 49 105.51 35.83 38.79
C GLU UA 49 106.25 37.03 39.37
N SER UA 50 105.53 38.13 39.65
CA SER UA 50 106.22 39.35 40.04
C SER UA 50 106.59 39.36 41.52
N LEU UA 51 105.71 38.84 42.39
CA LEU UA 51 105.93 38.95 43.82
C LEU UA 51 106.85 37.87 44.36
N TYR UA 52 106.72 36.63 43.90
CA TYR UA 52 107.46 35.52 44.47
C TYR UA 52 108.58 35.00 43.59
N GLY UA 53 108.56 35.26 42.29
CA GLY UA 53 109.61 34.78 41.42
C GLY UA 53 109.38 33.41 40.83
N PHE UA 54 108.13 32.99 40.70
CA PHE UA 54 107.81 31.73 40.07
C PHE UA 54 108.02 31.79 38.57
N GLU UA 55 108.15 30.63 37.96
CA GLU UA 55 108.18 30.49 36.51
C GLU UA 55 106.90 29.73 36.13
N VAL UA 56 105.82 30.49 35.94
CA VAL UA 56 104.49 29.92 35.76
C VAL UA 56 104.30 29.56 34.29
N GLU UA 57 103.76 28.38 34.04
CA GLU UA 57 103.45 27.93 32.69
C GLU UA 57 101.97 28.08 32.35
N LYS UA 58 101.09 27.62 33.22
CA LYS UA 58 99.65 27.67 33.00
C LYS UA 58 98.95 27.72 34.35
N VAL UA 59 97.78 28.36 34.37
CA VAL UA 59 96.96 28.47 35.57
C VAL UA 59 95.56 27.96 35.26
N ASN UA 60 95.05 27.05 36.08
CA ASN UA 60 93.73 26.47 35.89
C ASN UA 60 92.90 26.70 37.15
N THR UA 61 91.68 27.22 36.99
CA THR UA 61 90.86 27.63 38.12
C THR UA 61 89.56 26.84 38.18
N LEU UA 62 88.92 26.88 39.34
CA LEU UA 62 87.58 26.32 39.55
C LEU UA 62 86.95 27.00 40.75
N ASN UA 63 85.63 27.09 40.73
CA ASN UA 63 84.88 27.72 41.80
C ASN UA 63 84.30 26.69 42.76
N MET UA 64 84.20 27.07 44.02
CA MET UA 64 83.64 26.22 45.06
C MET UA 64 82.64 27.01 45.88
N ASP UA 65 81.63 26.33 46.40
CA ASP UA 65 80.72 26.92 47.37
C ASP UA 65 81.27 26.74 48.77
N GLY UA 66 80.91 27.66 49.66
CA GLY UA 66 81.30 27.53 51.04
C GLY UA 66 80.53 26.44 51.75
N LYS UA 67 81.09 25.97 52.85
CA LYS UA 67 80.43 24.93 53.62
C LYS UA 67 79.25 25.51 54.39
N LYS UA 68 78.17 24.74 54.47
CA LYS UA 68 76.93 25.21 55.07
C LYS UA 68 76.45 24.19 56.09
N LYS UA 69 75.72 24.69 57.08
CA LYS UA 69 75.03 23.85 58.05
C LYS UA 69 73.65 24.45 58.28
N LYS UA 70 72.62 23.62 58.14
CA LYS UA 70 71.24 24.04 58.34
C LYS UA 70 70.59 23.12 59.36
N ARG UA 71 69.94 23.71 60.35
CA ARG UA 71 69.30 22.98 61.42
C ARG UA 71 67.83 23.36 61.54
N GLY UA 72 67.15 23.46 60.40
CA GLY UA 72 65.75 23.82 60.37
C GLY UA 72 65.46 25.27 60.71
N GLY UA 73 65.85 26.18 59.83
CA GLY UA 73 65.58 27.58 60.05
C GLY UA 73 66.82 28.39 60.35
N LEU UA 74 67.73 27.82 61.12
CA LEU UA 74 69.02 28.42 61.37
C LEU UA 74 70.00 27.93 60.32
N LEU UA 75 70.71 28.87 59.70
CA LEU UA 75 71.67 28.54 58.66
C LEU UA 75 72.99 29.26 58.95
N ILE UA 76 74.08 28.50 59.01
CA ILE UA 76 75.41 29.09 59.15
C ILE UA 76 76.26 28.62 57.98
N ALA UA 77 77.21 29.45 57.57
CA ALA UA 77 77.94 29.17 56.34
C ALA UA 77 79.31 29.82 56.37
N LYS UA 78 80.16 29.34 55.48
CA LYS UA 78 81.49 29.90 55.22
C LYS UA 78 81.50 30.55 53.84
N ALA UA 79 82.53 31.35 53.61
CA ALA UA 79 82.62 32.13 52.38
C ALA UA 79 83.05 31.27 51.20
N ASP UA 80 82.61 31.68 50.02
CA ASP UA 80 83.00 31.00 48.79
C ASP UA 80 84.45 31.31 48.45
N TYR UA 81 85.11 30.37 47.79
CA TYR UA 81 86.52 30.54 47.45
C TYR UA 81 86.75 30.06 46.02
N LYS UA 82 87.97 30.31 45.54
CA LYS UA 82 88.38 29.89 44.21
C LYS UA 82 89.67 29.11 44.33
N LYS UA 83 89.73 27.95 43.69
CA LYS UA 83 90.90 27.09 43.76
C LYS UA 83 91.64 27.15 42.44
N ALA UA 84 92.97 27.30 42.50
CA ALA UA 84 93.79 27.45 41.32
C ALA UA 84 94.92 26.44 41.32
N TYR UA 85 95.16 25.86 40.16
CA TYR UA 85 96.29 24.96 39.93
C TYR UA 85 97.33 25.70 39.10
N VAL UA 86 98.57 25.72 39.57
CA VAL UA 86 99.66 26.40 38.88
C VAL UA 86 100.69 25.35 38.51
N THR UA 87 101.06 25.32 37.23
CA THR UA 87 102.02 24.36 36.69
C THR UA 87 103.36 25.07 36.48
N LEU UA 88 104.43 24.47 37.00
CA LEU UA 88 105.75 25.06 36.94
C LEU UA 88 106.52 24.54 35.72
N LYS UA 89 107.47 25.36 35.25
CA LYS UA 89 108.33 24.91 34.16
C LYS UA 89 109.44 23.98 34.63
N ASN UA 90 109.96 24.20 35.83
CA ASN UA 90 110.97 23.33 36.39
C ASN UA 90 110.49 22.78 37.73
N PRO UA 91 110.78 21.52 38.03
CA PRO UA 91 110.34 20.95 39.31
C PRO UA 91 111.02 21.61 40.50
N LEU UA 92 110.27 21.72 41.59
CA LEU UA 92 110.75 22.29 42.85
C LEU UA 92 110.60 21.25 43.95
N SER UA 93 110.96 21.64 45.17
CA SER UA 93 110.94 20.71 46.28
C SER UA 93 110.66 21.46 47.58
N ILE UA 94 110.26 20.70 48.59
CA ILE UA 94 109.93 21.23 49.91
C ILE UA 94 110.71 20.42 50.93
N SER UA 95 111.42 21.11 51.82
CA SER UA 95 112.18 20.44 52.86
C SER UA 95 111.25 19.89 53.94
N GLY UA 96 111.70 18.82 54.60
CA GLY UA 96 110.91 18.19 55.64
C GLY UA 96 110.95 18.97 56.95
N ASP UA 97 112.01 19.74 57.18
CA ASP UA 97 112.24 20.35 58.48
C ASP UA 97 111.34 21.55 58.77
N LEU UA 98 110.48 21.93 57.84
CA LEU UA 98 109.62 23.09 58.04
C LEU UA 98 108.33 22.70 58.75
N PHE UA 99 107.95 23.51 59.72
CA PHE UA 99 106.67 23.34 60.39
C PHE UA 99 105.55 23.84 59.47
N PRO UA 100 104.44 23.09 59.35
CA PRO UA 100 104.08 21.82 59.96
C PRO UA 100 104.08 20.64 59.02
N VAL UA 101 105.11 20.50 58.19
CA VAL UA 101 105.14 19.48 57.15
C VAL UA 101 105.13 18.07 57.77
N LYS UA 102 105.98 17.85 58.77
CA LYS UA 102 106.08 16.52 59.35
C LYS UA 102 104.81 16.12 60.09
N PHE UA 103 104.15 17.08 60.76
CA PHE UA 103 102.88 16.79 61.41
C PHE UA 103 101.79 16.50 60.40
N ILE UA 104 101.80 17.19 59.26
CA ILE UA 104 100.81 16.92 58.22
C ILE UA 104 101.00 15.53 57.65
N GLU UA 105 102.24 15.13 57.37
CA GLU UA 105 102.47 13.79 56.83
C GLU UA 105 102.13 12.72 57.86
N GLU UA 106 102.50 12.93 59.12
CA GLU UA 106 102.23 11.93 60.15
C GLU UA 106 100.74 11.80 60.46
N ASP UA 107 99.98 12.90 60.39
CA ASP UA 107 98.54 12.78 60.57
C ASP UA 107 97.87 12.21 59.33
N ARG UA 108 98.43 12.44 58.15
CA ARG UA 108 97.85 11.89 56.93
C ARG UA 108 98.06 10.39 56.82
N LYS UA 109 99.19 9.88 57.34
CA LYS UA 109 99.40 8.44 57.25
C LYS UA 109 98.61 7.67 58.30
N SER UA 110 98.05 8.35 59.30
CA SER UA 110 97.22 7.67 60.27
C SER UA 110 95.82 7.37 59.73
N LYS UA 111 95.32 8.22 58.82
CA LYS UA 111 94.00 7.98 58.25
C LYS UA 111 94.02 6.84 57.25
N VAL UA 112 95.13 6.64 56.56
CA VAL UA 112 95.19 5.71 55.44
C VAL UA 112 95.69 4.33 55.88
N LYS UA 113 95.65 4.05 57.18
CA LYS UA 113 95.95 2.70 57.64
C LYS UA 113 94.81 1.74 57.33
N GLY UA 114 93.59 2.25 57.16
CA GLY UA 114 92.44 1.43 56.83
C GLY UA 114 91.48 1.27 57.99
N LYS UA 124 111.32 -3.31 40.09
CA LYS UA 124 112.40 -4.28 40.01
C LYS UA 124 112.82 -4.50 38.56
N LYS UA 125 111.83 -4.77 37.71
CA LYS UA 125 112.07 -5.09 36.30
C LYS UA 125 112.15 -3.81 35.49
N SER UA 126 113.28 -3.12 35.63
CA SER UA 126 113.53 -1.93 34.84
C SER UA 126 114.11 -2.34 33.48
N HIS UA 127 113.62 -1.70 32.43
CA HIS UA 127 114.04 -2.00 31.07
C HIS UA 127 114.92 -0.88 30.53
N TRP UA 128 115.46 -1.11 29.35
CA TRP UA 128 116.34 -0.15 28.71
C TRP UA 128 115.54 1.02 28.16
N LEU UA 129 116.09 2.23 28.31
CA LEU UA 129 115.43 3.50 28.02
C LEU UA 129 114.10 3.61 28.76
N ASP UA 130 114.21 3.65 30.09
CA ASP UA 130 113.07 3.82 30.97
C ASP UA 130 113.35 5.03 31.86
N GLN UA 131 112.45 6.00 31.80
CA GLN UA 131 112.61 7.24 32.54
C GLN UA 131 112.31 7.03 34.02
N LYS UA 132 112.82 7.95 34.85
CA LYS UA 132 112.63 7.87 36.29
C LYS UA 132 111.65 8.90 36.82
N GLU UA 133 111.91 10.19 36.59
CA GLU UA 133 111.08 11.27 37.07
C GLU UA 133 110.30 11.83 35.89
N ARG UA 134 109.08 11.33 35.69
CA ARG UA 134 108.24 11.80 34.60
C ARG UA 134 107.28 12.88 35.11
N ARG UA 135 106.73 13.64 34.16
CA ARG UA 135 105.91 14.78 34.49
C ARG UA 135 104.48 14.33 34.78
N GLU UA 136 104.00 14.62 35.99
CA GLU UA 136 102.71 14.15 36.49
C GLU UA 136 101.76 15.34 36.58
N VAL UA 137 101.02 15.60 35.52
CA VAL UA 137 100.10 16.73 35.43
C VAL UA 137 98.71 16.21 35.10
N GLY UA 138 97.72 16.60 35.92
CA GLY UA 138 96.35 16.18 35.71
C GLY UA 138 95.51 17.25 35.03
N GLY UA 139 94.21 16.95 34.93
CA GLY UA 139 93.28 17.88 34.33
C GLY UA 139 93.26 17.79 32.82
N TYR UA 140 92.62 18.77 32.21
CA TYR UA 140 92.58 18.86 30.75
C TYR UA 140 93.82 19.56 30.22
N GLY VA 2 70.21 30.93 86.44
CA GLY VA 2 69.31 31.32 87.50
C GLY VA 2 69.49 32.77 87.88
N TRP VA 3 69.96 33.57 86.92
CA TRP VA 3 70.20 34.99 87.15
C TRP VA 3 68.92 35.76 86.82
N LYS VA 4 67.91 35.52 87.66
CA LYS VA 4 66.56 35.96 87.35
C LYS VA 4 66.32 37.45 87.57
N ALA VA 5 67.17 38.10 88.36
CA ALA VA 5 66.91 39.48 88.73
C ALA VA 5 67.37 40.44 87.63
N ALA VA 6 66.60 41.50 87.43
CA ALA VA 6 66.91 42.51 86.42
C ALA VA 6 67.95 43.48 86.98
N GLU VA 7 69.19 43.00 87.03
CA GLU VA 7 70.27 43.72 87.69
C GLU VA 7 71.07 44.52 86.68
N LYS VA 8 71.21 45.82 86.93
CA LYS VA 8 72.01 46.67 86.07
C LYS VA 8 73.49 46.53 86.39
N LEU VA 9 74.32 47.02 85.48
CA LEU VA 9 75.76 47.02 85.70
C LEU VA 9 76.18 48.22 86.52
N ILE VA 10 77.33 48.09 87.18
CA ILE VA 10 77.95 49.22 87.87
C ILE VA 10 78.94 49.86 86.91
N ARG VA 11 78.76 51.14 86.64
CA ARG VA 11 79.53 51.78 85.59
C ARG VA 11 80.84 52.39 86.09
N HIS VA 12 80.86 52.94 87.29
CA HIS VA 12 82.05 53.57 87.87
C HIS VA 12 82.33 52.89 89.20
N TRP VA 13 83.46 52.19 89.29
CA TRP VA 13 83.74 51.36 90.45
C TRP VA 13 84.52 52.14 91.50
N LYS VA 14 83.99 52.19 92.71
CA LYS VA 14 84.71 52.71 93.86
C LYS VA 14 85.52 51.63 94.55
N ILE VA 15 85.58 50.44 93.96
CA ILE VA 15 86.30 49.29 94.47
C ILE VA 15 87.33 48.91 93.43
N LEU VA 16 88.61 48.90 93.81
CA LEU VA 16 89.69 48.69 92.87
C LEU VA 16 90.47 47.44 93.24
N ARG VA 17 91.08 46.81 92.25
CA ARG VA 17 91.87 45.61 92.49
C ARG VA 17 93.11 45.96 93.29
N GLY VA 18 93.37 45.21 94.36
CA GLY VA 18 94.46 45.48 95.26
C GLY VA 18 94.08 46.20 96.52
N ASP VA 19 92.84 46.68 96.62
CA ASP VA 19 92.38 47.36 97.82
C ASP VA 19 92.26 46.39 98.98
N ASN VA 20 92.29 46.94 100.19
CA ASN VA 20 92.10 46.17 101.41
C ASN VA 20 90.68 46.39 101.90
N VAL VA 21 89.92 45.30 102.03
CA VAL VA 21 88.49 45.38 102.32
C VAL VA 21 88.18 44.54 103.55
N MET VA 22 86.91 44.58 103.95
CA MET VA 22 86.36 43.69 104.96
C MET VA 22 85.02 43.19 104.45
N ILE VA 23 84.80 41.88 104.50
CA ILE VA 23 83.55 41.31 104.07
C ILE VA 23 82.49 41.56 105.14
N ILE VA 24 81.38 42.16 104.75
CA ILE VA 24 80.34 42.55 105.71
C ILE VA 24 79.14 41.62 105.68
N ARG VA 25 79.07 40.67 104.75
CA ARG VA 25 77.86 39.90 104.56
C ARG VA 25 78.22 38.56 103.95
N GLY VA 26 77.60 37.49 104.44
CA GLY VA 26 77.81 36.18 103.87
C GLY VA 26 78.36 35.21 104.89
N LYS VA 27 78.89 34.10 104.37
CA LYS VA 27 79.39 33.03 105.22
C LYS VA 27 80.66 33.46 105.96
N ASP VA 28 81.51 34.25 105.30
CA ASP VA 28 82.77 34.71 105.86
C ASP VA 28 82.67 36.15 106.35
N LYS VA 29 81.55 36.49 106.98
CA LYS VA 29 81.33 37.84 107.46
C LYS VA 29 82.27 38.18 108.59
N GLY VA 30 82.93 39.33 108.49
CA GLY VA 30 83.85 39.78 109.51
C GLY VA 30 85.31 39.47 109.25
N GLU VA 31 85.69 39.13 108.03
CA GLU VA 31 87.05 38.73 107.71
C GLU VA 31 87.63 39.66 106.66
N THR VA 32 88.90 40.00 106.82
CA THR VA 32 89.59 40.97 105.98
C THR VA 32 90.45 40.27 104.93
N GLY VA 33 90.74 41.02 103.87
CA GLY VA 33 91.56 40.47 102.81
C GLY VA 33 91.90 41.54 101.79
N THR VA 34 92.41 41.08 100.65
CA THR VA 34 92.82 41.93 99.54
C THR VA 34 92.14 41.44 98.28
N VAL VA 35 91.73 42.37 97.43
CA VAL VA 35 91.04 42.02 96.20
C VAL VA 35 92.03 41.49 95.18
N LYS VA 36 91.77 40.31 94.65
CA LYS VA 36 92.64 39.71 93.66
C LYS VA 36 92.18 40.02 92.24
N ARG VA 37 90.88 39.91 91.97
CA ARG VA 37 90.35 40.16 90.65
C ARG VA 37 88.95 40.75 90.78
N VAL VA 38 88.57 41.58 89.83
CA VAL VA 38 87.24 42.17 89.77
C VAL VA 38 86.58 41.67 88.50
N ILE VA 39 85.45 40.97 88.64
CA ILE VA 39 84.64 40.54 87.52
C ILE VA 39 83.59 41.61 87.29
N ARG VA 40 83.79 42.41 86.24
CA ARG VA 40 82.90 43.53 86.00
C ARG VA 40 81.57 43.10 85.41
N SER VA 41 81.56 42.08 84.55
CA SER VA 41 80.35 41.70 83.85
C SER VA 41 79.34 41.01 84.75
N GLN VA 42 79.70 40.66 85.98
CA GLN VA 42 78.77 40.06 86.93
C GLN VA 42 78.61 40.88 88.19
N ASN VA 43 79.25 42.06 88.27
CA ASN VA 43 79.30 42.90 89.47
C ASN VA 43 79.86 42.15 90.67
N ARG VA 44 80.93 41.39 90.46
CA ARG VA 44 81.44 40.54 91.52
C ARG VA 44 82.94 40.75 91.68
N VAL VA 45 83.46 40.38 92.86
CA VAL VA 45 84.88 40.50 93.16
C VAL VA 45 85.35 39.17 93.74
N ILE VA 46 86.67 38.99 93.73
CA ILE VA 46 87.28 37.82 94.35
C ILE VA 46 88.24 38.30 95.42
N VAL VA 47 87.96 37.93 96.67
CA VAL VA 47 88.81 38.25 97.81
C VAL VA 47 89.85 37.16 97.95
N GLU VA 48 91.10 37.55 98.19
CA GLU VA 48 92.21 36.60 98.26
C GLU VA 48 92.05 35.68 99.46
N GLY VA 49 91.75 34.41 99.19
CA GLY VA 49 91.70 33.39 100.22
C GLY VA 49 90.39 33.26 100.96
N LYS VA 50 89.35 34.00 100.58
CA LYS VA 50 88.08 33.96 101.27
C LYS VA 50 86.96 33.52 100.33
N ASN VA 51 85.88 33.00 100.93
CA ASN VA 51 84.73 32.42 100.25
C ASN VA 51 85.15 31.26 99.34
N LEU VA 52 85.60 30.19 99.99
CA LEU VA 52 86.13 29.04 99.28
C LEU VA 52 85.02 28.09 98.85
N ILE VA 53 85.30 27.32 97.80
CA ILE VA 53 84.44 26.27 97.29
C ILE VA 53 85.31 25.08 96.93
N LYS VA 54 84.69 23.91 96.78
CA LYS VA 54 85.42 22.68 96.46
C LYS VA 54 84.92 22.14 95.14
N LYS VA 55 85.82 22.06 94.15
CA LYS VA 55 85.49 21.67 92.79
C LYS VA 55 85.96 20.26 92.52
N HIS VA 56 85.06 19.40 92.04
CA HIS VA 56 85.43 18.06 91.60
C HIS VA 56 85.79 18.14 90.14
N ILE VA 57 87.09 18.12 89.84
CA ILE VA 57 87.61 18.23 88.48
C ILE VA 57 88.13 16.86 88.07
N LYS VA 58 87.62 16.34 86.96
CA LYS VA 58 88.12 15.08 86.41
C LYS VA 58 89.36 15.34 85.58
N GLY VA 59 90.41 14.58 85.83
CA GLY VA 59 91.69 14.80 85.18
C GLY VA 59 91.87 13.90 83.97
N GLY VA 60 92.37 14.50 82.89
CA GLY VA 60 92.65 13.78 81.67
C GLY VA 60 94.13 13.54 81.48
N PRO VA 61 94.56 13.45 80.22
CA PRO VA 61 96.00 13.32 79.94
C PRO VA 61 96.79 14.61 80.05
N ASP VA 62 96.12 15.74 80.32
CA ASP VA 62 96.80 17.04 80.39
C ASP VA 62 96.74 17.67 81.77
N HIS VA 63 95.58 17.66 82.42
CA HIS VA 63 95.40 18.26 83.72
C HIS VA 63 95.20 17.18 84.77
N GLU VA 64 95.57 17.50 86.01
CA GLU VA 64 95.48 16.57 87.12
C GLU VA 64 94.09 16.61 87.75
N GLY VA 65 93.55 15.43 88.06
CA GLY VA 65 92.26 15.33 88.71
C GLY VA 65 92.35 15.43 90.22
N GLY VA 66 91.21 15.25 90.85
CA GLY VA 66 91.08 15.36 92.29
C GLY VA 66 90.04 16.39 92.65
N ILE VA 67 90.00 16.72 93.94
CA ILE VA 67 89.10 17.73 94.47
C ILE VA 67 89.94 18.92 94.87
N PHE VA 68 89.78 20.03 94.15
CA PHE VA 68 90.53 21.24 94.42
C PHE VA 68 89.73 22.17 95.33
N THR VA 69 90.35 23.30 95.68
CA THR VA 69 89.71 24.32 96.48
C THR VA 69 90.16 25.69 95.97
N VAL VA 70 89.21 26.45 95.42
CA VAL VA 70 89.50 27.79 94.92
C VAL VA 70 88.49 28.75 95.55
N GLU VA 71 88.69 30.03 95.27
CA GLU VA 71 87.78 31.05 95.78
C GLU VA 71 86.58 31.20 94.86
N ALA VA 72 85.45 31.53 95.45
CA ALA VA 72 84.26 31.87 94.71
C ALA VA 72 84.00 33.36 94.81
N PRO VA 73 83.42 33.97 93.79
CA PRO VA 73 83.16 35.41 93.84
C PRO VA 73 82.11 35.80 94.87
N LEU VA 74 82.28 37.00 95.42
CA LEU VA 74 81.30 37.67 96.27
C LEU VA 74 80.65 38.76 95.46
N HIS VA 75 79.48 39.22 95.89
CA HIS VA 75 78.90 40.39 95.24
C HIS VA 75 79.68 41.64 95.63
N ALA VA 76 79.70 42.61 94.72
CA ALA VA 76 80.52 43.80 94.92
C ALA VA 76 79.98 44.73 96.00
N SER VA 77 78.75 44.52 96.45
CA SER VA 77 78.20 45.28 97.57
C SER VA 77 78.38 44.55 98.89
N ASN VA 78 78.99 43.37 98.87
CA ASN VA 78 79.24 42.60 100.08
C ASN VA 78 80.55 42.96 100.76
N VAL VA 79 81.41 43.72 100.09
CA VAL VA 79 82.69 44.14 100.66
C VAL VA 79 82.66 45.63 100.89
N GLN VA 80 83.54 46.09 101.76
CA GLN VA 80 83.58 47.49 102.17
C GLN VA 80 85.01 47.86 102.51
N VAL VA 81 85.45 49.03 102.04
CA VAL VA 81 86.84 49.43 102.13
C VAL VA 81 87.19 49.77 103.58
N VAL VA 82 88.31 49.23 104.06
CA VAL VA 82 88.77 49.48 105.41
C VAL VA 82 89.40 50.87 105.49
N ASP VA 83 88.97 51.65 106.48
CA ASP VA 83 89.58 52.94 106.77
C ASP VA 83 91.04 52.75 107.15
N PRO VA 84 91.98 53.47 106.53
CA PRO VA 84 93.40 53.27 106.86
C PRO VA 84 93.79 53.73 108.25
N VAL VA 85 92.97 54.52 108.93
CA VAL VA 85 93.32 55.05 110.24
C VAL VA 85 92.74 54.16 111.34
N THR VA 86 91.42 54.06 111.39
CA THR VA 86 90.77 53.36 112.50
C THR VA 86 90.61 51.87 112.25
N GLY VA 87 90.75 51.43 111.00
CA GLY VA 87 90.67 50.02 110.67
C GLY VA 87 89.27 49.47 110.49
N ARG VA 88 88.25 50.24 110.80
CA ARG VA 88 86.87 49.83 110.60
C ARG VA 88 86.43 50.19 109.18
N PRO VA 89 85.53 49.41 108.59
CA PRO VA 89 85.08 49.71 107.22
C PRO VA 89 84.33 51.02 107.11
N CYS VA 90 84.47 51.67 105.96
CA CYS VA 90 83.93 53.00 105.76
C CYS VA 90 83.47 53.16 104.31
N LYS VA 91 82.67 54.19 104.07
CA LYS VA 91 82.22 54.47 102.71
C LYS VA 91 83.25 55.32 101.99
N VAL VA 92 83.07 55.45 100.67
CA VAL VA 92 84.03 56.15 99.82
C VAL VA 92 83.31 57.29 99.12
N GLY VA 93 83.81 58.51 99.29
CA GLY VA 93 83.34 59.66 98.54
C GLY VA 93 84.45 60.23 97.67
N VAL VA 94 84.09 61.25 96.90
CA VAL VA 94 84.97 61.83 95.89
C VAL VA 94 85.31 63.24 96.31
N LYS VA 95 86.61 63.56 96.32
CA LYS VA 95 87.13 64.88 96.66
C LYS VA 95 88.04 65.35 95.54
N TYR VA 96 87.98 66.64 95.21
CA TYR VA 96 88.87 67.22 94.23
C TYR VA 96 90.04 67.89 94.93
N LEU VA 97 91.23 67.68 94.41
CA LEU VA 97 92.45 68.24 94.99
C LEU VA 97 92.69 69.64 94.43
N GLU VA 98 93.88 70.21 94.73
CA GLU VA 98 94.20 71.56 94.28
C GLU VA 98 94.36 71.61 92.77
N ASP VA 99 95.01 70.61 92.17
CA ASP VA 99 95.08 70.51 90.73
C ASP VA 99 93.70 70.29 90.13
N GLY VA 100 92.92 69.40 90.76
CA GLY VA 100 91.67 68.96 90.18
C GLY VA 100 91.72 67.48 89.87
N THR VA 101 92.50 66.74 90.65
CA THR VA 101 92.64 65.31 90.49
C THR VA 101 91.67 64.59 91.42
N LYS VA 102 90.95 63.61 90.88
CA LYS VA 102 89.98 62.87 91.68
C LYS VA 102 90.68 61.91 92.61
N VAL VA 103 90.29 61.92 93.89
CA VAL VA 103 90.75 60.96 94.87
C VAL VA 103 89.54 60.38 95.60
N ARG VA 104 89.79 59.32 96.36
CA ARG VA 104 88.76 58.64 97.14
C ARG VA 104 89.01 58.93 98.61
N VAL VA 105 88.03 59.52 99.28
CA VAL VA 105 88.17 59.90 100.67
C VAL VA 105 87.16 59.14 101.50
N ALA VA 106 87.54 58.88 102.75
CA ALA VA 106 86.65 58.13 103.64
C ALA VA 106 85.44 58.98 104.03
N ARG VA 107 84.28 58.35 104.04
CA ARG VA 107 83.01 59.02 104.31
C ARG VA 107 82.18 58.16 105.23
N GLY VA 108 81.47 58.81 106.15
CA GLY VA 108 80.67 58.12 107.15
C GLY VA 108 80.95 58.74 108.50
N THR VA 109 79.91 58.84 109.32
CA THR VA 109 80.06 59.46 110.62
C THR VA 109 80.82 58.53 111.56
N GLY VA 110 81.92 59.02 112.11
CA GLY VA 110 82.83 58.19 112.88
C GLY VA 110 84.12 57.84 112.16
N THR VA 111 84.38 58.43 111.01
CA THR VA 111 85.54 58.11 110.20
C THR VA 111 86.46 59.32 110.10
N SER VA 112 87.73 59.05 109.82
CA SER VA 112 88.74 60.11 109.82
C SER VA 112 88.67 61.01 108.61
N GLY VA 113 88.05 60.56 107.52
CA GLY VA 113 88.05 61.37 106.32
C GLY VA 113 89.37 61.44 105.62
N SER VA 114 90.24 60.46 105.83
CA SER VA 114 91.53 60.43 105.16
C SER VA 114 91.37 59.94 103.73
N ILE VA 115 92.47 59.94 103.00
CA ILE VA 115 92.47 59.59 101.59
C ILE VA 115 92.73 58.11 101.44
N ILE VA 116 91.85 57.42 100.71
CA ILE VA 116 92.05 56.00 100.41
C ILE VA 116 93.09 55.91 99.30
N PRO VA 117 94.26 55.32 99.55
CA PRO VA 117 95.30 55.30 98.52
C PRO VA 117 95.00 54.28 97.44
N ARG VA 118 95.21 54.69 96.20
CA ARG VA 118 95.08 53.79 95.08
C ARG VA 118 96.18 52.73 95.14
N PRO VA 119 95.84 51.45 94.99
CA PRO VA 119 96.84 50.40 95.19
C PRO VA 119 97.96 50.44 94.16
N GLU VA 120 99.13 49.98 94.58
CA GLU VA 120 100.32 50.05 93.75
C GLU VA 120 100.45 48.86 92.81
N ILE VA 121 99.59 47.85 92.93
CA ILE VA 121 99.66 46.69 92.07
C ILE VA 121 99.14 46.97 90.66
N LEU VA 122 98.42 48.08 90.48
CA LEU VA 122 97.79 48.36 89.19
C LEU VA 122 98.82 48.71 88.12
N LYS VA 123 99.90 49.39 88.50
CA LYS VA 123 100.90 49.78 87.51
C LYS VA 123 101.74 48.61 87.02
N ILE VA 124 101.75 47.50 87.74
CA ILE VA 124 102.57 46.35 87.37
C ILE VA 124 101.81 45.52 86.35
N ARG VA 125 102.47 45.23 85.23
CA ARG VA 125 101.84 44.55 84.10
C ARG VA 125 101.44 43.14 84.45
N THR VA 126 100.28 42.71 83.95
CA THR VA 126 99.85 41.34 84.14
C THR VA 126 100.66 40.38 83.28
N THR VA 127 100.91 40.77 82.04
CA THR VA 127 101.79 40.00 81.16
C THR VA 127 103.09 40.77 80.96
N PRO VA 128 104.19 40.32 81.55
CA PRO VA 128 105.43 41.10 81.49
C PRO VA 128 106.04 41.11 80.09
N ARG VA 129 106.84 42.14 79.83
CA ARG VA 129 107.47 42.33 78.54
C ARG VA 129 108.55 41.27 78.32
N PRO VA 130 108.74 40.84 77.08
CA PRO VA 130 109.77 39.83 76.80
C PRO VA 130 111.17 40.40 76.97
N THR VA 131 112.09 39.53 77.42
CA THR VA 131 113.48 39.95 77.59
C THR VA 131 114.17 40.10 76.24
N THR VA 132 113.96 39.14 75.34
CA THR VA 132 114.68 39.08 74.08
C THR VA 132 113.75 39.31 72.90
N ALA VA 133 114.32 39.86 71.83
CA ALA VA 133 113.57 40.09 70.61
C ALA VA 133 113.34 38.77 69.87
N GLY VA 134 112.36 38.79 68.97
CA GLY VA 134 112.12 37.67 68.10
C GLY VA 134 112.82 37.86 66.76
N PRO VA 135 112.84 36.81 65.94
CA PRO VA 135 113.50 36.91 64.63
C PRO VA 135 112.73 37.66 63.57
N LYS VA 136 111.56 38.20 63.89
CA LYS VA 136 110.81 39.02 62.95
C LYS VA 136 110.43 40.36 63.57
N ASP VA 137 111.18 40.81 64.56
CA ASP VA 137 110.93 42.07 65.24
C ASP VA 137 111.96 43.10 64.81
N THR VA 138 111.50 44.27 64.42
CA THR VA 138 112.43 45.33 64.04
C THR VA 138 113.04 45.93 65.30
N PRO VA 139 114.36 45.98 65.41
CA PRO VA 139 114.99 46.69 66.53
C PRO VA 139 114.70 48.17 66.49
N MET VA 140 114.62 48.78 67.67
CA MET VA 140 114.14 50.15 67.81
C MET VA 140 115.10 51.19 67.23
N GLU VA 141 116.34 50.81 66.91
CA GLU VA 141 117.22 51.75 66.25
C GLU VA 141 116.87 51.93 64.77
N PHE VA 142 116.18 50.98 64.17
CA PHE VA 142 115.80 51.10 62.77
C PHE VA 142 114.48 51.82 62.59
N VAL VA 143 113.56 51.69 63.55
CA VAL VA 143 112.26 52.33 63.44
C VAL VA 143 112.39 53.84 63.56
N TRP VA 144 113.25 54.31 64.44
CA TRP VA 144 113.29 55.72 64.80
C TRP VA 144 114.03 56.59 63.78
N GLU VA 145 114.67 56.00 62.77
CA GLU VA 145 115.33 56.81 61.77
C GLU VA 145 114.30 57.49 60.88
N GLN VA 146 114.68 58.61 60.30
CA GLN VA 146 113.78 59.42 59.49
C GLN VA 146 114.24 59.42 58.04
N THR VA 147 113.30 59.20 57.13
CA THR VA 147 113.59 59.24 55.71
C THR VA 147 112.61 60.14 54.95
N TYR VA 148 111.56 60.62 55.61
CA TYR VA 148 110.61 61.54 54.98
C TYR VA 148 110.74 62.92 55.58
N ASP VA 149 110.73 63.93 54.72
CA ASP VA 149 110.81 65.33 55.13
C ASP VA 149 110.16 66.17 54.04
N ALA VA 150 109.06 66.82 54.38
CA ALA VA 150 108.29 67.54 53.36
C ALA VA 150 108.96 68.83 52.93
N LYS VA 151 109.73 69.47 53.81
CA LYS VA 151 110.31 70.76 53.47
C LYS VA 151 111.45 70.61 52.48
N THR VA 152 112.33 69.64 52.69
CA THR VA 152 113.42 69.38 51.77
C THR VA 152 113.04 68.44 50.64
N GLY VA 153 111.85 67.86 50.68
CA GLY VA 153 111.44 66.90 49.67
C GLY VA 153 112.20 65.60 49.71
N LYS VA 154 112.54 65.11 50.89
CA LYS VA 154 113.26 63.85 51.03
C LYS VA 154 112.27 62.70 51.03
N GLY VA 155 112.46 61.75 50.12
CA GLY VA 155 111.64 60.56 50.11
C GLY VA 155 110.33 60.67 49.37
N MET VA 156 110.23 61.57 48.41
CA MET VA 156 109.01 61.74 47.63
C MET VA 156 108.78 60.53 46.72
N PRO VA 157 107.54 60.31 46.24
CA PRO VA 157 107.29 59.10 45.43
C PRO VA 157 107.90 59.18 44.04
N ASP VA 158 107.60 58.16 43.22
CA ASP VA 158 108.14 58.05 41.87
C ASP VA 158 107.28 58.73 40.82
N LEU VA 159 106.60 59.81 41.19
CA LEU VA 159 105.94 60.66 40.21
C LEU VA 159 106.96 61.33 39.31
N HIS WA 31 147.83 -12.89 -48.87
CA HIS WA 31 148.53 -13.62 -47.82
C HIS WA 31 148.40 -15.13 -48.03
N GLN WA 32 149.37 -15.88 -47.49
CA GLN WA 32 149.52 -17.28 -47.86
C GLN WA 32 148.66 -18.20 -47.00
N TYR WA 33 148.91 -18.21 -45.69
CA TYR WA 33 148.24 -19.11 -44.77
C TYR WA 33 147.42 -18.33 -43.76
N GLN WA 34 146.55 -19.05 -43.04
CA GLN WA 34 145.62 -18.47 -42.08
C GLN WA 34 146.07 -18.74 -40.65
N THR WA 35 145.71 -17.82 -39.76
CA THR WA 35 146.04 -17.91 -38.35
C THR WA 35 144.77 -18.08 -37.54
N ILE WA 36 144.75 -19.10 -36.68
CA ILE WA 36 143.59 -19.46 -35.88
C ILE WA 36 143.88 -19.13 -34.42
N GLN WA 37 143.07 -18.24 -33.86
CA GLN WA 37 143.20 -17.84 -32.47
C GLN WA 37 142.35 -18.75 -31.60
N ALA WA 38 142.95 -19.28 -30.52
CA ALA WA 38 142.25 -20.23 -29.69
C ALA WA 38 142.30 -19.79 -28.23
N ILE WA 39 141.41 -20.37 -27.43
CA ILE WA 39 141.23 -20.06 -26.02
C ILE WA 39 141.27 -21.39 -25.27
N PRO WA 40 141.96 -21.51 -24.13
CA PRO WA 40 142.07 -22.81 -23.46
C PRO WA 40 140.74 -23.26 -22.87
N ARG WA 41 140.70 -24.53 -22.48
CA ARG WA 41 139.53 -25.09 -21.85
C ARG WA 41 139.95 -25.85 -20.60
N GLU WA 42 139.06 -25.86 -19.62
CA GLU WA 42 139.29 -26.59 -18.38
C GLU WA 42 138.08 -27.39 -17.92
N ALA WA 43 136.89 -27.08 -18.41
CA ALA WA 43 135.67 -27.78 -18.05
C ALA WA 43 135.15 -28.52 -19.28
N THR WA 44 134.95 -29.83 -19.14
CA THR WA 44 134.58 -30.68 -20.25
C THR WA 44 133.30 -31.43 -19.93
N GLY WA 45 132.37 -31.43 -20.88
CA GLY WA 45 131.13 -32.15 -20.71
C GLY WA 45 130.10 -31.67 -21.73
N ARG WA 46 128.98 -32.37 -21.74
CA ARG WA 46 127.90 -32.06 -22.68
C ARG WA 46 127.22 -30.74 -22.35
N GLY WA 47 126.87 -30.53 -21.08
CA GLY WA 47 126.26 -29.27 -20.69
C GLY WA 47 127.19 -28.08 -20.83
N VAL WA 48 128.47 -28.27 -20.47
CA VAL WA 48 129.45 -27.20 -20.63
C VAL WA 48 129.68 -26.90 -22.10
N SER WA 49 129.68 -27.93 -22.95
CA SER WA 49 129.81 -27.71 -24.39
C SER WA 49 128.61 -26.97 -24.95
N ALA WA 50 127.39 -27.35 -24.53
CA ALA WA 50 126.20 -26.66 -25.00
C ALA WA 50 126.12 -25.23 -24.49
N ARG WA 51 126.67 -24.98 -23.30
CA ARG WA 51 126.74 -23.63 -22.77
C ARG WA 51 127.77 -22.78 -23.50
N ASP WA 52 128.92 -23.38 -23.85
CA ASP WA 52 129.89 -22.68 -24.68
C ASP WA 52 129.33 -22.39 -26.06
N ARG WA 53 128.50 -23.27 -26.59
CA ARG WA 53 127.84 -22.98 -27.85
C ARG WA 53 126.71 -21.97 -27.70
N THR WA 54 126.10 -21.89 -26.52
CA THR WA 54 125.16 -20.82 -26.22
C THR WA 54 125.87 -19.47 -26.26
N ILE WA 55 127.07 -19.42 -25.68
CA ILE WA 55 127.91 -18.22 -25.80
C ILE WA 55 128.31 -17.99 -27.25
N GLY WA 56 128.70 -19.05 -27.94
CA GLY WA 56 129.24 -18.96 -29.29
C GLY WA 56 130.67 -19.46 -29.39
N ARG WA 57 131.09 -20.32 -28.45
CA ARG WA 57 132.42 -20.90 -28.44
C ARG WA 57 132.33 -22.38 -28.71
N ILE WA 58 133.20 -22.91 -29.56
CA ILE WA 58 133.07 -24.28 -30.04
C ILE WA 58 134.23 -25.09 -29.47
N PRO WA 59 133.96 -26.22 -28.83
CA PRO WA 59 135.04 -27.00 -28.23
C PRO WA 59 135.92 -27.68 -29.26
N ALA WA 60 137.16 -27.94 -28.86
CA ALA WA 60 138.18 -28.40 -29.77
C ALA WA 60 139.29 -29.05 -28.96
N VAL WA 61 140.19 -29.74 -29.67
CA VAL WA 61 141.32 -30.39 -29.04
C VAL WA 61 142.50 -30.28 -30.00
N VAL WA 62 143.72 -30.30 -29.46
CA VAL WA 62 144.94 -30.39 -30.25
C VAL WA 62 145.83 -31.45 -29.63
N PHE WA 63 146.49 -32.24 -30.46
CA PHE WA 63 147.37 -33.29 -29.97
C PHE WA 63 148.36 -33.66 -31.06
N PRO WA 64 149.51 -34.23 -30.69
CA PRO WA 64 150.38 -34.87 -31.69
C PRO WA 64 149.79 -36.20 -32.17
N GLN WA 65 150.38 -36.70 -33.25
CA GLN WA 65 149.91 -37.95 -33.85
C GLN WA 65 150.27 -39.17 -32.99
N SER WA 66 151.36 -39.08 -32.22
CA SER WA 66 151.87 -40.23 -31.46
C SER WA 66 150.86 -40.71 -30.43
N LEU WA 67 149.98 -39.83 -29.95
CA LEU WA 67 148.90 -40.23 -29.06
C LEU WA 67 147.89 -41.12 -29.77
N LEU WA 68 147.76 -40.98 -31.08
CA LEU WA 68 146.77 -41.76 -31.85
C LEU WA 68 147.23 -43.16 -32.21
N ASP WA 69 148.49 -43.49 -31.97
CA ASP WA 69 148.96 -44.83 -32.28
C ASP WA 69 148.37 -45.85 -31.31
N THR WA 70 148.20 -47.08 -31.81
CA THR WA 70 147.65 -48.15 -30.99
C THR WA 70 148.64 -48.55 -29.89
N ASP WA 71 149.94 -48.45 -30.17
CA ASP WA 71 150.95 -48.82 -29.20
C ASP WA 71 151.22 -47.70 -28.22
N ALA WA 72 151.12 -48.02 -26.92
CA ALA WA 72 151.54 -47.08 -25.88
C ALA WA 72 153.04 -46.87 -25.85
N SER WA 73 153.81 -47.82 -26.40
CA SER WA 73 155.25 -47.62 -26.54
C SER WA 73 155.55 -46.47 -27.49
N LYS WA 74 154.81 -46.37 -28.59
CA LYS WA 74 154.95 -45.24 -29.51
C LYS WA 74 154.12 -44.03 -29.08
N ARG WA 75 153.22 -44.19 -28.11
CA ARG WA 75 152.55 -43.06 -27.47
C ARG WA 75 153.57 -42.38 -26.55
N GLY WA 76 154.22 -41.35 -27.05
CA GLY WA 76 155.27 -40.66 -26.33
C GLY WA 76 154.78 -39.43 -25.59
N VAL WA 77 155.63 -38.42 -25.54
CA VAL WA 77 155.32 -37.15 -24.87
C VAL WA 77 154.32 -36.40 -25.74
N SER WA 78 153.05 -36.46 -25.35
CA SER WA 78 151.98 -35.89 -26.15
C SER WA 78 151.49 -34.58 -25.53
N ARG WA 79 151.46 -33.53 -26.34
CA ARG WA 79 150.94 -32.22 -25.92
C ARG WA 79 149.44 -32.12 -26.24
N LYS WA 80 148.69 -33.06 -25.66
CA LYS WA 80 147.24 -33.04 -25.74
C LYS WA 80 146.73 -31.84 -24.95
N GLN WA 81 145.82 -31.07 -25.54
CA GLN WA 81 145.35 -29.86 -24.92
C GLN WA 81 143.96 -29.52 -25.43
N LEU WA 82 143.14 -28.93 -24.56
CA LEU WA 82 141.76 -28.61 -24.89
C LEU WA 82 141.64 -27.15 -25.31
N LEU WA 83 140.75 -26.89 -26.26
CA LEU WA 83 140.62 -25.57 -26.87
C LEU WA 83 139.16 -25.19 -27.03
N THR WA 84 138.92 -23.88 -27.17
CA THR WA 84 137.65 -23.37 -27.64
C THR WA 84 137.91 -22.32 -28.71
N ALA WA 85 137.01 -22.28 -29.69
CA ALA WA 85 137.22 -21.48 -30.89
C ALA WA 85 136.04 -20.54 -31.11
N ASP WA 86 136.34 -19.40 -31.72
CA ASP WA 86 135.34 -18.37 -31.94
C ASP WA 86 134.47 -18.70 -33.16
N LYS WA 87 133.16 -18.53 -32.97
CA LYS WA 87 132.19 -18.86 -34.01
C LYS WA 87 132.39 -18.01 -35.26
N LYS WA 88 132.59 -16.72 -35.08
CA LYS WA 88 132.74 -15.81 -36.22
C LYS WA 88 134.00 -16.12 -37.01
N GLN WA 89 135.10 -16.40 -36.31
CA GLN WA 89 136.35 -16.72 -37.00
C GLN WA 89 136.27 -18.06 -37.73
N ILE WA 90 135.66 -19.07 -37.09
CA ILE WA 90 135.52 -20.36 -37.75
C ILE WA 90 134.62 -20.26 -38.98
N LYS WA 91 133.49 -19.55 -38.85
CA LYS WA 91 132.59 -19.38 -39.98
C LYS WA 91 133.21 -18.55 -41.09
N SER WA 92 134.03 -17.54 -40.73
CA SER WA 92 134.74 -16.74 -41.72
C SER WA 92 135.74 -17.58 -42.49
N ILE WA 93 136.49 -18.44 -41.80
CA ILE WA 93 137.42 -19.34 -42.46
C ILE WA 93 136.68 -20.33 -43.35
N ILE WA 94 135.52 -20.82 -42.91
CA ILE WA 94 134.79 -21.81 -43.70
C ILE WA 94 134.22 -21.18 -44.97
N ASP WA 95 133.60 -20.00 -44.85
CA ASP WA 95 133.13 -19.27 -46.02
C ASP WA 95 134.28 -18.81 -46.92
N SER WA 96 135.49 -18.68 -46.38
CA SER WA 96 136.65 -18.32 -47.19
C SER WA 96 137.16 -19.51 -47.99
N VAL WA 97 137.40 -20.64 -47.33
CA VAL WA 97 138.14 -21.73 -47.98
C VAL WA 97 137.28 -22.86 -48.51
N GLY WA 98 136.04 -22.99 -48.06
CA GLY WA 98 135.24 -24.10 -48.52
C GLY WA 98 135.19 -25.23 -47.51
N LEU WA 99 134.06 -25.97 -47.52
CA LEU WA 99 133.82 -26.99 -46.50
C LEU WA 99 134.66 -28.25 -46.69
N PRO WA 100 134.56 -29.01 -47.79
CA PRO WA 100 135.22 -30.33 -47.80
C PRO WA 100 136.72 -30.29 -48.00
N PHE WA 101 137.29 -29.11 -48.25
CA PHE WA 101 138.72 -28.93 -48.39
C PHE WA 101 139.40 -28.61 -47.07
N PHE WA 102 138.63 -28.60 -45.97
CA PHE WA 102 139.11 -28.11 -44.68
C PHE WA 102 140.20 -29.01 -44.10
N CYS WA 103 140.05 -30.33 -44.28
CA CYS WA 103 141.00 -31.28 -43.70
C CYS WA 103 142.34 -31.29 -44.41
N SER WA 104 142.42 -30.77 -45.63
CA SER WA 104 143.66 -30.78 -46.38
C SER WA 104 144.60 -29.64 -46.00
N THR WA 105 144.07 -28.42 -45.93
CA THR WA 105 144.91 -27.25 -45.68
C THR WA 105 145.34 -27.20 -44.21
N THR WA 106 146.46 -26.53 -43.98
CA THR WA 106 147.04 -26.34 -42.65
C THR WA 106 146.86 -24.89 -42.21
N PHE WA 107 146.94 -24.66 -40.91
CA PHE WA 107 146.84 -23.32 -40.36
C PHE WA 107 147.93 -23.09 -39.32
N GLN WA 108 148.01 -21.87 -38.82
CA GLN WA 108 148.90 -21.51 -37.73
C GLN WA 108 148.06 -21.28 -36.47
N LEU WA 109 148.20 -22.16 -35.49
CA LEU WA 109 147.48 -22.05 -34.24
C LEU WA 109 148.23 -21.12 -33.30
N GLN WA 110 147.52 -20.12 -32.78
CA GLN WA 110 148.03 -19.25 -31.73
C GLN WA 110 147.10 -19.37 -30.53
N ILE WA 111 147.67 -19.73 -29.38
CA ILE WA 111 146.90 -19.94 -28.16
C ILE WA 111 147.25 -18.84 -27.17
N ARG WA 112 146.22 -18.21 -26.60
CA ARG WA 112 146.37 -17.09 -25.68
C ARG WA 112 145.52 -17.33 -24.44
N ALA WA 113 145.91 -16.70 -23.33
CA ALA WA 113 145.27 -16.97 -22.05
C ALA WA 113 143.83 -16.45 -22.01
N GLY WA 114 143.58 -15.27 -22.59
CA GLY WA 114 142.26 -14.71 -22.64
C GLY WA 114 141.92 -14.22 -24.03
N GLN WA 115 140.66 -13.81 -24.19
CA GLN WA 115 140.18 -13.35 -25.49
C GLN WA 115 140.82 -12.01 -25.84
N GLY WA 116 141.59 -11.99 -26.92
CA GLY WA 116 142.25 -10.76 -27.33
C GLY WA 116 143.38 -10.34 -26.42
N SER WA 117 143.97 -11.28 -25.68
CA SER WA 117 145.05 -10.97 -24.77
C SER WA 117 146.31 -10.59 -25.54
N SER WA 118 147.11 -9.70 -24.95
CA SER WA 118 148.40 -9.35 -25.52
C SER WA 118 149.49 -10.36 -25.17
N THR WA 119 149.15 -11.39 -24.40
CA THR WA 119 150.07 -12.43 -23.98
C THR WA 119 149.69 -13.74 -24.67
N LEU WA 120 150.69 -14.53 -25.05
CA LEU WA 120 150.49 -15.83 -25.68
C LEU WA 120 151.03 -16.94 -24.78
N VAL WA 121 150.44 -18.13 -24.92
CA VAL WA 121 150.87 -19.30 -24.18
C VAL WA 121 151.88 -20.07 -25.02
N GLU WA 122 151.43 -20.56 -26.17
CA GLU WA 122 152.25 -21.28 -27.13
C GLU WA 122 151.83 -20.84 -28.52
N SER WA 123 152.50 -21.40 -29.53
CA SER WA 123 152.14 -21.16 -30.93
C SER WA 123 152.73 -22.28 -31.77
N GLY WA 124 152.20 -22.43 -32.96
CA GLY WA 124 152.74 -23.41 -33.88
C GLY WA 124 151.85 -23.53 -35.10
N ARG WA 125 152.13 -24.57 -35.89
CA ARG WA 125 151.33 -24.89 -37.05
C ARG WA 125 150.58 -26.19 -36.81
N VAL WA 126 149.37 -26.28 -37.35
CA VAL WA 126 148.47 -27.40 -37.11
C VAL WA 126 147.81 -27.83 -38.41
N LEU WA 127 147.53 -29.14 -38.48
CA LEU WA 127 146.77 -29.70 -39.59
C LEU WA 127 145.47 -30.28 -39.05
N PRO WA 128 144.32 -29.73 -39.42
CA PRO WA 128 143.05 -30.29 -38.96
C PRO WA 128 142.67 -31.57 -39.71
N LEU WA 129 141.84 -32.37 -39.05
CA LEU WA 129 141.29 -33.57 -39.67
C LEU WA 129 139.79 -33.76 -39.45
N LYS WA 130 139.17 -33.05 -38.51
CA LYS WA 130 137.77 -33.35 -38.22
C LYS WA 130 137.02 -32.13 -37.73
N VAL WA 131 135.87 -31.88 -38.38
CA VAL WA 131 134.82 -31.01 -37.89
C VAL WA 131 133.68 -31.87 -37.36
N HIS WA 132 132.87 -31.27 -36.49
CA HIS WA 132 131.55 -31.82 -36.13
C HIS WA 132 130.48 -30.82 -36.51
N ARG WA 133 129.51 -31.27 -37.28
CA ARG WA 133 128.39 -30.41 -37.64
C ARG WA 133 127.10 -31.21 -37.61
N ASP WA 134 126.05 -30.56 -37.09
CA ASP WA 134 124.73 -31.17 -37.11
C ASP WA 134 124.18 -31.15 -38.53
N GLU WA 135 123.44 -32.22 -38.88
CA GLU WA 135 122.92 -32.34 -40.23
C GLU WA 135 121.74 -31.42 -40.50
N GLU WA 136 121.18 -30.79 -39.47
CA GLU WA 136 120.03 -29.90 -39.68
C GLU WA 136 120.48 -28.51 -40.12
N THR WA 137 121.27 -27.84 -39.29
CA THR WA 137 121.68 -26.46 -39.56
C THR WA 137 123.13 -26.31 -39.96
N GLY WA 138 123.99 -27.30 -39.69
CA GLY WA 138 125.38 -27.21 -40.09
C GLY WA 138 126.28 -26.45 -39.14
N LYS WA 139 125.83 -26.18 -37.92
CA LYS WA 139 126.65 -25.42 -36.98
C LYS WA 139 127.80 -26.26 -36.47
N ILE WA 140 128.97 -25.63 -36.32
CA ILE WA 140 130.18 -26.34 -35.93
C ILE WA 140 130.10 -26.73 -34.46
N LEU WA 141 130.40 -27.98 -34.16
CA LEU WA 141 130.19 -28.55 -32.84
C LEU WA 141 131.47 -28.96 -32.14
N ASN WA 142 132.43 -29.52 -32.87
CA ASN WA 142 133.70 -29.94 -32.30
C ASN WA 142 134.78 -29.77 -33.35
N LEU WA 143 135.99 -29.47 -32.91
CA LEU WA 143 137.14 -29.39 -33.80
C LEU WA 143 138.26 -30.27 -33.29
N VAL WA 144 138.85 -31.06 -34.18
CA VAL WA 144 139.97 -31.94 -33.86
C VAL WA 144 141.20 -31.43 -34.59
N PHE WA 145 142.28 -31.21 -33.86
CA PHE WA 145 143.47 -30.58 -34.41
C PHE WA 145 144.72 -31.40 -34.07
N VAL WA 146 145.58 -31.54 -35.08
CA VAL WA 146 146.85 -32.22 -34.95
C VAL WA 146 147.96 -31.21 -35.17
N TRP WA 147 148.91 -31.17 -34.24
CA TRP WA 147 150.09 -30.32 -34.37
C TRP WA 147 150.84 -30.65 -35.64
N ALA WA 148 151.33 -29.63 -36.35
CA ALA WA 148 152.13 -29.81 -37.56
C ALA WA 148 153.41 -29.02 -37.39
N ASP WA 149 154.38 -29.62 -36.70
CA ASP WA 149 155.65 -28.95 -36.46
C ASP WA 149 156.55 -29.10 -37.68
N ASP WA 150 157.79 -28.61 -37.56
CA ASP WA 150 158.72 -28.67 -38.67
C ASP WA 150 159.23 -30.10 -38.87
N GLY WA 151 159.13 -30.59 -40.10
CA GLY WA 151 159.65 -31.90 -40.44
C GLY WA 151 158.77 -33.07 -40.07
N GLU WA 152 157.54 -32.83 -39.63
CA GLU WA 152 156.66 -33.92 -39.25
C GLU WA 152 156.06 -34.59 -40.48
N LYS WA 153 156.12 -35.92 -40.51
CA LYS WA 153 155.56 -36.70 -41.60
C LYS WA 153 154.15 -37.14 -41.23
N LEU WA 154 153.17 -36.66 -42.01
CA LEU WA 154 151.76 -36.91 -41.71
C LEU WA 154 151.05 -37.47 -42.93
N LYS WA 155 150.20 -38.47 -42.69
CA LYS WA 155 149.28 -38.96 -43.70
C LYS WA 155 148.11 -37.99 -43.84
N VAL WA 156 147.64 -37.82 -45.08
CA VAL WA 156 146.56 -36.88 -45.36
C VAL WA 156 145.79 -37.39 -46.57
N ASP WA 157 144.50 -37.09 -46.60
CA ASP WA 157 143.63 -37.47 -47.69
C ASP WA 157 143.20 -36.19 -48.43
N VAL WA 158 143.64 -36.05 -49.68
CA VAL WA 158 143.42 -34.80 -50.40
C VAL WA 158 142.48 -35.03 -51.58
N PRO WA 159 141.33 -34.35 -51.63
CA PRO WA 159 140.52 -34.36 -52.85
C PRO WA 159 141.21 -33.59 -53.97
N VAL WA 160 140.88 -33.97 -55.20
CA VAL WA 160 141.56 -33.45 -56.38
C VAL WA 160 140.68 -32.41 -57.06
N VAL WA 161 141.33 -31.55 -57.85
CA VAL WA 161 140.70 -30.45 -58.56
C VAL WA 161 140.97 -30.61 -60.04
N PHE WA 162 139.91 -30.57 -60.82
CA PHE WA 162 140.01 -30.68 -62.27
C PHE WA 162 139.85 -29.28 -62.86
N LYS WA 163 140.82 -28.84 -63.64
CA LYS WA 163 140.79 -27.52 -64.24
C LYS WA 163 140.84 -27.65 -65.75
N GLY WA 164 140.22 -26.69 -66.44
CA GLY WA 164 140.14 -26.73 -67.87
C GLY WA 164 138.93 -27.44 -68.42
N LEU WA 165 137.82 -27.44 -67.69
CA LEU WA 165 136.60 -28.11 -68.16
C LEU WA 165 136.04 -27.47 -69.40
N ASP WA 166 135.95 -26.16 -69.38
CA ASP WA 166 135.29 -25.44 -70.45
C ASP WA 166 136.09 -25.50 -71.75
N HIS WA 167 137.35 -25.90 -71.66
CA HIS WA 167 138.26 -25.90 -72.80
C HIS WA 167 138.69 -27.30 -73.22
N CYS WA 168 138.07 -28.34 -72.66
CA CYS WA 168 138.44 -29.71 -72.99
C CYS WA 168 137.87 -30.09 -74.35
N PRO WA 169 138.71 -30.51 -75.31
CA PRO WA 169 138.19 -30.86 -76.64
C PRO WA 169 137.34 -32.11 -76.64
N GLY WA 170 137.65 -33.09 -75.78
CA GLY WA 170 136.79 -34.25 -75.66
C GLY WA 170 135.42 -33.89 -75.11
N LEU WA 171 135.38 -33.00 -74.11
CA LEU WA 171 134.12 -32.53 -73.57
C LEU WA 171 133.32 -31.72 -74.59
N GLN WA 172 134.01 -30.93 -75.42
CA GLN WA 172 133.30 -30.12 -76.42
C GLN WA 172 132.80 -30.95 -77.58
N LYS WA 173 133.55 -31.97 -78.01
CA LYS WA 173 133.18 -32.73 -79.19
C LYS WA 173 132.09 -33.77 -78.94
N GLY WA 174 131.78 -34.08 -77.68
CA GLY WA 174 130.71 -35.02 -77.41
C GLY WA 174 130.95 -35.97 -76.25
N GLY WA 175 132.19 -35.99 -75.75
CA GLY WA 175 132.50 -36.84 -74.63
C GLY WA 175 132.18 -36.21 -73.29
N ASN WA 176 132.17 -37.05 -72.26
CA ASN WA 176 131.92 -36.61 -70.90
C ASN WA 176 133.09 -37.02 -70.02
N LEU WA 177 133.38 -36.21 -69.01
CA LEU WA 177 134.47 -36.47 -68.10
C LEU WA 177 133.91 -37.17 -66.86
N ARG WA 178 134.18 -38.47 -66.76
CA ARG WA 178 133.71 -39.27 -65.64
C ARG WA 178 134.65 -39.07 -64.45
N THR WA 179 134.11 -38.57 -63.35
CA THR WA 179 134.89 -38.36 -62.13
C THR WA 179 135.04 -39.73 -61.47
N ILE WA 180 136.25 -40.29 -61.55
CA ILE WA 180 136.48 -41.64 -61.06
C ILE WA 180 136.84 -41.60 -59.58
N ARG WA 181 137.99 -41.02 -59.25
CA ARG WA 181 138.49 -41.03 -57.89
C ARG WA 181 138.48 -39.62 -57.31
N SER WA 182 138.10 -39.52 -56.04
CA SER WA 182 137.98 -38.23 -55.36
C SER WA 182 139.25 -37.85 -54.60
N THR WA 183 139.64 -38.65 -53.63
CA THR WA 183 140.76 -38.32 -52.74
C THR WA 183 141.94 -39.25 -53.00
N LEU WA 184 143.13 -38.75 -52.70
CA LEU WA 184 144.38 -39.51 -52.77
C LEU WA 184 145.10 -39.41 -51.44
N LYS WA 185 145.79 -40.50 -51.08
CA LYS WA 185 146.58 -40.53 -49.85
C LYS WA 185 147.96 -39.96 -50.10
N LEU WA 186 148.40 -39.08 -49.20
CA LEU WA 186 149.70 -38.43 -49.30
C LEU WA 186 150.42 -38.56 -47.97
N LEU WA 187 151.71 -38.85 -48.00
CA LEU WA 187 152.53 -38.91 -46.80
C LEU WA 187 153.78 -38.08 -47.02
N GLY WA 188 154.04 -37.12 -46.13
CA GLY WA 188 155.18 -36.25 -46.26
C GLY WA 188 155.31 -35.20 -45.18
N PRO WA 189 156.04 -34.13 -45.47
CA PRO WA 189 156.28 -33.09 -44.46
C PRO WA 189 155.05 -32.23 -44.22
N ALA WA 190 155.06 -31.57 -43.05
CA ALA WA 190 154.01 -30.62 -42.74
C ALA WA 190 154.15 -29.32 -43.51
N GLU WA 191 155.36 -29.05 -44.04
CA GLU WA 191 155.59 -27.77 -44.70
C GLU WA 191 155.01 -27.74 -46.11
N HIS WA 192 154.98 -28.87 -46.80
CA HIS WA 192 154.72 -28.88 -48.24
C HIS WA 192 153.53 -29.75 -48.64
N ILE WA 193 152.52 -29.85 -47.79
CA ILE WA 193 151.30 -30.54 -48.18
C ILE WA 193 150.45 -29.55 -48.98
N PRO WA 194 150.05 -29.90 -50.20
CA PRO WA 194 149.14 -29.03 -50.95
C PRO WA 194 147.75 -29.03 -50.36
N SER WA 195 147.10 -27.88 -50.40
CA SER WA 195 145.71 -27.81 -49.97
C SER WA 195 144.76 -28.43 -50.99
N LYS WA 196 145.18 -28.49 -52.26
CA LYS WA 196 144.37 -29.08 -53.31
C LYS WA 196 145.28 -29.67 -54.37
N ILE WA 197 144.78 -30.71 -55.04
CA ILE WA 197 145.53 -31.42 -56.06
C ILE WA 197 144.92 -31.06 -57.42
N GLU WA 198 145.72 -30.47 -58.29
CA GLU WA 198 145.26 -30.03 -59.60
C GLU WA 198 145.83 -30.92 -60.68
N VAL WA 199 145.02 -31.19 -61.70
CA VAL WA 199 145.44 -31.90 -62.89
C VAL WA 199 145.07 -31.06 -64.10
N ASP WA 200 145.70 -31.38 -65.23
CA ASP WA 200 145.41 -30.73 -66.51
C ASP WA 200 144.67 -31.70 -67.40
N VAL WA 201 143.43 -31.34 -67.76
CA VAL WA 201 142.58 -32.15 -68.62
C VAL WA 201 142.19 -31.43 -69.90
N SER WA 202 142.84 -30.29 -70.19
CA SER WA 202 142.58 -29.55 -71.42
C SER WA 202 143.22 -30.19 -72.64
N ASN WA 203 144.07 -31.20 -72.46
CA ASN WA 203 144.78 -31.82 -73.57
C ASN WA 203 144.21 -33.20 -73.93
N LEU WA 204 143.08 -33.59 -73.35
CA LEU WA 204 142.51 -34.91 -73.58
C LEU WA 204 141.38 -34.83 -74.59
N ASP WA 205 141.43 -35.72 -75.59
CA ASP WA 205 140.33 -35.96 -76.50
C ASP WA 205 139.42 -37.02 -75.89
N ILE WA 206 138.50 -37.56 -76.69
CA ILE WA 206 137.55 -38.54 -76.17
C ILE WA 206 138.26 -39.88 -75.93
N GLU WA 207 137.74 -40.63 -74.94
CA GLU WA 207 138.29 -41.93 -74.51
C GLU WA 207 139.74 -41.83 -74.08
N ASP WA 208 140.07 -40.78 -73.35
CA ASP WA 208 141.44 -40.51 -72.91
C ASP WA 208 141.49 -40.41 -71.39
N LYS WA 209 142.58 -40.90 -70.80
CA LYS WA 209 142.70 -40.94 -69.35
C LYS WA 209 144.13 -40.60 -68.95
N VAL WA 210 144.28 -40.12 -67.72
CA VAL WA 210 145.56 -39.69 -67.17
C VAL WA 210 145.74 -40.38 -65.82
N LEU WA 211 146.85 -41.10 -65.66
CA LEU WA 211 147.07 -41.92 -64.48
C LEU WA 211 147.48 -41.06 -63.30
N LEU WA 212 147.59 -41.70 -62.12
CA LEU WA 212 147.98 -40.98 -60.91
C LEU WA 212 149.48 -40.67 -60.88
N GLN WA 213 150.29 -41.36 -61.67
CA GLN WA 213 151.70 -41.05 -61.75
C GLN WA 213 151.97 -39.78 -62.53
N ASP WA 214 151.04 -39.39 -63.40
CA ASP WA 214 151.14 -38.15 -64.16
C ASP WA 214 150.62 -36.95 -63.39
N VAL WA 215 150.12 -37.15 -62.17
CA VAL WA 215 149.62 -36.06 -61.36
C VAL WA 215 150.80 -35.25 -60.83
N VAL WA 216 150.74 -33.92 -61.02
CA VAL WA 216 151.80 -33.04 -60.59
C VAL WA 216 151.81 -32.95 -59.07
N PHE WA 217 152.89 -33.41 -58.46
CA PHE WA 217 153.02 -33.40 -57.01
C PHE WA 217 154.50 -33.38 -56.63
N HIS WA 218 154.76 -33.12 -55.36
CA HIS WA 218 156.11 -32.87 -54.84
C HIS WA 218 156.96 -34.15 -54.88
N PRO WA 219 158.20 -34.08 -55.35
CA PRO WA 219 159.02 -35.30 -55.47
C PRO WA 219 159.42 -35.94 -54.15
N SER WA 220 159.52 -35.18 -53.07
CA SER WA 220 159.85 -35.73 -51.76
C SER WA 220 158.61 -36.30 -51.06
N LEU WA 221 157.46 -36.19 -51.68
CA LEU WA 221 156.18 -36.61 -51.12
C LEU WA 221 155.90 -38.05 -51.56
N LYS WA 222 155.53 -38.90 -50.61
CA LYS WA 222 155.18 -40.28 -50.89
C LYS WA 222 153.68 -40.44 -50.79
N LEU WA 223 153.18 -41.54 -51.37
CA LEU WA 223 151.75 -41.74 -51.51
C LEU WA 223 151.16 -42.66 -50.44
N LEU WA 224 151.64 -43.89 -50.37
CA LEU WA 224 150.96 -45.01 -49.70
C LEU WA 224 149.51 -45.08 -50.20
N SER WA 225 149.39 -45.42 -51.46
CA SER WA 225 148.07 -45.64 -52.05
C SER WA 225 148.18 -46.71 -53.11
N LYS WA 226 147.11 -47.47 -53.27
CA LYS WA 226 147.07 -48.51 -54.29
C LYS WA 226 146.57 -47.85 -55.57
N ASN WA 227 147.52 -47.42 -56.40
CA ASN WA 227 147.18 -46.72 -57.63
C ASN WA 227 146.80 -47.71 -58.73
N GLU WA 228 147.70 -48.66 -59.01
CA GLU WA 228 147.64 -49.67 -60.08
C GLU WA 228 147.14 -49.11 -61.42
N THR WA 229 146.41 -49.90 -62.20
CA THR WA 229 145.88 -49.48 -63.49
C THR WA 229 144.55 -48.74 -63.26
N MET WA 230 144.65 -47.52 -62.74
CA MET WA 230 143.49 -46.69 -62.48
C MET WA 230 143.86 -45.23 -62.71
N PRO WA 231 143.04 -44.47 -63.43
CA PRO WA 231 143.30 -43.05 -63.60
C PRO WA 231 142.56 -42.21 -62.56
N VAL WA 232 142.81 -40.91 -62.61
CA VAL WA 232 142.00 -39.95 -61.86
C VAL WA 232 140.76 -39.53 -62.63
N CYS WA 233 140.77 -39.67 -63.95
CA CYS WA 233 139.71 -39.17 -64.81
C CYS WA 233 139.77 -39.91 -66.13
N LYS WA 234 138.67 -39.84 -66.88
CA LYS WA 234 138.59 -40.51 -68.16
C LYS WA 234 137.48 -39.88 -68.98
N ILE WA 235 137.67 -39.82 -70.30
CA ILE WA 235 136.59 -39.38 -71.18
C ILE WA 235 136.13 -40.55 -72.04
N GLN XA 36 -84.06 -6.15 87.59
CA GLN XA 36 -83.55 -6.92 86.45
C GLN XA 36 -82.05 -6.63 86.33
N LEU XA 37 -81.25 -7.42 87.04
CA LEU XA 37 -79.80 -7.27 87.02
C LEU XA 37 -79.12 -8.63 86.92
N GLU XA 38 -79.76 -9.58 86.24
CA GLU XA 38 -79.26 -10.94 86.15
C GLU XA 38 -79.07 -11.33 84.69
N TYR XA 39 -78.12 -12.24 84.45
CA TYR XA 39 -77.91 -12.81 83.13
C TYR XA 39 -79.17 -13.50 82.63
N LEU XA 40 -79.54 -13.19 81.39
CA LEU XA 40 -80.66 -13.85 80.76
C LEU XA 40 -80.27 -15.25 80.32
N PRO XA 41 -81.25 -16.15 80.15
CA PRO XA 41 -80.94 -17.47 79.60
C PRO XA 41 -80.53 -17.38 78.14
N GLY XA 42 -79.77 -18.38 77.70
CA GLY XA 42 -79.17 -18.37 76.38
C GLY XA 42 -77.87 -17.60 76.28
N PHE XA 43 -77.36 -17.11 77.40
CA PHE XA 43 -76.16 -16.28 77.48
C PHE XA 43 -75.06 -17.01 78.22
N PRO XA 44 -73.80 -16.73 77.90
CA PRO XA 44 -72.70 -17.30 78.69
C PRO XA 44 -72.60 -16.65 80.06
N ARG XA 45 -71.96 -17.37 80.96
CA ARG XA 45 -71.69 -16.93 82.32
C ARG XA 45 -70.22 -17.11 82.61
N PRO XA 46 -69.66 -16.38 83.57
CA PRO XA 46 -68.28 -16.65 83.99
C PRO XA 46 -68.11 -18.06 84.53
N ASP XA 47 -66.97 -18.67 84.21
CA ASP XA 47 -66.70 -20.03 84.60
C ASP XA 47 -66.35 -20.11 86.08
N ALA XA 48 -66.66 -21.25 86.69
CA ALA XA 48 -66.33 -21.50 88.07
C ALA XA 48 -64.97 -22.16 88.23
N LYS XA 49 -64.29 -22.48 87.12
CA LYS XA 49 -62.93 -22.99 87.21
C LYS XA 49 -61.94 -21.88 87.53
N HIS XA 50 -62.08 -20.73 86.87
CA HIS XA 50 -61.18 -19.61 87.02
C HIS XA 50 -61.67 -18.60 88.05
N ALA XA 51 -62.55 -19.00 88.96
CA ALA XA 51 -63.08 -18.08 89.96
C ALA XA 51 -62.21 -18.16 91.22
N GLU XA 52 -60.97 -17.72 91.06
CA GLU XA 52 -60.06 -17.63 92.19
C GLU XA 52 -60.23 -16.31 92.92
N THR XA 53 -59.63 -16.23 94.09
CA THR XA 53 -59.55 -14.99 94.86
C THR XA 53 -58.11 -14.50 94.84
N ILE XA 54 -57.92 -13.20 94.70
CA ILE XA 54 -56.61 -12.62 94.55
C ILE XA 54 -56.16 -12.06 95.89
N LEU XA 55 -54.98 -12.49 96.34
CA LEU XA 55 -54.46 -12.10 97.64
C LEU XA 55 -53.42 -11.02 97.48
N ALA XA 56 -53.48 -10.01 98.34
CA ALA XA 56 -52.57 -8.87 98.26
C ALA XA 56 -52.14 -8.47 99.65
N VAL XA 57 -51.02 -7.75 99.71
CA VAL XA 57 -50.50 -7.18 100.95
C VAL XA 57 -50.27 -5.70 100.66
N PRO XA 58 -50.34 -4.81 101.66
CA PRO XA 58 -50.17 -3.39 101.38
C PRO XA 58 -48.75 -3.03 100.95
N ARG XA 59 -48.67 -1.98 100.15
CA ARG XA 59 -47.41 -1.43 99.65
C ARG XA 59 -47.34 0.02 100.11
N SER XA 60 -46.18 0.46 100.59
CA SER XA 60 -46.10 1.72 101.30
C SER XA 60 -45.61 2.90 100.45
N ASP XA 61 -45.20 2.69 99.21
CA ASP XA 61 -44.65 3.77 98.42
C ASP XA 61 -44.79 3.47 96.94
N SER XA 62 -44.61 4.52 96.12
CA SER XA 62 -44.62 4.43 94.68
C SER XA 62 -43.25 4.78 94.12
N GLY XA 63 -42.95 4.26 92.94
CA GLY XA 63 -41.70 4.56 92.30
C GLY XA 63 -40.97 3.34 91.81
N LYS XA 64 -39.96 3.56 90.97
CA LYS XA 64 -39.21 2.47 90.37
C LYS XA 64 -38.33 1.74 91.37
N ASN XA 65 -37.92 2.40 92.45
CA ASN XA 65 -37.11 1.74 93.47
C ASN XA 65 -37.88 0.64 94.18
N ILE XA 66 -39.01 0.99 94.79
CA ILE XA 66 -39.84 0.00 95.46
C ILE XA 66 -40.50 -0.95 94.47
N SER XA 67 -40.75 -0.51 93.23
CA SER XA 67 -41.29 -1.43 92.23
C SER XA 67 -40.28 -2.53 91.89
N ALA XA 68 -39.01 -2.16 91.69
CA ALA XA 68 -37.98 -3.15 91.44
C ALA XA 68 -37.74 -4.05 92.64
N LYS XA 69 -37.83 -3.50 93.85
CA LYS XA 69 -37.68 -4.34 95.04
C LYS XA 69 -38.79 -5.37 95.16
N GLU XA 70 -40.05 -4.97 94.90
CA GLU XA 70 -41.16 -5.92 94.94
C GLU XA 70 -41.03 -6.97 93.84
N ARG XA 71 -40.61 -6.56 92.65
CA ARG XA 71 -40.45 -7.53 91.58
C ARG XA 71 -39.32 -8.51 91.85
N LYS XA 72 -38.22 -8.04 92.45
CA LYS XA 72 -37.15 -8.94 92.85
C LYS XA 72 -37.62 -9.90 93.94
N ALA XA 73 -38.44 -9.42 94.88
CA ALA XA 73 -39.00 -10.28 95.92
C ALA XA 73 -40.07 -11.22 95.39
N GLY XA 74 -40.61 -10.97 94.20
CA GLY XA 74 -41.56 -11.90 93.63
C GLY XA 74 -43.00 -11.48 93.79
N ARG XA 75 -43.26 -10.18 93.62
CA ARG XA 75 -44.60 -9.64 93.70
C ARG XA 75 -44.80 -8.59 92.61
N VAL XA 76 -46.03 -8.44 92.17
CA VAL XA 76 -46.41 -7.49 91.13
C VAL XA 76 -47.07 -6.29 91.79
N PRO XA 77 -46.60 -5.08 91.57
CA PRO XA 77 -47.25 -3.91 92.16
C PRO XA 77 -48.64 -3.66 91.59
N SER XA 78 -49.49 -3.05 92.42
CA SER XA 78 -50.87 -2.88 92.05
C SER XA 78 -51.50 -1.76 92.85
N ILE XA 79 -52.65 -1.30 92.37
CA ILE XA 79 -53.43 -0.27 93.05
C ILE XA 79 -54.90 -0.60 92.86
N ILE XA 80 -55.67 -0.42 93.94
CA ILE XA 80 -57.12 -0.56 93.91
C ILE XA 80 -57.72 0.82 94.10
N PHE XA 81 -58.58 1.24 93.18
CA PHE XA 81 -59.20 2.56 93.24
C PHE XA 81 -60.65 2.47 92.81
N GLU XA 82 -61.40 3.53 93.08
CA GLU XA 82 -62.82 3.61 92.77
C GLU XA 82 -63.08 4.71 91.75
N GLN XA 83 -64.34 4.88 91.37
CA GLN XA 83 -64.69 5.80 90.30
C GLN XA 83 -65.07 7.19 90.78
N GLU XA 84 -65.58 7.32 92.01
CA GLU XA 84 -66.42 8.47 92.36
C GLU XA 84 -65.66 9.79 92.36
N ASP XA 85 -64.38 9.77 92.73
CA ASP XA 85 -63.58 10.99 92.78
C ASP XA 85 -62.33 10.78 91.96
N GLY XA 86 -62.37 11.12 90.67
CA GLY XA 86 -61.20 10.96 89.84
C GLY XA 86 -60.06 11.87 90.27
N GLN XA 87 -60.37 13.13 90.57
CA GLN XA 87 -59.44 13.98 91.27
C GLN XA 87 -59.32 13.53 92.72
N HIS XA 88 -58.29 14.05 93.40
CA HIS XA 88 -57.94 13.66 94.76
C HIS XA 88 -57.73 12.15 94.89
N GLY XA 89 -57.05 11.56 93.90
CA GLY XA 89 -56.71 10.16 93.98
C GLY XA 89 -57.83 9.21 93.64
N GLY XA 90 -58.83 9.10 94.51
CA GLY XA 90 -59.90 8.16 94.28
C GLY XA 90 -60.00 7.04 95.29
N ASN XA 91 -59.68 7.36 96.55
CA ASN XA 91 -59.68 6.39 97.65
C ASN XA 91 -58.76 5.21 97.35
N LYS XA 92 -57.59 5.52 96.81
CA LYS XA 92 -56.69 4.49 96.32
C LYS XA 92 -56.01 3.76 97.47
N ARG XA 93 -55.68 2.50 97.23
CA ARG XA 93 -54.83 1.73 98.13
C ARG XA 93 -53.78 1.00 97.30
N LEU XA 94 -52.52 1.15 97.70
CA LEU XA 94 -51.39 0.56 96.99
C LEU XA 94 -51.08 -0.81 97.59
N VAL XA 95 -51.13 -1.85 96.74
CA VAL XA 95 -50.95 -3.22 97.18
C VAL XA 95 -49.94 -3.92 96.28
N SER XA 96 -49.68 -5.18 96.58
CA SER XA 96 -48.84 -6.04 95.75
C SER XA 96 -49.41 -7.44 95.74
N VAL XA 97 -49.47 -8.05 94.56
CA VAL XA 97 -50.07 -9.36 94.38
C VAL XA 97 -48.99 -10.36 93.98
N GLN XA 98 -49.36 -11.64 93.93
CA GLN XA 98 -48.38 -12.69 93.70
C GLN XA 98 -48.19 -12.97 92.22
N THR XA 99 -46.91 -12.97 91.82
CA THR XA 99 -46.55 -13.07 90.41
C THR XA 99 -46.98 -14.41 89.80
N ASN XA 100 -46.80 -15.50 90.55
CA ASN XA 100 -47.17 -16.82 90.06
C ASN XA 100 -48.68 -16.92 89.83
N GLN XA 101 -49.47 -16.40 90.76
CA GLN XA 101 -50.92 -16.40 90.60
C GLN XA 101 -51.36 -15.54 89.42
N ILE XA 102 -50.79 -14.35 89.28
CA ILE XA 102 -51.21 -13.45 88.20
C ILE XA 102 -50.81 -13.99 86.85
N ARG XA 103 -49.60 -14.52 86.74
CA ARG XA 103 -49.15 -15.13 85.50
C ARG XA 103 -49.97 -16.36 85.13
N LYS XA 104 -50.35 -17.17 86.13
CA LYS XA 104 -51.20 -18.32 85.88
C LYS XA 104 -52.58 -17.88 85.37
N LEU XA 105 -53.15 -16.84 85.97
CA LEU XA 105 -54.46 -16.34 85.54
C LEU XA 105 -54.40 -15.81 84.11
N VAL XA 106 -53.37 -15.04 83.78
CA VAL XA 106 -53.27 -14.47 82.44
C VAL XA 106 -53.02 -15.56 81.40
N THR XA 107 -52.15 -16.53 81.71
CA THR XA 107 -51.89 -17.61 80.76
C THR XA 107 -53.11 -18.49 80.54
N HIS XA 108 -53.86 -18.80 81.61
CA HIS XA 108 -55.00 -19.69 81.47
C HIS XA 108 -56.17 -19.01 80.78
N LEU XA 109 -56.45 -17.75 81.13
CA LEU XA 109 -57.62 -17.10 80.57
C LEU XA 109 -57.35 -16.52 79.19
N GLY XA 110 -56.16 -15.98 78.96
CA GLY XA 110 -55.91 -15.09 77.86
C GLY XA 110 -55.85 -13.66 78.33
N TYR XA 111 -55.23 -12.80 77.52
CA TYR XA 111 -55.03 -11.42 77.91
C TYR XA 111 -56.33 -10.64 77.92
N SER XA 112 -57.13 -10.78 76.87
CA SER XA 112 -58.37 -10.02 76.77
C SER XA 112 -59.46 -10.58 77.66
N PHE XA 113 -59.49 -11.90 77.85
CA PHE XA 113 -60.53 -12.52 78.66
C PHE XA 113 -60.34 -12.20 80.14
N PHE XA 114 -59.10 -12.02 80.58
CA PHE XA 114 -58.82 -11.61 81.95
C PHE XA 114 -59.34 -10.21 82.23
N LEU XA 115 -59.46 -9.37 81.20
CA LEU XA 115 -59.82 -7.97 81.36
C LEU XA 115 -61.31 -7.72 81.23
N SER XA 116 -62.11 -8.75 81.00
CA SER XA 116 -63.56 -8.62 80.87
C SER XA 116 -64.25 -9.58 81.82
N ARG XA 117 -63.76 -9.65 83.05
CA ARG XA 117 -64.27 -10.58 84.02
C ARG XA 117 -63.96 -10.03 85.41
N LEU XA 118 -64.91 -10.19 86.33
CA LEU XA 118 -64.78 -9.66 87.67
C LEU XA 118 -64.09 -10.67 88.59
N PHE XA 119 -63.48 -10.16 89.66
CA PHE XA 119 -62.71 -11.01 90.57
C PHE XA 119 -62.97 -10.58 92.02
N ASP XA 120 -62.64 -11.49 92.94
CA ASP XA 120 -62.65 -11.20 94.36
C ASP XA 120 -61.23 -10.85 94.77
N VAL XA 121 -61.06 -9.71 95.43
CA VAL XA 121 -59.76 -9.26 95.92
C VAL XA 121 -59.82 -9.23 97.44
N GLU XA 122 -58.83 -9.85 98.08
CA GLU XA 122 -58.76 -9.94 99.54
C GLU XA 122 -57.41 -9.39 99.97
N VAL XA 123 -57.43 -8.25 100.65
CA VAL XA 123 -56.22 -7.56 101.08
C VAL XA 123 -56.07 -7.77 102.57
N ARG XA 124 -55.00 -8.45 102.95
CA ARG XA 124 -54.64 -8.75 104.34
C ARG XA 124 -53.32 -8.08 104.67
N SER XA 125 -53.03 -7.99 105.97
CA SER XA 125 -51.83 -7.28 106.41
C SER XA 125 -50.55 -8.05 106.12
N GLU XA 126 -50.62 -9.38 106.01
CA GLU XA 126 -49.42 -10.18 105.78
C GLU XA 126 -49.84 -11.51 105.16
N ILE XA 127 -48.89 -12.14 104.47
CA ILE XA 127 -49.12 -13.46 103.91
C ILE XA 127 -49.16 -14.47 105.05
N GLY XA 128 -50.26 -15.21 105.14
CA GLY XA 128 -50.52 -16.08 106.26
C GLY XA 128 -51.22 -15.43 107.43
N SER XA 129 -51.40 -14.11 107.41
CA SER XA 129 -52.14 -13.44 108.46
C SER XA 129 -53.63 -13.54 108.22
N ASP XA 130 -54.40 -13.37 109.31
CA ASP XA 130 -55.85 -13.37 109.23
C ASP XA 130 -56.44 -11.98 109.37
N GLU XA 131 -55.62 -10.95 109.49
CA GLU XA 131 -56.10 -9.57 109.59
C GLU XA 131 -56.48 -9.09 108.20
N VAL XA 132 -57.69 -9.43 107.77
CA VAL XA 132 -58.16 -9.05 106.45
C VAL XA 132 -58.56 -7.58 106.48
N ILE XA 133 -57.90 -6.78 105.66
CA ILE XA 133 -58.17 -5.34 105.61
C ILE XA 133 -59.35 -5.03 104.70
N GLU XA 134 -59.38 -5.60 103.50
CA GLU XA 134 -60.47 -5.25 102.60
C GLU XA 134 -60.77 -6.41 101.65
N LYS XA 135 -62.00 -6.88 101.66
CA LYS XA 135 -62.48 -7.83 100.68
C LYS XA 135 -63.49 -7.13 99.77
N VAL XA 136 -63.25 -7.16 98.46
CA VAL XA 136 -64.03 -6.34 97.53
C VAL XA 136 -64.08 -7.01 96.16
N ARG XA 137 -65.14 -6.71 95.43
CA ARG XA 137 -65.39 -7.27 94.10
C ARG XA 137 -64.93 -6.26 93.07
N ALA XA 138 -63.88 -6.61 92.31
CA ALA XA 138 -63.18 -5.63 91.50
C ALA XA 138 -62.94 -6.13 90.09
N LEU XA 139 -62.73 -5.17 89.18
CA LEU XA 139 -62.41 -5.43 87.78
C LEU XA 139 -60.94 -5.13 87.52
N PRO XA 140 -60.22 -6.02 86.84
CA PRO XA 140 -58.87 -5.68 86.39
C PRO XA 140 -58.92 -4.68 85.26
N ARG XA 141 -58.61 -3.42 85.55
CA ARG XA 141 -58.76 -2.37 84.55
C ARG XA 141 -57.67 -2.45 83.49
N SER XA 142 -56.44 -2.79 83.89
CA SER XA 142 -55.38 -3.04 82.94
C SER XA 142 -54.32 -3.91 83.60
N ILE XA 143 -53.51 -4.56 82.77
CA ILE XA 143 -52.33 -5.26 83.23
C ILE XA 143 -51.20 -4.93 82.27
N HIS XA 144 -50.03 -4.66 82.81
CA HIS XA 144 -48.85 -4.31 82.02
C HIS XA 144 -47.97 -5.56 81.88
N LEU XA 145 -47.64 -5.90 80.64
CA LEU XA 145 -46.71 -6.97 80.35
C LEU XA 145 -45.48 -6.39 79.67
N HIS XA 146 -44.32 -6.93 80.02
CA HIS XA 146 -43.07 -6.52 79.39
C HIS XA 146 -43.10 -6.85 77.90
N SER XA 147 -42.59 -5.94 77.09
CA SER XA 147 -42.67 -6.13 75.64
C SER XA 147 -41.69 -7.17 75.13
N GLY XA 148 -40.67 -7.53 75.91
CA GLY XA 148 -39.70 -8.50 75.47
C GLY XA 148 -39.75 -9.82 76.23
N THR XA 149 -40.01 -9.77 77.53
CA THR XA 149 -40.00 -10.97 78.36
C THR XA 149 -41.39 -11.40 78.81
N ASP XA 150 -42.38 -10.53 78.68
CA ASP XA 150 -43.80 -10.80 79.01
C ASP XA 150 -44.00 -11.15 80.48
N ALA XA 151 -43.15 -10.68 81.32
CA ALA XA 151 -43.48 -10.80 82.74
C ALA XA 151 -44.39 -9.65 83.16
N PRO XA 152 -45.31 -9.88 84.09
CA PRO XA 152 -46.21 -8.79 84.51
C PRO XA 152 -45.47 -7.75 85.33
N LEU XA 153 -45.76 -6.48 85.04
CA LEU XA 153 -45.10 -5.37 85.71
C LEU XA 153 -46.04 -4.55 86.58
N ASN XA 154 -47.35 -4.62 86.38
CA ASN XA 154 -48.31 -3.74 87.04
C ASN XA 154 -49.70 -4.29 86.82
N VAL XA 155 -50.52 -4.36 87.86
CA VAL XA 155 -51.92 -4.74 87.71
C VAL XA 155 -52.79 -3.63 88.30
N THR XA 156 -53.90 -3.31 87.63
CA THR XA 156 -54.77 -2.23 88.08
C THR XA 156 -56.15 -2.76 88.40
N PHE XA 157 -56.68 -2.44 89.58
CA PHE XA 157 -58.00 -2.92 89.98
C PHE XA 157 -58.92 -1.74 90.28
N ILE XA 158 -60.14 -1.82 89.76
CA ILE XA 158 -61.14 -0.78 89.96
C ILE XA 158 -62.34 -1.40 90.66
N ARG XA 159 -62.81 -0.74 91.72
CA ARG XA 159 -63.87 -1.28 92.56
C ARG XA 159 -65.19 -1.25 91.79
N ALA XA 160 -65.78 -2.44 91.59
CA ALA XA 160 -67.06 -2.56 90.90
C ALA XA 160 -68.05 -3.34 91.75
N PRO XA 161 -68.63 -2.72 92.77
CA PRO XA 161 -69.77 -3.32 93.43
C PRO XA 161 -71.00 -3.24 92.53
N PRO XA 162 -72.07 -3.96 92.84
CA PRO XA 162 -73.28 -3.85 92.02
C PRO XA 162 -73.86 -2.44 92.01
N GLY XA 163 -74.34 -2.03 90.84
CA GLY XA 163 -74.85 -0.70 90.64
C GLY XA 163 -73.89 0.29 90.01
N THR XA 164 -72.71 -0.15 89.59
CA THR XA 164 -71.70 0.73 89.02
C THR XA 164 -71.52 0.43 87.54
N LEU XA 165 -71.21 1.46 86.78
CA LEU XA 165 -71.11 1.38 85.32
C LEU XA 165 -69.66 1.44 84.90
N LEU XA 166 -69.29 0.61 83.93
CA LEU XA 166 -67.92 0.47 83.48
C LEU XA 166 -67.88 0.55 81.97
N LYS XA 167 -66.70 0.86 81.43
CA LYS XA 167 -66.44 0.72 80.01
C LYS XA 167 -65.59 -0.53 79.86
N VAL XA 168 -66.19 -1.59 79.32
CA VAL XA 168 -65.56 -2.90 79.27
C VAL XA 168 -65.33 -3.27 77.81
N ASP XA 169 -64.14 -3.79 77.52
CA ASP XA 169 -63.82 -4.28 76.20
C ASP XA 169 -63.96 -5.80 76.19
N ILE XA 170 -64.95 -6.28 75.45
CA ILE XA 170 -65.36 -7.69 75.47
C ILE XA 170 -64.78 -8.37 74.24
N PRO XA 171 -64.12 -9.52 74.38
CA PRO XA 171 -63.62 -10.24 73.21
C PRO XA 171 -64.76 -10.91 72.44
N LEU XA 172 -64.47 -11.25 71.19
CA LEU XA 172 -65.44 -11.97 70.37
C LEU XA 172 -64.99 -13.42 70.17
N VAL XA 173 -65.97 -14.31 70.02
CA VAL XA 173 -65.74 -15.71 69.73
C VAL XA 173 -66.53 -16.05 68.48
N PHE XA 174 -65.84 -16.54 67.46
CA PHE XA 174 -66.47 -16.83 66.17
C PHE XA 174 -66.75 -18.33 66.06
N ILE XA 175 -68.02 -18.69 65.92
CA ILE XA 175 -68.45 -20.07 65.85
C ILE XA 175 -69.15 -20.30 64.51
N GLY XA 176 -69.36 -21.57 64.19
CA GLY XA 176 -70.09 -21.94 63.00
C GLY XA 176 -69.33 -21.78 61.70
N ASP XA 177 -68.00 -21.77 61.74
CA ASP XA 177 -67.21 -21.64 60.53
C ASP XA 177 -67.19 -22.89 59.67
N ASP XA 178 -67.69 -24.02 60.19
CA ASP XA 178 -67.83 -25.24 59.41
C ASP XA 178 -69.16 -25.31 58.68
N VAL XA 179 -70.14 -24.51 59.09
CA VAL XA 179 -71.47 -24.54 58.49
C VAL XA 179 -71.60 -23.50 57.37
N SER XA 180 -70.72 -22.50 57.34
CA SER XA 180 -70.85 -21.36 56.43
C SER XA 180 -70.73 -21.78 54.98
N PRO XA 181 -71.74 -21.51 54.15
CA PRO XA 181 -71.62 -21.81 52.72
C PRO XA 181 -70.50 -21.06 52.03
N GLY XA 182 -70.24 -19.82 52.44
CA GLY XA 182 -69.15 -19.07 51.86
C GLY XA 182 -67.80 -19.67 52.16
N LEU XA 183 -67.60 -20.12 53.40
CA LEU XA 183 -66.35 -20.80 53.74
C LEU XA 183 -66.28 -22.19 53.11
N LYS XA 184 -67.43 -22.84 52.89
CA LYS XA 184 -67.44 -24.10 52.16
C LYS XA 184 -67.01 -23.93 50.72
N LYS XA 185 -67.37 -22.81 50.09
CA LYS XA 185 -67.02 -22.56 48.70
C LYS XA 185 -65.57 -22.13 48.49
N GLY XA 186 -64.77 -22.04 49.54
CA GLY XA 186 -63.38 -21.71 49.41
C GLY XA 186 -63.01 -20.27 49.68
N ALA XA 187 -63.94 -19.45 50.12
CA ALA XA 187 -63.63 -18.08 50.48
C ALA XA 187 -62.86 -18.04 51.80
N SER XA 188 -62.15 -16.94 52.00
CA SER XA 188 -61.33 -16.77 53.21
C SER XA 188 -61.98 -15.75 54.14
N LEU XA 189 -61.58 -15.81 55.41
CA LEU XA 189 -62.22 -15.04 56.46
C LEU XA 189 -61.40 -13.79 56.78
N ASN XA 190 -62.10 -12.66 56.88
CA ASN XA 190 -61.48 -11.36 57.15
C ASN XA 190 -62.01 -10.84 58.47
N THR XA 191 -61.30 -11.12 59.56
CA THR XA 191 -61.71 -10.68 60.89
C THR XA 191 -61.27 -9.23 61.06
N ILE XA 192 -62.21 -8.30 60.91
CA ILE XA 192 -61.87 -6.88 61.00
C ILE XA 192 -61.62 -6.48 62.46
N LYS XA 193 -62.50 -6.89 63.37
CA LYS XA 193 -62.36 -6.53 64.76
C LYS XA 193 -62.40 -7.76 65.65
N ARG XA 194 -61.64 -7.72 66.75
CA ARG XA 194 -61.56 -8.82 67.70
C ARG XA 194 -62.21 -8.53 69.04
N THR XA 195 -62.27 -7.27 69.44
CA THR XA 195 -62.88 -6.88 70.69
C THR XA 195 -63.81 -5.69 70.45
N VAL XA 196 -64.89 -5.62 71.22
CA VAL XA 196 -65.88 -4.56 71.11
C VAL XA 196 -65.99 -3.85 72.45
N LYS XA 197 -65.98 -2.52 72.42
CA LYS XA 197 -66.09 -1.74 73.65
C LYS XA 197 -67.54 -1.38 73.94
N PHE XA 198 -67.98 -1.68 75.16
CA PHE XA 198 -69.35 -1.51 75.61
C PHE XA 198 -69.37 -0.74 76.91
N LEU XA 199 -70.55 -0.25 77.27
CA LEU XA 199 -70.81 0.31 78.59
C LEU XA 199 -71.63 -0.71 79.36
N CYS XA 200 -71.05 -1.26 80.43
CA CYS XA 200 -71.63 -2.42 81.10
C CYS XA 200 -71.85 -2.17 82.58
N PRO XA 201 -73.06 -2.40 83.10
CA PRO XA 201 -73.22 -2.54 84.54
C PRO XA 201 -72.48 -3.78 85.03
N ALA XA 202 -72.01 -3.70 86.28
CA ALA XA 202 -71.03 -4.67 86.79
C ALA XA 202 -71.58 -6.08 86.88
N GLU XA 203 -72.88 -6.23 87.10
CA GLU XA 203 -73.44 -7.54 87.43
C GLU XA 203 -73.53 -8.44 86.21
N ILE XA 204 -73.71 -7.87 85.02
CA ILE XA 204 -74.00 -8.68 83.85
C ILE XA 204 -72.97 -8.49 82.74
N VAL XA 205 -71.72 -8.22 83.11
CA VAL XA 205 -70.65 -8.07 82.13
C VAL XA 205 -70.40 -9.41 81.46
N PRO XA 206 -70.54 -9.52 80.15
CA PRO XA 206 -70.36 -10.80 79.48
C PRO XA 206 -68.88 -11.16 79.40
N PRO XA 207 -68.53 -12.43 79.61
CA PRO XA 207 -67.14 -12.83 79.40
C PRO XA 207 -66.73 -12.80 77.93
N TYR XA 208 -67.63 -13.19 77.03
CA TYR XA 208 -67.35 -13.12 75.59
C TYR XA 208 -68.68 -13.08 74.85
N ILE XA 209 -68.61 -12.74 73.57
CA ILE XA 209 -69.78 -12.66 72.71
C ILE XA 209 -69.66 -13.72 71.63
N GLU XA 210 -70.63 -14.62 71.57
CA GLU XA 210 -70.64 -15.67 70.54
C GLU XA 210 -71.25 -15.13 69.27
N VAL XA 211 -70.53 -15.25 68.16
CA VAL XA 211 -70.97 -14.77 66.86
C VAL XA 211 -71.14 -15.95 65.93
N ASP XA 212 -72.36 -16.15 65.43
CA ASP XA 212 -72.70 -17.31 64.64
C ASP XA 212 -72.47 -17.02 63.15
N LEU XA 213 -71.67 -17.86 62.51
CA LEU XA 213 -71.32 -17.71 61.10
C LEU XA 213 -72.00 -18.74 60.23
N SER XA 214 -73.12 -19.32 60.68
CA SER XA 214 -73.73 -20.41 59.93
C SER XA 214 -74.35 -19.93 58.62
N LEU XA 215 -74.90 -18.73 58.60
CA LEU XA 215 -75.74 -18.28 57.49
C LEU XA 215 -75.14 -17.08 56.76
N LEU XA 216 -73.82 -17.10 56.53
CA LEU XA 216 -73.15 -16.07 55.75
C LEU XA 216 -72.50 -16.71 54.53
N ASP XA 217 -72.87 -16.21 53.34
CA ASP XA 217 -72.24 -16.65 52.11
C ASP XA 217 -71.28 -15.56 51.62
N VAL XA 218 -70.77 -15.72 50.40
CA VAL XA 218 -69.70 -14.86 49.91
C VAL XA 218 -70.23 -13.46 49.63
N GLY XA 219 -69.56 -12.46 50.17
CA GLY XA 219 -69.84 -11.06 49.89
C GLY XA 219 -70.31 -10.25 51.08
N GLN XA 220 -70.82 -10.93 52.11
CA GLN XA 220 -71.51 -10.20 53.18
C GLN XA 220 -70.62 -10.03 54.41
N LYS XA 221 -71.06 -9.11 55.27
CA LYS XA 221 -70.35 -8.73 56.48
C LYS XA 221 -71.35 -8.57 57.62
N LEU XA 222 -70.83 -8.64 58.83
CA LEU XA 222 -71.60 -8.41 60.05
C LEU XA 222 -71.14 -7.13 60.70
N VAL XA 223 -72.08 -6.31 61.13
CA VAL XA 223 -71.79 -5.04 61.73
C VAL XA 223 -71.98 -5.15 63.24
N ALA XA 224 -71.58 -4.09 63.95
CA ALA XA 224 -71.61 -4.12 65.41
C ALA XA 224 -73.03 -4.10 65.98
N GLY XA 225 -74.04 -3.79 65.17
CA GLY XA 225 -75.41 -3.84 65.62
C GLY XA 225 -76.04 -5.21 65.62
N ASP XA 226 -75.34 -6.21 65.08
CA ASP XA 226 -75.85 -7.57 65.03
C ASP XA 226 -75.44 -8.41 66.23
N LEU XA 227 -74.75 -7.82 67.21
CA LEU XA 227 -74.29 -8.58 68.36
C LEU XA 227 -75.45 -8.81 69.31
N LYS XA 228 -75.64 -10.06 69.71
CA LYS XA 228 -76.71 -10.45 70.62
C LYS XA 228 -76.20 -10.25 72.04
N VAL XA 229 -76.59 -9.14 72.65
CA VAL XA 229 -76.15 -8.77 73.98
C VAL XA 229 -77.37 -8.57 74.87
N HIS XA 230 -77.11 -8.24 76.13
CA HIS XA 230 -78.17 -7.84 77.04
C HIS XA 230 -78.76 -6.50 76.58
N PRO XA 231 -80.07 -6.30 76.74
CA PRO XA 231 -80.66 -5.02 76.33
C PRO XA 231 -80.23 -3.84 77.18
N ALA XA 232 -79.66 -4.05 78.36
CA ALA XA 232 -79.22 -2.98 79.22
C ALA XA 232 -77.79 -2.53 78.93
N LEU XA 233 -77.12 -3.15 77.97
CA LEU XA 233 -75.78 -2.74 77.55
C LEU XA 233 -75.90 -1.74 76.40
N LYS XA 234 -75.12 -0.67 76.46
CA LYS XA 234 -75.12 0.37 75.44
C LYS XA 234 -73.83 0.28 74.64
N LEU XA 235 -73.96 0.30 73.33
CA LEU XA 235 -72.79 0.22 72.45
C LEU XA 235 -72.15 1.60 72.31
N ILE XA 236 -70.86 1.69 72.63
CA ILE XA 236 -70.15 2.95 72.57
C ILE XA 236 -69.86 3.34 71.13
N ARG XA 237 -69.36 2.40 70.34
CA ARG XA 237 -69.08 2.63 68.93
C ARG XA 237 -70.39 2.69 68.14
N PRO XA 238 -70.42 3.42 67.03
CA PRO XA 238 -71.60 3.39 66.15
C PRO XA 238 -71.86 2.00 65.58
N LYS XA 239 -73.15 1.74 65.29
CA LYS XA 239 -73.60 0.42 64.88
C LYS XA 239 -73.22 0.08 63.45
N ASP XA 240 -72.88 1.06 62.62
CA ASP XA 240 -72.48 0.81 61.24
C ASP XA 240 -70.97 0.66 61.13
N GLU XA 241 -70.42 -0.23 61.94
CA GLU XA 241 -69.00 -0.55 61.92
C GLU XA 241 -68.83 -2.02 61.59
N PRO XA 242 -68.13 -2.36 60.52
CA PRO XA 242 -67.96 -3.77 60.15
C PRO XA 242 -67.16 -4.54 61.17
N ILE XA 243 -67.48 -5.83 61.30
CA ILE XA 243 -66.81 -6.73 62.23
C ILE XA 243 -66.12 -7.88 61.51
N VAL XA 244 -66.82 -8.50 60.56
CA VAL XA 244 -66.23 -9.59 59.79
C VAL XA 244 -66.92 -9.65 58.43
N LYS XA 245 -66.12 -9.85 57.38
CA LYS XA 245 -66.63 -9.93 56.01
C LYS XA 245 -66.06 -11.18 55.37
N ILE XA 246 -66.90 -11.92 54.64
CA ILE XA 246 -66.41 -13.07 53.89
C ILE XA 246 -66.22 -12.62 52.45
N ALA XA 247 -64.96 -12.61 52.00
CA ALA XA 247 -64.60 -12.11 50.68
C ALA XA 247 -64.23 -13.25 49.76
N GLY XA 248 -64.51 -13.05 48.47
CA GLY XA 248 -64.34 -14.13 47.51
C GLY XA 248 -62.89 -14.50 47.27
N GLY XA 249 -62.68 -15.78 46.93
CA GLY XA 249 -61.34 -16.28 46.70
C GLY XA 249 -60.83 -15.99 45.31
N ARG XA 250 -59.52 -16.20 45.13
CA ARG XA 250 -58.84 -15.89 43.88
C ARG XA 250 -59.17 -16.98 42.86
N VAL XA 251 -60.13 -16.71 41.99
CA VAL XA 251 -60.53 -17.67 40.97
C VAL XA 251 -59.56 -17.62 39.79
N GLY YA 53 -13.00 12.91 44.04
CA GLY YA 53 -14.08 13.26 44.94
C GLY YA 53 -14.00 14.69 45.41
N SER YA 54 -15.15 15.36 45.50
CA SER YA 54 -15.20 16.76 45.91
C SER YA 54 -16.57 17.05 46.50
N THR YA 55 -16.58 17.67 47.67
CA THR YA 55 -17.82 18.13 48.28
C THR YA 55 -18.09 19.57 47.89
N LYS YA 56 -19.37 19.96 47.93
CA LYS YA 56 -19.79 21.31 47.62
C LYS YA 56 -20.34 22.04 48.83
N ASN YA 57 -20.09 21.54 50.03
CA ASN YA 57 -20.76 22.02 51.24
C ASN YA 57 -19.73 22.37 52.29
N GLY YA 58 -19.32 23.63 52.34
CA GLY YA 58 -18.39 24.04 53.37
C GLY YA 58 -18.72 25.38 53.98
N ARG YA 59 -19.93 25.86 53.75
CA ARG YA 59 -20.32 27.22 54.09
C ARG YA 59 -21.25 27.24 55.30
N ASP YA 60 -21.02 28.20 56.19
CA ASP YA 60 -21.92 28.52 57.27
C ASP YA 60 -21.83 30.04 57.48
N SER YA 61 -22.50 30.54 58.51
CA SER YA 61 -22.53 31.97 58.78
C SER YA 61 -22.12 32.26 60.21
N LYS YA 62 -21.80 33.53 60.46
CA LYS YA 62 -21.38 33.96 61.78
C LYS YA 62 -22.56 33.92 62.75
N PRO YA 63 -22.32 33.62 64.02
CA PRO YA 63 -23.41 33.54 64.99
C PRO YA 63 -24.03 34.89 65.28
N LYS YA 64 -25.32 34.87 65.60
CA LYS YA 64 -26.09 36.10 65.74
C LYS YA 64 -26.41 36.49 67.17
N ASN YA 65 -26.33 35.55 68.12
CA ASN YA 65 -26.52 35.79 69.55
C ASN YA 65 -27.91 36.35 69.87
N LEU YA 66 -28.93 35.58 69.51
CA LEU YA 66 -30.29 35.94 69.83
C LEU YA 66 -30.65 35.40 71.21
N GLY YA 67 -31.92 35.47 71.58
CA GLY YA 67 -32.41 34.92 72.82
C GLY YA 67 -32.88 35.99 73.77
N VAL YA 68 -33.23 35.56 74.98
CA VAL YA 68 -33.75 36.44 76.02
C VAL YA 68 -32.58 36.96 76.84
N LYS YA 69 -32.46 38.28 76.95
CA LYS YA 69 -31.39 38.89 77.72
C LYS YA 69 -31.78 39.20 79.15
N LYS YA 70 -33.05 39.51 79.39
CA LYS YA 70 -33.57 39.77 80.73
C LYS YA 70 -34.75 38.83 80.94
N PHE YA 71 -34.62 37.91 81.89
CA PHE YA 71 -35.64 36.91 82.16
C PHE YA 71 -36.72 37.51 83.06
N GLY YA 72 -37.57 36.66 83.61
CA GLY YA 72 -38.67 37.14 84.43
C GLY YA 72 -38.20 37.57 85.81
N GLY YA 73 -38.73 38.71 86.27
CA GLY YA 73 -38.34 39.23 87.56
C GLY YA 73 -37.07 40.03 87.56
N GLU YA 74 -36.47 40.27 86.40
CA GLU YA 74 -35.23 41.05 86.32
C GLU YA 74 -35.51 42.52 86.49
N ASN YA 75 -34.56 43.25 87.07
CA ASN YA 75 -34.67 44.69 87.21
C ASN YA 75 -34.02 45.38 86.03
N VAL YA 76 -34.78 46.25 85.37
CA VAL YA 76 -34.32 46.93 84.16
C VAL YA 76 -34.43 48.44 84.36
N ILE YA 77 -33.53 49.18 83.71
CA ILE YA 77 -33.57 50.63 83.64
C ILE YA 77 -33.91 50.96 82.19
N PRO YA 78 -34.40 52.16 81.86
CA PRO YA 78 -34.83 52.43 80.47
C PRO YA 78 -33.71 52.31 79.46
N GLY YA 79 -34.05 51.78 78.28
CA GLY YA 79 -33.11 51.52 77.22
C GLY YA 79 -32.61 50.10 77.15
N ASN YA 80 -32.85 49.28 78.17
CA ASN YA 80 -32.33 47.93 78.21
C ASN YA 80 -33.03 47.04 77.20
N ILE YA 81 -32.25 46.26 76.47
CA ILE YA 81 -32.78 45.31 75.52
C ILE YA 81 -33.20 44.06 76.27
N ILE YA 82 -34.43 43.59 76.02
CA ILE YA 82 -34.96 42.43 76.73
C ILE YA 82 -34.80 41.18 75.89
N VAL YA 83 -35.38 41.16 74.69
CA VAL YA 83 -35.35 40.01 73.82
C VAL YA 83 -34.89 40.45 72.45
N ARG YA 84 -33.89 39.77 71.90
CA ARG YA 84 -33.46 39.98 70.53
C ARG YA 84 -33.87 38.76 69.71
N GLN YA 85 -34.58 38.98 68.62
CA GLN YA 85 -35.31 37.90 67.97
C GLN YA 85 -35.48 38.19 66.48
N ARG YA 86 -35.86 37.14 65.75
CA ARG YA 86 -36.28 37.23 64.35
C ARG YA 86 -37.78 37.01 64.32
N GLY YA 87 -38.53 38.09 64.05
CA GLY YA 87 -39.97 38.04 64.13
C GLY YA 87 -40.45 38.17 65.57
N THR YA 88 -41.72 38.51 65.72
CA THR YA 88 -42.28 38.74 67.05
C THR YA 88 -42.64 37.40 67.68
N ARG YA 89 -41.62 36.72 68.19
CA ARG YA 89 -41.88 35.58 69.07
C ARG YA 89 -42.53 36.04 70.36
N PHE YA 90 -42.13 37.20 70.86
CA PHE YA 90 -42.78 37.85 71.99
C PHE YA 90 -43.35 39.16 71.52
N HIS YA 91 -44.53 39.42 71.88
CA HIS YA 91 -45.12 40.68 71.47
C HIS YA 91 -44.92 41.73 72.56
N PRO YA 92 -44.85 43.01 72.21
CA PRO YA 92 -44.63 44.03 73.24
C PRO YA 92 -45.84 44.22 74.13
N GLY YA 93 -45.59 44.41 75.42
CA GLY YA 93 -46.63 44.74 76.36
C GLY YA 93 -46.44 46.15 76.90
N ASP YA 94 -46.90 46.39 78.12
CA ASP YA 94 -46.87 47.73 78.69
C ASP YA 94 -45.43 48.18 78.97
N TYR YA 95 -45.14 49.43 78.60
CA TYR YA 95 -43.86 50.10 78.83
C TYR YA 95 -42.71 49.37 78.15
N VAL YA 96 -43.00 48.61 77.09
CA VAL YA 96 -42.00 47.89 76.33
C VAL YA 96 -42.15 48.30 74.87
N GLY YA 97 -41.10 48.88 74.31
CA GLY YA 97 -41.11 49.29 72.92
C GLY YA 97 -40.44 48.27 72.02
N ILE YA 98 -40.60 48.47 70.71
CA ILE YA 98 -40.14 47.52 69.71
C ILE YA 98 -39.39 48.27 68.62
N GLY YA 99 -38.29 47.69 68.16
CA GLY YA 99 -37.49 48.24 67.08
C GLY YA 99 -37.86 47.65 65.73
N LYS YA 100 -37.08 48.05 64.72
CA LYS YA 100 -37.42 47.67 63.36
C LYS YA 100 -37.11 46.22 63.04
N ASP YA 101 -36.27 45.56 63.84
CA ASP YA 101 -36.04 44.12 63.69
C ASP YA 101 -36.69 43.33 64.83
N HIS YA 102 -37.79 43.87 65.36
CA HIS YA 102 -38.59 43.26 66.43
C HIS YA 102 -37.80 43.05 67.71
N THR YA 103 -36.83 43.91 67.98
CA THR YA 103 -36.13 43.88 69.26
C THR YA 103 -36.97 44.59 70.31
N LEU YA 104 -37.19 43.93 71.45
CA LEU YA 104 -37.98 44.50 72.53
C LEU YA 104 -37.08 45.16 73.54
N PHE YA 105 -37.41 46.39 73.92
CA PHE YA 105 -36.65 47.11 74.91
C PHE YA 105 -37.58 47.76 75.92
N ALA YA 106 -37.01 48.21 77.03
CA ALA YA 106 -37.80 48.74 78.13
C ALA YA 106 -37.82 50.25 78.11
N LEU YA 107 -38.96 50.83 78.51
CA LEU YA 107 -39.12 52.28 78.55
C LEU YA 107 -39.16 52.85 79.96
N LYS YA 108 -39.50 52.06 80.98
CA LYS YA 108 -39.56 52.53 82.35
C LYS YA 108 -38.76 51.60 83.24
N GLU YA 109 -38.29 52.16 84.36
CA GLU YA 109 -37.48 51.42 85.32
C GLU YA 109 -38.36 50.53 86.16
N GLY YA 110 -38.19 49.22 86.03
CA GLY YA 110 -39.06 48.30 86.76
C GLY YA 110 -38.63 46.86 86.71
N ARG YA 111 -39.59 45.94 86.75
CA ARG YA 111 -39.31 44.51 86.76
C ARG YA 111 -40.04 43.81 85.62
N VAL YA 112 -39.34 42.89 84.96
CA VAL YA 112 -39.86 42.25 83.76
C VAL YA 112 -40.83 41.15 84.17
N ARG YA 113 -42.05 41.21 83.64
CA ARG YA 113 -43.06 40.18 83.86
C ARG YA 113 -43.46 39.62 82.51
N PHE YA 114 -43.63 38.31 82.42
CA PHE YA 114 -44.10 37.70 81.20
C PHE YA 114 -45.60 37.41 81.30
N GLU YA 115 -46.21 37.19 80.15
CA GLU YA 115 -47.64 36.88 80.08
C GLU YA 115 -47.86 35.92 78.93
N LYS YA 116 -48.78 34.99 79.11
CA LYS YA 116 -49.18 34.07 78.06
C LYS YA 116 -50.69 34.08 77.90
N ASN YA 117 -51.16 34.06 76.66
CA ASN YA 117 -52.57 33.91 76.37
C ASN YA 117 -52.90 32.42 76.32
N LYS YA 118 -53.97 32.02 77.03
CA LYS YA 118 -54.25 30.60 77.21
C LYS YA 118 -54.87 29.96 75.98
N ILE YA 119 -55.66 30.70 75.21
CA ILE YA 119 -56.36 30.10 74.08
C ILE YA 119 -55.45 30.01 72.87
N THR YA 120 -54.76 31.10 72.54
CA THR YA 120 -53.98 31.19 71.31
C THR YA 120 -52.50 30.88 71.50
N GLY YA 121 -51.97 30.94 72.71
CA GLY YA 121 -50.57 30.68 72.91
C GLY YA 121 -49.65 31.85 72.64
N ARG YA 122 -50.20 33.04 72.42
CA ARG YA 122 -49.38 34.22 72.20
C ARG YA 122 -48.71 34.63 73.50
N LYS YA 123 -47.54 35.26 73.41
CA LYS YA 123 -46.77 35.65 74.58
C LYS YA 123 -46.46 37.14 74.53
N TRP YA 124 -46.52 37.77 75.70
CA TRP YA 124 -46.27 39.20 75.86
C TRP YA 124 -45.24 39.41 76.97
N ILE YA 125 -44.56 40.54 76.93
CA ILE YA 125 -43.62 40.93 77.99
C ILE YA 125 -44.00 42.32 78.45
N HIS YA 126 -44.34 42.46 79.73
CA HIS YA 126 -44.60 43.75 80.34
C HIS YA 126 -43.47 44.11 81.30
N VAL YA 127 -43.41 45.39 81.63
CA VAL YA 127 -42.51 45.86 82.68
C VAL YA 127 -43.36 46.53 83.74
N ASP YA 128 -43.33 45.98 84.95
CA ASP YA 128 -44.00 46.61 86.08
C ASP YA 128 -43.16 47.78 86.57
N PRO YA 129 -43.67 49.01 86.51
CA PRO YA 129 -42.85 50.16 86.91
C PRO YA 129 -42.61 50.19 88.40
N LYS YA 130 -41.50 50.84 88.79
CA LYS YA 130 -41.03 50.75 90.16
C LYS YA 130 -41.89 51.57 91.11
N GLY YA 131 -42.32 52.75 90.68
CA GLY YA 131 -43.14 53.60 91.50
C GLY YA 131 -44.62 53.56 91.19
N GLY YA 132 -45.06 52.64 90.35
CA GLY YA 132 -46.45 52.64 89.92
C GLY YA 132 -46.67 53.54 88.73
N HIS YA 133 -47.92 53.57 88.29
CA HIS YA 133 -48.28 54.31 87.08
C HIS YA 133 -48.25 55.81 87.34
N VAL YA 134 -48.02 56.57 86.27
CA VAL YA 134 -47.99 58.03 86.31
C VAL YA 134 -49.14 58.54 85.47
N LEU YA 135 -49.93 59.46 86.02
CA LEU YA 135 -51.05 60.02 85.30
C LEU YA 135 -50.56 61.08 84.31
N HIS YA 136 -51.45 61.47 83.40
CA HIS YA 136 -51.10 62.43 82.36
C HIS YA 136 -50.89 63.83 82.96
N PRO YA 137 -50.00 64.62 82.35
CA PRO YA 137 -49.79 65.99 82.85
C PRO YA 137 -51.01 66.89 82.79
N ILE YA 138 -51.99 66.63 81.92
CA ILE YA 138 -53.19 67.47 81.95
C ILE YA 138 -53.99 67.21 83.21
N TYR YA 139 -54.06 65.95 83.66
CA TYR YA 139 -54.69 65.65 84.92
C TYR YA 139 -53.89 66.18 86.10
N THR YA 140 -52.56 66.06 86.06
CA THR YA 140 -51.74 66.60 87.14
C THR YA 140 -51.83 68.12 87.22
N ARG YA 141 -52.01 68.79 86.08
CA ARG YA 141 -52.18 70.25 86.09
C ARG YA 141 -53.54 70.65 86.64
N ALA YA 142 -54.61 69.99 86.20
CA ALA YA 142 -55.95 70.44 86.54
C ALA YA 142 -56.58 69.69 87.71
N ALA YA 143 -56.73 68.37 87.58
CA ALA YA 143 -57.47 67.59 88.56
C ALA YA 143 -56.70 67.49 89.87
N ALA YA 144 -55.36 67.47 89.81
CA ALA YA 144 -54.57 67.46 91.03
C ALA YA 144 -54.54 68.82 91.73
N THR YA 145 -54.60 69.91 90.97
CA THR YA 145 -54.78 71.22 91.58
C THR YA 145 -56.11 71.30 92.31
N LYS YA 146 -57.18 70.84 91.68
CA LYS YA 146 -58.47 70.85 92.37
C LYS YA 146 -58.52 69.83 93.50
N SER YA 147 -57.76 68.73 93.40
CA SER YA 147 -57.66 67.75 94.48
C SER YA 147 -56.98 68.35 95.70
N THR YA 148 -55.93 69.13 95.48
CA THR YA 148 -55.30 69.83 96.60
C THR YA 148 -56.20 70.93 97.15
N GLN YA 149 -57.00 71.56 96.29
CA GLN YA 149 -57.90 72.60 96.79
C GLN YA 149 -59.11 72.04 97.52
N MET YA 150 -59.49 70.78 97.26
CA MET YA 150 -60.64 70.18 97.94
C MET YA 150 -60.20 69.39 99.17
N ALA ZA 2 42.43 67.94 40.88
CA ALA ZA 2 42.90 68.02 42.25
C ALA ZA 2 44.35 68.43 42.32
N PHE ZA 3 44.58 69.68 42.75
CA PHE ZA 3 45.92 70.28 42.89
C PHE ZA 3 46.69 70.28 41.57
N ARG ZA 4 45.96 70.46 40.47
CA ARG ZA 4 46.57 70.58 39.16
C ARG ZA 4 47.42 71.82 39.04
N GLY ZA 5 47.03 72.90 39.72
CA GLY ZA 5 47.86 74.09 39.72
C GLY ZA 5 49.21 73.85 40.36
N LYS ZA 6 49.24 73.13 41.48
CA LYS ZA 6 50.51 72.83 42.14
C LYS ZA 6 51.34 71.84 41.34
N GLU ZA 7 50.73 70.83 40.72
CA GLU ZA 7 51.55 69.92 39.94
C GLU ZA 7 52.05 70.54 38.64
N MET ZA 8 51.35 71.53 38.08
CA MET ZA 8 51.90 72.23 36.94
C MET ZA 8 52.96 73.25 37.36
N MET ZA 9 52.77 73.89 38.51
CA MET ZA 9 53.76 74.84 39.00
C MET ZA 9 55.07 74.16 39.35
N LYS ZA 10 55.02 72.92 39.86
CA LYS ZA 10 56.25 72.19 40.13
C LYS ZA 10 57.03 71.92 38.85
N LYS ZA 11 56.34 71.52 37.78
CA LYS ZA 11 57.01 71.28 36.51
C LYS ZA 11 57.59 72.57 35.92
N LEU ZA 12 56.84 73.67 36.01
CA LEU ZA 12 57.34 74.94 35.48
C LEU ZA 12 58.54 75.45 36.28
N VAL ZA 13 58.50 75.32 37.60
CA VAL ZA 13 59.62 75.69 38.46
C VAL ZA 13 60.84 74.82 38.13
N LYS ZA 14 60.64 73.52 37.98
CA LYS ZA 14 61.76 72.64 37.66
C LYS ZA 14 62.32 72.91 36.28
N LYS ZA 15 61.51 73.41 35.34
CA LYS ZA 15 62.04 73.79 34.04
C LYS ZA 15 62.84 75.08 34.11
N VAL ZA 16 62.34 76.09 34.81
CA VAL ZA 16 62.91 77.44 34.70
C VAL ZA 16 63.96 77.72 35.77
N GLY ZA 17 64.03 76.93 36.84
CA GLY ZA 17 64.98 77.19 37.90
C GLY ZA 17 64.39 78.02 39.02
N ALA ZA 18 64.40 77.48 40.24
CA ALA ZA 18 63.76 78.15 41.37
C ALA ZA 18 64.51 79.38 41.82
N GLU ZA 19 65.79 79.49 41.52
CA GLU ZA 19 66.56 80.69 41.87
C GLU ZA 19 66.18 81.88 41.00
N ASN ZA 20 65.59 81.63 39.82
CA ASN ZA 20 65.32 82.69 38.87
C ASN ZA 20 64.15 83.56 39.28
N ILE ZA 21 63.30 83.09 40.18
CA ILE ZA 21 62.02 83.73 40.48
C ILE ZA 21 62.08 84.36 41.86
N THR ZA 22 61.69 85.61 41.93
CA THR ZA 22 61.49 86.35 43.16
C THR ZA 22 60.14 85.98 43.75
N PRO ZA 23 59.94 86.19 45.06
CA PRO ZA 23 58.63 85.87 45.66
C PRO ZA 23 57.44 86.59 45.04
N GLU ZA 24 57.61 87.82 44.56
CA GLU ZA 24 56.49 88.48 43.88
C GLU ZA 24 56.18 87.81 42.55
N LEU ZA 25 57.21 87.35 41.83
CA LEU ZA 25 56.97 86.62 40.59
C LEU ZA 25 56.33 85.26 40.87
N LYS ZA 26 56.67 84.62 42.00
CA LYS ZA 26 55.98 83.40 42.40
C LYS ZA 26 54.51 83.66 42.69
N GLU ZA 27 54.22 84.76 43.38
CA GLU ZA 27 52.85 85.11 43.69
C GLU ZA 27 52.07 85.41 42.42
N LYS ZA 28 52.71 86.04 41.45
CA LYS ZA 28 52.04 86.31 40.18
C LYS ZA 28 51.88 85.06 39.34
N LEU ZA 29 52.85 84.15 39.38
CA LEU ZA 29 52.76 82.91 38.61
C LEU ZA 29 51.76 81.95 39.19
N LYS ZA 30 51.45 82.06 40.48
CA LYS ZA 30 50.40 81.24 41.07
C LYS ZA 30 49.03 81.56 40.50
N ALA ZA 31 48.84 82.75 39.96
CA ALA ZA 31 47.54 83.18 39.46
C ALA ZA 31 47.41 83.09 37.95
N CYS ZA 32 48.37 82.46 37.26
CA CYS ZA 32 48.24 82.19 35.85
C CYS ZA 32 48.14 80.71 35.51
N VAL ZA 33 48.73 79.86 36.34
CA VAL ZA 33 48.66 78.41 36.13
C VAL ZA 33 47.23 77.95 36.39
N PRO ZA 34 46.62 77.19 35.48
CA PRO ZA 34 45.22 76.80 35.68
C PRO ZA 34 45.05 75.81 36.82
N ASP ZA 35 43.98 76.00 37.59
CA ASP ZA 35 43.65 75.18 38.74
C ASP ZA 35 42.28 74.54 38.54
N THR ZA 36 42.01 74.07 37.33
CA THR ZA 36 40.72 73.53 36.98
C THR ZA 36 40.67 72.03 37.26
N LYS ZA 37 39.48 71.47 37.12
CA LYS ZA 37 39.25 70.04 37.35
C LYS ZA 37 39.12 69.35 36.00
N VAL ZA 38 40.21 68.76 35.53
CA VAL ZA 38 40.21 67.95 34.33
C VAL ZA 38 40.82 66.62 34.69
N VAL ZA 39 40.08 65.53 34.44
CA VAL ZA 39 40.52 64.19 34.78
C VAL ZA 39 40.70 63.32 33.54
N MET ZA 40 39.80 63.44 32.57
CA MET ZA 40 39.84 62.61 31.38
C MET ZA 40 41.06 62.93 30.52
N GLY ZA 41 41.64 61.89 29.95
CA GLY ZA 41 42.89 62.02 29.24
C GLY ZA 41 42.79 62.82 27.96
N ARG ZA 42 41.70 62.64 27.21
CA ARG ZA 42 41.60 63.30 25.92
C ARG ZA 42 41.26 64.77 26.02
N ALA ZA 43 40.87 65.27 27.19
CA ALA ZA 43 40.64 66.71 27.31
C ALA ZA 43 41.92 67.49 27.51
N LYS ZA 44 43.01 66.83 27.82
CA LYS ZA 44 44.31 67.49 27.92
C LYS ZA 44 45.01 67.57 26.58
N ARG ZA 45 44.38 67.08 25.51
CA ARG ZA 45 44.97 67.06 24.18
C ARG ZA 45 44.11 67.79 23.16
N GLY ZA 46 43.07 68.49 23.60
CA GLY ZA 46 42.20 69.21 22.70
C GLY ZA 46 41.77 70.51 23.33
N LEU ZA 47 41.00 71.28 22.58
CA LEU ZA 47 40.47 72.56 23.05
C LEU ZA 47 39.01 72.35 23.41
N TYR ZA 48 38.73 72.14 24.70
CA TYR ZA 48 37.40 71.75 25.12
C TYR ZA 48 36.62 72.88 25.75
N ALA ZA 49 37.29 73.98 26.13
CA ALA ZA 49 36.68 75.16 26.75
C ALA ZA 49 35.91 74.82 28.02
N GLY ZA 50 36.44 73.90 28.79
CA GLY ZA 50 35.87 73.59 30.09
C GLY ZA 50 34.74 72.59 30.11
N ARG ZA 51 34.47 71.91 29.01
CA ARG ZA 51 33.50 70.82 29.03
C ARG ZA 51 34.15 69.53 29.47
N HIS ZA 52 33.42 68.73 30.24
CA HIS ZA 52 33.92 67.47 30.77
C HIS ZA 52 32.85 66.41 30.54
N ILE ZA 53 33.17 65.17 30.86
CA ILE ZA 53 32.20 64.08 30.87
C ILE ZA 53 31.40 64.18 32.17
N GLN ZA 54 30.24 63.53 32.21
CA GLN ZA 54 29.44 63.47 33.41
C GLN ZA 54 28.86 62.07 33.55
N TYR ZA 55 28.87 61.51 34.75
CA TYR ZA 55 28.31 60.20 35.00
C TYR ZA 55 27.10 60.33 35.92
N GLY ZA 56 25.98 59.76 35.49
CA GLY ZA 56 24.76 59.88 36.28
C GLY ZA 56 23.83 58.70 36.12
N ASN ZA 57 22.55 58.91 36.37
CA ASN ZA 57 21.56 57.85 36.39
C ASN ZA 57 20.68 57.92 35.16
N ARG ZA 58 20.29 56.76 34.66
CA ARG ZA 58 19.25 56.59 33.65
C ARG ZA 58 18.09 55.92 34.37
N VAL ZA 59 16.93 56.57 34.34
CA VAL ZA 59 15.77 56.19 35.14
C VAL ZA 59 14.66 55.74 34.20
N SER ZA 60 14.08 54.59 34.49
CA SER ZA 60 12.99 54.08 33.67
C SER ZA 60 11.70 54.84 33.94
N GLU ZA 61 10.74 54.69 33.03
CA GLU ZA 61 9.54 55.53 33.06
C GLU ZA 61 8.50 55.00 34.03
N ASP ZA 62 8.18 53.71 33.97
CA ASP ZA 62 7.17 53.11 34.83
C ASP ZA 62 7.76 52.62 36.14
N GLY ZA 63 8.87 51.89 36.07
CA GLY ZA 63 9.42 51.28 37.26
C GLY ZA 63 10.31 52.19 38.07
N GLY ZA 64 10.89 53.22 37.44
CA GLY ZA 64 11.78 54.08 38.17
C GLY ZA 64 13.15 53.49 38.42
N ASN ZA 65 13.48 52.37 37.77
CA ASN ZA 65 14.75 51.69 38.00
C ASN ZA 65 15.89 52.53 37.47
N LYS ZA 66 16.99 52.55 38.22
CA LYS ZA 66 18.10 53.44 37.94
C LYS ZA 66 19.35 52.63 37.61
N SER ZA 67 19.99 52.97 36.49
CA SER ZA 67 21.24 52.34 36.09
C SER ZA 67 22.18 53.39 35.54
N ARG ZA 68 23.48 53.16 35.68
CA ARG ZA 68 24.45 54.20 35.41
C ARG ZA 68 24.56 54.51 33.92
N ARG ZA 69 24.96 55.74 33.62
CA ARG ZA 69 25.15 56.21 32.25
C ARG ZA 69 26.08 57.41 32.28
N CYS ZA 70 26.40 57.93 31.10
CA CYS ZA 70 27.29 59.07 30.99
C CYS ZA 70 26.85 60.00 29.87
N TRP ZA 71 27.17 61.28 30.05
CA TRP ZA 71 27.01 62.33 29.05
C TRP ZA 71 28.38 62.78 28.62
N LYS ZA 72 28.64 62.78 27.31
CA LYS ZA 72 29.93 63.18 26.77
C LYS ZA 72 29.82 64.51 26.05
N PRO ZA 73 30.87 65.33 26.07
CA PRO ZA 73 30.87 66.58 25.31
C PRO ZA 73 30.89 66.32 23.81
N ASN ZA 74 30.41 67.33 23.07
CA ASN ZA 74 30.23 67.21 21.62
C ASN ZA 74 31.55 67.52 20.92
N VAL ZA 75 32.46 66.57 20.98
CA VAL ZA 75 33.81 66.75 20.46
C VAL ZA 75 33.81 66.51 18.96
N GLN ZA 76 34.38 67.44 18.21
CA GLN ZA 76 34.53 67.32 16.77
C GLN ZA 76 35.97 67.66 16.40
N GLU ZA 77 36.48 66.96 15.38
CA GLU ZA 77 37.82 67.20 14.87
C GLU ZA 77 37.73 68.13 13.67
N LYS ZA 78 38.40 69.28 13.75
CA LYS ZA 78 38.25 70.29 12.72
C LYS ZA 78 39.60 70.91 12.40
N ARG ZA 79 39.63 71.66 11.30
CA ARG ZA 79 40.76 72.49 10.92
C ARG ZA 79 40.33 73.93 11.01
N LEU ZA 80 41.04 74.72 11.81
CA LEU ZA 80 40.74 76.13 11.99
C LEU ZA 80 41.84 76.99 11.38
N PHE ZA 81 41.45 78.04 10.68
CA PHE ZA 81 42.43 78.86 9.98
C PHE ZA 81 43.07 79.87 10.93
N SER ZA 82 44.38 80.05 10.80
CA SER ZA 82 45.15 80.94 11.66
C SER ZA 82 45.74 82.07 10.82
N TYR ZA 83 45.59 83.30 11.30
CA TYR ZA 83 45.98 84.46 10.51
C TYR ZA 83 47.48 84.67 10.47
N ILE ZA 84 48.18 84.46 11.58
CA ILE ZA 84 49.61 84.69 11.60
C ILE ZA 84 50.42 83.49 11.13
N PHE ZA 85 49.88 82.28 11.23
CA PHE ZA 85 50.55 81.13 10.67
C PHE ZA 85 50.15 80.89 9.22
N ASP ZA 86 49.14 81.61 8.72
CA ASP ZA 86 48.67 81.55 7.34
C ASP ZA 86 48.24 80.15 6.93
N SER ZA 87 47.81 79.32 7.87
CA SER ZA 87 47.53 77.93 7.58
C SER ZA 87 46.53 77.39 8.59
N HIS ZA 88 46.12 76.14 8.35
CA HIS ZA 88 45.15 75.49 9.21
C HIS ZA 88 45.82 74.81 10.39
N ILE ZA 89 45.09 74.72 11.49
CA ILE ZA 89 45.50 73.99 12.68
C ILE ZA 89 44.45 72.92 12.93
N LYS ZA 90 44.88 71.67 13.06
CA LYS ZA 90 43.95 70.57 13.30
C LYS ZA 90 43.77 70.37 14.80
N VAL ZA 91 42.53 70.53 15.26
CA VAL ZA 91 42.20 70.49 16.67
C VAL ZA 91 41.02 69.55 16.88
N LYS ZA 92 40.76 69.23 18.14
CA LYS ZA 92 39.56 68.50 18.57
C LYS ZA 92 38.80 69.44 19.48
N VAL ZA 93 37.87 70.19 18.92
CA VAL ZA 93 37.14 71.22 19.67
C VAL ZA 93 35.73 70.73 19.94
N THR ZA 94 35.20 71.11 21.10
CA THR ZA 94 33.78 71.03 21.32
C THR ZA 94 33.09 72.14 20.56
N THR ZA 95 31.80 71.94 20.29
CA THR ZA 95 31.02 72.99 19.63
C THR ZA 95 30.87 74.23 20.50
N HIS ZA 96 30.95 74.06 21.83
CA HIS ZA 96 30.98 75.20 22.73
C HIS ZA 96 32.22 76.05 22.50
N ALA ZA 97 33.38 75.40 22.36
CA ALA ZA 97 34.62 76.11 22.04
C ALA ZA 97 34.56 76.73 20.66
N LEU ZA 98 33.94 76.05 19.69
CA LEU ZA 98 33.78 76.61 18.36
C LEU ZA 98 32.92 77.87 18.37
N ARG ZA 99 31.87 77.88 19.18
CA ARG ZA 99 31.02 79.05 19.30
C ARG ZA 99 31.73 80.19 20.00
N CYS ZA 100 32.54 79.89 21.02
CA CYS ZA 100 33.38 80.93 21.63
C CYS ZA 100 34.39 81.49 20.65
N ILE ZA 101 34.94 80.63 19.77
CA ILE ZA 101 35.85 81.09 18.73
C ILE ZA 101 35.13 82.02 17.76
N ASP ZA 102 33.89 81.69 17.41
CA ASP ZA 102 33.07 82.57 16.57
C ASP ZA 102 32.86 83.93 17.21
N LYS ZA 103 32.57 83.96 18.51
CA LYS ZA 103 32.38 85.23 19.19
C LYS ZA 103 33.69 86.03 19.26
N ALA ZA 104 34.81 85.35 19.49
CA ALA ZA 104 36.08 86.06 19.63
C ALA ZA 104 36.63 86.56 18.31
N GLY ZA 105 36.37 85.86 17.21
CA GLY ZA 105 36.82 86.32 15.92
C GLY ZA 105 37.96 85.51 15.32
N GLY ZA 106 38.04 84.24 15.70
CA GLY ZA 106 39.08 83.35 15.20
C GLY ZA 106 39.85 82.70 16.31
N ILE ZA 107 40.62 81.68 15.94
CA ILE ZA 107 41.39 80.93 16.92
C ILE ZA 107 42.50 81.78 17.50
N ASP ZA 108 43.13 82.63 16.67
CA ASP ZA 108 44.21 83.50 17.16
C ASP ZA 108 43.68 84.53 18.13
N GLU ZA 109 42.55 85.15 17.80
CA GLU ZA 109 41.97 86.16 18.67
C GLU ZA 109 41.44 85.54 19.95
N TYR ZA 110 40.94 84.30 19.86
CA TYR ZA 110 40.55 83.59 21.06
C TYR ZA 110 41.74 83.33 21.98
N LEU ZA 111 42.87 82.91 21.40
CA LEU ZA 111 44.07 82.66 22.21
C LEU ZA 111 44.61 83.94 22.83
N LEU ZA 112 44.54 85.06 22.11
CA LEU ZA 112 44.97 86.33 22.68
C LEU ZA 112 44.04 86.79 23.79
N LYS ZA 113 42.72 86.67 23.57
CA LYS ZA 113 41.76 87.23 24.52
C LYS ZA 113 41.66 86.39 25.79
N THR ZA 114 41.72 85.07 25.66
CA THR ZA 114 41.52 84.20 26.81
C THR ZA 114 42.73 84.24 27.73
N PRO ZA 115 42.55 84.51 29.03
CA PRO ZA 115 43.69 84.57 29.93
C PRO ZA 115 44.28 83.21 30.23
N TYR ZA 116 45.36 83.22 31.02
CA TYR ZA 116 46.17 82.02 31.18
C TYR ZA 116 45.47 80.96 32.01
N GLN ZA 117 44.74 81.38 33.05
CA GLN ZA 117 44.01 80.44 33.90
C GLN ZA 117 42.92 79.70 33.15
N LYS ZA 118 42.34 80.31 32.15
CA LYS ZA 118 41.22 79.72 31.44
C LYS ZA 118 41.65 78.80 30.32
N MET ZA 119 42.96 78.66 30.07
CA MET ZA 119 43.42 77.79 28.98
C MET ZA 119 43.37 76.31 29.35
N ASP ZA 120 43.28 75.98 30.64
CA ASP ZA 120 42.95 74.66 31.18
C ASP ZA 120 44.03 73.59 30.98
N THR ZA 121 45.05 73.88 30.18
CA THR ZA 121 45.88 72.84 29.59
C THR ZA 121 47.28 73.38 29.37
N GLU ZA 122 48.29 72.52 29.58
CA GLU ZA 122 49.66 72.91 29.29
C GLU ZA 122 49.88 73.20 27.81
N MET ZA 123 49.25 72.42 26.93
CA MET ZA 123 49.30 72.74 25.50
C MET ZA 123 48.59 74.04 25.18
N GLY ZA 124 47.52 74.35 25.90
CA GLY ZA 124 46.87 75.64 25.73
C GLY ZA 124 47.76 76.79 26.13
N LEU ZA 125 48.50 76.65 27.24
CA LEU ZA 125 49.48 77.65 27.62
C LEU ZA 125 50.57 77.80 26.56
N TYR ZA 126 51.05 76.68 26.02
CA TYR ZA 126 52.07 76.72 24.98
C TYR ZA 126 51.58 77.45 23.73
N TRP ZA 127 50.37 77.15 23.31
CA TRP ZA 127 49.85 77.78 22.09
C TRP ZA 127 49.56 79.26 22.28
N LYS ZA 128 49.02 79.64 23.44
CA LYS ZA 128 48.81 81.06 23.72
C LYS ZA 128 50.14 81.80 23.75
N THR ZA 129 51.17 81.20 24.34
CA THR ZA 129 52.49 81.81 24.38
C THR ZA 129 53.08 81.99 22.98
N LYS ZA 130 52.95 80.97 22.13
CA LYS ZA 130 53.49 81.05 20.77
C LYS ZA 130 52.78 82.12 19.94
N VAL ZA 131 51.45 82.18 20.04
CA VAL ZA 131 50.71 83.18 19.28
C VAL ZA 131 51.02 84.59 19.78
N GLU ZA 132 51.17 84.76 21.09
CA GLU ZA 132 51.52 86.07 21.63
C GLU ZA 132 52.92 86.51 21.20
N ALA ZA 133 53.89 85.58 21.18
CA ALA ZA 133 55.23 85.93 20.71
C ALA ZA 133 55.23 86.31 19.24
N ARG ZA 134 54.49 85.60 18.40
CA ARG ZA 134 54.45 85.98 17.00
C ARG ZA 134 53.72 87.30 16.76
N TYR ZA 135 52.69 87.59 17.54
CA TYR ZA 135 52.02 88.88 17.40
C TYR ZA 135 52.88 90.02 17.90
N ALA ZA 136 53.69 89.79 18.93
CA ALA ZA 136 54.64 90.81 19.35
C ALA ZA 136 55.73 91.03 18.31
N GLU ZA 137 56.11 89.97 17.59
CA GLU ZA 137 57.02 90.15 16.46
C GLU ZA 137 56.38 90.99 15.35
N LEU ZA 138 55.11 90.72 15.05
CA LEU ZA 138 54.40 91.50 14.04
C LEU ZA 138 54.13 92.93 14.48
N GLY ZA 139 54.12 93.19 15.79
CA GLY ZA 139 53.82 94.52 16.28
C GLY ZA 139 54.88 95.56 16.02
N GLN ZA 140 56.04 95.17 15.47
CA GLN ZA 140 57.12 96.10 15.21
C GLN ZA 140 57.50 96.13 13.74
N MET ZA 141 56.55 95.93 12.83
CA MET ZA 141 56.81 95.92 11.40
C MET ZA 141 55.89 96.91 10.70
N GLU ZA 142 56.31 97.36 9.53
CA GLU ZA 142 55.51 98.26 8.72
C GLU ZA 142 55.71 97.97 7.24
N VAL ZA 143 54.66 98.15 6.45
CA VAL ZA 143 54.70 97.92 5.01
C VAL ZA 143 54.59 99.25 4.28
N ALA ZA 144 55.22 99.33 3.12
CA ALA ZA 144 55.18 100.52 2.28
C ALA ZA 144 54.64 100.14 0.91
N PHE ZA 145 53.64 100.90 0.45
CA PHE ZA 145 52.99 100.65 -0.83
C PHE ZA 145 53.59 101.55 -1.91
N PHE ZA 146 53.24 101.26 -3.16
CA PHE ZA 146 53.86 101.92 -4.30
C PHE ZA 146 52.83 102.49 -5.25
N ASN ZA 147 53.24 103.51 -5.98
CA ASN ZA 147 52.54 104.20 -7.05
C ASN ZA 147 52.37 103.27 -8.25
N PRO ZA 148 51.32 103.44 -9.05
CA PRO ZA 148 51.12 102.58 -10.23
C PRO ZA 148 52.24 102.61 -11.27
N GLU ZA 149 52.98 103.72 -11.38
CA GLU ZA 149 54.11 103.73 -12.30
C GLU ZA 149 55.21 102.80 -11.80
N ASP ZA 150 55.45 102.80 -10.50
CA ASP ZA 150 56.34 101.84 -9.87
C ASP ZA 150 55.83 100.41 -9.95
N GLU ZA 151 54.50 100.24 -9.84
CA GLU ZA 151 53.85 98.96 -10.08
C GLU ZA 151 54.24 98.40 -11.45
N ALA ZA 152 54.08 99.21 -12.49
CA ALA ZA 152 54.42 98.78 -13.85
C ALA ZA 152 55.91 98.52 -14.00
N LYS ZA 153 56.76 99.40 -13.45
CA LYS ZA 153 58.20 99.22 -13.56
C LYS ZA 153 58.68 97.94 -12.89
N LEU ZA 154 58.21 97.67 -11.67
CA LEU ZA 154 58.60 96.45 -10.96
C LEU ZA 154 58.00 95.20 -11.59
N GLU ZA 155 56.81 95.31 -12.19
CA GLU ZA 155 56.24 94.19 -12.93
C GLU ZA 155 57.10 93.84 -14.14
N GLN ZA 156 57.56 94.86 -14.86
CA GLN ZA 156 58.45 94.62 -16.00
C GLN ZA 156 59.79 94.03 -15.55
N GLY ZA 157 60.32 94.50 -14.43
CA GLY ZA 157 61.55 93.94 -13.90
C GLY ZA 157 61.41 92.48 -13.51
N PHE ZA 158 60.28 92.13 -12.88
CA PHE ZA 158 60.03 90.73 -12.53
C PHE ZA 158 59.87 89.86 -13.76
N LYS ZA 159 59.22 90.37 -14.80
CA LYS ZA 159 59.13 89.64 -16.07
C LYS ZA 159 60.51 89.38 -16.66
N ASP ZA 160 61.38 90.39 -16.65
CA ASP ZA 160 62.73 90.25 -17.18
C ASP ZA 160 63.52 89.20 -16.40
N LEU ZA 161 63.43 89.24 -15.07
CA LEU ZA 161 64.17 88.26 -14.27
C LEU ZA 161 63.61 86.86 -14.44
N ASN ZA 162 62.29 86.71 -14.58
CA ASN ZA 162 61.70 85.38 -14.80
C ASN ZA 162 62.15 84.79 -16.13
N ILE ZA 163 62.08 85.58 -17.21
CA ILE ZA 163 62.50 85.06 -18.51
C ILE ZA 163 64.01 84.81 -18.59
N ALA ZA 164 64.83 85.64 -17.95
CA ALA ZA 164 66.26 85.39 -17.90
C ALA ZA 164 66.62 84.15 -17.08
N LYS ZA 165 65.94 83.94 -15.95
CA LYS ZA 165 66.17 82.73 -15.15
C LYS ZA 165 65.74 81.49 -15.91
N LYS ZA 166 64.63 81.57 -16.64
CA LYS ZA 166 64.17 80.43 -17.45
C LYS ZA 166 65.18 80.10 -18.54
N ASP ZA 167 65.68 81.13 -19.24
CA ASP ZA 167 66.67 80.90 -20.29
C ASP ZA 167 67.95 80.29 -19.75
N ALA ZA 168 68.46 80.83 -18.64
CA ALA ZA 168 69.68 80.31 -18.03
C ALA ZA 168 69.52 78.90 -17.50
N ARG ZA 169 68.36 78.58 -16.92
CA ARG ZA 169 68.12 77.22 -16.43
C ARG ZA 169 68.05 76.22 -17.58
N ARG ZA 170 67.36 76.57 -18.67
CA ARG ZA 170 67.30 75.67 -19.82
C ARG ZA 170 68.67 75.49 -20.47
N GLU ZA 171 69.46 76.57 -20.53
CA GLU ZA 171 70.81 76.47 -21.09
C GLU ZA 171 71.70 75.58 -20.23
N ALA ZA 172 71.61 75.73 -18.91
CA ALA ZA 172 72.39 74.88 -18.00
C ALA ZA 172 71.97 73.42 -18.10
N ARG ZA 173 70.66 73.16 -18.23
CA ARG ZA 173 70.18 71.79 -18.38
C ARG ZA 173 70.67 71.17 -19.70
N ARG ZA 174 70.60 71.91 -20.80
CA ARG ZA 174 71.06 71.35 -22.08
C ARG ZA 174 72.57 71.18 -22.13
N THR ZA 175 73.33 72.04 -21.45
CA THR ZA 175 74.77 71.87 -21.44
C THR ZA 175 75.19 70.71 -20.54
N PHE ZA 176 74.47 70.50 -19.43
CA PHE ZA 176 74.74 69.32 -18.60
C PHE ZA 176 74.33 68.03 -19.31
N ARG ZA 177 73.28 68.10 -20.13
CA ARG ZA 177 72.97 66.98 -21.02
C ARG ZA 177 74.08 66.75 -22.03
N LYS ZA 178 74.64 67.84 -22.57
CA LYS ZA 178 75.70 67.77 -23.57
C LYS ZA 178 76.99 67.17 -23.02
N VAL AB 31 117.35 26.12 56.44
CA VAL AB 31 117.45 26.44 57.87
C VAL AB 31 116.90 27.83 58.13
N LYS AB 32 117.43 28.79 57.40
CA LYS AB 32 117.14 30.20 57.68
C LYS AB 32 116.80 30.96 56.40
N ILE AB 33 117.14 30.39 55.25
CA ILE AB 33 116.86 31.03 53.97
C ILE AB 33 116.13 30.06 53.06
N ALA AB 34 114.99 30.45 52.50
CA ALA AB 34 114.30 29.60 51.52
C ALA AB 34 115.14 29.36 50.27
N LYS AB 35 115.05 28.14 49.74
CA LYS AB 35 115.73 27.79 48.51
C LYS AB 35 114.84 27.96 47.28
N ASN AB 36 113.53 27.95 47.47
CA ASN AB 36 112.53 28.02 46.43
C ASN AB 36 111.52 29.12 46.74
N PRO AB 37 110.78 29.60 45.75
CA PRO AB 37 109.60 30.41 46.06
C PRO AB 37 108.53 29.65 46.84
N LEU AB 38 108.46 28.32 46.70
CA LEU AB 38 107.49 27.54 47.47
C LEU AB 38 107.81 27.50 48.95
N GLU AB 39 109.05 27.73 49.34
CA GLU AB 39 109.41 27.68 50.74
C GLU AB 39 109.04 28.97 51.49
N GLU AB 40 108.50 29.95 50.80
CA GLU AB 40 108.11 31.22 51.39
C GLU AB 40 106.71 31.21 51.98
N PHE AB 41 105.96 30.12 51.80
CA PHE AB 41 104.66 29.97 52.41
C PHE AB 41 104.73 29.22 53.74
N PHE AB 42 105.93 29.09 54.31
CA PHE AB 42 106.17 28.36 55.53
C PHE AB 42 106.95 29.23 56.49
N GLU AB 43 106.84 28.94 57.78
CA GLU AB 43 107.56 29.68 58.81
C GLU AB 43 108.83 28.92 59.13
N PHE AB 44 109.93 29.30 58.49
CA PHE AB 44 111.17 28.54 58.61
C PHE AB 44 111.89 28.77 59.92
N ASP AB 45 111.60 29.86 60.64
CA ASP AB 45 112.31 30.15 61.88
C ASP AB 45 111.59 29.63 63.12
N ARG AB 46 110.47 28.93 62.96
CA ARG AB 46 109.72 28.42 64.10
C ARG AB 46 110.41 27.19 64.67
N SER AB 47 110.86 27.28 65.92
CA SER AB 47 111.55 26.18 66.58
C SER AB 47 110.63 24.99 66.82
N LYS AB 52 110.68 26.26 74.55
CA LYS AB 52 111.16 27.31 73.63
C LYS AB 52 110.03 28.10 72.93
N PRO AB 53 109.29 28.94 73.67
CA PRO AB 53 108.20 29.70 73.04
C PRO AB 53 108.75 30.85 72.19
N VAL AB 54 108.39 30.84 70.90
CA VAL AB 54 108.77 31.92 70.01
C VAL AB 54 107.98 33.16 70.37
N VAL AB 55 108.61 34.33 70.23
CA VAL AB 55 108.02 35.61 70.63
C VAL AB 55 107.87 36.49 69.41
N TYR AB 56 106.71 37.13 69.28
CA TYR AB 56 106.42 38.06 68.20
C TYR AB 56 106.11 39.42 68.79
N GLY AB 57 106.48 40.48 68.09
CA GLY AB 57 106.31 41.82 68.57
C GLY AB 57 104.93 42.37 68.29
N ARG AB 58 104.77 43.65 68.57
CA ARG AB 58 103.54 44.35 68.25
C ARG AB 58 103.61 44.93 66.85
N GLY AB 59 102.53 45.58 66.44
CA GLY AB 59 102.45 46.14 65.11
C GLY AB 59 102.96 47.56 65.03
N TRP AB 60 103.09 48.04 63.81
CA TRP AB 60 103.58 49.39 63.55
C TRP AB 60 102.54 50.43 63.92
N LYS AB 61 102.98 51.50 64.55
CA LYS AB 61 102.11 52.63 64.86
C LYS AB 61 102.22 53.69 63.77
N ALA AB 62 101.18 54.53 63.67
CA ALA AB 62 101.16 55.55 62.65
C ALA AB 62 102.21 56.63 62.89
N SER AB 63 102.55 56.90 64.15
CA SER AB 63 103.62 57.86 64.43
C SER AB 63 104.96 57.32 63.97
N GLU AB 64 105.17 56.00 64.06
CA GLU AB 64 106.39 55.40 63.55
C GLU AB 64 106.38 55.31 62.03
N LEU AB 65 105.22 55.14 61.41
CA LEU AB 65 105.16 55.10 59.95
C LEU AB 65 105.27 56.48 59.32
N ARG AB 66 104.99 57.54 60.06
CA ARG AB 66 105.05 58.88 59.49
C ARG AB 66 106.47 59.38 59.24
N LEU AB 67 107.48 58.64 59.66
CA LEU AB 67 108.87 59.05 59.46
C LEU AB 67 109.51 58.41 58.23
N LYS AB 68 108.81 57.53 57.52
CA LYS AB 68 109.41 56.72 56.49
C LYS AB 68 109.08 57.24 55.10
N SER AB 69 109.95 56.93 54.15
CA SER AB 69 109.74 57.36 52.78
C SER AB 69 108.75 56.45 52.06
N TRP AB 70 108.37 56.88 50.86
CA TRP AB 70 107.44 56.11 50.05
C TRP AB 70 108.02 54.77 49.62
N ASP AB 71 109.32 54.74 49.32
CA ASP AB 71 109.97 53.50 48.94
C ASP AB 71 110.00 52.50 50.10
N ASP AB 72 110.35 52.99 51.30
CA ASP AB 72 110.34 52.12 52.47
C ASP AB 72 108.94 51.66 52.83
N LEU AB 73 107.94 52.52 52.65
CA LEU AB 73 106.57 52.11 52.93
C LEU AB 73 106.06 51.09 51.92
N GLN AB 74 106.43 51.23 50.64
CA GLN AB 74 106.04 50.21 49.67
C GLN AB 74 106.72 48.87 49.96
N LYS AB 75 108.01 48.90 50.31
CA LYS AB 75 108.71 47.68 50.66
C LYS AB 75 108.13 47.04 51.92
N LEU AB 76 107.75 47.85 52.91
CA LEU AB 76 107.11 47.31 54.11
C LEU AB 76 105.74 46.73 53.81
N TRP AB 77 104.99 47.34 52.89
CA TRP AB 77 103.71 46.78 52.49
C TRP AB 77 103.88 45.40 51.90
N TYR AB 78 104.88 45.22 51.04
CA TYR AB 78 105.05 43.91 50.43
C TYR AB 78 105.63 42.89 51.41
N VAL AB 79 106.45 43.32 52.37
CA VAL AB 79 106.92 42.40 53.41
C VAL AB 79 105.76 41.91 54.27
N LEU AB 80 104.87 42.83 54.66
CA LEU AB 80 103.68 42.44 55.42
C LEU AB 80 102.73 41.58 54.60
N LEU AB 81 102.65 41.82 53.29
CA LEU AB 81 101.79 40.99 52.45
C LEU AB 81 102.29 39.55 52.38
N LYS AB 82 103.61 39.37 52.24
CA LYS AB 82 104.17 38.02 52.27
C LYS AB 82 103.97 37.36 53.62
N GLU AB 83 104.11 38.12 54.71
CA GLU AB 83 103.87 37.55 56.04
C GLU AB 83 102.41 37.14 56.22
N LYS AB 84 101.47 37.95 55.72
CA LYS AB 84 100.07 37.61 55.84
C LYS AB 84 99.71 36.36 55.03
N ASN AB 85 100.29 36.23 53.83
CA ASN AB 85 100.10 35.00 53.05
C ASN AB 85 100.64 33.78 53.79
N MET AB 86 101.80 33.92 54.43
CA MET AB 86 102.36 32.81 55.22
C MET AB 86 101.45 32.44 56.38
N LEU AB 87 100.92 33.42 57.09
CA LEU AB 87 100.10 33.13 58.27
C LEU AB 87 98.78 32.48 57.88
N MET AB 88 98.13 32.98 56.83
CA MET AB 88 96.89 32.36 56.38
C MET AB 88 97.11 30.96 55.84
N THR AB 89 98.23 30.74 55.13
CA THR AB 89 98.57 29.39 54.67
C THR AB 89 98.80 28.45 55.84
N GLN AB 90 99.50 28.91 56.88
CA GLN AB 90 99.75 28.08 58.04
C GLN AB 90 98.46 27.73 58.76
N ARG AB 91 97.55 28.69 58.91
CA ARG AB 91 96.26 28.41 59.54
C ARG AB 91 95.46 27.39 58.76
N GLN AB 92 95.40 27.54 57.44
CA GLN AB 92 94.65 26.60 56.61
C GLN AB 92 95.26 25.20 56.67
N MET AB 93 96.59 25.11 56.59
CA MET AB 93 97.27 23.82 56.63
C MET AB 93 97.05 23.12 57.97
N LEU AB 94 97.08 23.87 59.06
CA LEU AB 94 96.90 23.22 60.36
C LEU AB 94 95.44 22.87 60.63
N GLN AB 95 94.50 23.69 60.17
CA GLN AB 95 93.09 23.37 60.37
C GLN AB 95 92.62 22.25 59.47
N ALA AB 96 93.32 21.98 58.37
CA ALA AB 96 92.90 20.90 57.49
C ALA AB 96 93.16 19.52 58.06
N GLN AB 97 93.90 19.40 59.15
CA GLN AB 97 94.15 18.11 59.80
C GLN AB 97 93.65 18.09 61.24
N ASN AB 98 92.63 18.91 61.52
CA ASN AB 98 92.01 19.03 62.86
C ASN AB 98 93.03 19.42 63.93
N MET AB 99 93.96 20.30 63.59
CA MET AB 99 94.96 20.81 64.52
C MET AB 99 94.74 22.30 64.74
N MET AB 100 95.10 22.74 65.95
CA MET AB 100 94.91 24.11 66.40
C MET AB 100 95.92 25.03 65.73
N PHE AB 101 95.50 26.29 65.51
CA PHE AB 101 96.37 27.30 64.94
C PHE AB 101 97.04 28.06 66.07
N PRO AB 102 98.35 27.93 66.26
CA PRO AB 102 99.01 28.61 67.38
C PRO AB 102 99.21 30.10 67.11
N ASN AB 103 98.98 30.89 68.17
CA ASN AB 103 99.06 32.35 68.19
C ASN AB 103 98.27 33.00 67.06
N PRO AB 104 96.93 33.01 67.13
CA PRO AB 104 96.15 33.61 66.05
C PRO AB 104 96.22 35.13 65.99
N GLU AB 105 96.78 35.79 66.98
CA GLU AB 105 96.82 37.25 67.04
C GLU AB 105 97.84 37.86 66.10
N ARG AB 106 98.63 37.06 65.40
CA ARG AB 106 99.61 37.61 64.48
C ARG AB 106 98.94 38.24 63.26
N ILE AB 107 97.84 37.65 62.80
CA ILE AB 107 97.13 38.11 61.60
C ILE AB 107 96.50 39.49 61.76
N PRO AB 108 95.76 39.81 62.84
CA PRO AB 108 95.25 41.19 62.94
C PRO AB 108 96.32 42.25 63.11
N LYS AB 109 97.47 41.92 63.70
CA LYS AB 109 98.56 42.89 63.81
C LYS AB 109 99.06 43.30 62.44
N VAL AB 110 99.31 42.32 61.57
CA VAL AB 110 99.72 42.58 60.20
C VAL AB 110 98.64 43.34 59.44
N ARG AB 111 97.38 42.92 59.61
CA ARG AB 111 96.28 43.54 58.88
C ARG AB 111 96.11 45.01 59.24
N ARG AB 112 96.16 45.33 60.53
CA ARG AB 112 95.96 46.71 60.93
C ARG AB 112 97.18 47.57 60.64
N SER AB 113 98.38 46.99 60.65
CA SER AB 113 99.56 47.73 60.20
C SER AB 113 99.44 48.10 58.72
N MET AB 114 98.95 47.17 57.90
CA MET AB 114 98.72 47.46 56.50
C MET AB 114 97.62 48.50 56.28
N CYS AB 115 96.63 48.56 57.18
CA CYS AB 115 95.67 49.65 57.11
C CYS AB 115 96.33 50.99 57.40
N ARG AB 116 97.19 51.03 58.42
CA ARG AB 116 97.82 52.28 58.83
C ARG AB 116 98.74 52.83 57.75
N ILE AB 117 99.42 51.96 56.99
CA ILE AB 117 100.27 52.41 55.90
C ILE AB 117 99.47 53.18 54.85
N LYS AB 118 98.32 52.64 54.47
CA LYS AB 118 97.47 53.30 53.48
C LYS AB 118 96.90 54.60 54.00
N HIS AB 119 96.54 54.65 55.29
CA HIS AB 119 96.07 55.92 55.84
C HIS AB 119 97.16 56.99 55.81
N VAL AB 120 98.41 56.63 56.12
CA VAL AB 120 99.50 57.59 56.08
C VAL AB 120 99.75 58.10 54.67
N LEU AB 121 99.75 57.21 53.68
CA LEU AB 121 99.97 57.63 52.29
C LEU AB 121 98.84 58.52 51.78
N THR AB 122 97.60 58.21 52.13
CA THR AB 122 96.49 59.08 51.74
C THR AB 122 96.57 60.43 52.44
N GLU AB 123 97.05 60.44 53.68
CA GLU AB 123 97.25 61.70 54.40
C GLU AB 123 98.27 62.59 53.70
N ARG AB 124 99.35 62.00 53.19
CA ARG AB 124 100.29 62.78 52.38
C ARG AB 124 99.69 63.24 51.05
N ALA AB 125 98.89 62.39 50.41
CA ALA AB 125 98.28 62.74 49.13
C ALA AB 125 97.28 63.89 49.27
N ILE AB 126 96.65 64.02 50.43
CA ILE AB 126 95.82 65.21 50.68
C ILE AB 126 96.70 66.46 50.78
N GLU AB 127 97.83 66.36 51.49
CA GLU AB 127 98.69 67.50 51.73
C GLU AB 127 99.50 67.93 50.52
N GLU AB 128 99.56 67.13 49.46
CA GLU AB 128 100.26 67.56 48.25
C GLU AB 128 99.55 68.74 47.60
N PRO AB 129 100.25 69.85 47.32
CA PRO AB 129 99.58 71.07 46.86
C PRO AB 129 99.25 71.10 45.38
N ASP AB 130 100.03 70.43 44.54
CA ASP AB 130 99.73 70.41 43.12
C ASP AB 130 98.55 69.48 42.84
N PRO AB 131 97.61 69.97 42.04
CA PRO AB 131 96.37 69.25 41.78
C PRO AB 131 96.60 67.94 41.05
N ARG AB 132 97.41 67.99 39.99
CA ARG AB 132 97.67 66.80 39.19
C ARG AB 132 98.46 65.75 39.99
N ARG AB 133 99.43 66.21 40.78
CA ARG AB 133 100.22 65.28 41.58
C ARG AB 133 99.38 64.63 42.67
N SER AB 134 98.48 65.40 43.29
CA SER AB 134 97.60 64.80 44.31
C SER AB 134 96.64 63.81 43.68
N ALA AB 135 96.07 64.15 42.53
CA ALA AB 135 95.13 63.24 41.88
C ALA AB 135 95.83 62.01 41.31
N GLU AB 136 97.14 62.09 41.11
CA GLU AB 136 97.85 60.89 40.67
C GLU AB 136 98.32 60.05 41.85
N MET AB 137 98.66 60.68 42.98
CA MET AB 137 99.04 59.92 44.17
C MET AB 137 97.85 59.18 44.77
N LYS AB 138 96.66 59.76 44.73
CA LYS AB 138 95.48 59.04 45.22
C LYS AB 138 95.20 57.80 44.38
N ARG AB 139 95.39 57.87 43.07
CA ARG AB 139 95.25 56.70 42.24
C ARG AB 139 96.36 55.68 42.49
N MET AB 140 97.59 56.14 42.73
CA MET AB 140 98.67 55.22 43.08
C MET AB 140 98.39 54.48 44.37
N VAL AB 141 97.75 55.14 45.33
CA VAL AB 141 97.44 54.46 46.59
C VAL AB 141 96.26 53.52 46.41
N ASN AB 142 95.13 54.02 45.93
CA ASN AB 142 93.88 53.27 45.95
C ASN AB 142 93.67 52.39 44.73
N GLY AB 143 94.62 52.38 43.78
CA GLY AB 143 94.41 51.66 42.54
C GLY AB 143 94.41 50.15 42.73
N MET AB 144 93.75 49.48 41.81
CA MET AB 144 93.60 48.04 41.90
C MET AB 144 93.37 47.47 40.50
N SER BB 2 -12.20 -3.28 109.12
CA SER BB 2 -12.64 -2.10 108.40
C SER BB 2 -12.30 -0.79 109.10
N GLY BB 3 -12.57 0.32 108.44
CA GLY BB 3 -12.30 1.62 109.01
C GLY BB 3 -13.57 2.32 109.45
N PHE BB 4 -14.69 1.92 108.86
CA PHE BB 4 -16.01 2.41 109.26
C PHE BB 4 -16.46 1.84 110.60
N ARG BB 5 -15.74 0.84 111.13
CA ARG BB 5 -16.08 0.25 112.42
C ARG BB 5 -16.04 1.27 113.54
N ALA BB 6 -15.08 2.20 113.49
CA ALA BB 6 -15.00 3.23 114.51
C ALA BB 6 -16.07 4.30 114.35
N PHE BB 7 -16.72 4.37 113.18
CA PHE BB 7 -17.72 5.39 112.92
C PHE BB 7 -19.14 4.86 112.96
N LYS BB 8 -19.34 3.55 113.09
CA LYS BB 8 -20.68 3.01 113.18
C LYS BB 8 -21.36 3.47 114.48
N ALA BB 9 -22.62 3.87 114.36
CA ALA BB 9 -23.27 4.62 115.43
C ALA BB 9 -23.62 3.73 116.61
N GLN BB 10 -23.36 4.24 117.82
CA GLN BB 10 -23.76 3.57 119.05
C GLN BB 10 -25.01 4.17 119.66
N VAL BB 11 -25.61 5.18 119.03
CA VAL BB 11 -26.77 5.90 119.56
C VAL BB 11 -27.81 5.99 118.45
N PRO BB 12 -29.10 5.86 118.75
CA PRO BB 12 -30.13 6.05 117.72
C PRO BB 12 -30.08 7.44 117.08
N ILE BB 13 -30.36 7.48 115.79
CA ILE BB 13 -30.23 8.70 115.01
C ILE BB 13 -31.53 9.50 115.11
N GLN BB 14 -31.47 10.66 115.73
CA GLN BB 14 -32.62 11.53 115.90
C GLN BB 14 -32.29 12.92 115.37
N TRP BB 15 -33.25 13.82 115.45
CA TRP BB 15 -33.02 15.20 115.07
C TRP BB 15 -32.09 15.87 116.07
N SER BB 16 -31.17 16.68 115.56
CA SER BB 16 -30.14 17.28 116.40
C SER BB 16 -29.93 18.73 116.00
N GLN BB 17 -29.39 19.50 116.96
CA GLN BB 17 -29.12 20.92 116.71
C GLN BB 17 -27.84 21.13 115.92
N SER BB 18 -26.86 20.24 116.06
CA SER BB 18 -25.54 20.42 115.47
C SER BB 18 -25.12 19.17 114.73
N LEU BB 19 -24.22 19.34 113.77
CA LEU BB 19 -23.68 18.26 112.98
C LEU BB 19 -22.17 18.35 112.96
N TYR BB 20 -21.52 17.19 112.98
CA TYR BB 20 -20.08 17.08 112.86
C TYR BB 20 -19.77 16.32 111.58
N ILE BB 21 -19.04 16.97 110.66
CA ILE BB 21 -18.74 16.41 109.35
C ILE BB 21 -17.26 16.09 109.30
N THR BB 22 -16.93 14.85 108.95
CA THR BB 22 -15.55 14.38 108.91
C THR BB 22 -15.21 13.93 107.49
N LEU BB 23 -14.07 14.36 106.97
CA LEU BB 23 -13.67 14.00 105.62
C LEU BB 23 -12.87 12.71 105.63
N VAL BB 24 -13.35 11.69 104.94
CA VAL BB 24 -12.73 10.37 104.95
C VAL BB 24 -12.30 9.89 103.58
N ARG BB 25 -12.43 10.71 102.54
CA ARG BB 25 -11.98 10.34 101.20
C ARG BB 25 -11.05 11.42 100.66
N GLY BB 26 -10.20 11.00 99.74
CA GLY BB 26 -9.18 11.90 99.22
C GLY BB 26 -9.72 12.89 98.21
N LEU BB 27 -8.91 13.90 97.98
CA LEU BB 27 -9.24 15.01 97.07
C LEU BB 27 -9.00 14.74 95.58
N PRO BB 28 -7.85 14.22 95.12
CA PRO BB 28 -7.63 14.13 93.68
C PRO BB 28 -8.49 13.06 93.02
N GLY BB 29 -8.85 13.33 91.77
CA GLY BB 29 -9.78 12.49 91.06
C GLY BB 29 -11.23 12.85 91.25
N THR BB 30 -11.51 13.98 91.89
CA THR BB 30 -12.87 14.43 92.14
C THR BB 30 -13.14 15.70 91.35
N ARG BB 31 -14.43 16.04 91.23
CA ARG BB 31 -14.80 17.27 90.54
C ARG BB 31 -14.36 18.49 91.33
N LYS BB 32 -13.94 19.53 90.61
CA LYS BB 32 -13.61 20.79 91.28
C LYS BB 32 -14.83 21.43 91.93
N LEU BB 33 -16.03 21.13 91.45
CA LEU BB 33 -17.24 21.57 92.13
C LEU BB 33 -17.35 20.95 93.52
N HIS BB 34 -17.08 19.66 93.64
CA HIS BB 34 -17.06 19.01 94.95
C HIS BB 34 -15.92 19.53 95.82
N ARG BB 35 -14.75 19.76 95.24
CA ARG BB 35 -13.63 20.29 96.02
C ARG BB 35 -13.94 21.68 96.56
N ARG BB 36 -14.59 22.52 95.74
CA ARG BB 36 -14.97 23.85 96.22
C ARG BB 36 -16.08 23.79 97.25
N THR BB 37 -17.00 22.83 97.14
CA THR BB 37 -18.02 22.66 98.18
C THR BB 37 -17.39 22.25 99.51
N LEU BB 38 -16.43 21.34 99.47
CA LEU BB 38 -15.73 20.96 100.69
C LEU BB 38 -14.92 22.13 101.25
N GLU BB 39 -14.30 22.92 100.38
CA GLU BB 39 -13.55 24.10 100.82
C GLU BB 39 -14.45 25.13 101.47
N ALA BB 40 -15.67 25.29 100.96
CA ALA BB 40 -16.66 26.16 101.59
C ALA BB 40 -17.24 25.58 102.87
N MET BB 41 -17.22 24.27 103.05
CA MET BB 41 -17.52 23.67 104.34
C MET BB 41 -16.36 23.80 105.32
N GLY BB 42 -15.16 24.10 104.83
CA GLY BB 42 -14.02 24.26 105.70
C GLY BB 42 -13.14 23.04 105.83
N LEU BB 43 -13.31 22.05 104.95
CA LEU BB 43 -12.54 20.82 104.97
C LEU BB 43 -11.46 20.90 103.90
N ARG BB 44 -10.21 20.71 104.30
CA ARG BB 44 -9.09 20.89 103.38
C ARG BB 44 -8.18 19.67 103.32
N ARG BB 45 -8.10 18.93 104.41
CA ARG BB 45 -7.26 17.75 104.49
C ARG BB 45 -8.10 16.55 104.88
N CYS BB 46 -7.57 15.36 104.62
CA CYS BB 46 -8.27 14.13 104.95
C CYS BB 46 -8.18 13.90 106.46
N HIS BB 47 -9.23 13.26 106.99
CA HIS BB 47 -9.42 13.03 108.43
C HIS BB 47 -9.42 14.34 109.22
N ARG BB 48 -10.24 15.29 108.75
CA ARG BB 48 -10.49 16.54 109.43
C ARG BB 48 -11.99 16.65 109.72
N THR BB 49 -12.32 17.36 110.79
CA THR BB 49 -13.68 17.45 111.31
C THR BB 49 -14.08 18.90 111.46
N VAL BB 50 -15.28 19.24 111.00
CA VAL BB 50 -15.84 20.58 111.20
C VAL BB 50 -17.21 20.45 111.85
N LEU BB 51 -17.60 21.52 112.53
CA LEU BB 51 -18.85 21.57 113.29
C LEU BB 51 -19.75 22.64 112.69
N HIS BB 52 -21.00 22.28 112.41
CA HIS BB 52 -21.95 23.22 111.83
C HIS BB 52 -23.30 23.05 112.50
N SER BB 53 -24.18 24.03 112.29
CA SER BB 53 -25.52 23.95 112.81
C SER BB 53 -26.44 23.30 111.77
N ASN BB 54 -27.57 22.79 112.24
CA ASN BB 54 -28.42 21.94 111.42
C ASN BB 54 -29.47 22.79 110.70
N THR BB 55 -29.06 23.35 109.56
CA THR BB 55 -29.97 24.05 108.67
C THR BB 55 -29.85 23.50 107.26
N SER BB 56 -30.81 23.86 106.40
CA SER BB 56 -30.87 23.31 105.05
C SER BB 56 -29.73 23.77 104.17
N SER BB 57 -29.13 24.94 104.46
CA SER BB 57 -28.00 25.43 103.68
C SER BB 57 -26.79 24.52 103.84
N ILE BB 58 -26.61 23.94 105.02
CA ILE BB 58 -25.53 22.98 105.22
C ILE BB 58 -25.96 21.58 104.79
N ARG BB 59 -27.25 21.26 104.95
CA ARG BB 59 -27.74 19.96 104.54
C ARG BB 59 -27.62 19.75 103.03
N GLY BB 60 -27.78 20.81 102.25
CA GLY BB 60 -27.60 20.68 100.81
C GLY BB 60 -26.16 20.37 100.42
N MET BB 61 -25.21 21.01 101.10
CA MET BB 61 -23.79 20.71 100.88
C MET BB 61 -23.47 19.27 101.21
N ILE BB 62 -23.93 18.81 102.38
CA ILE BB 62 -23.65 17.44 102.80
C ILE BB 62 -24.33 16.44 101.87
N GLN BB 63 -25.52 16.76 101.36
CA GLN BB 63 -26.18 15.88 100.41
C GLN BB 63 -25.46 15.86 99.08
N GLN BB 64 -24.78 16.95 98.72
CA GLN BB 64 -23.98 16.92 97.51
C GLN BB 64 -22.77 16.01 97.66
N VAL BB 65 -22.06 16.10 98.79
CA VAL BB 65 -20.80 15.38 98.91
C VAL BB 65 -20.87 14.22 99.89
N LYS BB 66 -22.06 13.60 100.02
CA LYS BB 66 -22.30 12.59 101.05
C LYS BB 66 -21.48 11.33 100.89
N ARG BB 67 -20.90 11.06 99.73
CA ARG BB 67 -20.12 9.86 99.54
C ARG BB 67 -18.66 10.02 99.96
N MET BB 68 -18.27 11.22 100.38
CA MET BB 68 -16.89 11.46 100.78
C MET BB 68 -16.73 11.74 102.26
N VAL BB 69 -17.82 11.99 102.98
CA VAL BB 69 -17.77 12.41 104.37
C VAL BB 69 -18.58 11.46 105.23
N VAL BB 70 -18.34 11.54 106.53
CA VAL BB 70 -19.16 10.92 107.56
C VAL BB 70 -19.81 12.05 108.33
N VAL BB 71 -21.14 12.04 108.42
CA VAL BB 71 -21.89 13.07 109.13
C VAL BB 71 -22.46 12.46 110.39
N GLU BB 72 -22.24 13.12 111.53
CA GLU BB 72 -22.69 12.63 112.82
C GLU BB 72 -23.46 13.73 113.53
N THR BB 73 -24.38 13.31 114.39
CA THR BB 73 -25.11 14.26 115.21
C THR BB 73 -24.35 14.47 116.51
N GLU BB 74 -24.88 15.34 117.38
CA GLU BB 74 -24.23 15.68 118.63
C GLU BB 74 -24.15 14.47 119.55
N GLU BB 75 -25.24 13.71 119.66
CA GLU BB 75 -25.26 12.53 120.53
C GLU BB 75 -24.32 11.45 120.01
N MET BB 76 -24.30 11.23 118.70
CA MET BB 76 -23.41 10.22 118.13
C MET BB 76 -21.94 10.59 118.32
N PHE BB 77 -21.60 11.86 118.12
CA PHE BB 77 -20.23 12.31 118.34
C PHE BB 77 -19.82 12.17 119.80
N LYS BB 78 -20.72 12.55 120.73
CA LYS BB 78 -20.41 12.42 122.15
C LYS BB 78 -20.24 10.97 122.56
N ALA BB 79 -21.09 10.08 122.04
CA ALA BB 79 -20.96 8.67 122.36
C ALA BB 79 -19.68 8.08 121.81
N ARG BB 80 -19.29 8.45 120.60
CA ARG BB 80 -18.05 7.94 120.03
C ARG BB 80 -16.84 8.35 120.86
N LYS BB 81 -16.76 9.65 121.19
CA LYS BB 81 -15.61 10.12 121.98
C LYS BB 81 -15.61 9.53 123.38
N GLU BB 82 -16.79 9.43 124.02
CA GLU BB 82 -16.89 8.89 125.36
C GLU BB 82 -16.53 7.40 125.39
N ALA BB 83 -16.98 6.63 124.40
CA ALA BB 83 -16.62 5.21 124.34
C ALA BB 83 -15.14 5.01 124.08
N GLU BB 84 -14.54 5.86 123.24
CA GLU BB 84 -13.10 5.77 122.99
C GLU BB 84 -12.30 6.03 124.25
N ALA BB 85 -12.67 7.06 125.01
CA ALA BB 85 -11.96 7.35 126.26
C ALA BB 85 -12.19 6.26 127.31
N ASN BB 86 -13.40 5.70 127.37
CA ASN BB 86 -13.68 4.64 128.33
C ASN BB 86 -12.95 3.36 127.98
N HIS BB 87 -12.73 3.09 126.68
CA HIS BB 87 -11.93 1.94 126.33
C HIS BB 87 -10.46 2.16 126.62
N LYS BB 88 -9.97 3.40 126.51
CA LYS BB 88 -8.58 3.66 126.86
C LYS BB 88 -8.38 3.96 128.35
N ALA BB 89 -9.43 3.84 129.17
CA ALA BB 89 -9.29 4.02 130.60
C ALA BB 89 -8.46 2.90 131.22
N LEU BB 90 -7.95 3.16 132.43
CA LEU BB 90 -7.02 2.25 133.08
C LEU BB 90 -7.76 1.17 133.86
N ARG BB 91 -7.16 -0.02 133.88
CA ARG BB 91 -7.68 -1.20 134.56
C ARG BB 91 -6.61 -1.76 135.48
N PRO BB 92 -7.00 -2.51 136.52
CA PRO BB 92 -6.01 -3.18 137.37
C PRO BB 92 -5.22 -4.23 136.62
N PRO BB 93 -3.94 -4.38 136.94
CA PRO BB 93 -3.08 -5.29 136.18
C PRO BB 93 -3.27 -6.75 136.54
N LEU BB 94 -2.81 -7.62 135.65
CA LEU BB 94 -2.83 -9.07 135.86
C LEU BB 94 -1.43 -9.54 136.20
N VAL BB 95 -1.35 -10.49 137.13
CA VAL BB 95 -0.08 -11.09 137.55
C VAL BB 95 -0.14 -12.58 137.25
N VAL BB 96 0.78 -13.06 136.42
CA VAL BB 96 0.82 -14.44 135.96
C VAL BB 96 2.14 -15.06 136.41
N SER BB 97 2.07 -16.23 137.03
CA SER BB 97 3.25 -16.93 137.50
C SER BB 97 3.41 -18.21 136.69
N HIS BB 98 4.42 -18.23 135.83
CA HIS BB 98 4.62 -19.39 134.95
C HIS BB 98 5.49 -20.44 135.60
N SER BB 99 6.70 -20.06 136.03
CA SER BB 99 7.67 -20.92 136.71
C SER BB 99 8.03 -22.19 135.95
N ILE BB 100 8.71 -23.13 136.63
CA ILE BB 100 9.04 -24.51 136.28
C ILE BB 100 9.39 -24.73 134.81
N PRO BB 101 10.53 -24.19 134.32
CA PRO BB 101 10.85 -24.30 132.91
C PRO BB 101 11.30 -25.69 132.50
N MET CB 60 -77.79 52.94 44.93
CA MET CB 60 -77.44 53.27 43.55
C MET CB 60 -76.54 54.48 43.49
N LYS CB 61 -75.40 54.34 42.82
CA LYS CB 61 -74.49 55.45 42.65
C LYS CB 61 -75.06 56.46 41.66
N LYS CB 62 -74.44 57.63 41.62
CA LYS CB 62 -74.89 58.71 40.77
C LYS CB 62 -73.92 58.91 39.61
N GLY CB 63 -74.47 59.10 38.42
CA GLY CB 63 -73.66 59.26 37.24
C GLY CB 63 -73.12 57.97 36.68
N VAL CB 64 -73.82 56.86 36.91
CA VAL CB 64 -73.28 55.54 36.61
C VAL CB 64 -74.25 54.61 35.90
N HIS CB 65 -75.55 54.80 36.02
CA HIS CB 65 -76.56 53.90 35.49
C HIS CB 65 -77.30 54.57 34.34
N PRO CB 66 -77.92 53.80 33.44
CA PRO CB 66 -78.69 54.40 32.36
C PRO CB 66 -79.99 55.03 32.87
N GLN CB 67 -80.50 55.97 32.09
CA GLN CB 67 -81.79 56.59 32.37
C GLN CB 67 -82.90 55.59 32.09
N MET CB 68 -84.06 55.84 32.69
CA MET CB 68 -85.20 54.95 32.57
C MET CB 68 -86.37 55.65 31.89
N GLN CB 69 -87.38 54.86 31.57
CA GLN CB 69 -88.57 55.35 30.86
C GLN CB 69 -89.74 54.45 31.20
N TRP CB 70 -90.95 54.99 31.06
CA TRP CB 70 -92.17 54.29 31.38
C TRP CB 70 -92.85 53.82 30.10
N ILE CB 71 -93.18 52.53 30.02
CA ILE CB 71 -93.90 52.00 28.88
C ILE CB 71 -95.10 51.20 29.37
N SER CB 72 -96.05 50.99 28.47
CA SER CB 72 -97.31 50.35 28.79
C SER CB 72 -97.43 49.01 28.06
N TYR CB 73 -97.92 48.00 28.77
CA TYR CB 73 -98.15 46.67 28.24
C TYR CB 73 -99.64 46.41 28.26
N VAL CB 74 -100.15 45.80 27.20
CA VAL CB 74 -101.53 45.35 27.15
C VAL CB 74 -101.51 43.85 26.96
N THR CB 75 -102.10 43.11 27.91
CA THR CB 75 -102.12 41.67 27.90
C THR CB 75 -103.16 41.22 26.85
N GLN CB 76 -103.20 39.92 26.56
CA GLN CB 76 -104.14 39.33 25.60
C GLN CB 76 -105.60 39.56 25.97
N SER CB 77 -105.93 39.81 27.24
CA SER CB 77 -107.29 40.11 27.66
C SER CB 77 -107.59 41.61 27.69
N GLY CB 78 -106.65 42.45 27.27
CA GLY CB 78 -106.86 43.88 27.31
C GLY CB 78 -106.46 44.57 28.59
N ARG CB 79 -105.88 43.83 29.54
CA ARG CB 79 -105.44 44.41 30.79
C ARG CB 79 -104.23 45.31 30.57
N LEU CB 80 -104.24 46.50 31.18
CA LEU CB 80 -103.13 47.43 31.06
C LEU CB 80 -102.19 47.27 32.24
N MET CB 81 -100.90 47.46 31.99
CA MET CB 81 -99.87 47.36 33.00
C MET CB 81 -98.74 48.34 32.69
N HIS CB 82 -98.24 49.03 33.71
CA HIS CB 82 -97.20 50.02 33.53
C HIS CB 82 -95.88 49.46 34.06
N VAL CB 83 -94.81 49.58 33.26
CA VAL CB 83 -93.49 49.11 33.68
C VAL CB 83 -92.45 50.14 33.31
N MET CB 84 -91.27 49.99 33.90
CA MET CB 84 -90.10 50.80 33.56
C MET CB 84 -89.19 50.03 32.61
N MET CB 85 -88.37 50.77 31.87
CA MET CB 85 -87.53 50.22 30.83
C MET CB 85 -86.43 51.22 30.54
N THR CB 86 -85.27 50.72 30.10
CA THR CB 86 -84.15 51.58 29.77
C THR CB 86 -84.51 52.48 28.59
N ARG CB 87 -84.24 53.77 28.74
CA ARG CB 87 -84.74 54.76 27.79
C ARG CB 87 -83.98 54.65 26.47
N ILE CB 88 -84.62 54.01 25.49
CA ILE CB 88 -84.09 53.94 24.13
C ILE CB 88 -85.03 54.54 23.11
N HIS CB 89 -86.16 55.12 23.54
CA HIS CB 89 -87.09 55.80 22.65
C HIS CB 89 -87.33 57.22 23.13
N HIS CB 90 -87.80 58.07 22.23
CA HIS CB 90 -88.11 59.46 22.60
C HIS CB 90 -89.28 59.52 23.57
N VAL CB 91 -90.37 58.82 23.25
CA VAL CB 91 -91.56 58.80 24.09
C VAL CB 91 -91.93 57.35 24.37
N GLY CB 92 -92.66 57.15 25.46
CA GLY CB 92 -93.11 55.82 25.81
C GLY CB 92 -94.24 55.35 24.91
N LYS CB 93 -94.32 54.03 24.75
CA LYS CB 93 -95.27 53.43 23.84
C LYS CB 93 -96.08 52.34 24.55
N VAL CB 94 -97.10 51.88 23.85
CA VAL CB 94 -97.99 50.81 24.31
C VAL CB 94 -97.78 49.62 23.41
N TYR CB 95 -97.48 48.47 24.00
CA TYR CB 95 -97.24 47.24 23.26
C TYR CB 95 -98.32 46.22 23.61
N HIS CB 96 -98.98 45.69 22.60
CA HIS CB 96 -100.05 44.71 22.77
C HIS CB 96 -99.48 43.32 22.61
N PHE CB 97 -100.00 42.38 23.38
CA PHE CB 97 -99.57 41.00 23.31
C PHE CB 97 -100.66 40.15 22.68
N GLY CB 98 -100.25 39.27 21.76
CA GLY CB 98 -101.16 38.38 21.08
C GLY CB 98 -101.01 36.95 21.53
N ALA CB 99 -101.53 36.05 20.71
CA ALA CB 99 -101.47 34.61 20.97
C ALA CB 99 -100.42 33.93 20.11
N LYS CB 100 -99.26 34.56 19.92
CA LYS CB 100 -98.23 34.08 19.00
C LYS CB 100 -97.43 32.93 19.62
N ARG CB 101 -98.14 31.85 19.94
CA ARG CB 101 -97.53 30.72 20.62
C ARG CB 101 -96.66 29.90 19.68
N GLN CB 102 -97.11 29.73 18.43
CA GLN CB 102 -96.33 29.13 17.34
C GLN CB 102 -95.94 27.68 17.65
N LEU CB 103 -96.93 26.86 18.01
CA LEU CB 103 -96.70 25.46 18.33
C LEU CB 103 -96.66 24.63 17.04
N ALA CB 104 -95.63 23.80 16.91
CA ALA CB 104 -95.34 23.07 15.68
C ALA CB 104 -95.49 21.57 15.88
N GLN CB 105 -96.16 20.91 14.95
CA GLN CB 105 -96.43 19.48 15.03
C GLN CB 105 -96.02 18.79 13.73
N SER CB 106 -95.55 17.55 13.84
CA SER CB 106 -95.13 16.75 12.71
C SER CB 106 -95.93 15.45 12.69
N ILE CB 107 -96.29 14.99 11.50
CA ILE CB 107 -97.12 13.81 11.35
C ILE CB 107 -96.27 12.56 11.42
N GLY CB 108 -96.87 11.47 11.88
CA GLY CB 108 -96.18 10.20 11.96
C GLY CB 108 -96.17 9.49 10.63
N GLN CB 109 -95.52 8.32 10.64
CA GLN CB 109 -95.38 7.56 9.39
C GLN CB 109 -96.66 6.84 9.02
N ILE CB 110 -97.42 6.36 10.00
CA ILE CB 110 -98.72 5.75 9.67
C ILE CB 110 -99.71 6.81 9.22
N ALA CB 111 -99.64 8.02 9.80
CA ALA CB 111 -100.44 9.13 9.30
C ALA CB 111 -100.05 9.52 7.88
N LYS CB 112 -98.75 9.53 7.58
CA LYS CB 112 -98.30 9.82 6.22
C LYS CB 112 -98.74 8.73 5.26
N PHE CB 113 -98.72 7.47 5.68
CA PHE CB 113 -99.19 6.37 4.86
C PHE CB 113 -100.68 6.48 4.56
N LYS CB 114 -101.46 6.83 5.58
CA LYS CB 114 -102.91 6.92 5.40
C LYS CB 114 -103.31 8.16 4.61
N ARG CB 115 -102.49 9.20 4.63
CA ARG CB 115 -102.77 10.38 3.81
C ARG CB 115 -102.68 10.08 2.32
N ARG CB 116 -101.96 9.04 1.94
CA ARG CB 116 -101.78 8.66 0.54
C ARG CB 116 -102.60 7.46 0.13
N PHE CB 117 -102.42 6.33 0.81
CA PHE CB 117 -102.98 5.07 0.31
C PHE CB 117 -104.31 4.70 0.95
N ASN CB 118 -105.28 5.62 0.90
CA ASN CB 118 -106.65 5.34 1.34
C ASN CB 118 -107.63 6.37 0.79
N ALA DB 84 34.76 -4.97 61.23
CA ALA DB 84 33.93 -4.59 62.34
C ALA DB 84 34.74 -3.85 63.39
N VAL DB 85 34.09 -2.95 64.11
CA VAL DB 85 34.77 -2.10 65.08
C VAL DB 85 34.35 -2.52 66.49
N PRO DB 86 35.15 -2.28 67.52
CA PRO DB 86 34.67 -2.58 68.87
C PRO DB 86 33.56 -1.64 69.29
N LYS DB 87 32.51 -2.23 69.88
CA LYS DB 87 31.33 -1.47 70.25
C LYS DB 87 31.57 -0.61 71.49
N LYS DB 88 32.39 -1.09 72.42
CA LYS DB 88 32.65 -0.36 73.65
C LYS DB 88 34.13 -0.49 74.00
N LYS DB 89 34.54 0.23 75.04
CA LYS DB 89 35.93 0.19 75.49
C LYS DB 89 36.15 -1.01 76.38
N VAL DB 90 37.25 -1.73 76.16
CA VAL DB 90 37.56 -2.90 76.97
C VAL DB 90 38.12 -2.43 78.31
N SER DB 91 37.50 -2.88 79.39
CA SER DB 91 37.90 -2.44 80.72
C SER DB 91 39.15 -3.18 81.19
N LYS DB 92 39.71 -2.69 82.29
CA LYS DB 92 40.92 -3.29 82.86
C LYS DB 92 40.69 -4.71 83.34
N HIS DB 93 39.49 -4.98 83.85
CA HIS DB 93 39.13 -6.33 84.30
C HIS DB 93 39.19 -7.34 83.16
N LYS DB 94 38.56 -7.01 82.04
CA LYS DB 94 38.56 -7.90 80.88
C LYS DB 94 39.92 -8.00 80.23
N ARG DB 95 40.68 -6.90 80.17
CA ARG DB 95 42.03 -6.95 79.62
C ARG DB 95 42.93 -7.86 80.46
N GLY DB 96 42.84 -7.76 81.79
CA GLY DB 96 43.63 -8.63 82.63
C GLY DB 96 43.22 -10.08 82.54
N ILE DB 97 41.92 -10.36 82.45
CA ILE DB 97 41.47 -11.74 82.29
C ILE DB 97 41.98 -12.32 80.98
N ARG DB 98 41.97 -11.53 79.90
CA ARG DB 98 42.47 -12.01 78.62
C ARG DB 98 43.97 -12.28 78.67
N ASN DB 99 44.74 -11.39 79.30
CA ASN DB 99 46.18 -11.56 79.31
C ASN DB 99 46.68 -12.48 80.41
N GLY DB 100 45.79 -12.98 81.26
CA GLY DB 100 46.13 -13.94 82.29
C GLY DB 100 46.87 -15.21 81.87
N PRO DB 101 46.26 -16.04 81.01
CA PRO DB 101 46.89 -17.32 80.66
C PRO DB 101 48.15 -17.21 79.81
N LYS DB 102 48.50 -16.04 79.31
CA LYS DB 102 49.63 -15.90 78.41
C LYS DB 102 50.93 -15.53 79.11
N ALA DB 103 50.94 -15.47 80.44
CA ALA DB 103 52.14 -15.16 81.18
C ALA DB 103 53.12 -16.34 81.14
N LEU DB 104 54.40 -16.03 81.29
CA LEU DB 104 55.44 -17.03 81.16
C LEU DB 104 55.51 -17.93 82.40
N LYS DB 105 56.13 -19.09 82.22
CA LYS DB 105 56.26 -20.10 83.26
C LYS DB 105 57.70 -20.57 83.34
N PRO DB 106 58.17 -20.98 84.52
CA PRO DB 106 59.56 -21.40 84.65
C PRO DB 106 59.82 -22.76 84.03
N VAL DB 107 61.09 -23.03 83.77
CA VAL DB 107 61.56 -24.25 83.13
C VAL DB 107 61.85 -25.30 84.19
N PRO DB 108 61.34 -26.53 84.06
CA PRO DB 108 61.51 -27.51 85.16
C PRO DB 108 62.92 -28.06 85.34
N VAL DB 109 63.68 -28.27 84.27
CA VAL DB 109 65.01 -28.89 84.35
C VAL DB 109 66.02 -27.98 83.69
N ILE DB 110 67.11 -27.68 84.39
CA ILE DB 110 68.20 -26.86 83.88
C ILE DB 110 69.52 -27.56 84.14
N ILE DB 111 70.37 -27.65 83.12
CA ILE DB 111 71.67 -28.29 83.20
C ILE DB 111 72.75 -27.23 83.07
N ARG DB 112 73.81 -27.35 83.85
CA ARG DB 112 75.01 -26.55 83.65
C ARG DB 112 76.22 -27.47 83.54
N CYS DB 113 77.06 -27.21 82.54
CA CYS DB 113 78.29 -27.96 82.38
C CYS DB 113 79.26 -27.60 83.48
N ARG DB 114 79.89 -28.61 84.07
CA ARG DB 114 80.79 -28.34 85.19
C ARG DB 114 82.11 -27.71 84.74
N SER DB 115 82.49 -27.86 83.49
CA SER DB 115 83.76 -27.31 83.02
C SER DB 115 83.61 -25.92 82.43
N CYS DB 116 82.78 -25.75 81.39
CA CYS DB 116 82.64 -24.46 80.75
C CYS DB 116 81.64 -23.55 81.45
N GLY DB 117 80.79 -24.09 82.31
CA GLY DB 117 79.86 -23.27 83.05
C GLY DB 117 78.75 -22.65 82.25
N ARG DB 118 78.30 -23.31 81.18
CA ARG DB 118 77.19 -22.82 80.38
C ARG DB 118 75.88 -23.37 80.92
N VAL DB 119 74.91 -22.49 81.11
CA VAL DB 119 73.57 -22.89 81.53
C VAL DB 119 72.76 -23.24 80.29
N LYS DB 120 72.26 -24.47 80.22
CA LYS DB 120 71.63 -24.93 79.00
C LYS DB 120 70.47 -25.86 79.33
N LEU DB 121 69.57 -26.01 78.38
CA LEU DB 121 68.48 -26.96 78.44
C LEU DB 121 69.03 -28.37 78.22
N PRO DB 122 68.24 -29.41 78.49
CA PRO DB 122 68.64 -30.75 78.07
C PRO DB 122 68.77 -30.85 76.56
N HIS DB 123 69.63 -31.78 76.12
CA HIS DB 123 69.93 -32.03 74.72
C HIS DB 123 70.50 -30.81 74.02
N PHE DB 124 71.52 -30.22 74.64
CA PHE DB 124 72.28 -29.13 74.06
C PHE DB 124 73.75 -29.43 74.24
N PHE DB 125 74.54 -29.24 73.19
CA PHE DB 125 75.94 -29.63 73.20
C PHE DB 125 76.82 -28.40 73.41
N CYS DB 126 77.68 -28.45 74.43
CA CYS DB 126 78.60 -27.36 74.70
C CYS DB 126 80.05 -27.79 74.59
N CYS DB 127 80.45 -28.84 75.31
CA CYS DB 127 81.84 -29.25 75.38
C CYS DB 127 81.96 -30.74 75.12
N SER DB 128 83.11 -31.14 74.60
CA SER DB 128 83.38 -32.54 74.42
C SER DB 128 84.53 -32.63 75.37
N GLY DB 129 84.82 -33.79 75.89
CA GLY DB 129 85.84 -33.87 76.90
C GLY DB 129 87.23 -33.80 76.36
N GLU DB 130 88.22 -34.14 77.18
CA GLU DB 130 89.62 -34.02 76.75
C GLU DB 130 90.04 -35.03 75.72
N ARG DB 131 91.23 -34.85 75.17
CA ARG DB 131 91.70 -35.74 74.11
C ARG DB 131 90.63 -35.90 73.09
N GLY DB 132 90.09 -34.79 72.62
CA GLY DB 132 89.10 -34.84 71.56
C GLY DB 132 89.72 -35.28 70.26
N ARG EB 5 -18.71 41.77 36.80
CA ARG EB 5 -17.99 43.04 36.70
C ARG EB 5 -18.91 44.17 36.31
N LYS EB 6 -19.79 43.91 35.35
CA LYS EB 6 -20.71 44.92 34.85
C LYS EB 6 -21.77 45.25 35.91
N LYS EB 7 -21.98 46.54 36.15
CA LYS EB 7 -22.97 47.00 37.13
C LYS EB 7 -24.24 47.44 36.42
N THR EB 8 -25.38 47.07 37.00
CA THR EB 8 -26.68 47.35 36.41
C THR EB 8 -27.26 48.69 36.88
N PHE EB 9 -26.55 49.43 37.72
CA PHE EB 9 -27.09 50.62 38.34
C PHE EB 9 -26.07 51.74 38.25
N MET EB 10 -26.51 52.94 38.60
CA MET EB 10 -25.64 54.11 38.63
C MET EB 10 -26.11 55.06 39.71
N PHE EB 11 -25.23 55.98 40.06
CA PHE EB 11 -25.48 56.99 41.07
C PHE EB 11 -25.71 58.34 40.41
N ILE EB 12 -26.59 59.13 41.02
CA ILE EB 12 -26.99 60.42 40.53
C ILE EB 12 -26.97 61.41 41.69
N ARG EB 13 -26.99 62.69 41.35
CA ARG EB 13 -27.04 63.75 42.35
C ARG EB 13 -28.34 64.52 42.19
N LEU EB 14 -29.13 64.56 43.24
CA LEU EB 14 -30.27 65.48 43.34
C LEU EB 14 -29.70 66.78 43.87
N VAL EB 15 -29.69 67.80 43.03
CA VAL EB 15 -29.06 69.07 43.33
C VAL EB 15 -30.12 70.08 43.74
N SER EB 16 -29.85 70.83 44.80
CA SER EB 16 -30.78 71.85 45.25
C SER EB 16 -30.86 72.98 44.25
N ALA EB 17 -32.08 73.40 43.94
CA ALA EB 17 -32.30 74.46 42.97
C ALA EB 17 -32.23 75.84 43.59
N ALA EB 18 -31.93 75.92 44.89
CA ALA EB 18 -31.71 77.21 45.53
C ALA EB 18 -30.34 77.80 45.23
N GLY EB 19 -29.47 77.06 44.55
CA GLY EB 19 -28.15 77.56 44.23
C GLY EB 19 -27.13 77.41 45.32
N THR EB 20 -27.44 76.71 46.40
CA THR EB 20 -26.49 76.49 47.49
C THR EB 20 -25.53 75.35 47.22
N GLY EB 21 -25.81 74.50 46.23
CA GLY EB 21 -24.91 73.41 45.93
C GLY EB 21 -25.05 72.20 46.82
N PHE EB 22 -26.10 72.12 47.62
CA PHE EB 22 -26.34 70.95 48.44
C PHE EB 22 -26.97 69.85 47.60
N PHE EB 23 -26.41 68.65 47.71
CA PHE EB 23 -26.83 67.55 46.85
C PHE EB 23 -27.05 66.29 47.68
N TYR EB 24 -28.00 65.48 47.24
CA TYR EB 24 -28.23 64.14 47.76
C TYR EB 24 -27.74 63.14 46.72
N VAL EB 25 -27.09 62.08 47.18
CA VAL EB 25 -26.62 61.03 46.27
C VAL EB 25 -27.65 59.91 46.27
N LYS EB 26 -28.31 59.73 45.14
CA LYS EB 26 -29.33 58.70 44.98
C LYS EB 26 -28.88 57.72 43.92
N ARG EB 27 -29.72 56.72 43.66
CA ARG EB 27 -29.33 55.60 42.82
C ARG EB 27 -30.47 55.27 41.88
N LYS EB 28 -30.15 55.01 40.62
CA LYS EB 28 -31.16 54.59 39.66
C LYS EB 28 -30.58 53.55 38.72
N SER EB 29 -31.47 52.78 38.11
CA SER EB 29 -31.06 51.68 37.25
C SER EB 29 -30.61 52.18 35.87
N SER EB 30 -29.87 51.33 35.17
CA SER EB 30 -29.32 51.64 33.85
C SER EB 30 -30.10 50.90 32.74
N LYS EB 31 -31.26 50.34 33.06
CA LYS EB 31 -32.02 49.65 32.03
C LYS EB 31 -32.65 50.62 31.03
N GLY EB 32 -33.05 51.81 31.48
CA GLY EB 32 -33.47 52.86 30.57
C GLY EB 32 -34.74 53.60 30.94
N LEU EB 33 -34.63 54.93 31.08
CA LEU EB 33 -35.76 55.80 31.36
C LEU EB 33 -35.48 57.17 30.77
N LEU EB 34 -36.53 57.98 30.65
CA LEU EB 34 -36.41 59.33 30.12
C LEU EB 34 -36.86 60.41 31.08
N GLU EB 35 -37.48 60.07 32.21
CA GLU EB 35 -38.02 61.05 33.13
C GLU EB 35 -36.99 61.35 34.22
N LYS EB 36 -36.46 62.57 34.20
CA LYS EB 36 -35.49 62.99 35.19
C LYS EB 36 -36.16 63.18 36.54
N LEU EB 37 -35.54 62.65 37.58
CA LEU EB 37 -36.13 62.69 38.92
C LEU EB 37 -36.14 64.11 39.46
N GLU EB 38 -37.20 64.43 40.19
CA GLU EB 38 -37.25 65.66 40.96
C GLU EB 38 -38.11 65.40 42.19
N PHE EB 39 -37.78 66.10 43.27
CA PHE EB 39 -38.46 65.91 44.54
C PHE EB 39 -38.50 67.24 45.27
N ARG EB 40 -39.27 67.28 46.35
CA ARG EB 40 -39.29 68.42 47.25
C ARG EB 40 -38.64 67.98 48.55
N LYS EB 41 -37.43 68.46 48.81
CA LYS EB 41 -36.64 67.96 49.92
C LYS EB 41 -36.04 69.12 50.69
N TYR EB 42 -35.41 68.81 51.81
CA TYR EB 42 -34.92 69.82 52.74
C TYR EB 42 -33.50 70.23 52.39
N ASP EB 43 -33.29 71.54 52.24
CA ASP EB 43 -31.97 72.11 52.06
C ASP EB 43 -31.54 72.77 53.36
N PRO EB 44 -30.54 72.23 54.06
CA PRO EB 44 -30.19 72.77 55.38
C PRO EB 44 -29.53 74.13 55.35
N ARG EB 45 -28.94 74.53 54.22
CA ARG EB 45 -28.25 75.81 54.17
C ARG EB 45 -29.20 76.99 54.03
N VAL EB 46 -30.45 76.75 53.62
CA VAL EB 46 -31.48 77.78 53.59
C VAL EB 46 -32.62 77.49 54.54
N ASN EB 47 -32.59 76.34 55.22
CA ASN EB 47 -33.54 75.98 56.28
C ASN EB 47 -34.99 75.92 55.78
N ARG EB 48 -35.18 75.62 54.50
CA ARG EB 48 -36.51 75.51 53.91
C ARG EB 48 -36.53 74.31 52.98
N HIS EB 49 -37.73 73.78 52.77
CA HIS EB 49 -37.91 72.73 51.77
C HIS EB 49 -37.93 73.36 50.39
N VAL EB 50 -37.04 72.88 49.52
CA VAL EB 50 -36.92 73.41 48.16
C VAL EB 50 -37.02 72.27 47.16
N LEU EB 51 -36.85 72.58 45.89
CA LEU EB 51 -36.97 71.60 44.82
C LEU EB 51 -35.60 71.06 44.43
N PHE EB 52 -35.50 69.74 44.33
CA PHE EB 52 -34.28 69.05 43.98
C PHE EB 52 -34.46 68.36 42.64
N THR EB 53 -33.50 68.55 41.74
CA THR EB 53 -33.55 68.03 40.39
C THR EB 53 -32.34 67.15 40.13
N GLU EB 54 -32.56 66.03 39.44
CA GLU EB 54 -31.51 65.06 39.21
C GLU EB 54 -30.44 65.58 38.27
N GLN EB 55 -29.18 65.37 38.62
CA GLN EB 55 -28.05 65.67 37.76
C GLN EB 55 -27.08 64.50 37.80
N LYS EB 56 -26.32 64.32 36.73
CA LYS EB 56 -25.37 63.23 36.60
C LYS EB 56 -24.24 63.37 37.61
N MET EB 57 -23.72 62.21 38.02
CA MET EB 57 -22.69 62.17 39.05
C MET EB 57 -21.34 62.48 38.43
N LYS EB 58 -20.61 63.40 39.04
CA LYS EB 58 -19.25 63.71 38.64
C LYS EB 58 -18.30 63.33 39.77
N PRO FB 103 50.49 8.31 38.59
CA PRO FB 103 49.87 9.21 37.61
C PRO FB 103 50.66 10.49 37.46
N LYS FB 104 50.43 11.22 36.37
CA LYS FB 104 51.12 12.48 36.13
C LYS FB 104 50.54 13.54 37.06
N ARG FB 105 51.36 14.01 38.01
CA ARG FB 105 50.92 15.01 38.96
C ARG FB 105 50.98 16.41 38.36
N THR FB 106 50.54 17.39 39.13
CA THR FB 106 50.33 18.72 38.58
C THR FB 106 51.59 19.58 38.57
N PHE FB 107 52.50 19.38 39.51
CA PHE FB 107 53.71 20.18 39.57
C PHE FB 107 54.80 19.51 38.77
N GLN FB 108 55.12 20.08 37.60
CA GLN FB 108 56.23 19.64 36.79
C GLN FB 108 57.24 20.77 36.71
N PRO FB 109 58.37 20.70 37.40
CA PRO FB 109 59.20 21.88 37.59
C PRO FB 109 59.96 22.32 36.34
N SER FB 110 60.17 23.63 36.25
CA SER FB 110 60.99 24.24 35.20
C SER FB 110 61.43 25.60 35.70
N THR FB 111 62.74 25.78 35.86
CA THR FB 111 63.26 26.99 36.49
C THR FB 111 63.01 28.24 35.66
N ILE FB 112 63.16 28.14 34.34
CA ILE FB 112 62.95 29.30 33.49
C ILE FB 112 61.49 29.72 33.47
N ARG FB 113 60.56 28.75 33.49
CA ARG FB 113 59.14 29.08 33.61
C ARG FB 113 58.82 29.71 34.96
N ARG FB 114 59.43 29.22 36.03
CA ARG FB 114 59.20 29.80 37.34
C ARG FB 114 59.67 31.25 37.38
N LYS FB 115 60.87 31.54 36.85
CA LYS FB 115 61.36 32.91 36.84
C LYS FB 115 60.57 33.79 35.88
N ARG FB 116 60.02 33.23 34.81
CA ARG FB 116 59.26 34.03 33.86
C ARG FB 116 57.85 34.33 34.31
N ASN FB 117 57.30 33.55 35.24
CA ASN FB 117 55.98 33.85 35.77
C ASN FB 117 56.01 34.56 37.12
N HIS FB 118 56.85 34.13 38.06
CA HIS FB 118 56.84 34.68 39.40
C HIS FB 118 58.19 35.29 39.77
N GLY FB 119 58.93 35.80 38.80
CA GLY FB 119 60.21 36.40 39.09
C GLY FB 119 60.08 37.85 39.50
N PHE FB 120 61.21 38.44 39.88
CA PHE FB 120 61.20 39.83 40.35
C PHE FB 120 60.85 40.79 39.23
N PHE FB 121 61.47 40.65 38.07
CA PHE FB 121 61.15 41.54 36.97
C PHE FB 121 59.87 41.17 36.28
N ALA FB 122 59.34 39.97 36.48
CA ALA FB 122 58.02 39.66 36.00
C ALA FB 122 56.93 40.25 36.88
N ARG FB 123 57.18 40.36 38.18
CA ARG FB 123 56.24 41.05 39.05
C ARG FB 123 56.36 42.55 38.92
N LYS FB 124 57.56 43.07 38.69
CA LYS FB 124 57.82 44.48 38.55
C LYS FB 124 57.26 45.07 37.25
N ALA FB 125 56.83 44.23 36.32
CA ALA FB 125 56.40 44.67 35.00
C ALA FB 125 54.98 45.20 34.94
N THR FB 126 54.08 44.74 35.82
CA THR FB 126 52.69 45.14 35.77
C THR FB 126 52.27 45.74 37.11
N LYS FB 127 51.09 46.36 37.11
CA LYS FB 127 50.64 47.11 38.27
C LYS FB 127 50.15 46.20 39.40
N GLY FB 128 49.61 45.03 39.07
CA GLY FB 128 49.22 44.09 40.12
C GLY FB 128 50.40 43.50 40.86
N GLY FB 129 51.45 43.11 40.13
CA GLY FB 129 52.64 42.59 40.76
C GLY FB 129 53.40 43.57 41.62
N ARG FB 130 53.39 44.86 41.25
CA ARG FB 130 53.97 45.87 42.10
C ARG FB 130 53.24 46.01 43.44
N ARG FB 131 51.91 45.89 43.43
CA ARG FB 131 51.17 45.83 44.68
C ARG FB 131 51.46 44.56 45.45
N VAL FB 132 51.70 43.45 44.76
CA VAL FB 132 52.11 42.22 45.45
C VAL FB 132 53.44 42.43 46.18
N ILE FB 133 54.41 43.06 45.51
CA ILE FB 133 55.71 43.31 46.12
C ILE FB 133 55.59 44.25 47.32
N ALA FB 134 54.77 45.31 47.20
CA ALA FB 134 54.53 46.20 48.32
C ALA FB 134 53.87 45.49 49.49
N ARG FB 135 52.89 44.62 49.22
CA ARG FB 135 52.22 43.86 50.27
C ARG FB 135 53.17 42.92 50.99
N ARG FB 136 54.04 42.23 50.23
CA ARG FB 136 55.02 41.34 50.83
C ARG FB 136 56.02 42.09 51.71
N ILE FB 137 56.54 43.22 51.24
CA ILE FB 137 57.50 43.98 52.02
C ILE FB 137 56.83 44.53 53.29
N ALA FB 138 55.59 44.98 53.17
CA ALA FB 138 54.88 45.48 54.35
C ALA FB 138 54.59 44.38 55.36
N LYS FB 139 54.24 43.18 54.90
CA LYS FB 139 54.06 42.07 55.84
C LYS FB 139 55.36 41.70 56.52
N GLY FB 140 56.45 41.69 55.77
CA GLY FB 140 57.74 41.33 56.32
C GLY FB 140 58.26 40.00 55.87
N ARG FB 141 57.87 39.53 54.69
CA ARG FB 141 58.30 38.22 54.22
C ARG FB 141 59.79 38.22 53.93
N HIS FB 142 60.42 37.08 54.18
CA HIS FB 142 61.82 36.95 53.80
C HIS FB 142 61.97 36.76 52.30
N ARG FB 143 61.10 35.96 51.69
CA ARG FB 143 61.10 35.76 50.24
C ARG FB 143 60.08 36.70 49.64
N VAL FB 144 60.53 37.86 49.17
CA VAL FB 144 59.63 38.83 48.57
C VAL FB 144 59.13 38.33 47.22
N THR FB 145 60.01 37.75 46.41
CA THR FB 145 59.64 37.23 45.11
C THR FB 145 60.05 35.76 45.01
N ALA FB 146 59.58 35.11 43.95
CA ALA FB 146 59.88 33.70 43.74
C ALA FB 146 60.96 33.54 42.68
N ASN GB 72 -1.16 65.51 31.12
CA ASN GB 72 -0.58 66.80 30.77
C ASN GB 72 0.25 67.34 31.95
N ILE GB 73 -0.24 68.41 32.57
CA ILE GB 73 0.38 68.99 33.75
C ILE GB 73 -0.66 68.93 34.86
N THR GB 74 -0.59 67.88 35.66
CA THR GB 74 -1.51 67.66 36.76
C THR GB 74 -0.86 68.10 38.07
N SER GB 75 -1.62 68.02 39.16
CA SER GB 75 -1.15 68.51 40.44
C SER GB 75 0.01 67.69 41.00
N LYS GB 76 0.05 66.40 40.71
CA LYS GB 76 1.11 65.54 41.21
C LYS GB 76 2.46 65.90 40.62
N ASP GB 77 2.58 66.02 39.29
CA ASP GB 77 3.86 66.41 38.72
C ASP GB 77 4.15 67.90 38.88
N LYS GB 78 3.12 68.74 39.01
CA LYS GB 78 3.37 70.13 39.37
C LYS GB 78 4.01 70.22 40.75
N MET GB 79 3.51 69.45 41.72
CA MET GB 79 4.10 69.42 43.04
C MET GB 79 5.48 68.79 43.03
N ALA GB 80 5.71 67.80 42.16
CA ALA GB 80 7.05 67.22 42.06
C ALA GB 80 8.07 68.22 41.54
N LYS GB 81 7.71 68.95 40.47
CA LYS GB 81 8.59 69.99 39.94
C LYS GB 81 8.83 71.10 40.95
N TRP GB 82 7.81 71.46 41.72
CA TRP GB 82 7.97 72.50 42.74
C TRP GB 82 8.87 72.02 43.88
N LYS GB 83 8.70 70.77 44.31
CA LYS GB 83 9.44 70.29 45.47
C LYS GB 83 10.89 70.02 45.14
N LYS GB 84 11.18 69.64 43.89
CA LYS GB 84 12.57 69.39 43.52
C LYS GB 84 13.39 70.66 43.54
N LYS GB 85 12.77 71.81 43.30
CA LYS GB 85 13.48 73.07 43.13
C LYS GB 85 13.42 73.98 44.34
N TRP GB 86 12.30 74.00 45.06
CA TRP GB 86 12.10 74.98 46.12
C TRP GB 86 12.20 74.42 47.53
N ARG GB 87 11.79 73.17 47.74
CA ARG GB 87 11.90 72.57 49.05
C ARG GB 87 13.36 72.30 49.39
N PRO GB 88 13.78 72.56 50.63
CA PRO GB 88 15.16 72.26 51.01
C PRO GB 88 15.47 70.79 50.97
N ARG GB 89 16.73 70.46 50.74
CA ARG GB 89 17.16 69.09 50.53
C ARG GB 89 17.74 68.49 51.80
N THR GB 90 17.51 67.20 51.96
CA THR GB 90 18.03 66.47 53.10
C THR GB 90 19.56 66.43 53.04
N PRO GB 91 20.24 66.57 54.18
CA PRO GB 91 21.69 66.36 54.18
C PRO GB 91 22.03 64.93 53.79
N ILE GB 92 23.18 64.78 53.16
CA ILE GB 92 23.63 63.46 52.74
C ILE GB 92 24.00 62.61 53.95
N THR GB 93 24.70 63.21 54.91
CA THR GB 93 25.16 62.51 56.11
C THR GB 93 24.60 63.19 57.34
N SER GB 94 24.59 62.45 58.45
CA SER GB 94 24.09 62.97 59.71
C SER GB 94 25.16 63.80 60.41
N LYS GB 95 24.71 64.62 61.35
CA LYS GB 95 25.62 65.34 62.23
C LYS GB 95 25.49 64.96 63.70
N VAL GB 96 24.38 64.33 64.10
CA VAL GB 96 24.13 64.07 65.51
C VAL GB 96 24.96 62.87 65.93
N LYS GB 97 25.89 63.09 66.84
CA LYS GB 97 26.74 62.01 67.33
C LYS GB 97 26.03 61.17 68.39
N LYS GB 98 25.10 61.77 69.13
CA LYS GB 98 24.36 61.03 70.13
C LYS GB 98 23.31 60.14 69.48
N VAL GB 99 23.03 59.01 70.11
CA VAL GB 99 22.02 58.08 69.62
C VAL GB 99 20.73 58.36 70.39
N LYS GB 100 19.65 58.60 69.65
CA LYS GB 100 18.36 58.93 70.24
C LYS GB 100 17.32 57.97 69.71
N ILE GB 101 16.22 57.85 70.43
CA ILE GB 101 15.20 56.88 70.08
C ILE GB 101 14.24 57.48 69.05
N LYS GB 102 13.92 56.69 68.03
CA LYS GB 102 12.95 57.06 67.02
C LYS GB 102 11.82 56.06 67.02
N PHE GB 103 10.59 56.53 66.93
CA PHE GB 103 9.45 55.65 66.81
C PHE GB 103 9.05 55.58 65.34
N TYR GB 104 7.95 54.89 65.06
CA TYR GB 104 7.49 54.75 63.69
C TYR GB 104 6.95 56.07 63.17
N SER GB 105 7.20 56.34 61.89
CA SER GB 105 6.77 57.62 61.32
C SER GB 105 5.29 57.67 61.02
N SER GB 106 4.58 56.55 61.11
CA SER GB 106 3.15 56.56 60.87
C SER GB 106 2.34 56.91 62.11
N TYR GB 107 2.97 57.11 63.26
CA TYR GB 107 2.28 57.58 64.44
C TYR GB 107 1.90 59.05 64.33
N LYS GB 108 2.71 59.84 63.63
CA LYS GB 108 2.82 61.28 63.84
C LYS GB 108 1.56 62.03 63.42
N ASP GB 109 1.13 61.86 62.19
CA ASP GB 109 -0.02 62.62 61.69
C ASP GB 109 -1.34 61.98 62.06
N ARG GB 110 -1.32 60.82 62.71
CA ARG GB 110 -2.53 60.09 63.05
C ARG GB 110 -2.90 60.15 64.53
N PHE GB 111 -1.95 60.37 65.43
CA PHE GB 111 -2.28 60.35 66.85
C PHE GB 111 -1.82 61.63 67.53
N ARG GB 112 -2.51 61.98 68.61
CA ARG GB 112 -2.20 63.14 69.43
C ARG GB 112 -2.39 62.82 70.90
N PRO GB 113 -1.33 62.84 71.71
CA PRO GB 113 -1.50 62.50 73.12
C PRO GB 113 -2.11 63.64 73.92
N LEU GB 114 -3.04 63.28 74.79
CA LEU GB 114 -3.69 64.23 75.68
C LEU GB 114 -3.00 64.25 77.04
N ASN GB 115 -3.32 65.27 77.84
CA ASN GB 115 -2.75 65.34 79.18
C ASN GB 115 -3.43 64.39 80.16
N ASP GB 116 -4.54 63.77 79.76
CA ASP GB 116 -5.14 62.72 80.55
C ASP GB 116 -4.19 61.54 80.72
N GLY GB 117 -3.46 61.21 79.65
CA GLY GB 117 -2.69 59.99 79.59
C GLY GB 117 -3.16 59.06 78.51
N THR GB 118 -4.36 59.27 77.98
CA THR GB 118 -4.86 58.55 76.83
C THR GB 118 -4.45 59.27 75.54
N ILE GB 119 -4.62 58.59 74.42
CA ILE GB 119 -4.17 59.10 73.13
C ILE GB 119 -5.38 59.22 72.21
N LEU GB 120 -5.54 60.39 71.60
CA LEU GB 120 -6.69 60.70 70.78
C LEU GB 120 -6.48 60.22 69.36
N ARG GB 121 -7.50 59.60 68.78
CA ARG GB 121 -7.46 59.16 67.38
C ARG GB 121 -8.78 59.52 66.71
N TRP GB 122 -8.81 59.38 65.40
CA TRP GB 122 -10.01 59.63 64.61
C TRP GB 122 -10.42 58.36 63.87
N LYS GB 123 -11.73 58.18 63.74
CA LYS GB 123 -12.26 56.92 63.26
C LYS GB 123 -12.14 56.79 61.75
N GLU GB 124 -12.19 55.56 61.28
CA GLU GB 124 -12.00 55.22 59.87
C GLU GB 124 -13.34 55.07 59.16
N GLY GB 125 -13.28 55.09 57.84
CA GLY GB 125 -14.46 54.88 57.03
C GLY GB 125 -15.09 56.11 56.45
N LYS GB 126 -14.48 57.29 56.61
CA LYS GB 126 -15.07 58.53 56.14
C LYS GB 126 -14.39 59.05 54.88
N ARG GB 127 -13.52 58.27 54.26
CA ARG GB 127 -12.82 58.74 53.07
C ARG GB 127 -13.70 58.62 51.82
N HIS GB 128 -14.34 57.46 51.65
CA HIS GB 128 -15.26 57.24 50.54
C HIS GB 128 -16.25 56.17 50.96
N ASN GB 129 -17.03 55.68 50.01
CA ASN GB 129 -18.06 54.65 50.23
C ASN GB 129 -19.06 55.08 51.31
N ALA GB 130 -19.75 56.18 51.05
CA ALA GB 130 -20.79 56.63 51.96
C ALA GB 130 -22.15 56.07 51.61
N HIS GB 131 -22.28 55.39 50.48
CA HIS GB 131 -23.50 54.70 50.13
C HIS GB 131 -23.57 53.31 50.76
N LEU GB 132 -22.49 52.85 51.37
CA LEU GB 132 -22.44 51.57 52.04
C LEU GB 132 -22.94 51.63 53.47
N LYS GB 133 -23.03 52.82 54.06
CA LYS GB 133 -23.20 52.97 55.49
C LYS GB 133 -24.60 53.42 55.84
N SER GB 134 -25.04 53.04 57.03
CA SER GB 134 -26.31 53.51 57.56
C SER GB 134 -26.20 54.96 57.99
N LYS GB 135 -27.33 55.56 58.37
CA LYS GB 135 -27.30 56.92 58.87
C LYS GB 135 -26.66 57.00 60.25
N LYS GB 136 -26.94 56.01 61.11
CA LYS GB 136 -26.38 56.00 62.45
C LYS GB 136 -24.86 55.83 62.42
N SER GB 137 -24.36 54.98 61.53
CA SER GB 137 -22.92 54.81 61.41
C SER GB 137 -22.25 56.06 60.85
N LYS GB 138 -22.90 56.75 59.91
CA LYS GB 138 -22.37 57.99 59.39
C LYS GB 138 -22.30 59.06 60.48
N ARG GB 139 -23.30 59.10 61.35
CA ARG GB 139 -23.25 60.03 62.48
C ARG GB 139 -22.21 59.60 63.51
N ARG GB 140 -21.98 58.31 63.65
CA ARG GB 140 -21.06 57.78 64.66
C ARG GB 140 -19.60 57.98 64.28
N LEU GB 141 -19.27 57.86 63.00
CA LEU GB 141 -17.88 57.98 62.57
C LEU GB 141 -17.35 59.40 62.62
N ARG GB 142 -18.21 60.40 62.85
CA ARG GB 142 -17.75 61.77 63.02
C ARG GB 142 -17.10 62.02 64.36
N GLN GB 143 -17.27 61.11 65.31
CA GLN GB 143 -16.88 61.37 66.69
C GLN GB 143 -15.48 60.84 66.98
N PRO GB 144 -14.58 61.66 67.49
CA PRO GB 144 -13.22 61.20 67.78
C PRO GB 144 -13.17 60.21 68.92
N GLY GB 145 -12.19 59.30 68.86
CA GLY GB 145 -12.10 58.25 69.84
C GLY GB 145 -10.74 58.14 70.49
N LEU GB 146 -10.51 57.06 71.23
CA LEU GB 146 -9.26 56.87 71.95
C LEU GB 146 -8.59 55.58 71.51
N VAL GB 147 -7.27 55.57 71.58
CA VAL GB 147 -6.49 54.38 71.21
C VAL GB 147 -6.70 53.29 72.27
N PRO GB 148 -6.86 52.03 71.86
CA PRO GB 148 -6.97 50.96 72.86
C PRO GB 148 -5.72 50.82 73.67
N PRO GB 149 -5.83 50.31 74.91
CA PRO GB 149 -4.68 50.37 75.84
C PRO GB 149 -3.48 49.54 75.43
N ALA GB 150 -3.69 48.36 74.84
CA ALA GB 150 -2.58 47.49 74.50
C ALA GB 150 -1.75 48.06 73.36
N TYR GB 151 -2.37 48.87 72.51
CA TYR GB 151 -1.63 49.56 71.46
C TYR GB 151 -1.10 50.90 71.91
N ALA GB 152 -1.73 51.52 72.91
CA ALA GB 152 -1.20 52.78 73.42
C ALA GB 152 0.04 52.57 74.27
N LYS GB 153 0.17 51.41 74.92
CA LYS GB 153 1.36 51.13 75.69
C LYS GB 153 2.62 51.04 74.83
N VAL GB 154 2.49 50.57 73.59
CA VAL GB 154 3.64 50.45 72.70
C VAL GB 154 4.18 51.84 72.35
N MET GB 155 3.30 52.77 71.99
CA MET GB 155 3.78 54.11 71.69
C MET GB 155 4.21 54.86 72.94
N LYS GB 156 3.65 54.53 74.11
CA LYS GB 156 4.20 55.10 75.34
C LYS GB 156 5.61 54.63 75.58
N LYS GB 157 5.91 53.36 75.32
CA LYS GB 157 7.25 52.84 75.50
C LYS GB 157 8.23 53.28 74.41
N LEU GB 158 7.74 53.67 73.24
CA LEU GB 158 8.60 54.13 72.16
C LEU GB 158 8.69 55.64 72.08
N ASN GB 159 8.51 56.32 73.22
CA ASN GB 159 8.72 57.76 73.37
C ASN GB 159 7.84 58.59 72.46
N PHE GB 160 6.56 58.24 72.38
CA PHE GB 160 5.63 59.07 71.61
C PHE GB 160 4.96 60.12 72.49
N CYS GB 161 4.69 59.78 73.74
CA CYS GB 161 4.07 60.70 74.68
C CYS GB 161 5.09 61.57 75.40
N ASN GB 162 6.32 61.60 74.91
CA ASN GB 162 7.46 62.34 75.47
C ASN GB 162 7.74 61.98 76.93
N MET HB 1 -19.26 -41.15 58.94
CA MET HB 1 -19.65 -40.24 60.00
C MET HB 1 -19.68 -38.82 59.46
N LYS HB 2 -20.75 -38.10 59.75
CA LYS HB 2 -20.91 -36.71 59.37
C LYS HB 2 -20.63 -35.86 60.59
N VAL HB 3 -19.63 -34.99 60.50
CA VAL HB 3 -19.22 -34.14 61.61
C VAL HB 3 -19.72 -32.74 61.33
N ARG HB 4 -20.49 -32.19 62.26
CA ARG HB 4 -20.95 -30.82 62.09
C ARG HB 4 -21.24 -30.20 63.46
N SER HB 5 -21.65 -28.94 63.44
CA SER HB 5 -21.85 -28.19 64.68
C SER HB 5 -23.27 -28.23 65.19
N SER HB 6 -24.19 -28.84 64.44
CA SER HB 6 -25.60 -28.91 64.82
C SER HB 6 -26.11 -30.31 64.50
N VAL HB 7 -25.99 -31.22 65.45
CA VAL HB 7 -26.46 -32.58 65.26
C VAL HB 7 -27.96 -32.61 65.52
N LYS HB 8 -28.67 -33.43 64.75
CA LYS HB 8 -30.10 -33.58 64.86
C LYS HB 8 -30.46 -35.04 64.66
N LYS HB 9 -31.66 -35.40 65.08
CA LYS HB 9 -32.22 -36.72 64.84
C LYS HB 9 -33.10 -36.62 63.60
N MET HB 10 -32.71 -37.31 62.54
CA MET HB 10 -33.37 -37.20 61.25
C MET HB 10 -34.42 -38.27 61.00
N CYS HB 11 -34.56 -39.24 61.91
CA CYS HB 11 -35.62 -40.24 61.82
C CYS HB 11 -35.91 -40.74 63.23
N GLU HB 12 -36.59 -41.88 63.33
CA GLU HB 12 -37.05 -42.37 64.63
C GLU HB 12 -36.12 -43.39 65.26
N PHE HB 13 -35.08 -43.83 64.56
CA PHE HB 13 -34.12 -44.76 65.13
C PHE HB 13 -32.80 -44.10 65.47
N CYS HB 14 -32.79 -42.78 65.59
CA CYS HB 14 -31.59 -42.03 65.93
C CYS HB 14 -31.55 -41.79 67.43
N LYS HB 15 -30.39 -42.02 68.03
CA LYS HB 15 -30.20 -41.81 69.46
C LYS HB 15 -29.00 -40.91 69.71
N THR HB 16 -29.14 -40.04 70.70
CA THR HB 16 -28.07 -39.17 71.14
C THR HB 16 -27.36 -39.82 72.32
N VAL HB 17 -26.04 -39.94 72.22
CA VAL HB 17 -25.24 -40.55 73.27
C VAL HB 17 -24.01 -39.67 73.50
N LYS HB 18 -23.67 -39.47 74.77
CA LYS HB 18 -22.50 -38.69 75.16
C LYS HB 18 -21.33 -39.65 75.38
N ARG HB 19 -20.45 -39.72 74.39
CA ARG HB 19 -19.28 -40.60 74.44
C ARG HB 19 -18.04 -39.75 74.67
N ARG HB 20 -17.37 -39.97 75.80
CA ARG HB 20 -16.13 -39.27 76.19
C ARG HB 20 -16.32 -37.76 76.19
N GLY HB 21 -17.50 -37.31 76.60
CA GLY HB 21 -17.79 -35.90 76.60
C GLY HB 21 -18.01 -35.28 75.23
N ARG HB 22 -18.37 -36.07 74.23
CA ARG HB 22 -18.74 -35.55 72.92
C ARG HB 22 -20.07 -36.14 72.51
N VAL HB 23 -20.87 -35.35 71.79
CA VAL HB 23 -22.23 -35.73 71.47
C VAL HB 23 -22.24 -36.45 70.12
N TYR HB 24 -22.72 -37.68 70.13
CA TYR HB 24 -22.83 -38.52 68.95
C TYR HB 24 -24.30 -38.82 68.71
N VAL HB 25 -24.65 -38.94 67.44
CA VAL HB 25 -25.96 -39.42 67.03
C VAL HB 25 -25.74 -40.70 66.26
N ILE HB 26 -26.26 -41.81 66.79
CA ILE HB 26 -26.09 -43.14 66.22
C ILE HB 26 -27.43 -43.65 65.75
N CYS HB 27 -27.45 -44.29 64.59
CA CYS HB 27 -28.69 -44.81 64.03
C CYS HB 27 -28.52 -46.28 63.70
N SER HB 28 -29.56 -47.06 64.00
CA SER HB 28 -29.56 -48.48 63.66
C SER HB 28 -30.04 -48.74 62.24
N SER HB 29 -30.97 -47.94 61.75
CA SER HB 29 -31.51 -48.18 60.41
C SER HB 29 -30.57 -47.67 59.34
N ASN HB 30 -30.37 -46.36 59.28
CA ASN HB 30 -29.60 -45.75 58.21
C ASN HB 30 -28.21 -45.39 58.71
N PRO HB 31 -27.15 -45.99 58.17
CA PRO HB 31 -25.79 -45.62 58.61
C PRO HB 31 -25.36 -44.26 58.11
N LYS HB 32 -26.14 -43.62 57.24
CA LYS HB 32 -25.87 -42.27 56.79
C LYS HB 32 -26.30 -41.23 57.81
N HIS HB 33 -26.93 -41.63 58.90
CA HIS HB 33 -27.38 -40.71 59.94
C HIS HB 33 -26.39 -40.57 61.08
N LYS HB 34 -25.23 -41.21 61.01
CA LYS HB 34 -24.23 -41.14 62.07
C LYS HB 34 -23.59 -39.76 62.07
N GLN HB 35 -23.73 -39.03 63.18
CA GLN HB 35 -23.22 -37.66 63.27
C GLN HB 35 -22.41 -37.47 64.54
N ARG HB 36 -21.49 -36.52 64.47
CA ARG HB 36 -20.63 -36.16 65.59
C ARG HB 36 -20.57 -34.65 65.71
N GLN HB 37 -20.71 -34.14 66.93
CA GLN HB 37 -20.67 -32.70 67.14
C GLN HB 37 -19.23 -32.22 67.23
N GLY HB 38 -18.84 -31.40 66.26
CA GLY HB 38 -17.50 -30.84 66.23
C GLY HB 38 -17.18 -30.10 64.94
N ARG IB 65 -70.35 43.99 7.14
CA ARG IB 65 -70.13 43.29 8.39
C ARG IB 65 -70.69 44.09 9.56
N ILE IB 66 -69.83 44.40 10.53
CA ILE IB 66 -70.19 45.19 11.70
C ILE IB 66 -69.58 46.56 11.52
N SER IB 67 -70.41 47.58 11.43
CA SER IB 67 -69.95 48.91 11.05
C SER IB 67 -69.20 49.58 12.20
N ASP IB 68 -68.01 50.08 11.88
CA ASP IB 68 -67.23 50.79 12.88
C ASP IB 68 -67.86 52.12 13.28
N GLU IB 69 -68.63 52.74 12.39
CA GLU IB 69 -69.41 53.90 12.80
C GLU IB 69 -70.50 53.52 13.78
N LYS IB 70 -71.10 52.35 13.61
CA LYS IB 70 -72.09 51.86 14.56
C LYS IB 70 -71.45 51.58 15.92
N GLN IB 71 -70.25 51.00 15.94
CA GLN IB 71 -69.55 50.82 17.21
C GLN IB 71 -69.14 52.16 17.83
N LYS IB 72 -68.78 53.13 17.00
CA LYS IB 72 -68.49 54.49 17.48
C LYS IB 72 -69.74 55.16 18.05
N LEU IB 73 -70.92 54.76 17.60
CA LEU IB 73 -72.15 55.24 18.23
C LEU IB 73 -72.36 54.58 19.57
N TYR IB 74 -72.11 53.28 19.64
CA TYR IB 74 -72.37 52.56 20.88
C TYR IB 74 -71.42 52.95 22.00
N GLU IB 75 -70.18 53.34 21.66
CA GLU IB 75 -69.30 53.83 22.72
C GLU IB 75 -69.77 55.18 23.25
N GLN IB 76 -70.37 56.02 22.41
CA GLN IB 76 -70.99 57.25 22.89
C GLN IB 76 -72.14 56.95 23.84
N CYS IB 77 -72.94 55.93 23.51
CA CYS IB 77 -74.02 55.53 24.40
C CYS IB 77 -73.50 55.02 25.73
N LEU IB 78 -72.41 54.25 25.71
CA LEU IB 78 -71.87 53.73 26.95
C LEU IB 78 -71.17 54.82 27.78
N ASN IB 79 -70.68 55.87 27.14
CA ASN IB 79 -70.09 57.00 27.83
C ASN IB 79 -70.99 58.23 27.79
N ALA IB 80 -72.30 57.99 27.76
CA ALA IB 80 -73.29 59.06 27.66
C ALA IB 80 -73.22 60.00 28.87
N PRO IB 81 -73.45 61.29 28.69
CA PRO IB 81 -73.35 62.23 29.80
C PRO IB 81 -74.57 62.17 30.71
N CYS IB 82 -74.50 62.95 31.78
CA CYS IB 82 -75.56 63.04 32.77
C CYS IB 82 -76.04 64.48 32.88
N PRO IB 83 -77.31 64.70 33.20
CA PRO IB 83 -77.81 66.08 33.33
C PRO IB 83 -77.13 66.90 34.40
N VAL IB 84 -76.86 66.31 35.55
CA VAL IB 84 -76.14 67.00 36.62
C VAL IB 84 -75.01 66.09 37.09
N ARG IB 85 -73.81 66.67 37.20
CA ARG IB 85 -72.61 65.92 37.51
C ARG IB 85 -72.39 65.94 39.01
N SER IB 86 -72.70 64.84 39.68
CA SER IB 86 -72.57 64.77 41.12
C SER IB 86 -71.15 64.40 41.50
N LEU IB 87 -70.60 65.09 42.49
CA LEU IB 87 -69.24 64.84 42.95
C LEU IB 87 -69.25 64.61 44.46
N THR IB 88 -68.60 63.52 44.87
CA THR IB 88 -68.34 63.29 46.30
C THR IB 88 -67.44 64.41 46.82
N PRO IB 89 -67.66 64.89 48.06
CA PRO IB 89 -66.84 66.00 48.56
C PRO IB 89 -65.36 65.68 48.72
N LYS IB 90 -64.97 64.41 48.75
CA LYS IB 90 -63.55 64.06 48.66
C LYS IB 90 -63.01 64.26 47.24
N GLU IB 91 -63.88 64.23 46.23
CA GLU IB 91 -63.47 64.50 44.85
C GLU IB 91 -63.67 65.94 44.44
N ALA IB 92 -64.58 66.66 45.09
CA ALA IB 92 -64.80 68.07 44.78
C ALA IB 92 -63.58 68.90 45.15
N GLU IB 93 -62.88 68.53 46.22
CA GLU IB 93 -61.67 69.25 46.60
C GLU IB 93 -60.52 68.99 45.64
N ARG IB 94 -60.43 67.76 45.12
CA ARG IB 94 -59.49 67.48 44.05
C ARG IB 94 -59.82 68.29 42.80
N GLU IB 95 -61.09 68.45 42.48
CA GLU IB 95 -61.49 69.27 41.34
C GLU IB 95 -61.14 70.74 41.56
N ALA IB 96 -61.35 71.26 42.77
CA ALA IB 96 -61.01 72.66 43.05
C ALA IB 96 -59.50 72.88 43.01
N GLN IB 97 -58.72 71.92 43.50
CA GLN IB 97 -57.28 72.02 43.39
C GLN IB 97 -56.81 71.97 41.94
N ARG IB 98 -57.45 71.13 41.13
CA ARG IB 98 -57.13 71.10 39.69
C ARG IB 98 -57.46 72.43 39.02
N GLU IB 99 -58.58 73.05 39.40
CA GLU IB 99 -58.93 74.33 38.82
C GLU IB 99 -57.99 75.43 39.27
N LYS IB 100 -57.47 75.34 40.49
CA LYS IB 100 -56.43 76.27 40.92
C LYS IB 100 -55.16 76.09 40.09
N LEU IB 101 -54.78 74.84 39.82
CA LEU IB 101 -53.57 74.60 39.05
C LEU IB 101 -53.75 74.95 37.57
N GLY IB 102 -54.98 74.89 37.06
CA GLY IB 102 -55.25 75.17 35.67
C GLY IB 102 -55.49 73.97 34.79
N LEU IB 103 -55.74 72.80 35.36
CA LEU IB 103 -55.96 71.58 34.61
C LEU IB 103 -57.46 71.32 34.48
N ILE IB 104 -57.89 70.96 33.27
CA ILE IB 104 -59.30 70.69 33.00
C ILE IB 104 -59.41 69.23 32.57
N SER IB 105 -60.17 68.45 33.34
CA SER IB 105 -60.44 67.08 32.95
C SER IB 105 -61.45 67.04 31.83
N LYS IB 106 -61.52 65.90 31.14
CA LYS IB 106 -62.38 65.79 29.96
C LYS IB 106 -63.84 65.78 30.35
N ASP IB 107 -64.18 65.16 31.48
CA ASP IB 107 -65.57 65.17 31.95
C ASP IB 107 -66.01 66.57 32.36
N LYS IB 108 -65.11 67.34 32.99
CA LYS IB 108 -65.42 68.72 33.31
C LYS IB 108 -65.55 69.57 32.05
N GLN IB 109 -64.75 69.27 31.03
CA GLN IB 109 -64.88 69.93 29.75
C GLN IB 109 -66.23 69.64 29.10
N ARG IB 110 -66.68 68.39 29.16
CA ARG IB 110 -68.01 68.06 28.65
C ARG IB 110 -69.11 68.72 29.46
N ASP IB 111 -68.93 68.83 30.78
CA ASP IB 111 -69.91 69.52 31.62
C ASP IB 111 -70.01 71.00 31.25
N MET IB 112 -68.88 71.67 31.05
CA MET IB 112 -68.96 73.08 30.71
C MET IB 112 -69.47 73.27 29.29
N GLU IB 113 -69.22 72.31 28.40
CA GLU IB 113 -69.86 72.33 27.09
C GLU IB 113 -71.37 72.20 27.20
N ILE IB 114 -71.85 71.39 28.14
CA ILE IB 114 -73.28 71.30 28.41
C ILE IB 114 -73.82 72.63 28.91
N GLN IB 115 -73.13 73.24 29.87
CA GLN IB 115 -73.64 74.44 30.51
C GLN IB 115 -73.52 75.69 29.65
N LYS IB 116 -72.73 75.65 28.58
CA LYS IB 116 -72.74 76.74 27.61
C LYS IB 116 -73.75 76.53 26.48
N LYS IB 117 -74.46 75.41 26.45
CA LYS IB 117 -75.60 75.23 25.55
C LYS IB 117 -76.88 74.95 26.31
N GLY IB 118 -76.87 75.06 27.64
CA GLY IB 118 -78.06 74.82 28.41
C GLY IB 118 -77.76 74.21 29.75
N GLY IB 119 -78.35 73.06 30.04
CA GLY IB 119 -78.07 72.38 31.29
C GLY IB 119 -79.01 71.25 31.61
N ALA IB 120 -79.46 71.20 32.87
CA ALA IB 120 -80.38 70.15 33.29
C ALA IB 120 -81.74 70.31 32.64
N ALA IB 121 -82.18 71.55 32.40
CA ALA IB 121 -83.46 71.77 31.75
C ALA IB 121 -83.41 71.45 30.26
N ALA IB 122 -82.22 71.46 29.66
CA ALA IB 122 -82.09 71.15 28.24
C ALA IB 122 -82.20 69.66 27.95
N MET IB 123 -82.15 68.81 28.97
CA MET IB 123 -82.37 67.38 28.81
C MET IB 123 -83.62 66.91 29.55
N GLY IB 124 -84.68 67.72 29.52
CA GLY IB 124 -85.97 67.29 30.01
C GLY IB 124 -86.06 67.04 31.50
N ILE IB 125 -85.39 67.85 32.30
CA ILE IB 125 -85.52 67.81 33.76
C ILE IB 125 -86.13 69.12 34.21
N ASN IB 126 -87.26 69.03 34.91
CA ASN IB 126 -87.91 70.19 35.46
C ASN IB 126 -88.33 69.90 36.89
N THR IB 127 -88.15 70.87 37.78
CA THR IB 127 -88.54 70.71 39.17
C THR IB 127 -89.98 71.15 39.42
N ASP IB 128 -90.53 71.99 38.55
CA ASP IB 128 -91.88 72.49 38.75
C ASP IB 128 -92.92 71.61 38.08
N GLU IB 129 -92.55 70.91 37.01
CA GLU IB 129 -93.47 70.04 36.27
C GLU IB 129 -92.91 68.63 36.28
N PRO IB 130 -93.26 67.83 37.29
CA PRO IB 130 -92.80 66.44 37.33
C PRO IB 130 -93.42 65.61 36.22
N MET IB 131 -92.66 64.62 35.76
CA MET IB 131 -93.15 63.72 34.73
C MET IB 131 -93.93 62.58 35.39
N ARG IB 132 -95.17 62.39 34.95
CA ARG IB 132 -96.07 61.49 35.63
C ARG IB 132 -95.75 60.03 35.28
N ILE IB 133 -96.21 59.13 36.16
CA ILE IB 133 -96.02 57.70 35.95
C ILE IB 133 -96.90 57.24 34.79
N GLY IB 134 -96.28 56.59 33.82
CA GLY IB 134 -96.99 56.05 32.68
C GLY IB 134 -96.80 56.92 31.45
N THR IB 135 -97.38 56.44 30.36
CA THR IB 135 -97.21 57.07 29.05
C THR IB 135 -98.21 58.21 28.91
N ALA IB 136 -98.32 58.75 27.69
CA ALA IB 136 -99.20 59.87 27.44
C ALA IB 136 -100.66 59.42 27.40
N GLY IB 137 -101.52 60.14 28.13
CA GLY IB 137 -102.93 59.87 28.12
C GLY IB 137 -103.36 58.65 28.91
N LEU IB 138 -102.43 58.00 29.62
CA LEU IB 138 -102.74 56.80 30.38
C LEU IB 138 -102.15 56.89 31.78
N ASP IB 139 -102.24 58.06 32.40
CA ASP IB 139 -101.80 58.26 33.76
C ASP IB 139 -102.88 57.80 34.73
N TYR IB 140 -102.57 57.87 36.03
CA TYR IB 140 -103.50 57.35 37.03
C TYR IB 140 -104.77 58.17 37.10
N VAL IB 141 -104.68 59.48 36.87
CA VAL IB 141 -105.88 60.31 36.84
C VAL IB 141 -106.71 60.01 35.59
N SER IB 142 -106.06 59.77 34.46
CA SER IB 142 -106.78 59.44 33.23
C SER IB 142 -107.46 58.09 33.33
N LEU IB 143 -106.82 57.11 33.96
CA LEU IB 143 -107.49 55.84 34.22
C LEU IB 143 -108.54 55.93 35.30
N GLY IB 144 -108.45 56.90 36.20
CA GLY IB 144 -109.45 57.06 37.23
C GLY IB 144 -109.15 56.39 38.53
N ILE IB 145 -107.90 55.97 38.75
CA ILE IB 145 -107.52 55.44 40.07
C ILE IB 145 -107.51 56.55 41.10
N PHE IB 146 -107.09 57.75 40.69
CA PHE IB 146 -107.05 58.91 41.57
C PHE IB 146 -107.88 60.04 40.97
N SER IB 147 -108.41 60.88 41.83
CA SER IB 147 -108.97 62.14 41.38
C SER IB 147 -107.91 63.23 41.46
N ALA IB 148 -108.17 64.34 40.76
CA ALA IB 148 -107.18 65.41 40.69
C ALA IB 148 -107.06 66.20 41.98
N ASP IB 149 -107.92 65.96 42.97
CA ASP IB 149 -107.89 66.68 44.23
C ASP IB 149 -107.16 65.94 45.33
N GLU IB 150 -106.97 64.63 45.21
CA GLU IB 150 -106.32 63.84 46.24
C GLU IB 150 -104.86 63.52 45.91
N LEU IB 151 -104.26 64.26 44.99
CA LEU IB 151 -102.86 64.07 44.64
C LEU IB 151 -102.03 65.08 45.41
N VAL IB 152 -100.94 64.62 46.00
CA VAL IB 152 -100.07 65.48 46.80
C VAL IB 152 -99.17 66.27 45.86
N LYS IB 153 -99.16 67.59 46.03
CA LYS IB 153 -98.33 68.47 45.21
C LYS IB 153 -96.94 68.59 45.80
N TYR IB 154 -95.94 68.65 44.93
CA TYR IB 154 -94.55 68.73 45.36
C TYR IB 154 -93.72 69.36 44.25
N LYS IB 155 -92.41 69.41 44.49
CA LYS IB 155 -91.41 69.80 43.51
C LYS IB 155 -90.25 68.82 43.60
N VAL IB 156 -89.35 68.87 42.63
CA VAL IB 156 -88.18 67.98 42.61
C VAL IB 156 -87.07 68.71 43.36
N THR IB 157 -87.13 68.64 44.69
CA THR IB 157 -86.11 69.18 45.57
C THR IB 157 -85.83 68.18 46.68
N ALA IB 158 -84.80 68.45 47.49
CA ALA IB 158 -84.52 67.62 48.63
C ALA IB 158 -85.47 67.90 49.80
N GLU IB 159 -85.93 69.15 49.91
CA GLU IB 159 -86.80 69.54 51.02
C GLU IB 159 -88.14 68.84 50.96
N ASP IB 160 -88.71 68.68 49.76
CA ASP IB 160 -89.86 67.82 49.59
C ASP IB 160 -89.50 66.35 49.73
N GLY IB 161 -88.25 66.00 49.41
CA GLY IB 161 -87.85 64.61 49.41
C GLY IB 161 -87.84 63.99 50.80
N GLU IB 162 -87.33 64.72 51.79
CA GLU IB 162 -87.29 64.20 53.15
C GLU IB 162 -88.69 63.92 53.69
N ARG IB 163 -89.60 64.88 53.49
CA ARG IB 163 -90.97 64.75 54.00
C ARG IB 163 -91.71 63.62 53.30
N LEU IB 164 -91.57 63.51 51.97
CA LEU IB 164 -92.23 62.44 51.25
C LEU IB 164 -91.68 61.07 51.65
N ALA IB 165 -90.36 60.97 51.85
CA ALA IB 165 -89.77 59.68 52.24
C ALA IB 165 -90.23 59.26 53.63
N LYS IB 166 -90.28 60.19 54.59
CA LYS IB 166 -90.71 59.85 55.94
C LYS IB 166 -92.18 59.42 55.97
N GLU IB 167 -93.04 60.14 55.23
CA GLU IB 167 -94.45 59.75 55.20
C GLU IB 167 -94.63 58.39 54.53
N ASN IB 168 -93.87 58.13 53.46
CA ASN IB 168 -93.93 56.83 52.79
C ASN IB 168 -93.50 55.71 53.73
N SER IB 169 -92.44 55.94 54.51
CA SER IB 169 -91.98 54.94 55.46
C SER IB 169 -93.02 54.64 56.52
N LYS IB 170 -93.68 55.66 57.08
CA LYS IB 170 -94.71 55.42 58.08
C LYS IB 170 -95.89 54.65 57.52
N VAL IB 171 -96.36 55.03 56.32
CA VAL IB 171 -97.54 54.38 55.74
C VAL IB 171 -97.24 52.93 55.38
N LEU IB 172 -96.09 52.68 54.75
CA LEU IB 172 -95.74 51.32 54.36
C LEU IB 172 -95.51 50.44 55.57
N MET IB 173 -94.91 50.98 56.64
CA MET IB 173 -94.71 50.20 57.85
C MET IB 173 -96.02 49.80 58.48
N ARG IB 174 -96.98 50.72 58.57
CA ARG IB 174 -98.28 50.39 59.17
C ARG IB 174 -99.04 49.35 58.34
N GLU IB 175 -99.02 49.48 57.01
CA GLU IB 175 -99.69 48.51 56.14
C GLU IB 175 -99.08 47.12 56.28
N HIS IB 176 -97.75 47.05 56.31
CA HIS IB 176 -97.07 45.77 56.47
C HIS IB 176 -97.40 45.12 57.80
N ARG IB 177 -97.45 45.91 58.87
CA ARG IB 177 -97.78 45.35 60.18
C ARG IB 177 -99.21 44.82 60.22
N GLU IB 178 -100.15 45.52 59.57
CA GLU IB 178 -101.52 45.02 59.53
C GLU IB 178 -101.63 43.71 58.77
N ARG IB 179 -100.94 43.59 57.63
CA ARG IB 179 -100.98 42.33 56.88
C ARG IB 179 -100.38 41.18 57.69
N ARG IB 180 -99.26 41.43 58.37
CA ARG IB 180 -98.64 40.37 59.15
C ARG IB 180 -99.50 39.95 60.35
N ALA IB 181 -100.15 40.91 61.00
CA ALA IB 181 -101.02 40.56 62.12
C ALA IB 181 -102.23 39.76 61.68
N ALA IB 182 -102.83 40.12 60.55
CA ALA IB 182 -103.96 39.35 60.03
C ALA IB 182 -103.55 37.92 59.68
N GLU IB 183 -102.39 37.75 59.02
CA GLU IB 183 -101.91 36.41 58.71
C GLU IB 183 -101.59 35.61 59.97
N THR IB 184 -101.08 36.27 61.01
CA THR IB 184 -100.78 35.57 62.25
C THR IB 184 -102.04 35.04 62.92
N VAL IB 185 -103.09 35.86 62.96
CA VAL IB 185 -104.36 35.41 63.55
C VAL IB 185 -104.94 34.25 62.74
N LEU IB 186 -104.86 34.34 61.41
CA LEU IB 186 -105.35 33.26 60.56
C LEU IB 186 -104.57 31.96 60.78
N LEU IB 187 -103.25 32.06 60.91
CA LEU IB 187 -102.43 30.86 61.11
C LEU IB 187 -102.69 30.21 62.47
N ASN IB 188 -102.84 31.04 63.51
CA ASN IB 188 -103.16 30.49 64.83
C ASN IB 188 -104.53 29.80 64.83
N MET IB 189 -105.50 30.39 64.12
CA MET IB 189 -106.82 29.78 64.05
C MET IB 189 -106.82 28.49 63.24
N LYS IB 190 -106.00 28.42 62.18
CA LYS IB 190 -105.86 27.17 61.43
C LYS IB 190 -105.21 26.08 62.28
N LYS IB 191 -104.20 26.46 63.06
CA LYS IB 191 -103.56 25.51 63.98
C LYS IB 191 -104.53 25.03 65.04
N ALA IB 192 -105.42 25.90 65.51
CA ALA IB 192 -106.45 25.46 66.45
C ALA IB 192 -107.50 24.59 65.77
N ALA IB 193 -107.76 24.83 64.48
CA ALA IB 193 -108.76 24.05 63.78
C ALA IB 193 -108.29 22.62 63.51
N ILE IB 194 -106.99 22.42 63.28
CA ILE IB 194 -106.52 21.07 63.00
C ILE IB 194 -106.55 20.17 64.24
N GLU IB 195 -106.61 20.73 65.44
CA GLU IB 195 -106.50 19.91 66.63
C GLU IB 195 -107.84 19.45 67.20
N ALA IB 196 -108.95 19.89 66.64
CA ALA IB 196 -110.29 19.50 67.08
C ALA IB 196 -110.91 18.49 66.15
N LEU IB 197 -110.11 17.54 65.65
CA LEU IB 197 -110.52 16.55 64.69
C LEU IB 197 -110.30 15.14 65.24
N PRO IB 198 -110.99 14.13 64.71
CA PRO IB 198 -110.67 12.75 65.06
C PRO IB 198 -109.30 12.33 64.52
N GLU IB 199 -108.89 11.11 64.88
CA GLU IB 199 -107.49 10.71 64.69
C GLU IB 199 -107.15 10.54 63.22
N LYS IB 200 -107.82 9.62 62.52
CA LYS IB 200 -107.50 9.37 61.12
C LYS IB 200 -107.84 10.57 60.25
N LEU IB 201 -108.92 11.27 60.60
CA LEU IB 201 -109.28 12.51 59.94
C LEU IB 201 -108.26 13.62 60.14
N LYS IB 202 -107.48 13.54 61.22
CA LYS IB 202 -106.40 14.49 61.48
C LYS IB 202 -105.14 14.11 60.73
N MET IB 203 -104.80 12.82 60.70
CA MET IB 203 -103.64 12.37 59.95
C MET IB 203 -103.82 12.58 58.46
N ALA IB 204 -105.07 12.51 57.98
CA ALA IB 204 -105.33 12.83 56.58
C ALA IB 204 -105.10 14.32 56.30
N ALA IB 205 -105.48 15.19 57.24
CA ALA IB 205 -105.43 16.62 57.03
C ALA IB 205 -104.10 17.24 57.44
N LEU IB 206 -103.17 16.46 57.98
CA LEU IB 206 -101.81 16.93 58.16
C LEU IB 206 -100.96 16.82 56.91
N GLU IB 207 -101.48 16.24 55.84
CA GLU IB 207 -100.68 16.06 54.63
C GLU IB 207 -100.50 17.40 53.91
N PRO IB 208 -99.28 17.75 53.52
CA PRO IB 208 -99.07 19.01 52.78
C PRO IB 208 -99.66 18.93 51.38
N ASP IB 209 -100.21 20.06 50.92
CA ASP IB 209 -100.72 20.18 49.56
C ASP IB 209 -99.57 20.61 48.66
N LEU IB 210 -99.27 19.81 47.66
CA LEU IB 210 -98.19 20.08 46.72
C LEU IB 210 -98.70 20.18 45.29
N THR IB 211 -100.00 20.30 45.10
CA THR IB 211 -100.55 20.53 43.76
C THR IB 211 -100.23 21.95 43.33
N PRO IB 212 -99.69 22.15 42.13
CA PRO IB 212 -99.32 23.50 41.70
C PRO IB 212 -100.53 24.39 41.46
N PHE IB 213 -100.27 25.69 41.52
CA PHE IB 213 -101.31 26.68 41.33
C PHE IB 213 -101.86 26.61 39.91
N PRO IB 214 -103.12 26.97 39.72
CA PRO IB 214 -103.68 26.96 38.36
C PRO IB 214 -103.09 28.08 37.51
N ALA IB 215 -102.74 27.75 36.27
CA ALA IB 215 -102.18 28.75 35.38
C ALA IB 215 -103.23 29.67 34.79
N ASN IB 216 -104.52 29.33 34.91
CA ASN IB 216 -105.58 30.11 34.31
C ASN IB 216 -106.19 31.14 35.26
N ARG IB 217 -105.78 31.16 36.53
CA ARG IB 217 -106.18 32.23 37.41
C ARG IB 217 -105.43 33.50 37.04
N GLY IB 218 -106.12 34.64 37.10
CA GLY IB 218 -105.56 35.88 36.64
C GLY IB 218 -104.60 36.51 37.63
N MET IB 219 -104.07 37.67 37.22
CA MET IB 219 -103.23 38.51 38.07
C MET IB 219 -103.80 39.91 38.04
N ALA IB 220 -103.83 40.56 39.20
CA ALA IB 220 -104.40 41.89 39.31
C ALA IB 220 -103.53 42.91 38.59
N THR IB 221 -104.18 43.96 38.08
CA THR IB 221 -103.50 45.00 37.31
C THR IB 221 -104.35 46.26 37.35
N LEU IB 222 -104.01 47.23 36.50
CA LEU IB 222 -104.63 48.55 36.55
C LEU IB 222 -105.93 48.66 35.75
N THR IB 223 -106.33 47.62 35.02
CA THR IB 223 -107.49 47.71 34.16
C THR IB 223 -108.19 46.36 34.11
N PRO IB 224 -109.52 46.33 34.22
CA PRO IB 224 -110.25 45.08 34.01
C PRO IB 224 -110.20 44.67 32.55
N PRO IB 225 -110.36 43.38 32.25
CA PRO IB 225 -110.28 42.94 30.86
C PRO IB 225 -111.42 43.46 30.00
N ILE IB 226 -111.09 43.84 28.77
CA ILE IB 226 -112.09 44.17 27.76
C ILE IB 226 -112.93 42.93 27.48
N GLU IB 227 -114.24 43.11 27.30
CA GLU IB 227 -115.11 41.94 27.12
C GLU IB 227 -114.98 41.35 25.73
N GLY IB 228 -114.75 42.18 24.71
CA GLY IB 228 -114.64 41.68 23.36
C GLY IB 228 -113.23 41.64 22.83
N TYR IB 229 -112.28 41.22 23.67
CA TYR IB 229 -110.86 41.22 23.32
C TYR IB 229 -110.27 39.84 23.26
N LEU IB 230 -110.42 39.04 24.32
CA LEU IB 230 -109.72 37.76 24.42
C LEU IB 230 -110.22 36.77 23.39
N GLU IB 231 -111.55 36.62 23.27
CA GLU IB 231 -112.12 35.74 22.26
C GLU IB 231 -111.78 36.19 20.85
N LYS IB 232 -111.67 37.50 20.64
CA LYS IB 232 -111.25 38.02 19.34
C LYS IB 232 -109.82 37.61 19.01
N VAL IB 233 -108.93 37.68 20.01
CA VAL IB 233 -107.54 37.27 19.79
C VAL IB 233 -107.47 35.76 19.53
N MET IB 234 -108.26 34.96 20.25
CA MET IB 234 -108.31 33.53 20.00
C MET IB 234 -108.83 33.20 18.61
N ASP IB 235 -109.86 33.93 18.17
CA ASP IB 235 -110.41 33.69 16.83
C ASP IB 235 -109.41 34.06 15.75
N ALA IB 236 -108.67 35.16 15.93
CA ALA IB 236 -107.65 35.53 14.97
C ALA IB 236 -106.51 34.51 14.93
N ALA IB 237 -106.11 34.01 16.11
CA ALA IB 237 -105.05 33.00 16.17
C ALA IB 237 -105.47 31.70 15.49
N LYS IB 238 -106.72 31.28 15.69
CA LYS IB 238 -107.17 30.05 15.03
C LYS IB 238 -107.43 30.26 13.54
N LYS IB 239 -107.82 31.46 13.12
CA LYS IB 239 -107.91 31.73 11.69
C LYS IB 239 -106.54 31.74 11.03
N SER IB 240 -105.51 32.18 11.76
CA SER IB 240 -104.16 32.08 11.21
C SER IB 240 -103.66 30.64 11.19
N SER IB 241 -103.90 29.88 12.28
CA SER IB 241 -103.45 28.50 12.35
C SER IB 241 -104.30 27.56 11.51
N SER IB 242 -105.42 28.02 10.96
CA SER IB 242 -106.19 27.23 10.03
C SER IB 242 -105.38 26.98 8.76
N LYS IB 243 -105.70 25.88 8.08
CA LYS IB 243 -104.96 25.33 6.94
C LYS IB 243 -103.52 24.97 7.31
N GLU IB 244 -102.76 24.49 6.33
CA GLU IB 244 -101.36 24.15 6.55
C GLU IB 244 -100.49 25.06 5.71
N LYS IB 245 -99.36 25.45 6.29
CA LYS IB 245 -98.41 26.32 5.60
C LYS IB 245 -97.64 25.53 4.56
N LEU IB 246 -97.44 26.13 3.39
CA LEU IB 246 -96.70 25.47 2.33
C LEU IB 246 -95.23 25.37 2.68
N ARG IB 247 -94.60 24.28 2.26
CA ARG IB 247 -93.21 24.01 2.61
C ARG IB 247 -92.26 24.67 1.62
N SER JB 12 85.61 30.80 58.88
CA SER JB 12 84.79 31.31 59.97
C SER JB 12 83.32 31.17 59.65
N PHE JB 13 82.57 30.51 60.53
CA PHE JB 13 81.14 30.32 60.33
C PHE JB 13 80.40 31.59 60.71
N ARG JB 14 79.49 32.03 59.86
CA ARG JB 14 78.69 33.21 60.12
C ARG JB 14 77.24 32.92 59.76
N ARG JB 15 76.33 33.66 60.37
CA ARG JB 15 74.91 33.41 60.22
C ARG JB 15 74.36 34.09 58.98
N LYS JB 16 73.52 33.37 58.25
CA LYS JB 16 72.78 33.89 57.11
C LYS JB 16 71.29 33.65 57.34
N ARG JB 17 70.50 34.02 56.35
CA ARG JB 17 69.08 33.69 56.34
C ARG JB 17 68.86 32.46 55.49
N ALA JB 18 67.90 31.63 55.91
CA ALA JB 18 67.60 30.43 55.16
C ALA JB 18 66.93 30.71 53.83
N SER JB 19 66.43 31.93 53.63
CA SER JB 19 65.84 32.33 52.37
C SER JB 19 66.87 32.73 51.33
N SER JB 20 68.14 32.83 51.71
CA SER JB 20 69.19 33.18 50.78
C SER JB 20 69.61 32.00 49.92
N LEU JB 21 69.10 30.81 50.19
CA LEU JB 21 69.34 29.67 49.32
C LEU JB 21 68.51 29.71 48.06
N ASP JB 22 67.50 30.57 47.99
CA ASP JB 22 66.63 30.64 46.82
C ASP JB 22 67.18 31.51 45.72
N ILE JB 23 68.25 32.26 45.96
CA ILE JB 23 68.82 33.12 44.93
C ILE JB 23 69.53 32.26 43.90
N LEU JB 24 69.20 32.47 42.63
CA LEU JB 24 69.64 31.59 41.56
C LEU JB 24 71.13 31.74 41.31
N SER JB 25 71.83 30.61 41.24
CA SER JB 25 73.26 30.53 40.99
C SER JB 25 73.49 29.56 39.85
N PRO JB 26 74.52 29.80 39.02
CA PRO JB 26 74.74 28.93 37.86
C PRO JB 26 75.11 27.49 38.20
N LYS JB 27 75.55 27.22 39.43
CA LYS JB 27 75.76 25.84 39.85
C LYS JB 27 74.46 25.08 40.00
N ARG JB 28 73.34 25.77 40.23
CA ARG JB 28 72.04 25.17 40.50
C ARG JB 28 70.99 25.73 39.56
N ALA JB 29 71.32 25.77 38.27
CA ALA JB 29 70.45 26.39 37.30
C ALA JB 29 70.45 25.57 36.01
N PRO JB 30 69.58 25.85 35.04
CA PRO JB 30 69.72 25.22 33.72
C PRO JB 30 71.02 25.64 33.03
N ARG JB 31 71.34 24.90 31.96
CA ARG JB 31 72.68 24.95 31.37
C ARG JB 31 73.00 26.28 30.69
N ASP JB 32 72.01 27.10 30.34
CA ASP JB 32 72.26 28.39 29.70
C ASP JB 32 72.09 29.56 30.65
N PHE JB 33 72.25 29.35 31.94
CA PHE JB 33 72.16 30.47 32.86
C PHE JB 33 73.57 30.93 33.15
N TYR JB 34 73.81 32.23 33.02
CA TYR JB 34 75.12 32.79 33.25
C TYR JB 34 75.00 33.93 34.24
N LYS JB 35 75.78 33.89 35.32
CA LYS JB 35 75.79 34.98 36.27
C LYS JB 35 77.16 35.67 36.35
N GLY JB 36 78.22 34.96 36.68
CA GLY JB 36 79.52 35.60 36.80
C GLY JB 36 79.82 36.07 38.21
N LYS JB 37 81.09 36.41 38.44
CA LYS JB 37 81.62 36.63 39.79
C LYS JB 37 82.33 37.96 39.92
N ASN JB 38 81.89 38.97 39.16
CA ASN JB 38 82.39 40.35 39.24
C ASN JB 38 83.89 40.46 38.97
N CYS JB 39 84.40 39.62 38.08
CA CYS JB 39 85.77 39.75 37.63
C CYS JB 39 85.86 40.86 36.59
N LYS JB 40 87.00 41.51 36.54
CA LYS JB 40 87.20 42.56 35.57
C LYS JB 40 87.42 41.96 34.18
N PRO JB 41 86.95 42.61 33.12
CA PRO JB 41 87.17 42.09 31.77
C PRO JB 41 88.53 42.50 31.21
N THR JB 42 89.02 41.66 30.30
CA THR JB 42 90.32 41.85 29.68
C THR JB 42 90.28 41.99 28.16
N GLY JB 43 89.10 41.94 27.54
CA GLY JB 43 89.03 42.02 26.10
C GLY JB 43 87.61 42.23 25.60
N PHE JB 44 87.26 41.56 24.50
CA PHE JB 44 85.92 41.69 23.96
C PHE JB 44 85.48 40.39 23.29
N HIS JB 45 84.17 40.17 23.26
CA HIS JB 45 83.60 39.03 22.57
C HIS JB 45 83.61 39.24 21.07
N THR JB 46 83.84 38.17 20.34
CA THR JB 46 83.77 38.21 18.88
C THR JB 46 82.36 37.88 18.42
N LYS JB 47 82.14 37.99 17.10
CA LYS JB 47 80.88 37.58 16.52
C LYS JB 47 80.82 36.10 16.25
N LYS JB 48 81.90 35.37 16.47
CA LYS JB 48 81.94 33.93 16.23
C LYS JB 48 82.02 33.13 17.51
N GLY JB 49 81.70 33.73 18.65
CA GLY JB 49 81.70 33.01 19.90
C GLY JB 49 83.03 32.88 20.58
N GLY JB 50 84.05 33.60 20.13
CA GLY JB 50 85.35 33.58 20.74
C GLY JB 50 85.57 34.73 21.69
N TYR JB 51 86.82 35.14 21.82
CA TYR JB 51 87.19 36.25 22.68
C TYR JB 51 88.55 36.75 22.24
N VAL JB 52 88.76 38.06 22.33
CA VAL JB 52 90.05 38.66 22.01
C VAL JB 52 90.51 39.44 23.23
N VAL JB 53 91.72 39.13 23.70
CA VAL JB 53 92.27 39.74 24.90
C VAL JB 53 93.06 40.97 24.50
N GLN JB 54 92.59 42.14 24.89
CA GLN JB 54 93.29 43.38 24.61
C GLN JB 54 94.38 43.59 25.64
N PRO JB 55 95.65 43.65 25.25
CA PRO JB 55 96.73 43.64 26.25
C PRO JB 55 96.87 44.91 27.07
N ASP JB 56 96.21 46.00 26.70
CA ASP JB 56 96.27 47.21 27.50
C ASP JB 56 95.42 47.13 28.76
N LYS JB 57 94.46 46.20 28.80
CA LYS JB 57 93.56 46.08 29.94
C LYS JB 57 94.04 45.09 30.97
N LEU JB 58 95.16 44.44 30.73
CA LEU JB 58 95.75 43.52 31.70
C LEU JB 58 96.46 44.29 32.80
N PRO JB 59 96.35 43.86 34.05
CA PRO JB 59 97.00 44.59 35.14
C PRO JB 59 98.51 44.47 35.11
N ASN JB 60 99.18 45.53 35.50
CA ASN JB 60 100.63 45.58 35.61
C ASN JB 60 101.01 45.85 37.05
N TYR JB 61 101.92 45.07 37.60
CA TYR JB 61 102.28 45.13 39.00
C TYR JB 61 103.66 45.74 39.16
N VAL JB 62 103.78 46.74 40.03
CA VAL JB 62 105.04 47.41 40.28
C VAL JB 62 105.54 47.03 41.67
N ILE JB 63 106.31 45.96 41.75
CA ILE JB 63 106.80 45.40 43.01
C ILE JB 63 108.30 45.69 43.09
N PRO JB 64 108.74 46.59 43.95
CA PRO JB 64 110.17 46.88 44.05
C PRO JB 64 110.95 45.75 44.70
N ASP JB 65 112.27 45.79 44.51
CA ASP JB 65 113.14 44.72 44.98
C ASP JB 65 113.24 44.74 46.50
N LEU JB 66 112.92 43.62 47.13
CA LEU JB 66 112.84 43.54 48.58
C LEU JB 66 114.09 42.95 49.21
N THR JB 67 115.12 42.63 48.43
CA THR JB 67 116.32 42.05 48.98
C THR JB 67 117.15 43.12 49.67
N GLY JB 68 117.61 42.82 50.88
CA GLY JB 68 118.39 43.76 51.65
C GLY JB 68 117.59 44.78 52.42
N PHE JB 69 116.30 44.60 52.56
CA PHE JB 69 115.47 45.50 53.35
C PHE JB 69 115.65 45.22 54.83
N LYS JB 70 115.71 46.28 55.62
CA LYS JB 70 116.01 46.17 57.04
C LYS JB 70 114.78 46.16 57.93
N LEU JB 71 113.64 46.65 57.45
CA LEU JB 71 112.42 46.62 58.24
C LEU JB 71 111.75 45.24 58.17
N LYS JB 72 110.98 44.94 59.20
CA LYS JB 72 110.42 43.62 59.45
C LYS JB 72 108.94 43.76 59.74
N PRO JB 73 108.17 42.67 59.66
CA PRO JB 73 106.72 42.78 59.90
C PRO JB 73 106.33 43.28 61.29
N TYR JB 74 107.11 42.99 62.32
CA TYR JB 74 106.75 43.36 63.68
C TYR JB 74 107.77 44.34 64.25
N VAL JB 75 107.34 45.07 65.27
CA VAL JB 75 108.18 46.02 65.99
C VAL JB 75 108.49 45.44 67.36
N SER JB 76 109.77 45.46 67.74
CA SER JB 76 110.21 44.79 68.96
C SER JB 76 109.64 45.46 70.19
N GLN JB 77 109.36 44.65 71.20
CA GLN JB 77 108.69 45.11 72.41
C GLN JB 77 109.54 44.85 73.65
N CYS JB 78 110.85 44.98 73.50
CA CYS JB 78 111.74 44.83 74.64
C CYS JB 78 111.67 46.07 75.53
N PRO JB 79 111.86 45.90 76.83
CA PRO JB 79 111.79 47.06 77.73
C PRO JB 79 113.01 47.96 77.58
N ILE JB 80 112.82 49.13 76.98
CA ILE JB 80 113.93 50.06 76.78
C ILE JB 80 113.83 51.30 77.65
N GLU JB 81 112.70 52.00 77.64
CA GLU JB 81 112.56 53.27 78.34
C GLU JB 81 111.10 53.69 78.44
N VAL JB 82 110.78 54.49 79.45
CA VAL JB 82 109.44 55.05 79.62
C VAL JB 82 109.12 56.03 78.50
N ALA KB 2 28.52 13.15 130.27
CA ALA KB 2 29.00 12.48 131.47
C ALA KB 2 28.69 11.00 131.43
N LEU KB 3 29.73 10.17 131.42
CA LEU KB 3 29.58 8.72 131.29
C LEU KB 3 29.68 8.07 132.66
N ARG KB 4 28.54 7.56 133.15
CA ARG KB 4 28.41 6.95 134.47
C ARG KB 4 28.89 7.88 135.58
N GLY KB 5 28.51 9.15 135.47
CA GLY KB 5 28.83 10.14 136.45
C GLY KB 5 30.15 10.85 136.24
N VAL KB 6 30.96 10.43 135.28
CA VAL KB 6 32.27 11.02 135.04
C VAL KB 6 32.15 11.99 133.86
N TRP KB 7 32.43 13.26 134.12
CA TRP KB 7 32.32 14.28 133.09
C TRP KB 7 33.43 14.13 132.08
N GLN KB 8 33.06 14.05 130.79
CA GLN KB 8 33.98 13.70 129.71
C GLN KB 8 34.68 14.91 129.13
N LEU KB 9 34.01 16.04 128.97
CA LEU KB 9 34.69 17.23 128.49
C LEU KB 9 35.54 17.80 129.59
N GLN KB 10 36.83 17.98 129.32
CA GLN KB 10 37.77 18.49 130.30
C GLN KB 10 38.25 19.89 130.01
N LYS KB 11 38.68 20.18 128.78
CA LYS KB 11 39.21 21.50 128.48
C LYS KB 11 38.43 22.16 127.35
N LEU KB 12 38.14 23.44 127.53
CA LEU KB 12 37.46 24.26 126.53
C LEU KB 12 38.38 25.41 126.18
N VAL KB 13 39.04 25.33 125.02
CA VAL KB 13 39.93 26.38 124.55
C VAL KB 13 39.13 27.34 123.70
N VAL KB 14 39.33 28.63 123.92
CA VAL KB 14 38.69 29.69 123.16
C VAL KB 14 39.79 30.50 122.50
N SER KB 15 39.91 30.38 121.18
CA SER KB 15 40.95 31.06 120.43
C SER KB 15 40.33 32.20 119.65
N TYR KB 16 40.86 33.41 119.81
CA TYR KB 16 40.24 34.58 119.17
C TYR KB 16 41.33 35.54 118.68
N CYS KB 17 40.91 36.71 118.23
CA CYS KB 17 41.82 37.77 117.77
C CYS KB 17 41.23 39.12 118.16
N ASN KB 18 42.08 40.01 118.66
CA ASN KB 18 41.63 41.30 119.18
C ASN KB 18 41.62 42.40 118.14
N TRP KB 19 41.96 42.10 116.90
CA TRP KB 19 42.01 43.10 115.83
C TRP KB 19 41.05 42.80 114.69
N GLY KB 20 40.94 41.54 114.28
CA GLY KB 20 40.15 41.22 113.12
C GLY KB 20 38.66 41.33 113.35
N GLY KB 21 37.93 41.54 112.26
CA GLY KB 21 36.50 41.78 112.35
C GLY KB 21 35.67 40.53 112.48
N SER KB 22 36.24 39.37 112.20
CA SER KB 22 35.47 38.13 112.32
C SER KB 22 35.32 37.66 113.75
N SER KB 23 36.03 38.27 114.70
CA SER KB 23 36.00 37.84 116.09
C SER KB 23 35.12 38.71 116.96
N ARG KB 24 34.26 39.53 116.36
CA ARG KB 24 33.39 40.40 117.15
C ARG KB 24 32.41 39.61 118.00
N GLY KB 25 31.80 38.58 117.43
CA GLY KB 25 30.88 37.74 118.17
C GLY KB 25 31.50 36.97 119.32
N ILE KB 26 32.65 36.35 119.08
CA ILE KB 26 33.30 35.59 120.14
C ILE KB 26 33.90 36.53 121.18
N ARG KB 27 34.29 37.75 120.77
CA ARG KB 27 34.75 38.73 121.75
C ARG KB 27 33.62 39.15 122.67
N ALA KB 28 32.48 39.52 122.10
CA ALA KB 28 31.32 39.89 122.92
C ALA KB 28 30.74 38.72 123.69
N PHE KB 29 31.02 37.48 123.27
CA PHE KB 29 30.60 36.32 124.04
C PHE KB 29 31.36 36.19 125.35
N MET KB 30 32.63 36.64 125.37
CA MET KB 30 33.46 36.50 126.56
C MET KB 30 33.01 37.42 127.69
N GLU KB 31 32.59 38.64 127.36
CA GLU KB 31 32.12 39.55 128.41
C GLU KB 31 30.75 39.17 128.91
N SER KB 32 29.93 38.54 128.07
CA SER KB 32 28.53 38.31 128.41
C SER KB 32 28.28 36.92 128.98
N GLU KB 33 28.59 35.87 128.22
CA GLU KB 33 28.13 34.54 128.56
C GLU KB 33 29.20 33.63 129.15
N LEU KB 34 30.47 33.94 128.96
CA LEU KB 34 31.54 33.11 129.49
C LEU KB 34 31.59 33.04 131.02
N PRO KB 35 31.45 34.13 131.79
CA PRO KB 35 31.43 33.96 133.26
C PRO KB 35 30.28 33.12 133.78
N ALA KB 36 29.10 33.19 133.17
CA ALA KB 36 28.00 32.34 133.60
C ALA KB 36 28.29 30.87 133.34
N LEU KB 37 28.85 30.56 132.18
CA LEU KB 37 29.25 29.21 131.83
C LEU KB 37 30.34 28.67 132.76
N ILE KB 38 31.34 29.51 133.08
CA ILE KB 38 32.40 29.11 134.00
C ILE KB 38 31.83 28.87 135.39
N GLU KB 39 30.95 29.76 135.86
CA GLU KB 39 30.37 29.62 137.20
C GLU KB 39 29.50 28.38 137.30
N LYS KB 40 28.73 28.07 136.26
CA LYS KB 40 27.88 26.88 136.31
C LYS KB 40 28.64 25.61 135.96
N ASN KB 41 29.88 25.70 135.47
CA ASN KB 41 30.70 24.53 135.20
C ASN KB 41 31.97 24.58 136.04
N PRO KB 42 31.95 24.00 137.23
CA PRO KB 42 33.16 24.01 138.07
C PRO KB 42 34.20 22.97 137.68
N GLN KB 43 33.77 21.83 137.16
CA GLN KB 43 34.69 20.74 136.83
C GLN KB 43 35.43 20.96 135.52
N LEU KB 44 35.07 21.97 134.75
CA LEU KB 44 35.57 22.17 133.40
C LEU KB 44 36.62 23.27 133.43
N GLU KB 45 37.68 23.11 132.63
CA GLU KB 45 38.75 24.10 132.59
C GLU KB 45 38.64 24.91 131.31
N VAL KB 46 38.55 26.23 131.45
CA VAL KB 46 38.35 27.14 130.31
C VAL KB 46 39.63 27.91 130.08
N VAL KB 47 40.19 27.77 128.88
CA VAL KB 47 41.48 28.34 128.52
C VAL KB 47 41.24 29.38 127.42
N THR KB 48 41.97 30.48 127.49
CA THR KB 48 41.78 31.62 126.60
C THR KB 48 43.06 31.90 125.83
N GLU KB 49 42.99 31.87 124.50
CA GLU KB 49 44.16 32.05 123.65
C GLU KB 49 43.94 33.17 122.64
N LEU KB 50 45.02 33.91 122.39
CA LEU KB 50 45.05 35.01 121.44
C LEU KB 50 45.90 34.60 120.27
N SER KB 51 45.37 34.76 119.05
CA SER KB 51 46.08 34.44 117.82
C SER KB 51 45.72 35.52 116.83
N ARG KB 52 46.55 36.55 116.75
CA ARG KB 52 46.24 37.70 115.93
C ARG KB 52 46.30 37.34 114.44
N GLY KB 53 45.33 37.83 113.69
CA GLY KB 53 45.28 37.60 112.26
C GLY KB 53 44.77 36.24 111.83
N GLN KB 54 44.06 35.52 112.70
CA GLN KB 54 43.46 34.24 112.33
C GLN KB 54 41.98 34.26 112.68
N HIS KB 55 41.28 33.22 112.24
CA HIS KB 55 39.85 33.08 112.49
C HIS KB 55 39.62 32.40 113.84
N PRO KB 56 38.58 32.78 114.56
CA PRO KB 56 38.38 32.27 115.92
C PRO KB 56 37.68 30.91 115.97
N TYR KB 57 37.99 30.16 117.02
CA TYR KB 57 37.36 28.85 117.18
C TYR KB 57 37.25 28.43 118.64
N LEU KB 58 36.40 27.44 118.88
CA LEU KB 58 36.25 26.77 120.16
C LEU KB 58 36.73 25.34 120.02
N LYS KB 59 37.67 24.93 120.86
CA LYS KB 59 38.24 23.60 120.81
C LYS KB 59 37.89 22.85 122.09
N GLY KB 60 37.30 21.67 121.94
CA GLY KB 60 36.99 20.87 123.10
C GLY KB 60 37.90 19.67 123.18
N ILE KB 61 38.53 19.46 124.33
CA ILE KB 61 39.44 18.35 124.57
C ILE KB 61 38.83 17.45 125.63
N TYR KB 62 38.69 16.17 125.29
CA TYR KB 62 37.90 15.20 126.04
C TYR KB 62 38.81 14.17 126.70
N ARG KB 63 38.20 13.30 127.51
CA ARG KB 63 38.97 12.34 128.30
C ARG KB 63 39.51 11.19 127.45
N ASN KB 64 38.80 10.82 126.39
CA ASN KB 64 39.23 9.73 125.53
C ASN KB 64 40.17 10.20 124.43
N ARG KB 65 40.89 11.30 124.67
CA ARG KB 65 41.90 11.85 123.77
C ARG KB 65 41.28 12.21 122.42
N ASN KB 66 40.28 13.09 122.48
CA ASN KB 66 39.57 13.56 121.31
C ASN KB 66 39.53 15.07 121.35
N GLU KB 67 39.78 15.70 120.21
CA GLU KB 67 39.65 17.14 120.06
C GLU KB 67 38.59 17.42 119.00
N ARG KB 68 37.69 18.35 119.31
CA ARG KB 68 36.68 18.77 118.35
C ARG KB 68 36.73 20.29 118.23
N VAL KB 69 36.92 20.78 117.01
CA VAL KB 69 37.12 22.19 116.74
C VAL KB 69 35.90 22.73 116.01
N VAL KB 70 35.37 23.86 116.48
CA VAL KB 70 34.25 24.54 115.84
C VAL KB 70 34.70 25.96 115.54
N CYS KB 71 34.77 26.31 114.26
CA CYS KB 71 35.12 27.68 113.89
C CYS KB 71 33.90 28.57 114.06
N VAL KB 72 34.08 29.71 114.73
CA VAL KB 72 32.95 30.56 115.10
C VAL KB 72 33.10 31.93 114.48
N LYS KB 73 33.67 31.98 113.27
CA LYS KB 73 33.87 33.24 112.59
C LYS KB 73 32.52 33.82 112.14
N ASN KB 74 32.42 35.15 112.23
CA ASN KB 74 31.28 35.93 111.75
C ASN KB 74 29.96 35.51 112.40
N MET KB 75 30.01 35.13 113.66
CA MET KB 75 28.84 34.60 114.34
C MET KB 75 28.34 35.57 115.40
N ASP KB 76 27.15 35.27 115.92
CA ASP KB 76 26.55 36.00 117.02
C ASP KB 76 26.87 35.34 118.34
N PRO KB 77 26.85 36.11 119.45
CA PRO KB 77 27.13 35.50 120.76
C PRO KB 77 26.19 34.38 121.14
N ASP KB 78 24.93 34.43 120.71
CA ASP KB 78 24.00 33.34 120.95
C ASP KB 78 24.41 32.06 120.23
N GLN KB 79 24.88 32.17 118.99
CA GLN KB 79 25.37 30.98 118.29
C GLN KB 79 26.65 30.44 118.91
N VAL KB 80 27.54 31.32 119.35
CA VAL KB 80 28.76 30.87 120.01
C VAL KB 80 28.43 30.14 121.31
N LEU KB 81 27.48 30.68 122.09
CA LEU KB 81 27.06 30.02 123.32
C LEU KB 81 26.38 28.69 123.03
N LEU KB 82 25.58 28.62 121.96
CA LEU KB 82 24.92 27.36 121.60
C LEU KB 82 25.94 26.29 121.23
N ASN KB 83 26.96 26.66 120.48
CA ASN KB 83 27.98 25.66 120.16
C ASN KB 83 28.85 25.29 121.35
N ALA KB 84 29.07 26.22 122.29
CA ALA KB 84 29.76 25.86 123.53
C ALA KB 84 28.93 24.86 124.35
N THR KB 85 27.61 25.07 124.41
CA THR KB 85 26.74 24.11 125.09
C THR KB 85 26.74 22.76 124.41
N ARG KB 86 26.78 22.74 123.08
CA ARG KB 86 26.87 21.48 122.35
C ARG KB 86 28.19 20.77 122.63
N LEU KB 87 29.28 21.53 122.78
CA LEU KB 87 30.55 20.93 123.15
C LEU KB 87 30.50 20.34 124.55
N ARG KB 88 29.84 21.03 125.48
CA ARG KB 88 29.75 20.55 126.86
C ARG KB 88 28.90 19.29 126.96
N ASN KB 89 27.79 19.23 126.21
CA ASN KB 89 26.83 18.15 126.39
C ASN KB 89 27.23 16.84 125.72
N SER KB 90 28.33 16.81 124.98
CA SER KB 90 28.70 15.65 124.19
C SER KB 90 29.75 14.80 124.90
N LEU KB 91 29.72 13.49 124.62
CA LEU KB 91 30.69 12.56 125.18
C LEU KB 91 32.00 12.53 124.42
N GLY KB 92 32.10 13.21 123.30
CA GLY KB 92 33.32 13.19 122.52
C GLY KB 92 33.49 11.98 121.62
N ARG KB 93 32.45 11.16 121.45
CA ARG KB 93 32.53 10.04 120.54
C ARG KB 93 32.53 10.54 119.10
N LYS KB 94 32.97 9.68 118.20
CA LYS KB 94 33.07 10.04 116.79
C LYS KB 94 31.70 10.17 116.15
N VAL KB 95 31.59 11.08 115.20
CA VAL KB 95 30.33 11.36 114.52
C VAL KB 95 30.15 10.40 113.35
N VAL KB 96 29.55 9.24 113.63
CA VAL KB 96 29.16 8.27 112.61
C VAL KB 96 27.70 7.92 112.84
N LYS KB 97 27.16 7.08 111.97
CA LYS KB 97 25.76 6.71 112.07
C LYS KB 97 25.51 5.83 113.29
N LEU KB 98 24.39 6.07 113.96
CA LEU KB 98 23.97 5.25 115.08
C LEU KB 98 23.43 3.93 114.56
N ARG KB 99 24.16 2.84 114.84
CA ARG KB 99 23.72 1.53 114.38
C ARG KB 99 22.50 1.06 115.15
N THR KB 100 22.55 1.14 116.49
CA THR KB 100 21.47 0.70 117.35
C THR KB 100 21.09 1.82 118.30
N ARG KB 101 19.80 1.86 118.65
CA ARG KB 101 19.30 2.82 119.63
C ARG KB 101 19.00 2.17 120.97
N HIS KB 102 19.40 0.93 121.18
CA HIS KB 102 19.22 0.28 122.48
C HIS KB 102 20.39 -0.68 122.67
N VAL KB 103 21.33 -0.30 123.53
CA VAL KB 103 22.58 -1.02 123.72
C VAL KB 103 22.43 -1.93 124.94
N THR KB 104 22.57 -3.23 124.73
CA THR KB 104 22.48 -4.18 125.83
C THR KB 104 23.51 -5.27 125.64
N LYS KB 105 23.93 -5.87 126.75
CA LYS KB 105 24.88 -6.96 126.75
C LYS KB 105 24.26 -8.30 127.14
N HIS KB 106 23.11 -8.28 127.81
CA HIS KB 106 22.36 -9.50 128.14
C HIS KB 106 20.98 -9.36 127.49
N PRO KB 107 20.79 -9.90 126.28
CA PRO KB 107 19.52 -9.68 125.58
C PRO KB 107 18.34 -10.42 126.18
N SER KB 108 18.57 -11.37 127.09
CA SER KB 108 17.48 -12.18 127.59
C SER KB 108 17.69 -12.52 129.06
N VAL KB 109 16.58 -12.59 129.79
CA VAL KB 109 16.56 -13.02 131.18
C VAL KB 109 16.15 -14.47 131.31
N GLN KB 110 15.08 -14.87 130.63
CA GLN KB 110 14.60 -16.24 130.65
C GLN KB 110 15.29 -17.12 129.62
N GLY KB 111 16.26 -16.59 128.89
CA GLY KB 111 16.98 -17.38 127.91
C GLY KB 111 16.39 -17.24 126.53
N THR KB 112 17.23 -17.05 125.52
CA THR KB 112 16.77 -16.91 124.16
C THR KB 112 16.12 -18.20 123.69
N TRP KB 113 15.02 -18.07 122.92
CA TRP KB 113 14.33 -19.22 122.35
C TRP KB 113 15.28 -20.03 121.50
N THR KB 114 15.34 -21.32 121.76
CA THR KB 114 16.09 -22.25 120.95
C THR KB 114 15.15 -23.34 120.47
N THR KB 115 15.69 -24.27 119.70
CA THR KB 115 14.87 -25.35 119.19
C THR KB 115 14.51 -26.35 120.29
N ALA KB 116 15.36 -26.49 121.30
CA ALA KB 116 15.17 -27.46 122.38
C ALA KB 116 14.51 -26.83 123.60
N VAL KB 117 13.55 -25.92 123.39
CA VAL KB 117 12.84 -25.28 124.48
C VAL KB 117 11.51 -26.00 124.69
N LYS KB 118 11.28 -26.45 125.92
CA LYS KB 118 10.03 -27.06 126.33
C LYS KB 118 9.30 -26.09 127.26
N PHE KB 119 7.97 -26.20 127.26
CA PHE KB 119 7.16 -25.25 128.02
C PHE KB 119 6.54 -25.87 129.27
N SER LB 23 -120.31 8.97 69.70
CA SER LB 23 -121.09 9.94 70.44
C SER LB 23 -121.08 11.30 69.74
N SER LB 24 -120.08 12.12 70.06
CA SER LB 24 -119.91 13.41 69.40
C SER LB 24 -119.45 13.16 67.97
N ASP LB 25 -120.34 13.48 67.02
CA ASP LB 25 -120.18 13.15 65.62
C ASP LB 25 -120.88 14.22 64.80
N LYS LB 26 -121.26 13.86 63.56
CA LYS LB 26 -122.07 14.66 62.63
C LYS LB 26 -121.46 16.05 62.39
N ILE LB 27 -120.12 16.08 62.31
CA ILE LB 27 -119.41 17.29 61.96
C ILE LB 27 -119.70 17.65 60.51
N VAL LB 28 -119.76 18.95 60.25
CA VAL LB 28 -120.15 19.49 58.95
C VAL LB 28 -118.92 20.15 58.33
N ALA LB 29 -118.78 20.02 57.02
CA ALA LB 29 -117.75 20.72 56.26
C ALA LB 29 -118.44 21.78 55.41
N SER LB 30 -118.05 23.04 55.61
CA SER LB 30 -118.50 24.16 54.80
C SER LB 30 -117.38 24.64 53.90
N VAL LB 31 -117.76 25.32 52.82
CA VAL LB 31 -116.80 25.81 51.84
C VAL LB 31 -116.94 27.32 51.72
N LEU LB 32 -115.80 28.01 51.66
CA LEU LB 32 -115.74 29.44 51.40
C LEU LB 32 -115.35 29.61 49.94
N PHE LB 33 -116.31 29.98 49.12
CA PHE LB 33 -116.08 30.15 47.70
C PHE LB 33 -115.83 31.62 47.40
N GLU LB 34 -114.68 31.90 46.78
CA GLU LB 34 -114.19 33.26 46.60
C GLU LB 34 -113.96 33.57 45.14
N ARG LB 35 -114.06 34.87 44.84
CA ARG LB 35 -113.44 35.48 43.66
C ARG LB 35 -112.46 36.52 44.15
N LEU LB 36 -111.21 36.41 43.68
CA LEU LB 36 -110.14 37.31 44.02
C LEU LB 36 -110.32 38.66 43.32
N ARG LB 37 -109.44 39.60 43.63
CA ARG LB 37 -109.54 40.93 43.04
C ARG LB 37 -109.18 40.88 41.56
N VAL LB 38 -109.98 41.55 40.74
CA VAL LB 38 -109.62 41.72 39.34
C VAL LB 38 -108.53 42.79 39.21
N VAL LB 39 -108.69 43.91 39.90
CA VAL LB 39 -107.80 45.06 39.74
C VAL LB 39 -107.16 45.38 41.08
N ILE LB 40 -106.11 46.20 41.01
CA ILE LB 40 -105.35 46.67 42.15
C ILE LB 40 -106.15 47.78 42.84
N PRO LB 41 -106.24 47.79 44.17
CA PRO LB 41 -106.92 48.91 44.85
C PRO LB 41 -106.14 50.20 44.74
N LYS LB 42 -106.79 51.28 45.14
CA LYS LB 42 -106.17 52.60 45.07
C LYS LB 42 -105.01 52.69 46.06
N PRO LB 43 -103.83 53.09 45.63
CA PRO LB 43 -102.71 53.21 46.55
C PRO LB 43 -102.84 54.46 47.41
N ASP LB 44 -102.00 54.53 48.44
CA ASP LB 44 -101.97 55.71 49.26
C ASP LB 44 -101.35 56.88 48.50
N PRO LB 45 -101.94 58.07 48.58
CA PRO LB 45 -101.38 59.22 47.86
C PRO LB 45 -99.96 59.59 48.27
N ALA LB 46 -99.57 59.37 49.52
CA ALA LB 46 -98.18 59.59 49.92
C ALA LB 46 -97.24 58.62 49.22
N VAL LB 47 -97.63 57.35 49.12
CA VAL LB 47 -96.82 56.36 48.43
C VAL LB 47 -96.70 56.70 46.95
N TYR LB 48 -97.80 57.09 46.32
CA TYR LB 48 -97.76 57.46 44.91
C TYR LB 48 -96.90 58.69 44.66
N ALA LB 49 -97.02 59.69 45.53
CA ALA LB 49 -96.21 60.90 45.40
C ALA LB 49 -94.72 60.59 45.56
N PHE LB 50 -94.37 59.72 46.52
CA PHE LB 50 -92.96 59.40 46.70
C PHE LB 50 -92.42 58.60 45.53
N GLN LB 51 -93.20 57.67 44.96
CA GLN LB 51 -92.73 56.92 43.81
C GLN LB 51 -92.49 57.81 42.59
N GLU LB 52 -93.42 58.73 42.33
CA GLU LB 52 -93.24 59.68 41.24
C GLU LB 52 -92.03 60.58 41.47
N PHE LB 53 -91.87 61.09 42.70
CA PHE LB 53 -90.75 61.95 43.01
C PHE LB 53 -89.43 61.20 42.91
N LYS LB 54 -89.40 59.96 43.38
CA LYS LB 54 -88.17 59.18 43.35
C LYS LB 54 -87.72 58.92 41.93
N PHE LB 55 -88.66 58.60 41.04
CA PHE LB 55 -88.31 58.42 39.64
C PHE LB 55 -87.79 59.70 39.01
N ASN LB 56 -88.46 60.84 39.24
CA ASN LB 56 -88.02 62.08 38.64
C ASN LB 56 -86.71 62.60 39.22
N TRP LB 57 -86.46 62.36 40.51
CA TRP LB 57 -85.21 62.80 41.12
C TRP LB 57 -84.05 61.93 40.68
N GLN LB 58 -84.25 60.61 40.60
CA GLN LB 58 -83.18 59.74 40.15
C GLN LB 58 -82.90 59.86 38.66
N GLN LB 59 -83.82 60.43 37.87
CA GLN LB 59 -83.49 60.67 36.47
C GLN LB 59 -82.36 61.69 36.28
N GLN LB 60 -82.13 62.57 37.26
CA GLN LB 60 -81.15 63.63 37.10
C GLN LB 60 -79.73 63.10 37.04
N PHE LB 61 -79.45 61.98 37.70
CA PHE LB 61 -78.09 61.48 37.88
C PHE LB 61 -77.81 60.23 37.05
N ARG LB 62 -78.40 60.12 35.87
CA ARG LB 62 -78.29 58.90 35.08
C ARG LB 62 -77.95 59.25 33.64
N ARG LB 63 -77.35 58.28 32.94
CA ARG LB 63 -76.80 58.53 31.62
C ARG LB 63 -77.89 58.73 30.58
N ARG LB 64 -77.76 59.79 29.78
CA ARG LB 64 -78.76 60.18 28.80
C ARG LB 64 -78.28 59.79 27.40
N TYR LB 65 -78.97 58.85 26.78
CA TYR LB 65 -78.53 58.30 25.49
C TYR LB 65 -78.64 59.34 24.38
N PRO LB 66 -77.74 59.29 23.40
CA PRO LB 66 -77.74 60.32 22.35
C PRO LB 66 -78.90 60.21 21.39
N ASP LB 67 -79.17 61.35 20.74
CA ASP LB 67 -80.30 61.44 19.82
C ASP LB 67 -80.04 60.65 18.55
N GLU LB 68 -78.78 60.44 18.17
CA GLU LB 68 -78.49 59.55 17.06
C GLU LB 68 -78.84 58.11 17.41
N PHE LB 69 -78.70 57.72 18.69
CA PHE LB 69 -79.11 56.39 19.11
C PHE LB 69 -80.62 56.27 19.14
N LEU LB 70 -81.32 57.34 19.54
CA LEU LB 70 -82.78 57.27 19.51
C LEU LB 70 -83.34 57.46 18.10
N ASP LB 71 -82.54 57.93 17.16
CA ASP LB 71 -83.01 58.09 15.79
C ASP LB 71 -83.08 56.78 15.03
N ILE LB 72 -82.52 55.70 15.58
CA ILE LB 72 -82.78 54.38 15.02
C ILE LB 72 -84.25 54.03 15.14
N ALA LB 73 -84.86 54.35 16.27
CA ALA LB 73 -86.30 54.15 16.44
C ALA LB 73 -87.10 55.29 15.86
N LYS LB 74 -86.52 56.50 15.76
CA LYS LB 74 -87.25 57.59 15.11
C LYS LB 74 -87.31 57.40 13.60
N ASN LB 75 -86.34 56.71 13.01
CA ASN LB 75 -86.44 56.35 11.60
C ASN LB 75 -87.49 55.27 11.38
N ARG LB 76 -87.79 54.50 12.41
CA ARG LB 76 -88.90 53.55 12.38
C ARG LB 76 -90.15 54.20 12.97
N ALA LB 77 -90.55 55.31 12.37
CA ALA LB 77 -91.80 55.99 12.68
C ALA LB 77 -92.72 55.86 11.48
N LYS LB 78 -93.92 55.34 11.70
CA LYS LB 78 -94.79 54.89 10.62
C LYS LB 78 -96.24 55.02 11.02
N GLY LB 79 -97.11 55.03 10.02
CA GLY LB 79 -98.54 55.04 10.24
C GLY LB 79 -99.22 53.81 9.67
N GLU LB 80 -99.72 52.95 10.55
CA GLU LB 80 -100.37 51.72 10.14
C GLU LB 80 -101.86 51.98 9.91
N TYR LB 81 -102.64 50.91 9.81
CA TYR LB 81 -104.07 51.03 10.09
C TYR LB 81 -104.19 51.34 11.57
N GLN LB 82 -104.37 52.62 11.91
CA GLN LB 82 -104.30 53.02 13.31
C GLN LB 82 -105.49 52.49 14.09
N MET LB 83 -105.20 51.81 15.19
CA MET LB 83 -106.22 51.33 16.12
C MET LB 83 -105.88 51.86 17.49
N ASP LB 84 -106.75 52.72 18.03
CA ASP LB 84 -106.49 53.31 19.33
C ASP LB 84 -107.02 52.43 20.44
N TYR LB 85 -106.23 52.30 21.51
CA TYR LB 85 -106.58 51.46 22.64
C TYR LB 85 -107.27 52.30 23.70
N VAL LB 86 -108.47 51.88 24.08
CA VAL LB 86 -109.23 52.51 25.15
C VAL LB 86 -109.40 51.47 26.26
N PRO LB 87 -109.02 51.77 27.48
CA PRO LB 87 -109.08 50.75 28.53
C PRO LB 87 -110.47 50.67 29.14
N ALA LB 88 -110.79 49.47 29.64
CA ALA LB 88 -112.06 49.24 30.29
C ALA LB 88 -112.16 50.02 31.60
N PRO LB 89 -113.32 50.56 31.95
CA PRO LB 89 -113.43 51.34 33.18
C PRO LB 89 -113.42 50.45 34.41
N ARG LB 90 -112.83 50.99 35.49
CA ARG LB 90 -112.81 50.26 36.75
C ARG LB 90 -114.17 50.23 37.42
N ILE LB 91 -115.09 51.10 37.03
CA ILE LB 91 -116.45 51.13 37.56
C ILE LB 91 -117.36 50.49 36.54
N THR LB 92 -118.10 49.47 36.98
CA THR LB 92 -118.91 48.63 36.10
C THR LB 92 -120.37 49.02 36.22
N GLU LB 93 -121.14 48.75 35.16
CA GLU LB 93 -122.59 48.93 35.18
C GLU LB 93 -123.25 48.12 36.27
N ALA LB 94 -122.72 46.94 36.59
CA ALA LB 94 -123.23 46.19 37.74
C ALA LB 94 -123.01 46.93 39.05
N ASP LB 95 -121.85 47.57 39.20
CA ASP LB 95 -121.60 48.40 40.38
C ASP LB 95 -122.56 49.58 40.44
N LYS LB 96 -122.78 50.26 39.33
CA LYS LB 96 -123.61 51.45 39.38
C LYS LB 96 -125.10 51.14 39.38
N ASN LB 97 -125.49 49.90 39.09
CA ASN LB 97 -126.88 49.49 39.20
C ASN LB 97 -127.14 48.57 40.38
N ASN LB 98 -126.12 48.30 41.22
CA ASN LB 98 -126.22 47.47 42.42
C ASN LB 98 -126.68 46.06 42.10
N ASP LB 99 -126.29 45.56 40.93
CA ASP LB 99 -126.70 44.23 40.48
C ASP LB 99 -125.89 43.19 41.23
N ARG LB 100 -126.54 42.44 42.11
CA ARG LB 100 -125.90 41.31 42.76
C ARG LB 100 -125.95 40.11 41.83
N LYS LB 101 -125.46 38.97 42.33
CA LYS LB 101 -125.31 37.72 41.56
C LYS LB 101 -124.44 37.91 40.32
N SER LB 102 -123.49 38.84 40.37
CA SER LB 102 -122.64 39.15 39.24
C SER LB 102 -121.19 39.13 39.65
N LEU LB 103 -120.35 38.51 38.82
CA LEU LB 103 -118.91 38.50 39.03
C LEU LB 103 -118.21 39.62 38.29
N TYR LB 104 -118.94 40.70 37.99
CA TYR LB 104 -118.37 41.85 37.31
C TYR LB 104 -118.44 43.12 38.14
N ARG LB 105 -119.06 43.09 39.30
CA ARG LB 105 -119.11 44.23 40.20
C ARG LB 105 -118.06 44.10 41.28
N ALA LB 106 -117.71 45.24 41.88
CA ALA LB 106 -116.73 45.35 42.97
C ALA LB 106 -115.39 44.74 42.55
N LEU LB 107 -114.78 45.39 41.56
CA LEU LB 107 -113.57 44.84 40.94
C LEU LB 107 -112.37 44.88 41.88
N ASP LB 108 -112.23 45.91 42.69
CA ASP LB 108 -111.06 46.06 43.54
C ASP LB 108 -111.17 45.37 44.88
N LYS LB 109 -112.29 44.68 45.15
CA LYS LB 109 -112.46 43.91 46.37
C LYS LB 109 -112.68 42.45 46.00
N LYS LB 110 -112.84 41.61 47.03
CA LYS LB 110 -113.10 40.19 46.84
C LYS LB 110 -114.58 39.89 47.01
N LEU LB 111 -115.05 38.85 46.33
CA LEU LB 111 -116.46 38.46 46.40
C LEU LB 111 -116.57 37.04 46.94
N TYR LB 112 -117.64 36.77 47.67
CA TYR LB 112 -117.85 35.51 48.36
C TYR LB 112 -119.24 35.02 48.08
N LEU LB 113 -119.39 33.70 47.97
CA LEU LB 113 -120.65 33.09 47.54
C LEU LB 113 -121.49 32.68 48.75
N LEU LB 114 -122.72 33.20 48.81
CA LEU LB 114 -123.65 32.88 49.88
C LEU LB 114 -124.97 32.41 49.28
N ILE LB 115 -125.48 31.31 49.78
CA ILE LB 115 -126.71 30.71 49.29
C ILE LB 115 -127.80 30.88 50.34
N PHE LB 116 -129.02 30.52 49.96
CA PHE LB 116 -130.21 30.79 50.74
C PHE LB 116 -131.05 29.51 50.83
N GLY LB 117 -131.26 29.02 52.04
CA GLY LB 117 -131.94 27.76 52.21
C GLY LB 117 -131.82 27.27 53.64
N LYS LB 118 -131.94 25.95 53.80
CA LYS LB 118 -131.92 25.35 55.13
C LYS LB 118 -130.53 24.84 55.45
N PRO LB 119 -129.86 25.37 56.46
CA PRO LB 119 -128.59 24.80 56.92
C PRO LB 119 -128.83 23.61 57.84
N PHE LB 120 -127.75 23.07 58.38
CA PHE LB 120 -127.87 21.95 59.30
C PHE LB 120 -128.47 22.37 60.63
N GLY LB 121 -128.33 23.64 61.00
CA GLY LB 121 -128.96 24.14 62.20
C GLY LB 121 -130.48 24.16 62.05
N ALA LB 122 -131.18 23.66 63.06
CA ALA LB 122 -132.63 23.49 62.99
C ALA LB 122 -133.33 24.40 63.98
N THR LB 123 -132.92 25.68 64.02
CA THR LB 123 -133.63 26.67 64.83
C THR LB 123 -135.05 26.87 64.32
N SER LB 124 -135.24 26.87 63.01
CA SER LB 124 -136.56 26.99 62.42
C SER LB 124 -136.53 26.38 61.02
N ASP LB 125 -137.70 26.31 60.39
CA ASP LB 125 -137.82 25.88 59.01
C ASP LB 125 -137.44 26.97 58.02
N LYS LB 126 -137.46 28.22 58.46
CA LYS LB 126 -137.32 29.36 57.56
C LYS LB 126 -135.93 29.40 56.94
N PRO LB 127 -135.82 29.89 55.70
CA PRO LB 127 -134.51 29.97 55.05
C PRO LB 127 -133.63 31.04 55.67
N VAL LB 128 -132.32 30.85 55.55
CA VAL LB 128 -131.35 31.78 56.11
C VAL LB 128 -130.06 31.66 55.30
N TRP LB 129 -129.33 32.77 55.22
CA TRP LB 129 -128.10 32.81 54.44
C TRP LB 129 -127.01 31.96 55.11
N HIS LB 130 -126.30 31.18 54.31
CA HIS LB 130 -125.28 30.26 54.82
C HIS LB 130 -124.35 29.88 53.66
N PHE LB 131 -123.25 29.24 54.00
CA PHE LB 131 -122.30 28.72 53.03
C PHE LB 131 -122.66 27.29 52.65
N PRO LB 132 -122.26 26.84 51.46
CA PRO LB 132 -122.49 25.43 51.09
C PRO LB 132 -121.73 24.48 52.01
N GLU LB 133 -122.36 23.35 52.32
CA GLU LB 133 -121.87 22.48 53.38
C GLU LB 133 -122.43 21.08 53.20
N LYS LB 134 -121.88 20.15 53.99
CA LYS LB 134 -122.35 18.76 54.01
C LYS LB 134 -121.92 18.10 55.32
N VAL LB 135 -122.81 17.29 55.89
CA VAL LB 135 -122.49 16.50 57.08
C VAL LB 135 -121.64 15.30 56.67
N TYR LB 136 -120.57 15.06 57.42
CA TYR LB 136 -119.63 13.99 57.09
C TYR LB 136 -120.18 12.64 57.52
N ASP LB 137 -120.15 11.67 56.61
CA ASP LB 137 -120.63 10.33 56.93
C ASP LB 137 -119.55 9.26 56.82
N SER LB 138 -118.90 9.10 55.65
CA SER LB 138 -118.03 7.95 55.44
C SER LB 138 -116.78 8.27 54.63
N GLU LB 139 -116.48 9.53 54.36
CA GLU LB 139 -115.37 9.90 53.49
C GLU LB 139 -114.02 9.70 54.20
N PRO LB 140 -112.93 9.58 53.44
CA PRO LB 140 -111.61 9.63 54.09
C PRO LB 140 -111.27 11.02 54.61
N THR LB 141 -111.68 12.07 53.88
CA THR LB 141 -111.30 13.43 54.22
C THR LB 141 -112.52 14.35 54.17
N LEU LB 142 -112.50 15.37 55.06
CA LEU LB 142 -113.43 16.49 54.89
C LEU LB 142 -113.14 17.27 53.64
N ARG LB 143 -111.91 17.18 53.13
CA ARG LB 143 -111.65 17.60 51.77
C ARG LB 143 -112.66 17.00 50.82
N LYS LB 144 -112.67 15.66 50.73
CA LYS LB 144 -113.58 14.93 49.84
C LYS LB 144 -115.04 15.21 50.17
N CYS LB 145 -115.35 15.44 51.44
CA CYS LB 145 -116.69 15.91 51.78
C CYS LB 145 -116.98 17.28 51.17
N ALA LB 146 -116.00 18.18 51.16
CA ALA LB 146 -116.24 19.56 50.75
C ALA LB 146 -116.36 19.69 49.23
N GLU LB 147 -115.60 18.87 48.48
CA GLU LB 147 -115.79 18.92 47.03
C GLU LB 147 -117.17 18.42 46.64
N SER LB 148 -117.68 17.40 47.32
CA SER LB 148 -119.05 16.96 47.08
C SER LB 148 -120.06 18.01 47.51
N ALA LB 149 -119.78 18.72 48.62
CA ALA LB 149 -120.67 19.78 49.07
C ALA LB 149 -120.75 20.91 48.06
N LEU LB 150 -119.62 21.27 47.45
CA LEU LB 150 -119.65 22.29 46.40
C LEU LB 150 -120.22 21.74 45.09
N LYS LB 151 -120.06 20.43 44.84
CA LYS LB 151 -120.63 19.81 43.65
C LYS LB 151 -122.14 19.85 43.67
N SER LB 152 -122.73 19.56 44.83
CA SER LB 152 -124.17 19.59 44.99
C SER LB 152 -124.77 20.97 44.81
N VAL LB 153 -123.96 22.03 44.82
CA VAL LB 153 -124.42 23.39 44.64
C VAL LB 153 -124.19 23.87 43.21
N VAL LB 154 -122.93 23.85 42.76
CA VAL LB 154 -122.63 24.44 41.45
C VAL LB 154 -122.59 23.40 40.33
N GLY LB 155 -123.05 22.20 40.58
CA GLY LB 155 -123.12 21.21 39.51
C GLY LB 155 -121.84 20.49 39.18
N ASP LB 156 -120.77 21.23 38.93
CA ASP LB 156 -119.55 20.59 38.47
C ASP LB 156 -118.35 21.38 38.98
N LEU LB 157 -117.18 20.74 38.92
CA LEU LB 157 -115.95 21.19 39.59
C LEU LB 157 -114.83 21.43 38.59
N THR LB 158 -115.12 22.12 37.48
CA THR LB 158 -114.10 22.39 36.48
C THR LB 158 -113.42 23.74 36.62
N HIS LB 159 -114.12 24.75 37.10
CA HIS LB 159 -113.58 26.11 37.14
C HIS LB 159 -113.27 26.54 38.56
N THR LB 160 -112.91 25.57 39.41
CA THR LB 160 -112.67 25.81 40.82
C THR LB 160 -111.27 25.33 41.20
N TYR LB 161 -110.75 25.89 42.29
CA TYR LB 161 -109.47 25.45 42.83
C TYR LB 161 -109.58 25.42 44.35
N PHE LB 162 -109.53 24.22 44.92
CA PHE LB 162 -109.51 24.06 46.37
C PHE LB 162 -108.09 24.19 46.90
N VAL LB 163 -107.92 24.96 47.98
CA VAL LB 163 -106.60 25.14 48.56
C VAL LB 163 -106.54 24.47 49.92
N GLY LB 164 -105.44 23.77 50.15
CA GLY LB 164 -105.17 23.16 51.44
C GLY LB 164 -105.93 21.88 51.71
N ASN LB 165 -105.27 20.93 52.34
CA ASN LB 165 -105.92 19.72 52.84
C ASN LB 165 -106.40 19.89 54.28
N ALA LB 166 -106.17 21.06 54.87
CA ALA LB 166 -106.50 21.37 56.25
C ALA LB 166 -107.53 22.50 56.30
N PRO LB 167 -108.45 22.46 57.26
CA PRO LB 167 -109.46 23.52 57.34
C PRO LB 167 -108.85 24.82 57.83
N MET LB 168 -109.33 25.93 57.26
CA MET LB 168 -108.81 27.23 57.66
C MET LB 168 -109.38 27.73 58.98
N ALA LB 169 -110.54 27.23 59.38
CA ALA LB 169 -111.15 27.62 60.65
C ALA LB 169 -112.17 26.56 61.04
N HIS LB 170 -112.55 26.60 62.32
CA HIS LB 170 -113.55 25.68 62.85
C HIS LB 170 -114.43 26.43 63.83
N MET LB 171 -115.66 25.92 63.99
CA MET LB 171 -116.61 26.48 64.94
C MET LB 171 -117.35 25.34 65.61
N ALA LB 172 -117.17 25.19 66.91
CA ALA LB 172 -117.86 24.16 67.67
C ALA LB 172 -119.13 24.74 68.25
N ILE LB 173 -120.27 24.13 67.92
CA ILE LB 173 -121.57 24.55 68.41
C ILE LB 173 -122.02 23.58 69.49
N GLN LB 174 -122.30 24.13 70.67
CA GLN LB 174 -122.78 23.49 71.87
C GLN LB 174 -124.17 24.01 72.22
N PRO LB 175 -125.00 23.22 72.90
CA PRO LB 175 -126.28 23.75 73.37
C PRO LB 175 -126.07 24.82 74.44
N THR LB 176 -127.02 25.74 74.50
CA THR LB 176 -127.03 26.75 75.55
C THR LB 176 -128.39 26.75 76.24
N GLU LB 177 -128.60 27.70 77.16
CA GLU LB 177 -129.80 27.69 77.99
C GLU LB 177 -131.07 28.00 77.20
N GLU LB 178 -130.98 28.72 76.08
CA GLU LB 178 -132.15 28.97 75.26
C GLU LB 178 -132.44 27.85 74.27
N MET LB 179 -131.48 26.97 74.02
CA MET LB 179 -131.67 25.93 73.03
C MET LB 179 -130.99 24.63 73.48
N PRO LB 180 -131.70 23.72 74.12
CA PRO LB 180 -131.14 22.41 74.50
C PRO LB 180 -131.44 21.26 73.54
N ASP LB 181 -131.96 21.53 72.34
CA ASP LB 181 -132.45 20.46 71.47
C ASP LB 181 -131.43 19.97 70.45
N LEU LB 182 -130.67 20.86 69.81
CA LEU LB 182 -129.74 20.43 68.78
C LEU LB 182 -128.54 19.73 69.40
N PRO LB 183 -128.05 18.65 68.78
CA PRO LB 183 -126.83 18.00 69.27
C PRO LB 183 -125.60 18.85 69.02
N SER LB 184 -124.58 18.60 69.85
CA SER LB 184 -123.31 19.29 69.71
C SER LB 184 -122.61 18.86 68.42
N TYR LB 185 -122.11 19.83 67.66
CA TYR LB 185 -121.49 19.51 66.38
C TYR LB 185 -120.48 20.58 66.02
N LYS LB 186 -119.53 20.21 65.16
CA LYS LB 186 -118.48 21.12 64.70
C LYS LB 186 -118.71 21.45 63.24
N ARG LB 187 -118.22 22.63 62.82
CA ARG LB 187 -118.27 23.07 61.43
C ARG LB 187 -116.87 23.49 61.01
N PHE LB 188 -116.36 22.90 59.93
CA PHE LB 188 -115.00 23.17 59.48
C PHE LB 188 -115.05 23.84 58.12
N PHE LB 189 -114.36 24.98 58.01
CA PHE LB 189 -114.37 25.77 56.79
C PHE LB 189 -113.16 25.41 55.92
N PHE LB 190 -113.41 25.18 54.64
CA PHE LB 190 -112.36 24.99 53.65
C PHE LB 190 -112.46 26.13 52.64
N LYS LB 191 -111.45 26.27 51.78
CA LYS LB 191 -111.33 27.44 50.93
C LYS LB 191 -111.21 27.05 49.46
N CYS LB 192 -112.00 27.69 48.61
CA CYS LB 192 -111.99 27.40 47.18
C CYS LB 192 -112.11 28.71 46.40
N SER LB 193 -111.51 28.72 45.21
CA SER LB 193 -111.37 29.93 44.43
C SER LB 193 -111.89 29.74 43.01
N VAL LB 194 -112.51 30.79 42.48
CA VAL LB 194 -112.90 30.85 41.07
C VAL LB 194 -111.66 30.89 40.21
N VAL LB 195 -111.59 30.03 39.20
CA VAL LB 195 -110.41 30.02 38.33
C VAL LB 195 -110.60 30.99 37.19
N ALA LB 196 -111.57 30.73 36.31
CA ALA LB 196 -111.75 31.57 35.13
C ALA LB 196 -113.20 31.89 34.81
N ALA LB 197 -114.18 31.21 35.39
CA ALA LB 197 -115.56 31.40 35.01
C ALA LB 197 -116.10 32.71 35.56
N SER LB 198 -117.02 33.31 34.81
CA SER LB 198 -117.75 34.50 35.27
C SER LB 198 -119.24 34.23 35.43
N LYS LB 199 -119.66 32.97 35.34
CA LYS LB 199 -121.06 32.60 35.51
C LYS LB 199 -121.13 31.16 35.98
N TYR LB 200 -122.09 30.87 36.85
CA TYR LB 200 -122.23 29.54 37.43
C TYR LB 200 -123.70 29.13 37.47
N ASP LB 201 -123.94 27.83 37.42
CA ASP LB 201 -125.28 27.27 37.51
C ASP LB 201 -125.49 26.78 38.94
N ILE LB 202 -126.10 27.61 39.78
CA ILE LB 202 -126.24 27.34 41.20
C ILE LB 202 -127.61 26.73 41.44
N SER LB 203 -127.62 25.54 42.02
CA SER LB 203 -128.83 24.79 42.31
C SER LB 203 -128.80 24.33 43.76
N ASN LB 204 -129.81 23.53 44.13
CA ASN LB 204 -130.02 23.04 45.49
C ASN LB 204 -130.08 24.19 46.49
N CYS LB 205 -130.72 25.28 46.09
CA CYS LB 205 -130.90 26.44 46.95
C CYS LB 205 -132.03 27.28 46.38
N GLU LB 206 -132.60 28.11 47.24
CA GLU LB 206 -133.59 29.06 46.77
C GLU LB 206 -132.95 30.25 46.05
N ASP LB 207 -131.81 30.72 46.56
CA ASP LB 207 -131.26 31.99 46.13
C ASP LB 207 -129.76 32.00 46.41
N PHE LB 208 -129.06 32.92 45.76
CA PHE LB 208 -127.61 33.05 45.92
C PHE LB 208 -127.22 34.52 45.72
N VAL LB 209 -125.97 34.82 46.06
CA VAL LB 209 -125.50 36.21 46.01
C VAL LB 209 -123.96 36.18 45.97
N TRP LB 210 -123.36 37.28 45.48
CA TRP LB 210 -121.92 37.52 45.50
C TRP LB 210 -121.67 38.78 46.33
N VAL LB 211 -121.19 38.63 47.57
CA VAL LB 211 -121.03 39.78 48.45
C VAL LB 211 -119.63 39.88 49.00
N THR LB 212 -119.27 41.09 49.43
CA THR LB 212 -117.94 41.39 49.90
C THR LB 212 -117.80 41.01 51.38
N LYS LB 213 -116.66 41.38 51.98
CA LYS LB 213 -116.45 41.14 53.39
C LYS LB 213 -117.37 42.01 54.25
N ASP LB 214 -117.50 43.29 53.89
CA ASP LB 214 -118.34 44.18 54.66
C ASP LB 214 -119.83 43.86 54.49
N GLU LB 215 -120.23 43.50 53.27
CA GLU LB 215 -121.60 43.07 53.06
C GLU LB 215 -121.88 41.73 53.74
N LEU LB 216 -120.89 40.85 53.80
CA LEU LB 216 -121.04 39.61 54.56
C LEU LB 216 -121.21 39.89 56.04
N LEU LB 217 -120.46 40.86 56.58
CA LEU LB 217 -120.65 41.23 57.97
C LEU LB 217 -122.01 41.88 58.21
N GLU LB 218 -122.51 42.64 57.24
CA GLU LB 218 -123.85 43.20 57.36
C GLU LB 218 -124.93 42.12 57.32
N PHE LB 219 -124.73 41.08 56.51
CA PHE LB 219 -125.69 39.97 56.49
C PHE LB 219 -125.58 39.11 57.72
N PHE LB 220 -124.42 39.07 58.37
CA PHE LB 220 -124.20 38.23 59.56
C PHE LB 220 -123.87 39.10 60.75
N PRO LB 221 -124.86 39.55 61.51
CA PRO LB 221 -124.55 40.31 62.73
C PRO LB 221 -124.01 39.43 63.85
N GLU LB 222 -124.36 38.16 63.87
CA GLU LB 222 -124.06 37.31 65.01
C GLU LB 222 -122.72 36.61 64.91
N GLN LB 223 -122.15 36.48 63.70
CA GLN LB 223 -120.86 35.82 63.51
C GLN LB 223 -119.81 36.79 63.02
N ALA LB 224 -120.02 38.09 63.24
CA ALA LB 224 -119.10 39.10 62.74
C ALA LB 224 -117.73 38.98 63.39
N GLU LB 225 -117.69 38.68 64.69
CA GLU LB 225 -116.43 38.57 65.40
C GLU LB 225 -115.59 37.42 64.87
N PHE LB 226 -116.23 36.30 64.56
CA PHE LB 226 -115.52 35.14 64.02
C PHE LB 226 -115.09 35.35 62.58
N PHE LB 227 -115.98 35.88 61.74
CA PHE LB 227 -115.65 36.05 60.34
C PHE LB 227 -114.71 37.22 60.06
N ASN LB 228 -114.60 38.18 61.00
CA ASN LB 228 -113.62 39.25 60.86
C ASN LB 228 -112.21 38.71 60.94
N LYS LB 229 -111.96 37.78 61.86
CA LYS LB 229 -110.67 37.13 61.94
C LYS LB 229 -110.49 36.09 60.85
N MET LB 230 -111.57 35.42 60.43
CA MET LB 230 -111.42 34.35 59.45
C MET LB 230 -111.20 34.87 58.02
N ILE LB 231 -111.81 35.99 57.65
CA ILE LB 231 -111.63 36.57 56.33
C ILE LB 231 -110.66 37.74 56.44
N ILE LB 232 -109.57 37.70 55.66
CA ILE LB 232 -108.57 38.77 55.65
C ILE LB 232 -108.97 39.80 54.62
N SER LB 233 -109.08 41.06 55.04
CA SER LB 233 -109.45 42.15 54.16
C SER LB 233 -108.27 42.67 53.36
N MET MB 1 -42.44 -69.01 70.02
CA MET MB 1 -42.31 -69.40 71.42
C MET MB 1 -42.46 -70.91 71.62
N LEU MB 2 -43.21 -71.56 70.74
CA LEU MB 2 -43.45 -73.00 70.86
C LEU MB 2 -42.53 -73.71 69.87
N LYS MB 3 -41.28 -73.89 70.30
CA LYS MB 3 -40.36 -74.77 69.61
C LYS MB 3 -39.83 -75.89 70.50
N PHE MB 4 -39.82 -75.70 71.82
CA PHE MB 4 -39.03 -76.56 72.69
C PHE MB 4 -39.87 -77.46 73.59
N LEU MB 5 -41.19 -77.38 73.53
CA LEU MB 5 -42.05 -78.14 74.41
C LEU MB 5 -42.69 -79.32 73.67
N SER MB 6 -42.97 -80.37 74.42
CA SER MB 6 -43.63 -81.57 73.91
C SER MB 6 -45.05 -81.72 74.42
N LYS MB 7 -45.24 -81.67 75.74
CA LYS MB 7 -46.58 -81.66 76.33
C LYS MB 7 -46.65 -80.56 77.38
N VAL MB 8 -47.77 -79.85 77.38
CA VAL MB 8 -48.09 -78.90 78.44
C VAL MB 8 -49.39 -79.33 79.09
N LYS MB 9 -49.45 -79.29 80.42
CA LYS MB 9 -50.65 -79.60 81.18
C LYS MB 9 -50.97 -78.39 82.04
N ILE MB 10 -52.12 -77.78 81.76
CA ILE MB 10 -52.67 -76.68 82.54
C ILE MB 10 -53.85 -77.19 83.37
N GLU MB 11 -53.84 -76.86 84.66
CA GLU MB 11 -54.91 -77.28 85.55
C GLU MB 11 -55.27 -76.11 86.45
N PHE MB 12 -56.57 -75.85 86.61
CA PHE MB 12 -57.00 -74.73 87.46
C PHE MB 12 -58.47 -74.90 87.84
N ASN MB 13 -58.88 -74.08 88.80
CA ASN MB 13 -60.27 -74.00 89.26
C ASN MB 13 -60.92 -72.75 88.67
N THR MB 14 -62.11 -72.92 88.09
CA THR MB 14 -62.73 -71.87 87.31
C THR MB 14 -63.43 -70.83 88.19
N LEU MB 15 -63.86 -71.19 89.39
CA LEU MB 15 -64.53 -70.26 90.28
C LEU MB 15 -63.61 -69.70 91.35
N ASP MB 16 -62.26 -69.86 91.19
CA ASP MB 16 -61.28 -69.35 92.15
C ASP MB 16 -60.50 -68.20 91.52
N PRO MB 17 -60.36 -67.06 92.21
CA PRO MB 17 -60.02 -65.81 91.52
C PRO MB 17 -58.57 -65.64 91.10
N ARG MB 18 -57.73 -66.67 91.20
CA ARG MB 18 -56.31 -66.53 90.89
C ARG MB 18 -55.94 -67.12 89.53
N LEU MB 19 -56.92 -67.31 88.65
CA LEU MB 19 -56.72 -67.95 87.36
C LEU MB 19 -56.22 -67.00 86.28
N ALA MB 20 -55.91 -65.75 86.62
CA ALA MB 20 -55.55 -64.77 85.60
C ALA MB 20 -54.25 -65.15 84.89
N SER MB 21 -53.23 -65.56 85.65
CA SER MB 21 -51.96 -65.95 85.05
C SER MB 21 -52.10 -67.22 84.21
N CYS MB 22 -52.89 -68.19 84.66
CA CYS MB 22 -53.01 -69.43 83.93
C CYS MB 22 -53.82 -69.26 82.64
N VAL MB 23 -54.89 -68.47 82.67
CA VAL MB 23 -55.58 -68.23 81.40
C VAL MB 23 -54.80 -67.29 80.50
N GLU MB 24 -53.90 -66.46 81.05
CA GLU MB 24 -53.03 -65.67 80.19
C GLU MB 24 -51.98 -66.55 79.53
N PHE MB 25 -51.50 -67.59 80.24
CA PHE MB 25 -50.61 -68.55 79.59
C PHE MB 25 -51.37 -69.40 78.58
N LEU MB 26 -52.66 -69.65 78.82
CA LEU MB 26 -53.49 -70.27 77.79
C LEU MB 26 -53.55 -69.41 76.54
N ALA MB 27 -53.71 -68.10 76.71
CA ALA MB 27 -53.69 -67.17 75.58
C ALA MB 27 -52.34 -67.18 74.88
N GLN MB 28 -51.25 -67.24 75.65
CA GLN MB 28 -49.92 -67.27 75.05
C GLN MB 28 -49.67 -68.55 74.28
N CYS MB 29 -50.14 -69.69 74.77
CA CYS MB 29 -49.82 -70.99 74.20
C CYS MB 29 -50.83 -71.48 73.17
N ASN MB 30 -52.00 -70.83 73.04
CA ASN MB 30 -52.97 -71.24 72.04
C ASN MB 30 -53.13 -70.20 70.93
N ALA MB 31 -52.05 -69.49 70.60
CA ALA MB 31 -52.10 -68.48 69.54
C ALA MB 31 -51.97 -69.14 68.16
N ARG MB 32 -52.15 -68.32 67.12
CA ARG MB 32 -51.95 -68.82 65.75
C ARG MB 32 -50.46 -68.90 65.42
N LYS MB 33 -49.65 -68.01 65.98
CA LYS MB 33 -48.21 -68.07 65.79
C LYS MB 33 -47.55 -69.17 66.61
N ALA MB 34 -48.29 -69.83 67.51
CA ALA MB 34 -47.70 -70.87 68.35
C ALA MB 34 -47.85 -72.25 67.75
N LYS MB 35 -49.09 -72.67 67.44
CA LYS MB 35 -49.35 -74.05 67.04
C LYS MB 35 -48.78 -74.40 65.68
N GLU MB 36 -48.55 -73.43 64.80
CA GLU MB 36 -47.88 -73.72 63.55
C GLU MB 36 -46.39 -74.01 63.76
N SER MB 37 -45.80 -73.52 64.85
CA SER MB 37 -44.38 -73.70 65.10
C SER MB 37 -44.05 -75.09 65.63
N ASN MB 38 -44.97 -75.73 66.34
CA ASN MB 38 -44.85 -77.16 66.67
C ASN MB 38 -46.19 -77.82 66.48
N PRO MB 39 -46.42 -78.44 65.32
CA PRO MB 39 -47.66 -79.20 65.12
C PRO MB 39 -47.76 -80.45 66.00
N ASN MB 40 -46.63 -81.03 66.39
CA ASN MB 40 -46.66 -82.25 67.19
C ASN MB 40 -46.85 -81.98 68.68
N CYS MB 41 -46.68 -80.74 69.12
CA CYS MB 41 -46.75 -80.43 70.55
C CYS MB 41 -48.20 -80.51 71.05
N GLN MB 42 -48.37 -81.06 72.25
CA GLN MB 42 -49.69 -81.33 72.80
C GLN MB 42 -50.00 -80.37 73.94
N VAL MB 43 -51.27 -79.95 73.97
CA VAL MB 43 -51.81 -79.16 75.06
C VAL MB 43 -52.83 -80.00 75.82
N LEU MB 44 -52.92 -79.76 77.13
CA LEU MB 44 -53.82 -80.53 77.98
C LEU MB 44 -54.47 -79.57 78.95
N VAL MB 45 -55.77 -79.29 78.76
CA VAL MB 45 -56.54 -78.45 79.65
C VAL MB 45 -57.35 -79.34 80.58
N LYS MB 46 -57.25 -79.09 81.89
CA LYS MB 46 -58.12 -79.79 82.84
C LYS MB 46 -58.75 -78.77 83.78
N ARG MB 47 -60.04 -78.95 84.02
CA ARG MB 47 -60.81 -78.11 84.93
C ARG MB 47 -61.40 -78.96 86.03
N ARG MB 48 -61.50 -78.39 87.23
CA ARG MB 48 -62.05 -79.11 88.37
C ARG MB 48 -62.73 -78.11 89.29
N THR MB 49 -63.71 -78.60 90.05
CA THR MB 49 -64.45 -77.78 91.00
C THR MB 49 -63.75 -77.71 92.35
N ASP MB 50 -62.97 -78.72 92.71
CA ASP MB 50 -62.33 -78.80 94.01
C ASP MB 50 -61.16 -77.81 94.08
N ASP MB 51 -60.43 -77.83 95.19
CA ASP MB 51 -59.49 -76.76 95.54
C ASP MB 51 -58.04 -77.19 95.28
N GLN MB 52 -57.80 -77.94 94.21
CA GLN MB 52 -56.40 -78.08 93.82
C GLN MB 52 -55.95 -76.78 93.16
N PRO MB 53 -54.81 -76.21 93.60
CA PRO MB 53 -54.42 -74.89 93.12
C PRO MB 53 -54.03 -74.92 91.65
N PRO MB 54 -54.13 -73.79 90.95
CA PRO MB 54 -53.79 -73.77 89.51
C PRO MB 54 -52.29 -74.01 89.28
N GLN MB 55 -51.99 -74.98 88.43
CA GLN MB 55 -50.61 -75.34 88.13
C GLN MB 55 -50.38 -75.49 86.64
N ILE MB 56 -49.14 -75.15 86.24
CA ILE MB 56 -48.59 -75.40 84.92
C ILE MB 56 -47.51 -76.46 85.06
N SER MB 57 -47.72 -77.63 84.46
CA SER MB 57 -46.72 -78.69 84.46
C SER MB 57 -46.34 -78.97 83.01
N VAL MB 58 -45.07 -78.77 82.67
CA VAL MB 58 -44.61 -78.93 81.30
C VAL MB 58 -43.60 -80.06 81.24
N THR MB 59 -43.44 -80.59 80.03
CA THR MB 59 -42.30 -81.45 79.71
C THR MB 59 -41.62 -80.92 78.47
N PHE MB 60 -40.38 -81.35 78.28
CA PHE MB 60 -39.57 -80.93 77.16
C PHE MB 60 -39.32 -82.13 76.23
N VAL MB 61 -38.48 -81.92 75.22
CA VAL MB 61 -38.14 -83.00 74.30
C VAL MB 61 -37.31 -84.07 75.01
N ASN MB 62 -36.34 -83.65 75.82
CA ASN MB 62 -35.43 -84.60 76.47
C ASN MB 62 -35.88 -84.99 77.88
N GLY MB 63 -37.15 -85.39 78.01
CA GLY MB 63 -37.66 -86.05 79.20
C GLY MB 63 -37.61 -85.30 80.51
N VAL MB 64 -37.44 -83.99 80.46
CA VAL MB 64 -37.35 -83.19 81.68
C VAL MB 64 -38.70 -82.54 81.95
N GLU MB 65 -39.23 -82.78 83.15
CA GLU MB 65 -40.51 -82.24 83.58
C GLU MB 65 -40.26 -81.07 84.53
N GLU MB 66 -41.05 -80.01 84.37
CA GLU MB 66 -40.91 -78.82 85.21
C GLU MB 66 -42.31 -78.37 85.64
N ALA MB 67 -42.51 -78.22 86.95
CA ALA MB 67 -43.73 -77.65 87.49
C ALA MB 67 -43.48 -76.20 87.91
N PHE MB 68 -44.44 -75.33 87.62
CA PHE MB 68 -44.31 -73.91 87.94
C PHE MB 68 -45.48 -73.47 88.82
N ASP MB 69 -45.21 -72.46 89.63
CA ASP MB 69 -46.25 -71.88 90.47
C ASP MB 69 -47.07 -70.93 89.62
N ALA MB 70 -48.16 -71.45 89.05
CA ALA MB 70 -49.08 -70.63 88.27
C ALA MB 70 -50.00 -69.81 89.16
N ALA MB 71 -50.00 -70.04 90.48
CA ALA MB 71 -50.82 -69.24 91.38
C ALA MB 71 -50.22 -67.87 91.65
N ALA MB 72 -48.89 -67.79 91.79
CA ALA MB 72 -48.24 -66.56 92.24
C ALA MB 72 -47.24 -65.97 91.25
N THR MB 73 -46.87 -66.69 90.19
CA THR MB 73 -45.99 -66.16 89.16
C THR MB 73 -46.79 -65.95 87.88
N SER MB 74 -46.45 -64.89 87.15
CA SER MB 74 -47.23 -64.54 85.97
C SER MB 74 -46.85 -65.39 84.77
N ALA MB 75 -47.73 -65.38 83.78
CA ALA MB 75 -47.53 -66.18 82.57
C ALA MB 75 -46.31 -65.73 81.78
N GLN MB 76 -46.01 -64.43 81.79
CA GLN MB 76 -44.84 -63.94 81.08
C GLN MB 76 -43.54 -64.35 81.78
N SER MB 77 -43.53 -64.36 83.11
CA SER MB 77 -42.37 -64.88 83.82
C SER MB 77 -42.19 -66.37 83.58
N ILE MB 78 -43.31 -67.10 83.48
CA ILE MB 78 -43.25 -68.51 83.10
C ILE MB 78 -42.67 -68.67 81.69
N ARG MB 79 -43.10 -67.81 80.76
CA ARG MB 79 -42.60 -67.88 79.39
C ARG MB 79 -41.11 -67.54 79.30
N LYS MB 80 -40.64 -66.65 80.17
CA LYS MB 80 -39.22 -66.36 80.17
C LYS MB 80 -38.41 -67.52 80.74
N MET MB 81 -38.88 -68.12 81.85
CA MET MB 81 -38.07 -69.17 82.47
C MET MB 81 -38.11 -70.48 81.69
N ILE MB 82 -39.19 -70.77 80.94
CA ILE MB 82 -39.18 -71.96 80.10
C ILE MB 82 -38.14 -71.81 79.00
N LEU MB 83 -37.97 -70.62 78.44
CA LEU MB 83 -36.96 -70.44 77.41
C LEU MB 83 -35.56 -70.39 78.01
N ASP MB 84 -35.44 -69.88 79.23
CA ASP MB 84 -34.15 -69.87 79.92
C ASP MB 84 -33.65 -71.29 80.16
N LYS MB 85 -34.55 -72.21 80.53
CA LYS MB 85 -34.15 -73.61 80.62
C LYS MB 85 -34.02 -74.27 79.25
N GLY MB 86 -34.83 -73.85 78.28
CA GLY MB 86 -34.81 -74.48 76.98
C GLY MB 86 -33.53 -74.26 76.21
N GLN MB 87 -33.01 -73.03 76.23
CA GLN MB 87 -31.76 -72.75 75.53
C GLN MB 87 -30.59 -73.47 76.16
N TYR MB 88 -30.60 -73.65 77.49
CA TYR MB 88 -29.59 -74.47 78.15
C TYR MB 88 -29.69 -75.92 77.70
N LEU MB 89 -30.92 -76.45 77.57
CA LEU MB 89 -31.11 -77.81 77.08
C LEU MB 89 -30.62 -77.95 75.64
N GLU MB 90 -30.90 -76.95 74.80
CA GLU MB 90 -30.44 -76.98 73.41
C GLU MB 90 -28.93 -76.94 73.32
N THR MB 91 -28.28 -76.10 74.14
CA THR MB 91 -26.82 -76.03 74.16
C THR MB 91 -26.22 -77.35 74.62
N GLU MB 92 -26.85 -77.99 75.63
CA GLU MB 92 -26.42 -79.30 76.08
C GLU MB 92 -26.52 -80.33 74.96
N GLN MB 93 -27.64 -80.34 74.23
CA GLN MB 93 -27.84 -81.29 73.15
C GLN MB 93 -26.87 -81.05 72.00
N MET MB 94 -26.63 -79.78 71.67
CA MET MB 94 -25.71 -79.41 70.59
C MET MB 94 -24.27 -79.75 70.92
N PHE MB 95 -23.86 -79.61 72.18
CA PHE MB 95 -22.57 -80.11 72.63
C PHE MB 95 -22.51 -81.64 72.61
N ARG MB 96 -23.58 -82.31 73.03
CA ARG MB 96 -23.55 -83.77 73.18
C ARG MB 96 -23.52 -84.46 71.81
N GLU MB 97 -24.19 -83.88 70.82
CA GLU MB 97 -24.18 -84.45 69.47
C GLU MB 97 -22.80 -84.38 68.83
N ALA MB 98 -21.98 -83.42 69.21
CA ALA MB 98 -20.69 -83.27 68.54
C ALA MB 98 -19.57 -84.04 69.24
N GLY MB 99 -19.85 -84.72 70.34
CA GLY MB 99 -18.85 -85.52 71.01
C GLY MB 99 -18.15 -84.86 72.18
N GLU MB 100 -18.66 -83.73 72.65
CA GLU MB 100 -18.11 -83.08 73.83
C GLU MB 100 -18.89 -83.53 75.07
N GLN MB 101 -18.17 -83.71 76.16
CA GLN MB 101 -18.77 -84.14 77.41
C GLN MB 101 -19.60 -83.02 78.01
N TRP MB 102 -20.71 -83.39 78.64
CA TRP MB 102 -21.53 -82.41 79.32
C TRP MB 102 -21.79 -82.84 80.75
N PRO MB 103 -21.69 -81.93 81.73
CA PRO MB 103 -21.34 -80.51 81.61
C PRO MB 103 -19.84 -80.27 81.51
N VAL MB 104 -19.44 -79.23 80.78
CA VAL MB 104 -18.03 -78.89 80.66
C VAL MB 104 -17.60 -78.16 81.94
N ILE MB 105 -16.47 -78.58 82.48
CA ILE MB 105 -15.98 -78.08 83.76
C ILE MB 105 -14.75 -77.21 83.49
N ILE MB 106 -14.73 -76.03 84.11
CA ILE MB 106 -13.61 -75.11 84.04
C ILE MB 106 -13.15 -74.89 85.47
N PRO MB 107 -11.85 -74.94 85.75
CA PRO MB 107 -11.37 -74.69 87.13
C PRO MB 107 -11.74 -73.30 87.60
N GLU MB 108 -12.35 -73.24 88.77
CA GLU MB 108 -12.82 -71.96 89.33
C GLU MB 108 -11.73 -71.29 90.17
N GLU MB 109 -10.55 -71.17 89.57
CA GLU MB 109 -9.46 -70.39 90.12
C GLU MB 109 -8.91 -69.38 89.11
N GLU MB 110 -9.21 -69.55 87.82
CA GLU MB 110 -8.77 -68.62 86.79
C GLU MB 110 -9.49 -67.28 86.86
N ILE MB 111 -10.56 -67.17 87.66
CA ILE MB 111 -11.18 -65.88 87.89
C ILE MB 111 -10.22 -64.92 88.61
N HIS MB 112 -9.29 -65.47 89.39
CA HIS MB 112 -8.30 -64.65 90.05
C HIS MB 112 -7.07 -64.41 89.18
N GLN MB 113 -6.83 -65.26 88.19
CA GLN MB 113 -5.64 -65.12 87.35
C GLN MB 113 -5.77 -63.90 86.44
N GLU MB 114 -4.65 -63.21 86.24
CA GLU MB 114 -4.64 -62.05 85.35
C GLU MB 114 -4.66 -62.50 83.90
N ALA MB 115 -5.33 -61.72 83.06
CA ALA MB 115 -5.41 -62.01 81.64
C ALA MB 115 -5.05 -60.75 80.84
N PRO MB 116 -4.13 -60.85 79.89
CA PRO MB 116 -3.87 -59.73 78.99
C PRO MB 116 -4.94 -59.66 77.90
N GLY MB 117 -4.86 -58.59 77.11
CA GLY MB 117 -5.80 -58.43 76.02
C GLY MB 117 -5.50 -59.37 74.87
N VAL MB 118 -6.55 -59.76 74.17
CA VAL MB 118 -6.43 -60.72 73.07
C VAL MB 118 -6.18 -59.96 71.79
N LYS MB 119 -4.95 -60.02 71.30
CA LYS MB 119 -4.60 -59.42 70.03
C LYS MB 119 -4.45 -60.51 68.99
N PRO MB 120 -5.20 -60.46 67.88
CA PRO MB 120 -5.11 -61.52 66.88
C PRO MB 120 -3.74 -61.57 66.23
N ARG MB 121 -3.30 -62.78 65.92
CA ARG MB 121 -1.94 -63.01 65.43
C ARG MB 121 -1.99 -63.80 64.13
N LYS MB 122 -0.94 -63.64 63.33
CA LYS MB 122 -0.81 -64.35 62.06
C LYS MB 122 -0.65 -65.84 62.29
N LYS NB 49 -88.37 -44.43 32.87
CA LYS NB 49 -87.22 -43.60 33.21
C LYS NB 49 -87.27 -43.17 34.68
N SER NB 50 -88.24 -42.33 35.00
CA SER NB 50 -88.42 -41.83 36.36
C SER NB 50 -89.44 -42.62 37.16
N THR NB 51 -90.05 -43.64 36.54
CA THR NB 51 -91.01 -44.49 37.23
C THR NB 51 -90.52 -45.91 37.45
N THR NB 52 -89.43 -46.31 36.81
CA THR NB 52 -88.86 -47.64 37.00
C THR NB 52 -87.36 -47.52 37.15
N VAL NB 53 -86.79 -48.39 37.99
CA VAL NB 53 -85.34 -48.50 38.09
C VAL NB 53 -84.84 -49.39 36.97
N VAL NB 54 -83.61 -49.14 36.52
CA VAL NB 54 -83.02 -49.87 35.41
C VAL NB 54 -81.74 -50.54 35.88
N GLY NB 55 -81.61 -51.84 35.59
CA GLY NB 55 -80.41 -52.55 35.96
C GLY NB 55 -80.23 -52.83 37.43
N ALA NB 56 -81.30 -52.72 38.23
CA ALA NB 56 -81.18 -52.98 39.66
C ALA NB 56 -81.20 -54.47 39.97
N ASN NB 57 -82.32 -55.13 39.68
CA ASN NB 57 -82.43 -56.56 39.91
C ASN NB 57 -81.75 -57.32 38.78
N THR NB 58 -81.09 -58.42 39.12
CA THR NB 58 -80.32 -59.19 38.14
C THR NB 58 -80.79 -60.63 38.03
N LEU NB 59 -81.89 -61.00 38.68
CA LEU NB 59 -82.42 -62.35 38.54
C LEU NB 59 -83.04 -62.51 37.16
N LYS NB 60 -82.62 -63.57 36.46
CA LYS NB 60 -82.97 -63.74 35.05
C LYS NB 60 -84.46 -64.02 34.87
N ASP NB 61 -85.03 -64.82 35.77
CA ASP NB 61 -86.45 -65.15 35.69
C ASP NB 61 -87.34 -63.93 35.92
N ARG NB 62 -86.95 -63.07 36.87
CA ARG NB 62 -87.68 -61.84 37.14
C ARG NB 62 -87.15 -60.67 36.33
N SER NB 63 -87.66 -59.49 36.66
CA SER NB 63 -87.32 -58.23 35.98
C SER NB 63 -86.78 -57.23 36.98
N ASP NB 64 -86.40 -56.05 36.48
CA ASP NB 64 -86.07 -54.94 37.34
C ASP NB 64 -87.32 -54.47 38.08
N PRO NB 65 -87.20 -54.06 39.35
CA PRO NB 65 -88.39 -53.68 40.12
C PRO NB 65 -88.95 -52.33 39.69
N LYS NB 66 -89.98 -51.86 40.39
CA LYS NB 66 -90.63 -50.61 40.07
C LYS NB 66 -90.42 -49.62 41.21
N ILE NB 67 -91.06 -48.47 41.10
CA ILE NB 67 -90.99 -47.42 42.11
C ILE NB 67 -92.35 -47.36 42.78
N LEU NB 68 -92.41 -47.84 44.01
CA LEU NB 68 -93.67 -47.75 44.74
C LEU NB 68 -93.85 -46.34 45.30
N PRO NB 69 -95.10 -45.86 45.39
CA PRO NB 69 -95.34 -44.58 46.10
C PRO NB 69 -95.06 -44.68 47.60
N ASP NB 70 -95.30 -43.59 48.33
CA ASP NB 70 -94.98 -43.55 49.75
C ASP NB 70 -96.05 -44.21 50.62
N SER NB 71 -96.44 -45.43 50.27
CA SER NB 71 -97.43 -46.19 51.01
C SER NB 71 -96.88 -47.47 51.60
N ASP NB 72 -95.92 -48.10 50.93
CA ASP NB 72 -95.30 -49.34 51.42
C ASP NB 72 -94.02 -49.09 52.21
N TYR NB 73 -93.49 -47.87 52.19
CA TYR NB 73 -92.18 -47.58 52.75
C TYR NB 73 -92.33 -47.08 54.18
N PRO NB 74 -91.50 -47.54 55.12
CA PRO NB 74 -91.61 -47.07 56.51
C PRO NB 74 -91.09 -45.65 56.71
N ASP NB 75 -91.04 -45.20 57.97
CA ASP NB 75 -90.84 -43.80 58.27
C ASP NB 75 -89.41 -43.33 58.05
N TRP NB 76 -88.42 -44.18 58.30
CA TRP NB 76 -87.05 -43.69 58.46
C TRP NB 76 -86.38 -43.32 57.15
N LEU NB 77 -87.03 -43.54 56.01
CA LEU NB 77 -86.38 -43.25 54.73
C LEU NB 77 -86.24 -41.75 54.50
N TRP NB 78 -87.26 -40.97 54.84
CA TRP NB 78 -87.23 -39.53 54.57
C TRP NB 78 -86.49 -38.74 55.65
N ARG NB 79 -85.94 -39.40 56.66
CA ARG NB 79 -85.14 -38.76 57.70
C ARG NB 79 -83.66 -38.78 57.36
N LEU NB 80 -83.30 -39.21 56.15
CA LEU NB 80 -81.91 -39.50 55.79
C LEU NB 80 -81.04 -38.26 55.70
N LEU NB 81 -81.62 -37.09 55.43
CA LEU NB 81 -80.84 -35.89 55.17
C LEU NB 81 -81.11 -34.79 56.18
N GLN NB 82 -81.43 -35.17 57.41
CA GLN NB 82 -81.50 -34.19 58.48
C GLN NB 82 -80.09 -33.78 58.90
N ILE NB 83 -79.99 -32.69 59.64
CA ILE NB 83 -78.70 -32.13 60.02
C ILE NB 83 -78.19 -32.85 61.27
N ARG NB 84 -77.51 -33.96 61.07
CA ARG NB 84 -76.83 -34.63 62.18
C ARG NB 84 -75.67 -33.75 62.63
N PRO NB 85 -75.64 -33.32 63.89
CA PRO NB 85 -74.83 -32.16 64.25
C PRO NB 85 -73.34 -32.48 64.35
N ALA NB 86 -72.53 -31.45 64.19
CA ALA NB 86 -71.08 -31.57 64.10
C ALA NB 86 -70.43 -31.29 65.44
N LEU NB 87 -69.10 -31.37 65.46
CA LEU NB 87 -68.33 -31.29 66.70
C LEU NB 87 -68.29 -29.90 67.30
N SER NB 88 -68.74 -28.88 66.57
CA SER NB 88 -68.78 -27.54 67.14
C SER NB 88 -69.86 -27.42 68.21
N GLU NB 89 -70.95 -28.18 68.09
CA GLU NB 89 -72.04 -28.09 69.06
C GLU NB 89 -71.94 -29.17 70.14
N LEU NB 90 -71.54 -30.38 69.78
CA LEU NB 90 -71.54 -31.48 70.75
C LEU NB 90 -70.43 -31.37 71.76
N ARG NB 91 -69.36 -30.62 71.46
CA ARG NB 91 -68.25 -30.51 72.39
C ARG NB 91 -68.61 -29.66 73.61
N ARG NB 92 -69.39 -28.59 73.40
CA ARG NB 92 -69.72 -27.64 74.45
C ARG NB 92 -70.92 -28.07 75.29
N LYS NB 93 -71.60 -29.15 74.93
CA LYS NB 93 -72.80 -29.59 75.63
C LYS NB 93 -72.42 -30.47 76.82
N ASN NB 94 -73.44 -30.91 77.55
CA ASN NB 94 -73.26 -31.82 78.67
C ASN NB 94 -73.41 -33.25 78.18
N VAL NB 95 -72.35 -34.05 78.37
CA VAL NB 95 -72.34 -35.45 77.94
C VAL NB 95 -73.36 -36.27 78.74
N GLU NB 96 -73.54 -35.94 80.02
CA GLU NB 96 -74.38 -36.74 80.90
C GLU NB 96 -75.86 -36.64 80.53
N THR NB 97 -76.27 -35.61 79.79
CA THR NB 97 -77.66 -35.44 79.39
C THR NB 97 -77.91 -35.77 77.93
N LEU NB 98 -76.88 -36.24 77.21
CA LEU NB 98 -76.91 -36.57 75.80
C LEU NB 98 -77.57 -37.93 75.57
N PRO NB 99 -78.33 -38.11 74.50
CA PRO NB 99 -78.91 -39.41 74.19
C PRO NB 99 -77.87 -40.32 73.52
N TYR NB 100 -78.26 -41.59 73.34
CA TYR NB 100 -77.32 -42.65 73.01
C TYR NB 100 -76.68 -42.44 71.64
N ASP NB 101 -77.48 -42.20 70.61
CA ASP NB 101 -76.96 -41.99 69.27
C ASP NB 101 -76.12 -40.73 69.16
N ASP NB 102 -76.51 -39.66 69.86
CA ASP NB 102 -75.72 -38.43 69.86
C ASP NB 102 -74.37 -38.61 70.54
N LEU NB 103 -74.33 -39.31 71.68
CA LEU NB 103 -73.04 -39.52 72.33
C LEU NB 103 -72.17 -40.50 71.56
N LYS NB 104 -72.79 -41.45 70.84
CA LYS NB 104 -72.03 -42.31 69.94
C LYS NB 104 -71.41 -41.51 68.80
N ARG NB 105 -72.18 -40.57 68.22
CA ARG NB 105 -71.63 -39.71 67.19
C ARG NB 105 -70.53 -38.81 67.76
N PHE NB 106 -70.69 -38.38 69.01
CA PHE NB 106 -69.68 -37.57 69.69
C PHE NB 106 -68.36 -38.32 69.83
N VAL NB 107 -68.39 -39.55 70.36
CA VAL NB 107 -67.14 -40.28 70.53
C VAL NB 107 -66.53 -40.69 69.19
N LYS NB 108 -67.36 -41.00 68.17
CA LYS NB 108 -66.81 -41.37 66.87
C LYS NB 108 -66.15 -40.20 66.18
N LEU NB 109 -66.78 -39.02 66.21
CA LEU NB 109 -66.16 -37.84 65.61
C LEU NB 109 -64.94 -37.38 66.42
N ASP NB 110 -64.95 -37.59 67.74
CA ASP NB 110 -63.77 -37.30 68.54
C ASP NB 110 -62.60 -38.20 68.17
N THR NB 111 -62.86 -39.49 67.96
CA THR NB 111 -61.79 -40.41 67.56
C THR NB 111 -61.27 -40.08 66.17
N ARG NB 112 -62.16 -39.75 65.23
CA ARG NB 112 -61.73 -39.32 63.90
C ARG NB 112 -60.92 -38.04 63.97
N ALA NB 113 -61.35 -37.08 64.80
CA ALA NB 113 -60.60 -35.83 64.94
C ALA NB 113 -59.23 -36.01 65.55
N LYS NB 114 -59.12 -36.85 66.58
CA LYS NB 114 -57.80 -37.08 67.17
C LYS NB 114 -56.88 -37.86 66.23
N ILE NB 115 -57.43 -38.77 65.42
CA ILE NB 115 -56.60 -39.47 64.44
C ILE NB 115 -56.10 -38.50 63.37
N LYS NB 116 -56.98 -37.62 62.88
CA LYS NB 116 -56.56 -36.64 61.89
C LYS NB 116 -55.54 -35.65 62.45
N GLU NB 117 -55.74 -35.21 63.70
CA GLU NB 117 -54.80 -34.25 64.28
C GLU NB 117 -53.46 -34.89 64.63
N ASN NB 118 -53.43 -36.20 64.87
CA ASN NB 118 -52.14 -36.88 64.98
C ASN NB 118 -51.46 -36.99 63.62
N ASN NB 119 -52.22 -37.38 62.60
CA ASN NB 119 -51.64 -37.66 61.29
C ASN NB 119 -51.20 -36.41 60.56
N SER NB 120 -51.81 -35.26 60.86
CA SER NB 120 -51.40 -34.01 60.21
C SER NB 120 -50.22 -33.35 60.90
N ILE NB 121 -50.04 -33.62 62.20
CA ILE NB 121 -48.92 -33.02 62.92
C ILE NB 121 -47.66 -33.88 62.78
N LYS NB 122 -47.78 -35.18 63.03
CA LYS NB 122 -46.60 -36.04 63.07
C LYS NB 122 -46.02 -36.35 61.69
N ALA NB 123 -46.71 -36.00 60.61
CA ALA NB 123 -46.21 -36.28 59.28
C ALA NB 123 -45.05 -35.37 58.91
N LYS NB 124 -44.06 -35.94 58.23
CA LYS NB 124 -42.92 -35.18 57.73
C LYS NB 124 -42.80 -35.35 56.22
N THR OB 14 48.00 106.56 71.66
CA THR OB 14 46.66 107.13 71.56
C THR OB 14 46.05 106.81 70.19
N ALA OB 15 46.86 106.17 69.33
CA ALA OB 15 46.37 105.78 68.02
C ALA OB 15 45.41 104.60 68.06
N VAL OB 16 45.55 103.75 69.08
CA VAL OB 16 44.67 102.60 69.25
C VAL OB 16 43.43 102.92 70.08
N GLN OB 17 43.26 104.18 70.51
CA GLN OB 17 42.01 104.55 71.15
C GLN OB 17 40.86 104.54 70.16
N HIS OB 18 41.10 105.10 68.97
CA HIS OB 18 40.11 105.13 67.90
C HIS OB 18 40.77 104.70 66.59
N PRO OB 19 41.00 103.40 66.41
CA PRO OB 19 41.67 102.93 65.18
C PRO OB 19 40.77 102.85 63.96
N TRP OB 20 39.50 103.20 64.08
CA TRP OB 20 38.56 103.23 62.96
C TRP OB 20 38.54 104.58 62.24
N ARG OB 21 39.24 105.58 62.77
CA ARG OB 21 39.19 106.91 62.18
C ARG OB 21 39.89 106.96 60.84
N ALA OB 22 40.90 106.11 60.64
CA ALA OB 22 41.56 106.03 59.33
C ALA OB 22 40.58 105.54 58.27
N LYS OB 23 39.79 104.51 58.58
CA LYS OB 23 38.76 104.08 57.65
C LYS OB 23 37.67 105.13 57.48
N LEU OB 24 37.31 105.84 58.54
CA LEU OB 24 36.27 106.85 58.44
C LEU OB 24 36.66 108.00 57.53
N ASP OB 25 37.86 108.55 57.70
CA ASP OB 25 38.24 109.63 56.80
C ASP OB 25 38.81 109.12 55.50
N LYS OB 26 39.00 107.81 55.35
CA LYS OB 26 39.25 107.27 54.03
C LYS OB 26 37.99 107.21 53.20
N TYR OB 27 36.87 106.80 53.82
CA TYR OB 27 35.63 106.58 53.07
C TYR OB 27 34.62 107.70 53.27
N ARG OB 28 35.02 108.83 53.87
CA ARG OB 28 34.07 109.90 54.17
C ARG OB 28 33.47 110.52 52.90
N THR OB 29 34.29 110.75 51.88
CA THR OB 29 33.75 111.30 50.63
C THR OB 29 32.94 110.25 49.89
N GLU OB 30 33.35 108.98 50.00
CA GLU OB 30 32.62 107.89 49.35
C GLU OB 30 31.27 107.65 50.01
N LEU OB 31 31.20 107.75 51.33
CA LEU OB 31 30.02 107.32 52.06
C LEU OB 31 28.81 108.23 51.86
N THR OB 32 29.00 109.44 51.36
CA THR OB 32 27.87 110.31 51.11
C THR OB 32 27.09 109.93 49.86
N LYS OB 33 27.75 109.27 48.89
CA LYS OB 33 27.15 109.09 47.57
C LYS OB 33 25.97 108.13 47.61
N GLY OB 34 26.12 107.01 48.29
CA GLY OB 34 25.04 106.04 48.33
C GLY OB 34 25.34 104.95 49.34
N VAL OB 35 24.36 104.07 49.52
CA VAL OB 35 24.49 103.01 50.50
C VAL OB 35 25.28 101.85 49.92
N TRP OB 36 24.88 101.38 48.73
CA TRP OB 36 25.58 100.29 48.07
C TRP OB 36 26.26 100.71 46.77
N GLY OB 37 25.84 101.80 46.15
CA GLY OB 37 26.48 102.26 44.94
C GLY OB 37 25.83 103.52 44.44
N TYR OB 38 26.45 104.10 43.42
CA TYR OB 38 25.99 105.38 42.87
C TYR OB 38 26.04 105.30 41.36
N TRP OB 39 25.36 106.25 40.72
CA TRP OB 39 25.37 106.38 39.28
C TRP OB 39 26.49 107.33 38.87
N GLU OB 40 27.38 106.85 38.00
CA GLU OB 40 28.48 107.68 37.51
C GLU OB 40 28.56 107.53 36.00
N MET OB 41 28.45 108.66 35.29
CA MET OB 41 28.46 108.73 33.83
C MET OB 41 27.37 107.85 33.21
N GLY OB 42 26.22 107.78 33.89
CA GLY OB 42 25.08 107.09 33.34
C GLY OB 42 25.05 105.59 33.52
N ALA OB 43 25.96 105.03 34.30
CA ALA OB 43 25.96 103.61 34.61
C ALA OB 43 26.17 103.43 36.10
N TRP OB 44 25.57 102.39 36.66
CA TRP OB 44 25.69 102.12 38.08
C TRP OB 44 27.07 101.60 38.41
N LYS OB 45 27.61 102.05 39.54
CA LYS OB 45 28.96 101.72 39.97
C LYS OB 45 28.89 101.42 41.45
N PRO OB 46 29.37 100.26 41.89
CA PRO OB 46 29.25 99.89 43.31
C PRO OB 46 30.17 100.73 44.17
N LEU OB 47 29.82 100.82 45.45
CA LEU OB 47 30.55 101.66 46.38
C LEU OB 47 31.91 101.05 46.68
N GLY OB 48 32.82 101.89 47.16
CA GLY OB 48 34.16 101.43 47.45
C GLY OB 48 34.23 100.45 48.61
N ILE OB 49 33.41 100.66 49.63
CA ILE OB 49 33.42 99.83 50.83
C ILE OB 49 32.21 98.91 50.79
N SER OB 50 32.43 97.63 51.09
CA SER OB 50 31.35 96.66 51.09
C SER OB 50 30.37 96.92 52.24
N ALA OB 51 29.17 96.35 52.12
CA ALA OB 51 28.10 96.71 53.04
C ALA OB 51 28.34 96.17 54.44
N ARG OB 52 28.90 94.98 54.56
CA ARG OB 52 29.21 94.42 55.88
C ARG OB 52 30.27 95.24 56.60
N ARG OB 53 31.32 95.64 55.88
CA ARG OB 53 32.37 96.46 56.47
C ARG OB 53 31.86 97.86 56.78
N ARG OB 54 30.94 98.39 55.96
CA ARG OB 54 30.31 99.67 56.24
C ARG OB 54 29.48 99.59 57.52
N ALA OB 55 28.79 98.47 57.72
CA ALA OB 55 28.03 98.29 58.95
C ALA OB 55 28.95 98.18 60.17
N MET OB 56 30.10 97.51 60.02
CA MET OB 56 31.08 97.47 61.11
C MET OB 56 31.57 98.85 61.46
N LEU OB 57 31.89 99.66 60.45
CA LEU OB 57 32.36 101.02 60.69
C LEU OB 57 31.28 101.88 61.33
N ARG OB 58 30.03 101.72 60.89
CA ARG OB 58 28.91 102.44 61.47
C ARG OB 58 28.71 102.08 62.94
N LYS OB 59 28.80 100.80 63.27
CA LYS OB 59 28.69 100.39 64.67
C LYS OB 59 29.82 100.96 65.51
N GLU OB 60 31.04 100.97 64.97
CA GLU OB 60 32.17 101.54 65.69
C GLU OB 60 32.02 103.04 65.88
N VAL OB 61 31.41 103.74 64.93
CA VAL OB 61 31.15 105.17 65.12
C VAL OB 61 30.07 105.38 66.19
N LEU OB 62 28.98 104.63 66.08
CA LEU OB 62 27.82 104.86 66.95
C LEU OB 62 28.05 104.41 68.38
N THR OB 63 29.02 103.54 68.62
CA THR OB 63 29.22 103.07 69.99
C THR OB 63 29.87 104.11 70.90
N ALA OB 64 30.31 105.25 70.36
CA ALA OB 64 30.93 106.29 71.17
C ALA OB 64 30.21 107.62 71.08
N GLY OB 65 29.04 107.68 70.46
CA GLY OB 65 28.20 108.87 70.52
C GLY OB 65 28.36 109.86 69.39
N GLU OB 66 29.10 109.54 68.34
CA GLU OB 66 29.31 110.46 67.24
C GLU OB 66 28.09 110.50 66.32
N ASP OB 67 28.24 111.15 65.18
CA ASP OB 67 27.16 111.30 64.21
C ASP OB 67 27.36 110.33 63.06
N TRP OB 68 26.27 109.70 62.64
CA TRP OB 68 26.28 108.83 61.46
C TRP OB 68 25.19 109.37 60.53
N PRO OB 69 25.53 110.33 59.68
CA PRO OB 69 24.54 110.95 58.79
C PRO OB 69 24.39 110.29 57.43
N TYR OB 70 24.86 109.07 57.23
CA TYR OB 70 24.90 108.47 55.90
C TYR OB 70 23.74 107.51 55.63
N ASP OB 71 22.82 107.34 56.56
CA ASP OB 71 21.71 106.44 56.29
C ASP OB 71 20.57 107.20 55.63
N PRO OB 72 19.86 106.57 54.69
CA PRO OB 72 18.69 107.21 54.09
C PRO OB 72 17.45 107.03 54.95
N GLU OB 73 16.30 107.46 54.44
CA GLU OB 73 15.06 107.40 55.20
C GLU OB 73 14.20 106.26 54.68
N ARG OB 74 13.53 105.57 55.60
CA ARG OB 74 12.71 104.41 55.24
C ARG OB 74 11.49 104.84 54.45
N LYS OB 75 11.35 104.29 53.25
CA LYS OB 75 10.21 104.62 52.39
C LYS OB 75 8.94 104.04 52.96
N ALA OB 76 7.82 104.65 52.59
CA ALA OB 76 6.53 104.32 53.17
C ALA OB 76 6.01 102.98 52.65
N MET OB 77 5.64 102.10 53.57
CA MET OB 77 5.02 100.83 53.21
C MET OB 77 3.56 101.04 52.83
N ARG OB 78 2.96 100.02 52.25
CA ARG OB 78 1.55 100.03 51.91
C ARG OB 78 0.78 99.28 52.97
N THR OB 79 -0.22 99.93 53.55
CA THR OB 79 -1.01 99.34 54.64
C THR OB 79 -2.39 98.90 54.18
N LYS OB 80 -2.68 98.93 52.89
CA LYS OB 80 -3.98 98.53 52.39
C LYS OB 80 -4.07 97.02 52.27
N ARG OB 81 -5.29 96.51 52.30
CA ARG OB 81 -5.57 95.09 52.17
C ARG OB 81 -6.48 94.86 50.98
N LYS OB 82 -6.15 93.85 50.16
CA LYS OB 82 -6.93 93.60 48.96
C LYS OB 82 -8.14 92.70 49.24
N GLY OB 83 -8.01 91.76 50.16
CA GLY OB 83 -9.07 90.80 50.42
C GLY OB 83 -9.00 89.60 49.50
N HIS OB 84 -9.71 88.55 49.89
CA HIS OB 84 -9.65 87.27 49.20
C HIS OB 84 -10.79 87.17 48.19
N LYS OB 85 -10.46 86.73 46.98
CA LYS OB 85 -11.45 86.70 45.91
C LYS OB 85 -12.49 85.60 46.08
N CYS OB 86 -12.17 84.55 46.84
CA CYS OB 86 -13.18 83.54 47.15
C CYS OB 86 -14.32 84.12 47.98
N ASP OB 87 -14.03 85.10 48.81
CA ASP OB 87 -15.07 85.79 49.55
C ASP OB 87 -16.02 86.54 48.62
N ARG OB 88 -15.47 87.22 47.60
CA ARG OB 88 -16.31 87.92 46.64
C ARG OB 88 -17.17 86.95 45.84
N ILE OB 89 -16.57 85.82 45.41
CA ILE OB 89 -17.33 84.82 44.66
C ILE OB 89 -18.46 84.24 45.52
N SER OB 90 -18.17 83.97 46.79
CA SER OB 90 -19.19 83.41 47.67
C SER OB 90 -20.27 84.43 48.02
N ALA OB 91 -19.92 85.72 48.14
CA ALA OB 91 -20.93 86.73 48.38
C ALA OB 91 -21.87 86.88 47.18
N GLU OB 92 -21.31 86.82 45.97
CA GLU OB 92 -22.16 86.83 44.79
C GLU OB 92 -23.04 85.58 44.71
N LYS OB 93 -22.51 84.42 45.11
CA LYS OB 93 -23.34 83.21 45.13
C LYS OB 93 -24.44 83.30 46.18
N ARG OB 94 -24.18 83.94 47.31
CA ARG OB 94 -25.23 84.14 48.31
C ARG OB 94 -26.32 85.06 47.81
N GLU OB 95 -25.95 86.13 47.10
CA GLU OB 95 -26.96 87.00 46.50
C GLU OB 95 -27.78 86.29 45.44
N ASN OB 96 -27.14 85.46 44.62
CA ASN OB 96 -27.88 84.66 43.64
C ASN OB 96 -28.80 83.65 44.33
N THR OB 97 -28.38 83.10 45.46
CA THR OB 97 -29.24 82.19 46.23
C THR OB 97 -30.49 82.92 46.74
N ALA OB 98 -30.32 84.15 47.23
CA ALA OB 98 -31.50 84.91 47.67
C ALA OB 98 -32.44 85.22 46.51
N LYS OB 99 -31.89 85.59 45.36
CA LYS OB 99 -32.72 85.86 44.19
C LYS OB 99 -33.46 84.60 43.73
N LEU OB 100 -32.79 83.44 43.77
CA LEU OB 100 -33.45 82.20 43.40
C LEU OB 100 -34.44 81.72 44.44
N MET OB 101 -34.27 82.12 45.70
CA MET OB 101 -35.25 81.80 46.72
C MET OB 101 -36.49 82.68 46.64
N LEU OB 102 -36.37 83.85 46.00
CA LEU OB 102 -37.58 84.62 45.73
C LEU OB 102 -38.42 84.04 44.60
N LYS OB 103 -37.88 83.10 43.82
CA LYS OB 103 -38.61 82.47 42.71
C LYS OB 103 -39.10 81.07 43.04
N MET OB 104 -38.93 80.62 44.28
CA MET OB 104 -39.19 79.22 44.66
C MET OB 104 -40.66 78.80 44.76
N PRO OB 105 -41.61 79.62 45.26
CA PRO OB 105 -43.01 79.17 45.23
C PRO OB 105 -43.55 78.91 43.84
N GLN OB 106 -43.13 79.69 42.84
CA GLN OB 106 -43.52 79.43 41.46
C GLN OB 106 -42.99 78.10 40.97
N MET OB 107 -41.73 77.79 41.30
CA MET OB 107 -41.13 76.53 40.89
C MET OB 107 -41.82 75.34 41.54
N LEU OB 108 -42.17 75.46 42.82
CA LEU OB 108 -42.88 74.39 43.49
C LEU OB 108 -44.32 74.22 42.97
N LEU OB 109 -44.99 75.33 42.62
CA LEU OB 109 -46.30 75.22 41.99
C LEU OB 109 -46.22 74.52 40.65
N ASP OB 110 -45.18 74.82 39.86
CA ASP OB 110 -45.04 74.17 38.57
C ASP OB 110 -44.73 72.68 38.73
N TYR OB 111 -43.95 72.32 39.75
CA TYR OB 111 -43.69 70.91 40.03
C TYR OB 111 -44.98 70.17 40.38
N LYS OB 112 -45.82 70.78 41.23
CA LYS OB 112 -47.11 70.19 41.55
C LYS OB 112 -48.00 70.07 40.32
N LYS OB 113 -47.96 71.08 39.45
CA LYS OB 113 -48.78 71.04 38.23
C LYS OB 113 -48.35 69.90 37.31
N ARG OB 114 -47.05 69.68 37.17
CA ARG OB 114 -46.56 68.55 36.37
C ARG OB 114 -47.01 67.21 36.95
N ARG OB 115 -46.92 67.07 38.29
CA ARG OB 115 -47.34 65.82 38.92
C ARG OB 115 -48.83 65.56 38.73
N TRP OB 116 -49.66 66.58 38.92
CA TRP OB 116 -51.09 66.41 38.77
C TRP OB 116 -51.50 66.17 37.32
N GLU OB 117 -50.81 66.80 36.37
CA GLU OB 117 -51.06 66.52 34.97
C GLU OB 117 -50.73 65.09 34.59
N LYS OB 118 -49.61 64.56 35.09
CA LYS OB 118 -49.26 63.17 34.81
C LYS OB 118 -50.28 62.21 35.40
N LYS OB 119 -50.75 62.49 36.63
CA LYS OB 119 -51.79 61.66 37.22
C LYS OB 119 -53.08 61.71 36.43
N MET OB 120 -53.47 62.90 35.95
CA MET OB 120 -54.69 63.03 35.16
C MET OB 120 -54.60 62.25 33.86
N LYS OB 121 -53.46 62.31 33.18
CA LYS OB 121 -53.29 61.54 31.96
C LYS OB 121 -53.35 60.05 32.21
N GLU OB 122 -52.74 59.57 33.30
CA GLU OB 122 -52.81 58.15 33.63
C GLU OB 122 -54.23 57.68 33.92
N GLU OB 123 -55.01 58.46 34.67
CA GLU OB 123 -56.37 58.02 34.96
C GLU OB 123 -57.28 58.09 33.74
N GLU OB 124 -57.09 59.06 32.83
CA GLU OB 124 -57.86 59.06 31.59
C GLU OB 124 -57.53 57.87 30.71
N LYS OB 125 -56.23 57.53 30.62
CA LYS OB 125 -55.82 56.36 29.84
C LYS OB 125 -56.39 55.07 30.40
N ALA OB 126 -56.36 54.92 31.73
CA ALA OB 126 -56.90 53.72 32.35
C ALA OB 126 -58.42 53.62 32.19
N LYS OB 127 -59.12 54.77 32.28
CA LYS OB 127 -60.56 54.77 32.05
C LYS OB 127 -60.88 54.38 30.61
N GLU OB 128 -60.11 54.86 29.64
CA GLU OB 128 -60.40 54.51 28.26
C GLU OB 128 -60.07 53.05 27.96
N ASP OB 129 -59.04 52.50 28.60
CA ASP OB 129 -58.71 51.10 28.36
C ASP OB 129 -59.70 50.16 29.04
N LYS OB 130 -60.13 50.49 30.26
CA LYS OB 130 -61.09 49.65 30.96
C LYS OB 130 -62.50 49.85 30.43
N ILE PB 12 -13.52 4.33 85.16
CA ILE PB 12 -12.76 3.11 84.95
C ILE PB 12 -12.57 2.89 83.47
N VAL PB 13 -11.69 1.96 83.11
CA VAL PB 13 -11.41 1.64 81.73
C VAL PB 13 -12.12 0.33 81.39
N LYS PB 14 -12.77 0.29 80.23
CA LYS PB 14 -13.55 -0.88 79.81
C LYS PB 14 -13.10 -1.41 78.46
N LYS PB 15 -11.88 -1.10 78.04
CA LYS PB 15 -11.36 -1.50 76.74
C LYS PB 15 -10.36 -2.63 76.96
N HIS PB 16 -10.82 -3.88 76.82
CA HIS PB 16 -9.99 -5.03 77.09
C HIS PB 16 -9.84 -5.95 75.88
N ASP PB 17 -10.25 -5.52 74.69
CA ASP PB 17 -10.23 -6.39 73.53
C ASP PB 17 -9.61 -5.73 72.30
N SER PB 18 -8.97 -4.58 72.45
CA SER PB 18 -8.46 -3.87 71.30
C SER PB 18 -7.23 -3.07 71.71
N GLY PB 19 -6.42 -2.73 70.72
CA GLY PB 19 -5.22 -1.96 70.96
C GLY PB 19 -4.06 -2.83 71.41
N GLY PB 20 -2.89 -2.21 71.48
CA GLY PB 20 -1.72 -2.88 71.97
C GLY PB 20 -1.42 -2.53 73.41
N LEU PB 21 -2.14 -1.55 73.95
CA LEU PB 21 -1.94 -1.10 75.33
C LEU PB 21 -2.84 -1.93 76.23
N ILE PB 22 -2.25 -2.78 77.06
CA ILE PB 22 -3.00 -3.78 77.80
C ILE PB 22 -3.57 -3.12 79.06
N TRP PB 23 -4.89 -2.97 79.09
CA TRP PB 23 -5.63 -2.61 80.29
C TRP PB 23 -6.29 -3.90 80.78
N LYS PB 24 -5.73 -4.50 81.82
CA LYS PB 24 -6.23 -5.77 82.30
C LYS PB 24 -7.57 -5.61 83.01
N ARG PB 25 -8.43 -6.61 82.84
CA ARG PB 25 -9.76 -6.57 83.44
C ARG PB 25 -9.68 -6.87 84.93
N ILE PB 26 -10.26 -6.00 85.74
CA ILE PB 26 -10.27 -6.20 87.18
C ILE PB 26 -11.37 -7.20 87.55
N LYS PB 27 -10.99 -8.22 88.29
CA LYS PB 27 -11.94 -9.25 88.72
C LYS PB 27 -12.87 -8.72 89.79
N LEU PB 28 -14.04 -9.33 89.89
CA LEU PB 28 -14.97 -9.02 90.97
C LEU PB 28 -14.87 -10.11 92.05
N THR PB 29 -13.83 -9.98 92.86
CA THR PB 29 -13.58 -10.95 93.90
C THR PB 29 -14.33 -10.59 95.18
N SER PB 30 -14.31 -11.53 96.12
CA SER PB 30 -15.05 -11.35 97.37
C SER PB 30 -14.47 -10.22 98.20
N THR PB 31 -13.16 -9.99 98.12
CA THR PB 31 -12.56 -8.88 98.83
C THR PB 31 -13.08 -7.53 98.31
N ARG PB 32 -13.19 -7.40 96.99
CA ARG PB 32 -13.75 -6.19 96.39
C ARG PB 32 -15.22 -6.01 96.74
N LYS PB 33 -15.99 -7.10 96.77
CA LYS PB 33 -17.38 -7.00 97.22
C LYS PB 33 -17.48 -6.60 98.68
N ALA PB 34 -16.59 -7.10 99.53
CA ALA PB 34 -16.57 -6.72 100.94
C ALA PB 34 -16.25 -5.24 101.12
N ASN PB 35 -15.36 -4.70 100.30
CA ASN PB 35 -15.10 -3.26 100.34
C ASN PB 35 -16.30 -2.44 99.86
N ALA PB 36 -16.95 -2.89 98.79
CA ALA PB 36 -18.08 -2.14 98.24
C ALA PB 36 -19.26 -2.11 99.20
N LYS PB 37 -19.50 -3.20 99.94
CA LYS PB 37 -20.58 -3.19 100.91
C LYS PB 37 -20.33 -2.21 102.04
N THR PB 38 -19.08 -2.09 102.49
CA THR PB 38 -18.75 -1.13 103.53
C THR PB 38 -18.95 0.31 103.04
N ARG PB 39 -18.58 0.58 101.79
CA ARG PB 39 -18.86 1.90 101.21
C ARG PB 39 -20.36 2.19 101.17
N LEU PB 40 -21.16 1.19 100.77
CA LEU PB 40 -22.62 1.36 100.78
C LEU PB 40 -23.15 1.61 102.19
N ARG PB 41 -22.61 0.91 103.18
CA ARG PB 41 -23.05 1.10 104.57
C ARG PB 41 -22.76 2.50 105.06
N ARG PB 42 -21.61 3.04 104.71
CA ARG PB 42 -21.29 4.42 105.09
C ARG PB 42 -22.26 5.41 104.45
N VAL PB 43 -22.53 5.25 103.15
CA VAL PB 43 -23.44 6.20 102.51
C VAL PB 43 -24.88 6.03 103.02
N TRP PB 44 -25.27 4.80 103.39
CA TRP PB 44 -26.59 4.58 103.98
C TRP PB 44 -26.72 5.29 105.32
N GLN PB 45 -25.66 5.24 106.15
CA GLN PB 45 -25.73 5.97 107.41
C GLN PB 45 -25.79 7.48 107.21
N ASN PB 46 -25.07 7.99 106.20
CA ASN PB 46 -25.17 9.41 105.88
C ASN PB 46 -26.58 9.79 105.44
N GLU PB 47 -27.22 8.96 104.61
CA GLU PB 47 -28.59 9.22 104.19
C GLU PB 47 -29.55 9.17 105.38
N ALA PB 48 -29.35 8.24 106.30
CA ALA PB 48 -30.21 8.16 107.48
C ALA PB 48 -30.06 9.38 108.38
N VAL PB 49 -28.84 9.86 108.57
CA VAL PB 49 -28.61 11.05 109.40
C VAL PB 49 -29.27 12.27 108.75
N LEU PB 50 -29.08 12.45 107.44
CA LEU PB 50 -29.67 13.60 106.76
C LEU PB 50 -31.20 13.53 106.74
N LYS PB 51 -31.77 12.33 106.54
CA LYS PB 51 -33.22 12.17 106.57
C LYS PB 51 -33.78 12.48 107.95
N ALA PB 52 -33.13 12.00 109.01
CA ALA PB 52 -33.62 12.25 110.36
C ALA PB 52 -33.48 13.71 110.76
N CYS PB 53 -32.42 14.39 110.32
CA CYS PB 53 -32.21 15.77 110.69
C CYS PB 53 -32.81 16.75 109.70
N GLY PB 54 -33.45 16.28 108.64
CA GLY PB 54 -34.06 17.19 107.68
C GLY PB 54 -35.52 17.45 107.87
N THR PB 55 -36.04 17.18 109.07
CA THR PB 55 -37.44 17.52 109.35
C THR PB 55 -37.64 19.02 109.43
N SER PB 56 -36.67 19.75 109.98
CA SER PB 56 -36.78 21.19 110.16
C SER PB 56 -35.39 21.79 110.23
N ASP PB 57 -35.34 23.12 110.34
CA ASP PB 57 -34.10 23.85 110.52
C ASP PB 57 -33.91 24.16 112.00
N ALA PB 58 -32.67 24.04 112.47
CA ALA PB 58 -32.36 24.41 113.84
C ALA PB 58 -32.48 25.91 114.01
N ALA PB 59 -33.15 26.33 115.07
CA ALA PB 59 -33.47 27.72 115.28
C ALA PB 59 -32.25 28.48 115.84
N VAL PB 60 -32.47 29.76 116.15
CA VAL PB 60 -31.48 30.69 116.70
C VAL PB 60 -30.30 30.82 115.75
N SER PB 61 -30.41 31.73 114.78
CA SER PB 61 -29.31 32.04 113.87
C SER PB 61 -28.20 32.81 114.58
N SER QB 39 72.57 -30.93 18.33
CA SER QB 39 71.21 -30.45 18.59
C SER QB 39 70.21 -31.21 17.76
N ARG QB 40 69.82 -30.63 16.62
CA ARG QB 40 68.97 -31.33 15.66
C ARG QB 40 69.79 -32.11 14.65
N GLU QB 41 70.88 -31.54 14.15
CA GLU QB 41 71.70 -32.20 13.15
C GLU QB 41 72.47 -33.35 13.78
N ARG QB 42 72.60 -34.45 13.06
CA ARG QB 42 73.22 -35.67 13.55
C ARG QB 42 74.19 -36.23 12.52
N ALA QB 43 74.99 -35.35 11.91
CA ALA QB 43 75.99 -35.76 10.95
C ALA QB 43 77.21 -36.35 11.66
N VAL QB 44 78.26 -36.60 10.89
CA VAL QB 44 79.41 -37.31 11.44
C VAL QB 44 80.38 -36.34 12.10
N ASN QB 45 80.68 -35.22 11.43
CA ASN QB 45 81.55 -34.16 11.94
C ASN QB 45 82.95 -34.70 12.26
N VAL QB 46 83.65 -35.06 11.19
CA VAL QB 46 84.92 -35.77 11.26
C VAL QB 46 85.99 -35.01 12.05
N ARG QB 47 85.85 -33.70 12.21
CA ARG QB 47 86.80 -32.96 13.05
C ARG QB 47 86.61 -33.30 14.52
N LYS QB 48 85.37 -33.44 14.96
CA LYS QB 48 85.06 -33.70 16.37
C LYS QB 48 84.81 -35.19 16.62
N ILE QB 49 85.83 -36.00 16.41
CA ILE QB 49 85.74 -37.43 16.69
C ILE QB 49 87.00 -37.85 17.42
N ASN QB 50 86.88 -38.86 18.27
CA ASN QB 50 87.92 -39.20 19.24
C ASN QB 50 88.24 -40.68 19.19
N PRO QB 51 89.43 -41.06 18.74
CA PRO QB 51 89.84 -42.46 18.81
C PRO QB 51 90.31 -42.82 20.22
N LYS QB 52 90.26 -44.11 20.52
CA LYS QB 52 90.61 -44.55 21.87
C LYS QB 52 92.10 -44.85 21.99
N VAL QB 53 92.91 -43.88 21.54
CA VAL QB 53 94.36 -43.88 21.69
C VAL QB 53 94.79 -42.44 21.93
N SER QB 54 96.04 -42.27 22.36
CA SER QB 54 96.58 -40.92 22.35
C SER QB 54 96.92 -40.52 20.92
N ILE QB 55 97.20 -39.22 20.73
CA ILE QB 55 97.34 -38.70 19.37
C ILE QB 55 98.63 -39.19 18.72
N GLN QB 56 99.68 -39.43 19.52
CA GLN QB 56 100.91 -39.97 18.96
C GLN QB 56 100.69 -41.38 18.40
N GLU QB 57 99.99 -42.23 19.15
CA GLU QB 57 99.66 -43.56 18.64
C GLU QB 57 98.68 -43.49 17.48
N ALA QB 58 97.79 -42.50 17.48
CA ALA QB 58 96.92 -42.30 16.33
C ALA QB 58 97.71 -41.96 15.07
N HIS QB 59 98.76 -41.16 15.21
CA HIS QB 59 99.65 -40.88 14.09
C HIS QB 59 100.36 -42.13 13.63
N ILE QB 60 100.81 -42.97 14.57
CA ILE QB 60 101.49 -44.21 14.18
C ILE QB 60 100.56 -45.12 13.39
N ILE QB 61 99.33 -45.29 13.87
CA ILE QB 61 98.36 -46.13 13.17
C ILE QB 61 97.96 -45.53 11.82
N SER QB 62 97.86 -44.19 11.74
CA SER QB 62 97.52 -43.56 10.47
C SER QB 62 98.63 -43.74 9.45
N SER QB 63 99.90 -43.63 9.88
CA SER QB 63 101.00 -43.91 8.98
C SER QB 63 101.05 -45.38 8.58
N SER QB 64 100.59 -46.27 9.45
CA SER QB 64 100.50 -47.67 9.08
C SER QB 64 99.44 -47.90 8.01
N LEU QB 65 98.26 -47.30 8.17
CA LEU QB 65 97.14 -47.53 7.28
C LEU QB 65 97.28 -46.81 5.94
N TYR QB 66 97.99 -45.67 5.92
CA TYR QB 66 98.19 -44.92 4.69
C TYR QB 66 99.00 -45.71 3.68
N ASP QB 67 99.99 -46.47 4.15
CA ASP QB 67 100.76 -47.35 3.27
C ASP QB 67 99.88 -48.44 2.67
N VAL QB 68 98.96 -49.01 3.46
CA VAL QB 68 98.05 -50.03 2.97
C VAL QB 68 97.17 -49.47 1.86
N PHE QB 69 96.62 -48.28 2.08
CA PHE QB 69 95.77 -47.67 1.05
C PHE QB 69 96.57 -47.28 -0.18
N LYS QB 70 97.78 -46.76 -0.01
CA LYS QB 70 98.62 -46.38 -1.14
C LYS QB 70 99.04 -47.59 -1.96
N LYS QB 71 99.25 -48.73 -1.32
CA LYS QB 71 99.60 -49.94 -2.06
C LYS QB 71 98.39 -50.52 -2.78
N HIS QB 72 97.32 -50.82 -2.04
CA HIS QB 72 96.21 -51.59 -2.60
C HIS QB 72 95.18 -50.75 -3.33
N GLY QB 73 95.32 -49.43 -3.37
CA GLY QB 73 94.39 -48.60 -4.11
C GLY QB 73 93.20 -48.17 -3.28
N PRO QB 74 92.04 -47.98 -3.92
CA PRO QB 74 90.82 -47.69 -3.16
C PRO QB 74 90.19 -48.97 -2.63
N LEU QB 75 89.75 -48.92 -1.38
CA LEU QB 75 89.26 -50.09 -0.66
C LEU QB 75 87.86 -49.84 -0.12
N SER QB 76 87.12 -50.93 0.07
CA SER QB 76 85.88 -50.87 0.82
C SER QB 76 86.17 -51.05 2.31
N VAL QB 77 85.12 -51.03 3.13
CA VAL QB 77 85.28 -51.09 4.58
C VAL QB 77 85.69 -52.48 5.07
N PRO QB 78 85.02 -53.59 4.70
CA PRO QB 78 85.56 -54.89 5.16
C PRO QB 78 86.87 -55.26 4.51
N ASN QB 79 87.08 -54.87 3.25
CA ASN QB 79 88.35 -55.11 2.59
C ASN QB 79 89.49 -54.33 3.23
N THR QB 80 89.19 -53.17 3.80
CA THR QB 80 90.20 -52.44 4.56
C THR QB 80 90.68 -53.25 5.74
N TRP QB 81 89.74 -53.89 6.46
CA TRP QB 81 90.11 -54.73 7.60
C TRP QB 81 90.89 -55.95 7.15
N LEU QB 82 90.44 -56.59 6.07
CA LEU QB 82 91.12 -57.77 5.57
C LEU QB 82 92.56 -57.45 5.21
N ARG QB 83 92.76 -56.49 4.30
CA ARG QB 83 94.09 -56.09 3.87
C ARG QB 83 94.95 -55.55 5.01
N ALA QB 84 94.35 -54.89 6.01
CA ALA QB 84 95.10 -54.49 7.19
C ALA QB 84 95.58 -55.70 7.97
N GLN QB 85 94.77 -56.75 8.03
CA GLN QB 85 95.17 -57.95 8.75
C GLN QB 85 96.28 -58.72 8.04
N GLU QB 86 96.25 -58.81 6.71
CA GLU QB 86 97.38 -59.48 6.07
C GLU QB 86 98.62 -58.58 6.04
N ALA QB 87 98.44 -57.26 6.07
CA ALA QB 87 99.59 -56.35 6.08
C ALA QB 87 100.12 -56.09 7.48
N GLY QB 88 99.46 -56.62 8.51
CA GLY QB 88 99.97 -56.52 9.87
C GLY QB 88 99.95 -55.14 10.49
N VAL QB 89 98.88 -54.39 10.28
CA VAL QB 89 98.71 -53.10 10.94
C VAL QB 89 98.40 -53.36 12.42
N SER QB 90 99.33 -53.03 13.29
CA SER QB 90 99.13 -53.29 14.70
C SER QB 90 98.39 -52.13 15.35
N GLY QB 91 98.21 -52.20 16.67
CA GLY QB 91 97.60 -51.16 17.51
C GLY QB 91 96.15 -50.85 17.13
N LEU QB 92 95.45 -51.78 16.49
CA LEU QB 92 94.03 -51.64 16.19
C LEU QB 92 93.30 -52.76 16.91
N ASN QB 93 92.30 -52.40 17.71
CA ASN QB 93 91.58 -53.38 18.50
C ASN QB 93 90.68 -54.23 17.60
N SER QB 94 89.72 -53.60 16.94
CA SER QB 94 88.80 -54.36 16.12
C SER QB 94 88.22 -53.43 15.04
N LYS QB 95 87.13 -53.88 14.40
CA LYS QB 95 86.59 -53.13 13.27
C LYS QB 95 85.97 -51.81 13.70
N THR QB 96 85.37 -51.76 14.89
CA THR QB 96 84.83 -50.50 15.39
C THR QB 96 85.92 -49.47 15.61
N HIS QB 97 87.03 -49.89 16.23
CA HIS QB 97 88.17 -49.01 16.38
C HIS QB 97 88.74 -48.62 15.02
N MET QB 98 88.74 -49.55 14.06
CA MET QB 98 89.26 -49.25 12.73
C MET QB 98 88.42 -48.18 12.04
N LYS QB 99 87.09 -48.29 12.15
CA LYS QB 99 86.21 -47.27 11.59
C LYS QB 99 86.42 -45.92 12.27
N LEU QB 100 86.66 -45.93 13.58
CA LEU QB 100 86.97 -44.68 14.27
C LEU QB 100 88.25 -44.05 13.74
N MET QB 101 89.28 -44.87 13.50
CA MET QB 101 90.51 -44.32 12.96
C MET QB 101 90.34 -43.85 11.52
N LEU QB 102 89.48 -44.50 10.75
CA LEU QB 102 89.21 -44.04 9.39
C LEU QB 102 88.54 -42.67 9.40
N LYS QB 103 87.54 -42.48 10.26
CA LYS QB 103 86.90 -41.18 10.37
C LYS QB 103 87.88 -40.13 10.89
N TRP QB 104 88.75 -40.52 11.82
CA TRP QB 104 89.78 -39.62 12.34
C TRP QB 104 90.74 -39.17 11.25
N MET QB 105 91.17 -40.11 10.41
CA MET QB 105 92.05 -39.77 9.30
C MET QB 105 91.37 -38.93 8.25
N ARG QB 106 90.06 -39.12 8.05
CA ARG QB 106 89.32 -38.19 7.20
C ARG QB 106 89.32 -36.79 7.76
N GLY QB 107 89.16 -36.68 9.08
CA GLY QB 107 89.21 -35.37 9.73
C GLY QB 107 90.57 -34.72 9.69
N ARG QB 108 91.64 -35.51 9.72
CA ARG QB 108 92.98 -34.99 9.63
C ARG QB 108 93.40 -34.69 8.19
N LYS QB 109 92.48 -34.81 7.24
CA LYS QB 109 92.67 -34.46 5.82
C LYS QB 109 93.79 -35.27 5.19
N MET QB 110 93.66 -36.60 5.26
CA MET QB 110 94.57 -37.47 4.54
C MET QB 110 93.85 -38.55 3.73
N LEU QB 111 92.61 -38.89 4.06
CA LEU QB 111 91.81 -39.81 3.27
C LEU QB 111 90.58 -39.08 2.74
N LYS QB 112 89.88 -39.76 1.84
CA LYS QB 112 88.67 -39.22 1.23
C LYS QB 112 87.68 -40.35 1.01
N LEU QB 113 86.44 -40.12 1.44
CA LEU QB 113 85.36 -41.09 1.25
C LEU QB 113 84.64 -40.75 -0.05
N ILE QB 114 84.73 -41.63 -1.03
CA ILE QB 114 84.12 -41.41 -2.33
C ILE QB 114 82.97 -42.39 -2.50
N CYS QB 115 82.00 -41.98 -3.31
CA CYS QB 115 80.83 -42.81 -3.62
C CYS QB 115 80.81 -43.04 -5.12
N ASN QB 116 80.66 -44.30 -5.53
CA ASN QB 116 80.57 -44.67 -6.93
C ASN QB 116 79.30 -45.47 -7.14
N GLN QB 117 78.49 -45.08 -8.12
CA GLN QB 117 77.28 -45.81 -8.48
C GLN QB 117 77.52 -46.55 -9.79
N VAL QB 118 77.28 -47.87 -9.76
CA VAL QB 118 77.57 -48.71 -10.91
C VAL QB 118 76.42 -48.81 -11.89
N GLY QB 119 75.25 -48.28 -11.55
CA GLY QB 119 74.08 -48.39 -12.39
C GLY QB 119 72.89 -48.94 -11.65
N SER QB 120 73.13 -49.68 -10.57
CA SER QB 120 72.06 -50.22 -9.76
C SER QB 120 72.33 -50.20 -8.26
N SER QB 121 73.46 -49.66 -7.82
CA SER QB 121 73.81 -49.73 -6.41
C SER QB 121 74.84 -48.66 -6.09
N LYS QB 122 75.04 -48.43 -4.79
CA LYS QB 122 76.04 -47.50 -4.30
C LYS QB 122 77.16 -48.28 -3.63
N LYS QB 123 78.40 -47.90 -3.92
CA LYS QB 123 79.55 -48.46 -3.21
C LYS QB 123 80.46 -47.33 -2.75
N PHE QB 124 80.91 -47.42 -1.51
CA PHE QB 124 81.68 -46.37 -0.88
C PHE QB 124 83.11 -46.85 -0.65
N PHE QB 125 84.07 -46.02 -1.04
CA PHE QB 125 85.48 -46.38 -0.98
C PHE QB 125 86.25 -45.31 -0.24
N HIS QB 126 87.39 -45.72 0.32
CA HIS QB 126 88.31 -44.79 0.97
C HIS QB 126 89.58 -44.71 0.14
N THR QB 127 89.95 -43.49 -0.26
CA THR QB 127 91.13 -43.29 -1.10
C THR QB 127 92.05 -42.27 -0.46
N VAL QB 128 93.30 -42.26 -0.91
CA VAL QB 128 94.31 -41.40 -0.30
C VAL QB 128 94.14 -39.97 -0.81
N LEU QB 129 94.81 -39.04 -0.13
CA LEU QB 129 94.89 -37.68 -0.62
C LEU QB 129 96.34 -37.32 -0.92
N PRO QB 130 96.60 -36.60 -2.02
CA PRO QB 130 97.96 -36.13 -2.35
C PRO QB 130 98.49 -35.10 -1.36
N SER RB 60 107.15 41.54 20.23
CA SER RB 60 108.58 41.30 19.99
C SER RB 60 109.27 42.56 19.51
N LEU RB 61 108.66 43.71 19.82
CA LEU RB 61 109.19 45.05 19.64
C LEU RB 61 109.33 45.47 18.18
N THR RB 62 109.08 44.54 17.24
CA THR RB 62 109.18 44.84 15.81
C THR RB 62 108.02 44.24 15.04
N ASP RB 63 106.94 43.86 15.72
CA ASP RB 63 105.78 43.31 15.04
C ASP RB 63 105.10 44.40 14.25
N THR RB 64 105.11 44.29 12.93
CA THR RB 64 104.32 45.17 12.07
C THR RB 64 102.90 44.67 11.91
N ARG RB 65 102.56 43.55 12.54
CA ARG RB 65 101.20 43.03 12.50
C ARG RB 65 100.27 43.89 13.33
N LEU RB 66 99.00 43.93 12.91
CA LEU RB 66 98.01 44.80 13.49
C LEU RB 66 97.00 44.02 14.33
N PRO RB 67 96.54 44.56 15.45
CA PRO RB 67 95.63 43.83 16.31
C PRO RB 67 94.22 43.78 15.76
N LYS RB 68 93.48 42.77 16.21
CA LYS RB 68 92.07 42.66 15.87
C LYS RB 68 91.27 43.78 16.51
N ARG RB 69 90.18 44.17 15.88
CA ARG RB 69 89.42 45.33 16.29
C ARG RB 69 88.03 44.93 16.78
N ARG RB 70 87.50 45.74 17.70
CA ARG RB 70 86.23 45.44 18.33
C ARG RB 70 85.08 45.74 17.38
N PRO RB 71 84.03 44.92 17.36
CA PRO RB 71 82.84 45.25 16.59
C PRO RB 71 82.11 46.45 17.16
N MET RB 72 81.46 47.20 16.27
CA MET RB 72 80.70 48.37 16.68
C MET RB 72 79.25 48.01 16.93
N ALA RB 73 78.62 48.74 17.84
CA ALA RB 73 77.30 48.40 18.35
C ALA RB 73 76.17 49.23 17.76
N HIS RB 74 76.46 50.06 16.75
CA HIS RB 74 75.39 50.82 16.12
C HIS RB 74 74.50 49.88 15.29
N PRO RB 75 73.22 50.20 15.14
CA PRO RB 75 72.34 49.32 14.36
C PRO RB 75 72.70 49.31 12.89
N LYS RB 76 72.54 48.15 12.27
CA LYS RB 76 72.89 47.94 10.87
C LYS RB 76 71.64 47.67 10.06
N LYS RB 77 71.63 48.16 8.82
CA LYS RB 77 70.48 47.99 7.96
C LYS RB 77 70.41 46.56 7.43
N LYS RB 78 69.19 46.03 7.35
CA LYS RB 78 68.99 44.72 6.77
C LYS RB 78 68.89 44.82 5.25
N ARG RB 79 69.18 43.71 4.58
CA ARG RB 79 69.25 43.70 3.12
C ARG RB 79 67.89 43.85 2.46
N PHE RB 80 66.80 43.63 3.20
CA PHE RB 80 65.46 43.79 2.63
C PHE RB 80 65.14 45.26 2.38
N LYS RB 81 65.67 46.14 3.21
CA LYS RB 81 65.42 47.58 3.05
C LYS RB 81 66.34 48.22 2.02
N LEU RB 82 67.47 47.59 1.70
CA LEU RB 82 68.38 48.15 0.70
C LEU RB 82 67.89 47.90 -0.72
N LYS RB 83 66.97 46.95 -0.91
CA LYS RB 83 66.44 46.66 -2.23
C LYS RB 83 65.59 47.84 -2.72
N PRO RB 84 65.73 48.23 -3.98
CA PRO RB 84 64.94 49.36 -4.48
C PRO RB 84 63.46 49.02 -4.51
N PRO RB 85 62.59 50.00 -4.30
CA PRO RB 85 61.16 49.72 -4.29
C PRO RB 85 60.60 49.59 -5.69
N GLY RB 86 59.35 49.14 -5.75
CA GLY RB 86 58.70 48.92 -7.02
C GLY RB 86 58.34 47.45 -7.20
N PRO RB 87 57.61 47.14 -8.26
CA PRO RB 87 57.20 45.75 -8.48
C PRO RB 87 58.27 44.88 -9.11
N TYR RB 88 59.27 45.47 -9.75
CA TYR RB 88 60.20 44.70 -10.57
C TYR RB 88 61.36 44.18 -9.76
N ALA RB 89 61.74 42.94 -10.05
CA ALA RB 89 62.94 42.33 -9.49
C ALA RB 89 63.86 41.96 -10.63
N TYR RB 90 65.11 42.38 -10.54
CA TYR RB 90 66.09 42.17 -11.60
C TYR RB 90 66.90 40.93 -11.26
N VAL RB 91 66.59 39.82 -11.92
CA VAL RB 91 67.17 38.54 -11.61
C VAL RB 91 68.28 38.23 -12.61
N GLN RB 92 69.10 37.24 -12.30
CA GLN RB 92 70.17 36.83 -13.21
C GLN RB 92 69.56 36.09 -14.39
N TYR RB 93 69.99 36.45 -15.61
CA TYR RB 93 69.34 35.99 -16.83
C TYR RB 93 70.36 35.49 -17.83
N THR RB 94 70.22 34.22 -18.23
CA THR RB 94 70.92 33.67 -19.37
C THR RB 94 69.97 33.63 -20.55
N PRO RB 95 70.25 34.33 -21.67
CA PRO RB 95 69.19 34.64 -22.64
C PRO RB 95 68.65 33.45 -23.42
N GLY RB 96 69.05 32.21 -23.13
CA GLY RB 96 68.44 31.09 -23.79
C GLY RB 96 67.91 30.05 -22.81
N GLU RB 97 68.10 30.29 -21.51
CA GLU RB 97 67.78 29.31 -20.48
C GLU RB 97 66.68 29.85 -19.56
N PRO RB 98 65.84 28.97 -19.02
CA PRO RB 98 64.77 29.44 -18.13
C PRO RB 98 65.31 29.97 -16.81
N ILE RB 99 64.51 30.83 -16.20
CA ILE RB 99 64.92 31.55 -14.99
C ILE RB 99 64.84 30.60 -13.80
N ALA RB 100 65.99 30.37 -13.16
CA ALA RB 100 66.04 29.59 -11.94
C ALA RB 100 65.74 30.47 -10.73
N SER RB 101 65.18 29.86 -9.70
CA SER RB 101 64.75 30.61 -8.52
C SER RB 101 65.87 30.79 -7.51
N ASN RB 102 66.96 30.05 -7.62
CA ASN RB 102 68.02 30.06 -6.63
C ASN RB 102 69.34 29.78 -7.35
N ASN RB 103 70.35 30.59 -7.07
CA ASN RB 103 71.63 30.52 -7.76
C ASN RB 103 72.76 30.38 -6.75
N PRO RB 104 72.97 29.21 -6.17
CA PRO RB 104 74.11 29.03 -5.28
C PRO RB 104 75.43 29.12 -6.02
N ASN RB 105 76.44 29.63 -5.33
CA ASN RB 105 77.80 29.72 -5.87
C ASN RB 105 78.71 28.86 -5.00
N LYS RB 106 80.02 29.01 -5.19
CA LYS RB 106 80.99 28.12 -4.57
C LYS RB 106 81.09 28.30 -3.06
N GLY RB 107 80.57 29.39 -2.50
CA GLY RB 107 80.64 29.65 -1.09
C GLY RB 107 79.37 29.39 -0.30
N SER RB 108 78.39 28.71 -0.88
CA SER RB 108 77.11 28.48 -0.22
C SER RB 108 77.15 27.12 0.46
N VAL RB 109 77.55 27.11 1.73
CA VAL RB 109 77.67 25.88 2.51
C VAL RB 109 76.43 25.73 3.38
N LYS RB 110 76.09 24.50 3.71
CA LYS RB 110 74.86 24.18 4.41
C LYS RB 110 75.10 23.11 5.48
N ARG RB 111 74.24 23.13 6.51
CA ARG RB 111 74.09 22.05 7.49
C ARG RB 111 75.39 21.76 8.25
N ARG RB 112 76.08 22.81 8.65
CA ARG RB 112 77.35 22.63 9.35
C ARG RB 112 77.16 22.09 10.76
N ASN RB 113 76.17 22.61 11.50
CA ASN RB 113 75.84 22.06 12.82
C ASN RB 113 75.34 20.63 12.72
N ALA RB 114 74.57 20.32 11.69
CA ALA RB 114 74.09 18.96 11.49
C ALA RB 114 75.22 17.99 11.23
N LYS RB 115 76.21 18.39 10.41
CA LYS RB 115 77.34 17.51 10.20
C LYS RB 115 78.19 17.36 11.45
N LYS RB 116 78.28 18.43 12.27
CA LYS RB 116 78.96 18.33 13.55
C LYS RB 116 78.29 17.31 14.46
N ARG RB 117 76.96 17.32 14.51
CA ARG RB 117 76.23 16.37 15.34
C ARG RB 117 76.38 14.94 14.85
N ILE RB 118 76.37 14.73 13.53
CA ILE RB 118 76.57 13.41 12.97
C ILE RB 118 77.96 12.87 13.32
N GLY RB 119 78.98 13.71 13.21
CA GLY RB 119 80.32 13.30 13.60
C GLY RB 119 80.45 12.95 15.06
N GLN RB 120 79.82 13.75 15.93
CA GLN RB 120 79.83 13.45 17.36
C GLN RB 120 79.18 12.11 17.67
N ARG RB 121 78.04 11.82 17.02
CA ARG RB 121 77.36 10.57 17.28
C ARG RB 121 78.19 9.37 16.82
N ARG RB 122 78.84 9.49 15.66
CA ARG RB 122 79.70 8.40 15.19
C ARG RB 122 80.87 8.15 16.13
N ALA RB 123 81.52 9.22 16.61
CA ALA RB 123 82.63 9.04 17.54
C ALA RB 123 82.19 8.42 18.85
N PHE RB 124 81.02 8.81 19.35
CA PHE RB 124 80.48 8.22 20.58
C PHE RB 124 80.20 6.73 20.42
N ILE RB 125 79.61 6.33 19.29
CA ILE RB 125 79.32 4.92 19.05
C ILE RB 125 80.61 4.10 19.05
N LEU RB 126 81.64 4.61 18.36
CA LEU RB 126 82.91 3.87 18.31
C LEU RB 126 83.57 3.76 19.68
N SER RB 127 83.56 4.83 20.47
CA SER RB 127 84.18 4.78 21.79
C SER RB 127 83.48 3.80 22.72
N GLU RB 128 82.15 3.78 22.69
CA GLU RB 128 81.41 2.83 23.50
C GLU RB 128 81.69 1.38 23.09
N LYS RB 129 81.79 1.13 21.79
CA LYS RB 129 82.12 -0.21 21.31
C LYS RB 129 83.50 -0.65 21.80
N LYS RB 130 84.48 0.25 21.77
CA LYS RB 130 85.81 -0.10 22.24
C LYS RB 130 85.84 -0.41 23.73
N LYS RB 131 85.08 0.35 24.53
CA LYS RB 131 85.01 0.08 25.97
C LYS RB 131 84.43 -1.30 26.25
N ARG RB 132 83.33 -1.65 25.56
CA ARG RB 132 82.72 -2.96 25.77
C ARG RB 132 83.66 -4.09 25.36
N GLN RB 133 84.37 -3.92 24.24
CA GLN RB 133 85.32 -4.93 23.78
C GLN RB 133 86.44 -5.15 24.79
N GLY RB 134 86.97 -4.06 25.35
CA GLY RB 134 88.03 -4.19 26.33
C GLY RB 134 87.60 -4.91 27.59
N LEU RB 135 86.38 -4.62 28.07
CA LEU RB 135 85.90 -5.30 29.27
C LEU RB 135 85.72 -6.79 29.04
N VAL RB 136 85.17 -7.18 27.89
CA VAL RB 136 85.00 -8.60 27.60
C VAL RB 136 86.35 -9.31 27.49
N GLN RB 137 87.34 -8.63 26.88
CA GLN RB 137 88.66 -9.25 26.73
C GLN RB 137 89.35 -9.49 28.07
N GLU RB 138 89.27 -8.51 28.99
CA GLU RB 138 89.87 -8.70 30.31
C GLU RB 138 89.18 -9.82 31.09
N ALA RB 139 87.84 -9.93 30.97
CA ALA RB 139 87.15 -11.03 31.62
C ALA RB 139 87.58 -12.38 31.08
N LYS RB 140 87.74 -12.51 29.76
CA LYS RB 140 88.17 -13.79 29.20
C LYS RB 140 89.60 -14.14 29.59
N ARG RB 141 90.47 -13.13 29.72
CA ARG RB 141 91.81 -13.40 30.21
C ARG RB 141 91.81 -13.96 31.62
N LYS RB 142 91.00 -13.37 32.51
CA LYS RB 142 90.91 -13.90 33.87
C LYS RB 142 90.34 -15.31 33.90
N LYS RB 143 89.36 -15.60 33.04
CA LYS RB 143 88.81 -16.96 32.97
C LYS RB 143 89.86 -17.97 32.51
N ARG RB 144 90.71 -17.60 31.54
CA ARG RB 144 91.79 -18.49 31.12
C ARG RB 144 92.77 -18.77 32.24
N ILE RB 145 93.13 -17.74 33.01
CA ILE RB 145 94.03 -17.95 34.16
C ILE RB 145 93.41 -18.93 35.15
N LYS RB 146 92.11 -18.79 35.42
CA LYS RB 146 91.42 -19.71 36.32
C LYS RB 146 91.44 -21.15 35.81
N GLU RB 147 91.20 -21.36 34.52
CA GLU RB 147 91.23 -22.70 33.94
C GLU RB 147 92.60 -23.35 34.05
N VAL RB 148 93.67 -22.57 33.80
CA VAL RB 148 95.03 -23.11 33.91
C VAL RB 148 95.35 -23.52 35.34
N GLU RB 149 94.98 -22.68 36.32
CA GLU RB 149 95.22 -23.02 37.72
C GLU RB 149 94.45 -24.27 38.13
N ARG RB 150 93.23 -24.45 37.63
CA ARG RB 150 92.46 -25.66 37.90
C ARG RB 150 93.15 -26.91 37.33
N LYS RB 151 93.67 -26.82 36.10
CA LYS RB 151 94.35 -27.96 35.50
C LYS RB 151 95.63 -28.33 36.25
N MET RB 152 96.30 -27.36 36.85
CA MET RB 152 97.47 -27.71 37.66
C MET RB 152 97.08 -28.32 39.01
N ALA RB 153 96.04 -27.77 39.65
CA ALA RB 153 95.59 -28.27 40.94
C ALA RB 153 95.10 -29.70 40.89
N LYS RB 154 94.59 -30.16 39.73
CA LYS RB 154 94.15 -31.55 39.62
C LYS RB 154 95.29 -32.54 39.86
N VAL RB 155 96.40 -32.39 39.14
CA VAL RB 155 97.50 -33.33 39.32
C VAL RB 155 98.23 -33.11 40.64
N ALA RB 156 98.23 -31.88 41.17
CA ALA RB 156 98.74 -31.71 42.53
C ALA RB 156 97.95 -32.53 43.55
N ARG RB 157 96.62 -32.53 43.43
CA ARG RB 157 95.78 -33.34 44.29
C ARG RB 157 96.03 -34.84 44.12
N GLU RB 158 96.25 -35.30 42.88
CA GLU RB 158 96.55 -36.72 42.68
C GLU RB 158 97.84 -37.15 43.35
N ARG RB 159 98.91 -36.35 43.22
CA ARG RB 159 100.17 -36.70 43.86
C ARG RB 159 100.05 -36.70 45.39
N ALA RB 160 99.36 -35.68 45.93
CA ALA RB 160 99.17 -35.62 47.38
C ALA RB 160 98.38 -36.81 47.90
N TRP RB 161 97.34 -37.23 47.18
CA TRP RB 161 96.60 -38.41 47.63
C TRP RB 161 97.43 -39.68 47.53
N GLU RB 162 98.29 -39.79 46.51
CA GLU RB 162 99.15 -40.97 46.44
C GLU RB 162 100.05 -41.09 47.65
N GLU RB 163 100.67 -39.97 48.05
CA GLU RB 163 101.51 -40.01 49.26
C GLU RB 163 100.69 -40.31 50.51
N ARG RB 164 99.51 -39.69 50.64
CA ARG RB 164 98.67 -39.93 51.82
C ARG RB 164 98.22 -41.38 51.91
N LEU RB 165 97.86 -41.97 50.77
CA LEU RB 165 97.42 -43.36 50.74
C LEU RB 165 98.54 -44.32 51.12
N ALA RB 166 99.76 -44.08 50.62
CA ALA RB 166 100.87 -44.95 51.01
C ALA RB 166 101.18 -44.84 52.50
N GLU RB 167 101.16 -43.63 53.06
CA GLU RB 167 101.38 -43.46 54.49
C GLU RB 167 100.29 -44.14 55.32
N LEU RB 168 99.03 -44.02 54.90
CA LEU RB 168 97.94 -44.67 55.63
C LEU RB 168 98.01 -46.18 55.53
N GLN RB 169 98.45 -46.72 54.40
CA GLN RB 169 98.66 -48.16 54.27
C GLN RB 169 99.73 -48.64 55.24
N ARG RB 170 100.84 -47.92 55.34
CA ARG RB 170 101.89 -48.32 56.28
C ARG RB 170 101.40 -48.20 57.72
N LEU RB 171 100.60 -47.18 58.02
CA LEU RB 171 100.06 -47.01 59.37
C LEU RB 171 99.09 -48.14 59.71
N GLU RB 172 98.29 -48.59 58.73
CA GLU RB 172 97.41 -49.73 58.98
C GLU RB 172 98.20 -51.02 59.16
N GLU RB 173 99.31 -51.17 58.44
CA GLU RB 173 100.19 -52.33 58.67
C GLU RB 173 100.78 -52.33 60.07
N GLU RB 174 101.21 -51.16 60.57
CA GLU RB 174 101.72 -51.07 61.92
C GLU RB 174 100.63 -51.17 62.98
N LYS RB 175 99.38 -50.85 62.62
CA LYS RB 175 98.27 -51.12 63.53
C LYS RB 175 97.98 -52.62 63.62
N LYS RB 176 98.06 -53.33 62.49
CA LYS RB 176 98.01 -54.79 62.53
C LYS RB 176 99.25 -55.36 63.21
N LYS RB 177 100.43 -54.87 62.81
CA LYS RB 177 101.76 -55.27 63.29
C LYS RB 177 101.97 -56.78 63.42
N HIS SB 5 100.17 -31.01 0.74
CA HIS SB 5 100.70 -31.73 1.88
C HIS SB 5 100.16 -31.12 3.16
N LEU SB 6 100.24 -31.85 4.27
CA LEU SB 6 99.78 -31.36 5.56
C LEU SB 6 100.79 -30.44 6.25
N SER SB 7 102.05 -30.47 5.83
CA SER SB 7 103.04 -29.57 6.43
C SER SB 7 102.78 -28.14 6.04
N ARG SB 8 102.54 -27.90 4.75
CA ARG SB 8 102.34 -26.56 4.21
C ARG SB 8 100.99 -26.53 3.52
N PRO SB 9 99.92 -26.18 4.23
CA PRO SB 9 98.59 -26.19 3.63
C PRO SB 9 98.30 -24.96 2.78
N ARG SB 10 98.92 -23.84 3.14
CA ARG SB 10 98.66 -22.57 2.46
C ARG SB 10 99.57 -22.45 1.24
N ASP SB 11 99.32 -23.35 0.28
CA ASP SB 11 100.15 -23.45 -0.91
C ASP SB 11 99.90 -22.29 -1.86
N ILE SB 12 100.96 -21.83 -2.52
CA ILE SB 12 100.86 -20.64 -3.35
C ILE SB 12 100.53 -20.98 -4.80
N VAL SB 13 100.54 -22.25 -5.18
CA VAL SB 13 100.17 -22.62 -6.54
C VAL SB 13 98.68 -22.91 -6.64
N LYS SB 14 98.16 -23.69 -5.70
CA LYS SB 14 96.77 -24.16 -5.74
C LYS SB 14 95.79 -23.19 -5.08
N ARG SB 15 96.25 -22.02 -4.65
CA ARG SB 15 95.36 -21.11 -3.95
C ARG SB 15 94.39 -20.44 -4.90
N SER SB 16 93.34 -19.86 -4.34
CA SER SB 16 92.30 -19.23 -5.13
C SER SB 16 92.80 -17.95 -5.79
N THR SB 17 92.34 -17.70 -7.00
CA THR SB 17 92.71 -16.48 -7.72
C THR SB 17 91.73 -15.34 -7.47
N LYS SB 18 90.53 -15.62 -6.98
CA LYS SB 18 89.59 -14.54 -6.69
C LYS SB 18 89.99 -13.79 -5.42
N LYS SB 19 90.55 -14.50 -4.44
CA LYS SB 19 90.92 -13.88 -3.18
C LYS SB 19 92.37 -13.43 -3.17
N TYR SB 20 93.27 -14.22 -3.73
CA TYR SB 20 94.69 -14.01 -3.62
C TYR SB 20 95.28 -13.53 -4.94
N LEU SB 21 96.57 -13.22 -4.91
CA LEU SB 21 97.29 -12.77 -6.09
C LEU SB 21 97.63 -13.95 -7.00
N ASP SB 22 97.69 -13.66 -8.30
CA ASP SB 22 97.95 -14.70 -9.29
C ASP SB 22 99.41 -15.15 -9.29
N GLU SB 23 100.31 -14.29 -8.85
CA GLU SB 23 101.73 -14.60 -8.73
C GLU SB 23 102.21 -14.15 -7.36
N PRO SB 24 103.29 -14.74 -6.85
CA PRO SB 24 103.79 -14.36 -5.51
C PRO SB 24 104.19 -12.89 -5.42
N LEU SB 25 104.06 -12.36 -4.20
CA LEU SB 25 104.32 -10.93 -3.97
C LEU SB 25 105.78 -10.58 -4.22
N TYR SB 26 106.71 -11.46 -3.84
CA TYR SB 26 108.12 -11.17 -4.07
C TYR SB 26 108.50 -11.28 -5.53
N HIS SB 27 107.67 -11.91 -6.35
CA HIS SB 27 107.83 -11.87 -7.79
C HIS SB 27 107.13 -10.67 -8.41
N ARG SB 28 106.01 -10.24 -7.83
CA ARG SB 28 105.24 -9.15 -8.39
C ARG SB 28 105.90 -7.81 -8.14
N LEU SB 29 106.50 -7.62 -6.95
CA LEU SB 29 107.08 -6.33 -6.64
C LEU SB 29 108.34 -6.03 -7.45
N PHE SB 30 108.92 -7.02 -8.11
CA PHE SB 30 110.12 -6.84 -8.91
C PHE SB 30 109.85 -7.01 -10.40
N LYS SB 31 108.64 -6.65 -10.85
CA LYS SB 31 108.29 -6.84 -12.26
C LYS SB 31 109.01 -5.84 -13.16
N ASP SB 32 109.01 -4.57 -12.78
CA ASP SB 32 109.55 -3.52 -13.64
C ASP SB 32 111.04 -3.27 -13.43
N GLY SB 33 111.67 -3.96 -12.49
CA GLY SB 33 113.07 -3.76 -12.20
C GLY SB 33 113.32 -3.59 -10.71
N GLY SB 34 114.59 -3.60 -10.38
CA GLY SB 34 115.02 -3.46 -9.00
C GLY SB 34 115.18 -2.03 -8.54
N SER SB 35 114.77 -1.07 -9.37
CA SER SB 35 114.95 0.33 -9.02
C SER SB 35 113.98 0.74 -7.93
N GLU SB 36 114.38 1.77 -7.19
CA GLU SB 36 113.57 2.32 -6.11
C GLU SB 36 112.22 2.79 -6.60
N VAL SB 37 112.21 3.49 -7.74
CA VAL SB 37 110.97 4.03 -8.28
C VAL SB 37 110.02 2.92 -8.69
N SER SB 38 110.53 1.88 -9.36
CA SER SB 38 109.67 0.80 -9.82
C SER SB 38 109.16 -0.05 -8.67
N VAL SB 39 109.98 -0.26 -7.63
CA VAL SB 39 109.51 -0.98 -6.46
C VAL SB 39 108.42 -0.19 -5.74
N ARG SB 40 108.60 1.14 -5.60
CA ARG SB 40 107.57 1.96 -4.99
C ARG SB 40 106.29 2.00 -5.81
N GLN SB 41 106.39 2.07 -7.13
CA GLN SB 41 105.21 2.06 -7.98
C GLN SB 41 104.46 0.74 -7.90
N GLN SB 42 105.20 -0.38 -7.87
CA GLN SB 42 104.56 -1.68 -7.72
C GLN SB 42 103.87 -1.82 -6.38
N LEU SB 43 104.49 -1.32 -5.31
CA LEU SB 43 103.88 -1.38 -3.99
C LEU SB 43 102.63 -0.53 -3.91
N ASN SB 44 102.67 0.67 -4.51
CA ASN SB 44 101.50 1.54 -4.52
C ASN SB 44 100.36 0.93 -5.33
N GLN SB 45 100.68 0.30 -6.46
CA GLN SB 45 99.66 -0.36 -7.26
C GLN SB 45 99.09 -1.58 -6.55
N PHE SB 46 99.90 -2.27 -5.75
CA PHE SB 46 99.42 -3.45 -5.06
C PHE SB 46 98.55 -3.10 -3.85
N LEU SB 47 98.92 -2.06 -3.11
CA LEU SB 47 98.16 -1.72 -1.90
C LEU SB 47 96.78 -1.17 -2.21
N LYS SB 48 96.53 -0.72 -3.43
CA LYS SB 48 95.23 -0.24 -3.85
C LYS SB 48 94.33 -1.36 -4.40
N GLY SB 49 94.87 -2.56 -4.56
CA GLY SB 49 94.11 -3.65 -5.15
C GLY SB 49 93.20 -4.33 -4.14
N THR SB 50 92.46 -5.31 -4.65
CA THR SB 50 91.56 -6.11 -3.82
C THR SB 50 92.03 -7.55 -3.68
N LYS SB 51 93.28 -7.83 -3.99
CA LYS SB 51 93.83 -9.16 -3.84
C LYS SB 51 94.67 -9.24 -2.57
N HIS SB 52 94.72 -10.41 -1.97
CA HIS SB 52 95.34 -10.62 -0.67
C HIS SB 52 96.52 -11.57 -0.78
N VAL SB 53 97.26 -11.69 0.33
CA VAL SB 53 98.52 -12.42 0.40
C VAL SB 53 98.59 -13.19 1.72
N PHE SB 54 99.62 -14.01 1.85
CA PHE SB 54 99.86 -14.80 3.05
C PHE SB 54 100.86 -14.10 3.96
N LYS SB 55 100.89 -14.53 5.22
CA LYS SB 55 101.82 -13.95 6.18
C LYS SB 55 103.26 -14.36 5.89
N TRP SB 56 103.49 -15.63 5.54
CA TRP SB 56 104.83 -16.05 5.14
C TRP SB 56 105.25 -15.39 3.82
N GLU SB 57 104.28 -15.13 2.94
CA GLU SB 57 104.56 -14.41 1.70
C GLU SB 57 105.04 -13.00 1.99
N VAL SB 58 104.38 -12.31 2.93
CA VAL SB 58 104.82 -10.97 3.31
C VAL SB 58 106.18 -11.03 4.00
N GLY SB 59 106.42 -12.08 4.80
CA GLY SB 59 107.72 -12.20 5.47
C GLY SB 59 108.87 -12.38 4.50
N ASP SB 60 108.70 -13.27 3.52
CA ASP SB 60 109.72 -13.46 2.50
C ASP SB 60 109.87 -12.23 1.63
N THR SB 61 108.78 -11.51 1.38
CA THR SB 61 108.86 -10.27 0.64
C THR SB 61 109.69 -9.23 1.40
N ILE SB 62 109.48 -9.14 2.72
CA ILE SB 62 110.25 -8.22 3.54
C ILE SB 62 111.73 -8.59 3.51
N LYS SB 63 112.03 -9.88 3.58
CA LYS SB 63 113.43 -10.31 3.55
C LYS SB 63 114.08 -10.03 2.18
N LYS SB 64 113.36 -10.25 1.09
CA LYS SB 64 113.91 -9.97 -0.23
C LYS SB 64 114.12 -8.48 -0.46
N LEU SB 65 113.18 -7.65 0.02
CA LEU SB 65 113.35 -6.21 -0.10
C LEU SB 65 114.48 -5.71 0.79
N ARG SB 66 114.69 -6.34 1.94
CA ARG SB 66 115.81 -5.97 2.79
C ARG SB 66 117.13 -6.40 2.21
N SER SB 67 117.15 -7.52 1.47
CA SER SB 67 118.40 -8.07 0.97
C SER SB 67 119.01 -7.23 -0.14
N ARG SB 68 118.27 -6.30 -0.72
CA ARG SB 68 118.79 -5.39 -1.73
C ARG SB 68 118.84 -3.96 -1.26
N GLY SB 69 118.79 -3.72 0.04
CA GLY SB 69 118.87 -2.37 0.57
C GLY SB 69 117.62 -1.53 0.40
N LEU SB 70 116.50 -2.14 0.01
CA LEU SB 70 115.25 -1.41 -0.15
C LEU SB 70 114.54 -1.38 1.21
N TYR SB 71 114.81 -0.34 1.98
CA TYR SB 71 114.34 -0.26 3.36
C TYR SB 71 113.01 0.47 3.48
N TYR SB 72 112.84 1.58 2.77
CA TYR SB 72 111.57 2.31 2.81
C TYR SB 72 110.38 1.51 2.31
N PRO SB 73 110.40 0.84 1.15
CA PRO SB 73 109.24 0.02 0.78
C PRO SB 73 109.00 -1.15 1.72
N ALA SB 74 110.06 -1.73 2.27
CA ALA SB 74 109.88 -2.82 3.22
C ALA SB 74 109.19 -2.34 4.49
N LEU SB 75 109.61 -1.19 5.02
CA LEU SB 75 108.95 -0.62 6.20
C LEU SB 75 107.51 -0.25 5.90
N LYS SB 76 107.26 0.33 4.73
CA LYS SB 76 105.90 0.73 4.37
C LYS SB 76 104.99 -0.48 4.26
N LEU SB 77 105.48 -1.56 3.65
CA LEU SB 77 104.68 -2.78 3.55
C LEU SB 77 104.43 -3.39 4.92
N SER SB 78 105.45 -3.43 5.78
CA SER SB 78 105.26 -3.99 7.12
C SER SB 78 104.25 -3.20 7.93
N GLU SB 79 104.34 -1.87 7.90
CA GLU SB 79 103.39 -1.04 8.65
C GLU SB 79 101.98 -1.18 8.11
N VAL SB 80 101.80 -1.16 6.79
CA VAL SB 80 100.47 -1.21 6.22
C VAL SB 80 99.83 -2.58 6.45
N MET SB 81 100.60 -3.65 6.29
CA MET SB 81 100.02 -4.97 6.47
C MET SB 81 99.76 -5.29 7.94
N GLU SB 82 100.53 -4.70 8.87
CA GLU SB 82 100.15 -4.81 10.27
C GLU SB 82 98.89 -4.02 10.58
N HIS SB 83 98.76 -2.84 9.96
CA HIS SB 83 97.56 -2.02 10.14
C HIS SB 83 96.31 -2.68 9.58
N ARG SB 84 96.46 -3.51 8.56
CA ARG SB 84 95.32 -4.18 7.93
C ARG SB 84 94.83 -5.40 8.70
N GLY SB 85 95.60 -5.90 9.67
CA GLY SB 85 95.09 -7.00 10.47
C GLY SB 85 96.07 -8.14 10.74
N MET SB 86 97.27 -8.07 10.17
CA MET SB 86 98.27 -9.12 10.34
C MET SB 86 99.07 -8.83 11.61
N ASN SB 87 98.96 -9.70 12.59
CA ASN SB 87 99.54 -9.43 13.90
C ASN SB 87 101.01 -9.80 13.95
N LYS SB 88 101.83 -8.86 14.40
CA LYS SB 88 103.25 -9.11 14.58
C LYS SB 88 103.48 -10.01 15.78
N THR SB 89 104.40 -10.95 15.63
CA THR SB 89 104.89 -11.72 16.75
C THR SB 89 106.17 -11.07 17.26
N VAL SB 90 106.88 -11.76 18.16
CA VAL SB 90 108.10 -11.21 18.73
C VAL SB 90 109.20 -11.14 17.67
N SER SB 91 109.32 -12.17 16.83
CA SER SB 91 110.32 -12.18 15.77
C SER SB 91 110.01 -11.10 14.73
N ASP SB 92 108.75 -10.96 14.35
CA ASP SB 92 108.36 -9.92 13.41
C ASP SB 92 108.55 -8.53 14.00
N GLN SB 93 108.38 -8.39 15.33
CA GLN SB 93 108.63 -7.11 15.96
C GLN SB 93 110.13 -6.79 15.99
N ALA SB 94 110.98 -7.80 16.14
CA ALA SB 94 112.41 -7.58 16.03
C ALA SB 94 112.81 -7.12 14.63
N ILE SB 95 112.25 -7.78 13.60
CA ILE SB 95 112.54 -7.40 12.23
C ILE SB 95 112.03 -5.99 11.93
N HIS SB 96 110.83 -5.67 12.42
CA HIS SB 96 110.28 -4.34 12.22
C HIS SB 96 111.08 -3.27 12.97
N LEU SB 97 111.60 -3.60 14.15
CA LEU SB 97 112.47 -2.66 14.87
C LEU SB 97 113.73 -2.38 14.08
N ASP SB 98 114.36 -3.42 13.53
CA ASP SB 98 115.54 -3.22 12.70
C ASP SB 98 115.21 -2.40 11.46
N LEU SB 99 114.04 -2.64 10.85
CA LEU SB 99 113.64 -1.85 9.68
C LEU SB 99 113.40 -0.38 10.03
N VAL SB 100 112.82 -0.12 11.19
CA VAL SB 100 112.62 1.26 11.63
C VAL SB 100 113.95 1.96 11.85
N ALA SB 101 114.90 1.28 12.49
CA ALA SB 101 116.21 1.87 12.68
C ALA SB 101 116.96 2.05 11.38
N LYS SB 102 116.69 1.20 10.38
CA LYS SB 102 117.34 1.34 9.08
C LYS SB 102 116.78 2.48 8.27
N ALA SB 103 115.47 2.73 8.36
CA ALA SB 103 114.85 3.76 7.54
C ALA SB 103 114.75 5.12 8.22
N ARG SB 104 114.12 5.22 9.38
CA ARG SB 104 113.88 6.51 10.01
C ARG SB 104 114.91 6.86 11.07
N GLY SB 105 115.90 6.01 11.31
CA GLY SB 105 116.98 6.34 12.21
C GLY SB 105 116.85 5.68 13.58
N ILE SB 106 117.97 5.73 14.30
CA ILE SB 106 118.02 5.10 15.62
C ILE SB 106 117.21 5.87 16.66
N ALA SB 107 116.97 7.16 16.45
CA ALA SB 107 116.10 7.90 17.35
C ALA SB 107 114.65 7.47 17.20
N ALA SB 108 114.25 7.04 16.01
CA ALA SB 108 112.92 6.44 15.83
C ALA SB 108 112.89 5.00 16.33
N GLY SB 109 114.00 4.26 16.15
CA GLY SB 109 114.06 2.91 16.66
C GLY SB 109 113.96 2.82 18.17
N GLU SB 110 114.59 3.76 18.87
CA GLU SB 110 114.49 3.79 20.32
C GLU SB 110 113.06 4.04 20.80
N SER SB 111 112.36 4.96 20.13
CA SER SB 111 110.97 5.20 20.46
C SER SB 111 110.08 4.00 20.16
N TYR SB 112 110.35 3.29 19.06
CA TYR SB 112 109.60 2.07 18.78
C TYR SB 112 109.85 1.02 19.85
N PHE SB 113 111.11 0.86 20.28
CA PHE SB 113 111.42 -0.09 21.34
C PHE SB 113 110.75 0.28 22.66
N VAL SB 114 110.68 1.57 22.96
CA VAL SB 114 109.99 2.01 24.17
C VAL SB 114 108.50 1.72 24.09
N ASP SB 115 107.88 2.02 22.95
CA ASP SB 115 106.45 1.80 22.77
C ASP SB 115 106.09 0.32 22.58
N LEU SB 116 107.08 -0.56 22.43
CA LEU SB 116 106.79 -2.00 22.46
C LEU SB 116 106.24 -2.43 23.81
N PRO SB 117 105.38 -3.45 23.83
CA PRO SB 117 104.90 -3.98 25.11
C PRO SB 117 105.99 -4.67 25.89
N GLU SB 118 105.69 -4.92 27.18
CA GLU SB 118 106.73 -5.44 28.08
C GLU SB 118 107.01 -6.92 27.83
N THR SB 119 106.00 -7.70 27.47
CA THR SB 119 106.25 -9.11 27.18
C THR SB 119 106.86 -9.31 25.79
N SER SB 120 106.91 -8.26 24.97
CA SER SB 120 107.62 -8.30 23.71
C SER SB 120 109.07 -7.85 23.81
N LYS SB 121 109.49 -7.35 24.97
CA LYS SB 121 110.86 -6.90 25.18
C LYS SB 121 111.70 -8.08 25.65
N THR SB 122 111.99 -8.98 24.72
CA THR SB 122 112.78 -10.17 24.99
C THR SB 122 114.08 -10.11 24.19
N GLU SB 123 114.82 -11.23 24.23
CA GLU SB 123 116.17 -11.32 23.71
C GLU SB 123 116.27 -10.99 22.23
N LEU SB 124 115.22 -11.27 21.44
CA LEU SB 124 115.25 -10.93 20.02
C LEU SB 124 115.25 -9.42 19.81
N THR SB 125 114.36 -8.71 20.50
CA THR SB 125 114.33 -7.25 20.40
C THR SB 125 115.59 -6.62 20.97
N TYR SB 126 116.11 -7.16 22.08
CA TYR SB 126 117.33 -6.61 22.65
C TYR SB 126 118.52 -6.78 21.71
N ALA SB 127 118.65 -7.95 21.08
CA ALA SB 127 119.74 -8.17 20.14
C ALA SB 127 119.58 -7.32 18.88
N SER SB 128 118.35 -7.15 18.41
CA SER SB 128 118.13 -6.31 17.24
C SER SB 128 118.50 -4.86 17.51
N LEU SB 129 118.12 -4.34 18.69
CA LEU SB 129 118.51 -2.98 19.04
C LEU SB 129 120.01 -2.85 19.24
N LEU SB 130 120.65 -3.89 19.77
CA LEU SB 130 122.10 -3.88 19.93
C LEU SB 130 122.82 -3.82 18.58
N ASN SB 131 122.33 -4.59 17.60
CA ASN SB 131 122.91 -4.53 16.27
C ASN SB 131 122.69 -3.16 15.62
N CYS SB 132 121.51 -2.59 15.82
CA CYS SB 132 121.26 -1.26 15.28
C CYS SB 132 122.02 -0.16 16.02
N TYR SB 133 122.53 -0.45 17.22
CA TYR SB 133 123.44 0.47 17.88
C TYR SB 133 124.84 0.35 17.29
N CYS SB 134 125.33 -0.88 17.15
CA CYS SB 134 126.70 -1.09 16.70
C CYS SB 134 126.89 -0.69 15.25
N LYS SB 135 125.87 -0.88 14.41
CA LYS SB 135 125.99 -0.47 13.01
C LYS SB 135 126.01 1.04 12.86
N GLU SB 136 125.53 1.78 13.85
CA GLU SB 136 125.56 3.25 13.83
C GLU SB 136 126.62 3.82 14.76
N LEU SB 137 127.42 2.95 15.40
CA LEU SB 137 128.68 3.33 16.05
C LEU SB 137 128.47 4.27 17.24
N MET SB 138 127.65 3.81 18.20
CA MET SB 138 127.38 4.56 19.43
C MET SB 138 127.81 3.69 20.61
N THR SB 139 129.10 3.81 20.96
CA THR SB 139 129.74 2.91 21.92
C THR SB 139 129.17 3.05 23.32
N GLU SB 140 128.87 4.27 23.74
CA GLU SB 140 128.38 4.49 25.11
C GLU SB 140 127.00 3.88 25.31
N LYS SB 141 126.07 4.10 24.37
CA LYS SB 141 124.75 3.50 24.47
C LYS SB 141 124.82 2.00 24.24
N ALA SB 142 125.78 1.55 23.43
CA ALA SB 142 125.99 0.11 23.26
C ALA SB 142 126.30 -0.52 24.60
N GLU SB 143 127.34 -0.03 25.29
CA GLU SB 143 127.71 -0.58 26.60
C GLU SB 143 126.60 -0.40 27.63
N GLY SB 144 125.81 0.66 27.50
CA GLY SB 144 124.65 0.84 28.35
C GLY SB 144 123.56 -0.19 28.10
N LEU SB 145 123.49 -0.71 26.88
CA LEU SB 145 122.61 -1.86 26.66
C LEU SB 145 123.25 -3.13 27.21
N LEU SB 146 124.58 -3.24 27.11
CA LEU SB 146 125.24 -4.48 27.51
C LEU SB 146 125.12 -4.74 29.01
N ASN SB 147 125.41 -3.74 29.83
CA ASN SB 147 125.30 -3.96 31.26
C ASN SB 147 123.84 -4.11 31.71
N LYS SB 148 122.89 -3.52 30.98
CA LYS SB 148 121.48 -3.78 31.26
C LYS SB 148 121.09 -5.21 30.94
N MET SB 149 121.57 -5.76 29.82
CA MET SB 149 121.30 -7.16 29.50
C MET SB 149 121.93 -8.10 30.52
N LYS SB 150 123.17 -7.82 30.91
CA LYS SB 150 123.86 -8.63 31.91
C LYS SB 150 123.21 -8.51 33.29
N GLU SB 151 122.59 -7.37 33.58
CA GLU SB 151 121.86 -7.19 34.82
C GLU SB 151 120.52 -7.90 34.81
N LEU SB 152 119.83 -7.92 33.67
CA LEU SB 152 118.51 -8.55 33.58
C LEU SB 152 118.56 -10.03 33.22
N ASN SB 153 119.76 -10.59 33.01
CA ASN SB 153 119.96 -12.02 32.73
C ASN SB 153 119.29 -12.43 31.43
N ILE SB 154 119.23 -11.52 30.48
CA ILE SB 154 118.81 -11.82 29.12
C ILE SB 154 119.92 -12.63 28.46
N THR SB 155 119.54 -13.72 27.79
CA THR SB 155 120.52 -14.57 27.14
C THR SB 155 121.25 -13.80 26.04
N VAL SB 156 122.55 -13.67 26.19
CA VAL SB 156 123.39 -12.99 25.21
C VAL SB 156 123.84 -14.04 24.20
N SER SB 157 123.40 -13.88 22.95
CA SER SB 157 123.77 -14.82 21.91
C SER SB 157 125.14 -14.47 21.35
N SER SB 158 125.63 -15.32 20.46
CA SER SB 158 126.89 -15.05 19.77
C SER SB 158 126.79 -13.87 18.82
N MET SB 159 125.59 -13.60 18.32
CA MET SB 159 125.33 -12.46 17.44
C MET SB 159 125.64 -11.14 18.13
N SER SB 160 125.27 -11.01 19.41
CA SER SB 160 125.56 -9.79 20.17
C SER SB 160 127.06 -9.59 20.37
N TYR SB 161 127.78 -10.66 20.67
CA TYR SB 161 129.23 -10.56 20.83
C TYR SB 161 129.91 -10.24 19.51
N ASN SB 162 129.46 -10.84 18.40
CA ASN SB 162 130.03 -10.50 17.12
C ASN SB 162 129.73 -9.05 16.73
N SER SB 163 128.53 -8.56 17.10
CA SER SB 163 128.21 -7.16 16.85
C SER SB 163 129.10 -6.22 17.65
N LEU SB 164 129.36 -6.55 18.92
CA LEU SB 164 130.29 -5.74 19.71
C LEU SB 164 131.70 -5.79 19.16
N MET SB 165 132.13 -6.96 18.68
CA MET SB 165 133.47 -7.08 18.13
C MET SB 165 133.62 -6.33 16.82
N THR SB 166 132.61 -6.35 15.97
CA THR SB 166 132.63 -5.54 14.76
C THR SB 166 132.59 -4.05 15.10
N LEU SB 167 131.84 -3.67 16.15
CA LEU SB 167 131.85 -2.30 16.62
C LEU SB 167 133.23 -1.88 17.10
N TYR SB 168 133.91 -2.75 17.87
CA TYR SB 168 135.26 -2.48 18.34
C TYR SB 168 136.24 -2.34 17.18
N THR SB 169 136.14 -3.22 16.19
CA THR SB 169 137.02 -3.18 15.02
C THR SB 169 136.81 -1.90 14.23
N LYS SB 170 135.56 -1.49 14.02
CA LYS SB 170 135.30 -0.30 13.23
C LYS SB 170 135.63 0.97 13.99
N THR SB 171 135.45 0.99 15.32
CA THR SB 171 135.74 2.20 16.09
C THR SB 171 137.24 2.41 16.29
N GLY SB 172 137.99 1.32 16.51
CA GLY SB 172 139.43 1.47 16.65
C GLY SB 172 139.98 0.93 17.95
N GLN SB 173 139.10 0.41 18.80
CA GLN SB 173 139.50 -0.27 20.02
C GLN SB 173 139.58 -1.78 19.80
N ALA SB 174 140.35 -2.16 18.79
CA ALA SB 174 140.41 -3.55 18.36
C ALA SB 174 141.17 -4.45 19.32
N GLU SB 175 141.82 -3.90 20.35
CA GLU SB 175 142.54 -4.72 21.31
C GLU SB 175 141.60 -5.40 22.31
N ARG SB 176 140.34 -4.98 22.36
CA ARG SB 176 139.40 -5.58 23.30
C ARG SB 176 138.90 -6.94 22.83
N VAL SB 177 139.10 -7.28 21.56
CA VAL SB 177 138.58 -8.53 21.02
C VAL SB 177 139.18 -9.78 21.67
N PRO SB 178 140.51 -9.90 21.87
CA PRO SB 178 141.02 -11.12 22.53
C PRO SB 178 140.52 -11.32 23.96
N GLY SB 179 140.25 -10.25 24.70
CA GLY SB 179 139.59 -10.41 25.99
C GLY SB 179 138.15 -10.88 25.84
N MET SB 180 137.44 -10.34 24.85
CA MET SB 180 136.03 -10.64 24.69
C MET SB 180 135.78 -12.05 24.19
N ILE SB 181 136.67 -12.59 23.35
CA ILE SB 181 136.47 -13.96 22.87
C ILE SB 181 136.66 -14.96 24.02
N GLN SB 182 137.60 -14.68 24.92
CA GLN SB 182 137.74 -15.55 26.08
C GLN SB 182 136.62 -15.32 27.08
N GLU SB 183 136.04 -14.12 27.12
CA GLU SB 183 134.85 -13.88 27.92
C GLU SB 183 133.67 -14.72 27.43
N MET SB 184 133.42 -14.72 26.12
CA MET SB 184 132.30 -15.49 25.57
C MET SB 184 132.58 -16.99 25.60
N LYS SB 185 133.86 -17.40 25.60
CA LYS SB 185 134.18 -18.80 25.80
C LYS SB 185 134.04 -19.22 27.26
N ALA SB 186 134.27 -18.31 28.20
CA ALA SB 186 134.08 -18.60 29.61
C ALA SB 186 132.61 -18.64 29.98
N GLU SB 187 131.77 -17.87 29.28
CA GLU SB 187 130.35 -17.83 29.59
C GLU SB 187 129.55 -18.86 28.81
N ASP SB 188 130.20 -19.92 28.33
CA ASP SB 188 129.58 -21.09 27.70
C ASP SB 188 128.76 -20.71 26.45
N VAL SB 189 129.39 -19.98 25.55
CA VAL SB 189 128.78 -19.56 24.29
C VAL SB 189 129.62 -20.10 23.14
N MET SB 190 129.02 -20.95 22.31
CA MET SB 190 129.76 -21.45 21.16
C MET SB 190 129.81 -20.39 20.06
N PRO SB 191 130.91 -20.31 19.32
CA PRO SB 191 131.04 -19.29 18.27
C PRO SB 191 130.60 -19.81 16.91
N ASP SB 192 130.42 -18.86 15.99
CA ASP SB 192 130.18 -19.16 14.59
C ASP SB 192 131.41 -18.79 13.76
N SER SB 193 131.29 -18.89 12.44
CA SER SB 193 132.42 -18.57 11.57
C SER SB 193 132.73 -17.08 11.56
N TYR SB 194 131.71 -16.23 11.71
CA TYR SB 194 131.94 -14.79 11.75
C TYR SB 194 132.71 -14.36 12.97
N THR SB 195 132.61 -15.11 14.08
CA THR SB 195 133.44 -14.85 15.24
C THR SB 195 134.91 -15.01 14.92
N TYR SB 196 135.27 -16.09 14.21
CA TYR SB 196 136.65 -16.28 13.81
C TYR SB 196 137.07 -15.26 12.77
N ASN SB 197 136.14 -14.84 11.91
CA ASN SB 197 136.46 -13.81 10.93
C ASN SB 197 136.80 -12.47 11.57
N VAL SB 198 136.01 -12.01 12.53
CA VAL SB 198 136.34 -10.74 13.19
C VAL SB 198 137.55 -10.89 14.12
N TRP SB 199 137.76 -12.07 14.71
CA TRP SB 199 138.97 -12.31 15.47
C TRP SB 199 140.21 -12.19 14.60
N MET SB 200 140.17 -12.80 13.41
CA MET SB 200 141.28 -12.72 12.46
C MET SB 200 141.51 -11.28 12.00
N ARG SB 201 140.43 -10.55 11.71
CA ARG SB 201 140.58 -9.17 11.27
C ARG SB 201 141.17 -8.28 12.35
N ALA SB 202 140.75 -8.44 13.60
CA ALA SB 202 141.33 -7.65 14.69
C ALA SB 202 142.79 -8.04 14.92
N LEU SB 203 143.12 -9.32 14.80
CA LEU SB 203 144.51 -9.75 15.00
C LEU SB 203 145.41 -9.19 13.90
N ALA SB 204 144.94 -9.18 12.66
CA ALA SB 204 145.70 -8.57 11.58
C ALA SB 204 145.77 -7.05 11.72
N ALA SB 205 144.75 -6.43 12.30
CA ALA SB 205 144.79 -5.00 12.55
C ALA SB 205 145.72 -4.63 13.69
N THR SB 206 146.02 -5.57 14.60
CA THR SB 206 146.98 -5.34 15.66
C THR SB 206 148.42 -5.55 15.22
N GLU SB 207 148.69 -5.57 13.91
CA GLU SB 207 150.03 -5.78 13.33
C GLU SB 207 150.65 -7.08 13.81
N ASP SB 208 149.85 -8.14 13.87
CA ASP SB 208 150.28 -9.46 14.36
C ASP SB 208 149.86 -10.50 13.31
N VAL SB 209 150.75 -10.77 12.36
CA VAL SB 209 150.43 -11.73 11.32
C VAL SB 209 150.55 -13.16 11.83
N SER SB 210 151.45 -13.42 12.78
CA SER SB 210 151.68 -14.77 13.28
C SER SB 210 150.58 -15.28 14.19
N GLY SB 211 149.62 -14.43 14.57
CA GLY SB 211 148.51 -14.89 15.40
C GLY SB 211 147.40 -15.59 14.67
N VAL SB 212 147.27 -15.37 13.35
CA VAL SB 212 146.18 -15.98 12.59
C VAL SB 212 146.44 -17.43 12.25
N GLU SB 213 147.60 -17.97 12.64
CA GLU SB 213 147.89 -19.38 12.45
C GLU SB 213 147.46 -20.23 13.64
N ARG SB 214 147.31 -19.64 14.82
CA ARG SB 214 146.85 -20.36 15.99
C ARG SB 214 145.33 -20.35 16.15
N VAL SB 215 144.62 -19.55 15.37
CA VAL SB 215 143.17 -19.53 15.43
C VAL SB 215 142.57 -20.56 14.49
N ILE SB 216 143.16 -20.70 13.30
CA ILE SB 216 142.71 -21.69 12.34
C ILE SB 216 142.94 -23.10 12.87
N GLU SB 217 144.04 -23.33 13.58
CA GLU SB 217 144.25 -24.62 14.21
C GLU SB 217 143.29 -24.87 15.36
N GLU SB 218 142.87 -23.84 16.08
CA GLU SB 218 141.88 -24.01 17.14
C GLU SB 218 140.52 -24.35 16.57
N MET SB 219 140.09 -23.69 15.50
CA MET SB 219 138.80 -24.05 14.92
C MET SB 219 138.85 -25.38 14.19
N ASN SB 220 140.02 -25.81 13.71
CA ASN SB 220 140.15 -27.20 13.26
C ASN SB 220 140.04 -28.17 14.43
N ARG SB 221 140.58 -27.79 15.60
CA ARG SB 221 140.45 -28.61 16.80
C ARG SB 221 139.00 -28.69 17.27
N ASP SB 222 138.25 -27.59 17.12
CA ASP SB 222 136.87 -27.54 17.60
C ASP SB 222 136.01 -28.60 16.91
N GLY SB 223 136.02 -28.62 15.59
CA GLY SB 223 135.25 -29.57 14.83
C GLY SB 223 133.76 -29.30 14.80
N ARG SB 224 133.31 -28.16 15.32
CA ARG SB 224 131.89 -27.87 15.42
C ARG SB 224 131.41 -26.82 14.44
N VAL SB 225 132.27 -25.93 13.98
CA VAL SB 225 131.91 -24.91 13.00
C VAL SB 225 132.30 -25.40 11.62
N ALA SB 226 131.49 -25.08 10.64
CA ALA SB 226 131.83 -25.38 9.26
C ALA SB 226 132.66 -24.24 8.68
N PRO SB 227 133.89 -24.49 8.23
CA PRO SB 227 134.60 -23.47 7.46
C PRO SB 227 133.86 -23.15 6.17
N ASP SB 228 133.90 -21.87 5.80
CA ASP SB 228 133.16 -21.32 4.68
C ASP SB 228 134.10 -20.48 3.83
N TRP SB 229 133.60 -20.04 2.67
CA TRP SB 229 134.47 -19.27 1.78
C TRP SB 229 134.71 -17.86 2.29
N THR SB 230 133.88 -17.36 3.20
CA THR SB 230 134.15 -16.07 3.82
C THR SB 230 135.39 -16.13 4.72
N THR SB 231 135.62 -17.27 5.39
CA THR SB 231 136.83 -17.45 6.17
C THR SB 231 138.07 -17.35 5.29
N TYR SB 232 138.09 -18.08 4.18
CA TYR SB 232 139.21 -18.03 3.27
C TYR SB 232 139.33 -16.69 2.56
N SER SB 233 138.22 -15.97 2.38
CA SER SB 233 138.30 -14.61 1.89
C SER SB 233 139.02 -13.70 2.86
N ASN SB 234 138.73 -13.85 4.16
CA ASN SB 234 139.45 -13.08 5.17
C ASN SB 234 140.93 -13.46 5.22
N MET SB 235 141.24 -14.76 5.12
CA MET SB 235 142.64 -15.21 5.08
C MET SB 235 143.36 -14.65 3.86
N ALA SB 236 142.71 -14.70 2.69
CA ALA SB 236 143.33 -14.21 1.47
C ALA SB 236 143.57 -12.71 1.52
N SER SB 237 142.60 -11.95 2.04
CA SER SB 237 142.79 -10.51 2.18
C SER SB 237 143.92 -10.18 3.13
N ILE SB 238 143.98 -10.85 4.28
CA ILE SB 238 145.02 -10.56 5.27
C ILE SB 238 146.40 -10.91 4.71
N TYR SB 239 146.52 -12.06 4.05
CA TYR SB 239 147.81 -12.49 3.51
C TYR SB 239 148.26 -11.61 2.35
N VAL SB 240 147.34 -11.23 1.47
CA VAL SB 240 147.71 -10.39 0.32
C VAL SB 240 148.08 -8.99 0.77
N ASP SB 241 147.39 -8.46 1.79
CA ASP SB 241 147.81 -7.19 2.35
C ASP SB 241 149.14 -7.31 3.10
N ALA SB 242 149.46 -8.49 3.62
CA ALA SB 242 150.72 -8.71 4.30
C ALA SB 242 151.87 -9.06 3.36
N GLY SB 243 151.59 -9.35 2.10
CA GLY SB 243 152.61 -9.65 1.12
C GLY SB 243 152.91 -11.11 0.91
N LEU SB 244 152.41 -11.99 1.78
CA LEU SB 244 152.62 -13.42 1.63
C LEU SB 244 151.81 -13.93 0.43
N SER SB 245 152.40 -14.86 -0.33
CA SER SB 245 151.82 -15.25 -1.61
C SER SB 245 151.37 -16.71 -1.67
N GLU SB 246 152.22 -17.65 -1.25
CA GLU SB 246 151.86 -19.06 -1.37
C GLU SB 246 150.75 -19.46 -0.41
N LYS SB 247 150.78 -18.93 0.82
CA LYS SB 247 149.69 -19.17 1.76
C LYS SB 247 148.40 -18.52 1.28
N ALA SB 248 148.50 -17.36 0.62
CA ALA SB 248 147.34 -16.73 0.00
C ALA SB 248 146.78 -17.59 -1.13
N GLU SB 249 147.65 -18.23 -1.92
CA GLU SB 249 147.18 -19.11 -2.98
C GLU SB 249 146.51 -20.34 -2.41
N LYS SB 250 147.05 -20.90 -1.32
CA LYS SB 250 146.40 -22.04 -0.67
C LYS SB 250 145.03 -21.65 -0.12
N ALA SB 251 144.94 -20.47 0.50
CA ALA SB 251 143.66 -19.98 1.01
C ALA SB 251 142.66 -19.77 -0.13
N LEU SB 252 143.12 -19.21 -1.25
CA LEU SB 252 142.23 -18.97 -2.37
C LEU SB 252 141.81 -20.24 -3.09
N GLN SB 253 142.67 -21.25 -3.14
CA GLN SB 253 142.28 -22.53 -3.72
C GLN SB 253 141.29 -23.27 -2.83
N GLU SB 254 141.49 -23.19 -1.51
CA GLU SB 254 140.48 -23.70 -0.58
C GLU SB 254 139.17 -22.93 -0.70
N LEU SB 255 139.25 -21.63 -0.97
CA LEU SB 255 138.06 -20.80 -1.22
C LEU SB 255 137.32 -21.28 -2.46
N GLU SB 256 138.06 -21.57 -3.53
CA GLU SB 256 137.47 -22.09 -4.75
C GLU SB 256 136.83 -23.46 -4.53
N MET SB 257 137.42 -24.27 -3.66
CA MET SB 257 136.79 -25.55 -3.31
C MET SB 257 135.51 -25.33 -2.50
N LYS SB 258 135.51 -24.36 -1.59
CA LYS SB 258 134.36 -24.11 -0.73
C LYS SB 258 133.21 -23.40 -1.45
N ASN SB 259 133.46 -22.74 -2.58
CA ASN SB 259 132.39 -22.08 -3.32
C ASN SB 259 131.65 -23.09 -4.20
N THR SB 260 130.72 -23.81 -3.57
CA THR SB 260 129.92 -24.80 -4.28
C THR SB 260 128.62 -24.22 -4.83
N ASP SB 261 128.19 -23.06 -4.36
CA ASP SB 261 126.93 -22.46 -4.80
C ASP SB 261 127.12 -21.43 -5.90
N ARG SB 262 128.35 -21.24 -6.38
CA ARG SB 262 128.69 -20.33 -7.48
C ARG SB 262 128.26 -18.89 -7.18
N ASP SB 263 128.71 -18.38 -6.04
CA ASP SB 263 128.28 -17.07 -5.59
C ASP SB 263 128.99 -15.96 -6.36
N PHE SB 264 128.22 -14.95 -6.78
CA PHE SB 264 128.75 -13.87 -7.60
C PHE SB 264 129.78 -13.04 -6.83
N LYS SB 265 129.49 -12.73 -5.56
CA LYS SB 265 130.44 -11.99 -4.74
C LYS SB 265 131.71 -12.81 -4.50
N ALA SB 266 131.56 -14.13 -4.32
CA ALA SB 266 132.73 -14.97 -4.15
C ALA SB 266 133.61 -14.96 -5.40
N TYR SB 267 132.99 -15.04 -6.58
CA TYR SB 267 133.75 -14.95 -7.82
C TYR SB 267 134.41 -13.59 -7.98
N GLN SB 268 133.73 -12.51 -7.57
CA GLN SB 268 134.35 -11.19 -7.56
C GLN SB 268 135.56 -11.17 -6.64
N PHE SB 269 135.48 -11.86 -5.51
CA PHE SB 269 136.61 -11.93 -4.58
C PHE SB 269 137.80 -12.67 -5.19
N LEU SB 270 137.54 -13.80 -5.88
CA LEU SB 270 138.61 -14.48 -6.59
C LEU SB 270 139.27 -13.57 -7.60
N ILE SB 271 138.46 -12.87 -8.40
CA ILE SB 271 138.99 -12.02 -9.45
C ILE SB 271 139.85 -10.91 -8.85
N THR SB 272 139.36 -10.22 -7.83
CA THR SB 272 140.14 -9.10 -7.30
C THR SB 272 141.34 -9.56 -6.48
N LEU SB 273 141.28 -10.73 -5.85
CA LEU SB 273 142.44 -11.20 -5.10
C LEU SB 273 143.53 -11.70 -6.04
N TYR SB 274 143.15 -12.43 -7.09
CA TYR SB 274 144.15 -12.88 -8.05
C TYR SB 274 144.68 -11.72 -8.89
N GLY SB 275 143.88 -10.67 -9.09
CA GLY SB 275 144.39 -9.47 -9.73
C GLY SB 275 145.37 -8.71 -8.86
N ARG SB 276 145.08 -8.59 -7.56
CA ARG SB 276 146.02 -7.94 -6.67
C ARG SB 276 147.26 -8.78 -6.42
N LEU SB 277 147.19 -10.10 -6.62
CA LEU SB 277 148.40 -10.88 -6.63
C LEU SB 277 149.19 -10.70 -7.93
N GLY SB 278 148.51 -10.73 -9.07
CA GLY SB 278 149.13 -10.47 -10.36
C GLY SB 278 149.25 -11.64 -11.32
N LYS SB 279 148.46 -12.69 -11.14
CA LYS SB 279 148.63 -13.91 -11.93
C LYS SB 279 147.54 -14.01 -13.00
N LEU SB 280 147.89 -13.59 -14.21
CA LEU SB 280 146.97 -13.39 -15.32
C LEU SB 280 146.29 -14.67 -15.78
N ASN SB 281 147.03 -15.78 -15.83
CA ASN SB 281 146.46 -17.04 -16.30
C ASN SB 281 145.36 -17.53 -15.37
N GLU SB 282 145.58 -17.48 -14.06
CA GLU SB 282 144.51 -17.92 -13.18
C GLU SB 282 143.42 -16.88 -13.01
N VAL SB 283 143.72 -15.59 -13.28
CA VAL SB 283 142.63 -14.61 -13.40
C VAL SB 283 141.67 -15.01 -14.51
N TYR SB 284 142.21 -15.35 -15.68
CA TYR SB 284 141.36 -15.83 -16.77
C TYR SB 284 140.76 -17.20 -16.47
N ARG SB 285 141.44 -18.02 -15.66
CA ARG SB 285 140.89 -19.31 -15.23
C ARG SB 285 139.61 -19.15 -14.42
N ILE SB 286 139.60 -18.20 -13.49
CA ILE SB 286 138.37 -17.95 -12.73
C ILE SB 286 137.35 -17.22 -13.60
N TRP SB 287 137.82 -16.38 -14.53
CA TRP SB 287 136.89 -15.61 -15.37
C TRP SB 287 136.07 -16.52 -16.28
N ARG SB 288 136.70 -17.54 -16.86
CA ARG SB 288 135.95 -18.47 -17.71
C ARG SB 288 134.94 -19.27 -16.91
N SER SB 289 135.26 -19.60 -15.65
CA SER SB 289 134.27 -20.21 -14.76
C SER SB 289 133.11 -19.25 -14.48
N LEU SB 290 133.40 -17.96 -14.34
CA LEU SB 290 132.33 -16.99 -14.12
C LEU SB 290 131.40 -16.89 -15.34
N ARG SB 291 131.98 -16.90 -16.54
CA ARG SB 291 131.15 -16.91 -17.74
C ARG SB 291 130.42 -18.23 -17.90
N LEU SB 292 130.94 -19.32 -17.33
CA LEU SB 292 130.23 -20.59 -17.30
C LEU SB 292 129.21 -20.68 -16.17
N ALA SB 293 129.23 -19.74 -15.21
CA ALA SB 293 128.24 -19.72 -14.15
C ALA SB 293 127.12 -18.71 -14.40
N MET SB 294 127.36 -17.71 -15.24
CA MET SB 294 126.26 -16.82 -15.66
C MET SB 294 126.47 -16.35 -17.09
N PRO SB 295 125.59 -16.72 -18.03
CA PRO SB 295 125.80 -16.29 -19.42
C PRO SB 295 125.54 -14.80 -19.61
N LYS SB 296 124.48 -14.28 -19.02
CA LYS SB 296 124.16 -12.85 -19.08
C LYS SB 296 124.80 -12.19 -17.87
N THR SB 297 126.09 -11.91 -17.99
CA THR SB 297 126.86 -11.36 -16.89
C THR SB 297 126.49 -9.90 -16.64
N SER SB 298 126.36 -9.54 -15.36
CA SER SB 298 126.05 -8.17 -14.98
C SER SB 298 127.29 -7.28 -15.15
N ASN SB 299 127.06 -5.99 -14.98
CA ASN SB 299 128.11 -5.01 -15.24
C ASN SB 299 129.15 -4.95 -14.12
N VAL SB 300 128.83 -5.51 -12.95
CA VAL SB 300 129.74 -5.44 -11.82
C VAL SB 300 130.96 -6.31 -12.05
N ALA SB 301 130.75 -7.51 -12.61
CA ALA SB 301 131.87 -8.39 -12.92
C ALA SB 301 132.76 -7.80 -14.00
N TYR SB 302 132.19 -7.14 -15.00
CA TYR SB 302 132.98 -6.43 -16.01
C TYR SB 302 133.75 -5.27 -15.39
N LEU SB 303 133.13 -4.55 -14.45
CA LEU SB 303 133.78 -3.45 -13.76
C LEU SB 303 135.00 -3.93 -12.99
N ASN SB 304 134.88 -5.08 -12.33
CA ASN SB 304 136.03 -5.64 -11.64
C ASN SB 304 137.08 -6.15 -12.62
N MET SB 305 136.64 -6.86 -13.67
CA MET SB 305 137.56 -7.56 -14.57
C MET SB 305 138.42 -6.60 -15.38
N ILE SB 306 137.79 -5.57 -15.96
CA ILE SB 306 138.56 -4.65 -16.81
C ILE SB 306 139.51 -3.80 -15.97
N GLN SB 307 139.12 -3.43 -14.75
CA GLN SB 307 140.05 -2.74 -13.85
C GLN SB 307 141.22 -3.64 -13.46
N VAL SB 308 140.97 -4.93 -13.20
CA VAL SB 308 142.05 -5.87 -12.94
C VAL SB 308 142.98 -5.99 -14.14
N LEU SB 309 142.40 -6.08 -15.34
CA LEU SB 309 143.20 -6.26 -16.55
C LEU SB 309 144.03 -5.02 -16.86
N VAL SB 310 143.51 -3.83 -16.57
CA VAL SB 310 144.30 -2.65 -16.85
C VAL SB 310 145.31 -2.39 -15.74
N ASN SB 311 145.06 -2.89 -14.53
CA ASN SB 311 146.10 -2.83 -13.50
C ASN SB 311 147.14 -3.94 -13.68
N LEU SB 312 146.86 -4.94 -14.51
CA LEU SB 312 147.84 -5.94 -14.91
C LEU SB 312 148.30 -5.74 -16.35
N LYS SB 313 147.92 -4.61 -16.97
CA LYS SB 313 148.44 -4.14 -18.26
C LYS SB 313 148.10 -5.09 -19.42
N ASP SB 314 146.82 -5.40 -19.57
CA ASP SB 314 146.33 -6.15 -20.75
C ASP SB 314 145.29 -5.28 -21.45
N LEU SB 315 145.79 -4.36 -22.27
CA LEU SB 315 144.97 -3.31 -22.87
C LEU SB 315 144.15 -3.80 -24.07
N PRO SB 316 144.69 -4.57 -25.03
CA PRO SB 316 143.79 -5.11 -26.07
C PRO SB 316 142.80 -6.14 -25.54
N GLY SB 317 143.15 -6.89 -24.49
CA GLY SB 317 142.15 -7.72 -23.84
C GLY SB 317 141.03 -6.90 -23.22
N ALA SB 318 141.39 -5.78 -22.59
CA ALA SB 318 140.37 -4.84 -22.11
C ALA SB 318 139.56 -4.25 -23.27
N GLU SB 319 140.19 -4.01 -24.41
CA GLU SB 319 139.47 -3.42 -25.55
C GLU SB 319 138.49 -4.41 -26.15
N THR SB 320 138.84 -5.70 -26.17
CA THR SB 320 137.90 -6.72 -26.64
C THR SB 320 136.77 -6.96 -25.62
N LEU SB 321 137.09 -6.92 -24.33
CA LEU SB 321 136.06 -6.97 -23.30
C LEU SB 321 135.09 -5.80 -23.41
N PHE SB 322 135.59 -4.63 -23.82
CA PHE SB 322 134.72 -3.47 -24.03
C PHE SB 322 133.70 -3.74 -25.13
N LYS SB 323 134.14 -4.35 -26.23
CA LYS SB 323 133.21 -4.67 -27.32
C LYS SB 323 132.22 -5.75 -26.90
N GLU SB 324 132.66 -6.71 -26.10
CA GLU SB 324 131.74 -7.72 -25.57
C GLU SB 324 130.67 -7.10 -24.68
N TRP SB 325 131.08 -6.19 -23.79
CA TRP SB 325 130.14 -5.46 -22.94
C TRP SB 325 129.21 -4.57 -23.74
N GLN SB 326 129.71 -3.96 -24.82
CA GLN SB 326 128.86 -3.17 -25.70
C GLN SB 326 127.80 -4.02 -26.39
N ALA SB 327 128.20 -5.18 -26.90
CA ALA SB 327 127.28 -6.05 -27.62
C ALA SB 327 126.32 -6.80 -26.72
N ASN SB 328 126.61 -6.89 -25.42
CA ASN SB 328 125.72 -7.63 -24.52
C ASN SB 328 125.18 -6.83 -23.34
N CYS SB 329 125.36 -5.51 -23.30
CA CYS SB 329 124.91 -4.73 -22.15
C CYS SB 329 123.47 -4.29 -22.32
N SER SB 330 122.72 -4.32 -21.22
CA SER SB 330 121.34 -3.84 -21.24
C SER SB 330 121.25 -2.43 -20.64
N THR SB 331 122.05 -2.14 -19.63
CA THR SB 331 122.18 -0.80 -19.07
C THR SB 331 123.57 -0.28 -19.38
N TYR SB 332 123.63 0.89 -20.01
CA TYR SB 332 124.92 1.50 -20.35
C TYR SB 332 125.58 2.04 -19.08
N ASP SB 333 126.35 1.20 -18.39
CA ASP SB 333 126.99 1.59 -17.14
C ASP SB 333 128.14 2.55 -17.41
N ILE SB 334 128.16 3.66 -16.69
CA ILE SB 334 129.14 4.72 -16.92
C ILE SB 334 130.47 4.40 -16.25
N ARG SB 335 130.46 3.60 -15.18
CA ARG SB 335 131.70 3.21 -14.52
C ARG SB 335 132.57 2.33 -15.40
N VAL SB 336 131.94 1.49 -16.23
CA VAL SB 336 132.68 0.68 -17.19
C VAL SB 336 133.41 1.56 -18.18
N VAL SB 337 132.75 2.62 -18.66
CA VAL SB 337 133.43 3.59 -19.50
C VAL SB 337 134.57 4.25 -18.73
N ASN SB 338 134.26 4.73 -17.52
CA ASN SB 338 135.20 5.51 -16.71
C ASN SB 338 136.44 4.74 -16.27
N VAL SB 339 136.43 3.41 -16.32
CA VAL SB 339 137.67 2.68 -16.06
C VAL SB 339 138.67 2.91 -17.20
N MET SB 340 138.25 2.65 -18.43
CA MET SB 340 139.16 2.81 -19.55
C MET SB 340 139.33 4.26 -19.95
N ILE SB 341 138.42 5.14 -19.53
CA ILE SB 341 138.66 6.57 -19.68
C ILE SB 341 139.90 6.99 -18.93
N GLY SB 342 140.00 6.61 -17.65
CA GLY SB 342 141.17 6.87 -16.87
C GLY SB 342 142.38 6.11 -17.36
N ALA SB 343 142.17 4.89 -17.87
CA ALA SB 343 143.26 4.18 -18.54
C ALA SB 343 143.80 4.99 -19.71
N TYR SB 344 142.96 5.41 -20.64
CA TYR SB 344 143.45 6.13 -21.80
C TYR SB 344 144.01 7.51 -21.46
N THR SB 345 143.57 8.15 -20.37
CA THR SB 345 144.24 9.36 -19.93
C THR SB 345 145.56 9.10 -19.20
N ARG SB 346 145.71 7.93 -18.56
CA ARG SB 346 146.98 7.61 -17.90
C ARG SB 346 148.05 7.24 -18.91
N GLU SB 347 147.71 6.45 -19.93
CA GLU SB 347 148.67 6.17 -21.00
C GLU SB 347 148.59 7.16 -22.14
N GLY SB 348 147.77 8.22 -22.02
CA GLY SB 348 147.89 9.39 -22.87
C GLY SB 348 147.23 9.31 -24.22
N LEU SB 349 146.56 8.20 -24.54
CA LEU SB 349 145.87 8.07 -25.83
C LEU SB 349 144.53 8.80 -25.75
N VAL SB 350 144.61 10.13 -25.75
CA VAL SB 350 143.50 10.97 -25.33
C VAL SB 350 142.40 11.09 -26.38
N GLU SB 351 142.70 10.84 -27.65
CA GLU SB 351 141.67 10.97 -28.68
C GLU SB 351 140.59 9.90 -28.51
N LYS SB 352 140.97 8.67 -28.13
CA LYS SB 352 139.97 7.64 -27.93
C LYS SB 352 139.17 7.85 -26.66
N ALA SB 353 139.80 8.43 -25.62
CA ALA SB 353 139.06 8.82 -24.42
C ALA SB 353 138.04 9.90 -24.75
N ASN SB 354 138.43 10.88 -25.57
CA ASN SB 354 137.49 11.91 -25.99
C ASN SB 354 136.37 11.33 -26.85
N GLU SB 355 136.68 10.34 -27.68
CA GLU SB 355 135.64 9.67 -28.46
C GLU SB 355 134.64 8.95 -27.59
N LEU SB 356 135.11 8.25 -26.55
CA LEU SB 356 134.21 7.61 -25.61
C LEU SB 356 133.36 8.62 -24.84
N LYS SB 357 133.98 9.75 -24.45
CA LYS SB 357 133.23 10.81 -23.77
C LYS SB 357 132.14 11.38 -24.66
N GLU SB 358 132.42 11.56 -25.95
CA GLU SB 358 131.40 12.05 -26.87
C GLU SB 358 130.29 11.02 -27.09
N LYS SB 359 130.65 9.75 -27.25
CA LYS SB 359 129.68 8.75 -27.68
C LYS SB 359 128.89 8.14 -26.53
N SER SB 360 129.31 8.32 -25.27
CA SER SB 360 128.56 7.76 -24.15
C SER SB 360 127.14 8.33 -24.00
N PRO SB 361 126.90 9.66 -23.98
CA PRO SB 361 125.53 10.13 -23.72
C PRO SB 361 124.57 9.89 -24.87
N ARG SB 362 125.05 9.68 -26.10
CA ARG SB 362 124.14 9.27 -27.16
C ARG SB 362 123.63 7.85 -26.93
N ARG SB 363 124.54 6.93 -26.60
CA ARG SB 363 124.15 5.56 -26.33
C ARG SB 363 123.35 5.44 -25.03
N GLY SB 364 123.50 6.39 -24.11
CA GLY SB 364 122.62 6.41 -22.96
C GLY SB 364 123.29 6.50 -21.61
N GLY SB 365 124.54 6.93 -21.58
CA GLY SB 365 125.22 7.10 -20.31
C GLY SB 365 125.61 8.54 -20.04
N LYS SB 366 124.95 9.18 -19.07
CA LYS SB 366 125.27 10.54 -18.71
C LYS SB 366 126.54 10.58 -17.85
N LEU SB 367 127.29 11.66 -17.99
CA LEU SB 367 128.60 11.77 -17.36
C LEU SB 367 128.47 12.02 -15.86
N ASN SB 368 129.18 11.23 -15.07
CA ASN SB 368 129.27 11.44 -13.64
C ASN SB 368 130.48 12.33 -13.33
N ALA SB 369 130.88 12.40 -12.07
CA ALA SB 369 131.96 13.29 -11.68
C ALA SB 369 133.34 12.67 -11.87
N LYS SB 370 133.45 11.34 -11.77
CA LYS SB 370 134.78 10.75 -11.75
C LYS SB 370 135.43 10.75 -13.12
N THR SB 371 134.64 10.75 -14.20
CA THR SB 371 135.22 10.93 -15.51
C THR SB 371 135.93 12.29 -15.59
N TRP SB 372 135.25 13.38 -15.17
CA TRP SB 372 135.85 14.70 -15.14
C TRP SB 372 137.01 14.79 -14.16
N GLU SB 373 136.98 14.02 -13.08
CA GLU SB 373 138.14 13.95 -12.17
C GLU SB 373 139.35 13.32 -12.85
N LEU SB 374 139.13 12.26 -13.64
CA LEU SB 374 140.23 11.64 -14.36
C LEU SB 374 140.76 12.55 -15.46
N PHE SB 375 139.88 13.30 -16.13
CA PHE SB 375 140.35 14.22 -17.16
C PHE SB 375 141.09 15.42 -16.57
N MET SB 376 140.65 15.92 -15.42
CA MET SB 376 141.44 16.98 -14.80
C MET SB 376 142.74 16.43 -14.22
N ASP SB 377 142.78 15.14 -13.86
CA ASP SB 377 144.06 14.50 -13.55
C ASP SB 377 144.98 14.50 -14.77
N TYR SB 378 144.42 14.20 -15.93
CA TYR SB 378 145.20 14.23 -17.17
C TYR SB 378 145.70 15.64 -17.47
N TYR SB 379 144.84 16.63 -17.29
CA TYR SB 379 145.21 18.01 -17.60
C TYR SB 379 146.17 18.59 -16.57
N VAL SB 380 146.10 18.15 -15.30
CA VAL SB 380 147.06 18.62 -14.32
C VAL SB 380 148.38 17.86 -14.47
N LYS SB 381 148.38 16.68 -15.10
CA LYS SB 381 149.65 16.07 -15.44
C LYS SB 381 150.30 16.75 -16.65
N ARG SB 382 149.51 17.15 -17.63
CA ARG SB 382 150.07 17.77 -18.83
C ARG SB 382 150.22 19.28 -18.74
N GLY SB 383 149.77 19.90 -17.66
CA GLY SB 383 150.09 21.28 -17.41
C GLY SB 383 149.08 22.29 -17.90
N GLU SB 384 148.09 21.90 -18.70
CA GLU SB 384 147.05 22.84 -19.11
C GLU SB 384 146.12 23.09 -17.93
N THR SB 385 145.92 24.36 -17.58
CA THR SB 385 145.18 24.74 -16.39
C THR SB 385 143.76 25.22 -16.69
N ALA SB 386 143.55 25.84 -17.84
CA ALA SB 386 142.21 26.29 -18.20
C ALA SB 386 141.27 25.10 -18.39
N GLN SB 387 141.76 24.03 -19.01
CA GLN SB 387 140.93 22.85 -19.16
C GLN SB 387 140.74 22.11 -17.85
N ALA SB 388 141.70 22.20 -16.92
CA ALA SB 388 141.46 21.71 -15.57
C ALA SB 388 140.36 22.50 -14.86
N LEU SB 389 140.32 23.81 -15.08
CA LEU SB 389 139.22 24.63 -14.56
C LEU SB 389 137.88 24.19 -15.15
N GLU SB 390 137.84 23.98 -16.48
CA GLU SB 390 136.62 23.54 -17.13
C GLU SB 390 136.20 22.15 -16.69
N CYS SB 391 137.14 21.30 -16.31
CA CYS SB 391 136.79 19.99 -15.77
C CYS SB 391 136.25 20.08 -14.35
N ILE SB 392 136.89 20.88 -13.49
CA ILE SB 392 136.48 20.92 -12.09
C ILE SB 392 135.12 21.63 -11.95
N THR SB 393 134.81 22.58 -12.84
CA THR SB 393 133.48 23.21 -12.79
C THR SB 393 132.37 22.21 -13.09
N LYS SB 394 132.53 21.40 -14.14
CA LYS SB 394 131.54 20.40 -14.46
C LYS SB 394 131.49 19.29 -13.42
N ALA SB 395 132.63 18.96 -12.82
CA ALA SB 395 132.64 17.97 -11.73
C ALA SB 395 131.88 18.45 -10.50
N VAL SB 396 132.03 19.73 -10.11
CA VAL SB 396 131.28 20.17 -8.95
C VAL SB 396 129.83 20.47 -9.32
N SER SB 397 129.53 20.71 -10.60
CA SER SB 397 128.14 20.86 -11.01
C SER SB 397 127.42 19.52 -10.95
N ILE SB 398 128.08 18.45 -11.37
CA ILE SB 398 127.48 17.12 -11.28
C ILE SB 398 127.38 16.68 -9.84
N GLY SB 399 128.46 16.82 -9.08
CA GLY SB 399 128.47 16.37 -7.71
C GLY SB 399 128.57 14.86 -7.62
N LYS SB 400 128.32 14.33 -6.42
CA LYS SB 400 128.42 12.90 -6.21
C LYS SB 400 127.11 12.20 -6.58
N GLY SB 401 127.23 10.90 -6.82
CA GLY SB 401 126.11 10.10 -7.28
C GLY SB 401 125.18 9.60 -6.20
N ASP SB 402 125.50 9.83 -4.93
CA ASP SB 402 124.63 9.46 -3.82
C ASP SB 402 123.97 10.67 -3.17
N GLY SB 403 124.15 11.86 -3.74
CA GLY SB 403 123.65 13.08 -3.14
C GLY SB 403 124.67 13.89 -2.39
N GLY SB 404 125.94 13.51 -2.41
CA GLY SB 404 126.97 14.30 -1.78
C GLY SB 404 127.43 15.45 -2.66
N LYS SB 405 128.50 16.09 -2.21
CA LYS SB 405 129.14 17.17 -2.95
C LYS SB 405 130.58 16.80 -3.26
N TRP SB 406 131.02 17.08 -4.49
CA TRP SB 406 132.36 16.69 -4.91
C TRP SB 406 133.38 17.72 -4.46
N LEU SB 407 134.48 17.23 -3.88
CA LEU SB 407 135.58 18.07 -3.42
C LEU SB 407 136.88 17.55 -4.02
N PRO SB 408 137.68 18.41 -4.66
CA PRO SB 408 138.95 17.96 -5.23
C PRO SB 408 139.97 17.56 -4.17
N SER SB 409 140.87 16.67 -4.56
CA SER SB 409 141.86 16.11 -3.65
C SER SB 409 142.92 17.16 -3.31
N GLU SB 410 143.48 17.02 -2.10
CA GLU SB 410 144.42 18.00 -1.58
C GLU SB 410 145.72 18.03 -2.37
N ASP SB 411 146.21 16.85 -2.79
CA ASP SB 411 147.44 16.79 -3.57
C ASP SB 411 147.26 17.43 -4.94
N THR SB 412 146.12 17.18 -5.59
CA THR SB 412 145.85 17.79 -6.89
C THR SB 412 145.66 19.29 -6.77
N VAL SB 413 144.98 19.75 -5.71
CA VAL SB 413 144.82 21.19 -5.48
C VAL SB 413 146.18 21.84 -5.24
N ARG SB 414 147.04 21.18 -4.46
CA ARG SB 414 148.38 21.69 -4.17
C ARG SB 414 149.22 21.78 -5.43
N ALA SB 415 149.17 20.75 -6.27
CA ALA SB 415 149.91 20.76 -7.54
C ALA SB 415 149.37 21.83 -8.49
N LEU SB 416 148.05 22.00 -8.53
CA LEU SB 416 147.46 23.00 -9.42
C LEU SB 416 147.81 24.40 -8.98
N MET SB 417 147.90 24.62 -7.67
CA MET SB 417 148.28 25.94 -7.20
C MET SB 417 149.78 26.20 -7.41
N SER SB 418 150.61 25.17 -7.29
CA SER SB 418 152.01 25.32 -7.65
C SER SB 418 152.18 25.60 -9.13
N GLN SB 419 151.32 25.04 -9.97
CA GLN SB 419 151.32 25.41 -11.38
C GLN SB 419 150.84 26.84 -11.59
N PHE SB 420 149.92 27.31 -10.76
CA PHE SB 420 149.48 28.71 -10.84
C PHE SB 420 150.57 29.68 -10.41
N GLU SB 421 151.48 29.26 -9.53
CA GLU SB 421 152.52 30.16 -9.04
C GLU SB 421 153.45 30.60 -10.17
N GLU SB 422 153.77 29.72 -11.10
CA GLU SB 422 154.79 30.03 -12.09
C GLU SB 422 154.28 31.00 -13.16
N LYS SB 423 153.08 30.77 -13.68
CA LYS SB 423 152.53 31.57 -14.76
C LYS SB 423 151.91 32.87 -14.27
N LYS SB 424 151.90 33.08 -12.94
CA LYS SB 424 151.30 34.25 -12.29
C LYS SB 424 149.83 34.42 -12.70
N ASP SB 425 149.10 33.31 -12.72
CA ASP SB 425 147.69 33.34 -13.11
C ASP SB 425 146.86 33.65 -11.87
N VAL SB 426 146.79 34.94 -11.55
CA VAL SB 426 146.02 35.39 -10.40
C VAL SB 426 144.53 35.16 -10.64
N ASN SB 427 144.08 35.34 -11.88
CA ASN SB 427 142.68 35.07 -12.20
C ASN SB 427 142.35 33.58 -12.04
N GLY SB 428 143.25 32.70 -12.46
CA GLY SB 428 143.05 31.29 -12.26
C GLY SB 428 143.05 30.91 -10.78
N ALA SB 429 143.94 31.51 -10.00
CA ALA SB 429 143.97 31.25 -8.56
C ALA SB 429 142.69 31.74 -7.89
N GLU SB 430 142.18 32.91 -8.30
CA GLU SB 430 140.94 33.43 -7.75
C GLU SB 430 139.76 32.55 -8.11
N SER SB 431 139.72 32.03 -9.35
CA SER SB 431 138.63 31.15 -9.75
C SER SB 431 138.68 29.82 -8.98
N LEU SB 432 139.88 29.28 -8.78
CA LEU SB 432 140.02 28.05 -7.99
C LEU SB 432 139.59 28.28 -6.54
N LEU SB 433 139.96 29.44 -5.98
CA LEU SB 433 139.55 29.75 -4.61
C LEU SB 433 138.04 29.92 -4.50
N GLU SB 434 137.42 30.54 -5.50
CA GLU SB 434 135.96 30.66 -5.51
C GLU SB 434 135.29 29.30 -5.63
N ILE SB 435 135.86 28.41 -6.44
CA ILE SB 435 135.33 27.06 -6.57
C ILE SB 435 135.42 26.31 -5.24
N LEU SB 436 136.56 26.42 -4.56
CA LEU SB 436 136.70 25.77 -3.25
C LEU SB 436 135.79 26.42 -2.21
N LYS SB 437 135.55 27.73 -2.31
CA LYS SB 437 134.63 28.41 -1.41
C LYS SB 437 133.21 27.87 -1.55
N LYS SB 438 132.77 27.66 -2.79
CA LYS SB 438 131.47 27.04 -3.02
C LYS SB 438 131.45 25.60 -2.56
N GLY SB 439 132.56 24.89 -2.74
CA GLY SB 439 132.60 23.48 -2.33
C GLY SB 439 132.53 23.29 -0.83
N THR SB 440 133.34 24.04 -0.08
CA THR SB 440 133.49 23.81 1.35
C THR SB 440 133.53 25.17 2.06
N ASP SB 441 133.06 25.16 3.31
CA ASP SB 441 133.07 26.37 4.13
C ASP SB 441 134.41 26.64 4.78
N ASP SB 442 135.29 25.64 4.89
CA ASP SB 442 136.56 25.82 5.58
C ASP SB 442 137.60 26.50 4.67
N VAL SB 443 138.00 25.80 3.61
CA VAL SB 443 139.00 26.19 2.62
C VAL SB 443 140.31 26.60 3.32
N GLY SB 444 141.01 25.63 3.88
CA GLY SB 444 142.42 25.81 4.06
C GLY SB 444 143.12 24.74 4.86
N ALA SB 445 144.16 24.17 4.28
CA ALA SB 445 145.17 23.41 5.00
C ALA SB 445 146.52 23.96 4.53
N GLU SB 446 146.73 23.89 3.22
CA GLU SB 446 147.86 24.49 2.55
C GLU SB 446 147.42 25.29 1.33
N THR SB 447 146.12 25.55 1.19
CA THR SB 447 145.54 26.05 -0.04
C THR SB 447 146.00 27.46 -0.37
N PHE SB 448 145.93 28.35 0.60
CA PHE SB 448 146.40 29.72 0.40
C PHE SB 448 147.27 30.23 1.54
N GLU SB 449 147.57 29.39 2.54
CA GLU SB 449 148.30 29.84 3.72
C GLU SB 449 149.72 30.28 3.39
N SER SB 450 150.43 29.49 2.59
CA SER SB 450 151.71 29.92 2.06
C SER SB 450 151.59 30.39 0.61
N LEU SB 451 150.37 30.65 0.14
CA LEU SB 451 150.13 30.92 -1.27
C LEU SB 451 149.53 32.31 -1.48
N ILE SB 452 150.01 33.28 -0.72
CA ILE SB 452 149.76 34.68 -1.04
C ILE SB 452 150.65 35.14 -2.18
N ARG SB 453 151.82 34.50 -2.36
CA ARG SB 453 152.85 34.96 -3.29
C ARG SB 453 152.46 34.84 -4.76
N THR SB 454 151.34 34.20 -5.07
CA THR SB 454 150.78 34.29 -6.42
C THR SB 454 150.26 35.70 -6.71
N TYR SB 455 150.01 36.50 -5.67
CA TYR SB 455 149.73 37.91 -5.86
C TYR SB 455 150.97 38.74 -6.17
N ALA SB 456 152.18 38.15 -6.10
CA ALA SB 456 153.40 38.89 -6.39
C ALA SB 456 153.68 38.98 -7.89
N ALA SB 457 152.71 39.48 -8.65
CA ALA SB 457 152.88 39.77 -10.06
C ALA SB 457 152.78 41.27 -10.34
N ALA SB 458 151.68 41.89 -9.95
CA ALA SB 458 151.50 43.34 -10.12
C ALA SB 458 150.47 43.80 -9.08
N GLY SB 459 150.95 44.40 -7.99
CA GLY SB 459 150.06 44.90 -6.96
C GLY SB 459 149.47 43.77 -6.12
N LYS SB 460 148.52 44.14 -5.28
CA LYS SB 460 147.84 43.19 -4.41
C LYS SB 460 146.48 43.72 -4.04
N SER SB 461 145.70 42.88 -3.35
CA SER SB 461 144.34 43.22 -2.99
C SER SB 461 144.32 44.20 -1.81
N HIS SB 462 143.13 44.78 -1.59
CA HIS SB 462 142.98 45.82 -0.57
C HIS SB 462 143.15 45.37 0.88
N PRO SB 463 142.56 44.26 1.37
CA PRO SB 463 142.09 44.26 2.76
C PRO SB 463 143.18 44.21 3.82
N ALA SB 464 144.38 43.71 3.49
CA ALA SB 464 145.55 43.72 4.37
C ALA SB 464 145.27 42.98 5.68
N MET SB 465 145.17 41.66 5.55
CA MET SB 465 145.08 40.63 6.58
C MET SB 465 143.66 40.50 7.16
N ARG SB 466 142.70 41.31 6.71
CA ARG SB 466 141.34 41.19 7.20
C ARG SB 466 140.49 40.20 6.40
N GLN SB 467 140.82 39.96 5.12
CA GLN SB 467 140.18 38.86 4.40
C GLN SB 467 140.61 37.53 4.98
N ARG SB 468 141.84 37.45 5.46
CA ARG SB 468 142.43 36.22 5.95
C ARG SB 468 141.96 35.91 7.37
N LEU SB 469 141.21 36.81 7.98
CA LEU SB 469 140.45 36.54 9.21
C LEU SB 469 139.01 36.12 8.93
N LYS SB 470 138.54 36.28 7.69
CA LYS SB 470 137.13 36.01 7.38
C LYS SB 470 136.84 34.52 7.37
N MET SB 471 137.71 33.73 6.75
CA MET SB 471 137.42 32.30 6.53
C MET SB 471 137.89 31.45 7.72
N GLU SB 472 137.25 31.73 8.86
CA GLU SB 472 137.23 30.85 10.03
C GLU SB 472 138.62 30.63 10.62
N LYS SB 473 139.33 31.75 10.82
CA LYS SB 473 140.53 31.83 11.66
C LYS SB 473 141.64 30.89 11.17
N VAL SB 474 142.09 31.11 9.95
CA VAL SB 474 143.25 30.41 9.46
C VAL SB 474 144.51 31.02 10.07
N LYS SB 475 145.60 30.25 10.03
CA LYS SB 475 146.89 30.71 10.50
C LYS SB 475 147.92 30.39 9.43
N VAL SB 476 148.82 31.33 9.17
CA VAL SB 476 149.78 31.22 8.09
C VAL SB 476 151.16 30.94 8.67
N ASP SB 477 152.08 30.53 7.80
CA ASP SB 477 153.47 30.31 8.17
C ASP SB 477 154.15 31.64 8.50
N LYS SB 478 155.16 31.58 9.39
CA LYS SB 478 155.90 32.76 9.82
C LYS SB 478 156.61 33.47 8.67
N ALA SB 479 157.03 32.73 7.65
CA ALA SB 479 157.76 33.31 6.53
C ALA SB 479 156.84 33.79 5.41
N THR SB 480 155.56 33.99 5.69
CA THR SB 480 154.61 34.37 4.67
C THR SB 480 154.12 35.82 4.78
N GLU SB 481 154.11 36.40 5.97
CA GLU SB 481 153.58 37.73 6.14
C GLU SB 481 154.57 38.83 5.82
N LYS SB 482 155.83 38.48 5.54
CA LYS SB 482 156.85 39.51 5.29
C LYS SB 482 156.62 40.21 3.96
N LEU SB 483 156.43 39.45 2.88
CA LEU SB 483 156.06 40.08 1.62
C LEU SB 483 154.62 40.60 1.63
N LEU SB 484 153.82 40.20 2.61
CA LEU SB 484 152.47 40.72 2.73
C LEU SB 484 152.46 42.11 3.33
N ASP SB 485 153.13 42.29 4.48
CA ASP SB 485 153.18 43.60 5.11
C ASP SB 485 154.24 44.50 4.51
N GLU SB 486 155.12 43.98 3.66
CA GLU SB 486 155.96 44.85 2.84
C GLU SB 486 155.11 45.64 1.86
N LEU SB 487 154.18 44.97 1.19
CA LEU SB 487 153.28 45.62 0.26
C LEU SB 487 151.99 46.09 0.93
N CYS SB 488 151.87 45.91 2.24
CA CYS SB 488 150.83 46.52 3.08
C CYS SB 488 149.41 46.11 2.69
N ASN TB 83 31.27 127.51 15.79
CA ASN TB 83 32.04 127.71 17.01
C ASN TB 83 32.71 126.42 17.43
N HIS TB 84 31.88 125.43 17.77
CA HIS TB 84 32.26 124.06 18.08
C HIS TB 84 33.29 123.95 19.21
N GLU TB 85 34.02 122.84 19.24
CA GLU TB 85 34.93 122.50 20.31
C GLU TB 85 36.30 122.20 19.71
N LYS TB 86 37.35 122.47 20.47
CA LYS TB 86 38.70 122.14 20.04
C LYS TB 86 38.97 120.66 20.25
N LEU TB 87 40.21 120.23 20.00
CA LEU TB 87 40.56 118.83 20.19
C LEU TB 87 41.32 118.57 21.48
N GLU TB 88 42.11 119.53 21.95
CA GLU TB 88 42.85 119.33 23.19
C GLU TB 88 41.91 119.21 24.39
N ASP TB 89 40.88 120.04 24.47
CA ASP TB 89 39.93 119.96 25.56
C ASP TB 89 39.05 118.72 25.49
N THR TB 90 38.68 118.25 24.28
CA THR TB 90 37.88 117.05 24.24
C THR TB 90 38.70 115.80 24.52
N ILE TB 91 39.99 115.77 24.15
CA ILE TB 91 40.81 114.63 24.55
C ILE TB 91 41.08 114.65 26.06
N CYS TB 92 41.23 115.82 26.64
CA CYS TB 92 41.33 115.90 28.09
C CYS TB 92 40.02 115.51 28.78
N ARG TB 93 38.87 115.77 28.16
CA ARG TB 93 37.62 115.27 28.72
C ARG TB 93 37.43 113.77 28.51
N MET TB 94 38.05 113.19 27.47
CA MET TB 94 38.14 111.74 27.39
C MET TB 94 38.86 111.19 28.61
N MET TB 95 40.07 111.70 28.87
CA MET TB 95 40.92 111.15 29.90
C MET TB 95 40.41 111.45 31.31
N ASP TB 96 39.77 112.60 31.51
CA ASP TB 96 39.27 112.97 32.82
C ASP TB 96 38.06 112.14 33.23
N ASN TB 97 37.26 111.69 32.27
CA ASN TB 97 36.00 111.02 32.59
C ASN TB 97 36.07 109.50 32.48
N ARG TB 98 36.90 108.94 31.60
CA ARG TB 98 36.91 107.50 31.41
C ARG TB 98 38.26 106.91 31.84
N ALA TB 99 38.23 105.63 32.16
CA ALA TB 99 39.46 104.91 32.46
C ALA TB 99 40.28 104.70 31.19
N TRP TB 100 41.59 104.58 31.36
CA TRP TB 100 42.53 104.50 30.24
C TRP TB 100 42.59 103.05 29.75
N THR TB 101 41.63 102.69 28.91
CA THR TB 101 41.56 101.35 28.33
C THR TB 101 41.77 101.43 26.82
N THR TB 102 41.90 100.24 26.22
CA THR TB 102 42.14 100.14 24.79
C THR TB 102 40.94 100.58 23.96
N ARG TB 103 39.73 100.43 24.48
CA ARG TB 103 38.57 100.94 23.77
C ARG TB 103 38.41 102.45 23.89
N LEU TB 104 39.06 103.07 24.87
CA LEU TB 104 39.20 104.52 24.88
C LEU TB 104 40.29 104.97 23.92
N GLN TB 105 41.39 104.23 23.84
CA GLN TB 105 42.45 104.57 22.91
C GLN TB 105 41.99 104.45 21.46
N ASN TB 106 41.11 103.49 21.16
CA ASN TB 106 40.54 103.38 19.82
C ASN TB 106 39.72 104.62 19.47
N SER TB 107 38.93 105.13 20.42
CA SER TB 107 38.15 106.33 20.19
C SER TB 107 39.03 107.54 19.97
N ILE TB 108 40.10 107.67 20.75
CA ILE TB 108 41.04 108.79 20.56
C ILE TB 108 41.71 108.70 19.19
N ARG TB 109 42.13 107.49 18.79
CA ARG TB 109 42.80 107.29 17.52
C ARG TB 109 41.88 107.58 16.34
N ASP TB 110 40.61 107.19 16.44
CA ASP TB 110 39.66 107.50 15.38
C ASP TB 110 39.19 108.94 15.43
N LEU TB 111 39.31 109.62 16.57
CA LEU TB 111 38.95 111.03 16.64
C LEU TB 111 40.03 111.93 16.07
N VAL TB 112 41.30 111.57 16.21
CA VAL TB 112 42.38 112.41 15.70
C VAL TB 112 42.45 112.28 14.18
N PRO TB 113 42.31 113.38 13.44
CA PRO TB 113 42.34 113.29 11.97
C PRO TB 113 43.74 113.37 11.37
N GLU TB 114 44.66 114.05 12.06
CA GLU TB 114 46.04 114.17 11.60
C GLU TB 114 46.92 114.53 12.78
N TRP TB 115 48.03 113.83 12.94
CA TRP TB 115 48.87 113.95 14.12
C TRP TB 115 49.97 114.98 13.90
N ASP TB 116 50.13 115.89 14.86
CA ASP TB 116 51.25 116.81 14.86
C ASP TB 116 51.60 117.21 16.29
N HIS TB 117 52.83 117.71 16.43
CA HIS TB 117 53.35 118.10 17.73
C HIS TB 117 52.59 119.26 18.33
N SER TB 118 51.94 120.08 17.51
CA SER TB 118 51.04 121.11 18.04
C SER TB 118 49.89 120.50 18.80
N LEU TB 119 49.25 119.46 18.23
CA LEU TB 119 48.18 118.75 18.92
C LEU TB 119 48.70 118.07 20.19
N VAL TB 120 49.88 117.46 20.11
CA VAL TB 120 50.44 116.78 21.28
C VAL TB 120 50.71 117.79 22.40
N TYR TB 121 51.25 118.96 22.04
CA TYR TB 121 51.57 119.97 23.04
C TYR TB 121 50.31 120.57 23.66
N ASN TB 122 49.28 120.81 22.83
CA ASN TB 122 48.04 121.39 23.37
C ASN TB 122 47.28 120.40 24.23
N VAL TB 123 47.40 119.10 23.96
CA VAL TB 123 46.86 118.09 24.86
C VAL TB 123 47.65 118.07 26.17
N LEU TB 124 48.98 118.07 26.05
CA LEU TB 124 49.84 117.89 27.22
C LEU TB 124 49.74 119.06 28.19
N HIS TB 125 49.63 120.28 27.69
CA HIS TB 125 49.45 121.42 28.59
C HIS TB 125 48.10 121.36 29.29
N GLY TB 126 47.04 121.05 28.55
CA GLY TB 126 45.70 121.05 29.08
C GLY TB 126 45.30 119.81 29.84
N ALA TB 127 46.20 118.83 29.99
CA ALA TB 127 45.90 117.64 30.78
C ALA TB 127 45.63 118.01 32.23
N LYS TB 128 44.55 117.44 32.78
CA LYS TB 128 44.15 117.76 34.14
C LYS TB 128 45.05 117.12 35.18
N LYS TB 129 45.49 115.90 34.95
CA LYS TB 129 46.38 115.24 35.89
C LYS TB 129 47.62 114.70 35.18
N LEU TB 130 48.70 114.64 35.96
CA LEU TB 130 49.99 114.22 35.43
C LEU TB 130 49.96 112.79 34.94
N GLU TB 131 49.14 111.93 35.54
CA GLU TB 131 49.04 110.56 35.05
C GLU TB 131 48.37 110.49 33.69
N HIS TB 132 47.34 111.31 33.44
CA HIS TB 132 46.78 111.41 32.09
C HIS TB 132 47.83 111.91 31.10
N ALA TB 133 48.60 112.93 31.49
CA ALA TB 133 49.63 113.47 30.61
C ALA TB 133 50.70 112.44 30.29
N LEU TB 134 51.17 111.72 31.30
CA LEU TB 134 52.22 110.72 31.11
C LEU TB 134 51.71 109.54 30.27
N GLN TB 135 50.47 109.11 30.52
CA GLN TB 135 49.87 108.05 29.72
C GLN TB 135 49.77 108.42 28.25
N PHE TB 136 49.33 109.65 27.97
CA PHE TB 136 49.25 110.08 26.58
C PHE TB 136 50.62 110.19 25.92
N PHE TB 137 51.62 110.72 26.64
CA PHE TB 137 52.94 110.87 26.06
C PHE TB 137 53.62 109.52 25.83
N ARG TB 138 53.33 108.52 26.66
CA ARG TB 138 53.88 107.19 26.41
C ARG TB 138 53.16 106.51 25.26
N TRP TB 139 51.82 106.62 25.22
CA TRP TB 139 51.05 105.90 24.21
C TRP TB 139 51.32 106.44 22.81
N THR TB 140 51.47 107.75 22.66
CA THR TB 140 51.66 108.30 21.32
C THR TB 140 53.03 107.94 20.74
N GLU TB 141 54.03 107.72 21.58
CA GLU TB 141 55.33 107.30 21.07
C GLU TB 141 55.47 105.79 20.94
N ARG TB 142 54.69 105.02 21.71
CA ARG TB 142 54.77 103.57 21.59
C ARG TB 142 53.80 103.00 20.55
N SER TB 143 52.82 103.78 20.10
CA SER TB 143 51.86 103.31 19.12
C SER TB 143 52.27 103.60 17.69
N GLY TB 144 53.41 104.24 17.48
CA GLY TB 144 53.86 104.55 16.14
C GLY TB 144 53.13 105.68 15.46
N LEU TB 145 52.26 106.40 16.16
CA LEU TB 145 51.47 107.44 15.54
C LEU TB 145 52.30 108.70 15.26
N ILE TB 146 53.33 108.95 16.08
CA ILE TB 146 54.15 110.15 15.94
C ILE TB 146 55.49 109.87 16.59
N ARG TB 147 56.50 110.66 16.24
CA ARG TB 147 57.76 110.71 16.96
C ARG TB 147 57.90 112.08 17.58
N HIS TB 148 58.24 112.13 18.86
CA HIS TB 148 58.19 113.37 19.61
C HIS TB 148 59.47 114.17 19.44
N ASP TB 149 59.37 115.47 19.71
CA ASP TB 149 60.44 116.40 19.47
C ASP TB 149 60.93 117.03 20.77
N ARG TB 150 61.84 118.00 20.62
CA ARG TB 150 62.54 118.58 21.76
C ARG TB 150 61.61 119.32 22.70
N ASP TB 151 60.66 120.09 22.14
CA ASP TB 151 59.79 120.90 22.98
C ASP TB 151 58.81 120.04 23.78
N THR TB 152 58.27 118.99 23.16
CA THR TB 152 57.40 118.07 23.89
C THR TB 152 58.15 117.33 24.98
N HIS TB 153 59.39 116.91 24.68
CA HIS TB 153 60.20 116.27 25.72
C HIS TB 153 60.51 117.21 26.88
N MET TB 154 60.83 118.47 26.56
CA MET TB 154 61.08 119.48 27.57
C MET TB 154 59.84 119.75 28.42
N LYS TB 155 58.67 119.82 27.76
CA LYS TB 155 57.40 120.02 28.46
C LYS TB 155 57.11 118.86 29.41
N MET TB 156 57.39 117.63 28.98
CA MET TB 156 57.17 116.47 29.85
C MET TB 156 58.07 116.52 31.07
N ILE TB 157 59.36 116.82 30.86
CA ILE TB 157 60.30 116.86 31.99
C ILE TB 157 59.94 117.98 32.97
N LYS TB 158 59.45 119.11 32.45
CA LYS TB 158 59.14 120.25 33.31
C LYS TB 158 58.00 119.94 34.28
N MET TB 159 56.90 119.36 33.79
CA MET TB 159 55.79 119.00 34.68
C MET TB 159 56.11 117.80 35.56
N LEU TB 160 56.84 116.80 35.04
CA LEU TB 160 57.24 115.68 35.87
C LEU TB 160 58.15 116.12 37.02
N GLY TB 161 59.02 117.09 36.78
CA GLY TB 161 59.90 117.61 37.82
C GLY TB 161 59.24 118.60 38.76
N GLU TB 162 58.23 119.32 38.27
CA GLU TB 162 57.45 120.18 39.18
C GLU TB 162 56.62 119.34 40.14
N VAL TB 163 56.12 118.18 39.68
CA VAL TB 163 55.40 117.27 40.57
C VAL TB 163 56.38 116.33 41.29
N SER TB 164 57.66 116.35 40.92
CA SER TB 164 58.73 115.56 41.53
C SER TB 164 58.48 114.05 41.34
N LYS TB 165 58.34 113.67 40.07
CA LYS TB 165 58.44 112.28 39.65
C LYS TB 165 59.84 112.09 39.07
N LEU TB 166 60.80 111.96 39.98
CA LEU TB 166 62.20 112.14 39.65
C LEU TB 166 62.72 111.02 38.75
N ASN TB 167 62.44 109.78 39.11
CA ASN TB 167 62.84 108.65 38.30
C ASN TB 167 62.14 108.63 36.96
N HIS TB 168 60.89 109.09 36.92
CA HIS TB 168 60.15 109.20 35.66
C HIS TB 168 60.86 110.13 34.69
N ALA TB 169 61.18 111.35 35.15
CA ALA TB 169 61.85 112.33 34.31
C ALA TB 169 63.26 111.89 33.93
N ARG TB 170 63.99 111.27 34.86
CA ARG TB 170 65.33 110.77 34.55
C ARG TB 170 65.29 109.69 33.49
N CYS TB 171 64.34 108.75 33.60
CA CYS TB 171 64.27 107.66 32.63
C CYS TB 171 63.80 108.13 31.26
N ILE TB 172 62.97 109.19 31.21
CA ILE TB 172 62.66 109.78 29.92
C ILE TB 172 63.89 110.48 29.34
N LEU TB 173 64.62 111.22 30.18
CA LEU TB 173 65.75 112.01 29.69
C LEU TB 173 66.86 111.14 29.13
N LEU TB 174 67.13 110.00 29.76
CA LEU TB 174 68.25 109.16 29.31
C LEU TB 174 67.98 108.47 27.97
N ASP TB 175 66.74 108.51 27.47
CA ASP TB 175 66.34 107.74 26.30
C ASP TB 175 66.32 108.55 25.00
N MET TB 176 66.83 109.77 25.00
CA MET TB 176 66.73 110.66 23.84
C MET TB 176 67.73 110.44 22.69
N PRO TB 177 69.03 110.19 22.90
CA PRO TB 177 69.92 110.06 21.73
C PRO TB 177 69.69 108.80 20.95
N GLU TB 178 69.04 107.80 21.54
CA GLU TB 178 68.62 106.66 20.77
C GLU TB 178 67.46 107.02 19.86
N LYS TB 179 66.60 107.95 20.29
CA LYS TB 179 65.52 108.46 19.47
C LYS TB 179 66.01 109.45 18.41
N GLY TB 180 67.11 110.13 18.65
CA GLY TB 180 67.75 110.95 17.64
C GLY TB 180 67.76 112.44 17.92
N VAL TB 181 66.88 112.93 18.78
CA VAL TB 181 66.87 114.36 19.13
C VAL TB 181 68.06 114.62 20.03
N PRO TB 182 68.69 115.80 19.96
CA PRO TB 182 69.91 116.04 20.73
C PRO TB 182 69.60 116.36 22.18
N TRP TB 183 70.65 116.28 22.99
CA TRP TB 183 70.65 116.79 24.34
C TRP TB 183 70.84 118.29 24.38
N ASP TB 184 70.09 118.94 25.25
CA ASP TB 184 70.23 120.35 25.55
C ASP TB 184 70.37 120.51 27.04
N GLU TB 185 70.97 121.63 27.46
CA GLU TB 185 71.09 121.97 28.87
C GLU TB 185 69.76 122.37 29.49
N ASP TB 186 68.76 122.71 28.67
CA ASP TB 186 67.45 123.10 29.19
C ASP TB 186 66.79 121.94 29.92
N MET TB 187 66.94 120.73 29.40
CA MET TB 187 66.38 119.57 30.09
C MET TB 187 67.18 119.25 31.35
N PHE TB 188 68.47 119.54 31.37
CA PHE TB 188 69.28 119.22 32.54
C PHE TB 188 69.03 120.20 33.69
N VAL TB 189 68.85 121.48 33.39
CA VAL TB 189 68.72 122.49 34.46
C VAL TB 189 67.41 122.32 35.24
N VAL TB 190 66.33 121.97 34.55
CA VAL TB 190 65.06 121.71 35.23
C VAL TB 190 65.15 120.42 36.04
N LEU TB 191 65.97 119.46 35.60
CA LEU TB 191 66.23 118.27 36.41
C LEU TB 191 67.00 118.62 37.68
N ILE TB 192 67.95 119.56 37.58
CA ILE TB 192 68.65 120.05 38.77
C ILE TB 192 67.68 120.64 39.76
N GLU TB 193 66.82 121.54 39.29
CA GLU TB 193 65.83 122.18 40.16
C GLU TB 193 64.84 121.18 40.73
N SER TB 194 64.48 120.15 39.94
CA SER TB 194 63.53 119.15 40.39
C SER TB 194 64.12 118.26 41.49
N TYR TB 195 65.37 117.85 41.34
CA TYR TB 195 66.00 117.05 42.40
C TYR TB 195 66.20 117.88 43.65
N GLY TB 196 66.59 119.16 43.50
CA GLY TB 196 66.81 119.97 44.67
C GLY TB 196 65.56 120.42 45.38
N LYS TB 197 64.41 120.44 44.68
CA LYS TB 197 63.16 120.77 45.35
C LYS TB 197 62.80 119.74 46.40
N ALA TB 198 63.19 118.49 46.20
CA ALA TB 198 62.94 117.42 47.16
C ALA TB 198 64.06 117.26 48.17
N GLY TB 199 65.11 118.07 48.08
CA GLY TB 199 66.25 117.92 48.98
C GLY TB 199 67.14 116.74 48.65
N ILE TB 200 67.35 116.45 47.37
CA ILE TB 200 68.26 115.40 46.90
C ILE TB 200 69.35 116.14 46.12
N VAL TB 201 69.71 117.31 46.63
CA VAL TB 201 70.61 118.25 45.95
C VAL TB 201 72.00 117.66 45.68
N GLN TB 202 72.40 116.63 46.44
CA GLN TB 202 73.66 115.94 46.14
C GLN TB 202 73.61 115.29 44.76
N GLU TB 203 72.46 114.76 44.35
CA GLU TB 203 72.35 114.23 43.01
C GLU TB 203 72.29 115.33 41.95
N SER TB 204 71.82 116.52 42.31
CA SER TB 204 71.93 117.65 41.39
C SER TB 204 73.39 118.00 41.13
N VAL TB 205 74.20 118.03 42.19
CA VAL TB 205 75.64 118.26 42.02
C VAL TB 205 76.28 117.11 41.24
N LYS TB 206 75.79 115.88 41.46
CA LYS TB 206 76.27 114.72 40.73
C LYS TB 206 75.99 114.83 39.23
N ILE TB 207 74.80 115.29 38.86
CA ILE TB 207 74.47 115.53 37.47
C ILE TB 207 75.33 116.66 36.91
N PHE TB 208 75.55 117.71 37.71
CA PHE TB 208 76.30 118.86 37.25
C PHE TB 208 77.75 118.51 36.94
N GLN TB 209 78.34 117.62 37.74
CA GLN TB 209 79.72 117.23 37.48
C GLN TB 209 79.86 116.39 36.21
N LYS TB 210 78.82 115.64 35.83
CA LYS TB 210 78.86 114.80 34.64
C LYS TB 210 78.16 115.44 33.45
N MET TB 211 77.67 116.67 33.59
CA MET TB 211 77.06 117.38 32.47
C MET TB 211 78.07 117.64 31.37
N LYS TB 212 79.30 118.03 31.72
CA LYS TB 212 80.37 118.16 30.75
C LYS TB 212 80.88 116.81 30.27
N ASP TB 213 80.83 115.79 31.13
CA ASP TB 213 81.21 114.44 30.73
C ASP TB 213 80.29 113.91 29.63
N LEU TB 214 78.98 114.15 29.76
CA LEU TB 214 78.02 113.72 28.77
C LEU TB 214 78.16 114.46 27.45
N GLY TB 215 78.69 115.68 27.46
CA GLY TB 215 78.99 116.39 26.23
C GLY TB 215 78.01 117.50 25.90
N VAL TB 216 77.54 118.22 26.92
CA VAL TB 216 76.64 119.35 26.75
C VAL TB 216 77.30 120.58 27.37
N GLU TB 217 77.12 121.73 26.72
CA GLU TB 217 77.73 122.96 27.18
C GLU TB 217 77.18 123.37 28.54
N ARG TB 218 78.08 123.84 29.42
CA ARG TB 218 77.76 124.17 30.82
C ARG TB 218 78.33 125.57 31.10
N THR TB 219 77.57 126.61 30.72
CA THR TB 219 78.14 127.96 30.75
C THR TB 219 77.65 128.83 31.91
N ILE TB 220 76.36 129.20 31.91
CA ILE TB 220 75.91 130.30 32.77
C ILE TB 220 74.74 129.87 33.63
N LYS TB 221 73.62 129.53 32.98
CA LYS TB 221 72.38 129.26 33.69
C LYS TB 221 72.45 127.97 34.51
N SER TB 222 73.28 127.02 34.07
CA SER TB 222 73.49 125.79 34.83
C SER TB 222 74.16 126.09 36.16
N TYR TB 223 75.22 126.89 36.14
CA TYR TB 223 75.88 127.30 37.37
C TYR TB 223 74.96 128.17 38.22
N ASN TB 224 74.11 128.99 37.59
CA ASN TB 224 73.15 129.79 38.32
C ASN TB 224 72.17 128.93 39.10
N SER TB 225 71.64 127.89 38.46
CA SER TB 225 70.70 127.02 39.15
C SER TB 225 71.40 126.18 40.21
N LEU TB 226 72.64 125.75 39.95
CA LEU TB 226 73.39 125.01 40.97
C LEU TB 226 73.63 125.86 42.21
N PHE TB 227 74.00 127.13 42.02
CA PHE TB 227 74.15 128.03 43.14
C PHE TB 227 72.82 128.39 43.79
N LYS TB 228 71.74 128.38 43.01
CA LYS TB 228 70.42 128.60 43.58
C LYS TB 228 69.99 127.45 44.47
N VAL TB 229 70.47 126.24 44.18
CA VAL TB 229 69.97 125.08 44.90
C VAL TB 229 70.89 124.67 46.05
N ILE TB 230 72.20 124.91 45.94
CA ILE TB 230 73.06 124.45 47.02
C ILE TB 230 73.14 125.46 48.16
N LEU TB 231 72.89 126.73 47.90
CA LEU TB 231 72.84 127.70 48.98
C LEU TB 231 71.45 127.85 49.59
N ARG TB 232 70.43 127.28 48.96
CA ARG TB 232 69.15 127.10 49.65
C ARG TB 232 69.29 126.08 50.78
N ARG TB 233 70.09 125.03 50.55
CA ARG TB 233 70.48 124.13 51.63
C ARG TB 233 71.56 124.74 52.50
N GLY TB 234 72.34 125.67 51.95
CA GLY TB 234 73.30 126.43 52.74
C GLY TB 234 74.73 125.95 52.61
N ARG TB 235 75.14 125.62 51.39
CA ARG TB 235 76.49 125.11 51.14
C ARG TB 235 77.40 126.26 50.72
N TYR TB 236 77.74 127.11 51.70
CA TYR TB 236 78.59 128.25 51.40
C TYR TB 236 80.03 127.84 51.11
N MET TB 237 80.56 126.87 51.85
CA MET TB 237 81.93 126.44 51.65
C MET TB 237 82.10 125.68 50.34
N MET TB 238 81.03 125.01 49.88
CA MET TB 238 81.07 124.44 48.54
C MET TB 238 80.94 125.52 47.49
N ALA TB 239 79.97 126.44 47.66
CA ALA TB 239 79.70 127.48 46.68
C ALA TB 239 80.91 128.38 46.45
N LYS TB 240 81.78 128.55 47.46
CA LYS TB 240 83.05 129.23 47.24
C LYS TB 240 83.91 128.48 46.23
N ARG TB 241 84.06 127.16 46.39
CA ARG TB 241 84.89 126.37 45.48
C ARG TB 241 84.30 126.34 44.09
N TYR TB 242 82.99 126.18 43.98
CA TYR TB 242 82.38 126.15 42.65
C TYR TB 242 82.32 127.53 42.02
N PHE TB 243 82.38 128.61 42.80
CA PHE TB 243 82.57 129.91 42.19
C PHE TB 243 84.00 130.08 41.70
N ASN TB 244 84.97 129.49 42.40
CA ASN TB 244 86.34 129.48 41.87
C ASN TB 244 86.41 128.70 40.57
N LYS TB 245 85.75 127.55 40.49
CA LYS TB 245 85.70 126.81 39.23
C LYS TB 245 84.82 127.47 38.18
N MET TB 246 83.91 128.34 38.60
CA MET TB 246 83.20 129.20 37.65
C MET TB 246 84.16 130.19 37.02
N VAL TB 247 84.76 131.04 37.84
CA VAL TB 247 85.62 132.11 37.36
C VAL TB 247 86.94 131.60 36.77
N SER TB 248 87.29 130.35 37.01
CA SER TB 248 88.51 129.81 36.42
C SER TB 248 88.31 129.46 34.95
N GLU TB 249 87.14 128.92 34.59
CA GLU TB 249 86.90 128.44 33.22
C GLU TB 249 86.25 129.51 32.34
N GLY TB 250 86.84 130.70 32.33
CA GLY TB 250 86.46 131.76 31.40
C GLY TB 250 85.03 132.25 31.49
N VAL TB 251 84.49 132.33 32.70
CA VAL TB 251 83.09 132.67 32.91
C VAL TB 251 83.01 134.03 33.59
N GLU TB 252 82.16 134.90 33.06
CA GLU TB 252 81.98 136.24 33.60
C GLU TB 252 80.69 136.26 34.42
N PRO TB 253 80.78 136.26 35.75
CA PRO TB 253 79.55 136.28 36.56
C PRO TB 253 78.87 137.63 36.50
N THR TB 254 77.58 137.62 36.79
CA THR TB 254 76.76 138.82 36.72
C THR TB 254 76.01 139.04 38.03
N ARG TB 255 75.08 140.00 37.99
CA ARG TB 255 74.33 140.39 39.18
C ARG TB 255 73.46 139.27 39.72
N HIS TB 256 72.91 138.43 38.84
CA HIS TB 256 72.13 137.29 39.30
C HIS TB 256 72.98 136.31 40.09
N THR TB 257 74.19 136.01 39.59
CA THR TB 257 75.12 135.15 40.32
C THR TB 257 75.47 135.75 41.67
N TYR TB 258 75.80 137.05 41.68
CA TYR TB 258 76.25 137.70 42.90
C TYR TB 258 75.13 137.77 43.94
N ASN TB 259 73.91 138.09 43.50
CA ASN TB 259 72.77 138.12 44.40
C ASN TB 259 72.45 136.74 44.95
N LEU TB 260 72.45 135.72 44.08
CA LEU TB 260 72.11 134.36 44.50
C LEU TB 260 73.15 133.78 45.45
N MET TB 261 74.41 134.22 45.36
CA MET TB 261 75.39 133.79 46.34
C MET TB 261 75.41 134.64 47.60
N LEU TB 262 75.15 135.95 47.48
CA LEU TB 262 75.14 136.82 48.64
C LEU TB 262 74.00 136.50 49.58
N TRP TB 263 72.84 136.11 49.04
CA TRP TB 263 71.73 135.69 49.90
C TRP TB 263 72.11 134.47 50.73
N GLY TB 264 72.75 133.49 50.10
CA GLY TB 264 73.16 132.31 50.85
C GLY TB 264 74.25 132.60 51.86
N PHE TB 265 75.19 133.49 51.52
CA PHE TB 265 76.26 133.80 52.45
C PHE TB 265 75.76 134.62 53.63
N PHE TB 266 74.75 135.47 53.42
CA PHE TB 266 74.12 136.12 54.56
C PHE TB 266 73.30 135.14 55.38
N LEU TB 267 72.66 134.16 54.73
CA LEU TB 267 71.89 133.16 55.47
C LEU TB 267 72.79 132.31 56.35
N SER TB 268 73.96 131.93 55.85
CA SER TB 268 74.86 131.05 56.58
C SER TB 268 75.72 131.78 57.62
N LEU TB 269 75.40 133.04 57.91
CA LEU TB 269 76.12 133.88 58.89
C LEU TB 269 77.61 133.98 58.56
N ARG TB 270 77.88 134.58 57.40
CA ARG TB 270 79.24 134.80 56.90
C ARG TB 270 79.36 136.25 56.46
N LEU TB 271 79.65 137.13 57.43
CA LEU TB 271 79.69 138.57 57.15
C LEU TB 271 80.92 138.93 56.33
N GLU TB 272 82.08 138.37 56.69
CA GLU TB 272 83.30 138.64 55.95
C GLU TB 272 83.25 138.05 54.55
N THR TB 273 82.59 136.90 54.37
CA THR TB 273 82.42 136.34 53.04
C THR TB 273 81.44 137.16 52.22
N ALA TB 274 80.39 137.70 52.86
CA ALA TB 274 79.46 138.59 52.17
C ALA TB 274 80.15 139.87 51.70
N LEU TB 275 80.98 140.47 52.54
CA LEU TB 275 81.68 141.68 52.11
C LEU TB 275 82.76 141.39 51.09
N ARG TB 276 83.43 140.23 51.19
CA ARG TB 276 84.41 139.84 50.18
C ARG TB 276 83.76 139.65 48.83
N PHE TB 277 82.60 138.98 48.80
CA PHE TB 277 81.92 138.81 47.52
C PHE TB 277 81.16 140.06 47.11
N PHE TB 278 81.00 141.05 47.99
CA PHE TB 278 80.55 142.35 47.55
C PHE TB 278 81.66 143.16 46.90
N GLU TB 279 82.87 143.17 47.48
CA GLU TB 279 83.96 143.86 46.81
C GLU TB 279 84.42 143.13 45.55
N ASP TB 280 84.12 141.83 45.43
CA ASP TB 280 84.32 141.14 44.17
C ASP TB 280 83.46 141.74 43.06
N MET TB 281 82.16 141.94 43.31
CA MET TB 281 81.32 142.58 42.29
C MET TB 281 81.56 144.07 42.20
N LYS TB 282 82.22 144.68 43.17
CA LYS TB 282 82.74 146.02 42.97
C LYS TB 282 83.88 146.06 41.97
N THR TB 283 84.82 145.13 42.07
CA THR TB 283 85.95 145.13 41.15
C THR TB 283 85.52 144.69 39.75
N ARG TB 284 84.57 143.75 39.65
CA ARG TB 284 84.05 143.34 38.34
C ARG TB 284 83.31 144.48 37.65
N GLY TB 285 82.74 145.41 38.42
CA GLY TB 285 82.17 146.61 37.84
C GLY TB 285 80.79 146.46 37.25
N ILE TB 286 79.81 146.17 38.08
CA ILE TB 286 78.41 146.22 37.68
C ILE TB 286 77.59 146.86 38.80
N SER TB 287 76.67 147.75 38.41
CA SER TB 287 75.94 148.57 39.36
C SER TB 287 74.83 147.76 40.03
N PRO TB 288 74.79 147.73 41.36
CA PRO TB 288 73.76 146.94 42.05
C PRO TB 288 72.36 147.50 41.84
N ASP TB 289 71.38 146.63 42.04
CA ASP TB 289 69.99 146.97 41.78
C ASP TB 289 69.13 146.76 43.01
N ASP TB 290 67.80 146.81 42.83
CA ASP TB 290 66.87 146.80 43.95
C ASP TB 290 66.97 145.50 44.76
N ALA TB 291 67.03 144.36 44.08
CA ALA TB 291 67.17 143.09 44.80
C ALA TB 291 68.56 142.94 45.42
N THR TB 292 69.58 143.51 44.79
CA THR TB 292 70.92 143.49 45.38
C THR TB 292 70.94 144.28 46.69
N PHE TB 293 70.33 145.47 46.70
CA PHE TB 293 70.26 146.22 47.96
C PHE TB 293 69.27 145.61 48.93
N ASN TB 294 68.30 144.81 48.43
CA ASN TB 294 67.45 144.03 49.32
C ASN TB 294 68.23 142.95 50.04
N THR TB 295 69.26 142.40 49.37
CA THR TB 295 70.06 141.33 49.97
C THR TB 295 70.73 141.78 51.25
N MET TB 296 71.37 142.94 51.22
CA MET TB 296 72.06 143.43 52.42
C MET TB 296 71.08 143.83 53.51
N ILE TB 297 69.92 144.37 53.16
CA ILE TB 297 69.03 144.81 54.23
C ILE TB 297 68.32 143.62 54.89
N ASN TB 298 68.03 142.55 54.13
CA ASN TB 298 67.50 141.37 54.82
C ASN TB 298 68.61 140.62 55.58
N GLY TB 299 69.85 140.69 55.10
CA GLY TB 299 70.96 140.22 55.89
C GLY TB 299 71.16 140.98 57.19
N PHE TB 300 70.98 142.29 57.17
CA PHE TB 300 71.04 143.07 58.39
C PHE TB 300 69.83 142.85 59.28
N CYS TB 301 68.67 142.54 58.69
CA CYS TB 301 67.52 142.13 59.49
C CYS TB 301 67.81 140.84 60.25
N ARG TB 302 68.44 139.87 59.58
CA ARG TB 302 68.78 138.64 60.28
C ARG TB 302 70.05 138.75 61.11
N PHE TB 303 70.75 139.88 61.03
CA PHE TB 303 71.79 140.21 61.99
C PHE TB 303 71.34 141.19 63.06
N LYS TB 304 70.04 141.55 63.06
CA LYS TB 304 69.37 142.29 64.13
C LYS TB 304 70.00 143.67 64.35
N LYS TB 305 70.48 144.28 63.28
CA LYS TB 305 71.04 145.63 63.29
C LYS TB 305 70.18 146.47 62.36
N MET TB 306 69.28 147.25 62.94
CA MET TB 306 68.24 147.90 62.14
C MET TB 306 68.57 149.35 61.80
N ASP TB 307 69.29 150.06 62.67
CA ASP TB 307 69.73 151.42 62.32
C ASP TB 307 70.74 151.38 61.19
N GLU TB 308 71.60 150.37 61.16
CA GLU TB 308 72.49 150.14 60.03
C GLU TB 308 71.70 149.84 58.76
N ALA TB 309 70.60 149.10 58.87
CA ALA TB 309 69.74 148.85 57.73
C ALA TB 309 69.07 150.13 57.25
N GLU TB 310 68.71 151.01 58.18
CA GLU TB 310 68.17 152.32 57.80
C GLU TB 310 69.22 153.17 57.10
N LYS TB 311 70.47 153.07 57.54
CA LYS TB 311 71.57 153.74 56.85
C LYS TB 311 71.74 153.18 55.43
N LEU TB 312 71.60 151.87 55.27
CA LEU TB 312 71.58 151.27 53.94
C LEU TB 312 70.35 151.69 53.14
N PHE TB 313 69.23 151.94 53.81
CA PHE TB 313 67.99 152.32 53.16
C PHE TB 313 68.02 153.77 52.69
N VAL TB 314 68.79 154.63 53.34
CA VAL TB 314 68.99 155.96 52.78
C VAL TB 314 70.15 155.96 51.79
N GLU TB 315 71.09 155.00 51.90
CA GLU TB 315 72.12 154.84 50.90
C GLU TB 315 71.54 154.41 49.55
N MET TB 316 70.54 153.51 49.56
CA MET TB 316 69.88 153.16 48.30
C MET TB 316 69.09 154.31 47.71
N LYS TB 317 68.61 155.24 48.54
CA LYS TB 317 67.99 156.45 48.01
C LYS TB 317 69.01 157.41 47.43
N GLY TB 318 70.17 157.53 48.07
CA GLY TB 318 71.25 158.33 47.55
C GLY TB 318 72.00 157.74 46.37
N ASN TB 319 71.75 156.47 46.06
CA ASN TB 319 72.33 155.85 44.87
C ASN TB 319 71.42 155.90 43.66
N LYS TB 320 70.20 156.42 43.79
CA LYS TB 320 69.20 156.54 42.72
C LYS TB 320 68.84 155.15 42.14
N ILE TB 321 68.16 154.37 42.99
CA ILE TB 321 67.42 153.20 42.55
C ILE TB 321 66.01 153.30 43.14
N GLY TB 322 65.03 152.78 42.39
CA GLY TB 322 63.64 152.86 42.77
C GLY TB 322 63.31 152.10 44.04
N PRO TB 323 62.40 152.67 44.86
CA PRO TB 323 62.03 152.05 46.13
C PRO TB 323 61.19 150.80 45.91
N SER TB 324 61.61 149.69 46.50
CA SER TB 324 60.88 148.44 46.29
C SER TB 324 60.00 148.09 47.49
N VAL TB 325 58.83 147.52 47.15
CA VAL TB 325 57.84 147.13 48.14
C VAL TB 325 58.39 146.03 49.03
N VAL TB 326 59.21 145.14 48.47
CA VAL TB 326 59.88 144.11 49.25
C VAL TB 326 60.85 144.72 50.26
N SER TB 327 61.58 145.77 49.86
CA SER TB 327 62.46 146.47 50.80
C SER TB 327 61.68 147.10 51.93
N TYR TB 328 60.54 147.74 51.61
CA TYR TB 328 59.72 148.31 52.68
C TYR TB 328 59.17 147.23 53.61
N THR TB 329 58.77 146.09 53.03
CA THR TB 329 58.26 144.98 53.81
C THR TB 329 59.30 144.47 54.80
N THR TB 330 60.52 144.25 54.33
CA THR TB 330 61.55 143.81 55.26
C THR TB 330 62.03 144.93 56.19
N MET TB 331 61.81 146.20 55.85
CA MET TB 331 62.02 147.27 56.82
C MET TB 331 61.05 147.15 57.99
N ILE TB 332 59.78 146.88 57.69
CA ILE TB 332 58.81 146.64 58.76
C ILE TB 332 59.20 145.42 59.58
N LYS TB 333 59.66 144.36 58.90
CA LYS TB 333 60.06 143.14 59.59
C LYS TB 333 61.24 143.39 60.53
N GLY TB 334 62.25 144.13 60.07
CA GLY TB 334 63.38 144.45 60.92
C GLY TB 334 63.06 145.41 62.04
N TYR TB 335 62.04 146.26 61.86
CA TYR TB 335 61.57 147.08 62.97
C TYR TB 335 60.93 146.20 64.05
N LEU TB 336 60.00 145.33 63.66
CA LEU TB 336 59.26 144.57 64.65
C LEU TB 336 60.00 143.33 65.13
N ALA TB 337 61.20 143.06 64.61
CA ALA TB 337 61.93 141.87 65.02
C ALA TB 337 62.31 141.91 66.50
N VAL TB 338 62.66 143.08 67.04
CA VAL TB 338 63.07 143.12 68.44
C VAL TB 338 62.14 144.00 69.28
N ASP TB 339 62.14 145.30 69.03
CA ASP TB 339 61.44 146.21 69.95
C ASP TB 339 60.57 147.27 69.29
N ARG TB 340 60.87 147.72 68.08
CA ARG TB 340 60.19 148.88 67.50
C ARG TB 340 58.94 148.44 66.76
N VAL TB 341 57.81 148.50 67.45
CA VAL TB 341 56.54 148.08 66.88
C VAL TB 341 55.72 149.24 66.35
N ASP TB 342 55.87 150.44 66.90
CA ASP TB 342 55.17 151.61 66.37
C ASP TB 342 55.80 152.08 65.07
N ASP TB 343 57.08 151.78 64.86
CA ASP TB 343 57.81 152.20 63.67
C ASP TB 343 57.29 151.58 62.39
N GLY TB 344 56.59 150.45 62.48
CA GLY TB 344 55.96 149.89 61.29
C GLY TB 344 54.88 150.79 60.74
N LEU TB 345 54.05 151.36 61.61
CA LEU TB 345 53.12 152.39 61.16
C LEU TB 345 53.85 153.63 60.68
N ARG TB 346 54.97 154.00 61.32
CA ARG TB 346 55.74 155.16 60.92
C ARG TB 346 56.33 155.04 59.53
N ILE TB 347 56.68 153.82 59.11
CA ILE TB 347 57.12 153.61 57.73
C ILE TB 347 55.94 153.34 56.80
N PHE TB 348 54.79 152.94 57.34
CA PHE TB 348 53.58 152.94 56.52
C PHE TB 348 53.13 154.36 56.18
N GLU TB 349 53.47 155.35 57.00
CA GLU TB 349 53.21 156.73 56.60
C GLU TB 349 54.07 157.18 55.44
N GLU TB 350 55.28 156.62 55.29
CA GLU TB 350 56.13 156.89 54.15
C GLU TB 350 55.88 155.93 52.99
N MET TB 351 55.07 154.88 53.21
CA MET TB 351 54.69 153.90 52.19
C MET TB 351 53.98 154.54 51.00
N ARG TB 352 53.39 155.72 51.15
CA ARG TB 352 52.78 156.41 50.02
C ARG TB 352 53.81 156.84 48.98
N SER TB 353 55.04 157.12 49.41
CA SER TB 353 56.08 157.55 48.49
C SER TB 353 56.57 156.41 47.61
N SER TB 354 56.57 155.18 48.11
CA SER TB 354 57.02 154.04 47.32
C SER TB 354 56.04 153.74 46.18
N GLY TB 355 54.74 153.74 46.48
CA GLY TB 355 53.73 153.67 45.44
C GLY TB 355 52.75 152.54 45.57
N ILE TB 356 53.21 151.35 45.96
CA ILE TB 356 52.33 150.19 46.05
C ILE TB 356 52.18 149.80 47.51
N GLU TB 357 51.15 150.35 48.16
CA GLU TB 357 50.86 150.07 49.56
C GLU TB 357 50.23 148.68 49.79
N PRO TB 358 49.09 148.31 49.14
CA PRO TB 358 48.45 147.05 49.59
C PRO TB 358 48.96 145.77 48.94
N ASN TB 359 50.09 145.28 49.43
CA ASN TB 359 50.59 143.96 49.10
C ASN TB 359 50.38 143.04 50.29
N ALA TB 360 50.36 141.73 50.00
CA ALA TB 360 49.93 140.74 50.99
C ALA TB 360 50.92 140.61 52.16
N THR TB 361 52.21 140.70 51.87
CA THR TB 361 53.21 140.35 52.87
C THR TB 361 53.33 141.41 53.97
N THR TB 362 53.18 142.70 53.62
CA THR TB 362 53.19 143.75 54.64
C THR TB 362 52.06 143.56 55.64
N TYR TB 363 50.84 143.34 55.15
CA TYR TB 363 49.69 143.10 56.01
C TYR TB 363 49.82 141.77 56.75
N SER TB 364 50.53 140.81 56.17
CA SER TB 364 50.75 139.53 56.84
C SER TB 364 51.70 139.66 58.03
N THR TB 365 52.76 140.46 57.88
CA THR TB 365 53.76 140.52 58.94
C THR TB 365 53.54 141.65 59.94
N LEU TB 366 52.75 142.67 59.59
CA LEU TB 366 52.64 143.83 60.46
C LEU TB 366 51.75 143.55 61.68
N LEU TB 367 50.78 142.66 61.53
CA LEU TB 367 49.80 142.43 62.60
C LEU TB 367 50.37 141.77 63.86
N PRO TB 368 51.16 140.67 63.81
CA PRO TB 368 51.54 140.01 65.06
C PRO TB 368 52.45 140.82 65.97
N GLY TB 369 53.28 141.72 65.43
CA GLY TB 369 54.08 142.56 66.29
C GLY TB 369 53.24 143.50 67.14
N LEU TB 370 52.24 144.13 66.53
CA LEU TB 370 51.41 145.03 67.32
C LEU TB 370 50.39 144.27 68.19
N CYS TB 371 50.04 143.03 67.84
CA CYS TB 371 49.22 142.28 68.80
C CYS TB 371 50.08 141.79 69.97
N ASP TB 372 51.37 141.57 69.72
CA ASP TB 372 52.30 141.31 70.81
C ASP TB 372 52.49 142.53 71.71
N ALA TB 373 52.49 143.72 71.12
CA ALA TB 373 52.65 144.95 71.91
C ALA TB 373 51.37 145.32 72.64
N GLY TB 374 50.24 145.37 71.94
CA GLY TB 374 48.98 145.75 72.55
C GLY TB 374 48.40 147.08 72.10
N LYS TB 375 48.53 147.42 70.82
CA LYS TB 375 47.98 148.64 70.26
C LYS TB 375 46.89 148.29 69.25
N MET TB 376 45.75 148.97 69.37
CA MET TB 376 44.48 148.46 68.82
C MET TB 376 43.89 149.31 67.69
N VAL TB 377 44.00 150.64 67.78
CA VAL TB 377 43.42 151.50 66.76
C VAL TB 377 44.18 151.35 65.45
N GLU TB 378 45.48 151.03 65.51
CA GLU TB 378 46.26 150.73 64.33
C GLU TB 378 46.15 149.27 63.92
N ALA TB 379 45.26 148.51 64.55
CA ALA TB 379 44.89 147.18 64.10
C ALA TB 379 43.52 147.15 63.44
N LYS TB 380 42.54 147.81 64.06
CA LYS TB 380 41.17 147.75 63.56
C LYS TB 380 41.01 148.50 62.24
N ASN TB 381 41.76 149.58 62.03
CA ASN TB 381 41.64 150.33 60.77
C ASN TB 381 42.18 149.53 59.60
N ILE TB 382 43.34 148.90 59.76
CA ILE TB 382 43.86 148.10 58.66
C ILE TB 382 43.12 146.78 58.53
N LEU TB 383 42.46 146.30 59.59
CA LEU TB 383 41.56 145.18 59.42
C LEU TB 383 40.30 145.58 58.65
N LYS TB 384 39.86 146.83 58.80
CA LYS TB 384 38.83 147.35 57.90
C LYS TB 384 39.34 147.43 56.47
N ASN TB 385 40.61 147.80 56.29
CA ASN TB 385 41.20 147.92 54.97
C ASN TB 385 41.59 146.58 54.34
N MET TB 386 41.55 145.48 55.10
CA MET TB 386 41.89 144.17 54.56
C MET TB 386 40.98 143.78 53.41
N MET TB 387 39.68 143.76 53.63
CA MET TB 387 38.74 143.41 52.57
C MET TB 387 38.25 144.64 51.81
N ALA TB 388 38.75 145.83 52.16
CA ALA TB 388 38.49 147.00 51.33
C ALA TB 388 39.16 146.88 49.97
N LYS TB 389 40.24 146.09 49.88
CA LYS TB 389 40.89 145.79 48.60
C LYS TB 389 41.11 144.29 48.42
N HIS TB 390 40.43 143.46 49.22
CA HIS TB 390 40.36 142.00 49.08
C HIS TB 390 41.75 141.35 49.16
N ILE TB 391 42.34 141.42 50.36
CA ILE TB 391 43.68 140.91 50.57
C ILE TB 391 43.64 139.91 51.74
N ALA TB 392 44.56 138.95 51.70
CA ALA TB 392 44.64 137.86 52.66
C ALA TB 392 46.06 137.73 53.19
N PRO TB 393 46.23 137.28 54.43
CA PRO TB 393 47.57 137.06 54.97
C PRO TB 393 48.18 135.75 54.47
N LYS TB 394 49.48 135.62 54.69
CA LYS TB 394 50.17 134.37 54.38
C LYS TB 394 49.75 133.27 55.34
N ASP TB 395 49.76 133.57 56.64
CA ASP TB 395 49.39 132.64 57.69
C ASP TB 395 48.17 133.19 58.40
N ASN TB 396 47.16 132.34 58.63
CA ASN TB 396 45.88 132.81 59.12
C ASN TB 396 45.71 132.69 60.63
N SER TB 397 46.71 132.18 61.36
CA SER TB 397 46.63 132.13 62.81
C SER TB 397 46.79 133.50 63.44
N ILE TB 398 47.26 134.48 62.68
CA ILE TB 398 47.28 135.86 63.14
C ILE TB 398 45.85 136.35 63.37
N PHE TB 399 44.88 135.81 62.64
CA PHE TB 399 43.48 136.16 62.86
C PHE TB 399 42.98 135.71 64.22
N LEU TB 400 43.59 134.66 64.79
CA LEU TB 400 43.25 134.26 66.15
C LEU TB 400 44.05 135.05 67.17
N LYS TB 401 45.33 135.33 66.85
CA LYS TB 401 46.17 136.09 67.77
C LYS TB 401 45.68 137.52 67.96
N LEU TB 402 45.22 138.16 66.88
CA LEU TB 402 44.61 139.48 67.00
C LEU TB 402 43.30 139.44 67.77
N LEU TB 403 42.55 138.35 67.65
CA LEU TB 403 41.31 138.22 68.42
C LEU TB 403 41.59 138.15 69.92
N VAL TB 404 42.53 137.31 70.33
CA VAL TB 404 42.81 137.19 71.76
C VAL TB 404 43.46 138.46 72.29
N SER TB 405 44.31 139.11 71.48
CA SER TB 405 44.92 140.37 71.92
C SER TB 405 43.89 141.49 72.05
N GLN TB 406 42.98 141.60 71.08
CA GLN TB 406 41.98 142.67 71.12
C GLN TB 406 40.95 142.43 72.21
N SER TB 407 40.60 141.16 72.45
CA SER TB 407 39.66 140.86 73.52
C SER TB 407 40.28 141.10 74.88
N LYS TB 408 41.56 140.78 75.06
CA LYS TB 408 42.22 141.10 76.31
C LYS TB 408 42.47 142.59 76.46
N ALA TB 409 42.53 143.33 75.35
CA ALA TB 409 42.60 144.79 75.42
C ALA TB 409 41.30 145.38 75.91
N GLY TB 410 40.17 144.91 75.38
CA GLY TB 410 38.89 145.27 75.97
C GLY TB 410 37.86 145.86 75.03
N ASP TB 411 38.25 146.14 73.80
CA ASP TB 411 37.35 146.73 72.81
C ASP TB 411 36.47 145.61 72.25
N MET TB 412 35.20 145.58 72.65
CA MET TB 412 34.32 144.49 72.28
C MET TB 412 33.52 144.75 71.02
N ALA TB 413 33.15 146.02 70.76
CA ALA TB 413 32.20 146.31 69.69
C ALA TB 413 32.81 146.19 68.31
N ALA TB 414 34.13 146.12 68.19
CA ALA TB 414 34.75 145.93 66.88
C ALA TB 414 35.17 144.49 66.63
N ALA TB 415 34.93 143.58 67.56
CA ALA TB 415 35.13 142.16 67.30
C ALA TB 415 34.04 141.60 66.40
N THR TB 416 32.89 142.29 66.30
CA THR TB 416 31.88 141.93 65.32
C THR TB 416 32.31 142.27 63.89
N GLU TB 417 33.37 143.06 63.73
CA GLU TB 417 34.01 143.17 62.43
C GLU TB 417 34.96 141.99 62.19
N VAL TB 418 35.59 141.47 63.25
CA VAL TB 418 36.49 140.33 63.05
C VAL TB 418 35.68 139.09 62.67
N LEU TB 419 34.55 138.86 63.35
CA LEU TB 419 33.75 137.67 63.06
C LEU TB 419 33.21 137.69 61.64
N LYS TB 420 32.87 138.87 61.13
CA LYS TB 420 32.48 138.97 59.73
C LYS TB 420 33.67 139.10 58.80
N ALA TB 421 34.87 139.36 59.31
CA ALA TB 421 36.04 139.29 58.43
C ALA TB 421 36.45 137.85 58.22
N MET TB 422 36.16 136.99 59.21
CA MET TB 422 36.44 135.57 59.06
C MET TB 422 35.59 134.95 57.96
N ALA TB 423 34.28 135.18 58.00
CA ALA TB 423 33.33 134.47 57.16
C ALA TB 423 33.17 135.05 55.77
N THR TB 424 33.87 136.13 55.43
CA THR TB 424 33.67 136.77 54.14
C THR TB 424 34.84 136.67 53.17
N LEU TB 425 36.06 136.37 53.63
CA LEU TB 425 37.17 136.33 52.68
C LEU TB 425 37.18 135.00 51.93
N ASN TB 426 37.57 133.92 52.61
CA ASN TB 426 37.39 132.57 52.13
C ASN TB 426 37.10 131.63 53.28
N VAL TB 427 37.36 132.09 54.51
CA VAL TB 427 37.55 131.22 55.67
C VAL TB 427 36.21 130.82 56.28
N PRO TB 428 36.00 129.55 56.60
CA PRO TB 428 34.88 129.17 57.46
C PRO TB 428 35.21 129.43 58.93
N ALA TB 429 34.24 129.97 59.66
CA ALA TB 429 34.44 130.28 61.06
C ALA TB 429 34.53 129.01 61.89
N GLU TB 430 35.23 129.10 63.03
CA GLU TB 430 35.55 127.93 63.82
C GLU TB 430 35.03 128.04 65.25
N ALA TB 431 34.99 126.88 65.90
CA ALA TB 431 34.41 126.77 67.24
C ALA TB 431 35.24 127.54 68.26
N GLY TB 432 36.57 127.43 68.20
CA GLY TB 432 37.41 128.21 69.09
C GLY TB 432 37.34 129.70 68.81
N HIS TB 433 37.22 130.07 67.54
CA HIS TB 433 37.06 131.47 67.15
C HIS TB 433 35.80 132.08 67.76
N TYR TB 434 34.67 131.35 67.70
CA TYR TB 434 33.46 131.84 68.34
C TYR TB 434 33.53 131.72 69.86
N GLY TB 435 34.25 130.73 70.39
CA GLY TB 435 34.36 130.52 71.81
C GLY TB 435 35.12 131.60 72.54
N VAL TB 436 36.15 132.16 71.91
CA VAL TB 436 36.88 133.27 72.54
C VAL TB 436 35.97 134.47 72.76
N LEU TB 437 35.20 134.83 71.73
CA LEU TB 437 34.28 135.96 71.84
C LEU TB 437 33.13 135.68 72.80
N ILE TB 438 32.60 134.45 72.80
CA ILE TB 438 31.56 134.12 73.76
C ILE TB 438 32.11 134.13 75.18
N GLU TB 439 33.38 133.79 75.37
CA GLU TB 439 33.98 133.81 76.69
C GLU TB 439 34.19 135.23 77.19
N ASN TB 440 34.55 136.15 76.29
CA ASN TB 440 34.69 137.55 76.68
C ASN TB 440 33.33 138.21 76.97
N GLN TB 441 32.33 137.96 76.13
CA GLN TB 441 31.01 138.51 76.40
C GLN TB 441 30.40 137.89 77.66
N CYS TB 442 30.79 136.67 78.00
CA CYS TB 442 30.32 136.07 79.25
C CYS TB 442 31.06 136.64 80.46
N LYS TB 443 32.37 136.87 80.34
CA LYS TB 443 33.11 137.39 81.48
C LYS TB 443 32.82 138.86 81.76
N ALA TB 444 32.39 139.65 80.75
CA ALA TB 444 32.12 141.06 80.98
C ALA TB 444 30.67 141.39 80.61
N SER TB 445 29.75 141.06 81.52
CA SER TB 445 28.38 141.58 81.67
C SER TB 445 27.63 141.86 80.37
N ALA TB 446 27.78 140.97 79.39
CA ALA TB 446 27.19 141.12 78.07
C ALA TB 446 26.44 139.85 77.71
N TYR TB 447 25.59 139.41 78.65
CA TYR TB 447 25.05 138.05 78.62
C TYR TB 447 24.15 137.82 77.42
N ASN TB 448 23.31 138.79 77.08
CA ASN TB 448 22.44 138.61 75.91
C ASN TB 448 23.24 138.60 74.61
N ARG TB 449 24.35 139.34 74.55
CA ARG TB 449 25.21 139.26 73.38
C ARG TB 449 25.94 137.91 73.31
N ALA TB 450 26.30 137.36 74.47
CA ALA TB 450 26.83 136.01 74.52
C ALA TB 450 25.80 135.01 74.01
N ILE TB 451 24.53 135.20 74.38
CA ILE TB 451 23.46 134.32 73.90
C ILE TB 451 23.28 134.47 72.40
N LYS TB 452 23.41 135.69 71.88
CA LYS TB 452 23.29 135.91 70.44
C LYS TB 452 24.40 135.19 69.67
N LEU TB 453 25.64 135.31 70.16
CA LEU TB 453 26.75 134.57 69.55
C LEU TB 453 26.59 133.06 69.73
N LEU TB 454 26.02 132.63 70.85
CA LEU TB 454 25.72 131.23 71.08
C LEU TB 454 24.74 130.70 70.05
N ASP TB 455 23.68 131.45 69.78
CA ASP TB 455 22.66 130.96 68.85
C ASP TB 455 23.17 130.98 67.42
N THR TB 456 23.94 132.01 67.02
CA THR TB 456 24.49 131.95 65.68
C THR TB 456 25.63 130.96 65.56
N LEU TB 457 26.20 130.51 66.69
CA LEU TB 457 27.15 129.40 66.67
C LEU TB 457 26.46 128.05 66.53
N ILE TB 458 25.33 127.86 67.20
CA ILE TB 458 24.69 126.55 67.18
C ILE TB 458 23.78 126.35 65.97
N GLU TB 459 23.22 127.43 65.42
CA GLU TB 459 22.39 127.26 64.23
C GLU TB 459 23.23 127.03 62.98
N LYS TB 460 24.53 127.32 63.05
CA LYS TB 460 25.42 127.12 61.92
C LYS TB 460 26.21 125.82 61.99
N GLU TB 461 25.90 124.96 62.99
CA GLU TB 461 26.51 123.64 63.22
C GLU TB 461 28.04 123.65 63.11
N ILE TB 462 28.66 124.67 63.69
CA ILE TB 462 30.11 124.80 63.58
C ILE TB 462 30.82 123.71 64.38
N ILE TB 463 30.20 123.25 65.47
CA ILE TB 463 30.81 122.24 66.33
C ILE TB 463 30.97 120.91 65.60
N LEU TB 464 29.99 120.56 64.76
CA LEU TB 464 29.94 119.26 64.12
C LEU TB 464 30.66 119.21 62.77
N ARG TB 465 31.65 120.07 62.57
CA ARG TB 465 32.40 120.11 61.32
C ARG TB 465 33.72 119.37 61.47
N HIS TB 466 33.97 118.42 60.57
CA HIS TB 466 35.12 117.54 60.72
C HIS TB 466 36.44 118.22 60.33
N GLN TB 467 36.44 119.04 59.29
CA GLN TB 467 37.70 119.60 58.80
C GLN TB 467 38.20 120.77 59.66
N ASP TB 468 37.36 121.32 60.52
CA ASP TB 468 37.81 122.37 61.43
C ASP TB 468 38.65 121.78 62.54
N THR TB 469 39.73 122.46 62.89
CA THR TB 469 40.73 121.96 63.81
C THR TB 469 40.56 122.51 65.23
N LEU TB 470 40.42 123.82 65.38
CA LEU TB 470 40.30 124.43 66.69
C LEU TB 470 38.92 124.12 67.28
N GLU TB 471 38.90 123.54 68.47
CA GLU TB 471 37.68 123.18 69.15
C GLU TB 471 37.34 124.21 70.23
N MET TB 472 36.11 124.12 70.72
CA MET TB 472 35.62 125.03 71.73
C MET TB 472 36.30 124.75 73.06
N GLU TB 473 36.83 125.79 73.69
CA GLU TB 473 37.53 125.63 74.95
C GLU TB 473 36.56 125.28 76.06
N PRO TB 474 37.03 124.60 77.12
CA PRO TB 474 36.16 124.33 78.26
C PRO TB 474 35.60 125.57 78.93
N SER TB 475 36.36 126.67 78.94
CA SER TB 475 35.87 127.93 79.51
C SER TB 475 34.92 128.65 78.58
N ALA TB 476 34.73 128.17 77.35
CA ALA TB 476 33.74 128.76 76.49
C ALA TB 476 32.33 128.23 76.73
N TYR TB 477 32.19 127.11 77.46
CA TYR TB 477 30.86 126.61 77.77
C TYR TB 477 30.66 126.39 79.27
N ASN TB 478 31.74 126.29 80.04
CA ASN TB 478 31.61 126.05 81.48
C ASN TB 478 30.88 127.15 82.24
N PRO TB 479 31.11 128.48 82.02
CA PRO TB 479 30.28 129.47 82.74
C PRO TB 479 28.92 129.71 82.10
N ILE TB 480 28.81 129.56 80.78
CA ILE TB 480 27.54 129.91 80.13
C ILE TB 480 26.47 128.83 80.34
N ILE TB 481 26.88 127.57 80.53
CA ILE TB 481 25.92 126.54 80.93
C ILE TB 481 25.41 126.80 82.34
N GLU TB 482 26.31 127.21 83.25
CA GLU TB 482 25.92 127.60 84.60
C GLU TB 482 24.94 128.76 84.58
N TYR TB 483 25.24 129.81 83.81
CA TYR TB 483 24.34 130.97 83.76
C TYR TB 483 23.00 130.62 83.14
N LEU TB 484 23.01 129.84 82.04
CA LEU TB 484 21.75 129.48 81.38
C LEU TB 484 20.88 128.61 82.28
N CYS TB 485 21.46 127.65 82.98
CA CYS TB 485 20.67 126.77 83.82
C CYS TB 485 20.18 127.48 85.07
N ASN TB 486 21.05 128.29 85.70
CA ASN TB 486 20.68 128.93 86.95
C ASN TB 486 19.74 130.11 86.76
N ASN TB 487 19.91 130.89 85.69
CA ASN TB 487 19.15 132.12 85.53
C ASN TB 487 18.28 132.12 84.29
N GLY TB 488 17.64 131.01 83.98
CA GLY TB 488 16.73 131.01 82.87
C GLY TB 488 16.56 129.62 82.28
N GLN TB 489 16.55 129.55 80.96
CA GLN TB 489 16.15 128.35 80.24
C GLN TB 489 17.28 127.34 80.17
N THR TB 490 16.91 126.07 80.24
CA THR TB 490 17.85 124.96 80.24
C THR TB 490 17.87 124.23 78.90
N ALA TB 491 16.87 124.47 78.04
CA ALA TB 491 16.69 123.68 76.83
C ALA TB 491 17.82 123.89 75.83
N LYS TB 492 18.14 125.15 75.51
CA LYS TB 492 19.21 125.36 74.54
C LYS TB 492 20.58 125.10 75.15
N ALA TB 493 20.69 125.20 76.48
CA ALA TB 493 21.90 124.76 77.15
C ALA TB 493 22.16 123.28 76.96
N GLU TB 494 21.12 122.45 77.15
CA GLU TB 494 21.29 121.03 76.91
C GLU TB 494 21.44 120.71 75.44
N VAL TB 495 20.89 121.53 74.54
CA VAL TB 495 21.07 121.28 73.10
C VAL TB 495 22.52 121.52 72.70
N LEU TB 496 23.10 122.62 73.17
CA LEU TB 496 24.52 122.90 72.92
C LEU TB 496 25.40 121.82 73.52
N PHE TB 497 25.10 121.38 74.74
CA PHE TB 497 25.99 120.41 75.34
C PHE TB 497 25.82 119.02 74.74
N ARG TB 498 24.62 118.68 74.27
CA ARG TB 498 24.44 117.44 73.55
C ARG TB 498 25.15 117.48 72.20
N GLN TB 499 25.24 118.66 71.59
CA GLN TB 499 26.11 118.78 70.42
C GLN TB 499 27.58 118.65 70.78
N LEU TB 500 27.98 119.07 71.98
CA LEU TB 500 29.37 118.95 72.40
C LEU TB 500 29.76 117.52 72.73
N MET TB 501 28.81 116.72 73.22
CA MET TB 501 29.06 115.27 73.39
C MET TB 501 29.41 114.60 72.08
N LYS TB 502 28.78 115.01 70.98
CA LYS TB 502 29.00 114.37 69.68
C LYS TB 502 30.38 114.64 69.11
N ARG TB 503 31.17 115.54 69.70
CA ARG TB 503 32.55 115.70 69.29
C ARG TB 503 33.51 115.32 70.41
N GLY TB 504 33.51 116.02 71.54
CA GLY TB 504 34.60 115.76 72.45
C GLY TB 504 34.46 115.94 73.94
N VAL TB 505 33.25 116.24 74.43
CA VAL TB 505 33.08 116.74 75.78
C VAL TB 505 32.31 115.72 76.60
N GLN TB 506 32.81 115.41 77.79
CA GLN TB 506 32.07 114.71 78.82
C GLN TB 506 32.40 115.31 80.19
N ASP TB 507 32.39 116.64 80.25
CA ASP TB 507 32.64 117.35 81.51
C ASP TB 507 31.49 117.12 82.48
N GLN TB 508 31.85 116.85 83.74
CA GLN TB 508 30.83 116.61 84.76
C GLN TB 508 30.21 117.90 85.29
N ASP TB 509 30.92 119.02 85.16
CA ASP TB 509 30.46 120.27 85.75
C ASP TB 509 29.22 120.79 85.04
N ALA TB 510 29.24 120.82 83.71
CA ALA TB 510 28.08 121.26 82.95
C ALA TB 510 26.92 120.28 83.10
N LEU TB 511 27.22 118.99 83.31
CA LEU TB 511 26.16 118.02 83.55
C LEU TB 511 25.47 118.24 84.88
N ASN TB 512 26.25 118.49 85.94
CA ASN TB 512 25.68 118.80 87.25
C ASN TB 512 24.83 120.06 87.21
N ASN TB 513 25.32 121.06 86.48
CA ASN TB 513 24.58 122.31 86.35
C ASN TB 513 23.32 122.15 85.50
N LEU TB 514 23.37 121.31 84.47
CA LEU TB 514 22.17 120.96 83.71
C LEU TB 514 21.17 120.21 84.57
N ILE TB 515 21.64 119.36 85.47
CA ILE TB 515 20.76 118.65 86.40
C ILE TB 515 20.03 119.63 87.30
N ARG TB 516 20.77 120.55 87.93
CA ARG TB 516 20.13 121.52 88.82
C ARG TB 516 19.21 122.47 88.06
N GLY TB 517 19.62 122.88 86.85
CA GLY TB 517 18.79 123.79 86.07
C GLY TB 517 17.49 123.14 85.61
N HIS TB 518 17.56 121.90 85.14
CA HIS TB 518 16.35 121.18 84.76
C HIS TB 518 15.49 120.84 85.97
N ALA TB 519 16.10 120.65 87.14
CA ALA TB 519 15.30 120.40 88.35
C ALA TB 519 14.54 121.66 88.76
N LYS TB 520 15.23 122.79 88.82
CA LYS TB 520 14.59 124.01 89.31
C LYS TB 520 13.74 124.71 88.25
N GLU TB 521 13.87 124.35 86.98
CA GLU TB 521 12.96 124.91 85.97
C GLU TB 521 11.55 124.37 86.16
N GLY TB 522 11.41 123.05 86.32
CA GLY TB 522 10.11 122.42 86.41
C GLY TB 522 9.92 121.16 85.60
N ASN TB 523 11.01 120.62 85.07
CA ASN TB 523 11.00 119.36 84.33
C ASN TB 523 12.03 118.35 84.87
N PRO TB 524 11.69 117.62 85.92
CA PRO TB 524 12.67 116.69 86.50
C PRO TB 524 12.92 115.44 85.66
N ASP TB 525 12.07 115.19 84.65
CA ASP TB 525 12.33 114.08 83.73
C ASP TB 525 13.65 114.26 82.99
N SER TB 526 13.97 115.51 82.64
CA SER TB 526 15.24 115.80 81.97
C SER TB 526 16.42 115.58 82.90
N SER TB 527 16.31 115.93 84.18
CA SER TB 527 17.37 115.62 85.13
C SER TB 527 17.56 114.13 85.27
N TYR TB 528 16.47 113.37 85.30
CA TYR TB 528 16.57 111.92 85.41
C TYR TB 528 17.21 111.31 84.16
N GLU TB 529 16.86 111.81 82.97
CA GLU TB 529 17.45 111.26 81.76
C GLU TB 529 18.91 111.66 81.61
N ILE TB 530 19.30 112.85 82.10
CA ILE TB 530 20.70 113.23 82.06
C ILE TB 530 21.50 112.38 83.04
N LEU TB 531 20.91 112.04 84.19
CA LEU TB 531 21.56 111.09 85.08
C LEU TB 531 21.68 109.70 84.45
N LYS TB 532 20.69 109.29 83.65
CA LYS TB 532 20.83 108.06 82.89
C LYS TB 532 21.94 108.13 81.86
N ILE TB 533 22.12 109.30 81.22
CA ILE TB 533 23.24 109.53 80.31
C ILE TB 533 24.56 109.38 81.04
N MET TB 534 24.64 109.95 82.25
CA MET TB 534 25.84 109.80 83.07
C MET TB 534 26.10 108.35 83.45
N SER TB 535 25.03 107.61 83.76
CA SER TB 535 25.20 106.21 84.13
C SER TB 535 25.69 105.36 82.97
N ARG TB 536 25.18 105.60 81.76
CA ARG TB 536 25.67 104.82 80.63
C ARG TB 536 27.04 105.27 80.15
N ARG TB 537 27.38 106.56 80.26
CA ARG TB 537 28.70 107.03 79.85
C ARG TB 537 29.75 106.83 80.92
N GLY TB 538 29.37 106.42 82.13
CA GLY TB 538 30.35 106.19 83.17
C GLY TB 538 30.82 107.43 83.90
N VAL TB 539 30.13 108.55 83.73
CA VAL TB 539 30.46 109.78 84.46
C VAL TB 539 30.18 109.56 85.95
N PRO TB 540 31.10 109.93 86.84
CA PRO TB 540 30.86 109.72 88.27
C PRO TB 540 29.72 110.58 88.79
N ARG TB 541 28.83 109.97 89.56
CA ARG TB 541 27.58 110.58 89.98
C ARG TB 541 27.65 110.93 91.46
N GLU TB 542 27.20 112.14 91.78
CA GLU TB 542 27.26 112.66 93.15
C GLU TB 542 26.00 112.31 93.93
N SER TB 543 26.05 112.59 95.22
CA SER TB 543 24.89 112.36 96.08
C SER TB 543 23.92 113.54 96.06
N ASN TB 544 24.43 114.76 95.97
CA ASN TB 544 23.59 115.93 96.10
C ASN TB 544 22.73 116.16 94.86
N ALA TB 545 23.10 115.54 93.73
CA ALA TB 545 22.30 115.68 92.51
C ALA TB 545 20.94 115.02 92.66
N TYR TB 546 20.89 113.85 93.30
CA TYR TB 546 19.64 113.10 93.43
C TYR TB 546 18.67 113.73 94.41
N GLU TB 547 19.18 114.52 95.37
CA GLU TB 547 18.32 115.17 96.36
C GLU TB 547 17.38 116.17 95.70
N LEU TB 548 17.91 117.00 94.81
CA LEU TB 548 17.11 117.97 94.08
C LEU TB 548 16.10 117.30 93.16
N LEU TB 549 16.49 116.17 92.55
CA LEU TB 549 15.57 115.40 91.71
C LEU TB 549 14.42 114.83 92.54
N ILE TB 550 14.74 114.29 93.72
CA ILE TB 550 13.72 113.72 94.60
C ILE TB 550 12.75 114.80 95.05
N LYS TB 551 13.27 115.95 95.48
CA LYS TB 551 12.37 117.00 95.95
C LYS TB 551 11.63 117.70 94.82
N SER TB 552 12.19 117.71 93.59
CA SER TB 552 11.44 118.21 92.45
C SER TB 552 10.26 117.29 92.13
N TYR TB 553 10.48 115.97 92.20
CA TYR TB 553 9.37 115.03 92.09
C TYR TB 553 8.37 115.23 93.22
N MET TB 554 8.86 115.52 94.41
CA MET TB 554 8.00 115.74 95.57
C MET TB 554 7.09 116.94 95.38
N SER TB 555 7.65 118.04 94.85
CA SER TB 555 6.91 119.29 94.75
C SER TB 555 5.76 119.23 93.74
N LYS TB 556 5.84 118.35 92.75
CA LYS TB 556 4.82 118.25 91.71
C LYS TB 556 3.86 117.09 91.93
N GLY TB 557 3.94 116.41 93.07
CA GLY TB 557 2.99 115.36 93.39
C GLY TB 557 3.18 114.05 92.68
N GLU TB 558 4.41 113.56 92.57
CA GLU TB 558 4.70 112.25 92.00
C GLU TB 558 5.61 111.48 92.97
N PRO TB 559 5.05 110.98 94.07
CA PRO TB 559 5.88 110.22 95.01
C PRO TB 559 6.32 108.87 94.48
N GLY TB 560 5.60 108.29 93.52
CA GLY TB 560 6.09 107.08 92.87
C GLY TB 560 7.34 107.32 92.06
N ASP TB 561 7.38 108.43 91.33
CA ASP TB 561 8.61 108.81 90.64
C ASP TB 561 9.71 109.17 91.63
N ALA TB 562 9.34 109.75 92.78
CA ALA TB 562 10.31 110.00 93.83
C ALA TB 562 10.92 108.71 94.37
N LYS TB 563 10.10 107.68 94.55
CA LYS TB 563 10.61 106.39 95.02
C LYS TB 563 11.46 105.71 93.95
N THR TB 564 11.11 105.88 92.68
CA THR TB 564 11.97 105.39 91.59
C THR TB 564 13.33 106.07 91.61
N ALA TB 565 13.36 107.39 91.78
CA ALA TB 565 14.64 108.10 91.87
C ALA TB 565 15.41 107.72 93.13
N LEU TB 566 14.70 107.46 94.22
CA LEU TB 566 15.35 107.00 95.45
C LEU TB 566 16.00 105.65 95.26
N ASP TB 567 15.32 104.74 94.55
CA ASP TB 567 15.90 103.43 94.23
C ASP TB 567 17.13 103.57 93.35
N SER TB 568 17.08 104.48 92.37
CA SER TB 568 18.26 104.71 91.54
C SER TB 568 19.42 105.29 92.34
N MET TB 569 19.14 106.18 93.30
CA MET TB 569 20.19 106.71 94.17
C MET TB 569 20.81 105.61 95.03
N VAL TB 570 19.98 104.72 95.58
CA VAL TB 570 20.51 103.65 96.42
C VAL TB 570 21.32 102.65 95.58
N GLU TB 571 20.85 102.34 94.38
CA GLU TB 571 21.59 101.43 93.50
C GLU TB 571 22.89 102.06 93.01
N ASP TB 572 22.92 103.37 92.85
CA ASP TB 572 24.19 104.06 92.59
C ASP TB 572 25.11 103.96 93.79
N GLY TB 573 24.57 104.09 95.00
CA GLY TB 573 25.37 103.85 96.19
C GLY TB 573 25.43 104.98 97.19
N HIS TB 574 24.42 105.83 97.24
CA HIS TB 574 24.36 106.91 98.21
C HIS TB 574 23.19 106.70 99.16
N VAL TB 575 23.48 106.70 100.46
CA VAL TB 575 22.43 106.64 101.46
C VAL TB 575 21.96 108.07 101.74
N PRO TB 576 20.67 108.32 101.72
CA PRO TB 576 20.16 109.65 102.09
C PRO TB 576 19.97 109.74 103.60
N ASP TB 577 19.38 110.85 104.02
CA ASP TB 577 19.16 111.14 105.44
C ASP TB 577 17.73 110.83 105.85
N SER TB 578 17.55 110.71 107.16
CA SER TB 578 16.25 110.32 107.71
C SER TB 578 15.20 111.40 107.53
N SER TB 579 15.61 112.66 107.37
CA SER TB 579 14.65 113.71 107.04
C SER TB 579 14.02 113.48 105.67
N LEU TB 580 14.83 113.13 104.68
CA LEU TB 580 14.29 112.81 103.36
C LEU TB 580 13.49 111.51 103.40
N PHE TB 581 13.95 110.54 104.19
CA PHE TB 581 13.16 109.31 104.37
C PHE TB 581 11.78 109.61 104.95
N ARG TB 582 11.73 110.48 105.96
CA ARG TB 582 10.47 110.85 106.60
C ARG TB 582 9.58 111.63 105.65
N SER TB 583 10.17 112.47 104.79
CA SER TB 583 9.37 113.18 103.80
C SER TB 583 8.74 112.22 102.80
N VAL TB 584 9.55 111.32 102.23
CA VAL TB 584 9.04 110.45 101.18
C VAL TB 584 8.06 109.41 101.73
N ILE TB 585 8.28 108.93 102.97
CA ILE TB 585 7.37 107.91 103.50
C ILE TB 585 6.00 108.51 103.79
N GLU TB 586 5.94 109.76 104.25
CA GLU TB 586 4.65 110.38 104.52
C GLU TB 586 3.97 110.77 103.23
N SER TB 587 4.74 111.21 102.22
CA SER TB 587 4.13 111.52 100.93
C SER TB 587 3.61 110.28 100.22
N LEU TB 588 4.29 109.14 100.37
CA LEU TB 588 3.78 107.91 99.82
C LEU TB 588 2.53 107.42 100.57
N PHE TB 589 2.52 107.57 101.90
CA PHE TB 589 1.39 107.10 102.68
C PHE TB 589 0.14 107.93 102.44
N GLU TB 590 0.28 109.26 102.32
CA GLU TB 590 -0.90 110.10 102.17
C GLU TB 590 -1.50 110.02 100.77
N ASP TB 591 -0.79 109.48 99.80
CA ASP TB 591 -1.32 109.29 98.46
C ASP TB 591 -1.96 107.92 98.27
N GLY TB 592 -2.07 107.14 99.35
CA GLY TB 592 -2.67 105.82 99.27
C GLY TB 592 -1.73 104.73 98.82
N ARG TB 593 -0.46 105.05 98.55
CA ARG TB 593 0.52 104.07 98.10
C ARG TB 593 1.22 103.48 99.31
N VAL TB 594 0.52 102.57 99.98
CA VAL TB 594 1.03 102.00 101.24
C VAL TB 594 2.22 101.08 100.98
N GLN TB 595 2.15 100.27 99.91
CA GLN TB 595 3.16 99.23 99.70
C GLN TB 595 4.50 99.81 99.25
N THR TB 596 4.48 100.91 98.50
CA THR TB 596 5.73 101.58 98.16
C THR TB 596 6.39 102.15 99.39
N ALA TB 597 5.58 102.70 100.31
CA ALA TB 597 6.11 103.17 101.59
C ALA TB 597 6.69 102.03 102.41
N SER TB 598 6.05 100.86 102.37
CA SER TB 598 6.60 99.70 103.06
C SER TB 598 7.92 99.24 102.42
N ARG TB 599 8.04 99.35 101.11
CA ARG TB 599 9.30 99.02 100.46
C ARG TB 599 10.40 100.03 100.79
N VAL TB 600 10.04 101.29 101.04
CA VAL TB 600 11.01 102.23 101.59
C VAL TB 600 11.39 101.82 103.01
N MET TB 601 10.40 101.39 103.80
CA MET TB 601 10.65 100.94 105.17
C MET TB 601 11.60 99.76 105.22
N MET TB 602 11.53 98.86 104.24
CA MET TB 602 12.45 97.72 104.20
C MET TB 602 13.91 98.17 104.12
N ILE TB 603 14.21 99.09 103.20
CA ILE TB 603 15.61 99.49 103.07
C ILE TB 603 16.04 100.39 104.21
N MET TB 604 15.12 101.16 104.81
CA MET TB 604 15.55 101.94 105.97
C MET TB 604 15.74 101.07 107.21
N ILE TB 605 15.02 99.96 107.33
CA ILE TB 605 15.33 98.96 108.34
C ILE TB 605 16.71 98.34 108.07
N ASP TB 606 16.96 97.97 106.82
CA ASP TB 606 18.22 97.33 106.47
C ASP TB 606 19.41 98.27 106.56
N LYS TB 607 19.19 99.58 106.52
CA LYS TB 607 20.30 100.52 106.60
C LYS TB 607 20.39 101.28 107.92
N ASN TB 608 19.38 101.14 108.80
CA ASN TB 608 19.39 101.64 110.18
C ASN TB 608 19.57 103.16 110.23
N VAL TB 609 18.56 103.86 109.71
CA VAL TB 609 18.60 105.31 109.54
C VAL TB 609 17.51 105.89 110.45
N GLY TB 610 17.35 105.31 111.64
CA GLY TB 610 16.47 105.95 112.61
C GLY TB 610 15.06 105.45 112.64
N ILE TB 611 14.91 104.15 112.91
CA ILE TB 611 13.60 103.51 112.98
C ILE TB 611 12.80 104.06 114.16
N GLU TB 612 13.41 104.12 115.34
CA GLU TB 612 12.72 104.57 116.55
C GLU TB 612 12.38 106.05 116.51
N ASP TB 613 13.11 106.83 115.70
CA ASP TB 613 12.72 108.21 115.46
C ASP TB 613 11.41 108.30 114.70
N ASN TB 614 11.11 107.31 113.85
CA ASN TB 614 10.00 107.36 112.91
C ASN TB 614 9.05 106.19 113.12
N MET TB 615 8.99 105.68 114.35
CA MET TB 615 8.15 104.55 114.72
C MET TB 615 6.65 104.81 114.53
N ASP TB 616 6.22 106.07 114.58
CA ASP TB 616 4.81 106.41 114.41
C ASP TB 616 4.27 106.02 113.04
N LEU TB 617 5.01 106.39 111.98
CA LEU TB 617 4.60 106.10 110.62
C LEU TB 617 4.72 104.62 110.34
N ILE TB 618 5.66 103.94 111.00
CA ILE TB 618 5.75 102.49 110.93
C ILE TB 618 4.47 101.86 111.48
N ALA TB 619 3.99 102.33 112.63
CA ALA TB 619 2.76 101.79 113.21
C ALA TB 619 1.55 102.09 112.34
N LYS TB 620 1.46 103.29 111.76
CA LYS TB 620 0.33 103.59 110.88
C LYS TB 620 0.38 102.77 109.60
N ILE TB 621 1.56 102.51 109.06
CA ILE TB 621 1.67 101.72 107.84
C ILE TB 621 1.34 100.27 108.11
N LEU TB 622 1.83 99.72 109.22
CA LEU TB 622 1.48 98.35 109.59
C LEU TB 622 -0.01 98.21 109.89
N GLU TB 623 -0.64 99.27 110.40
CA GLU TB 623 -2.09 99.27 110.56
C GLU TB 623 -2.78 99.22 109.20
N ALA TB 624 -2.37 100.09 108.28
CA ALA TB 624 -3.04 100.20 106.99
C ALA TB 624 -2.88 98.95 106.15
N LEU TB 625 -1.71 98.30 106.23
CA LEU TB 625 -1.50 97.05 105.49
C LEU TB 625 -2.45 95.96 105.95
N LEU TB 626 -2.64 95.83 107.26
CA LEU TB 626 -3.52 94.80 107.79
C LEU TB 626 -4.99 95.13 107.55
N MET TB 627 -5.34 96.42 107.47
CA MET TB 627 -6.70 96.75 107.05
C MET TB 627 -6.91 96.48 105.56
N ARG TB 628 -5.86 96.68 104.74
CA ARG TB 628 -5.99 96.47 103.31
C ARG TB 628 -6.08 95.00 102.97
N GLY TB 629 -5.24 94.17 103.58
CA GLY TB 629 -5.30 92.75 103.34
C GLY TB 629 -3.96 92.07 103.08
N HIS TB 630 -2.87 92.82 103.21
CA HIS TB 630 -1.54 92.29 102.96
C HIS TB 630 -0.96 91.77 104.28
N VAL TB 631 -1.60 90.71 104.76
CA VAL TB 631 -1.32 90.17 106.09
C VAL TB 631 0.06 89.54 106.15
N GLU TB 632 0.44 88.79 105.12
CA GLU TB 632 1.74 88.13 105.12
C GLU TB 632 2.88 89.14 104.98
N GLU TB 633 2.66 90.21 104.20
CA GLU TB 633 3.66 91.27 104.12
C GLU TB 633 3.81 91.99 105.45
N ALA TB 634 2.70 92.25 106.14
CA ALA TB 634 2.78 92.87 107.46
C ALA TB 634 3.50 91.99 108.47
N LEU TB 635 3.24 90.68 108.45
CA LEU TB 635 3.95 89.75 109.32
C LEU TB 635 5.44 89.71 109.00
N GLY TB 636 5.80 89.79 107.72
CA GLY TB 636 7.19 89.89 107.34
C GLY TB 636 7.86 91.15 107.86
N ARG TB 637 7.15 92.28 107.82
CA ARG TB 637 7.70 93.52 108.36
C ARG TB 637 7.90 93.43 109.87
N ILE TB 638 6.93 92.84 110.58
CA ILE TB 638 7.07 92.68 112.03
C ILE TB 638 8.22 91.74 112.36
N ASP TB 639 8.38 90.67 111.58
CA ASP TB 639 9.48 89.74 111.80
C ASP TB 639 10.83 90.40 111.57
N LEU TB 640 10.94 91.22 110.52
CA LEU TB 640 12.18 91.95 110.29
C LEU TB 640 12.48 92.95 111.39
N LEU TB 641 11.44 93.63 111.90
CA LEU TB 641 11.62 94.58 112.99
C LEU TB 641 12.10 93.88 114.26
N ASN TB 642 11.46 92.75 114.61
CA ASN TB 642 11.88 92.02 115.81
C ASN TB 642 13.19 91.28 115.63
N GLN TB 643 13.63 91.08 114.39
CA GLN TB 643 14.95 90.52 114.15
C GLN TB 643 16.05 91.57 114.19
N ASN TB 644 15.76 92.81 113.80
CA ASN TB 644 16.75 93.87 113.82
C ASN TB 644 16.67 94.69 115.10
N GLY TB 645 16.20 94.09 116.18
CA GLY TB 645 16.26 94.69 117.50
C GLY TB 645 15.25 95.79 117.77
N HIS TB 646 14.14 95.83 117.05
CA HIS TB 646 13.13 96.85 117.24
C HIS TB 646 11.81 96.21 117.63
N THR TB 647 11.16 96.77 118.65
CA THR TB 647 9.89 96.26 119.11
C THR TB 647 8.75 96.80 118.24
N ALA TB 648 7.59 96.17 118.37
CA ALA TB 648 6.43 96.45 117.53
C ALA TB 648 5.36 97.18 118.34
N ASP TB 649 4.19 97.37 117.73
CA ASP TB 649 3.01 97.96 118.37
C ASP TB 649 1.82 97.02 118.23
N LEU TB 650 2.06 95.75 118.56
CA LEU TB 650 1.08 94.68 118.38
C LEU TB 650 -0.19 94.92 119.19
N ASP TB 651 -0.09 95.51 120.38
CA ASP TB 651 -1.29 95.81 121.17
C ASP TB 651 -2.22 96.76 120.42
N SER TB 652 -1.65 97.84 119.86
CA SER TB 652 -2.45 98.80 119.12
C SER TB 652 -3.02 98.19 117.85
N LEU TB 653 -2.21 97.37 117.15
CA LEU TB 653 -2.71 96.73 115.94
C LEU TB 653 -3.87 95.79 116.24
N LEU TB 654 -3.75 95.00 117.32
CA LEU TB 654 -4.84 94.10 117.67
C LEU TB 654 -6.08 94.86 118.09
N SER TB 655 -5.92 95.96 118.84
CA SER TB 655 -7.08 96.74 119.27
C SER TB 655 -7.79 97.39 118.08
N VAL TB 656 -7.04 97.93 117.12
CA VAL TB 656 -7.70 98.57 115.98
C VAL TB 656 -8.34 97.52 115.05
N LEU TB 657 -7.69 96.37 114.88
CA LEU TB 657 -8.27 95.34 114.02
C LEU TB 657 -9.47 94.67 114.69
N SER TB 658 -9.51 94.67 116.02
CA SER TB 658 -10.70 94.17 116.72
C SER TB 658 -11.83 95.18 116.70
N GLU TB 659 -11.52 96.49 116.80
CA GLU TB 659 -12.55 97.51 116.83
C GLU TB 659 -13.10 97.86 115.45
N LYS TB 660 -12.39 97.54 114.37
CA LYS TB 660 -12.92 97.74 113.03
C LYS TB 660 -13.49 96.45 112.43
N GLY TB 661 -13.56 95.38 113.22
CA GLY TB 661 -14.20 94.15 112.79
C GLY TB 661 -13.36 93.24 111.92
N LYS TB 662 -12.08 93.55 111.70
CA LYS TB 662 -11.21 92.72 110.89
C LYS TB 662 -10.73 91.54 111.73
N THR TB 663 -11.66 90.60 111.95
CA THR TB 663 -11.41 89.45 112.80
C THR TB 663 -10.34 88.54 112.21
N ILE TB 664 -10.35 88.35 110.90
CA ILE TB 664 -9.41 87.44 110.24
C ILE TB 664 -7.97 87.93 110.41
N ALA TB 665 -7.72 89.20 110.10
CA ALA TB 665 -6.38 89.76 110.24
C ALA TB 665 -5.95 89.85 111.70
N ALA TB 666 -6.90 90.19 112.60
CA ALA TB 666 -6.58 90.22 114.02
C ALA TB 666 -6.18 88.84 114.53
N LEU TB 667 -6.88 87.78 114.12
CA LEU TB 667 -6.54 86.46 114.62
C LEU TB 667 -5.27 85.92 113.95
N LYS TB 668 -4.99 86.32 112.71
CA LYS TB 668 -3.71 85.96 112.10
C LYS TB 668 -2.55 86.58 112.85
N LEU TB 669 -2.68 87.87 113.21
CA LEU TB 669 -1.62 88.51 114.00
C LEU TB 669 -1.51 87.92 115.39
N LEU TB 670 -2.63 87.51 115.98
CA LEU TB 670 -2.61 86.85 117.28
C LEU TB 670 -1.88 85.52 117.21
N ASP TB 671 -2.15 84.72 116.18
CA ASP TB 671 -1.43 83.47 116.00
C ASP TB 671 0.05 83.69 115.72
N PHE TB 672 0.39 84.75 114.98
CA PHE TB 672 1.79 85.09 114.75
C PHE TB 672 2.49 85.42 116.07
N GLY TB 673 1.81 86.15 116.96
CA GLY TB 673 2.37 86.42 118.27
C GLY TB 673 2.50 85.19 119.14
N LEU TB 674 1.50 84.31 119.10
CA LEU TB 674 1.50 83.15 119.99
C LEU TB 674 2.48 82.09 119.53
N GLU TB 675 2.82 82.06 118.23
CA GLU TB 675 3.85 81.13 117.78
C GLU TB 675 5.22 81.49 118.34
N ARG TB 676 5.52 82.79 118.41
CA ARG TB 676 6.83 83.26 118.87
C ARG TB 676 6.80 83.72 120.32
N ASP TB 677 5.69 83.50 121.02
CA ASP TB 677 5.58 83.73 122.47
C ASP TB 677 5.81 85.20 122.84
N LEU TB 678 5.40 86.09 121.95
CA LEU TB 678 5.34 87.51 122.27
C LEU TB 678 4.15 87.74 123.18
N SER TB 679 4.42 88.16 124.41
CA SER TB 679 3.35 88.35 125.38
C SER TB 679 2.56 89.62 125.08
N LEU TB 680 1.40 89.73 125.72
CA LEU TB 680 0.58 90.92 125.63
C LEU TB 680 -0.28 90.98 126.89
N GLU TB 681 -1.01 92.09 127.04
CA GLU TB 681 -1.99 92.20 128.11
C GLU TB 681 -3.11 91.19 127.90
N PHE TB 682 -3.76 90.82 129.00
CA PHE TB 682 -4.81 89.81 128.94
C PHE TB 682 -6.15 90.36 128.50
N SER TB 683 -6.24 91.65 128.23
CA SER TB 683 -7.48 92.23 127.70
C SER TB 683 -7.68 91.94 126.21
N SER TB 684 -6.60 91.94 125.43
CA SER TB 684 -6.73 91.85 123.98
C SER TB 684 -7.14 90.46 123.51
N TYR TB 685 -6.78 89.41 124.26
CA TYR TB 685 -7.31 88.08 124.00
C TYR TB 685 -8.83 88.08 124.03
N ASP TB 686 -9.41 88.66 125.08
CA ASP TB 686 -10.86 88.81 125.16
C ASP TB 686 -11.39 89.71 124.07
N LYS TB 687 -10.66 90.79 123.74
CA LYS TB 687 -11.11 91.74 122.72
C LYS TB 687 -11.21 91.10 121.34
N VAL TB 688 -10.36 90.11 121.04
CA VAL TB 688 -10.54 89.38 119.79
C VAL TB 688 -11.54 88.23 119.94
N LEU TB 689 -11.65 87.63 121.13
CA LEU TB 689 -12.44 86.43 121.27
C LEU TB 689 -13.93 86.68 121.43
N ASP TB 690 -14.33 87.83 121.97
CA ASP TB 690 -15.75 88.16 121.99
C ASP TB 690 -16.30 88.31 120.58
N ALA TB 691 -15.58 89.03 119.71
CA ALA TB 691 -16.00 89.18 118.32
C ALA TB 691 -15.87 87.87 117.55
N LEU TB 692 -14.85 87.07 117.86
CA LEU TB 692 -14.67 85.79 117.19
C LEU TB 692 -15.81 84.82 117.54
N LEU TB 693 -16.26 84.84 118.79
CA LEU TB 693 -17.46 84.08 119.17
C LEU TB 693 -18.73 84.68 118.55
N GLY TB 694 -18.84 86.01 118.53
CA GLY TB 694 -20.02 86.67 118.01
C GLY TB 694 -20.20 86.53 116.52
N ALA TB 695 -19.12 86.22 115.79
CA ALA TB 695 -19.21 85.88 114.37
C ALA TB 695 -19.46 84.40 114.16
N GLY TB 696 -19.70 83.64 115.23
CA GLY TB 696 -19.98 82.22 115.11
C GLY TB 696 -18.80 81.36 114.75
N LYS TB 697 -17.58 81.84 115.00
CA LYS TB 697 -16.38 81.06 114.70
C LYS TB 697 -16.00 80.19 115.89
N THR TB 698 -16.87 79.23 116.19
CA THR TB 698 -16.64 78.36 117.34
C THR TB 698 -15.52 77.36 117.09
N LEU TB 699 -15.42 76.86 115.85
CA LEU TB 699 -14.31 75.99 115.49
C LEU TB 699 -12.97 76.72 115.51
N ASN TB 700 -12.95 77.97 115.02
CA ASN TB 700 -11.76 78.81 115.17
C ASN TB 700 -11.47 79.09 116.63
N ALA TB 701 -12.52 79.26 117.44
CA ALA TB 701 -12.34 79.49 118.87
C ALA TB 701 -11.68 78.30 119.54
N TYR TB 702 -12.10 77.08 119.19
CA TYR TB 702 -11.40 75.93 119.72
C TYR TB 702 -9.95 75.87 119.24
N SER TB 703 -9.73 76.13 117.96
CA SER TB 703 -8.39 76.07 117.41
C SER TB 703 -7.47 77.16 117.93
N VAL TB 704 -7.99 78.24 118.51
CA VAL TB 704 -7.17 79.25 119.15
C VAL TB 704 -7.07 79.04 120.66
N LEU TB 705 -8.12 78.54 121.30
CA LEU TB 705 -8.06 78.33 122.74
C LEU TB 705 -7.24 77.11 123.11
N CYS TB 706 -7.15 76.10 122.24
CA CYS TB 706 -6.28 74.97 122.51
C CYS TB 706 -4.81 75.40 122.59
N LYS TB 707 -4.37 76.25 121.67
CA LYS TB 707 -3.02 76.77 121.78
C LYS TB 707 -2.87 77.82 122.87
N ILE TB 708 -3.97 78.49 123.26
CA ILE TB 708 -3.90 79.40 124.40
C ILE TB 708 -3.68 78.62 125.70
N MET TB 709 -4.34 77.48 125.85
CA MET TB 709 -4.07 76.60 126.98
C MET TB 709 -2.78 75.79 126.81
N GLU TB 710 -2.19 75.76 125.62
CA GLU TB 710 -0.91 75.10 125.43
C GLU TB 710 0.20 75.79 126.21
N LYS TB 711 0.21 77.13 126.21
CA LYS TB 711 1.28 77.86 126.91
C LYS TB 711 1.14 77.79 128.43
N GLY TB 712 -0.04 77.46 128.94
CA GLY TB 712 -0.22 77.21 130.36
C GLY TB 712 -1.00 78.28 131.09
N SER TB 713 -0.91 79.53 130.63
CA SER TB 713 -1.55 80.64 131.31
C SER TB 713 -3.06 80.58 131.17
N SER TB 714 -3.77 81.04 132.20
CA SER TB 714 -5.22 81.02 132.24
C SER TB 714 -5.73 82.39 131.81
N THR TB 715 -6.33 82.46 130.63
CA THR TB 715 -6.92 83.71 130.16
C THR TB 715 -8.18 84.02 130.96
N ASP TB 716 -8.35 85.30 131.31
CA ASP TB 716 -9.45 85.76 132.15
C ASP TB 716 -10.71 86.06 131.35
N TRP TB 717 -10.88 85.41 130.21
CA TRP TB 717 -12.14 85.45 129.47
C TRP TB 717 -13.25 84.81 130.29
N LYS TB 718 -14.18 85.62 130.77
CA LYS TB 718 -15.27 85.14 131.62
C LYS TB 718 -16.51 84.75 130.82
N SER TB 719 -16.52 84.96 129.51
CA SER TB 719 -17.66 84.58 128.69
C SER TB 719 -17.55 83.15 128.17
N SER TB 720 -16.73 82.33 128.81
CA SER TB 720 -16.67 80.91 128.48
C SER TB 720 -17.97 80.18 128.81
N ASP TB 721 -18.86 80.77 129.62
CA ASP TB 721 -20.21 80.24 129.76
C ASP TB 721 -20.98 80.38 128.44
N GLU TB 722 -20.87 81.54 127.78
CA GLU TB 722 -21.42 81.68 126.45
C GLU TB 722 -20.70 80.77 125.46
N LEU TB 723 -19.39 80.57 125.65
CA LEU TB 723 -18.66 79.62 124.81
C LEU TB 723 -19.21 78.21 124.96
N ILE TB 724 -19.42 77.73 126.18
CA ILE TB 724 -19.92 76.37 126.33
C ILE TB 724 -21.38 76.26 125.89
N LYS TB 725 -22.16 77.34 126.00
CA LYS TB 725 -23.51 77.34 125.42
C LYS TB 725 -23.45 77.19 123.90
N SER TB 726 -22.54 77.93 123.26
CA SER TB 726 -22.42 77.85 121.81
C SER TB 726 -21.82 76.53 121.35
N LEU TB 727 -20.94 75.94 122.16
CA LEU TB 727 -20.26 74.72 121.74
C LEU TB 727 -21.07 73.46 122.05
N ASN TB 728 -21.90 73.47 123.09
CA ASN TB 728 -22.80 72.33 123.30
C ASN TB 728 -24.14 72.55 122.61
N GLN TB 729 -24.09 72.93 121.34
CA GLN TB 729 -25.30 73.09 120.55
C GLN TB 729 -25.18 72.57 119.12
N GLU TB 730 -23.99 72.22 118.66
CA GLU TB 730 -23.78 71.70 117.31
C GLU TB 730 -22.94 70.43 117.35
N GLY TB 731 -23.17 69.58 118.35
CA GLY TB 731 -22.49 68.31 118.43
C GLY TB 731 -21.02 68.38 118.78
N ASN TB 732 -20.56 69.52 119.29
CA ASN TB 732 -19.16 69.70 119.64
C ASN TB 732 -18.99 69.51 121.15
N THR TB 733 -19.18 68.25 121.58
CA THR TB 733 -19.11 67.92 123.00
C THR TB 733 -17.69 67.88 123.51
N LYS TB 734 -16.73 67.44 122.67
CA LYS TB 734 -15.35 67.30 123.12
C LYS TB 734 -14.70 68.65 123.35
N GLN TB 735 -15.09 69.66 122.58
CA GLN TB 735 -14.60 71.01 122.80
C GLN TB 735 -15.06 71.56 124.14
N ALA TB 736 -16.32 71.30 124.51
CA ALA TB 736 -16.78 71.65 125.85
C ALA TB 736 -16.14 70.77 126.92
N ASP TB 737 -15.73 69.55 126.59
CA ASP TB 737 -15.00 68.74 127.55
C ASP TB 737 -13.64 69.34 127.87
N VAL TB 738 -12.87 69.71 126.85
CA VAL TB 738 -11.57 70.32 127.11
C VAL TB 738 -11.72 71.74 127.68
N LEU TB 739 -12.80 72.45 127.35
CA LEU TB 739 -13.04 73.75 127.93
C LEU TB 739 -13.56 73.66 129.36
N SER TB 740 -14.13 72.52 129.75
CA SER TB 740 -14.38 72.25 131.16
C SER TB 740 -13.11 71.82 131.87
N ARG TB 741 -12.21 71.14 131.15
CA ARG TB 741 -10.95 70.72 131.74
C ARG TB 741 -10.08 71.91 132.10
N MET TB 742 -10.01 72.92 131.22
CA MET TB 742 -9.16 74.09 131.49
C MET TB 742 -9.67 74.90 132.69
N ILE TB 743 -10.98 74.90 132.92
CA ILE TB 743 -11.54 75.63 134.07
C ILE TB 743 -11.02 75.02 135.37
N LYS TB 744 -11.05 73.70 135.48
CA LYS TB 744 -10.54 73.05 136.68
C LYS TB 744 -9.02 73.11 136.75
N LYS TB 745 -8.34 73.16 135.60
CA LYS TB 745 -6.89 73.34 135.62
C LYS TB 745 -6.50 74.71 136.17
N GLY TB 746 -7.24 75.76 135.79
CA GLY TB 746 -6.98 77.08 136.36
C GLY TB 746 -7.48 77.23 137.77
N GLN TB 747 -8.54 76.49 138.13
CA GLN TB 747 -9.05 76.51 139.50
C GLN TB 747 -8.10 75.78 140.45
N GLY TB 748 -7.36 74.80 139.96
CA GLY TB 748 -6.37 74.12 140.76
C GLY TB 748 -5.26 73.50 139.92
N ASP UB 71 126.85 102.01 5.64
CA ASP UB 71 126.36 101.96 4.26
C ASP UB 71 126.27 100.52 3.78
N SER UB 72 126.93 99.61 4.49
CA SER UB 72 126.97 98.20 4.08
C SER UB 72 125.59 97.57 4.06
N ASN UB 73 124.86 97.67 5.17
CA ASN UB 73 123.52 97.10 5.24
C ASN UB 73 122.52 97.87 4.38
N GLU UB 74 122.72 99.18 4.19
CA GLU UB 74 121.79 99.94 3.36
C GLU UB 74 121.95 99.59 1.87
N ILE UB 75 123.19 99.46 1.38
CA ILE UB 75 123.34 98.99 0.01
C ILE UB 75 123.02 97.51 -0.11
N ALA UB 76 123.15 96.73 0.96
CA ALA UB 76 122.66 95.36 0.92
C ALA UB 76 121.15 95.32 0.77
N LEU UB 77 120.43 96.21 1.46
CA LEU UB 77 119.00 96.35 1.26
C LEU UB 77 118.69 96.85 -0.15
N SER UB 78 119.58 97.67 -0.72
CA SER UB 78 119.39 98.10 -2.10
C SER UB 78 119.49 96.94 -3.08
N PHE UB 79 120.48 96.05 -2.89
CA PHE UB 79 120.56 94.84 -3.71
C PHE UB 79 119.36 93.94 -3.48
N SER UB 80 118.88 93.84 -2.24
CA SER UB 80 117.72 93.02 -1.95
C SER UB 80 116.47 93.56 -2.61
N LYS UB 81 116.30 94.88 -2.60
CA LYS UB 81 115.14 95.50 -3.24
C LYS UB 81 115.23 95.42 -4.75
N GLU UB 82 116.44 95.50 -5.30
CA GLU UB 82 116.62 95.41 -6.75
C GLU UB 82 116.46 93.99 -7.26
N LEU UB 83 116.92 92.98 -6.51
CA LEU UB 83 116.92 91.61 -7.00
C LEU UB 83 115.53 91.00 -7.05
N THR UB 84 114.56 91.55 -6.34
CA THR UB 84 113.17 91.16 -6.53
C THR UB 84 112.47 92.06 -7.57
N GLY UB 85 113.14 92.21 -8.71
CA GLY UB 85 112.56 92.93 -9.82
C GLY UB 85 112.01 91.96 -10.86
N ASN UB 86 111.15 92.47 -11.73
CA ASN UB 86 110.64 91.67 -12.84
C ASN UB 86 111.73 91.48 -13.89
N PRO UB 87 112.10 90.25 -14.25
CA PRO UB 87 113.11 90.08 -15.30
C PRO UB 87 112.59 90.35 -16.70
N ASP UB 88 111.29 90.12 -16.95
CA ASP UB 88 110.71 90.25 -18.29
C ASP UB 88 109.94 91.55 -18.47
N ALA UB 89 110.05 92.49 -17.51
CA ALA UB 89 109.50 93.83 -17.71
C ALA UB 89 110.36 94.63 -18.70
N GLU UB 90 111.65 94.35 -18.75
CA GLU UB 90 112.56 94.93 -19.71
C GLU UB 90 113.24 93.82 -20.50
N SER UB 91 113.53 94.09 -21.76
CA SER UB 91 114.14 93.08 -22.64
C SER UB 91 115.66 93.09 -22.55
N GLN UB 92 116.16 93.04 -21.32
CA GLN UB 92 117.58 92.91 -21.03
C GLN UB 92 117.77 91.83 -19.98
N THR UB 93 118.99 91.31 -19.89
CA THR UB 93 119.25 90.37 -18.82
C THR UB 93 119.37 91.10 -17.48
N ILE UB 94 119.30 90.32 -16.41
CA ILE UB 94 119.33 90.88 -15.06
C ILE UB 94 120.72 91.45 -14.76
N SER UB 95 121.75 90.98 -15.45
CA SER UB 95 123.09 91.54 -15.30
C SER UB 95 123.19 92.97 -15.83
N GLN UB 96 122.27 93.39 -16.71
CA GLN UB 96 122.33 94.74 -17.25
C GLN UB 96 122.01 95.79 -16.20
N ARG UB 97 120.97 95.57 -15.40
CA ARG UB 97 120.50 96.56 -14.45
C ARG UB 97 121.35 96.64 -13.18
N PHE UB 98 122.24 95.68 -12.95
CA PHE UB 98 123.23 95.86 -11.90
C PHE UB 98 124.20 96.98 -12.26
N ASN UB 99 124.59 97.04 -13.53
CA ASN UB 99 125.65 97.94 -13.98
C ASN UB 99 125.18 99.36 -14.17
N LEU UB 100 123.89 99.64 -13.99
CA LEU UB 100 123.41 101.01 -14.07
C LEU UB 100 123.77 101.80 -12.82
N SER UB 101 123.38 101.28 -11.65
CA SER UB 101 123.55 102.01 -10.39
C SER UB 101 124.49 101.33 -9.41
N PHE UB 102 124.94 100.10 -9.69
CA PHE UB 102 125.75 99.36 -8.74
C PHE UB 102 127.17 99.15 -9.26
N SER UB 103 127.64 100.03 -10.14
CA SER UB 103 129.00 99.95 -10.64
C SER UB 103 130.04 100.46 -9.66
N HIS UB 104 129.62 101.14 -8.58
CA HIS UB 104 130.55 101.68 -7.61
C HIS UB 104 130.56 100.89 -6.30
N ILE UB 105 130.13 99.64 -6.32
CA ILE UB 105 130.14 98.77 -5.16
C ILE UB 105 130.85 97.47 -5.52
N THR UB 106 131.80 97.07 -4.68
CA THR UB 106 132.54 95.82 -4.89
C THR UB 106 131.89 94.70 -4.09
N PRO UB 107 131.41 93.63 -4.73
CA PRO UB 107 130.93 92.48 -3.98
C PRO UB 107 132.02 91.79 -3.18
N ASN UB 108 131.64 91.28 -2.01
CA ASN UB 108 132.44 90.35 -1.22
C ASN UB 108 131.47 89.30 -0.68
N PRO UB 109 131.95 88.12 -0.19
CA PRO UB 109 131.04 87.09 0.34
C PRO UB 109 129.99 87.55 1.34
N ASP UB 110 130.34 88.48 2.21
CA ASP UB 110 129.42 88.98 3.23
C ASP UB 110 128.20 89.65 2.62
N LEU UB 111 128.41 90.47 1.60
CA LEU UB 111 127.29 91.18 1.00
C LEU UB 111 126.36 90.24 0.24
N ILE UB 112 126.92 89.26 -0.48
CA ILE UB 112 126.06 88.31 -1.18
C ILE UB 112 125.34 87.34 -0.24
N LEU UB 113 125.97 86.95 0.88
CA LEU UB 113 125.26 86.09 1.82
C LEU UB 113 124.17 86.88 2.53
N GLN UB 114 124.46 88.12 2.91
CA GLN UB 114 123.46 88.96 3.54
C GLN UB 114 122.33 89.30 2.59
N THR UB 115 122.59 89.35 1.27
CA THR UB 115 121.51 89.63 0.33
C THR UB 115 120.69 88.39 0.01
N LEU UB 116 121.31 87.22 -0.07
CA LEU UB 116 120.57 85.98 -0.27
C LEU UB 116 119.86 85.49 0.99
N ASN UB 117 120.22 86.01 2.16
CA ASN UB 117 119.66 85.50 3.41
C ASN UB 117 118.22 85.95 3.65
N LEU UB 118 117.81 87.10 3.12
CA LEU UB 118 116.46 87.61 3.36
C LEU UB 118 115.58 87.54 2.12
N SER UB 119 116.10 87.07 0.99
CA SER UB 119 115.41 87.16 -0.29
C SER UB 119 115.26 85.78 -0.91
N PRO UB 120 114.23 85.02 -0.54
CA PRO UB 120 113.96 83.73 -1.20
C PRO UB 120 112.91 83.75 -2.31
N GLU UB 121 112.40 84.91 -2.71
CA GLU UB 121 111.45 84.99 -3.81
C GLU UB 121 112.09 85.40 -5.12
N ALA UB 122 113.42 85.48 -5.17
CA ALA UB 122 114.10 85.87 -6.40
C ALA UB 122 113.97 84.81 -7.48
N GLY UB 123 114.02 83.54 -7.10
CA GLY UB 123 113.78 82.45 -8.02
C GLY UB 123 114.86 82.26 -9.05
N ARG UB 124 114.53 82.54 -10.31
CA ARG UB 124 115.48 82.44 -11.40
C ARG UB 124 116.20 83.76 -11.69
N ALA UB 125 115.95 84.80 -10.90
CA ALA UB 125 116.67 86.05 -11.08
C ALA UB 125 118.08 85.99 -10.50
N ALA UB 126 118.38 84.98 -9.68
CA ALA UB 126 119.70 84.83 -9.09
C ALA UB 126 120.76 84.49 -10.13
N LEU UB 127 120.37 83.95 -11.28
CA LEU UB 127 121.32 83.50 -12.28
C LEU UB 127 122.12 84.66 -12.87
N GLY UB 128 121.50 85.83 -13.02
CA GLY UB 128 122.20 87.00 -13.53
C GLY UB 128 123.17 87.62 -12.55
N PHE UB 129 122.98 87.37 -11.25
CA PHE UB 129 123.97 87.82 -10.28
C PHE UB 129 125.30 87.07 -10.46
N ASN UB 130 125.22 85.80 -10.85
CA ASN UB 130 126.41 85.06 -11.23
C ASN UB 130 127.05 85.63 -12.49
N GLU UB 131 126.25 86.12 -13.44
CA GLU UB 131 126.79 86.82 -14.59
C GLU UB 131 127.51 88.10 -14.19
N TRP UB 132 126.97 88.83 -13.20
CA TRP UB 132 127.66 89.98 -12.65
C TRP UB 132 128.98 89.58 -11.98
N LEU UB 133 128.96 88.49 -11.22
CA LEU UB 133 130.19 88.03 -10.55
C LEU UB 133 131.21 87.54 -11.55
N ASP UB 134 130.77 87.05 -12.70
CA ASP UB 134 131.68 86.69 -13.78
C ASP UB 134 132.25 87.93 -14.46
N SER UB 135 131.42 88.92 -14.76
CA SER UB 135 131.85 90.12 -15.48
C SER UB 135 132.74 91.01 -14.63
N ASN UB 136 132.49 91.06 -13.32
CA ASN UB 136 133.34 91.85 -12.43
C ASN UB 136 134.69 91.17 -12.26
N SER UB 137 135.76 91.96 -12.39
CA SER UB 137 137.10 91.40 -12.25
C SER UB 137 137.54 91.31 -10.80
N ASN UB 138 137.01 92.18 -9.93
CA ASN UB 138 137.49 92.25 -8.56
C ASN UB 138 137.13 91.01 -7.75
N PHE UB 139 136.04 90.34 -8.09
CA PHE UB 139 135.54 89.24 -7.29
C PHE UB 139 136.33 87.97 -7.60
N SER UB 140 136.89 87.35 -6.55
CA SER UB 140 137.59 86.07 -6.67
C SER UB 140 136.55 84.97 -6.52
N HIS UB 141 135.87 84.65 -7.62
CA HIS UB 141 134.84 83.62 -7.64
C HIS UB 141 135.48 82.25 -7.47
N THR UB 142 135.00 81.47 -6.51
CA THR UB 142 135.59 80.18 -6.19
C THR UB 142 134.56 79.30 -5.48
N ASP UB 143 135.05 78.23 -4.87
CA ASP UB 143 134.21 77.21 -4.24
C ASP UB 143 133.40 77.78 -3.08
N GLU UB 144 133.96 78.72 -2.32
CA GLU UB 144 133.24 79.28 -1.18
C GLU UB 144 132.02 80.08 -1.63
N THR UB 145 132.16 80.86 -2.72
CA THR UB 145 130.99 81.63 -3.16
C THR UB 145 130.04 80.81 -4.03
N VAL UB 146 130.47 79.67 -4.59
CA VAL UB 146 129.46 78.81 -5.20
C VAL UB 146 128.73 77.96 -4.17
N SER UB 147 129.32 77.80 -2.98
CA SER UB 147 128.63 77.11 -1.90
C SER UB 147 127.37 77.85 -1.47
N PHE UB 148 127.41 79.19 -1.40
CA PHE UB 148 126.23 79.96 -1.03
C PHE UB 148 125.13 79.85 -2.07
N PHE UB 149 125.48 79.82 -3.35
CA PHE UB 149 124.46 79.69 -4.38
C PHE UB 149 123.87 78.28 -4.41
N VAL UB 150 124.69 77.26 -4.16
CA VAL UB 150 124.15 75.91 -4.00
C VAL UB 150 123.22 75.83 -2.80
N ASP UB 151 123.59 76.51 -1.71
CA ASP UB 151 122.73 76.60 -0.53
C ASP UB 151 121.39 77.24 -0.86
N TYR UB 152 121.41 78.37 -1.55
CA TYR UB 152 120.17 79.10 -1.85
C TYR UB 152 119.30 78.32 -2.84
N PHE UB 153 119.92 77.58 -3.75
CA PHE UB 153 119.14 76.81 -4.71
C PHE UB 153 118.64 75.48 -4.14
N GLY UB 154 119.33 74.93 -3.15
CA GLY UB 154 118.89 73.68 -2.55
C GLY UB 154 117.95 73.90 -1.39
N ARG UB 155 117.91 75.13 -0.86
CA ARG UB 155 116.92 75.46 0.15
C ARG UB 155 115.52 75.44 -0.44
N ARG UB 156 115.38 75.88 -1.68
CA ARG UB 156 114.07 76.03 -2.31
C ARG UB 156 113.66 74.81 -3.13
N LYS UB 157 114.42 73.71 -3.04
CA LYS UB 157 114.18 72.49 -3.82
C LYS UB 157 114.21 72.77 -5.32
N ASP UB 158 115.06 73.70 -5.73
CA ASP UB 158 115.28 74.00 -7.14
C ASP UB 158 116.50 73.22 -7.62
N PHE UB 159 116.36 71.90 -7.65
CA PHE UB 159 117.53 71.04 -7.79
C PHE UB 159 118.00 70.92 -9.23
N LYS UB 160 117.07 70.95 -10.20
CA LYS UB 160 117.49 70.93 -11.59
C LYS UB 160 118.16 72.24 -11.96
N GLY UB 161 117.85 73.31 -11.24
CA GLY UB 161 118.65 74.51 -11.35
C GLY UB 161 119.95 74.40 -10.58
N MET UB 162 119.94 73.67 -9.45
CA MET UB 162 121.12 73.58 -8.59
C MET UB 162 122.24 72.79 -9.25
N LEU UB 163 121.88 71.85 -10.12
CA LEU UB 163 122.90 71.17 -10.93
C LEU UB 163 123.55 72.12 -11.93
N GLU UB 164 122.85 73.17 -12.36
CA GLU UB 164 123.39 74.08 -13.35
C GLU UB 164 124.55 74.91 -12.82
N ILE UB 165 124.51 75.30 -11.53
CA ILE UB 165 125.60 76.08 -10.95
C ILE UB 165 126.89 75.28 -10.91
N ILE UB 166 126.82 74.03 -10.43
CA ILE UB 166 128.01 73.21 -10.34
C ILE UB 166 128.44 72.67 -11.68
N SER UB 167 127.54 72.68 -12.68
CA SER UB 167 127.99 72.41 -14.05
C SER UB 167 128.71 73.62 -14.64
N LYS UB 168 128.22 74.84 -14.36
CA LYS UB 168 128.81 76.03 -14.94
C LYS UB 168 130.19 76.32 -14.35
N TYR UB 169 130.31 76.29 -13.03
CA TYR UB 169 131.60 76.52 -12.39
C TYR UB 169 132.26 75.19 -12.02
N LYS UB 170 132.48 74.39 -13.05
CA LYS UB 170 133.12 73.09 -12.91
C LYS UB 170 134.62 73.26 -12.94
N GLY UB 171 135.32 72.64 -11.98
CA GLY UB 171 136.75 72.71 -11.84
C GLY UB 171 137.21 73.64 -10.74
N ILE UB 172 136.39 74.62 -10.38
CA ILE UB 172 136.71 75.53 -9.29
C ILE UB 172 135.94 75.23 -8.02
N ALA UB 173 134.95 74.34 -8.08
CA ALA UB 173 134.09 74.03 -6.95
C ALA UB 173 134.56 72.73 -6.32
N GLY UB 174 135.39 72.84 -5.28
CA GLY UB 174 135.83 71.66 -4.56
C GLY UB 174 135.85 71.88 -3.06
N GLY UB 175 135.14 71.05 -2.31
CA GLY UB 175 135.11 71.19 -0.87
C GLY UB 175 133.71 71.30 -0.31
N LYS UB 176 133.39 72.47 0.26
CA LYS UB 176 132.12 72.69 0.93
C LYS UB 176 130.92 72.65 -0.01
N THR UB 177 131.13 72.77 -1.32
CA THR UB 177 130.02 72.62 -2.25
C THR UB 177 129.47 71.19 -2.24
N LEU UB 178 130.35 70.20 -2.03
CA LEU UB 178 129.91 68.82 -1.92
C LEU UB 178 128.95 68.62 -0.75
N GLU UB 179 129.38 69.05 0.44
CA GLU UB 179 128.53 68.90 1.62
C GLU UB 179 127.29 69.78 1.54
N SER UB 180 127.37 70.93 0.89
CA SER UB 180 126.19 71.79 0.72
C SER UB 180 125.14 71.12 -0.17
N ALA UB 181 125.55 70.61 -1.33
CA ALA UB 181 124.61 69.97 -2.23
C ALA UB 181 124.04 68.69 -1.65
N ILE UB 182 124.88 67.87 -1.00
CA ILE UB 182 124.41 66.62 -0.43
C ILE UB 182 123.47 66.88 0.75
N ASP UB 183 123.80 67.86 1.60
CA ASP UB 183 122.95 68.20 2.73
C ASP UB 183 121.61 68.75 2.28
N ARG UB 184 121.60 69.61 1.26
CA ARG UB 184 120.34 70.13 0.75
C ARG UB 184 119.50 69.02 0.13
N LEU UB 185 120.14 68.08 -0.58
CA LEU UB 185 119.42 66.95 -1.16
C LEU UB 185 118.77 66.09 -0.08
N VAL UB 186 119.53 65.74 0.96
CA VAL UB 186 118.97 64.82 1.95
C VAL UB 186 118.00 65.53 2.88
N ARG UB 187 118.13 66.84 3.07
CA ARG UB 187 117.13 67.56 3.85
C ARG UB 187 115.86 67.78 3.04
N ALA UB 188 115.96 67.84 1.71
CA ALA UB 188 114.77 67.71 0.90
C ALA UB 188 114.21 66.30 0.95
N GLY UB 189 115.04 65.32 1.29
CA GLY UB 189 114.56 63.97 1.46
C GLY UB 189 114.55 63.19 0.17
N ARG UB 190 115.47 63.51 -0.73
CA ARG UB 190 115.49 62.90 -2.05
C ARG UB 190 116.87 62.28 -2.23
N PRO UB 191 117.06 61.02 -1.84
CA PRO UB 191 118.41 60.45 -1.81
C PRO UB 191 118.79 59.57 -3.00
N LYS UB 192 117.84 59.25 -3.88
CA LYS UB 192 118.22 58.55 -5.11
C LYS UB 192 119.08 59.45 -5.98
N GLN UB 193 118.77 60.74 -5.99
CA GLN UB 193 119.60 61.71 -6.70
C GLN UB 193 120.91 61.94 -5.96
N VAL UB 194 120.96 61.64 -4.66
CA VAL UB 194 122.24 61.62 -3.96
C VAL UB 194 123.11 60.48 -4.47
N THR UB 195 122.51 59.30 -4.65
CA THR UB 195 123.27 58.18 -5.21
C THR UB 195 123.74 58.48 -6.63
N ASP UB 196 122.85 59.07 -7.45
CA ASP UB 196 123.25 59.47 -8.80
C ASP UB 196 124.28 60.60 -8.77
N PHE UB 197 124.25 61.44 -7.74
CA PHE UB 197 125.25 62.48 -7.59
C PHE UB 197 126.60 61.90 -7.25
N PHE UB 198 126.63 60.88 -6.39
CA PHE UB 198 127.87 60.22 -6.04
C PHE UB 198 128.44 59.42 -7.21
N GLU UB 199 127.56 58.88 -8.06
CA GLU UB 199 128.05 58.14 -9.23
C GLU UB 199 128.76 59.06 -10.22
N LYS UB 200 128.13 60.17 -10.58
CA LYS UB 200 128.72 61.11 -11.53
C LYS UB 200 129.35 62.30 -10.80
N MET UB 201 130.46 62.02 -10.12
CA MET UB 201 131.23 63.07 -9.48
C MET UB 201 132.47 63.46 -10.29
N GLU UB 202 133.33 62.48 -10.57
CA GLU UB 202 134.60 62.78 -11.23
C GLU UB 202 134.41 63.13 -12.69
N ASN UB 203 133.44 62.52 -13.36
CA ASN UB 203 133.22 62.81 -14.77
C ASN UB 203 132.55 64.17 -14.98
N ASP UB 204 131.56 64.49 -14.16
CA ASP UB 204 130.64 65.57 -14.48
C ASP UB 204 130.97 66.89 -13.81
N TYR UB 205 131.57 66.88 -12.63
CA TYR UB 205 131.90 68.12 -11.94
C TYR UB 205 133.33 68.17 -11.44
N GLY UB 206 134.14 67.13 -11.64
CA GLY UB 206 135.54 67.15 -11.32
C GLY UB 206 135.88 66.75 -9.90
N LEU UB 207 134.90 66.57 -9.04
CA LEU UB 207 135.16 66.31 -7.63
C LEU UB 207 135.65 64.88 -7.45
N LYS UB 208 136.50 64.70 -6.45
CA LYS UB 208 137.18 63.43 -6.23
C LYS UB 208 136.31 62.47 -5.43
N ARG UB 209 136.18 61.24 -5.91
CA ARG UB 209 135.54 60.16 -5.15
C ARG UB 209 136.64 59.43 -4.39
N ASP UB 210 136.84 59.85 -3.14
CA ASP UB 210 137.83 59.26 -2.25
C ASP UB 210 137.16 58.90 -0.92
N LYS UB 211 137.99 58.46 0.04
CA LYS UB 211 137.48 57.92 1.29
C LYS UB 211 136.75 58.99 2.10
N GLU UB 212 137.29 60.20 2.15
CA GLU UB 212 136.64 61.28 2.87
C GLU UB 212 135.32 61.67 2.22
N SER UB 213 135.25 61.66 0.89
CA SER UB 213 134.01 61.96 0.20
C SER UB 213 132.95 60.90 0.47
N LEU UB 214 133.34 59.62 0.46
CA LEU UB 214 132.40 58.56 0.76
C LEU UB 214 131.91 58.66 2.21
N THR UB 215 132.83 58.96 3.14
CA THR UB 215 132.43 59.15 4.53
C THR UB 215 131.47 60.32 4.69
N LEU UB 216 131.70 61.41 3.97
CA LEU UB 216 130.81 62.57 4.06
C LEU UB 216 129.42 62.26 3.52
N VAL UB 217 129.33 61.60 2.36
CA VAL UB 217 128.01 61.31 1.81
C VAL UB 217 127.29 60.25 2.64
N VAL UB 218 128.03 59.30 3.21
CA VAL UB 218 127.42 58.32 4.11
C VAL UB 218 126.91 58.98 5.38
N LYS UB 219 127.65 59.98 5.88
CA LYS UB 219 127.19 60.67 7.08
C LYS UB 219 125.94 61.50 6.81
N LYS UB 220 125.87 62.17 5.66
CA LYS UB 220 124.67 62.95 5.39
C LYS UB 220 123.49 62.09 4.98
N LEU UB 221 123.71 60.87 4.50
CA LEU UB 221 122.59 59.96 4.36
C LEU UB 221 122.13 59.40 5.71
N CYS UB 222 123.08 58.99 6.55
CA CYS UB 222 122.76 58.27 7.77
C CYS UB 222 122.36 59.19 8.92
N GLU UB 223 122.54 60.50 8.78
CA GLU UB 223 121.97 61.39 9.79
C GLU UB 223 120.46 61.53 9.63
N LYS UB 224 119.96 61.37 8.41
CA LYS UB 224 118.54 61.61 8.12
C LYS UB 224 117.74 60.33 7.99
N GLY UB 225 118.37 59.17 8.04
CA GLY UB 225 117.65 57.91 8.11
C GLY UB 225 117.44 57.16 6.82
N HIS UB 226 118.10 57.56 5.72
CA HIS UB 226 117.98 56.82 4.46
C HIS UB 226 119.08 55.77 4.34
N ALA UB 227 119.18 54.99 5.41
CA ALA UB 227 120.24 54.01 5.57
C ALA UB 227 120.10 52.83 4.63
N SER UB 228 118.91 52.57 4.09
CA SER UB 228 118.74 51.48 3.13
C SER UB 228 119.56 51.73 1.87
N ILE UB 229 119.27 52.83 1.17
CA ILE UB 229 120.04 53.10 -0.03
C ILE UB 229 121.42 53.65 0.27
N ALA UB 230 121.67 54.15 1.49
CA ALA UB 230 123.06 54.39 1.91
C ALA UB 230 123.86 53.08 1.96
N GLU UB 231 123.24 52.02 2.50
CA GLU UB 231 123.88 50.72 2.56
C GLU UB 231 124.09 50.17 1.16
N LYS UB 232 123.13 50.38 0.26
CA LYS UB 232 123.30 49.95 -1.12
C LYS UB 232 124.45 50.70 -1.81
N MET UB 233 124.64 51.99 -1.48
CA MET UB 233 125.79 52.74 -1.96
C MET UB 233 127.10 52.13 -1.47
N VAL UB 234 127.19 51.83 -0.17
CA VAL UB 234 128.42 51.24 0.36
C VAL UB 234 128.65 49.84 -0.24
N LYS UB 235 127.57 49.10 -0.47
CA LYS UB 235 127.72 47.75 -0.99
C LYS UB 235 128.16 47.74 -2.45
N ASN UB 236 127.65 48.66 -3.27
CA ASN UB 236 128.09 48.64 -4.66
C ASN UB 236 129.47 49.30 -4.83
N THR UB 237 129.84 50.23 -3.97
CA THR UB 237 131.20 50.76 -3.99
C THR UB 237 132.05 50.01 -2.96
N ALA UB 238 132.38 48.77 -3.30
CA ALA UB 238 133.18 47.92 -2.43
C ALA UB 238 134.49 47.47 -3.03
N ASN UB 239 134.66 47.60 -4.34
CA ASN UB 239 135.94 47.31 -4.98
C ASN UB 239 136.85 48.54 -4.99
N GLU UB 240 136.28 49.69 -5.33
CA GLU UB 240 137.09 50.91 -5.47
C GLU UB 240 137.55 51.41 -4.11
N ILE UB 241 136.63 51.53 -3.16
CA ILE UB 241 136.92 52.03 -1.82
C ILE UB 241 136.53 50.96 -0.81
N PHE UB 242 137.47 50.58 0.04
CA PHE UB 242 137.22 49.62 1.10
C PHE UB 242 136.69 50.36 2.33
N PRO UB 243 135.50 50.04 2.84
CA PRO UB 243 134.94 50.80 3.95
C PRO UB 243 135.67 50.54 5.25
N ASP UB 244 135.50 51.46 6.20
CA ASP UB 244 136.25 51.42 7.44
C ASP UB 244 135.34 51.60 8.64
N GLU UB 245 135.92 51.77 9.83
CA GLU UB 245 135.16 51.78 11.07
C GLU UB 245 134.26 53.00 11.18
N ASN UB 246 134.68 54.14 10.63
CA ASN UB 246 133.83 55.33 10.64
C ASN UB 246 132.57 55.10 9.81
N ILE UB 247 132.73 54.52 8.62
CA ILE UB 247 131.58 54.23 7.77
C ILE UB 247 130.71 53.16 8.41
N CYS UB 248 131.33 52.19 9.09
CA CYS UB 248 130.58 51.13 9.74
C CYS UB 248 129.71 51.66 10.89
N ASP UB 249 130.30 52.49 11.75
CA ASP UB 249 129.53 53.10 12.83
C ASP UB 249 128.48 54.06 12.32
N LEU UB 250 128.77 54.78 11.22
CA LEU UB 250 127.76 55.63 10.60
C LEU UB 250 126.58 54.81 10.09
N LEU UB 251 126.85 53.66 9.48
CA LEU UB 251 125.77 52.81 8.97
C LEU UB 251 124.94 52.24 10.11
N ILE UB 252 125.59 51.85 11.21
CA ILE UB 252 124.86 51.35 12.38
C ILE UB 252 123.96 52.44 12.96
N SER UB 253 124.50 53.65 13.11
CA SER UB 253 123.71 54.75 13.65
C SER UB 253 122.56 55.11 12.71
N GLY UB 254 122.80 55.07 11.40
CA GLY UB 254 121.75 55.36 10.44
C GLY UB 254 120.66 54.32 10.41
N TRP UB 255 121.01 53.05 10.62
CA TRP UB 255 119.97 52.04 10.71
C TRP UB 255 119.19 52.14 12.01
N CYS UB 256 119.85 52.58 13.09
CA CYS UB 256 119.16 52.70 14.36
C CYS UB 256 118.25 53.91 14.43
N ILE UB 257 118.64 55.03 13.80
CA ILE UB 257 117.88 56.28 13.92
C ILE UB 257 116.53 56.16 13.21
N ALA UB 258 116.46 55.34 12.16
CA ALA UB 258 115.20 55.10 11.46
C ALA UB 258 114.39 53.97 12.09
N GLU UB 259 114.72 53.60 13.33
CA GLU UB 259 113.97 52.64 14.14
C GLU UB 259 113.89 51.27 13.48
N LYS UB 260 115.02 50.79 12.97
CA LYS UB 260 115.09 49.48 12.32
C LYS UB 260 116.03 48.57 13.11
N LEU UB 261 115.47 47.89 14.10
CA LEU UB 261 116.25 47.03 14.98
C LEU UB 261 116.75 45.80 14.27
N ASP UB 262 115.89 45.19 13.46
CA ASP UB 262 116.27 43.99 12.76
C ASP UB 262 117.30 44.29 11.69
N GLU UB 263 117.20 45.43 11.02
CA GLU UB 263 118.21 45.79 10.03
C GLU UB 263 119.53 46.16 10.69
N ALA UB 264 119.50 46.83 11.84
CA ALA UB 264 120.74 47.08 12.56
C ALA UB 264 121.38 45.78 13.06
N THR UB 265 120.57 44.85 13.56
CA THR UB 265 121.10 43.57 14.02
C THR UB 265 121.66 42.74 12.86
N ARG UB 266 121.00 42.76 11.70
CA ARG UB 266 121.51 42.07 10.53
C ARG UB 266 122.82 42.68 10.06
N LEU UB 267 122.93 44.01 10.05
CA LEU UB 267 124.17 44.64 9.66
C LEU UB 267 125.30 44.33 10.63
N ALA UB 268 125.00 44.30 11.94
CA ALA UB 268 126.02 43.94 12.91
C ALA UB 268 126.47 42.49 12.75
N GLY UB 269 125.54 41.60 12.43
CA GLY UB 269 125.92 40.22 12.14
C GLY UB 269 126.80 40.11 10.91
N GLU UB 270 126.51 40.89 9.89
CA GLU UB 270 127.37 40.90 8.71
C GLU UB 270 128.75 41.48 9.02
N MET UB 271 128.85 42.45 9.92
CA MET UB 271 130.16 42.93 10.36
C MET UB 271 130.94 41.84 11.09
N SER UB 272 130.25 41.10 11.96
CA SER UB 272 130.90 40.00 12.66
C SER UB 272 131.37 38.90 11.71
N ARG UB 273 130.60 38.61 10.67
CA ARG UB 273 131.04 37.59 9.72
C ARG UB 273 131.97 38.14 8.65
N GLY UB 274 132.12 39.45 8.54
CA GLY UB 274 133.08 40.06 7.66
C GLY UB 274 134.38 40.43 8.30
N GLY UB 275 134.49 40.30 9.62
CA GLY UB 275 135.77 40.41 10.30
C GLY UB 275 136.00 41.73 11.00
N PHE UB 276 135.13 42.71 10.78
CA PHE UB 276 135.15 43.92 11.57
C PHE UB 276 134.83 43.59 13.02
N GLU UB 277 135.27 44.46 13.93
CA GLU UB 277 134.97 44.31 15.33
C GLU UB 277 133.90 45.33 15.70
N ILE UB 278 132.82 44.84 16.27
CA ILE UB 278 131.67 45.70 16.55
C ILE UB 278 131.99 46.58 17.76
N GLY UB 279 131.64 47.86 17.65
CA GLY UB 279 132.20 48.88 18.51
C GLY UB 279 131.31 49.30 19.67
N THR UB 280 131.90 50.12 20.54
CA THR UB 280 131.20 50.63 21.70
C THR UB 280 130.08 51.58 21.29
N LYS UB 281 130.35 52.45 20.32
CA LYS UB 281 129.30 53.33 19.80
C LYS UB 281 128.19 52.54 19.14
N ALA UB 282 128.55 51.45 18.45
CA ALA UB 282 127.53 50.59 17.83
C ALA UB 282 126.72 49.85 18.88
N TYR UB 283 127.31 49.56 20.03
CA TYR UB 283 126.51 49.00 21.12
C TYR UB 283 125.61 50.03 21.79
N ASN UB 284 126.12 51.24 21.98
CA ASN UB 284 125.35 52.29 22.65
C ASN UB 284 124.15 52.72 21.82
N MET UB 285 124.30 52.81 20.51
CA MET UB 285 123.15 53.20 19.69
C MET UB 285 122.08 52.13 19.64
N MET UB 286 122.47 50.85 19.61
CA MET UB 286 121.50 49.78 19.78
C MET UB 286 120.81 49.86 21.13
N LEU UB 287 121.55 50.17 22.19
CA LEU UB 287 120.92 50.34 23.51
C LEU UB 287 119.90 51.47 23.52
N ASP UB 288 120.23 52.59 22.89
CA ASP UB 288 119.33 53.73 22.85
C ASP UB 288 118.05 53.41 22.08
N CYS UB 289 118.18 52.75 20.93
CA CYS UB 289 116.97 52.46 20.15
C CYS UB 289 116.13 51.35 20.78
N VAL UB 290 116.77 50.38 21.46
CA VAL UB 290 116.00 49.39 22.22
C VAL UB 290 115.19 50.06 23.31
N CYS UB 291 115.81 50.99 24.06
CA CYS UB 291 115.08 51.69 25.11
C CYS UB 291 113.98 52.58 24.55
N LYS UB 292 114.22 53.22 23.41
CA LYS UB 292 113.20 54.08 22.82
C LYS UB 292 111.99 53.28 22.35
N LEU UB 293 112.21 52.15 21.68
CA LEU UB 293 111.06 51.35 21.28
C LEU UB 293 110.37 50.70 22.46
N CYS UB 294 111.11 50.32 23.50
CA CYS UB 294 110.48 49.82 24.71
C CYS UB 294 109.57 50.87 25.34
N ARG UB 295 110.04 52.11 25.42
CA ARG UB 295 109.22 53.19 25.96
C ARG UB 295 108.01 53.46 25.09
N LYS UB 296 108.15 53.40 23.77
CA LYS UB 296 107.03 53.74 22.90
C LYS UB 296 105.98 52.65 22.85
N LYS UB 297 106.39 51.37 22.90
CA LYS UB 297 105.44 50.27 22.76
C LYS UB 297 105.06 49.65 24.09
N ASP UB 298 106.04 49.12 24.83
CA ASP UB 298 105.75 48.33 26.03
C ASP UB 298 106.68 48.77 27.15
N PRO UB 299 106.26 49.76 27.95
CA PRO UB 299 107.16 50.33 28.97
C PRO UB 299 107.53 49.38 30.08
N PHE UB 300 106.79 48.31 30.31
CA PHE UB 300 107.07 47.38 31.38
C PHE UB 300 107.93 46.21 30.93
N LYS UB 301 108.60 46.34 29.79
CA LYS UB 301 109.54 45.34 29.30
C LYS UB 301 110.94 45.92 29.19
N LEU UB 302 111.17 47.11 29.74
CA LEU UB 302 112.43 47.82 29.51
C LEU UB 302 113.61 47.15 30.21
N GLN UB 303 113.42 46.75 31.46
CA GLN UB 303 114.49 46.15 32.26
C GLN UB 303 115.00 44.81 31.73
N PRO UB 304 114.17 43.84 31.29
CA PRO UB 304 114.76 42.64 30.69
C PRO UB 304 115.55 42.90 29.42
N GLU UB 305 115.10 43.82 28.56
CA GLU UB 305 115.86 44.08 27.35
C GLU UB 305 117.14 44.85 27.61
N VAL UB 306 117.13 45.79 28.56
CA VAL UB 306 118.39 46.46 28.88
C VAL UB 306 119.33 45.48 29.60
N GLU UB 307 118.80 44.55 30.39
CA GLU UB 307 119.64 43.52 30.99
C GLU UB 307 120.24 42.60 29.93
N LYS UB 308 119.47 42.27 28.89
CA LYS UB 308 119.99 41.45 27.80
C LYS UB 308 121.13 42.16 27.06
N VAL UB 309 120.93 43.45 26.76
CA VAL UB 309 121.97 44.19 26.04
C VAL UB 309 123.22 44.32 26.89
N LEU UB 310 123.07 44.58 28.18
CA LEU UB 310 124.24 44.67 29.04
C LEU UB 310 124.89 43.31 29.27
N LEU UB 311 124.13 42.22 29.20
CA LEU UB 311 124.71 40.88 29.23
C LEU UB 311 125.59 40.64 28.03
N GLU UB 312 125.11 41.02 26.83
CA GLU UB 312 125.94 40.93 25.64
C GLU UB 312 127.16 41.83 25.72
N MET UB 313 127.00 43.02 26.30
CA MET UB 313 128.11 43.95 26.52
C MET UB 313 129.21 43.31 27.36
N GLU UB 314 128.84 42.73 28.51
CA GLU UB 314 129.82 42.10 29.38
C GLU UB 314 130.41 40.83 28.78
N PHE UB 315 129.62 40.06 28.03
CA PHE UB 315 130.15 38.79 27.52
C PHE UB 315 131.01 38.97 26.28
N ARG UB 316 130.78 40.00 25.49
CA ARG UB 316 131.71 40.32 24.42
C ARG UB 316 132.83 41.24 24.87
N GLY UB 317 132.79 41.72 26.12
CA GLY UB 317 133.97 42.30 26.70
C GLY UB 317 134.29 43.70 26.24
N VAL UB 318 133.28 44.42 25.75
CA VAL UB 318 133.43 45.83 25.39
C VAL UB 318 133.13 46.66 26.64
N PRO UB 319 134.04 47.50 27.11
CA PRO UB 319 133.80 48.25 28.34
C PRO UB 319 132.74 49.33 28.14
N ARG UB 320 132.12 49.71 29.25
CA ARG UB 320 131.17 50.81 29.25
C ARG UB 320 131.92 52.14 29.23
N ASN UB 321 131.21 53.20 28.82
CA ASN UB 321 131.78 54.53 28.92
C ASN UB 321 130.69 55.52 29.36
N THR UB 322 130.95 56.81 29.22
CA THR UB 322 130.03 57.84 29.72
C THR UB 322 128.71 57.81 28.98
N GLU UB 323 128.73 57.63 27.66
CA GLU UB 323 127.51 57.73 26.87
C GLU UB 323 126.55 56.57 27.13
N THR UB 324 127.07 55.41 27.55
CA THR UB 324 126.19 54.33 27.97
C THR UB 324 125.34 54.73 29.16
N PHE UB 325 125.97 55.29 30.19
CA PHE UB 325 125.23 55.76 31.35
C PHE UB 325 124.37 56.98 31.04
N ASN UB 326 124.78 57.80 30.07
CA ASN UB 326 123.92 58.89 29.62
C ASN UB 326 122.62 58.37 29.02
N VAL UB 327 122.72 57.38 28.13
CA VAL UB 327 121.55 56.79 27.51
C VAL UB 327 120.66 56.13 28.55
N LEU UB 328 121.27 55.40 29.50
CA LEU UB 328 120.51 54.74 30.54
C LEU UB 328 119.75 55.73 31.43
N ILE UB 329 120.45 56.75 31.93
CA ILE UB 329 119.85 57.70 32.85
C ILE UB 329 118.77 58.52 32.15
N ASN UB 330 119.02 58.91 30.89
CA ASN UB 330 118.02 59.65 30.13
C ASN UB 330 116.76 58.81 29.88
N ASN UB 331 116.93 57.56 29.46
CA ASN UB 331 115.76 56.75 29.18
C ASN UB 331 115.04 56.28 30.43
N LEU UB 332 115.69 56.34 31.60
CA LEU UB 332 114.95 56.06 32.81
C LEU UB 332 114.21 57.28 33.34
N CYS UB 333 114.80 58.47 33.22
CA CYS UB 333 114.08 59.64 33.67
C CYS UB 333 113.00 60.09 32.69
N LYS UB 334 112.99 59.54 31.47
CA LYS UB 334 111.84 59.81 30.60
C LYS UB 334 110.58 59.07 31.04
N ILE UB 335 110.70 57.92 31.70
CA ILE UB 335 109.55 57.25 32.29
C ILE UB 335 109.59 57.34 33.82
N ARG UB 336 110.39 58.26 34.36
CA ARG UB 336 110.27 58.77 35.73
C ARG UB 336 110.67 57.73 36.76
N ARG UB 337 111.69 56.93 36.47
CA ARG UB 337 112.25 56.01 37.45
C ARG UB 337 113.50 56.61 38.09
N THR UB 338 113.26 57.68 38.85
CA THR UB 338 114.34 58.53 39.33
C THR UB 338 115.20 57.83 40.38
N GLU UB 339 114.62 56.93 41.17
CA GLU UB 339 115.43 56.20 42.14
C GLU UB 339 116.41 55.25 41.45
N GLU UB 340 115.96 54.55 40.42
CA GLU UB 340 116.88 53.72 39.64
C GLU UB 340 117.93 54.57 38.92
N ALA UB 341 117.53 55.75 38.42
CA ALA UB 341 118.49 56.63 37.77
C ALA UB 341 119.57 57.11 38.74
N MET UB 342 119.18 57.49 39.96
CA MET UB 342 120.16 57.92 40.95
C MET UB 342 121.02 56.77 41.45
N THR UB 343 120.45 55.56 41.53
CA THR UB 343 121.24 54.39 41.90
C THR UB 343 122.29 54.07 40.83
N LEU UB 344 121.94 54.23 39.55
CA LEU UB 344 122.94 54.06 38.50
C LEU UB 344 123.96 55.20 38.52
N PHE UB 345 123.52 56.41 38.88
CA PHE UB 345 124.43 57.56 38.93
C PHE UB 345 125.46 57.40 40.04
N GLY UB 346 125.06 56.85 41.18
CA GLY UB 346 125.97 56.71 42.29
C GLY UB 346 127.01 55.62 42.15
N ARG UB 347 126.95 54.84 41.08
CA ARG UB 347 127.89 53.75 40.84
C ARG UB 347 128.66 53.92 39.53
N MET UB 348 128.76 55.15 39.02
CA MET UB 348 129.44 55.37 37.76
C MET UB 348 130.95 55.35 37.90
N GLY UB 349 131.49 55.52 39.11
CA GLY UB 349 132.91 55.45 39.33
C GLY UB 349 133.48 54.05 39.43
N GLU UB 350 132.62 53.04 39.54
CA GLU UB 350 133.09 51.66 39.60
C GLU UB 350 133.58 51.19 38.24
N TRP UB 351 132.83 51.48 37.19
CA TRP UB 351 133.22 51.08 35.83
C TRP UB 351 134.23 52.03 35.20
N GLY UB 352 134.73 53.01 35.94
CA GLY UB 352 135.71 53.94 35.44
C GLY UB 352 135.15 55.18 34.80
N CYS UB 353 133.84 55.25 34.61
CA CYS UB 353 133.24 56.35 33.89
C CYS UB 353 133.10 57.58 34.77
N GLN UB 354 132.99 58.74 34.14
CA GLN UB 354 132.84 59.99 34.86
C GLN UB 354 131.61 60.74 34.38
N PRO UB 355 130.82 61.31 35.28
CA PRO UB 355 129.61 62.02 34.86
C PRO UB 355 129.94 63.30 34.12
N ASP UB 356 129.14 63.62 33.11
CA ASP UB 356 129.32 64.82 32.33
C ASP UB 356 128.13 65.75 32.52
N ALA UB 357 128.22 66.92 31.87
CA ALA UB 357 127.23 67.98 32.07
C ALA UB 357 125.85 67.57 31.58
N GLU UB 358 125.79 66.72 30.55
CA GLU UB 358 124.50 66.17 30.13
C GLU UB 358 123.88 65.36 31.23
N THR UB 359 124.65 64.47 31.87
CA THR UB 359 124.13 63.64 32.95
C THR UB 359 123.66 64.49 34.12
N TYR UB 360 124.45 65.50 34.48
CA TYR UB 360 124.06 66.38 35.60
C TYR UB 360 122.80 67.15 35.29
N LEU UB 361 122.69 67.75 34.10
CA LEU UB 361 121.50 68.50 33.74
C LEU UB 361 120.25 67.62 33.69
N VAL UB 362 120.40 66.42 33.13
CA VAL UB 362 119.30 65.48 33.05
C VAL UB 362 118.81 65.08 34.44
N LEU UB 363 119.73 64.81 35.36
CA LEU UB 363 119.31 64.44 36.71
C LEU UB 363 118.71 65.60 37.47
N ILE UB 364 119.22 66.81 37.26
CA ILE UB 364 118.66 67.99 37.90
C ILE UB 364 117.22 68.21 37.44
N ARG UB 365 116.97 68.10 36.14
CA ARG UB 365 115.61 68.20 35.62
C ARG UB 365 114.71 67.09 36.14
N SER UB 366 115.22 65.86 36.23
CA SER UB 366 114.40 64.75 36.72
C SER UB 366 114.01 64.93 38.18
N LEU UB 367 114.96 65.33 39.02
CA LEU UB 367 114.65 65.55 40.42
C LEU UB 367 113.73 66.75 40.62
N TYR UB 368 113.84 67.76 39.77
CA TYR UB 368 112.91 68.88 39.90
C TYR UB 368 111.51 68.51 39.45
N GLN UB 369 111.39 67.64 38.45
CA GLN UB 369 110.06 67.16 38.09
C GLN UB 369 109.49 66.24 39.17
N ALA UB 370 110.35 65.52 39.88
CA ALA UB 370 109.92 64.69 40.99
C ALA UB 370 109.81 65.44 42.31
N ALA UB 371 110.06 66.76 42.28
CA ALA UB 371 109.87 67.68 43.41
C ALA UB 371 110.79 67.36 44.58
N ARG UB 372 111.98 66.83 44.28
CA ARG UB 372 113.01 66.61 45.29
C ARG UB 372 113.95 67.80 45.23
N ILE UB 373 113.52 68.89 45.88
CA ILE UB 373 114.18 70.19 45.72
C ILE UB 373 115.56 70.19 46.37
N GLY UB 374 115.71 69.56 47.54
CA GLY UB 374 117.00 69.58 48.22
C GLY UB 374 118.06 68.81 47.45
N GLU UB 375 117.69 67.64 46.94
CA GLU UB 375 118.61 66.85 46.16
C GLU UB 375 118.92 67.47 44.82
N GLY UB 376 117.96 68.16 44.20
CA GLY UB 376 118.28 68.87 42.98
C GLY UB 376 119.22 70.04 43.21
N ASP UB 377 119.02 70.78 44.31
CA ASP UB 377 119.95 71.85 44.65
C ASP UB 377 121.35 71.31 44.91
N GLU UB 378 121.44 70.20 45.64
CA GLU UB 378 122.75 69.63 45.95
C GLU UB 378 123.40 69.06 44.70
N MET UB 379 122.62 68.53 43.76
CA MET UB 379 123.16 68.13 42.47
C MET UB 379 123.65 69.32 41.65
N ILE UB 380 122.96 70.46 41.73
CA ILE UB 380 123.47 71.69 41.09
C ILE UB 380 124.83 72.07 41.65
N ASP UB 381 124.96 72.02 42.98
CA ASP UB 381 126.23 72.36 43.61
C ASP UB 381 127.33 71.36 43.29
N LYS UB 382 126.99 70.07 43.18
CA LYS UB 382 127.98 69.09 42.77
C LYS UB 382 128.43 69.32 41.33
N MET UB 383 127.52 69.72 40.45
CA MET UB 383 127.92 70.04 39.08
C MET UB 383 128.77 71.30 39.04
N LYS UB 384 128.53 72.23 39.97
CA LYS UB 384 129.43 73.38 40.10
C LYS UB 384 130.82 72.94 40.49
N SER UB 385 130.94 72.15 41.56
CA SER UB 385 132.24 71.73 42.06
C SER UB 385 132.94 70.72 41.15
N ALA UB 386 132.21 70.11 40.21
CA ALA UB 386 132.80 69.19 39.25
C ALA UB 386 133.39 69.89 38.04
N GLY UB 387 133.30 71.22 37.98
CA GLY UB 387 133.89 71.93 36.86
C GLY UB 387 133.05 71.96 35.61
N TYR UB 388 131.73 71.93 35.75
CA TYR UB 388 130.82 72.01 34.61
C TYR UB 388 129.90 73.22 34.70
N GLY UB 389 130.20 74.17 35.59
CA GLY UB 389 129.29 75.27 35.86
C GLY UB 389 129.12 76.27 34.74
N GLU UB 390 129.98 76.22 33.73
CA GLU UB 390 129.84 77.11 32.58
C GLU UB 390 128.65 76.75 31.70
N LEU UB 391 128.05 75.57 31.93
CA LEU UB 391 126.94 75.11 31.11
C LEU UB 391 125.62 75.73 31.51
N LEU UB 392 125.48 76.16 32.76
CA LEU UB 392 124.24 76.79 33.23
C LEU UB 392 124.13 78.18 32.64
N ASN UB 393 123.55 78.25 31.44
CA ASN UB 393 123.20 79.54 30.86
C ASN UB 393 121.80 79.91 31.34
N LYS UB 394 121.21 80.95 30.76
CA LYS UB 394 119.87 81.36 31.16
C LYS UB 394 118.80 80.36 30.74
N LYS UB 395 119.07 79.58 29.69
CA LYS UB 395 118.06 78.67 29.14
C LYS UB 395 117.73 77.55 30.13
N GLU UB 396 118.75 76.93 30.71
CA GLU UB 396 118.51 75.80 31.61
C GLU UB 396 117.92 76.27 32.93
N TYR UB 397 118.30 77.46 33.40
CA TYR UB 397 117.65 78.01 34.57
C TYR UB 397 116.19 78.34 34.29
N TYR UB 398 115.88 78.80 33.07
CA TYR UB 398 114.49 79.00 32.69
C TYR UB 398 113.73 77.67 32.64
N GLY UB 399 114.40 76.60 32.21
CA GLY UB 399 113.77 75.29 32.24
C GLY UB 399 113.46 74.81 33.65
N PHE UB 400 114.40 75.04 34.57
CA PHE UB 400 114.17 74.68 35.97
C PHE UB 400 113.02 75.50 36.55
N LEU UB 401 112.98 76.79 36.24
CA LEU UB 401 111.88 77.64 36.71
C LEU UB 401 110.55 77.20 36.14
N LYS UB 402 110.51 76.79 34.86
CA LYS UB 402 109.27 76.30 34.27
C LYS UB 402 108.81 75.00 34.94
N ILE UB 403 109.73 74.10 35.23
CA ILE UB 403 109.38 72.86 35.93
C ILE UB 403 108.81 73.15 37.31
N LEU UB 404 109.49 74.02 38.08
CA LEU UB 404 109.04 74.30 39.44
C LEU UB 404 107.71 75.04 39.46
N CYS UB 405 107.51 75.98 38.54
CA CYS UB 405 106.23 76.68 38.49
C CYS UB 405 105.12 75.79 37.98
N GLY UB 406 105.41 74.80 37.13
CA GLY UB 406 104.40 73.85 36.72
C GLY UB 406 104.03 72.84 37.78
N ILE UB 407 104.92 72.59 38.74
CA ILE UB 407 104.55 71.71 39.85
C ILE UB 407 104.32 72.49 41.14
N GLU UB 408 104.19 73.82 41.04
CA GLU UB 408 103.70 74.68 42.13
C GLU UB 408 104.62 74.65 43.36
N ARG UB 409 105.85 75.09 43.16
CA ARG UB 409 106.87 75.15 44.19
C ARG UB 409 107.50 76.54 44.21
N LEU UB 410 106.65 77.56 44.30
CA LEU UB 410 107.03 78.94 44.01
C LEU UB 410 108.09 79.49 44.97
N GLU UB 411 108.10 79.06 46.23
CA GLU UB 411 109.12 79.52 47.17
C GLU UB 411 110.51 79.04 46.77
N HIS UB 412 110.64 77.75 46.43
CA HIS UB 412 111.89 77.26 45.91
C HIS UB 412 112.19 77.81 44.53
N ALA UB 413 111.17 78.16 43.76
CA ALA UB 413 111.40 78.81 42.47
C ALA UB 413 112.06 80.17 42.66
N MET UB 414 111.61 80.95 43.64
CA MET UB 414 112.26 82.22 43.91
C MET UB 414 113.63 82.05 44.56
N SER UB 415 113.83 80.97 45.33
CA SER UB 415 115.18 80.68 45.83
C SER UB 415 116.14 80.38 44.69
N VAL UB 416 115.70 79.57 43.73
CA VAL UB 416 116.51 79.28 42.54
C VAL UB 416 116.70 80.55 41.72
N PHE UB 417 115.71 81.44 41.73
CA PHE UB 417 115.83 82.72 41.05
C PHE UB 417 116.90 83.60 41.67
N LYS UB 418 116.97 83.65 43.00
CA LYS UB 418 118.03 84.40 43.67
C LYS UB 418 119.40 83.79 43.38
N SER UB 419 119.46 82.45 43.36
CA SER UB 419 120.70 81.77 42.96
C SER UB 419 121.12 82.13 41.55
N MET UB 420 120.16 82.23 40.64
CA MET UB 420 120.43 82.61 39.26
C MET UB 420 120.89 84.06 39.16
N LYS UB 421 120.30 84.95 39.96
CA LYS UB 421 120.74 86.35 39.97
C LYS UB 421 122.16 86.49 40.48
N ALA UB 422 122.49 85.81 41.59
CA ALA UB 422 123.84 85.92 42.14
C ALA UB 422 124.85 85.04 41.42
N ASN UB 423 124.40 84.20 40.49
CA ASN UB 423 125.34 83.48 39.62
C ASN UB 423 126.07 84.45 38.70
N GLY UB 424 125.43 85.56 38.35
CA GLY UB 424 125.95 86.49 37.36
C GLY UB 424 125.22 86.43 36.04
N CYS UB 425 124.44 85.39 35.80
CA CYS UB 425 123.64 85.33 34.58
C CYS UB 425 122.51 86.35 34.64
N LYS UB 426 122.21 86.96 33.48
CA LYS UB 426 121.15 87.96 33.53
C LYS UB 426 119.86 87.40 32.98
N PRO UB 427 118.72 87.72 33.57
CA PRO UB 427 117.44 87.27 33.02
C PRO UB 427 116.88 88.27 32.01
N GLY UB 428 116.13 87.73 31.05
CA GLY UB 428 115.42 88.52 30.07
C GLY UB 428 113.96 88.70 30.44
N ILE UB 429 113.16 89.06 29.43
CA ILE UB 429 111.75 89.35 29.69
C ILE UB 429 110.97 88.08 30.02
N LYS UB 430 111.41 86.93 29.52
CA LYS UB 430 110.65 85.69 29.65
C LYS UB 430 110.61 85.16 31.08
N THR UB 431 111.73 85.28 31.82
CA THR UB 431 111.76 84.83 33.20
C THR UB 431 110.81 85.63 34.08
N TYR UB 432 110.84 86.95 33.93
CA TYR UB 432 109.91 87.78 34.69
C TYR UB 432 108.48 87.57 34.24
N ASP UB 433 108.27 87.29 32.95
CA ASP UB 433 106.94 86.94 32.48
C ASP UB 433 106.41 85.68 33.14
N LEU UB 434 107.25 84.65 33.23
CA LEU UB 434 106.83 83.40 33.88
C LEU UB 434 106.53 83.60 35.35
N LEU UB 435 107.43 84.29 36.07
CA LEU UB 435 107.26 84.44 37.51
C LEU UB 435 106.05 85.32 37.83
N MET UB 436 105.86 86.41 37.10
CA MET UB 436 104.70 87.26 37.33
C MET UB 436 103.40 86.60 36.89
N GLY UB 437 103.41 85.79 35.84
CA GLY UB 437 102.22 85.06 35.48
C GLY UB 437 101.81 84.06 36.55
N LYS UB 438 102.79 83.33 37.10
CA LYS UB 438 102.49 82.39 38.17
C LYS UB 438 102.00 83.10 39.43
N MET UB 439 102.64 84.22 39.79
CA MET UB 439 102.25 84.91 41.02
C MET UB 439 100.92 85.62 40.88
N CYS UB 440 100.55 86.02 39.66
CA CYS UB 440 99.20 86.54 39.46
C CYS UB 440 98.18 85.42 39.44
N ALA UB 441 98.54 84.24 38.93
CA ALA UB 441 97.60 83.13 38.92
C ALA UB 441 97.36 82.57 40.32
N ASN UB 442 98.33 82.73 41.21
CA ASN UB 442 98.14 82.34 42.61
C ASN UB 442 97.43 83.40 43.44
N ASN UB 443 96.86 84.41 42.78
CA ASN UB 443 96.14 85.52 43.42
C ASN UB 443 97.01 86.26 44.42
N GLN UB 444 98.17 86.74 43.94
CA GLN UB 444 99.11 87.53 44.72
C GLN UB 444 99.65 88.63 43.80
N LEU UB 445 99.01 89.80 43.85
CA LEU UB 445 99.34 90.88 42.93
C LEU UB 445 100.44 91.79 43.44
N THR UB 446 100.62 91.90 44.76
CA THR UB 446 101.59 92.84 45.29
C THR UB 446 103.02 92.40 45.04
N ARG UB 447 103.32 91.11 45.19
CA ARG UB 447 104.65 90.63 44.87
C ARG UB 447 104.90 90.67 43.37
N ALA UB 448 103.84 90.53 42.57
CA ALA UB 448 103.99 90.72 41.13
C ALA UB 448 104.36 92.15 40.79
N ASN UB 449 103.74 93.12 41.47
CA ASN UB 449 104.11 94.51 41.27
C ASN UB 449 105.52 94.79 41.77
N GLY UB 450 105.91 94.15 42.88
CA GLY UB 450 107.28 94.27 43.36
C GLY UB 450 108.31 93.74 42.38
N LEU UB 451 108.01 92.60 41.75
CA LEU UB 451 108.89 92.06 40.71
C LEU UB 451 108.90 92.95 39.48
N TYR UB 452 107.76 93.56 39.12
CA TYR UB 452 107.71 94.51 38.02
C TYR UB 452 108.60 95.71 38.28
N LYS UB 453 108.54 96.25 39.49
CA LYS UB 453 109.39 97.39 39.83
C LYS UB 453 110.85 96.98 39.93
N GLU UB 454 111.13 95.76 40.38
CA GLU UB 454 112.51 95.29 40.38
C GLU UB 454 113.07 95.15 38.98
N ALA UB 455 112.26 94.65 38.04
CA ALA UB 455 112.68 94.57 36.65
C ALA UB 455 112.89 95.96 36.05
N ALA UB 456 112.02 96.90 36.40
CA ALA UB 456 112.21 98.29 35.96
C ALA UB 456 113.49 98.90 36.53
N LYS UB 457 113.83 98.57 37.77
CA LYS UB 457 115.05 99.07 38.37
C LYS UB 457 116.29 98.45 37.73
N LYS UB 458 116.25 97.15 37.44
CA LYS UB 458 117.40 96.52 36.78
C LYS UB 458 117.54 96.94 35.34
N GLY UB 459 116.44 97.34 34.69
CA GLY UB 459 116.54 97.81 33.33
C GLY UB 459 116.30 96.74 32.28
N ILE UB 460 115.18 96.05 32.41
CA ILE UB 460 114.71 95.10 31.41
C ILE UB 460 113.43 95.67 30.82
N ALA UB 461 113.32 95.63 29.49
CA ALA UB 461 112.18 96.19 28.78
C ALA UB 461 110.91 95.46 29.18
N VAL UB 462 110.01 96.17 29.87
CA VAL UB 462 108.85 95.55 30.47
C VAL UB 462 107.63 96.41 30.16
N SER UB 463 106.46 95.79 30.19
CA SER UB 463 105.20 96.43 29.85
C SER UB 463 104.11 95.86 30.76
N PRO UB 464 103.09 96.65 31.08
CA PRO UB 464 101.94 96.08 31.81
C PRO UB 464 101.19 95.10 30.93
N LYS UB 465 100.58 94.10 31.58
CA LYS UB 465 99.98 92.99 30.85
C LYS UB 465 98.85 92.40 31.68
N GLU UB 466 97.95 91.68 31.00
CA GLU UB 466 96.80 91.05 31.63
C GLU UB 466 97.11 89.59 31.94
N TYR UB 467 97.02 89.23 33.21
CA TYR UB 467 97.21 87.85 33.65
C TYR UB 467 95.93 87.41 34.34
N ARG UB 468 95.42 86.24 33.97
CA ARG UB 468 94.19 85.74 34.57
C ARG UB 468 94.51 84.94 35.82
N VAL UB 469 93.68 85.11 36.83
CA VAL UB 469 93.83 84.43 38.11
C VAL UB 469 93.23 83.04 38.01
N ASP UB 470 93.91 82.05 38.59
CA ASP UB 470 93.37 80.70 38.65
C ASP UB 470 92.14 80.68 39.55
N PRO UB 471 90.98 80.20 39.07
CA PRO UB 471 89.75 80.21 39.87
C PRO UB 471 89.69 79.16 40.98
N ARG UB 472 90.76 79.05 41.73
CA ARG UB 472 90.83 78.25 42.95
C ARG UB 472 91.39 79.04 44.13
N PHE UB 473 92.38 79.89 43.89
CA PHE UB 473 93.00 80.69 44.94
C PHE UB 473 92.14 81.86 45.38
N MET UB 474 91.07 82.16 44.64
CA MET UB 474 90.10 83.14 45.10
C MET UB 474 89.36 82.61 46.32
N LYS UB 475 89.03 83.51 47.23
CA LYS UB 475 88.17 83.16 48.35
C LYS UB 475 86.72 83.06 47.87
N LYS UB 476 85.97 82.13 48.47
CA LYS UB 476 84.61 81.88 48.03
C LYS UB 476 83.67 83.03 48.40
N ARG UB 488 67.21 70.06 61.69
CA ARG UB 488 66.15 69.06 61.76
C ARG UB 488 66.70 67.67 61.46
N GLU UB 489 66.15 66.66 62.12
CA GLU UB 489 66.58 65.29 61.88
C GLU UB 489 65.60 64.58 60.96
N THR UB 490 66.14 63.87 59.99
CA THR UB 490 65.31 63.10 59.09
C THR UB 490 64.88 61.79 59.75
N LEU UB 491 63.92 61.12 59.12
CA LEU UB 491 63.47 59.83 59.62
C LEU UB 491 64.54 58.74 59.62
N PRO UB 492 65.42 58.58 58.61
CA PRO UB 492 66.52 57.62 58.77
C PRO UB 492 67.45 57.94 59.94
N GLU UB 493 67.72 59.21 60.21
CA GLU UB 493 68.54 59.57 61.35
C GLU UB 493 67.87 59.24 62.67
N LYS UB 494 66.56 59.49 62.78
CA LYS UB 494 65.85 59.12 64.00
C LYS UB 494 65.80 57.61 64.18
N THR UB 495 65.65 56.86 63.09
CA THR UB 495 65.63 55.41 63.18
C THR UB 495 67.00 54.85 63.61
N ALA UB 496 68.08 55.39 63.05
CA ALA UB 496 69.41 54.96 63.48
C ALA UB 496 69.68 55.30 64.94
N ARG UB 497 69.26 56.49 65.40
CA ARG UB 497 69.41 56.85 66.79
C ARG UB 497 68.62 55.92 67.70
N LYS UB 498 67.38 55.58 67.32
CA LYS UB 498 66.57 54.67 68.13
C LYS UB 498 67.19 53.28 68.18
N LYS UB 499 67.74 52.81 67.06
CA LYS UB 499 68.37 51.50 67.01
C LYS UB 499 69.61 51.44 67.91
N LYS UB 500 70.42 52.49 67.88
CA LYS UB 500 71.59 52.54 68.76
C LYS UB 500 71.17 52.58 70.23
N ARG UB 501 70.11 53.31 70.56
CA ARG UB 501 69.62 53.30 71.93
C ARG UB 501 69.10 51.93 72.35
N LEU UB 502 68.45 51.21 71.42
CA LEU UB 502 67.96 49.88 71.72
C LEU UB 502 69.10 48.91 72.00
N LYS UB 503 70.21 49.03 71.27
CA LYS UB 503 71.39 48.21 71.60
C LYS UB 503 71.97 48.60 72.95
N GLN UB 504 72.05 49.90 73.22
CA GLN UB 504 72.67 50.38 74.46
C GLN UB 504 71.86 49.98 75.69
N ILE UB 505 70.55 49.83 75.55
CA ILE UB 505 69.71 49.39 76.67
C ILE UB 505 69.97 47.92 76.98
N ASN UB 506 70.12 47.09 75.94
CA ASN UB 506 70.44 45.68 76.15
C ASN UB 506 71.83 45.50 76.76
N MET UB 507 72.77 46.37 76.41
CA MET UB 507 74.11 46.26 76.97
C MET UB 507 74.26 46.86 78.36
N SER UB 508 73.17 47.16 79.05
CA SER UB 508 73.25 47.77 80.38
C SER UB 508 72.98 46.80 81.51
N PHE UB 509 72.74 45.53 81.22
CA PHE UB 509 72.38 44.55 82.23
C PHE UB 509 73.52 43.57 82.45
N VAL UB 510 73.43 42.83 83.56
CA VAL UB 510 74.46 41.87 83.91
C VAL UB 510 74.33 40.66 83.00
N LYS UB 511 75.42 40.28 82.35
CA LYS UB 511 75.41 39.16 81.42
C LYS UB 511 75.24 37.85 82.17
N LYS UB 512 74.37 36.98 81.65
CA LYS UB 512 74.19 35.66 82.22
C LYS UB 512 75.31 34.74 81.75
N PRO UB 513 76.16 34.22 82.63
CA PRO UB 513 77.13 33.22 82.20
C PRO UB 513 76.45 31.92 81.84
N HIS UB 514 76.99 31.25 80.83
CA HIS UB 514 76.41 30.02 80.34
C HIS UB 514 77.46 29.11 79.73
N GLY VB 1 14.83 7.01 43.87
CA GLY VB 1 14.42 6.37 45.11
C GLY VB 1 15.53 6.30 46.13
N VAL VB 2 15.57 5.21 46.89
CA VAL VB 2 16.64 5.00 47.85
C VAL VB 2 17.78 4.25 47.17
N ALA VB 3 19.02 4.63 47.49
CA ALA VB 3 20.18 4.04 46.84
C ALA VB 3 21.37 4.06 47.79
N ALA VB 4 22.05 2.93 47.90
CA ALA VB 4 23.24 2.84 48.74
C ALA VB 4 24.48 3.26 47.98
N VAL ZB 82 -109.61 -66.38 -47.39
CA VAL ZB 82 -108.27 -65.90 -47.06
C VAL ZB 82 -108.35 -64.49 -46.47
N GLY ZB 83 -107.91 -64.34 -45.23
CA GLY ZB 83 -108.01 -63.06 -44.55
C GLY ZB 83 -106.76 -62.21 -44.80
N ASN ZB 84 -106.92 -60.92 -44.52
CA ASN ZB 84 -105.92 -59.90 -44.84
C ASN ZB 84 -104.55 -60.17 -44.21
N LYS ZB 85 -104.51 -60.86 -43.06
CA LYS ZB 85 -103.22 -61.19 -42.46
C LYS ZB 85 -102.45 -62.19 -43.31
N GLU ZB 86 -103.16 -63.03 -44.08
CA GLU ZB 86 -102.50 -63.87 -45.07
C GLU ZB 86 -102.35 -63.19 -46.41
N LEU ZB 87 -103.20 -62.20 -46.73
CA LEU ZB 87 -102.97 -61.33 -47.88
C LEU ZB 87 -101.70 -60.48 -47.74
N LYS ZB 88 -101.23 -60.28 -46.52
CA LYS ZB 88 -99.98 -59.54 -46.29
C LYS ZB 88 -98.77 -60.22 -46.93
N ALA ZB 89 -98.68 -61.55 -46.81
CA ALA ZB 89 -97.43 -62.25 -47.16
C ALA ZB 89 -97.19 -62.24 -48.66
N ARG ZB 90 -98.25 -62.43 -49.46
CA ARG ZB 90 -98.11 -62.47 -50.91
C ARG ZB 90 -97.61 -61.13 -51.45
N ILE ZB 91 -98.21 -60.05 -50.97
CA ILE ZB 91 -97.81 -58.74 -51.44
C ILE ZB 91 -96.44 -58.36 -50.87
N GLU ZB 92 -96.05 -58.92 -49.71
CA GLU ZB 92 -94.71 -58.70 -49.19
C GLU ZB 92 -93.65 -59.34 -50.07
N LYS ZB 93 -93.85 -60.62 -50.42
CA LYS ZB 93 -92.92 -61.31 -51.32
C LYS ZB 93 -92.88 -60.63 -52.69
N TYR ZB 94 -94.06 -60.24 -53.20
CA TYR ZB 94 -94.10 -59.58 -54.50
C TYR ZB 94 -93.38 -58.24 -54.47
N PHE ZB 95 -93.43 -57.52 -53.34
CA PHE ZB 95 -92.70 -56.28 -53.22
C PHE ZB 95 -91.19 -56.49 -53.15
N ASN ZB 96 -90.74 -57.43 -52.32
CA ASN ZB 96 -89.30 -57.53 -52.12
C ASN ZB 96 -88.70 -58.86 -52.55
N GLU ZB 97 -89.09 -59.36 -53.70
CA GLU ZB 97 -88.14 -60.28 -54.32
C GLU ZB 97 -87.71 -59.84 -55.71
N GLY ZB 98 -88.63 -59.34 -56.52
CA GLY ZB 98 -88.34 -59.01 -57.90
C GLY ZB 98 -88.85 -60.01 -58.91
N ASN ZB 99 -89.43 -61.12 -58.47
CA ASN ZB 99 -90.06 -62.10 -59.35
C ASN ZB 99 -91.57 -61.95 -59.29
N GLU ZB 100 -92.22 -62.05 -60.44
CA GLU ZB 100 -93.63 -61.64 -60.61
C GLU ZB 100 -94.55 -62.85 -60.55
N ASP ZB 101 -94.57 -63.47 -59.38
CA ASP ZB 101 -95.29 -64.73 -59.37
C ASP ZB 101 -96.50 -64.76 -58.45
N ALA ZB 102 -96.48 -64.05 -57.33
CA ALA ZB 102 -97.56 -64.15 -56.36
C ALA ZB 102 -98.74 -63.23 -56.67
N LEU ZB 103 -98.60 -62.32 -57.62
CA LEU ZB 103 -99.68 -61.38 -57.90
C LEU ZB 103 -100.94 -61.99 -58.55
N PRO ZB 104 -100.90 -63.12 -59.29
CA PRO ZB 104 -102.16 -63.83 -59.52
C PRO ZB 104 -102.84 -64.26 -58.23
N GLY ZB 105 -102.07 -64.68 -57.22
CA GLY ZB 105 -102.64 -64.89 -55.91
C GLY ZB 105 -103.19 -63.64 -55.27
N ILE ZB 106 -102.54 -62.49 -55.51
CA ILE ZB 106 -103.03 -61.22 -54.96
C ILE ZB 106 -104.38 -60.84 -55.57
N ILE ZB 107 -104.49 -60.86 -56.89
CA ILE ZB 107 -105.76 -60.52 -57.53
C ILE ZB 107 -106.81 -61.59 -57.23
N GLU ZB 108 -106.39 -62.86 -57.08
CA GLU ZB 108 -107.31 -63.92 -56.66
C GLU ZB 108 -107.90 -63.64 -55.30
N ALA ZB 109 -107.04 -63.27 -54.34
CA ALA ZB 109 -107.49 -63.05 -52.97
C ALA ZB 109 -108.45 -61.87 -52.91
N LEU ZB 110 -108.11 -60.78 -53.58
CA LEU ZB 110 -109.00 -59.62 -53.51
C LEU ZB 110 -110.27 -59.82 -54.34
N LEU ZB 111 -110.23 -60.62 -55.41
CA LEU ZB 111 -111.45 -60.98 -56.11
C LEU ZB 111 -112.36 -61.78 -55.20
N GLN ZB 112 -111.79 -62.75 -54.48
CA GLN ZB 112 -112.58 -63.55 -53.54
C GLN ZB 112 -113.18 -62.68 -52.44
N ARG ZB 113 -112.43 -61.71 -51.93
CA ARG ZB 113 -113.00 -60.84 -50.91
C ARG ZB 113 -113.95 -59.79 -51.46
N ARG ZB 114 -113.84 -59.45 -52.75
CA ARG ZB 114 -114.91 -58.69 -53.41
C ARG ZB 114 -116.20 -59.50 -53.43
N LEU ZB 115 -116.08 -60.80 -53.69
CA LEU ZB 115 -117.26 -61.66 -53.66
C LEU ZB 115 -117.83 -61.81 -52.26
N ALA ZB 116 -116.96 -61.90 -51.25
CA ALA ZB 116 -117.40 -62.10 -49.88
C ALA ZB 116 -118.07 -60.84 -49.34
N ASP ZB 117 -117.50 -59.66 -49.64
CA ASP ZB 117 -118.00 -58.34 -49.23
C ASP ZB 117 -118.06 -58.18 -47.71
N LYS ZB 118 -117.26 -58.96 -46.98
CA LYS ZB 118 -117.17 -58.84 -45.53
C LYS ZB 118 -116.06 -57.89 -45.09
N HIS ZB 119 -114.88 -58.01 -45.70
CA HIS ZB 119 -113.81 -57.05 -45.46
C HIS ZB 119 -113.80 -55.95 -46.51
N ALA ZB 120 -114.96 -55.31 -46.70
CA ALA ZB 120 -115.05 -54.16 -47.58
C ALA ZB 120 -114.49 -52.89 -46.95
N ASP ZB 121 -114.42 -52.83 -45.62
CA ASP ZB 121 -113.80 -51.71 -44.92
C ASP ZB 121 -112.29 -51.73 -45.01
N THR ZB 122 -111.71 -52.81 -45.52
CA THR ZB 122 -110.27 -52.88 -45.60
C THR ZB 122 -109.75 -52.42 -46.96
N ASP ZB 123 -110.46 -52.75 -48.05
CA ASP ZB 123 -109.97 -52.49 -49.40
C ASP ZB 123 -109.81 -51.00 -49.71
N ASP ZB 124 -110.70 -50.15 -49.19
CA ASP ZB 124 -110.53 -48.71 -49.37
C ASP ZB 124 -109.29 -48.20 -48.65
N GLU ZB 125 -108.97 -48.76 -47.49
CA GLU ZB 125 -107.73 -48.40 -46.83
C GLU ZB 125 -106.50 -48.99 -47.50
N VAL ZB 126 -106.65 -50.14 -48.17
CA VAL ZB 126 -105.61 -50.60 -49.07
C VAL ZB 126 -105.34 -49.59 -50.19
N MET ZB 127 -106.40 -49.06 -50.79
CA MET ZB 127 -106.26 -48.01 -51.79
C MET ZB 127 -105.59 -46.76 -51.22
N ASP ZB 128 -105.99 -46.34 -50.03
CA ASP ZB 128 -105.40 -45.15 -49.41
C ASP ZB 128 -103.92 -45.36 -49.09
N SER ZB 129 -103.56 -46.51 -48.50
CA SER ZB 129 -102.17 -46.79 -48.15
C SER ZB 129 -101.30 -46.90 -49.39
N LEU ZB 130 -101.80 -47.55 -50.44
CA LEU ZB 130 -100.99 -47.70 -51.66
C LEU ZB 130 -100.89 -46.36 -52.41
N GLN ZB 131 -101.89 -45.48 -52.28
CA GLN ZB 131 -101.80 -44.21 -52.97
C GLN ZB 131 -101.03 -43.14 -52.20
N ASN ZB 132 -100.94 -43.23 -50.87
CA ASN ZB 132 -100.48 -42.09 -50.07
C ASN ZB 132 -99.14 -42.30 -49.39
N GLN ZB 133 -98.83 -43.50 -48.92
CA GLN ZB 133 -97.68 -43.68 -48.04
C GLN ZB 133 -96.38 -43.65 -48.84
N PRO ZB 134 -95.35 -42.94 -48.38
CA PRO ZB 134 -94.15 -42.74 -49.19
C PRO ZB 134 -93.28 -43.99 -49.26
N PHE ZB 135 -92.37 -43.97 -50.23
CA PHE ZB 135 -91.46 -45.07 -50.53
C PHE ZB 135 -90.02 -44.57 -50.42
N LYS ZB 136 -89.07 -45.44 -50.75
CA LYS ZB 136 -87.65 -45.12 -50.66
C LYS ZB 136 -87.23 -44.46 -51.96
N ASP ZB 137 -87.41 -43.14 -52.02
CA ASP ZB 137 -87.14 -42.36 -53.23
C ASP ZB 137 -85.73 -41.74 -53.15
N ASP ZB 138 -84.73 -42.61 -53.19
CA ASP ZB 138 -83.35 -42.16 -53.19
C ASP ZB 138 -82.82 -42.11 -54.63
N VAL ZB 139 -81.95 -41.15 -54.87
CA VAL ZB 139 -81.27 -41.02 -56.15
C VAL ZB 139 -79.77 -40.92 -55.89
N LYS ZB 140 -79.01 -41.88 -56.40
CA LYS ZB 140 -77.57 -41.81 -56.28
C LYS ZB 140 -77.03 -40.72 -57.20
N ASP ZB 141 -75.84 -40.21 -56.87
CA ASP ZB 141 -75.36 -38.99 -57.50
C ASP ZB 141 -74.92 -39.22 -58.95
N GLU ZB 142 -74.46 -40.42 -59.29
CA GLU ZB 142 -74.13 -40.70 -60.68
C GLU ZB 142 -75.39 -40.70 -61.55
N ASP ZB 143 -76.50 -41.22 -61.01
CA ASP ZB 143 -77.78 -41.12 -61.69
C ASP ZB 143 -78.35 -39.72 -61.65
N PHE ZB 144 -77.95 -38.92 -60.67
CA PHE ZB 144 -78.36 -37.52 -60.61
C PHE ZB 144 -77.64 -36.69 -61.65
N GLU ZB 145 -76.39 -37.04 -61.94
CA GLU ZB 145 -75.65 -36.27 -62.92
C GLU ZB 145 -75.78 -36.81 -64.33
N SER ZB 146 -76.02 -38.11 -64.54
CA SER ZB 146 -75.97 -38.65 -65.90
C SER ZB 146 -77.14 -38.17 -66.75
N ASP ZB 147 -78.30 -37.94 -66.16
CA ASP ZB 147 -79.46 -37.45 -66.89
C ASP ZB 147 -79.42 -35.95 -67.14
N PHE ZB 148 -78.67 -35.21 -66.34
CA PHE ZB 148 -78.64 -33.75 -66.46
C PHE ZB 148 -78.03 -33.29 -67.78
N GLU ZB 149 -76.92 -33.91 -68.22
CA GLU ZB 149 -76.30 -33.44 -69.46
C GLU ZB 149 -77.03 -33.95 -70.69
N GLU ZB 150 -77.80 -35.03 -70.59
CA GLU ZB 150 -78.65 -35.38 -71.71
C GLU ZB 150 -79.98 -34.64 -71.67
N ALA ZB 151 -80.31 -34.01 -70.56
CA ALA ZB 151 -81.51 -33.18 -70.51
C ALA ZB 151 -81.25 -31.75 -70.95
N HIS ZB 152 -80.05 -31.22 -70.73
CA HIS ZB 152 -79.75 -29.84 -71.10
C HIS ZB 152 -78.57 -29.78 -72.06
N SER ZB 153 -78.59 -28.80 -72.96
CA SER ZB 153 -77.50 -28.57 -73.88
C SER ZB 153 -76.65 -27.38 -73.43
N THR ZB 154 -75.38 -27.40 -73.81
CA THR ZB 154 -74.44 -26.37 -73.38
C THR ZB 154 -74.78 -25.03 -74.00
N ASP ZB 155 -74.68 -23.97 -73.19
CA ASP ZB 155 -74.91 -22.64 -73.71
C ASP ZB 155 -73.70 -22.17 -74.51
N ASP ZB 156 -73.92 -21.16 -75.35
CA ASP ZB 156 -72.90 -20.71 -76.27
C ASP ZB 156 -72.65 -19.21 -76.26
N GLU ZB 157 -73.36 -18.44 -75.44
CA GLU ZB 157 -73.30 -16.98 -75.54
C GLU ZB 157 -72.95 -16.30 -74.23
N LEU ZB 158 -72.67 -17.06 -73.17
CA LEU ZB 158 -72.44 -16.41 -71.88
C LEU ZB 158 -71.04 -15.81 -71.77
N GLU ZB 159 -70.01 -16.67 -71.83
CA GLU ZB 159 -68.57 -16.37 -71.75
C GLU ZB 159 -68.14 -16.00 -70.33
N ASP ZB 160 -69.09 -15.76 -69.42
CA ASP ZB 160 -68.86 -15.46 -68.02
C ASP ZB 160 -70.21 -15.41 -67.31
N LEU ZB 161 -70.17 -15.61 -65.99
CA LEU ZB 161 -71.34 -15.44 -65.14
C LEU ZB 161 -71.35 -14.09 -64.42
N TYR ZB 162 -70.72 -13.07 -65.01
CA TYR ZB 162 -70.74 -11.75 -64.39
C TYR ZB 162 -72.07 -11.05 -64.62
N ASN ZB 163 -72.69 -11.26 -65.78
CA ASN ZB 163 -73.91 -10.56 -66.19
C ASN ZB 163 -75.08 -11.53 -66.29
N SER ZB 164 -75.09 -12.51 -65.37
CA SER ZB 164 -76.20 -13.44 -65.26
C SER ZB 164 -77.58 -12.80 -65.06
N PRO ZB 165 -77.78 -11.82 -64.15
CA PRO ZB 165 -79.13 -11.24 -64.02
C PRO ZB 165 -79.59 -10.52 -65.27
N GLU ZB 166 -78.68 -9.84 -65.98
CA GLU ZB 166 -79.07 -9.17 -67.21
C GLU ZB 166 -79.42 -10.17 -68.30
N TYR ZB 167 -78.71 -11.31 -68.33
CA TYR ZB 167 -79.09 -12.39 -69.25
C TYR ZB 167 -80.50 -12.91 -68.98
N VAL ZB 168 -80.82 -13.17 -67.71
CA VAL ZB 168 -82.15 -13.69 -67.38
C VAL ZB 168 -83.23 -12.64 -67.67
N LYS ZB 169 -82.95 -11.37 -67.36
CA LYS ZB 169 -83.92 -10.32 -67.62
C LYS ZB 169 -84.15 -10.11 -69.11
N LYS ZB 170 -83.12 -10.26 -69.93
CA LYS ZB 170 -83.33 -10.17 -71.37
C LYS ZB 170 -84.12 -11.36 -71.91
N LYS ZB 171 -83.87 -12.55 -71.35
CA LYS ZB 171 -84.65 -13.72 -71.75
C LYS ZB 171 -86.13 -13.53 -71.42
N MET ZB 172 -86.43 -12.90 -70.29
CA MET ZB 172 -87.82 -12.59 -69.97
C MET ZB 172 -88.36 -11.41 -70.77
N GLN ZB 173 -87.52 -10.44 -71.16
CA GLN ZB 173 -87.98 -9.35 -72.01
C GLN ZB 173 -88.41 -9.86 -73.39
N ASN ZB 174 -87.69 -10.84 -73.93
CA ASN ZB 174 -88.02 -11.35 -75.25
C ASN ZB 174 -89.37 -12.06 -75.30
N ASN ZB 175 -89.91 -12.49 -74.16
CA ASN ZB 175 -91.23 -13.11 -74.13
C ASN ZB 175 -92.28 -12.05 -74.40
N GLU ZB 176 -92.91 -12.13 -75.56
CA GLU ZB 176 -93.89 -11.14 -75.98
C GLU ZB 176 -95.14 -11.16 -75.12
N PHE ZB 177 -95.47 -12.32 -74.55
CA PHE ZB 177 -96.63 -12.46 -73.68
C PHE ZB 177 -96.21 -12.52 -72.22
N PHE ZB 178 -95.22 -11.72 -71.85
CA PHE ZB 178 -94.84 -11.58 -70.45
C PHE ZB 178 -95.93 -10.85 -69.68
N ASN ZB 179 -96.29 -9.66 -70.13
CA ASN ZB 179 -97.36 -8.87 -69.54
C ASN ZB 179 -98.46 -8.67 -70.58
N MET ZB 180 -99.69 -8.91 -70.17
CA MET ZB 180 -100.82 -9.02 -71.08
C MET ZB 180 -101.98 -8.19 -70.53
N ASP ZB 181 -102.73 -7.54 -71.41
CA ASP ZB 181 -103.82 -6.67 -70.97
C ASP ZB 181 -105.03 -6.87 -71.88
N GLU ZB 182 -106.11 -6.14 -71.54
CA GLU ZB 182 -107.39 -6.37 -72.18
C GLU ZB 182 -107.39 -5.95 -73.64
N LYS ZB 183 -106.54 -5.00 -74.02
CA LYS ZB 183 -106.34 -4.70 -75.43
C LYS ZB 183 -105.77 -5.91 -76.18
N LYS ZB 184 -104.81 -6.60 -75.57
CA LYS ZB 184 -104.24 -7.79 -76.19
C LYS ZB 184 -105.27 -8.90 -76.29
N TRP ZB 185 -106.06 -9.11 -75.23
CA TRP ZB 185 -107.11 -10.12 -75.30
C TRP ZB 185 -108.18 -9.75 -76.32
N ASP ZB 186 -108.44 -8.45 -76.49
CA ASP ZB 186 -109.39 -8.02 -77.50
C ASP ZB 186 -108.87 -8.27 -78.91
N VAL ZB 187 -107.57 -8.09 -79.13
CA VAL ZB 187 -107.02 -8.40 -80.45
C VAL ZB 187 -107.07 -9.89 -80.74
N ILE ZB 188 -106.68 -10.71 -79.75
CA ILE ZB 188 -106.70 -12.14 -79.97
C ILE ZB 188 -108.10 -12.74 -79.92
N VAL ZB 189 -109.11 -11.98 -79.50
CA VAL ZB 189 -110.49 -12.45 -79.63
C VAL ZB 189 -111.14 -11.93 -80.91
N ARG ZB 190 -110.62 -10.83 -81.48
CA ARG ZB 190 -111.11 -10.42 -82.79
C ARG ZB 190 -110.59 -11.35 -83.88
N GLU ZB 191 -109.32 -11.74 -83.80
CA GLU ZB 191 -108.76 -12.56 -84.86
C GLU ZB 191 -109.34 -13.98 -84.86
N GLY ZB 192 -109.70 -14.51 -83.70
CA GLY ZB 192 -110.31 -15.82 -83.67
C GLY ZB 192 -111.74 -15.83 -84.16
N ILE ZB 193 -112.45 -14.70 -84.02
CA ILE ZB 193 -113.74 -14.56 -84.67
C ILE ZB 193 -113.58 -14.46 -86.17
N ARG ZB 194 -112.54 -13.75 -86.62
CA ARG ZB 194 -112.31 -13.60 -88.06
C ARG ZB 194 -111.94 -14.94 -88.71
N HIS ZB 195 -111.10 -15.74 -88.07
CA HIS ZB 195 -110.70 -17.02 -88.64
C HIS ZB 195 -111.78 -18.09 -88.52
N GLY ZB 196 -112.90 -17.80 -87.87
CA GLY ZB 196 -114.02 -18.71 -87.84
C GLY ZB 196 -113.99 -19.73 -86.72
N ILE ZB 197 -112.93 -19.74 -85.91
CA ILE ZB 197 -112.88 -20.66 -84.77
C ILE ZB 197 -113.67 -20.16 -83.57
N LEU ZB 198 -114.02 -18.86 -83.54
CA LEU ZB 198 -114.69 -18.27 -82.39
C LEU ZB 198 -116.03 -17.68 -82.80
N LYS ZB 199 -116.91 -17.53 -81.81
CA LYS ZB 199 -118.28 -17.10 -82.00
C LYS ZB 199 -118.44 -15.64 -81.62
N ASP ZB 200 -119.21 -14.92 -82.44
CA ASP ZB 200 -119.54 -13.54 -82.12
C ASP ZB 200 -120.48 -13.46 -80.91
N THR ZB 201 -120.30 -12.44 -80.09
CA THR ZB 201 -121.02 -12.30 -78.83
C THR ZB 201 -122.01 -11.13 -78.87
N LYS ZB 202 -122.43 -10.75 -80.08
CA LYS ZB 202 -123.39 -9.67 -80.23
C LYS ZB 202 -124.75 -10.02 -79.67
N GLU ZB 203 -125.22 -11.25 -79.89
CA GLU ZB 203 -126.48 -11.69 -79.30
C GLU ZB 203 -126.36 -11.81 -77.78
N CYS ZB 204 -125.19 -12.13 -77.25
CA CYS ZB 204 -124.98 -12.20 -75.82
C CYS ZB 204 -125.00 -10.82 -75.17
N GLU ZB 205 -124.41 -9.80 -75.79
CA GLU ZB 205 -124.56 -8.47 -75.22
C GLU ZB 205 -125.97 -7.90 -75.44
N GLU ZB 206 -126.65 -8.32 -76.52
CA GLU ZB 206 -128.05 -7.92 -76.70
C GLU ZB 206 -128.94 -8.49 -75.60
N ILE ZB 207 -128.73 -9.75 -75.21
CA ILE ZB 207 -129.56 -10.31 -74.15
C ILE ZB 207 -129.11 -9.80 -72.78
N LEU ZB 208 -127.83 -9.48 -72.60
CA LEU ZB 208 -127.39 -8.92 -71.34
C LEU ZB 208 -127.94 -7.51 -71.12
N GLU ZB 209 -128.04 -6.71 -72.19
CA GLU ZB 209 -128.71 -5.41 -72.08
C GLU ZB 209 -130.19 -5.56 -71.73
N ASP ZB 210 -130.87 -6.59 -72.25
CA ASP ZB 210 -132.25 -6.87 -71.87
C ASP ZB 210 -132.37 -7.26 -70.40
N MET ZB 211 -131.45 -8.07 -69.90
CA MET ZB 211 -131.49 -8.44 -68.49
C MET ZB 211 -131.22 -7.26 -67.58
N LEU ZB 212 -130.27 -6.40 -67.96
CA LEU ZB 212 -129.93 -5.27 -67.09
C LEU ZB 212 -131.00 -4.20 -67.13
N HIS ZB 213 -131.38 -3.73 -68.31
CA HIS ZB 213 -132.26 -2.58 -68.45
C HIS ZB 213 -133.47 -2.95 -69.32
N TRP ZB 214 -134.56 -3.33 -68.66
CA TRP ZB 214 -135.84 -3.51 -69.35
C TRP ZB 214 -136.90 -2.51 -68.90
N ASP ZB 215 -136.78 -1.93 -67.70
CA ASP ZB 215 -137.75 -0.96 -67.24
C ASP ZB 215 -137.51 0.43 -67.81
N LYS ZB 216 -136.39 0.66 -68.49
CA LYS ZB 216 -136.09 1.94 -69.10
C LYS ZB 216 -136.48 2.00 -70.57
N LEU ZB 217 -136.33 0.90 -71.29
CA LEU ZB 217 -136.65 0.87 -72.71
C LEU ZB 217 -138.09 0.46 -73.01
N LEU ZB 218 -138.74 -0.27 -72.10
CA LEU ZB 218 -140.14 -0.63 -72.31
C LEU ZB 218 -141.02 0.59 -72.08
N PRO ZB 219 -141.82 0.99 -73.06
CA PRO ZB 219 -142.70 2.15 -72.85
C PRO ZB 219 -143.84 1.83 -71.90
N ASP ZB 220 -144.24 2.85 -71.14
CA ASP ZB 220 -145.23 2.66 -70.09
C ASP ZB 220 -146.63 2.48 -70.66
N ASP ZB 221 -146.91 3.06 -71.84
CA ASP ZB 221 -148.21 2.84 -72.46
C ASP ZB 221 -148.37 1.41 -72.93
N LEU ZB 222 -147.26 0.73 -73.26
CA LEU ZB 222 -147.29 -0.70 -73.46
C LEU ZB 222 -147.32 -1.46 -72.14
N LYS ZB 223 -146.64 -0.94 -71.11
CA LYS ZB 223 -146.60 -1.61 -69.81
C LYS ZB 223 -147.97 -1.70 -69.19
N LYS ZB 224 -148.76 -0.63 -69.27
CA LYS ZB 224 -150.09 -0.64 -68.66
C LYS ZB 224 -151.07 -1.54 -69.42
N LYS ZB 225 -150.97 -1.60 -70.76
CA LYS ZB 225 -151.87 -2.48 -71.50
C LYS ZB 225 -151.48 -3.96 -71.37
N VAL ZB 226 -150.18 -4.27 -71.31
CA VAL ZB 226 -149.82 -5.66 -71.04
C VAL ZB 226 -150.15 -6.02 -69.60
N GLU ZB 227 -150.09 -5.05 -68.68
CA GLU ZB 227 -150.49 -5.29 -67.29
C GLU ZB 227 -151.98 -5.59 -67.19
N ALA ZB 228 -152.80 -4.83 -67.92
CA ALA ZB 228 -154.23 -5.11 -67.97
C ALA ZB 228 -154.50 -6.47 -68.62
N LYS ZB 229 -153.70 -6.83 -69.63
CA LYS ZB 229 -153.81 -8.17 -70.22
C LYS ZB 229 -153.48 -9.27 -69.20
N PHE ZB 230 -152.44 -9.08 -68.39
CA PHE ZB 230 -152.13 -10.06 -67.36
C PHE ZB 230 -153.22 -10.13 -66.31
N ASN ZB 231 -153.81 -8.99 -65.95
CA ASN ZB 231 -154.91 -8.99 -64.99
C ASN ZB 231 -156.12 -9.75 -65.52
N GLU ZB 232 -156.51 -9.51 -66.78
CA GLU ZB 232 -157.66 -10.24 -67.29
C GLU ZB 232 -157.36 -11.72 -67.52
N LEU ZB 233 -156.14 -12.07 -67.91
CA LEU ZB 233 -155.80 -13.46 -68.09
C LEU ZB 233 -155.65 -14.19 -66.76
N GLY ZB 234 -155.17 -13.51 -65.73
CA GLY ZB 234 -155.18 -14.10 -64.40
C GLY ZB 234 -156.57 -14.20 -63.81
N ASP ZB 235 -157.46 -13.31 -64.23
CA ASP ZB 235 -158.86 -13.44 -63.84
C ASP ZB 235 -159.51 -14.67 -64.49
N MET ZB 236 -159.23 -14.88 -65.79
CA MET ZB 236 -159.81 -16.01 -66.51
C MET ZB 236 -159.08 -17.32 -66.23
N CYS ZB 237 -157.88 -17.28 -65.67
CA CYS ZB 237 -157.16 -18.50 -65.31
C CYS ZB 237 -157.71 -19.11 -64.02
N GLU ZB 238 -158.19 -18.28 -63.09
CA GLU ZB 238 -158.70 -18.79 -61.82
C GLU ZB 238 -159.96 -19.62 -62.00
N ARG ZB 239 -160.83 -19.23 -62.95
CA ARG ZB 239 -162.05 -19.98 -63.22
C ARG ZB 239 -161.73 -21.35 -63.83
N GLY ZB 240 -160.76 -21.41 -64.74
CA GLY ZB 240 -160.36 -22.66 -65.33
C GLY ZB 240 -161.26 -23.21 -66.41
N GLU ZB 241 -162.28 -22.44 -66.82
CA GLU ZB 241 -163.18 -22.86 -67.88
C GLU ZB 241 -162.62 -22.56 -69.26
N ILE ZB 242 -161.48 -21.89 -69.36
CA ILE ZB 242 -160.91 -21.48 -70.63
C ILE ZB 242 -159.75 -22.37 -71.06
N GLU ZB 243 -159.59 -23.53 -70.43
CA GLU ZB 243 -158.45 -24.44 -70.62
C GLU ZB 243 -157.12 -23.69 -70.43
N ALA ZB 244 -156.95 -23.15 -69.22
CA ALA ZB 244 -155.94 -22.14 -68.93
C ALA ZB 244 -154.51 -22.68 -68.94
N GLU ZB 245 -154.32 -24.00 -69.00
CA GLU ZB 245 -152.97 -24.54 -69.06
C GLU ZB 245 -152.30 -24.23 -70.39
N ALA ZB 246 -153.03 -24.34 -71.50
CA ALA ZB 246 -152.45 -24.14 -72.82
C ALA ZB 246 -153.15 -23.07 -73.63
N ALA ZB 247 -154.48 -22.98 -73.54
CA ALA ZB 247 -155.20 -21.98 -74.32
C ALA ZB 247 -154.95 -20.57 -73.82
N TYR ZB 248 -154.77 -20.41 -72.49
CA TYR ZB 248 -154.40 -19.10 -71.96
C TYR ZB 248 -153.01 -18.68 -72.39
N GLU ZB 249 -152.07 -19.62 -72.44
CA GLU ZB 249 -150.74 -19.31 -72.97
C GLU ZB 249 -150.80 -18.99 -74.45
N LEU ZB 250 -151.67 -19.67 -75.20
CA LEU ZB 250 -151.85 -19.37 -76.61
C LEU ZB 250 -152.44 -17.98 -76.83
N PHE ZB 251 -153.42 -17.60 -76.00
CA PHE ZB 251 -153.96 -16.25 -76.07
C PHE ZB 251 -152.91 -15.21 -75.65
N LYS ZB 252 -152.06 -15.56 -74.69
CA LYS ZB 252 -150.97 -14.70 -74.29
C LYS ZB 252 -150.00 -14.48 -75.45
N GLU ZB 253 -149.65 -15.55 -76.17
CA GLU ZB 253 -148.80 -15.43 -77.34
C GLU ZB 253 -149.44 -14.63 -78.47
N PHE ZB 254 -150.75 -14.81 -78.70
CA PHE ZB 254 -151.45 -14.05 -79.73
C PHE ZB 254 -151.49 -12.55 -79.41
N GLU ZB 255 -151.91 -12.19 -78.20
CA GLU ZB 255 -151.96 -10.77 -77.85
C GLU ZB 255 -150.58 -10.18 -77.60
N ASP ZB 256 -149.58 -11.01 -77.28
CA ASP ZB 256 -148.21 -10.52 -77.23
C ASP ZB 256 -147.68 -10.22 -78.62
N GLU ZB 257 -148.03 -11.05 -79.60
CA GLU ZB 257 -147.71 -10.74 -80.99
C GLU ZB 257 -148.43 -9.49 -81.47
N MET ZB 258 -149.68 -9.30 -81.03
CA MET ZB 258 -150.39 -8.07 -81.37
C MET ZB 258 -149.72 -6.84 -80.75
N VAL ZB 259 -149.30 -6.95 -79.49
CA VAL ZB 259 -148.61 -5.85 -78.81
C VAL ZB 259 -147.26 -5.56 -79.47
N ILE ZB 260 -146.53 -6.60 -79.87
CA ILE ZB 260 -145.27 -6.39 -80.56
C ILE ZB 260 -145.47 -5.82 -81.97
N GLN ZB 261 -146.58 -6.15 -82.62
CA GLN ZB 261 -146.91 -5.50 -83.88
C GLN ZB 261 -147.22 -4.02 -83.67
N TYR ZB 262 -147.96 -3.71 -82.60
CA TYR ZB 262 -148.23 -2.33 -82.22
C TYR ZB 262 -146.98 -1.58 -81.79
N GLY ZB 263 -145.95 -2.29 -81.34
CA GLY ZB 263 -144.70 -1.70 -80.86
C GLY ZB 263 -143.65 -1.52 -81.94
N ASP ZB 264 -143.59 -2.43 -82.91
CA ASP ZB 264 -142.48 -2.48 -83.87
C ASP ZB 264 -142.49 -1.32 -84.87
N GLN ZB 265 -143.56 -0.54 -84.93
CA GLN ZB 265 -143.67 0.55 -85.89
C GLN ZB 265 -142.63 1.64 -85.64
N ASP ZB 287 -117.55 11.87 -66.75
CA ASP ZB 287 -119.00 11.82 -66.82
C ASP ZB 287 -119.57 11.11 -65.60
N ASP ZB 288 -120.65 11.66 -65.04
CA ASP ZB 288 -121.21 11.18 -63.79
C ASP ZB 288 -121.96 9.88 -63.99
N PRO ZB 289 -122.46 9.33 -62.88
CA PRO ZB 289 -123.04 7.99 -62.87
C PRO ZB 289 -124.43 8.02 -63.50
N PRO ZB 290 -125.09 6.86 -63.47
CA PRO ZB 290 -126.46 6.74 -63.97
C PRO ZB 290 -127.43 7.23 -62.90
N GLY ZB 291 -128.72 7.24 -63.25
CA GLY ZB 291 -129.85 7.64 -62.40
C GLY ZB 291 -129.73 9.07 -61.87
N LYS ZB 292 -130.45 9.38 -60.79
CA LYS ZB 292 -130.46 10.71 -60.22
C LYS ZB 292 -130.35 10.65 -58.70
N GLY ZB 293 -129.83 11.73 -58.13
CA GLY ZB 293 -129.58 11.82 -56.70
C GLY ZB 293 -128.22 12.43 -56.42
N PRO ZB 294 -127.89 12.61 -55.14
CA PRO ZB 294 -126.54 13.07 -54.78
C PRO ZB 294 -125.49 12.03 -55.12
N ILE ZB 295 -124.31 12.51 -55.48
CA ILE ZB 295 -123.25 11.67 -56.03
C ILE ZB 295 -122.16 11.51 -54.98
N LEU ZB 296 -121.76 10.27 -54.71
CA LEU ZB 296 -120.67 9.98 -53.80
C LEU ZB 296 -119.39 9.76 -54.59
N ARG ZB 297 -118.26 9.85 -53.88
CA ARG ZB 297 -116.96 9.56 -54.50
C ARG ZB 297 -116.19 8.64 -53.56
N TRP ZB 298 -115.70 7.51 -54.06
CA TRP ZB 298 -115.03 6.52 -53.23
C TRP ZB 298 -113.54 6.46 -53.51
N GLN ZB 299 -112.79 6.06 -52.49
CA GLN ZB 299 -111.36 5.80 -52.60
C GLN ZB 299 -111.01 4.56 -51.80
N SER ZB 300 -110.21 3.68 -52.41
CA SER ZB 300 -109.87 2.37 -51.87
C SER ZB 300 -108.52 1.92 -52.40
N ARG ZB 301 -107.82 1.12 -51.61
CA ARG ZB 301 -106.43 0.74 -51.87
C ARG ZB 301 -106.28 -0.76 -51.89
N ILE ZB 302 -105.46 -1.28 -52.80
CA ILE ZB 302 -105.04 -2.69 -52.80
C ILE ZB 302 -103.53 -2.72 -52.96
N VAL ZB 303 -102.83 -3.35 -52.00
CA VAL ZB 303 -101.39 -3.49 -52.04
C VAL ZB 303 -101.04 -4.86 -52.61
N PHE ZB 304 -100.26 -4.88 -53.68
CA PHE ZB 304 -99.89 -6.13 -54.33
C PHE ZB 304 -98.48 -6.49 -53.90
N ALA ZB 305 -98.38 -7.08 -52.72
CA ALA ZB 305 -97.10 -7.48 -52.15
C ALA ZB 305 -96.63 -8.79 -52.79
N PRO ZB 306 -95.32 -8.97 -52.94
CA PRO ZB 306 -94.80 -10.24 -53.44
C PRO ZB 306 -94.64 -11.26 -52.31
N GLY ZB 307 -94.49 -12.52 -52.72
CA GLY ZB 307 -94.03 -13.57 -51.84
C GLY ZB 307 -95.08 -14.50 -51.27
N GLY ZB 308 -96.34 -14.34 -51.64
CA GLY ZB 308 -97.37 -15.26 -51.18
C GLY ZB 308 -97.98 -14.95 -49.85
N ASP ZB 309 -97.67 -13.81 -49.25
CA ASP ZB 309 -98.36 -13.32 -48.06
C ASP ZB 309 -99.06 -12.03 -48.46
N ALA ZB 310 -100.38 -12.01 -48.33
CA ALA ZB 310 -101.19 -11.01 -49.02
C ALA ZB 310 -101.63 -9.86 -48.14
N TRP ZB 311 -101.71 -10.04 -46.83
CA TRP ZB 311 -102.27 -9.01 -45.96
C TRP ZB 311 -101.31 -7.84 -45.80
N HIS ZB 312 -101.80 -6.65 -46.09
CA HIS ZB 312 -101.07 -5.42 -45.88
C HIS ZB 312 -101.95 -4.44 -45.12
N PRO ZB 313 -101.36 -3.66 -44.20
CA PRO ZB 313 -102.17 -2.75 -43.38
C PRO ZB 313 -102.92 -1.69 -44.18
N LYS ZB 314 -102.43 -1.31 -45.34
CA LYS ZB 314 -103.14 -0.34 -46.16
C LYS ZB 314 -104.36 -0.91 -46.86
N ASN ZB 315 -104.71 -2.18 -46.63
CA ASN ZB 315 -105.80 -2.79 -47.37
C ASN ZB 315 -107.17 -2.24 -46.96
N ARG ZB 316 -107.38 -1.97 -45.67
CA ARG ZB 316 -108.71 -1.85 -45.12
C ARG ZB 316 -109.21 -0.41 -44.99
N LYS ZB 317 -108.55 0.57 -45.61
CA LYS ZB 317 -108.98 1.95 -45.50
C LYS ZB 317 -109.85 2.34 -46.69
N VAL ZB 318 -111.04 2.88 -46.38
CA VAL ZB 318 -111.99 3.34 -47.39
C VAL ZB 318 -112.38 4.78 -47.07
N LYS ZB 319 -112.37 5.64 -48.10
CA LYS ZB 319 -112.83 7.02 -47.95
C LYS ZB 319 -114.02 7.27 -48.86
N LEU ZB 320 -114.95 8.10 -48.39
CA LEU ZB 320 -116.05 8.56 -49.24
C LEU ZB 320 -116.25 10.07 -49.08
N SER ZB 321 -116.48 10.73 -50.21
CA SER ZB 321 -116.58 12.18 -50.28
C SER ZB 321 -117.95 12.55 -50.84
N VAL ZB 322 -118.55 13.60 -50.29
CA VAL ZB 322 -119.86 14.07 -50.73
C VAL ZB 322 -119.88 15.59 -50.67
N THR ZB 323 -120.74 16.19 -51.49
CA THR ZB 323 -120.96 17.63 -51.46
C THR ZB 323 -122.17 17.91 -50.58
N VAL ZB 324 -122.01 18.86 -49.66
CA VAL ZB 324 -123.05 19.14 -48.68
C VAL ZB 324 -124.25 19.81 -49.34
N LYS ZB 325 -123.99 20.77 -50.25
CA LYS ZB 325 -125.06 21.55 -50.86
C LYS ZB 325 -125.96 20.74 -51.77
N GLU ZB 326 -125.50 19.56 -52.22
CA GLU ZB 326 -126.36 18.71 -53.04
C GLU ZB 326 -127.44 18.02 -52.23
N LEU ZB 327 -127.25 17.87 -50.91
CA LEU ZB 327 -128.29 17.27 -50.09
C LEU ZB 327 -129.48 18.22 -49.92
N GLY ZB 328 -129.30 19.51 -50.16
CA GLY ZB 328 -130.39 20.46 -50.07
C GLY ZB 328 -130.87 20.73 -48.66
N LEU ZB 329 -130.01 20.59 -47.66
CA LEU ZB 329 -130.41 20.82 -46.29
C LEU ZB 329 -130.64 22.31 -46.05
N SER ZB 330 -131.41 22.60 -45.00
CA SER ZB 330 -131.63 23.99 -44.60
C SER ZB 330 -130.37 24.54 -43.95
N LYS ZB 331 -130.37 25.85 -43.70
CA LYS ZB 331 -129.18 26.48 -43.13
C LYS ZB 331 -128.93 26.03 -41.70
N HIS ZB 332 -129.97 25.91 -40.89
CA HIS ZB 332 -129.80 25.43 -39.53
C HIS ZB 332 -129.40 23.97 -39.50
N GLN ZB 333 -129.95 23.16 -40.42
CA GLN ZB 333 -129.53 21.78 -40.53
C GLN ZB 333 -128.07 21.67 -40.93
N ALA ZB 334 -127.61 22.55 -41.83
CA ALA ZB 334 -126.21 22.56 -42.22
C ALA ZB 334 -125.30 22.99 -41.07
N ARG ZB 335 -125.74 23.96 -40.26
CA ARG ZB 335 -124.94 24.35 -39.10
C ARG ZB 335 -124.83 23.22 -38.08
N ARG ZB 336 -125.93 22.51 -37.84
CA ARG ZB 336 -125.87 21.36 -36.95
C ARG ZB 336 -125.00 20.25 -37.53
N LEU ZB 337 -125.03 20.07 -38.85
CA LEU ZB 337 -124.14 19.10 -39.47
C LEU ZB 337 -122.68 19.49 -39.28
N ARG ZB 338 -122.35 20.76 -39.50
CA ARG ZB 338 -120.98 21.23 -39.36
C ARG ZB 338 -120.49 21.09 -37.92
N GLU ZB 339 -121.35 21.39 -36.95
CA GLU ZB 339 -121.00 21.19 -35.55
C GLU ZB 339 -120.81 19.70 -35.23
N LEU ZB 340 -121.65 18.84 -35.79
CA LEU ZB 340 -121.53 17.40 -35.55
C LEU ZB 340 -120.31 16.80 -36.23
N VAL ZB 341 -119.80 17.45 -37.28
CA VAL ZB 341 -118.72 16.91 -38.10
C VAL ZB 341 -117.35 17.39 -37.63
N GLY ZB 342 -117.16 18.69 -37.50
CA GLY ZB 342 -115.85 19.22 -37.12
C GLY ZB 342 -114.99 19.48 -38.34
N LYS ZB 343 -113.87 18.76 -38.44
CA LYS ZB 343 -112.90 19.00 -39.49
C LYS ZB 343 -112.99 18.02 -40.65
N ARG ZB 344 -113.98 17.13 -40.68
CA ARG ZB 344 -114.21 16.30 -41.85
C ARG ZB 344 -114.91 17.08 -42.96
N TYR ZB 345 -115.32 18.31 -42.67
CA TYR ZB 345 -115.91 19.22 -43.63
C TYR ZB 345 -114.86 20.22 -44.09
N ASP ZB 346 -114.74 20.38 -45.40
CA ASP ZB 346 -113.82 21.33 -46.01
C ASP ZB 346 -114.64 22.40 -46.73
N SER ZB 347 -114.45 23.66 -46.33
CA SER ZB 347 -115.32 24.75 -46.77
C SER ZB 347 -115.05 25.22 -48.18
N GLY ZB 348 -113.79 25.17 -48.62
CA GLY ZB 348 -113.46 25.64 -49.96
C GLY ZB 348 -114.07 24.76 -51.04
N LYS ZB 349 -114.25 23.49 -50.76
CA LYS ZB 349 -114.82 22.55 -51.71
C LYS ZB 349 -116.23 22.09 -51.36
N ASP ZB 350 -116.74 22.49 -50.18
CA ASP ZB 350 -117.96 21.92 -49.59
C ASP ZB 350 -117.89 20.40 -49.53
N GLU ZB 351 -116.75 19.88 -49.10
CA GLU ZB 351 -116.49 18.45 -49.16
C GLU ZB 351 -116.60 17.85 -47.77
N LEU ZB 352 -117.55 16.94 -47.60
CA LEU ZB 352 -117.64 16.13 -46.39
C LEU ZB 352 -117.02 14.78 -46.71
N THR ZB 353 -115.91 14.46 -46.05
CA THR ZB 353 -115.19 13.21 -46.31
C THR ZB 353 -115.13 12.36 -45.06
N ILE ZB 354 -115.58 11.12 -45.18
CA ILE ZB 354 -115.63 10.18 -44.07
C ILE ZB 354 -114.69 9.02 -44.40
N THR ZB 355 -113.80 8.70 -43.47
CA THR ZB 355 -112.80 7.66 -43.64
C THR ZB 355 -112.97 6.61 -42.56
N SER ZB 356 -112.99 5.34 -42.94
CA SER ZB 356 -113.11 4.26 -41.97
C SER ZB 356 -111.93 3.30 -42.09
N GLU ZB 357 -111.26 3.05 -40.96
CA GLU ZB 357 -110.23 2.04 -40.85
C GLU ZB 357 -110.50 1.10 -39.68
N ARG ZB 358 -111.59 1.32 -38.95
CA ARG ZB 358 -111.82 0.61 -37.70
C ARG ZB 358 -112.29 -0.82 -37.88
N PHE ZB 359 -112.53 -1.27 -39.10
CA PHE ZB 359 -112.97 -2.64 -39.34
C PHE ZB 359 -111.94 -3.39 -40.16
N GLU ZB 360 -111.91 -4.71 -39.99
CA GLU ZB 360 -110.81 -5.52 -40.52
C GLU ZB 360 -110.90 -5.79 -42.00
N HIS ZB 361 -112.00 -5.46 -42.67
CA HIS ZB 361 -112.14 -5.76 -44.08
C HIS ZB 361 -112.65 -4.54 -44.83
N ARG ZB 362 -112.27 -4.47 -46.11
CA ARG ZB 362 -112.50 -3.27 -46.92
C ARG ZB 362 -113.99 -3.02 -47.13
N GLU ZB 363 -114.75 -4.07 -47.38
CA GLU ZB 363 -116.19 -3.88 -47.54
C GLU ZB 363 -116.86 -3.50 -46.22
N GLU ZB 364 -116.35 -4.00 -45.10
CA GLU ZB 364 -116.87 -3.61 -43.79
C GLU ZB 364 -116.64 -2.13 -43.54
N ASN ZB 365 -115.46 -1.62 -43.89
CA ASN ZB 365 -115.21 -0.19 -43.77
C ASN ZB 365 -116.06 0.63 -44.72
N ARG ZB 366 -116.36 0.10 -45.91
CA ARG ZB 366 -117.26 0.80 -46.83
C ARG ZB 366 -118.68 0.89 -46.27
N LYS ZB 367 -119.20 -0.21 -45.73
CA LYS ZB 367 -120.53 -0.20 -45.13
C LYS ZB 367 -120.58 0.71 -43.92
N ASP ZB 368 -119.51 0.73 -43.13
CA ASP ZB 368 -119.43 1.62 -41.98
C ASP ZB 368 -119.47 3.08 -42.42
N CYS ZB 369 -118.78 3.41 -43.52
CA CYS ZB 369 -118.83 4.76 -44.06
C CYS ZB 369 -120.24 5.14 -44.48
N LEU ZB 370 -120.95 4.23 -45.15
CA LEU ZB 370 -122.32 4.57 -45.58
C LEU ZB 370 -123.29 4.70 -44.40
N ARG ZB 371 -123.18 3.82 -43.41
CA ARG ZB 371 -124.01 3.93 -42.22
C ARG ZB 371 -123.75 5.23 -41.47
N THR ZB 372 -122.48 5.62 -41.36
CA THR ZB 372 -122.14 6.89 -40.73
C THR ZB 372 -122.71 8.06 -41.50
N LEU ZB 373 -122.67 8.03 -42.83
CA LEU ZB 373 -123.25 9.11 -43.62
C LEU ZB 373 -124.75 9.23 -43.40
N TYR ZB 374 -125.46 8.08 -43.36
CA TYR ZB 374 -126.90 8.11 -43.13
C TYR ZB 374 -127.24 8.62 -41.74
N GLY ZB 375 -126.48 8.20 -40.72
CA GLY ZB 375 -126.70 8.72 -39.39
C GLY ZB 375 -126.42 10.21 -39.27
N LEU ZB 376 -125.39 10.69 -39.98
CA LEU ZB 376 -125.09 12.11 -39.98
C LEU ZB 376 -126.21 12.93 -40.60
N ILE ZB 377 -126.76 12.45 -41.74
CA ILE ZB 377 -127.86 13.17 -42.37
C ILE ZB 377 -129.10 13.15 -41.48
N GLU ZB 378 -129.38 12.00 -40.88
CA GLU ZB 378 -130.56 11.87 -40.01
C GLU ZB 378 -130.48 12.78 -38.80
N GLU ZB 379 -129.30 12.87 -38.18
CA GLU ZB 379 -129.17 13.75 -37.02
C GLU ZB 379 -129.15 15.22 -37.43
N ALA ZB 380 -128.54 15.53 -38.58
CA ALA ZB 380 -128.48 16.92 -39.02
C ALA ZB 380 -129.84 17.47 -39.41
N ALA ZB 381 -130.76 16.61 -39.85
CA ALA ZB 381 -132.09 17.07 -40.21
C ALA ZB 381 -132.94 17.55 -39.05
N LYS ZB 382 -132.54 17.25 -37.81
CA LYS ZB 382 -133.39 17.53 -36.65
C LYS ZB 382 -133.48 19.02 -36.29
N ALA ZB 383 -132.63 19.87 -36.86
CA ALA ZB 383 -132.51 21.26 -36.38
C ALA ZB 383 -133.76 22.09 -36.62
N ASN ZB 384 -134.60 21.71 -37.58
CA ASN ZB 384 -135.83 22.45 -37.87
C ASN ZB 384 -136.79 22.46 -36.69
N LYS ZB 385 -136.90 21.33 -35.97
CA LYS ZB 385 -137.84 21.26 -34.86
C LYS ZB 385 -137.40 22.15 -33.71
N ILE ZB 386 -136.11 22.19 -33.42
CA ILE ZB 386 -135.59 23.04 -32.36
C ILE ZB 386 -135.74 24.50 -32.75
N ALA ZB 387 -135.52 24.79 -34.04
CA ALA ZB 387 -135.72 26.15 -34.54
C ALA ZB 387 -137.16 26.61 -34.36
N GLU ZB 388 -138.12 25.75 -34.76
CA GLU ZB 388 -139.54 26.07 -34.60
C GLU ZB 388 -139.92 26.23 -33.13
N ASP ZB 389 -139.40 25.36 -32.27
CA ASP ZB 389 -139.75 25.42 -30.86
C ASP ZB 389 -139.26 26.71 -30.21
N ILE ZB 390 -138.01 27.11 -30.46
CA ILE ZB 390 -137.55 28.34 -29.82
C ILE ZB 390 -138.10 29.59 -30.49
N ARG ZB 391 -138.45 29.53 -31.78
CA ARG ZB 391 -139.17 30.66 -32.38
C ARG ZB 391 -140.54 30.85 -31.74
N THR ZB 392 -141.27 29.74 -31.52
CA THR ZB 392 -142.57 29.85 -30.86
C THR ZB 392 -142.42 30.31 -29.43
N ALA ZB 393 -141.35 29.90 -28.74
CA ALA ZB 393 -141.09 30.41 -27.40
C ALA ZB 393 -140.85 31.92 -27.40
N TYR ZB 394 -140.08 32.43 -28.36
CA TYR ZB 394 -139.86 33.87 -28.43
C TYR ZB 394 -141.15 34.63 -28.77
N VAL ZB 395 -141.94 34.09 -29.69
CA VAL ZB 395 -143.20 34.73 -30.06
C VAL ZB 395 -144.17 34.75 -28.88
N LYS ZB 396 -144.22 33.66 -28.12
CA LYS ZB 396 -145.14 33.61 -26.98
C LYS ZB 396 -144.66 34.48 -25.83
N GLN ZB 397 -143.34 34.60 -25.64
CA GLN ZB 397 -142.81 35.58 -24.69
C GLN ZB 397 -143.18 37.00 -25.10
N ARG ZB 398 -143.16 37.29 -26.40
CA ARG ZB 398 -143.55 38.62 -26.86
C ARG ZB 398 -145.06 38.85 -26.65
N LEU ZB 399 -145.88 37.82 -26.86
CA LEU ZB 399 -147.33 37.99 -26.71
C LEU ZB 399 -147.79 37.99 -25.25
N GLN ZB 400 -147.03 37.42 -24.32
CA GLN ZB 400 -147.43 37.48 -22.92
C GLN ZB 400 -147.37 38.90 -22.38
N ALA ZB 401 -146.36 39.68 -22.79
CA ALA ZB 401 -146.23 41.06 -22.34
C ALA ZB 401 -146.86 42.02 -23.36
N ASN ZB 402 -148.18 42.01 -23.38
CA ASN ZB 402 -148.95 42.89 -24.25
C ASN ZB 402 -150.34 43.11 -23.65
N PRO ZB 403 -150.69 44.34 -23.27
CA PRO ZB 403 -152.01 44.57 -22.67
C PRO ZB 403 -153.18 44.35 -23.62
N ALA ZB 404 -152.97 44.46 -24.94
CA ALA ZB 404 -154.06 44.29 -25.88
C ALA ZB 404 -154.48 42.83 -26.03
N PHE ZB 405 -153.51 41.93 -26.12
CA PHE ZB 405 -153.82 40.52 -26.38
C PHE ZB 405 -154.32 39.81 -25.12
N MET ZB 406 -153.87 40.24 -23.94
CA MET ZB 406 -154.19 39.52 -22.72
C MET ZB 406 -155.67 39.64 -22.37
N GLN ZB 407 -156.30 40.79 -22.64
CA GLN ZB 407 -157.72 40.91 -22.35
C GLN ZB 407 -158.57 40.05 -23.28
N LYS ZB 408 -158.19 39.94 -24.56
CA LYS ZB 408 -158.91 39.08 -25.47
C LYS ZB 408 -158.73 37.61 -25.11
N LEU ZB 409 -157.50 37.22 -24.75
CA LEU ZB 409 -157.26 35.85 -24.32
C LEU ZB 409 -158.00 35.52 -23.05
N GLN ZB 410 -158.01 36.44 -22.07
CA GLN ZB 410 -158.73 36.16 -20.85
C GLN ZB 410 -160.24 36.13 -21.09
N ALA ZB 411 -160.79 37.00 -21.95
CA ALA ZB 411 -162.22 36.90 -22.27
C ALA ZB 411 -162.56 35.58 -22.97
N LYS ZB 412 -161.70 35.10 -23.87
CA LYS ZB 412 -161.96 33.83 -24.54
C LYS ZB 412 -161.82 32.63 -23.61
N ILE ZB 413 -160.91 32.68 -22.62
CA ILE ZB 413 -160.84 31.59 -21.64
C ILE ZB 413 -161.88 31.74 -20.53
N MET ZB 414 -162.43 32.93 -20.32
CA MET ZB 414 -163.50 33.13 -19.35
C MET ZB 414 -164.84 32.65 -19.91
N ARG ZB 415 -165.06 32.83 -21.22
CA ARG ZB 415 -166.29 32.33 -21.85
C ARG ZB 415 -166.39 30.82 -21.74
N SER ZB 416 -165.30 30.10 -22.02
CA SER ZB 416 -165.30 28.65 -21.93
C SER ZB 416 -164.92 28.14 -20.56
N LYS ZB 417 -164.46 29.02 -19.67
CA LYS ZB 417 -163.94 28.71 -18.34
C LYS ZB 417 -162.89 27.60 -18.36
N GLY AC 2 -21.99 14.36 -49.49
CA GLY AC 2 -22.27 15.49 -50.35
C GLY AC 2 -22.99 15.08 -51.62
N ARG AC 3 -22.85 15.90 -52.66
CA ARG AC 3 -23.42 15.56 -53.96
C ARG AC 3 -22.53 14.54 -54.67
N LYS AC 4 -23.16 13.66 -55.43
CA LYS AC 4 -22.46 12.62 -56.16
C LYS AC 4 -21.54 13.25 -57.21
N ALA AC 5 -20.24 12.99 -57.08
CA ALA AC 5 -19.28 13.55 -58.03
C ALA AC 5 -19.41 12.86 -59.38
N GLY AC 6 -19.54 13.66 -60.44
CA GLY AC 6 -19.70 13.12 -61.77
C GLY AC 6 -20.08 14.18 -62.78
N ASN AC 7 -19.55 14.05 -64.01
CA ASN AC 7 -19.73 14.99 -65.12
C ASN AC 7 -19.34 16.40 -64.70
N LEU AC 8 -20.16 17.38 -65.04
CA LEU AC 8 -19.90 18.78 -64.68
C LEU AC 8 -21.16 19.33 -64.03
N TYR AC 9 -21.03 19.87 -62.82
CA TYR AC 9 -22.13 20.51 -62.14
C TYR AC 9 -21.72 21.88 -61.65
N ILE AC 10 -22.57 22.86 -61.86
CA ILE AC 10 -22.35 24.23 -61.41
C ILE AC 10 -23.48 24.60 -60.47
N ASN AC 11 -23.15 24.87 -59.22
CA ASN AC 11 -24.11 25.16 -58.17
C ASN AC 11 -24.84 26.48 -58.45
N PRO AC 12 -26.16 26.52 -58.26
CA PRO AC 12 -26.88 27.78 -58.38
C PRO AC 12 -26.68 28.73 -57.21
N LYS AC 13 -25.97 28.32 -56.16
CA LYS AC 13 -25.74 29.18 -55.01
C LYS AC 13 -24.25 29.37 -54.70
N LYS AC 14 -23.37 29.09 -55.66
CA LYS AC 14 -21.93 29.36 -55.50
C LYS AC 14 -21.59 30.78 -55.98
N LEU AC 15 -22.31 31.74 -55.44
CA LEU AC 15 -22.16 33.15 -55.73
C LEU AC 15 -22.84 33.92 -54.59
N GLY AC 16 -22.98 35.22 -54.73
CA GLY AC 16 -23.68 35.98 -53.71
C GLY AC 16 -25.17 36.05 -53.94
N ASN AC 17 -25.91 35.12 -53.32
CA ASN AC 17 -27.36 35.08 -53.48
C ASN AC 17 -28.12 34.79 -52.20
N LEU AC 18 -27.45 34.44 -51.09
CA LEU AC 18 -28.11 34.32 -49.79
C LEU AC 18 -28.09 35.66 -49.03
N ALA AC 19 -28.44 36.73 -49.75
CA ALA AC 19 -28.31 38.09 -49.25
C ALA AC 19 -29.65 38.79 -49.42
N LYS AC 20 -30.51 38.62 -48.43
CA LYS AC 20 -31.79 39.31 -48.44
C LYS AC 20 -31.56 40.81 -48.24
N PRO AC 21 -32.09 41.66 -49.12
CA PRO AC 21 -31.65 43.06 -49.15
C PRO AC 21 -32.20 43.90 -47.99
N CYS AC 22 -31.71 45.14 -47.94
CA CYS AC 22 -31.98 46.16 -46.91
C CYS AC 22 -31.80 45.60 -45.49
N MET AC 23 -30.57 45.15 -45.24
CA MET AC 23 -30.00 44.99 -43.91
C MET AC 23 -29.24 46.22 -43.45
N LYS AC 24 -28.41 46.78 -44.34
CA LYS AC 24 -27.61 47.96 -44.03
C LYS AC 24 -28.48 49.20 -43.85
N GLU AC 25 -29.52 49.36 -44.67
CA GLU AC 25 -30.45 50.46 -44.49
C GLU AC 25 -31.18 50.37 -43.15
N MET AC 26 -31.59 49.16 -42.77
CA MET AC 26 -32.27 48.97 -41.48
C MET AC 26 -31.34 49.27 -40.32
N VAL AC 27 -30.08 48.83 -40.39
CA VAL AC 27 -29.19 49.11 -39.28
C VAL AC 27 -28.76 50.57 -39.22
N SER AC 28 -28.69 51.29 -40.36
CA SER AC 28 -28.46 52.73 -40.30
C SER AC 28 -29.68 53.44 -39.71
N PHE AC 29 -30.88 52.96 -40.05
CA PHE AC 29 -32.10 53.52 -39.50
C PHE AC 29 -32.18 53.32 -38.00
N LEU AC 30 -31.74 52.16 -37.51
CA LEU AC 30 -31.68 51.92 -36.07
C LEU AC 30 -30.54 52.68 -35.40
N ASN AC 31 -29.47 52.97 -36.14
CA ASN AC 31 -28.41 53.84 -35.64
C ASN AC 31 -28.90 55.25 -35.40
N CYS AC 32 -29.78 55.75 -36.28
CA CYS AC 32 -30.41 57.05 -36.04
C CYS AC 32 -31.19 57.05 -34.72
N MET AC 33 -31.96 55.99 -34.47
CA MET AC 33 -32.73 55.89 -33.24
C MET AC 33 -31.83 55.83 -32.01
N ALA AC 34 -30.72 55.09 -32.11
CA ALA AC 34 -29.78 55.01 -30.99
C ALA AC 34 -29.14 56.35 -30.71
N LEU AC 35 -28.79 57.12 -31.75
CA LEU AC 35 -28.22 58.44 -31.53
C LEU AC 35 -29.25 59.43 -30.99
N ASN AC 36 -30.47 59.40 -31.54
CA ASN AC 36 -31.51 60.38 -31.23
C ASN AC 36 -32.58 59.80 -30.31
N ASN AC 37 -32.15 58.95 -29.37
CA ASN AC 37 -32.93 58.39 -28.25
C ASN AC 37 -34.34 57.95 -28.65
N ILE AC 38 -34.39 57.18 -29.73
CA ILE AC 38 -35.56 56.47 -30.26
C ILE AC 38 -36.67 57.47 -30.58
N LYS AC 39 -36.45 58.30 -31.59
CA LYS AC 39 -37.44 59.25 -32.06
C LYS AC 39 -37.44 59.24 -33.57
N ASP AC 40 -38.61 59.09 -34.18
CA ASP AC 40 -38.70 58.97 -35.63
C ASP AC 40 -38.51 60.30 -36.35
N ASP AC 41 -38.44 61.41 -35.62
CA ASP AC 41 -38.27 62.71 -36.24
C ASP AC 41 -36.82 62.91 -36.67
N LYS AC 42 -36.63 63.94 -37.50
CA LYS AC 42 -35.36 64.52 -37.97
C LYS AC 42 -34.35 63.52 -38.56
N CYS AC 43 -34.78 62.29 -38.85
CA CYS AC 43 -34.08 61.42 -39.80
C CYS AC 43 -35.10 60.71 -40.67
N GLU AC 44 -36.03 61.48 -41.24
CA GLU AC 44 -37.01 60.94 -42.16
C GLU AC 44 -36.39 60.48 -43.47
N LYS AC 45 -35.16 60.91 -43.78
CA LYS AC 45 -34.48 60.42 -44.97
C LYS AC 45 -34.18 58.93 -44.88
N GLN AC 46 -33.81 58.47 -43.68
CA GLN AC 46 -33.64 57.04 -43.44
C GLN AC 46 -34.96 56.29 -43.61
N LYS AC 47 -36.07 56.89 -43.18
CA LYS AC 47 -37.37 56.25 -43.38
C LYS AC 47 -37.74 56.19 -44.85
N GLN AC 48 -37.40 57.23 -45.61
CA GLN AC 48 -37.63 57.21 -47.05
C GLN AC 48 -36.77 56.12 -47.71
N LEU AC 49 -35.52 55.98 -47.26
CA LEU AC 49 -34.66 54.92 -47.76
C LEU AC 49 -35.22 53.54 -47.43
N LEU AC 50 -35.74 53.36 -46.23
CA LEU AC 50 -36.31 52.07 -45.84
C LEU AC 50 -37.61 51.76 -46.60
N SER AC 51 -38.41 52.78 -46.92
CA SER AC 51 -39.61 52.53 -47.71
C SER AC 51 -39.30 52.28 -49.19
N VAL AC 52 -38.34 53.01 -49.77
CA VAL AC 52 -37.94 52.73 -51.14
C VAL AC 52 -37.19 51.40 -51.26
N CYS AC 53 -36.57 50.92 -50.17
CA CYS AC 53 -36.21 49.49 -50.10
C CYS AC 53 -37.39 48.59 -50.39
N MET AC 54 -38.53 48.81 -49.73
CA MET AC 54 -39.64 47.86 -49.96
C MET AC 54 -40.29 48.05 -51.32
N GLN AC 55 -40.25 49.27 -51.85
CA GLN AC 55 -40.69 49.47 -53.24
C GLN AC 55 -39.80 48.73 -54.22
N GLY AC 56 -38.47 48.82 -54.04
CA GLY AC 56 -37.55 48.09 -54.89
C GLY AC 56 -37.60 46.59 -54.67
N GLN AC 57 -37.97 46.16 -53.46
CA GLN AC 57 -38.16 44.74 -53.19
C GLN AC 57 -39.44 44.23 -53.85
N SER AC 58 -40.45 45.09 -53.94
CA SER AC 58 -41.61 44.76 -54.77
C SER AC 58 -41.23 44.70 -56.25
N ASP AC 59 -40.30 45.56 -56.68
CA ASP AC 59 -39.85 45.54 -58.06
C ASP AC 59 -39.11 44.23 -58.40
N HIS AC 60 -38.14 43.86 -57.58
CA HIS AC 60 -37.37 42.63 -57.78
C HIS AC 60 -38.16 41.41 -57.34
N LYS AC 61 -37.93 40.29 -58.02
CA LYS AC 61 -38.61 39.03 -57.73
C LYS AC 61 -37.57 37.94 -57.47
N ASN AC 62 -38.04 36.69 -57.33
CA ASN AC 62 -37.16 35.53 -57.16
C ASN AC 62 -36.47 35.24 -58.48
N LYS AC 63 -35.22 35.69 -58.62
CA LYS AC 63 -34.48 35.59 -59.87
C LYS AC 63 -33.15 34.88 -59.65
N SER AC 64 -32.82 33.99 -60.60
CA SER AC 64 -31.49 33.42 -60.73
C SER AC 64 -31.40 32.80 -62.12
N TRP AC 65 -30.19 32.38 -62.48
CA TRP AC 65 -29.95 31.68 -63.75
C TRP AC 65 -29.56 30.24 -63.42
N GLY AC 66 -30.41 29.30 -63.83
CA GLY AC 66 -30.24 27.92 -63.39
C GLY AC 66 -30.34 26.87 -64.48
N ASN AC 67 -30.38 27.29 -65.74
CA ASN AC 67 -30.39 26.36 -66.86
C ASN AC 67 -29.00 26.10 -67.40
N ILE AC 68 -27.97 26.43 -66.61
CA ILE AC 68 -26.61 26.27 -67.07
C ILE AC 68 -26.25 24.79 -67.16
N ASN AC 69 -26.76 23.96 -66.24
CA ASN AC 69 -26.34 22.57 -66.16
C ASN AC 69 -26.85 21.75 -67.34
N TYR AC 70 -28.03 22.09 -67.87
CA TYR AC 70 -28.51 21.42 -69.08
C TYR AC 70 -27.59 21.68 -70.27
N HIS AC 71 -27.17 22.94 -70.43
CA HIS AC 71 -26.24 23.28 -71.51
C HIS AC 71 -24.92 22.57 -71.33
N LEU AC 72 -24.41 22.53 -70.10
CA LEU AC 72 -23.14 21.86 -69.86
C LEU AC 72 -23.21 20.36 -70.13
N GLN AC 73 -24.27 19.71 -69.68
CA GLN AC 73 -24.45 18.28 -69.90
C GLN AC 73 -24.62 17.94 -71.37
N ARG AC 74 -25.47 18.71 -72.07
CA ARG AC 74 -25.75 18.43 -73.48
C ARG AC 74 -24.52 18.68 -74.35
N LEU AC 75 -23.80 19.77 -74.10
CA LEU AC 75 -22.64 20.06 -74.92
C LEU AC 75 -21.43 19.20 -74.55
N THR AC 76 -21.38 18.67 -73.32
CA THR AC 76 -20.33 17.72 -72.98
C THR AC 76 -20.57 16.38 -73.66
N ARG AC 77 -21.83 15.92 -73.67
CA ARG AC 77 -22.16 14.71 -74.42
C ARG AC 77 -21.96 14.91 -75.92
N GLY AC 78 -22.31 16.08 -76.43
CA GLY AC 78 -22.13 16.39 -77.83
C GLY AC 78 -21.08 17.46 -78.07
N ASP BC 102 -3.29 -5.30 -39.27
CA ASP BC 102 -3.81 -5.47 -37.93
C ASP BC 102 -4.72 -4.29 -37.60
N SER BC 103 -6.02 -4.54 -37.51
CA SER BC 103 -6.99 -3.46 -37.40
C SER BC 103 -6.97 -2.85 -36.00
N VAL BC 104 -7.73 -1.75 -35.85
CA VAL BC 104 -7.78 -1.05 -34.57
C VAL BC 104 -8.51 -1.89 -33.53
N LYS BC 105 -9.52 -2.66 -33.93
CA LYS BC 105 -10.20 -3.56 -33.01
C LYS BC 105 -9.27 -4.65 -32.50
N LYS BC 106 -8.25 -5.00 -33.27
CA LYS BC 106 -7.25 -5.94 -32.77
C LYS BC 106 -6.13 -5.23 -32.01
N LYS BC 107 -5.86 -3.97 -32.32
CA LYS BC 107 -4.86 -3.21 -31.59
C LYS BC 107 -5.31 -2.81 -30.20
N ARG BC 108 -6.62 -2.67 -29.99
CA ARG BC 108 -7.14 -2.22 -28.71
C ARG BC 108 -6.96 -3.24 -27.60
N LYS BC 109 -7.01 -4.54 -27.91
CA LYS BC 109 -6.73 -5.57 -26.93
C LYS BC 109 -5.28 -5.49 -26.44
N LYS BC 110 -4.34 -5.30 -27.36
CA LYS BC 110 -2.94 -5.11 -27.00
C LYS BC 110 -2.74 -3.83 -26.20
N LYS BC 111 -3.47 -2.78 -26.57
CA LYS BC 111 -3.41 -1.52 -25.83
C LYS BC 111 -3.83 -1.69 -24.39
N MET BC 112 -4.95 -2.37 -24.15
CA MET BC 112 -5.42 -2.59 -22.79
C MET BC 112 -4.47 -3.50 -22.00
N ASN BC 113 -3.96 -4.56 -22.64
CA ASN BC 113 -3.04 -5.45 -21.95
C ASN BC 113 -1.75 -4.75 -21.55
N LYS BC 114 -1.21 -3.92 -22.44
CA LYS BC 114 -0.01 -3.16 -22.12
C LYS BC 114 -0.25 -2.14 -21.02
N HIS BC 115 -1.41 -1.49 -21.03
CA HIS BC 115 -1.73 -0.53 -19.99
C HIS BC 115 -1.84 -1.19 -18.62
N LYS BC 116 -2.53 -2.33 -18.56
CA LYS BC 116 -2.63 -3.06 -17.30
C LYS BC 116 -1.28 -3.55 -16.81
N TYR BC 117 -0.43 -4.03 -17.72
CA TYR BC 117 0.88 -4.51 -17.30
C TYR BC 117 1.76 -3.39 -16.80
N ARG BC 118 1.73 -2.22 -17.46
CA ARG BC 118 2.52 -1.09 -17.00
C ARG BC 118 2.05 -0.61 -15.63
N LYS BC 119 0.73 -0.61 -15.41
CA LYS BC 119 0.18 -0.27 -14.10
C LYS BC 119 0.65 -1.23 -13.01
N LEU BC 120 0.59 -2.54 -13.28
CA LEU BC 120 1.04 -3.53 -12.30
C LEU BC 120 2.54 -3.45 -12.07
N ARG BC 121 3.31 -3.15 -13.11
CA ARG BC 121 4.76 -3.00 -12.97
C ARG BC 121 5.10 -1.81 -12.08
N LYS BC 122 4.45 -0.66 -12.29
CA LYS BC 122 4.67 0.49 -11.44
C LYS BC 122 4.21 0.26 -10.01
N LYS BC 123 3.20 -0.58 -9.80
CA LYS BC 123 2.79 -0.88 -8.42
C LYS BC 123 3.76 -1.85 -7.74
N GLN BC 124 3.87 -3.07 -8.27
CA GLN BC 124 4.63 -4.12 -7.62
C GLN BC 124 6.14 -3.88 -7.64
N GLY BC 125 6.65 -3.17 -8.63
CA GLY BC 125 8.08 -2.94 -8.70
C GLY BC 125 8.59 -1.83 -7.83
N ARG BC 126 7.72 -1.17 -7.07
CA ARG BC 126 8.16 -0.08 -6.20
C ARG BC 126 8.80 -0.58 -4.91
N LYS BC 127 8.60 -1.85 -4.57
CA LYS BC 127 9.22 -2.44 -3.39
C LYS BC 127 10.73 -2.49 -3.52
N PRO CC 33 28.54 -118.99 -24.88
CA PRO CC 33 28.07 -118.51 -23.58
C PRO CC 33 26.61 -118.07 -23.61
N TYR CC 34 26.12 -117.80 -24.81
CA TYR CC 34 24.75 -117.35 -25.00
C TYR CC 34 23.80 -118.55 -25.07
N ALA CC 35 22.51 -118.24 -25.18
CA ALA CC 35 21.51 -119.30 -25.29
C ALA CC 35 21.59 -119.98 -26.65
N VAL CC 36 21.28 -121.28 -26.66
CA VAL CC 36 21.28 -122.05 -27.90
C VAL CC 36 19.89 -122.12 -28.52
N LYS CC 37 18.85 -122.12 -27.71
CA LYS CC 37 17.48 -122.01 -28.19
C LYS CC 37 16.93 -120.64 -27.83
N VAL CC 38 16.46 -119.92 -28.85
CA VAL CC 38 16.04 -118.53 -28.70
C VAL CC 38 14.59 -118.42 -29.14
N GLY CC 39 13.72 -118.03 -28.22
CA GLY CC 39 12.32 -117.80 -28.50
C GLY CC 39 11.88 -116.49 -27.89
N ILE CC 40 10.57 -116.35 -27.74
CA ILE CC 40 10.01 -115.12 -27.18
C ILE CC 40 10.45 -114.86 -25.72
N PRO CC 41 10.28 -115.77 -24.76
CA PRO CC 41 10.49 -115.33 -23.36
C PRO CC 41 11.94 -115.06 -23.01
N GLU CC 42 12.90 -115.78 -23.61
CA GLU CC 42 14.31 -115.45 -23.36
C GLU CC 42 14.71 -114.13 -24.00
N PHE CC 43 14.15 -113.81 -25.17
CA PHE CC 43 14.33 -112.49 -25.78
C PHE CC 43 13.81 -111.39 -24.87
N LEU CC 44 12.60 -111.60 -24.33
CA LEU CC 44 11.97 -110.57 -23.52
C LEU CC 44 12.56 -110.46 -22.13
N SER CC 45 13.25 -111.49 -21.65
CA SER CC 45 14.00 -111.34 -20.41
C SER CC 45 15.40 -110.82 -20.66
N GLY CC 46 15.99 -111.09 -21.83
CA GLY CC 46 17.32 -110.62 -22.13
C GLY CC 46 17.39 -109.20 -22.60
N ILE CC 47 16.25 -108.62 -23.02
CA ILE CC 47 16.22 -107.18 -23.26
C ILE CC 47 16.44 -106.43 -21.95
N GLY CC 48 15.72 -106.79 -20.91
CA GLY CC 48 15.84 -106.10 -19.64
C GLY CC 48 15.04 -104.82 -19.62
N GLY CC 49 15.25 -104.06 -18.54
CA GLY CC 49 14.59 -102.78 -18.41
C GLY CC 49 13.13 -102.88 -18.03
N GLY CC 50 12.69 -103.99 -17.46
CA GLY CC 50 11.31 -104.12 -17.03
C GLY CC 50 10.32 -104.34 -18.14
N VAL CC 51 10.78 -104.84 -19.30
CA VAL CC 51 9.87 -105.11 -20.41
C VAL CC 51 9.27 -106.51 -20.31
N GLU CC 52 9.82 -107.37 -19.44
CA GLU CC 52 9.40 -108.76 -19.31
C GLU CC 52 8.05 -108.93 -18.63
N THR CC 53 7.30 -107.85 -18.40
CA THR CC 53 5.98 -107.93 -17.81
C THR CC 53 4.90 -108.29 -18.81
N HIS CC 54 5.19 -108.28 -20.11
CA HIS CC 54 4.21 -108.55 -21.15
C HIS CC 54 4.47 -109.88 -21.86
N VAL CC 55 5.16 -110.82 -21.20
CA VAL CC 55 5.62 -112.02 -21.88
C VAL CC 55 4.45 -112.92 -22.26
N ALA CC 56 3.53 -113.16 -21.33
CA ALA CC 56 2.39 -114.04 -21.61
C ALA CC 56 1.46 -113.45 -22.65
N ARG CC 57 1.28 -112.12 -22.60
CA ARG CC 57 0.58 -111.45 -23.69
C ARG CC 57 1.29 -111.69 -25.01
N LEU CC 58 2.59 -111.38 -25.11
CA LEU CC 58 3.27 -111.53 -26.40
C LEU CC 58 3.29 -112.99 -26.90
N GLU CC 59 3.27 -113.96 -25.97
CA GLU CC 59 3.05 -115.37 -26.34
C GLU CC 59 1.66 -115.60 -26.92
N THR CC 60 0.62 -115.08 -26.25
CA THR CC 60 -0.74 -115.32 -26.70
C THR CC 60 -1.02 -114.68 -28.05
N GLU CC 61 -0.64 -113.42 -28.21
CA GLU CC 61 -1.03 -112.72 -29.42
C GLU CC 61 -0.06 -112.94 -30.58
N LEU CC 62 1.20 -113.32 -30.33
CA LEU CC 62 2.13 -113.53 -31.43
C LEU CC 62 2.53 -114.99 -31.58
N GLY CC 63 3.08 -115.60 -30.54
CA GLY CC 63 3.54 -116.97 -30.63
C GLY CC 63 4.94 -117.12 -31.19
N ASP CC 64 5.20 -116.58 -32.37
CA ASP CC 64 6.40 -116.88 -33.13
C ASP CC 64 7.42 -115.74 -33.06
N LEU CC 65 8.67 -116.12 -32.78
CA LEU CC 65 9.74 -115.13 -32.64
C LEU CC 65 10.10 -114.51 -33.98
N SER CC 66 10.02 -115.29 -35.06
CA SER CC 66 10.26 -114.72 -36.39
C SER CC 66 9.19 -113.71 -36.78
N LYS CC 67 7.97 -113.84 -36.25
CA LYS CC 67 6.98 -112.79 -36.43
C LYS CC 67 7.25 -111.61 -35.52
N LEU CC 68 7.77 -111.86 -34.32
CA LEU CC 68 8.14 -110.78 -33.41
C LEU CC 68 9.25 -109.91 -33.98
N LEU CC 69 10.19 -110.50 -34.70
CA LEU CC 69 11.26 -109.75 -35.36
C LEU CC 69 10.79 -109.01 -36.61
N VAL CC 70 9.49 -109.03 -36.91
CA VAL CC 70 8.95 -108.39 -38.10
C VAL CC 70 7.94 -107.35 -37.63
N THR CC 71 7.32 -107.58 -36.48
CA THR CC 71 6.25 -106.71 -35.96
C THR CC 71 6.72 -105.27 -35.77
N ARG CC 72 5.89 -104.33 -36.23
CA ARG CC 72 6.19 -102.90 -36.20
C ARG CC 72 5.49 -102.23 -35.02
N THR CC 73 5.53 -100.90 -35.02
CA THR CC 73 5.12 -100.12 -33.86
C THR CC 73 3.62 -100.18 -33.61
N LEU CC 74 2.83 -100.14 -34.67
CA LEU CC 74 1.38 -99.91 -34.52
C LEU CC 74 0.70 -101.09 -33.84
N LYS CC 75 1.06 -102.32 -34.22
CA LYS CC 75 0.45 -103.49 -33.61
C LYS CC 75 0.79 -103.60 -32.13
N LEU CC 76 2.03 -103.30 -31.76
CA LEU CC 76 2.39 -103.29 -30.35
C LEU CC 76 1.73 -102.15 -29.60
N LYS CC 77 1.45 -101.03 -30.28
CA LYS CC 77 0.71 -99.96 -29.62
C LYS CC 77 -0.73 -100.39 -29.35
N LYS CC 78 -1.33 -101.13 -30.28
CA LYS CC 78 -2.66 -101.69 -30.03
C LYS CC 78 -2.62 -102.74 -28.93
N PHE CC 79 -1.50 -103.47 -28.82
CA PHE CC 79 -1.41 -104.56 -27.84
C PHE CC 79 -1.23 -104.06 -26.41
N GLY CC 80 -1.05 -102.76 -26.20
CA GLY CC 80 -1.13 -102.22 -24.86
C GLY CC 80 0.16 -102.26 -24.08
N ILE CC 81 1.28 -102.00 -24.74
CA ILE CC 81 2.57 -101.90 -24.06
C ILE CC 81 3.05 -100.46 -24.15
N PRO CC 82 3.77 -99.95 -23.16
CA PRO CC 82 4.15 -98.53 -23.17
C PRO CC 82 5.23 -98.17 -24.19
N CYS CC 83 5.51 -96.87 -24.26
CA CYS CC 83 6.35 -96.32 -25.32
C CYS CC 83 7.80 -96.73 -25.17
N LYS CC 84 8.35 -96.62 -23.96
CA LYS CC 84 9.74 -97.00 -23.75
C LYS CC 84 9.92 -98.51 -23.90
N HIS CC 85 8.92 -99.29 -23.53
CA HIS CC 85 8.97 -100.72 -23.77
C HIS CC 85 8.95 -101.03 -25.26
N ARG CC 86 8.16 -100.29 -26.04
CA ARG CC 86 8.17 -100.46 -27.49
C ARG CC 86 9.52 -100.12 -28.09
N LYS CC 87 10.11 -99.01 -27.66
CA LYS CC 87 11.42 -98.60 -28.15
C LYS CC 87 12.52 -99.55 -27.70
N LEU CC 88 12.34 -100.23 -26.56
CA LEU CC 88 13.26 -101.28 -26.14
C LEU CC 88 13.10 -102.53 -26.98
N ILE CC 89 11.87 -102.90 -27.31
CA ILE CC 89 11.64 -104.15 -28.02
C ILE CC 89 12.16 -104.06 -29.45
N LEU CC 90 11.79 -103.00 -30.18
CA LEU CC 90 12.16 -102.94 -31.59
C LEU CC 90 13.66 -102.72 -31.79
N LYS CC 91 14.33 -102.11 -30.81
CA LYS CC 91 15.76 -101.86 -30.89
C LYS CC 91 16.55 -103.17 -30.94
N TYR CC 92 16.37 -104.01 -29.92
CA TYR CC 92 17.00 -105.32 -29.93
C TYR CC 92 16.38 -106.26 -30.95
N SER CC 93 15.16 -106.01 -31.40
CA SER CC 93 14.59 -106.79 -32.49
C SER CC 93 15.36 -106.55 -33.78
N GLN CC 94 15.74 -105.30 -34.04
CA GLN CC 94 16.63 -105.02 -35.17
C GLN CC 94 18.02 -105.60 -34.91
N LYS CC 95 18.51 -105.50 -33.67
CA LYS CC 95 19.87 -105.93 -33.37
C LYS CC 95 20.05 -107.44 -33.49
N TYR CC 96 19.02 -108.23 -33.18
CA TYR CC 96 19.17 -109.68 -33.15
C TYR CC 96 19.32 -110.26 -34.56
N ARG CC 97 18.54 -109.76 -35.51
CA ARG CC 97 18.58 -110.28 -36.86
C ARG CC 97 19.79 -109.82 -37.66
N LEU CC 98 20.56 -108.86 -37.16
CA LEU CC 98 21.82 -108.46 -37.78
C LEU CC 98 23.01 -109.25 -37.29
N GLY CC 99 22.94 -109.77 -36.07
CA GLY CC 99 24.06 -110.47 -35.48
C GLY CC 99 24.89 -109.67 -34.50
N LEU CC 100 24.44 -108.49 -34.11
CA LEU CC 100 25.17 -107.64 -33.18
C LEU CC 100 24.93 -108.01 -31.73
N TRP CC 101 24.03 -108.96 -31.46
CA TRP CC 101 23.64 -109.27 -30.10
C TRP CC 101 22.91 -110.60 -30.06
N LYS CC 102 23.17 -111.40 -29.03
CA LYS CC 102 22.43 -112.61 -28.71
C LYS CC 102 22.21 -112.63 -27.21
N PRO CC 103 21.06 -113.12 -26.73
CA PRO CC 103 20.81 -113.10 -25.29
C PRO CC 103 21.68 -114.11 -24.55
N ARG CC 104 22.13 -113.70 -23.36
CA ARG CC 104 23.02 -114.54 -22.56
C ARG CC 104 22.24 -115.67 -21.91
N ALA CC 105 22.97 -116.69 -21.46
CA ALA CC 105 22.36 -117.85 -20.83
C ALA CC 105 21.95 -117.62 -19.39
N ASP CC 106 22.43 -116.56 -18.74
CA ASP CC 106 22.08 -116.28 -17.36
C ASP CC 106 20.83 -115.43 -17.22
N ALA CC 107 20.36 -114.82 -18.30
CA ALA CC 107 19.22 -113.92 -18.26
C ALA CC 107 17.88 -114.64 -18.19
N ILE CC 108 17.86 -115.97 -18.31
CA ILE CC 108 16.63 -116.74 -18.34
C ILE CC 108 16.34 -117.39 -17.00
N LYS CC 109 17.37 -117.85 -16.29
CA LYS CC 109 17.19 -118.41 -14.95
C LYS CC 109 16.89 -117.30 -13.96
N ALA CC 110 15.84 -117.49 -13.16
CA ALA CC 110 15.43 -116.51 -12.17
C ALA CC 110 15.55 -117.09 -10.77
N MET DC 137 -35.39 -55.14 -129.48
CA MET DC 137 -35.61 -54.16 -128.43
C MET DC 137 -36.44 -54.76 -127.30
N ILE DC 138 -37.53 -55.45 -127.66
CA ILE DC 138 -38.41 -56.04 -126.67
C ILE DC 138 -37.72 -57.16 -125.90
N LYS DC 139 -36.83 -57.92 -126.54
CA LYS DC 139 -36.04 -58.92 -125.82
C LYS DC 139 -35.05 -58.27 -124.86
N GLU DC 140 -34.44 -57.16 -125.30
CA GLU DC 140 -33.48 -56.45 -124.47
C GLU DC 140 -34.15 -55.87 -123.22
N ILE DC 141 -35.39 -55.41 -123.34
CA ILE DC 141 -36.09 -54.93 -122.15
C ILE DC 141 -36.81 -56.03 -121.39
N GLU DC 142 -36.98 -57.21 -121.99
CA GLU DC 142 -37.48 -58.35 -121.21
C GLU DC 142 -36.39 -58.90 -120.30
N LYS DC 143 -35.17 -59.02 -120.82
CA LYS DC 143 -34.05 -59.52 -120.02
C LYS DC 143 -33.76 -58.62 -118.84
N ASP DC 144 -33.99 -57.32 -118.99
CA ASP DC 144 -33.83 -56.40 -117.88
C ASP DC 144 -34.92 -56.62 -116.83
N ASN DC 145 -36.13 -56.97 -117.26
CA ASN DC 145 -37.18 -57.28 -116.27
C ASN DC 145 -36.86 -58.54 -115.50
N ARG DC 146 -36.31 -59.56 -116.18
CA ARG DC 146 -35.84 -60.75 -115.46
C ARG DC 146 -34.68 -60.42 -114.51
N HIS DC 147 -33.77 -59.54 -114.94
CA HIS DC 147 -32.62 -59.19 -114.10
C HIS DC 147 -33.02 -58.32 -112.92
N SER DC 148 -34.10 -57.55 -113.04
CA SER DC 148 -34.60 -56.82 -111.88
C SER DC 148 -35.39 -57.74 -110.96
N ARG DC 149 -36.12 -58.71 -111.53
CA ARG DC 149 -36.85 -59.67 -110.72
C ARG DC 149 -35.91 -60.54 -109.90
N VAL DC 150 -34.76 -60.94 -110.47
CA VAL DC 150 -33.86 -61.84 -109.76
C VAL DC 150 -33.19 -61.14 -108.58
N PHE DC 151 -33.20 -59.80 -108.55
CA PHE DC 151 -32.77 -59.13 -107.33
C PHE DC 151 -33.94 -58.92 -106.37
N VAL DC 152 -35.10 -58.54 -106.90
CA VAL DC 152 -36.22 -58.18 -106.02
C VAL DC 152 -36.72 -59.40 -105.25
N ASP DC 153 -36.72 -60.57 -105.88
CA ASP DC 153 -37.15 -61.76 -105.16
C ASP DC 153 -36.12 -62.24 -104.13
N GLY DC 154 -34.83 -62.01 -104.38
CA GLY DC 154 -33.78 -62.51 -103.52
C GLY DC 154 -33.18 -61.48 -102.58
N ILE DC 155 -33.88 -60.35 -102.45
CA ILE DC 155 -33.55 -59.29 -101.51
C ILE DC 155 -33.45 -59.73 -100.04
N LYS DC 156 -34.13 -60.81 -99.64
CA LYS DC 156 -34.22 -61.16 -98.22
C LYS DC 156 -33.01 -62.00 -97.79
N GLN DC 157 -32.55 -62.89 -98.66
CA GLN DC 157 -31.42 -63.75 -98.35
C GLN DC 157 -30.14 -62.94 -98.20
N LYS DC 158 -30.05 -61.84 -98.96
CA LYS DC 158 -28.97 -60.89 -98.76
C LYS DC 158 -29.02 -60.27 -97.37
N MET DC 159 -30.22 -59.94 -96.88
CA MET DC 159 -30.33 -59.42 -95.53
C MET DC 159 -29.97 -60.46 -94.48
N MET DC 160 -30.29 -61.73 -94.72
CA MET DC 160 -29.87 -62.78 -93.80
C MET DC 160 -28.36 -62.88 -93.70
N GLU DC 161 -27.68 -62.97 -94.86
CA GLU DC 161 -26.23 -63.10 -94.84
C GLU DC 161 -25.55 -61.83 -94.31
N MET DC 162 -26.12 -60.67 -94.59
CA MET DC 162 -25.56 -59.43 -94.05
C MET DC 162 -25.81 -59.31 -92.55
N SER DC 163 -26.93 -59.85 -92.05
CA SER DC 163 -27.13 -59.89 -90.60
C SER DC 163 -26.09 -60.77 -89.93
N VAL DC 164 -25.73 -61.89 -90.57
CA VAL DC 164 -24.64 -62.72 -90.06
C VAL DC 164 -23.31 -61.97 -90.09
N LEU DC 165 -23.07 -61.18 -91.15
CA LEU DC 165 -21.85 -60.38 -91.21
C LEU DC 165 -21.81 -59.29 -90.14
N LEU DC 166 -22.97 -58.70 -89.83
CA LEU DC 166 -23.03 -57.70 -88.76
C LEU DC 166 -22.75 -58.32 -87.41
N LYS DC 167 -23.29 -59.51 -87.16
CA LYS DC 167 -22.96 -60.20 -85.91
C LYS DC 167 -21.49 -60.59 -85.86
N GLN DC 168 -20.90 -60.92 -87.00
CA GLN DC 168 -19.47 -61.22 -87.06
C GLN DC 168 -18.61 -59.99 -86.79
N VAL DC 169 -19.05 -58.81 -87.21
CA VAL DC 169 -18.21 -57.63 -87.15
C VAL DC 169 -18.42 -56.80 -85.88
N LYS DC 170 -19.57 -56.90 -85.21
CA LYS DC 170 -19.75 -56.14 -83.98
C LYS DC 170 -18.87 -56.66 -82.84
N GLU DC 171 -18.75 -57.98 -82.71
CA GLU DC 171 -17.72 -58.59 -81.87
C GLU DC 171 -16.78 -59.38 -82.77
N PRO DC 172 -15.57 -58.88 -83.03
CA PRO DC 172 -14.72 -59.49 -84.06
C PRO DC 172 -14.25 -60.88 -83.67
N GLY DC 173 -14.38 -61.81 -84.61
CA GLY DC 173 -14.01 -63.20 -84.38
C GLY DC 173 -15.07 -64.07 -83.74
N ALA DC 174 -16.34 -63.83 -84.01
CA ALA DC 174 -17.42 -64.51 -83.29
C ALA DC 174 -18.19 -65.52 -84.11
N ARG DC 175 -18.00 -65.55 -85.43
CA ARG DC 175 -18.46 -66.62 -86.32
C ARG DC 175 -19.99 -66.65 -86.50
N GLY DC 176 -20.73 -65.95 -85.66
CA GLY DC 176 -22.19 -65.80 -85.72
C GLY DC 176 -23.06 -67.00 -86.04
N SER DC 177 -22.62 -68.22 -85.73
CA SER DC 177 -23.26 -69.35 -86.40
C SER DC 177 -23.75 -70.47 -85.51
N TYR DC 178 -23.17 -70.65 -84.32
CA TYR DC 178 -23.49 -71.75 -83.40
C TYR DC 178 -23.26 -73.11 -84.06
N LEU DC 179 -22.00 -73.51 -84.15
CA LEU DC 179 -21.61 -74.88 -84.50
C LEU DC 179 -22.44 -75.91 -83.74
N LYS DC 180 -22.91 -76.92 -84.48
CA LYS DC 180 -23.88 -77.88 -83.95
C LYS DC 180 -23.24 -79.22 -83.61
N ASP DC 181 -24.04 -80.06 -82.94
CA ASP DC 181 -23.59 -81.37 -82.51
C ASP DC 181 -23.39 -82.31 -83.68
N SER DC 182 -24.22 -82.18 -84.72
CA SER DC 182 -24.02 -83.00 -85.92
C SER DC 182 -22.67 -82.70 -86.56
N GLU DC 183 -22.29 -81.43 -86.57
CA GLU DC 183 -20.97 -81.05 -87.05
C GLU DC 183 -19.87 -81.54 -86.12
N LYS DC 184 -20.12 -81.57 -84.80
CA LYS DC 184 -19.14 -82.14 -83.89
C LYS DC 184 -18.94 -83.63 -84.14
N THR DC 185 -20.03 -84.36 -84.37
CA THR DC 185 -19.92 -85.80 -84.58
C THR DC 185 -19.28 -86.12 -85.93
N GLU DC 186 -19.57 -85.30 -86.94
CA GLU DC 186 -18.86 -85.41 -88.21
C GLU DC 186 -17.37 -85.12 -88.03
N MET DC 187 -17.05 -84.13 -87.21
CA MET DC 187 -15.65 -83.82 -86.90
C MET DC 187 -14.97 -84.99 -86.22
N TYR DC 188 -15.64 -85.63 -85.26
CA TYR DC 188 -15.05 -86.75 -84.54
C TYR DC 188 -14.79 -87.94 -85.46
N ARG DC 189 -15.80 -88.36 -86.24
CA ARG DC 189 -15.59 -89.50 -87.12
C ARG DC 189 -14.61 -89.16 -88.24
N LEU DC 190 -14.58 -87.91 -88.68
CA LEU DC 190 -13.69 -87.49 -89.76
C LEU DC 190 -12.25 -87.45 -89.29
N HIS DC 191 -12.02 -87.09 -88.02
CA HIS DC 191 -10.67 -87.14 -87.47
C HIS DC 191 -10.26 -88.58 -87.18
N LYS DC 192 -11.22 -89.41 -86.74
CA LYS DC 192 -10.88 -90.78 -86.37
C LYS DC 192 -10.53 -91.62 -87.60
N GLU DC 193 -11.23 -91.43 -88.72
CA GLU DC 193 -10.97 -92.25 -89.89
C GLU DC 193 -9.67 -91.87 -90.59
N ASN DC 194 -9.20 -90.63 -90.42
CA ASN DC 194 -8.00 -90.14 -91.08
C ASN DC 194 -7.29 -89.18 -90.15
N PRO DC 195 -6.51 -89.69 -89.20
CA PRO DC 195 -5.87 -88.80 -88.23
C PRO DC 195 -4.65 -88.06 -88.78
N GLU DC 196 -3.91 -88.68 -89.71
CA GLU DC 196 -2.64 -88.13 -90.12
C GLU DC 196 -2.78 -86.95 -91.06
N VAL DC 197 -3.95 -86.78 -91.70
CA VAL DC 197 -4.18 -85.68 -92.63
C VAL DC 197 -5.28 -84.76 -92.13
N TYR DC 198 -6.40 -85.34 -91.68
CA TYR DC 198 -7.51 -84.54 -91.16
C TYR DC 198 -7.24 -84.26 -89.68
N THR DC 199 -6.20 -83.48 -89.43
CA THR DC 199 -5.71 -83.21 -88.09
C THR DC 199 -6.50 -82.06 -87.46
N VAL DC 200 -6.05 -81.67 -86.27
CA VAL DC 200 -6.79 -80.70 -85.47
C VAL DC 200 -6.75 -79.31 -86.10
N GLU DC 201 -5.59 -78.92 -86.67
CA GLU DC 201 -5.50 -77.63 -87.35
C GLU DC 201 -6.39 -77.59 -88.59
N ARG DC 202 -6.42 -78.68 -89.35
CA ARG DC 202 -7.28 -78.76 -90.53
C ARG DC 202 -8.76 -78.69 -90.13
N LEU DC 203 -9.12 -79.38 -89.05
CA LEU DC 203 -10.50 -79.34 -88.58
C LEU DC 203 -10.89 -77.94 -88.12
N ALA DC 204 -9.99 -77.27 -87.40
CA ALA DC 204 -10.26 -75.91 -86.95
C ALA DC 204 -10.37 -74.93 -88.11
N LYS DC 205 -9.56 -75.10 -89.15
CA LYS DC 205 -9.66 -74.21 -90.31
C LYS DC 205 -10.92 -74.49 -91.11
N ASP DC 206 -11.36 -75.73 -91.19
CA ASP DC 206 -12.56 -76.05 -91.94
C ASP DC 206 -13.82 -75.62 -91.21
N TYR DC 207 -13.87 -75.80 -89.90
CA TYR DC 207 -15.08 -75.53 -89.13
C TYR DC 207 -15.06 -74.18 -88.43
N ARG DC 208 -13.97 -73.42 -88.57
CA ARG DC 208 -13.86 -72.04 -88.10
C ARG DC 208 -14.11 -71.89 -86.61
N ILE DC 209 -13.38 -72.68 -85.81
CA ILE DC 209 -13.42 -72.59 -84.36
C ILE DC 209 -12.00 -72.66 -83.82
N MET DC 210 -11.87 -72.71 -82.50
CA MET DC 210 -10.57 -72.73 -81.85
C MET DC 210 -10.05 -74.16 -81.69
N ARG DC 211 -8.73 -74.29 -81.78
CA ARG DC 211 -8.09 -75.60 -81.69
C ARG DC 211 -8.26 -76.20 -80.30
N GLN DC 212 -8.32 -75.35 -79.27
CA GLN DC 212 -8.69 -75.77 -77.93
C GLN DC 212 -10.06 -76.42 -77.92
N ARG DC 213 -11.01 -75.78 -78.60
CA ARG DC 213 -12.36 -76.33 -78.66
C ARG DC 213 -12.38 -77.65 -79.40
N VAL DC 214 -11.57 -77.77 -80.46
CA VAL DC 214 -11.52 -79.03 -81.21
C VAL DC 214 -10.96 -80.15 -80.34
N HIS DC 215 -9.91 -79.87 -79.58
CA HIS DC 215 -9.37 -80.87 -78.66
C HIS DC 215 -10.39 -81.30 -77.61
N ALA DC 216 -11.12 -80.34 -77.04
CA ALA DC 216 -12.16 -80.67 -76.07
C ALA DC 216 -13.27 -81.50 -76.71
N ILE DC 217 -13.64 -81.18 -77.95
CA ILE DC 217 -14.70 -81.91 -78.65
C ILE DC 217 -14.29 -83.34 -78.88
N LEU DC 218 -13.06 -83.56 -79.37
CA LEU DC 218 -12.60 -84.93 -79.63
C LEU DC 218 -12.49 -85.74 -78.36
N PHE DC 219 -11.98 -85.14 -77.27
CA PHE DC 219 -11.87 -85.85 -76.00
C PHE DC 219 -13.25 -86.23 -75.45
N LEU DC 220 -14.20 -85.29 -75.52
CA LEU DC 220 -15.55 -85.59 -75.03
C LEU DC 220 -16.28 -86.58 -75.91
N LYS DC 221 -15.98 -86.62 -77.21
CA LYS DC 221 -16.60 -87.61 -78.07
C LYS DC 221 -16.05 -89.00 -77.81
N GLU DC 222 -14.74 -89.12 -77.56
CA GLU DC 222 -14.19 -90.42 -77.16
C GLU DC 222 -14.76 -90.88 -75.83
N ASP DC 223 -14.93 -89.97 -74.88
CA ASP DC 223 -15.59 -90.32 -73.62
C ASP DC 223 -17.03 -90.75 -73.84
N GLU DC 224 -17.75 -90.07 -74.73
CA GLU DC 224 -19.14 -90.42 -75.01
C GLU DC 224 -19.26 -91.80 -75.62
N GLU DC 225 -18.41 -92.12 -76.61
CA GLU DC 225 -18.50 -93.43 -77.23
C GLU DC 225 -18.05 -94.54 -76.28
N GLU DC 226 -17.12 -94.25 -75.36
CA GLU DC 226 -16.81 -95.23 -74.33
C GLU DC 226 -17.96 -95.43 -73.36
N GLU DC 227 -18.70 -94.35 -73.04
CA GLU DC 227 -19.87 -94.48 -72.18
C GLU DC 227 -20.96 -95.31 -72.84
N GLU DC 228 -21.21 -95.07 -74.13
CA GLU DC 228 -22.21 -95.86 -74.84
C GLU DC 228 -21.75 -97.30 -75.04
N ARG DC 229 -20.43 -97.52 -75.18
CA ARG DC 229 -19.87 -98.85 -75.25
C ARG DC 229 -20.09 -99.61 -73.94
N LYS DC 230 -19.93 -98.92 -72.82
CA LYS DC 230 -20.17 -99.55 -71.53
C LYS DC 230 -21.64 -99.81 -71.28
N LEU DC 231 -22.51 -98.90 -71.72
CA LEU DC 231 -23.93 -99.05 -71.47
C LEU DC 231 -24.56 -100.11 -72.36
N GLY DC 232 -24.20 -100.13 -73.65
CA GLY DC 232 -24.83 -101.01 -74.60
C GLY DC 232 -26.03 -100.43 -75.30
N ARG DC 233 -26.52 -99.27 -74.84
CA ARG DC 233 -27.62 -98.54 -75.45
C ARG DC 233 -27.19 -97.10 -75.67
N PRO DC 234 -27.66 -96.46 -76.74
CA PRO DC 234 -27.25 -95.07 -76.99
C PRO DC 234 -27.80 -94.12 -75.94
N LEU DC 235 -27.04 -93.07 -75.67
CA LEU DC 235 -27.37 -92.16 -74.59
C LEU DC 235 -28.50 -91.22 -74.98
N ASP DC 236 -29.03 -90.53 -73.99
CA ASP DC 236 -30.14 -89.61 -74.21
C ASP DC 236 -29.65 -88.34 -74.90
N ASP DC 237 -30.26 -88.02 -76.04
CA ASP DC 237 -29.88 -86.86 -76.84
C ASP DC 237 -30.98 -85.81 -76.90
N SER DC 238 -31.92 -85.83 -75.95
CA SER DC 238 -33.09 -84.95 -76.03
C SER DC 238 -32.72 -83.48 -75.86
N VAL DC 239 -31.77 -83.18 -74.98
CA VAL DC 239 -31.26 -81.82 -74.85
C VAL DC 239 -30.51 -81.40 -76.10
N GLU DC 240 -29.68 -82.29 -76.62
CA GLU DC 240 -28.78 -81.92 -77.71
C GLU DC 240 -29.55 -81.69 -79.01
N ARG DC 241 -30.56 -82.49 -79.27
CA ARG DC 241 -31.40 -82.25 -80.46
C ARG DC 241 -32.21 -80.97 -80.30
N LEU DC 242 -32.59 -80.62 -79.06
CA LEU DC 242 -33.30 -79.36 -78.84
C LEU DC 242 -32.40 -78.17 -79.14
N LEU DC 243 -31.15 -78.21 -78.68
CA LEU DC 243 -30.21 -77.17 -79.06
C LEU DC 243 -29.84 -77.22 -80.53
N ASP DC 244 -30.02 -78.37 -81.18
CA ASP DC 244 -29.63 -78.53 -82.57
C ASP DC 244 -30.67 -77.95 -83.53
N GLU DC 245 -31.93 -78.34 -83.37
CA GLU DC 245 -32.94 -77.95 -84.37
C GLU DC 245 -33.32 -76.48 -84.28
N TYR DC 246 -33.18 -75.86 -83.10
CA TYR DC 246 -33.66 -74.50 -82.89
C TYR DC 246 -32.54 -73.62 -82.36
N PRO DC 247 -31.60 -73.19 -83.21
CA PRO DC 247 -30.56 -72.26 -82.77
C PRO DC 247 -31.06 -70.85 -82.56
N GLU DC 248 -32.23 -70.50 -83.09
CA GLU DC 248 -32.81 -69.17 -82.91
C GLU DC 248 -33.60 -69.06 -81.62
N PHE DC 249 -33.71 -70.14 -80.85
CA PHE DC 249 -34.41 -70.12 -79.58
C PHE DC 249 -33.50 -69.81 -78.40
N PHE DC 250 -32.20 -69.66 -78.63
CA PHE DC 250 -31.24 -69.44 -77.56
C PHE DC 250 -30.21 -68.40 -78.01
N VAL DC 251 -29.25 -68.11 -77.13
CA VAL DC 251 -28.18 -67.16 -77.40
C VAL DC 251 -26.85 -67.89 -77.28
N SER DC 252 -26.00 -67.75 -78.29
CA SER DC 252 -24.70 -68.39 -78.30
C SER DC 252 -23.63 -67.39 -78.67
N HIS DC 253 -22.42 -67.60 -78.14
CA HIS DC 253 -21.34 -66.63 -78.31
C HIS DC 253 -20.02 -67.32 -78.60
N ASP DC 254 -20.01 -68.37 -79.41
CA ASP DC 254 -18.77 -69.07 -79.70
C ASP DC 254 -17.84 -68.20 -80.54
N ARG DC 255 -16.55 -68.51 -80.49
CA ARG DC 255 -15.51 -67.64 -81.04
C ARG DC 255 -14.71 -68.38 -82.10
N GLU DC 256 -14.40 -67.67 -83.19
CA GLU DC 256 -13.59 -68.25 -84.25
C GLU DC 256 -12.10 -68.07 -84.02
N PHE DC 257 -11.64 -66.83 -83.90
CA PHE DC 257 -10.23 -66.58 -83.63
C PHE DC 257 -10.08 -65.58 -82.49
N HIS DC 258 -8.92 -65.63 -81.85
CA HIS DC 258 -8.64 -64.82 -80.68
C HIS DC 258 -8.26 -63.40 -81.08
N VAL DC 259 -8.87 -62.42 -80.41
CA VAL DC 259 -8.55 -61.01 -80.58
C VAL DC 259 -8.06 -60.48 -79.24
N ALA DC 260 -6.86 -59.90 -79.23
CA ALA DC 260 -6.24 -59.47 -77.99
C ALA DC 260 -6.87 -58.18 -77.47
N SER DC 261 -6.81 -58.01 -76.16
CA SER DC 261 -7.28 -56.81 -75.49
C SER DC 261 -6.08 -55.91 -75.21
N LEU DC 262 -6.09 -54.72 -75.78
CA LEU DC 262 -4.98 -53.78 -75.61
C LEU DC 262 -5.36 -52.69 -74.62
N SER DC 263 -4.34 -52.12 -73.98
CA SER DC 263 -4.49 -50.89 -73.23
C SER DC 263 -4.08 -49.75 -74.15
N TYR DC 264 -4.96 -48.77 -74.31
CA TYR DC 264 -4.68 -47.64 -75.19
C TYR DC 264 -4.06 -46.49 -74.40
N LYS DC 265 -2.95 -46.82 -73.77
CA LYS DC 265 -2.21 -45.85 -72.97
C LYS DC 265 -1.58 -44.81 -73.89
N PRO DC 266 -1.82 -43.53 -73.65
CA PRO DC 266 -1.28 -42.50 -74.55
C PRO DC 266 0.22 -42.32 -74.37
N ASP DC 267 0.97 -42.59 -75.44
CA ASP DC 267 2.42 -42.43 -75.45
C ASP DC 267 2.85 -42.25 -76.88
N PHE DC 268 3.52 -41.15 -77.19
CA PHE DC 268 3.82 -40.76 -78.57
C PHE DC 268 5.30 -40.53 -78.75
N LYS DC 269 5.68 -40.19 -79.99
CA LYS DC 269 7.04 -39.86 -80.35
C LYS DC 269 7.00 -39.06 -81.64
N VAL DC 270 7.67 -37.90 -81.65
CA VAL DC 270 7.58 -36.99 -82.78
C VAL DC 270 8.74 -37.25 -83.74
N MET DC 271 8.41 -37.48 -85.00
CA MET DC 271 9.39 -37.81 -86.02
C MET DC 271 10.21 -36.58 -86.39
N PRO DC 272 11.39 -36.78 -87.01
CA PRO DC 272 12.15 -35.64 -87.51
C PRO DC 272 11.44 -34.96 -88.68
N GLU DC 273 11.89 -33.74 -88.98
CA GLU DC 273 11.25 -32.94 -90.02
C GLU DC 273 11.52 -33.52 -91.41
N GLY DC 274 12.75 -33.91 -91.68
CA GLY DC 274 13.07 -34.51 -92.95
C GLY DC 274 13.00 -36.02 -92.89
N TRP DC 275 11.81 -36.55 -92.64
CA TRP DC 275 11.61 -37.98 -92.46
C TRP DC 275 10.75 -38.51 -93.60
N ASP DC 276 11.14 -39.68 -94.13
CA ASP DC 276 10.35 -40.39 -95.12
C ASP DC 276 10.22 -41.83 -94.69
N GLY DC 277 9.02 -42.38 -94.81
CA GLY DC 277 8.74 -43.73 -94.38
C GLY DC 277 7.29 -43.88 -94.01
N THR DC 278 6.78 -45.09 -94.19
CA THR DC 278 5.36 -45.37 -94.00
C THR DC 278 5.16 -45.96 -92.61
N ILE DC 279 4.32 -45.31 -91.81
CA ILE DC 279 4.03 -45.81 -90.47
C ILE DC 279 3.15 -47.06 -90.57
N LYS DC 280 3.28 -47.93 -89.59
CA LYS DC 280 2.56 -49.19 -89.62
C LYS DC 280 1.07 -48.98 -89.33
N ASP DC 281 0.28 -49.99 -89.71
CA ASP DC 281 -1.15 -49.96 -89.43
C ASP DC 281 -1.44 -50.52 -88.05
N MET DC 282 -2.34 -49.84 -87.33
CA MET DC 282 -2.72 -50.29 -86.00
C MET DC 282 -3.41 -51.64 -86.04
N ASP DC 283 -4.16 -51.92 -87.10
CA ASP DC 283 -4.76 -53.23 -87.27
C ASP DC 283 -3.70 -54.30 -87.52
N GLU DC 284 -2.64 -53.96 -88.25
CA GLU DC 284 -1.54 -54.90 -88.46
C GLU DC 284 -0.84 -55.22 -87.14
N VAL DC 285 -0.57 -54.21 -86.31
CA VAL DC 285 0.11 -54.44 -85.04
C VAL DC 285 -0.78 -55.24 -84.09
N HIS DC 286 -2.08 -54.93 -84.07
CA HIS DC 286 -3.01 -55.71 -83.27
C HIS DC 286 -3.09 -57.15 -83.74
N TYR DC 287 -2.97 -57.39 -85.05
CA TYR DC 287 -2.92 -58.74 -85.58
C TYR DC 287 -1.69 -59.49 -85.07
N GLU DC 288 -0.52 -58.84 -85.10
CA GLU DC 288 0.69 -59.50 -84.60
C GLU DC 288 0.58 -59.85 -83.13
N ILE DC 289 0.04 -58.91 -82.33
CA ILE DC 289 -0.11 -59.13 -80.90
C ILE DC 289 -1.07 -60.29 -80.63
N SER DC 290 -2.20 -60.32 -81.35
CA SER DC 290 -3.17 -61.39 -81.17
C SER DC 290 -2.62 -62.74 -81.60
N LYS DC 291 -1.83 -62.78 -82.67
CA LYS DC 291 -1.22 -64.03 -83.09
C LYS DC 291 -0.26 -64.57 -82.04
N LYS DC 292 0.59 -63.70 -81.50
CA LYS DC 292 1.54 -64.11 -80.47
C LYS DC 292 0.82 -64.64 -79.22
N GLU DC 293 -0.21 -63.92 -78.78
CA GLU DC 293 -0.95 -64.37 -77.61
C GLU DC 293 -1.73 -65.65 -77.87
N ASP DC 294 -2.22 -65.86 -79.09
CA ASP DC 294 -2.90 -67.12 -79.40
C ASP DC 294 -1.93 -68.29 -79.37
N ASP DC 295 -0.70 -68.09 -79.86
CA ASP DC 295 0.29 -69.16 -79.78
C ASP DC 295 0.61 -69.51 -78.34
N ILE DC 296 0.79 -68.49 -77.49
CA ILE DC 296 1.09 -68.72 -76.07
C ILE DC 296 -0.07 -69.45 -75.39
N LEU DC 297 -1.30 -69.02 -75.66
CA LEU DC 297 -2.47 -69.65 -75.08
C LEU DC 297 -2.64 -71.09 -75.55
N TYR DC 298 -2.37 -71.37 -76.83
CA TYR DC 298 -2.48 -72.74 -77.34
C TYR DC 298 -1.50 -73.67 -76.66
N GLU DC 299 -0.24 -73.26 -76.55
CA GLU DC 299 0.73 -74.16 -75.94
C GLU DC 299 0.49 -74.33 -74.44
N GLU DC 300 0.03 -73.28 -73.76
CA GLU DC 300 -0.34 -73.41 -72.35
C GLU DC 300 -1.51 -74.38 -72.18
N PHE DC 301 -2.50 -74.30 -73.07
CA PHE DC 301 -3.63 -75.21 -73.01
C PHE DC 301 -3.20 -76.64 -73.25
N LEU DC 302 -2.28 -76.86 -74.20
CA LEU DC 302 -1.80 -78.22 -74.44
C LEU DC 302 -1.09 -78.78 -73.21
N ARG DC 303 -0.21 -77.97 -72.60
CA ARG DC 303 0.53 -78.43 -71.43
C ARG DC 303 -0.38 -78.72 -70.24
N ARG DC 304 -1.46 -77.96 -70.08
CA ARG DC 304 -2.38 -78.29 -69.00
C ARG DC 304 -3.27 -79.48 -69.34
N PHE DC 305 -3.75 -79.54 -70.59
CA PHE DC 305 -4.80 -80.49 -70.94
C PHE DC 305 -4.26 -81.90 -71.06
N GLU DC 306 -3.03 -82.08 -71.56
CA GLU DC 306 -2.46 -83.42 -71.64
C GLU DC 306 -2.25 -84.02 -70.25
N PHE DC 307 -1.77 -83.18 -69.32
CA PHE DC 307 -1.60 -83.61 -67.94
C PHE DC 307 -2.94 -83.97 -67.30
N ASN DC 308 -3.97 -83.18 -67.55
CA ASN DC 308 -5.28 -83.52 -67.03
C ASN DC 308 -5.86 -84.77 -67.67
N LYS DC 309 -5.56 -85.02 -68.94
CA LYS DC 309 -6.05 -86.22 -69.61
C LYS DC 309 -5.44 -87.48 -69.02
N LEU DC 310 -4.13 -87.47 -68.78
CA LEU DC 310 -3.58 -88.67 -68.15
C LEU DC 310 -3.84 -88.73 -66.65
N LYS DC 311 -4.21 -87.62 -66.01
CA LYS DC 311 -4.77 -87.73 -64.67
C LYS DC 311 -6.14 -88.39 -64.69
N TRP DC 312 -6.93 -88.11 -65.73
CA TRP DC 312 -8.21 -88.79 -65.93
C TRP DC 312 -8.00 -90.27 -66.21
N LYS DC 313 -6.96 -90.62 -66.96
CA LYS DC 313 -6.61 -92.03 -67.15
C LYS DC 313 -6.20 -92.68 -65.85
N GLY DC 314 -5.34 -92.02 -65.06
CA GLY DC 314 -5.08 -92.48 -63.71
C GLY DC 314 -3.63 -92.79 -63.37
N GLU DC 315 -2.69 -92.19 -64.10
CA GLU DC 315 -1.28 -92.41 -63.83
C GLU DC 315 -0.72 -91.48 -62.77
N VAL DC 316 -1.48 -90.49 -62.32
CA VAL DC 316 -1.01 -89.50 -61.36
C VAL DC 316 -1.74 -89.72 -60.04
N LYS DC 317 -0.99 -89.66 -58.94
CA LYS DC 317 -1.50 -90.00 -57.62
C LYS DC 317 -2.62 -89.07 -57.18
N CYS DC 318 -2.30 -87.81 -56.93
CA CYS DC 318 -3.26 -86.75 -56.52
C CYS DC 318 -4.07 -87.16 -55.30
N HIS DC 319 -3.39 -87.78 -54.33
CA HIS DC 319 -3.96 -88.03 -53.02
C HIS DC 319 -2.81 -88.13 -52.05
N LYS DC 320 -3.07 -87.85 -50.78
CA LYS DC 320 -2.05 -88.07 -49.78
C LYS DC 320 -1.90 -89.56 -49.46
N TYR DC 321 -2.97 -90.32 -49.60
CA TYR DC 321 -3.00 -91.72 -49.19
C TYR DC 321 -2.79 -92.67 -50.35
N SER DC 322 -2.32 -92.18 -51.49
CA SER DC 322 -1.98 -93.02 -52.62
C SER DC 322 -0.50 -92.92 -52.99
N ARG DC 323 0.28 -92.11 -52.30
CA ARG DC 323 1.71 -92.03 -52.51
C ARG DC 323 2.37 -92.90 -51.45
N ARG DC 324 2.71 -94.12 -51.84
CA ARG DC 324 3.28 -95.13 -50.96
C ARG DC 324 4.71 -95.45 -51.36
N ARG DC 325 5.47 -95.93 -50.40
CA ARG DC 325 6.86 -96.30 -50.64
C ARG DC 325 6.92 -97.55 -51.50
N SER DC 326 7.97 -97.63 -52.31
CA SER DC 326 8.23 -98.84 -53.08
C SER DC 326 8.87 -99.89 -52.18
N SER DC 327 9.26 -101.02 -52.75
CA SER DC 327 9.94 -102.03 -51.97
C SER DC 327 11.37 -101.64 -51.64
N ASP DC 328 11.99 -100.79 -52.46
CA ASP DC 328 13.37 -100.37 -52.25
C ASP DC 328 13.48 -99.01 -51.57
N GLY DC 329 12.48 -98.16 -51.68
CA GLY DC 329 12.50 -96.87 -51.02
C GLY DC 329 11.75 -95.84 -51.84
N TRP DC 330 12.22 -94.59 -51.72
CA TRP DC 330 11.70 -93.48 -52.50
C TRP DC 330 12.68 -93.10 -53.58
N LYS DC 331 12.17 -92.70 -54.74
CA LYS DC 331 13.04 -92.06 -55.69
C LYS DC 331 13.07 -90.55 -55.42
N ILE DC 332 14.10 -89.90 -55.93
CA ILE DC 332 14.33 -88.47 -55.74
C ILE DC 332 14.47 -87.87 -57.14
N THR DC 333 14.28 -86.56 -57.26
CA THR DC 333 14.55 -85.86 -58.51
C THR DC 333 15.62 -84.82 -58.20
N VAL DC 334 16.88 -85.18 -58.47
CA VAL DC 334 18.00 -84.31 -58.15
C VAL DC 334 18.12 -83.22 -59.20
N GLU DC 335 18.18 -81.97 -58.75
CA GLU DC 335 18.34 -80.81 -59.62
C GLU DC 335 19.70 -80.19 -59.39
N LYS DC 336 20.39 -79.86 -60.47
CA LYS DC 336 21.70 -79.23 -60.40
C LYS DC 336 21.50 -77.71 -60.41
N LEU DC 337 21.38 -77.13 -59.23
CA LEU DC 337 21.25 -75.69 -59.11
C LEU DC 337 22.59 -75.00 -59.35
N GLY DC 338 22.55 -73.68 -59.39
CA GLY DC 338 23.73 -72.89 -59.65
C GLY DC 338 23.83 -72.47 -61.10
N PRO DC 339 24.67 -71.48 -61.39
CA PRO DC 339 24.82 -71.02 -62.77
C PRO DC 339 25.53 -72.01 -63.68
N GLN DC 340 26.26 -72.98 -63.13
CA GLN DC 340 26.93 -73.97 -63.96
C GLN DC 340 26.05 -75.19 -64.23
N GLY DC 341 24.98 -75.37 -63.49
CA GLY DC 341 24.08 -76.50 -63.71
C GLY DC 341 22.82 -76.12 -64.43
N LYS DC 342 22.86 -75.02 -65.19
CA LYS DC 342 21.67 -74.50 -65.84
C LYS DC 342 21.36 -75.28 -67.10
N ARG DC 343 20.15 -75.84 -67.16
CA ARG DC 343 19.65 -76.48 -68.37
C ARG DC 343 19.18 -75.47 -69.40
N GLY DC 344 19.12 -74.20 -69.04
CA GLY DC 344 18.67 -73.13 -69.91
C GLY DC 344 17.98 -72.07 -69.10
N ASN DC 345 17.41 -71.10 -69.78
CA ASN DC 345 16.68 -70.02 -69.13
C ASN DC 345 15.39 -70.57 -68.53
N GLY DC 346 15.37 -70.76 -67.21
CA GLY DC 346 14.19 -71.26 -66.55
C GLY DC 346 14.43 -72.20 -65.38
N GLY DC 347 15.54 -72.91 -65.38
CA GLY DC 347 15.82 -73.82 -64.28
C GLY DC 347 17.12 -74.56 -64.48
N GLY DC 348 17.32 -75.59 -63.66
CA GLY DC 348 18.52 -76.41 -63.73
C GLY DC 348 18.25 -77.81 -64.22
N TRP DC 349 19.31 -78.50 -64.65
CA TRP DC 349 19.20 -79.85 -65.18
C TRP DC 349 18.78 -80.83 -64.09
N LYS DC 350 18.16 -81.93 -64.51
CA LYS DC 350 17.57 -82.88 -63.58
C LYS DC 350 17.95 -84.31 -63.93
N PHE DC 351 18.11 -85.14 -62.90
CA PHE DC 351 18.19 -86.58 -63.06
C PHE DC 351 17.51 -87.23 -61.86
N VAL DC 352 17.53 -88.56 -61.80
CA VAL DC 352 16.63 -89.31 -60.91
C VAL DC 352 17.36 -89.92 -59.71
N SER DC 353 18.32 -90.82 -59.97
CA SER DC 353 19.05 -91.55 -58.91
C SER DC 353 18.10 -92.39 -58.04
N LEU DC 354 17.61 -93.47 -58.66
CA LEU DC 354 16.77 -94.55 -58.15
C LEU DC 354 17.26 -95.09 -56.79
N PRO DC 355 16.40 -95.71 -55.98
CA PRO DC 355 16.83 -96.13 -54.63
C PRO DC 355 17.93 -97.16 -54.59
N ASP DC 356 18.18 -97.89 -55.67
CA ASP DC 356 19.18 -98.95 -55.68
C ASP DC 356 20.59 -98.44 -55.91
N GLY DC 357 20.76 -97.16 -56.18
CA GLY DC 357 22.07 -96.60 -56.47
C GLY DC 357 22.33 -96.29 -57.92
N SER DC 358 21.37 -96.54 -58.81
CA SER DC 358 21.51 -96.22 -60.22
C SER DC 358 20.71 -94.97 -60.55
N SER DC 359 21.11 -94.29 -61.61
CA SER DC 359 20.46 -93.07 -62.06
C SER DC 359 20.18 -93.15 -63.55
N ARG DC 360 19.11 -92.50 -63.96
CA ARG DC 360 18.61 -92.53 -65.33
C ARG DC 360 18.17 -91.14 -65.73
N PRO DC 361 18.10 -90.85 -67.03
CA PRO DC 361 17.45 -89.61 -67.46
C PRO DC 361 15.94 -89.69 -67.26
N LEU DC 362 15.28 -88.56 -67.53
CA LEU DC 362 13.86 -88.44 -67.23
C LEU DC 362 13.01 -89.20 -68.24
N ASN DC 363 11.82 -89.60 -67.79
CA ASN DC 363 10.80 -90.17 -68.66
C ASN DC 363 9.95 -89.03 -69.25
N GLU DC 364 8.89 -89.39 -69.96
CA GLU DC 364 8.01 -88.37 -70.53
C GLU DC 364 7.15 -87.72 -69.45
N VAL DC 365 6.74 -88.50 -68.44
CA VAL DC 365 5.97 -87.94 -67.33
C VAL DC 365 6.83 -86.94 -66.54
N GLU DC 366 8.07 -87.31 -66.24
CA GLU DC 366 8.99 -86.41 -65.57
C GLU DC 366 9.33 -85.19 -66.42
N LYS DC 367 9.46 -85.38 -67.74
CA LYS DC 367 9.68 -84.25 -68.63
C LYS DC 367 8.50 -83.30 -68.67
N MET DC 368 7.28 -83.82 -68.61
CA MET DC 368 6.10 -82.97 -68.49
C MET DC 368 6.07 -82.20 -67.18
N TYR DC 369 6.47 -82.85 -66.08
CA TYR DC 369 6.56 -82.14 -64.80
C TYR DC 369 7.58 -81.01 -64.85
N VAL DC 370 8.73 -81.27 -65.46
CA VAL DC 370 9.76 -80.25 -65.62
C VAL DC 370 9.24 -79.10 -66.46
N LYS DC 371 8.52 -79.40 -67.54
CA LYS DC 371 7.99 -78.34 -68.40
C LYS DC 371 6.91 -77.54 -67.69
N ARG DC 372 6.07 -78.19 -66.90
CA ARG DC 372 4.94 -77.49 -66.28
C ARG DC 372 5.28 -76.77 -64.99
N GLU DC 373 6.43 -77.03 -64.38
CA GLU DC 373 6.80 -76.30 -63.18
C GLU DC 373 7.74 -75.13 -63.42
N ALA DC 374 8.08 -74.84 -64.67
CA ALA DC 374 9.03 -73.78 -64.96
C ALA DC 374 8.37 -72.41 -64.82
N PRO DC 375 9.14 -71.35 -64.54
CA PRO DC 375 8.58 -70.00 -64.58
C PRO DC 375 8.38 -69.53 -66.01
N ARG DC 376 7.46 -68.57 -66.18
CA ARG DC 376 7.09 -68.06 -67.49
C ARG DC 376 7.23 -66.56 -67.51
N ARG DC 377 7.80 -66.05 -68.61
CA ARG DC 377 8.22 -64.65 -68.71
C ARG DC 377 7.14 -63.84 -69.42
N ARG DC 378 6.02 -63.66 -68.73
CA ARG DC 378 4.90 -62.89 -69.24
C ARG DC 378 3.99 -62.54 -68.07
N ARG DC 379 3.15 -61.52 -68.28
CA ARG DC 379 2.08 -61.27 -67.35
C ARG DC 379 1.02 -62.35 -67.47
N LYS DC 380 0.19 -62.48 -66.46
CA LYS DC 380 -0.85 -63.50 -66.49
C LYS DC 380 -1.95 -63.07 -67.47
N ILE DC 381 -2.10 -63.83 -68.53
CA ILE DC 381 -3.20 -63.64 -69.48
C ILE DC 381 -4.39 -64.44 -68.99
N LEU DC 382 -5.59 -63.88 -69.19
CA LEU DC 382 -6.91 -64.42 -68.81
C LEU DC 382 -6.99 -65.09 -67.44
N SER EC 34 20.20 -43.52 -91.10
CA SER EC 34 21.54 -44.06 -90.89
C SER EC 34 22.56 -42.96 -90.64
N ALA EC 35 23.83 -43.34 -90.57
CA ALA EC 35 24.93 -42.39 -90.45
C ALA EC 35 25.63 -42.12 -91.77
N SER EC 36 25.14 -42.70 -92.87
CA SER EC 36 25.78 -42.58 -94.19
C SER EC 36 25.10 -41.56 -95.10
N ASP EC 37 23.90 -41.09 -94.74
CA ASP EC 37 23.07 -40.28 -95.63
C ASP EC 37 23.13 -38.79 -95.31
N ALA EC 38 24.03 -38.37 -94.42
CA ALA EC 38 23.98 -37.03 -93.85
C ALA EC 38 24.30 -35.95 -94.87
N ASP EC 39 25.01 -36.29 -95.96
CA ASP EC 39 25.20 -35.30 -97.01
C ASP EC 39 23.91 -35.06 -97.77
N VAL EC 40 23.20 -36.12 -98.15
CA VAL EC 40 21.97 -35.98 -98.90
C VAL EC 40 20.84 -35.35 -98.09
N GLN EC 41 20.83 -35.57 -96.78
CA GLN EC 41 19.87 -34.88 -95.92
C GLN EC 41 20.07 -33.37 -95.98
N ASP EC 42 21.33 -32.92 -96.00
CA ASP EC 42 21.61 -31.50 -96.15
C ASP EC 42 21.38 -31.00 -97.56
N GLN EC 43 21.57 -31.86 -98.57
CA GLN EC 43 21.33 -31.47 -99.96
C GLN EC 43 19.86 -31.25 -100.26
N VAL EC 44 18.98 -32.07 -99.72
CA VAL EC 44 17.53 -31.90 -99.90
C VAL EC 44 16.92 -31.67 -98.53
N SER EC 45 16.65 -30.42 -98.21
CA SER EC 45 16.06 -30.04 -96.93
C SER EC 45 14.53 -30.05 -97.03
N VAL EC 46 13.90 -30.42 -95.93
CA VAL EC 46 12.45 -30.51 -95.85
C VAL EC 46 11.95 -29.49 -94.86
N GLU EC 47 10.95 -28.71 -95.25
CA GLU EC 47 10.27 -27.77 -94.37
C GLU EC 47 8.85 -28.23 -94.14
N GLY EC 48 8.42 -28.22 -92.88
CA GLY EC 48 7.08 -28.64 -92.51
C GLY EC 48 6.22 -27.44 -92.13
N LYS EC 49 4.96 -27.50 -92.55
CA LYS EC 49 3.97 -26.48 -92.19
C LYS EC 49 2.74 -27.17 -91.64
N ALA EC 50 1.63 -26.43 -91.50
CA ALA EC 50 0.45 -26.95 -90.83
C ALA EC 50 -0.12 -28.18 -91.54
N LYS EC 51 -0.27 -28.09 -92.86
CA LYS EC 51 -0.76 -29.25 -93.61
C LYS EC 51 0.01 -29.45 -94.91
N SER EC 52 1.19 -28.86 -95.03
CA SER EC 52 1.95 -28.90 -96.26
C SER EC 52 3.41 -29.23 -95.98
N ARG EC 53 4.06 -29.79 -96.98
CA ARG EC 53 5.48 -30.11 -96.91
C ARG EC 53 6.17 -29.53 -98.14
N ALA EC 54 7.33 -28.92 -97.92
CA ALA EC 54 8.06 -28.25 -98.99
C ALA EC 54 9.46 -28.83 -99.07
N ALA EC 55 9.86 -29.27 -100.26
CA ALA EC 55 11.21 -29.75 -100.51
C ALA EC 55 12.05 -28.61 -101.07
N ILE EC 56 13.21 -28.39 -100.45
CA ILE EC 56 14.08 -27.27 -100.79
C ILE EC 56 15.40 -27.83 -101.30
N LEU EC 57 15.79 -27.41 -102.49
CA LEU EC 57 17.04 -27.88 -103.08
C LEU EC 57 18.20 -27.04 -102.55
N ASP EC 58 19.25 -27.71 -102.07
CA ASP EC 58 20.30 -27.07 -101.27
C ASP EC 58 21.68 -27.44 -101.79
N ARG EC 59 21.92 -27.26 -103.09
CA ARG EC 59 23.25 -27.49 -103.66
C ARG EC 59 23.79 -26.17 -104.19
N PRO EC 60 24.58 -25.43 -103.40
CA PRO EC 60 25.12 -24.16 -103.90
C PRO EC 60 26.37 -24.31 -104.74
N SER EC 61 27.09 -25.42 -104.63
CA SER EC 61 28.33 -25.59 -105.38
C SER EC 61 28.06 -25.77 -106.87
N SER EC 62 27.12 -26.65 -107.22
CA SER EC 62 26.81 -26.93 -108.61
C SER EC 62 25.54 -26.24 -109.06
N LEU EC 63 25.07 -25.25 -108.30
CA LEU EC 63 23.86 -24.47 -108.59
C LEU EC 63 22.64 -25.38 -108.73
N ASN EC 64 22.40 -26.17 -107.68
CA ASN EC 64 21.21 -27.01 -107.55
C ASN EC 64 21.05 -28.02 -108.68
N ALA EC 65 22.17 -28.49 -109.23
CA ALA EC 65 22.12 -29.50 -110.27
C ALA EC 65 21.80 -30.84 -109.63
N LEU EC 66 20.78 -31.52 -110.17
CA LEU EC 66 20.31 -32.77 -109.58
C LEU EC 66 21.33 -33.88 -109.78
N SER EC 67 21.33 -34.82 -108.84
CA SER EC 67 22.05 -36.07 -108.95
C SER EC 67 21.06 -37.22 -108.78
N ALA EC 68 21.56 -38.43 -108.99
CA ALA EC 68 20.74 -39.61 -108.71
C ALA EC 68 20.33 -39.73 -107.24
N PRO EC 69 21.18 -39.48 -106.22
CA PRO EC 69 20.65 -39.42 -104.84
C PRO EC 69 19.60 -38.36 -104.62
N MET EC 70 19.77 -37.17 -105.21
CA MET EC 70 18.77 -36.11 -105.03
C MET EC 70 17.43 -36.50 -105.65
N VAL EC 71 17.46 -37.07 -106.85
CA VAL EC 71 16.21 -37.47 -107.51
C VAL EC 71 15.56 -38.64 -106.78
N GLY EC 72 16.35 -39.59 -106.31
CA GLY EC 72 15.79 -40.70 -105.55
C GLY EC 72 15.18 -40.26 -104.22
N ARG EC 73 15.84 -39.35 -103.51
CA ARG EC 73 15.29 -38.83 -102.26
C ARG EC 73 14.01 -38.05 -102.50
N LEU EC 74 13.98 -37.22 -103.56
CA LEU EC 74 12.77 -36.48 -103.87
C LEU EC 74 11.64 -37.42 -104.25
N LYS EC 75 11.94 -38.52 -104.95
CA LYS EC 75 10.91 -39.50 -105.27
C LYS EC 75 10.34 -40.15 -104.02
N ARG EC 76 11.20 -40.53 -103.07
CA ARG EC 76 10.71 -41.11 -101.83
C ARG EC 76 9.87 -40.12 -101.03
N LEU EC 77 10.32 -38.87 -100.94
CA LEU EC 77 9.58 -37.84 -100.19
C LEU EC 77 8.22 -37.59 -100.81
N TYR EC 78 8.16 -37.44 -102.14
CA TYR EC 78 6.89 -37.17 -102.78
C TYR EC 78 5.95 -38.36 -102.76
N GLU EC 79 6.48 -39.59 -102.83
CA GLU EC 79 5.64 -40.76 -102.70
C GLU EC 79 5.03 -40.87 -101.30
N SER EC 80 5.83 -40.63 -100.27
CA SER EC 80 5.29 -40.65 -98.91
C SER EC 80 4.29 -39.52 -98.65
N TRP EC 81 4.55 -38.34 -99.19
CA TRP EC 81 3.61 -37.23 -98.99
C TRP EC 81 2.31 -37.47 -99.75
N GLU EC 82 2.36 -38.14 -100.90
CA GLU EC 82 1.14 -38.54 -101.57
C GLU EC 82 0.40 -39.61 -100.77
N GLU EC 83 1.14 -40.56 -100.19
CA GLU EC 83 0.52 -41.64 -99.43
C GLU EC 83 -0.14 -41.14 -98.16
N ASN EC 84 0.42 -40.09 -97.55
CA ASN EC 84 -0.11 -39.54 -96.30
C ASN EC 84 -1.41 -38.77 -96.53
N PRO EC 85 -2.48 -39.07 -95.78
CA PRO EC 85 -3.69 -38.24 -95.87
C PRO EC 85 -3.63 -36.95 -95.07
N ALA EC 86 -2.67 -36.82 -94.15
CA ALA EC 86 -2.60 -35.65 -93.29
C ALA EC 86 -1.87 -34.47 -93.92
N ILE EC 87 -1.45 -34.59 -95.18
CA ILE EC 87 -0.79 -33.52 -95.90
C ILE EC 87 -1.69 -33.12 -97.06
N SER EC 88 -1.96 -31.82 -97.20
CA SER EC 88 -2.93 -31.37 -98.18
C SER EC 88 -2.31 -30.97 -99.52
N PHE EC 89 -1.15 -30.31 -99.51
CA PHE EC 89 -0.47 -29.97 -100.74
C PHE EC 89 1.03 -29.93 -100.50
N VAL EC 90 1.81 -29.95 -101.58
CA VAL EC 90 3.27 -30.01 -101.47
C VAL EC 90 3.90 -28.89 -102.29
N LEU EC 91 5.16 -28.59 -101.97
CA LEU EC 91 5.83 -27.45 -102.58
C LEU EC 91 7.28 -27.79 -102.93
N MET EC 92 7.81 -27.04 -103.89
CA MET EC 92 9.21 -27.18 -104.31
C MET EC 92 9.84 -25.81 -104.41
N LYS EC 93 10.93 -25.61 -103.66
CA LYS EC 93 11.67 -24.36 -103.67
C LYS EC 93 13.16 -24.61 -103.88
N GLY EC 94 13.83 -23.58 -104.35
CA GLY EC 94 15.28 -23.59 -104.45
C GLY EC 94 15.88 -22.48 -103.60
N SER EC 95 17.07 -22.75 -103.08
CA SER EC 95 17.73 -21.83 -102.16
C SER EC 95 18.86 -21.11 -102.88
N GLY EC 96 18.89 -19.79 -102.76
CA GLY EC 96 19.91 -18.96 -103.36
C GLY EC 96 19.39 -18.19 -104.56
N LYS EC 97 20.33 -17.89 -105.47
CA LYS EC 97 20.02 -17.21 -106.73
C LYS EC 97 19.67 -18.20 -107.83
N THR EC 98 19.69 -19.49 -107.56
CA THR EC 98 19.42 -20.49 -108.58
C THR EC 98 18.30 -21.40 -108.12
N PHE EC 99 17.31 -21.60 -108.98
CA PHE EC 99 16.33 -22.65 -108.71
C PHE EC 99 16.91 -24.01 -109.02
N CYS EC 100 17.26 -24.24 -110.28
CA CYS EC 100 17.86 -25.50 -110.73
C CYS EC 100 18.53 -25.24 -112.07
N SER EC 101 19.81 -25.53 -112.17
CA SER EC 101 20.54 -25.35 -113.41
C SER EC 101 20.51 -26.57 -114.31
N GLY EC 102 19.86 -27.65 -113.88
CA GLY EC 102 19.73 -28.84 -114.71
C GLY EC 102 20.07 -30.12 -113.99
N ALA EC 103 20.84 -30.97 -114.65
CA ALA EC 103 21.31 -32.22 -114.07
C ALA EC 103 22.83 -32.26 -114.11
N ASP EC 104 23.40 -33.29 -113.47
CA ASP EC 104 24.84 -33.49 -113.42
C ASP EC 104 25.26 -34.27 -114.65
N VAL EC 105 25.88 -33.58 -115.61
CA VAL EC 105 26.40 -34.24 -116.81
C VAL EC 105 27.88 -34.59 -116.69
N LEU EC 106 28.62 -33.92 -115.81
CA LEU EC 106 30.04 -34.21 -115.66
C LEU EC 106 30.28 -35.58 -115.02
N PRO EC 107 29.43 -35.96 -114.07
CA PRO EC 107 29.50 -37.30 -113.49
C PRO EC 107 29.15 -38.38 -114.50
N LEU EC 108 28.16 -38.13 -115.36
CA LEU EC 108 27.85 -39.06 -116.44
C LEU EC 108 28.99 -39.15 -117.44
N TYR EC 109 29.66 -38.02 -117.71
CA TYR EC 109 30.80 -37.99 -118.61
C TYR EC 109 31.95 -38.84 -118.08
N HIS EC 110 32.25 -38.70 -116.79
CA HIS EC 110 33.29 -39.54 -116.19
C HIS EC 110 32.87 -41.00 -116.12
N SER EC 111 31.58 -41.27 -115.90
CA SER EC 111 31.12 -42.65 -115.86
C SER EC 111 31.20 -43.30 -117.24
N ILE EC 112 30.93 -42.54 -118.30
CA ILE EC 112 31.09 -43.07 -119.64
C ILE EC 112 32.58 -43.29 -119.94
N ASN EC 113 33.43 -42.34 -119.51
CA ASN EC 113 34.87 -42.47 -119.74
C ASN EC 113 35.49 -43.64 -118.99
N GLU EC 114 34.95 -44.02 -117.85
CA GLU EC 114 35.42 -45.22 -117.18
C GLU EC 114 34.77 -46.49 -117.70
N GLY EC 115 33.92 -46.38 -118.72
CA GLY EC 115 33.48 -47.54 -119.48
C GLY EC 115 32.03 -47.91 -119.35
N ASN EC 116 31.48 -47.86 -118.14
CA ASN EC 116 30.13 -48.36 -117.93
C ASN EC 116 29.08 -47.31 -118.28
N THR EC 117 27.84 -47.78 -118.42
CA THR EC 117 26.73 -46.94 -118.81
C THR EC 117 25.55 -47.12 -117.84
N GLU EC 118 25.66 -48.05 -116.88
CA GLU EC 118 24.55 -48.35 -115.98
C GLU EC 118 24.23 -47.18 -115.06
N GLU EC 119 25.23 -46.39 -114.66
CA GLU EC 119 24.96 -45.22 -113.83
C GLU EC 119 24.14 -44.18 -114.58
N CYS EC 120 24.48 -43.94 -115.86
CA CYS EC 120 23.70 -43.02 -116.67
C CYS EC 120 22.29 -43.56 -116.91
N LYS EC 121 22.17 -44.86 -117.16
CA LYS EC 121 20.86 -45.46 -117.39
C LYS EC 121 19.97 -45.35 -116.17
N HIS EC 122 20.52 -45.66 -114.99
CA HIS EC 122 19.78 -45.55 -113.75
C HIS EC 122 19.44 -44.11 -113.41
N PHE EC 123 20.30 -43.16 -113.78
CA PHE EC 123 20.00 -41.75 -113.57
C PHE EC 123 18.84 -41.29 -114.45
N PHE EC 124 18.87 -41.65 -115.73
CA PHE EC 124 17.81 -41.22 -116.65
C PHE EC 124 16.46 -41.84 -116.28
N GLY EC 125 16.43 -43.14 -115.94
CA GLY EC 125 15.14 -43.74 -115.58
C GLY EC 125 14.57 -43.13 -114.30
N SER EC 126 15.43 -42.81 -113.33
CA SER EC 126 14.97 -42.19 -112.10
C SER EC 126 14.40 -40.81 -112.36
N LEU EC 127 15.09 -40.00 -113.17
CA LEU EC 127 14.63 -38.65 -113.47
C LEU EC 127 13.31 -38.66 -114.23
N TYR EC 128 13.18 -39.55 -115.22
CA TYR EC 128 11.94 -39.59 -115.98
C TYR EC 128 10.80 -40.18 -115.17
N ASN EC 129 11.08 -41.11 -114.26
CA ASN EC 129 10.05 -41.60 -113.36
C ASN EC 129 9.57 -40.51 -112.42
N PHE EC 130 10.50 -39.66 -111.94
CA PHE EC 130 10.11 -38.56 -111.07
C PHE EC 130 9.23 -37.56 -111.82
N VAL EC 131 9.57 -37.27 -113.07
CA VAL EC 131 8.74 -36.36 -113.87
C VAL EC 131 7.35 -36.95 -114.11
N TYR EC 132 7.28 -38.26 -114.38
CA TYR EC 132 5.97 -38.91 -114.56
C TYR EC 132 5.14 -38.88 -113.28
N LEU EC 133 5.78 -39.07 -112.13
CA LEU EC 133 5.07 -38.96 -110.86
C LEU EC 133 4.55 -37.55 -110.62
N GLN EC 134 5.35 -36.54 -110.95
CA GLN EC 134 4.89 -35.15 -110.87
C GLN EC 134 3.74 -34.87 -111.82
N GLY EC 135 3.74 -35.48 -113.00
CA GLY EC 135 2.66 -35.27 -113.95
C GLY EC 135 1.38 -36.00 -113.61
N THR EC 136 1.47 -37.07 -112.83
CA THR EC 136 0.29 -37.81 -112.40
C THR EC 136 0.11 -37.74 -110.88
N TYR EC 137 0.58 -36.65 -110.28
CA TYR EC 137 0.47 -36.47 -108.84
C TYR EC 137 -0.97 -36.16 -108.42
N LEU EC 138 -1.40 -36.79 -107.32
CA LEU EC 138 -2.80 -36.78 -106.91
C LEU EC 138 -3.19 -35.59 -106.03
N LYS EC 139 -2.24 -34.76 -105.61
CA LYS EC 139 -2.50 -33.63 -104.75
C LYS EC 139 -2.02 -32.36 -105.42
N PRO EC 140 -2.44 -31.20 -104.95
CA PRO EC 140 -1.84 -29.95 -105.45
C PRO EC 140 -0.35 -29.88 -105.16
N ASN EC 141 0.42 -29.56 -106.19
CA ASN EC 141 1.84 -29.29 -106.04
C ASN EC 141 2.14 -27.90 -106.57
N ILE EC 142 2.98 -27.18 -105.85
CA ILE EC 142 3.27 -25.78 -106.14
C ILE EC 142 4.78 -25.65 -106.28
N ALA EC 143 5.21 -25.09 -107.40
CA ALA EC 143 6.63 -24.90 -107.68
C ALA EC 143 6.93 -23.42 -107.70
N ILE EC 144 7.85 -22.98 -106.84
CA ILE EC 144 8.28 -21.59 -106.79
C ILE EC 144 9.55 -21.46 -107.63
N MET EC 145 9.60 -20.44 -108.48
CA MET EC 145 10.77 -20.21 -109.34
C MET EC 145 11.29 -18.80 -109.06
N ASP EC 146 12.36 -18.74 -108.28
CA ASP EC 146 13.00 -17.49 -107.86
C ASP EC 146 14.41 -17.38 -108.42
N GLY EC 147 14.61 -17.79 -109.66
CA GLY EC 147 15.92 -17.73 -110.25
C GLY EC 147 15.97 -18.45 -111.57
N VAL EC 148 17.18 -18.85 -111.95
CA VAL EC 148 17.39 -19.47 -113.25
C VAL EC 148 16.85 -20.89 -113.25
N THR EC 149 16.48 -21.36 -114.44
CA THR EC 149 15.90 -22.69 -114.61
C THR EC 149 16.32 -23.21 -115.98
N MET EC 150 17.05 -24.31 -116.01
CA MET EC 150 17.53 -24.89 -117.26
C MET EC 150 17.39 -26.39 -117.23
N GLY EC 151 17.17 -26.98 -118.40
CA GLY EC 151 17.19 -28.43 -118.53
C GLY EC 151 16.02 -29.10 -117.84
N CYS EC 152 16.34 -30.13 -117.04
CA CYS EC 152 15.32 -30.85 -116.30
C CYS EC 152 14.78 -30.07 -115.11
N GLY EC 153 15.41 -28.94 -114.76
CA GLY EC 153 14.88 -28.08 -113.72
C GLY EC 153 13.52 -27.51 -114.01
N GLY EC 154 13.16 -27.40 -115.29
CA GLY EC 154 11.80 -27.04 -115.64
C GLY EC 154 10.94 -28.26 -115.82
N GLY EC 155 11.55 -29.39 -116.17
CA GLY EC 155 10.79 -30.62 -116.34
C GLY EC 155 10.27 -31.20 -115.05
N ILE EC 156 10.95 -30.91 -113.93
CA ILE EC 156 10.48 -31.37 -112.63
C ILE EC 156 9.37 -30.50 -112.05
N SER EC 157 9.12 -29.35 -112.63
CA SER EC 157 8.20 -28.38 -112.03
C SER EC 157 7.03 -28.01 -112.93
N ILE EC 158 7.29 -27.67 -114.19
CA ILE EC 158 6.32 -27.19 -115.16
C ILE EC 158 5.16 -28.12 -115.50
N PRO EC 159 5.24 -29.45 -115.32
CA PRO EC 159 4.00 -30.24 -115.33
C PRO EC 159 3.18 -30.14 -114.05
N GLY EC 160 3.60 -29.30 -113.10
CA GLY EC 160 2.91 -29.20 -111.83
C GLY EC 160 1.59 -28.46 -111.94
N MET EC 161 0.81 -28.56 -110.85
CA MET EC 161 -0.52 -27.95 -110.86
C MET EC 161 -0.43 -26.43 -110.73
N PHE EC 162 0.50 -25.92 -109.91
CA PHE EC 162 0.68 -24.48 -109.81
C PHE EC 162 2.14 -24.11 -109.96
N ARG EC 163 2.42 -23.11 -110.80
CA ARG EC 163 3.76 -22.61 -111.04
C ARG EC 163 3.77 -21.12 -110.73
N VAL EC 164 4.64 -20.71 -109.82
CA VAL EC 164 4.78 -19.31 -109.44
C VAL EC 164 6.14 -18.82 -109.92
N ALA EC 165 6.15 -17.70 -110.62
CA ALA EC 165 7.37 -17.14 -111.20
C ALA EC 165 7.68 -15.78 -110.58
N THR EC 166 8.95 -15.53 -110.30
CA THR EC 166 9.35 -14.24 -109.79
C THR EC 166 9.89 -13.35 -110.92
N ASP EC 167 10.30 -12.14 -110.55
CA ASP EC 167 10.87 -11.23 -111.53
C ASP EC 167 12.27 -11.63 -111.96
N LYS EC 168 12.97 -12.43 -111.15
CA LYS EC 168 14.30 -12.90 -111.48
C LYS EC 168 14.29 -14.23 -112.21
N THR EC 169 13.11 -14.75 -112.55
CA THR EC 169 13.00 -16.07 -113.17
C THR EC 169 13.46 -16.03 -114.62
N VAL EC 170 14.32 -16.98 -114.98
CA VAL EC 170 14.82 -17.13 -116.34
C VAL EC 170 14.70 -18.59 -116.74
N LEU EC 171 14.00 -18.85 -117.84
CA LEU EC 171 13.76 -20.20 -118.33
C LEU EC 171 14.36 -20.35 -119.72
N ALA EC 172 15.24 -21.33 -119.89
CA ALA EC 172 15.96 -21.51 -121.14
C ALA EC 172 16.26 -22.99 -121.35
N HIS EC 173 16.55 -23.33 -122.60
CA HIS EC 173 16.82 -24.72 -123.00
C HIS EC 173 18.05 -24.79 -123.89
N PRO EC 174 19.26 -24.76 -123.30
CA PRO EC 174 20.50 -24.88 -124.07
C PRO EC 174 21.02 -26.31 -124.16
N GLU EC 175 20.17 -27.24 -124.62
CA GLU EC 175 20.63 -28.61 -124.81
C GLU EC 175 21.28 -28.83 -126.16
N VAL EC 176 20.88 -28.06 -127.18
CA VAL EC 176 21.46 -28.23 -128.50
C VAL EC 176 22.91 -27.73 -128.56
N GLN EC 177 23.27 -26.75 -127.72
CA GLN EC 177 24.66 -26.34 -127.65
C GLN EC 177 25.55 -27.37 -126.99
N ILE EC 178 25.02 -28.17 -126.07
CA ILE EC 178 25.79 -29.24 -125.44
C ILE EC 178 25.71 -30.54 -126.22
N GLY EC 179 24.78 -30.66 -127.17
CA GLY EC 179 24.65 -31.85 -127.96
C GLY EC 179 23.61 -32.83 -127.48
N PHE EC 180 22.74 -32.42 -126.56
CA PHE EC 180 21.71 -33.28 -126.02
C PHE EC 180 20.35 -32.75 -126.47
N HIS EC 181 19.30 -33.51 -126.18
CA HIS EC 181 17.95 -33.16 -126.55
C HIS EC 181 17.17 -32.71 -125.33
N PRO EC 182 16.13 -31.88 -125.50
CA PRO EC 182 15.35 -31.44 -124.34
C PRO EC 182 14.54 -32.58 -123.74
N ASP EC 183 15.21 -33.39 -122.93
CA ASP EC 183 14.61 -34.57 -122.32
C ASP EC 183 13.80 -34.14 -121.10
N ALA EC 184 13.39 -35.14 -120.30
CA ALA EC 184 12.61 -34.96 -119.08
C ALA EC 184 11.33 -34.19 -119.35
N GLY EC 185 10.56 -34.67 -120.33
CA GLY EC 185 9.26 -34.11 -120.62
C GLY EC 185 9.27 -32.72 -121.22
N ALA EC 186 10.43 -32.21 -121.62
CA ALA EC 186 10.45 -30.90 -122.24
C ALA EC 186 9.91 -30.93 -123.66
N SER EC 187 9.76 -32.11 -124.24
CA SER EC 187 9.09 -32.25 -125.53
C SER EC 187 7.57 -32.23 -125.40
N TYR EC 188 7.04 -32.02 -124.20
CA TYR EC 188 5.59 -31.97 -124.00
C TYR EC 188 5.08 -30.53 -123.89
N TYR EC 189 5.56 -29.80 -122.89
CA TYR EC 189 5.07 -28.44 -122.69
C TYR EC 189 5.65 -27.45 -123.69
N LEU EC 190 6.81 -27.75 -124.27
CA LEU EC 190 7.29 -26.92 -125.38
C LEU EC 190 6.49 -27.19 -126.64
N SER EC 191 6.12 -28.45 -126.88
CA SER EC 191 5.31 -28.77 -128.05
C SER EC 191 3.90 -28.22 -127.95
N ARG EC 192 3.36 -28.07 -126.73
CA ARG EC 192 2.00 -27.57 -126.59
C ARG EC 192 1.93 -26.05 -126.45
N LEU EC 193 3.02 -25.34 -126.72
CA LEU EC 193 2.95 -23.89 -126.78
C LEU EC 193 2.19 -23.45 -128.04
N PRO EC 194 1.62 -22.24 -128.05
CA PRO EC 194 0.98 -21.74 -129.27
C PRO EC 194 2.00 -21.46 -130.36
N GLY EC 195 1.56 -21.62 -131.61
CA GLY EC 195 2.41 -21.33 -132.76
C GLY EC 195 3.52 -22.35 -132.94
N TYR EC 196 4.65 -21.87 -133.48
CA TYR EC 196 5.87 -22.65 -133.58
C TYR EC 196 6.90 -22.19 -132.54
N LEU EC 197 6.39 -21.64 -131.43
CA LEU EC 197 7.24 -21.08 -130.40
C LEU EC 197 8.09 -22.13 -129.71
N GLY EC 198 7.57 -23.34 -129.55
CA GLY EC 198 8.36 -24.42 -128.98
C GLY EC 198 9.55 -24.80 -129.82
N GLU EC 199 9.35 -24.89 -131.14
CA GLU EC 199 10.46 -25.12 -132.04
C GLU EC 199 11.47 -23.99 -131.97
N TYR EC 200 10.98 -22.74 -131.93
CA TYR EC 200 11.90 -21.59 -131.85
C TYR EC 200 12.75 -21.64 -130.60
N LEU EC 201 12.12 -21.80 -129.43
CA LEU EC 201 12.83 -21.80 -128.16
C LEU EC 201 13.78 -22.99 -128.03
N ALA EC 202 13.35 -24.18 -128.45
CA ALA EC 202 14.23 -25.34 -128.32
C ALA EC 202 15.42 -25.25 -129.25
N LEU EC 203 15.23 -24.76 -130.48
CA LEU EC 203 16.35 -24.74 -131.42
C LEU EC 203 17.31 -23.61 -131.08
N THR EC 204 16.78 -22.43 -130.75
CA THR EC 204 17.64 -21.27 -130.55
C THR EC 204 18.16 -21.12 -129.14
N GLY EC 205 17.60 -21.83 -128.17
CA GLY EC 205 18.03 -21.69 -126.79
C GLY EC 205 17.71 -20.32 -126.22
N GLN EC 206 16.58 -19.74 -126.60
CA GLN EC 206 16.26 -18.38 -126.18
C GLN EC 206 15.67 -18.39 -124.78
N LYS EC 207 16.18 -17.50 -123.94
CA LYS EC 207 15.70 -17.37 -122.57
C LYS EC 207 14.31 -16.72 -122.56
N LEU EC 208 13.66 -16.80 -121.40
CA LEU EC 208 12.36 -16.20 -121.20
C LEU EC 208 12.30 -15.54 -119.83
N ASP EC 209 11.34 -14.64 -119.67
CA ASP EC 209 11.09 -13.96 -118.42
C ASP EC 209 9.84 -14.55 -117.77
N GLY EC 210 9.52 -14.05 -116.57
CA GLY EC 210 8.31 -14.49 -115.89
C GLY EC 210 7.05 -14.02 -116.60
N VAL EC 211 7.07 -12.79 -117.11
CA VAL EC 211 5.92 -12.26 -117.85
C VAL EC 211 5.74 -13.03 -119.16
N GLU EC 212 6.83 -13.41 -119.81
CA GLU EC 212 6.70 -14.21 -121.02
C GLU EC 212 6.25 -15.63 -120.72
N MET EC 213 6.68 -16.20 -119.60
CA MET EC 213 6.18 -17.51 -119.19
C MET EC 213 4.69 -17.47 -118.91
N ILE EC 214 4.22 -16.45 -118.19
CA ILE EC 214 2.80 -16.37 -117.89
C ILE EC 214 1.99 -15.98 -119.11
N ALA EC 215 2.61 -15.34 -120.10
CA ALA EC 215 1.92 -15.11 -121.37
C ALA EC 215 1.77 -16.40 -122.15
N CYS EC 216 2.84 -17.20 -122.24
CA CYS EC 216 2.76 -18.48 -122.93
C CYS EC 216 1.89 -19.49 -122.18
N GLY EC 217 1.67 -19.30 -120.89
CA GLY EC 217 0.87 -20.21 -120.11
C GLY EC 217 1.66 -21.24 -119.34
N LEU EC 218 2.98 -21.20 -119.39
CA LEU EC 218 3.80 -22.09 -118.59
C LEU EC 218 3.63 -21.82 -117.11
N ALA EC 219 3.67 -20.55 -116.71
CA ALA EC 219 3.57 -20.14 -115.33
C ALA EC 219 2.14 -19.72 -115.03
N THR EC 220 1.62 -20.18 -113.89
CA THR EC 220 0.25 -19.87 -113.51
C THR EC 220 0.15 -18.54 -112.77
N HIS EC 221 1.10 -18.23 -111.90
CA HIS EC 221 1.06 -17.00 -111.13
C HIS EC 221 2.42 -16.31 -111.15
N PHE EC 222 2.40 -15.01 -110.92
CA PHE EC 222 3.61 -14.19 -110.90
C PHE EC 222 3.61 -13.36 -109.63
N CYS EC 223 4.79 -13.17 -109.05
CA CYS EC 223 4.93 -12.35 -107.86
C CYS EC 223 6.34 -11.81 -107.80
N LEU EC 224 6.52 -10.69 -107.09
CA LEU EC 224 7.84 -10.10 -107.05
C LEU EC 224 8.75 -10.84 -106.08
N HIS EC 225 10.02 -10.44 -106.08
CA HIS EC 225 10.97 -11.02 -105.13
C HIS EC 225 10.73 -10.50 -103.72
N SER EC 226 10.47 -9.20 -103.59
CA SER EC 226 10.36 -8.59 -102.27
C SER EC 226 9.08 -8.98 -101.55
N ARG EC 227 8.07 -9.44 -102.27
CA ARG EC 227 6.80 -9.83 -101.68
C ARG EC 227 6.68 -11.33 -101.49
N LEU EC 228 7.77 -12.07 -101.67
CA LEU EC 228 7.75 -13.52 -101.46
C LEU EC 228 7.42 -13.98 -100.04
N GLY EC 229 7.91 -13.37 -98.95
CA GLY EC 229 7.51 -13.85 -97.61
C GLY EC 229 6.02 -13.76 -97.32
N MET EC 230 5.28 -12.87 -97.98
CA MET EC 230 3.84 -12.80 -97.76
C MET EC 230 3.15 -14.03 -98.35
N VAL EC 231 3.43 -14.32 -99.61
CA VAL EC 231 2.77 -15.43 -100.29
C VAL EC 231 3.25 -16.77 -99.75
N GLU EC 232 4.54 -16.89 -99.42
CA GLU EC 232 5.09 -18.17 -98.99
C GLU EC 232 4.64 -18.56 -97.59
N GLU EC 233 4.06 -17.65 -96.82
CA GLU EC 233 3.42 -18.03 -95.57
C GLU EC 233 1.90 -18.03 -95.65
N ARG EC 234 1.30 -17.24 -96.56
CA ARG EC 234 -0.13 -17.37 -96.78
C ARG EC 234 -0.47 -18.75 -97.29
N ILE EC 235 0.35 -19.27 -98.21
CA ILE EC 235 0.21 -20.66 -98.62
C ILE EC 235 0.62 -21.60 -97.50
N GLY EC 236 1.56 -21.16 -96.65
CA GLY EC 236 2.02 -22.02 -95.57
C GLY EC 236 0.94 -22.33 -94.55
N LYS EC 237 0.03 -21.39 -94.31
CA LYS EC 237 -1.02 -21.60 -93.32
C LYS EC 237 -2.42 -21.66 -93.93
N LEU EC 238 -2.54 -22.28 -95.10
CA LEU EC 238 -3.85 -22.73 -95.60
C LEU EC 238 -4.10 -24.12 -95.05
N LEU EC 239 -5.32 -24.38 -94.60
CA LEU EC 239 -5.72 -25.68 -94.10
C LEU EC 239 -6.76 -26.31 -95.03
N THR EC 240 -6.64 -26.03 -96.32
CA THR EC 240 -7.59 -26.49 -97.31
C THR EC 240 -6.94 -27.45 -98.30
N ASP EC 241 -7.78 -28.05 -99.14
CA ASP EC 241 -7.32 -28.89 -100.23
C ASP EC 241 -8.04 -28.59 -101.53
N ASP EC 242 -8.85 -27.54 -101.58
CA ASP EC 242 -9.56 -27.20 -102.81
C ASP EC 242 -8.67 -26.40 -103.74
N PRO EC 243 -8.47 -26.85 -104.99
CA PRO EC 243 -7.65 -26.09 -105.94
C PRO EC 243 -8.20 -24.72 -106.27
N THR EC 244 -9.52 -24.51 -106.21
CA THR EC 244 -10.07 -23.18 -106.38
C THR EC 244 -9.65 -22.25 -105.25
N VAL EC 245 -9.66 -22.73 -104.00
CA VAL EC 245 -9.24 -21.92 -102.87
C VAL EC 245 -7.74 -21.58 -102.98
N ILE EC 246 -6.93 -22.58 -103.33
CA ILE EC 246 -5.49 -22.34 -103.46
C ILE EC 246 -5.21 -21.36 -104.59
N GLU EC 247 -5.90 -21.50 -105.73
CA GLU EC 247 -5.71 -20.61 -106.85
C GLU EC 247 -6.14 -19.18 -106.52
N ALA EC 248 -7.26 -19.01 -105.80
CA ALA EC 248 -7.69 -17.66 -105.47
C ALA EC 248 -6.78 -17.00 -104.45
N SER EC 249 -6.24 -17.78 -103.49
CA SER EC 249 -5.26 -17.21 -102.58
C SER EC 249 -3.99 -16.77 -103.30
N LEU EC 250 -3.52 -17.59 -104.25
CA LEU EC 250 -2.34 -17.22 -105.04
C LEU EC 250 -2.60 -16.01 -105.91
N ALA EC 251 -3.79 -15.90 -106.50
CA ALA EC 251 -4.12 -14.73 -107.30
C ALA EC 251 -4.24 -13.48 -106.45
N GLN EC 252 -4.86 -13.61 -105.27
CA GLN EC 252 -5.04 -12.47 -104.39
C GLN EC 252 -3.71 -11.93 -103.87
N TYR EC 253 -2.76 -12.82 -103.58
CA TYR EC 253 -1.45 -12.37 -103.13
C TYR EC 253 -0.45 -12.16 -104.25
N SER EC 254 -0.82 -12.45 -105.50
CA SER EC 254 0.09 -12.30 -106.62
C SER EC 254 0.14 -10.88 -107.14
N ASP EC 255 0.70 -10.75 -108.34
CA ASP EC 255 0.93 -9.45 -108.98
C ASP EC 255 0.29 -9.41 -110.36
N LEU EC 256 0.04 -8.20 -110.83
CA LEU EC 256 -0.63 -7.95 -112.10
C LEU EC 256 0.36 -7.39 -113.10
N VAL EC 257 0.57 -8.09 -114.21
CA VAL EC 257 1.57 -7.72 -115.22
C VAL EC 257 1.01 -7.86 -116.62
N TYR EC 258 1.64 -7.13 -117.55
CA TYR EC 258 1.45 -7.24 -118.97
C TYR EC 258 2.80 -7.25 -119.67
N PRO EC 259 2.95 -8.01 -120.76
CA PRO EC 259 4.21 -7.99 -121.49
C PRO EC 259 4.46 -6.66 -122.18
N ASP EC 260 5.75 -6.32 -122.29
CA ASP EC 260 6.13 -5.07 -122.92
C ASP EC 260 6.12 -5.22 -124.44
N ASN EC 261 6.50 -4.13 -125.12
CA ASN EC 261 6.61 -4.16 -126.58
C ASN EC 261 7.83 -4.93 -127.06
N THR EC 262 8.77 -5.25 -126.18
CA THR EC 262 9.97 -5.98 -126.52
C THR EC 262 9.86 -7.47 -126.19
N SER EC 263 8.66 -7.94 -125.88
CA SER EC 263 8.45 -9.33 -125.53
C SER EC 263 8.51 -10.22 -126.77
N VAL EC 264 8.86 -11.49 -126.53
CA VAL EC 264 9.06 -12.44 -127.62
C VAL EC 264 7.76 -12.76 -128.34
N LEU EC 265 6.63 -12.77 -127.61
CA LEU EC 265 5.36 -13.19 -128.19
C LEU EC 265 4.81 -12.20 -129.23
N HIS EC 266 5.30 -10.96 -129.25
CA HIS EC 266 4.88 -10.02 -130.28
C HIS EC 266 5.40 -10.42 -131.66
N LYS EC 267 6.44 -11.24 -131.73
CA LYS EC 267 7.04 -11.68 -132.98
C LYS EC 267 6.57 -13.07 -133.36
N ILE EC 268 5.37 -13.46 -132.92
CA ILE EC 268 4.87 -14.81 -133.19
C ILE EC 268 4.55 -15.00 -134.66
N GLU EC 269 4.27 -13.92 -135.41
CA GLU EC 269 4.11 -14.05 -136.85
C GLU EC 269 5.44 -14.28 -137.56
N MET EC 270 6.54 -13.71 -137.08
CA MET EC 270 7.85 -14.08 -137.60
C MET EC 270 8.21 -15.51 -137.24
N ILE EC 271 7.84 -15.95 -136.03
CA ILE EC 271 8.08 -17.34 -135.63
C ILE EC 271 7.35 -18.30 -136.57
N ASP EC 272 6.09 -18.00 -136.86
CA ASP EC 272 5.30 -18.81 -137.79
C ASP EC 272 5.87 -18.78 -139.19
N ARG EC 273 6.30 -17.60 -139.66
CA ARG EC 273 6.77 -17.45 -141.02
C ARG EC 273 8.10 -18.16 -141.25
N TYR EC 274 8.99 -18.16 -140.26
CA TYR EC 274 10.34 -18.64 -140.48
C TYR EC 274 10.62 -20.01 -139.88
N PHE EC 275 9.75 -20.54 -139.03
CA PHE EC 275 9.97 -21.84 -138.42
C PHE EC 275 8.91 -22.86 -138.80
N GLY EC 276 8.13 -22.61 -139.85
CA GLY EC 276 7.04 -23.49 -140.18
C GLY EC 276 7.29 -24.51 -141.26
N LEU EC 277 8.53 -24.69 -141.71
CA LEU EC 277 8.81 -25.59 -142.81
C LEU EC 277 9.12 -26.98 -142.27
N ASP EC 278 9.49 -27.91 -143.15
CA ASP EC 278 9.72 -29.28 -142.70
C ASP EC 278 11.13 -29.48 -142.13
N THR EC 279 12.16 -29.32 -142.95
CA THR EC 279 13.52 -29.63 -142.54
C THR EC 279 14.26 -28.38 -142.12
N VAL EC 280 15.34 -28.59 -141.36
CA VAL EC 280 16.14 -27.50 -140.83
C VAL EC 280 16.87 -26.73 -141.92
N GLU EC 281 17.15 -27.37 -143.06
CA GLU EC 281 17.86 -26.72 -144.14
C GLU EC 281 17.00 -25.67 -144.84
N GLU EC 282 15.70 -25.94 -145.00
CA GLU EC 282 14.78 -24.91 -145.47
C GLU EC 282 14.76 -23.71 -144.55
N ILE EC 283 14.73 -23.96 -143.23
CA ILE EC 283 14.69 -22.89 -142.25
C ILE EC 283 15.93 -22.02 -142.36
N ILE EC 284 17.11 -22.65 -142.36
CA ILE EC 284 18.34 -21.86 -142.35
C ILE EC 284 18.55 -21.15 -143.68
N GLU EC 285 18.16 -21.76 -144.81
CA GLU EC 285 18.36 -21.08 -146.09
C GLU EC 285 17.38 -19.93 -146.28
N ALA EC 286 16.11 -20.10 -145.85
CA ALA EC 286 15.15 -19.01 -145.94
C ALA EC 286 15.57 -17.85 -145.04
N MET EC 287 16.07 -18.16 -143.84
CA MET EC 287 16.56 -17.12 -142.96
C MET EC 287 17.80 -16.42 -143.50
N GLU EC 288 18.72 -17.16 -144.12
CA GLU EC 288 19.88 -16.54 -144.75
C GLU EC 288 19.47 -15.63 -145.90
N ASN EC 289 18.50 -16.07 -146.72
CA ASN EC 289 18.02 -15.24 -147.80
C ASN EC 289 17.38 -13.97 -147.29
N GLU EC 290 16.58 -14.07 -146.21
CA GLU EC 290 15.97 -12.87 -145.65
C GLU EC 290 17.00 -11.92 -145.06
N VAL EC 291 17.96 -12.44 -144.29
CA VAL EC 291 18.98 -11.60 -143.69
C VAL EC 291 19.91 -11.00 -144.73
N ALA EC 292 20.05 -11.66 -145.88
CA ALA EC 292 20.81 -11.06 -146.98
C ALA EC 292 20.01 -9.97 -147.66
N ASP EC 293 18.71 -10.17 -147.87
CA ASP EC 293 17.93 -9.23 -148.66
C ASP EC 293 17.56 -7.99 -147.85
N SER EC 294 16.77 -8.15 -146.80
CA SER EC 294 16.26 -6.99 -146.09
C SER EC 294 16.98 -6.72 -144.78
N GLY EC 295 18.06 -7.47 -144.50
CA GLY EC 295 18.99 -7.24 -143.38
C GLY EC 295 18.29 -7.06 -142.04
N ASN EC 296 17.38 -7.98 -141.74
CA ASN EC 296 16.72 -7.98 -140.43
C ASN EC 296 17.67 -8.53 -139.38
N GLU EC 297 17.88 -7.77 -138.31
CA GLU EC 297 18.85 -8.15 -137.29
C GLU EC 297 18.38 -9.36 -136.48
N TRP EC 298 17.06 -9.56 -136.39
CA TRP EC 298 16.54 -10.71 -135.65
C TRP EC 298 16.91 -12.03 -136.31
N CYS EC 299 16.88 -12.09 -137.64
CA CYS EC 299 17.33 -13.28 -138.35
C CYS EC 299 18.83 -13.49 -138.21
N LYS EC 300 19.60 -12.41 -138.10
CA LYS EC 300 21.04 -12.54 -137.84
C LYS EC 300 21.31 -13.14 -136.47
N LYS EC 301 20.61 -12.65 -135.44
CA LYS EC 301 20.78 -13.20 -134.11
C LYS EC 301 20.28 -14.64 -134.01
N THR EC 302 19.21 -14.98 -134.74
CA THR EC 302 18.77 -16.36 -134.82
C THR EC 302 19.81 -17.23 -135.54
N LEU EC 303 20.48 -16.69 -136.57
CA LEU EC 303 21.57 -17.42 -137.21
C LEU EC 303 22.71 -17.70 -136.25
N LYS EC 304 23.10 -16.69 -135.47
CA LYS EC 304 24.15 -16.88 -134.48
C LYS EC 304 23.75 -17.88 -133.41
N GLN EC 305 22.47 -17.89 -133.02
CA GLN EC 305 21.99 -18.88 -132.08
C GLN EC 305 22.02 -20.28 -132.66
N VAL EC 306 21.64 -20.44 -133.93
CA VAL EC 306 21.54 -21.77 -134.51
C VAL EC 306 22.92 -22.36 -134.82
N LYS EC 307 23.85 -21.53 -135.30
CA LYS EC 307 25.13 -22.04 -135.81
C LYS EC 307 26.02 -22.66 -134.75
N GLU EC 308 25.80 -22.36 -133.47
CA GLU EC 308 26.67 -22.88 -132.42
C GLU EC 308 26.38 -24.35 -132.13
N ALA EC 309 25.13 -24.77 -132.27
CA ALA EC 309 24.70 -26.09 -131.83
C ALA EC 309 25.23 -27.20 -132.73
N SER EC 310 25.18 -28.43 -132.21
CA SER EC 310 25.66 -29.60 -132.94
C SER EC 310 24.67 -30.01 -134.02
N PRO EC 311 25.11 -30.19 -135.26
CA PRO EC 311 24.15 -30.37 -136.38
C PRO EC 311 23.35 -31.67 -136.32
N LEU EC 312 23.82 -32.69 -135.61
CA LEU EC 312 23.03 -33.91 -135.50
C LEU EC 312 21.82 -33.69 -134.61
N SER EC 313 21.97 -32.89 -133.56
CA SER EC 313 20.92 -32.76 -132.55
C SER EC 313 19.71 -32.01 -133.08
N LEU EC 314 19.90 -31.15 -134.08
CA LEU EC 314 18.82 -30.28 -134.52
C LEU EC 314 17.69 -31.07 -135.16
N LYS EC 315 18.05 -32.05 -135.99
CA LYS EC 315 17.03 -32.90 -136.61
C LYS EC 315 16.31 -33.75 -135.57
N ILE EC 316 17.05 -34.26 -134.57
CA ILE EC 316 16.45 -35.03 -133.49
C ILE EC 316 15.45 -34.19 -132.72
N THR EC 317 15.81 -32.94 -132.40
CA THR EC 317 14.92 -32.07 -131.64
C THR EC 317 13.71 -31.66 -132.45
N LEU EC 318 13.90 -31.37 -133.74
CA LEU EC 318 12.77 -30.96 -134.57
C LEU EC 318 11.79 -32.11 -134.77
N GLN EC 319 12.30 -33.32 -135.01
CA GLN EC 319 11.43 -34.49 -135.07
C GLN EC 319 10.77 -34.76 -133.72
N SER EC 320 11.48 -34.47 -132.62
CA SER EC 320 10.94 -34.69 -131.29
C SER EC 320 9.76 -33.79 -131.00
N ILE EC 321 9.87 -32.50 -131.31
CA ILE EC 321 8.76 -31.58 -131.07
C ILE EC 321 7.61 -31.86 -132.03
N ARG EC 322 7.90 -32.06 -133.32
CA ARG EC 322 6.84 -32.29 -134.27
C ARG EC 322 6.23 -33.69 -134.18
N GLU EC 323 6.81 -34.58 -133.38
CA GLU EC 323 6.14 -35.81 -133.01
C GLU EC 323 5.38 -35.66 -131.69
N GLY EC 324 6.02 -35.09 -130.67
CA GLY EC 324 5.42 -34.97 -129.35
C GLY EC 324 4.33 -33.94 -129.25
N ARG EC 325 4.07 -33.17 -130.31
CA ARG EC 325 2.85 -32.39 -130.36
C ARG EC 325 1.59 -33.26 -130.36
N PHE EC 326 1.69 -34.52 -130.79
CA PHE EC 326 0.53 -35.39 -130.89
C PHE EC 326 0.59 -36.58 -129.95
N GLN EC 327 1.51 -36.59 -128.99
CA GLN EC 327 1.64 -37.71 -128.08
C GLN EC 327 1.45 -37.25 -126.64
N THR EC 328 1.19 -38.22 -125.77
CA THR EC 328 0.93 -37.97 -124.35
C THR EC 328 2.25 -37.93 -123.58
N LEU EC 329 2.15 -37.69 -122.27
CA LEU EC 329 3.33 -37.49 -121.43
C LEU EC 329 4.16 -38.76 -121.31
N ASP EC 330 3.51 -39.91 -121.12
CA ASP EC 330 4.24 -41.16 -120.97
C ASP EC 330 4.96 -41.56 -122.26
N GLN EC 331 4.28 -41.38 -123.40
CA GLN EC 331 4.93 -41.70 -124.69
C GLN EC 331 6.06 -40.74 -125.01
N CYS EC 332 5.90 -39.47 -124.65
CA CYS EC 332 7.00 -38.50 -124.79
C CYS EC 332 8.19 -38.91 -123.93
N LEU EC 333 7.93 -39.33 -122.70
CA LEU EC 333 9.02 -39.80 -121.83
C LEU EC 333 9.66 -41.07 -122.38
N THR EC 334 8.87 -41.96 -122.97
CA THR EC 334 9.42 -43.20 -123.50
C THR EC 334 10.36 -42.96 -124.67
N ARG EC 335 9.93 -42.15 -125.65
CA ARG EC 335 10.87 -41.95 -126.75
C ARG EC 335 11.98 -40.94 -126.40
N GLU EC 336 11.79 -40.08 -125.39
CA GLU EC 336 12.91 -39.33 -124.86
C GLU EC 336 13.95 -40.22 -124.21
N TYR EC 337 13.52 -41.23 -123.45
CA TYR EC 337 14.46 -42.18 -122.89
C TYR EC 337 15.15 -43.00 -123.96
N ARG EC 338 14.42 -43.37 -125.02
CA ARG EC 338 15.06 -44.08 -126.13
C ARG EC 338 16.13 -43.25 -126.81
N ILE EC 339 15.85 -41.96 -127.06
CA ILE EC 339 16.85 -41.07 -127.63
C ILE EC 339 18.05 -40.93 -126.69
N SER EC 340 17.78 -40.78 -125.39
CA SER EC 340 18.86 -40.58 -124.43
C SER EC 340 19.76 -41.81 -124.32
N LEU EC 341 19.16 -43.00 -124.24
CA LEU EC 341 19.94 -44.23 -124.13
C LEU EC 341 20.65 -44.53 -125.43
N CYS EC 342 20.17 -44.03 -126.57
CA CYS EC 342 20.94 -44.14 -127.79
C CYS EC 342 22.11 -43.17 -127.82
N GLY EC 343 21.89 -41.92 -127.42
CA GLY EC 343 22.90 -40.89 -127.51
C GLY EC 343 24.00 -40.97 -126.46
N VAL EC 344 23.76 -41.72 -125.38
CA VAL EC 344 24.85 -41.97 -124.43
C VAL EC 344 25.60 -43.26 -124.72
N SER EC 345 25.14 -44.06 -125.68
CA SER EC 345 25.86 -45.28 -126.03
C SER EC 345 26.88 -45.06 -127.15
N LYS EC 346 26.93 -43.86 -127.72
CA LYS EC 346 27.77 -43.51 -128.86
C LYS EC 346 27.54 -44.46 -130.03
N THR EC 347 26.26 -44.61 -130.41
CA THR EC 347 25.91 -45.45 -131.53
C THR EC 347 26.42 -44.85 -132.83
N VAL EC 348 26.18 -43.56 -133.04
CA VAL EC 348 26.56 -42.91 -134.29
C VAL EC 348 27.45 -41.68 -134.08
N SER EC 349 27.55 -41.13 -132.87
CA SER EC 349 28.33 -39.91 -132.70
C SER EC 349 28.79 -39.75 -131.26
N GLY EC 350 29.71 -38.80 -131.07
CA GLY EC 350 30.19 -38.43 -129.76
C GLY EC 350 30.00 -36.94 -129.50
N ASP EC 351 28.90 -36.40 -130.04
CA ASP EC 351 28.53 -35.01 -129.82
C ASP EC 351 28.30 -34.71 -128.34
N PHE EC 352 27.71 -35.67 -127.62
CA PHE EC 352 27.41 -35.50 -126.21
C PHE EC 352 28.67 -35.25 -125.38
N CYS EC 353 29.58 -36.23 -125.38
CA CYS EC 353 30.84 -36.09 -124.63
C CYS EC 353 31.68 -34.94 -125.16
N GLU EC 354 31.65 -34.70 -126.48
CA GLU EC 354 32.44 -33.62 -127.06
C GLU EC 354 31.99 -32.27 -126.54
N GLY EC 355 30.69 -31.98 -126.61
CA GLY EC 355 30.18 -30.72 -126.11
C GLY EC 355 30.34 -30.56 -124.61
N ILE EC 356 30.14 -31.65 -123.84
CA ILE EC 356 30.31 -31.59 -122.40
C ILE EC 356 31.75 -31.22 -122.05
N ARG EC 357 32.71 -31.87 -122.70
CA ARG EC 357 34.12 -31.62 -122.38
C ARG EC 357 34.55 -30.24 -122.85
N ALA EC 358 34.06 -29.79 -124.00
CA ALA EC 358 34.49 -28.49 -124.50
C ALA EC 358 33.75 -27.32 -123.86
N ARG EC 359 32.63 -27.57 -123.17
CA ARG EC 359 31.91 -26.50 -122.50
C ARG EC 359 32.00 -26.55 -120.97
N LEU EC 360 32.56 -27.63 -120.41
CA LEU EC 360 32.67 -27.72 -118.96
C LEU EC 360 34.12 -27.97 -118.52
N VAL EC 361 34.83 -28.80 -119.27
CA VAL EC 361 36.16 -29.25 -118.86
C VAL EC 361 37.24 -28.40 -119.52
N ASP EC 362 37.30 -28.43 -120.86
CA ASP EC 362 38.29 -27.62 -121.55
C ASP EC 362 37.89 -26.15 -121.59
N LYS EC 363 36.59 -25.88 -121.75
CA LYS EC 363 36.01 -24.53 -121.74
C LYS EC 363 36.63 -23.64 -122.81
N ASP EC 364 36.92 -24.23 -123.98
CA ASP EC 364 37.49 -23.50 -125.09
C ASP EC 364 36.43 -22.77 -125.92
N PHE EC 365 35.15 -23.12 -125.73
CA PHE EC 365 34.02 -22.56 -126.48
C PHE EC 365 34.19 -22.75 -127.99
N ALA EC 366 34.76 -23.89 -128.38
CA ALA EC 366 34.87 -24.26 -129.80
C ALA EC 366 34.89 -25.78 -129.92
N PRO EC 367 33.73 -26.43 -129.82
CA PRO EC 367 33.68 -27.89 -129.99
C PRO EC 367 33.53 -28.30 -131.44
N LYS EC 368 34.08 -29.47 -131.75
CA LYS EC 368 34.15 -30.00 -133.11
C LYS EC 368 33.29 -31.26 -133.18
N TRP EC 369 32.20 -31.18 -133.93
CA TRP EC 369 31.22 -32.26 -133.94
C TRP EC 369 31.61 -33.37 -134.90
N ASP EC 370 31.08 -34.57 -134.64
CA ASP EC 370 31.33 -35.71 -135.53
C ASP EC 370 30.76 -35.51 -136.92
N PRO EC 371 29.53 -35.03 -137.13
CA PRO EC 371 29.22 -34.37 -138.39
C PRO EC 371 29.54 -32.88 -138.31
N PRO EC 372 30.59 -32.43 -139.01
CA PRO EC 372 30.93 -31.00 -138.94
C PRO EC 372 29.97 -30.09 -139.70
N ARG EC 373 29.15 -30.65 -140.58
CA ARG EC 373 28.06 -29.93 -141.22
C ARG EC 373 26.78 -30.73 -140.99
N LEU EC 374 25.68 -30.21 -141.54
CA LEU EC 374 24.36 -30.76 -141.26
C LEU EC 374 23.74 -31.51 -142.42
N GLU EC 375 24.22 -31.28 -143.65
CA GLU EC 375 23.61 -31.89 -144.82
C GLU EC 375 23.96 -33.36 -144.95
N ASP EC 376 25.13 -33.76 -144.45
CA ASP EC 376 25.53 -35.16 -144.51
C ASP EC 376 24.69 -36.05 -143.60
N VAL EC 377 24.05 -35.47 -142.59
CA VAL EC 377 23.17 -36.21 -141.69
C VAL EC 377 21.92 -36.61 -142.46
N SER EC 378 21.66 -37.90 -142.53
CA SER EC 378 20.58 -38.45 -143.33
C SER EC 378 19.46 -38.95 -142.42
N LYS EC 379 18.45 -39.57 -143.04
CA LYS EC 379 17.34 -40.15 -142.30
C LYS EC 379 17.77 -41.38 -141.50
N ASP EC 380 18.86 -42.03 -141.89
CA ASP EC 380 19.26 -43.29 -141.26
C ASP EC 380 19.71 -43.08 -139.81
N MET EC 381 20.65 -42.15 -139.59
CA MET EC 381 21.16 -42.00 -138.23
C MET EC 381 20.19 -41.30 -137.31
N VAL EC 382 19.28 -40.47 -137.83
CA VAL EC 382 18.26 -39.90 -136.96
C VAL EC 382 17.09 -40.86 -136.75
N ASP EC 383 16.91 -41.86 -137.62
CA ASP EC 383 16.05 -42.98 -137.27
C ASP EC 383 16.69 -43.87 -136.22
N CYS EC 384 18.02 -43.95 -136.21
CA CYS EC 384 18.72 -44.70 -135.18
C CYS EC 384 18.60 -44.08 -133.79
N TYR EC 385 18.21 -42.81 -133.69
CA TYR EC 385 17.93 -42.21 -132.39
C TYR EC 385 16.52 -42.52 -131.91
N PHE EC 386 15.55 -42.48 -132.82
CA PHE EC 386 14.16 -42.78 -132.51
C PHE EC 386 13.83 -44.26 -132.64
N SER EC 387 14.85 -45.10 -132.81
CA SER EC 387 14.63 -46.49 -133.14
C SER EC 387 13.97 -47.24 -131.98
N PRO EC 388 13.11 -48.20 -132.28
CA PRO EC 388 12.56 -49.08 -131.23
C PRO EC 388 13.58 -50.15 -130.83
N ALA EC 389 14.48 -49.77 -129.93
CA ALA EC 389 15.51 -50.68 -129.45
C ALA EC 389 14.97 -51.76 -128.52
N THR EC 390 13.72 -51.63 -128.05
CA THR EC 390 13.08 -52.72 -127.33
C THR EC 390 12.87 -53.95 -128.19
N ASP EC 391 12.85 -53.77 -129.52
CA ASP EC 391 12.78 -54.89 -130.46
C ASP EC 391 14.07 -55.67 -130.54
N ALA EC 392 15.15 -55.20 -129.92
CA ALA EC 392 16.42 -55.91 -129.88
C ALA EC 392 16.51 -56.89 -128.71
N ASP EC 393 15.35 -57.33 -128.18
CA ASP EC 393 15.25 -58.34 -127.13
C ASP EC 393 15.99 -57.94 -125.85
N ASP EC 394 15.83 -56.67 -125.46
CA ASP EC 394 16.41 -56.17 -124.21
C ASP EC 394 15.42 -55.20 -123.59
N SER EC 395 14.74 -55.66 -122.53
CA SER EC 395 13.73 -54.84 -121.87
C SER EC 395 14.36 -53.68 -121.12
N GLU EC 396 15.62 -53.82 -120.68
CA GLU EC 396 16.30 -52.80 -119.91
C GLU EC 396 16.62 -51.55 -120.73
N SER EC 397 16.45 -51.61 -122.05
CA SER EC 397 16.56 -50.45 -122.92
C SER EC 397 15.22 -49.75 -123.15
N GLU EC 398 14.20 -50.11 -122.38
CA GLU EC 398 12.91 -49.42 -122.41
C GLU EC 398 12.59 -48.89 -121.02
N LEU EC 399 12.11 -47.64 -120.97
CA LEU EC 399 11.68 -47.04 -119.71
C LEU EC 399 10.42 -47.73 -119.21
N LYS EC 400 10.42 -48.15 -117.96
CA LYS EC 400 9.25 -48.75 -117.34
C LYS EC 400 8.47 -47.71 -116.56
N LEU EC 401 7.14 -47.88 -116.52
CA LEU EC 401 6.26 -46.90 -115.89
C LEU EC 401 5.04 -47.62 -115.33
N PRO EC 402 4.71 -47.43 -114.04
CA PRO EC 402 3.53 -48.08 -113.43
C PRO EC 402 2.21 -47.47 -113.88
N THR EC 403 1.94 -47.59 -115.18
CA THR EC 403 0.78 -46.95 -115.79
C THR EC 403 -0.54 -47.57 -115.35
N ALA EC 404 -0.59 -48.87 -115.09
CA ALA EC 404 -1.83 -49.46 -114.61
C ALA EC 404 -2.16 -48.99 -113.19
N GLN EC 405 -1.16 -48.92 -112.32
CA GLN EC 405 -1.41 -48.53 -110.94
C GLN EC 405 -1.70 -47.04 -110.81
N ARG EC 406 -0.97 -46.20 -111.53
CA ARG EC 406 -1.24 -44.77 -111.47
C ARG EC 406 -2.49 -44.40 -112.27
N GLU EC 407 -2.76 -45.12 -113.38
CA GLU EC 407 -3.80 -44.84 -114.37
C GLU EC 407 -3.69 -43.40 -114.85
N PRO EC 408 -2.71 -43.11 -115.72
CA PRO EC 408 -2.32 -41.72 -115.96
C PRO EC 408 -3.38 -40.91 -116.68
N TYR EC 409 -3.37 -39.60 -116.42
CA TYR EC 409 -4.43 -38.72 -116.92
C TYR EC 409 -3.91 -37.40 -117.45
N PHE EC 410 -2.60 -37.22 -117.62
CA PHE EC 410 -2.06 -35.95 -118.10
C PHE EC 410 -1.73 -35.97 -119.60
N ASP FC 75 58.82 -113.30 22.07
CA ASP FC 75 59.27 -114.57 21.48
C ASP FC 75 60.65 -114.58 20.76
N PRO FC 76 61.03 -113.56 19.98
CA PRO FC 76 62.38 -113.55 19.44
C PRO FC 76 63.40 -113.10 20.48
N THR FC 77 64.66 -113.10 20.06
CA THR FC 77 65.73 -112.63 20.93
C THR FC 77 66.00 -111.14 20.69
N GLU FC 78 66.51 -110.49 21.75
CA GLU FC 78 66.72 -109.05 21.72
C GLU FC 78 67.83 -108.66 20.75
N ALA FC 79 68.85 -109.52 20.61
CA ALA FC 79 69.96 -109.21 19.73
C ALA FC 79 69.54 -109.18 18.26
N VAL FC 80 68.58 -110.03 17.88
CA VAL FC 80 68.09 -109.99 16.51
C VAL FC 80 66.97 -108.98 16.36
N LYS FC 81 66.25 -108.66 17.44
CA LYS FC 81 65.18 -107.66 17.37
C LYS FC 81 65.74 -106.25 17.16
N GLU FC 82 66.77 -105.89 17.94
CA GLU FC 82 67.34 -104.55 17.82
C GLU FC 82 68.16 -104.39 16.55
N LEU FC 83 68.69 -105.48 16.00
CA LEU FC 83 69.24 -105.42 14.65
C LEU FC 83 68.14 -105.22 13.63
N HIS FC 84 67.05 -106.01 13.75
CA HIS FC 84 65.96 -106.02 12.78
C HIS FC 84 65.33 -104.65 12.64
N GLY FC 85 64.92 -104.05 13.75
CA GLY FC 85 64.34 -102.72 13.71
C GLY FC 85 65.33 -101.67 13.21
N LYS FC 86 66.63 -101.85 13.47
CA LYS FC 86 67.62 -100.90 12.99
C LYS FC 86 67.70 -100.89 11.47
N ILE FC 87 67.82 -102.06 10.85
CA ILE FC 87 67.94 -101.96 9.40
C ILE FC 87 66.59 -101.77 8.73
N LEU FC 88 65.47 -102.05 9.41
CA LEU FC 88 64.19 -101.63 8.88
C LEU FC 88 64.04 -100.11 8.92
N ASP FC 89 64.52 -99.46 9.98
CA ASP FC 89 64.55 -98.02 10.02
C ASP FC 89 65.47 -97.43 8.95
N SER FC 90 66.60 -98.07 8.67
CA SER FC 90 67.46 -97.62 7.58
C SER FC 90 66.84 -97.83 6.19
N VAL FC 91 66.11 -98.93 5.98
CA VAL FC 91 65.54 -99.18 4.66
C VAL FC 91 64.25 -98.39 4.44
N ASN FC 92 63.59 -97.92 5.50
CA ASN FC 92 62.31 -97.24 5.31
C ASN FC 92 62.33 -95.75 5.61
N VAL FC 93 63.24 -95.26 6.45
CA VAL FC 93 63.26 -93.85 6.83
C VAL FC 93 64.46 -93.12 6.23
N LYS FC 94 65.65 -93.69 6.40
CA LYS FC 94 66.84 -93.04 5.87
C LYS FC 94 66.98 -93.20 4.36
N ARG FC 95 66.30 -94.20 3.79
CA ARG FC 95 66.30 -94.50 2.34
C ARG FC 95 67.71 -94.76 1.81
N SER FC 96 68.54 -95.34 2.65
CA SER FC 96 69.84 -95.88 2.23
C SER FC 96 69.92 -97.32 2.68
N MET FC 97 70.57 -98.15 1.87
CA MET FC 97 70.66 -99.56 2.19
C MET FC 97 71.61 -99.79 3.36
N PRO FC 98 71.30 -100.72 4.25
CA PRO FC 98 72.19 -101.00 5.38
C PRO FC 98 73.43 -101.75 4.94
N PRO FC 99 74.58 -101.51 5.56
CA PRO FC 99 75.76 -102.34 5.27
C PRO FC 99 75.52 -103.79 5.65
N ASN FC 100 76.12 -104.69 4.85
CA ASN FC 100 75.88 -106.12 4.97
C ASN FC 100 76.44 -106.71 6.27
N ALA FC 101 77.30 -105.98 6.98
CA ALA FC 101 77.87 -106.48 8.23
C ALA FC 101 76.77 -106.76 9.25
N LEU FC 102 75.79 -105.88 9.35
CA LEU FC 102 74.72 -106.08 10.32
C LEU FC 102 73.69 -107.12 9.88
N LEU FC 103 73.51 -107.32 8.56
CA LEU FC 103 72.75 -108.48 8.09
C LEU FC 103 73.44 -109.79 8.49
N TRP FC 104 74.76 -109.84 8.35
CA TRP FC 104 75.48 -111.05 8.72
C TRP FC 104 75.47 -111.25 10.24
N SER FC 105 75.61 -110.16 11.00
CA SER FC 105 75.49 -110.27 12.45
C SER FC 105 74.05 -110.55 12.91
N LEU FC 106 73.07 -110.30 12.05
CA LEU FC 106 71.72 -110.79 12.29
C LEU FC 106 71.64 -112.30 12.12
N ILE FC 107 72.23 -112.83 11.04
CA ILE FC 107 72.10 -114.28 10.85
C ILE FC 107 73.01 -115.06 11.79
N GLU FC 108 74.06 -114.45 12.35
CA GLU FC 108 74.90 -115.18 13.30
C GLU FC 108 74.29 -115.31 14.69
N ASN FC 109 73.24 -114.54 15.01
CA ASN FC 109 72.72 -114.48 16.36
C ASN FC 109 71.39 -115.20 16.54
N CYS FC 110 70.98 -116.03 15.59
CA CYS FC 110 69.69 -116.69 15.67
C CYS FC 110 69.80 -117.99 16.46
N ARG FC 111 68.95 -118.14 17.48
CA ARG FC 111 68.99 -119.31 18.35
C ARG FC 111 67.70 -120.10 18.34
N LYS FC 112 66.57 -119.45 18.61
CA LYS FC 112 65.29 -120.13 18.75
C LYS FC 112 64.54 -120.13 17.43
N GLU FC 113 63.45 -120.89 17.40
CA GLU FC 113 62.56 -121.02 16.24
C GLU FC 113 61.99 -119.69 15.78
N ASP FC 114 61.85 -118.70 16.68
CA ASP FC 114 61.03 -117.53 16.44
C ASP FC 114 61.83 -116.28 16.05
N ASP FC 115 62.91 -116.45 15.29
CA ASP FC 115 63.59 -115.31 14.68
C ASP FC 115 63.78 -115.44 13.18
N ILE FC 116 63.60 -116.63 12.62
CA ILE FC 116 63.85 -116.83 11.19
C ILE FC 116 62.77 -116.19 10.33
N SER FC 117 61.57 -115.97 10.85
CA SER FC 117 60.59 -115.19 10.11
C SER FC 117 60.96 -113.71 10.05
N PHE FC 118 61.56 -113.16 11.11
CA PHE FC 118 62.06 -111.80 11.04
C PHE FC 118 63.27 -111.71 10.11
N LEU FC 119 64.10 -112.76 10.10
CA LEU FC 119 65.19 -112.82 9.13
C LEU FC 119 64.66 -112.89 7.70
N PHE FC 120 63.55 -113.60 7.50
CA PHE FC 120 62.90 -113.63 6.19
C PHE FC 120 62.34 -112.28 5.80
N ASP FC 121 61.76 -111.55 6.75
CA ASP FC 121 61.29 -110.19 6.49
C ASP FC 121 62.42 -109.27 6.06
N ALA FC 122 63.56 -109.36 6.75
CA ALA FC 122 64.75 -108.61 6.34
C ALA FC 122 65.23 -109.06 4.95
N LEU FC 123 65.25 -110.37 4.72
CA LEU FC 123 65.72 -110.94 3.45
C LEU FC 123 64.84 -110.50 2.28
N GLN FC 124 63.55 -110.29 2.54
CA GLN FC 124 62.62 -109.78 1.54
C GLN FC 124 62.81 -108.28 1.32
N ASN FC 125 62.95 -107.51 2.40
CA ASN FC 125 63.11 -106.06 2.28
C ASN FC 125 64.40 -105.68 1.56
N LEU FC 126 65.49 -106.41 1.81
CA LEU FC 126 66.75 -106.11 1.14
C LEU FC 126 66.69 -106.42 -0.35
N ARG FC 127 66.02 -107.53 -0.72
CA ARG FC 127 65.83 -107.84 -2.12
C ARG FC 127 64.98 -106.79 -2.81
N ARG FC 128 63.97 -106.27 -2.11
CA ARG FC 128 63.18 -105.17 -2.65
C ARG FC 128 64.04 -103.93 -2.89
N PHE FC 129 64.79 -103.52 -1.85
CA PHE FC 129 65.53 -102.26 -1.91
C PHE FC 129 66.67 -102.28 -2.90
N ARG FC 130 67.36 -103.42 -3.05
CA ARG FC 130 68.52 -103.50 -3.93
C ARG FC 130 68.16 -103.22 -5.38
N LEU FC 131 67.00 -103.68 -5.82
CA LEU FC 131 66.50 -103.36 -7.16
C LEU FC 131 65.73 -102.06 -7.20
N SER FC 132 65.02 -101.71 -6.13
CA SER FC 132 64.15 -100.54 -6.15
C SER FC 132 64.95 -99.25 -6.20
N ASN FC 133 66.03 -99.18 -5.41
CA ASN FC 133 66.82 -97.96 -5.30
C ASN FC 133 68.15 -98.08 -6.03
N LEU FC 134 68.87 -99.16 -5.82
CA LEU FC 134 70.22 -99.32 -6.31
C LEU FC 134 70.28 -99.92 -7.71
N ARG FC 135 69.14 -100.36 -8.25
CA ARG FC 135 69.03 -100.97 -9.58
C ARG FC 135 69.95 -102.17 -9.73
N ILE FC 136 69.74 -103.15 -8.85
CA ILE FC 136 70.51 -104.39 -8.82
C ILE FC 136 69.56 -105.52 -9.17
N HIS FC 137 69.88 -106.27 -10.22
CA HIS FC 137 68.94 -107.26 -10.72
C HIS FC 137 69.16 -108.66 -10.16
N ASP FC 138 70.42 -109.07 -9.93
CA ASP FC 138 70.69 -110.45 -9.57
C ASP FC 138 70.27 -110.74 -8.12
N ASN FC 139 70.27 -112.02 -7.78
CA ASN FC 139 69.85 -112.47 -6.47
C ASN FC 139 70.97 -112.32 -5.46
N PHE FC 140 70.72 -112.76 -4.23
CA PHE FC 140 71.79 -112.96 -3.26
C PHE FC 140 72.69 -114.10 -3.70
N ASN FC 141 73.95 -114.04 -3.29
CA ASN FC 141 74.95 -114.93 -3.88
C ASN FC 141 74.98 -116.28 -3.17
N CYS FC 142 75.71 -117.20 -3.82
CA CYS FC 142 75.66 -118.63 -3.49
C CYS FC 142 76.17 -118.92 -2.09
N ASN FC 143 77.25 -118.25 -1.68
CA ASN FC 143 77.78 -118.47 -0.33
C ASN FC 143 76.81 -117.97 0.74
N LEU FC 144 76.11 -116.85 0.47
CA LEU FC 144 75.07 -116.39 1.37
C LEU FC 144 73.93 -117.40 1.48
N CYS FC 145 73.60 -118.07 0.36
CA CYS FC 145 72.61 -119.14 0.43
C CYS FC 145 73.04 -120.27 1.36
N GLN FC 146 74.32 -120.68 1.29
CA GLN FC 146 74.83 -121.73 2.16
C GLN FC 146 74.79 -121.30 3.63
N GLN FC 147 75.18 -120.06 3.91
CA GLN FC 147 75.22 -119.64 5.31
C GLN FC 147 73.84 -119.37 5.90
N VAL FC 148 72.87 -118.88 5.12
CA VAL FC 148 71.52 -118.82 5.67
C VAL FC 148 70.90 -120.20 5.82
N ALA FC 149 71.25 -121.15 4.94
CA ALA FC 149 70.83 -122.53 5.12
C ALA FC 149 71.38 -123.12 6.40
N LYS FC 150 72.68 -122.92 6.65
CA LYS FC 150 73.28 -123.45 7.87
C LYS FC 150 72.79 -122.74 9.12
N THR FC 151 72.44 -121.45 9.03
CA THR FC 151 71.81 -120.75 10.13
C THR FC 151 70.47 -121.39 10.49
N CYS FC 152 69.59 -121.55 9.50
CA CYS FC 152 68.27 -122.10 9.78
C CYS FC 152 68.31 -123.57 10.19
N VAL FC 153 69.24 -124.35 9.65
CA VAL FC 153 69.28 -125.76 10.02
C VAL FC 153 69.97 -125.96 11.37
N ARG FC 154 70.85 -125.05 11.80
CA ARG FC 154 71.35 -125.13 13.17
C ARG FC 154 70.30 -124.64 14.16
N VAL FC 155 69.46 -123.69 13.77
CA VAL FC 155 68.32 -123.31 14.60
C VAL FC 155 67.37 -124.50 14.76
N GLY FC 156 67.07 -125.16 13.66
CA GLY FC 156 66.25 -126.37 13.70
C GLY FC 156 64.93 -126.26 12.96
N ALA FC 157 64.62 -125.14 12.33
CA ALA FC 157 63.38 -125.00 11.55
C ALA FC 157 63.60 -125.65 10.20
N ILE FC 158 63.17 -126.90 10.08
CA ILE FC 158 63.36 -127.62 8.82
C ILE FC 158 62.47 -127.04 7.71
N ASN FC 159 61.27 -126.56 8.05
CA ASN FC 159 60.36 -126.01 7.03
C ASN FC 159 60.89 -124.71 6.48
N HIS FC 160 61.46 -123.87 7.34
CA HIS FC 160 62.09 -122.64 6.87
C HIS FC 160 63.42 -122.92 6.17
N GLY FC 161 64.14 -123.94 6.61
CA GLY FC 161 65.42 -124.27 5.97
C GLY FC 161 65.26 -124.82 4.57
N LYS FC 162 64.26 -125.68 4.36
CA LYS FC 162 64.04 -126.26 3.03
C LYS FC 162 63.57 -125.24 2.02
N ARG FC 163 63.08 -124.07 2.47
CA ARG FC 163 62.72 -122.99 1.58
C ARG FC 163 63.92 -122.38 0.86
N ALA FC 164 65.14 -122.62 1.34
CA ALA FC 164 66.32 -122.02 0.74
C ALA FC 164 66.69 -122.64 -0.59
N LEU FC 165 66.16 -123.81 -0.92
CA LEU FC 165 66.39 -124.46 -2.20
C LEU FC 165 65.25 -124.22 -3.18
N TRP FC 166 64.31 -123.34 -2.84
CA TRP FC 166 63.16 -123.11 -3.70
C TRP FC 166 63.56 -122.25 -4.90
N LYS FC 167 63.18 -122.69 -6.09
CA LYS FC 167 63.53 -121.95 -7.29
C LYS FC 167 62.71 -120.66 -7.42
N HIS FC 168 61.47 -120.67 -6.94
CA HIS FC 168 60.60 -119.50 -6.96
C HIS FC 168 60.32 -119.11 -5.52
N ASN FC 169 60.98 -118.06 -5.04
CA ASN FC 169 60.79 -117.58 -3.70
C ASN FC 169 60.90 -116.06 -3.70
N VAL FC 170 60.22 -115.42 -2.73
CA VAL FC 170 60.27 -113.97 -2.63
C VAL FC 170 61.58 -113.47 -2.06
N HIS FC 171 62.41 -114.35 -1.52
CA HIS FC 171 63.62 -113.98 -0.82
C HIS FC 171 64.87 -114.04 -1.70
N GLY FC 172 64.74 -114.41 -2.96
CA GLY FC 172 65.87 -114.47 -3.87
C GLY FC 172 66.91 -115.51 -3.50
N LEU FC 173 66.50 -116.61 -2.87
CA LEU FC 173 67.41 -117.67 -2.48
C LEU FC 173 67.57 -118.61 -3.68
N THR FC 174 68.68 -118.48 -4.38
CA THR FC 174 68.98 -119.38 -5.49
C THR FC 174 69.26 -120.77 -4.95
N PRO FC 175 68.63 -121.81 -5.50
CA PRO FC 175 68.91 -123.17 -5.01
C PRO FC 175 70.35 -123.57 -5.31
N SER FC 176 70.91 -124.35 -4.38
CA SER FC 176 72.28 -124.83 -4.50
C SER FC 176 72.32 -126.27 -3.97
N VAL FC 177 73.54 -126.79 -3.84
CA VAL FC 177 73.73 -128.15 -3.38
C VAL FC 177 74.16 -128.19 -1.92
N ALA FC 178 74.91 -127.18 -1.47
CA ALA FC 178 75.41 -127.16 -0.10
C ALA FC 178 74.30 -127.03 0.93
N SER FC 179 73.19 -126.38 0.56
CA SER FC 179 72.03 -126.31 1.43
C SER FC 179 71.45 -127.69 1.69
N ALA FC 180 71.30 -128.50 0.62
CA ALA FC 180 70.84 -129.87 0.78
C ALA FC 180 71.83 -130.71 1.55
N HIS FC 181 73.13 -130.42 1.39
CA HIS FC 181 74.15 -131.10 2.17
C HIS FC 181 74.00 -130.82 3.67
N HIS FC 182 73.72 -129.57 4.03
CA HIS FC 182 73.52 -129.22 5.44
C HIS FC 182 72.23 -129.84 5.98
N MET FC 183 71.17 -129.85 5.17
CA MET FC 183 69.93 -130.51 5.58
C MET FC 183 70.14 -132.01 5.79
N MET FC 184 70.89 -132.66 4.90
CA MET FC 184 71.15 -134.08 5.05
C MET FC 184 72.11 -134.37 6.20
N SER FC 185 73.01 -133.44 6.52
CA SER FC 185 73.86 -133.60 7.70
C SER FC 185 73.05 -133.56 8.99
N TYR FC 186 72.12 -132.58 9.08
CA TYR FC 186 71.25 -132.55 10.25
C TYR FC 186 70.33 -133.75 10.30
N ALA FC 187 69.86 -134.22 9.14
CA ALA FC 187 69.01 -135.40 9.12
C ALA FC 187 69.81 -136.67 9.45
N LEU FC 188 71.10 -136.69 9.14
CA LEU FC 188 71.99 -137.74 9.62
C LEU FC 188 72.07 -137.75 11.14
N GLU FC 189 72.23 -136.57 11.74
CA GLU FC 189 72.31 -136.50 13.19
C GLU FC 189 70.97 -136.80 13.84
N HIS FC 190 69.86 -136.43 13.20
CA HIS FC 190 68.53 -136.51 13.77
C HIS FC 190 67.85 -137.85 13.53
N LYS FC 191 68.30 -138.61 12.51
CA LYS FC 191 67.81 -139.95 12.18
C LYS FC 191 66.31 -139.95 11.88
N ASN FC 192 65.99 -139.29 10.77
CA ASN FC 192 64.67 -139.37 10.15
C ASN FC 192 64.82 -139.97 8.76
N SER FC 193 63.74 -140.59 8.28
CA SER FC 193 63.76 -141.30 7.02
C SER FC 193 62.90 -140.69 5.92
N ASN FC 194 61.99 -139.79 6.27
CA ASN FC 194 61.20 -139.09 5.27
C ASN FC 194 61.85 -137.80 4.79
N LEU FC 195 62.73 -137.22 5.61
CA LEU FC 195 63.39 -135.96 5.26
C LEU FC 195 64.30 -136.11 4.04
N MET FC 196 65.03 -137.23 3.95
CA MET FC 196 65.88 -137.47 2.78
C MET FC 196 65.05 -137.61 1.51
N GLU FC 197 63.90 -138.29 1.59
CA GLU FC 197 63.01 -138.42 0.43
C GLU FC 197 62.45 -137.07 0.02
N GLU FC 198 62.05 -136.25 1.00
CA GLU FC 198 61.56 -134.91 0.71
C GLU FC 198 62.63 -134.04 0.05
N VAL FC 199 63.86 -134.12 0.55
CA VAL FC 199 64.95 -133.32 -0.01
C VAL FC 199 65.31 -133.80 -1.40
N MET FC 200 65.29 -135.11 -1.66
CA MET FC 200 65.54 -135.61 -3.01
C MET FC 200 64.41 -135.21 -3.98
N LYS FC 201 63.16 -135.20 -3.50
CA LYS FC 201 62.04 -134.77 -4.34
C LYS FC 201 62.16 -133.29 -4.70
N LEU FC 202 62.53 -132.44 -3.73
CA LEU FC 202 62.71 -131.04 -4.06
C LEU FC 202 63.97 -130.82 -4.90
N LEU FC 203 64.98 -131.68 -4.74
CA LEU FC 203 66.15 -131.66 -5.60
C LEU FC 203 65.77 -131.93 -7.04
N LYS FC 204 64.89 -132.90 -7.28
CA LYS FC 204 64.42 -133.17 -8.62
C LYS FC 204 63.52 -132.06 -9.16
N ALA FC 205 62.66 -131.48 -8.31
CA ALA FC 205 61.68 -130.53 -8.83
C ALA FC 205 62.24 -129.12 -8.98
N ASN FC 206 63.39 -128.81 -8.39
CA ASN FC 206 64.04 -127.52 -8.59
C ASN FC 206 65.13 -127.58 -9.65
N ASP FC 207 65.22 -128.69 -10.39
CA ASP FC 207 66.15 -128.88 -11.51
C ASP FC 207 67.60 -128.72 -11.08
N LEU FC 208 67.95 -129.43 -10.01
CA LEU FC 208 69.34 -129.40 -9.59
C LEU FC 208 70.02 -130.72 -9.91
N PRO FC 209 71.33 -130.71 -10.17
CA PRO FC 209 72.02 -131.97 -10.49
C PRO FC 209 72.24 -132.84 -9.26
N LEU FC 210 72.82 -134.01 -9.50
CA LEU FC 210 73.20 -134.95 -8.46
C LEU FC 210 74.72 -135.03 -8.41
N GLN FC 211 75.27 -134.95 -7.20
CA GLN FC 211 76.71 -134.83 -7.00
C GLN FC 211 77.26 -136.04 -6.29
N PRO FC 212 78.57 -136.31 -6.43
CA PRO FC 212 79.20 -137.33 -5.57
C PRO FC 212 79.08 -137.03 -4.08
N GLY FC 213 79.14 -135.76 -3.67
CA GLY FC 213 78.92 -135.43 -2.27
C GLY FC 213 77.49 -135.67 -1.82
N THR FC 214 76.53 -135.33 -2.68
CA THR FC 214 75.13 -135.63 -2.37
C THR FC 214 74.88 -137.13 -2.29
N ALA FC 215 75.48 -137.90 -3.20
CA ALA FC 215 75.41 -139.34 -3.13
C ALA FC 215 76.07 -139.89 -1.87
N ASP FC 216 77.20 -139.30 -1.46
CA ASP FC 216 77.87 -139.71 -0.23
C ASP FC 216 76.98 -139.49 0.99
N LEU FC 217 76.38 -138.31 1.11
CA LEU FC 217 75.55 -138.03 2.27
C LEU FC 217 74.24 -138.82 2.26
N VAL FC 218 73.63 -139.02 1.09
CA VAL FC 218 72.42 -139.83 1.06
C VAL FC 218 72.71 -141.30 1.32
N PHE FC 219 73.90 -141.80 0.93
CA PHE FC 219 74.25 -143.16 1.28
C PHE FC 219 74.55 -143.31 2.75
N ARG FC 220 75.19 -142.31 3.36
CA ARG FC 220 75.42 -142.34 4.80
C ARG FC 220 74.14 -142.24 5.61
N ILE FC 221 73.11 -141.55 5.10
CA ILE FC 221 71.87 -141.48 5.89
C ILE FC 221 70.99 -142.70 5.62
N CYS FC 222 71.04 -143.28 4.43
CA CYS FC 222 70.28 -144.50 4.21
C CYS FC 222 70.99 -145.73 4.78
N HIS FC 223 72.26 -145.60 5.15
CA HIS FC 223 72.99 -146.72 5.74
C HIS FC 223 72.47 -147.08 7.12
N GLU FC 224 72.31 -146.09 8.00
CA GLU FC 224 72.00 -146.35 9.40
C GLU FC 224 70.51 -146.34 9.70
N THR FC 225 69.65 -146.38 8.68
CA THR FC 225 68.22 -146.35 8.86
C THR FC 225 67.49 -147.56 8.30
N ASP FC 226 68.18 -148.42 7.56
CA ASP FC 226 67.68 -149.70 7.05
C ASP FC 226 66.46 -149.51 6.14
N SER FC 227 66.71 -148.87 4.99
CA SER FC 227 65.67 -148.48 4.03
C SER FC 227 66.05 -148.97 2.62
N TRP FC 228 66.27 -150.29 2.51
CA TRP FC 228 66.77 -150.95 1.30
C TRP FC 228 66.01 -150.58 0.03
N ASP FC 229 64.69 -150.36 0.12
CA ASP FC 229 63.92 -149.91 -1.03
C ASP FC 229 64.40 -148.55 -1.52
N LEU FC 230 64.64 -147.63 -0.58
CA LEU FC 230 65.19 -146.33 -0.91
C LEU FC 230 66.58 -146.44 -1.50
N LEU FC 231 67.42 -147.33 -0.94
CA LEU FC 231 68.73 -147.60 -1.54
C LEU FC 231 68.61 -148.01 -3.00
N ALA FC 232 67.72 -148.95 -3.29
CA ALA FC 232 67.55 -149.44 -4.65
C ALA FC 232 67.11 -148.33 -5.61
N LYS FC 233 66.05 -147.61 -5.26
CA LYS FC 233 65.52 -146.59 -6.18
C LYS FC 233 66.51 -145.44 -6.37
N TYR FC 234 67.15 -144.98 -5.29
CA TYR FC 234 68.02 -143.82 -5.42
C TYR FC 234 69.35 -144.18 -6.08
N SER FC 235 69.86 -145.39 -5.84
CA SER FC 235 71.07 -145.81 -6.52
C SER FC 235 70.83 -146.07 -8.00
N LYS FC 236 69.63 -146.57 -8.35
CA LYS FC 236 69.25 -146.63 -9.76
C LYS FC 236 69.21 -145.24 -10.37
N LYS FC 237 68.69 -144.26 -9.62
CA LYS FC 237 68.67 -142.89 -10.11
C LYS FC 237 70.07 -142.34 -10.31
N PHE FC 238 70.99 -142.67 -9.40
CA PHE FC 238 72.37 -142.16 -9.51
C PHE FC 238 73.09 -142.80 -10.68
N CYS FC 239 72.92 -144.10 -10.89
CA CYS FC 239 73.55 -144.75 -12.04
C CYS FC 239 72.93 -144.26 -13.35
N LYS FC 240 71.62 -143.98 -13.36
CA LYS FC 240 71.01 -143.38 -14.53
C LYS FC 240 71.55 -141.98 -14.80
N ALA FC 241 71.81 -141.20 -13.74
CA ALA FC 241 72.41 -139.88 -13.90
C ALA FC 241 73.89 -139.96 -14.26
N GLY FC 242 74.53 -141.10 -14.05
CA GLY FC 242 75.93 -141.27 -14.42
C GLY FC 242 76.91 -140.51 -13.55
N VAL FC 243 76.72 -140.53 -12.24
CA VAL FC 243 77.65 -139.89 -11.31
C VAL FC 243 78.77 -140.86 -11.00
N LYS FC 244 79.96 -140.33 -10.78
CA LYS FC 244 81.14 -141.13 -10.45
C LYS FC 244 81.26 -141.19 -8.93
N LEU FC 245 81.14 -142.39 -8.38
CA LEU FC 245 81.12 -142.59 -6.94
C LEU FC 245 82.48 -142.29 -6.32
N ARG FC 246 82.46 -141.94 -5.03
CA ARG FC 246 83.69 -141.91 -4.24
C ARG FC 246 83.99 -143.31 -3.70
N LYS FC 247 85.08 -143.43 -2.94
CA LYS FC 247 85.47 -144.74 -2.43
C LYS FC 247 84.75 -145.08 -1.15
N THR FC 248 84.72 -144.15 -0.19
CA THR FC 248 84.09 -144.43 1.11
C THR FC 248 82.57 -144.59 0.97
N THR FC 249 81.96 -143.82 0.07
CA THR FC 249 80.52 -143.93 -0.12
C THR FC 249 80.15 -145.24 -0.80
N PHE FC 250 81.09 -145.93 -1.40
CA PHE FC 250 80.75 -147.22 -1.96
C PHE FC 250 81.17 -148.33 -1.03
N ASP FC 251 82.16 -148.04 -0.17
CA ASP FC 251 82.45 -148.92 0.97
C ASP FC 251 81.27 -149.03 1.92
N VAL FC 252 80.51 -147.94 2.06
CA VAL FC 252 79.31 -147.95 2.89
C VAL FC 252 78.28 -148.93 2.33
N TRP FC 253 78.08 -148.93 1.00
CA TRP FC 253 77.23 -149.93 0.36
C TRP FC 253 77.78 -151.33 0.57
N MET FC 254 79.10 -151.49 0.45
CA MET FC 254 79.75 -152.81 0.65
C MET FC 254 79.44 -153.37 2.03
N GLU FC 255 79.72 -152.60 3.07
CA GLU FC 255 79.46 -153.05 4.43
C GLU FC 255 77.98 -153.20 4.74
N PHE FC 256 77.11 -152.37 4.16
CA PHE FC 256 75.67 -152.50 4.42
C PHE FC 256 75.06 -153.70 3.72
N ALA FC 257 75.47 -153.97 2.48
CA ALA FC 257 75.02 -155.18 1.79
C ALA FC 257 75.56 -156.44 2.46
N ALA FC 258 76.78 -156.37 3.02
CA ALA FC 258 77.28 -157.50 3.79
C ALA FC 258 76.51 -157.69 5.09
N LYS FC 259 76.06 -156.59 5.71
CA LYS FC 259 75.24 -156.72 6.92
C LYS FC 259 73.86 -157.29 6.59
N ARG FC 260 73.25 -156.84 5.50
CA ARG FC 260 71.96 -157.40 5.10
C ARG FC 260 72.11 -158.82 4.57
N GLY FC 261 73.30 -159.19 4.12
CA GLY FC 261 73.56 -160.53 3.62
C GLY FC 261 73.32 -160.72 2.13
N ASP FC 262 72.90 -159.68 1.42
CA ASP FC 262 72.49 -159.81 0.02
C ASP FC 262 73.74 -159.97 -0.86
N THR FC 263 74.13 -161.23 -1.03
CA THR FC 263 75.37 -161.55 -1.73
C THR FC 263 75.29 -161.24 -3.22
N GLU FC 264 74.11 -161.40 -3.82
CA GLU FC 264 74.00 -161.14 -5.26
C GLU FC 264 74.15 -159.65 -5.58
N SER FC 265 73.57 -158.78 -4.74
CA SER FC 265 73.76 -157.35 -4.94
C SER FC 265 75.14 -156.91 -4.52
N LEU FC 266 75.74 -157.60 -3.54
CA LEU FC 266 77.14 -157.35 -3.21
C LEU FC 266 78.05 -157.71 -4.38
N TRP FC 267 77.74 -158.77 -5.11
CA TRP FC 267 78.53 -159.14 -6.28
C TRP FC 267 78.32 -158.14 -7.42
N LYS FC 268 77.09 -157.65 -7.58
CA LYS FC 268 76.83 -156.62 -8.59
C LYS FC 268 77.60 -155.34 -8.29
N VAL FC 269 77.63 -154.92 -7.02
CA VAL FC 269 78.44 -153.75 -6.73
C VAL FC 269 79.93 -154.10 -6.77
N ASP FC 270 80.33 -155.35 -6.56
CA ASP FC 270 81.73 -155.72 -6.80
C ASP FC 270 82.14 -155.53 -8.27
N LYS FC 271 81.30 -155.97 -9.20
CA LYS FC 271 81.66 -155.79 -10.61
C LYS FC 271 81.53 -154.33 -11.03
N LEU FC 272 80.59 -153.59 -10.44
CA LEU FC 272 80.56 -152.14 -10.66
C LEU FC 272 81.80 -151.46 -10.06
N ARG FC 273 82.33 -152.00 -8.96
CA ARG FC 273 83.58 -151.50 -8.39
C ARG FC 273 84.73 -151.75 -9.33
N SER FC 274 84.74 -152.92 -9.96
CA SER FC 274 85.75 -153.23 -10.96
C SER FC 274 85.66 -152.27 -12.13
N GLU FC 275 84.44 -151.90 -12.50
CA GLU FC 275 84.26 -150.88 -13.55
C GLU FC 275 84.80 -149.52 -13.10
N THR FC 276 84.57 -149.13 -11.85
CA THR FC 276 84.96 -147.79 -11.39
C THR FC 276 86.45 -147.69 -11.04
N TYR FC 277 86.89 -148.42 -10.02
CA TYR FC 277 88.26 -148.37 -9.54
C TYR FC 277 89.01 -149.64 -9.95
N THR FC 278 90.24 -149.75 -9.45
CA THR FC 278 91.12 -150.88 -9.75
C THR FC 278 91.58 -151.63 -8.51
N GLN FC 279 91.80 -150.94 -7.40
CA GLN FC 279 92.41 -151.52 -6.21
C GLN FC 279 91.41 -151.48 -5.05
N HIS FC 280 91.25 -152.63 -4.38
CA HIS FC 280 90.36 -152.71 -3.23
C HIS FC 280 90.97 -152.00 -2.04
N THR FC 281 90.11 -151.44 -1.18
CA THR FC 281 90.53 -150.84 0.07
C THR FC 281 90.15 -151.77 1.22
N LEU FC 282 90.37 -151.30 2.45
CA LEU FC 282 90.10 -152.12 3.64
C LEU FC 282 88.63 -152.52 3.72
N SER FC 283 87.72 -151.56 3.62
CA SER FC 283 86.31 -151.85 3.86
C SER FC 283 85.71 -152.68 2.74
N ALA FC 284 85.97 -152.33 1.47
CA ALA FC 284 85.39 -153.12 0.41
C ALA FC 284 86.07 -154.47 0.23
N ALA FC 285 87.36 -154.57 0.57
CA ALA FC 285 88.01 -155.87 0.47
C ALA FC 285 87.57 -156.80 1.59
N PHE FC 286 87.49 -156.29 2.82
CA PHE FC 286 86.95 -157.07 3.92
C PHE FC 286 85.48 -157.37 3.70
N SER FC 287 84.77 -156.49 2.97
CA SER FC 287 83.37 -156.76 2.63
C SER FC 287 83.24 -157.79 1.51
N CYS FC 288 84.21 -157.87 0.59
CA CYS FC 288 84.26 -158.98 -0.35
C CYS FC 288 84.47 -160.30 0.40
N ALA FC 289 85.35 -160.27 1.41
CA ALA FC 289 85.51 -161.43 2.30
C ALA FC 289 84.24 -161.72 3.08
N LYS FC 290 83.53 -160.67 3.50
CA LYS FC 290 82.25 -160.81 4.19
C LYS FC 290 81.21 -161.46 3.31
N GLY FC 291 81.17 -161.09 2.03
CA GLY FC 291 80.27 -161.69 1.07
C GLY FC 291 80.58 -163.15 0.82
N PHE FC 292 81.85 -163.47 0.56
CA PHE FC 292 82.26 -164.85 0.35
C PHE FC 292 82.17 -165.69 1.61
N LEU FC 293 82.04 -165.06 2.78
CA LEU FC 293 81.90 -165.81 4.03
C LEU FC 293 80.57 -166.57 4.08
N LEU FC 294 79.51 -166.01 3.49
CA LEU FC 294 78.20 -166.64 3.59
C LEU FC 294 78.11 -167.95 2.81
N GLU FC 295 78.92 -168.11 1.77
CA GLU FC 295 78.89 -169.32 0.95
C GLU FC 295 79.76 -170.44 1.50
N HIS FC 296 80.24 -170.31 2.74
CA HIS FC 296 81.00 -171.33 3.47
C HIS FC 296 82.29 -171.71 2.74
N LYS FC 297 82.85 -170.78 1.96
CA LYS FC 297 84.07 -171.00 1.19
C LYS FC 297 85.11 -170.01 1.70
N PRO FC 298 85.92 -170.41 2.69
CA PRO FC 298 86.85 -169.46 3.32
C PRO FC 298 88.10 -169.16 2.52
N GLU FC 299 88.37 -169.89 1.43
CA GLU FC 299 89.65 -169.71 0.73
C GLU FC 299 89.69 -168.38 -0.04
N GLU FC 300 88.58 -167.97 -0.66
CA GLU FC 300 88.56 -166.71 -1.38
C GLU FC 300 88.50 -165.53 -0.43
N ALA FC 301 87.94 -165.73 0.76
CA ALA FC 301 88.01 -164.70 1.80
C ALA FC 301 89.41 -164.60 2.39
N ALA FC 302 90.14 -165.72 2.45
CA ALA FC 302 91.50 -165.67 3.00
C ALA FC 302 92.47 -165.03 2.03
N ALA FC 303 92.34 -165.33 0.73
CA ALA FC 303 93.26 -164.78 -0.26
C ALA FC 303 93.15 -163.26 -0.35
N VAL FC 304 91.94 -162.72 -0.29
CA VAL FC 304 91.79 -161.27 -0.39
C VAL FC 304 92.31 -160.54 0.86
N ILE FC 305 92.10 -161.09 2.06
CA ILE FC 305 92.65 -160.45 3.24
C ILE FC 305 94.17 -160.58 3.31
N GLN FC 306 94.74 -161.67 2.77
CA GLN FC 306 96.20 -161.73 2.64
C GLN FC 306 96.70 -160.66 1.68
N ILE FC 307 96.15 -160.59 0.46
CA ILE FC 307 96.64 -159.68 -0.56
C ILE FC 307 96.39 -158.22 -0.21
N ILE FC 308 95.49 -157.94 0.72
CA ILE FC 308 95.26 -156.59 1.19
C ILE FC 308 96.12 -156.24 2.40
N CYS FC 309 96.18 -157.14 3.40
CA CYS FC 309 96.93 -156.87 4.62
C CYS FC 309 98.43 -156.85 4.37
N GLN FC 310 98.91 -157.57 3.36
CA GLN FC 310 100.34 -157.57 3.08
C GLN FC 310 100.80 -156.27 2.45
N ALA FC 311 100.01 -155.72 1.52
CA ALA FC 311 100.33 -154.46 0.86
C ALA FC 311 99.90 -153.24 1.66
N TYR FC 312 99.06 -153.41 2.70
CA TYR FC 312 98.73 -152.23 3.47
C TYR FC 312 99.63 -152.13 4.70
N PRO FC 313 100.09 -150.93 5.04
CA PRO FC 313 101.19 -150.79 6.01
C PRO FC 313 100.70 -150.88 7.45
N ASP FC 314 101.63 -150.65 8.37
CA ASP FC 314 101.48 -150.95 9.79
C ASP FC 314 100.89 -149.79 10.59
N GLU FC 315 100.41 -148.74 9.93
CA GLU FC 315 99.73 -147.67 10.64
C GLU FC 315 98.27 -147.98 10.90
N LYS FC 316 97.74 -149.03 10.29
CA LYS FC 316 96.33 -149.40 10.40
C LYS FC 316 96.14 -150.75 11.09
N LYS FC 317 97.09 -151.13 11.95
CA LYS FC 317 96.93 -152.36 12.72
C LYS FC 317 95.77 -152.25 13.70
N SER FC 318 95.62 -151.09 14.35
CA SER FC 318 94.47 -150.86 15.21
C SER FC 318 93.16 -150.83 14.42
N ALA FC 319 93.19 -150.29 13.19
CA ALA FC 319 92.00 -150.27 12.34
C ALA FC 319 91.57 -151.67 11.95
N LEU FC 320 92.52 -152.51 11.53
CA LEU FC 320 92.15 -153.88 11.14
C LEU FC 320 91.80 -154.71 12.37
N GLU FC 321 92.39 -154.41 13.54
CA GLU FC 321 91.99 -155.07 14.77
C GLU FC 321 90.55 -154.74 15.13
N ALA FC 322 90.16 -153.47 14.99
CA ALA FC 322 88.78 -153.07 15.24
C ALA FC 322 87.83 -153.67 14.20
N GLU FC 323 88.28 -153.83 12.95
CA GLU FC 323 87.41 -154.42 11.94
C GLU FC 323 87.22 -155.92 12.18
N LYS FC 324 88.27 -156.63 12.61
CA LYS FC 324 88.11 -158.02 13.03
C LYS FC 324 87.21 -158.14 14.24
N GLU FC 325 87.32 -157.18 15.19
CA GLU FC 325 86.43 -157.15 16.33
C GLU FC 325 85.00 -156.87 15.92
N LYS FC 326 84.79 -156.08 14.88
CA LYS FC 326 83.45 -155.88 14.33
C LYS FC 326 82.94 -157.13 13.63
N LEU FC 327 83.84 -157.89 13.01
CA LEU FC 327 83.47 -159.17 12.40
C LEU FC 327 82.97 -160.15 13.45
N VAL FC 328 83.64 -160.23 14.59
CA VAL FC 328 83.28 -161.22 15.60
C VAL FC 328 82.16 -160.74 16.51
N ASN FC 329 82.09 -159.44 16.84
CA ASN FC 329 81.17 -158.99 17.88
C ASN FC 329 79.81 -158.60 17.31
N GLU FC 330 79.77 -157.58 16.46
CA GLU FC 330 78.53 -156.97 16.04
C GLU FC 330 77.98 -157.51 14.72
N TRP FC 331 78.75 -158.32 14.03
CA TRP FC 331 78.35 -158.82 12.71
C TRP FC 331 77.41 -160.02 12.71
N PRO FC 332 77.62 -161.10 13.54
CA PRO FC 332 76.74 -162.26 13.39
C PRO FC 332 75.33 -162.00 13.88
N VAL FC 333 75.03 -160.87 14.47
CA VAL FC 333 73.65 -160.54 14.80
C VAL FC 333 73.01 -159.72 13.68
N ASP FC 334 73.78 -158.87 13.01
CA ASP FC 334 73.28 -158.13 11.86
C ASP FC 334 73.04 -159.06 10.68
N VAL FC 335 73.81 -160.14 10.57
CA VAL FC 335 73.53 -161.15 9.55
C VAL FC 335 72.23 -161.88 9.87
N LEU FC 336 72.05 -162.28 11.13
CA LEU FC 336 70.93 -163.14 11.51
C LEU FC 336 69.61 -162.37 11.55
N LYS FC 337 69.65 -161.06 11.82
CA LYS FC 337 68.42 -160.28 12.02
C LYS FC 337 67.55 -160.23 10.77
N HIS FC 338 68.17 -160.12 9.58
CA HIS FC 338 67.44 -159.93 8.34
C HIS FC 338 67.16 -161.24 7.61
N GLN FC 339 66.98 -162.35 8.33
CA GLN FC 339 66.63 -163.62 7.70
C GLN FC 339 65.37 -164.20 8.32
N ASN FC 340 65.05 -165.45 7.98
CA ASN FC 340 63.99 -166.19 8.62
C ASN FC 340 64.59 -167.22 9.58
N GLU FC 341 63.74 -167.73 10.49
CA GLU FC 341 64.22 -168.43 11.69
C GLU FC 341 64.98 -169.72 11.35
N GLU FC 342 64.45 -170.53 10.43
CA GLU FC 342 65.16 -171.74 10.05
C GLU FC 342 66.43 -171.41 9.26
N ASP FC 343 66.37 -170.37 8.44
CA ASP FC 343 67.58 -169.84 7.82
C ASP FC 343 68.53 -169.22 8.83
N LYS FC 344 67.99 -168.65 9.92
CA LYS FC 344 68.83 -168.15 10.99
C LYS FC 344 69.62 -169.28 11.64
N LYS FC 345 68.96 -170.41 11.90
CA LYS FC 345 69.65 -171.57 12.47
C LYS FC 345 70.66 -172.16 11.48
N ALA FC 346 70.30 -172.22 10.20
CA ALA FC 346 71.23 -172.76 9.20
C ALA FC 346 72.47 -171.89 9.05
N VAL FC 347 72.29 -170.57 8.97
CA VAL FC 347 73.44 -169.66 8.89
C VAL FC 347 74.22 -169.65 10.18
N ALA FC 348 73.54 -169.90 11.29
CA ALA FC 348 74.19 -170.04 12.57
C ALA FC 348 75.14 -171.23 12.59
N ALA FC 349 74.68 -172.38 12.10
CA ALA FC 349 75.52 -173.56 12.01
C ALA FC 349 76.68 -173.35 11.03
N SER FC 350 76.40 -172.73 9.89
CA SER FC 350 77.46 -172.54 8.89
C SER FC 350 78.52 -171.54 9.38
N LEU FC 351 78.11 -170.46 10.06
CA LEU FC 351 79.08 -169.53 10.64
C LEU FC 351 79.89 -170.17 11.75
N LYS FC 352 79.23 -170.93 12.64
CA LYS FC 352 79.96 -171.63 13.70
C LYS FC 352 80.96 -172.63 13.13
N SER FC 353 80.67 -173.19 11.96
CA SER FC 353 81.68 -173.99 11.27
C SER FC 353 82.83 -173.14 10.75
N ASP FC 354 82.52 -172.03 10.05
CA ASP FC 354 83.56 -171.40 9.21
C ASP FC 354 84.41 -170.34 9.91
N ILE FC 355 83.87 -169.66 10.92
CA ILE FC 355 84.60 -168.51 11.49
C ILE FC 355 85.87 -168.91 12.25
N PRO FC 356 85.87 -169.88 13.18
CA PRO FC 356 87.16 -170.31 13.75
C PRO FC 356 88.08 -170.96 12.73
N ALA FC 357 87.53 -171.57 11.67
CA ALA FC 357 88.35 -172.02 10.56
C ALA FC 357 89.04 -170.85 9.87
N MET FC 358 88.36 -169.71 9.73
CA MET FC 358 88.99 -168.55 9.13
C MET FC 358 90.05 -167.95 10.06
N VAL FC 359 89.82 -168.01 11.37
CA VAL FC 359 90.85 -167.58 12.32
C VAL FC 359 92.09 -168.46 12.23
N ASN FC 360 91.89 -169.78 12.16
CA ASN FC 360 93.00 -170.71 12.01
C ASN FC 360 93.71 -170.56 10.67
N ALA FC 361 92.96 -170.31 9.60
CA ALA FC 361 93.58 -170.08 8.29
C ALA FC 361 94.35 -168.76 8.25
N LEU FC 362 93.84 -167.72 8.93
CA LEU FC 362 94.55 -166.46 9.04
C LEU FC 362 95.85 -166.62 9.82
N VAL FC 363 95.83 -167.45 10.88
CA VAL FC 363 97.05 -167.70 11.63
C VAL FC 363 98.02 -168.61 10.87
N ASN FC 364 97.51 -169.53 10.06
CA ASN FC 364 98.36 -170.44 9.31
C ASN FC 364 98.88 -169.82 8.02
N SER FC 365 98.30 -168.70 7.59
CA SER FC 365 98.86 -167.96 6.47
C SER FC 365 100.05 -167.11 6.86
N GLY FC 366 100.22 -166.82 8.15
CA GLY FC 366 101.31 -166.00 8.64
C GLY FC 366 100.93 -164.62 9.12
N LEU FC 367 99.67 -164.41 9.50
CA LEU FC 367 99.19 -163.10 9.96
C LEU FC 367 98.88 -163.18 11.45
N ARG FC 368 99.29 -162.15 12.19
CA ARG FC 368 99.17 -162.13 13.64
C ARG FC 368 97.96 -161.30 14.05
N VAL FC 369 97.01 -161.95 14.73
CA VAL FC 369 95.74 -161.34 15.09
C VAL FC 369 95.47 -161.65 16.56
N SER FC 370 94.62 -160.82 17.18
CA SER FC 370 94.22 -160.98 18.57
C SER FC 370 92.70 -160.81 18.62
N VAL FC 371 91.99 -161.92 18.46
CA VAL FC 371 90.52 -161.92 18.42
C VAL FC 371 90.01 -162.78 19.57
N ASP FC 372 89.10 -162.22 20.36
CA ASP FC 372 88.37 -162.97 21.38
C ASP FC 372 87.33 -163.83 20.68
N LEU FC 373 87.64 -165.12 20.52
CA LEU FC 373 86.77 -166.05 19.82
C LEU FC 373 85.54 -166.44 20.64
N ASP FC 374 85.55 -166.18 21.94
CA ASP FC 374 84.42 -166.54 22.80
C ASP FC 374 83.16 -165.76 22.49
N GLU FC 375 83.27 -164.59 21.84
CA GLU FC 375 82.09 -163.84 21.42
C GLU FC 375 81.26 -164.58 20.38
N LEU FC 376 81.83 -165.58 19.71
CA LEU FC 376 81.02 -166.44 18.85
C LEU FC 376 79.93 -167.16 19.64
N ASN FC 377 80.26 -167.64 20.85
CA ASN FC 377 79.26 -168.24 21.71
C ASN FC 377 78.51 -167.23 22.57
N LYS FC 378 79.13 -166.08 22.86
CA LYS FC 378 78.45 -165.08 23.67
C LYS FC 378 77.49 -164.20 22.87
N ASN FC 379 77.55 -164.26 21.54
CA ASN FC 379 76.51 -163.63 20.73
C ASN FC 379 75.23 -164.44 20.85
N GLU FC 380 74.15 -163.77 21.27
CA GLU FC 380 72.89 -164.45 21.53
C GLU FC 380 72.16 -164.85 20.25
N ALA FC 381 72.46 -164.24 19.11
CA ALA FC 381 71.76 -164.53 17.87
C ALA FC 381 72.18 -165.85 17.25
N LEU FC 382 73.37 -166.36 17.56
CA LEU FC 382 73.81 -167.67 17.06
C LEU FC 382 73.02 -168.81 17.69
N LEU FC 383 72.44 -168.59 18.86
CA LEU FC 383 71.65 -169.60 19.55
C LEU FC 383 70.18 -169.53 19.18
N SER FC 384 69.82 -168.78 18.14
CA SER FC 384 68.43 -168.61 17.75
C SER FC 384 67.87 -169.87 17.10
N GLU GC 93 -15.96 -27.93 -131.31
CA GLU GC 93 -16.10 -28.67 -132.55
C GLU GC 93 -15.03 -28.29 -133.57
N ASP GC 94 -14.76 -26.98 -133.68
CA ASP GC 94 -13.69 -26.54 -134.57
C ASP GC 94 -12.34 -27.06 -134.11
N GLY GC 95 -12.14 -27.15 -132.79
CA GLY GC 95 -10.91 -27.70 -132.26
C GLY GC 95 -10.72 -29.17 -132.60
N THR GC 96 -11.79 -29.98 -132.46
CA THR GC 96 -11.62 -31.40 -132.75
C THR GC 96 -11.54 -31.68 -134.24
N THR GC 97 -12.21 -30.88 -135.09
CA THR GC 97 -12.02 -31.05 -136.53
C THR GC 97 -10.60 -30.66 -136.94
N ASN GC 98 -10.10 -29.55 -136.42
CA ASN GC 98 -8.74 -29.12 -136.75
C ASN GC 98 -7.70 -30.10 -136.20
N GLU GC 99 -7.92 -30.65 -135.01
CA GLU GC 99 -6.97 -31.61 -134.45
C GLU GC 99 -7.03 -32.96 -135.16
N PHE GC 100 -8.22 -33.38 -135.61
CA PHE GC 100 -8.32 -34.56 -136.46
C PHE GC 100 -7.52 -34.36 -137.74
N LEU GC 101 -7.68 -33.20 -138.37
CA LEU GC 101 -6.92 -32.93 -139.59
C LEU GC 101 -5.43 -32.82 -139.31
N SER GC 102 -5.05 -32.24 -138.16
CA SER GC 102 -3.64 -32.01 -137.86
C SER GC 102 -2.92 -33.32 -137.56
N ARG GC 103 -3.57 -34.23 -136.84
CA ARG GC 103 -2.99 -35.55 -136.65
C ARG GC 103 -2.97 -36.34 -137.96
N PHE GC 104 -4.03 -36.20 -138.75
CA PHE GC 104 -4.18 -36.96 -139.99
C PHE GC 104 -3.11 -36.59 -141.01
N VAL GC 105 -2.83 -35.29 -141.17
CA VAL GC 105 -1.81 -34.87 -142.11
C VAL GC 105 -0.42 -35.29 -141.64
N TRP GC 106 -0.23 -35.47 -140.34
CA TRP GC 106 1.05 -35.96 -139.85
C TRP GC 106 1.24 -37.44 -140.14
N ILE GC 107 0.20 -38.23 -139.93
CA ILE GC 107 0.38 -39.68 -140.09
C ILE GC 107 0.30 -40.13 -141.55
N MET GC 108 -0.56 -39.52 -142.37
CA MET GC 108 -0.69 -40.00 -143.73
C MET GC 108 0.49 -39.61 -144.62
N ARG GC 109 1.23 -38.56 -144.28
CA ARG GC 109 2.46 -38.28 -145.01
C ARG GC 109 3.48 -39.40 -144.78
N GLY GC 110 3.62 -39.87 -143.55
CA GLY GC 110 4.51 -40.97 -143.28
C GLY GC 110 4.02 -42.29 -143.80
N LYS GC 111 2.72 -42.45 -143.98
CA LYS GC 111 2.25 -43.67 -144.62
C LYS GC 111 2.46 -43.63 -146.13
N VAL GC 112 2.33 -42.44 -146.76
CA VAL GC 112 2.48 -42.34 -148.20
C VAL GC 112 3.95 -42.42 -148.59
N SER GC 113 4.85 -41.86 -147.77
CA SER GC 113 6.28 -41.94 -148.04
C SER GC 113 6.79 -43.37 -148.06
N GLU GC 114 6.10 -44.31 -147.42
CA GLU GC 114 6.48 -45.71 -147.46
C GLU GC 114 5.65 -46.53 -148.45
N ALA GC 115 4.37 -46.19 -148.62
CA ALA GC 115 3.53 -46.89 -149.59
C ALA GC 115 4.02 -46.65 -151.01
N TYR GC 116 4.41 -45.41 -151.31
CA TYR GC 116 4.97 -45.04 -152.61
C TYR GC 116 6.33 -44.38 -152.35
N PRO GC 117 7.37 -45.17 -152.03
CA PRO GC 117 8.68 -44.56 -151.71
C PRO GC 117 9.33 -43.88 -152.89
N ASP GC 118 8.99 -44.25 -154.13
CA ASP GC 118 9.52 -43.57 -155.29
C ASP GC 118 8.92 -42.18 -155.48
N CYS GC 119 7.75 -41.94 -154.89
CA CYS GC 119 7.12 -40.62 -154.99
C CYS GC 119 7.91 -39.61 -154.16
N ASP GC 120 8.22 -38.47 -154.78
CA ASP GC 120 8.90 -37.39 -154.07
C ASP GC 120 7.88 -36.58 -153.27
N LYS GC 121 8.37 -35.55 -152.58
CA LYS GC 121 7.54 -34.79 -151.65
C LYS GC 121 6.44 -34.01 -152.34
N LYS GC 122 6.63 -33.58 -153.58
CA LYS GC 122 5.58 -32.86 -154.29
C LYS GC 122 4.42 -33.77 -154.67
N MET GC 123 4.72 -34.97 -155.18
CA MET GC 123 3.68 -35.95 -155.45
C MET GC 123 3.02 -36.44 -154.16
N ILE GC 124 3.79 -36.53 -153.07
CA ILE GC 124 3.21 -36.82 -151.76
C ILE GC 124 2.25 -35.71 -151.35
N ASP GC 125 2.65 -34.45 -151.57
CA ASP GC 125 1.81 -33.31 -151.22
C ASP GC 125 0.53 -33.30 -152.03
N GLY GC 126 0.62 -33.62 -153.33
CA GLY GC 126 -0.57 -33.73 -154.15
C GLY GC 126 -1.51 -34.85 -153.69
N MET GC 127 -0.96 -36.03 -153.42
CA MET GC 127 -1.77 -37.14 -152.91
C MET GC 127 -2.41 -36.79 -151.57
N LEU GC 128 -1.65 -36.11 -150.70
CA LEU GC 128 -2.19 -35.67 -149.42
C LEU GC 128 -3.31 -34.66 -149.59
N LEU GC 129 -3.19 -33.73 -150.55
CA LEU GC 129 -4.26 -32.78 -150.83
C LEU GC 129 -5.51 -33.48 -151.30
N LEU GC 130 -5.36 -34.47 -152.18
CA LEU GC 130 -6.52 -35.23 -152.65
C LEU GC 130 -7.15 -36.06 -151.53
N ILE GC 131 -6.32 -36.69 -150.69
CA ILE GC 131 -6.84 -37.53 -149.62
C ILE GC 131 -7.50 -36.68 -148.54
N VAL GC 132 -6.96 -35.51 -148.24
CA VAL GC 132 -7.58 -34.63 -147.25
C VAL GC 132 -8.84 -33.98 -147.83
N GLU GC 133 -8.94 -33.85 -149.14
CA GLU GC 133 -10.23 -33.42 -149.70
C GLU GC 133 -11.27 -34.51 -149.60
N LYS GC 134 -10.92 -35.75 -149.91
CA LYS GC 134 -11.93 -36.79 -149.88
C LYS GC 134 -12.26 -37.28 -148.47
N VAL GC 135 -11.39 -37.08 -147.48
CA VAL GC 135 -11.79 -37.45 -146.12
C VAL GC 135 -12.76 -36.41 -145.53
N VAL GC 136 -12.58 -35.13 -145.85
CA VAL GC 136 -13.58 -34.16 -145.40
C VAL GC 136 -14.86 -34.28 -146.22
N GLU GC 137 -14.75 -34.76 -147.46
CA GLU GC 137 -15.93 -35.16 -148.21
C GLU GC 137 -16.64 -36.35 -147.56
N GLU GC 138 -15.87 -37.32 -147.06
CA GLU GC 138 -16.39 -38.44 -146.30
C GLU GC 138 -17.14 -37.99 -145.05
N ILE GC 139 -16.58 -37.05 -144.30
CA ILE GC 139 -17.22 -36.60 -143.06
C ILE GC 139 -18.32 -35.56 -143.29
N GLU GC 140 -18.41 -34.96 -144.48
CA GLU GC 140 -19.61 -34.18 -144.75
C GLU GC 140 -20.72 -35.04 -145.32
N ARG GC 141 -20.37 -36.13 -146.01
CA ARG GC 141 -21.39 -37.05 -146.49
C ARG GC 141 -21.98 -37.87 -145.34
N GLY GC 142 -21.18 -38.22 -144.34
CA GLY GC 142 -21.70 -39.04 -143.27
C GLY GC 142 -21.20 -38.83 -141.85
N GLY GC 143 -20.47 -37.76 -141.59
CA GLY GC 143 -20.02 -37.52 -140.23
C GLY GC 143 -18.91 -38.46 -139.78
N PHE GC 144 -18.55 -38.34 -138.52
CA PHE GC 144 -17.52 -39.19 -137.92
C PHE GC 144 -18.01 -40.58 -137.58
N ASN GC 145 -19.33 -40.79 -137.50
CA ASN GC 145 -19.86 -42.11 -137.19
C ASN GC 145 -19.64 -43.08 -138.34
N LYS GC 146 -19.75 -42.59 -139.59
CA LYS GC 146 -19.53 -43.45 -140.75
C LYS GC 146 -18.07 -43.83 -140.89
N VAL GC 147 -17.16 -43.01 -140.33
CA VAL GC 147 -15.73 -43.28 -140.39
C VAL GC 147 -15.34 -44.42 -139.46
N GLY GC 148 -16.17 -44.73 -138.46
CA GLY GC 148 -15.91 -45.83 -137.56
C GLY GC 148 -16.88 -46.98 -137.60
N SER GC 149 -17.67 -47.13 -138.67
CA SER GC 149 -18.72 -48.13 -138.74
C SER GC 149 -18.32 -49.37 -139.55
N ALA GC 150 -17.99 -49.19 -140.83
CA ALA GC 150 -17.70 -50.29 -141.74
C ALA GC 150 -17.01 -49.73 -142.98
N PRO GC 151 -15.96 -50.38 -143.48
CA PRO GC 151 -15.18 -49.79 -144.59
C PRO GC 151 -15.98 -49.76 -145.89
N PRO GC 152 -16.04 -48.60 -146.55
CA PRO GC 152 -16.79 -48.48 -147.80
C PRO GC 152 -15.93 -48.70 -149.04
N SER GC 153 -16.61 -48.77 -150.18
CA SER GC 153 -15.94 -49.03 -151.44
C SER GC 153 -15.17 -47.79 -151.90
N PRO GC 154 -13.88 -47.92 -152.21
CA PRO GC 154 -13.08 -46.74 -152.59
C PRO GC 154 -13.43 -46.21 -153.97
N SER GC 155 -12.96 -44.99 -154.22
CA SER GC 155 -13.08 -44.35 -155.53
C SER GC 155 -12.01 -44.90 -156.47
N SER GC 156 -12.17 -44.58 -157.75
CA SER GC 156 -11.32 -45.17 -158.77
C SER GC 156 -9.92 -44.57 -158.84
N GLU GC 157 -9.74 -43.34 -158.32
CA GLU GC 157 -8.43 -42.68 -158.45
C GLU GC 157 -7.37 -43.30 -157.56
N PHE GC 158 -7.76 -44.02 -156.51
CA PHE GC 158 -6.83 -44.70 -155.63
C PHE GC 158 -7.20 -46.17 -155.53
N SER GC 159 -6.21 -46.99 -155.21
CA SER GC 159 -6.42 -48.43 -155.09
C SER GC 159 -7.16 -48.77 -153.80
N ASP GC 160 -7.42 -50.06 -153.59
CA ASP GC 160 -8.16 -50.50 -152.42
C ASP GC 160 -7.32 -50.48 -151.15
N ASP GC 161 -6.01 -50.77 -151.26
CA ASP GC 161 -5.15 -50.77 -150.09
C ASP GC 161 -4.93 -49.37 -149.54
N LEU GC 162 -4.95 -48.35 -150.41
CA LEU GC 162 -4.85 -46.98 -149.93
C LEU GC 162 -6.06 -46.60 -149.09
N TRP GC 163 -7.25 -47.02 -149.51
CA TRP GC 163 -8.45 -46.78 -148.69
C TRP GC 163 -8.42 -47.61 -147.41
N ALA GC 164 -7.84 -48.80 -147.46
CA ALA GC 164 -7.66 -49.60 -146.25
C ALA GC 164 -6.75 -48.89 -145.25
N THR GC 165 -5.66 -48.31 -145.75
CA THR GC 165 -4.79 -47.52 -144.88
C THR GC 165 -5.50 -46.28 -144.36
N ILE GC 166 -6.31 -45.62 -145.19
CA ILE GC 166 -7.09 -44.46 -144.73
C ILE GC 166 -8.03 -44.87 -143.61
N TRP GC 167 -8.66 -46.03 -143.74
CA TRP GC 167 -9.56 -46.54 -142.70
C TRP GC 167 -8.81 -46.81 -141.39
N GLU GC 168 -7.69 -47.53 -141.46
CA GLU GC 168 -6.93 -47.84 -140.25
C GLU GC 168 -6.39 -46.58 -139.59
N VAL GC 169 -5.91 -45.63 -140.39
CA VAL GC 169 -5.39 -44.37 -139.88
C VAL GC 169 -6.49 -43.54 -139.23
N SER GC 170 -7.68 -43.50 -139.83
CA SER GC 170 -8.79 -42.77 -139.24
C SER GC 170 -9.23 -43.41 -137.92
N ASN GC 171 -9.22 -44.74 -137.84
CA ASN GC 171 -9.59 -45.39 -136.60
C ASN GC 171 -8.56 -45.17 -135.50
N THR GC 172 -7.26 -45.20 -135.84
CA THR GC 172 -6.26 -44.93 -134.81
C THR GC 172 -6.21 -43.45 -134.43
N VAL GC 173 -6.76 -42.56 -135.26
CA VAL GC 173 -6.99 -41.19 -134.79
C VAL GC 173 -8.18 -41.14 -133.83
N LEU GC 174 -9.26 -41.87 -134.14
CA LEU GC 174 -10.46 -41.87 -133.31
C LEU GC 174 -10.19 -42.40 -131.90
N LYS GC 175 -9.44 -43.49 -131.80
CA LYS GC 175 -9.09 -44.03 -130.49
C LYS GC 175 -8.29 -43.05 -129.65
N ASP GC 176 -7.32 -42.36 -130.28
CA ASP GC 176 -6.52 -41.38 -129.57
C ASP GC 176 -7.36 -40.21 -129.06
N MET GC 177 -8.27 -39.71 -129.91
CA MET GC 177 -9.12 -38.61 -129.49
C MET GC 177 -10.02 -39.00 -128.32
N GLU GC 178 -10.67 -40.17 -128.41
CA GLU GC 178 -11.56 -40.63 -127.35
C GLU GC 178 -10.79 -40.89 -126.06
N LYS GC 179 -9.58 -41.46 -126.16
CA LYS GC 179 -8.77 -41.72 -124.98
C LYS GC 179 -8.35 -40.43 -124.29
N GLU GC 180 -7.93 -39.43 -125.07
CA GLU GC 180 -7.54 -38.15 -124.47
C GLU GC 180 -8.70 -37.49 -123.76
N ARG GC 181 -9.89 -37.52 -124.37
CA ARG GC 181 -11.05 -36.94 -123.71
C ARG GC 181 -11.49 -37.72 -122.46
N LYS GC 182 -11.38 -39.05 -122.50
CA LYS GC 182 -11.73 -39.83 -121.32
C LYS GC 182 -10.78 -39.55 -120.16
N LYS GC 183 -9.48 -39.43 -120.45
CA LYS GC 183 -8.52 -39.12 -119.40
C LYS GC 183 -8.72 -37.73 -118.83
N GLU GC 184 -9.03 -36.74 -119.67
CA GLU GC 184 -9.27 -35.41 -119.12
C GLU GC 184 -10.57 -35.32 -118.34
N LYS GC 185 -11.57 -36.17 -118.65
CA LYS GC 185 -12.77 -36.18 -117.81
C LYS GC 185 -12.54 -36.89 -116.48
N MET GC 186 -11.79 -37.99 -116.49
CA MET GC 186 -11.41 -38.64 -115.23
C MET GC 186 -10.57 -37.71 -114.36
N LYS GC 187 -9.75 -36.85 -114.99
CA LYS GC 187 -8.90 -35.91 -114.25
C LYS GC 187 -9.70 -35.00 -113.31
N GLN GC 188 -10.80 -34.42 -113.79
CA GLN GC 188 -11.60 -33.61 -112.89
C GLN GC 188 -12.55 -34.46 -112.04
N TYR GC 189 -13.05 -35.59 -112.56
CA TYR GC 189 -13.98 -36.38 -111.76
C TYR GC 189 -13.29 -37.08 -110.59
N VAL GC 190 -11.96 -37.16 -110.58
CA VAL GC 190 -11.26 -37.60 -109.37
C VAL GC 190 -11.43 -36.60 -108.25
N GLN GC 191 -11.26 -35.31 -108.54
CA GLN GC 191 -11.30 -34.27 -107.52
C GLN GC 191 -12.64 -33.59 -107.39
N SER GC 192 -13.69 -34.14 -108.01
CA SER GC 192 -15.05 -33.72 -107.68
C SER GC 192 -15.32 -33.96 -106.19
N PRO GC 193 -16.05 -33.04 -105.53
CA PRO GC 193 -16.08 -33.04 -104.05
C PRO GC 193 -16.79 -34.22 -103.41
N GLU GC 194 -17.73 -34.88 -104.09
CA GLU GC 194 -18.39 -36.06 -103.54
C GLU GC 194 -17.39 -37.19 -103.31
N VAL GC 195 -16.55 -37.45 -104.31
CA VAL GC 195 -15.48 -38.44 -104.19
C VAL GC 195 -14.45 -37.97 -103.17
N MET GC 196 -14.25 -36.66 -103.05
CA MET GC 196 -13.33 -36.14 -102.04
C MET GC 196 -13.81 -36.43 -100.63
N GLU GC 197 -15.11 -36.24 -100.36
CA GLU GC 197 -15.60 -36.55 -99.02
C GLU GC 197 -15.69 -38.05 -98.77
N MET GC 198 -15.91 -38.86 -99.81
CA MET GC 198 -15.83 -40.30 -99.65
C MET GC 198 -14.42 -40.74 -99.25
N CYS GC 199 -13.40 -40.21 -99.92
CA CYS GC 199 -12.03 -40.54 -99.57
C CYS GC 199 -11.64 -39.95 -98.23
N ARG GC 200 -12.21 -38.80 -97.85
CA ARG GC 200 -11.94 -38.25 -96.53
C ARG GC 200 -12.47 -39.16 -95.43
N PHE GC 201 -13.67 -39.70 -95.60
CA PHE GC 201 -14.19 -40.68 -94.64
C PHE GC 201 -13.33 -41.94 -94.62
N ALA GC 202 -12.89 -42.40 -95.80
CA ALA GC 202 -12.06 -43.60 -95.85
C ALA GC 202 -10.72 -43.40 -95.12
N GLY GC 203 -10.09 -42.24 -95.33
CA GLY GC 203 -8.87 -41.93 -94.63
C GLY GC 203 -9.04 -41.72 -93.14
N GLU GC 204 -10.19 -41.20 -92.71
CA GLU GC 204 -10.44 -41.12 -91.28
C GLU GC 204 -10.68 -42.51 -90.68
N ILE GC 205 -11.21 -43.44 -91.47
CA ILE GC 205 -11.34 -44.82 -90.99
C ILE GC 205 -9.97 -45.46 -90.85
N GLY GC 206 -9.14 -45.36 -91.88
CA GLY GC 206 -7.83 -45.98 -91.81
C GLY GC 206 -7.41 -46.65 -93.09
N ILE GC 207 -8.27 -46.64 -94.09
CA ILE GC 207 -7.90 -47.15 -95.40
C ILE GC 207 -6.90 -46.18 -96.01
N ARG GC 208 -5.73 -46.69 -96.38
CA ARG GC 208 -4.66 -45.83 -96.82
C ARG GC 208 -3.82 -46.57 -97.86
N GLY GC 209 -3.28 -45.80 -98.81
CA GLY GC 209 -2.42 -46.34 -99.83
C GLY GC 209 -3.12 -46.79 -101.11
N ASP GC 210 -2.72 -47.95 -101.61
CA ASP GC 210 -3.22 -48.45 -102.88
C ASP GC 210 -4.71 -48.75 -102.84
N LEU GC 211 -5.23 -49.20 -101.71
CA LEU GC 211 -6.67 -49.40 -101.57
C LEU GC 211 -7.43 -48.07 -101.67
N LEU GC 212 -6.90 -47.02 -101.07
CA LEU GC 212 -7.52 -45.70 -101.17
C LEU GC 212 -7.49 -45.19 -102.60
N ARG GC 213 -6.36 -45.37 -103.29
CA ARG GC 213 -6.27 -44.96 -104.70
C ARG GC 213 -7.24 -45.74 -105.58
N GLU GC 214 -7.34 -47.05 -105.35
CA GLU GC 214 -8.24 -47.90 -106.12
C GLU GC 214 -9.70 -47.50 -105.92
N LEU GC 215 -10.09 -47.27 -104.67
CA LEU GC 215 -11.48 -46.90 -104.41
C LEU GC 215 -11.79 -45.51 -104.95
N ARG GC 216 -10.83 -44.58 -104.87
CA ARG GC 216 -11.02 -43.26 -105.44
C ARG GC 216 -11.24 -43.33 -106.95
N PHE GC 217 -10.44 -44.15 -107.64
CA PHE GC 217 -10.61 -44.30 -109.08
C PHE GC 217 -11.93 -44.97 -109.43
N LYS GC 218 -12.39 -45.93 -108.63
CA LYS GC 218 -13.69 -46.53 -108.89
C LYS GC 218 -14.82 -45.52 -108.73
N TRP GC 219 -14.75 -44.68 -107.69
CA TRP GC 219 -15.82 -43.71 -107.47
C TRP GC 219 -15.83 -42.63 -108.55
N ALA GC 220 -14.64 -42.21 -109.00
CA ALA GC 220 -14.57 -41.29 -110.14
C ALA GC 220 -15.13 -41.94 -111.41
N ARG GC 221 -14.87 -43.23 -111.59
CA ARG GC 221 -15.39 -43.94 -112.76
C ARG GC 221 -16.91 -44.02 -112.74
N GLU GC 222 -17.49 -44.26 -111.56
CA GLU GC 222 -18.95 -44.27 -111.44
C GLU GC 222 -19.56 -42.89 -111.69
N LYS GC 223 -18.89 -41.84 -111.23
CA LYS GC 223 -19.34 -40.47 -111.53
C LYS GC 223 -19.32 -40.20 -113.03
N MET GC 224 -18.27 -40.65 -113.71
CA MET GC 224 -18.18 -40.52 -115.17
C MET GC 224 -19.29 -41.30 -115.88
N ASP GC 225 -19.59 -42.52 -115.41
CA ASP GC 225 -20.64 -43.33 -116.02
C ASP GC 225 -22.02 -42.68 -115.86
N ASP GC 226 -22.31 -42.15 -114.68
CA ASP GC 226 -23.60 -41.47 -114.49
C ASP GC 226 -23.70 -40.21 -115.33
N ALA GC 227 -22.60 -39.46 -115.45
CA ALA GC 227 -22.60 -38.28 -116.31
C ALA GC 227 -22.84 -38.65 -117.77
N GLU GC 228 -22.27 -39.77 -118.24
CA GLU GC 228 -22.48 -40.12 -119.64
C GLU GC 228 -23.87 -40.68 -119.90
N PHE GC 229 -24.50 -41.35 -118.93
CA PHE GC 229 -25.90 -41.70 -119.11
C PHE GC 229 -26.81 -40.46 -119.16
N TYR GC 230 -26.52 -39.48 -118.30
CA TYR GC 230 -27.27 -38.24 -118.33
C TYR GC 230 -27.11 -37.49 -119.65
N GLU GC 231 -25.89 -37.46 -120.20
CA GLU GC 231 -25.73 -36.77 -121.48
C GLU GC 231 -26.35 -37.53 -122.64
N SER GC 232 -26.40 -38.87 -122.57
CA SER GC 232 -27.11 -39.64 -123.58
C SER GC 232 -28.59 -39.30 -123.58
N LEU GC 233 -29.21 -39.24 -122.39
CA LEU GC 233 -30.61 -38.83 -122.32
C LEU GC 233 -30.83 -37.39 -122.78
N GLU GC 234 -29.90 -36.49 -122.44
CA GLU GC 234 -30.04 -35.10 -122.84
C GLU GC 234 -29.96 -34.93 -124.36
N GLN GC 235 -29.03 -35.65 -125.00
CA GLN GC 235 -28.92 -35.57 -126.45
C GLN GC 235 -30.12 -36.19 -127.15
N GLN GC 236 -30.64 -37.32 -126.63
CA GLN GC 236 -31.85 -37.90 -127.21
C GLN GC 236 -33.03 -36.95 -127.09
N ARG GC 237 -33.17 -36.27 -125.93
CA ARG GC 237 -34.24 -35.30 -125.74
C ARG GC 237 -34.09 -34.13 -126.71
N ASP GC 238 -32.87 -33.62 -126.87
CA ASP GC 238 -32.64 -32.46 -127.74
C ASP GC 238 -32.98 -32.80 -129.19
N LEU GC 239 -32.54 -33.97 -129.66
CA LEU GC 239 -32.82 -34.37 -131.03
C LEU GC 239 -34.30 -34.60 -131.25
N ASP GC 240 -34.99 -35.20 -130.27
CA ASP GC 240 -36.43 -35.41 -130.43
C ASP GC 240 -37.20 -34.09 -130.43
N ASN GC 241 -36.78 -33.13 -129.61
CA ASN GC 241 -37.44 -31.82 -129.62
C ASN GC 241 -37.23 -31.10 -130.96
N SER GC 242 -36.01 -31.17 -131.50
CA SER GC 242 -35.73 -30.55 -132.80
C SER GC 242 -36.55 -31.19 -133.91
N ILE GC 243 -36.62 -32.52 -133.96
CA ILE GC 243 -37.39 -33.17 -135.03
C ILE GC 243 -38.90 -33.04 -134.85
N ARG GC 244 -39.39 -32.98 -133.60
CA ARG GC 244 -40.80 -32.71 -133.36
C ARG GC 244 -41.18 -31.32 -133.82
N GLU GC 245 -40.33 -30.34 -133.50
CA GLU GC 245 -40.57 -28.97 -133.94
C GLU GC 245 -40.53 -28.86 -135.46
N SER GC 246 -39.59 -29.55 -136.10
CA SER GC 246 -39.49 -29.50 -137.56
C SER GC 246 -40.73 -30.11 -138.23
N GLU GC 247 -41.20 -31.25 -137.72
CA GLU GC 247 -42.41 -31.85 -138.28
C GLU GC 247 -43.64 -30.97 -138.04
N THR GC 248 -43.73 -30.32 -136.87
CA THR GC 248 -44.87 -29.46 -136.58
C THR GC 248 -44.88 -28.22 -137.48
N VAL GC 249 -43.72 -27.59 -137.68
CA VAL GC 249 -43.69 -26.39 -138.49
C VAL GC 249 -43.72 -26.71 -139.98
N ASP GC 250 -43.43 -27.95 -140.38
CA ASP GC 250 -43.75 -28.34 -141.75
C ASP GC 250 -45.24 -28.64 -141.93
N GLY GC 251 -45.89 -29.22 -140.92
CA GLY GC 251 -47.31 -29.48 -141.01
C GLY GC 251 -48.18 -28.25 -140.86
N GLU GC 252 -47.67 -27.18 -140.26
CA GLU GC 252 -48.46 -25.97 -140.06
C GLU GC 252 -48.42 -25.02 -141.24
N VAL GC 253 -47.34 -25.02 -142.03
CA VAL GC 253 -47.14 -24.06 -143.11
C VAL GC 253 -47.17 -24.82 -144.43
N GLU GC 254 -48.22 -24.58 -145.22
CA GLU GC 254 -48.43 -25.20 -146.54
C GLU GC 254 -48.38 -26.72 -146.50
N LYS GC 273 -1.98 -26.86 -139.35
CA LYS GC 273 -1.50 -26.18 -140.55
C LYS GC 273 -0.70 -24.94 -140.20
N ARG GC 274 -1.40 -23.85 -139.89
CA ARG GC 274 -0.80 -22.58 -139.52
C ARG GC 274 -1.61 -21.97 -138.38
N LYS GC 275 -0.93 -21.63 -137.28
CA LYS GC 275 -1.59 -21.02 -136.14
C LYS GC 275 -0.62 -20.08 -135.44
N GLY GC 276 -1.12 -18.93 -134.99
CA GLY GC 276 -0.38 -18.10 -134.06
C GLY GC 276 -1.13 -16.86 -133.64
N LYS GC 277 -1.26 -16.65 -132.32
CA LYS GC 277 -2.10 -15.61 -131.74
C LYS GC 277 -1.84 -15.56 -130.24
N LEU GC 278 -1.83 -14.36 -129.66
CA LEU GC 278 -1.76 -14.20 -128.21
C LEU GC 278 -3.04 -13.55 -127.72
N LYS GC 279 -3.70 -14.21 -126.77
CA LYS GC 279 -4.92 -13.69 -126.14
C LYS GC 279 -4.66 -13.70 -124.64
N TYR GC 280 -4.27 -12.55 -124.10
CA TYR GC 280 -3.78 -12.46 -122.73
C TYR GC 280 -4.88 -12.74 -121.72
N LYS GC 281 -4.56 -13.55 -120.72
CA LYS GC 281 -5.53 -13.97 -119.71
C LYS GC 281 -4.74 -14.32 -118.45
N ILE GC 282 -4.92 -13.53 -117.40
CA ILE GC 282 -4.21 -13.72 -116.14
C ILE GC 282 -5.23 -13.88 -115.02
N TYR GC 283 -5.02 -14.90 -114.18
CA TYR GC 283 -5.85 -15.19 -113.01
C TYR GC 283 -7.33 -15.38 -113.35
N GLY GC 284 -7.62 -15.89 -114.54
CA GLY GC 284 -9.00 -15.94 -115.00
C GLY GC 284 -9.59 -14.57 -115.28
N LEU GC 285 -8.80 -13.65 -115.82
CA LEU GC 285 -9.27 -12.34 -116.24
C LEU GC 285 -8.70 -12.04 -117.61
N GLU GC 286 -9.57 -11.72 -118.57
CA GLU GC 286 -9.12 -11.51 -119.94
C GLU GC 286 -8.78 -10.05 -120.17
N LEU GC 287 -7.62 -9.81 -120.77
CA LEU GC 287 -7.17 -8.48 -121.16
C LEU GC 287 -6.93 -8.41 -122.66
N SER GC 288 -7.80 -9.04 -123.44
CA SER GC 288 -7.60 -9.21 -124.87
C SER GC 288 -7.94 -7.97 -125.69
N ASP GC 289 -8.51 -6.94 -125.09
CA ASP GC 289 -8.81 -5.72 -125.82
C ASP GC 289 -7.52 -4.93 -126.10
N PRO GC 290 -7.46 -4.21 -127.22
CA PRO GC 290 -6.26 -3.38 -127.49
C PRO GC 290 -6.10 -2.20 -126.56
N LYS GC 291 -7.14 -1.81 -125.82
CA LYS GC 291 -6.96 -0.78 -124.81
C LYS GC 291 -6.08 -1.28 -123.67
N TRP GC 292 -6.03 -2.58 -123.44
CA TRP GC 292 -5.12 -3.13 -122.44
C TRP GC 292 -3.66 -3.03 -122.88
N VAL GC 293 -3.37 -3.29 -124.16
CA VAL GC 293 -1.99 -3.12 -124.60
C VAL GC 293 -1.62 -1.64 -124.63
N GLU GC 294 -2.59 -0.75 -124.91
CA GLU GC 294 -2.34 0.67 -124.82
C GLU GC 294 -2.07 1.13 -123.39
N MET GC 295 -2.83 0.58 -122.42
CA MET GC 295 -2.58 0.87 -121.00
C MET GC 295 -1.21 0.36 -120.58
N ALA GC 296 -0.83 -0.82 -121.05
CA ALA GC 296 0.48 -1.37 -120.73
C ALA GC 296 1.60 -0.50 -121.28
N ASP GC 297 1.46 -0.03 -122.53
CA ASP GC 297 2.45 0.87 -123.11
C ASP GC 297 2.56 2.14 -122.31
N LYS GC 298 1.43 2.77 -121.99
CA LYS GC 298 1.47 4.04 -121.30
C LYS GC 298 1.84 3.91 -119.82
N ILE GC 299 1.77 2.70 -119.26
CA ILE GC 299 2.30 2.47 -117.92
C ILE GC 299 3.82 2.27 -117.98
N HIS GC 300 4.29 1.46 -118.92
CA HIS GC 300 5.71 1.13 -118.99
C HIS GC 300 6.55 2.33 -119.37
N GLU GC 301 6.02 3.21 -120.23
CA GLU GC 301 6.79 4.41 -120.58
C GLU GC 301 6.94 5.35 -119.39
N ALA GC 302 5.90 5.49 -118.56
CA ALA GC 302 6.01 6.34 -117.39
C ALA GC 302 6.93 5.74 -116.33
N GLU GC 303 6.91 4.41 -116.20
CA GLU GC 303 7.87 3.76 -115.30
C GLU GC 303 9.29 3.95 -115.78
N GLU GC 304 9.52 3.90 -117.10
CA GLU GC 304 10.83 4.23 -117.66
C GLU GC 304 11.20 5.68 -117.37
N GLU GC 305 10.22 6.59 -117.50
CA GLU GC 305 10.49 8.02 -117.40
C GLU GC 305 10.86 8.42 -115.98
N ALA GC 306 10.19 7.85 -114.98
CA ALA GC 306 10.36 8.28 -113.61
C ALA GC 306 11.56 7.64 -112.90
N ASP GC 307 12.43 6.97 -113.66
CA ASP GC 307 13.59 6.21 -113.14
C ASP GC 307 13.15 5.16 -112.11
N TRP GC 308 12.12 4.41 -112.48
CA TRP GC 308 11.62 3.35 -111.62
C TRP GC 308 11.76 1.98 -112.23
N ARG GC 309 12.45 1.87 -113.37
CA ARG GC 309 12.77 0.59 -113.96
C ARG GC 309 13.99 -0.01 -113.27
N GLU GC 310 14.08 -1.34 -113.31
CA GLU GC 310 15.11 -2.08 -112.61
C GLU GC 310 16.05 -2.76 -113.60
N PRO GC 311 17.31 -2.97 -113.24
CA PRO GC 311 18.23 -3.67 -114.15
C PRO GC 311 17.88 -5.14 -114.29
N LYS GC 312 18.21 -5.68 -115.46
CA LYS GC 312 18.00 -7.11 -115.70
C LYS GC 312 19.00 -7.93 -114.89
N PRO GC 313 18.62 -9.13 -114.47
CA PRO GC 313 19.59 -10.04 -113.85
C PRO GC 313 20.70 -10.43 -114.81
N VAL GC 314 21.92 -10.52 -114.29
CA VAL GC 314 23.09 -10.88 -115.06
C VAL GC 314 23.30 -12.38 -114.89
N THR GC 315 22.70 -13.17 -115.78
CA THR GC 315 22.68 -14.62 -115.64
C THR GC 315 23.37 -15.27 -116.84
N GLY GC 316 24.20 -16.27 -116.54
CA GLY GC 316 24.74 -17.11 -117.59
C GLY GC 316 26.06 -16.58 -118.12
N LYS GC 317 26.12 -16.41 -119.44
CA LYS GC 317 27.35 -15.98 -120.08
C LYS GC 317 27.70 -14.54 -119.72
N CYS GC 318 26.71 -13.72 -119.42
CA CYS GC 318 26.94 -12.29 -119.18
C CYS GC 318 27.75 -12.03 -117.92
N LYS GC 319 27.81 -12.99 -116.99
CA LYS GC 319 28.59 -12.83 -115.77
C LYS GC 319 30.09 -12.77 -116.06
N LEU GC 320 30.59 -13.65 -116.92
CA LEU GC 320 31.99 -13.57 -117.27
C LEU GC 320 32.31 -12.38 -118.16
N VAL GC 321 31.31 -11.79 -118.83
CA VAL GC 321 31.57 -10.60 -119.64
C VAL GC 321 31.87 -9.40 -118.74
N MET GC 322 31.11 -9.23 -117.65
CA MET GC 322 31.45 -8.16 -116.71
C MET GC 322 32.65 -8.53 -115.86
N GLU GC 323 32.90 -9.83 -115.65
CA GLU GC 323 34.16 -10.24 -115.02
C GLU GC 323 35.36 -9.92 -115.91
N LYS GC 324 35.15 -9.86 -117.23
CA LYS GC 324 36.19 -9.41 -118.14
C LYS GC 324 36.27 -7.89 -118.19
N LEU GC 325 35.11 -7.23 -118.11
CA LEU GC 325 35.07 -5.76 -118.13
C LEU GC 325 35.73 -5.17 -116.89
N GLU GC 326 35.71 -5.91 -115.78
CA GLU GC 326 36.51 -5.55 -114.62
C GLU GC 326 37.93 -6.08 -114.70
N SER GC 327 38.32 -6.72 -115.82
CA SER GC 327 39.70 -7.10 -116.06
C SER GC 327 40.29 -6.40 -117.28
N LEU GC 328 39.56 -5.45 -117.86
CA LEU GC 328 40.06 -4.68 -119.00
C LEU GC 328 41.28 -3.85 -118.63
N GLN GC 329 42.13 -3.61 -119.63
CA GLN GC 329 43.39 -2.89 -119.43
C GLN GC 329 43.28 -1.44 -119.89
N GLU GC 330 44.32 -0.66 -119.55
CA GLU GC 330 44.44 0.69 -120.08
C GLU GC 330 44.82 0.62 -121.55
N GLY GC 331 44.12 1.40 -122.38
CA GLY GC 331 44.37 1.45 -123.80
C GLY GC 331 43.65 0.39 -124.60
N ASP GC 332 43.01 -0.57 -123.95
CA ASP GC 332 42.27 -1.59 -124.68
C ASP GC 332 41.00 -1.01 -125.27
N ASP GC 333 40.72 -1.36 -126.51
CA ASP GC 333 39.49 -0.93 -127.18
C ASP GC 333 38.35 -1.83 -126.73
N PRO GC 334 37.33 -1.31 -126.04
CA PRO GC 334 36.27 -2.17 -125.53
C PRO GC 334 35.12 -2.34 -126.51
N SER GC 335 35.32 -2.02 -127.78
CA SER GC 335 34.22 -2.00 -128.74
C SER GC 335 33.67 -3.40 -129.01
N GLY GC 336 34.53 -4.40 -129.16
CA GLY GC 336 34.05 -5.75 -129.41
C GLY GC 336 33.28 -6.34 -128.24
N LEU GC 337 33.79 -6.17 -127.02
CA LEU GC 337 33.10 -6.65 -125.83
C LEU GC 337 31.83 -5.86 -125.57
N LEU GC 338 31.83 -4.56 -125.90
CA LEU GC 338 30.64 -3.75 -125.72
C LEU GC 338 29.53 -4.17 -126.69
N ALA GC 339 29.89 -4.47 -127.94
CA ALA GC 339 28.92 -5.00 -128.87
C ALA GC 339 28.45 -6.39 -128.47
N GLU GC 340 29.35 -7.21 -127.90
CA GLU GC 340 28.95 -8.52 -127.38
C GLU GC 340 27.95 -8.39 -126.23
N TRP GC 341 28.19 -7.44 -125.32
CA TRP GC 341 27.27 -7.22 -124.21
C TRP GC 341 25.94 -6.62 -124.68
N ALA GC 342 25.99 -5.74 -125.67
CA ALA GC 342 24.76 -5.17 -126.22
C ALA GC 342 23.98 -6.19 -127.03
N GLU GC 343 24.64 -7.20 -127.59
CA GLU GC 343 23.93 -8.31 -128.21
C GLU GC 343 23.36 -9.26 -127.16
N LEU GC 344 24.05 -9.43 -126.04
CA LEU GC 344 23.57 -10.36 -125.02
C LEU GC 344 22.38 -9.79 -124.24
N LEU GC 345 22.55 -8.64 -123.60
CA LEU GC 345 21.61 -8.20 -122.58
C LEU GC 345 20.69 -7.07 -123.01
N GLU GC 346 20.77 -6.60 -124.28
CA GLU GC 346 20.01 -5.53 -124.94
C GLU GC 346 19.73 -4.37 -123.99
N PRO GC 347 20.76 -3.58 -123.66
CA PRO GC 347 20.63 -2.65 -122.54
C PRO GC 347 19.78 -1.44 -122.86
N ASN GC 348 18.95 -1.06 -121.89
CA ASN GC 348 18.26 0.21 -121.87
C ASN GC 348 19.10 1.19 -121.05
N ARG GC 349 18.51 2.35 -120.71
CA ARG GC 349 19.21 3.35 -119.91
C ARG GC 349 19.54 2.81 -118.52
N VAL GC 350 18.61 2.07 -117.93
CA VAL GC 350 18.80 1.57 -116.56
C VAL GC 350 19.86 0.46 -116.53
N ASP GC 351 19.84 -0.43 -117.53
CA ASP GC 351 20.88 -1.46 -117.63
C ASP GC 351 22.24 -0.85 -117.91
N TRP GC 352 22.26 0.19 -118.76
CA TRP GC 352 23.51 0.90 -119.08
C TRP GC 352 24.11 1.55 -117.85
N ILE GC 353 23.30 2.27 -117.08
CA ILE GC 353 23.84 2.96 -115.91
C ILE GC 353 24.16 1.97 -114.80
N ALA GC 354 23.48 0.81 -114.76
CA ALA GC 354 23.87 -0.23 -113.82
C ALA GC 354 25.25 -0.80 -114.16
N LEU GC 355 25.51 -1.06 -115.46
CA LEU GC 355 26.85 -1.49 -115.85
C LEU GC 355 27.89 -0.42 -115.55
N ILE GC 356 27.54 0.85 -115.78
CA ILE GC 356 28.45 1.96 -115.48
C ILE GC 356 28.77 2.00 -113.99
N ASN GC 357 27.77 1.82 -113.13
CA ASN GC 357 27.98 1.93 -111.69
C ASN GC 357 28.71 0.72 -111.13
N GLN GC 358 28.50 -0.49 -111.69
CA GLN GC 358 29.30 -1.62 -111.23
C GLN GC 358 30.72 -1.55 -111.76
N LEU GC 359 30.92 -0.99 -112.96
CA LEU GC 359 32.27 -0.84 -113.48
C LEU GC 359 33.03 0.27 -112.77
N ARG GC 360 32.33 1.24 -112.17
CA ARG GC 360 32.96 2.24 -111.32
C ARG GC 360 33.75 1.59 -110.19
N GLU GC 361 33.23 0.50 -109.62
CA GLU GC 361 33.97 -0.29 -108.65
C GLU GC 361 34.87 -1.33 -109.29
N GLY GC 362 34.55 -1.77 -110.51
CA GLY GC 362 35.36 -2.77 -111.20
C GLY GC 362 36.73 -2.29 -111.63
N ASN GC 363 36.78 -1.22 -112.43
CA ASN GC 363 38.04 -0.61 -112.86
C ASN GC 363 37.75 0.83 -113.25
N THR GC 364 38.58 1.76 -112.77
CA THR GC 364 38.36 3.18 -113.03
C THR GC 364 38.78 3.60 -114.44
N HIS GC 365 39.84 2.99 -114.99
CA HIS GC 365 40.22 3.33 -116.36
C HIS GC 365 39.27 2.74 -117.38
N ALA GC 366 38.79 1.52 -117.13
CA ALA GC 366 37.73 0.96 -117.95
C ALA GC 366 36.42 1.71 -117.76
N TYR GC 367 36.22 2.28 -116.56
CA TYR GC 367 35.06 3.16 -116.33
C TYR GC 367 35.11 4.38 -117.23
N LEU GC 368 36.27 5.05 -117.28
CA LEU GC 368 36.41 6.19 -118.18
C LEU GC 368 36.33 5.78 -119.65
N LYS GC 369 36.74 4.58 -120.00
CA LYS GC 369 36.59 4.19 -121.42
C LYS GC 369 35.14 4.07 -121.88
N VAL GC 370 34.33 3.29 -121.16
CA VAL GC 370 32.94 3.03 -121.59
C VAL GC 370 32.06 4.25 -121.86
N ALA GC 371 32.08 5.23 -120.97
CA ALA GC 371 31.23 6.41 -121.15
C ALA GC 371 31.63 7.15 -122.41
N GLU GC 372 32.93 7.29 -122.61
CA GLU GC 372 33.42 7.96 -123.80
C GLU GC 372 32.90 7.21 -125.01
N GLY GC 373 33.09 5.88 -125.00
CA GLY GC 373 32.63 5.08 -126.11
C GLY GC 373 31.16 5.27 -126.42
N VAL GC 374 30.32 5.33 -125.39
CA VAL GC 374 28.86 5.46 -125.60
C VAL GC 374 28.36 6.87 -125.95
N LEU GC 375 29.14 7.91 -125.65
CA LEU GC 375 28.69 9.31 -125.90
C LEU GC 375 27.95 9.62 -127.23
N ASP GC 376 26.69 9.17 -127.40
CA ASP GC 376 25.87 9.42 -128.59
C ASP GC 376 24.73 8.43 -128.75
N GLU GC 377 24.63 7.44 -127.88
CA GLU GC 377 23.63 6.39 -128.04
C GLU GC 377 22.28 6.83 -127.51
N LYS GC 378 21.24 6.56 -128.30
CA LYS GC 378 19.89 6.97 -127.93
C LYS GC 378 19.34 6.13 -126.79
N SER GC 379 19.72 4.84 -126.73
CA SER GC 379 19.27 3.97 -125.66
C SER GC 379 19.82 4.39 -124.30
N PHE GC 380 20.95 5.08 -124.28
CA PHE GC 380 21.46 5.64 -123.03
C PHE GC 380 20.62 6.82 -122.55
N ASN GC 381 19.96 7.53 -123.47
CA ASN GC 381 19.19 8.74 -123.19
C ASN GC 381 20.05 9.80 -122.52
N ALA GC 382 21.05 10.26 -123.28
CA ALA GC 382 22.03 11.22 -122.77
C ALA GC 382 21.37 12.58 -122.55
N SER GC 383 21.18 12.95 -121.28
CA SER GC 383 20.67 14.25 -120.92
C SER GC 383 21.83 15.15 -120.50
N ILE GC 384 21.50 16.35 -120.00
CA ILE GC 384 22.52 17.31 -119.59
C ILE GC 384 23.32 16.85 -118.38
N SER GC 385 22.73 15.99 -117.54
CA SER GC 385 23.38 15.56 -116.32
C SER GC 385 24.63 14.73 -116.59
N ASP GC 386 24.58 13.89 -117.64
CA ASP GC 386 25.75 13.12 -118.02
C ASP GC 386 26.88 14.01 -118.52
N TYR GC 387 26.54 15.04 -119.31
CA TYR GC 387 27.56 16.01 -119.75
C TYR GC 387 28.18 16.73 -118.57
N SER GC 388 27.36 17.16 -117.61
CA SER GC 388 27.90 17.87 -116.44
C SER GC 388 28.76 16.97 -115.56
N LYS GC 389 28.34 15.72 -115.34
CA LYS GC 389 29.14 14.80 -114.54
C LYS GC 389 30.46 14.47 -115.23
N LEU GC 390 30.42 14.28 -116.55
CA LEU GC 390 31.63 13.94 -117.29
C LEU GC 390 32.57 15.12 -117.47
N ILE GC 391 32.07 16.36 -117.47
CA ILE GC 391 33.01 17.48 -117.44
C ILE GC 391 33.56 17.73 -116.04
N HIS GC 392 32.77 17.49 -114.98
CA HIS GC 392 33.29 17.73 -113.64
C HIS GC 392 34.27 16.66 -113.21
N ILE GC 393 34.07 15.40 -113.62
CA ILE GC 393 35.03 14.36 -113.26
C ILE GC 393 36.37 14.55 -113.96
N HIS GC 394 36.38 15.11 -115.17
CA HIS GC 394 37.66 15.39 -115.83
C HIS GC 394 38.25 16.73 -115.45
N ALA GC 395 37.45 17.67 -114.95
CA ALA GC 395 38.01 18.81 -114.22
C ALA GC 395 38.68 18.34 -112.93
N LYS GC 396 38.15 17.29 -112.31
CA LYS GC 396 38.82 16.69 -111.16
C LYS GC 396 40.08 15.94 -111.56
N GLU GC 397 40.00 15.14 -112.63
CA GLU GC 397 41.08 14.26 -113.06
C GLU GC 397 42.11 14.97 -113.92
N ASN GC 398 41.92 16.27 -114.19
CA ASN GC 398 42.89 17.12 -114.89
C ASN GC 398 43.18 16.60 -116.30
N HIS GC 399 42.14 16.59 -117.12
CA HIS GC 399 42.24 16.22 -118.52
C HIS GC 399 41.56 17.32 -119.32
N ILE GC 400 42.32 18.39 -119.62
CA ILE GC 400 41.72 19.56 -120.27
C ILE GC 400 41.39 19.26 -121.73
N GLU GC 401 42.21 18.43 -122.39
CA GLU GC 401 41.90 18.06 -123.77
C GLU GC 401 40.67 17.16 -123.83
N ASP GC 402 40.52 16.25 -122.86
CA ASP GC 402 39.30 15.44 -122.80
C ASP GC 402 38.08 16.29 -122.47
N VAL GC 403 38.26 17.35 -121.67
CA VAL GC 403 37.20 18.33 -121.45
C VAL GC 403 36.79 18.99 -122.76
N GLU GC 404 37.78 19.33 -123.59
CA GLU GC 404 37.48 19.87 -124.92
C GLU GC 404 36.75 18.85 -125.79
N ARG GC 405 37.12 17.57 -125.71
CA ARG GC 405 36.46 16.55 -126.50
C ARG GC 405 34.99 16.38 -126.10
N ILE GC 406 34.71 16.35 -124.80
CA ILE GC 406 33.33 16.18 -124.37
C ILE GC 406 32.52 17.45 -124.66
N LEU GC 407 33.14 18.63 -124.59
CA LEU GC 407 32.44 19.84 -125.01
C LEU GC 407 32.19 19.84 -126.51
N LYS GC 408 33.09 19.25 -127.31
CA LYS GC 408 32.86 19.14 -128.75
C LYS GC 408 31.68 18.23 -129.05
N LYS GC 409 31.63 17.06 -128.41
CA LYS GC 409 30.51 16.17 -128.63
C LYS GC 409 29.22 16.65 -127.96
N MET GC 410 29.31 17.64 -127.06
CA MET GC 410 28.12 18.29 -126.53
C MET GC 410 27.59 19.34 -127.52
N SER GC 411 28.48 20.20 -128.01
CA SER GC 411 28.09 21.24 -128.96
C SER GC 411 27.76 20.68 -130.34
N GLN GC 412 28.14 19.43 -130.62
CA GLN GC 412 27.73 18.79 -131.86
C GLN GC 412 26.21 18.59 -131.90
N ASN GC 413 25.60 18.28 -130.75
CA ASN GC 413 24.17 18.07 -130.65
C ASN GC 413 23.38 19.36 -130.44
N GLY GC 414 23.99 20.51 -130.70
CA GLY GC 414 23.29 21.77 -130.64
C GLY GC 414 23.06 22.32 -129.25
N ILE GC 415 23.57 21.67 -128.21
CA ILE GC 415 23.43 22.14 -126.84
C ILE GC 415 24.65 22.96 -126.50
N PHE GC 416 24.43 24.17 -126.02
CA PHE GC 416 25.52 25.03 -125.59
C PHE GC 416 25.32 25.44 -124.13
N SER HC 28 0.74 -118.57 -25.95
CA SER HC 28 -0.23 -119.40 -26.65
C SER HC 28 0.30 -120.83 -26.83
N ALA HC 29 1.58 -120.94 -27.18
CA ALA HC 29 2.21 -122.25 -27.33
C ALA HC 29 2.34 -122.95 -25.98
N SER HC 30 2.60 -122.19 -24.91
CA SER HC 30 2.61 -122.76 -23.57
C SER HC 30 1.23 -123.25 -23.17
N SER HC 31 0.18 -122.52 -23.54
CA SER HC 31 -1.18 -122.99 -23.29
C SER HC 31 -1.53 -124.19 -24.14
N ILE HC 32 -0.93 -124.30 -25.33
CA ILE HC 32 -1.13 -125.50 -26.16
C ILE HC 32 -0.46 -126.71 -25.52
N LEU HC 33 0.75 -126.54 -25.01
CA LEU HC 33 1.49 -127.67 -24.43
C LEU HC 33 0.90 -128.09 -23.10
N SER HC 34 0.84 -127.17 -22.14
CA SER HC 34 0.33 -127.47 -20.80
C SER HC 34 -0.76 -126.46 -20.45
N PRO HC 35 -2.01 -126.74 -20.83
CA PRO HC 35 -3.09 -125.78 -20.59
C PRO HC 35 -3.48 -125.62 -19.13
N ASP HC 36 -2.96 -126.44 -18.22
CA ASP HC 36 -3.29 -126.36 -16.81
C ASP HC 36 -2.42 -125.36 -16.06
N SER HC 37 -1.58 -124.62 -16.76
CA SER HC 37 -0.62 -123.70 -16.17
C SER HC 37 -1.14 -122.27 -16.27
N LYS HC 38 -0.39 -121.35 -15.67
CA LYS HC 38 -0.69 -119.93 -15.71
C LYS HC 38 0.53 -119.08 -16.05
N THR HC 39 1.66 -119.70 -16.37
CA THR HC 39 2.94 -119.04 -16.58
C THR HC 39 3.53 -119.44 -17.92
N PRO HC 40 4.39 -118.60 -18.52
CA PRO HC 40 5.13 -119.03 -19.71
C PRO HC 40 6.05 -120.20 -19.41
N LEU HC 41 6.18 -121.08 -20.39
CA LEU HC 41 6.89 -122.35 -20.25
C LEU HC 41 8.33 -122.27 -20.74
N THR HC 42 8.82 -121.06 -21.03
CA THR HC 42 10.19 -120.79 -21.47
C THR HC 42 10.62 -121.65 -22.66
N SER HC 43 11.83 -122.19 -22.59
CA SER HC 43 12.35 -123.03 -23.67
C SER HC 43 12.77 -124.40 -23.17
N LYS HC 44 13.45 -124.45 -22.01
CA LYS HC 44 13.97 -125.71 -21.51
C LYS HC 44 12.85 -126.63 -21.04
N GLN HC 45 11.98 -126.14 -20.16
CA GLN HC 45 10.83 -126.95 -19.80
C GLN HC 45 9.74 -126.92 -20.85
N LYS HC 46 9.83 -126.04 -21.85
CA LYS HC 46 9.02 -126.23 -23.04
C LYS HC 46 9.38 -127.52 -23.76
N SER HC 47 10.68 -127.75 -23.98
CA SER HC 47 11.13 -129.03 -24.53
C SER HC 47 10.82 -130.19 -23.60
N LYS HC 48 10.96 -129.99 -22.28
CA LYS HC 48 10.66 -131.05 -21.32
C LYS HC 48 9.18 -131.42 -21.33
N THR HC 49 8.29 -130.43 -21.42
CA THR HC 49 6.87 -130.74 -21.50
C THR HC 49 6.48 -131.31 -22.86
N ALA HC 50 7.21 -130.96 -23.92
CA ALA HC 50 7.02 -131.63 -25.20
C ALA HC 50 7.39 -133.11 -25.09
N LEU HC 51 8.51 -133.41 -24.43
CA LEU HC 51 8.89 -134.81 -24.23
C LEU HC 51 7.92 -135.53 -23.31
N THR HC 52 7.42 -134.85 -22.28
CA THR HC 52 6.47 -135.46 -21.36
C THR HC 52 5.15 -135.79 -22.06
N LEU HC 53 4.64 -134.87 -22.88
CA LEU HC 53 3.40 -135.10 -23.59
C LEU HC 53 3.59 -135.85 -24.90
N LEU HC 54 4.82 -136.21 -25.23
CA LEU HC 54 5.08 -136.87 -26.49
C LEU HC 54 5.24 -138.37 -26.37
N LYS HC 55 5.35 -138.91 -25.16
CA LYS HC 55 5.49 -140.35 -24.98
C LYS HC 55 4.24 -140.99 -24.43
N THR HC 56 3.12 -140.26 -24.34
CA THR HC 56 1.89 -140.85 -23.82
C THR HC 56 0.64 -140.38 -24.58
N GLU HC 57 0.79 -139.77 -25.74
CA GLU HC 57 -0.35 -139.32 -26.53
C GLU HC 57 -0.35 -139.99 -27.90
N ARG HC 58 -1.54 -140.26 -28.42
CA ARG HC 58 -1.72 -140.98 -29.67
C ARG HC 58 -2.46 -140.22 -30.75
N ASP HC 59 -3.10 -139.09 -30.44
CA ASP HC 59 -3.93 -138.41 -31.42
C ASP HC 59 -3.07 -137.70 -32.47
N PRO HC 60 -3.33 -137.93 -33.76
CA PRO HC 60 -2.43 -137.40 -34.80
C PRO HC 60 -2.48 -135.89 -34.95
N ASP HC 61 -3.61 -135.25 -34.67
CA ASP HC 61 -3.63 -133.79 -34.72
C ASP HC 61 -3.09 -133.17 -33.45
N ARG HC 62 -3.30 -133.86 -32.32
CA ARG HC 62 -2.78 -133.39 -31.05
C ARG HC 62 -1.25 -133.40 -31.03
N ILE HC 63 -0.63 -134.45 -31.61
CA ILE HC 63 0.83 -134.50 -31.63
C ILE HC 63 1.40 -133.39 -32.54
N LEU HC 64 0.73 -133.09 -33.65
CA LEU HC 64 1.19 -132.01 -34.51
C LEU HC 64 1.06 -130.65 -33.84
N GLU HC 65 -0.05 -130.39 -33.15
CA GLU HC 65 -0.17 -129.11 -32.46
C GLU HC 65 0.72 -129.03 -31.23
N ILE HC 66 1.09 -130.17 -30.64
CA ILE HC 66 2.12 -130.15 -29.59
C ILE HC 66 3.46 -129.73 -30.17
N CYS HC 67 3.89 -130.39 -31.25
CA CYS HC 67 5.26 -130.24 -31.70
C CYS HC 67 5.49 -128.92 -32.42
N ARG HC 68 4.52 -128.47 -33.23
CA ARG HC 68 4.68 -127.18 -33.91
C ARG HC 68 4.72 -126.02 -32.92
N ALA HC 69 3.90 -126.08 -31.88
CA ALA HC 69 3.96 -125.07 -30.83
C ALA HC 69 5.25 -125.19 -30.02
N ALA HC 70 5.75 -126.41 -29.82
CA ALA HC 70 6.98 -126.59 -29.05
C ALA HC 70 8.20 -126.05 -29.80
N SER HC 71 8.18 -126.13 -31.13
CA SER HC 71 9.18 -125.52 -32.01
C SER HC 71 10.59 -126.02 -31.70
N LEU HC 72 10.73 -127.34 -31.73
CA LEU HC 72 11.96 -127.97 -31.30
C LEU HC 72 13.01 -127.95 -32.41
N THR HC 73 14.28 -127.86 -32.01
CA THR HC 73 15.39 -127.59 -32.91
C THR HC 73 16.43 -128.71 -32.86
N PRO HC 74 17.02 -129.08 -34.01
CA PRO HC 74 17.95 -130.22 -34.04
C PRO HC 74 19.33 -129.93 -33.48
N ASP HC 75 19.48 -128.83 -32.74
CA ASP HC 75 20.72 -128.54 -32.04
C ASP HC 75 20.71 -129.08 -30.62
N CYS HC 76 19.53 -129.17 -29.99
CA CYS HC 76 19.42 -129.69 -28.64
C CYS HC 76 19.21 -131.20 -28.64
N HIS HC 77 19.48 -131.81 -27.50
CA HIS HC 77 19.33 -133.27 -27.36
C HIS HC 77 17.90 -133.66 -27.02
N ILE HC 78 17.27 -132.90 -26.12
CA ILE HC 78 15.90 -133.18 -25.71
C ILE HC 78 14.95 -133.02 -26.89
N ASP HC 79 15.20 -132.03 -27.75
CA ASP HC 79 14.42 -131.86 -28.96
C ASP HC 79 14.54 -133.04 -29.91
N ARG HC 80 15.75 -133.57 -30.11
CA ARG HC 80 15.93 -134.69 -31.03
C ARG HC 80 15.36 -136.00 -30.49
N LEU HC 81 15.51 -136.26 -29.18
CA LEU HC 81 14.91 -137.47 -28.63
C LEU HC 81 13.39 -137.34 -28.60
N ALA HC 82 12.88 -136.12 -28.41
CA ALA HC 82 11.46 -135.89 -28.57
C ALA HC 82 11.02 -136.19 -30.00
N PHE HC 83 11.80 -135.74 -30.99
CA PHE HC 83 11.52 -136.04 -32.39
C PHE HC 83 11.44 -137.55 -32.64
N SER HC 84 12.39 -138.30 -32.06
CA SER HC 84 12.42 -139.74 -32.24
C SER HC 84 11.19 -140.42 -31.63
N ALA HC 85 10.81 -140.05 -30.41
CA ALA HC 85 9.60 -140.61 -29.82
C ALA HC 85 8.34 -140.20 -30.56
N ALA HC 86 8.31 -138.97 -31.11
CA ALA HC 86 7.18 -138.49 -31.91
C ALA HC 86 6.96 -139.35 -33.13
N VAL HC 87 8.02 -139.53 -33.92
CA VAL HC 87 7.88 -140.30 -35.15
C VAL HC 87 7.65 -141.77 -34.86
N GLN HC 88 8.17 -142.29 -33.74
CA GLN HC 88 7.87 -143.65 -33.34
C GLN HC 88 6.39 -143.84 -33.03
N ASN HC 89 5.81 -142.93 -32.25
CA ASN HC 89 4.40 -143.06 -31.89
C ASN HC 89 3.47 -142.76 -33.07
N LEU HC 90 3.92 -141.98 -34.06
CA LEU HC 90 3.12 -141.81 -35.26
C LEU HC 90 3.19 -143.05 -36.15
N THR HC 91 4.37 -143.65 -36.29
CA THR HC 91 4.51 -144.84 -37.12
C THR HC 91 3.94 -146.10 -36.48
N GLU HC 92 3.69 -146.07 -35.17
CA GLU HC 92 3.16 -147.25 -34.48
C GLU HC 92 1.75 -147.61 -34.95
N ASN HC 93 0.99 -146.63 -35.44
CA ASN HC 93 -0.36 -146.89 -35.94
C ASN HC 93 -0.52 -146.43 -37.39
N LYS HC 94 0.60 -146.39 -38.12
CA LYS HC 94 0.64 -146.22 -39.59
C LYS HC 94 0.08 -144.87 -40.05
N HIS HC 95 0.48 -143.80 -39.38
CA HIS HC 95 0.13 -142.44 -39.84
C HIS HC 95 1.30 -141.83 -40.61
N PHE HC 96 1.63 -142.48 -41.72
CA PHE HC 96 2.78 -142.08 -42.51
C PHE HC 96 2.56 -140.77 -43.26
N SER HC 97 1.33 -140.50 -43.72
CA SER HC 97 1.04 -139.18 -44.27
C SER HC 97 1.16 -138.09 -43.22
N ALA HC 98 0.82 -138.40 -41.97
CA ALA HC 98 1.04 -137.45 -40.88
C ALA HC 98 2.53 -137.18 -40.67
N VAL HC 99 3.37 -138.24 -40.71
CA VAL HC 99 4.82 -138.03 -40.59
C VAL HC 99 5.36 -137.21 -41.75
N THR HC 100 4.88 -137.52 -42.97
CA THR HC 100 5.38 -136.83 -44.17
C THR HC 100 5.00 -135.35 -44.14
N ASN HC 101 3.73 -135.03 -43.83
CA ASN HC 101 3.33 -133.63 -43.71
C ASN HC 101 4.02 -132.95 -42.54
N LEU HC 102 4.32 -133.71 -41.47
CA LEU HC 102 5.06 -133.16 -40.32
C LEU HC 102 6.45 -132.67 -40.73
N LEU HC 103 7.22 -133.54 -41.37
CA LEU HC 103 8.56 -133.15 -41.81
C LEU HC 103 8.49 -132.11 -42.93
N ASP HC 104 7.48 -132.18 -43.79
CA ASP HC 104 7.34 -131.22 -44.88
C ASP HC 104 6.99 -129.82 -44.36
N GLY HC 105 6.12 -129.73 -43.36
CA GLY HC 105 5.84 -128.46 -42.72
C GLY HC 105 6.99 -127.94 -41.89
N LEU HC 106 7.84 -128.84 -41.38
CA LEU HC 106 9.04 -128.37 -40.72
C LEU HC 106 10.15 -127.93 -41.67
N LEU HC 107 10.16 -128.42 -42.92
CA LEU HC 107 11.21 -127.95 -43.84
C LEU HC 107 10.75 -126.76 -44.67
N GLU HC 108 9.45 -126.64 -45.01
CA GLU HC 108 9.05 -125.58 -45.93
C GLU HC 108 8.71 -124.29 -45.21
N ASN HC 109 7.82 -124.35 -44.22
CA ASN HC 109 7.32 -123.15 -43.58
C ASN HC 109 8.28 -122.56 -42.55
N ARG HC 110 9.34 -123.27 -42.18
CA ARG HC 110 10.31 -122.78 -41.21
C ARG HC 110 11.61 -122.43 -41.91
N PRO HC 111 11.93 -121.15 -42.09
CA PRO HC 111 13.20 -120.79 -42.74
C PRO HC 111 14.41 -120.82 -41.83
N ASP HC 112 14.22 -120.73 -40.50
CA ASP HC 112 15.32 -120.64 -39.56
C ASP HC 112 16.09 -121.94 -39.41
N LEU HC 113 15.52 -123.07 -39.83
CA LEU HC 113 16.21 -124.36 -39.75
C LEU HC 113 16.41 -124.98 -41.13
N LYS HC 114 16.62 -124.14 -42.15
CA LYS HC 114 17.06 -124.61 -43.45
C LYS HC 114 18.56 -124.87 -43.37
N THR HC 115 18.94 -126.11 -43.09
CA THR HC 115 20.33 -126.43 -42.82
C THR HC 115 20.60 -127.88 -43.15
N GLU HC 116 21.88 -128.19 -43.37
CA GLU HC 116 22.32 -129.57 -43.58
C GLU HC 116 22.16 -130.41 -42.30
N ARG HC 117 22.23 -129.77 -41.13
CA ARG HC 117 22.00 -130.46 -39.87
C ARG HC 117 20.57 -131.01 -39.81
N PHE HC 118 19.59 -130.13 -40.07
CA PHE HC 118 18.21 -130.60 -40.13
C PHE HC 118 17.97 -131.49 -41.33
N ALA HC 119 18.73 -131.32 -42.42
CA ALA HC 119 18.57 -132.21 -43.57
C ALA HC 119 18.92 -133.65 -43.22
N ALA HC 120 20.09 -133.88 -42.64
CA ALA HC 120 20.49 -135.24 -42.25
C ALA HC 120 19.64 -135.77 -41.11
N HIS HC 121 19.31 -134.92 -40.13
CA HIS HC 121 18.46 -135.36 -39.02
C HIS HC 121 17.05 -135.71 -39.49
N ALA HC 122 16.51 -134.92 -40.43
CA ALA HC 122 15.21 -135.21 -41.01
C ALA HC 122 15.25 -136.48 -41.85
N ILE HC 123 16.38 -136.76 -42.50
CA ILE HC 123 16.50 -137.98 -43.30
C ILE HC 123 16.48 -139.21 -42.39
N VAL HC 124 17.25 -139.20 -41.30
CA VAL HC 124 17.25 -140.34 -40.37
C VAL HC 124 15.90 -140.47 -39.68
N LEU HC 125 15.34 -139.34 -39.23
CA LEU HC 125 14.04 -139.32 -38.56
C LEU HC 125 12.89 -139.68 -39.51
N TYR HC 126 13.11 -139.53 -40.81
CA TYR HC 126 12.11 -139.82 -41.81
C TYR HC 126 12.14 -141.30 -42.18
N ALA HC 127 13.33 -141.82 -42.44
CA ALA HC 127 13.50 -143.24 -42.75
C ALA HC 127 13.39 -144.14 -41.52
N GLN HC 128 13.29 -143.56 -40.32
CA GLN HC 128 12.83 -144.34 -39.17
C GLN HC 128 11.45 -144.95 -39.42
N ALA HC 129 10.59 -144.24 -40.15
CA ALA HC 129 9.21 -144.65 -40.39
C ALA HC 129 9.04 -145.43 -41.69
N ASN HC 130 10.11 -146.08 -42.17
CA ASN HC 130 10.04 -147.13 -43.20
C ASN HC 130 9.51 -146.61 -44.54
N MET HC 131 10.05 -145.49 -44.98
CA MET HC 131 9.72 -144.91 -46.29
C MET HC 131 10.99 -144.44 -46.99
N LEU HC 132 11.97 -145.34 -47.09
CA LEU HC 132 13.26 -145.03 -47.71
C LEU HC 132 13.12 -144.60 -49.17
N ASP HC 133 12.14 -145.17 -49.89
CA ASP HC 133 11.92 -144.76 -51.28
C ASP HC 133 11.49 -143.30 -51.38
N HIS HC 134 10.66 -142.84 -50.44
CA HIS HC 134 10.28 -141.44 -50.45
C HIS HC 134 11.32 -140.56 -49.75
N SER HC 135 12.23 -141.15 -48.98
CA SER HC 135 13.37 -140.40 -48.47
C SER HC 135 14.40 -140.14 -49.56
N LEU HC 136 14.44 -141.01 -50.58
CA LEU HC 136 15.22 -140.68 -51.77
C LEU HC 136 14.72 -139.40 -52.43
N ARG HC 137 13.41 -139.16 -52.40
CA ARG HC 137 12.86 -137.93 -52.96
C ARG HC 137 13.33 -136.69 -52.20
N VAL HC 138 13.37 -136.73 -50.86
CA VAL HC 138 13.81 -135.56 -50.11
C VAL HC 138 15.34 -135.45 -50.17
N PHE HC 139 16.03 -136.57 -50.41
CA PHE HC 139 17.44 -136.49 -50.76
C PHE HC 139 17.66 -135.84 -52.12
N SER HC 140 16.72 -136.05 -53.05
CA SER HC 140 16.79 -135.45 -54.38
C SER HC 140 16.43 -133.96 -54.35
N ASP HC 141 15.60 -133.53 -53.40
CA ASP HC 141 15.01 -132.20 -53.44
C ASP HC 141 15.96 -131.16 -52.82
N LEU HC 142 17.23 -131.48 -52.65
CA LEU HC 142 18.07 -130.53 -51.92
C LEU HC 142 18.44 -129.30 -52.77
N GLU HC 143 18.51 -129.44 -54.10
CA GLU HC 143 18.79 -128.27 -54.95
C GLU HC 143 17.58 -127.36 -55.11
N LYS HC 144 16.37 -127.88 -54.92
CA LYS HC 144 15.18 -127.02 -54.86
C LYS HC 144 14.92 -126.50 -53.45
N LEU HC 145 15.54 -127.09 -52.43
CA LEU HC 145 15.53 -126.56 -51.09
C LEU HC 145 16.71 -125.64 -50.80
N GLU HC 146 17.34 -125.09 -51.85
CA GLU HC 146 18.50 -124.19 -51.86
C GLU HC 146 19.58 -124.52 -50.84
N ILE HC 147 19.82 -125.81 -50.61
CA ILE HC 147 20.81 -126.28 -49.65
C ILE HC 147 22.07 -126.63 -50.41
N GLN HC 148 23.19 -126.06 -49.98
CA GLN HC 148 24.48 -126.39 -50.57
C GLN HC 148 24.81 -127.86 -50.32
N ARG HC 149 25.17 -128.58 -51.38
CA ARG HC 149 25.39 -130.01 -51.29
C ARG HC 149 26.76 -130.28 -50.70
N THR HC 150 26.79 -130.88 -49.52
CA THR HC 150 28.00 -131.13 -48.75
C THR HC 150 28.19 -132.63 -48.58
N VAL HC 151 29.17 -133.00 -47.75
CA VAL HC 151 29.33 -134.40 -47.37
C VAL HC 151 28.28 -134.81 -46.34
N LYS HC 152 27.62 -133.84 -45.71
CA LYS HC 152 26.54 -134.12 -44.76
C LYS HC 152 25.31 -134.71 -45.42
N SER HC 153 25.17 -134.57 -46.74
CA SER HC 153 24.11 -135.27 -47.46
C SER HC 153 24.31 -136.77 -47.39
N LEU HC 154 25.43 -137.26 -47.94
CA LEU HC 154 25.76 -138.67 -47.88
C LEU HC 154 26.06 -139.15 -46.48
N ASN HC 155 26.40 -138.24 -45.56
CA ASN HC 155 26.43 -138.59 -44.16
C ASN HC 155 25.00 -138.80 -43.66
N ALA HC 156 24.82 -139.87 -42.89
CA ALA HC 156 23.61 -140.30 -42.20
C ALA HC 156 22.52 -140.80 -43.14
N LEU HC 157 22.69 -140.69 -44.47
CA LEU HC 157 21.81 -141.45 -45.35
C LEU HC 157 22.09 -142.95 -45.25
N LEU HC 158 23.35 -143.32 -45.00
CA LEU HC 158 23.69 -144.70 -44.72
C LEU HC 158 23.03 -145.17 -43.41
N PHE HC 159 23.00 -144.32 -42.39
CA PHE HC 159 22.31 -144.70 -41.16
C PHE HC 159 20.80 -144.78 -41.37
N ALA HC 160 20.24 -143.90 -42.19
CA ALA HC 160 18.83 -143.98 -42.53
C ALA HC 160 18.51 -145.20 -43.39
N CYS HC 161 19.50 -145.71 -44.14
CA CYS HC 161 19.33 -146.98 -44.82
C CYS HC 161 19.34 -148.14 -43.83
N LEU HC 162 20.29 -148.15 -42.90
CA LEU HC 162 20.42 -149.29 -42.00
C LEU HC 162 19.39 -149.30 -40.89
N VAL HC 163 18.67 -148.19 -40.66
CA VAL HC 163 17.65 -148.20 -39.62
C VAL HC 163 16.44 -149.03 -40.04
N ALA HC 164 16.29 -149.29 -41.35
CA ALA HC 164 15.26 -150.18 -41.85
C ALA HC 164 15.73 -151.62 -41.95
N LYS HC 165 16.88 -151.95 -41.35
CA LYS HC 165 17.55 -153.25 -41.44
C LYS HC 165 17.79 -153.66 -42.90
N ASP HC 166 18.11 -152.67 -43.74
CA ASP HC 166 18.38 -152.87 -45.15
C ASP HC 166 19.85 -152.58 -45.42
N TYR HC 167 20.61 -153.65 -45.67
CA TYR HC 167 22.06 -153.57 -45.84
C TYR HC 167 22.47 -153.52 -47.30
N LYS HC 168 21.57 -153.87 -48.22
CA LYS HC 168 21.88 -153.79 -49.64
C LYS HC 168 21.83 -152.35 -50.14
N GLU HC 169 20.89 -151.56 -49.62
CA GLU HC 169 20.70 -150.20 -50.12
C GLU HC 169 21.87 -149.31 -49.75
N ALA HC 170 22.52 -149.58 -48.60
CA ALA HC 170 23.70 -148.81 -48.23
C ALA HC 170 24.85 -149.04 -49.21
N LYS HC 171 25.08 -150.29 -49.60
CA LYS HC 171 26.06 -150.59 -50.65
C LYS HC 171 25.67 -149.94 -51.97
N ARG HC 172 24.37 -149.98 -52.30
CA ARG HC 172 23.89 -149.39 -53.55
C ARG HC 172 24.16 -147.89 -53.60
N VAL HC 173 23.83 -147.17 -52.52
CA VAL HC 173 24.12 -145.74 -52.47
C VAL HC 173 25.61 -145.47 -52.51
N TYR HC 174 26.39 -146.22 -51.70
CA TYR HC 174 27.83 -146.03 -51.60
C TYR HC 174 28.53 -146.21 -52.94
N ILE HC 175 27.99 -147.06 -53.82
CA ILE HC 175 28.60 -147.23 -55.13
C ILE HC 175 28.04 -146.24 -56.15
N GLU HC 176 26.71 -146.13 -56.28
CA GLU HC 176 26.14 -145.38 -57.39
C GLU HC 176 26.24 -143.87 -57.18
N ILE HC 177 26.10 -143.39 -55.94
CA ILE HC 177 25.87 -141.96 -55.71
C ILE HC 177 27.09 -141.05 -55.94
N PRO HC 178 28.27 -141.28 -55.34
CA PRO HC 178 29.29 -140.23 -55.37
C PRO HC 178 29.93 -140.00 -56.72
N LYS HC 179 30.02 -141.02 -57.59
CA LYS HC 179 30.60 -140.81 -58.90
C LYS HC 179 29.71 -139.91 -59.77
N MET HC 180 28.40 -140.01 -59.59
CA MET HC 180 27.49 -139.22 -60.42
C MET HC 180 27.14 -137.86 -59.82
N TYR HC 181 27.18 -137.69 -58.49
CA TYR HC 181 26.91 -136.37 -57.92
C TYR HC 181 28.16 -135.62 -57.47
N LYS HC 182 29.34 -136.22 -57.53
CA LYS HC 182 30.58 -135.52 -57.25
C LYS HC 182 30.83 -135.02 -55.85
N ILE HC 183 30.61 -135.86 -54.84
CA ILE HC 183 30.94 -135.54 -53.45
C ILE HC 183 31.99 -136.53 -52.96
N GLU HC 184 33.07 -136.02 -52.39
CA GLU HC 184 34.13 -136.88 -51.88
C GLU HC 184 33.80 -137.34 -50.47
N PRO HC 185 33.64 -138.64 -50.23
CA PRO HC 185 33.25 -139.11 -48.89
C PRO HC 185 34.40 -139.06 -47.90
N ASP HC 186 34.10 -138.55 -46.70
CA ASP HC 186 35.11 -138.32 -45.68
C ASP HC 186 35.21 -139.54 -44.75
N LEU HC 187 35.84 -139.33 -43.59
CA LEU HC 187 36.07 -140.41 -42.64
C LEU HC 187 34.78 -140.97 -42.07
N GLU HC 188 33.78 -140.11 -41.83
CA GLU HC 188 32.54 -140.57 -41.21
C GLU HC 188 31.74 -141.49 -42.13
N THR HC 189 31.83 -141.29 -43.45
CA THR HC 189 31.20 -142.19 -44.40
C THR HC 189 31.77 -143.60 -44.29
N TYR HC 190 33.09 -143.73 -44.19
CA TYR HC 190 33.69 -145.05 -43.97
C TYR HC 190 33.41 -145.56 -42.56
N ASP HC 191 33.30 -144.66 -41.57
CA ASP HC 191 33.03 -145.09 -40.20
C ASP HC 191 31.61 -145.63 -40.06
N ARG HC 192 30.71 -145.23 -40.96
CA ARG HC 192 29.39 -145.83 -40.96
C ARG HC 192 29.32 -147.04 -41.90
N MET HC 193 30.11 -147.00 -42.98
CA MET HC 193 30.13 -148.10 -43.94
C MET HC 193 30.79 -149.35 -43.36
N ILE HC 194 31.69 -149.19 -42.39
CA ILE HC 194 32.16 -150.35 -41.66
C ILE HC 194 31.06 -150.89 -40.74
N LYS HC 195 30.23 -150.00 -40.17
CA LYS HC 195 29.17 -150.42 -39.26
C LYS HC 195 28.07 -151.20 -39.97
N VAL HC 196 27.73 -150.77 -41.19
CA VAL HC 196 26.66 -151.47 -41.93
C VAL HC 196 27.12 -152.86 -42.33
N PHE HC 197 28.39 -153.04 -42.70
CA PHE HC 197 28.90 -154.37 -43.04
C PHE HC 197 29.10 -155.22 -41.79
N CYS HC 198 29.45 -154.60 -40.66
CA CYS HC 198 29.53 -155.34 -39.40
C CYS HC 198 28.17 -155.76 -38.87
N GLU HC 199 27.11 -155.03 -39.24
CA GLU HC 199 25.78 -155.43 -38.83
C GLU HC 199 25.10 -156.38 -39.82
N SER HC 200 25.56 -156.41 -41.08
CA SER HC 200 25.02 -157.35 -42.07
C SER HC 200 25.62 -158.75 -41.94
N GLY HC 201 26.50 -158.98 -40.97
CA GLY HC 201 27.17 -160.25 -40.86
C GLY HC 201 28.12 -160.55 -41.98
N SER HC 202 28.71 -159.51 -42.58
CA SER HC 202 29.56 -159.63 -43.76
C SER HC 202 30.92 -159.00 -43.48
N ALA HC 203 31.52 -159.36 -42.34
CA ALA HC 203 32.75 -158.74 -41.87
C ALA HC 203 34.00 -159.19 -42.62
N SER HC 204 33.87 -160.06 -43.64
CA SER HC 204 35.04 -160.48 -44.39
C SER HC 204 35.57 -159.36 -45.28
N SER HC 205 34.73 -158.41 -45.65
CA SER HC 205 35.07 -157.41 -46.66
C SER HC 205 35.67 -156.13 -46.10
N SER HC 206 35.96 -156.07 -44.79
CA SER HC 206 36.49 -154.84 -44.18
C SER HC 206 37.90 -154.51 -44.65
N TYR HC 207 38.64 -155.50 -45.16
CA TYR HC 207 39.94 -155.27 -45.75
C TYR HC 207 39.85 -154.42 -47.01
N SER HC 208 38.80 -154.60 -47.80
CA SER HC 208 38.55 -153.70 -48.94
C SER HC 208 38.30 -152.27 -48.47
N ILE HC 209 37.57 -152.11 -47.37
CA ILE HC 209 37.26 -150.79 -46.82
C ILE HC 209 38.53 -150.07 -46.39
N VAL HC 210 39.40 -150.76 -45.65
CA VAL HC 210 40.64 -150.11 -45.23
C VAL HC 210 41.63 -149.95 -46.38
N ALA HC 211 41.55 -150.83 -47.40
CA ALA HC 211 42.40 -150.67 -48.58
C ALA HC 211 42.00 -149.42 -49.37
N GLU HC 212 40.71 -149.17 -49.51
CA GLU HC 212 40.27 -147.93 -50.15
C GLU HC 212 40.50 -146.71 -49.28
N MET HC 213 40.48 -146.88 -47.95
CA MET HC 213 40.86 -145.80 -47.04
C MET HC 213 42.31 -145.38 -47.27
N GLU HC 214 43.22 -146.35 -47.34
CA GLU HC 214 44.62 -146.05 -47.60
C GLU HC 214 44.92 -145.72 -49.05
N ARG HC 215 44.01 -146.06 -49.98
CA ARG HC 215 44.13 -145.58 -51.35
C ARG HC 215 43.78 -144.10 -51.43
N LYS HC 216 42.70 -143.69 -50.77
CA LYS HC 216 42.34 -142.29 -50.71
C LYS HC 216 43.33 -141.50 -49.85
N GLY HC 217 44.01 -142.16 -48.92
CA GLY HC 217 45.13 -141.58 -48.23
C GLY HC 217 44.85 -140.87 -46.92
N VAL HC 218 43.76 -141.22 -46.23
CA VAL HC 218 43.34 -140.52 -45.02
C VAL HC 218 43.69 -141.39 -43.81
N LYS HC 219 44.14 -140.74 -42.73
CA LYS HC 219 44.50 -141.42 -41.50
C LYS HC 219 43.27 -141.94 -40.77
N PRO HC 220 43.19 -143.23 -40.46
CA PRO HC 220 42.02 -143.77 -39.75
C PRO HC 220 42.10 -143.51 -38.24
N THR HC 221 41.00 -143.83 -37.57
CA THR HC 221 40.85 -143.55 -36.14
C THR HC 221 40.24 -144.75 -35.42
N SER HC 222 40.30 -144.71 -34.09
CA SER HC 222 40.02 -145.87 -33.24
C SER HC 222 38.53 -146.13 -33.03
N SER HC 223 37.65 -145.21 -33.41
CA SER HC 223 36.22 -145.51 -33.41
C SER HC 223 35.91 -146.67 -34.36
N THR HC 224 36.42 -146.57 -35.60
CA THR HC 224 36.26 -147.66 -36.56
C THR HC 224 37.02 -148.90 -36.13
N PHE HC 225 38.09 -148.75 -35.35
CA PHE HC 225 38.82 -149.91 -34.84
C PHE HC 225 37.99 -150.69 -33.82
N GLY HC 226 37.36 -149.98 -32.89
CA GLY HC 226 36.48 -150.62 -31.94
C GLY HC 226 35.26 -151.24 -32.60
N LEU HC 227 34.68 -150.55 -33.58
CA LEU HC 227 33.59 -151.13 -34.37
C LEU HC 227 34.05 -152.35 -35.18
N MET HC 228 35.29 -152.34 -35.65
CA MET HC 228 35.86 -153.50 -36.32
C MET HC 228 35.96 -154.69 -35.38
N ILE HC 229 36.40 -154.45 -34.15
CA ILE HC 229 36.49 -155.52 -33.16
C ILE HC 229 35.11 -156.07 -32.82
N ALA HC 230 34.12 -155.19 -32.68
CA ALA HC 230 32.74 -155.63 -32.44
C ALA HC 230 32.22 -156.49 -33.59
N GLY HC 231 32.45 -156.04 -34.82
CA GLY HC 231 31.97 -156.79 -35.97
C GLY HC 231 32.66 -158.12 -36.14
N PHE HC 232 33.97 -158.18 -35.84
CA PHE HC 232 34.68 -159.45 -35.93
C PHE HC 232 34.27 -160.41 -34.83
N TYR HC 233 33.93 -159.90 -33.65
CA TYR HC 233 33.39 -160.79 -32.63
C TYR HC 233 31.96 -161.19 -32.91
N ARG HC 234 31.25 -160.44 -33.75
CA ARG HC 234 29.91 -160.86 -34.18
C ARG HC 234 29.94 -162.13 -35.03
N GLU HC 235 31.10 -162.52 -35.57
CA GLU HC 235 31.24 -163.75 -36.33
C GLU HC 235 32.28 -164.71 -35.75
N ASP HC 236 32.83 -164.40 -34.56
CA ASP HC 236 33.64 -165.31 -33.76
C ASP HC 236 34.89 -165.80 -34.51
N LYS HC 237 35.75 -164.86 -34.86
CA LYS HC 237 36.99 -165.15 -35.57
C LYS HC 237 38.14 -164.52 -34.78
N LYS HC 238 38.64 -165.27 -33.80
CA LYS HC 238 39.58 -164.72 -32.82
C LYS HC 238 40.97 -164.48 -33.42
N GLU HC 239 41.44 -165.40 -34.28
CA GLU HC 239 42.73 -165.17 -34.92
C GLU HC 239 42.66 -164.08 -35.98
N ASP HC 240 41.48 -163.83 -36.56
CA ASP HC 240 41.30 -162.67 -37.40
C ASP HC 240 41.26 -161.37 -36.58
N VAL HC 241 40.68 -161.42 -35.38
CA VAL HC 241 40.78 -160.32 -34.44
C VAL HC 241 42.24 -160.05 -34.10
N GLY HC 242 43.02 -161.11 -33.87
CA GLY HC 242 44.44 -160.95 -33.60
C GLY HC 242 45.22 -160.38 -34.77
N LYS HC 243 44.88 -160.80 -35.98
CA LYS HC 243 45.50 -160.24 -37.18
C LYS HC 243 45.25 -158.74 -37.30
N VAL HC 244 44.00 -158.31 -37.13
CA VAL HC 244 43.75 -156.87 -37.25
C VAL HC 244 44.16 -156.09 -36.00
N LEU HC 245 44.30 -156.75 -34.85
CA LEU HC 245 44.88 -156.10 -33.68
C LEU HC 245 46.36 -155.87 -33.88
N ALA HC 246 47.03 -156.76 -34.60
CA ALA HC 246 48.41 -156.51 -35.02
C ALA HC 246 48.44 -155.40 -36.09
N MET HC 247 47.43 -155.36 -36.95
CA MET HC 247 47.34 -154.32 -37.97
C MET HC 247 47.14 -152.93 -37.37
N MET HC 248 46.37 -152.82 -36.28
CA MET HC 248 46.13 -151.52 -35.66
C MET HC 248 47.41 -150.95 -35.06
N LYS HC 249 48.19 -151.78 -34.37
CA LYS HC 249 49.40 -151.30 -33.70
C LYS HC 249 50.47 -150.82 -34.68
N GLU HC 250 50.43 -151.30 -35.92
CA GLU HC 250 51.51 -151.05 -36.87
C GLU HC 250 51.50 -149.66 -37.45
N ARG HC 251 50.40 -148.91 -37.27
CA ARG HC 251 50.26 -147.58 -37.86
C ARG HC 251 50.80 -146.47 -36.97
N GLY HC 252 51.25 -146.79 -35.76
CA GLY HC 252 51.71 -145.79 -34.82
C GLY HC 252 50.63 -145.21 -33.94
N VAL HC 253 49.36 -145.55 -34.18
CA VAL HC 253 48.26 -145.01 -33.39
C VAL HC 253 48.25 -145.65 -32.01
N SER HC 254 47.73 -144.89 -31.04
CA SER HC 254 47.72 -145.36 -29.66
C SER HC 254 46.52 -146.26 -29.39
N ILE HC 255 46.71 -147.23 -28.49
CA ILE HC 255 45.62 -148.08 -28.03
C ILE HC 255 44.62 -147.23 -27.25
N GLY HC 256 43.37 -147.26 -27.69
CA GLY HC 256 42.36 -146.42 -27.08
C GLY HC 256 41.67 -147.10 -25.90
N VAL HC 257 41.00 -146.27 -25.10
CA VAL HC 257 40.17 -146.80 -24.02
C VAL HC 257 38.94 -147.50 -24.60
N SER HC 258 38.34 -146.89 -25.63
CA SER HC 258 37.13 -147.43 -26.25
C SER HC 258 37.37 -148.77 -26.93
N THR HC 259 38.62 -149.10 -27.26
CA THR HC 259 38.92 -150.43 -27.78
C THR HC 259 38.70 -151.49 -26.70
N HIS HC 260 39.24 -151.29 -25.51
CA HIS HC 260 38.96 -152.25 -24.44
C HIS HC 260 37.52 -152.19 -23.97
N ASN HC 261 36.88 -151.02 -24.10
CA ASN HC 261 35.44 -150.91 -23.88
C ASN HC 261 34.64 -151.76 -24.86
N ILE HC 262 35.06 -151.87 -26.12
CA ILE HC 262 34.34 -152.74 -27.03
C ILE HC 262 34.71 -154.22 -26.86
N ARG HC 263 35.93 -154.54 -26.37
CA ARG HC 263 36.19 -155.93 -25.99
C ARG HC 263 35.29 -156.37 -24.84
N ILE HC 264 35.14 -155.50 -23.83
CA ILE HC 264 34.32 -155.86 -22.68
C ILE HC 264 32.83 -155.75 -22.99
N GLN HC 265 32.45 -155.01 -24.03
CA GLN HC 265 31.08 -155.12 -24.54
C GLN HC 265 30.85 -156.44 -25.26
N SER HC 266 31.81 -156.84 -26.10
CA SER HC 266 31.62 -158.02 -26.94
C SER HC 266 31.67 -159.31 -26.12
N LEU HC 267 32.60 -159.40 -25.16
CA LEU HC 267 32.82 -160.65 -24.46
C LEU HC 267 31.73 -160.93 -23.43
N CYS HC 268 31.08 -159.88 -22.91
CA CYS HC 268 30.12 -160.06 -21.83
C CYS HC 268 28.71 -160.34 -22.32
N LYS HC 269 28.50 -160.42 -23.63
CA LYS HC 269 27.25 -160.91 -24.17
C LYS HC 269 27.30 -162.40 -24.50
N ARG HC 270 28.46 -162.89 -24.92
CA ARG HC 270 28.63 -164.28 -25.33
C ARG HC 270 29.14 -165.17 -24.19
N LYS HC 271 28.77 -164.82 -22.94
CA LYS HC 271 28.97 -165.65 -21.75
C LYS HC 271 30.43 -165.94 -21.46
N ARG HC 272 31.28 -164.91 -21.57
CA ARG HC 272 32.72 -165.04 -21.32
C ARG HC 272 33.22 -163.91 -20.43
N SER HC 273 32.45 -163.64 -19.37
CA SER HC 273 32.85 -162.70 -18.34
C SER HC 273 34.07 -163.16 -17.55
N GLY HC 274 34.42 -164.44 -17.62
CA GLY HC 274 35.65 -164.92 -17.00
C GLY HC 274 36.88 -164.39 -17.74
N GLU HC 275 36.86 -164.49 -19.07
CA GLU HC 275 37.91 -163.87 -19.89
C GLU HC 275 37.87 -162.35 -19.77
N ALA HC 276 36.66 -161.77 -19.66
CA ALA HC 276 36.56 -160.33 -19.45
C ALA HC 276 37.19 -159.90 -18.12
N LYS HC 277 37.00 -160.69 -17.06
CA LYS HC 277 37.62 -160.39 -15.77
C LYS HC 277 39.14 -160.54 -15.83
N ALA HC 278 39.62 -161.54 -16.55
CA ALA HC 278 41.07 -161.70 -16.74
C ALA HC 278 41.67 -160.50 -17.48
N LEU HC 279 41.00 -160.04 -18.54
CA LEU HC 279 41.45 -158.85 -19.26
C LEU HC 279 41.36 -157.61 -18.36
N LEU HC 280 40.36 -157.55 -17.47
CA LEU HC 280 40.26 -156.45 -16.53
C LEU HC 280 41.45 -156.42 -15.58
N ASP HC 281 41.84 -157.59 -15.07
CA ASP HC 281 43.02 -157.67 -14.20
C ASP HC 281 44.28 -157.25 -14.95
N GLY HC 282 44.42 -157.68 -16.20
CA GLY HC 282 45.57 -157.29 -17.00
C GLY HC 282 45.63 -155.80 -17.27
N MET HC 283 44.49 -155.17 -17.52
CA MET HC 283 44.48 -153.73 -17.73
C MET HC 283 44.69 -152.95 -16.44
N LEU HC 284 44.22 -153.50 -15.31
CA LEU HC 284 44.42 -152.84 -14.03
C LEU HC 284 45.87 -152.95 -13.56
N SER HC 285 46.58 -153.98 -14.02
CA SER HC 285 47.97 -154.15 -13.60
C SER HC 285 48.91 -153.14 -14.25
N SER HC 286 48.49 -152.44 -15.30
CA SER HC 286 49.35 -151.56 -16.06
C SER HC 286 49.24 -150.09 -15.66
N GLY HC 287 48.08 -149.63 -15.23
CA GLY HC 287 47.90 -148.24 -14.82
C GLY HC 287 46.79 -147.48 -15.54
N MET HC 288 46.07 -148.08 -16.48
CA MET HC 288 44.93 -147.44 -17.12
C MET HC 288 43.69 -147.58 -16.24
N LYS HC 289 42.97 -146.47 -16.06
CA LYS HC 289 41.86 -146.44 -15.11
C LYS HC 289 40.60 -146.97 -15.76
N PRO HC 290 40.01 -148.05 -15.25
CA PRO HC 290 38.71 -148.51 -15.78
C PRO HC 290 37.60 -147.58 -15.36
N ASN HC 291 36.53 -147.57 -16.16
CA ASN HC 291 35.47 -146.58 -15.97
C ASN HC 291 34.11 -147.28 -15.90
N ALA HC 292 33.06 -146.46 -15.99
CA ALA HC 292 31.68 -146.94 -15.91
C ALA HC 292 31.36 -147.93 -17.01
N VAL HC 293 31.88 -147.68 -18.22
CA VAL HC 293 31.59 -148.55 -19.36
C VAL HC 293 32.14 -149.96 -19.12
N THR HC 294 33.44 -150.05 -18.77
CA THR HC 294 34.06 -151.34 -18.52
C THR HC 294 33.38 -152.06 -17.35
N TYR HC 295 33.26 -151.39 -16.21
CA TYR HC 295 32.72 -152.03 -15.02
C TYR HC 295 31.25 -152.44 -15.18
N GLY HC 296 30.44 -151.60 -15.84
CA GLY HC 296 29.04 -151.93 -16.07
C GLY HC 296 28.87 -153.07 -17.06
N HIS HC 297 29.73 -153.14 -18.09
CA HIS HC 297 29.68 -154.27 -19.00
C HIS HC 297 30.06 -155.56 -18.31
N LEU HC 298 31.04 -155.50 -17.40
CA LEU HC 298 31.37 -156.66 -16.58
C LEU HC 298 30.19 -157.12 -15.73
N ILE HC 299 29.53 -156.17 -15.06
CA ILE HC 299 28.45 -156.54 -14.15
C ILE HC 299 27.26 -157.11 -14.93
N HIS HC 300 26.98 -156.54 -16.11
CA HIS HC 300 25.94 -157.12 -16.97
C HIS HC 300 26.32 -158.53 -17.43
N GLY HC 301 27.59 -158.76 -17.77
CA GLY HC 301 28.01 -160.10 -18.17
C GLY HC 301 27.88 -161.11 -17.04
N PHE HC 302 28.35 -160.76 -15.85
CA PHE HC 302 28.30 -161.70 -14.72
C PHE HC 302 26.87 -161.96 -14.27
N CYS HC 303 26.01 -160.94 -14.27
CA CYS HC 303 24.63 -161.17 -13.92
C CYS HC 303 23.87 -161.90 -15.00
N ASN HC 304 24.38 -161.89 -16.24
CA ASN HC 304 23.88 -162.82 -17.26
C ASN HC 304 24.37 -164.23 -17.00
N GLU HC 305 25.55 -164.39 -16.39
CA GLU HC 305 26.06 -165.70 -15.99
C GLU HC 305 25.51 -166.19 -14.65
N GLY HC 306 24.71 -165.38 -13.97
CA GLY HC 306 24.01 -165.74 -12.72
C GLY HC 306 24.99 -166.10 -11.60
N GLU HC 307 26.16 -165.49 -11.60
CA GLU HC 307 27.10 -165.56 -10.48
C GLU HC 307 27.19 -164.15 -9.91
N PHE HC 308 26.36 -163.86 -8.91
CA PHE HC 308 26.08 -162.49 -8.52
C PHE HC 308 27.01 -161.92 -7.45
N ASP HC 309 27.73 -162.77 -6.70
CA ASP HC 309 28.63 -162.23 -5.69
C ASP HC 309 29.85 -161.57 -6.32
N GLU HC 310 30.33 -162.11 -7.45
CA GLU HC 310 31.36 -161.43 -8.22
C GLU HC 310 30.88 -160.06 -8.68
N ALA HC 311 29.64 -159.98 -9.15
CA ALA HC 311 29.07 -158.70 -9.59
C ALA HC 311 28.89 -157.75 -8.41
N LYS HC 312 28.52 -158.27 -7.24
CA LYS HC 312 28.35 -157.41 -6.07
C LYS HC 312 29.68 -156.83 -5.60
N LYS HC 313 30.74 -157.63 -5.56
CA LYS HC 313 32.04 -157.10 -5.18
C LYS HC 313 32.64 -156.20 -6.27
N LEU HC 314 32.32 -156.44 -7.55
CA LEU HC 314 32.72 -155.50 -8.58
C LEU HC 314 31.95 -154.19 -8.46
N PHE HC 315 30.68 -154.25 -8.05
CA PHE HC 315 29.92 -153.03 -7.80
C PHE HC 315 30.48 -152.25 -6.63
N LYS HC 316 30.92 -152.95 -5.58
CA LYS HC 316 31.57 -152.27 -4.47
C LYS HC 316 32.92 -151.69 -4.89
N ALA HC 317 33.63 -152.35 -5.82
CA ALA HC 317 34.84 -151.76 -6.40
C ALA HC 317 34.49 -150.51 -7.21
N MET HC 318 33.35 -150.51 -7.91
CA MET HC 318 32.88 -149.32 -8.61
C MET HC 318 32.65 -148.16 -7.66
N VAL HC 319 31.94 -148.43 -6.56
CA VAL HC 319 31.65 -147.38 -5.58
C VAL HC 319 32.92 -146.90 -4.88
N ASN HC 320 33.89 -147.80 -4.68
CA ASN HC 320 35.14 -147.41 -4.04
C ASN HC 320 36.04 -146.63 -4.99
N ARG HC 321 36.09 -147.01 -6.27
CA ARG HC 321 36.92 -146.32 -7.24
C ARG HC 321 36.31 -144.99 -7.65
N GLY HC 322 34.99 -144.85 -7.52
CA GLY HC 322 34.35 -143.56 -7.63
C GLY HC 322 33.88 -143.12 -8.99
N CYS HC 323 34.02 -143.95 -10.02
CA CYS HC 323 33.33 -143.67 -11.27
C CYS HC 323 31.83 -143.83 -11.03
N LYS HC 324 31.06 -142.82 -11.41
CA LYS HC 324 29.63 -142.83 -11.13
C LYS HC 324 28.91 -143.74 -12.12
N PRO HC 325 28.25 -144.80 -11.67
CA PRO HC 325 27.60 -145.72 -12.61
C PRO HC 325 26.28 -145.18 -13.11
N ASP HC 326 25.93 -145.53 -14.34
CA ASP HC 326 24.72 -145.03 -14.96
C ASP HC 326 23.50 -145.81 -14.45
N SER HC 327 22.32 -145.36 -14.87
CA SER HC 327 21.07 -145.92 -14.33
C SER HC 327 20.75 -147.28 -14.93
N GLU HC 328 21.20 -147.55 -16.15
CA GLU HC 328 20.84 -148.78 -16.82
C GLU HC 328 21.47 -150.00 -16.15
N CYS HC 329 22.72 -149.88 -15.71
CA CYS HC 329 23.32 -150.93 -14.90
C CYS HC 329 22.65 -151.06 -13.54
N TYR HC 330 22.19 -149.96 -12.95
CA TYR HC 330 21.43 -150.02 -11.70
C TYR HC 330 20.17 -150.86 -11.87
N PHE HC 331 19.38 -150.57 -12.89
CA PHE HC 331 18.11 -151.27 -13.08
C PHE HC 331 18.31 -152.70 -13.55
N THR HC 332 19.32 -152.95 -14.39
CA THR HC 332 19.64 -154.32 -14.78
C THR HC 332 20.10 -155.16 -13.59
N LEU HC 333 20.95 -154.59 -12.74
CA LEU HC 333 21.40 -155.30 -11.54
C LEU HC 333 20.23 -155.57 -10.60
N VAL HC 334 19.34 -154.59 -10.40
CA VAL HC 334 18.20 -154.76 -9.50
C VAL HC 334 17.28 -155.86 -10.03
N TYR HC 335 16.95 -155.83 -11.31
CA TYR HC 335 15.98 -156.78 -11.85
C TYR HC 335 16.56 -158.20 -11.93
N TYR HC 336 17.81 -158.34 -12.36
CA TYR HC 336 18.40 -159.68 -12.43
C TYR HC 336 18.73 -160.23 -11.06
N LEU HC 337 19.06 -159.38 -10.08
CA LEU HC 337 19.27 -159.85 -8.72
C LEU HC 337 17.96 -160.25 -8.06
N CYS HC 338 16.86 -159.56 -8.39
CA CYS HC 338 15.55 -159.98 -7.92
C CYS HC 338 15.15 -161.32 -8.52
N LYS HC 339 15.50 -161.53 -9.80
CA LYS HC 339 15.30 -162.83 -10.43
C LYS HC 339 16.13 -163.92 -9.74
N GLY HC 340 17.36 -163.58 -9.37
CA GLY HC 340 18.20 -164.55 -8.66
C GLY HC 340 17.66 -164.91 -7.30
N GLY HC 341 17.18 -163.93 -6.53
CA GLY HC 341 16.54 -164.22 -5.26
C GLY HC 341 17.10 -163.49 -4.07
N ASP HC 342 18.26 -162.86 -4.22
CA ASP HC 342 18.83 -162.04 -3.16
C ASP HC 342 18.08 -160.70 -3.15
N PHE HC 343 17.27 -160.48 -2.11
CA PHE HC 343 16.37 -159.33 -2.09
C PHE HC 343 16.75 -158.25 -1.10
N GLU HC 344 17.48 -158.55 -0.02
CA GLU HC 344 17.88 -157.48 0.88
C GLU HC 344 18.99 -156.61 0.26
N ALA HC 345 19.89 -157.21 -0.50
CA ALA HC 345 20.89 -156.43 -1.22
C ALA HC 345 20.25 -155.63 -2.36
N ALA HC 346 19.26 -156.21 -3.04
CA ALA HC 346 18.52 -155.45 -4.05
C ALA HC 346 17.68 -154.34 -3.41
N LEU HC 347 17.22 -154.53 -2.17
CA LEU HC 347 16.56 -153.46 -1.44
C LEU HC 347 17.54 -152.34 -1.10
N SER HC 348 18.77 -152.70 -0.72
CA SER HC 348 19.80 -151.67 -0.55
C SER HC 348 20.10 -150.96 -1.87
N LEU HC 349 20.07 -151.70 -2.98
CA LEU HC 349 20.25 -151.09 -4.30
C LEU HC 349 19.12 -150.13 -4.63
N CYS HC 350 17.89 -150.47 -4.28
CA CYS HC 350 16.76 -149.55 -4.45
C CYS HC 350 16.91 -148.32 -3.58
N LYS HC 351 17.36 -148.51 -2.33
CA LYS HC 351 17.54 -147.41 -1.40
C LYS HC 351 18.67 -146.48 -1.85
N GLU HC 352 19.67 -147.03 -2.54
CA GLU HC 352 20.73 -146.18 -3.06
C GLU HC 352 20.42 -145.62 -4.44
N SER HC 353 19.45 -146.17 -5.15
CA SER HC 353 18.99 -145.55 -6.39
C SER HC 353 18.03 -144.39 -6.11
N MET HC 354 17.21 -144.49 -5.08
CA MET HC 354 16.29 -143.40 -4.76
C MET HC 354 17.00 -142.19 -4.15
N GLU HC 355 18.24 -142.35 -3.70
CA GLU HC 355 19.01 -141.19 -3.26
C GLU HC 355 19.48 -140.35 -4.44
N LYS HC 356 19.93 -141.01 -5.52
CA LYS HC 356 20.19 -140.34 -6.78
C LYS HC 356 18.99 -140.48 -7.72
N ASN HC 357 17.80 -140.47 -7.11
CA ASN HC 357 16.44 -140.31 -7.65
C ASN HC 357 16.18 -141.10 -8.94
N TRP HC 358 16.78 -142.28 -9.02
CA TRP HC 358 16.54 -143.22 -10.11
C TRP HC 358 15.43 -144.17 -9.68
N VAL HC 359 14.37 -144.25 -10.48
CA VAL HC 359 13.19 -145.01 -10.10
C VAL HC 359 13.07 -146.28 -10.94
N PRO HC 360 12.63 -147.39 -10.37
CA PRO HC 360 12.45 -148.62 -11.16
C PRO HC 360 11.16 -148.57 -11.97
N SER HC 361 11.08 -149.48 -12.94
CA SER HC 361 9.90 -149.57 -13.78
C SER HC 361 8.78 -150.33 -13.05
N PHE HC 362 7.58 -150.28 -13.64
CA PHE HC 362 6.39 -150.79 -12.98
C PHE HC 362 6.44 -152.30 -12.79
N SER HC 363 6.68 -153.05 -13.89
CA SER HC 363 6.71 -154.51 -13.81
C SER HC 363 7.88 -155.02 -12.98
N ILE HC 364 9.02 -154.32 -13.02
CA ILE HC 364 10.15 -154.64 -12.15
C ILE HC 364 9.77 -154.45 -10.69
N MET HC 365 9.05 -153.38 -10.37
CA MET HC 365 8.62 -153.19 -8.98
C MET HC 365 7.55 -154.20 -8.59
N LYS HC 366 6.75 -154.67 -9.56
CA LYS HC 366 5.80 -155.77 -9.29
C LYS HC 366 6.53 -157.03 -8.87
N SER HC 367 7.54 -157.45 -9.65
CA SER HC 367 8.32 -158.63 -9.28
C SER HC 367 9.07 -158.42 -7.97
N LEU HC 368 9.59 -157.20 -7.76
CA LEU HC 368 10.32 -156.87 -6.55
C LEU HC 368 9.42 -156.96 -5.31
N VAL HC 369 8.19 -156.45 -5.41
CA VAL HC 369 7.31 -156.46 -4.24
C VAL HC 369 6.73 -157.86 -4.02
N ASN HC 370 6.56 -158.66 -5.09
CA ASN HC 370 6.15 -160.05 -4.89
C ASN HC 370 7.22 -160.85 -4.17
N GLY HC 371 8.49 -160.70 -4.56
CA GLY HC 371 9.57 -161.34 -3.84
C GLY HC 371 9.78 -160.80 -2.44
N LEU HC 372 9.64 -159.48 -2.27
CA LEU HC 372 9.80 -158.83 -0.98
C LEU HC 372 8.72 -159.27 0.01
N ALA HC 373 7.51 -159.53 -0.49
CA ALA HC 373 6.44 -160.08 0.33
C ALA HC 373 6.60 -161.57 0.56
N LYS HC 374 7.06 -162.33 -0.44
CA LYS HC 374 7.17 -163.77 -0.29
C LYS HC 374 8.37 -164.18 0.57
N ASP HC 375 9.34 -163.29 0.76
CA ASP HC 375 10.40 -163.52 1.73
C ASP HC 375 10.04 -163.02 3.13
N SER HC 376 8.76 -162.73 3.37
CA SER HC 376 8.16 -162.53 4.70
C SER HC 376 8.74 -161.33 5.43
N LYS HC 377 9.12 -160.29 4.70
CA LYS HC 377 9.51 -159.01 5.30
C LYS HC 377 8.57 -157.93 4.74
N VAL HC 378 7.51 -157.65 5.48
CA VAL HC 378 6.39 -156.85 4.98
C VAL HC 378 6.46 -155.39 5.43
N GLU HC 379 7.08 -155.10 6.57
CA GLU HC 379 7.19 -153.72 7.06
C GLU HC 379 7.98 -152.85 6.10
N GLU HC 380 9.09 -153.36 5.58
CA GLU HC 380 9.88 -152.58 4.64
C GLU HC 380 9.25 -152.53 3.25
N ALA HC 381 8.39 -153.51 2.90
CA ALA HC 381 7.61 -153.40 1.68
C ALA HC 381 6.59 -152.27 1.79
N LYS HC 382 5.93 -152.17 2.96
CA LYS HC 382 5.01 -151.07 3.21
C LYS HC 382 5.73 -149.74 3.23
N GLU HC 383 6.93 -149.69 3.79
CA GLU HC 383 7.75 -148.47 3.73
C GLU HC 383 8.14 -148.13 2.30
N LEU HC 384 8.45 -149.14 1.48
CA LEU HC 384 8.80 -148.89 0.09
C LEU HC 384 7.62 -148.32 -0.70
N ILE HC 385 6.42 -148.89 -0.52
CA ILE HC 385 5.26 -148.35 -1.25
C ILE HC 385 4.85 -146.99 -0.67
N ALA HC 386 5.01 -146.78 0.64
CA ALA HC 386 4.71 -145.48 1.22
C ALA HC 386 5.65 -144.39 0.75
N GLN HC 387 6.92 -144.75 0.53
CA GLN HC 387 7.85 -143.81 -0.08
C GLN HC 387 7.67 -143.67 -1.58
N VAL HC 388 7.13 -144.69 -2.26
CA VAL HC 388 6.83 -144.55 -3.67
C VAL HC 388 5.69 -143.57 -3.88
N LYS HC 389 4.60 -143.71 -3.11
CA LYS HC 389 3.38 -142.97 -3.42
C LYS HC 389 3.49 -141.48 -3.06
N GLU HC 390 4.53 -141.07 -2.33
CA GLU HC 390 4.79 -139.66 -2.12
C GLU HC 390 5.68 -139.06 -3.21
N LYS HC 391 6.05 -139.84 -4.21
CA LYS HC 391 6.79 -139.38 -5.39
C LYS HC 391 6.03 -139.62 -6.68
N PHE HC 392 5.42 -140.78 -6.82
CA PHE HC 392 4.72 -141.19 -8.03
C PHE HC 392 3.22 -141.17 -7.78
N THR HC 393 2.51 -140.33 -8.54
CA THR HC 393 1.07 -140.19 -8.40
C THR HC 393 0.35 -140.38 -9.73
N ARG HC 394 0.75 -141.37 -10.53
CA ARG HC 394 0.15 -141.57 -11.85
C ARG HC 394 -0.45 -142.95 -12.03
N ASN HC 395 -0.20 -143.90 -11.13
CA ASN HC 395 -0.75 -145.25 -11.24
C ASN HC 395 -1.29 -145.72 -9.89
N VAL HC 396 -2.01 -144.82 -9.21
CA VAL HC 396 -2.51 -145.10 -7.88
C VAL HC 396 -3.54 -146.22 -7.91
N GLU HC 397 -4.42 -146.22 -8.91
CA GLU HC 397 -5.46 -147.22 -9.00
C GLU HC 397 -4.93 -148.61 -9.38
N LEU HC 398 -3.80 -148.67 -10.08
CA LEU HC 398 -3.20 -149.97 -10.40
C LEU HC 398 -2.37 -150.49 -9.24
N TRP HC 399 -1.66 -149.61 -8.53
CA TRP HC 399 -0.89 -150.06 -7.38
C TRP HC 399 -1.75 -150.34 -6.16
N ASN HC 400 -2.96 -149.79 -6.11
CA ASN HC 400 -3.90 -150.13 -5.05
C ASN HC 400 -4.31 -151.60 -5.10
N GLU HC 401 -4.53 -152.13 -6.32
CA GLU HC 401 -4.82 -153.55 -6.48
C GLU HC 401 -3.64 -154.43 -6.06
N VAL HC 402 -2.41 -153.99 -6.38
CA VAL HC 402 -1.22 -154.73 -5.99
C VAL HC 402 -1.06 -154.73 -4.47
N GLU HC 403 -1.33 -153.59 -3.82
CA GLU HC 403 -1.27 -153.49 -2.37
C GLU HC 403 -2.33 -154.36 -1.70
N ALA HC 404 -3.52 -154.43 -2.28
CA ALA HC 404 -4.52 -155.38 -1.80
C ALA HC 404 -4.04 -156.82 -1.97
N ALA HC 405 -3.42 -157.12 -3.11
CA ALA HC 405 -2.91 -158.47 -3.38
C ALA HC 405 -1.65 -158.80 -2.58
N LEU HC 406 -1.06 -157.83 -1.89
CA LEU HC 406 0.05 -158.14 -0.99
C LEU HC 406 -0.47 -158.89 0.24
N PRO HC 407 0.25 -159.90 0.70
CA PRO HC 407 -0.15 -160.59 1.93
C PRO HC 407 0.02 -159.72 3.15
N GLN HC 408 -0.77 -160.02 4.17
CA GLN HC 408 -0.69 -159.32 5.45
C GLN HC 408 -0.30 -160.28 6.56
N MET IC 1 9.53 -4.73 -98.89
CA MET IC 1 8.35 -4.15 -99.48
C MET IC 1 8.75 -3.08 -100.51
N HIS IC 2 7.93 -2.94 -101.56
CA HIS IC 2 8.38 -2.36 -102.81
C HIS IC 2 7.66 -1.07 -103.22
N TYR IC 3 6.34 -1.12 -103.35
CA TYR IC 3 5.63 -0.07 -104.06
C TYR IC 3 5.57 1.22 -103.28
N MET IC 4 5.31 1.15 -101.98
CA MET IC 4 5.25 2.36 -101.16
C MET IC 4 6.61 3.06 -101.11
N GLY IC 5 7.69 2.29 -101.04
CA GLY IC 5 9.01 2.88 -101.12
C GLY IC 5 9.33 3.47 -102.48
N LEU IC 6 8.73 2.93 -103.54
CA LEU IC 6 8.81 3.60 -104.84
C LEU IC 6 8.11 4.94 -104.80
N PHE IC 7 6.86 4.96 -104.36
CA PHE IC 7 6.03 6.15 -104.47
C PHE IC 7 6.41 7.23 -103.47
N SER IC 8 7.25 6.92 -102.50
CA SER IC 8 7.90 7.97 -101.72
C SER IC 8 8.85 8.82 -102.57
N LYS IC 9 9.30 8.31 -103.72
CA LYS IC 9 10.16 9.07 -104.64
C LYS IC 9 9.35 9.73 -105.74
N ALA IC 10 8.40 10.56 -105.31
CA ALA IC 10 7.41 11.17 -106.19
C ALA IC 10 7.07 12.54 -105.59
N GLY IC 11 5.90 13.07 -105.94
CA GLY IC 11 5.43 14.31 -105.36
C GLY IC 11 5.19 14.21 -103.86
N ASN IC 12 4.71 15.32 -103.29
CA ASN IC 12 4.49 15.39 -101.85
C ASN IC 12 3.23 14.61 -101.50
N ILE IC 13 3.40 13.32 -101.22
CA ILE IC 13 2.26 12.49 -100.84
C ILE IC 13 2.06 12.43 -99.34
N PHE IC 14 2.99 12.93 -98.55
CA PHE IC 14 2.84 13.01 -97.10
C PHE IC 14 2.35 14.39 -96.68
N ARG IC 15 1.14 14.73 -97.11
CA ARG IC 15 0.51 15.98 -96.76
C ARG IC 15 -0.61 15.73 -95.75
N GLN IC 16 -0.61 16.52 -94.68
CA GLN IC 16 -1.60 16.35 -93.62
C GLN IC 16 -2.99 16.66 -94.14
N PRO IC 17 -3.98 15.85 -93.80
CA PRO IC 17 -5.35 16.17 -94.18
C PRO IC 17 -5.88 17.35 -93.37
N ARG IC 18 -7.02 17.87 -93.85
CA ARG IC 18 -7.61 19.07 -93.28
C ARG IC 18 -8.01 18.90 -91.83
N ALA IC 19 -8.56 17.74 -91.46
CA ALA IC 19 -8.97 17.51 -90.08
C ALA IC 19 -7.79 17.51 -89.13
N MET IC 20 -6.70 16.84 -89.51
CA MET IC 20 -5.53 16.77 -88.64
C MET IC 20 -4.83 18.12 -88.54
N GLN IC 21 -4.71 18.84 -89.65
CA GLN IC 21 -4.12 20.17 -89.59
C GLN IC 21 -5.00 21.14 -88.81
N ALA IC 22 -6.32 20.98 -88.90
CA ALA IC 22 -7.23 21.83 -88.15
C ALA IC 22 -7.18 21.53 -86.66
N SER IC 23 -6.99 20.27 -86.27
CA SER IC 23 -6.77 19.97 -84.86
C SER IC 23 -5.43 20.50 -84.37
N ASN IC 24 -4.40 20.48 -85.23
CA ASN IC 24 -3.12 21.08 -84.86
C ASN IC 24 -3.26 22.58 -84.64
N ALA IC 25 -4.03 23.26 -85.49
CA ALA IC 25 -4.31 24.68 -85.30
C ALA IC 25 -5.27 24.93 -84.14
N MET IC 26 -6.10 23.95 -83.79
CA MET IC 26 -6.94 24.04 -82.61
C MET IC 26 -6.09 24.06 -81.35
N LEU IC 27 -5.13 23.14 -81.26
CA LEU IC 27 -4.21 23.15 -80.12
C LEU IC 27 -3.29 24.37 -80.15
N GLN IC 28 -2.85 24.79 -81.33
CA GLN IC 28 -1.98 25.95 -81.45
C GLN IC 28 -2.52 26.97 -82.45
N SER IC 36 0.43 27.72 -71.19
CA SER IC 36 0.65 27.15 -69.87
C SER IC 36 -0.58 27.34 -68.99
N LYS IC 37 -0.95 26.26 -68.28
CA LYS IC 37 -2.12 26.15 -67.41
C LYS IC 37 -3.37 26.46 -68.24
N ILE IC 38 -4.38 27.07 -67.62
CA ILE IC 38 -5.60 27.47 -68.32
C ILE IC 38 -6.22 28.65 -67.59
N PHE IC 39 -7.35 29.11 -68.10
CA PHE IC 39 -8.14 30.07 -67.35
C PHE IC 39 -8.79 29.36 -66.16
N VAL IC 40 -9.07 30.13 -65.11
CA VAL IC 40 -9.67 29.54 -63.92
C VAL IC 40 -11.12 29.16 -64.18
N GLY IC 41 -11.65 28.31 -63.30
CA GLY IC 41 -13.04 27.89 -63.43
C GLY IC 41 -14.00 29.06 -63.24
N GLY IC 42 -13.76 29.91 -62.24
CA GLY IC 42 -14.63 31.05 -61.99
C GLY IC 42 -14.50 32.15 -63.05
N LEU IC 43 -13.50 32.08 -63.92
CA LEU IC 43 -13.37 33.01 -65.04
C LEU IC 43 -13.98 32.46 -66.32
N SER IC 44 -13.65 31.22 -66.67
CA SER IC 44 -14.23 30.60 -67.85
C SER IC 44 -15.72 30.35 -67.69
N PRO IC 45 -16.21 30.12 -66.47
CA PRO IC 45 -17.64 30.01 -66.27
C PRO IC 45 -18.34 31.35 -66.44
N SER IC 46 -17.69 32.46 -66.05
CA SER IC 46 -18.28 33.78 -66.30
C SER IC 46 -18.32 34.07 -67.81
N THR IC 47 -17.27 33.69 -68.52
CA THR IC 47 -17.27 33.83 -69.98
C THR IC 47 -18.36 32.98 -70.63
N ASP IC 48 -18.55 31.75 -70.16
CA ASP IC 48 -19.58 30.87 -70.70
C ASP IC 48 -20.98 31.25 -70.23
N VAL IC 49 -21.11 32.00 -69.14
CA VAL IC 49 -22.39 32.53 -68.69
C VAL IC 49 -22.80 33.74 -69.49
N GLU IC 50 -21.85 34.64 -69.79
CA GLU IC 50 -22.16 35.81 -70.61
C GLU IC 50 -22.35 35.42 -72.08
N LEU IC 51 -21.30 34.89 -72.70
CA LEU IC 51 -21.38 34.51 -74.11
C LEU IC 51 -21.85 33.06 -74.23
N LEU IC 52 -21.78 32.55 -75.47
CA LEU IC 52 -22.05 31.16 -75.86
C LEU IC 52 -23.48 30.71 -75.56
N LYS IC 53 -24.37 31.62 -75.19
CA LYS IC 53 -25.79 31.31 -75.03
C LYS IC 53 -26.54 31.41 -76.35
N GLU IC 54 -25.86 31.80 -77.42
CA GLU IC 54 -26.48 31.88 -78.74
C GLU IC 54 -26.43 30.52 -79.45
N THR JC 2 3.81 -1.90 -114.25
CA THR JC 2 2.81 -2.89 -113.88
C THR JC 2 1.48 -2.22 -113.57
N LEU JC 3 0.40 -2.96 -113.77
CA LEU JC 3 -0.93 -2.48 -113.41
C LEU JC 3 -1.12 -2.40 -111.90
N HIS JC 4 -0.39 -3.23 -111.15
CA HIS JC 4 -0.47 -3.21 -109.69
C HIS JC 4 0.00 -1.88 -109.12
N GLY JC 5 1.04 -1.28 -109.72
CA GLY JC 5 1.49 0.02 -109.30
C GLY JC 5 0.49 1.13 -109.58
N ALA JC 6 -0.40 0.93 -110.56
CA ALA JC 6 -1.46 1.88 -110.82
C ALA JC 6 -2.62 1.72 -109.86
N VAL JC 7 -2.96 0.47 -109.54
CA VAL JC 7 -4.02 0.20 -108.56
C VAL JC 7 -3.63 0.75 -107.20
N ILE JC 8 -2.37 0.55 -106.81
CA ILE JC 8 -1.87 1.05 -105.54
C ILE JC 8 -1.90 2.57 -105.49
N GLN JC 9 -1.58 3.23 -106.60
CA GLN JC 9 -1.69 4.68 -106.50
C GLN JC 9 -3.13 5.16 -106.56
N LYS JC 10 -4.07 4.38 -107.10
CA LYS JC 10 -5.46 4.78 -106.91
C LYS JC 10 -5.84 4.74 -105.44
N LEU JC 11 -5.38 3.70 -104.75
CA LEU JC 11 -5.60 3.63 -103.30
C LEU JC 11 -4.91 4.80 -102.59
N LEU JC 12 -3.73 5.19 -103.06
CA LEU JC 12 -3.05 6.35 -102.47
C LEU JC 12 -3.74 7.65 -102.82
N ASN JC 13 -4.36 7.73 -104.00
CA ASN JC 13 -5.11 8.89 -104.42
C ASN JC 13 -6.37 9.06 -103.58
N THR JC 14 -6.93 7.96 -103.09
CA THR JC 14 -8.09 8.06 -102.23
C THR JC 14 -7.78 8.63 -100.84
N GLY JC 15 -6.50 8.73 -100.47
CA GLY JC 15 -6.14 9.27 -99.17
C GLY JC 15 -6.26 8.31 -98.02
N SER JC 16 -6.26 7.01 -98.27
CA SER JC 16 -6.51 6.02 -97.24
C SER JC 16 -5.25 5.52 -96.57
N HIS JC 17 -4.09 6.06 -96.91
CA HIS JC 17 -2.82 5.61 -96.33
C HIS JC 17 -2.35 6.47 -95.19
N LEU JC 18 -3.11 7.47 -94.78
CA LEU JC 18 -2.66 8.45 -93.80
C LEU JC 18 -3.42 8.22 -92.50
N GLY JC 19 -2.81 7.46 -91.60
CA GLY JC 19 -3.42 7.18 -90.32
C GLY JC 19 -3.21 8.31 -89.33
N ARG JC 20 -3.34 7.97 -88.05
CA ARG JC 20 -3.08 8.90 -86.96
C ARG JC 20 -1.87 8.43 -86.16
N ARG JC 21 -1.41 9.30 -85.28
CA ARG JC 21 -0.18 9.08 -84.53
C ARG JC 21 -0.36 7.99 -83.47
N ALA JC 22 0.76 7.38 -83.08
CA ALA JC 22 0.87 6.46 -81.95
C ALA JC 22 -0.02 5.24 -82.12
N ALA JC 23 0.32 4.45 -83.14
CA ALA JC 23 -0.40 3.22 -83.41
C ALA JC 23 -0.18 2.19 -82.30
N GLU JC 24 -1.16 1.32 -82.11
CA GLU JC 24 -1.09 0.29 -81.09
C GLU JC 24 -0.17 -0.84 -81.54
N HIS JC 25 0.04 -1.81 -80.65
CA HIS JC 25 0.97 -2.91 -80.95
C HIS JC 25 0.44 -3.82 -82.04
N HIS JC 26 -0.88 -3.99 -82.12
CA HIS JC 26 -1.43 -4.91 -83.10
C HIS JC 26 -1.57 -4.29 -84.48
N PHE JC 27 -1.24 -3.01 -84.65
CA PHE JC 27 -1.36 -2.35 -85.94
C PHE JC 27 -0.02 -2.13 -86.62
N LYS JC 28 1.09 -2.43 -85.96
CA LYS JC 28 2.39 -2.24 -86.61
C LYS JC 28 2.67 -3.34 -87.63
N GLN JC 29 1.88 -4.41 -87.66
CA GLN JC 29 1.96 -5.37 -88.75
C GLN JC 29 1.30 -4.85 -90.02
N TYR JC 30 0.50 -3.79 -89.93
CA TYR JC 30 -0.05 -3.11 -91.09
C TYR JC 30 0.66 -1.80 -91.39
N ALA JC 31 1.31 -1.21 -90.39
CA ALA JC 31 1.97 0.07 -90.57
C ALA JC 31 3.20 -0.06 -91.45
N TYR JC 32 3.72 1.08 -91.88
CA TYR JC 32 4.89 1.17 -92.73
C TYR JC 32 5.97 2.08 -92.16
N GLY JC 33 5.58 3.20 -91.56
CA GLY JC 33 6.56 4.15 -91.07
C GLY JC 33 5.88 5.23 -90.25
N THR JC 34 6.63 6.29 -89.98
CA THR JC 34 6.11 7.43 -89.26
C THR JC 34 6.72 8.70 -89.84
N ARG JC 35 5.86 9.60 -90.34
CA ARG JC 35 6.30 10.83 -90.96
C ARG JC 35 5.27 11.92 -90.73
N ASN JC 36 5.75 13.12 -90.38
CA ASN JC 36 4.93 14.32 -90.24
C ASN JC 36 3.79 14.11 -89.24
N GLY JC 37 4.08 13.41 -88.16
CA GLY JC 37 3.08 13.16 -87.13
C GLY JC 37 1.95 12.25 -87.56
N MET JC 38 2.25 11.22 -88.34
CA MET JC 38 1.24 10.27 -88.77
C MET JC 38 1.85 8.90 -88.87
N THR JC 39 0.99 7.88 -88.82
CA THR JC 39 1.39 6.51 -89.09
C THR JC 39 0.96 6.18 -90.51
N ILE JC 40 1.91 5.77 -91.34
CA ILE JC 40 1.65 5.47 -92.74
C ILE JC 40 1.25 4.01 -92.85
N ILE JC 41 0.04 3.77 -93.36
CA ILE JC 41 -0.47 2.43 -93.53
C ILE JC 41 0.02 1.87 -94.86
N ASP JC 42 0.29 0.57 -94.89
CA ASP JC 42 0.75 -0.07 -96.12
C ASP JC 42 -0.41 -0.30 -97.08
N SER JC 43 -0.29 0.25 -98.29
CA SER JC 43 -1.32 0.09 -99.29
C SER JC 43 -1.38 -1.31 -99.87
N ASP JC 44 -0.25 -2.05 -99.84
CA ASP JC 44 -0.27 -3.44 -100.25
C ASP JC 44 -1.18 -4.28 -99.37
N LYS JC 45 -1.04 -4.13 -98.05
CA LYS JC 45 -1.88 -4.83 -97.11
C LYS JC 45 -3.30 -4.31 -97.10
N THR JC 46 -3.48 -3.01 -97.38
CA THR JC 46 -4.84 -2.50 -97.58
C THR JC 46 -5.53 -3.18 -98.74
N LEU JC 47 -4.82 -3.36 -99.87
CA LEU JC 47 -5.40 -4.01 -101.03
C LEU JC 47 -5.68 -5.50 -100.77
N ILE JC 48 -4.77 -6.17 -100.08
CA ILE JC 48 -4.97 -7.60 -99.78
C ILE JC 48 -6.17 -7.81 -98.86
N CYS JC 49 -6.28 -6.98 -97.82
CA CYS JC 49 -7.44 -7.05 -96.93
C CYS JC 49 -8.73 -6.70 -97.65
N LEU JC 50 -8.69 -5.71 -98.54
CA LEU JC 50 -9.83 -5.35 -99.36
C LEU JC 50 -10.29 -6.51 -100.24
N ARG JC 51 -9.35 -7.20 -100.89
CA ARG JC 51 -9.71 -8.33 -101.74
C ARG JC 51 -10.31 -9.47 -100.94
N SER JC 52 -9.76 -9.76 -99.75
CA SER JC 52 -10.33 -10.81 -98.92
C SER JC 52 -11.74 -10.47 -98.46
N ALA JC 53 -11.94 -9.23 -98.01
CA ALA JC 53 -13.27 -8.82 -97.53
C ALA JC 53 -14.29 -8.82 -98.66
N ALA JC 54 -13.91 -8.30 -99.83
CA ALA JC 54 -14.80 -8.29 -100.97
C ALA JC 54 -15.14 -9.69 -101.45
N SER JC 55 -14.16 -10.60 -101.43
CA SER JC 55 -14.41 -11.97 -101.83
C SER JC 55 -15.37 -12.67 -100.87
N PHE JC 56 -15.24 -12.43 -99.56
CA PHE JC 56 -16.17 -13.03 -98.61
C PHE JC 56 -17.59 -12.49 -98.80
N VAL JC 57 -17.72 -11.17 -98.97
CA VAL JC 57 -19.04 -10.56 -99.14
C VAL JC 57 -19.69 -11.05 -100.44
N ALA JC 58 -18.91 -11.19 -101.50
CA ALA JC 58 -19.44 -11.75 -102.75
C ALA JC 58 -19.80 -13.22 -102.61
N ASN JC 59 -18.99 -14.01 -101.91
CA ASN JC 59 -19.23 -15.43 -101.77
C ASN JC 59 -20.44 -15.75 -100.90
N LEU JC 60 -20.90 -14.80 -100.09
CA LEU JC 60 -22.15 -15.01 -99.37
C LEU JC 60 -23.37 -15.12 -100.29
N ALA JC 61 -23.30 -14.53 -101.50
CA ALA JC 61 -24.45 -14.45 -102.38
C ALA JC 61 -24.89 -15.82 -102.89
N SER JC 62 -23.94 -16.69 -103.21
CA SER JC 62 -24.29 -18.05 -103.64
C SER JC 62 -24.97 -18.84 -102.55
N ALA JC 63 -24.59 -18.62 -101.29
CA ALA JC 63 -25.19 -19.30 -100.16
C ALA JC 63 -26.46 -18.63 -99.68
N ARG JC 64 -26.82 -17.47 -100.25
CA ARG JC 64 -28.04 -16.72 -99.94
C ARG JC 64 -28.06 -16.29 -98.48
N GLY JC 65 -27.05 -15.51 -98.12
CA GLY JC 65 -26.91 -15.00 -96.78
C GLY JC 65 -27.49 -13.62 -96.63
N ASN JC 66 -27.64 -13.20 -95.38
CA ASN JC 66 -28.18 -11.89 -95.04
C ASN JC 66 -27.06 -11.03 -94.50
N ILE JC 67 -26.93 -9.81 -95.04
CA ILE JC 67 -25.85 -8.91 -94.68
C ILE JC 67 -26.46 -7.68 -94.02
N PHE JC 68 -25.95 -7.33 -92.84
CA PHE JC 68 -26.44 -6.19 -92.08
C PHE JC 68 -25.39 -5.09 -92.11
N PHE JC 69 -25.80 -3.89 -92.47
CA PHE JC 69 -24.94 -2.73 -92.56
C PHE JC 69 -25.19 -1.82 -91.35
N VAL JC 70 -24.12 -1.34 -90.72
CA VAL JC 70 -24.23 -0.40 -89.62
C VAL JC 70 -23.32 0.78 -89.95
N ASN JC 71 -23.91 1.97 -89.97
CA ASN JC 71 -23.15 3.20 -90.21
C ASN JC 71 -23.50 4.23 -89.13
N THR JC 72 -22.48 4.77 -88.49
CA THR JC 72 -22.67 5.76 -87.44
C THR JC 72 -22.15 7.13 -87.79
N ASN JC 73 -21.52 7.31 -88.96
CA ASN JC 73 -20.99 8.60 -89.37
C ASN JC 73 -22.00 9.31 -90.27
N PRO JC 74 -22.37 10.55 -89.98
CA PRO JC 74 -23.22 11.32 -90.90
C PRO JC 74 -22.59 11.64 -92.25
N LEU JC 75 -21.28 11.51 -92.40
CA LEU JC 75 -20.65 11.82 -93.68
C LEU JC 75 -20.89 10.77 -94.74
N PHE JC 76 -21.18 9.53 -94.36
CA PHE JC 76 -21.38 8.45 -95.32
C PHE JC 76 -22.81 7.93 -95.27
N ASP JC 77 -23.79 8.83 -95.16
CA ASP JC 77 -25.17 8.39 -95.09
C ASP JC 77 -25.63 7.79 -96.42
N GLU JC 78 -25.40 8.51 -97.51
CA GLU JC 78 -26.02 8.16 -98.79
C GLU JC 78 -25.35 6.97 -99.44
N ILE JC 79 -24.03 6.85 -99.28
CA ILE JC 79 -23.30 5.75 -99.90
C ILE JC 79 -23.72 4.42 -99.27
N VAL JC 80 -23.80 4.40 -97.94
CA VAL JC 80 -24.25 3.21 -97.22
C VAL JC 80 -25.72 2.94 -97.49
N GLU JC 81 -26.52 4.01 -97.64
CA GLU JC 81 -27.93 3.84 -97.98
C GLU JC 81 -28.11 3.18 -99.35
N LEU JC 82 -27.35 3.63 -100.35
CA LEU JC 82 -27.45 3.06 -101.68
C LEU JC 82 -26.90 1.63 -101.72
N THR JC 83 -25.81 1.37 -101.00
CA THR JC 83 -25.27 0.01 -100.94
C THR JC 83 -26.24 -0.95 -100.28
N SER JC 84 -26.85 -0.54 -99.16
CA SER JC 84 -27.81 -1.39 -98.48
C SER JC 84 -29.08 -1.57 -99.30
N ARG JC 85 -29.51 -0.54 -100.02
CA ARG JC 85 -30.68 -0.67 -100.89
C ARG JC 85 -30.41 -1.64 -102.02
N ARG JC 86 -29.22 -1.60 -102.59
CA ARG JC 86 -28.90 -2.49 -103.70
C ARG JC 86 -28.74 -3.93 -103.23
N ILE JC 87 -28.07 -4.14 -102.11
CA ILE JC 87 -27.76 -5.50 -101.69
C ILE JC 87 -28.93 -6.15 -100.98
N GLN JC 88 -29.51 -5.46 -99.99
CA GLN JC 88 -30.59 -6.02 -99.21
C GLN JC 88 -31.89 -6.14 -100.00
N GLY JC 89 -32.04 -5.36 -101.08
CA GLY JC 89 -33.21 -5.49 -101.93
C GLY JC 89 -34.48 -4.89 -101.35
N ASP JC 90 -35.61 -5.52 -101.62
CA ASP JC 90 -36.89 -5.01 -101.11
C ASP JC 90 -37.00 -5.13 -99.61
N ALA JC 91 -36.24 -6.05 -98.99
CA ALA JC 91 -36.23 -6.22 -97.54
C ALA JC 91 -35.27 -5.21 -96.89
N TYR JC 92 -35.55 -3.95 -97.15
CA TYR JC 92 -34.77 -2.83 -96.64
C TYR JC 92 -35.70 -1.93 -95.84
N ASN JC 93 -35.23 -1.46 -94.69
CA ASN JC 93 -36.01 -0.61 -93.81
C ASN JC 93 -35.15 0.60 -93.45
N HIS JC 94 -35.57 1.78 -93.93
CA HIS JC 94 -34.80 2.99 -93.66
C HIS JC 94 -34.79 3.35 -92.18
N ASN JC 95 -35.94 3.20 -91.51
CA ASN JC 95 -36.01 3.51 -90.08
C ASN JC 95 -35.11 2.58 -89.27
N ARG JC 96 -35.11 1.29 -89.60
CA ARG JC 96 -34.24 0.35 -88.91
C ARG JC 96 -32.77 0.66 -89.18
N SER JC 97 -32.41 0.87 -90.45
CA SER JC 97 -31.03 1.13 -90.83
C SER JC 97 -30.52 2.48 -90.36
N THR JC 98 -31.38 3.40 -89.95
CA THR JC 98 -30.89 4.65 -89.37
C THR JC 98 -31.07 4.75 -87.87
N ASN JC 99 -31.82 3.86 -87.23
CA ASN JC 99 -32.10 4.03 -85.81
C ASN JC 99 -31.85 2.80 -84.92
N LEU JC 100 -31.76 1.59 -85.46
CA LEU JC 100 -31.73 0.42 -84.60
C LEU JC 100 -30.39 0.21 -83.93
N TRP JC 101 -29.29 0.69 -84.52
CA TRP JC 101 -27.99 0.49 -83.91
C TRP JC 101 -27.82 1.28 -82.61
N LYS JC 102 -28.68 2.25 -82.34
CA LYS JC 102 -28.60 2.96 -81.07
C LYS JC 102 -29.13 2.12 -79.92
N MET JC 103 -30.06 1.22 -80.18
CA MET JC 103 -30.60 0.35 -79.13
C MET JC 103 -29.54 -0.63 -78.67
N GLY JC 104 -29.21 -0.61 -77.38
CA GLY JC 104 -28.32 -1.61 -76.84
C GLY JC 104 -29.01 -2.96 -76.78
N GLY JC 105 -28.26 -4.00 -77.14
CA GLY JC 105 -28.83 -5.33 -77.10
C GLY JC 105 -29.82 -5.62 -78.20
N PHE JC 106 -29.70 -4.93 -79.34
CA PHE JC 106 -30.62 -5.12 -80.45
C PHE JC 106 -30.38 -6.41 -81.22
N LEU JC 107 -29.30 -7.12 -80.94
CA LEU JC 107 -29.06 -8.43 -81.52
C LEU JC 107 -29.12 -9.55 -80.51
N THR JC 108 -28.53 -9.37 -79.33
CA THR JC 108 -28.63 -10.39 -78.29
C THR JC 108 -30.04 -10.47 -77.73
N ASN JC 109 -30.80 -9.37 -77.79
CA ASN JC 109 -32.22 -9.37 -77.46
C ASN JC 109 -32.95 -8.74 -78.64
N SER JC 110 -33.18 -9.53 -79.68
CA SER JC 110 -33.88 -9.07 -80.86
C SER JC 110 -35.35 -9.47 -80.87
N TYR JC 111 -35.83 -10.10 -79.81
CA TYR JC 111 -37.23 -10.50 -79.71
C TYR JC 111 -37.95 -9.80 -78.57
N SER JC 112 -37.37 -8.76 -78.00
CA SER JC 112 -38.03 -8.04 -76.92
C SER JC 112 -39.16 -7.18 -77.48
N PRO JC 113 -40.22 -6.96 -76.70
CA PRO JC 113 -41.34 -6.16 -77.20
C PRO JC 113 -40.97 -4.69 -77.34
N LYS JC 114 -41.71 -4.01 -78.21
CA LYS JC 114 -41.60 -2.56 -78.37
C LYS JC 114 -42.95 -1.93 -78.08
N LYS JC 115 -42.94 -0.64 -77.77
CA LYS JC 115 -44.14 0.10 -77.43
C LYS JC 115 -44.17 1.40 -78.22
N PHE JC 116 -45.33 1.76 -78.73
CA PHE JC 116 -45.49 3.05 -79.39
C PHE JC 116 -45.75 4.13 -78.36
N ARG JC 117 -45.01 5.24 -78.45
CA ARG JC 117 -45.18 6.35 -77.52
C ARG JC 117 -45.61 7.64 -78.20
N SER JC 118 -44.83 8.14 -79.16
CA SER JC 118 -45.01 9.48 -79.69
C SER JC 118 -44.34 9.54 -81.05
N ARG JC 119 -44.04 10.76 -81.52
CA ARG JC 119 -43.20 10.91 -82.70
C ARG JC 119 -41.83 10.27 -82.48
N HIS JC 120 -41.23 10.48 -81.31
CA HIS JC 120 -40.01 9.81 -80.80
C HIS JC 120 -38.88 10.03 -81.82
N LYS JC 121 -37.98 9.06 -81.93
CA LYS JC 121 -37.00 8.90 -82.99
C LYS JC 121 -37.43 7.81 -83.96
N LYS JC 122 -38.76 7.60 -84.06
CA LYS JC 122 -39.47 6.58 -84.85
C LYS JC 122 -39.27 5.18 -84.29
N LEU JC 123 -40.27 4.32 -84.47
CA LEU JC 123 -40.29 2.99 -83.89
C LEU JC 123 -39.80 1.96 -84.91
N CYS JC 124 -38.93 1.06 -84.47
CA CYS JC 124 -38.38 0.03 -85.33
C CYS JC 124 -38.16 -1.23 -84.52
N PHE JC 125 -38.62 -2.36 -85.05
CA PHE JC 125 -38.39 -3.64 -84.42
C PHE JC 125 -37.02 -4.18 -84.80
N GLY JC 126 -36.73 -5.37 -84.33
CA GLY JC 126 -35.50 -6.05 -84.71
C GLY JC 126 -35.65 -6.76 -86.02
N PRO JC 127 -34.55 -7.37 -86.47
CA PRO JC 127 -34.63 -8.21 -87.66
C PRO JC 127 -35.29 -9.54 -87.33
N THR JC 128 -36.15 -9.98 -88.25
CA THR JC 128 -36.80 -11.28 -88.08
C THR JC 128 -35.79 -12.41 -88.25
N THR JC 129 -34.84 -12.24 -89.17
CA THR JC 129 -33.82 -13.24 -89.46
C THR JC 129 -32.49 -12.78 -88.89
N MET JC 130 -31.76 -13.72 -88.30
CA MET JC 130 -30.42 -13.42 -87.80
C MET JC 130 -29.47 -13.15 -88.96
N PRO JC 131 -28.73 -12.04 -88.94
CA PRO JC 131 -27.80 -11.77 -90.03
C PRO JC 131 -26.61 -12.72 -90.03
N ASP JC 132 -26.02 -12.88 -91.21
CA ASP JC 132 -24.84 -13.72 -91.38
C ASP JC 132 -23.54 -12.95 -91.43
N CYS JC 133 -23.59 -11.63 -91.56
CA CYS JC 133 -22.40 -10.81 -91.65
C CYS JC 133 -22.78 -9.39 -91.27
N VAL JC 134 -21.86 -8.68 -90.62
CA VAL JC 134 -22.10 -7.30 -90.20
C VAL JC 134 -20.98 -6.42 -90.73
N VAL JC 135 -21.34 -5.39 -91.50
CA VAL JC 135 -20.37 -4.46 -92.07
C VAL JC 135 -20.48 -3.14 -91.31
N VAL JC 136 -19.40 -2.75 -90.65
CA VAL JC 136 -19.39 -1.68 -89.67
C VAL JC 136 -18.66 -0.47 -90.23
N PHE JC 137 -19.23 0.72 -90.03
CA PHE JC 137 -18.56 1.97 -90.36
C PHE JC 137 -18.54 2.87 -89.14
N ASP JC 138 -18.13 2.31 -88.01
CA ASP JC 138 -18.08 3.01 -86.73
C ASP JC 138 -16.63 3.16 -86.32
N ALA JC 139 -16.14 4.40 -86.31
CA ALA JC 139 -14.78 4.69 -85.86
C ALA JC 139 -14.74 5.33 -84.48
N GLU JC 140 -15.79 6.03 -84.08
CA GLU JC 140 -15.90 6.61 -82.75
C GLU JC 140 -16.46 5.61 -81.73
N ARG JC 141 -16.82 4.40 -82.19
CA ARG JC 141 -17.31 3.30 -81.34
C ARG JC 141 -18.56 3.70 -80.57
N LYS JC 142 -19.56 4.23 -81.28
CA LYS JC 142 -20.76 4.70 -80.62
C LYS JC 142 -21.70 3.57 -80.24
N SER JC 143 -21.61 2.42 -80.92
CA SER JC 143 -22.53 1.32 -80.72
C SER JC 143 -21.79 0.07 -80.28
N SER JC 144 -22.56 -0.87 -79.74
CA SER JC 144 -22.02 -2.12 -79.22
C SER JC 144 -22.12 -3.26 -80.23
N VAL JC 145 -22.09 -2.93 -81.52
CA VAL JC 145 -22.40 -3.92 -82.54
C VAL JC 145 -21.30 -4.98 -82.64
N VAL JC 146 -20.04 -4.56 -82.49
CA VAL JC 146 -18.93 -5.52 -82.52
C VAL JC 146 -18.99 -6.46 -81.33
N LEU JC 147 -19.29 -5.94 -80.15
CA LEU JC 147 -19.40 -6.76 -78.95
C LEU JC 147 -20.57 -7.75 -79.05
N GLU JC 148 -21.72 -7.30 -79.54
CA GLU JC 148 -22.86 -8.19 -79.68
C GLU JC 148 -22.63 -9.25 -80.76
N ALA JC 149 -21.99 -8.89 -81.86
CA ALA JC 149 -21.69 -9.87 -82.90
C ALA JC 149 -20.65 -10.87 -82.43
N ALA JC 150 -19.68 -10.44 -81.63
CA ALA JC 150 -18.75 -11.38 -81.03
C ALA JC 150 -19.42 -12.30 -80.03
N LYS JC 151 -20.39 -11.77 -79.27
CA LYS JC 151 -21.14 -12.60 -78.34
C LYS JC 151 -22.00 -13.62 -79.07
N LEU JC 152 -22.52 -13.27 -80.25
CA LEU JC 152 -23.43 -14.15 -80.98
C LEU JC 152 -22.79 -14.87 -82.16
N GLN JC 153 -21.45 -14.80 -82.29
CA GLN JC 153 -20.68 -15.55 -83.29
C GLN JC 153 -21.10 -15.21 -84.72
N ILE JC 154 -20.90 -13.96 -85.11
CA ILE JC 154 -21.24 -13.47 -86.44
C ILE JC 154 -19.99 -12.80 -87.02
N PRO JC 155 -19.63 -13.10 -88.27
CA PRO JC 155 -18.48 -12.41 -88.86
C PRO JC 155 -18.70 -10.92 -89.07
N VAL JC 156 -17.61 -10.17 -88.91
CA VAL JC 156 -17.63 -8.71 -88.91
C VAL JC 156 -16.62 -8.20 -89.91
N VAL JC 157 -17.06 -7.37 -90.85
CA VAL JC 157 -16.19 -6.67 -91.79
C VAL JC 157 -16.18 -5.21 -91.37
N ALA JC 158 -15.01 -4.70 -91.00
CA ALA JC 158 -14.93 -3.34 -90.50
C ALA JC 158 -13.57 -2.77 -90.84
N ILE JC 159 -13.52 -1.43 -90.87
CA ILE JC 159 -12.31 -0.69 -91.24
C ILE JC 159 -11.66 -0.19 -89.96
N VAL JC 160 -10.40 -0.55 -89.76
CA VAL JC 160 -9.73 -0.35 -88.48
C VAL JC 160 -8.81 0.86 -88.53
N ASP JC 161 -8.89 1.68 -87.49
CA ASP JC 161 -8.03 2.83 -87.27
C ASP JC 161 -6.69 2.38 -86.69
N PRO JC 162 -5.65 3.21 -86.80
CA PRO JC 162 -4.41 2.91 -86.05
C PRO JC 162 -4.57 2.90 -84.53
N ASN JC 163 -5.56 3.60 -83.97
CA ASN JC 163 -5.76 3.66 -82.53
C ASN JC 163 -6.92 2.80 -82.05
N VAL JC 164 -7.16 1.67 -82.70
CA VAL JC 164 -8.26 0.78 -82.27
C VAL JC 164 -7.83 0.02 -81.02
N PRO JC 165 -8.70 -0.18 -80.04
CA PRO JC 165 -8.34 -0.99 -78.88
C PRO JC 165 -8.18 -2.47 -79.26
N LEU JC 166 -7.39 -3.17 -78.45
CA LEU JC 166 -7.19 -4.60 -78.66
C LEU JC 166 -8.48 -5.38 -78.46
N GLU JC 167 -9.28 -4.98 -77.48
CA GLU JC 167 -10.53 -5.68 -77.18
C GLU JC 167 -11.50 -5.61 -78.35
N PHE JC 168 -11.62 -4.45 -78.98
CA PHE JC 168 -12.46 -4.34 -80.16
C PHE JC 168 -11.81 -4.96 -81.39
N PHE JC 169 -10.47 -4.95 -81.47
CA PHE JC 169 -9.79 -5.45 -82.65
C PHE JC 169 -9.88 -6.97 -82.75
N GLU JC 170 -9.75 -7.67 -81.61
CA GLU JC 170 -9.67 -9.12 -81.66
C GLU JC 170 -10.98 -9.78 -82.05
N LYS JC 171 -12.10 -9.07 -81.95
CA LYS JC 171 -13.39 -9.59 -82.36
C LYS JC 171 -13.73 -9.28 -83.81
N ILE JC 172 -12.91 -8.49 -84.49
CA ILE JC 172 -13.13 -8.16 -85.89
C ILE JC 172 -12.52 -9.27 -86.74
N THR JC 173 -13.34 -9.89 -87.59
CA THR JC 173 -12.87 -11.00 -88.40
C THR JC 173 -12.09 -10.53 -89.62
N TYR JC 174 -12.57 -9.49 -90.30
CA TYR JC 174 -12.01 -9.02 -91.57
C TYR JC 174 -11.60 -7.56 -91.43
N PRO JC 175 -10.41 -7.29 -90.92
CA PRO JC 175 -9.98 -5.90 -90.80
C PRO JC 175 -9.49 -5.35 -92.13
N VAL JC 176 -9.83 -4.10 -92.39
CA VAL JC 176 -9.35 -3.37 -93.56
C VAL JC 176 -8.61 -2.13 -93.07
N PRO JC 177 -7.28 -2.17 -92.99
CA PRO JC 177 -6.54 -1.06 -92.40
C PRO JC 177 -6.46 0.17 -93.30
N ALA JC 178 -7.20 1.22 -92.97
CA ALA JC 178 -7.21 2.44 -93.77
C ALA JC 178 -7.77 3.57 -92.93
N ARG JC 179 -7.65 4.79 -93.46
CA ARG JC 179 -8.39 5.93 -92.95
C ARG JC 179 -9.62 6.12 -93.80
N ASP JC 180 -10.79 6.09 -93.18
CA ASP JC 180 -12.08 6.08 -93.87
C ASP JC 180 -12.40 7.48 -94.36
N SER JC 181 -11.73 7.88 -95.44
CA SER JC 181 -12.10 9.09 -96.15
C SER JC 181 -13.31 8.82 -97.05
N VAL JC 182 -13.85 9.88 -97.62
CA VAL JC 182 -15.07 9.75 -98.43
C VAL JC 182 -14.77 8.94 -99.69
N LYS JC 183 -13.62 9.19 -100.32
CA LYS JC 183 -13.24 8.44 -101.51
C LYS JC 183 -13.05 6.96 -101.22
N PHE JC 184 -12.39 6.65 -100.09
CA PHE JC 184 -12.16 5.24 -99.78
C PHE JC 184 -13.43 4.54 -99.33
N VAL JC 185 -14.34 5.25 -98.65
CA VAL JC 185 -15.63 4.65 -98.30
C VAL JC 185 -16.43 4.37 -99.57
N TYR JC 186 -16.42 5.31 -100.52
CA TYR JC 186 -17.09 5.06 -101.80
C TYR JC 186 -16.46 3.90 -102.55
N LEU JC 187 -15.13 3.84 -102.56
CA LEU JC 187 -14.43 2.77 -103.27
C LEU JC 187 -14.73 1.40 -102.66
N PHE JC 188 -14.73 1.33 -101.33
CA PHE JC 188 -15.07 0.12 -100.60
C PHE JC 188 -16.49 -0.34 -100.93
N CYS JC 189 -17.47 0.55 -100.79
CA CYS JC 189 -18.85 0.20 -101.09
C CYS JC 189 -19.07 -0.14 -102.56
N ASN JC 190 -18.33 0.50 -103.46
CA ASN JC 190 -18.43 0.19 -104.88
C ASN JC 190 -17.95 -1.20 -105.20
N VAL JC 191 -16.80 -1.59 -104.63
CA VAL JC 191 -16.29 -2.95 -104.83
C VAL JC 191 -17.27 -3.97 -104.29
N ILE JC 192 -17.82 -3.70 -103.10
CA ILE JC 192 -18.78 -4.62 -102.48
C ILE JC 192 -20.03 -4.78 -103.34
N THR JC 193 -20.60 -3.66 -103.81
CA THR JC 193 -21.81 -3.71 -104.61
C THR JC 193 -21.58 -4.40 -105.95
N LYS JC 194 -20.48 -4.09 -106.63
CA LYS JC 194 -20.20 -4.70 -107.92
C LYS JC 194 -19.96 -6.20 -107.79
N CYS JC 195 -19.23 -6.62 -106.74
CA CYS JC 195 -19.00 -8.04 -106.52
C CYS JC 195 -20.30 -8.78 -106.23
N PHE JC 196 -21.17 -8.19 -105.39
CA PHE JC 196 -22.42 -8.84 -105.05
C PHE JC 196 -23.35 -8.96 -106.25
N VAL JC 197 -23.48 -7.90 -107.05
CA VAL JC 197 -24.37 -7.99 -108.20
C VAL JC 197 -23.81 -8.89 -109.29
N ALA JC 198 -22.48 -8.95 -109.44
CA ALA JC 198 -21.89 -9.91 -110.38
C ALA JC 198 -22.12 -11.34 -109.94
N GLU JC 199 -22.10 -11.60 -108.63
CA GLU JC 199 -22.45 -12.93 -108.16
C GLU JC 199 -23.93 -13.23 -108.37
N GLN JC 200 -24.78 -12.23 -108.16
CA GLN JC 200 -26.22 -12.42 -108.32
C GLN JC 200 -26.61 -12.73 -109.76
N MET JC 201 -25.91 -12.12 -110.73
CA MET JC 201 -26.23 -12.37 -112.13
C MET JC 201 -25.88 -13.79 -112.58
N LYS JC 202 -24.98 -14.48 -111.86
CA LYS JC 202 -24.57 -15.82 -112.28
C LYS JC 202 -25.66 -16.86 -112.04
N MET JC 203 -26.66 -16.55 -111.22
CA MET JC 203 -27.79 -17.43 -111.00
C MET JC 203 -29.01 -16.99 -111.79
N GLY JC 204 -28.84 -16.09 -112.75
CA GLY JC 204 -29.93 -15.61 -113.58
C GLY JC 204 -30.80 -14.54 -112.96
N ILE JC 205 -30.42 -14.01 -111.80
CA ILE JC 205 -31.27 -13.07 -111.09
C ILE JC 205 -30.78 -11.65 -111.28
#